data_6X65
#
_entry.id   6X65
#
_cell.length_a   1.00
_cell.length_b   1.00
_cell.length_c   1.00
_cell.angle_alpha   90.00
_cell.angle_beta   90.00
_cell.angle_gamma   90.00
#
_symmetry.space_group_name_H-M   'P 1'
#
loop_
_entity.id
_entity.type
_entity.pdbx_description
1 polymer 'Type IV secretion system unknown protein fragment'
2 polymer DotC
3 polymer DotD
4 polymer 'Type IV secretion protein IcmK'
5 polymer 'Inner membrane lipoprotein YiaD'
6 polymer 'Outer membrane protein, OmpA family protein'
#
loop_
_entity_poly.entity_id
_entity_poly.type
_entity_poly.pdbx_seq_one_letter_code
_entity_poly.pdbx_strand_id
1 'polypeptide(L)'
;(UNK)(UNK)(UNK)(UNK)(UNK)(UNK)(UNK)(UNK)(UNK)(UNK)(UNK)(UNK)(UNK)(UNK)(UNK)(UNK)
(UNK)(UNK)(UNK)(UNK)(UNK)(UNK)(UNK)(UNK)(UNK)(UNK)(UNK)(UNK)(UNK)(UNK)(UNK)(UNK)
(UNK)(UNK)(UNK)(UNK)(UNK)(UNK)(UNK)(UNK)(UNK)(UNK)(UNK)(UNK)(UNK)(UNK)(UNK)(UNK)
(UNK)(UNK)(UNK)(UNK)(UNK)(UNK)(UNK)(UNK)(UNK)(UNK)(UNK)(UNK)(UNK)(UNK)(UNK)(UNK)
(UNK)(UNK)(UNK)(UNK)(UNK)(UNK)(UNK)(UNK)(UNK)(UNK)(UNK)(UNK)(UNK)(UNK)(UNK)(UNK)
(UNK)(UNK)(UNK)(UNK)(UNK)(UNK)(UNK)(UNK)(UNK)(UNK)(UNK)(UNK)(UNK)(UNK)(UNK)(UNK)
(UNK)(UNK)(UNK)(UNK)(UNK)(UNK)(UNK)(UNK)(UNK)(UNK)(UNK)(UNK)(UNK)(UNK)(UNK)(UNK)
(UNK)(UNK)(UNK)(UNK)(UNK)(UNK)(UNK)(UNK)(UNK)(UNK)(UNK)(UNK)(UNK)(UNK)(UNK)(UNK)
(UNK)(UNK)(UNK)(UNK)(UNK)(UNK)(UNK)(UNK)(UNK)(UNK)(UNK)(UNK)(UNK)(UNK)(UNK)(UNK)
(UNK)(UNK)(UNK)(UNK)(UNK)(UNK)(UNK)(UNK)(UNK)(UNK)(UNK)(UNK)(UNK)(UNK)(UNK)(UNK)
(UNK)(UNK)(UNK)(UNK)(UNK)(UNK)(UNK)(UNK)(UNK)(UNK)(UNK)(UNK)(UNK)(UNK)(UNK)(UNK)
(UNK)(UNK)(UNK)(UNK)(UNK)(UNK)(UNK)(UNK)(UNK)(UNK)(UNK)(UNK)(UNK)(UNK)(UNK)(UNK)
(UNK)(UNK)(UNK)(UNK)(UNK)(UNK)(UNK)(UNK)(UNK)(UNK)(UNK)(UNK)(UNK)(UNK)(UNK)(UNK)
(UNK)(UNK)(UNK)(UNK)(UNK)(UNK)(UNK)(UNK)(UNK)(UNK)(UNK)(UNK)(UNK)(UNK)(UNK)(UNK)
(UNK)(UNK)(UNK)(UNK)
;
AV,AW,BV,BW,CV,CW,DV,DW,EV,EW,FV,FW,GV,GW,HV,HW,IV,IW,JV,JW,KV,KW,LV,LW,MV,MW,NV,NW,OV,OW,PV,PW,QV,QW,RV,RW,AX,AY,AZ,BX,BY,BZ,CX,CY,CZ,DX,DY,DZ,EX,EY,EZ,FX,FY,FZ,GX,GY,GZ,HX,HY,HZ,IX,IY,IZ,JX,JY,JZ,KX,KY,KZ,LX,LY,LZ,MX,MY,MZ
2 'polypeptide(L)'
;MRKFILSLSILLSALLVACSSRNHYGDTGSLAGLQAMADSKYTRAQKKQKMGKIREMALKETALSVGAQAGLAWRAKIID
EQLNKQARNLDAIYDFNSLVLEHNILPPVLLEGRNTLNLADAQSIRISDRTYKVAKQAHFITTPPTWRQYLWMDYVKPEA
PNVTLLPKTKAEKEIWCIYTERGWKNGIDQANTILEENIARIKEDFGGMILYRKLLAMNMVSPPYVSHTDLGVTGDGSEI
HIDDRVLRITALPELNVNSAEWRAAVAKDENALERFKNMEKLANQAKIVITNKSWQPIIAPVS
;
AC,BC,CC,DC,EC,FC,GC,HC,IC,JC,KC,LC,MC
3 'polypeptide(L)'
;MNNNKIVIMFIFSALLAGCAGTMKFKKPPINNPSDDATIKLAEAAVSVSDSMLEMAKVEKVITPPSKDNTLTIPNAYNLQ
ARASVDWSGPIEELTARIAKAAHFRFRVLGKSPSVPVLISISTKDESLAEILRDIDYQAGKKASIHVYPNSQVVELRYAK
IYS
;
AD,Ad,BD,Bd,CD,Cd,DD,Dd,ED,Ed,FD,Fd,GD,Gd,HD,Hd,ID,Id,JD,Jd,KD,Kd,LD,Ld,MD,Md
4 'polypeptide(L)'
;MMKKYDQLCKYCLVIGLTFSMSCSIYAADQSDDAQQALQQLRMLQQKLSQNPSPDAQSGAGDGGDNAASDSTQQPNQSGQ
ANAPAANQTATAGGDGQIISQDDAEVIDKKAFKDMTRNLYPLNPEQVVKLKQIYETSEYAKAATPGTPPKPTATSQFVNL
SPGSTPPVIRLSQGFVSSLVFLDSTGAPWPIAAYDLGDPSSFNIQWDKTSNTLMIQATKLYNYGNLAVRLRGLNTPVMLT
LIPGQKAVDYRVDLRVQGYGPNAKSMPTEEGIPPSANDLLLHVLEGVPPPGSRRLVVSGGDARAWLSNEKMYVRTNLTIL
SPGWLASMTSADGTHAYEMQKSPVLLVSWHGKVMQLKVEGL
;
AH,BH,CH,DH,EH,FH,GH,HH,IH,JH,KH,LH,MH
5 'polypeptide(L)'
;MRSLRTNYIYVLFKTTGLLFLLLLSACNRSGYIPENEVPKLPCRVDGACDATIIKMMTDLNKKGIKVASVGQNYLISIPA
SALFADQSPRLNWASYSLLNEIAAFLKQFRKIAITVTSYSSKYVSVKRERALTLARSRVVSEYLWSQGVDSRIIFTQGLG
SDKPITSYTLGGDRSPNARVEITFRRAVA
;
AK,BK,CK,DK,EK,FK,GK,HK,IK,JK,KK,LK,MK
6 'polypeptide(L)'
;MRNLMRCLIMIKSLIKGVDMSRKLAKTRILGYGLMICFLAGCFHPPYNNFQPDRRAVKRVGVDTGIGAVAGAIASGTASG
TLIGAAAGGTVGLVASIYRDSKRKIIRDLQKQDIQYVEYGDTRTLIIPTDKYFMFSSPRLNEICYPGLNNVIRLLNFYPQ
STIYVAGFTDNVGSRSHKRKLSQAQAETMMTFLWANGIAAKRLKAEGYGDKNAISDNAIIHGSAQNRRIEIQWFTSPAQP
PQPQMAYVK
;
N,O,P,Q,R,S,T,U,V,W,X,Y,Z
#
# COMPACT_ATOMS: atom_id res chain seq x y z
N UNK A 1 -22.47 51.32 100.71
CA UNK A 1 -22.71 50.62 99.46
C UNK A 1 -21.88 49.35 99.38
N UNK A 2 -20.87 49.28 100.26
CA UNK A 2 -19.96 48.14 100.26
C UNK A 2 -20.60 46.89 100.85
N UNK A 3 -21.47 47.06 101.84
CA UNK A 3 -22.20 45.93 102.40
C UNK A 3 -23.25 45.41 101.44
N UNK A 4 -23.88 46.31 100.67
CA UNK A 4 -24.83 45.88 99.64
C UNK A 4 -24.12 45.25 98.45
N UNK A 5 -22.88 45.68 98.16
CA UNK A 5 -22.12 45.04 97.08
C UNK A 5 -21.58 43.69 97.50
N UNK A 6 -21.22 43.55 98.78
CA UNK A 6 -20.76 42.26 99.30
C UNK A 6 -21.90 41.28 99.43
N UNK A 7 -23.09 41.74 99.82
CA UNK A 7 -24.29 40.92 99.78
C UNK A 7 -24.77 40.65 98.36
N UNK A 8 -24.47 41.55 97.42
CA UNK A 8 -24.80 41.36 96.02
C UNK A 8 -23.96 40.26 95.39
N UNK A 9 -22.64 40.30 95.61
CA UNK A 9 -21.78 39.22 95.14
C UNK A 9 -21.95 37.95 95.97
N UNK A 10 -22.40 38.08 97.22
CA UNK A 10 -22.70 36.93 98.06
C UNK A 10 -23.94 36.20 97.60
N UNK A 11 -25.00 36.92 97.22
CA UNK A 11 -26.19 36.28 96.68
C UNK A 11 -25.97 35.82 95.24
N UNK A 12 -25.09 36.51 94.50
CA UNK A 12 -24.80 36.12 93.12
C UNK A 12 -23.94 34.87 93.06
N UNK A 13 -22.95 34.73 93.94
CA UNK A 13 -22.22 33.47 94.02
C UNK A 13 -22.78 32.57 95.12
N UNK A 14 -23.96 32.91 95.66
CA UNK A 14 -24.74 31.95 96.43
C UNK A 14 -25.91 31.46 95.61
N UNK A 15 -26.05 31.96 94.38
CA UNK A 15 -26.88 31.33 93.38
C UNK A 15 -26.02 30.67 92.30
N UNK A 16 -24.83 31.21 92.05
CA UNK A 16 -23.89 30.62 91.10
C UNK A 16 -23.20 29.41 91.72
N UNK A 17 -22.50 29.62 92.83
CA UNK A 17 -22.18 28.51 93.72
C UNK A 17 -23.34 28.41 94.70
N UNK A 18 -24.42 27.77 94.25
CA UNK A 18 -25.66 27.70 95.01
C UNK A 18 -25.53 26.78 96.22
N UNK A 19 -24.65 25.79 96.11
CA UNK A 19 -24.16 25.09 97.28
C UNK A 19 -22.75 25.57 97.61
N UNK A 20 -22.21 25.09 98.72
CA UNK A 20 -20.84 25.42 99.07
C UNK A 20 -19.87 24.54 98.29
N UNK A 21 -18.58 24.79 98.48
CA UNK A 21 -17.57 23.88 97.98
C UNK A 21 -17.55 22.56 98.74
N UNK A 22 -17.87 22.59 100.03
CA UNK A 22 -18.02 21.39 100.83
C UNK A 22 -19.25 20.58 100.44
N UNK A 23 -20.36 21.26 100.17
CA UNK A 23 -21.55 20.57 99.70
C UNK A 23 -21.41 20.11 98.25
N UNK A 24 -20.58 20.79 97.46
CA UNK A 24 -20.24 20.31 96.13
C UNK A 24 -19.39 19.05 96.18
N UNK A 25 -18.49 18.99 97.16
CA UNK A 25 -17.71 17.79 97.42
C UNK A 25 -18.56 16.64 97.96
N UNK A 26 -19.56 16.98 98.77
CA UNK A 26 -20.50 15.97 99.27
C UNK A 26 -21.42 15.49 98.16
N UNK A 27 -21.74 16.36 97.20
CA UNK A 27 -22.49 15.97 96.02
C UNK A 27 -21.66 15.07 95.12
N UNK A 28 -20.36 15.33 95.02
CA UNK A 28 -19.45 14.46 94.28
C UNK A 28 -19.28 13.11 94.97
N UNK A 29 -19.31 13.10 96.31
CA UNK A 29 -19.23 11.84 97.05
C UNK A 29 -20.51 11.05 96.97
N UNK A 30 -21.66 11.72 96.94
CA UNK A 30 -22.93 11.04 96.77
C UNK A 30 -23.11 10.56 95.33
N UNK A 31 -22.52 11.29 94.38
CA UNK A 31 -22.49 10.85 92.99
C UNK A 31 -21.58 9.65 92.82
N UNK A 32 -20.48 9.60 93.59
CA UNK A 32 -19.61 8.43 93.58
C UNK A 32 -20.24 7.23 94.26
N UNK A 33 -21.04 7.47 95.30
CA UNK A 33 -21.77 6.39 95.95
C UNK A 33 -22.90 5.86 95.08
N UNK A 34 -23.56 6.75 94.32
CA UNK A 34 -24.55 6.32 93.35
C UNK A 34 -23.90 5.63 92.15
N UNK A 35 -22.68 6.01 91.82
CA UNK A 35 -21.92 5.34 90.77
C UNK A 35 -21.47 3.95 91.20
N UNK A 36 -21.13 3.78 92.48
CA UNK A 36 -20.82 2.46 93.02
C UNK A 36 -22.08 1.61 93.14
N UNK A 37 -23.22 2.26 93.38
CA UNK A 37 -24.50 1.54 93.38
C UNK A 37 -24.92 1.11 91.99
N UNK A 38 -24.61 1.92 90.98
CA UNK A 38 -24.83 1.50 89.60
C UNK A 38 -23.83 0.45 89.15
N UNK A 39 -22.61 0.50 89.67
CA UNK A 39 -21.59 -0.47 89.27
C UNK A 39 -21.80 -1.82 89.96
N UNK A 40 -22.45 -1.82 91.12
CA UNK A 40 -22.61 -3.04 91.86
C UNK A 40 -23.76 -3.88 91.31
N UNK A 41 -23.55 -5.19 91.28
CA UNK A 41 -24.60 -6.13 90.98
C UNK A 41 -25.25 -6.62 92.28
N UNK A 42 -25.98 -7.71 92.17
CA UNK A 42 -26.20 -8.55 93.33
C UNK A 42 -24.88 -9.17 93.76
N UNK A 43 -24.75 -9.40 95.07
CA UNK A 43 -23.51 -9.38 95.83
C UNK A 43 -22.44 -10.40 95.41
N UNK A 44 -22.87 -11.52 94.83
CA UNK A 44 -21.94 -12.44 94.20
C UNK A 44 -21.54 -11.88 92.84
N UNK A 45 -20.50 -11.06 92.81
CA UNK A 45 -19.85 -10.72 91.56
C UNK A 45 -19.16 -11.98 91.04
N UNK A 46 -19.63 -12.46 89.88
CA UNK A 46 -19.30 -13.80 89.37
C UNK A 46 -17.88 -13.82 88.87
N UNK A 47 -17.04 -14.61 89.56
CA UNK A 47 -15.60 -14.52 89.45
C UNK A 47 -15.09 -15.12 88.15
N UNK A 48 -13.91 -14.66 87.74
CA UNK A 48 -13.36 -15.04 86.46
C UNK A 48 -12.75 -16.42 86.52
N UNK A 49 -12.82 -17.14 85.41
CA UNK A 49 -12.32 -18.49 85.33
C UNK A 49 -11.94 -18.80 83.88
N UNK A 50 -11.40 -19.98 83.68
CA UNK A 50 -11.09 -20.53 82.38
C UNK A 50 -11.20 -22.05 82.49
N UNK A 51 -11.53 -22.69 81.39
CA UNK A 51 -11.89 -24.10 81.48
C UNK A 51 -11.49 -24.84 80.22
N UNK A 52 -11.65 -26.15 80.29
CA UNK A 52 -11.47 -27.04 79.14
C UNK A 52 -12.48 -28.17 79.26
N UNK A 53 -12.87 -28.71 78.10
CA UNK A 53 -13.94 -29.69 78.06
C UNK A 53 -13.77 -30.56 76.83
N UNK A 54 -13.80 -31.87 77.04
CA UNK A 54 -13.69 -32.81 75.93
C UNK A 54 -15.01 -32.92 75.18
N UNK A 55 -14.93 -33.49 73.98
CA UNK A 55 -16.08 -33.58 73.11
C UNK A 55 -16.25 -35.00 72.59
N UNK A 56 -17.02 -35.80 73.32
CA UNK A 56 -17.42 -37.11 72.85
C UNK A 56 -18.66 -36.96 71.98
N UNK A 57 -19.07 -38.03 71.29
CA UNK A 57 -20.25 -37.96 70.45
C UNK A 57 -21.21 -39.13 70.61
N UNK A 58 -20.82 -40.22 71.27
CA UNK A 58 -21.68 -41.40 71.31
C UNK A 58 -22.75 -41.27 72.39
N UNK A 59 -22.34 -41.25 73.66
CA UNK A 59 -23.30 -41.14 74.75
C UNK A 59 -22.59 -40.45 75.93
N UNK A 60 -22.76 -39.14 76.01
CA UNK A 60 -22.15 -38.34 77.07
C UNK A 60 -23.00 -37.09 77.27
N UNK A 61 -22.73 -36.38 78.37
CA UNK A 61 -23.37 -35.10 78.60
C UNK A 61 -22.73 -34.05 77.70
N UNK A 62 -23.49 -32.99 77.41
CA UNK A 62 -22.93 -31.88 76.65
C UNK A 62 -22.01 -31.05 77.53
N UNK A 63 -21.10 -30.31 76.90
CA UNK A 63 -20.07 -29.58 77.62
C UNK A 63 -20.61 -28.24 78.14
N UNK A 64 -20.47 -27.99 79.43
CA UNK A 64 -21.03 -26.80 80.05
C UNK A 64 -20.13 -25.59 79.77
N UNK A 65 -20.65 -24.63 79.00
CA UNK A 65 -19.96 -23.38 78.72
C UNK A 65 -20.73 -22.23 79.38
N UNK A 66 -20.20 -21.73 80.49
CA UNK A 66 -20.91 -20.78 81.34
C UNK A 66 -20.36 -19.38 81.06
N UNK A 67 -21.00 -18.66 80.16
CA UNK A 67 -20.61 -17.28 79.89
C UNK A 67 -21.36 -16.36 80.83
N UNK A 68 -21.09 -15.05 80.72
CA UNK A 68 -21.74 -14.03 81.52
C UNK A 68 -21.80 -12.76 80.68
N UNK A 69 -22.02 -11.62 81.34
CA UNK A 69 -22.25 -10.38 80.60
C UNK A 69 -20.97 -9.66 80.15
N UNK A 70 -19.80 -10.24 80.38
CA UNK A 70 -18.54 -9.75 79.82
C UNK A 70 -18.08 -10.67 78.69
N UNK A 71 -16.88 -10.43 78.19
CA UNK A 71 -16.42 -11.15 77.01
C UNK A 71 -15.89 -12.54 77.38
N UNK A 72 -15.63 -13.37 76.36
CA UNK A 72 -15.19 -14.74 76.54
C UNK A 72 -14.46 -15.22 75.29
N UNK A 73 -13.72 -16.31 75.44
CA UNK A 73 -12.89 -16.84 74.37
C UNK A 73 -13.28 -18.28 74.07
N UNK A 74 -12.66 -18.87 73.05
CA UNK A 74 -12.91 -20.25 72.66
C UNK A 74 -11.65 -20.81 71.99
N UNK A 75 -11.10 -21.88 72.57
CA UNK A 75 -9.91 -22.56 72.04
C UNK A 75 -10.30 -23.99 71.67
N UNK A 76 -9.54 -24.62 70.78
CA UNK A 76 -9.84 -26.01 70.43
C UNK A 76 -8.59 -26.88 70.29
N UNK A 77 -8.83 -28.18 70.08
CA UNK A 77 -7.82 -29.22 70.14
C UNK A 77 -7.09 -29.39 68.81
N UNK A 78 -6.40 -30.53 68.70
CA UNK A 78 -5.50 -30.85 67.59
C UNK A 78 -6.20 -31.06 66.27
N UNK A 79 -7.46 -31.46 66.26
CA UNK A 79 -8.23 -31.40 65.03
C UNK A 79 -9.04 -30.11 64.99
N UNK A 80 -8.73 -29.26 64.01
CA UNK A 80 -9.22 -27.89 63.95
C UNK A 80 -10.67 -27.86 63.51
N UNK A 81 -11.34 -26.76 63.81
CA UNK A 81 -12.79 -26.69 63.62
C UNK A 81 -13.13 -26.20 62.22
N UNK A 82 -14.41 -26.25 61.90
CA UNK A 82 -14.94 -25.57 60.72
C UNK A 82 -16.06 -24.60 61.08
N UNK A 83 -17.02 -25.05 61.88
CA UNK A 83 -18.20 -24.24 62.15
C UNK A 83 -18.70 -24.47 63.56
N UNK A 84 -19.22 -23.41 64.17
CA UNK A 84 -19.98 -23.53 65.39
C UNK A 84 -21.39 -23.07 65.11
N UNK A 85 -22.34 -23.43 65.98
CA UNK A 85 -23.72 -23.02 65.80
C UNK A 85 -24.35 -22.87 67.18
N UNK A 86 -25.16 -21.83 67.36
CA UNK A 86 -25.85 -21.63 68.63
C UNK A 86 -27.20 -20.96 68.41
N UNK A 87 -28.08 -21.14 69.39
CA UNK A 87 -29.40 -20.50 69.42
C UNK A 87 -29.16 -19.03 69.76
N UNK A 88 -28.98 -18.22 68.71
CA UNK A 88 -28.27 -16.94 68.79
C UNK A 88 -29.18 -15.80 69.20
N UNK A 89 -28.69 -14.58 68.90
CA UNK A 89 -29.34 -13.26 69.05
C UNK A 89 -29.56 -12.89 70.51
N UNK A 90 -28.75 -13.45 71.40
CA UNK A 90 -28.48 -12.86 72.70
C UNK A 90 -27.00 -12.63 72.93
N UNK A 91 -26.17 -12.80 71.92
CA UNK A 91 -24.72 -12.74 72.07
C UNK A 91 -24.13 -12.33 70.73
N UNK A 92 -22.94 -11.74 70.76
CA UNK A 92 -22.19 -11.38 69.55
C UNK A 92 -20.93 -12.21 69.52
N UNK A 93 -20.39 -12.41 68.32
CA UNK A 93 -19.22 -13.26 68.13
C UNK A 93 -18.17 -12.54 67.27
N UNK A 94 -16.98 -13.12 67.19
CA UNK A 94 -15.96 -12.78 66.23
C UNK A 94 -15.10 -14.03 65.99
N UNK A 95 -15.02 -14.46 64.74
CA UNK A 95 -14.83 -15.88 64.53
C UNK A 95 -13.97 -16.19 63.32
N UNK A 96 -13.32 -17.37 63.39
CA UNK A 96 -12.72 -18.04 62.25
C UNK A 96 -12.95 -19.54 62.38
N UNK A 97 -12.46 -20.32 61.42
CA UNK A 97 -12.46 -21.78 61.48
C UNK A 97 -11.11 -22.33 61.88
N UNK A 98 -10.46 -21.64 62.79
CA UNK A 98 -9.22 -22.04 63.43
C UNK A 98 -9.53 -22.94 64.63
N UNK A 99 -8.60 -23.06 65.56
CA UNK A 99 -8.96 -23.54 66.87
C UNK A 99 -9.59 -22.45 67.74
N UNK A 100 -9.54 -21.18 67.35
CA UNK A 100 -9.85 -20.13 68.32
C UNK A 100 -10.81 -19.09 67.76
N UNK A 101 -11.64 -18.53 68.65
CA UNK A 101 -12.64 -17.51 68.36
C UNK A 101 -12.98 -16.80 69.66
N UNK A 102 -13.85 -15.78 69.61
CA UNK A 102 -14.16 -14.99 70.81
C UNK A 102 -15.57 -14.42 70.74
N UNK A 103 -16.32 -14.53 71.84
CA UNK A 103 -17.71 -14.12 71.90
C UNK A 103 -17.95 -13.20 73.09
N UNK A 104 -19.16 -12.63 73.18
CA UNK A 104 -19.60 -11.84 74.32
C UNK A 104 -21.12 -11.82 74.34
N UNK A 105 -21.72 -11.97 75.51
CA UNK A 105 -23.16 -12.03 75.62
C UNK A 105 -23.73 -10.64 75.83
N UNK A 106 -25.05 -10.50 75.70
CA UNK A 106 -25.68 -9.20 75.91
C UNK A 106 -26.81 -9.29 76.92
N UNK A 107 -27.57 -10.39 76.88
CA UNK A 107 -28.73 -10.54 77.75
C UNK A 107 -28.30 -10.93 79.15
N UNK A 108 -29.24 -10.81 80.10
CA UNK A 108 -28.91 -11.08 81.48
C UNK A 108 -28.92 -12.57 81.79
N UNK A 109 -29.86 -13.32 81.23
CA UNK A 109 -29.93 -14.77 81.45
C UNK A 109 -30.57 -15.41 80.23
N UNK A 110 -29.81 -16.27 79.54
CA UNK A 110 -30.29 -16.98 78.37
C UNK A 110 -29.49 -18.27 78.21
N UNK A 111 -30.19 -19.34 77.87
CA UNK A 111 -29.52 -20.60 77.60
C UNK A 111 -29.58 -20.92 76.10
N UNK A 112 -28.56 -21.63 75.64
CA UNK A 112 -28.47 -22.07 74.25
C UNK A 112 -27.58 -23.30 74.19
N UNK A 113 -27.50 -23.90 73.01
CA UNK A 113 -26.63 -25.06 72.79
C UNK A 113 -25.61 -24.67 71.72
N UNK A 114 -24.36 -24.49 72.15
CA UNK A 114 -23.23 -24.50 71.25
C UNK A 114 -23.10 -25.88 70.63
N UNK A 115 -22.87 -25.90 69.33
CA UNK A 115 -22.76 -27.15 68.58
C UNK A 115 -21.63 -26.98 67.58
N UNK A 116 -20.54 -27.68 67.81
CA UNK A 116 -19.39 -27.61 66.93
C UNK A 116 -19.60 -28.61 65.80
N UNK A 117 -19.93 -28.11 64.62
CA UNK A 117 -19.86 -28.89 63.40
C UNK A 117 -18.49 -28.59 62.82
N UNK A 118 -17.50 -29.35 63.25
CA UNK A 118 -16.10 -29.03 63.02
C UNK A 118 -15.64 -29.63 61.69
N UNK A 119 -14.33 -29.71 61.47
CA UNK A 119 -13.77 -30.44 60.32
C UNK A 119 -13.74 -31.93 60.64
N UNK A 120 -14.94 -32.53 60.59
CA UNK A 120 -15.31 -33.80 61.19
C UNK A 120 -16.76 -34.06 60.81
N UNK A 121 -17.16 -35.32 60.83
CA UNK A 121 -18.56 -35.66 60.63
C UNK A 121 -19.26 -35.84 61.97
N UNK A 122 -18.52 -35.66 63.06
CA UNK A 122 -19.07 -35.81 64.42
C UNK A 122 -19.23 -34.40 64.99
N UNK A 123 -20.37 -33.79 64.74
CA UNK A 123 -20.71 -32.53 65.37
C UNK A 123 -21.03 -32.77 66.85
N UNK A 124 -20.46 -31.94 67.71
CA UNK A 124 -20.56 -32.14 69.15
C UNK A 124 -21.37 -31.03 69.80
N UNK A 125 -21.79 -31.28 71.04
CA UNK A 125 -22.71 -30.41 71.76
C UNK A 125 -22.09 -29.88 73.04
N UNK A 126 -22.55 -28.70 73.42
CA UNK A 126 -21.98 -27.93 74.52
C UNK A 126 -23.05 -26.94 74.97
N UNK A 127 -23.57 -27.12 76.18
CA UNK A 127 -24.61 -26.26 76.73
C UNK A 127 -24.04 -24.89 77.08
N UNK A 128 -24.29 -23.89 76.23
CA UNK A 128 -23.79 -22.54 76.43
C UNK A 128 -24.84 -21.67 77.10
N UNK A 129 -24.62 -21.37 78.38
CA UNK A 129 -25.61 -20.67 79.18
C UNK A 129 -25.01 -19.43 79.80
N UNK A 130 -25.85 -18.42 80.02
CA UNK A 130 -25.37 -17.18 80.59
C UNK A 130 -25.62 -17.14 82.09
N UNK A 131 -24.74 -16.40 82.79
CA UNK A 131 -24.82 -15.93 84.17
C UNK A 131 -24.91 -17.02 85.23
N UNK A 132 -24.32 -18.20 85.00
CA UNK A 132 -24.40 -19.28 85.98
C UNK A 132 -23.21 -19.20 86.94
N UNK A 133 -23.24 -18.16 87.79
CA UNK A 133 -22.46 -17.96 89.02
C UNK A 133 -20.95 -17.79 88.90
N UNK A 134 -20.39 -17.87 87.69
CA UNK A 134 -18.97 -17.67 87.43
C UNK A 134 -18.81 -17.31 85.97
N UNK A 135 -18.00 -16.29 85.71
CA UNK A 135 -17.74 -15.88 84.34
C UNK A 135 -16.52 -16.62 83.82
N UNK A 136 -16.63 -17.17 82.62
CA UNK A 136 -15.53 -17.90 82.01
C UNK A 136 -14.99 -17.02 80.90
N UNK A 137 -13.76 -16.52 81.09
CA UNK A 137 -13.16 -15.65 80.10
C UNK A 137 -12.45 -16.42 79.00
N UNK A 138 -12.21 -17.71 79.20
CA UNK A 138 -11.56 -18.54 78.18
C UNK A 138 -11.99 -19.98 78.34
N UNK A 139 -12.35 -20.61 77.23
CA UNK A 139 -12.69 -22.02 77.22
C UNK A 139 -11.84 -22.73 76.18
N UNK A 140 -11.58 -24.02 76.40
CA UNK A 140 -10.72 -24.80 75.54
C UNK A 140 -11.38 -26.14 75.25
N UNK A 141 -11.61 -26.41 73.97
CA UNK A 141 -12.26 -27.65 73.55
C UNK A 141 -11.19 -28.72 73.36
N UNK A 142 -11.30 -29.80 74.11
CA UNK A 142 -10.57 -31.02 73.78
C UNK A 142 -11.51 -31.85 72.91
N UNK A 143 -11.58 -31.48 71.63
CA UNK A 143 -12.38 -32.19 70.67
C UNK A 143 -11.71 -33.52 70.29
N UNK A 144 -12.54 -34.52 70.05
CA UNK A 144 -12.06 -35.83 69.66
C UNK A 144 -11.76 -35.87 68.17
N UNK B 1 -59.45 -0.82 91.12
CA UNK B 1 -58.89 -1.44 92.32
C UNK B 1 -58.31 -2.80 91.98
N UNK B 2 -59.00 -3.87 92.37
CA UNK B 2 -58.62 -5.23 92.00
C UNK B 2 -58.83 -5.48 90.52
N UNK B 3 -59.81 -4.81 89.91
CA UNK B 3 -59.99 -4.89 88.45
C UNK B 3 -58.89 -4.16 87.71
N UNK B 4 -58.39 -3.06 88.27
CA UNK B 4 -57.28 -2.33 87.65
C UNK B 4 -55.97 -3.09 87.82
N UNK B 5 -55.80 -3.76 88.95
CA UNK B 5 -54.67 -4.66 89.14
C UNK B 5 -54.75 -5.90 88.25
N UNK B 6 -55.97 -6.37 87.97
CA UNK B 6 -56.15 -7.48 87.04
C UNK B 6 -55.93 -7.04 85.60
N UNK B 7 -56.20 -5.77 85.29
CA UNK B 7 -55.91 -5.24 83.96
C UNK B 7 -54.41 -5.04 83.74
N UNK B 8 -53.70 -4.58 84.78
CA UNK B 8 -52.24 -4.53 84.71
C UNK B 8 -51.62 -5.92 84.71
N UNK B 9 -52.26 -6.89 85.37
CA UNK B 9 -51.84 -8.27 85.29
C UNK B 9 -52.14 -8.88 83.93
N UNK B 10 -53.17 -8.39 83.25
CA UNK B 10 -53.46 -8.82 81.89
C UNK B 10 -52.46 -8.27 80.89
N UNK B 11 -52.01 -7.03 81.10
CA UNK B 11 -50.93 -6.48 80.29
C UNK B 11 -49.61 -7.17 80.57
N UNK B 12 -49.38 -7.56 81.84
CA UNK B 12 -48.21 -8.35 82.20
C UNK B 12 -48.29 -9.77 81.66
N UNK B 13 -49.50 -10.33 81.54
CA UNK B 13 -49.67 -11.64 80.96
C UNK B 13 -49.50 -11.63 79.46
N UNK B 14 -49.89 -10.52 78.80
CA UNK B 14 -49.64 -10.36 77.38
C UNK B 14 -48.15 -10.17 77.09
N UNK B 15 -47.45 -9.44 77.98
CA UNK B 15 -46.00 -9.29 77.85
C UNK B 15 -45.28 -10.59 78.17
N UNK B 16 -45.83 -11.40 79.08
CA UNK B 16 -45.24 -12.69 79.41
C UNK B 16 -45.48 -13.70 78.30
N UNK B 17 -46.64 -13.65 77.64
CA UNK B 17 -46.92 -14.50 76.50
C UNK B 17 -46.10 -14.09 75.28
N UNK B 18 -45.85 -12.78 75.11
CA UNK B 18 -44.97 -12.32 74.04
C UNK B 18 -43.51 -12.68 74.30
N UNK B 19 -43.08 -12.63 75.57
CA UNK B 19 -41.70 -12.99 75.92
C UNK B 19 -41.49 -14.50 75.87
N UNK B 20 -42.51 -15.29 76.22
CA UNK B 20 -42.40 -16.73 76.08
C UNK B 20 -42.67 -17.20 74.65
N UNK B 21 -43.26 -16.36 73.81
CA UNK B 21 -43.52 -16.73 72.43
C UNK B 21 -42.40 -16.31 71.48
N UNK B 22 -41.69 -15.24 71.78
CA UNK B 22 -40.61 -14.81 70.92
C UNK B 22 -39.38 -15.71 71.10
N UNK B 23 -38.91 -16.26 70.00
CA UNK B 23 -37.77 -17.18 70.01
C UNK B 23 -36.94 -16.93 68.77
N UNK B 24 -35.64 -16.73 68.95
CA UNK B 24 -34.75 -16.53 67.82
C UNK B 24 -34.25 -17.86 67.29
N UNK B 25 -34.17 -17.96 65.97
CA UNK B 25 -33.66 -19.16 65.33
C UNK B 25 -32.15 -19.20 65.45
N UNK B 26 -31.59 -20.39 65.28
CA UNK B 26 -30.16 -20.60 65.51
C UNK B 26 -29.35 -20.06 64.36
N UNK B 27 -28.16 -19.55 64.68
CA UNK B 27 -27.22 -19.08 63.68
C UNK B 27 -25.97 -19.93 63.77
N UNK B 28 -25.46 -20.33 62.62
CA UNK B 28 -24.21 -21.07 62.51
C UNK B 28 -23.13 -20.05 62.17
N UNK B 29 -22.22 -19.85 63.12
CA UNK B 29 -20.97 -19.16 62.83
C UNK B 29 -20.13 -20.09 61.96
N UNK B 30 -20.20 -19.88 60.65
CA UNK B 30 -19.60 -20.76 59.66
C UNK B 30 -18.48 -19.99 58.97
N UNK B 31 -17.27 -20.48 59.12
CA UNK B 31 -16.09 -19.83 58.55
C UNK B 31 -15.27 -20.88 57.83
N UNK B 32 -14.32 -20.43 57.00
CA UNK B 32 -13.48 -21.32 56.21
C UNK B 32 -12.06 -21.35 56.76
N UNK C 1 -23.64 70.74 87.72
CA UNK C 1 -23.66 69.62 86.79
C UNK C 1 -22.32 68.88 86.84
N UNK C 2 -21.40 69.39 87.66
CA UNK C 2 -20.08 68.80 87.80
C UNK C 2 -20.13 67.47 88.55
N UNK C 3 -20.83 67.45 89.68
CA UNK C 3 -21.01 66.19 90.40
C UNK C 3 -22.06 65.32 89.74
N UNK C 4 -22.94 65.89 88.90
CA UNK C 4 -23.85 65.09 88.08
C UNK C 4 -23.10 64.31 87.01
N UNK C 5 -22.11 64.95 86.37
CA UNK C 5 -21.30 64.22 85.39
C UNK C 5 -20.31 63.28 86.05
N UNK C 6 -19.81 63.64 87.25
CA UNK C 6 -18.89 62.78 87.99
C UNK C 6 -19.61 61.55 88.54
N UNK C 7 -20.84 61.73 89.04
CA UNK C 7 -21.63 60.59 89.47
C UNK C 7 -22.22 59.83 88.29
N UNK C 8 -22.33 60.47 87.12
CA UNK C 8 -22.74 59.75 85.92
C UNK C 8 -21.64 58.83 85.43
N UNK C 9 -20.38 59.28 85.51
CA UNK C 9 -19.26 58.41 85.21
C UNK C 9 -19.05 57.35 86.29
N UNK C 10 -19.36 57.69 87.55
CA UNK C 10 -19.29 56.72 88.64
C UNK C 10 -20.39 55.68 88.54
N UNK C 11 -21.58 56.08 88.08
CA UNK C 11 -22.66 55.12 87.89
C UNK C 11 -22.46 54.31 86.62
N UNK C 12 -21.76 54.87 85.63
CA UNK C 12 -21.39 54.10 84.44
C UNK C 12 -20.34 53.05 84.77
N UNK C 13 -19.39 53.38 85.65
CA UNK C 13 -18.46 52.37 86.13
C UNK C 13 -19.10 51.40 87.10
N UNK C 14 -20.17 51.82 87.79
CA UNK C 14 -20.91 50.90 88.65
C UNK C 14 -21.87 50.02 87.86
N UNK C 15 -22.25 50.41 86.65
CA UNK C 15 -23.28 49.70 85.92
C UNK C 15 -22.75 48.88 84.74
N UNK C 16 -21.93 49.47 83.88
CA UNK C 16 -21.43 48.78 82.69
C UNK C 16 -20.36 47.76 83.07
N UNK C 17 -19.50 48.12 84.01
CA UNK C 17 -18.73 47.13 84.77
C UNK C 17 -19.66 46.62 85.85
N UNK C 18 -20.42 45.59 85.52
CA UNK C 18 -21.54 45.18 86.34
C UNK C 18 -21.08 44.33 87.52
N UNK C 19 -20.02 43.56 87.32
CA UNK C 19 -19.27 42.99 88.42
C UNK C 19 -17.96 43.77 88.61
N UNK C 20 -17.50 43.81 89.86
CA UNK C 20 -16.33 44.59 90.20
C UNK C 20 -15.04 43.86 89.81
N UNK C 21 -13.92 44.58 89.85
CA UNK C 21 -12.65 44.04 89.40
C UNK C 21 -12.03 43.06 90.39
N UNK C 22 -12.07 43.37 91.69
CA UNK C 22 -11.62 42.41 92.70
C UNK C 22 -12.61 41.27 92.85
N UNK C 23 -13.89 41.55 92.65
CA UNK C 23 -14.94 40.55 92.68
C UNK C 23 -14.87 39.57 91.52
N UNK C 24 -14.35 40.00 90.36
CA UNK C 24 -14.19 39.08 89.24
C UNK C 24 -13.04 38.11 89.47
N UNK C 25 -11.98 38.57 90.13
CA UNK C 25 -10.89 37.67 90.50
C UNK C 25 -11.28 36.75 91.65
N UNK C 26 -12.14 37.23 92.56
CA UNK C 26 -12.68 36.37 93.61
C UNK C 26 -13.65 35.34 93.05
N UNK C 27 -14.40 35.71 91.99
CA UNK C 27 -15.27 34.77 91.32
C UNK C 27 -14.49 33.79 90.45
N UNK C 28 -13.32 34.21 89.93
CA UNK C 28 -12.46 33.28 89.21
C UNK C 28 -11.79 32.30 90.17
N UNK C 29 -11.46 32.75 91.39
CA UNK C 29 -10.95 31.84 92.41
C UNK C 29 -12.05 30.91 92.92
N UNK C 30 -13.29 31.40 92.96
CA UNK C 30 -14.44 30.57 93.28
C UNK C 30 -14.73 29.57 92.17
N UNK C 31 -14.50 29.96 90.92
CA UNK C 31 -14.70 29.06 89.78
C UNK C 31 -13.61 28.01 89.72
N UNK C 32 -12.39 28.37 90.11
CA UNK C 32 -11.29 27.42 90.20
C UNK C 32 -11.48 26.43 91.34
N UNK C 33 -11.96 26.92 92.50
CA UNK C 33 -12.30 26.04 93.61
C UNK C 33 -13.50 25.16 93.31
N UNK C 34 -14.45 25.67 92.53
CA UNK C 34 -15.64 24.90 92.16
C UNK C 34 -15.32 23.83 91.12
N UNK C 35 -14.47 24.14 90.14
CA UNK C 35 -14.07 23.14 89.16
C UNK C 35 -13.12 22.12 89.76
N UNK C 36 -12.28 22.53 90.72
CA UNK C 36 -11.44 21.58 91.43
C UNK C 36 -12.26 20.70 92.38
N UNK C 37 -13.36 21.22 92.89
CA UNK C 37 -14.25 20.39 93.70
C UNK C 37 -15.06 19.43 92.85
N UNK C 38 -15.60 19.91 91.72
CA UNK C 38 -16.45 19.07 90.89
C UNK C 38 -15.66 18.11 90.00
N UNK C 39 -14.35 18.32 89.86
CA UNK C 39 -13.54 17.44 89.04
C UNK C 39 -12.49 16.70 89.86
N UNK C 40 -12.24 17.12 91.09
CA UNK C 40 -11.41 16.32 91.97
C UNK C 40 -12.29 15.31 92.71
N UNK C 41 -11.69 14.18 93.05
CA UNK C 41 -12.44 13.10 93.67
C UNK C 41 -12.59 13.34 95.17
N UNK C 42 -13.34 12.46 95.80
CA UNK C 42 -13.19 12.25 97.23
C UNK C 42 -11.78 11.74 97.50
N UNK C 43 -11.15 12.35 98.52
CA UNK C 43 -9.74 12.78 98.57
C UNK C 43 -8.67 11.84 98.04
N UNK C 44 -8.84 10.53 98.24
CA UNK C 44 -7.84 9.54 97.89
C UNK C 44 -7.87 9.27 96.40
N UNK C 45 -6.72 9.38 95.75
CA UNK C 45 -6.57 8.94 94.37
C UNK C 45 -6.34 7.43 94.39
N UNK C 46 -7.12 6.70 93.60
CA UNK C 46 -6.96 5.26 93.42
C UNK C 46 -5.69 5.03 92.61
N UNK C 47 -4.58 4.79 93.31
CA UNK C 47 -3.25 5.22 92.95
C UNK C 47 -2.67 4.45 91.77
N UNK C 48 -2.05 5.19 90.86
CA UNK C 48 -1.60 4.63 89.61
C UNK C 48 -0.13 4.20 89.69
N UNK C 49 0.14 3.06 89.07
CA UNK C 49 1.44 2.39 89.14
C UNK C 49 1.61 1.52 87.90
N UNK C 50 2.58 0.64 87.96
CA UNK C 50 2.74 -0.43 86.97
C UNK C 50 2.57 -1.77 87.67
N UNK C 51 2.49 -2.83 86.87
CA UNK C 51 2.25 -4.16 87.43
C UNK C 51 2.85 -5.21 86.51
N UNK C 52 2.74 -6.47 86.96
CA UNK C 52 3.25 -7.62 86.24
C UNK C 52 2.51 -8.87 86.72
N UNK C 53 2.14 -9.72 85.78
CA UNK C 53 1.39 -10.93 86.09
C UNK C 53 1.67 -11.98 85.01
N UNK C 54 1.67 -13.24 85.42
CA UNK C 54 1.91 -14.32 84.48
C UNK C 54 0.61 -14.75 83.80
N UNK C 55 0.60 -14.67 82.48
CA UNK C 55 -0.52 -15.10 81.68
C UNK C 55 -0.53 -16.61 81.59
N UNK C 56 -1.12 -17.24 82.60
CA UNK C 56 -1.20 -18.70 82.66
C UNK C 56 -2.28 -19.17 81.70
N UNK C 57 -2.23 -20.44 81.33
CA UNK C 57 -3.05 -20.89 80.22
C UNK C 57 -4.30 -21.67 80.62
N UNK C 58 -4.21 -22.67 81.51
CA UNK C 58 -5.30 -23.64 81.63
C UNK C 58 -6.43 -23.13 82.52
N UNK C 59 -6.15 -22.94 83.81
CA UNK C 59 -7.18 -22.50 84.75
C UNK C 59 -6.48 -21.72 85.85
N UNK C 60 -6.48 -20.40 85.72
CA UNK C 60 -5.90 -19.54 86.74
C UNK C 60 -6.82 -18.35 86.90
N UNK C 61 -6.35 -17.35 87.64
CA UNK C 61 -7.07 -16.09 87.70
C UNK C 61 -6.82 -15.31 86.42
N UNK C 62 -7.70 -14.36 86.15
CA UNK C 62 -7.55 -13.54 84.96
C UNK C 62 -6.49 -12.47 85.18
N UNK C 63 -6.06 -11.86 84.10
CA UNK C 63 -5.14 -10.74 84.18
C UNK C 63 -5.89 -9.50 84.62
N UNK C 64 -6.00 -9.31 85.94
CA UNK C 64 -6.83 -8.27 86.52
C UNK C 64 -6.11 -6.93 86.44
N UNK C 65 -6.26 -6.26 85.31
CA UNK C 65 -5.62 -4.97 85.09
C UNK C 65 -6.43 -3.89 85.79
N UNK C 66 -5.80 -3.22 86.75
CA UNK C 66 -6.42 -2.12 87.47
C UNK C 66 -6.35 -0.91 86.56
N UNK C 67 -7.49 -0.53 86.02
CA UNK C 67 -7.62 0.68 85.23
C UNK C 67 -8.28 1.76 86.07
N UNK C 68 -8.62 2.87 85.44
CA UNK C 68 -9.35 3.96 86.07
C UNK C 68 -10.17 4.64 84.97
N UNK C 69 -10.60 5.88 85.24
CA UNK C 69 -10.92 6.82 84.16
C UNK C 69 -9.70 7.12 83.29
N UNK C 70 -8.54 7.18 83.92
CA UNK C 70 -7.21 7.04 83.34
C UNK C 70 -7.09 5.76 82.50
N UNK C 71 -6.32 5.88 81.42
CA UNK C 71 -6.09 4.81 80.44
C UNK C 71 -5.06 3.81 80.96
N UNK C 72 -4.79 2.77 80.16
CA UNK C 72 -3.91 1.69 80.57
C UNK C 72 -3.28 1.03 79.36
N UNK C 73 -2.42 0.03 79.64
CA UNK C 73 -1.74 -0.73 78.61
C UNK C 73 -1.43 -2.13 79.13
N UNK C 74 -1.45 -3.12 78.24
CA UNK C 74 -1.24 -4.52 78.57
C UNK C 74 -0.12 -5.09 77.72
N UNK C 75 0.98 -5.50 78.38
CA UNK C 75 2.17 -5.98 77.67
C UNK C 75 2.40 -7.43 78.06
N UNK C 76 2.64 -8.26 77.06
CA UNK C 76 3.00 -9.64 77.30
C UNK C 76 4.51 -9.84 77.18
N UNK C 77 4.93 -11.10 77.15
CA UNK C 77 6.31 -11.48 76.89
C UNK C 77 6.58 -11.56 75.39
N UNK C 78 7.62 -12.31 75.03
CA UNK C 78 8.09 -12.49 73.66
C UNK C 78 7.12 -13.17 72.69
N UNK C 79 6.08 -13.85 73.20
CA UNK C 79 4.96 -14.22 72.36
C UNK C 79 4.14 -12.99 71.98
N UNK C 80 3.83 -12.88 70.70
CA UNK C 80 3.22 -11.69 70.14
C UNK C 80 1.73 -11.64 70.43
N UNK C 81 1.25 -10.49 70.90
CA UNK C 81 -0.17 -10.30 71.10
C UNK C 81 -0.79 -9.70 69.84
N UNK C 82 -1.67 -10.46 69.19
CA UNK C 82 -2.19 -10.09 67.88
C UNK C 82 -3.25 -8.99 67.90
N UNK C 83 -4.38 -9.21 68.58
CA UNK C 83 -5.51 -8.28 68.47
C UNK C 83 -6.05 -7.98 69.85
N UNK C 84 -7.00 -7.06 69.93
CA UNK C 84 -7.65 -6.74 71.19
C UNK C 84 -9.15 -6.65 70.99
N UNK C 85 -9.87 -7.68 71.44
CA UNK C 85 -11.32 -7.67 71.47
C UNK C 85 -11.72 -7.01 72.77
N UNK C 86 -12.82 -6.29 72.77
CA UNK C 86 -13.35 -5.70 73.98
C UNK C 86 -14.87 -5.88 74.02
N UNK C 87 -15.45 -5.55 75.16
CA UNK C 87 -16.89 -5.32 75.25
C UNK C 87 -17.09 -3.99 74.53
N UNK C 88 -18.06 -3.94 73.61
CA UNK C 88 -18.36 -2.71 72.88
C UNK C 88 -19.04 -1.71 73.80
N UNK C 89 -18.73 -0.42 73.54
CA UNK C 89 -19.14 0.79 74.30
C UNK C 89 -18.65 0.80 75.75
N UNK C 90 -17.61 0.03 76.04
CA UNK C 90 -17.12 -0.18 77.39
C UNK C 90 -15.61 -0.13 77.49
N UNK C 91 -14.89 -0.43 76.41
CA UNK C 91 -13.43 -0.36 76.41
C UNK C 91 -12.96 -0.07 74.99
N UNK C 92 -12.30 1.06 74.80
CA UNK C 92 -11.68 1.40 73.52
C UNK C 92 -10.23 0.93 73.54
N UNK C 93 -9.92 -0.01 72.65
CA UNK C 93 -8.69 -0.79 72.70
C UNK C 93 -7.80 -0.42 71.52
N UNK C 94 -6.74 0.34 71.81
CA UNK C 94 -5.67 0.62 70.86
C UNK C 94 -4.86 -0.65 70.62
N UNK C 95 -4.91 -1.15 69.37
CA UNK C 95 -4.51 -2.51 69.08
C UNK C 95 -3.54 -2.53 67.91
N UNK C 96 -2.38 -3.12 68.17
CA UNK C 96 -1.43 -3.52 67.14
C UNK C 96 -1.11 -5.00 67.35
N UNK C 97 -0.36 -5.61 66.43
CA UNK C 97 0.08 -6.98 66.58
C UNK C 97 1.48 -7.05 67.19
N UNK C 98 1.69 -6.35 68.29
CA UNK C 98 2.96 -6.21 68.97
C UNK C 98 3.10 -7.26 70.06
N UNK C 99 4.04 -7.05 70.98
CA UNK C 99 4.04 -7.72 72.27
C UNK C 99 3.37 -6.88 73.35
N UNK C 100 2.65 -5.82 72.95
CA UNK C 100 1.97 -4.90 73.88
C UNK C 100 0.84 -4.20 73.15
N UNK C 101 -0.30 -4.01 73.84
CA UNK C 101 -1.42 -3.22 73.34
C UNK C 101 -1.85 -2.25 74.44
N UNK C 102 -2.92 -1.49 74.22
CA UNK C 102 -3.35 -0.49 75.19
C UNK C 102 -4.86 -0.25 75.11
N UNK C 103 -5.43 0.41 76.14
CA UNK C 103 -6.88 0.59 76.25
C UNK C 103 -7.27 1.77 77.13
N UNK C 104 -8.57 2.12 77.10
CA UNK C 104 -9.25 2.83 78.19
C UNK C 104 -10.73 2.47 78.18
N UNK C 105 -11.29 2.25 79.36
CA UNK C 105 -12.70 1.91 79.51
C UNK C 105 -13.56 3.15 79.33
N UNK C 106 -14.87 2.94 79.19
CA UNK C 106 -15.77 4.05 78.90
C UNK C 106 -16.16 4.79 80.17
N UNK C 107 -16.55 4.07 81.21
CA UNK C 107 -17.17 4.66 82.39
C UNK C 107 -16.14 5.14 83.40
N UNK C 108 -16.62 5.45 84.60
CA UNK C 108 -15.73 5.80 85.70
C UNK C 108 -15.79 4.77 86.82
N UNK C 109 -16.70 3.80 86.72
CA UNK C 109 -16.72 2.63 87.61
C UNK C 109 -17.34 1.48 86.85
N UNK C 110 -16.50 0.55 86.39
CA UNK C 110 -16.94 -0.56 85.57
C UNK C 110 -15.94 -1.70 85.66
N UNK C 111 -16.46 -2.92 85.71
CA UNK C 111 -15.61 -4.09 85.65
C UNK C 111 -15.75 -4.77 84.28
N UNK C 112 -14.85 -4.43 83.36
CA UNK C 112 -15.03 -4.85 81.97
C UNK C 112 -13.88 -5.75 81.56
N UNK C 113 -14.23 -6.92 81.03
CA UNK C 113 -13.23 -7.91 80.64
C UNK C 113 -12.98 -7.78 79.13
N UNK C 114 -11.79 -7.32 78.78
CA UNK C 114 -11.32 -7.34 77.41
C UNK C 114 -10.61 -8.65 77.09
N UNK C 115 -10.07 -8.72 75.88
CA UNK C 115 -9.42 -9.94 75.40
C UNK C 115 -8.22 -9.55 74.57
N UNK C 116 -7.05 -10.04 74.97
CA UNK C 116 -5.81 -9.82 74.25
C UNK C 116 -5.53 -11.07 73.42
N UNK C 117 -5.92 -11.02 72.15
CA UNK C 117 -5.68 -12.10 71.20
C UNK C 117 -4.19 -12.16 70.91
N UNK C 118 -3.60 -13.33 71.09
CA UNK C 118 -2.17 -13.51 70.92
C UNK C 118 -1.88 -13.99 69.50
N UNK C 119 -0.62 -14.06 69.11
CA UNK C 119 -0.24 -14.81 67.91
C UNK C 119 -0.13 -16.30 68.23
N UNK C 120 -1.30 -16.92 68.39
CA UNK C 120 -1.51 -18.15 69.12
C UNK C 120 -2.98 -18.52 68.98
N UNK C 121 -3.32 -19.76 69.29
CA UNK C 121 -4.72 -20.13 69.47
C UNK C 121 -5.12 -19.94 70.92
N UNK C 122 -4.17 -19.60 71.78
CA UNK C 122 -4.44 -19.27 73.18
C UNK C 122 -4.54 -17.75 73.25
N UNK C 123 -5.69 -17.23 72.83
CA UNK C 123 -5.99 -15.82 73.01
C UNK C 123 -6.27 -15.55 74.48
N UNK C 124 -5.48 -14.65 75.06
CA UNK C 124 -5.64 -14.33 76.46
C UNK C 124 -6.79 -13.37 76.66
N UNK C 125 -7.20 -13.21 77.90
CA UNK C 125 -8.14 -12.18 78.26
C UNK C 125 -7.46 -11.14 79.13
N UNK C 126 -8.26 -10.17 79.58
CA UNK C 126 -7.83 -9.15 80.53
C UNK C 126 -9.07 -8.66 81.25
N UNK C 127 -8.90 -8.21 82.48
CA UNK C 127 -10.04 -7.73 83.26
C UNK C 127 -9.72 -6.32 83.70
N UNK C 128 -10.07 -5.35 82.87
CA UNK C 128 -9.88 -3.95 83.21
C UNK C 128 -10.95 -3.57 84.22
N UNK C 129 -10.55 -3.48 85.48
CA UNK C 129 -11.45 -2.99 86.51
C UNK C 129 -11.10 -1.55 86.81
N UNK C 130 -12.03 -0.65 86.53
CA UNK C 130 -11.71 0.76 86.66
C UNK C 130 -11.84 1.20 88.10
N UNK C 131 -10.74 1.76 88.62
CA UNK C 131 -10.56 2.44 89.90
C UNK C 131 -10.89 1.59 91.14
N UNK C 132 -10.46 0.34 91.20
CA UNK C 132 -10.61 -0.48 92.41
C UNK C 132 -9.38 -0.27 93.29
N UNK C 133 -9.33 0.93 93.91
CA UNK C 133 -8.29 1.50 94.79
C UNK C 133 -6.88 1.60 94.19
N UNK C 134 -6.77 1.51 92.86
CA UNK C 134 -5.52 1.33 92.14
C UNK C 134 -5.72 1.52 90.65
N UNK C 135 -4.72 2.05 89.97
CA UNK C 135 -4.70 2.12 88.52
C UNK C 135 -3.35 1.61 88.02
N UNK C 136 -3.25 0.30 87.82
CA UNK C 136 -2.05 -0.33 87.28
C UNK C 136 -2.05 -0.04 85.79
N UNK C 137 -1.46 1.10 85.42
CA UNK C 137 -1.62 1.67 84.10
C UNK C 137 -0.70 1.05 83.05
N UNK C 138 0.20 0.14 83.44
CA UNK C 138 0.99 -0.64 82.49
C UNK C 138 1.31 -1.96 83.14
N UNK C 139 0.80 -3.06 82.58
CA UNK C 139 1.01 -4.37 83.16
C UNK C 139 1.92 -5.20 82.27
N UNK C 140 2.71 -6.08 82.88
CA UNK C 140 3.70 -6.89 82.18
C UNK C 140 3.36 -8.36 82.39
N UNK C 141 2.79 -9.00 81.38
CA UNK C 141 2.41 -10.41 81.48
C UNK C 141 3.62 -11.27 81.13
N UNK C 142 3.97 -12.16 82.04
CA UNK C 142 4.82 -13.30 81.68
C UNK C 142 3.97 -14.23 80.84
N UNK C 143 4.04 -14.08 79.53
CA UNK C 143 3.21 -14.84 78.62
C UNK C 143 3.73 -16.27 78.49
N UNK C 144 2.92 -17.21 78.94
CA UNK C 144 3.28 -18.62 78.90
C UNK C 144 3.06 -19.19 77.51
N UNK D 1 -47.81 13.28 98.33
CA UNK D 1 -46.52 13.56 98.92
C UNK D 1 -45.66 12.30 98.95
N UNK D 2 -46.16 11.27 99.65
CA UNK D 2 -45.50 9.97 99.63
C UNK D 2 -45.64 9.29 98.29
N UNK D 3 -46.76 9.50 97.60
CA UNK D 3 -46.90 9.03 96.24
C UNK D 3 -46.10 9.89 95.26
N UNK D 4 -45.83 11.16 95.61
CA UNK D 4 -44.96 12.00 94.78
C UNK D 4 -43.51 11.56 94.88
N UNK D 5 -43.08 11.18 96.09
CA UNK D 5 -41.77 10.57 96.26
C UNK D 5 -41.70 9.18 95.65
N UNK D 6 -42.83 8.45 95.63
CA UNK D 6 -42.92 7.18 94.92
C UNK D 6 -42.84 7.38 93.41
N UNK D 7 -43.36 8.49 92.91
CA UNK D 7 -43.26 8.83 91.49
C UNK D 7 -41.84 9.22 91.08
N UNK D 8 -41.17 9.99 91.95
CA UNK D 8 -39.77 10.33 91.72
C UNK D 8 -38.85 9.11 91.84
N UNK D 9 -39.18 8.21 92.76
CA UNK D 9 -38.46 6.94 92.88
C UNK D 9 -38.76 6.01 91.72
N UNK D 10 -39.96 6.10 91.14
CA UNK D 10 -40.29 5.29 89.97
C UNK D 10 -39.61 5.81 88.72
N UNK D 11 -39.41 7.12 88.63
CA UNK D 11 -38.64 7.70 87.53
C UNK D 11 -37.16 7.35 87.64
N UNK D 12 -36.64 7.34 88.88
CA UNK D 12 -35.27 6.88 89.11
C UNK D 12 -35.12 5.39 88.89
N UNK D 13 -36.16 4.61 89.17
CA UNK D 13 -36.13 3.18 88.92
C UNK D 13 -36.24 2.87 87.44
N UNK D 14 -36.94 3.72 86.68
CA UNK D 14 -37.00 3.57 85.23
C UNK D 14 -35.67 3.93 84.59
N UNK D 15 -34.99 4.95 85.13
CA UNK D 15 -33.65 5.30 84.66
C UNK D 15 -32.62 4.24 85.05
N UNK D 16 -32.82 3.62 86.21
CA UNK D 16 -31.96 2.51 86.63
C UNK D 16 -32.23 1.25 85.82
N UNK D 17 -33.47 1.04 85.40
CA UNK D 17 -33.80 -0.09 84.53
C UNK D 17 -33.26 0.11 83.11
N UNK D 18 -33.22 1.36 82.64
CA UNK D 18 -32.63 1.64 81.34
C UNK D 18 -31.11 1.52 81.37
N UNK D 19 -30.49 1.96 82.48
CA UNK D 19 -29.04 1.83 82.64
C UNK D 19 -28.61 0.39 82.85
N UNK D 20 -29.45 -0.41 83.50
CA UNK D 20 -29.19 -1.84 83.57
C UNK D 20 -29.50 -2.55 82.26
N UNK D 21 -30.38 -2.00 81.44
CA UNK D 21 -30.68 -2.61 80.16
C UNK D 21 -29.65 -2.31 79.09
N UNK D 22 -28.92 -1.21 79.21
CA UNK D 22 -27.94 -0.83 78.20
C UNK D 22 -26.69 -1.69 78.25
N UNK D 23 -26.47 -2.47 77.17
CA UNK D 23 -25.37 -3.43 77.11
C UNK D 23 -25.03 -3.66 75.65
N UNK D 24 -23.74 -3.57 75.30
CA UNK D 24 -23.35 -3.71 73.89
C UNK D 24 -22.46 -4.93 73.66
N UNK D 25 -21.92 -5.00 72.45
CA UNK D 25 -21.46 -6.23 71.80
C UNK D 25 -19.98 -6.51 72.06
N UNK D 26 -19.42 -7.39 71.23
CA UNK D 26 -17.99 -7.61 71.19
C UNK D 26 -17.35 -6.79 70.08
N UNK D 27 -16.62 -5.74 70.47
CA UNK D 27 -15.87 -4.90 69.56
C UNK D 27 -14.46 -5.46 69.40
N UNK D 28 -14.24 -6.25 68.36
CA UNK D 28 -12.95 -6.87 68.10
C UNK D 28 -12.08 -5.86 67.37
N UNK D 29 -11.26 -5.11 68.12
CA UNK D 29 -10.24 -4.28 67.53
C UNK D 29 -9.12 -5.17 67.01
N UNK D 30 -9.25 -5.56 65.75
CA UNK D 30 -8.37 -6.55 65.16
C UNK D 30 -7.27 -5.84 64.40
N UNK D 31 -6.02 -6.25 64.65
CA UNK D 31 -4.87 -5.75 63.94
C UNK D 31 -3.93 -6.92 63.67
N UNK D 32 -3.16 -6.83 62.59
CA UNK D 32 -2.26 -7.91 62.20
C UNK D 32 -0.93 -7.35 61.72
N UNK E 1 -29.70 85.71 69.91
CA UNK E 1 -29.61 84.84 68.75
C UNK E 1 -28.35 83.98 68.82
N UNK E 2 -27.23 84.65 69.13
CA UNK E 2 -25.95 83.97 69.21
C UNK E 2 -25.85 83.11 70.47
N UNK E 3 -26.57 83.49 71.54
CA UNK E 3 -26.58 82.67 72.75
C UNK E 3 -27.41 81.41 72.58
N UNK E 4 -28.53 81.49 71.86
CA UNK E 4 -29.32 80.29 71.56
C UNK E 4 -28.64 79.43 70.51
N UNK E 5 -27.91 80.05 69.58
CA UNK E 5 -27.12 79.28 68.62
C UNK E 5 -25.91 78.62 69.28
N UNK E 6 -25.35 79.26 70.31
CA UNK E 6 -24.27 78.65 71.06
C UNK E 6 -24.79 77.56 71.99
N UNK E 7 -26.05 77.70 72.46
CA UNK E 7 -26.71 76.63 73.20
C UNK E 7 -27.01 75.44 72.30
N UNK E 8 -27.36 75.70 71.04
CA UNK E 8 -27.60 74.62 70.08
C UNK E 8 -26.30 73.93 69.66
N UNK E 9 -25.23 74.71 69.43
CA UNK E 9 -23.95 74.13 69.05
C UNK E 9 -23.25 73.45 70.23
N UNK E 10 -23.42 73.98 71.44
CA UNK E 10 -22.88 73.34 72.63
C UNK E 10 -23.69 72.12 73.02
N UNK E 11 -24.99 72.11 72.71
CA UNK E 11 -25.79 70.91 72.89
C UNK E 11 -25.45 69.84 71.87
N UNK E 12 -25.06 70.26 70.65
CA UNK E 12 -24.55 69.32 69.65
C UNK E 12 -23.19 68.75 70.04
N UNK E 13 -22.31 69.59 70.59
CA UNK E 13 -20.99 69.12 71.02
C UNK E 13 -21.06 68.31 72.31
N UNK E 14 -22.09 68.52 73.13
CA UNK E 14 -22.29 67.70 74.32
C UNK E 14 -23.09 66.44 74.03
N UNK E 15 -23.85 66.41 72.94
CA UNK E 15 -24.60 65.23 72.54
C UNK E 15 -23.78 64.27 71.69
N UNK E 16 -22.88 64.77 70.85
CA UNK E 16 -21.99 63.88 70.10
C UNK E 16 -20.89 63.36 71.01
N UNK E 17 -20.08 64.26 71.57
CA UNK E 17 -19.05 63.89 72.54
C UNK E 17 -19.74 63.76 73.89
N UNK E 18 -19.85 62.52 74.36
CA UNK E 18 -20.63 62.25 75.57
C UNK E 18 -19.78 62.31 76.83
N UNK E 19 -18.66 61.58 76.86
CA UNK E 19 -17.92 61.38 78.10
C UNK E 19 -16.97 62.53 78.39
N UNK E 20 -16.50 62.59 79.64
CA UNK E 20 -15.64 63.67 80.10
C UNK E 20 -14.17 63.32 79.89
N UNK E 21 -13.32 64.32 80.15
CA UNK E 21 -11.92 64.31 79.73
C UNK E 21 -11.05 63.38 80.55
N UNK E 22 -10.98 63.58 81.86
CA UNK E 22 -10.26 62.64 82.71
C UNK E 22 -11.04 61.34 82.92
N UNK E 23 -12.37 61.41 82.79
CA UNK E 23 -13.23 60.27 83.03
C UNK E 23 -13.14 59.21 81.92
N UNK E 24 -12.87 59.62 80.68
CA UNK E 24 -12.72 58.64 79.60
C UNK E 24 -11.41 57.86 79.72
N UNK E 25 -10.34 58.54 80.13
CA UNK E 25 -9.08 57.86 80.39
C UNK E 25 -9.13 57.04 81.67
N UNK E 26 -9.92 57.47 82.66
CA UNK E 26 -10.13 56.67 83.86
C UNK E 26 -11.00 55.45 83.57
N UNK E 27 -11.92 55.57 82.61
CA UNK E 27 -12.71 54.44 82.15
C UNK E 27 -11.87 53.45 81.34
N UNK E 28 -10.90 53.95 80.57
CA UNK E 28 -9.98 53.05 79.88
C UNK E 28 -9.02 52.37 80.84
N UNK E 29 -8.64 53.06 81.93
CA UNK E 29 -7.83 52.43 82.97
C UNK E 29 -8.64 51.40 83.76
N UNK E 30 -9.93 51.66 83.95
CA UNK E 30 -10.82 50.70 84.58
C UNK E 30 -11.08 49.49 83.69
N UNK E 31 -11.14 49.72 82.37
CA UNK E 31 -11.32 48.63 81.42
C UNK E 31 -10.06 47.78 81.30
N UNK E 32 -8.89 48.41 81.40
CA UNK E 32 -7.64 47.66 81.39
C UNK E 32 -7.41 46.88 82.67
N UNK E 33 -7.80 47.45 83.82
CA UNK E 33 -7.73 46.73 85.08
C UNK E 33 -8.75 45.59 85.15
N UNK E 34 -9.93 45.79 84.54
CA UNK E 34 -10.92 44.75 84.44
C UNK E 34 -10.51 43.66 83.47
N UNK E 35 -9.76 44.02 82.42
CA UNK E 35 -9.27 43.02 81.48
C UNK E 35 -8.14 42.21 82.09
N UNK E 36 -7.30 42.82 82.93
CA UNK E 36 -6.29 42.05 83.65
C UNK E 36 -6.91 41.19 84.75
N UNK E 37 -8.02 41.66 85.33
CA UNK E 37 -8.71 40.90 86.37
C UNK E 37 -9.44 39.70 85.80
N UNK E 38 -10.08 39.85 84.65
CA UNK E 38 -10.69 38.71 83.98
C UNK E 38 -9.68 37.86 83.24
N UNK E 39 -8.50 38.41 82.97
CA UNK E 39 -7.47 37.68 82.25
C UNK E 39 -6.65 36.80 83.19
N UNK E 40 -6.54 37.21 84.45
CA UNK E 40 -5.76 36.46 85.41
C UNK E 40 -6.50 35.19 85.84
N UNK E 41 -5.74 34.26 86.39
CA UNK E 41 -6.29 33.03 86.93
C UNK E 41 -6.61 33.23 88.40
N UNK E 42 -6.77 32.10 89.11
CA UNK E 42 -6.62 32.12 90.55
C UNK E 42 -5.17 32.46 90.91
N UNK E 43 -5.00 33.08 92.08
CA UNK E 43 -3.90 34.00 92.39
C UNK E 43 -2.49 33.41 92.39
N UNK E 44 -2.37 32.09 92.46
CA UNK E 44 -1.11 31.41 92.20
C UNK E 44 -0.84 31.39 90.71
N UNK E 45 0.18 32.14 90.28
CA UNK E 45 0.69 32.04 88.92
C UNK E 45 1.43 30.70 88.82
N UNK E 46 0.73 29.69 88.28
CA UNK E 46 1.12 28.28 88.34
C UNK E 46 2.31 28.04 87.44
N UNK E 47 3.50 28.22 88.02
CA UNK E 47 4.77 28.49 87.36
C UNK E 47 5.26 27.32 86.54
N UNK E 48 6.01 27.65 85.49
CA UNK E 48 6.44 26.63 84.54
C UNK E 48 7.62 25.86 85.10
N UNK E 49 7.84 24.68 84.53
CA UNK E 49 8.92 23.80 84.95
C UNK E 49 9.26 22.89 83.80
N UNK E 50 10.55 22.77 83.54
CA UNK E 50 11.07 21.69 82.72
C UNK E 50 11.67 20.65 83.65
N UNK E 51 11.15 19.44 83.54
CA UNK E 51 11.53 18.40 84.48
C UNK E 51 12.16 17.26 83.71
N UNK E 52 12.70 16.31 84.47
CA UNK E 52 13.24 15.08 83.90
C UNK E 52 12.96 13.95 84.86
N UNK E 53 12.76 12.76 84.30
CA UNK E 53 12.39 11.60 85.10
C UNK E 53 12.85 10.34 84.39
N UNK E 54 13.48 9.45 85.14
CA UNK E 54 13.77 8.14 84.61
C UNK E 54 12.56 7.23 84.79
N UNK E 55 12.24 6.51 83.73
CA UNK E 55 11.10 5.60 83.72
C UNK E 55 11.56 4.22 84.17
N UNK E 56 11.33 3.93 85.45
CA UNK E 56 11.63 2.61 85.98
C UNK E 56 10.56 1.65 85.48
N UNK E 57 10.94 0.84 84.50
CA UNK E 57 9.97 0.23 83.61
C UNK E 57 9.28 -1.02 84.16
N UNK E 58 9.77 -1.64 85.23
CA UNK E 58 9.16 -2.88 85.69
C UNK E 58 7.91 -2.62 86.53
N UNK E 59 8.10 -2.05 87.72
CA UNK E 59 7.00 -1.76 88.63
C UNK E 59 7.45 -0.62 89.54
N UNK E 60 7.06 0.60 89.18
CA UNK E 60 7.30 1.76 90.02
C UNK E 60 6.01 2.54 90.11
N UNK E 61 6.10 3.74 90.65
CA UNK E 61 5.02 4.70 90.50
C UNK E 61 4.99 5.17 89.05
N UNK E 62 3.79 5.32 88.51
CA UNK E 62 3.63 5.83 87.16
C UNK E 62 3.96 7.32 87.13
N UNK E 63 4.80 7.72 86.16
CA UNK E 63 5.40 9.05 86.15
C UNK E 63 4.38 10.11 85.75
N UNK E 64 4.44 11.25 86.41
CA UNK E 64 3.36 12.23 86.38
C UNK E 64 3.71 13.39 85.44
N UNK E 65 2.93 13.53 84.38
CA UNK E 65 2.95 14.72 83.54
C UNK E 65 1.96 15.72 84.13
N UNK E 66 2.49 16.68 84.89
CA UNK E 66 1.68 17.66 85.61
C UNK E 66 1.45 18.84 84.67
N UNK E 67 0.52 18.68 83.74
CA UNK E 67 0.27 19.68 82.73
C UNK E 67 -0.73 20.72 83.24
N UNK E 68 -1.10 21.64 82.36
CA UNK E 68 -2.12 22.66 82.60
C UNK E 68 -2.74 23.02 81.25
N UNK E 69 -3.57 24.06 81.21
CA UNK E 69 -4.31 24.41 80.01
C UNK E 69 -3.46 25.09 78.94
N UNK E 70 -2.25 25.55 79.28
CA UNK E 70 -1.29 25.99 78.28
C UNK E 70 -0.62 24.77 77.64
N UNK E 71 0.04 25.01 76.52
CA UNK E 71 0.69 23.96 75.74
C UNK E 71 1.93 23.45 76.44
N UNK E 72 2.32 22.22 76.12
CA UNK E 72 3.38 21.56 76.86
C UNK E 72 4.11 20.59 75.96
N UNK E 73 5.38 20.37 76.28
CA UNK E 73 6.24 19.46 75.54
C UNK E 73 6.58 18.27 76.42
N UNK E 74 6.80 17.13 75.77
CA UNK E 74 7.22 15.91 76.46
C UNK E 74 8.14 15.16 75.50
N UNK E 75 9.43 15.20 75.79
CA UNK E 75 10.41 14.48 74.98
C UNK E 75 10.79 13.22 75.75
N UNK E 76 10.85 12.10 75.04
CA UNK E 76 11.29 10.86 75.65
C UNK E 76 12.80 10.73 75.54
N UNK E 77 13.32 9.59 75.98
CA UNK E 77 14.66 9.18 75.55
C UNK E 77 14.62 8.86 74.06
N UNK E 78 15.80 8.97 73.41
CA UNK E 78 15.96 9.38 72.01
C UNK E 78 15.34 8.47 70.93
N UNK E 79 14.89 7.27 71.29
CA UNK E 79 14.09 6.46 70.36
C UNK E 79 12.69 7.06 70.20
N UNK E 80 12.15 6.90 69.00
CA UNK E 80 10.93 7.59 68.59
C UNK E 80 9.69 6.97 69.23
N UNK E 81 8.79 7.84 69.69
CA UNK E 81 7.56 7.39 70.32
C UNK E 81 6.59 6.87 69.27
N UNK E 82 6.24 5.59 69.38
CA UNK E 82 5.53 4.89 68.32
C UNK E 82 4.03 5.13 68.32
N UNK E 83 3.38 5.09 69.48
CA UNK E 83 1.92 5.21 69.52
C UNK E 83 1.49 5.79 70.86
N UNK E 84 0.51 6.69 70.82
CA UNK E 84 -0.17 7.14 72.02
C UNK E 84 -1.55 6.49 72.08
N UNK E 85 -1.99 6.16 73.30
CA UNK E 85 -3.37 5.77 73.53
C UNK E 85 -3.91 6.62 74.66
N UNK E 86 -4.84 7.50 74.35
CA UNK E 86 -5.28 8.48 75.33
C UNK E 86 -6.78 8.44 75.52
N UNK E 87 -7.21 8.47 76.78
CA UNK E 87 -8.61 8.67 77.14
C UNK E 87 -8.92 10.12 76.86
N UNK E 88 -9.74 10.37 75.84
CA UNK E 88 -9.87 11.68 75.23
C UNK E 88 -10.81 12.59 76.03
N UNK E 89 -11.12 13.75 75.42
CA UNK E 89 -11.91 14.88 75.95
C UNK E 89 -11.36 15.44 77.27
N UNK E 90 -10.04 15.37 77.45
CA UNK E 90 -9.35 16.11 78.49
C UNK E 90 -8.02 16.68 78.04
N UNK E 91 -7.45 16.21 76.94
CA UNK E 91 -6.11 16.61 76.51
C UNK E 91 -6.02 16.37 75.01
N UNK E 92 -5.44 17.31 74.28
CA UNK E 92 -5.16 17.14 72.86
C UNK E 92 -3.66 17.00 72.67
N UNK E 93 -3.21 15.79 72.37
CA UNK E 93 -1.79 15.49 72.24
C UNK E 93 -1.43 15.52 70.76
N UNK E 94 -0.93 16.66 70.29
CA UNK E 94 -0.36 16.75 68.96
C UNK E 94 0.98 16.02 68.94
N UNK E 95 1.03 14.90 68.23
CA UNK E 95 2.21 14.06 68.23
C UNK E 95 2.36 13.39 66.88
N UNK E 96 3.49 13.63 66.24
CA UNK E 96 3.90 12.94 65.02
C UNK E 96 4.73 11.71 65.39
N UNK E 97 5.49 11.20 64.44
CA UNK E 97 6.33 10.02 64.65
C UNK E 97 7.73 10.36 65.14
N UNK E 98 7.90 11.45 65.89
CA UNK E 98 9.19 11.81 66.47
C UNK E 98 9.27 11.24 67.88
N UNK E 99 10.29 11.63 68.64
CA UNK E 99 10.47 11.17 70.02
C UNK E 99 9.94 12.18 71.02
N UNK E 100 9.10 13.11 70.58
CA UNK E 100 8.63 14.19 71.44
C UNK E 100 7.23 14.58 71.02
N UNK E 101 6.39 14.94 71.98
CA UNK E 101 5.00 15.27 71.75
C UNK E 101 4.71 16.66 72.33
N UNK E 102 3.63 17.29 71.85
CA UNK E 102 3.19 18.55 72.40
C UNK E 102 1.70 18.45 72.70
N UNK E 103 1.33 18.56 73.96
CA UNK E 103 -0.05 18.42 74.39
C UNK E 103 -0.60 19.74 74.89
N UNK E 104 -1.84 20.04 74.49
CA UNK E 104 -2.60 21.15 75.05
C UNK E 104 -3.76 20.52 75.81
N UNK E 105 -3.73 20.58 77.13
CA UNK E 105 -4.72 19.90 77.96
C UNK E 105 -6.00 20.72 77.98
N UNK E 106 -7.08 20.14 77.44
CA UNK E 106 -8.32 20.85 77.29
C UNK E 106 -9.09 20.94 78.60
N UNK E 107 -8.80 20.06 79.55
CA UNK E 107 -9.50 20.06 80.82
C UNK E 107 -8.96 21.17 81.73
N UNK E 108 -9.68 21.38 82.84
CA UNK E 108 -9.28 22.44 83.77
C UNK E 108 -8.38 21.90 84.87
N UNK E 109 -8.89 20.94 85.65
CA UNK E 109 -8.10 20.29 86.69
C UNK E 109 -8.63 18.86 86.80
N UNK E 110 -8.01 17.94 86.07
CA UNK E 110 -8.45 16.55 86.04
C UNK E 110 -7.23 15.66 85.83
N UNK E 111 -7.43 14.34 85.92
CA UNK E 111 -6.33 13.41 85.81
C UNK E 111 -6.72 12.19 84.97
N UNK E 112 -5.86 11.84 84.03
CA UNK E 112 -6.05 10.64 83.23
C UNK E 112 -4.67 10.07 82.94
N UNK E 113 -4.61 9.11 82.01
CA UNK E 113 -3.32 8.51 81.67
C UNK E 113 -3.13 8.52 80.15
N UNK E 114 -1.89 8.69 79.74
CA UNK E 114 -1.48 8.32 78.39
C UNK E 114 -0.76 6.98 78.43
N UNK E 115 -1.00 6.17 77.39
CA UNK E 115 -0.28 4.93 77.23
C UNK E 115 0.67 5.10 76.05
N UNK E 116 1.95 5.21 76.35
CA UNK E 116 2.98 5.51 75.36
C UNK E 116 3.69 4.22 74.98
N UNK E 117 3.40 3.74 73.78
CA UNK E 117 4.23 2.76 73.13
C UNK E 117 5.39 3.52 72.51
N UNK E 118 6.60 3.29 73.03
CA UNK E 118 7.80 3.85 72.44
C UNK E 118 8.36 2.84 71.45
N UNK E 119 9.61 3.01 71.01
CA UNK E 119 10.27 1.94 70.27
C UNK E 119 10.70 0.81 71.21
N UNK E 120 9.75 -0.08 71.53
CA UNK E 120 9.85 -1.06 72.60
C UNK E 120 8.72 -2.07 72.45
N UNK E 121 8.90 -3.27 73.03
CA UNK E 121 7.86 -4.28 73.00
C UNK E 121 7.14 -4.37 74.34
N UNK E 122 7.18 -3.29 75.12
CA UNK E 122 6.45 -3.16 76.38
C UNK E 122 5.91 -1.72 76.41
N UNK E 123 4.60 -1.58 76.42
CA UNK E 123 3.99 -0.26 76.36
C UNK E 123 4.02 0.41 77.71
N UNK E 124 4.74 1.53 77.80
CA UNK E 124 4.85 2.25 79.06
C UNK E 124 3.61 3.10 79.26
N UNK E 125 3.44 3.59 80.48
CA UNK E 125 2.36 4.50 80.78
C UNK E 125 2.91 5.83 81.30
N UNK E 126 2.01 6.80 81.45
CA UNK E 126 2.27 8.05 82.13
C UNK E 126 0.93 8.56 82.63
N UNK E 127 0.94 9.28 83.73
CA UNK E 127 -0.28 9.83 84.29
C UNK E 127 -0.30 11.34 84.03
N UNK E 128 -1.17 11.76 83.12
CA UNK E 128 -1.29 13.17 82.76
C UNK E 128 -2.36 13.81 83.64
N UNK E 129 -1.93 14.67 84.55
CA UNK E 129 -2.84 15.34 85.47
C UNK E 129 -2.80 16.84 85.26
N UNK E 130 -3.96 17.48 85.32
CA UNK E 130 -4.02 18.89 84.98
C UNK E 130 -3.90 19.76 86.23
N UNK E 131 -3.09 20.82 86.08
CA UNK E 131 -2.98 22.01 86.93
C UNK E 131 -2.52 21.73 88.37
N UNK E 132 -1.50 20.89 88.56
CA UNK E 132 -1.01 20.59 89.91
C UNK E 132 0.20 21.46 90.20
N UNK E 133 -0.07 22.78 90.35
CA UNK E 133 0.78 23.83 90.94
C UNK E 133 2.10 24.17 90.22
N UNK E 134 2.43 23.48 89.13
CA UNK E 134 3.61 23.71 88.32
C UNK E 134 3.38 23.10 86.94
N UNK E 135 3.34 23.91 85.91
CA UNK E 135 3.05 23.44 84.56
C UNK E 135 4.33 22.85 83.98
N UNK E 136 4.29 21.57 83.65
CA UNK E 136 5.43 20.89 83.06
C UNK E 136 5.48 21.28 81.59
N UNK E 137 6.18 22.37 81.29
CA UNK E 137 6.26 22.88 79.92
C UNK E 137 7.19 22.06 79.03
N UNK E 138 8.14 21.35 79.62
CA UNK E 138 9.01 20.43 78.89
C UNK E 138 9.45 19.34 79.85
N UNK E 139 9.02 18.11 79.58
CA UNK E 139 9.40 16.98 80.42
C UNK E 139 10.31 16.05 79.63
N UNK E 140 11.38 15.61 80.28
CA UNK E 140 12.35 14.73 79.66
C UNK E 140 12.31 13.40 80.39
N UNK E 141 11.62 12.42 79.82
CA UNK E 141 11.51 11.10 80.42
C UNK E 141 12.56 10.20 79.79
N UNK E 142 13.66 10.02 80.51
CA UNK E 142 14.68 9.06 80.11
C UNK E 142 14.15 7.68 80.48
N UNK E 143 13.84 6.87 79.48
CA UNK E 143 13.26 5.57 79.73
C UNK E 143 14.33 4.57 80.12
N UNK E 144 13.88 3.38 80.52
CA UNK E 144 14.81 2.30 80.83
C UNK E 144 15.29 1.61 79.57
N UNK F 1 -37.75 31.14 98.51
CA UNK F 1 -36.76 31.44 99.53
C UNK F 1 -35.81 30.26 99.69
N UNK F 2 -36.13 29.38 100.66
CA UNK F 2 -35.42 28.11 100.78
C UNK F 2 -35.71 27.20 99.60
N UNK F 3 -36.93 27.26 99.06
CA UNK F 3 -37.25 26.51 97.86
C UNK F 3 -36.57 27.11 96.63
N UNK F 4 -36.34 28.42 96.61
CA UNK F 4 -35.65 29.06 95.49
C UNK F 4 -34.16 28.75 95.52
N UNK F 5 -33.56 28.72 96.72
CA UNK F 5 -32.17 28.31 96.85
C UNK F 5 -32.00 26.82 96.61
N UNK F 6 -33.03 26.02 96.92
CA UNK F 6 -33.02 24.60 96.60
C UNK F 6 -33.18 24.37 95.09
N UNK F 7 -33.93 25.24 94.41
CA UNK F 7 -34.07 25.13 92.96
C UNK F 7 -32.79 25.54 92.23
N UNK F 8 -32.11 26.56 92.75
CA UNK F 8 -30.79 26.94 92.26
C UNK F 8 -29.75 25.86 92.52
N UNK F 9 -29.85 25.20 93.69
CA UNK F 9 -28.98 24.08 94.00
C UNK F 9 -29.30 22.85 93.15
N UNK F 10 -30.56 22.69 92.73
CA UNK F 10 -30.93 21.57 91.87
C UNK F 10 -30.44 21.77 90.43
N UNK F 11 -30.49 23.02 89.95
CA UNK F 11 -29.94 23.33 88.62
C UNK F 11 -28.42 23.23 88.63
N UNK F 12 -27.79 23.63 89.75
CA UNK F 12 -26.34 23.45 89.91
C UNK F 12 -25.96 21.98 90.06
N UNK F 13 -26.85 21.17 90.63
CA UNK F 13 -26.58 19.75 90.77
C UNK F 13 -26.73 19.01 89.44
N UNK F 14 -27.68 19.45 88.60
CA UNK F 14 -27.79 18.90 87.25
C UNK F 14 -26.61 19.29 86.37
N UNK F 15 -26.11 20.54 86.54
CA UNK F 15 -24.92 20.98 85.83
C UNK F 15 -23.66 20.27 86.30
N UNK F 16 -23.56 20.03 87.62
CA UNK F 16 -22.41 19.31 88.16
C UNK F 16 -22.47 17.82 87.83
N UNK F 17 -23.67 17.26 87.69
CA UNK F 17 -23.84 15.89 87.24
C UNK F 17 -23.44 15.71 85.79
N UNK F 18 -23.77 16.68 84.93
CA UNK F 18 -23.33 16.62 83.53
C UNK F 18 -21.82 16.86 83.38
N UNK F 19 -21.26 17.74 84.20
CA UNK F 19 -19.82 18.02 84.14
C UNK F 19 -19.00 16.87 84.72
N UNK F 20 -19.54 16.16 85.71
CA UNK F 20 -18.90 14.93 86.16
C UNK F 20 -19.16 13.76 85.22
N UNK F 21 -20.21 13.83 84.40
CA UNK F 21 -20.47 12.77 83.43
C UNK F 21 -19.62 12.87 82.18
N UNK F 22 -19.18 14.07 81.79
CA UNK F 22 -18.51 14.22 80.49
C UNK F 22 -17.06 13.76 80.49
N UNK F 23 -16.82 12.62 79.82
CA UNK F 23 -15.48 12.04 79.62
C UNK F 23 -15.55 11.08 78.43
N UNK F 24 -14.48 11.01 77.63
CA UNK F 24 -14.46 10.15 76.46
C UNK F 24 -13.65 8.87 76.69
N UNK F 25 -13.56 8.06 75.64
CA UNK F 25 -12.84 6.79 75.66
C UNK F 25 -11.45 6.97 75.04
N UNK F 26 -10.76 5.86 74.77
CA UNK F 26 -9.40 5.95 74.23
C UNK F 26 -9.40 6.29 72.75
N UNK F 27 -8.26 6.80 72.32
CA UNK F 27 -7.97 7.06 70.92
C UNK F 27 -6.53 6.61 70.71
N UNK F 28 -6.30 5.91 69.60
CA UNK F 28 -4.96 5.46 69.21
C UNK F 28 -4.34 6.54 68.34
N UNK F 29 -3.69 7.51 68.96
CA UNK F 29 -2.94 8.52 68.23
C UNK F 29 -1.65 7.88 67.74
N UNK F 30 -1.69 7.30 66.55
CA UNK F 30 -0.56 6.55 66.02
C UNK F 30 -0.08 7.18 64.73
N UNK F 31 1.15 7.68 64.74
CA UNK F 31 1.79 8.23 63.56
C UNK F 31 3.02 7.39 63.24
N UNK F 32 3.13 6.98 61.98
CA UNK F 32 4.25 6.14 61.55
C UNK F 32 4.92 6.73 60.33
N UNK G 1 -39.28 95.63 54.72
CA UNK G 1 -39.14 94.56 53.73
C UNK G 1 -37.72 94.02 53.73
N UNK G 2 -36.76 94.94 53.76
CA UNK G 2 -35.36 94.56 53.70
C UNK G 2 -34.86 94.00 55.02
N UNK G 3 -35.53 94.32 56.13
CA UNK G 3 -35.17 93.72 57.42
C UNK G 3 -35.59 92.26 57.51
N UNK G 4 -36.80 91.93 57.03
CA UNK G 4 -37.23 90.54 56.95
C UNK G 4 -36.49 89.79 55.85
N UNK G 5 -36.05 90.49 54.80
CA UNK G 5 -35.19 89.88 53.79
C UNK G 5 -33.78 89.64 54.33
N UNK G 6 -33.31 90.48 55.25
CA UNK G 6 -32.03 90.24 55.89
C UNK G 6 -32.13 89.10 56.87
N UNK G 7 -33.29 88.95 57.53
CA UNK G 7 -33.59 87.78 58.34
C UNK G 7 -33.66 86.51 57.49
N UNK G 8 -34.18 86.63 56.27
CA UNK G 8 -34.23 85.53 55.32
C UNK G 8 -32.85 85.12 54.82
N UNK G 9 -32.00 86.10 54.47
CA UNK G 9 -30.68 85.79 53.96
C UNK G 9 -29.74 85.32 55.06
N UNK G 10 -29.90 85.84 56.29
CA UNK G 10 -29.15 85.33 57.41
C UNK G 10 -29.65 83.96 57.86
N UNK G 11 -30.94 83.67 57.65
CA UNK G 11 -31.48 82.33 57.90
C UNK G 11 -30.98 81.33 56.87
N UNK G 12 -30.82 81.77 55.61
CA UNK G 12 -30.25 80.92 54.57
C UNK G 12 -28.76 80.70 54.78
N UNK G 13 -28.04 81.71 55.29
CA UNK G 13 -26.64 81.55 55.61
C UNK G 13 -26.42 80.73 56.86
N UNK G 14 -27.34 80.78 57.83
CA UNK G 14 -27.23 79.95 59.02
C UNK G 14 -27.83 78.56 58.80
N UNK G 15 -28.53 78.35 57.68
CA UNK G 15 -29.02 77.02 57.36
C UNK G 15 -28.10 76.31 56.37
N UNK G 16 -27.32 77.06 55.59
CA UNK G 16 -26.45 76.44 54.59
C UNK G 16 -25.23 75.82 55.25
N UNK G 17 -24.37 76.65 55.82
CA UNK G 17 -23.50 76.18 56.89
C UNK G 17 -24.42 76.13 58.09
N UNK G 18 -24.57 74.94 58.68
CA UNK G 18 -25.68 74.65 59.60
C UNK G 18 -25.47 75.28 60.97
N UNK G 19 -24.25 75.27 61.47
CA UNK G 19 -23.93 75.94 62.72
C UNK G 19 -23.24 77.27 62.45
N UNK G 20 -22.69 77.86 63.50
CA UNK G 20 -21.69 78.90 63.34
C UNK G 20 -20.43 78.33 62.68
N UNK G 21 -19.73 79.18 61.92
CA UNK G 21 -18.51 78.77 61.23
C UNK G 21 -17.36 78.50 62.18
N UNK G 22 -17.35 79.14 63.35
CA UNK G 22 -16.48 78.70 64.44
C UNK G 22 -16.92 77.36 65.02
N UNK G 23 -18.24 77.10 65.06
CA UNK G 23 -18.74 75.86 65.64
C UNK G 23 -18.54 74.66 64.73
N UNK G 24 -18.39 74.87 63.41
CA UNK G 24 -18.09 73.76 62.51
C UNK G 24 -16.66 73.28 62.66
N UNK G 25 -15.72 74.21 62.77
CA UNK G 25 -14.34 73.85 63.09
C UNK G 25 -14.19 73.43 64.54
N UNK G 26 -15.10 73.86 65.42
CA UNK G 26 -15.13 73.33 66.78
C UNK G 26 -15.65 71.90 66.80
N UNK G 27 -16.53 71.53 65.87
CA UNK G 27 -16.93 70.13 65.72
C UNK G 27 -15.81 69.29 65.13
N UNK G 28 -15.02 69.88 64.23
CA UNK G 28 -13.82 69.21 63.72
C UNK G 28 -12.76 69.06 64.81
N UNK G 29 -12.59 70.07 65.65
CA UNK G 29 -11.66 70.00 66.77
C UNK G 29 -12.18 69.10 67.89
N UNK G 30 -13.51 68.95 68.00
CA UNK G 30 -14.08 68.01 68.95
C UNK G 30 -13.91 66.59 68.47
N UNK G 31 -13.95 66.37 67.15
CA UNK G 31 -13.60 65.07 66.58
C UNK G 31 -12.11 64.78 66.74
N UNK G 32 -11.28 65.82 66.66
CA UNK G 32 -9.84 65.69 66.91
C UNK G 32 -9.52 65.38 68.37
N UNK G 33 -10.17 66.06 69.31
CA UNK G 33 -9.97 65.76 70.73
C UNK G 33 -10.62 64.45 71.13
N UNK G 34 -11.67 64.02 70.41
CA UNK G 34 -12.24 62.69 70.58
C UNK G 34 -11.29 61.61 70.09
N UNK G 35 -10.58 61.87 68.99
CA UNK G 35 -9.54 60.94 68.55
C UNK G 35 -8.34 60.94 69.47
N UNK G 36 -8.05 62.08 70.12
CA UNK G 36 -6.97 62.16 71.11
C UNK G 36 -7.31 61.40 72.39
N UNK G 37 -8.57 61.48 72.84
CA UNK G 37 -8.98 60.70 74.01
C UNK G 37 -9.18 59.23 73.63
N UNK G 38 -9.48 58.95 72.36
CA UNK G 38 -9.59 57.58 71.88
C UNK G 38 -8.25 56.93 71.64
N UNK G 39 -7.18 57.73 71.51
CA UNK G 39 -5.83 57.21 71.41
C UNK G 39 -5.00 57.58 72.65
N UNK G 40 -5.66 57.99 73.72
CA UNK G 40 -4.98 58.17 75.00
C UNK G 40 -4.61 56.83 75.61
N UNK G 41 -3.38 56.74 76.09
CA UNK G 41 -2.84 55.48 76.57
C UNK G 41 -3.04 55.33 78.07
N UNK G 42 -2.62 54.18 78.60
CA UNK G 42 -2.83 53.85 80.00
C UNK G 42 -1.75 54.49 80.89
N UNK G 43 -1.71 54.03 82.14
CA UNK G 43 -1.01 54.72 83.21
C UNK G 43 0.51 54.58 83.14
N UNK G 44 1.02 53.35 83.17
CA UNK G 44 2.46 53.11 83.21
C UNK G 44 2.95 52.80 81.81
N UNK G 45 3.88 53.63 81.33
CA UNK G 45 4.58 53.33 80.08
C UNK G 45 5.57 52.20 80.36
N UNK G 46 5.23 50.99 79.92
CA UNK G 46 6.11 49.82 80.03
C UNK G 46 7.28 50.02 79.09
N UNK G 47 8.46 50.25 79.67
CA UNK G 47 9.61 50.91 79.07
C UNK G 47 10.24 50.06 77.98
N UNK G 48 10.76 50.76 76.97
CA UNK G 48 11.22 50.12 75.75
C UNK G 48 12.57 49.46 75.97
N UNK G 49 12.53 48.14 76.16
CA UNK G 49 13.73 47.42 76.54
C UNK G 49 13.96 46.28 75.55
N UNK G 50 15.22 46.00 75.30
CA UNK G 50 15.63 44.79 74.61
C UNK G 50 16.12 43.79 75.64
N UNK G 51 16.27 42.55 75.20
CA UNK G 51 16.67 41.51 76.14
C UNK G 51 17.51 40.47 75.42
N UNK G 52 18.33 39.76 76.20
CA UNK G 52 19.12 38.66 75.69
C UNK G 52 19.18 37.58 76.75
N UNK G 53 18.99 36.34 76.33
CA UNK G 53 18.98 35.22 77.26
C UNK G 53 19.47 33.97 76.56
N UNK G 54 20.23 33.17 77.29
CA UNK G 54 20.56 31.85 76.79
C UNK G 54 19.41 30.90 77.07
N UNK G 55 19.42 29.76 76.39
CA UNK G 55 18.41 28.75 76.55
C UNK G 55 19.05 27.51 77.16
N UNK G 56 18.71 27.23 78.41
CA UNK G 56 19.12 25.98 79.02
C UNK G 56 18.28 24.85 78.46
N UNK G 57 18.82 23.64 78.45
CA UNK G 57 18.14 22.55 77.79
C UNK G 57 17.89 21.34 78.66
N UNK G 58 18.51 21.21 79.83
CA UNK G 58 18.29 20.00 80.64
C UNK G 58 17.03 20.13 81.50
N UNK G 59 17.06 21.01 82.49
CA UNK G 59 15.93 21.21 83.39
C UNK G 59 16.10 22.59 84.02
N UNK G 60 15.38 23.58 83.50
CA UNK G 60 15.43 24.92 84.03
C UNK G 60 14.08 25.58 83.79
N UNK G 61 14.04 26.89 83.96
CA UNK G 61 12.85 27.64 83.58
C UNK G 61 12.79 27.77 82.07
N UNK G 62 11.59 27.92 81.53
CA UNK G 62 11.44 28.24 80.13
C UNK G 62 11.80 29.70 79.90
N UNK G 63 12.16 30.02 78.66
CA UNK G 63 12.54 31.38 78.30
C UNK G 63 11.29 32.25 78.25
N UNK G 64 11.20 33.19 79.17
CA UNK G 64 10.07 34.10 79.22
C UNK G 64 10.24 35.21 78.20
N UNK G 65 9.16 35.54 77.52
CA UNK G 65 9.15 36.64 76.56
C UNK G 65 8.11 37.64 77.02
N UNK G 66 8.57 38.76 77.56
CA UNK G 66 7.69 39.80 78.07
C UNK G 66 7.22 40.64 76.89
N UNK G 67 6.20 40.16 76.20
CA UNK G 67 5.63 40.90 75.08
C UNK G 67 4.58 41.86 75.59
N UNK G 68 4.02 42.67 74.70
CA UNK G 68 2.94 43.59 75.05
C UNK G 68 2.05 43.74 73.82
N UNK G 69 1.14 44.71 73.86
CA UNK G 69 0.37 45.06 72.68
C UNK G 69 1.23 45.76 71.63
N UNK G 70 2.26 46.48 72.06
CA UNK G 70 3.39 46.82 71.21
C UNK G 70 4.17 45.55 70.92
N UNK G 71 4.64 45.42 69.67
CA UNK G 71 5.10 44.14 69.17
C UNK G 71 6.52 43.82 69.63
N UNK G 72 7.01 42.67 69.17
CA UNK G 72 8.31 42.16 69.57
C UNK G 72 8.88 41.34 68.44
N UNK G 73 10.16 41.05 68.52
CA UNK G 73 10.79 40.19 67.54
C UNK G 73 11.86 39.36 68.23
N UNK G 74 11.68 38.05 68.17
CA UNK G 74 12.64 37.11 68.73
C UNK G 74 13.63 36.78 67.62
N UNK G 75 14.87 37.23 67.80
CA UNK G 75 15.97 36.88 66.90
C UNK G 75 16.83 35.88 67.64
N UNK G 76 16.82 34.64 67.16
CA UNK G 76 17.47 33.56 67.90
C UNK G 76 18.96 33.50 67.59
N UNK G 77 19.59 32.39 68.00
CA UNK G 77 20.91 32.02 67.51
C UNK G 77 20.84 31.67 66.02
N UNK G 78 22.00 31.68 65.37
CA UNK G 78 22.10 31.92 63.93
C UNK G 78 21.62 30.78 63.02
N UNK G 79 21.19 29.65 63.57
CA UNK G 79 20.46 28.68 62.77
C UNK G 79 19.02 29.14 62.58
N UNK G 80 18.45 28.79 61.43
CA UNK G 80 17.10 29.20 61.10
C UNK G 80 16.09 28.30 61.80
N UNK G 81 14.91 28.85 62.04
CA UNK G 81 13.83 28.09 62.64
C UNK G 81 13.14 27.24 61.58
N UNK G 82 12.32 26.30 62.03
CA UNK G 82 11.57 25.45 61.10
C UNK G 82 10.09 25.40 61.38
N UNK G 83 9.65 25.47 62.63
CA UNK G 83 8.24 25.29 62.93
C UNK G 83 7.85 26.10 64.15
N UNK G 84 6.74 26.82 64.04
CA UNK G 84 6.07 27.40 65.19
C UNK G 84 5.04 26.42 65.70
N UNK G 85 4.81 26.43 67.00
CA UNK G 85 3.73 25.65 67.60
C UNK G 85 3.12 26.52 68.67
N UNK G 86 1.98 27.13 68.36
CA UNK G 86 1.39 28.15 69.20
C UNK G 86 0.04 27.70 69.75
N UNK G 87 -0.27 28.22 70.91
CA UNK G 87 -1.65 28.29 71.41
C UNK G 87 -2.16 29.64 70.93
N UNK G 88 -2.88 29.63 69.82
CA UNK G 88 -3.15 30.85 69.06
C UNK G 88 -4.32 31.64 69.65
N UNK G 89 -4.77 32.64 68.87
CA UNK G 89 -5.75 33.70 69.21
C UNK G 89 -5.37 34.50 70.45
N UNK G 90 -4.07 34.63 70.73
CA UNK G 90 -3.57 35.51 71.75
C UNK G 90 -2.31 36.21 71.30
N UNK G 91 -1.66 35.73 70.23
CA UNK G 91 -0.43 36.32 69.71
C UNK G 91 -0.32 35.92 68.26
N UNK G 92 0.03 36.86 67.39
CA UNK G 92 0.20 36.59 65.96
C UNK G 92 1.67 36.75 65.62
N UNK G 93 2.29 35.68 65.13
CA UNK G 93 3.70 35.72 64.76
C UNK G 93 3.80 35.88 63.26
N UNK G 94 4.43 36.97 62.83
CA UNK G 94 4.80 37.16 61.43
C UNK G 94 6.21 36.64 61.26
N UNK G 95 6.38 35.70 60.33
CA UNK G 95 7.68 35.09 60.14
C UNK G 95 7.93 34.86 58.67
N UNK G 96 9.18 35.06 58.28
CA UNK G 96 9.71 34.54 57.03
C UNK G 96 10.34 33.19 57.31
N UNK G 97 11.17 32.71 56.38
CA UNK G 97 12.03 31.56 56.65
C UNK G 97 13.42 31.95 57.15
N UNK G 98 13.53 33.07 57.86
CA UNK G 98 14.80 33.54 58.41
C UNK G 98 14.95 33.04 59.85
N UNK G 99 15.97 33.51 60.56
CA UNK G 99 16.23 33.11 61.94
C UNK G 99 15.72 34.15 62.93
N UNK G 100 14.71 34.93 62.55
CA UNK G 100 14.17 35.96 63.42
C UNK G 100 12.70 36.11 63.11
N UNK G 101 11.84 35.85 64.09
CA UNK G 101 10.39 35.86 63.91
C UNK G 101 9.78 36.91 64.81
N UNK G 102 8.87 37.72 64.27
CA UNK G 102 8.24 38.78 65.05
C UNK G 102 6.96 38.23 65.67
N UNK G 103 6.74 38.53 66.94
CA UNK G 103 5.50 38.19 67.62
C UNK G 103 4.80 39.46 68.07
N UNK G 104 3.55 39.62 67.66
CA UNK G 104 2.72 40.75 68.06
C UNK G 104 1.54 40.19 68.83
N UNK G 105 1.48 40.47 70.14
CA UNK G 105 0.52 39.83 71.02
C UNK G 105 -0.85 40.48 70.87
N UNK G 106 -1.85 39.67 70.52
CA UNK G 106 -3.20 40.17 70.28
C UNK G 106 -3.93 40.49 71.57
N UNK G 107 -3.89 39.60 72.54
CA UNK G 107 -4.59 39.81 73.80
C UNK G 107 -3.83 40.80 74.68
N UNK G 108 -4.58 41.53 75.50
CA UNK G 108 -4.00 42.62 76.28
C UNK G 108 -3.26 42.09 77.50
N UNK G 109 -3.74 40.99 78.08
CA UNK G 109 -3.03 40.28 79.13
C UNK G 109 -3.29 38.80 78.92
N UNK G 110 -2.23 38.02 78.68
CA UNK G 110 -2.35 36.60 78.43
C UNK G 110 -1.02 35.92 78.72
N UNK G 111 -1.11 34.75 79.36
CA UNK G 111 0.03 33.84 79.39
C UNK G 111 -0.11 32.84 78.26
N UNK G 112 1.01 32.45 77.68
CA UNK G 112 0.99 31.58 76.52
C UNK G 112 2.27 30.79 76.47
N UNK G 113 2.17 29.56 75.97
CA UNK G 113 3.33 28.67 75.91
C UNK G 113 3.60 28.31 74.45
N UNK G 114 4.38 29.14 73.77
CA UNK G 114 4.75 28.82 72.40
C UNK G 114 5.92 27.84 72.40
N UNK G 115 6.16 27.22 71.24
CA UNK G 115 7.25 26.26 71.11
C UNK G 115 7.81 26.33 69.71
N UNK G 116 9.10 26.55 69.60
CA UNK G 116 9.78 26.64 68.33
C UNK G 116 10.58 25.37 68.11
N UNK G 117 10.35 24.73 66.98
CA UNK G 117 11.19 23.64 66.51
C UNK G 117 12.17 24.22 65.50
N UNK G 118 13.43 24.35 65.92
CA UNK G 118 14.51 24.78 65.05
C UNK G 118 15.19 23.53 64.48
N UNK G 119 16.40 23.68 63.94
CA UNK G 119 17.19 22.52 63.52
C UNK G 119 17.90 21.90 64.73
N UNK G 120 17.12 21.14 65.50
CA UNK G 120 17.58 20.46 66.70
C UNK G 120 16.73 19.21 66.87
N UNK G 121 16.78 18.62 68.07
CA UNK G 121 15.98 17.42 68.33
C UNK G 121 15.30 17.48 69.69
N UNK G 122 15.48 18.60 70.40
CA UNK G 122 14.71 18.90 71.60
C UNK G 122 14.19 20.30 71.35
N UNK G 123 12.93 20.41 70.92
CA UNK G 123 12.38 21.66 70.45
C UNK G 123 12.09 22.60 71.61
N UNK G 124 12.47 23.86 71.45
CA UNK G 124 12.49 24.77 72.57
C UNK G 124 11.10 25.29 72.86
N UNK G 125 10.83 25.57 74.13
CA UNK G 125 9.60 26.21 74.50
C UNK G 125 9.89 27.63 74.97
N UNK G 126 8.86 28.46 74.97
CA UNK G 126 8.99 29.83 75.43
C UNK G 126 7.64 30.25 76.00
N UNK G 127 7.68 31.12 76.97
CA UNK G 127 6.49 31.54 77.69
C UNK G 127 6.24 33.00 77.34
N UNK G 128 5.38 33.22 76.36
CA UNK G 128 5.01 34.56 75.97
C UNK G 128 4.00 35.10 76.96
N UNK G 129 4.37 36.15 77.69
CA UNK G 129 3.45 36.77 78.64
C UNK G 129 3.23 38.21 78.22
N UNK G 130 1.97 38.63 78.28
CA UNK G 130 1.65 39.96 77.81
C UNK G 130 1.76 40.99 78.94
N UNK G 131 2.41 42.11 78.61
CA UNK G 131 2.51 43.37 79.35
C UNK G 131 3.16 43.25 80.73
N UNK G 132 4.33 42.60 80.83
CA UNK G 132 5.00 42.46 82.13
C UNK G 132 6.04 43.57 82.24
N UNK G 133 5.53 44.80 82.44
CA UNK G 133 6.22 46.00 82.93
C UNK G 133 7.31 46.62 82.05
N UNK G 134 7.63 46.00 80.91
CA UNK G 134 8.70 46.45 80.03
C UNK G 134 8.46 45.84 78.66
N UNK G 135 8.28 46.69 77.66
CA UNK G 135 8.07 46.22 76.31
C UNK G 135 9.40 45.77 75.73
N UNK G 136 9.63 44.47 75.73
CA UNK G 136 10.83 43.88 75.15
C UNK G 136 10.64 43.87 73.65
N UNK G 137 11.12 44.93 73.00
CA UNK G 137 10.92 45.12 71.57
C UNK G 137 11.79 44.19 70.72
N UNK G 138 12.89 43.68 71.26
CA UNK G 138 13.72 42.70 70.57
C UNK G 138 14.37 41.81 71.61
N UNK G 139 14.33 40.50 71.38
CA UNK G 139 14.93 39.54 72.28
C UNK G 139 15.94 38.71 71.53
N UNK G 140 16.95 38.24 72.25
CA UNK G 140 18.04 37.47 71.66
C UNK G 140 18.13 36.11 72.34
N UNK G 141 17.81 35.06 71.60
CA UNK G 141 17.77 33.71 72.13
C UNK G 141 19.07 32.99 71.75
N UNK G 142 19.98 32.91 72.71
CA UNK G 142 21.22 32.17 72.51
C UNK G 142 20.93 30.70 72.80
N UNK G 143 20.82 29.91 71.75
CA UNK G 143 20.49 28.50 71.92
C UNK G 143 21.73 27.71 72.34
N UNK G 144 21.48 26.65 73.11
CA UNK G 144 22.55 25.76 73.55
C UNK G 144 22.97 24.81 72.43
N UNK H 1 -31.48 48.03 93.27
CA UNK H 1 -30.28 48.64 93.86
C UNK H 1 -29.30 47.56 94.25
N UNK H 2 -29.49 47.00 95.44
CA UNK H 2 -28.71 45.85 95.87
C UNK H 2 -29.08 44.61 95.08
N UNK H 3 -30.39 44.40 94.84
CA UNK H 3 -30.85 43.24 94.06
C UNK H 3 -30.54 43.42 92.58
N UNK H 4 -30.62 44.65 92.08
CA UNK H 4 -30.27 44.92 90.69
C UNK H 4 -28.76 44.85 90.46
N UNK H 5 -27.96 45.25 91.45
CA UNK H 5 -26.52 45.08 91.36
C UNK H 5 -26.11 43.62 91.53
N UNK H 6 -26.93 42.84 92.26
CA UNK H 6 -26.72 41.40 92.38
C UNK H 6 -27.01 40.68 91.07
N UNK H 7 -28.10 41.05 90.39
CA UNK H 7 -28.42 40.47 89.08
C UNK H 7 -27.45 40.93 88.00
N UNK H 8 -26.93 42.17 88.13
CA UNK H 8 -25.92 42.70 87.23
C UNK H 8 -24.58 41.99 87.39
N UNK H 9 -24.11 41.82 88.63
CA UNK H 9 -22.88 41.08 88.93
C UNK H 9 -23.01 39.59 88.61
N UNK H 10 -24.22 39.03 88.72
CA UNK H 10 -24.45 37.64 88.31
C UNK H 10 -24.41 37.46 86.80
N UNK H 11 -24.95 38.42 86.03
CA UNK H 11 -24.90 38.32 84.57
C UNK H 11 -23.49 38.58 84.03
N UNK H 12 -22.75 39.50 84.68
CA UNK H 12 -21.36 39.74 84.32
C UNK H 12 -20.46 38.59 84.75
N UNK H 13 -20.82 37.90 85.84
CA UNK H 13 -20.11 36.69 86.24
C UNK H 13 -20.40 35.54 85.29
N UNK H 14 -21.60 35.49 84.72
CA UNK H 14 -21.92 34.48 83.70
C UNK H 14 -21.15 34.71 82.41
N UNK H 15 -21.00 35.98 82.01
CA UNK H 15 -20.24 36.32 80.81
C UNK H 15 -18.74 36.10 81.00
N UNK H 16 -18.20 36.46 82.17
CA UNK H 16 -16.80 36.22 82.46
C UNK H 16 -16.51 34.74 82.70
N UNK H 17 -17.50 33.97 83.16
CA UNK H 17 -17.35 32.52 83.28
C UNK H 17 -17.36 31.84 81.92
N UNK H 18 -18.15 32.35 80.97
CA UNK H 18 -18.11 31.81 79.61
C UNK H 18 -16.81 32.17 78.89
N UNK H 19 -16.30 33.38 79.12
CA UNK H 19 -15.02 33.79 78.54
C UNK H 19 -13.84 33.06 79.19
N UNK H 20 -13.93 32.75 80.49
CA UNK H 20 -12.91 31.95 81.12
C UNK H 20 -13.05 30.46 80.83
N UNK H 21 -14.23 30.01 80.38
CA UNK H 21 -14.41 28.60 80.06
C UNK H 21 -14.13 28.27 78.60
N UNK H 22 -14.10 29.26 77.72
CA UNK H 22 -13.67 29.03 76.35
C UNK H 22 -12.16 28.77 76.30
N UNK H 23 -11.74 27.97 75.32
CA UNK H 23 -10.34 27.53 75.24
C UNK H 23 -9.97 27.23 73.80
N UNK H 24 -9.00 27.96 73.26
CA UNK H 24 -8.45 27.63 71.95
C UNK H 24 -7.39 26.54 72.09
N UNK H 25 -7.20 25.78 71.01
CA UNK H 25 -6.35 24.59 71.06
C UNK H 25 -5.02 24.86 70.36
N UNK H 26 -4.17 23.83 70.31
CA UNK H 26 -2.80 23.94 69.84
C UNK H 26 -2.74 24.02 68.31
N UNK H 27 -1.60 24.47 67.80
CA UNK H 27 -1.38 24.56 66.35
C UNK H 27 0.10 24.35 66.09
N UNK H 28 0.44 23.45 65.15
CA UNK H 28 1.83 23.15 64.82
C UNK H 28 2.07 23.52 63.35
N UNK H 29 2.41 24.78 63.11
CA UNK H 29 2.61 25.28 61.76
C UNK H 29 4.08 25.25 61.38
N UNK H 30 4.43 24.44 60.38
CA UNK H 30 5.82 24.22 59.97
C UNK H 30 6.03 24.83 58.58
N UNK H 31 6.74 25.95 58.51
CA UNK H 31 7.05 26.61 57.26
C UNK H 31 8.45 26.23 56.80
N UNK H 32 8.61 26.04 55.49
CA UNK H 32 9.89 25.63 54.95
C UNK H 32 10.45 26.66 53.97
N UNK I 1 -51.56 96.88 31.53
CA UNK I 1 -50.83 95.69 31.97
C UNK I 1 -49.42 96.07 32.42
N UNK I 2 -49.15 97.38 32.44
CA UNK I 2 -47.80 97.90 32.60
C UNK I 2 -47.28 97.76 34.02
N UNK I 3 -48.02 98.27 35.01
CA UNK I 3 -47.56 98.25 36.40
C UNK I 3 -47.67 96.86 37.02
N UNK I 4 -48.71 96.10 36.69
CA UNK I 4 -48.86 94.74 37.21
C UNK I 4 -47.89 93.77 36.54
N UNK I 5 -47.61 93.95 35.25
CA UNK I 5 -46.60 93.13 34.58
C UNK I 5 -45.19 93.55 34.98
N UNK I 6 -44.98 94.81 35.37
CA UNK I 6 -43.69 95.26 35.86
C UNK I 6 -43.42 94.72 37.27
N UNK I 7 -44.46 94.69 38.12
CA UNK I 7 -44.35 94.03 39.42
C UNK I 7 -44.23 92.52 39.27
N UNK I 8 -44.84 91.94 38.24
CA UNK I 8 -44.72 90.51 37.93
C UNK I 8 -43.30 90.15 37.51
N UNK I 9 -42.70 90.92 36.60
CA UNK I 9 -41.33 90.65 36.18
C UNK I 9 -40.31 91.06 37.23
N UNK I 10 -40.65 92.02 38.10
CA UNK I 10 -39.74 92.40 39.18
C UNK I 10 -39.73 91.35 40.27
N UNK I 11 -40.91 90.79 40.58
CA UNK I 11 -41.00 89.67 41.50
C UNK I 11 -40.44 88.39 40.89
N UNK I 12 -40.51 88.25 39.56
CA UNK I 12 -39.86 87.15 38.86
C UNK I 12 -38.34 87.26 38.86
N UNK I 13 -37.80 88.47 38.74
CA UNK I 13 -36.37 88.67 38.86
C UNK I 13 -35.90 88.50 40.30
N UNK I 14 -36.74 88.88 41.27
CA UNK I 14 -36.37 88.70 42.66
C UNK I 14 -36.60 87.26 43.15
N UNK I 15 -37.37 86.46 42.42
CA UNK I 15 -37.72 85.12 42.91
C UNK I 15 -37.09 84.00 42.08
N UNK I 16 -36.68 84.28 40.83
CA UNK I 16 -35.93 83.30 40.06
C UNK I 16 -34.46 83.41 40.40
N UNK I 17 -33.89 84.60 40.26
CA UNK I 17 -32.68 84.98 40.98
C UNK I 17 -33.15 85.29 42.39
N UNK I 18 -33.14 84.26 43.25
CA UNK I 18 -34.01 84.21 44.42
C UNK I 18 -33.37 84.89 45.63
N UNK I 19 -32.11 85.27 45.53
CA UNK I 19 -31.46 85.99 46.62
C UNK I 19 -31.24 87.44 46.24
N UNK I 20 -30.98 88.26 47.26
CA UNK I 20 -30.35 89.54 47.03
C UNK I 20 -28.93 89.31 46.55
N UNK I 21 -28.51 90.10 45.56
CA UNK I 21 -27.28 89.80 44.82
C UNK I 21 -26.02 90.16 45.59
N UNK I 22 -26.06 91.15 46.46
CA UNK I 22 -24.94 91.38 47.36
C UNK I 22 -24.91 90.34 48.48
N UNK I 23 -26.08 89.89 48.92
CA UNK I 23 -26.19 88.82 49.90
C UNK I 23 -25.75 87.48 49.36
N UNK I 24 -25.89 87.25 48.06
CA UNK I 24 -25.45 86.00 47.44
C UNK I 24 -23.93 85.95 47.32
N UNK I 25 -23.31 87.09 47.01
CA UNK I 25 -21.84 87.14 46.99
C UNK I 25 -21.25 87.11 48.40
N UNK I 26 -21.98 87.67 49.37
CA UNK I 26 -21.59 87.54 50.77
C UNK I 26 -21.74 86.09 51.25
N UNK I 27 -22.75 85.38 50.75
CA UNK I 27 -22.90 83.96 51.07
C UNK I 27 -21.89 83.10 50.32
N UNK I 28 -21.42 83.56 49.17
CA UNK I 28 -20.35 82.86 48.45
C UNK I 28 -19.01 83.00 49.16
N UNK I 29 -18.71 84.20 49.66
CA UNK I 29 -17.51 84.40 50.48
C UNK I 29 -17.65 83.72 51.84
N UNK I 30 -18.86 83.64 52.38
CA UNK I 30 -19.08 82.92 53.63
C UNK I 30 -19.02 81.41 53.43
N UNK I 31 -19.39 80.92 52.25
CA UNK I 31 -19.25 79.51 51.93
C UNK I 31 -17.80 79.15 51.69
N UNK I 32 -17.02 80.08 51.15
CA UNK I 32 -15.58 79.89 51.06
C UNK I 32 -14.91 79.95 52.43
N UNK I 33 -15.44 80.77 53.34
CA UNK I 33 -14.93 80.81 54.71
C UNK I 33 -15.30 79.55 55.48
N UNK I 34 -16.50 79.01 55.24
CA UNK I 34 -16.90 77.75 55.85
C UNK I 34 -16.16 76.57 55.25
N UNK I 35 -15.78 76.66 53.97
CA UNK I 35 -14.93 75.66 53.36
C UNK I 35 -13.50 75.76 53.88
N UNK I 36 -13.06 76.96 54.24
CA UNK I 36 -11.78 77.12 54.93
C UNK I 36 -11.84 76.58 56.35
N UNK I 37 -13.01 76.68 56.99
CA UNK I 37 -13.20 76.09 58.30
C UNK I 37 -13.25 74.57 58.24
N UNK I 38 -13.83 74.02 57.19
CA UNK I 38 -13.81 72.57 56.98
C UNK I 38 -12.45 72.06 56.55
N UNK I 39 -11.65 72.91 55.89
CA UNK I 39 -10.30 72.53 55.51
C UNK I 39 -9.33 72.74 56.65
N UNK I 40 -9.74 73.47 57.69
CA UNK I 40 -8.91 73.73 58.85
C UNK I 40 -8.72 72.47 59.68
N UNK I 41 -7.44 72.12 59.87
CA UNK I 41 -7.04 70.98 60.66
C UNK I 41 -6.92 71.37 62.13
N UNK I 42 -6.26 70.49 62.89
CA UNK I 42 -5.85 70.84 64.25
C UNK I 42 -4.76 71.91 64.20
N UNK I 43 -4.74 72.75 65.24
CA UNK I 43 -3.89 73.93 65.27
C UNK I 43 -2.42 73.56 65.50
N UNK I 44 -2.19 72.50 66.28
CA UNK I 44 -0.84 72.01 66.50
C UNK I 44 -0.50 70.99 65.41
N UNK I 45 0.03 71.47 64.30
CA UNK I 45 0.48 70.59 63.22
C UNK I 45 1.78 69.94 63.64
N UNK I 46 1.93 68.65 63.33
CA UNK I 46 3.17 67.92 63.59
C UNK I 46 4.26 68.43 62.65
N UNK I 47 5.28 69.06 63.23
CA UNK I 47 6.27 69.82 62.48
C UNK I 47 7.22 68.91 61.71
N UNK I 48 7.47 69.28 60.47
CA UNK I 48 8.22 68.42 59.58
C UNK I 48 9.71 68.56 59.83
N UNK I 49 10.37 67.41 59.90
CA UNK I 49 11.79 67.37 60.20
C UNK I 49 12.37 66.12 59.57
N UNK I 50 13.64 66.21 59.19
CA UNK I 50 14.38 65.06 58.70
C UNK I 50 15.21 64.49 59.84
N UNK I 51 15.70 63.28 59.65
CA UNK I 51 16.47 62.60 60.69
C UNK I 51 17.46 61.66 60.03
N UNK I 52 18.48 61.29 60.81
CA UNK I 52 19.43 60.26 60.40
C UNK I 52 19.65 59.33 61.56
N UNK I 53 19.83 58.05 61.25
CA UNK I 53 20.01 57.04 62.29
C UNK I 53 20.89 55.92 61.75
N UNK I 54 21.85 55.51 62.56
CA UNK I 54 22.70 54.39 62.22
C UNK I 54 22.08 53.09 62.67
N UNK I 55 22.69 51.99 62.26
CA UNK I 55 22.19 50.66 62.59
C UNK I 55 22.98 50.08 63.76
N UNK I 56 22.27 49.71 64.83
CA UNK I 56 22.84 49.02 65.97
C UNK I 56 21.98 47.82 66.35
N UNK I 57 22.35 47.12 67.42
CA UNK I 57 21.58 45.93 67.79
C UNK I 57 21.31 45.73 69.28
N UNK I 58 22.09 46.28 70.21
CA UNK I 58 22.21 45.64 71.52
C UNK I 58 21.12 46.01 72.53
N UNK I 59 21.16 47.23 73.09
CA UNK I 59 20.28 47.58 74.21
C UNK I 59 20.16 49.11 74.31
N UNK I 60 19.05 49.65 73.77
CA UNK I 60 18.75 51.08 73.81
C UNK I 60 17.25 51.27 73.59
N UNK I 61 16.87 52.50 73.30
CA UNK I 61 15.58 52.76 72.70
C UNK I 61 15.57 52.25 71.27
N UNK I 62 14.41 51.87 70.78
CA UNK I 62 14.31 51.16 69.51
C UNK I 62 14.20 52.13 68.33
N UNK I 63 14.10 51.57 67.13
CA UNK I 63 14.15 52.40 65.92
C UNK I 63 12.75 52.74 65.43
N UNK I 64 12.53 54.04 65.18
CA UNK I 64 11.19 54.58 64.99
C UNK I 64 11.18 55.56 63.82
N UNK I 65 10.10 55.55 63.04
CA UNK I 65 9.84 56.59 62.06
C UNK I 65 8.46 57.18 62.31
N UNK I 66 8.42 58.45 62.68
CA UNK I 66 7.17 59.12 63.03
C UNK I 66 6.62 59.76 61.75
N UNK I 67 5.83 58.99 61.01
CA UNK I 67 5.26 59.49 59.77
C UNK I 67 3.93 60.19 60.09
N UNK I 68 3.30 60.75 59.08
CA UNK I 68 2.05 61.47 59.27
C UNK I 68 0.96 60.74 58.48
N UNK I 69 -0.26 61.28 58.53
CA UNK I 69 -1.37 60.73 57.76
C UNK I 69 -1.26 61.00 56.26
N UNK I 70 -0.44 61.96 55.85
CA UNK I 70 -0.06 62.15 54.47
C UNK I 70 1.31 61.50 54.22
N UNK I 71 1.90 61.75 53.06
CA UNK I 71 3.07 60.99 52.64
C UNK I 71 4.36 61.53 53.26
N UNK I 72 5.34 60.62 53.37
CA UNK I 72 6.67 60.90 53.88
C UNK I 72 7.60 59.83 53.32
N UNK I 73 8.90 60.01 53.55
CA UNK I 73 9.91 59.20 52.88
C UNK I 73 10.92 58.66 53.87
N UNK I 74 11.43 57.46 53.60
CA UNK I 74 12.53 56.84 54.33
C UNK I 74 13.51 56.31 53.30
N UNK I 75 14.72 56.87 53.28
CA UNK I 75 15.71 56.56 52.25
C UNK I 75 16.93 55.91 52.90
N UNK I 76 17.06 54.60 52.72
CA UNK I 76 18.21 53.88 53.25
C UNK I 76 19.40 53.98 52.29
N UNK I 77 20.47 53.26 52.62
CA UNK I 77 21.68 53.27 51.80
C UNK I 77 21.53 52.33 50.59
N UNK I 78 22.63 52.17 49.86
CA UNK I 78 22.60 51.38 48.64
C UNK I 78 22.58 49.88 48.90
N UNK I 79 22.97 49.45 50.10
CA UNK I 79 22.95 48.06 50.50
C UNK I 79 21.51 47.56 50.67
N UNK I 80 21.19 46.49 49.95
CA UNK I 80 19.83 46.01 49.79
C UNK I 80 19.35 45.29 51.05
N UNK I 81 18.42 45.94 51.74
CA UNK I 81 17.75 45.33 52.88
C UNK I 81 16.53 44.56 52.43
N UNK I 82 15.76 44.06 53.40
CA UNK I 82 14.63 43.22 53.03
C UNK I 82 13.26 43.86 53.21
N UNK I 83 12.87 44.21 54.44
CA UNK I 83 11.43 44.32 54.69
C UNK I 83 11.09 45.05 55.98
N UNK I 84 9.80 45.35 56.12
CA UNK I 84 9.22 45.78 57.38
C UNK I 84 8.12 44.80 57.80
N UNK I 85 8.06 44.51 59.09
CA UNK I 85 7.06 43.60 59.64
C UNK I 85 6.07 44.45 60.42
N UNK I 86 4.95 44.80 59.78
CA UNK I 86 3.98 45.77 60.27
C UNK I 86 3.16 45.22 61.43
N UNK I 87 2.51 46.13 62.14
CA UNK I 87 1.39 45.80 63.03
C UNK I 87 0.26 46.74 62.63
N UNK I 88 -0.88 46.15 62.23
CA UNK I 88 -1.78 46.79 61.28
C UNK I 88 -2.72 47.80 61.93
N UNK I 89 -3.71 48.22 61.12
CA UNK I 89 -4.69 49.30 61.35
C UNK I 89 -4.03 50.65 61.63
N UNK I 90 -2.89 50.91 60.96
CA UNK I 90 -2.37 52.26 60.95
C UNK I 90 -1.78 52.77 59.64
N UNK I 91 -1.29 51.92 58.74
CA UNK I 91 -0.32 52.43 57.75
C UNK I 91 -0.62 51.94 56.35
N UNK I 92 -0.08 52.63 55.35
CA UNK I 92 -0.17 52.25 53.95
C UNK I 92 1.03 52.80 53.20
N UNK I 93 2.01 51.95 52.97
CA UNK I 93 3.27 52.42 52.41
C UNK I 93 3.36 51.97 50.96
N UNK I 94 3.77 52.89 50.09
CA UNK I 94 4.43 52.50 48.87
C UNK I 94 5.85 52.08 49.22
N UNK I 95 6.02 50.80 49.50
CA UNK I 95 7.30 50.28 49.98
C UNK I 95 7.65 49.06 49.15
N UNK I 96 8.66 49.23 48.30
CA UNK I 96 8.96 48.29 47.23
C UNK I 96 9.91 47.19 47.67
N UNK I 97 10.50 46.50 46.68
CA UNK I 97 11.68 45.67 46.86
C UNK I 97 12.97 46.44 46.64
N UNK I 98 12.92 47.77 46.69
CA UNK I 98 14.06 48.65 46.58
C UNK I 98 14.67 48.88 47.96
N UNK I 99 15.51 49.89 48.11
CA UNK I 99 16.07 50.24 49.40
C UNK I 99 15.50 51.55 49.96
N UNK I 100 14.19 51.76 49.82
CA UNK I 100 13.51 52.94 50.35
C UNK I 100 12.04 52.64 50.61
N UNK I 101 11.32 53.66 51.08
CA UNK I 101 9.89 53.58 51.32
C UNK I 101 9.30 54.97 51.23
N UNK I 102 8.06 55.06 50.75
CA UNK I 102 7.29 56.29 50.84
C UNK I 102 5.94 55.94 51.45
N UNK I 103 5.72 56.34 52.69
CA UNK I 103 4.58 55.85 53.44
C UNK I 103 3.53 56.94 53.60
N UNK I 104 2.30 56.51 53.90
CA UNK I 104 1.24 57.42 54.33
C UNK I 104 0.37 56.65 55.33
N UNK I 105 0.13 57.22 56.49
CA UNK I 105 -0.67 56.51 57.49
C UNK I 105 -2.15 56.65 57.14
N UNK I 106 -2.87 55.53 57.26
CA UNK I 106 -4.32 55.63 57.29
C UNK I 106 -4.80 56.20 58.61
N UNK I 107 -4.04 55.97 59.68
CA UNK I 107 -4.36 56.46 61.01
C UNK I 107 -4.05 57.94 61.13
N UNK I 108 -4.97 58.66 61.76
CA UNK I 108 -4.70 60.00 62.24
C UNK I 108 -3.73 59.94 63.41
N UNK I 109 -4.09 59.22 64.47
CA UNK I 109 -3.18 58.92 65.57
C UNK I 109 -3.47 57.49 66.01
N UNK I 110 -2.78 56.54 65.37
CA UNK I 110 -2.62 55.18 65.87
C UNK I 110 -1.32 54.66 65.28
N UNK I 111 -0.60 53.86 66.06
CA UNK I 111 0.75 53.47 65.71
C UNK I 111 0.77 52.14 64.95
N UNK I 112 1.84 51.94 64.20
CA UNK I 112 2.12 50.66 63.57
C UNK I 112 3.48 50.21 64.07
N UNK I 113 3.52 49.01 64.63
CA UNK I 113 4.75 48.48 65.20
C UNK I 113 5.39 47.60 64.14
N UNK I 114 6.05 48.22 63.16
CA UNK I 114 6.78 47.46 62.19
C UNK I 114 8.16 47.08 62.70
N UNK I 115 8.85 46.29 61.90
CA UNK I 115 10.24 45.95 62.18
C UNK I 115 11.04 46.13 60.91
N UNK I 116 12.16 46.83 61.01
CA UNK I 116 13.12 46.95 59.93
C UNK I 116 13.98 45.69 59.93
N UNK I 117 13.49 44.66 59.26
CA UNK I 117 14.27 43.46 59.04
C UNK I 117 15.17 43.73 57.84
N UNK I 118 16.45 43.89 58.10
CA UNK I 118 17.42 44.21 57.06
C UNK I 118 18.16 42.94 56.67
N UNK I 119 19.22 43.06 55.87
CA UNK I 119 20.03 41.94 55.39
C UNK I 119 21.10 41.52 56.39
N UNK I 120 20.68 41.18 57.60
CA UNK I 120 21.56 40.78 58.69
C UNK I 120 20.76 39.86 59.60
N UNK I 121 21.38 39.37 60.67
CA UNK I 121 20.66 38.50 61.61
C UNK I 121 20.27 39.26 62.86
N UNK I 122 20.35 40.58 62.82
CA UNK I 122 19.86 41.44 63.91
C UNK I 122 18.81 42.35 63.28
N UNK I 123 17.55 42.09 63.60
CA UNK I 123 16.47 42.91 63.08
C UNK I 123 16.31 44.15 63.94
N UNK I 124 16.22 45.32 63.31
CA UNK I 124 15.93 46.53 64.06
C UNK I 124 14.42 46.75 64.05
N UNK I 125 13.96 47.66 64.90
CA UNK I 125 12.55 48.01 64.90
C UNK I 125 12.24 48.94 63.73
N UNK I 126 10.96 49.10 63.42
CA UNK I 126 10.50 50.22 62.62
C UNK I 126 9.17 50.65 63.20
N UNK I 127 9.20 51.51 64.19
CA UNK I 127 7.96 51.96 64.82
C UNK I 127 7.38 53.05 63.93
N UNK I 128 6.55 52.65 62.98
CA UNK I 128 5.92 53.57 62.05
C UNK I 128 4.74 54.22 62.77
N UNK I 129 4.99 55.34 63.40
CA UNK I 129 3.97 55.97 64.24
C UNK I 129 3.23 57.00 63.41
N UNK I 130 1.98 57.26 63.79
CA UNK I 130 1.25 58.39 63.23
C UNK I 130 1.19 59.52 64.25
N UNK I 131 1.77 60.67 63.87
CA UNK I 131 1.86 61.94 64.59
C UNK I 131 2.52 61.83 65.96
N UNK I 132 3.78 61.38 66.02
CA UNK I 132 4.54 61.40 67.26
C UNK I 132 5.42 62.66 67.27
N UNK I 133 4.74 63.81 67.25
CA UNK I 133 5.22 65.18 67.51
C UNK I 133 6.17 65.80 66.48
N UNK I 134 6.62 65.03 65.48
CA UNK I 134 7.52 65.51 64.45
C UNK I 134 7.41 64.57 63.26
N UNK I 135 6.95 65.10 62.13
CA UNK I 135 6.78 64.30 60.92
C UNK I 135 8.13 64.08 60.27
N UNK I 136 8.61 62.83 60.31
CA UNK I 136 9.91 62.47 59.75
C UNK I 136 9.78 62.40 58.24
N UNK I 137 10.08 63.52 57.59
CA UNK I 137 9.99 63.62 56.14
C UNK I 137 11.08 62.84 55.42
N UNK I 138 12.26 62.73 56.01
CA UNK I 138 13.34 61.93 55.42
C UNK I 138 14.17 61.37 56.55
N UNK I 139 13.93 60.11 56.90
CA UNK I 139 14.71 59.42 57.92
C UNK I 139 15.73 58.54 57.21
N UNK I 140 16.97 58.99 57.17
CA UNK I 140 18.04 58.32 56.45
C UNK I 140 18.68 57.28 57.36
N UNK I 141 18.67 56.03 56.92
CA UNK I 141 19.17 54.91 57.71
C UNK I 141 20.56 54.53 57.19
N UNK I 142 21.57 54.74 58.01
CA UNK I 142 22.93 54.31 57.71
C UNK I 142 23.11 52.90 58.27
N UNK I 143 23.21 51.93 57.37
CA UNK I 143 23.35 50.54 57.77
C UNK I 143 24.76 50.25 58.26
N UNK I 144 24.88 49.22 59.09
CA UNK I 144 26.15 48.84 59.68
C UNK I 144 26.85 47.79 58.82
N UNK J 1 -34.11 62.24 82.54
CA UNK J 1 -33.17 63.21 81.98
C UNK J 1 -31.75 62.78 82.26
N UNK J 2 -31.45 62.66 83.56
CA UNK J 2 -30.17 62.12 83.99
C UNK J 2 -30.06 60.63 83.67
N UNK J 3 -31.19 59.92 83.69
CA UNK J 3 -31.21 58.52 83.28
C UNK J 3 -31.00 58.36 81.78
N UNK J 4 -31.49 59.32 80.99
CA UNK J 4 -31.29 59.27 79.54
C UNK J 4 -29.86 59.63 79.16
N UNK J 5 -29.27 60.59 79.88
CA UNK J 5 -27.85 60.91 79.68
C UNK J 5 -26.94 59.80 80.20
N UNK J 6 -27.39 59.08 81.23
CA UNK J 6 -26.63 57.93 81.72
C UNK J 6 -26.73 56.74 80.75
N UNK J 7 -27.88 56.60 80.08
CA UNK J 7 -28.03 55.54 79.08
C UNK J 7 -27.22 55.83 77.82
N UNK J 8 -27.15 57.11 77.43
CA UNK J 8 -26.30 57.50 76.32
C UNK J 8 -24.82 57.41 76.68
N UNK J 9 -24.47 57.67 77.95
CA UNK J 9 -23.11 57.49 78.41
C UNK J 9 -22.75 56.01 78.53
N UNK J 10 -23.73 55.15 78.82
CA UNK J 10 -23.48 53.70 78.85
C UNK J 10 -23.31 53.13 77.45
N UNK J 11 -24.07 53.62 76.48
CA UNK J 11 -23.90 53.20 75.09
C UNK J 11 -22.61 53.74 74.49
N UNK J 12 -22.22 54.96 74.88
CA UNK J 12 -20.95 55.53 74.44
C UNK J 12 -19.77 54.86 75.11
N UNK J 13 -19.95 54.38 76.35
CA UNK J 13 -18.93 53.61 77.03
C UNK J 13 -18.77 52.23 76.40
N UNK J 14 -19.88 51.64 75.94
CA UNK J 14 -19.80 50.37 75.22
C UNK J 14 -19.14 50.53 73.85
N UNK J 15 -19.37 51.68 73.20
CA UNK J 15 -18.74 51.97 71.91
C UNK J 15 -17.25 52.26 72.07
N UNK J 16 -16.86 53.04 73.08
CA UNK J 16 -15.45 53.33 73.32
C UNK J 16 -14.70 52.12 73.87
N UNK J 17 -15.40 51.22 74.58
CA UNK J 17 -14.79 49.99 75.03
C UNK J 17 -14.58 49.00 73.90
N UNK J 18 -15.53 48.92 72.95
CA UNK J 18 -15.35 48.07 71.78
C UNK J 18 -14.28 48.63 70.84
N UNK J 19 -14.16 49.96 70.76
CA UNK J 19 -13.11 50.59 69.97
C UNK J 19 -11.73 50.45 70.61
N UNK J 20 -11.65 50.55 71.93
CA UNK J 20 -10.40 50.31 72.63
C UNK J 20 -9.99 48.84 72.64
N UNK J 21 -10.94 47.91 72.63
CA UNK J 21 -10.63 46.51 72.52
C UNK J 21 -10.32 46.07 71.09
N UNK J 22 -10.74 46.83 70.09
CA UNK J 22 -10.35 46.54 68.73
C UNK J 22 -8.94 47.03 68.45
N UNK J 23 -8.06 46.08 68.13
CA UNK J 23 -6.66 46.38 67.79
C UNK J 23 -6.19 45.27 66.85
N UNK J 24 -5.24 45.60 65.96
CA UNK J 24 -4.87 44.67 64.90
C UNK J 24 -3.49 44.06 65.15
N UNK J 25 -3.09 43.19 64.23
CA UNK J 25 -1.91 42.35 64.43
C UNK J 25 -0.87 42.61 63.36
N UNK J 26 0.20 41.81 63.38
CA UNK J 26 1.34 41.92 62.48
C UNK J 26 0.97 41.54 61.04
N UNK J 27 1.49 42.33 60.09
CA UNK J 27 1.23 42.14 58.66
C UNK J 27 2.51 42.38 57.88
N UNK J 28 2.77 41.56 56.87
CA UNK J 28 4.06 41.52 56.19
C UNK J 28 4.17 42.61 55.12
N UNK J 29 4.98 43.64 55.37
CA UNK J 29 5.42 44.52 54.30
C UNK J 29 6.74 44.00 53.74
N UNK J 30 6.65 42.94 52.95
CA UNK J 30 7.79 42.28 52.36
C UNK J 30 7.55 42.06 50.88
N UNK J 31 7.87 43.06 50.07
CA UNK J 31 7.77 42.95 48.62
C UNK J 31 9.11 42.47 48.10
N UNK J 32 9.08 41.55 47.15
CA UNK J 32 10.30 40.97 46.62
C UNK J 32 10.35 41.11 45.09
N UNK K 1 -67.39 91.91 16.31
CA UNK K 1 -66.68 90.65 16.12
C UNK K 1 -65.18 90.87 16.23
N UNK K 2 -64.71 91.91 15.53
CA UNK K 2 -63.27 92.14 15.40
C UNK K 2 -62.66 92.70 16.68
N UNK K 3 -63.47 93.36 17.52
CA UNK K 3 -62.95 93.90 18.78
C UNK K 3 -62.70 92.80 19.80
N UNK K 4 -63.64 91.86 19.98
CA UNK K 4 -63.42 90.73 20.88
C UNK K 4 -62.45 89.72 20.28
N UNK K 5 -62.36 89.66 18.94
CA UNK K 5 -61.40 88.79 18.29
C UNK K 5 -59.97 89.33 18.42
N UNK K 6 -59.80 90.65 18.31
CA UNK K 6 -58.48 91.23 18.50
C UNK K 6 -58.11 91.30 19.98
N UNK K 7 -59.11 91.35 20.87
CA UNK K 7 -58.87 91.19 22.29
C UNK K 7 -58.44 89.76 22.63
N UNK K 8 -59.02 88.78 21.93
CA UNK K 8 -58.60 87.38 22.07
C UNK K 8 -57.20 87.15 21.53
N UNK K 9 -56.86 87.79 20.39
CA UNK K 9 -55.51 87.66 19.83
C UNK K 9 -54.47 88.43 20.64
N UNK K 10 -54.86 89.55 21.27
CA UNK K 10 -53.95 90.30 22.12
C UNK K 10 -53.70 89.60 23.45
N UNK K 11 -54.75 89.01 24.05
CA UNK K 11 -54.56 88.24 25.28
C UNK K 11 -53.90 86.89 25.00
N UNK K 12 -54.07 86.36 23.79
CA UNK K 12 -53.37 85.13 23.41
C UNK K 12 -51.89 85.37 23.14
N UNK K 13 -51.54 86.49 22.52
CA UNK K 13 -50.13 86.82 22.36
C UNK K 13 -49.51 87.31 23.66
N UNK K 14 -50.32 87.82 24.59
CA UNK K 14 -49.84 88.11 25.93
C UNK K 14 -49.62 86.85 26.76
N UNK K 15 -50.44 85.81 26.57
CA UNK K 15 -50.37 84.64 27.44
C UNK K 15 -49.53 83.50 26.88
N UNK K 16 -49.32 83.44 25.56
CA UNK K 16 -48.56 82.33 24.98
C UNK K 16 -47.05 82.54 25.17
N UNK K 17 -46.51 83.59 24.57
CA UNK K 17 -45.18 84.04 24.92
C UNK K 17 -45.36 84.96 26.12
N UNK K 18 -45.04 84.44 27.30
CA UNK K 18 -45.51 85.07 28.54
C UNK K 18 -44.56 86.18 29.02
N UNK K 19 -43.31 86.14 28.59
CA UNK K 19 -42.37 87.19 28.92
C UNK K 19 -42.29 88.21 27.79
N UNK K 20 -41.95 89.45 28.15
CA UNK K 20 -41.71 90.49 27.16
C UNK K 20 -40.40 90.22 26.43
N UNK K 21 -40.30 90.72 25.19
CA UNK K 21 -39.13 90.44 24.37
C UNK K 21 -37.92 91.26 24.79
N UNK K 22 -38.13 92.38 25.47
CA UNK K 22 -37.03 93.02 26.18
C UNK K 22 -36.65 92.23 27.41
N UNK K 23 -37.65 91.63 28.07
CA UNK K 23 -37.44 90.93 29.33
C UNK K 23 -36.77 89.57 29.15
N UNK K 24 -36.89 88.95 27.97
CA UNK K 24 -36.24 87.66 27.73
C UNK K 24 -34.74 87.82 27.51
N UNK K 25 -34.34 88.85 26.76
CA UNK K 25 -32.93 89.17 26.64
C UNK K 25 -32.38 89.82 27.90
N UNK K 26 -33.24 90.48 28.69
CA UNK K 26 -32.83 90.98 29.99
C UNK K 26 -32.61 89.85 30.98
N UNK K 27 -33.42 88.79 30.90
CA UNK K 27 -33.23 87.61 31.72
C UNK K 27 -32.03 86.80 31.25
N UNK K 28 -31.74 86.81 29.94
CA UNK K 28 -30.54 86.13 29.45
C UNK K 28 -29.26 86.90 29.81
N UNK K 29 -29.32 88.24 29.80
CA UNK K 29 -28.18 89.03 30.23
C UNK K 29 -28.01 89.00 31.74
N UNK K 30 -29.11 88.89 32.48
CA UNK K 30 -29.03 88.68 33.91
C UNK K 30 -28.57 87.27 34.25
N UNK K 31 -28.87 86.31 33.36
CA UNK K 31 -28.39 84.94 33.53
C UNK K 31 -26.90 84.83 33.26
N UNK K 32 -26.41 85.55 32.26
CA UNK K 32 -24.98 85.59 31.99
C UNK K 32 -24.22 86.41 33.02
N UNK K 33 -24.85 87.47 33.56
CA UNK K 33 -24.29 88.25 34.64
C UNK K 33 -24.22 87.45 35.94
N UNK K 34 -25.27 86.69 36.23
CA UNK K 34 -25.28 85.84 37.41
C UNK K 34 -24.41 84.61 37.24
N UNK K 35 -24.21 84.14 36.00
CA UNK K 35 -23.34 83.00 35.75
C UNK K 35 -21.87 83.39 35.85
N UNK K 36 -21.50 84.55 35.32
CA UNK K 36 -20.13 85.04 35.50
C UNK K 36 -19.90 85.56 36.91
N UNK K 37 -20.97 85.97 37.61
CA UNK K 37 -20.84 86.35 39.00
C UNK K 37 -20.69 85.12 39.90
N UNK K 38 -21.40 84.05 39.57
CA UNK K 38 -21.34 82.82 40.34
C UNK K 38 -20.08 82.02 40.06
N UNK K 39 -19.52 82.14 38.86
CA UNK K 39 -18.21 81.57 38.58
C UNK K 39 -17.10 82.56 38.90
N UNK K 40 -17.47 83.81 39.20
CA UNK K 40 -16.52 84.78 39.70
C UNK K 40 -16.31 84.59 41.18
N UNK K 41 -15.04 84.56 41.59
CA UNK K 41 -14.71 84.21 42.96
C UNK K 41 -14.89 85.40 43.89
N UNK K 42 -14.79 85.12 45.18
CA UNK K 42 -14.47 86.15 46.14
C UNK K 42 -13.08 86.69 45.84
N UNK K 43 -12.90 87.98 46.15
CA UNK K 43 -12.25 89.02 45.35
C UNK K 43 -11.06 88.64 44.48
N UNK K 44 -10.13 87.85 45.02
CA UNK K 44 -8.87 87.56 44.35
C UNK K 44 -9.07 86.51 43.27
N UNK K 45 -9.04 86.92 42.01
CA UNK K 45 -8.85 86.01 40.89
C UNK K 45 -7.41 85.53 40.96
N UNK K 46 -7.23 84.28 41.38
CA UNK K 46 -5.93 83.73 41.76
C UNK K 46 -5.03 83.50 40.56
N UNK K 47 -4.08 84.41 40.35
CA UNK K 47 -3.35 84.55 39.10
C UNK K 47 -2.34 83.42 38.90
N UNK K 48 -1.99 83.22 37.63
CA UNK K 48 -1.17 82.08 37.26
C UNK K 48 0.31 82.36 37.49
N UNK K 49 1.07 81.29 37.59
CA UNK K 49 2.52 81.36 37.72
C UNK K 49 3.13 80.08 37.19
N UNK K 50 4.44 80.09 37.04
CA UNK K 50 5.22 78.89 36.84
C UNK K 50 6.26 78.81 37.95
N UNK K 51 6.84 77.63 38.13
CA UNK K 51 7.83 77.47 39.19
C UNK K 51 8.86 76.43 38.79
N UNK K 52 10.04 76.58 39.38
CA UNK K 52 11.04 75.53 39.37
C UNK K 52 11.43 75.28 40.82
N UNK K 53 11.64 74.01 41.14
CA UNK K 53 11.93 73.64 42.52
C UNK K 53 12.82 72.41 42.50
N UNK K 54 14.01 72.55 43.06
CA UNK K 54 14.88 71.41 43.26
C UNK K 54 14.34 70.57 44.41
N UNK K 55 14.05 69.31 44.12
CA UNK K 55 13.43 68.39 45.06
C UNK K 55 14.50 67.57 45.75
N UNK K 56 14.44 67.50 47.08
CA UNK K 56 15.57 66.97 47.83
C UNK K 56 15.12 66.12 49.01
N UNK K 57 16.11 65.58 49.73
CA UNK K 57 15.91 64.77 50.91
C UNK K 57 16.90 65.02 52.04
N UNK K 58 17.87 65.94 51.88
CA UNK K 58 19.01 65.97 52.81
C UNK K 58 18.70 66.71 54.11
N UNK K 59 18.50 68.03 54.03
CA UNK K 59 18.12 68.82 55.21
C UNK K 59 17.29 70.00 54.72
N UNK K 60 15.97 69.81 54.66
CA UNK K 60 15.04 70.77 54.08
C UNK K 60 13.63 70.42 54.52
N UNK K 61 12.66 71.12 53.93
CA UNK K 61 11.27 70.73 54.07
C UNK K 61 10.83 69.95 52.83
N UNK K 62 9.57 69.54 52.83
CA UNK K 62 9.00 68.95 51.63
C UNK K 62 8.50 70.05 50.72
N UNK K 63 8.62 69.82 49.41
CA UNK K 63 8.17 70.81 48.43
C UNK K 63 6.66 70.77 48.32
N UNK K 64 6.05 71.94 48.14
CA UNK K 64 4.59 72.08 48.14
C UNK K 64 4.15 72.79 46.86
N UNK K 65 3.17 72.20 46.18
CA UNK K 65 2.59 72.78 44.98
C UNK K 65 1.26 73.45 45.31
N UNK K 66 1.20 74.75 45.06
CA UNK K 66 0.01 75.54 45.32
C UNK K 66 -0.92 75.39 44.13
N UNK K 67 -1.67 74.30 44.10
CA UNK K 67 -2.60 74.06 43.01
C UNK K 67 -3.94 74.72 43.30
N UNK K 68 -4.88 74.51 42.40
CA UNK K 68 -6.24 75.01 42.56
C UNK K 68 -7.18 74.04 41.88
N UNK K 69 -8.41 74.49 41.60
CA UNK K 69 -9.37 73.70 40.84
C UNK K 69 -8.97 73.53 39.37
N UNK K 70 -8.24 74.49 38.79
CA UNK K 70 -7.68 74.34 37.46
C UNK K 70 -6.48 73.40 37.49
N UNK K 71 -6.07 72.94 36.31
CA UNK K 71 -5.06 71.90 36.24
C UNK K 71 -3.65 72.49 36.32
N UNK K 72 -2.67 71.59 36.33
CA UNK K 72 -1.26 71.91 36.45
C UNK K 72 -0.44 70.73 35.97
N UNK K 73 0.87 70.86 36.05
CA UNK K 73 1.80 69.84 35.56
C UNK K 73 3.10 69.92 36.33
N UNK K 74 3.97 68.93 36.12
CA UNK K 74 5.24 68.85 36.82
C UNK K 74 6.28 68.20 35.90
N UNK K 75 7.33 68.95 35.59
CA UNK K 75 8.44 68.47 34.78
C UNK K 75 9.63 68.20 35.70
N UNK K 76 10.63 67.49 35.20
CA UNK K 76 11.79 67.21 36.03
C UNK K 76 13.10 67.34 35.26
N UNK K 77 14.20 67.15 35.99
CA UNK K 77 15.51 67.01 35.38
C UNK K 77 15.65 65.65 34.71
N UNK K 78 16.72 65.50 33.92
CA UNK K 78 16.85 64.50 32.85
C UNK K 78 16.91 63.03 33.30
N UNK K 79 17.17 62.79 34.58
CA UNK K 79 16.81 61.50 35.15
C UNK K 79 15.33 61.50 35.50
N UNK K 80 14.55 60.76 34.70
CA UNK K 80 13.10 60.88 34.68
C UNK K 80 12.45 60.26 35.91
N UNK K 81 11.25 60.74 36.23
CA UNK K 81 10.53 60.30 37.41
C UNK K 81 9.70 59.07 37.11
N UNK K 82 9.72 58.14 38.06
CA UNK K 82 8.97 56.90 37.90
C UNK K 82 7.69 56.87 38.73
N UNK K 83 7.79 57.04 40.05
CA UNK K 83 6.64 56.76 40.91
C UNK K 83 6.21 57.99 41.67
N UNK K 84 5.32 58.78 41.09
CA UNK K 84 4.61 59.78 41.89
C UNK K 84 3.61 59.04 42.77
N UNK K 85 3.38 59.56 43.97
CA UNK K 85 2.48 58.87 44.90
C UNK K 85 1.63 59.93 45.57
N UNK K 86 0.36 60.00 45.20
CA UNK K 86 -0.54 60.98 45.77
C UNK K 86 -1.24 60.39 46.99
N UNK K 87 -1.96 61.24 47.70
CA UNK K 87 -3.03 60.83 48.59
C UNK K 87 -4.29 61.11 47.77
N UNK K 88 -5.26 60.19 47.85
CA UNK K 88 -6.32 60.16 46.87
C UNK K 88 -7.41 61.20 47.16
N UNK K 89 -8.36 61.31 46.21
CA UNK K 89 -9.68 61.98 46.31
C UNK K 89 -9.63 63.52 46.36
N UNK K 90 -8.44 64.12 46.45
CA UNK K 90 -8.22 65.53 46.18
C UNK K 90 -7.09 65.73 45.19
N UNK K 91 -6.71 64.70 44.43
CA UNK K 91 -5.54 64.75 43.55
C UNK K 91 -5.82 63.86 42.35
N UNK K 92 -6.38 64.42 41.29
CA UNK K 92 -6.68 63.70 40.05
C UNK K 92 -5.51 63.88 39.10
N UNK K 93 -4.74 62.83 38.90
CA UNK K 93 -3.45 62.92 38.23
C UNK K 93 -3.47 62.04 36.98
N UNK K 94 -2.98 62.60 35.88
CA UNK K 94 -2.69 61.83 34.67
C UNK K 94 -1.18 61.61 34.58
N UNK K 95 -0.79 60.38 34.28
CA UNK K 95 0.50 59.87 34.71
C UNK K 95 1.27 59.25 33.57
N UNK K 96 2.49 59.76 33.37
CA UNK K 96 3.47 59.14 32.49
C UNK K 96 4.74 58.79 33.27
N UNK K 97 5.69 58.16 32.59
CA UNK K 97 6.96 57.71 33.15
C UNK K 97 8.08 58.70 32.91
N UNK K 98 7.72 59.89 32.51
CA UNK K 98 8.67 60.85 31.95
C UNK K 98 9.26 61.69 33.08
N UNK K 99 9.87 62.80 32.71
CA UNK K 99 10.14 63.89 33.64
C UNK K 99 8.85 64.61 34.03
N UNK K 100 7.82 64.58 33.19
CA UNK K 100 6.64 65.40 33.37
C UNK K 100 5.39 64.54 33.50
N UNK K 101 4.47 65.00 34.35
CA UNK K 101 3.14 64.44 34.54
C UNK K 101 2.16 65.59 34.74
N UNK K 102 0.86 65.29 34.82
CA UNK K 102 -0.16 66.33 34.91
C UNK K 102 -1.07 66.04 36.10
N UNK K 103 -1.55 67.10 36.74
CA UNK K 103 -2.41 66.98 37.92
C UNK K 103 -3.53 68.01 37.86
N UNK K 104 -4.56 67.78 38.70
CA UNK K 104 -5.61 68.75 39.01
C UNK K 104 -6.17 68.37 40.35
N UNK K 105 -6.38 69.36 41.23
CA UNK K 105 -6.87 69.08 42.58
C UNK K 105 -8.38 69.01 42.57
N UNK K 106 -8.93 67.95 43.17
CA UNK K 106 -10.37 67.70 43.09
C UNK K 106 -11.16 68.57 44.08
N UNK K 107 -10.84 68.51 45.37
CA UNK K 107 -11.53 69.31 46.36
C UNK K 107 -11.05 70.76 46.30
N UNK K 108 -11.94 71.67 46.71
CA UNK K 108 -11.72 73.11 46.60
C UNK K 108 -10.67 73.64 47.56
N UNK K 109 -10.57 73.06 48.75
CA UNK K 109 -9.54 73.46 49.72
C UNK K 109 -9.18 72.22 50.52
N UNK K 110 -7.95 71.71 50.32
CA UNK K 110 -7.47 70.53 50.99
C UNK K 110 -5.95 70.51 50.97
N UNK K 111 -5.37 69.78 51.90
CA UNK K 111 -4.00 69.33 51.74
C UNK K 111 -3.99 67.89 51.27
N UNK K 112 -3.00 67.55 50.44
CA UNK K 112 -2.71 66.18 50.09
C UNK K 112 -1.20 66.09 49.89
N UNK K 113 -0.70 64.88 49.63
CA UNK K 113 0.75 64.75 49.44
C UNK K 113 1.04 63.77 48.32
N UNK K 114 1.58 64.28 47.22
CA UNK K 114 2.31 63.43 46.31
C UNK K 114 3.74 63.27 46.83
N UNK K 115 4.42 62.26 46.29
CA UNK K 115 5.80 61.97 46.65
C UNK K 115 6.40 61.26 45.46
N UNK K 116 7.37 61.89 44.82
CA UNK K 116 8.11 61.24 43.76
C UNK K 116 9.10 60.28 44.40
N UNK K 117 8.65 59.04 44.60
CA UNK K 117 9.55 57.91 44.73
C UNK K 117 10.01 57.56 43.32
N UNK K 118 11.18 58.05 42.94
CA UNK K 118 11.59 58.09 41.54
C UNK K 118 12.18 56.74 41.12
N UNK K 119 12.80 56.68 39.95
CA UNK K 119 13.51 55.48 39.50
C UNK K 119 14.84 55.39 40.25
N UNK K 120 14.75 54.90 41.49
CA UNK K 120 15.67 55.25 42.57
C UNK K 120 15.29 54.44 43.80
N UNK K 121 16.27 54.31 44.71
CA UNK K 121 16.02 53.95 46.09
C UNK K 121 15.99 55.19 46.97
N UNK K 122 15.39 56.29 46.50
CA UNK K 122 15.37 57.58 47.18
C UNK K 122 14.17 58.38 46.68
N UNK K 123 13.37 58.91 47.61
CA UNK K 123 12.18 59.68 47.26
C UNK K 123 12.38 61.17 47.54
N UNK K 124 11.44 61.97 47.01
CA UNK K 124 11.29 63.38 47.40
C UNK K 124 9.80 63.76 47.36
N UNK K 125 9.31 64.41 48.40
CA UNK K 125 7.87 64.61 48.56
C UNK K 125 7.41 65.97 48.03
N UNK K 126 6.12 66.06 47.75
CA UNK K 126 5.50 67.27 47.22
C UNK K 126 4.05 67.32 47.70
N UNK K 127 3.78 68.04 48.77
CA UNK K 127 2.43 68.23 49.26
C UNK K 127 1.67 69.20 48.37
N UNK K 128 0.48 68.82 47.94
CA UNK K 128 -0.36 69.61 47.07
C UNK K 128 -1.43 70.31 47.89
N UNK K 129 -1.45 71.63 47.81
CA UNK K 129 -2.41 72.42 48.57
C UNK K 129 -3.38 73.10 47.62
N UNK K 130 -4.67 72.97 47.92
CA UNK K 130 -5.69 73.47 47.01
C UNK K 130 -6.06 74.91 47.33
N UNK K 131 -6.02 75.74 46.28
CA UNK K 131 -6.44 77.14 46.20
C UNK K 131 -5.71 78.07 47.16
N UNK K 132 -4.38 78.11 47.12
CA UNK K 132 -3.61 79.02 47.96
C UNK K 132 -3.16 80.22 47.12
N UNK K 133 -4.14 81.10 46.86
CA UNK K 133 -4.00 82.49 46.37
C UNK K 133 -3.37 82.72 44.99
N UNK K 134 -3.05 81.65 44.26
CA UNK K 134 -2.44 81.67 42.94
C UNK K 134 -2.61 80.27 42.36
N UNK K 135 -2.40 80.16 41.07
CA UNK K 135 -2.26 78.85 40.45
C UNK K 135 -0.82 78.67 40.01
N UNK K 136 -0.31 77.45 40.12
CA UNK K 136 1.03 77.14 39.66
C UNK K 136 0.89 76.21 38.46
N UNK K 137 0.74 76.81 37.27
CA UNK K 137 0.34 76.07 36.08
C UNK K 137 1.48 75.26 35.46
N UNK K 138 2.72 75.45 35.90
CA UNK K 138 3.81 74.57 35.50
C UNK K 138 4.80 74.50 36.64
N UNK K 139 5.44 73.35 36.81
CA UNK K 139 6.47 73.16 37.82
C UNK K 139 7.61 72.35 37.24
N UNK K 140 8.83 72.67 37.66
CA UNK K 140 10.03 72.00 37.19
C UNK K 140 10.74 71.39 38.39
N UNK K 141 10.45 70.13 38.67
CA UNK K 141 10.94 69.45 39.86
C UNK K 141 12.34 68.93 39.58
N UNK K 142 13.33 69.81 39.77
CA UNK K 142 14.73 69.52 39.49
C UNK K 142 15.28 68.55 40.52
N UNK K 143 15.36 67.27 40.15
CA UNK K 143 15.85 66.24 41.02
C UNK K 143 17.24 65.79 40.58
N UNK K 144 17.72 64.72 41.20
CA UNK K 144 19.01 64.15 40.84
C UNK K 144 18.86 63.22 39.65
N UNK L 1 -37.15 74.29 69.16
CA UNK L 1 -36.60 75.51 68.60
C UNK L 1 -35.08 75.45 68.60
N UNK L 2 -34.49 75.81 69.74
CA UNK L 2 -33.05 75.64 69.92
C UNK L 2 -32.67 74.18 70.04
N UNK L 3 -33.58 73.34 70.54
CA UNK L 3 -33.39 71.88 70.52
C UNK L 3 -33.43 71.33 69.11
N UNK L 4 -34.27 71.91 68.24
CA UNK L 4 -34.32 71.50 66.85
C UNK L 4 -33.09 71.95 66.07
N UNK L 5 -32.59 73.14 66.36
CA UNK L 5 -31.33 73.59 65.77
C UNK L 5 -30.13 72.82 66.33
N UNK L 6 -30.23 72.36 67.59
CA UNK L 6 -29.22 71.48 68.17
C UNK L 6 -29.22 70.12 67.51
N UNK L 7 -30.41 69.60 67.16
CA UNK L 7 -30.52 68.30 66.50
C UNK L 7 -30.04 68.37 65.06
N UNK L 8 -30.33 69.48 64.36
CA UNK L 8 -29.85 69.68 63.00
C UNK L 8 -28.34 69.93 62.98
N UNK L 9 -27.82 70.66 63.97
CA UNK L 9 -26.38 70.88 64.06
C UNK L 9 -25.64 69.62 64.49
N UNK L 10 -26.31 68.75 65.27
CA UNK L 10 -25.70 67.47 65.63
C UNK L 10 -25.69 66.49 64.47
N UNK L 11 -26.73 66.49 63.64
CA UNK L 11 -26.76 65.63 62.46
C UNK L 11 -25.79 66.11 61.39
N UNK L 12 -25.70 67.42 61.18
CA UNK L 12 -24.75 67.97 60.22
C UNK L 12 -23.32 67.91 60.75
N UNK L 13 -23.15 67.94 62.08
CA UNK L 13 -21.81 67.79 62.65
C UNK L 13 -21.36 66.34 62.60
N UNK L 14 -22.31 65.40 62.69
CA UNK L 14 -22.01 64.00 62.46
C UNK L 14 -21.70 63.73 61.00
N UNK L 15 -22.35 64.45 60.09
CA UNK L 15 -22.06 64.36 58.66
C UNK L 15 -20.69 64.96 58.34
N UNK L 16 -20.33 66.07 58.99
CA UNK L 16 -19.03 66.68 58.76
C UNK L 16 -17.91 65.89 59.42
N UNK L 17 -18.19 65.25 60.56
CA UNK L 17 -17.22 64.38 61.19
C UNK L 17 -17.07 63.07 60.42
N UNK L 18 -18.13 62.61 59.75
CA UNK L 18 -18.00 61.47 58.86
C UNK L 18 -17.28 61.85 57.58
N UNK L 19 -17.40 63.11 57.14
CA UNK L 19 -16.66 63.58 55.99
C UNK L 19 -15.18 63.75 56.30
N UNK L 20 -14.86 64.20 57.51
CA UNK L 20 -13.48 64.22 57.97
C UNK L 20 -12.94 62.82 58.27
N UNK L 21 -13.82 61.89 58.67
CA UNK L 21 -13.46 60.49 58.86
C UNK L 21 -13.31 59.74 57.55
N UNK L 22 -13.89 60.26 56.47
CA UNK L 22 -13.62 59.75 55.14
C UNK L 22 -12.20 60.11 54.75
N UNK L 23 -11.28 59.21 55.05
CA UNK L 23 -9.87 59.55 55.15
C UNK L 23 -9.16 58.90 53.96
N UNK L 24 -8.36 59.69 53.26
CA UNK L 24 -7.79 59.24 52.00
C UNK L 24 -6.49 58.48 52.21
N UNK L 25 -6.34 57.42 51.44
CA UNK L 25 -5.11 56.63 51.43
C UNK L 25 -4.32 56.98 50.17
N UNK L 26 -3.15 56.38 50.02
CA UNK L 26 -2.24 56.76 48.96
C UNK L 26 -2.62 56.10 47.65
N UNK L 27 -2.14 56.71 46.56
CA UNK L 27 -2.43 56.27 45.20
C UNK L 27 -1.11 56.32 44.45
N UNK L 28 -0.70 55.17 43.91
CA UNK L 28 0.59 55.03 43.27
C UNK L 28 0.45 55.40 41.79
N UNK L 29 0.77 56.67 41.49
CA UNK L 29 0.91 57.12 40.11
C UNK L 29 2.31 56.74 39.59
N UNK L 30 2.49 55.46 39.30
CA UNK L 30 3.79 54.92 38.93
C UNK L 30 3.71 54.32 37.54
N UNK L 31 4.47 54.88 36.61
CA UNK L 31 4.54 54.37 35.25
C UNK L 31 5.98 54.04 34.93
N UNK L 32 6.19 53.07 34.04
CA UNK L 32 7.52 52.69 33.60
C UNK L 32 7.62 52.76 32.08
N UNK M 1 -82.60 80.80 4.22
CA UNK M 1 -81.78 79.68 4.65
C UNK M 1 -80.35 79.84 4.15
N UNK M 2 -80.21 80.62 3.07
CA UNK M 2 -78.90 80.85 2.48
C UNK M 2 -78.04 81.76 3.33
N UNK M 3 -78.66 82.69 4.07
CA UNK M 3 -77.93 83.52 5.02
C UNK M 3 -77.49 82.73 6.23
N UNK M 4 -78.28 81.73 6.64
CA UNK M 4 -77.88 80.85 7.72
C UNK M 4 -76.77 79.91 7.29
N UNK M 5 -76.79 79.47 6.03
CA UNK M 5 -75.70 78.66 5.49
C UNK M 5 -74.42 79.46 5.29
N UNK M 6 -74.56 80.74 4.95
CA UNK M 6 -73.41 81.61 4.80
C UNK M 6 -72.79 81.97 6.14
N UNK M 7 -73.63 82.18 7.17
CA UNK M 7 -73.12 82.44 8.52
C UNK M 7 -72.53 81.18 9.14
N UNK M 8 -73.06 80.00 8.77
CA UNK M 8 -72.49 78.74 9.23
C UNK M 8 -71.15 78.47 8.56
N UNK M 9 -71.02 78.79 7.27
CA UNK M 9 -69.74 78.64 6.58
C UNK M 9 -68.72 79.68 7.03
N UNK M 10 -69.19 80.86 7.42
CA UNK M 10 -68.30 81.89 7.97
C UNK M 10 -67.82 81.54 9.37
N UNK M 11 -68.71 81.02 10.22
CA UNK M 11 -68.30 80.60 11.57
C UNK M 11 -67.44 79.34 11.54
N UNK M 12 -67.68 78.47 10.55
CA UNK M 12 -66.82 77.31 10.33
C UNK M 12 -65.45 77.70 9.80
N UNK M 13 -65.36 78.70 8.91
CA UNK M 13 -64.06 79.16 8.44
C UNK M 13 -63.34 79.98 9.49
N UNK M 14 -64.07 80.60 10.40
CA UNK M 14 -63.45 81.23 11.56
C UNK M 14 -62.93 80.22 12.57
N UNK M 15 -63.68 79.16 12.84
CA UNK M 15 -63.26 78.17 13.83
C UNK M 15 -62.19 77.23 13.30
N UNK M 16 -62.16 76.97 11.99
CA UNK M 16 -61.22 75.98 11.45
C UNK M 16 -59.82 76.57 11.31
N UNK M 17 -59.67 77.58 10.47
CA UNK M 17 -58.45 78.39 10.52
C UNK M 17 -58.71 79.43 11.58
N UNK M 18 -58.15 79.21 12.77
CA UNK M 18 -58.56 79.98 13.94
C UNK M 18 -57.91 81.35 13.98
N UNK M 19 -56.61 81.43 13.67
CA UNK M 19 -55.96 82.73 13.61
C UNK M 19 -56.24 83.40 12.27
N UNK M 20 -56.10 84.71 12.24
CA UNK M 20 -56.26 85.44 10.99
C UNK M 20 -55.02 85.26 10.12
N UNK M 21 -55.19 85.54 8.83
CA UNK M 21 -54.10 85.38 7.87
C UNK M 21 -53.04 86.45 8.01
N UNK M 22 -53.39 87.61 8.58
CA UNK M 22 -52.37 88.57 8.98
C UNK M 22 -51.79 88.21 10.34
N UNK M 23 -52.61 87.63 11.22
CA UNK M 23 -52.17 87.26 12.57
C UNK M 23 -51.20 86.10 12.58
N UNK M 24 -51.26 85.23 11.57
CA UNK M 24 -50.29 84.15 11.44
C UNK M 24 -48.92 84.68 11.04
N UNK M 25 -48.88 85.67 10.15
CA UNK M 25 -47.62 86.29 9.79
C UNK M 25 -47.09 87.18 10.90
N UNK M 26 -48.00 87.77 11.69
CA UNK M 26 -47.59 88.56 12.85
C UNK M 26 -47.04 87.67 13.96
N UNK M 27 -47.63 86.49 14.15
CA UNK M 27 -47.12 85.51 15.10
C UNK M 27 -45.81 84.90 14.63
N UNK M 28 -45.63 84.72 13.32
CA UNK M 28 -44.37 84.20 12.80
C UNK M 28 -43.26 85.22 12.90
N UNK M 29 -43.57 86.51 12.69
CA UNK M 29 -42.56 87.56 12.87
C UNK M 29 -42.26 87.81 14.34
N UNK M 30 -43.26 87.63 15.22
CA UNK M 30 -43.02 87.73 16.65
C UNK M 30 -42.21 86.55 17.17
N UNK M 31 -42.43 85.36 16.60
CA UNK M 31 -41.66 84.19 16.99
C UNK M 31 -40.25 84.25 16.42
N UNK M 32 -40.07 84.89 15.26
CA UNK M 32 -38.73 85.06 14.72
C UNK M 32 -37.94 86.13 15.47
N UNK M 33 -38.63 87.18 15.95
CA UNK M 33 -37.99 88.16 16.81
C UNK M 33 -37.65 87.57 18.17
N UNK M 34 -38.52 86.69 18.68
CA UNK M 34 -38.23 85.96 19.91
C UNK M 34 -37.11 84.95 19.71
N UNK M 35 -36.98 84.40 18.50
CA UNK M 35 -35.90 83.46 18.20
C UNK M 35 -34.56 84.16 18.08
N UNK M 36 -34.52 85.35 17.48
CA UNK M 36 -33.28 86.11 17.42
C UNK M 36 -32.92 86.69 18.77
N UNK M 37 -33.92 87.04 19.58
CA UNK M 37 -33.65 87.53 20.94
C UNK M 37 -33.26 86.39 21.87
N UNK M 38 -33.71 85.18 21.59
CA UNK M 38 -33.36 84.04 22.42
C UNK M 38 -32.01 83.45 22.06
N UNK M 39 -31.69 83.34 20.77
CA UNK M 39 -30.41 82.80 20.35
C UNK M 39 -29.40 83.91 20.07
N UNK M 40 -29.67 85.14 20.49
CA UNK M 40 -28.66 86.17 20.49
C UNK M 40 -27.63 85.94 21.59
N UNK M 41 -26.50 86.62 21.46
CA UNK M 41 -25.42 86.60 22.43
C UNK M 41 -25.67 87.61 23.54
N UNK M 42 -24.59 87.96 24.25
CA UNK M 42 -24.65 89.06 25.21
C UNK M 42 -24.60 90.41 24.50
N UNK M 43 -24.58 91.48 25.32
CA UNK M 43 -24.69 92.85 24.82
C UNK M 43 -23.44 93.35 24.08
N UNK M 44 -22.30 92.71 24.34
CA UNK M 44 -21.11 92.90 23.52
C UNK M 44 -20.76 91.58 22.85
N UNK M 45 -20.62 91.61 21.53
CA UNK M 45 -20.17 90.42 20.79
C UNK M 45 -18.68 90.24 21.04
N UNK M 46 -18.31 89.13 21.65
CA UNK M 46 -16.93 88.82 21.99
C UNK M 46 -16.16 88.46 20.75
N UNK M 47 -15.59 89.48 20.09
CA UNK M 47 -15.22 89.44 18.68
C UNK M 47 -13.99 88.56 18.44
N UNK M 48 -13.95 88.01 17.23
CA UNK M 48 -12.96 87.00 16.90
C UNK M 48 -11.62 87.64 16.61
N UNK M 49 -10.58 86.83 16.76
CA UNK M 49 -9.21 87.23 16.50
C UNK M 49 -8.38 85.98 16.26
N UNK M 50 -7.48 86.07 15.31
CA UNK M 50 -6.35 85.18 15.25
C UNK M 50 -5.30 85.70 16.21
N UNK M 51 -4.37 84.85 16.59
CA UNK M 51 -3.37 85.25 17.55
C UNK M 51 -2.13 84.42 17.32
N UNK M 52 -0.98 85.05 17.49
CA UNK M 52 0.29 84.35 17.55
C UNK M 52 1.05 84.81 18.77
N UNK M 53 1.78 83.90 19.38
CA UNK M 53 2.51 84.20 20.58
C UNK M 53 3.73 83.29 20.65
N UNK M 54 4.83 83.84 21.11
CA UNK M 54 5.97 83.02 21.46
C UNK M 54 5.77 82.47 22.87
N UNK M 55 6.39 81.33 23.12
CA UNK M 55 6.29 80.68 24.41
C UNK M 55 7.62 80.72 25.11
N UNK M 56 7.64 81.30 26.30
CA UNK M 56 8.85 81.29 27.12
C UNK M 56 8.94 79.93 27.81
N UNK M 57 10.12 79.58 28.29
CA UNK M 57 10.32 78.25 28.81
C UNK M 57 10.77 78.17 30.26
N UNK M 58 11.50 79.15 30.78
CA UNK M 58 12.06 79.04 32.13
C UNK M 58 11.03 79.40 33.18
N UNK M 59 10.64 80.68 33.22
CA UNK M 59 9.70 81.17 34.23
C UNK M 59 9.09 82.45 33.67
N UNK M 60 7.83 82.37 33.23
CA UNK M 60 7.10 83.53 32.81
C UNK M 60 5.63 83.30 33.12
N UNK M 61 4.79 84.18 32.62
CA UNK M 61 3.37 83.87 32.55
C UNK M 61 3.15 82.82 31.47
N UNK M 62 2.34 81.82 31.78
CA UNK M 62 1.90 80.90 30.75
C UNK M 62 0.90 81.59 29.83
N UNK M 63 0.84 81.14 28.58
CA UNK M 63 0.17 81.89 27.53
C UNK M 63 -1.34 81.78 27.63
N UNK M 64 -2.01 82.92 27.55
CA UNK M 64 -3.45 82.97 27.70
C UNK M 64 -4.11 82.56 26.39
N UNK M 65 -4.79 81.43 26.39
CA UNK M 65 -5.64 81.01 25.29
C UNK M 65 -7.04 81.54 25.56
N UNK M 66 -7.38 82.65 24.92
CA UNK M 66 -8.65 83.32 25.17
C UNK M 66 -9.71 82.63 24.30
N UNK M 67 -10.27 81.54 24.80
CA UNK M 67 -11.26 80.78 24.06
C UNK M 67 -12.66 81.26 24.44
N UNK M 68 -13.68 80.56 23.95
CA UNK M 68 -15.09 80.87 24.21
C UNK M 68 -15.88 79.58 24.08
N UNK M 69 -17.21 79.68 24.06
CA UNK M 69 -18.07 78.52 23.86
C UNK M 69 -18.06 78.02 22.43
N UNK M 70 -17.64 78.83 21.46
CA UNK M 70 -17.32 78.42 20.11
C UNK M 70 -15.95 77.75 20.08
N UNK M 71 -15.59 77.22 18.91
CA UNK M 71 -14.38 76.42 18.79
C UNK M 71 -13.14 77.29 18.72
N UNK M 72 -11.98 76.67 18.88
CA UNK M 72 -10.69 77.35 18.84
C UNK M 72 -9.63 76.34 18.45
N UNK M 73 -8.48 76.84 18.03
CA UNK M 73 -7.39 75.98 17.58
C UNK M 73 -6.07 76.48 18.14
N UNK M 74 -5.26 75.58 18.67
CA UNK M 74 -3.91 75.89 19.11
C UNK M 74 -2.98 75.18 18.14
N UNK M 75 -2.32 75.96 17.29
CA UNK M 75 -1.37 75.42 16.33
C UNK M 75 0.02 75.57 16.93
N UNK M 76 0.54 74.49 17.47
CA UNK M 76 1.92 74.48 17.94
C UNK M 76 2.86 74.47 16.75
N UNK M 77 4.03 75.10 16.92
CA UNK M 77 5.04 75.21 15.87
C UNK M 77 5.63 73.85 15.54
N UNK M 78 6.21 73.76 14.34
CA UNK M 78 6.13 72.63 13.41
C UNK M 78 6.36 71.19 13.88
N UNK M 79 6.95 70.99 15.06
CA UNK M 79 6.96 69.67 15.68
C UNK M 79 5.56 69.30 16.17
N UNK M 80 5.31 68.00 16.25
CA UNK M 80 4.03 67.52 16.70
C UNK M 80 3.99 67.45 18.23
N UNK M 81 2.79 67.62 18.79
CA UNK M 81 2.61 67.48 20.21
C UNK M 81 2.60 66.00 20.57
N UNK M 82 2.87 65.70 21.84
CA UNK M 82 2.86 64.32 22.30
C UNK M 82 1.69 63.99 23.22
N UNK M 83 1.31 64.89 24.12
CA UNK M 83 0.22 64.60 25.03
C UNK M 83 -0.52 65.87 25.40
N UNK M 84 -1.79 65.94 25.00
CA UNK M 84 -2.66 66.95 25.56
C UNK M 84 -3.06 66.52 26.96
N UNK M 85 -3.16 67.49 27.86
CA UNK M 85 -3.64 67.23 29.22
C UNK M 85 -4.56 68.36 29.61
N UNK M 86 -5.86 68.10 29.57
CA UNK M 86 -6.86 69.10 29.85
C UNK M 86 -7.61 68.76 31.13
N UNK M 87 -8.34 69.75 31.63
CA UNK M 87 -9.35 69.54 32.67
C UNK M 87 -10.64 69.19 31.96
N UNK M 88 -11.28 68.12 32.42
CA UNK M 88 -12.50 67.64 31.78
C UNK M 88 -13.67 68.53 32.18
N UNK M 89 -14.73 68.49 31.33
CA UNK M 89 -16.02 69.20 31.45
C UNK M 89 -15.90 70.73 31.43
N UNK M 90 -14.78 71.25 30.92
CA UNK M 90 -14.58 72.66 30.74
C UNK M 90 -13.95 72.94 29.39
N UNK M 91 -13.24 71.99 28.80
CA UNK M 91 -12.69 72.13 27.46
C UNK M 91 -12.56 70.75 26.85
N UNK M 92 -13.24 70.51 25.74
CA UNK M 92 -13.11 69.29 24.95
C UNK M 92 -11.99 69.51 23.95
N UNK M 93 -10.93 68.72 24.06
CA UNK M 93 -9.73 68.91 23.26
C UNK M 93 -9.68 67.85 22.18
N UNK M 94 -10.22 68.17 21.02
CA UNK M 94 -10.17 67.27 19.87
C UNK M 94 -8.82 67.41 19.19
N UNK M 95 -8.05 66.33 19.20
CA UNK M 95 -6.78 66.26 18.51
C UNK M 95 -6.46 64.81 18.20
N UNK M 96 -5.86 64.59 17.06
CA UNK M 96 -5.20 63.34 16.74
C UNK M 96 -3.72 63.47 17.12
N UNK M 97 -2.88 62.57 16.62
CA UNK M 97 -1.43 62.73 16.73
C UNK M 97 -0.89 63.72 15.71
N UNK M 98 -1.17 65.01 15.88
CA UNK M 98 -0.83 66.07 14.95
C UNK M 98 -0.01 67.16 15.65
N UNK M 99 0.20 68.28 14.97
CA UNK M 99 0.91 69.42 15.53
C UNK M 99 -0.04 70.55 15.91
N UNK M 100 -1.33 70.28 15.96
CA UNK M 100 -2.32 71.28 16.33
C UNK M 100 -3.49 70.59 17.03
N UNK M 101 -4.04 71.25 18.03
CA UNK M 101 -5.10 70.69 18.86
C UNK M 101 -6.24 71.69 18.92
N UNK M 102 -7.45 71.26 18.55
CA UNK M 102 -8.59 72.16 18.53
C UNK M 102 -9.37 71.97 19.82
N UNK M 103 -9.60 73.06 20.54
CA UNK M 103 -10.31 73.02 21.80
C UNK M 103 -11.65 73.73 21.70
N UNK M 104 -12.67 73.16 22.33
CA UNK M 104 -13.99 73.76 22.40
C UNK M 104 -14.42 73.76 23.85
N UNK M 105 -14.60 74.93 24.45
CA UNK M 105 -14.83 75.03 25.88
C UNK M 105 -16.29 74.77 26.20
N UNK M 106 -16.53 73.99 27.25
CA UNK M 106 -17.88 73.65 27.66
C UNK M 106 -18.54 74.77 28.44
N UNK M 107 -17.87 75.32 29.43
CA UNK M 107 -18.44 76.32 30.31
C UNK M 107 -18.48 77.68 29.62
N UNK M 108 -19.24 78.60 30.21
CA UNK M 108 -19.48 79.90 29.57
C UNK M 108 -18.42 80.92 29.95
N UNK M 109 -18.22 81.16 31.24
CA UNK M 109 -17.25 82.15 31.72
C UNK M 109 -16.48 81.50 32.86
N UNK M 110 -15.36 80.85 32.54
CA UNK M 110 -14.60 80.07 33.51
C UNK M 110 -13.16 79.95 33.06
N UNK M 111 -12.27 79.68 34.00
CA UNK M 111 -10.86 79.49 33.67
C UNK M 111 -10.50 78.02 33.64
N UNK M 112 -9.37 77.72 33.00
CA UNK M 112 -8.80 76.39 32.94
C UNK M 112 -7.32 76.55 32.63
N UNK M 113 -6.59 75.45 32.71
CA UNK M 113 -5.14 75.48 32.45
C UNK M 113 -4.72 74.18 31.78
N UNK M 114 -4.67 74.21 30.45
CA UNK M 114 -4.27 73.03 29.70
C UNK M 114 -2.75 72.90 29.72
N UNK M 115 -2.26 71.71 29.39
CA UNK M 115 -0.82 71.47 29.34
C UNK M 115 -0.52 70.47 28.25
N UNK M 116 0.29 70.86 27.29
CA UNK M 116 0.66 70.01 26.17
C UNK M 116 2.13 69.65 26.30
N UNK M 117 2.41 68.37 26.39
CA UNK M 117 3.76 67.86 26.20
C UNK M 117 3.99 67.79 24.70
N UNK M 118 4.99 68.53 24.23
CA UNK M 118 5.36 68.54 22.82
C UNK M 118 6.40 67.45 22.58
N UNK M 119 7.05 67.45 21.42
CA UNK M 119 8.15 66.51 21.18
C UNK M 119 9.46 67.11 21.72
N UNK M 120 9.57 67.06 23.05
CA UNK M 120 10.64 67.67 23.83
C UNK M 120 10.64 67.01 25.21
N UNK M 121 11.39 67.60 26.14
CA UNK M 121 11.44 67.08 27.50
C UNK M 121 10.96 68.11 28.51
N UNK M 122 10.07 69.00 28.09
CA UNK M 122 9.48 70.00 28.97
C UNK M 122 8.09 70.30 28.42
N UNK M 123 7.08 70.00 29.21
CA UNK M 123 5.71 70.20 28.75
C UNK M 123 5.33 71.66 28.87
N UNK M 124 4.84 72.23 27.79
CA UNK M 124 4.33 73.58 27.85
C UNK M 124 2.93 73.56 28.42
N UNK M 125 2.47 74.73 28.87
CA UNK M 125 1.10 74.86 29.35
C UNK M 125 0.44 76.05 28.67
N UNK M 126 -0.80 76.28 29.06
CA UNK M 126 -1.60 77.39 28.54
C UNK M 126 -2.67 77.67 29.56
N UNK M 127 -2.92 78.94 29.84
CA UNK M 127 -4.04 79.31 30.69
C UNK M 127 -5.23 79.62 29.78
N UNK M 128 -6.18 78.71 29.72
CA UNK M 128 -7.36 78.89 28.90
C UNK M 128 -8.36 79.73 29.68
N UNK M 129 -8.82 80.81 29.06
CA UNK M 129 -9.83 81.64 29.71
C UNK M 129 -11.03 81.74 28.79
N UNK M 130 -12.21 81.53 29.35
CA UNK M 130 -13.42 81.74 28.60
C UNK M 130 -13.96 83.14 28.84
N UNK M 131 -14.72 83.64 27.87
CA UNK M 131 -15.47 84.90 27.84
C UNK M 131 -14.62 86.15 28.05
N UNK M 132 -13.34 86.11 27.69
CA UNK M 132 -12.43 87.21 28.00
C UNK M 132 -12.30 88.15 26.79
N UNK M 133 -13.46 88.65 26.35
CA UNK M 133 -13.69 89.82 25.48
C UNK M 133 -13.20 89.73 24.03
N UNK M 134 -12.51 88.64 23.66
CA UNK M 134 -11.97 88.45 22.32
C UNK M 134 -11.70 86.96 22.17
N UNK M 135 -12.34 86.34 21.19
CA UNK M 135 -12.10 84.93 20.95
C UNK M 135 -10.81 84.76 20.16
N UNK M 136 -10.10 83.70 20.45
CA UNK M 136 -8.86 83.36 19.74
C UNK M 136 -9.16 82.12 18.92
N UNK M 137 -9.57 82.33 17.66
CA UNK M 137 -9.98 81.23 16.80
C UNK M 137 -8.80 80.40 16.31
N UNK M 138 -7.62 81.00 16.21
CA UNK M 138 -6.42 80.23 15.91
C UNK M 138 -5.26 80.90 16.62
N UNK M 139 -4.68 80.20 17.59
CA UNK M 139 -3.50 80.69 18.28
C UNK M 139 -2.29 79.90 17.81
N UNK M 140 -1.20 80.60 17.54
CA UNK M 140 0.01 80.00 17.00
C UNK M 140 1.11 80.11 18.04
N UNK M 141 1.52 78.97 18.58
CA UNK M 141 2.49 78.93 19.67
C UNK M 141 3.87 78.69 19.08
N UNK M 142 4.61 79.76 18.86
CA UNK M 142 6.02 79.64 18.48
C UNK M 142 6.79 79.27 19.73
N UNK M 143 7.15 78.00 19.85
CA UNK M 143 7.85 77.54 21.04
C UNK M 143 9.32 77.91 20.97
N UNK M 144 9.93 78.07 22.12
CA UNK M 144 11.35 78.38 22.22
C UNK M 144 12.17 77.10 22.20
N UNK N 1 -43.69 86.45 53.96
CA UNK N 1 -42.89 86.35 52.74
C UNK N 1 -41.41 86.17 53.07
N UNK N 2 -41.09 86.33 54.36
CA UNK N 2 -39.71 86.19 54.82
C UNK N 2 -39.25 84.73 54.78
N UNK N 3 -40.09 83.80 55.23
CA UNK N 3 -39.73 82.39 55.19
C UNK N 3 -39.81 81.83 53.78
N UNK N 4 -40.67 82.41 52.94
CA UNK N 4 -40.77 81.99 51.54
C UNK N 4 -39.57 82.47 50.73
N UNK N 5 -39.13 83.71 50.99
CA UNK N 5 -37.90 84.21 50.38
C UNK N 5 -36.66 83.53 50.94
N UNK N 6 -36.72 83.09 52.21
CA UNK N 6 -35.64 82.33 52.84
C UNK N 6 -35.50 80.94 52.22
N UNK N 7 -36.63 80.28 51.96
CA UNK N 7 -36.61 78.96 51.32
C UNK N 7 -36.22 79.02 49.85
N UNK N 8 -36.68 80.07 49.14
CA UNK N 8 -36.30 80.25 47.73
C UNK N 8 -34.82 80.62 47.58
N UNK N 9 -34.33 81.53 48.42
CA UNK N 9 -32.92 81.92 48.40
C UNK N 9 -32.02 80.81 48.92
N UNK N 10 -32.51 79.96 49.82
CA UNK N 10 -31.72 78.82 50.28
C UNK N 10 -31.66 77.73 49.23
N UNK N 11 -32.73 77.57 48.43
CA UNK N 11 -32.68 76.61 47.32
C UNK N 11 -31.77 77.09 46.20
N UNK N 12 -31.78 78.40 45.93
CA UNK N 12 -30.86 78.99 44.95
C UNK N 12 -29.40 78.96 45.44
N UNK N 13 -29.18 79.16 46.74
CA UNK N 13 -27.83 79.10 47.28
C UNK N 13 -27.33 77.68 47.40
N UNK N 14 -28.24 76.72 47.59
CA UNK N 14 -27.87 75.31 47.58
C UNK N 14 -27.52 74.82 46.19
N UNK N 15 -28.24 75.31 45.18
CA UNK N 15 -27.90 75.03 43.79
C UNK N 15 -26.59 75.71 43.39
N UNK N 16 -26.33 76.91 43.93
CA UNK N 16 -25.07 77.61 43.67
C UNK N 16 -23.89 76.96 44.36
N UNK N 17 -24.09 76.43 45.57
CA UNK N 17 -23.01 75.74 46.26
C UNK N 17 -22.76 74.35 45.68
N UNK N 18 -23.80 73.68 45.16
CA UNK N 18 -23.60 72.43 44.46
C UNK N 18 -22.93 72.65 43.10
N UNK N 19 -23.24 73.76 42.44
CA UNK N 19 -22.54 74.10 41.21
C UNK N 19 -21.09 74.54 41.47
N UNK N 20 -20.84 75.14 42.64
CA UNK N 20 -19.49 75.39 43.08
C UNK N 20 -18.76 74.11 43.46
N UNK N 21 -19.50 73.10 43.92
CA UNK N 21 -18.92 71.81 44.25
C UNK N 21 -18.71 70.90 43.04
N UNK N 22 -19.36 71.21 41.92
CA UNK N 22 -19.23 70.41 40.71
C UNK N 22 -17.87 70.61 40.05
N UNK N 23 -17.22 69.49 39.72
CA UNK N 23 -15.85 69.50 39.22
C UNK N 23 -15.59 68.23 38.42
N UNK N 24 -14.69 68.30 37.43
CA UNK N 24 -14.22 67.11 36.76
C UNK N 24 -12.70 67.03 36.76
N UNK N 25 -12.18 65.89 36.31
CA UNK N 25 -10.81 65.50 36.59
C UNK N 25 -9.87 65.86 35.46
N UNK N 26 -8.63 65.40 35.59
CA UNK N 26 -7.60 65.62 34.58
C UNK N 26 -7.57 64.46 33.59
N UNK N 27 -7.32 64.78 32.32
CA UNK N 27 -7.26 63.77 31.27
C UNK N 27 -6.15 64.13 30.29
N UNK N 28 -5.17 63.25 30.14
CA UNK N 28 -4.11 63.41 29.17
C UNK N 28 -4.40 62.48 27.99
N UNK N 29 -4.93 63.06 26.92
CA UNK N 29 -5.04 62.36 25.66
C UNK N 29 -3.66 62.27 25.03
N UNK N 30 -3.17 61.05 24.82
CA UNK N 30 -1.86 60.82 24.24
C UNK N 30 -2.02 59.98 22.98
N UNK N 31 -1.94 60.63 21.83
CA UNK N 31 -2.10 59.98 20.54
C UNK N 31 -0.75 59.80 19.87
N UNK N 32 -0.56 58.65 19.25
CA UNK N 32 0.69 58.34 18.56
C UNK N 32 0.43 57.87 17.15
N UNK O 1 -97.15 64.06 -2.01
CA UNK O 1 -95.98 63.43 -1.43
C UNK O 1 -94.72 63.82 -2.18
N UNK O 2 -94.93 64.40 -3.37
CA UNK O 2 -93.81 64.76 -4.23
C UNK O 2 -93.08 65.99 -3.72
N UNK O 3 -93.80 66.91 -3.08
CA UNK O 3 -93.16 68.05 -2.43
C UNK O 3 -92.39 67.63 -1.19
N UNK O 4 -92.88 66.60 -0.48
CA UNK O 4 -92.16 66.03 0.66
C UNK O 4 -90.91 65.30 0.20
N UNK O 5 -90.98 64.63 -0.95
CA UNK O 5 -89.80 63.96 -1.50
C UNK O 5 -88.79 64.97 -2.06
N UNK O 6 -89.29 66.10 -2.56
CA UNK O 6 -88.40 67.15 -3.07
C UNK O 6 -87.69 67.87 -1.93
N UNK O 7 -88.40 68.15 -0.84
CA UNK O 7 -87.77 68.74 0.33
C UNK O 7 -86.85 67.76 1.05
N UNK O 8 -87.17 66.46 0.97
CA UNK O 8 -86.30 65.44 1.56
C UNK O 8 -85.02 65.25 0.76
N UNK O 9 -85.11 65.29 -0.58
CA UNK O 9 -83.92 65.20 -1.42
C UNK O 9 -83.08 66.47 -1.36
N UNK O 10 -83.72 67.63 -1.16
CA UNK O 10 -83.00 68.87 -0.97
C UNK O 10 -82.29 68.94 0.37
N UNK O 11 -82.94 68.46 1.45
CA UNK O 11 -82.30 68.42 2.75
C UNK O 11 -81.24 67.32 2.83
N UNK O 12 -81.42 66.25 2.04
CA UNK O 12 -80.38 65.21 1.96
C UNK O 12 -79.18 65.67 1.17
N UNK O 13 -79.39 66.49 0.14
CA UNK O 13 -78.26 67.06 -0.60
C UNK O 13 -77.57 68.16 0.20
N UNK O 14 -78.32 68.88 1.05
CA UNK O 14 -77.69 69.85 1.93
C UNK O 14 -76.97 69.18 3.09
N UNK O 15 -77.39 67.97 3.46
CA UNK O 15 -76.73 67.28 4.55
C UNK O 15 -75.54 66.45 4.10
N UNK O 16 -75.59 65.90 2.88
CA UNK O 16 -74.55 64.96 2.44
C UNK O 16 -73.31 65.71 1.96
N UNK O 17 -73.44 66.46 0.87
CA UNK O 17 -72.41 67.44 0.53
C UNK O 17 -72.72 68.66 1.39
N UNK O 18 -71.92 68.85 2.44
CA UNK O 18 -72.29 69.76 3.52
C UNK O 18 -72.08 71.22 3.14
N UNK O 19 -70.86 71.57 2.73
CA UNK O 19 -70.59 72.93 2.30
C UNK O 19 -71.09 73.12 0.87
N UNK O 20 -71.20 74.38 0.47
CA UNK O 20 -71.59 74.70 -0.89
C UNK O 20 -70.41 74.47 -1.83
N UNK O 21 -70.73 74.35 -3.12
CA UNK O 21 -69.68 74.12 -4.11
C UNK O 21 -68.87 75.36 -4.40
N UNK O 22 -69.41 76.55 -4.13
CA UNK O 22 -68.61 77.76 -4.15
C UNK O 22 -67.90 77.99 -2.83
N UNK O 23 -68.50 77.56 -1.71
CA UNK O 23 -67.88 77.67 -0.41
C UNK O 23 -66.70 76.74 -0.23
N UNK O 24 -66.69 75.62 -0.98
CA UNK O 24 -65.53 74.73 -1.00
C UNK O 24 -64.33 75.39 -1.68
N UNK O 25 -64.58 76.12 -2.77
CA UNK O 25 -63.51 76.86 -3.43
C UNK O 25 -63.09 78.08 -2.62
N UNK O 26 -64.02 78.68 -1.88
CA UNK O 26 -63.72 79.79 -0.98
C UNK O 26 -62.86 79.33 0.19
N UNK O 27 -63.18 78.18 0.76
CA UNK O 27 -62.38 77.63 1.85
C UNK O 27 -61.05 77.07 1.35
N UNK O 28 -60.99 76.62 0.10
CA UNK O 28 -59.73 76.18 -0.48
C UNK O 28 -58.80 77.34 -0.76
N UNK O 29 -59.35 78.47 -1.22
CA UNK O 29 -58.55 79.68 -1.38
C UNK O 29 -58.17 80.28 -0.04
N UNK O 30 -59.03 80.13 0.97
CA UNK O 30 -58.71 80.57 2.32
C UNK O 30 -57.63 79.71 2.95
N UNK O 31 -57.64 78.41 2.66
CA UNK O 31 -56.62 77.50 3.17
C UNK O 31 -55.30 77.68 2.45
N UNK O 32 -55.34 78.03 1.17
CA UNK O 32 -54.12 78.30 0.44
C UNK O 32 -53.51 79.65 0.82
N UNK O 33 -54.36 80.63 1.13
CA UNK O 33 -53.88 81.91 1.63
C UNK O 33 -53.33 81.78 3.05
N UNK O 34 -53.95 80.93 3.87
CA UNK O 34 -53.43 80.63 5.19
C UNK O 34 -52.14 79.82 5.13
N UNK O 35 -52.01 78.97 4.11
CA UNK O 35 -50.80 78.22 3.88
C UNK O 35 -49.64 79.09 3.44
N UNK O 36 -49.89 80.05 2.53
CA UNK O 36 -48.84 80.96 2.11
C UNK O 36 -48.52 81.99 3.18
N UNK O 37 -49.51 82.33 4.01
CA UNK O 37 -49.28 83.26 5.11
C UNK O 37 -48.47 82.63 6.23
N UNK O 38 -48.78 81.39 6.60
CA UNK O 38 -47.98 80.70 7.60
C UNK O 38 -46.65 80.23 7.07
N UNK O 39 -46.56 80.00 5.76
CA UNK O 39 -45.35 79.45 5.19
C UNK O 39 -44.46 80.54 4.60
N UNK O 40 -44.89 81.79 4.74
CA UNK O 40 -44.03 82.89 4.35
C UNK O 40 -42.91 83.12 5.35
N UNK O 41 -41.94 83.93 4.95
CA UNK O 41 -40.78 84.27 5.76
C UNK O 41 -41.10 85.43 6.70
N UNK O 42 -40.05 86.03 7.22
CA UNK O 42 -40.20 87.28 7.97
C UNK O 42 -40.27 88.48 7.03
N UNK O 43 -40.04 89.67 7.60
CA UNK O 43 -40.24 90.92 6.87
C UNK O 43 -39.18 91.20 5.82
N UNK O 44 -38.04 90.54 5.90
CA UNK O 44 -37.06 90.54 4.82
C UNK O 44 -36.97 89.14 4.22
N UNK O 45 -37.23 89.02 2.93
CA UNK O 45 -36.84 87.82 2.20
C UNK O 45 -35.33 87.88 2.06
N UNK O 46 -34.62 87.19 2.97
CA UNK O 46 -33.19 87.38 3.23
C UNK O 46 -32.34 86.86 2.09
N UNK O 47 -32.05 87.75 1.14
CA UNK O 47 -31.76 87.46 -0.25
C UNK O 47 -30.42 86.76 -0.43
N UNK O 48 -30.31 86.06 -1.55
CA UNK O 48 -29.18 85.20 -1.84
C UNK O 48 -27.97 86.03 -2.21
N UNK O 49 -26.81 85.42 -2.04
CA UNK O 49 -25.53 86.02 -2.41
C UNK O 49 -24.54 84.91 -2.65
N UNK O 50 -23.63 85.16 -3.57
CA UNK O 50 -22.39 84.43 -3.62
C UNK O 50 -21.35 85.26 -2.90
N UNK O 51 -20.21 84.65 -2.62
CA UNK O 51 -19.17 85.34 -1.89
C UNK O 51 -17.83 84.75 -2.30
N UNK O 52 -16.81 85.58 -2.24
CA UNK O 52 -15.44 85.13 -2.34
C UNK O 52 -14.61 85.89 -1.32
N UNK O 53 -13.65 85.21 -0.73
CA UNK O 53 -12.82 85.82 0.29
C UNK O 53 -11.46 85.16 0.27
N UNK O 54 -10.43 85.98 0.31
CA UNK O 54 -9.10 85.44 0.53
C UNK O 54 -8.91 85.16 2.01
N UNK O 55 -8.01 84.24 2.29
CA UNK O 55 -7.68 83.89 3.65
C UNK O 55 -6.31 84.45 4.01
N UNK O 56 -6.26 85.14 5.14
CA UNK O 56 -4.99 85.58 5.68
C UNK O 56 -4.42 84.47 6.55
N UNK O 57 -3.21 84.64 7.05
CA UNK O 57 -2.61 83.59 7.86
C UNK O 57 -1.99 84.08 9.16
N UNK O 58 -1.49 85.31 9.25
CA UNK O 58 -0.72 85.71 10.44
C UNK O 58 -1.62 86.16 11.57
N UNK O 59 -2.30 87.29 11.38
CA UNK O 59 -3.19 87.85 12.41
C UNK O 59 -4.21 88.74 11.70
N UNK O 60 -5.39 88.20 11.45
CA UNK O 60 -6.48 88.98 10.89
C UNK O 60 -7.79 88.43 11.43
N UNK O 61 -8.88 88.90 10.86
CA UNK O 61 -10.19 88.35 11.19
C UNK O 61 -10.35 86.99 10.54
N UNK O 62 -11.08 86.11 11.22
CA UNK O 62 -11.45 84.84 10.60
C UNK O 62 -12.54 85.09 9.55
N UNK O 63 -12.64 84.16 8.60
CA UNK O 63 -13.56 84.34 7.49
C UNK O 63 -15.00 84.07 7.94
N UNK O 64 -15.90 84.99 7.61
CA UNK O 64 -17.27 84.96 8.13
C UNK O 64 -18.22 84.51 7.04
N UNK O 65 -18.75 83.31 7.19
CA UNK O 65 -19.77 82.80 6.29
C UNK O 65 -21.15 83.13 6.85
N UNK O 66 -21.94 83.86 6.06
CA UNK O 66 -23.26 84.31 6.49
C UNK O 66 -24.29 83.32 5.93
N UNK O 67 -24.63 82.32 6.74
CA UNK O 67 -25.57 81.30 6.34
C UNK O 67 -26.98 81.66 6.79
N UNK O 68 -27.94 80.78 6.49
CA UNK O 68 -29.32 80.94 6.91
C UNK O 68 -29.90 79.53 7.10
N UNK O 69 -31.22 79.44 7.24
CA UNK O 69 -31.87 78.14 7.42
C UNK O 69 -31.91 77.32 6.13
N UNK O 70 -31.83 77.97 4.97
CA UNK O 70 -31.57 77.29 3.72
C UNK O 70 -30.07 76.96 3.65
N UNK O 71 -29.74 75.95 2.86
CA UNK O 71 -28.38 75.39 2.86
C UNK O 71 -27.42 76.29 2.10
N UNK O 72 -26.12 76.02 2.29
CA UNK O 72 -25.07 76.81 1.67
C UNK O 72 -23.85 75.92 1.51
N UNK O 73 -22.87 76.41 0.77
CA UNK O 73 -21.69 75.62 0.45
C UNK O 73 -20.44 76.45 0.66
N UNK O 74 -19.51 75.91 1.43
CA UNK O 74 -18.19 76.49 1.59
C UNK O 74 -17.28 75.75 0.62
N UNK O 75 -16.95 76.41 -0.48
CA UNK O 75 -16.02 75.85 -1.46
C UNK O 75 -14.64 76.41 -1.16
N UNK O 76 -13.75 75.57 -0.65
CA UNK O 76 -12.37 75.99 -0.46
C UNK O 76 -11.64 75.99 -1.80
N UNK O 77 -10.49 76.67 -1.83
CA UNK O 77 -9.59 76.61 -2.98
C UNK O 77 -8.99 75.22 -3.11
N UNK O 78 -8.48 74.92 -4.31
CA UNK O 78 -8.52 73.59 -4.95
C UNK O 78 -7.74 72.47 -4.25
N UNK O 79 -6.99 72.73 -3.18
CA UNK O 79 -6.50 71.68 -2.31
C UNK O 79 -7.65 71.06 -1.53
N UNK O 80 -7.53 69.78 -1.24
CA UNK O 80 -8.59 69.04 -0.59
C UNK O 80 -8.66 69.34 0.90
N UNK O 81 -9.87 69.47 1.41
CA UNK O 81 -10.07 69.60 2.85
C UNK O 81 -9.82 68.26 3.52
N UNK O 82 -9.17 68.28 4.67
CA UNK O 82 -8.84 67.05 5.37
C UNK O 82 -9.73 66.74 6.54
N UNK O 83 -10.11 67.74 7.34
CA UNK O 83 -10.94 67.48 8.51
C UNK O 83 -11.79 68.70 8.83
N UNK O 84 -13.08 68.48 9.02
CA UNK O 84 -13.94 69.51 9.58
C UNK O 84 -14.02 69.33 11.08
N UNK O 85 -14.07 70.43 11.80
CA UNK O 85 -14.35 70.40 13.24
C UNK O 85 -15.36 71.51 13.50
N UNK O 86 -16.61 71.12 13.69
CA UNK O 86 -17.70 72.07 13.86
C UNK O 86 -18.17 72.09 15.30
N UNK O 87 -19.01 73.06 15.60
CA UNK O 87 -19.74 73.13 16.85
C UNK O 87 -21.18 72.77 16.51
N UNK O 88 -21.59 71.56 16.87
CA UNK O 88 -22.75 70.92 16.28
C UNK O 88 -24.07 71.41 16.90
N UNK O 89 -25.16 70.74 16.48
CA UNK O 89 -26.58 70.99 16.82
C UNK O 89 -27.06 72.40 16.45
N UNK O 90 -26.40 73.03 15.49
CA UNK O 90 -26.88 74.25 14.86
C UNK O 90 -26.64 74.28 13.38
N UNK O 91 -25.79 73.39 12.85
CA UNK O 91 -25.41 73.41 11.45
C UNK O 91 -24.90 72.03 11.07
N UNK O 92 -25.48 71.46 10.02
CA UNK O 92 -25.06 70.15 9.51
C UNK O 92 -24.09 70.39 8.37
N UNK O 93 -22.83 70.03 8.59
CA UNK O 93 -21.80 70.18 7.58
C UNK O 93 -21.69 68.87 6.82
N UNK O 94 -22.56 68.70 5.82
CA UNK O 94 -22.51 67.52 4.97
C UNK O 94 -21.34 67.67 4.01
N UNK O 95 -20.41 66.73 4.06
CA UNK O 95 -19.23 66.76 3.23
C UNK O 95 -18.66 65.36 3.07
N UNK O 96 -18.08 65.14 1.91
CA UNK O 96 -17.21 64.00 1.65
C UNK O 96 -15.77 64.42 1.91
N UNK O 97 -14.83 63.71 1.31
CA UNK O 97 -13.42 64.07 1.32
C UNK O 97 -13.02 64.95 0.13
N UNK O 98 -13.92 65.80 -0.35
CA UNK O 98 -13.66 66.72 -1.44
C UNK O 98 -13.13 68.04 -0.89
N UNK O 99 -13.08 69.08 -1.73
CA UNK O 99 -12.58 70.38 -1.35
C UNK O 99 -13.71 71.37 -1.10
N UNK O 100 -14.90 70.89 -0.77
CA UNK O 100 -16.04 71.74 -0.49
C UNK O 100 -16.94 71.05 0.52
N UNK O 101 -17.66 71.83 1.30
CA UNK O 101 -18.47 71.32 2.40
C UNK O 101 -19.80 72.08 2.43
N UNK O 102 -20.90 71.38 2.26
CA UNK O 102 -22.21 72.03 2.25
C UNK O 102 -22.69 72.11 3.70
N UNK O 103 -22.75 73.33 4.22
CA UNK O 103 -23.27 73.58 5.55
C UNK O 103 -24.72 74.02 5.46
N UNK O 104 -25.60 73.31 6.15
CA UNK O 104 -27.00 73.67 6.23
C UNK O 104 -27.31 73.99 7.68
N UNK O 105 -27.54 75.25 7.99
CA UNK O 105 -27.69 75.67 9.37
C UNK O 105 -29.11 75.39 9.83
N UNK O 106 -29.24 74.45 10.78
CA UNK O 106 -30.53 74.05 11.29
C UNK O 106 -31.08 75.09 12.27
N UNK O 107 -30.23 75.87 12.90
CA UNK O 107 -30.69 76.90 13.82
C UNK O 107 -31.24 78.10 13.05
N UNK O 108 -31.96 78.95 13.76
CA UNK O 108 -32.58 80.10 13.10
C UNK O 108 -31.60 81.25 12.95
N UNK O 109 -31.14 81.83 14.06
CA UNK O 109 -30.16 82.91 14.03
C UNK O 109 -29.18 82.70 15.18
N UNK O 110 -28.11 81.96 14.93
CA UNK O 110 -27.13 81.67 15.98
C UNK O 110 -25.75 81.53 15.37
N UNK O 111 -24.74 82.03 16.08
CA UNK O 111 -23.38 82.02 15.58
C UNK O 111 -22.73 80.67 15.83
N UNK O 112 -21.59 80.48 15.17
CA UNK O 112 -20.85 79.21 15.18
C UNK O 112 -19.44 79.49 14.71
N UNK O 113 -18.55 78.52 14.90
CA UNK O 113 -17.16 78.64 14.45
C UNK O 113 -16.67 77.28 13.96
N UNK O 114 -16.72 77.08 12.65
CA UNK O 114 -16.14 75.88 12.07
C UNK O 114 -14.63 76.00 12.01
N UNK O 115 -13.96 74.86 11.88
CA UNK O 115 -12.51 74.87 11.71
C UNK O 115 -12.12 73.77 10.76
N UNK O 116 -11.61 74.16 9.60
CA UNK O 116 -11.28 73.20 8.56
C UNK O 116 -9.78 73.07 8.46
N UNK O 117 -9.30 71.84 8.49
CA UNK O 117 -7.93 71.52 8.10
C UNK O 117 -7.99 71.04 6.67
N UNK O 118 -7.23 71.71 5.80
CA UNK O 118 -7.01 71.28 4.43
C UNK O 118 -5.74 70.41 4.41
N UNK O 119 -5.16 70.19 3.23
CA UNK O 119 -3.85 69.54 3.18
C UNK O 119 -2.72 70.57 3.31
N UNK O 120 -2.60 71.13 4.51
CA UNK O 120 -1.58 72.10 4.88
C UNK O 120 -1.31 71.92 6.37
N UNK O 121 -0.60 72.88 6.98
CA UNK O 121 -0.23 72.74 8.38
C UNK O 121 -0.62 73.97 9.18
N UNK O 122 -1.72 74.60 8.84
CA UNK O 122 -2.30 75.69 9.63
C UNK O 122 -3.80 75.53 9.46
N UNK O 123 -4.49 75.29 10.57
CA UNK O 123 -5.91 75.01 10.51
C UNK O 123 -6.70 76.29 10.31
N UNK O 124 -7.43 76.38 9.21
CA UNK O 124 -8.16 77.60 8.90
C UNK O 124 -9.46 77.57 9.67
N UNK O 125 -9.61 78.46 10.64
CA UNK O 125 -10.89 78.61 11.27
C UNK O 125 -11.80 79.47 10.39
N UNK O 126 -13.10 79.40 10.66
CA UNK O 126 -14.08 80.17 9.90
C UNK O 126 -15.28 80.40 10.80
N UNK O 127 -15.59 81.67 11.07
CA UNK O 127 -16.76 81.98 11.85
C UNK O 127 -17.98 81.94 10.94
N UNK O 128 -19.00 81.20 11.33
CA UNK O 128 -20.21 81.08 10.56
C UNK O 128 -21.35 81.69 11.35
N UNK O 129 -21.93 82.75 10.81
CA UNK O 129 -23.06 83.42 11.46
C UNK O 129 -24.32 83.10 10.68
N UNK O 130 -25.34 82.64 11.37
CA UNK O 130 -26.61 82.42 10.72
C UNK O 130 -27.39 83.73 10.63
N UNK O 131 -28.12 83.88 9.52
CA UNK O 131 -29.18 84.85 9.24
C UNK O 131 -28.73 86.31 9.30
N UNK O 132 -27.55 86.63 8.77
CA UNK O 132 -27.07 88.01 8.78
C UNK O 132 -27.39 88.66 7.43
N UNK O 133 -28.70 88.78 7.15
CA UNK O 133 -29.34 89.63 6.13
C UNK O 133 -29.07 89.31 4.66
N UNK O 134 -28.22 88.33 4.37
CA UNK O 134 -27.87 87.92 3.02
C UNK O 134 -27.31 86.52 3.11
N UNK O 135 -28.00 85.55 2.52
CA UNK O 135 -27.59 84.16 2.61
C UNK O 135 -26.47 83.91 1.62
N UNK O 136 -25.27 83.68 2.12
CA UNK O 136 -24.13 83.39 1.26
C UNK O 136 -24.19 81.92 0.89
N UNK O 137 -24.91 81.63 -0.20
CA UNK O 137 -25.17 80.26 -0.64
C UNK O 137 -23.95 79.57 -1.22
N UNK O 138 -22.95 80.32 -1.67
CA UNK O 138 -21.70 79.73 -2.12
C UNK O 138 -20.59 80.71 -1.77
N UNK O 139 -19.79 80.35 -0.78
CA UNK O 139 -18.63 81.15 -0.39
C UNK O 139 -17.37 80.47 -0.91
N UNK O 140 -16.49 81.26 -1.50
CA UNK O 140 -15.28 80.75 -2.12
C UNK O 140 -14.07 81.23 -1.33
N UNK O 141 -13.44 80.32 -0.60
CA UNK O 141 -12.31 80.65 0.24
C UNK O 141 -11.03 80.40 -0.54
N UNK O 142 -10.39 81.47 -1.01
CA UNK O 142 -9.09 81.36 -1.65
C UNK O 142 -8.05 81.45 -0.55
N UNK O 143 -7.41 80.33 -0.26
CA UNK O 143 -6.46 80.28 0.84
C UNK O 143 -5.12 80.88 0.44
N UNK O 144 -4.33 81.24 1.45
CA UNK O 144 -2.99 81.78 1.25
C UNK O 144 -1.99 80.67 0.93
N UNK P 1 -53.59 86.86 38.18
CA UNK P 1 -53.43 87.67 36.97
C UNK P 1 -51.97 87.96 36.72
N UNK P 2 -51.44 88.93 37.47
CA UNK P 2 -50.02 89.23 37.41
C UNK P 2 -49.17 88.13 38.03
N UNK P 3 -49.70 87.42 39.03
CA UNK P 3 -48.99 86.29 39.63
C UNK P 3 -48.94 85.09 38.69
N UNK P 4 -50.03 84.85 37.95
CA UNK P 4 -50.03 83.78 36.96
C UNK P 4 -49.21 84.13 35.73
N UNK P 5 -49.17 85.42 35.35
CA UNK P 5 -48.30 85.86 34.26
C UNK P 5 -46.83 85.82 34.67
N UNK P 6 -46.54 86.05 35.95
CA UNK P 6 -45.18 85.91 36.47
C UNK P 6 -44.77 84.44 36.55
N UNK P 7 -45.71 83.55 36.90
CA UNK P 7 -45.40 82.11 36.95
C UNK P 7 -45.21 81.51 35.56
N UNK P 8 -46.00 81.98 34.59
CA UNK P 8 -45.86 81.52 33.22
C UNK P 8 -44.60 82.09 32.55
N UNK P 9 -44.27 83.36 32.82
CA UNK P 9 -43.01 83.94 32.36
C UNK P 9 -41.79 83.34 33.07
N UNK P 10 -41.98 82.87 34.31
CA UNK P 10 -40.92 82.18 35.03
C UNK P 10 -40.65 80.79 34.48
N UNK P 11 -41.70 80.05 34.11
CA UNK P 11 -41.52 78.74 33.50
C UNK P 11 -40.94 78.85 32.08
N UNK P 12 -41.35 79.91 31.36
CA UNK P 12 -40.80 80.16 30.03
C UNK P 12 -39.35 80.62 30.07
N UNK P 13 -39.00 81.46 31.06
CA UNK P 13 -37.61 81.88 31.22
C UNK P 13 -36.75 80.77 31.80
N UNK P 14 -37.34 79.83 32.55
CA UNK P 14 -36.61 78.66 33.03
C UNK P 14 -36.30 77.70 31.90
N UNK P 15 -37.25 77.52 30.98
CA UNK P 15 -36.99 76.71 29.79
C UNK P 15 -35.99 77.38 28.85
N UNK P 16 -36.05 78.72 28.76
CA UNK P 16 -35.08 79.47 27.94
C UNK P 16 -33.69 79.47 28.56
N UNK P 17 -33.60 79.48 29.90
CA UNK P 17 -32.31 79.40 30.56
C UNK P 17 -31.73 78.00 30.51
N UNK P 18 -32.58 76.96 30.52
CA UNK P 18 -32.10 75.59 30.36
C UNK P 18 -31.64 75.33 28.93
N UNK P 19 -32.34 75.90 27.95
CA UNK P 19 -31.90 75.78 26.55
C UNK P 19 -30.66 76.62 26.27
N UNK P 20 -30.50 77.74 26.97
CA UNK P 20 -29.27 78.52 26.87
C UNK P 20 -28.09 77.83 27.57
N UNK P 21 -28.35 77.06 28.62
CA UNK P 21 -27.30 76.31 29.28
C UNK P 21 -26.93 75.03 28.55
N UNK P 22 -27.85 74.47 27.77
CA UNK P 22 -27.51 73.31 26.94
C UNK P 22 -26.62 73.71 25.77
N UNK P 23 -25.66 72.84 25.47
CA UNK P 23 -24.64 73.15 24.45
C UNK P 23 -24.13 71.84 23.88
N UNK P 24 -23.94 71.80 22.56
CA UNK P 24 -23.37 70.63 21.92
C UNK P 24 -21.85 70.64 22.00
N UNK P 25 -21.25 69.49 21.76
CA UNK P 25 -19.81 69.38 21.81
C UNK P 25 -19.21 69.64 20.42
N UNK P 26 -17.89 69.56 20.35
CA UNK P 26 -17.20 69.66 19.08
C UNK P 26 -17.39 68.38 18.29
N UNK P 27 -17.29 68.48 16.96
CA UNK P 27 -17.42 67.33 16.09
C UNK P 27 -16.33 67.41 15.04
N UNK P 28 -15.37 66.49 15.12
CA UNK P 28 -14.21 66.49 14.25
C UNK P 28 -14.34 65.34 13.27
N UNK P 29 -15.04 65.60 12.17
CA UNK P 29 -15.17 64.62 11.11
C UNK P 29 -13.94 64.66 10.22
N UNK P 30 -13.35 63.49 9.97
CA UNK P 30 -12.17 63.39 9.12
C UNK P 30 -12.43 62.39 8.01
N UNK P 31 -12.69 62.89 6.82
CA UNK P 31 -12.96 62.06 5.65
C UNK P 31 -11.70 61.97 4.81
N UNK P 32 -11.27 60.74 4.54
CA UNK P 32 -10.03 60.51 3.80
C UNK P 32 -10.11 59.24 2.96
N UNK Q 1 -107.40 41.90 -1.44
CA UNK Q 1 -105.95 41.84 -1.30
C UNK Q 1 -105.27 42.65 -2.41
N UNK Q 2 -106.06 43.05 -3.41
CA UNK Q 2 -105.52 43.70 -4.59
C UNK Q 2 -105.13 45.14 -4.33
N UNK Q 3 -105.99 45.91 -3.66
CA UNK Q 3 -105.68 47.32 -3.38
C UNK Q 3 -104.64 47.46 -2.28
N UNK Q 4 -104.65 46.56 -1.30
CA UNK Q 4 -103.63 46.55 -0.26
C UNK Q 4 -102.29 46.09 -0.81
N UNK Q 5 -102.29 45.16 -1.77
CA UNK Q 5 -101.05 44.77 -2.44
C UNK Q 5 -100.55 45.85 -3.39
N UNK Q 6 -101.47 46.66 -3.94
CA UNK Q 6 -101.08 47.80 -4.78
C UNK Q 6 -100.44 48.91 -3.95
N UNK Q 7 -101.00 49.17 -2.77
CA UNK Q 7 -100.39 50.11 -1.83
C UNK Q 7 -99.09 49.58 -1.25
N UNK Q 8 -98.97 48.26 -1.08
CA UNK Q 8 -97.73 47.67 -0.61
C UNK Q 8 -96.65 47.70 -1.69
N UNK Q 9 -97.04 47.54 -2.95
CA UNK Q 9 -96.08 47.64 -4.05
C UNK Q 9 -95.66 49.08 -4.28
N UNK Q 10 -96.57 50.04 -4.04
CA UNK Q 10 -96.22 51.45 -4.12
C UNK Q 10 -95.31 51.86 -2.98
N UNK Q 11 -95.55 51.32 -1.78
CA UNK Q 11 -94.67 51.55 -0.63
C UNK Q 11 -93.32 50.86 -0.79
N UNK Q 12 -93.29 49.69 -1.43
CA UNK Q 12 -92.03 49.00 -1.67
C UNK Q 12 -91.23 49.68 -2.78
N UNK Q 13 -91.91 50.24 -3.77
CA UNK Q 13 -91.22 51.01 -4.80
C UNK Q 13 -90.75 52.35 -4.27
N UNK Q 14 -91.46 52.92 -3.30
CA UNK Q 14 -90.98 54.11 -2.63
C UNK Q 14 -89.87 53.82 -1.64
N UNK Q 15 -89.79 52.59 -1.12
CA UNK Q 15 -88.90 52.33 0.00
C UNK Q 15 -87.61 51.63 -0.39
N UNK Q 16 -87.68 50.58 -1.22
CA UNK Q 16 -86.49 49.78 -1.55
C UNK Q 16 -85.60 50.53 -2.52
N UNK Q 17 -86.19 51.11 -3.55
CA UNK Q 17 -85.56 52.22 -4.24
C UNK Q 17 -85.94 53.45 -3.44
N UNK Q 18 -85.09 53.78 -2.46
CA UNK Q 18 -85.38 54.89 -1.57
C UNK Q 18 -85.15 56.23 -2.26
N UNK Q 19 -84.02 56.35 -2.95
CA UNK Q 19 -83.80 57.52 -3.79
C UNK Q 19 -84.61 57.37 -5.07
N UNK Q 20 -84.97 58.50 -5.66
CA UNK Q 20 -85.73 58.48 -6.90
C UNK Q 20 -84.80 58.20 -8.08
N UNK Q 21 -85.41 57.85 -9.22
CA UNK Q 21 -84.66 57.52 -10.41
C UNK Q 21 -84.07 58.76 -11.08
N UNK Q 22 -84.63 59.94 -10.82
CA UNK Q 22 -84.02 61.18 -11.30
C UNK Q 22 -83.19 61.84 -10.22
N UNK Q 23 -83.58 61.70 -8.95
CA UNK Q 23 -82.82 62.28 -7.86
C UNK Q 23 -81.53 61.54 -7.58
N UNK Q 24 -81.44 60.26 -7.96
CA UNK Q 24 -80.18 59.52 -7.89
C UNK Q 24 -79.19 60.06 -8.92
N UNK Q 25 -79.69 60.41 -10.10
CA UNK Q 25 -78.85 61.04 -11.12
C UNK Q 25 -78.45 62.46 -10.74
N UNK Q 26 -79.36 63.18 -10.06
CA UNK Q 26 -79.06 64.53 -9.59
C UNK Q 26 -78.07 64.51 -8.44
N UNK Q 27 -78.16 63.49 -7.57
CA UNK Q 27 -77.21 63.34 -6.49
C UNK Q 27 -75.84 62.88 -6.97
N UNK Q 28 -75.80 62.03 -8.00
CA UNK Q 28 -74.52 61.63 -8.57
C UNK Q 28 -73.87 62.75 -9.38
N UNK Q 29 -74.68 63.60 -10.01
CA UNK Q 29 -74.15 64.78 -10.68
C UNK Q 29 -73.69 65.84 -9.69
N UNK Q 30 -74.37 65.93 -8.53
CA UNK Q 30 -73.92 66.82 -7.46
C UNK Q 30 -72.64 66.31 -6.81
N UNK Q 31 -72.48 64.98 -6.75
CA UNK Q 31 -71.26 64.37 -6.22
C UNK Q 31 -70.09 64.58 -7.18
N UNK Q 32 -70.34 64.46 -8.48
CA UNK Q 32 -69.29 64.70 -9.47
C UNK Q 32 -68.91 66.17 -9.60
N UNK Q 33 -69.88 67.09 -9.50
CA UNK Q 33 -69.58 68.51 -9.55
C UNK Q 33 -68.92 68.99 -8.27
N UNK Q 34 -69.28 68.39 -7.13
CA UNK Q 34 -68.61 68.69 -5.88
C UNK Q 34 -67.20 68.11 -5.85
N UNK Q 35 -66.98 66.97 -6.51
CA UNK Q 35 -65.64 66.42 -6.65
C UNK Q 35 -64.77 67.24 -7.59
N UNK Q 36 -65.39 67.82 -8.63
CA UNK Q 36 -64.66 68.71 -9.52
C UNK Q 36 -64.36 70.06 -8.85
N UNK Q 37 -65.26 70.53 -7.99
CA UNK Q 37 -65.00 71.76 -7.24
C UNK Q 37 -63.96 71.55 -6.15
N UNK Q 38 -63.94 70.36 -5.56
CA UNK Q 38 -62.95 70.03 -4.55
C UNK Q 38 -61.58 69.74 -5.13
N UNK Q 39 -61.52 69.11 -6.31
CA UNK Q 39 -60.24 68.83 -6.93
C UNK Q 39 -59.81 69.97 -7.85
N UNK Q 40 -60.63 71.01 -7.95
CA UNK Q 40 -60.23 72.25 -8.59
C UNK Q 40 -59.15 72.96 -7.78
N UNK Q 41 -58.35 73.75 -8.48
CA UNK Q 41 -57.20 74.42 -7.90
C UNK Q 41 -57.60 75.79 -7.36
N UNK Q 42 -56.60 76.63 -7.14
CA UNK Q 42 -56.82 78.00 -6.72
C UNK Q 42 -57.16 78.91 -7.90
N UNK Q 43 -57.06 80.22 -7.66
CA UNK Q 43 -57.56 81.22 -8.61
C UNK Q 43 -56.72 81.35 -9.87
N UNK Q 44 -55.41 81.58 -9.70
CA UNK Q 44 -54.51 81.55 -10.85
C UNK Q 44 -54.16 80.10 -11.15
N UNK Q 45 -54.46 79.66 -12.36
CA UNK Q 45 -53.92 78.40 -12.84
C UNK Q 45 -52.45 78.61 -13.12
N UNK Q 46 -51.59 77.93 -12.35
CA UNK Q 46 -50.14 78.08 -12.46
C UNK Q 46 -49.64 77.46 -13.75
N UNK Q 47 -49.49 78.29 -14.77
CA UNK Q 47 -49.37 77.84 -16.16
C UNK Q 47 -47.99 77.24 -16.43
N UNK Q 48 -47.99 76.23 -17.28
CA UNK Q 48 -46.82 75.43 -17.57
C UNK Q 48 -45.85 76.22 -18.44
N UNK Q 49 -44.59 76.18 -18.05
CA UNK Q 49 -43.55 76.91 -18.75
C UNK Q 49 -42.23 76.18 -18.57
N UNK Q 50 -41.54 75.98 -19.66
CA UNK Q 50 -40.15 75.58 -19.63
C UNK Q 50 -39.31 76.85 -19.52
N UNK Q 51 -38.04 76.67 -19.16
CA UNK Q 51 -37.13 77.80 -18.99
C UNK Q 51 -35.72 77.32 -19.26
N UNK Q 52 -34.83 78.27 -19.49
CA UNK Q 52 -33.41 78.00 -19.57
C UNK Q 52 -32.67 79.13 -18.87
N UNK Q 53 -31.55 78.78 -18.26
CA UNK Q 53 -30.79 79.77 -17.51
C UNK Q 53 -29.33 79.36 -17.51
N UNK Q 54 -28.46 80.32 -17.80
CA UNK Q 54 -27.04 80.08 -17.60
C UNK Q 54 -26.69 80.33 -16.15
N UNK Q 55 -25.63 79.67 -15.70
CA UNK Q 55 -25.13 79.82 -14.36
C UNK Q 55 -23.88 80.69 -14.42
N UNK Q 56 -23.74 81.60 -13.47
CA UNK Q 56 -22.50 82.35 -13.33
C UNK Q 56 -21.61 81.61 -12.34
N UNK Q 57 -20.46 82.17 -12.04
CA UNK Q 57 -19.60 81.53 -11.04
C UNK Q 57 -18.97 82.49 -10.04
N UNK Q 58 -18.77 83.76 -10.36
CA UNK Q 58 -17.95 84.61 -9.49
C UNK Q 58 -18.75 85.22 -8.35
N UNK Q 59 -19.68 86.12 -8.67
CA UNK Q 59 -20.53 86.74 -7.66
C UNK Q 59 -21.82 87.16 -8.36
N UNK Q 60 -22.83 86.29 -8.31
CA UNK Q 60 -24.12 86.61 -8.88
C UNK Q 60 -25.18 85.89 -8.06
N UNK Q 61 -26.44 86.04 -8.46
CA UNK Q 61 -27.53 85.38 -7.80
C UNK Q 61 -27.56 83.92 -8.17
N UNK Q 62 -28.12 83.09 -7.29
CA UNK Q 62 -28.34 81.69 -7.62
C UNK Q 62 -29.52 81.60 -8.59
N UNK Q 63 -29.56 80.52 -9.37
CA UNK Q 63 -30.63 80.33 -10.34
C UNK Q 63 -31.92 79.95 -9.63
N UNK Q 64 -33.01 80.60 -10.02
CA UNK Q 64 -34.28 80.45 -9.31
C UNK Q 64 -35.15 79.43 -10.03
N UNK Q 65 -35.32 78.26 -9.43
CA UNK Q 65 -36.21 77.23 -9.95
C UNK Q 65 -37.59 77.45 -9.35
N UNK Q 66 -38.54 77.84 -10.18
CA UNK Q 66 -39.89 78.19 -9.74
C UNK Q 66 -40.79 76.98 -9.89
N UNK Q 67 -40.80 76.14 -8.86
CA UNK Q 67 -41.58 74.92 -8.92
C UNK Q 67 -42.98 75.15 -8.33
N UNK Q 68 -43.78 74.08 -8.32
CA UNK Q 68 -45.11 74.10 -7.74
C UNK Q 68 -45.39 72.71 -7.18
N UNK Q 69 -46.65 72.40 -6.92
CA UNK Q 69 -47.00 71.09 -6.36
C UNK Q 69 -46.99 69.96 -7.38
N UNK Q 70 -46.87 70.25 -8.68
CA UNK Q 70 -46.58 69.26 -9.69
C UNK Q 70 -45.07 69.05 -9.80
N UNK Q 71 -44.67 68.17 -10.72
CA UNK Q 71 -43.26 67.85 -10.86
C UNK Q 71 -42.53 68.92 -11.67
N UNK Q 72 -41.21 68.85 -11.66
CA UNK Q 72 -40.36 69.79 -12.38
C UNK Q 72 -39.04 69.11 -12.69
N UNK Q 73 -38.45 69.46 -13.82
CA UNK Q 73 -37.24 68.80 -14.28
C UNK Q 73 -36.11 69.79 -14.43
N UNK Q 74 -35.14 69.73 -13.53
CA UNK Q 74 -33.91 70.49 -13.67
C UNK Q 74 -32.97 69.62 -14.48
N UNK Q 75 -33.01 69.79 -15.79
CA UNK Q 75 -32.10 69.10 -16.70
C UNK Q 75 -30.89 70.00 -16.88
N UNK Q 76 -29.73 69.52 -16.43
CA UNK Q 76 -28.52 70.31 -16.54
C UNK Q 76 -27.94 70.23 -17.94
N UNK Q 77 -26.98 71.11 -18.23
CA UNK Q 77 -26.12 70.96 -19.40
C UNK Q 77 -25.27 69.71 -19.23
N UNK Q 78 -24.78 69.18 -20.37
CA UNK Q 78 -24.60 67.74 -20.62
C UNK Q 78 -23.60 66.97 -19.72
N UNK Q 79 -22.85 67.65 -18.84
CA UNK Q 79 -22.14 67.01 -17.75
C UNK Q 79 -23.13 66.41 -16.74
N UNK Q 80 -22.71 65.34 -16.11
CA UNK Q 80 -23.56 64.62 -15.18
C UNK Q 80 -23.44 65.18 -13.77
N UNK Q 81 -24.56 65.16 -13.04
CA UNK Q 81 -24.57 65.64 -11.67
C UNK Q 81 -24.08 64.53 -10.75
N UNK Q 82 -23.11 64.85 -9.90
CA UNK Q 82 -22.52 63.83 -9.03
C UNK Q 82 -23.28 63.67 -7.73
N UNK Q 83 -23.85 64.74 -7.19
CA UNK Q 83 -24.51 64.70 -5.91
C UNK Q 83 -25.55 65.81 -5.83
N UNK Q 84 -26.67 65.51 -5.20
CA UNK Q 84 -27.66 66.52 -4.84
C UNK Q 84 -27.62 66.72 -3.34
N UNK Q 85 -27.80 67.96 -2.91
CA UNK Q 85 -27.92 68.27 -1.49
C UNK Q 85 -29.11 69.21 -1.36
N UNK Q 86 -30.21 68.68 -0.85
CA UNK Q 86 -31.45 69.42 -0.75
C UNK Q 86 -31.82 69.66 0.71
N UNK Q 87 -32.80 70.54 0.90
CA UNK Q 87 -33.40 70.77 2.21
C UNK Q 87 -34.73 70.03 2.19
N UNK Q 88 -34.79 68.90 2.92
CA UNK Q 88 -35.87 67.93 2.77
C UNK Q 88 -37.13 68.39 3.49
N UNK Q 89 -38.17 67.54 3.38
CA UNK Q 89 -39.57 67.76 3.77
C UNK Q 89 -40.19 69.01 3.13
N UNK Q 90 -39.74 69.34 1.93
CA UNK Q 90 -40.40 70.32 1.08
C UNK Q 90 -40.40 69.90 -0.36
N UNK Q 91 -39.55 68.96 -0.76
CA UNK Q 91 -39.38 68.59 -2.17
C UNK Q 91 -38.75 67.21 -2.25
N UNK Q 92 -39.43 66.29 -2.92
CA UNK Q 92 -38.88 64.97 -3.21
C UNK Q 92 -38.14 65.07 -4.54
N UNK Q 93 -36.82 65.01 -4.49
CA UNK Q 93 -36.00 65.18 -5.68
C UNK Q 93 -35.57 63.81 -6.18
N UNK Q 94 -36.36 63.23 -7.09
CA UNK Q 94 -36.06 61.92 -7.65
C UNK Q 94 -34.96 62.08 -8.68
N UNK Q 95 -33.85 61.36 -8.46
CA UNK Q 95 -32.70 61.44 -9.34
C UNK Q 95 -31.92 60.14 -9.28
N UNK Q 96 -31.48 59.69 -10.44
CA UNK Q 96 -30.49 58.65 -10.59
C UNK Q 96 -29.11 59.28 -10.68
N UNK Q 97 -28.15 58.56 -11.25
CA UNK Q 97 -26.83 59.09 -11.59
C UNK Q 97 -26.77 59.71 -12.99
N UNK Q 98 -27.89 60.22 -13.50
CA UNK Q 98 -27.97 60.88 -14.79
C UNK Q 98 -27.72 62.38 -14.62
N UNK Q 99 -28.04 63.18 -15.63
CA UNK Q 99 -27.75 64.61 -15.61
C UNK Q 99 -29.02 65.46 -15.43
N UNK Q 100 -30.06 64.90 -14.81
CA UNK Q 100 -31.32 65.63 -14.68
C UNK Q 100 -32.02 65.20 -13.40
N UNK Q 101 -32.45 66.17 -12.60
CA UNK Q 101 -33.09 65.92 -11.32
C UNK Q 101 -34.56 66.31 -11.40
N UNK Q 102 -35.45 65.35 -11.15
CA UNK Q 102 -36.88 65.62 -11.18
C UNK Q 102 -37.31 65.99 -9.77
N UNK Q 103 -37.40 67.28 -9.48
CA UNK Q 103 -37.86 67.75 -8.19
C UNK Q 103 -39.37 67.89 -8.20
N UNK Q 104 -40.02 67.27 -7.22
CA UNK Q 104 -41.46 67.40 -7.03
C UNK Q 104 -41.69 68.01 -5.67
N UNK Q 105 -42.11 69.27 -5.63
CA UNK Q 105 -42.19 70.00 -4.37
C UNK Q 105 -43.46 69.63 -3.64
N UNK Q 106 -43.30 69.00 -2.48
CA UNK Q 106 -44.42 68.54 -1.67
C UNK Q 106 -45.08 69.69 -0.92
N UNK Q 107 -44.33 70.70 -0.54
CA UNK Q 107 -44.87 71.83 0.19
C UNK Q 107 -45.63 72.76 -0.76
N UNK Q 108 -46.41 73.67 -0.18
CA UNK Q 108 -47.27 74.51 -1.01
C UNK Q 108 -46.56 75.80 -1.43
N UNK Q 109 -45.85 76.44 -0.50
CA UNK Q 109 -45.14 77.67 -0.80
C UNK Q 109 -43.92 77.74 0.10
N UNK Q 110 -42.73 77.45 -0.45
CA UNK Q 110 -41.56 77.37 0.39
C UNK Q 110 -40.32 77.72 -0.42
N UNK Q 111 -39.40 78.41 0.23
CA UNK Q 111 -38.09 78.66 -0.33
C UNK Q 111 -37.13 77.54 0.08
N UNK Q 112 -36.18 77.25 -0.80
CA UNK Q 112 -35.21 76.21 -0.54
C UNK Q 112 -33.94 76.53 -1.30
N UNK Q 113 -32.83 75.93 -0.87
CA UNK Q 113 -31.56 76.08 -1.58
C UNK Q 113 -31.04 74.69 -1.90
N UNK Q 114 -31.37 74.20 -3.09
CA UNK Q 114 -30.76 72.98 -3.56
C UNK Q 114 -29.33 73.25 -3.98
N UNK Q 115 -28.49 72.22 -3.93
CA UNK Q 115 -27.09 72.36 -4.30
C UNK Q 115 -26.67 71.14 -5.08
N UNK Q 116 -26.33 71.33 -6.34
CA UNK Q 116 -25.91 70.26 -7.20
C UNK Q 116 -24.40 70.31 -7.35
N UNK Q 117 -23.74 69.25 -6.92
CA UNK Q 117 -22.36 69.00 -7.29
C UNK Q 117 -22.37 68.19 -8.56
N UNK Q 118 -21.87 68.77 -9.64
CA UNK Q 118 -21.76 68.12 -10.94
C UNK Q 118 -20.39 67.44 -11.01
N UNK Q 119 -19.93 67.11 -12.22
CA UNK Q 119 -18.54 66.68 -12.38
C UNK Q 119 -17.60 67.85 -12.67
N UNK Q 120 -17.66 68.90 -11.85
CA UNK Q 120 -16.76 70.04 -11.79
C UNK Q 120 -16.32 70.21 -10.34
N UNK Q 121 -15.67 71.33 -10.03
CA UNK Q 121 -15.12 71.51 -8.70
C UNK Q 121 -15.55 72.84 -8.10
N UNK Q 122 -16.73 73.31 -8.49
CA UNK Q 122 -17.37 74.46 -7.85
C UNK Q 122 -18.86 74.14 -7.92
N UNK Q 123 -19.42 73.73 -6.78
CA UNK Q 123 -20.76 73.16 -6.76
C UNK Q 123 -21.81 74.25 -6.89
N UNK Q 124 -22.75 74.05 -7.79
CA UNK Q 124 -23.74 75.07 -8.08
C UNK Q 124 -24.84 75.03 -7.05
N UNK Q 125 -25.39 76.19 -6.75
CA UNK Q 125 -26.55 76.27 -5.87
C UNK Q 125 -27.71 76.87 -6.65
N UNK Q 126 -28.92 76.54 -6.23
CA UNK Q 126 -30.11 76.99 -6.91
C UNK Q 126 -31.23 77.18 -5.91
N UNK Q 127 -31.86 78.33 -5.96
CA UNK Q 127 -32.95 78.64 -5.04
C UNK Q 127 -34.23 78.04 -5.61
N UNK Q 128 -34.68 76.96 -5.01
CA UNK Q 128 -35.94 76.33 -5.38
C UNK Q 128 -37.04 77.06 -4.64
N UNK Q 129 -37.72 77.97 -5.32
CA UNK Q 129 -38.87 78.65 -4.75
C UNK Q 129 -40.13 77.98 -5.26
N UNK Q 130 -41.10 77.80 -4.37
CA UNK Q 130 -42.33 77.13 -4.78
C UNK Q 130 -43.42 78.15 -5.11
N UNK Q 131 -44.25 77.78 -6.10
CA UNK Q 131 -45.54 78.35 -6.46
C UNK Q 131 -45.50 79.82 -6.89
N UNK Q 132 -44.46 80.26 -7.59
CA UNK Q 132 -44.35 81.64 -8.01
C UNK Q 132 -44.80 81.73 -9.47
N UNK Q 133 -46.12 81.69 -9.67
CA UNK Q 133 -46.88 82.16 -10.84
C UNK Q 133 -46.66 81.45 -12.18
N UNK Q 134 -45.75 80.47 -12.25
CA UNK Q 134 -45.43 79.75 -13.47
C UNK Q 134 -44.77 78.43 -13.11
N UNK Q 135 -45.39 77.32 -13.50
CA UNK Q 135 -44.84 76.00 -13.22
C UNK Q 135 -43.71 75.71 -14.18
N UNK Q 136 -42.47 75.88 -13.71
CA UNK Q 136 -41.28 75.67 -14.54
C UNK Q 136 -41.04 74.17 -14.63
N UNK Q 137 -41.64 73.56 -15.66
CA UNK Q 137 -41.61 72.12 -15.81
C UNK Q 137 -40.27 71.60 -16.32
N UNK Q 138 -39.55 72.37 -17.11
CA UNK Q 138 -38.26 71.91 -17.62
C UNK Q 138 -37.31 73.08 -17.67
N UNK Q 139 -36.36 73.12 -16.74
CA UNK Q 139 -35.36 74.18 -16.69
C UNK Q 139 -34.04 73.62 -17.21
N UNK Q 140 -33.44 74.34 -18.15
CA UNK Q 140 -32.17 73.96 -18.76
C UNK Q 140 -31.05 74.74 -18.09
N UNK Q 141 -30.25 74.05 -17.28
CA UNK Q 141 -29.20 74.69 -16.49
C UNK Q 141 -27.90 74.69 -17.30
N UNK Q 142 -27.70 75.72 -18.11
CA UNK Q 142 -26.47 75.85 -18.87
C UNK Q 142 -25.40 76.40 -17.94
N UNK Q 143 -24.54 75.51 -17.44
CA UNK Q 143 -23.52 75.93 -16.49
C UNK Q 143 -22.33 76.54 -17.21
N UNK Q 144 -21.61 77.39 -16.48
CA UNK Q 144 -20.40 78.00 -17.01
C UNK Q 144 -19.23 77.01 -16.96
N UNK R 1 -65.51 81.84 26.10
CA UNK R 1 -66.11 82.62 25.04
C UNK R 1 -65.03 83.16 24.10
N UNK R 2 -64.67 84.43 24.29
CA UNK R 2 -63.51 84.99 23.60
C UNK R 2 -62.21 84.42 24.18
N UNK R 3 -62.23 84.02 25.45
CA UNK R 3 -61.12 83.25 26.03
C UNK R 3 -61.04 81.86 25.42
N UNK R 4 -62.18 81.27 25.06
CA UNK R 4 -62.17 79.97 24.39
C UNK R 4 -61.68 80.08 22.96
N UNK R 5 -62.03 81.19 22.28
CA UNK R 5 -61.51 81.46 20.95
C UNK R 5 -60.02 81.80 20.98
N UNK R 6 -59.57 82.44 22.06
CA UNK R 6 -58.16 82.69 22.27
C UNK R 6 -57.40 81.41 22.58
N UNK R 7 -58.05 80.46 23.26
CA UNK R 7 -57.44 79.17 23.54
C UNK R 7 -57.34 78.31 22.28
N UNK R 8 -58.35 78.42 21.40
CA UNK R 8 -58.29 77.76 20.10
C UNK R 8 -57.22 78.36 19.20
N UNK R 9 -57.11 79.69 19.18
CA UNK R 9 -56.06 80.36 18.44
C UNK R 9 -54.68 80.12 19.04
N UNK R 10 -54.61 79.90 20.35
CA UNK R 10 -53.35 79.56 21.01
C UNK R 10 -52.91 78.14 20.71
N UNK R 11 -53.85 77.21 20.60
CA UNK R 11 -53.52 75.83 20.25
C UNK R 11 -53.09 75.72 18.79
N UNK R 12 -53.78 76.47 17.91
CA UNK R 12 -53.41 76.51 16.49
C UNK R 12 -52.10 77.25 16.26
N UNK R 13 -51.83 78.29 17.05
CA UNK R 13 -50.57 79.00 16.92
C UNK R 13 -49.44 78.23 17.58
N UNK R 14 -49.76 77.36 18.54
CA UNK R 14 -48.75 76.47 19.12
C UNK R 14 -48.35 75.39 18.14
N UNK R 15 -49.33 74.87 17.38
CA UNK R 15 -49.02 73.93 16.30
C UNK R 15 -48.29 74.61 15.16
N UNK R 16 -48.62 75.88 14.89
CA UNK R 16 -47.92 76.65 13.86
C UNK R 16 -46.51 77.03 14.30
N UNK R 17 -46.30 77.24 15.60
CA UNK R 17 -44.98 77.55 16.12
C UNK R 17 -44.12 76.30 16.16
N UNK R 18 -44.72 75.14 16.42
CA UNK R 18 -43.99 73.88 16.39
C UNK R 18 -43.62 73.48 14.97
N UNK R 19 -44.52 73.75 14.00
CA UNK R 19 -44.22 73.50 12.60
C UNK R 19 -43.20 74.48 12.05
N UNK R 20 -43.23 75.74 12.48
CA UNK R 20 -42.22 76.71 12.08
C UNK R 20 -40.90 76.49 12.78
N UNK R 21 -40.91 75.89 13.98
CA UNK R 21 -39.68 75.53 14.67
C UNK R 21 -39.04 74.28 14.10
N UNK R 22 -39.84 73.37 13.57
CA UNK R 22 -39.30 72.16 12.96
C UNK R 22 -38.66 72.49 11.61
N UNK R 23 -37.52 71.86 11.36
CA UNK R 23 -36.77 72.09 10.12
C UNK R 23 -36.03 70.82 9.80
N UNK R 24 -36.38 70.19 8.68
CA UNK R 24 -35.70 68.98 8.25
C UNK R 24 -34.30 69.32 7.75
N UNK R 25 -33.41 68.34 7.84
CA UNK R 25 -32.00 68.60 7.69
C UNK R 25 -31.60 68.60 6.22
N UNK R 26 -30.29 68.65 5.99
CA UNK R 26 -29.76 68.47 4.64
C UNK R 26 -29.91 67.01 4.23
N UNK R 27 -30.00 66.79 2.93
CA UNK R 27 -29.96 65.45 2.37
C UNK R 27 -29.03 65.51 1.18
N UNK R 28 -27.85 64.91 1.32
CA UNK R 28 -26.84 64.93 0.28
C UNK R 28 -26.77 63.52 -0.30
N UNK R 29 -27.66 63.27 -1.26
CA UNK R 29 -27.62 62.04 -2.04
C UNK R 29 -26.46 62.11 -3.01
N UNK R 30 -25.72 61.03 -3.14
CA UNK R 30 -24.64 60.93 -4.11
C UNK R 30 -24.77 59.62 -4.87
N UNK R 31 -24.98 59.72 -6.18
CA UNK R 31 -25.21 58.55 -7.02
C UNK R 31 -24.05 58.38 -7.98
N UNK R 32 -23.26 57.35 -7.78
CA UNK R 32 -22.10 57.08 -8.62
C UNK R 32 -22.50 56.26 -9.84
N UNK S 1 -113.58 20.60 4.16
CA UNK S 1 -112.27 20.11 4.56
C UNK S 1 -111.35 20.00 3.35
N UNK S 2 -111.94 19.65 2.21
CA UNK S 2 -111.20 19.65 0.95
C UNK S 2 -110.89 21.07 0.50
N UNK S 3 -111.79 22.01 0.80
CA UNK S 3 -111.51 23.43 0.62
C UNK S 3 -110.45 23.93 1.61
N UNK S 4 -110.36 23.31 2.79
CA UNK S 4 -109.31 23.67 3.74
C UNK S 4 -107.95 23.13 3.30
N UNK S 5 -107.91 21.96 2.67
CA UNK S 5 -106.66 21.44 2.15
C UNK S 5 -106.23 22.17 0.89
N UNK S 6 -107.20 22.61 0.08
CA UNK S 6 -106.90 23.46 -1.08
C UNK S 6 -106.49 24.86 -0.64
N UNK S 7 -107.03 25.35 0.48
CA UNK S 7 -106.59 26.61 1.04
C UNK S 7 -105.24 26.50 1.71
N UNK S 8 -104.90 25.31 2.21
CA UNK S 8 -103.56 25.05 2.71
C UNK S 8 -102.54 25.04 1.57
N UNK S 9 -102.90 24.41 0.44
CA UNK S 9 -102.09 24.43 -0.77
C UNK S 9 -102.01 25.83 -1.38
N UNK S 10 -103.09 26.60 -1.28
CA UNK S 10 -103.09 27.95 -1.83
C UNK S 10 -102.34 28.92 -0.92
N UNK S 11 -102.36 28.69 0.39
CA UNK S 11 -101.58 29.50 1.32
C UNK S 11 -100.09 29.20 1.17
N UNK S 12 -99.75 27.92 0.95
CA UNK S 12 -98.37 27.54 0.66
C UNK S 12 -97.91 28.05 -0.70
N UNK S 13 -98.80 28.09 -1.69
CA UNK S 13 -98.43 28.58 -3.01
C UNK S 13 -98.35 30.11 -3.05
N UNK S 14 -99.21 30.80 -2.31
CA UNK S 14 -99.19 32.26 -2.31
C UNK S 14 -98.24 32.81 -1.26
N UNK S 15 -97.63 31.94 -0.44
CA UNK S 15 -96.43 32.34 0.28
C UNK S 15 -95.17 31.88 -0.44
N UNK S 16 -95.31 30.89 -1.32
CA UNK S 16 -94.21 30.47 -2.20
C UNK S 16 -93.95 31.55 -3.26
N UNK S 17 -95.01 32.09 -3.84
CA UNK S 17 -94.92 33.31 -4.62
C UNK S 17 -95.71 34.38 -3.87
N UNK S 18 -95.01 35.13 -3.01
CA UNK S 18 -95.66 36.16 -2.21
C UNK S 18 -95.96 37.39 -3.06
N UNK S 19 -94.93 38.02 -3.61
CA UNK S 19 -95.15 38.90 -4.73
C UNK S 19 -95.32 38.06 -5.99
N UNK S 20 -95.92 38.66 -7.00
CA UNK S 20 -96.29 37.91 -8.19
C UNK S 20 -95.09 37.68 -9.10
N UNK S 21 -95.27 36.78 -10.07
CA UNK S 21 -94.25 36.57 -11.08
C UNK S 21 -94.18 37.71 -12.08
N UNK S 22 -95.27 38.43 -12.29
CA UNK S 22 -95.28 39.61 -13.14
C UNK S 22 -94.85 40.87 -12.40
N UNK S 23 -95.20 40.98 -11.11
CA UNK S 23 -94.66 42.04 -10.27
C UNK S 23 -93.18 41.84 -9.99
N UNK S 24 -92.70 40.58 -9.99
CA UNK S 24 -91.27 40.30 -9.90
C UNK S 24 -90.52 40.72 -11.16
N UNK S 25 -91.13 40.52 -12.34
CA UNK S 25 -90.53 40.98 -13.59
C UNK S 25 -90.56 42.51 -13.71
N UNK S 26 -91.64 43.14 -13.22
CA UNK S 26 -91.73 44.59 -13.17
C UNK S 26 -90.76 45.18 -12.15
N UNK S 27 -90.51 44.48 -11.05
CA UNK S 27 -89.57 44.96 -10.06
C UNK S 27 -88.13 44.75 -10.49
N UNK S 28 -87.83 43.66 -11.22
CA UNK S 28 -86.48 43.47 -11.74
C UNK S 28 -86.19 44.40 -12.91
N UNK S 29 -87.22 44.75 -13.68
CA UNK S 29 -87.03 45.74 -14.73
C UNK S 29 -86.94 47.16 -14.17
N UNK S 30 -87.64 47.44 -13.06
CA UNK S 30 -87.49 48.74 -12.42
C UNK S 30 -86.18 48.83 -11.66
N UNK S 31 -85.66 47.68 -11.20
CA UNK S 31 -84.33 47.60 -10.62
C UNK S 31 -83.27 47.80 -11.68
N UNK S 32 -83.51 47.29 -12.89
CA UNK S 32 -82.65 47.59 -14.03
C UNK S 32 -82.78 49.03 -14.49
N UNK S 33 -83.96 49.63 -14.30
CA UNK S 33 -84.17 51.04 -14.63
C UNK S 33 -83.44 51.97 -13.68
N UNK S 34 -83.50 51.68 -12.37
CA UNK S 34 -82.73 52.44 -11.40
C UNK S 34 -81.25 52.11 -11.48
N UNK S 35 -80.89 50.90 -11.92
CA UNK S 35 -79.51 50.53 -12.19
C UNK S 35 -78.96 51.26 -13.39
N UNK S 36 -79.78 51.49 -14.42
CA UNK S 36 -79.37 52.30 -15.56
C UNK S 36 -79.36 53.78 -15.21
N UNK S 37 -80.18 54.19 -14.23
CA UNK S 37 -80.14 55.56 -13.75
C UNK S 37 -78.87 55.85 -12.96
N UNK S 38 -78.45 54.92 -12.09
CA UNK S 38 -77.20 55.08 -11.38
C UNK S 38 -75.99 54.81 -12.25
N UNK S 39 -76.13 53.96 -13.27
CA UNK S 39 -75.03 53.63 -14.17
C UNK S 39 -74.95 54.63 -15.31
N UNK S 40 -75.95 55.50 -15.42
CA UNK S 40 -75.81 56.71 -16.18
C UNK S 40 -74.76 57.60 -15.52
N UNK S 41 -73.72 57.91 -16.29
CA UNK S 41 -72.62 58.77 -15.90
C UNK S 41 -72.97 60.23 -16.17
N UNK S 42 -71.94 61.07 -16.24
CA UNK S 42 -72.08 62.42 -16.75
C UNK S 42 -72.55 62.41 -18.21
N UNK S 43 -73.40 63.38 -18.55
CA UNK S 43 -74.31 63.31 -19.69
C UNK S 43 -73.61 63.44 -21.04
N UNK S 44 -72.59 64.29 -21.11
CA UNK S 44 -71.67 64.29 -22.24
C UNK S 44 -70.82 63.03 -22.13
N UNK S 45 -71.18 62.00 -22.89
CA UNK S 45 -70.81 60.62 -22.61
C UNK S 45 -69.36 60.32 -23.02
N UNK S 46 -68.91 59.09 -22.75
CA UNK S 46 -67.52 58.66 -22.93
C UNK S 46 -67.26 58.40 -24.40
N UNK S 47 -66.36 59.18 -25.01
CA UNK S 47 -66.19 59.15 -26.45
C UNK S 47 -64.84 58.57 -26.86
N UNK S 48 -64.91 57.48 -27.62
CA UNK S 48 -63.74 56.68 -27.97
C UNK S 48 -62.93 57.34 -29.08
N UNK S 49 -61.96 58.15 -28.67
CA UNK S 49 -61.08 58.85 -29.60
C UNK S 49 -59.67 58.31 -29.40
N UNK S 50 -58.72 58.91 -30.10
CA UNK S 50 -57.31 58.59 -29.96
C UNK S 50 -56.51 59.88 -30.04
N UNK S 51 -55.19 59.76 -30.10
CA UNK S 51 -54.32 60.93 -30.22
C UNK S 51 -53.05 60.55 -30.96
N UNK S 52 -52.59 61.49 -31.77
CA UNK S 52 -51.24 61.46 -32.30
C UNK S 52 -50.73 62.89 -32.25
N UNK S 53 -49.44 63.04 -31.99
CA UNK S 53 -48.98 64.35 -31.57
C UNK S 53 -47.88 64.87 -32.48
N UNK S 54 -47.97 66.17 -32.79
CA UNK S 54 -46.97 66.92 -33.53
C UNK S 54 -46.03 67.63 -32.55
N UNK S 55 -44.72 67.49 -32.79
CA UNK S 55 -43.74 67.77 -31.75
C UNK S 55 -42.77 68.88 -32.14
N UNK S 56 -42.25 69.54 -31.12
CA UNK S 56 -41.16 70.51 -31.20
C UNK S 56 -39.95 69.94 -30.44
N UNK S 57 -38.91 70.76 -30.27
CA UNK S 57 -37.75 70.28 -29.53
C UNK S 57 -37.31 71.14 -28.35
N UNK S 58 -37.27 72.47 -28.45
CA UNK S 58 -36.51 73.25 -27.46
C UNK S 58 -37.31 73.59 -26.20
N UNK S 59 -38.29 74.50 -26.32
CA UNK S 59 -38.87 75.12 -25.14
C UNK S 59 -40.25 75.67 -25.47
N UNK S 60 -41.29 74.94 -25.08
CA UNK S 60 -42.66 75.41 -25.18
C UNK S 60 -43.48 74.74 -24.08
N UNK S 61 -44.78 75.00 -24.07
CA UNK S 61 -45.70 74.23 -23.24
C UNK S 61 -45.83 72.83 -23.83
N UNK S 62 -45.74 71.83 -22.96
CA UNK S 62 -45.48 70.47 -23.43
C UNK S 62 -46.76 69.75 -23.85
N UNK S 63 -46.64 68.44 -24.03
CA UNK S 63 -47.73 67.64 -24.57
C UNK S 63 -48.82 67.42 -23.52
N UNK S 64 -50.04 67.78 -23.88
CA UNK S 64 -51.19 67.71 -22.98
C UNK S 64 -51.98 66.46 -23.30
N UNK S 65 -51.74 65.41 -22.53
CA UNK S 65 -52.44 64.15 -22.68
C UNK S 65 -53.83 64.32 -22.08
N UNK S 66 -54.82 64.45 -22.95
CA UNK S 66 -56.23 64.55 -22.55
C UNK S 66 -56.66 63.16 -22.11
N UNK S 67 -56.47 62.86 -20.83
CA UNK S 67 -56.67 61.50 -20.37
C UNK S 67 -57.77 61.48 -19.31
N UNK S 68 -58.24 60.29 -18.96
CA UNK S 68 -59.27 60.11 -17.95
C UNK S 68 -59.07 58.75 -17.31
N UNK S 69 -60.15 58.25 -16.68
CA UNK S 69 -60.27 56.84 -16.37
C UNK S 69 -60.28 55.95 -17.61
N UNK S 70 -60.84 56.43 -18.71
CA UNK S 70 -60.53 55.91 -20.03
C UNK S 70 -59.04 56.12 -20.32
N UNK S 71 -58.38 55.06 -20.77
CA UNK S 71 -56.92 55.01 -20.79
C UNK S 71 -56.33 55.73 -22.00
N UNK S 72 -55.05 55.46 -22.24
CA UNK S 72 -54.26 55.99 -23.34
C UNK S 72 -53.05 55.09 -23.57
N UNK S 73 -52.94 54.56 -24.78
CA UNK S 73 -51.95 53.55 -25.12
C UNK S 73 -50.79 54.20 -25.86
N UNK S 74 -49.58 53.94 -25.39
CA UNK S 74 -48.37 54.43 -26.02
C UNK S 74 -47.92 53.39 -27.04
N UNK S 75 -47.91 53.79 -28.31
CA UNK S 75 -47.56 52.91 -29.42
C UNK S 75 -47.01 53.81 -30.53
N UNK S 76 -45.70 53.81 -30.67
CA UNK S 76 -45.04 54.84 -31.44
C UNK S 76 -44.31 54.29 -32.67
N UNK S 77 -43.49 55.16 -33.25
CA UNK S 77 -42.54 54.88 -34.32
C UNK S 77 -41.26 54.20 -33.78
N UNK S 78 -40.19 54.34 -34.56
CA UNK S 78 -38.98 53.52 -34.49
C UNK S 78 -38.12 53.66 -33.21
N UNK S 79 -38.47 54.48 -32.24
CA UNK S 79 -37.66 54.57 -31.03
C UNK S 79 -38.31 53.81 -29.87
N UNK S 80 -37.64 53.86 -28.72
CA UNK S 80 -37.99 53.03 -27.57
C UNK S 80 -38.14 53.85 -26.29
N UNK S 81 -39.16 53.53 -25.51
CA UNK S 81 -39.45 54.21 -24.26
C UNK S 81 -38.48 53.75 -23.18
N UNK S 82 -38.21 54.62 -22.20
CA UNK S 82 -37.18 54.29 -21.23
C UNK S 82 -37.64 54.49 -19.79
N UNK S 83 -38.48 55.50 -19.54
CA UNK S 83 -38.88 55.79 -18.16
C UNK S 83 -40.25 56.45 -18.13
N UNK S 84 -40.97 56.23 -17.03
CA UNK S 84 -42.17 57.00 -16.72
C UNK S 84 -42.08 57.51 -15.29
N UNK S 85 -41.88 58.81 -15.13
CA UNK S 85 -41.86 59.44 -13.82
C UNK S 85 -43.27 59.95 -13.56
N UNK S 86 -44.01 59.20 -12.75
CA UNK S 86 -45.43 59.44 -12.52
C UNK S 86 -45.65 60.08 -11.16
N UNK S 87 -46.63 60.97 -11.10
CA UNK S 87 -47.13 61.53 -9.85
C UNK S 87 -48.25 60.60 -9.40
N UNK S 88 -48.02 59.90 -8.29
CA UNK S 88 -48.90 58.85 -7.81
C UNK S 88 -50.17 59.43 -7.18
N UNK S 89 -51.17 58.55 -7.02
CA UNK S 89 -52.56 58.82 -6.62
C UNK S 89 -53.28 59.83 -7.53
N UNK S 90 -52.88 59.89 -8.80
CA UNK S 90 -53.66 60.57 -9.82
C UNK S 90 -53.70 59.80 -11.13
N UNK S 91 -52.69 58.97 -11.43
CA UNK S 91 -52.59 58.35 -12.75
C UNK S 91 -51.75 57.08 -12.64
N UNK S 92 -52.41 55.94 -12.81
CA UNK S 92 -51.71 54.66 -12.93
C UNK S 92 -51.13 54.57 -14.32
N UNK S 93 -49.81 54.48 -14.43
CA UNK S 93 -49.14 54.38 -15.72
C UNK S 93 -48.39 53.05 -15.79
N UNK S 94 -48.73 52.23 -16.77
CA UNK S 94 -48.04 50.96 -16.99
C UNK S 94 -47.29 50.99 -18.31
N UNK S 95 -45.98 50.70 -18.26
CA UNK S 95 -45.11 50.87 -19.42
C UNK S 95 -43.89 49.97 -19.30
N UNK S 96 -43.29 49.68 -20.46
CA UNK S 96 -42.08 48.88 -20.57
C UNK S 96 -41.08 49.54 -21.52
N UNK S 97 -40.04 48.81 -21.93
CA UNK S 97 -39.10 49.25 -22.95
C UNK S 97 -39.51 48.84 -24.36
N UNK S 98 -40.72 48.29 -24.52
CA UNK S 98 -41.25 47.87 -25.80
C UNK S 98 -42.06 49.03 -26.42
N UNK S 99 -42.87 48.73 -27.43
CA UNK S 99 -43.68 49.76 -28.07
C UNK S 99 -45.17 49.60 -27.80
N UNK S 100 -45.57 49.14 -26.62
CA UNK S 100 -46.98 48.99 -26.29
C UNK S 100 -47.22 49.19 -24.80
N UNK S 101 -47.80 50.32 -24.43
CA UNK S 101 -47.99 50.69 -23.03
C UNK S 101 -49.40 51.23 -22.82
N UNK S 102 -49.83 51.31 -21.55
CA UNK S 102 -51.16 51.81 -21.21
C UNK S 102 -51.11 52.65 -19.93
N UNK S 103 -51.57 53.89 -20.01
CA UNK S 103 -51.65 54.78 -18.84
C UNK S 103 -53.05 55.36 -18.73
N UNK S 104 -53.51 55.58 -17.49
CA UNK S 104 -54.89 55.96 -17.22
C UNK S 104 -54.96 56.70 -15.90
N UNK S 105 -55.74 57.78 -15.87
CA UNK S 105 -55.89 58.59 -14.66
C UNK S 105 -56.80 57.87 -13.67
N UNK S 106 -56.24 57.58 -12.49
CA UNK S 106 -57.05 57.00 -11.43
C UNK S 106 -57.94 58.04 -10.77
N UNK S 107 -57.49 59.30 -10.74
CA UNK S 107 -58.29 60.34 -10.13
C UNK S 107 -59.20 60.99 -11.17
N UNK S 108 -60.27 61.64 -10.68
CA UNK S 108 -61.32 62.09 -11.57
C UNK S 108 -60.99 63.44 -12.21
N UNK S 109 -60.89 64.50 -11.43
CA UNK S 109 -60.57 65.82 -11.97
C UNK S 109 -59.11 66.08 -11.64
N UNK S 110 -58.23 65.62 -12.52
CA UNK S 110 -56.83 65.47 -12.13
C UNK S 110 -55.96 66.20 -13.12
N UNK S 111 -55.02 66.97 -12.56
CA UNK S 111 -53.87 67.45 -13.30
C UNK S 111 -52.62 66.72 -12.82
N UNK S 112 -52.16 65.76 -13.61
CA UNK S 112 -50.98 65.01 -13.26
C UNK S 112 -49.88 65.38 -14.24
N UNK S 113 -48.66 65.50 -13.75
CA UNK S 113 -47.54 65.95 -14.57
C UNK S 113 -46.59 64.77 -14.74
N UNK S 114 -46.86 63.91 -15.71
CA UNK S 114 -45.98 62.77 -15.93
C UNK S 114 -44.78 63.20 -16.76
N UNK S 115 -43.67 62.51 -16.55
CA UNK S 115 -42.48 62.74 -17.37
C UNK S 115 -42.17 61.46 -18.10
N UNK S 116 -42.41 61.45 -19.41
CA UNK S 116 -42.13 60.29 -20.24
C UNK S 116 -40.74 60.43 -20.84
N UNK S 117 -39.97 59.36 -20.79
CA UNK S 117 -38.66 59.33 -21.38
C UNK S 117 -38.63 58.23 -22.43
N UNK S 118 -38.64 58.63 -23.69
CA UNK S 118 -38.25 57.83 -24.83
C UNK S 118 -36.76 58.04 -25.09
N UNK S 119 -36.27 57.67 -26.27
CA UNK S 119 -34.87 57.88 -26.62
C UNK S 119 -34.59 59.36 -26.88
N UNK S 120 -34.20 60.05 -25.81
CA UNK S 120 -33.82 61.46 -25.84
C UNK S 120 -32.77 61.69 -24.76
N UNK S 121 -32.55 62.96 -24.40
CA UNK S 121 -31.59 63.28 -23.34
C UNK S 121 -32.10 64.40 -22.43
N UNK S 122 -33.35 64.80 -22.60
CA UNK S 122 -34.06 65.72 -21.70
C UNK S 122 -35.52 65.34 -21.88
N UNK S 123 -36.11 64.73 -20.85
CA UNK S 123 -37.29 63.90 -21.03
C UNK S 123 -38.57 64.72 -21.21
N UNK S 124 -39.46 64.21 -22.05
CA UNK S 124 -40.65 64.96 -22.44
C UNK S 124 -41.69 64.89 -21.34
N UNK S 125 -42.61 65.83 -21.35
CA UNK S 125 -43.63 65.87 -20.32
C UNK S 125 -44.98 65.53 -20.92
N UNK S 126 -45.89 65.14 -20.04
CA UNK S 126 -47.24 64.78 -20.42
C UNK S 126 -48.16 65.25 -19.30
N UNK S 127 -48.84 66.36 -19.55
CA UNK S 127 -49.86 66.81 -18.62
C UNK S 127 -51.06 65.91 -18.80
N UNK S 128 -51.15 64.87 -17.98
CA UNK S 128 -52.32 64.03 -17.94
C UNK S 128 -53.45 64.83 -17.29
N UNK S 129 -54.24 65.47 -18.12
CA UNK S 129 -55.25 66.38 -17.64
C UNK S 129 -56.61 65.78 -17.90
N UNK S 130 -57.53 66.02 -16.97
CA UNK S 130 -58.90 65.69 -17.21
C UNK S 130 -59.57 66.77 -18.06
N UNK S 131 -60.75 66.44 -18.60
CA UNK S 131 -61.77 67.29 -19.19
C UNK S 131 -61.33 68.07 -20.43
N UNK S 132 -60.77 67.42 -21.45
CA UNK S 132 -60.61 68.05 -22.76
C UNK S 132 -61.38 67.23 -23.79
N UNK S 133 -62.43 66.55 -23.30
CA UNK S 133 -63.62 66.11 -24.02
C UNK S 133 -63.43 65.16 -25.21
N UNK S 134 -62.36 64.35 -25.18
CA UNK S 134 -62.18 63.27 -26.13
C UNK S 134 -61.35 62.17 -25.47
N UNK S 135 -62.01 61.06 -25.11
CA UNK S 135 -61.39 59.96 -24.38
C UNK S 135 -60.44 59.21 -25.30
N UNK S 136 -59.17 59.63 -25.27
CA UNK S 136 -58.17 59.26 -26.27
C UNK S 136 -57.42 58.02 -25.80
N UNK S 137 -57.85 56.85 -26.29
CA UNK S 137 -57.35 55.56 -25.84
C UNK S 137 -56.00 55.15 -26.45
N UNK S 138 -55.37 56.01 -27.24
CA UNK S 138 -54.11 55.68 -27.93
C UNK S 138 -53.33 56.95 -28.18
N UNK S 139 -52.04 56.82 -28.47
CA UNK S 139 -51.17 57.95 -28.73
C UNK S 139 -50.01 57.55 -29.64
N UNK S 140 -49.73 58.36 -30.64
CA UNK S 140 -48.71 58.06 -31.65
C UNK S 140 -47.79 59.25 -31.84
N UNK S 141 -46.59 58.98 -32.38
CA UNK S 141 -45.47 59.90 -32.36
C UNK S 141 -45.37 60.65 -33.69
N UNK S 142 -45.24 61.97 -33.62
CA UNK S 142 -44.89 62.79 -34.77
C UNK S 142 -43.82 63.77 -34.31
N UNK S 143 -42.57 63.48 -34.66
CA UNK S 143 -41.42 64.10 -34.03
C UNK S 143 -40.99 65.36 -34.77
N UNK S 144 -39.90 65.93 -34.27
CA UNK S 144 -39.27 67.08 -34.89
C UNK S 144 -37.91 66.69 -35.44
N UNK T 1 -78.78 74.22 15.81
CA UNK T 1 -79.45 74.29 14.53
C UNK T 1 -78.47 74.73 13.44
N UNK T 2 -78.29 76.04 13.34
CA UNK T 2 -77.26 76.60 12.46
C UNK T 2 -75.87 76.31 12.97
N UNK T 3 -75.71 76.18 14.30
CA UNK T 3 -74.46 75.70 14.88
C UNK T 3 -74.19 74.25 14.54
N UNK T 4 -75.26 73.44 14.42
CA UNK T 4 -75.10 72.04 14.03
C UNK T 4 -74.76 71.91 12.55
N UNK T 5 -75.33 72.80 11.72
CA UNK T 5 -74.94 72.84 10.31
C UNK T 5 -73.53 73.37 10.13
N UNK T 6 -73.10 74.28 11.01
CA UNK T 6 -71.73 74.77 11.00
C UNK T 6 -70.75 73.70 11.48
N UNK T 7 -71.18 72.84 12.40
CA UNK T 7 -70.33 71.74 12.86
C UNK T 7 -70.22 70.63 11.81
N UNK T 8 -71.31 70.38 11.06
CA UNK T 8 -71.25 69.45 9.94
C UNK T 8 -70.38 69.98 8.81
N UNK T 9 -70.47 71.30 8.56
CA UNK T 9 -69.59 71.96 7.60
C UNK T 9 -68.15 72.00 8.09
N UNK T 10 -67.93 72.04 9.40
CA UNK T 10 -66.59 72.02 9.97
C UNK T 10 -65.95 70.66 9.86
N UNK T 11 -66.72 69.59 10.04
CA UNK T 11 -66.19 68.24 9.89
C UNK T 11 -65.90 67.92 8.43
N UNK T 12 -66.78 68.39 7.52
CA UNK T 12 -66.55 68.22 6.09
C UNK T 12 -65.40 69.10 5.59
N UNK T 13 -65.22 70.26 6.19
CA UNK T 13 -64.11 71.12 5.84
C UNK T 13 -62.79 70.62 6.42
N UNK T 14 -62.85 69.92 7.55
CA UNK T 14 -61.65 69.28 8.08
C UNK T 14 -61.20 68.11 7.23
N UNK T 15 -62.17 67.36 6.69
CA UNK T 15 -61.86 66.30 5.73
C UNK T 15 -61.36 66.87 4.40
N UNK T 16 -61.93 68.01 3.98
CA UNK T 16 -61.50 68.67 2.74
C UNK T 16 -60.13 69.32 2.89
N UNK T 17 -59.82 69.82 4.08
CA UNK T 17 -58.50 70.43 4.30
C UNK T 17 -57.43 69.37 4.45
N UNK T 18 -57.78 68.22 5.04
CA UNK T 18 -56.83 67.11 5.10
C UNK T 18 -56.60 66.51 3.73
N UNK T 19 -57.64 66.47 2.89
CA UNK T 19 -57.46 66.02 1.51
C UNK T 19 -56.71 67.04 0.67
N UNK T 20 -56.88 68.33 0.94
CA UNK T 20 -56.12 69.36 0.23
C UNK T 20 -54.68 69.44 0.69
N UNK T 21 -54.38 69.02 1.91
CA UNK T 21 -53.00 68.96 2.37
C UNK T 21 -52.32 67.65 1.99
N UNK T 22 -53.09 66.59 1.76
CA UNK T 22 -52.51 65.31 1.37
C UNK T 22 -52.06 65.33 -0.09
N UNK T 23 -50.84 64.86 -0.31
CA UNK T 23 -50.27 64.77 -1.65
C UNK T 23 -49.26 63.64 -1.66
N UNK T 24 -49.45 62.67 -2.55
CA UNK T 24 -48.51 61.58 -2.68
C UNK T 24 -47.26 62.06 -3.42
N UNK T 25 -46.16 61.34 -3.22
CA UNK T 25 -44.88 61.77 -3.75
C UNK T 25 -44.69 61.27 -5.18
N UNK T 26 -43.50 61.50 -5.72
CA UNK T 26 -43.19 61.06 -7.07
C UNK T 26 -42.86 59.57 -7.10
N UNK T 27 -42.84 59.01 -8.30
CA UNK T 27 -42.36 57.65 -8.52
C UNK T 27 -41.65 57.62 -9.86
N UNK T 28 -40.48 57.00 -9.91
CA UNK T 28 -39.72 56.89 -11.15
C UNK T 28 -39.81 55.43 -11.60
N UNK T 29 -40.90 55.10 -12.30
CA UNK T 29 -41.07 53.76 -12.85
C UNK T 29 -40.16 53.60 -14.05
N UNK T 30 -39.04 52.93 -13.84
CA UNK T 30 -38.05 52.69 -14.89
C UNK T 30 -38.61 51.64 -15.84
N UNK T 31 -39.09 52.10 -16.99
CA UNK T 31 -39.67 51.23 -18.00
C UNK T 31 -38.58 50.86 -19.01
N UNK T 32 -37.54 50.20 -18.52
CA UNK T 32 -36.35 49.98 -19.33
C UNK T 32 -35.86 48.54 -19.16
N UNK U 1 -115.12 1.02 17.19
CA UNK U 1 -113.80 0.52 17.59
C UNK U 1 -112.93 0.32 16.35
N UNK U 2 -113.40 -0.54 15.46
CA UNK U 2 -112.72 -0.72 14.18
C UNK U 2 -112.96 0.47 13.25
N UNK U 3 -114.08 1.17 13.43
CA UNK U 3 -114.28 2.45 12.75
C UNK U 3 -113.35 3.52 13.33
N UNK U 4 -113.01 3.42 14.62
CA UNK U 4 -112.01 4.32 15.19
C UNK U 4 -110.60 3.95 14.73
N UNK U 5 -110.38 2.66 14.46
CA UNK U 5 -109.11 2.23 13.87
C UNK U 5 -108.99 2.66 12.42
N UNK U 6 -110.12 2.68 11.70
CA UNK U 6 -110.14 3.23 10.34
C UNK U 6 -110.06 4.74 10.36
N UNK U 7 -110.51 5.38 11.45
CA UNK U 7 -110.29 6.80 11.64
C UNK U 7 -108.83 7.10 11.94
N UNK U 8 -108.16 6.19 12.65
CA UNK U 8 -106.72 6.29 12.87
C UNK U 8 -105.94 6.07 11.58
N UNK U 9 -106.43 5.14 10.74
CA UNK U 9 -105.85 4.93 9.43
C UNK U 9 -106.14 6.08 8.48
N UNK U 10 -107.30 6.72 8.62
CA UNK U 10 -107.64 7.88 7.80
C UNK U 10 -106.88 9.11 8.26
N UNK U 11 -106.59 9.22 9.56
CA UNK U 11 -105.75 10.29 10.06
C UNK U 11 -104.29 10.06 9.69
N UNK U 12 -103.87 8.80 9.60
CA UNK U 12 -102.56 8.47 9.09
C UNK U 12 -102.46 8.73 7.59
N UNK U 13 -103.55 8.50 6.85
CA UNK U 13 -103.55 8.76 5.41
C UNK U 13 -103.96 10.18 5.10
N UNK U 14 -104.25 10.99 6.12
CA UNK U 14 -104.34 12.43 5.96
C UNK U 14 -103.14 13.15 6.55
N UNK U 15 -102.30 12.44 7.31
CA UNK U 15 -101.18 13.08 8.00
C UNK U 15 -99.83 12.66 7.44
N UNK U 16 -99.58 11.35 7.37
CA UNK U 16 -98.35 10.85 6.74
C UNK U 16 -98.44 11.03 5.23
N UNK U 17 -99.56 10.62 4.64
CA UNK U 17 -99.94 11.09 3.32
C UNK U 17 -100.68 12.41 3.53
N UNK U 18 -99.90 13.50 3.61
CA UNK U 18 -100.38 14.76 4.18
C UNK U 18 -101.34 15.50 3.24
N UNK U 19 -100.92 15.73 2.01
CA UNK U 19 -101.69 16.61 1.13
C UNK U 19 -102.64 15.82 0.24
N UNK U 20 -103.38 16.56 -0.57
CA UNK U 20 -104.22 15.95 -1.58
C UNK U 20 -103.39 15.58 -2.80
N UNK U 21 -103.86 14.54 -3.50
CA UNK U 21 -103.10 13.95 -4.59
C UNK U 21 -103.08 14.81 -5.83
N UNK U 22 -104.22 15.40 -6.21
CA UNK U 22 -104.23 16.32 -7.34
C UNK U 22 -103.60 17.66 -6.98
N UNK U 23 -103.66 18.03 -5.69
CA UNK U 23 -102.96 19.23 -5.22
C UNK U 23 -101.46 19.07 -5.23
N UNK U 24 -100.95 17.83 -5.06
CA UNK U 24 -99.53 17.56 -5.20
C UNK U 24 -99.06 17.72 -6.65
N UNK U 25 -99.88 17.27 -7.60
CA UNK U 25 -99.60 17.48 -9.01
C UNK U 25 -99.75 18.95 -9.42
N UNK U 26 -100.67 19.66 -8.79
CA UNK U 26 -100.85 21.08 -9.04
C UNK U 26 -99.70 21.90 -8.46
N UNK U 27 -99.16 21.45 -7.33
CA UNK U 27 -97.98 22.10 -6.76
C UNK U 27 -96.72 21.79 -7.56
N UNK U 28 -96.67 20.61 -8.18
CA UNK U 28 -95.59 20.30 -9.10
C UNK U 28 -95.66 21.13 -10.39
N UNK U 29 -96.88 21.35 -10.90
CA UNK U 29 -97.05 22.20 -12.07
C UNK U 29 -96.82 23.67 -11.75
N UNK U 30 -97.15 24.07 -10.51
CA UNK U 30 -96.87 25.42 -10.06
C UNK U 30 -95.37 25.64 -9.84
N UNK U 31 -94.67 24.59 -9.41
CA UNK U 31 -93.22 24.66 -9.26
C UNK U 31 -92.53 24.69 -10.61
N UNK U 32 -93.11 23.98 -11.60
CA UNK U 32 -92.57 24.01 -12.96
C UNK U 32 -92.82 25.34 -13.65
N UNK U 33 -94.00 25.93 -13.44
CA UNK U 33 -94.28 27.26 -13.96
C UNK U 33 -93.50 28.33 -13.22
N UNK U 34 -93.22 28.11 -11.93
CA UNK U 34 -92.38 29.00 -11.16
C UNK U 34 -90.92 28.91 -11.59
N UNK U 35 -90.48 27.74 -12.01
CA UNK U 35 -89.12 27.60 -12.56
C UNK U 35 -89.01 28.21 -13.94
N UNK U 36 -90.07 28.10 -14.75
CA UNK U 36 -90.12 28.77 -16.05
C UNK U 36 -90.17 30.28 -15.91
N UNK U 37 -90.86 30.77 -14.88
CA UNK U 37 -90.86 32.20 -14.61
C UNK U 37 -89.55 32.65 -13.99
N UNK U 38 -88.89 31.76 -13.24
CA UNK U 38 -87.65 32.09 -12.56
C UNK U 38 -86.46 32.15 -13.50
N UNK U 39 -86.46 31.32 -14.55
CA UNK U 39 -85.37 31.39 -15.52
C UNK U 39 -85.81 32.05 -16.81
N UNK U 40 -87.08 32.47 -16.90
CA UNK U 40 -87.50 33.32 -17.99
C UNK U 40 -87.12 34.77 -17.70
N UNK U 41 -86.57 35.43 -18.70
CA UNK U 41 -86.19 36.81 -18.56
C UNK U 41 -87.37 37.72 -18.91
N UNK U 42 -87.08 39.01 -19.01
CA UNK U 42 -87.91 39.85 -19.86
C UNK U 42 -87.75 39.36 -21.30
N UNK U 43 -88.90 39.38 -22.02
CA UNK U 43 -89.26 38.43 -23.08
C UNK U 43 -88.29 38.22 -24.24
N UNK U 44 -87.45 39.22 -24.53
CA UNK U 44 -86.49 39.17 -25.62
C UNK U 44 -85.33 38.26 -25.26
N UNK U 45 -85.52 36.96 -25.49
CA UNK U 45 -84.43 35.99 -25.47
C UNK U 45 -83.56 36.28 -26.68
N UNK U 46 -82.36 36.79 -26.43
CA UNK U 46 -81.47 37.36 -27.44
C UNK U 46 -80.88 36.26 -28.30
N UNK U 47 -81.23 36.27 -29.59
CA UNK U 47 -80.83 35.23 -30.53
C UNK U 47 -79.35 35.37 -30.89
N UNK U 48 -78.80 34.29 -31.45
CA UNK U 48 -77.36 34.18 -31.61
C UNK U 48 -76.91 34.71 -32.96
N UNK U 49 -75.61 34.96 -33.06
CA UNK U 49 -75.02 35.55 -34.26
C UNK U 49 -73.55 35.20 -34.33
N UNK U 50 -72.92 35.61 -35.42
CA UNK U 50 -71.50 35.53 -35.68
C UNK U 50 -71.13 36.59 -36.72
N UNK U 51 -69.94 37.16 -36.59
CA UNK U 51 -69.59 38.30 -37.44
C UNK U 51 -68.09 38.42 -37.62
N UNK U 52 -67.68 39.57 -38.16
CA UNK U 52 -66.28 39.92 -38.31
C UNK U 52 -66.14 41.43 -38.24
N UNK U 53 -64.90 41.90 -38.08
CA UNK U 53 -64.63 43.33 -37.93
C UNK U 53 -63.21 43.62 -38.36
N UNK U 54 -62.98 44.86 -38.78
CA UNK U 54 -61.69 45.25 -39.34
C UNK U 54 -60.97 46.22 -38.41
N UNK U 55 -59.66 46.02 -38.32
CA UNK U 55 -58.82 46.74 -37.38
C UNK U 55 -58.26 48.01 -38.01
N UNK U 56 -58.09 49.03 -37.17
CA UNK U 56 -57.29 50.20 -37.47
C UNK U 56 -56.67 50.69 -36.16
N UNK U 57 -55.46 51.23 -36.23
CA UNK U 57 -54.77 51.61 -35.01
C UNK U 57 -53.96 52.91 -35.09
N UNK U 58 -53.97 53.63 -36.22
CA UNK U 58 -53.22 54.88 -36.31
C UNK U 58 -53.89 55.98 -35.49
N UNK U 59 -55.17 56.25 -35.77
CA UNK U 59 -56.01 57.06 -34.90
C UNK U 59 -57.44 56.56 -35.12
N UNK U 60 -57.92 55.65 -34.28
CA UNK U 60 -59.14 54.95 -34.61
C UNK U 60 -60.04 54.87 -33.38
N UNK U 61 -61.33 54.73 -33.66
CA UNK U 61 -62.30 54.35 -32.64
C UNK U 61 -62.52 52.83 -32.67
N UNK U 62 -63.00 52.29 -31.55
CA UNK U 62 -62.94 50.85 -31.33
C UNK U 62 -64.05 50.10 -32.06
N UNK U 63 -63.99 48.76 -31.97
CA UNK U 63 -64.96 47.89 -32.63
C UNK U 63 -65.70 47.04 -31.59
N UNK U 64 -66.94 46.68 -31.91
CA UNK U 64 -67.86 46.13 -30.93
C UNK U 64 -67.61 44.64 -30.74
N UNK U 65 -68.07 44.12 -29.60
CA UNK U 65 -68.14 42.71 -29.31
C UNK U 65 -69.29 42.50 -28.34
N UNK U 66 -70.45 42.12 -28.86
CA UNK U 66 -71.67 41.97 -28.08
C UNK U 66 -71.55 40.65 -27.30
N UNK U 67 -72.06 40.66 -26.08
CA UNK U 67 -72.10 39.45 -25.25
C UNK U 67 -73.34 39.46 -24.38
N UNK U 68 -73.51 38.40 -23.59
CA UNK U 68 -74.66 38.25 -22.71
C UNK U 68 -74.24 37.42 -21.51
N UNK U 69 -75.22 36.92 -20.74
CA UNK U 69 -74.91 36.06 -19.61
C UNK U 69 -74.69 34.61 -20.00
N UNK U 70 -74.92 34.25 -21.26
CA UNK U 70 -74.49 32.97 -21.82
C UNK U 70 -73.05 33.09 -22.31
N UNK U 71 -72.54 31.99 -22.85
CA UNK U 71 -71.15 32.00 -23.27
C UNK U 71 -71.02 32.58 -24.67
N UNK U 72 -69.77 32.80 -25.07
CA UNK U 72 -69.41 33.40 -26.35
C UNK U 72 -67.98 33.02 -26.64
N UNK U 73 -67.55 33.28 -27.87
CA UNK U 73 -66.20 32.93 -28.29
C UNK U 73 -65.72 33.90 -29.35
N UNK U 74 -64.42 33.97 -29.52
CA UNK U 74 -63.80 34.85 -30.50
C UNK U 74 -62.59 34.13 -31.06
N UNK U 75 -62.55 33.98 -32.38
CA UNK U 75 -61.46 33.26 -33.04
C UNK U 75 -60.87 34.17 -34.10
N UNK U 76 -59.57 34.43 -34.00
CA UNK U 76 -58.97 35.48 -34.80
C UNK U 76 -58.23 34.92 -36.02
N UNK U 77 -57.73 35.83 -36.85
CA UNK U 77 -56.97 35.49 -38.04
C UNK U 77 -55.49 35.31 -37.71
N UNK U 78 -54.66 35.41 -38.75
CA UNK U 78 -53.23 35.05 -38.80
C UNK U 78 -52.30 35.77 -37.82
N UNK U 79 -52.71 36.91 -37.29
CA UNK U 79 -51.95 37.55 -36.23
C UNK U 79 -52.15 36.82 -34.91
N UNK U 80 -51.08 36.72 -34.13
CA UNK U 80 -51.11 36.06 -32.83
C UNK U 80 -51.68 36.99 -31.77
N UNK U 81 -52.93 36.76 -31.41
CA UNK U 81 -53.61 37.61 -30.44
C UNK U 81 -53.17 37.27 -29.02
N UNK U 82 -52.40 38.19 -28.42
CA UNK U 82 -51.74 37.98 -27.13
C UNK U 82 -52.57 38.32 -25.91
N UNK U 83 -52.99 39.58 -25.73
CA UNK U 83 -53.25 40.04 -24.36
C UNK U 83 -54.46 40.97 -24.26
N UNK U 84 -54.69 41.55 -23.07
CA UNK U 84 -55.78 42.48 -22.82
C UNK U 84 -55.41 43.56 -21.80
N UNK U 85 -55.45 44.83 -22.24
CA UNK U 85 -55.27 45.99 -21.35
C UNK U 85 -56.60 46.73 -21.25
N UNK U 86 -57.17 46.78 -20.05
CA UNK U 86 -58.59 47.12 -19.91
C UNK U 86 -58.94 47.62 -18.52
N UNK U 87 -60.25 47.66 -18.24
CA UNK U 87 -60.76 47.66 -16.88
C UNK U 87 -60.99 46.20 -16.54
N UNK U 88 -60.82 45.84 -15.27
CA UNK U 88 -60.65 44.45 -14.90
C UNK U 88 -61.96 43.79 -14.45
N UNK U 89 -62.01 42.46 -14.62
CA UNK U 89 -62.83 41.51 -13.85
C UNK U 89 -64.33 41.66 -14.08
N UNK U 90 -64.73 42.06 -15.28
CA UNK U 90 -66.15 42.10 -15.62
C UNK U 90 -66.69 40.85 -16.30
N UNK U 91 -65.84 39.90 -16.67
CA UNK U 91 -66.26 38.74 -17.47
C UNK U 91 -65.25 37.63 -17.27
N UNK U 92 -65.71 36.38 -17.25
CA UNK U 92 -64.83 35.23 -17.17
C UNK U 92 -64.43 34.81 -18.58
N UNK U 93 -63.15 34.92 -18.90
CA UNK U 93 -62.63 34.58 -20.21
C UNK U 93 -61.62 33.45 -20.05
N UNK U 94 -61.91 32.30 -20.64
CA UNK U 94 -61.04 31.14 -20.58
C UNK U 94 -60.48 30.84 -21.96
N UNK U 95 -59.15 30.84 -22.05
CA UNK U 95 -58.28 30.14 -23.00
C UNK U 95 -56.85 30.27 -22.51
N UNK U 96 -55.91 29.93 -23.38
CA UNK U 96 -54.54 30.42 -23.33
C UNK U 96 -54.44 31.71 -24.15
N UNK U 97 -53.25 32.14 -24.52
CA UNK U 97 -53.14 33.31 -25.41
C UNK U 97 -53.09 32.93 -26.89
N UNK U 98 -54.05 32.12 -27.35
CA UNK U 98 -54.11 31.54 -28.68
C UNK U 98 -54.75 32.50 -29.67
N UNK U 99 -55.11 32.00 -30.85
CA UNK U 99 -55.91 32.75 -31.81
C UNK U 99 -57.40 32.43 -31.69
N UNK U 100 -57.82 31.84 -30.56
CA UNK U 100 -59.23 31.53 -30.29
C UNK U 100 -59.42 31.47 -28.79
N UNK U 101 -60.55 31.99 -28.30
CA UNK U 101 -60.83 32.11 -26.87
C UNK U 101 -62.33 32.09 -26.62
N UNK U 102 -62.75 31.85 -25.37
CA UNK U 102 -64.17 31.82 -25.06
C UNK U 102 -64.44 32.59 -23.77
N UNK U 103 -65.41 33.49 -23.80
CA UNK U 103 -65.72 34.35 -22.66
C UNK U 103 -67.21 34.35 -22.36
N UNK U 104 -67.56 34.75 -21.13
CA UNK U 104 -68.95 34.89 -20.71
C UNK U 104 -68.99 35.96 -19.64
N UNK U 105 -70.00 36.82 -19.67
CA UNK U 105 -69.98 38.04 -18.86
C UNK U 105 -70.37 37.74 -17.42
N UNK U 106 -69.68 38.40 -16.47
CA UNK U 106 -69.96 38.17 -15.06
C UNK U 106 -71.22 38.89 -14.63
N UNK U 107 -71.29 40.20 -14.89
CA UNK U 107 -72.41 41.00 -14.42
C UNK U 107 -73.58 40.95 -15.39
N UNK U 108 -74.58 41.78 -15.13
CA UNK U 108 -75.78 41.74 -15.95
C UNK U 108 -75.73 42.74 -17.09
N UNK U 109 -75.18 43.92 -16.86
CA UNK U 109 -75.17 44.97 -17.88
C UNK U 109 -73.98 45.88 -17.63
N UNK U 110 -72.94 45.75 -18.45
CA UNK U 110 -71.76 46.59 -18.38
C UNK U 110 -71.06 46.60 -19.72
N UNK U 111 -70.02 47.41 -19.82
CA UNK U 111 -69.12 47.36 -20.96
C UNK U 111 -67.73 46.93 -20.49
N UNK U 112 -66.87 46.64 -21.46
CA UNK U 112 -65.46 46.40 -21.16
C UNK U 112 -64.62 46.98 -22.27
N UNK U 113 -63.74 47.91 -21.89
CA UNK U 113 -62.91 48.67 -22.82
C UNK U 113 -61.59 47.92 -23.00
N UNK U 114 -61.62 46.83 -23.77
CA UNK U 114 -60.43 46.02 -23.89
C UNK U 114 -59.56 46.48 -25.04
N UNK U 115 -58.25 46.47 -24.81
CA UNK U 115 -57.29 46.49 -25.90
C UNK U 115 -56.74 45.08 -25.99
N UNK U 116 -57.13 44.38 -27.05
CA UNK U 116 -56.73 43.00 -27.28
C UNK U 116 -55.45 43.01 -28.10
N UNK U 117 -54.33 42.77 -27.43
CA UNK U 117 -53.01 42.86 -28.03
C UNK U 117 -52.80 41.69 -28.97
N UNK U 118 -52.59 42.02 -30.24
CA UNK U 118 -52.27 41.08 -31.30
C UNK U 118 -50.75 41.04 -31.49
N UNK U 119 -50.28 40.44 -32.58
CA UNK U 119 -48.85 40.31 -32.84
C UNK U 119 -48.28 41.52 -33.55
N UNK U 120 -48.32 42.68 -32.88
CA UNK U 120 -47.91 43.94 -33.48
C UNK U 120 -47.52 44.95 -32.41
N UNK U 121 -46.97 46.10 -32.84
CA UNK U 121 -46.90 47.30 -32.02
C UNK U 121 -48.09 48.21 -32.27
N UNK U 122 -49.06 47.71 -33.06
CA UNK U 122 -50.37 48.30 -33.29
C UNK U 122 -51.38 47.25 -32.84
N UNK U 123 -51.70 47.27 -31.55
CA UNK U 123 -52.51 46.24 -30.93
C UNK U 123 -53.98 46.37 -31.32
N UNK U 124 -54.72 45.26 -31.24
CA UNK U 124 -56.13 45.28 -31.50
C UNK U 124 -56.92 45.78 -30.29
N UNK U 125 -58.22 45.86 -30.45
CA UNK U 125 -59.10 46.19 -29.34
C UNK U 125 -60.36 45.34 -29.40
N UNK U 126 -61.20 45.51 -28.39
CA UNK U 126 -62.54 44.95 -28.34
C UNK U 126 -63.39 45.80 -27.41
N UNK U 127 -64.65 45.98 -27.77
CA UNK U 127 -65.61 46.65 -26.90
C UNK U 127 -66.56 45.57 -26.45
N UNK U 128 -66.20 44.88 -25.36
CA UNK U 128 -66.97 43.74 -24.88
C UNK U 128 -68.17 44.28 -24.13
N UNK U 129 -69.24 44.55 -24.86
CA UNK U 129 -70.44 45.13 -24.27
C UNK U 129 -71.44 44.03 -24.01
N UNK U 130 -71.82 43.87 -22.75
CA UNK U 130 -72.77 42.84 -22.43
C UNK U 130 -74.19 43.31 -22.71
N UNK U 131 -75.07 42.33 -22.92
CA UNK U 131 -76.53 42.39 -22.84
C UNK U 131 -77.20 43.31 -23.85
N UNK U 132 -76.59 43.57 -25.01
CA UNK U 132 -77.19 44.47 -26.00
C UNK U 132 -77.95 43.67 -27.07
N UNK U 133 -78.87 42.81 -26.58
CA UNK U 133 -79.93 42.11 -27.31
C UNK U 133 -79.51 41.20 -28.48
N UNK U 134 -78.24 40.81 -28.53
CA UNK U 134 -77.76 39.92 -29.58
C UNK U 134 -76.64 39.03 -29.05
N UNK U 135 -76.93 37.75 -28.84
CA UNK U 135 -75.94 36.83 -28.32
C UNK U 135 -75.00 36.41 -29.43
N UNK U 136 -73.83 37.02 -29.49
CA UNK U 136 -72.88 36.76 -30.56
C UNK U 136 -71.91 35.70 -30.08
N UNK U 137 -71.96 34.52 -30.70
CA UNK U 137 -71.11 33.43 -30.26
C UNK U 137 -69.76 33.39 -30.96
N UNK U 138 -69.58 34.11 -32.07
CA UNK U 138 -68.34 34.01 -32.83
C UNK U 138 -68.08 35.30 -33.59
N UNK U 139 -66.81 35.63 -33.78
CA UNK U 139 -66.39 36.80 -34.55
C UNK U 139 -65.01 36.56 -35.15
N UNK U 140 -64.67 37.34 -36.17
CA UNK U 140 -63.41 37.20 -36.90
C UNK U 140 -62.77 38.57 -37.07
N UNK U 141 -61.45 38.58 -37.30
CA UNK U 141 -60.65 39.79 -37.25
C UNK U 141 -59.97 40.03 -38.59
N UNK U 142 -60.56 40.90 -39.40
CA UNK U 142 -59.86 41.47 -40.55
C UNK U 142 -58.79 42.41 -40.02
N UNK U 143 -57.55 42.18 -40.45
CA UNK U 143 -56.39 42.85 -39.88
C UNK U 143 -56.27 44.29 -40.40
N UNK U 144 -55.41 45.05 -39.76
CA UNK U 144 -55.10 46.41 -40.18
C UNK U 144 -53.95 46.39 -41.17
N UNK V 1 -92.54 61.79 8.19
CA UNK V 1 -91.95 60.86 7.24
C UNK V 1 -91.00 61.59 6.31
N UNK V 2 -91.02 62.92 6.38
CA UNK V 2 -90.12 63.74 5.57
C UNK V 2 -88.69 63.65 6.06
N UNK V 3 -88.49 63.69 7.39
CA UNK V 3 -87.16 63.56 7.96
C UNK V 3 -86.63 62.14 7.85
N UNK V 4 -87.52 61.16 7.93
CA UNK V 4 -87.10 59.76 7.79
C UNK V 4 -86.79 59.42 6.34
N UNK V 5 -87.54 60.00 5.40
CA UNK V 5 -87.24 59.83 3.98
C UNK V 5 -85.99 60.60 3.57
N UNK V 6 -85.72 61.73 4.26
CA UNK V 6 -84.49 62.47 4.01
C UNK V 6 -83.27 61.73 4.56
N UNK V 7 -83.43 61.07 5.71
CA UNK V 7 -82.34 60.26 6.26
C UNK V 7 -82.11 59.00 5.45
N UNK V 8 -83.17 58.40 4.92
CA UNK V 8 -83.04 57.23 4.05
C UNK V 8 -82.43 57.59 2.70
N UNK V 9 -82.80 58.75 2.15
CA UNK V 9 -82.18 59.24 0.94
C UNK V 9 -80.74 59.68 1.16
N UNK V 10 -80.40 60.14 2.37
CA UNK V 10 -79.03 60.50 2.70
C UNK V 10 -78.15 59.27 2.86
N UNK V 11 -78.67 58.20 3.43
CA UNK V 11 -77.91 56.96 3.57
C UNK V 11 -77.75 56.26 2.22
N UNK V 12 -78.80 56.30 1.39
CA UNK V 12 -78.72 55.74 0.03
C UNK V 12 -77.81 56.56 -0.87
N UNK V 13 -77.76 57.87 -0.67
CA UNK V 13 -76.85 58.70 -1.46
C UNK V 13 -75.41 58.59 -0.97
N UNK V 14 -75.22 58.28 0.32
CA UNK V 14 -73.88 58.01 0.84
C UNK V 14 -73.33 56.71 0.31
N UNK V 15 -74.18 55.68 0.21
CA UNK V 15 -73.79 54.42 -0.41
C UNK V 15 -73.61 54.56 -1.92
N UNK V 16 -74.39 55.45 -2.54
CA UNK V 16 -74.27 55.70 -3.98
C UNK V 16 -73.00 56.49 -4.31
N UNK V 17 -72.62 57.43 -3.44
CA UNK V 17 -71.38 58.18 -3.64
C UNK V 17 -70.16 57.32 -3.33
N UNK V 18 -70.29 56.36 -2.41
CA UNK V 18 -69.21 55.41 -2.18
C UNK V 18 -69.06 54.43 -3.34
N UNK V 19 -70.19 54.02 -3.94
CA UNK V 19 -70.14 53.12 -5.10
C UNK V 19 -69.67 53.84 -6.35
N UNK V 20 -69.97 55.13 -6.47
CA UNK V 20 -69.42 55.94 -7.55
C UNK V 20 -67.97 56.33 -7.30
N UNK V 21 -67.52 56.33 -6.05
CA UNK V 21 -66.11 56.50 -5.72
C UNK V 21 -65.32 55.23 -5.93
N UNK V 22 -65.98 54.07 -5.93
CA UNK V 22 -65.34 52.83 -6.37
C UNK V 22 -65.06 52.89 -7.86
N UNK V 23 -63.77 52.97 -8.21
CA UNK V 23 -63.36 53.27 -9.57
C UNK V 23 -62.14 52.44 -9.95
N UNK V 24 -62.34 51.45 -10.81
CA UNK V 24 -61.22 50.64 -11.29
C UNK V 24 -60.62 51.25 -12.55
N UNK V 25 -59.29 51.28 -12.58
CA UNK V 25 -58.54 51.85 -13.70
C UNK V 25 -58.09 50.74 -14.66
N UNK V 26 -57.18 51.11 -15.56
CA UNK V 26 -56.63 50.17 -16.53
C UNK V 26 -55.62 49.22 -15.88
N UNK V 27 -55.66 47.98 -16.33
CA UNK V 27 -54.76 46.92 -15.92
C UNK V 27 -54.27 46.21 -17.17
N UNK V 28 -53.17 45.47 -17.06
CA UNK V 28 -52.50 44.84 -18.18
C UNK V 28 -52.37 43.33 -17.91
N UNK V 29 -53.32 42.55 -18.43
CA UNK V 29 -53.31 41.10 -18.23
C UNK V 29 -52.91 40.40 -19.53
N UNK V 30 -52.26 39.23 -19.38
CA UNK V 30 -51.72 38.48 -20.50
C UNK V 30 -51.66 37.01 -20.15
N UNK V 31 -51.32 36.17 -21.12
CA UNK V 31 -51.11 34.74 -20.92
C UNK V 31 -50.08 34.25 -21.91
N UNK V 32 -49.75 32.96 -21.85
CA UNK V 32 -48.83 32.33 -22.80
C UNK V 32 -49.18 30.87 -23.04
N UNK W 1 -110.75 -14.48 34.86
CA UNK W 1 -109.30 -14.56 35.02
C UNK W 1 -108.64 -14.79 33.68
N UNK W 2 -109.02 -15.90 33.05
CA UNK W 2 -108.54 -16.22 31.71
C UNK W 2 -109.13 -15.28 30.67
N UNK W 3 -110.33 -14.77 30.90
CA UNK W 3 -110.88 -13.73 30.04
C UNK W 3 -110.20 -12.39 30.27
N UNK W 4 -109.66 -12.15 31.47
CA UNK W 4 -108.90 -10.93 31.72
C UNK W 4 -107.52 -10.99 31.06
N UNK W 5 -106.92 -12.18 31.07
CA UNK W 5 -105.67 -12.38 30.33
C UNK W 5 -105.92 -12.40 28.82
N UNK W 6 -107.11 -12.81 28.39
CA UNK W 6 -107.47 -12.72 26.98
C UNK W 6 -107.78 -11.28 26.58
N UNK W 7 -108.23 -10.45 27.53
CA UNK W 7 -108.40 -9.04 27.27
C UNK W 7 -107.06 -8.32 27.19
N UNK W 8 -106.09 -8.77 28.00
CA UNK W 8 -104.71 -8.32 27.86
C UNK W 8 -104.10 -8.77 26.55
N UNK W 9 -104.44 -9.97 26.09
CA UNK W 9 -103.97 -10.47 24.80
C UNK W 9 -104.67 -9.78 23.63
N UNK W 10 -105.93 -9.38 23.79
CA UNK W 10 -106.61 -8.65 22.73
C UNK W 10 -106.16 -7.20 22.67
N UNK W 11 -105.78 -6.63 23.82
CA UNK W 11 -105.14 -5.32 23.85
C UNK W 11 -103.74 -5.38 23.26
N UNK W 12 -103.04 -6.51 23.46
CA UNK W 12 -101.76 -6.73 22.81
C UNK W 12 -101.92 -6.93 21.31
N UNK W 13 -103.01 -7.54 20.88
CA UNK W 13 -103.33 -7.67 19.47
C UNK W 13 -103.75 -6.34 18.84
N UNK W 14 -104.31 -5.43 19.64
CA UNK W 14 -104.59 -4.10 19.15
C UNK W 14 -103.38 -3.16 19.24
N UNK W 15 -102.36 -3.52 20.03
CA UNK W 15 -101.30 -2.56 20.33
C UNK W 15 -99.91 -2.96 19.83
N UNK W 16 -99.44 -4.18 20.08
CA UNK W 16 -98.06 -4.58 19.74
C UNK W 16 -97.92 -4.78 18.24
N UNK W 17 -98.93 -5.35 17.62
CA UNK W 17 -99.23 -5.06 16.23
C UNK W 17 -100.34 -4.02 16.29
N UNK W 18 -99.98 -2.76 16.07
CA UNK W 18 -100.92 -1.67 16.27
C UNK W 18 -101.92 -1.56 15.13
N UNK W 19 -101.43 -1.57 13.89
CA UNK W 19 -102.31 -1.45 12.75
C UNK W 19 -102.90 -2.80 12.38
N UNK W 20 -104.00 -2.75 11.63
CA UNK W 20 -104.47 -3.92 10.94
C UNK W 20 -103.51 -4.26 9.80
N UNK W 21 -103.45 -5.55 9.46
CA UNK W 21 -102.63 -5.99 8.34
C UNK W 21 -103.22 -5.57 7.00
N UNK W 22 -104.54 -5.42 6.91
CA UNK W 22 -105.16 -4.79 5.76
C UNK W 22 -104.85 -3.30 5.70
N UNK W 23 -104.76 -2.64 6.85
CA UNK W 23 -104.42 -1.23 6.93
C UNK W 23 -102.97 -0.97 6.56
N UNK W 24 -102.06 -1.90 6.85
CA UNK W 24 -100.66 -1.75 6.46
C UNK W 24 -100.49 -1.92 4.96
N UNK W 25 -101.30 -2.79 4.34
CA UNK W 25 -101.28 -2.95 2.90
C UNK W 25 -101.92 -1.77 2.19
N UNK W 26 -102.97 -1.18 2.79
CA UNK W 26 -103.56 0.03 2.22
C UNK W 26 -102.64 1.24 2.41
N UNK W 27 -101.82 1.23 3.47
CA UNK W 27 -100.77 2.22 3.64
C UNK W 27 -99.65 2.05 2.64
N UNK W 28 -99.32 0.81 2.27
CA UNK W 28 -98.36 0.56 1.21
C UNK W 28 -98.89 0.97 -0.16
N UNK W 29 -100.20 0.79 -0.39
CA UNK W 29 -100.82 1.25 -1.63
C UNK W 29 -100.91 2.77 -1.68
N UNK W 30 -101.11 3.42 -0.53
CA UNK W 30 -101.10 4.87 -0.44
C UNK W 30 -99.70 5.42 -0.62
N UNK W 31 -98.68 4.68 -0.14
CA UNK W 31 -97.29 5.07 -0.36
C UNK W 31 -96.89 4.85 -1.82
N UNK W 32 -97.49 3.86 -2.47
CA UNK W 32 -97.30 3.65 -3.90
C UNK W 32 -97.95 4.74 -4.74
N UNK W 33 -99.14 5.20 -4.34
CA UNK W 33 -99.79 6.32 -5.01
C UNK W 33 -99.06 7.63 -4.77
N UNK W 34 -98.48 7.80 -3.58
CA UNK W 34 -97.68 8.99 -3.28
C UNK W 34 -96.34 8.95 -3.99
N UNK W 35 -95.77 7.76 -4.19
CA UNK W 35 -94.53 7.66 -4.93
C UNK W 35 -94.74 7.83 -6.43
N UNK W 36 -95.91 7.40 -6.95
CA UNK W 36 -96.27 7.67 -8.33
C UNK W 36 -96.58 9.14 -8.55
N UNK W 37 -97.13 9.80 -7.53
CA UNK W 37 -97.33 11.25 -7.60
C UNK W 37 -96.01 12.00 -7.53
N UNK W 38 -95.08 11.54 -6.69
CA UNK W 38 -93.78 12.18 -6.56
C UNK W 38 -92.88 11.95 -7.76
N UNK W 39 -93.04 10.80 -8.44
CA UNK W 39 -92.30 10.57 -9.67
C UNK W 39 -93.03 11.18 -10.86
N UNK W 40 -94.31 11.51 -10.68
CA UNK W 40 -95.10 12.08 -11.76
C UNK W 40 -94.71 13.52 -12.04
N UNK W 41 -94.23 13.74 -13.25
CA UNK W 41 -93.86 15.07 -13.72
C UNK W 41 -95.05 15.75 -14.37
N UNK W 42 -94.75 16.78 -15.17
CA UNK W 42 -95.79 17.59 -15.81
C UNK W 42 -96.42 16.86 -17.01
N UNK W 43 -97.30 17.60 -17.70
CA UNK W 43 -98.31 17.03 -18.59
C UNK W 43 -97.76 16.42 -19.87
N UNK W 44 -97.04 17.21 -20.67
CA UNK W 44 -96.42 16.69 -21.87
C UNK W 44 -95.14 15.93 -21.50
N UNK W 45 -94.82 14.92 -22.27
CA UNK W 45 -93.50 14.29 -22.19
C UNK W 45 -92.77 14.64 -23.47
N UNK W 46 -91.72 15.46 -23.36
CA UNK W 46 -90.94 15.89 -24.52
C UNK W 46 -90.12 14.71 -25.01
N UNK W 47 -90.40 14.30 -26.24
CA UNK W 47 -89.97 13.04 -26.81
C UNK W 47 -88.48 13.06 -27.11
N UNK W 48 -87.80 12.00 -26.66
CA UNK W 48 -86.38 11.86 -26.94
C UNK W 48 -86.20 11.48 -28.40
N UNK W 49 -85.13 11.99 -28.98
CA UNK W 49 -84.95 11.90 -30.42
C UNK W 49 -83.47 11.95 -30.75
N UNK W 50 -83.16 11.65 -32.00
CA UNK W 50 -81.85 11.88 -32.57
C UNK W 50 -81.99 12.83 -33.73
N UNK W 51 -80.91 13.54 -34.01
CA UNK W 51 -80.95 14.57 -35.04
C UNK W 51 -79.57 14.70 -35.67
N UNK W 52 -79.50 15.50 -36.71
CA UNK W 52 -78.25 15.80 -37.36
C UNK W 52 -78.26 17.26 -37.79
N UNK W 53 -77.09 17.89 -37.74
CA UNK W 53 -76.95 19.28 -38.12
C UNK W 53 -75.52 19.50 -38.58
N UNK W 54 -75.37 20.11 -39.75
CA UNK W 54 -74.06 20.55 -40.15
C UNK W 54 -73.73 21.88 -39.48
N UNK W 55 -72.45 22.22 -39.50
CA UNK W 55 -71.99 23.46 -38.89
C UNK W 55 -71.46 24.38 -39.98
N UNK W 56 -71.89 25.63 -39.93
CA UNK W 56 -71.32 26.66 -40.77
C UNK W 56 -70.15 27.30 -40.04
N UNK W 57 -69.48 28.24 -40.69
CA UNK W 57 -68.35 28.90 -40.04
C UNK W 57 -68.40 30.42 -40.09
N UNK W 58 -69.00 31.04 -41.11
CA UNK W 58 -69.00 32.49 -41.20
C UNK W 58 -70.10 33.09 -40.34
N UNK W 59 -71.36 32.85 -40.72
CA UNK W 59 -72.52 33.29 -39.97
C UNK W 59 -73.67 32.35 -40.34
N UNK W 60 -74.33 31.82 -39.31
CA UNK W 60 -75.57 31.08 -39.46
C UNK W 60 -76.35 31.26 -38.17
N UNK W 61 -77.37 30.43 -37.99
CA UNK W 61 -77.88 30.19 -36.66
C UNK W 61 -76.87 29.31 -35.94
N UNK W 62 -76.75 29.51 -34.63
CA UNK W 62 -75.94 28.62 -33.81
C UNK W 62 -76.66 27.30 -33.65
N UNK W 63 -75.90 26.23 -33.48
CA UNK W 63 -76.45 24.87 -33.46
C UNK W 63 -77.18 24.61 -32.16
N UNK W 64 -78.50 24.53 -32.25
CA UNK W 64 -79.35 24.46 -31.07
C UNK W 64 -79.61 23.00 -30.71
N UNK W 65 -79.04 22.58 -29.58
CA UNK W 65 -79.26 21.25 -29.06
C UNK W 65 -80.32 21.32 -27.98
N UNK W 66 -81.44 20.63 -28.20
CA UNK W 66 -82.57 20.68 -27.30
C UNK W 66 -82.40 19.56 -26.27
N UNK W 67 -81.85 19.92 -25.12
CA UNK W 67 -81.57 18.95 -24.07
C UNK W 67 -82.73 18.91 -23.08
N UNK W 68 -82.50 18.22 -21.96
CA UNK W 68 -83.52 18.03 -20.94
C UNK W 68 -82.84 18.11 -19.58
N UNK W 69 -83.56 17.66 -18.53
CA UNK W 69 -83.10 17.81 -17.15
C UNK W 69 -81.93 16.89 -16.81
N UNK W 70 -81.89 15.70 -17.39
CA UNK W 70 -80.82 14.74 -17.14
C UNK W 70 -79.64 15.00 -18.07
N UNK W 71 -78.71 14.05 -18.09
CA UNK W 71 -77.59 14.12 -19.01
C UNK W 71 -77.99 13.65 -20.39
N UNK W 72 -77.30 14.16 -21.41
CA UNK W 72 -77.55 13.73 -22.78
C UNK W 72 -76.27 13.82 -23.59
N UNK W 73 -76.28 13.19 -24.75
CA UNK W 73 -75.09 12.94 -25.54
C UNK W 73 -75.17 13.61 -26.89
N UNK W 74 -74.17 14.43 -27.20
CA UNK W 74 -73.99 15.00 -28.51
C UNK W 74 -72.83 14.26 -29.17
N UNK W 75 -73.09 13.70 -30.34
CA UNK W 75 -72.09 12.94 -31.08
C UNK W 75 -71.50 13.87 -32.13
N UNK W 76 -70.32 14.40 -31.84
CA UNK W 76 -69.58 15.14 -32.87
C UNK W 76 -68.91 14.16 -33.82
N UNK W 77 -68.36 14.70 -34.91
CA UNK W 77 -67.64 13.89 -35.88
C UNK W 77 -66.27 13.48 -35.34
N UNK W 78 -65.54 12.68 -36.15
CA UNK W 78 -64.38 11.93 -35.65
C UNK W 78 -63.13 12.78 -35.42
N UNK W 79 -63.14 14.05 -35.82
CA UNK W 79 -62.20 15.04 -35.30
C UNK W 79 -62.39 15.20 -33.80
N UNK W 80 -61.27 15.10 -33.07
CA UNK W 80 -61.25 14.90 -31.62
C UNK W 80 -61.68 16.15 -30.87
N UNK W 81 -62.75 15.98 -30.09
CA UNK W 81 -63.24 17.05 -29.23
C UNK W 81 -62.29 17.24 -28.06
N UNK W 82 -61.44 18.25 -28.15
CA UNK W 82 -60.38 18.46 -27.18
C UNK W 82 -60.88 19.07 -25.87
N UNK W 83 -61.77 20.06 -25.92
CA UNK W 83 -62.18 20.72 -24.70
C UNK W 83 -63.64 21.13 -24.81
N UNK W 84 -64.37 20.98 -23.70
CA UNK W 84 -65.68 21.61 -23.58
C UNK W 84 -65.53 22.88 -22.75
N UNK W 85 -66.40 23.84 -23.01
CA UNK W 85 -66.47 25.05 -22.20
C UNK W 85 -67.95 25.35 -22.03
N UNK W 86 -68.43 25.31 -20.80
CA UNK W 86 -69.85 25.42 -20.52
C UNK W 86 -70.09 26.44 -19.42
N UNK W 87 -71.35 26.80 -19.26
CA UNK W 87 -71.80 27.61 -18.13
C UNK W 87 -71.76 26.70 -16.91
N UNK W 88 -70.92 27.06 -15.94
CA UNK W 88 -70.80 26.32 -14.69
C UNK W 88 -72.03 26.59 -13.83
N UNK W 89 -72.35 25.60 -12.96
CA UNK W 89 -73.60 25.44 -12.18
C UNK W 89 -74.85 25.37 -13.06
N UNK W 90 -74.68 24.91 -14.29
CA UNK W 90 -75.76 24.65 -15.23
C UNK W 90 -75.50 23.41 -16.07
N UNK W 91 -74.29 22.88 -16.06
CA UNK W 91 -73.91 21.71 -16.85
C UNK W 91 -72.68 21.08 -16.20
N UNK W 92 -72.47 19.80 -16.49
CA UNK W 92 -71.23 19.10 -16.16
C UNK W 92 -71.01 18.05 -17.24
N UNK W 93 -69.94 18.19 -18.01
CA UNK W 93 -69.74 17.39 -19.20
C UNK W 93 -69.04 16.10 -18.83
N UNK W 94 -69.76 14.99 -18.93
CA UNK W 94 -69.16 13.67 -18.94
C UNK W 94 -68.54 13.45 -20.31
N UNK W 95 -67.23 13.61 -20.39
CA UNK W 95 -66.48 13.36 -21.62
C UNK W 95 -65.05 13.02 -21.24
N UNK W 96 -64.48 12.12 -22.04
CA UNK W 96 -63.05 11.85 -22.04
C UNK W 96 -62.41 12.73 -23.10
N UNK W 97 -61.22 12.33 -23.56
CA UNK W 97 -60.58 12.99 -24.70
C UNK W 97 -61.03 12.42 -26.06
N UNK W 98 -62.20 11.79 -26.14
CA UNK W 98 -62.75 11.27 -27.38
C UNK W 98 -63.55 12.37 -28.09
N UNK W 99 -64.30 12.00 -29.13
CA UNK W 99 -64.92 12.98 -30.02
C UNK W 99 -66.44 12.93 -29.95
N UNK W 100 -67.00 12.63 -28.78
CA UNK W 100 -68.44 12.75 -28.51
C UNK W 100 -68.58 13.04 -27.03
N UNK W 101 -69.55 13.87 -26.65
CA UNK W 101 -69.68 14.34 -25.28
C UNK W 101 -71.05 13.96 -24.75
N UNK W 102 -71.21 13.97 -23.43
CA UNK W 102 -72.52 13.80 -22.81
C UNK W 102 -72.56 14.64 -21.54
N UNK W 103 -73.28 15.74 -21.58
CA UNK W 103 -73.26 16.69 -20.47
C UNK W 103 -74.54 16.59 -19.65
N UNK W 104 -74.44 17.00 -18.39
CA UNK W 104 -75.50 16.90 -17.40
C UNK W 104 -75.87 18.30 -16.97
N UNK W 105 -77.02 18.79 -17.44
CA UNK W 105 -77.49 20.13 -17.13
C UNK W 105 -78.05 20.14 -15.70
N UNK W 106 -77.60 21.10 -14.91
CA UNK W 106 -77.96 21.15 -13.50
C UNK W 106 -79.37 21.69 -13.29
N UNK W 107 -79.77 22.69 -14.06
CA UNK W 107 -81.02 23.39 -13.79
C UNK W 107 -82.21 22.64 -14.37
N UNK W 108 -83.37 23.28 -14.30
CA UNK W 108 -84.63 22.65 -14.72
C UNK W 108 -85.03 23.06 -16.13
N UNK W 109 -85.20 24.37 -16.36
CA UNK W 109 -85.56 24.86 -17.69
C UNK W 109 -84.86 26.20 -17.89
N UNK W 110 -83.64 26.15 -18.44
CA UNK W 110 -82.85 27.37 -18.62
C UNK W 110 -81.88 27.17 -19.78
N UNK W 111 -81.71 28.23 -20.57
CA UNK W 111 -80.85 28.17 -21.75
C UNK W 111 -79.38 28.19 -21.34
N UNK W 112 -78.53 27.67 -22.23
CA UNK W 112 -77.10 27.61 -21.98
C UNK W 112 -76.37 27.62 -23.31
N UNK W 113 -75.08 27.89 -23.25
CA UNK W 113 -74.25 27.97 -24.46
C UNK W 113 -73.01 27.10 -24.26
N UNK W 114 -73.11 25.84 -24.66
CA UNK W 114 -71.93 24.98 -24.63
C UNK W 114 -71.01 25.32 -25.78
N UNK W 115 -69.74 24.98 -25.63
CA UNK W 115 -68.76 25.24 -26.68
C UNK W 115 -67.79 24.08 -26.76
N UNK W 116 -67.63 23.52 -27.94
CA UNK W 116 -66.70 22.43 -28.16
C UNK W 116 -65.51 22.95 -28.94
N UNK W 117 -64.37 23.04 -28.28
CA UNK W 117 -63.09 23.16 -28.93
C UNK W 117 -62.70 21.78 -29.42
N UNK W 118 -63.01 21.49 -30.68
CA UNK W 118 -62.69 20.22 -31.31
C UNK W 118 -61.33 20.35 -31.98
N UNK W 119 -60.98 19.41 -32.86
CA UNK W 119 -59.73 19.49 -33.61
C UNK W 119 -59.84 20.41 -34.83
N UNK W 120 -60.01 21.72 -34.58
CA UNK W 120 -60.14 22.74 -35.60
C UNK W 120 -59.75 24.10 -35.01
N UNK W 121 -59.60 25.12 -35.85
CA UNK W 121 -59.25 26.44 -35.33
C UNK W 121 -60.49 27.30 -35.15
N UNK W 122 -61.65 26.79 -35.57
CA UNK W 122 -62.92 27.46 -35.35
C UNK W 122 -63.66 26.59 -34.34
N UNK W 123 -63.64 27.01 -33.09
CA UNK W 123 -64.30 26.26 -32.04
C UNK W 123 -65.81 26.42 -32.12
N UNK W 124 -66.51 25.29 -32.10
CA UNK W 124 -67.93 25.33 -32.34
C UNK W 124 -68.68 25.72 -31.08
N UNK W 125 -69.79 26.41 -31.27
CA UNK W 125 -70.69 26.69 -30.18
C UNK W 125 -71.98 25.91 -30.40
N UNK W 126 -72.76 25.78 -29.34
CA UNK W 126 -74.02 25.07 -29.40
C UNK W 126 -74.92 25.62 -28.31
N UNK W 127 -76.11 26.04 -28.71
CA UNK W 127 -77.11 26.55 -27.79
C UNK W 127 -77.80 25.36 -27.15
N UNK W 128 -77.36 25.01 -25.95
CA UNK W 128 -77.98 23.94 -25.18
C UNK W 128 -79.25 24.51 -24.56
N UNK W 129 -80.36 24.35 -25.24
CA UNK W 129 -81.63 24.82 -24.73
C UNK W 129 -82.30 23.70 -23.95
N UNK W 130 -82.51 23.95 -22.67
CA UNK W 130 -83.16 22.93 -21.86
C UNK W 130 -84.67 22.99 -22.05
N UNK W 131 -85.29 21.81 -21.98
CA UNK W 131 -86.71 21.55 -21.74
C UNK W 131 -87.67 22.08 -22.80
N UNK W 132 -87.19 22.39 -24.01
CA UNK W 132 -88.04 23.02 -25.02
C UNK W 132 -88.55 21.97 -26.00
N UNK W 133 -89.58 21.24 -25.55
CA UNK W 133 -90.52 20.41 -26.33
C UNK W 133 -89.96 19.22 -27.11
N UNK W 134 -88.67 18.93 -26.98
CA UNK W 134 -88.01 17.79 -27.60
C UNK W 134 -86.72 17.51 -26.81
N UNK W 135 -86.44 16.24 -26.53
CA UNK W 135 -85.24 15.88 -25.80
C UNK W 135 -84.33 15.11 -26.73
N UNK W 136 -83.36 15.80 -27.31
CA UNK W 136 -82.45 15.15 -28.25
C UNK W 136 -81.40 14.43 -27.43
N UNK W 137 -81.48 13.10 -27.42
CA UNK W 137 -80.49 12.31 -26.70
C UNK W 137 -79.32 11.94 -27.59
N UNK W 138 -79.42 12.21 -28.88
CA UNK W 138 -78.33 11.96 -29.82
C UNK W 138 -78.42 13.00 -30.92
N UNK W 139 -77.35 13.74 -31.13
CA UNK W 139 -77.29 14.73 -32.20
C UNK W 139 -75.96 14.59 -32.93
N UNK W 140 -76.00 14.78 -34.24
CA UNK W 140 -74.85 14.52 -35.10
C UNK W 140 -74.30 15.85 -35.59
N UNK W 141 -73.14 16.24 -35.07
CA UNK W 141 -72.49 17.48 -35.46
C UNK W 141 -71.64 17.20 -36.69
N UNK W 142 -72.25 17.39 -37.86
CA UNK W 142 -71.51 17.29 -39.12
C UNK W 142 -70.71 18.57 -39.27
N UNK W 143 -69.43 18.50 -38.93
CA UNK W 143 -68.56 19.66 -39.01
C UNK W 143 -68.19 19.93 -40.47
N UNK W 144 -67.85 21.18 -40.74
CA UNK W 144 -67.44 21.59 -42.07
C UNK W 144 -65.96 21.29 -42.31
N UNK X 1 -100.63 45.29 8.09
CA UNK X 1 -101.15 44.44 7.02
C UNK X 1 -100.57 44.86 5.69
N UNK X 2 -100.89 46.09 5.29
CA UNK X 2 -100.32 46.66 4.07
C UNK X 2 -98.84 46.96 4.23
N UNK X 3 -98.43 47.41 5.41
CA UNK X 3 -97.01 47.59 5.70
C UNK X 3 -96.31 46.25 5.88
N UNK X 4 -97.04 45.23 6.32
CA UNK X 4 -96.49 43.88 6.43
C UNK X 4 -96.26 43.27 5.06
N UNK X 5 -97.19 43.48 4.13
CA UNK X 5 -97.01 43.04 2.76
C UNK X 5 -95.98 43.88 2.02
N UNK X 6 -95.81 45.15 2.42
CA UNK X 6 -94.76 45.99 1.85
C UNK X 6 -93.37 45.56 2.32
N UNK X 7 -93.26 45.16 3.59
CA UNK X 7 -92.00 44.66 4.11
C UNK X 7 -91.65 43.29 3.54
N UNK X 8 -92.67 42.44 3.33
CA UNK X 8 -92.49 41.17 2.65
C UNK X 8 -92.14 41.35 1.18
N UNK X 9 -92.68 42.41 0.55
CA UNK X 9 -92.36 42.71 -0.84
C UNK X 9 -90.94 43.23 -1.00
N UNK X 10 -90.46 44.04 -0.06
CA UNK X 10 -89.09 44.54 -0.11
C UNK X 10 -88.06 43.45 0.18
N UNK X 11 -88.38 42.57 1.14
CA UNK X 11 -87.51 41.44 1.46
C UNK X 11 -87.49 40.40 0.34
N UNK X 12 -88.64 40.18 -0.30
CA UNK X 12 -88.69 39.26 -1.43
C UNK X 12 -88.09 39.87 -2.70
N UNK X 13 -88.07 41.21 -2.79
CA UNK X 13 -87.40 41.88 -3.90
C UNK X 13 -85.90 41.73 -3.80
N UNK X 14 -85.35 41.89 -2.58
CA UNK X 14 -83.93 41.64 -2.35
C UNK X 14 -83.56 40.16 -2.49
N UNK X 15 -84.47 39.26 -2.10
CA UNK X 15 -84.20 37.81 -2.21
C UNK X 15 -84.27 37.32 -3.66
N UNK X 16 -85.22 37.84 -4.44
CA UNK X 16 -85.31 37.47 -5.84
C UNK X 16 -84.22 38.12 -6.68
N UNK X 17 -83.76 39.32 -6.26
CA UNK X 17 -82.59 39.94 -6.88
C UNK X 17 -81.31 39.14 -6.62
N UNK X 18 -81.16 38.58 -5.42
CA UNK X 18 -80.00 37.72 -5.14
C UNK X 18 -80.09 36.37 -5.85
N UNK X 19 -81.29 35.78 -5.94
CA UNK X 19 -81.46 34.47 -6.57
C UNK X 19 -81.33 34.58 -8.09
N UNK X 20 -81.72 35.71 -8.66
CA UNK X 20 -81.40 35.96 -10.06
C UNK X 20 -79.95 36.33 -10.26
N UNK X 21 -79.30 36.99 -9.30
CA UNK X 21 -77.92 37.41 -9.44
C UNK X 21 -76.92 36.27 -9.29
N UNK X 22 -77.32 35.16 -8.68
CA UNK X 22 -76.42 34.02 -8.54
C UNK X 22 -76.21 33.29 -9.86
N UNK X 23 -74.97 33.35 -10.36
CA UNK X 23 -74.59 32.73 -11.63
C UNK X 23 -73.11 32.43 -11.60
N UNK X 24 -72.70 31.30 -12.18
CA UNK X 24 -71.31 30.88 -12.08
C UNK X 24 -70.56 31.07 -13.39
N UNK X 25 -69.30 30.64 -13.40
CA UNK X 25 -68.34 31.10 -14.40
C UNK X 25 -68.38 30.24 -15.66
N UNK X 26 -67.39 30.43 -16.51
CA UNK X 26 -67.21 29.59 -17.69
C UNK X 26 -66.19 28.49 -17.38
N UNK X 27 -66.69 27.26 -17.27
CA UNK X 27 -65.86 26.12 -16.90
C UNK X 27 -65.41 25.42 -18.19
N UNK X 28 -64.11 25.47 -18.46
CA UNK X 28 -63.53 24.82 -19.64
C UNK X 28 -62.91 23.51 -19.21
N UNK X 29 -63.69 22.44 -19.31
CA UNK X 29 -63.19 21.10 -19.05
C UNK X 29 -62.39 20.63 -20.25
N UNK X 30 -61.07 20.64 -20.13
CA UNK X 30 -60.19 20.20 -21.19
C UNK X 30 -59.62 18.83 -20.86
N UNK X 31 -60.00 17.83 -21.64
CA UNK X 31 -59.52 16.47 -21.44
C UNK X 31 -58.54 16.12 -22.55
N UNK X 32 -57.43 15.51 -22.17
CA UNK X 32 -56.38 15.18 -23.13
C UNK X 32 -55.92 13.73 -22.97
N UNK Y 1 -86.36 -26.65 71.70
CA UNK Y 1 -85.20 -25.96 71.15
C UNK Y 1 -84.71 -26.64 69.89
N UNK Y 2 -84.72 -27.98 69.94
CA UNK Y 2 -84.30 -28.78 68.80
C UNK Y 2 -85.32 -28.73 67.67
N UNK Y 3 -86.60 -28.56 68.00
CA UNK Y 3 -87.62 -28.33 66.99
C UNK Y 3 -87.50 -26.95 66.37
N UNK Y 4 -87.02 -25.97 67.15
CA UNK Y 4 -86.76 -24.64 66.61
C UNK Y 4 -85.55 -24.66 65.68
N UNK Y 5 -84.54 -25.48 66.01
CA UNK Y 5 -83.39 -25.65 65.11
C UNK Y 5 -83.75 -26.44 63.86
N UNK Y 6 -84.68 -27.39 63.98
CA UNK Y 6 -85.14 -28.16 62.83
C UNK Y 6 -86.00 -27.31 61.89
N UNK Y 7 -86.86 -26.45 62.46
CA UNK Y 7 -87.62 -25.50 61.65
C UNK Y 7 -86.74 -24.40 61.08
N UNK Y 8 -85.64 -24.06 61.76
CA UNK Y 8 -84.65 -23.13 61.24
C UNK Y 8 -83.92 -23.71 60.04
N UNK Y 9 -83.51 -24.98 60.12
CA UNK Y 9 -82.86 -25.65 59.00
C UNK Y 9 -83.82 -25.93 57.86
N UNK Y 10 -85.10 -26.15 58.17
CA UNK Y 10 -86.10 -26.36 57.14
C UNK Y 10 -86.44 -25.07 56.41
N UNK Y 11 -86.55 -23.94 57.14
CA UNK Y 11 -86.79 -22.66 56.49
C UNK Y 11 -85.54 -22.16 55.76
N UNK Y 12 -84.35 -22.55 56.24
CA UNK Y 12 -83.11 -22.26 55.54
C UNK Y 12 -82.96 -23.04 54.25
N UNK Y 13 -83.34 -24.32 54.23
CA UNK Y 13 -83.31 -25.08 52.98
C UNK Y 13 -84.46 -24.69 52.06
N UNK Y 14 -85.56 -24.18 52.64
CA UNK Y 14 -86.65 -23.63 51.83
C UNK Y 14 -86.27 -22.31 51.19
N UNK Y 15 -85.43 -21.51 51.85
CA UNK Y 15 -85.03 -20.23 51.27
C UNK Y 15 -83.82 -20.38 50.35
N UNK Y 16 -82.97 -21.37 50.62
CA UNK Y 16 -81.78 -21.60 49.78
C UNK Y 16 -82.18 -22.26 48.46
N UNK Y 17 -82.78 -23.44 48.54
CA UNK Y 17 -83.47 -24.03 47.40
C UNK Y 17 -84.87 -23.42 47.37
N UNK Y 18 -84.96 -22.22 46.78
CA UNK Y 18 -86.22 -21.47 46.82
C UNK Y 18 -87.20 -22.00 45.79
N UNK Y 19 -86.69 -22.64 44.75
CA UNK Y 19 -87.54 -23.42 43.86
C UNK Y 19 -87.56 -24.88 44.33
N UNK Y 20 -88.69 -25.54 44.10
CA UNK Y 20 -88.78 -26.95 44.41
C UNK Y 20 -88.02 -27.79 43.40
N UNK Y 21 -87.61 -28.98 43.81
CA UNK Y 21 -86.72 -29.84 43.04
C UNK Y 21 -87.40 -30.44 41.81
N UNK Y 22 -88.72 -30.59 41.82
CA UNK Y 22 -89.42 -31.01 40.62
C UNK Y 22 -89.94 -29.81 39.83
N UNK Y 23 -90.18 -28.69 40.52
CA UNK Y 23 -90.61 -27.47 39.87
C UNK Y 23 -89.51 -26.82 39.05
N UNK Y 24 -88.24 -27.07 39.40
CA UNK Y 24 -87.13 -26.61 38.57
C UNK Y 24 -87.05 -27.40 37.27
N UNK Y 25 -87.39 -28.69 37.31
CA UNK Y 25 -87.46 -29.49 36.09
C UNK Y 25 -88.67 -29.13 35.25
N UNK Y 26 -89.78 -28.78 35.91
CA UNK Y 26 -90.96 -28.30 35.20
C UNK Y 26 -90.73 -26.93 34.58
N UNK Y 27 -89.94 -26.08 35.24
CA UNK Y 27 -89.61 -24.78 34.69
C UNK Y 27 -88.58 -24.88 33.57
N UNK Y 28 -87.67 -25.86 33.64
CA UNK Y 28 -86.76 -26.11 32.53
C UNK Y 28 -87.49 -26.72 31.34
N UNK Y 29 -88.51 -27.53 31.60
CA UNK Y 29 -89.39 -28.04 30.55
C UNK Y 29 -90.21 -26.94 29.91
N UNK Y 30 -90.68 -25.97 30.71
CA UNK Y 30 -91.40 -24.83 30.17
C UNK Y 30 -90.47 -23.89 29.41
N UNK Y 31 -89.20 -23.81 29.84
CA UNK Y 31 -88.20 -23.02 29.14
C UNK Y 31 -87.82 -23.63 27.80
N UNK Y 32 -87.65 -24.96 27.76
CA UNK Y 32 -87.39 -25.62 26.49
C UNK Y 32 -88.63 -25.69 25.60
N UNK Y 33 -89.83 -25.66 26.20
CA UNK Y 33 -91.06 -25.58 25.43
C UNK Y 33 -91.25 -24.22 24.79
N UNK Y 34 -90.91 -23.15 25.53
CA UNK Y 34 -90.96 -21.81 24.96
C UNK Y 34 -89.83 -21.58 23.95
N UNK Y 35 -88.68 -22.22 24.16
CA UNK Y 35 -87.57 -22.12 23.23
C UNK Y 35 -87.84 -22.88 21.94
N UNK Y 36 -88.47 -24.05 22.02
CA UNK Y 36 -88.85 -24.76 20.81
C UNK Y 36 -90.09 -24.16 20.16
N UNK Y 37 -90.90 -23.43 20.93
CA UNK Y 37 -92.01 -22.69 20.34
C UNK Y 37 -91.52 -21.48 19.55
N UNK Y 38 -90.54 -20.74 20.08
CA UNK Y 38 -89.94 -19.65 19.33
C UNK Y 38 -89.06 -20.14 18.19
N UNK Y 39 -88.46 -21.32 18.32
CA UNK Y 39 -87.69 -21.89 17.23
C UNK Y 39 -88.60 -22.51 16.18
N UNK Y 40 -89.83 -22.84 16.57
CA UNK Y 40 -90.83 -23.24 15.62
C UNK Y 40 -91.28 -22.04 14.80
N UNK Y 41 -91.33 -22.26 13.49
CA UNK Y 41 -91.70 -21.20 12.56
C UNK Y 41 -93.21 -21.18 12.36
N UNK Y 42 -93.63 -20.54 11.26
CA UNK Y 42 -95.00 -20.64 10.80
C UNK Y 42 -95.30 -22.04 10.26
N UNK Y 43 -96.61 -22.29 10.02
CA UNK Y 43 -97.18 -23.63 9.91
C UNK Y 43 -96.73 -24.44 8.69
N UNK Y 44 -96.19 -23.78 7.67
CA UNK Y 44 -95.54 -24.47 6.57
C UNK Y 44 -94.05 -24.19 6.61
N UNK Y 45 -93.26 -25.17 7.02
CA UNK Y 45 -91.80 -25.10 6.90
C UNK Y 45 -91.46 -25.24 5.43
N UNK Y 46 -90.74 -24.25 4.89
CA UNK Y 46 -90.43 -24.15 3.46
C UNK Y 46 -89.45 -25.21 3.04
N UNK Y 47 -89.95 -26.21 2.31
CA UNK Y 47 -89.27 -27.48 2.12
C UNK Y 47 -88.10 -27.37 1.15
N UNK Y 48 -87.03 -28.08 1.48
CA UNK Y 48 -85.79 -28.02 0.75
C UNK Y 48 -85.90 -28.77 -0.57
N UNK Y 49 -85.23 -28.23 -1.57
CA UNK Y 49 -85.23 -28.79 -2.91
C UNK Y 49 -83.97 -28.37 -3.62
N UNK Y 50 -83.24 -29.34 -4.13
CA UNK Y 50 -82.23 -29.08 -5.14
C UNK Y 50 -82.96 -28.94 -6.46
N UNK Y 51 -82.34 -28.23 -7.40
CA UNK Y 51 -83.02 -27.92 -8.64
C UNK Y 51 -82.01 -27.80 -9.75
N UNK Y 52 -82.52 -27.74 -10.97
CA UNK Y 52 -81.71 -27.52 -12.16
C UNK Y 52 -82.56 -26.81 -13.20
N UNK Y 53 -81.93 -25.89 -13.92
CA UNK Y 53 -82.61 -25.13 -14.96
C UNK Y 53 -81.59 -24.71 -16.00
N UNK Y 54 -82.04 -24.64 -17.24
CA UNK Y 54 -81.20 -24.11 -18.31
C UNK Y 54 -81.24 -22.60 -18.28
N UNK Y 55 -80.25 -22.01 -18.92
CA UNK Y 55 -80.13 -20.56 -18.98
C UNK Y 55 -80.28 -20.13 -20.43
N UNK Y 56 -81.50 -19.75 -20.81
CA UNK Y 56 -81.73 -19.24 -22.15
C UNK Y 56 -81.20 -17.81 -22.23
N UNK Y 57 -80.43 -17.54 -23.27
CA UNK Y 57 -79.63 -16.33 -23.29
C UNK Y 57 -80.20 -15.19 -24.09
N UNK Y 58 -81.14 -15.42 -25.02
CA UNK Y 58 -81.62 -14.32 -25.85
C UNK Y 58 -82.69 -13.50 -25.15
N UNK Y 59 -83.86 -14.10 -24.93
CA UNK Y 59 -84.99 -13.40 -24.33
C UNK Y 59 -85.91 -14.47 -23.72
N UNK Y 60 -85.83 -14.63 -22.41
CA UNK Y 60 -86.69 -15.57 -21.72
C UNK Y 60 -86.97 -15.02 -20.34
N UNK Y 61 -87.60 -15.83 -19.51
CA UNK Y 61 -87.69 -15.54 -18.09
C UNK Y 61 -86.34 -15.71 -17.46
N UNK Y 62 -86.04 -14.89 -16.46
CA UNK Y 62 -84.80 -15.03 -15.72
C UNK Y 62 -84.88 -16.22 -14.77
N UNK Y 63 -83.73 -16.67 -14.32
CA UNK Y 63 -83.68 -17.82 -13.42
C UNK Y 63 -84.14 -17.43 -12.03
N UNK Y 64 -85.20 -18.07 -11.57
CA UNK Y 64 -85.82 -17.74 -10.30
C UNK Y 64 -85.14 -18.56 -9.21
N UNK Y 65 -84.09 -17.99 -8.62
CA UNK Y 65 -83.45 -18.58 -7.47
C UNK Y 65 -84.35 -18.43 -6.25
N UNK Y 66 -85.03 -19.51 -5.90
CA UNK Y 66 -86.01 -19.49 -4.82
C UNK Y 66 -85.26 -19.73 -3.50
N UNK Y 67 -84.63 -18.67 -2.99
CA UNK Y 67 -83.85 -18.76 -1.77
C UNK Y 67 -84.77 -18.57 -0.55
N UNK Y 68 -84.17 -18.48 0.62
CA UNK Y 68 -84.90 -18.26 1.86
C UNK Y 68 -83.98 -17.50 2.80
N UNK Y 69 -84.29 -17.51 4.10
CA UNK Y 69 -83.36 -17.00 5.10
C UNK Y 69 -82.18 -17.95 5.33
N UNK Y 70 -82.31 -19.22 4.95
CA UNK Y 70 -81.22 -20.18 4.93
C UNK Y 70 -80.35 -20.01 3.70
N UNK Y 71 -79.39 -20.90 3.52
CA UNK Y 71 -78.40 -20.76 2.46
C UNK Y 71 -78.94 -21.30 1.14
N UNK Y 72 -78.21 -20.98 0.06
CA UNK Y 72 -78.46 -21.48 -1.28
C UNK Y 72 -77.16 -21.46 -2.04
N UNK Y 73 -77.05 -22.30 -3.06
CA UNK Y 73 -75.82 -22.40 -3.84
C UNK Y 73 -76.15 -22.50 -5.31
N UNK Y 74 -75.73 -21.50 -6.08
CA UNK Y 74 -75.87 -21.48 -7.53
C UNK Y 74 -74.61 -22.11 -8.11
N UNK Y 75 -74.75 -23.31 -8.64
CA UNK Y 75 -73.66 -24.01 -9.32
C UNK Y 75 -73.93 -23.94 -10.81
N UNK Y 76 -73.04 -23.31 -11.55
CA UNK Y 76 -73.26 -23.10 -12.97
C UNK Y 76 -72.85 -24.32 -13.78
N UNK Y 77 -72.96 -24.19 -15.10
CA UNK Y 77 -72.21 -25.05 -16.00
C UNK Y 77 -70.71 -24.71 -15.90
N UNK Y 78 -69.87 -25.65 -16.37
CA UNK Y 78 -68.49 -25.80 -15.91
C UNK Y 78 -67.50 -24.69 -16.29
N UNK Y 79 -67.93 -23.68 -17.06
CA UNK Y 79 -67.15 -22.46 -17.19
C UNK Y 79 -67.18 -21.66 -15.89
N UNK Y 80 -66.09 -20.97 -15.62
CA UNK Y 80 -65.89 -20.28 -14.35
C UNK Y 80 -66.68 -18.98 -14.30
N UNK Y 81 -67.17 -18.67 -13.10
CA UNK Y 81 -67.78 -17.37 -12.86
C UNK Y 81 -66.70 -16.30 -12.74
N UNK Y 82 -67.10 -15.06 -12.98
CA UNK Y 82 -66.17 -13.95 -12.88
C UNK Y 82 -66.57 -12.91 -11.84
N UNK Y 83 -67.84 -12.50 -11.78
CA UNK Y 83 -68.21 -11.45 -10.83
C UNK Y 83 -69.61 -11.69 -10.28
N UNK Y 84 -69.78 -11.45 -8.99
CA UNK Y 84 -71.07 -11.56 -8.34
C UNK Y 84 -71.60 -10.17 -7.98
N UNK Y 85 -72.68 -9.77 -8.64
CA UNK Y 85 -73.28 -8.46 -8.43
C UNK Y 85 -74.62 -8.66 -7.74
N UNK Y 86 -74.65 -8.44 -6.44
CA UNK Y 86 -75.86 -8.63 -5.65
C UNK Y 86 -76.38 -7.28 -5.18
N UNK Y 87 -77.69 -7.25 -4.93
CA UNK Y 87 -78.31 -6.16 -4.19
C UNK Y 87 -77.96 -6.38 -2.74
N UNK Y 88 -77.03 -5.55 -2.25
CA UNK Y 88 -76.39 -5.73 -0.95
C UNK Y 88 -77.36 -5.36 0.18
N UNK Y 89 -77.04 -5.89 1.38
CA UNK Y 89 -77.84 -5.89 2.63
C UNK Y 89 -79.21 -6.54 2.45
N UNK Y 90 -79.30 -7.49 1.54
CA UNK Y 90 -80.43 -8.37 1.41
C UNK Y 90 -80.00 -9.79 1.11
N UNK Y 91 -78.76 -9.99 0.67
CA UNK Y 91 -78.28 -11.31 0.25
C UNK Y 91 -76.76 -11.32 0.36
N UNK Y 92 -76.22 -12.09 1.29
CA UNK Y 92 -74.78 -12.27 1.41
C UNK Y 92 -74.33 -13.36 0.44
N UNK Y 93 -73.66 -12.94 -0.63
CA UNK Y 93 -73.24 -13.83 -1.70
C UNK Y 93 -71.77 -14.14 -1.49
N UNK Y 94 -71.49 -15.17 -0.69
CA UNK Y 94 -70.13 -15.62 -0.47
C UNK Y 94 -69.66 -16.39 -1.69
N UNK Y 95 -68.56 -15.95 -2.29
CA UNK Y 95 -68.06 -16.53 -3.52
C UNK Y 95 -66.56 -16.31 -3.63
N UNK Y 96 -65.86 -17.40 -3.94
CA UNK Y 96 -64.47 -17.34 -4.37
C UNK Y 96 -64.43 -17.25 -5.89
N UNK Y 97 -63.28 -17.55 -6.49
CA UNK Y 97 -63.09 -17.47 -7.93
C UNK Y 97 -63.45 -18.78 -8.66
N UNK Y 98 -64.36 -19.58 -8.12
CA UNK Y 98 -64.79 -20.82 -8.72
C UNK Y 98 -66.01 -20.57 -9.61
N UNK Y 99 -66.68 -21.64 -10.03
CA UNK Y 99 -67.84 -21.57 -10.90
C UNK Y 99 -69.16 -21.70 -10.14
N UNK Y 100 -69.15 -21.48 -8.83
CA UNK Y 100 -70.34 -21.63 -8.01
C UNK Y 100 -70.30 -20.61 -6.88
N UNK Y 101 -71.46 -20.06 -6.54
CA UNK Y 101 -71.56 -19.00 -5.54
C UNK Y 101 -72.65 -19.35 -4.54
N UNK Y 102 -72.39 -19.12 -3.26
CA UNK Y 102 -73.36 -19.46 -2.23
C UNK Y 102 -73.98 -18.19 -1.65
N UNK Y 103 -75.27 -18.00 -1.89
CA UNK Y 103 -75.99 -16.83 -1.41
C UNK Y 103 -76.92 -17.19 -0.27
N UNK Y 104 -76.88 -16.38 0.78
CA UNK Y 104 -77.80 -16.52 1.91
C UNK Y 104 -78.51 -15.19 2.08
N UNK Y 105 -79.82 -15.17 1.85
CA UNK Y 105 -80.57 -13.92 1.90
C UNK Y 105 -80.87 -13.58 3.35
N UNK Y 106 -80.62 -12.32 3.72
CA UNK Y 106 -80.74 -11.91 5.11
C UNK Y 106 -82.18 -11.63 5.51
N UNK Y 107 -82.98 -11.08 4.59
CA UNK Y 107 -84.34 -10.66 4.90
C UNK Y 107 -85.28 -11.86 4.99
N UNK Y 108 -86.48 -11.61 5.50
CA UNK Y 108 -87.44 -12.68 5.72
C UNK Y 108 -88.16 -13.07 4.44
N UNK Y 109 -88.92 -12.15 3.85
CA UNK Y 109 -89.67 -12.44 2.62
C UNK Y 109 -89.53 -11.23 1.69
N UNK Y 110 -88.50 -11.24 0.86
CA UNK Y 110 -88.25 -10.10 -0.03
C UNK Y 110 -87.59 -10.59 -1.31
N UNK Y 111 -87.63 -9.76 -2.33
CA UNK Y 111 -87.10 -10.11 -3.64
C UNK Y 111 -85.84 -9.31 -3.95
N UNK Y 112 -85.02 -9.88 -4.82
CA UNK Y 112 -83.79 -9.26 -5.31
C UNK Y 112 -83.46 -9.91 -6.64
N UNK Y 113 -82.34 -9.50 -7.23
CA UNK Y 113 -81.85 -10.12 -8.45
C UNK Y 113 -80.33 -10.08 -8.47
N UNK Y 114 -79.70 -11.21 -8.18
CA UNK Y 114 -78.25 -11.31 -8.30
C UNK Y 114 -77.84 -11.42 -9.76
N UNK Y 115 -76.54 -11.23 -10.00
CA UNK Y 115 -76.02 -11.32 -11.35
C UNK Y 115 -74.68 -12.02 -11.30
N UNK Y 116 -74.49 -13.00 -12.19
CA UNK Y 116 -73.24 -13.71 -12.32
C UNK Y 116 -72.63 -13.38 -13.66
N UNK Y 117 -71.56 -12.60 -13.65
CA UNK Y 117 -70.66 -12.55 -14.78
C UNK Y 117 -69.89 -13.86 -14.77
N UNK Y 118 -70.05 -14.64 -15.84
CA UNK Y 118 -69.34 -15.89 -16.03
C UNK Y 118 -68.08 -15.61 -16.85
N UNK Y 119 -67.46 -16.65 -17.39
CA UNK Y 119 -66.40 -16.43 -18.37
C UNK Y 119 -66.96 -16.35 -19.80
N UNK Y 120 -67.80 -15.34 -20.03
CA UNK Y 120 -68.48 -15.12 -21.30
C UNK Y 120 -68.76 -13.65 -21.46
N UNK Y 121 -69.16 -13.21 -22.66
CA UNK Y 121 -69.42 -11.80 -22.91
C UNK Y 121 -70.89 -11.46 -22.75
N UNK Y 122 -71.66 -12.34 -22.11
CA UNK Y 122 -73.05 -12.08 -21.74
C UNK Y 122 -73.21 -12.58 -20.31
N UNK Y 123 -73.36 -11.65 -19.38
CA UNK Y 123 -73.48 -12.01 -17.98
C UNK Y 123 -74.88 -12.49 -17.67
N UNK Y 124 -74.98 -13.60 -16.97
CA UNK Y 124 -76.28 -14.14 -16.61
C UNK Y 124 -76.83 -13.37 -15.41
N UNK Y 125 -78.14 -13.22 -15.38
CA UNK Y 125 -78.81 -12.70 -14.20
C UNK Y 125 -79.58 -13.83 -13.53
N UNK Y 126 -80.02 -13.60 -12.30
CA UNK Y 126 -80.80 -14.56 -11.55
C UNK Y 126 -81.65 -13.81 -10.54
N UNK Y 127 -82.95 -13.76 -10.78
CA UNK Y 127 -83.85 -13.09 -9.85
C UNK Y 127 -84.11 -14.03 -8.68
N UNK Y 128 -83.82 -13.58 -7.47
CA UNK Y 128 -83.90 -14.42 -6.28
C UNK Y 128 -85.05 -13.95 -5.41
N UNK Y 129 -85.85 -14.90 -4.97
CA UNK Y 129 -86.99 -14.60 -4.12
C UNK Y 129 -86.85 -15.36 -2.81
N UNK Y 130 -87.17 -14.69 -1.70
CA UNK Y 130 -87.10 -15.34 -0.41
C UNK Y 130 -88.45 -15.90 -0.03
N UNK Y 131 -88.43 -17.08 0.60
CA UNK Y 131 -89.51 -17.76 1.31
C UNK Y 131 -90.72 -18.10 0.46
N UNK Y 132 -90.53 -18.37 -0.84
CA UNK Y 132 -91.66 -18.64 -1.74
C UNK Y 132 -91.88 -20.15 -1.84
N UNK Y 133 -92.17 -20.77 -0.68
CA UNK Y 133 -92.62 -22.15 -0.46
C UNK Y 133 -91.70 -23.28 -0.96
N UNK Y 134 -90.46 -22.97 -1.33
CA UNK Y 134 -89.53 -23.93 -1.89
C UNK Y 134 -88.12 -23.39 -1.67
N UNK Y 135 -87.39 -23.99 -0.75
CA UNK Y 135 -86.02 -23.56 -0.47
C UNK Y 135 -85.08 -24.24 -1.44
N UNK Y 136 -84.68 -23.52 -2.48
CA UNK Y 136 -83.77 -24.07 -3.49
C UNK Y 136 -82.38 -24.08 -2.90
N UNK Y 137 -82.02 -25.23 -2.31
CA UNK Y 137 -80.76 -25.37 -1.60
C UNK Y 137 -79.56 -25.47 -2.53
N UNK Y 138 -79.71 -26.07 -3.70
CA UNK Y 138 -78.63 -26.13 -4.68
C UNK Y 138 -79.25 -26.14 -6.06
N UNK Y 139 -79.10 -25.04 -6.80
CA UNK Y 139 -79.66 -24.91 -8.13
C UNK Y 139 -78.56 -25.06 -9.16
N UNK Y 140 -78.84 -25.81 -10.22
CA UNK Y 140 -77.85 -26.13 -11.24
C UNK Y 140 -78.19 -25.36 -12.52
N UNK Y 141 -77.44 -24.30 -12.79
CA UNK Y 141 -77.66 -23.48 -13.96
C UNK Y 141 -76.89 -24.08 -15.12
N UNK Y 142 -77.60 -24.85 -15.94
CA UNK Y 142 -77.03 -25.35 -17.19
C UNK Y 142 -77.01 -24.17 -18.16
N UNK Y 143 -75.85 -23.54 -18.30
CA UNK Y 143 -75.74 -22.37 -19.13
C UNK Y 143 -75.68 -22.76 -20.61
N UNK Y 144 -76.16 -21.84 -21.45
CA UNK Y 144 -76.11 -22.03 -22.89
C UNK Y 144 -74.70 -21.79 -23.40
N UNK Z 1 -105.89 8.19 23.79
CA UNK Z 1 -106.63 6.95 23.71
C UNK Z 1 -106.58 6.39 22.29
N UNK Z 2 -107.59 6.74 21.49
CA UNK Z 2 -107.58 6.42 20.06
C UNK Z 2 -106.50 7.20 19.33
N UNK Z 3 -106.26 8.44 19.77
CA UNK Z 3 -105.15 9.22 19.23
C UNK Z 3 -103.81 8.71 19.74
N UNK Z 4 -103.78 8.07 20.91
CA UNK Z 4 -102.53 7.49 21.42
C UNK Z 4 -102.17 6.22 20.67
N UNK Z 5 -103.17 5.39 20.36
CA UNK Z 5 -102.95 4.22 19.51
C UNK Z 5 -102.65 4.62 18.07
N UNK Z 6 -103.23 5.74 17.61
CA UNK Z 6 -102.87 6.33 16.33
C UNK Z 6 -101.45 6.88 16.34
N UNK Z 7 -100.97 7.35 17.49
CA UNK Z 7 -99.60 7.85 17.60
C UNK Z 7 -98.58 6.72 17.59
N UNK Z 8 -98.91 5.60 18.24
CA UNK Z 8 -98.08 4.41 18.17
C UNK Z 8 -98.10 3.78 16.78
N UNK Z 9 -99.27 3.82 16.12
CA UNK Z 9 -99.37 3.36 14.73
C UNK Z 9 -98.69 4.32 13.76
N UNK Z 10 -98.61 5.61 14.12
CA UNK Z 10 -97.91 6.57 13.29
C UNK Z 10 -96.40 6.44 13.44
N UNK Z 11 -95.93 6.10 14.64
CA UNK Z 11 -94.51 5.82 14.84
C UNK Z 11 -94.11 4.50 14.16
N UNK Z 12 -95.00 3.51 14.20
CA UNK Z 12 -94.77 2.26 13.49
C UNK Z 12 -94.87 2.43 11.97
N UNK Z 13 -95.73 3.31 11.50
CA UNK Z 13 -95.83 3.58 10.07
C UNK Z 13 -94.67 4.46 9.60
N UNK Z 14 -94.10 5.26 10.52
CA UNK Z 14 -92.91 6.03 10.20
C UNK Z 14 -91.70 5.11 10.10
N UNK Z 15 -91.63 4.09 10.96
CA UNK Z 15 -90.60 3.07 10.83
C UNK Z 15 -90.82 2.19 9.60
N UNK Z 16 -92.09 1.98 9.22
CA UNK Z 16 -92.42 1.22 8.02
C UNK Z 16 -92.08 1.98 6.75
N UNK Z 17 -92.29 3.30 6.75
CA UNK Z 17 -91.88 4.12 5.62
C UNK Z 17 -90.37 4.32 5.57
N UNK Z 18 -89.70 4.27 6.73
CA UNK Z 18 -88.24 4.29 6.76
C UNK Z 18 -87.65 3.00 6.21
N UNK Z 19 -88.28 1.87 6.52
CA UNK Z 19 -87.85 0.59 5.95
C UNK Z 19 -88.20 0.49 4.47
N UNK Z 20 -89.32 1.07 4.05
CA UNK Z 20 -89.67 1.09 2.64
C UNK Z 20 -88.83 2.06 1.84
N UNK Z 21 -88.27 3.08 2.48
CA UNK Z 21 -87.38 4.02 1.80
C UNK Z 21 -85.92 3.60 1.86
N UNK Z 22 -85.54 2.73 2.79
CA UNK Z 22 -84.17 2.28 2.88
C UNK Z 22 -83.85 1.27 1.78
N UNK Z 23 -82.71 1.46 1.13
CA UNK Z 23 -82.27 0.61 0.03
C UNK Z 23 -80.75 0.67 -0.05
N UNK Z 24 -80.09 -0.48 -0.01
CA UNK Z 24 -78.64 -0.50 -0.11
C UNK Z 24 -78.19 -0.80 -1.54
N UNK Z 25 -76.89 -0.62 -1.77
CA UNK Z 25 -76.37 -0.43 -3.13
C UNK Z 25 -76.06 -1.76 -3.81
N UNK Z 26 -75.53 -1.67 -5.03
CA UNK Z 26 -75.12 -2.84 -5.79
C UNK Z 26 -73.66 -3.17 -5.53
N UNK Z 27 -73.42 -4.40 -5.11
CA UNK Z 27 -72.07 -4.84 -4.74
C UNK Z 27 -71.64 -5.97 -5.68
N UNK Z 28 -70.63 -5.71 -6.50
CA UNK Z 28 -70.07 -6.73 -7.38
C UNK Z 28 -68.71 -7.13 -6.84
N UNK Z 29 -68.69 -8.22 -6.09
CA UNK Z 29 -67.45 -8.88 -5.72
C UNK Z 29 -66.81 -9.50 -6.97
N UNK Z 30 -65.54 -9.18 -7.18
CA UNK Z 30 -64.80 -9.66 -8.33
C UNK Z 30 -63.65 -10.52 -7.84
N UNK Z 31 -63.86 -11.83 -7.82
CA UNK Z 31 -62.86 -12.78 -7.34
C UNK Z 31 -62.21 -13.44 -8.53
N UNK Z 32 -60.90 -13.23 -8.68
CA UNK Z 32 -60.16 -13.75 -9.83
C UNK Z 32 -58.86 -14.40 -9.39
N UNK AA 1 -98.62 -23.23 53.40
CA UNK AA 1 -97.34 -23.20 52.70
C UNK AA 1 -97.43 -23.96 51.39
N UNK AA 2 -98.32 -24.96 51.34
CA UNK AA 2 -98.41 -25.79 50.16
C UNK AA 2 -99.22 -25.14 49.04
N UNK AA 3 -100.41 -24.62 49.37
CA UNK AA 3 -101.24 -23.91 48.40
C UNK AA 3 -100.63 -22.58 48.01
N UNK AA 4 -100.00 -21.90 48.98
CA UNK AA 4 -99.27 -20.67 48.69
C UNK AA 4 -97.99 -20.94 47.91
N UNK AA 5 -97.36 -22.12 48.09
CA UNK AA 5 -96.17 -22.47 47.32
C UNK AA 5 -96.53 -22.86 45.89
N UNK AA 6 -97.67 -23.53 45.71
CA UNK AA 6 -98.13 -23.88 44.37
C UNK AA 6 -98.62 -22.65 43.61
N UNK AA 7 -99.28 -21.72 44.32
CA UNK AA 7 -99.66 -20.44 43.72
C UNK AA 7 -98.45 -19.54 43.52
N UNK AA 8 -97.39 -19.73 44.33
CA UNK AA 8 -96.15 -18.98 44.17
C UNK AA 8 -95.39 -19.41 42.92
N UNK AA 9 -95.27 -20.72 42.71
CA UNK AA 9 -94.66 -21.24 41.49
C UNK AA 9 -95.55 -21.02 40.27
N UNK AA 10 -96.87 -20.98 40.46
CA UNK AA 10 -97.80 -20.68 39.38
C UNK AA 10 -97.73 -19.21 38.96
N UNK AA 11 -97.63 -18.29 39.92
CA UNK AA 11 -97.47 -16.88 39.62
C UNK AA 11 -96.09 -16.56 39.10
N UNK AA 12 -95.06 -17.28 39.56
CA UNK AA 12 -93.71 -17.07 39.07
C UNK AA 12 -93.53 -17.62 37.65
N UNK AA 13 -94.17 -18.74 37.34
CA UNK AA 13 -94.19 -19.21 35.96
C UNK AA 13 -95.13 -18.40 35.09
N UNK AA 14 -96.17 -17.79 35.69
CA UNK AA 14 -97.07 -16.92 34.96
C UNK AA 14 -96.47 -15.55 34.71
N UNK AA 15 -95.44 -15.20 35.47
CA UNK AA 15 -94.65 -14.01 35.15
C UNK AA 15 -93.47 -14.35 34.26
N UNK AA 16 -92.96 -15.58 34.35
CA UNK AA 16 -91.87 -16.02 33.49
C UNK AA 16 -92.38 -16.29 32.07
N UNK AA 17 -93.29 -17.24 31.94
CA UNK AA 17 -94.11 -17.36 30.74
C UNK AA 17 -95.32 -16.46 30.96
N UNK AA 18 -95.28 -15.27 30.35
CA UNK AA 18 -96.25 -14.21 30.63
C UNK AA 18 -97.62 -14.52 30.04
N UNK AA 19 -97.70 -14.63 28.72
CA UNK AA 19 -98.89 -15.17 28.08
C UNK AA 19 -98.78 -16.69 28.00
N UNK AA 20 -99.80 -17.30 27.41
CA UNK AA 20 -99.74 -18.73 27.15
C UNK AA 20 -98.87 -19.01 25.93
N UNK AA 21 -98.53 -20.29 25.75
CA UNK AA 21 -97.77 -20.71 24.59
C UNK AA 21 -98.58 -20.67 23.30
N UNK AA 22 -99.91 -20.76 23.39
CA UNK AA 22 -100.78 -20.53 22.24
C UNK AA 22 -100.75 -19.08 21.80
N UNK AA 23 -100.78 -18.15 22.74
CA UNK AA 23 -100.64 -16.73 22.42
C UNK AA 23 -99.22 -16.36 21.99
N UNK AA 24 -98.21 -17.13 22.43
CA UNK AA 24 -96.85 -16.95 21.94
C UNK AA 24 -96.71 -17.34 20.48
N UNK AA 25 -97.35 -18.46 20.08
CA UNK AA 25 -97.37 -18.85 18.68
C UNK AA 25 -98.25 -17.92 17.84
N UNK AA 26 -99.30 -17.37 18.45
CA UNK AA 26 -100.14 -16.37 17.77
C UNK AA 26 -99.38 -15.07 17.55
N UNK AA 27 -98.52 -14.68 18.51
CA UNK AA 27 -97.69 -13.49 18.34
C UNK AA 27 -96.56 -13.73 17.35
N UNK AA 28 -96.03 -14.95 17.28
CA UNK AA 28 -95.02 -15.26 16.27
C UNK AA 28 -95.63 -15.34 14.87
N UNK AA 29 -96.86 -15.84 14.77
CA UNK AA 29 -97.61 -15.83 13.52
C UNK AA 29 -97.98 -14.42 13.10
N UNK AA 30 -98.28 -13.56 14.06
CA UNK AA 30 -98.56 -12.15 13.78
C UNK AA 30 -97.30 -11.42 13.36
N UNK AA 31 -96.15 -11.80 13.92
CA UNK AA 31 -94.85 -11.22 13.53
C UNK AA 31 -94.46 -11.62 12.11
N UNK AA 32 -94.66 -12.90 11.76
CA UNK AA 32 -94.35 -13.36 10.41
C UNK AA 32 -95.35 -12.84 9.37
N UNK AA 33 -96.63 -12.74 9.74
CA UNK AA 33 -97.64 -12.21 8.84
C UNK AA 33 -97.50 -10.71 8.63
N UNK AA 34 -97.12 -9.99 9.68
CA UNK AA 34 -96.85 -8.56 9.55
C UNK AA 34 -95.56 -8.30 8.81
N UNK AA 35 -94.58 -9.21 8.92
CA UNK AA 35 -93.35 -9.08 8.13
C UNK AA 35 -93.58 -9.34 6.64
N UNK AA 36 -94.42 -10.33 6.32
CA UNK AA 36 -94.76 -10.59 4.92
C UNK AA 36 -95.65 -9.51 4.34
N UNK AA 37 -96.56 -8.96 5.15
CA UNK AA 37 -97.40 -7.85 4.70
C UNK AA 37 -96.61 -6.55 4.60
N UNK AA 38 -95.58 -6.40 5.42
CA UNK AA 38 -94.76 -5.21 5.37
C UNK AA 38 -93.79 -5.22 4.20
N UNK AA 39 -93.18 -6.37 3.90
CA UNK AA 39 -92.22 -6.44 2.81
C UNK AA 39 -92.88 -6.86 1.51
N UNK AA 40 -94.19 -7.08 1.52
CA UNK AA 40 -94.92 -7.31 0.28
C UNK AA 40 -95.05 -6.01 -0.51
N UNK AA 41 -95.04 -6.15 -1.84
CA UNK AA 41 -95.15 -4.99 -2.70
C UNK AA 41 -96.61 -4.62 -2.91
N UNK AA 42 -96.82 -3.50 -3.58
CA UNK AA 42 -98.15 -3.13 -4.04
C UNK AA 42 -98.56 -4.03 -5.21
N UNK AA 43 -99.86 -3.94 -5.54
CA UNK AA 43 -100.77 -5.02 -5.95
C UNK AA 43 -100.22 -6.14 -6.82
N UNK AA 44 -99.45 -5.78 -7.85
CA UNK AA 44 -98.79 -6.76 -8.72
C UNK AA 44 -97.29 -6.61 -8.60
N UNK AA 45 -96.60 -7.72 -8.33
CA UNK AA 45 -95.14 -7.75 -8.34
C UNK AA 45 -94.67 -7.66 -9.78
N UNK AA 46 -93.68 -6.78 -10.02
CA UNK AA 46 -93.18 -6.50 -11.37
C UNK AA 46 -92.35 -7.68 -11.85
N UNK AA 47 -92.83 -8.35 -12.91
CA UNK AA 47 -92.28 -9.61 -13.37
C UNK AA 47 -90.97 -9.41 -14.11
N UNK AA 48 -90.12 -10.44 -14.06
CA UNK AA 48 -88.79 -10.36 -14.62
C UNK AA 48 -88.82 -10.49 -16.13
N UNK AA 49 -87.78 -9.97 -16.77
CA UNK AA 49 -87.69 -9.92 -18.22
C UNK AA 49 -86.23 -9.82 -18.62
N UNK AA 50 -85.98 -10.11 -19.89
CA UNK AA 50 -84.71 -9.85 -20.54
C UNK AA 50 -84.99 -9.18 -21.88
N UNK AA 51 -83.96 -8.58 -22.45
CA UNK AA 51 -84.15 -7.85 -23.70
C UNK AA 51 -82.84 -7.84 -24.48
N UNK AA 52 -82.94 -7.35 -25.71
CA UNK AA 52 -81.81 -7.18 -26.59
C UNK AA 52 -82.11 -6.03 -27.53
N UNK AA 53 -81.09 -5.27 -27.91
CA UNK AA 53 -81.29 -4.13 -28.79
C UNK AA 53 -80.03 -3.86 -29.59
N UNK AA 54 -80.18 -3.86 -30.90
CA UNK AA 54 -79.12 -3.39 -31.79
C UNK AA 54 -79.27 -1.88 -31.99
N UNK AA 55 -78.19 -1.17 -31.70
CA UNK AA 55 -78.23 0.28 -31.53
C UNK AA 55 -78.04 0.99 -32.87
N UNK AA 56 -78.97 1.86 -33.21
CA UNK AA 56 -78.89 2.68 -34.41
C UNK AA 56 -78.30 4.04 -34.07
N UNK AA 57 -78.28 4.95 -35.04
CA UNK AA 57 -77.78 6.29 -34.79
C UNK AA 57 -78.57 7.43 -35.40
N UNK AA 58 -79.38 7.20 -36.45
CA UNK AA 58 -79.85 8.29 -37.30
C UNK AA 58 -81.05 9.05 -36.72
N UNK AA 59 -82.19 8.37 -36.62
CA UNK AA 59 -83.39 8.99 -36.05
C UNK AA 59 -84.22 7.87 -35.41
N UNK AA 60 -83.99 7.64 -34.12
CA UNK AA 60 -84.62 6.53 -33.42
C UNK AA 60 -84.73 6.90 -31.94
N UNK AA 61 -85.29 5.97 -31.16
CA UNK AA 61 -85.37 6.16 -29.72
C UNK AA 61 -84.01 5.91 -29.09
N UNK AA 62 -83.83 6.40 -27.86
CA UNK AA 62 -82.63 6.11 -27.11
C UNK AA 62 -82.71 4.73 -26.50
N UNK AA 63 -81.60 4.27 -25.94
CA UNK AA 63 -81.55 2.96 -25.32
C UNK AA 63 -82.20 3.04 -23.95
N UNK AA 64 -83.47 2.65 -23.88
CA UNK AA 64 -84.22 2.75 -22.63
C UNK AA 64 -84.34 1.39 -21.98
N UNK AA 65 -84.07 1.33 -20.68
CA UNK AA 65 -83.98 0.07 -19.96
C UNK AA 65 -84.91 0.10 -18.75
N UNK AA 66 -85.68 -0.96 -18.58
CA UNK AA 66 -86.71 -1.03 -17.54
C UNK AA 66 -86.12 -1.66 -16.29
N UNK AA 67 -85.40 -0.85 -15.51
CA UNK AA 67 -84.77 -1.33 -14.30
C UNK AA 67 -85.77 -1.29 -13.15
N UNK AA 68 -85.37 -1.80 -11.99
CA UNK AA 68 -86.24 -1.84 -10.83
C UNK AA 68 -85.38 -1.73 -9.58
N UNK AA 69 -85.99 -1.96 -8.42
CA UNK AA 69 -85.27 -1.94 -7.15
C UNK AA 69 -84.33 -3.13 -6.98
N UNK AA 70 -84.65 -4.26 -7.60
CA UNK AA 70 -83.68 -5.34 -7.71
C UNK AA 70 -82.66 -5.00 -8.79
N UNK AA 71 -81.51 -5.67 -8.75
CA UNK AA 71 -80.41 -5.30 -9.61
C UNK AA 71 -80.61 -5.87 -11.02
N UNK AA 72 -79.74 -5.46 -11.93
CA UNK AA 72 -79.89 -5.79 -13.33
C UNK AA 72 -78.52 -5.75 -13.99
N UNK AA 73 -78.44 -6.38 -15.15
CA UNK AA 73 -77.19 -6.53 -15.88
C UNK AA 73 -77.34 -5.93 -17.27
N UNK AA 74 -76.27 -5.28 -17.73
CA UNK AA 74 -76.21 -4.75 -19.07
C UNK AA 74 -74.96 -5.34 -19.73
N UNK AA 75 -75.17 -6.29 -20.63
CA UNK AA 75 -74.07 -6.95 -21.33
C UNK AA 75 -74.05 -6.41 -22.76
N UNK AA 76 -72.88 -6.42 -23.38
CA UNK AA 76 -72.73 -5.75 -24.66
C UNK AA 76 -72.12 -6.66 -25.72
N UNK AA 77 -72.06 -6.13 -26.95
CA UNK AA 77 -71.51 -6.80 -28.10
C UNK AA 77 -70.01 -6.56 -28.21
N UNK AA 78 -69.49 -6.69 -29.45
CA UNK AA 78 -68.06 -6.65 -29.76
C UNK AA 78 -67.33 -5.34 -29.47
N UNK AA 79 -68.05 -4.24 -29.25
CA UNK AA 79 -67.43 -3.06 -28.67
C UNK AA 79 -67.49 -3.13 -27.16
N UNK AA 80 -66.39 -2.74 -26.51
CA UNK AA 80 -66.22 -2.91 -25.08
C UNK AA 80 -66.47 -1.61 -24.33
N UNK AA 81 -67.33 -1.68 -23.32
CA UNK AA 81 -67.76 -0.50 -22.60
C UNK AA 81 -66.81 -0.15 -21.47
N UNK AA 82 -66.10 0.96 -21.63
CA UNK AA 82 -65.00 1.31 -20.73
C UNK AA 82 -65.44 2.01 -19.45
N UNK AA 83 -66.32 3.01 -19.53
CA UNK AA 83 -66.59 3.81 -18.35
C UNK AA 83 -68.09 3.94 -18.10
N UNK AA 84 -68.47 3.88 -16.83
CA UNK AA 84 -69.84 4.19 -16.43
C UNK AA 84 -69.91 5.62 -15.92
N UNK AA 85 -70.40 6.51 -16.76
CA UNK AA 85 -70.67 7.89 -16.35
C UNK AA 85 -72.15 8.00 -16.07
N UNK AA 86 -72.51 7.98 -14.80
CA UNK AA 86 -73.92 7.90 -14.40
C UNK AA 86 -74.34 9.13 -13.64
N UNK AA 87 -75.53 9.63 -13.99
CA UNK AA 87 -76.23 10.62 -13.17
C UNK AA 87 -76.73 9.84 -11.95
N UNK AA 88 -76.02 10.00 -10.83
CA UNK AA 88 -76.12 9.07 -9.71
C UNK AA 88 -77.30 9.42 -8.80
N UNK AA 89 -77.28 8.78 -7.61
CA UNK AA 89 -78.31 8.78 -6.55
C UNK AA 89 -79.68 8.30 -7.02
N UNK AA 90 -79.70 7.46 -8.04
CA UNK AA 90 -80.87 6.71 -8.44
C UNK AA 90 -80.51 5.30 -8.84
N UNK AA 91 -79.23 5.01 -9.09
CA UNK AA 91 -78.78 3.68 -9.45
C UNK AA 91 -77.32 3.54 -9.05
N UNK AA 92 -76.97 2.43 -8.40
CA UNK AA 92 -75.61 2.04 -8.12
C UNK AA 92 -75.15 1.11 -9.23
N UNK AA 93 -74.03 1.44 -9.86
CA UNK AA 93 -73.49 0.66 -10.97
C UNK AA 93 -72.12 0.13 -10.58
N UNK AA 94 -71.77 -1.03 -11.12
CA UNK AA 94 -70.44 -1.60 -10.96
C UNK AA 94 -69.97 -2.14 -12.30
N UNK AA 95 -68.75 -1.77 -12.69
CA UNK AA 95 -68.32 -1.94 -14.07
C UNK AA 95 -66.81 -2.01 -14.18
N UNK AA 96 -66.37 -2.94 -15.01
CA UNK AA 96 -65.01 -2.94 -15.54
C UNK AA 96 -65.00 -2.21 -16.87
N UNK AA 97 -63.93 -2.37 -17.64
CA UNK AA 97 -63.86 -1.88 -19.02
C UNK AA 97 -64.29 -2.92 -20.05
N UNK AA 98 -65.08 -3.91 -19.64
CA UNK AA 98 -65.45 -5.06 -20.45
C UNK AA 98 -66.68 -4.74 -21.28
N UNK AA 99 -67.30 -5.77 -21.87
CA UNK AA 99 -68.61 -5.62 -22.50
C UNK AA 99 -69.74 -6.03 -21.57
N UNK AA 100 -69.60 -5.76 -20.27
CA UNK AA 100 -70.58 -6.19 -19.26
C UNK AA 100 -70.50 -5.26 -18.07
N UNK AA 101 -71.65 -4.87 -17.52
CA UNK AA 101 -71.73 -4.02 -16.34
C UNK AA 101 -73.00 -4.35 -15.58
N UNK AA 102 -73.15 -3.82 -14.37
CA UNK AA 102 -74.35 -4.07 -13.56
C UNK AA 102 -74.89 -2.76 -13.02
N UNK AA 103 -76.21 -2.59 -13.11
CA UNK AA 103 -76.87 -1.40 -12.59
C UNK AA 103 -78.01 -1.80 -11.65
N UNK AA 104 -78.28 -0.97 -10.65
CA UNK AA 104 -79.37 -1.24 -9.71
C UNK AA 104 -79.98 0.07 -9.27
N UNK AA 105 -81.26 0.27 -9.52
CA UNK AA 105 -81.93 1.51 -9.13
C UNK AA 105 -82.24 1.44 -7.64
N UNK AA 106 -81.71 2.41 -6.90
CA UNK AA 106 -81.96 2.51 -5.47
C UNK AA 106 -83.24 3.25 -5.17
N UNK AA 107 -83.68 4.12 -6.08
CA UNK AA 107 -84.93 4.82 -5.90
C UNK AA 107 -86.10 3.92 -6.23
N UNK AA 108 -87.30 4.36 -5.82
CA UNK AA 108 -88.50 3.57 -6.07
C UNK AA 108 -88.96 3.71 -7.51
N UNK AA 109 -89.19 4.94 -7.96
CA UNK AA 109 -89.55 5.22 -9.34
C UNK AA 109 -88.82 6.46 -9.77
N UNK AA 110 -87.83 6.30 -10.66
CA UNK AA 110 -87.01 7.42 -11.09
C UNK AA 110 -86.45 7.12 -12.47
N UNK AA 111 -86.50 8.11 -13.36
CA UNK AA 111 -85.77 8.03 -14.60
C UNK AA 111 -84.36 8.61 -14.41
N UNK AA 112 -83.39 8.01 -15.08
CA UNK AA 112 -82.02 8.49 -14.99
C UNK AA 112 -81.33 8.27 -16.32
N UNK AA 113 -80.20 8.96 -16.50
CA UNK AA 113 -79.44 8.89 -17.75
C UNK AA 113 -78.03 8.43 -17.42
N UNK AA 114 -77.80 7.12 -17.53
CA UNK AA 114 -76.44 6.62 -17.41
C UNK AA 114 -75.78 6.58 -18.78
N UNK AA 115 -74.48 6.37 -18.78
CA UNK AA 115 -73.74 6.27 -20.03
C UNK AA 115 -72.60 5.26 -19.85
N UNK AA 116 -72.41 4.42 -20.85
CA UNK AA 116 -71.24 3.59 -20.96
C UNK AA 116 -70.39 4.14 -22.10
N UNK AA 117 -69.29 4.78 -21.74
CA UNK AA 117 -68.25 5.17 -22.68
C UNK AA 117 -67.63 3.88 -23.19
N UNK AA 118 -67.80 3.63 -24.49
CA UNK AA 118 -67.50 2.34 -25.07
C UNK AA 118 -66.30 2.46 -26.01
N UNK AA 119 -65.98 1.38 -26.71
CA UNK AA 119 -64.93 1.40 -27.74
C UNK AA 119 -65.59 1.60 -29.11
N UNK AA 120 -66.22 2.76 -29.25
CA UNK AA 120 -66.96 3.14 -30.45
C UNK AA 120 -67.02 4.66 -30.48
N UNK AA 121 -67.39 5.21 -31.65
CA UNK AA 121 -67.47 6.66 -31.81
C UNK AA 121 -68.86 7.18 -31.44
N UNK AA 122 -69.79 6.27 -31.14
CA UNK AA 122 -71.09 6.61 -30.57
C UNK AA 122 -71.16 5.83 -29.28
N UNK AA 123 -70.71 6.44 -28.18
CA UNK AA 123 -70.71 5.79 -26.88
C UNK AA 123 -72.13 5.68 -26.36
N UNK AA 124 -72.43 4.61 -25.61
CA UNK AA 124 -73.80 4.21 -25.39
C UNK AA 124 -74.44 5.02 -24.29
N UNK AA 125 -75.57 5.65 -24.61
CA UNK AA 125 -76.39 6.25 -23.59
C UNK AA 125 -77.36 5.21 -23.06
N UNK AA 126 -77.98 5.51 -21.93
CA UNK AA 126 -78.95 4.61 -21.35
C UNK AA 126 -79.94 5.43 -20.54
N UNK AA 127 -81.17 5.51 -21.03
CA UNK AA 127 -82.28 6.06 -20.27
C UNK AA 127 -82.80 4.91 -19.41
N UNK AA 128 -82.30 4.83 -18.18
CA UNK AA 128 -82.70 3.79 -17.25
C UNK AA 128 -83.92 4.29 -16.50
N UNK AA 129 -85.09 3.74 -16.82
CA UNK AA 129 -86.32 4.07 -16.12
C UNK AA 129 -86.58 3.00 -15.07
N UNK AA 130 -86.78 3.44 -13.84
CA UNK AA 130 -87.16 2.52 -12.79
C UNK AA 130 -88.67 2.28 -12.82
N UNK AA 131 -89.06 1.11 -12.30
CA UNK AA 131 -90.42 0.68 -11.93
C UNK AA 131 -91.43 0.65 -13.09
N UNK AA 132 -91.00 0.52 -14.34
CA UNK AA 132 -91.93 0.52 -15.46
C UNK AA 132 -92.35 -0.93 -15.78
N UNK AA 133 -93.07 -1.53 -14.82
CA UNK AA 133 -93.93 -2.72 -14.92
C UNK AA 133 -93.23 -4.07 -15.17
N UNK AA 134 -91.92 -4.08 -15.40
CA UNK AA 134 -91.18 -5.29 -15.67
C UNK AA 134 -89.72 -5.02 -15.32
N UNK AA 135 -89.13 -5.94 -14.57
CA UNK AA 135 -87.73 -5.83 -14.21
C UNK AA 135 -86.87 -6.47 -15.29
N UNK AA 136 -86.28 -5.64 -16.15
CA UNK AA 136 -85.38 -6.13 -17.18
C UNK AA 136 -84.06 -6.48 -16.52
N UNK AA 137 -83.94 -7.73 -16.07
CA UNK AA 137 -82.78 -8.17 -15.31
C UNK AA 137 -81.54 -8.37 -16.19
N UNK AA 138 -81.72 -8.51 -17.50
CA UNK AA 138 -80.59 -8.62 -18.40
C UNK AA 138 -80.94 -7.98 -19.74
N UNK AA 139 -80.21 -6.93 -20.09
CA UNK AA 139 -80.30 -6.34 -21.42
C UNK AA 139 -79.07 -6.74 -22.21
N UNK AA 140 -79.25 -6.93 -23.51
CA UNK AA 140 -78.15 -7.26 -24.40
C UNK AA 140 -77.93 -6.12 -25.39
N UNK AA 141 -76.89 -5.35 -25.15
CA UNK AA 141 -76.58 -4.18 -25.95
C UNK AA 141 -75.84 -4.63 -27.20
N UNK AA 142 -76.59 -5.04 -28.22
CA UNK AA 142 -76.01 -5.38 -29.51
C UNK AA 142 -75.63 -4.07 -30.19
N UNK AA 143 -74.34 -3.74 -30.13
CA UNK AA 143 -73.79 -2.57 -30.77
C UNK AA 143 -73.73 -2.76 -32.28
N UNK AA 144 -73.59 -1.64 -32.98
CA UNK AA 144 -73.50 -1.66 -34.43
C UNK AA 144 -72.04 -1.83 -34.89
N UNK BA 1 -106.69 26.40 12.83
CA UNK BA 1 -106.79 25.09 12.21
C UNK BA 1 -106.33 25.19 10.76
N UNK BA 2 -106.80 26.25 10.10
CA UNK BA 2 -106.38 26.53 8.74
C UNK BA 2 -104.93 26.97 8.67
N UNK BA 3 -104.46 27.70 9.70
CA UNK BA 3 -103.05 28.07 9.79
C UNK BA 3 -102.17 26.88 10.10
N UNK BA 4 -102.71 25.91 10.86
CA UNK BA 4 -101.98 24.69 11.18
C UNK BA 4 -101.85 23.75 9.99
N UNK BA 5 -102.94 23.53 9.25
CA UNK BA 5 -102.86 22.72 8.03
C UNK BA 5 -102.15 23.46 6.90
N UNK BA 6 -102.15 24.80 6.93
CA UNK BA 6 -101.40 25.59 5.96
C UNK BA 6 -99.90 25.54 6.24
N UNK BA 7 -99.50 25.57 7.51
CA UNK BA 7 -98.08 25.44 7.83
C UNK BA 7 -97.60 24.01 7.67
N UNK BA 8 -98.49 23.03 7.88
CA UNK BA 8 -98.20 21.63 7.57
C UNK BA 8 -98.02 21.41 6.09
N UNK BA 9 -98.86 22.05 5.26
CA UNK BA 9 -98.69 22.04 3.83
C UNK BA 9 -97.46 22.85 3.39
N UNK BA 10 -97.06 23.86 4.16
CA UNK BA 10 -95.85 24.62 3.86
C UNK BA 10 -94.59 23.82 4.10
N UNK BA 11 -94.53 23.08 5.21
CA UNK BA 11 -93.38 22.23 5.48
C UNK BA 11 -93.36 20.99 4.59
N UNK BA 12 -94.54 20.43 4.27
CA UNK BA 12 -94.61 19.29 3.35
C UNK BA 12 -94.36 19.72 1.92
N UNK BA 13 -94.69 20.97 1.58
CA UNK BA 13 -94.38 21.51 0.27
C UNK BA 13 -92.90 21.85 0.14
N UNK BA 14 -92.27 22.25 1.25
CA UNK BA 14 -90.82 22.43 1.26
C UNK BA 14 -90.10 21.10 1.16
N UNK BA 15 -90.69 20.04 1.74
CA UNK BA 15 -90.16 18.68 1.59
C UNK BA 15 -90.33 18.15 0.18
N UNK BA 16 -91.49 18.39 -0.44
CA UNK BA 16 -91.74 17.95 -1.81
C UNK BA 16 -90.97 18.79 -2.82
N UNK BA 17 -90.73 20.07 -2.51
CA UNK BA 17 -89.90 20.91 -3.36
C UNK BA 17 -88.43 20.56 -3.23
N UNK BA 18 -87.97 20.15 -2.05
CA UNK BA 18 -86.60 19.68 -1.88
C UNK BA 18 -86.40 18.33 -2.54
N UNK BA 19 -87.44 17.48 -2.54
CA UNK BA 19 -87.36 16.22 -3.27
C UNK BA 19 -87.42 16.42 -4.77
N UNK BA 20 -88.16 17.43 -5.23
CA UNK BA 20 -88.17 17.75 -6.65
C UNK BA 20 -86.95 18.54 -7.08
N UNK BA 21 -86.21 19.13 -6.16
CA UNK BA 21 -85.00 19.86 -6.49
C UNK BA 21 -83.73 19.03 -6.36
N UNK BA 22 -83.73 17.99 -5.54
CA UNK BA 22 -82.52 17.20 -5.36
C UNK BA 22 -82.34 16.22 -6.51
N UNK BA 23 -81.20 16.34 -7.21
CA UNK BA 23 -80.85 15.46 -8.32
C UNK BA 23 -79.33 15.44 -8.39
N UNK BA 24 -78.76 14.25 -8.57
CA UNK BA 24 -77.30 14.15 -8.60
C UNK BA 24 -76.79 14.06 -10.05
N UNK BA 25 -75.55 14.52 -10.23
CA UNK BA 25 -74.99 14.68 -11.56
C UNK BA 25 -74.13 13.48 -11.92
N UNK BA 26 -73.38 13.61 -13.02
CA UNK BA 26 -72.62 12.51 -13.59
C UNK BA 26 -71.35 12.23 -12.81
N UNK BA 27 -71.12 10.94 -12.56
CA UNK BA 27 -69.88 10.43 -11.99
C UNK BA 27 -69.33 9.40 -12.97
N UNK BA 28 -68.08 9.60 -13.40
CA UNK BA 28 -67.48 8.79 -14.47
C UNK BA 28 -66.54 7.76 -13.85
N UNK BA 29 -67.11 6.66 -13.38
CA UNK BA 29 -66.31 5.53 -12.92
C UNK BA 29 -65.69 4.82 -14.11
N UNK BA 30 -64.37 4.92 -14.23
CA UNK BA 30 -63.67 4.41 -15.41
C UNK BA 30 -62.65 3.37 -14.98
N UNK BA 31 -62.72 2.19 -15.59
CA UNK BA 31 -61.74 1.14 -15.36
C UNK BA 31 -60.89 0.96 -16.61
N UNK BA 32 -59.73 0.35 -16.45
CA UNK BA 32 -58.81 0.14 -17.57
C UNK BA 32 -57.97 -1.11 -17.35
N UNK CA 1 -70.97 -22.19 88.82
CA UNK CA 1 -70.45 -21.29 87.80
C UNK CA 1 -69.82 -22.10 86.68
N UNK CA 2 -69.43 -23.33 87.04
CA UNK CA 2 -68.90 -24.28 86.08
C UNK CA 2 -69.95 -24.74 85.09
N UNK CA 3 -71.20 -24.85 85.55
CA UNK CA 3 -72.30 -25.14 84.65
C UNK CA 3 -72.64 -23.95 83.76
N UNK CA 4 -72.37 -22.73 84.24
CA UNK CA 4 -72.55 -21.54 83.42
C UNK CA 4 -71.51 -21.44 82.31
N UNK CA 5 -70.25 -21.78 82.63
CA UNK CA 5 -69.20 -21.81 81.61
C UNK CA 5 -69.39 -22.97 80.64
N UNK CA 6 -69.92 -24.09 81.13
CA UNK CA 6 -70.15 -25.25 80.26
C UNK CA 6 -71.34 -25.05 79.33
N UNK CA 7 -72.40 -24.42 79.83
CA UNK CA 7 -73.55 -24.14 78.97
C UNK CA 7 -73.27 -22.97 78.04
N UNK CA 8 -72.38 -22.04 78.44
CA UNK CA 8 -71.94 -20.99 77.54
C UNK CA 8 -71.07 -21.54 76.41
N UNK CA 9 -70.22 -22.53 76.72
CA UNK CA 9 -69.44 -23.20 75.68
C UNK CA 9 -70.31 -24.11 74.83
N UNK CA 10 -71.39 -24.65 75.40
CA UNK CA 10 -72.33 -25.46 74.65
C UNK CA 10 -73.15 -24.64 73.67
N UNK CA 11 -73.60 -23.46 74.10
CA UNK CA 11 -74.32 -22.57 73.18
C UNK CA 11 -73.38 -21.91 72.18
N UNK CA 12 -72.10 -21.76 72.57
CA UNK CA 12 -71.10 -21.26 71.63
C UNK CA 12 -70.76 -22.29 70.56
N UNK CA 13 -70.67 -23.57 70.92
CA UNK CA 13 -70.46 -24.61 69.92
C UNK CA 13 -71.72 -24.87 69.10
N UNK CA 14 -72.90 -24.60 69.67
CA UNK CA 14 -74.13 -24.67 68.90
C UNK CA 14 -74.28 -23.51 67.92
N UNK CA 15 -73.78 -22.32 68.27
CA UNK CA 15 -73.89 -21.19 67.36
C UNK CA 15 -72.73 -21.11 66.39
N UNK CA 16 -71.59 -21.73 66.71
CA UNK CA 16 -70.42 -21.66 65.84
C UNK CA 16 -70.58 -22.61 64.66
N UNK CA 17 -70.66 -23.91 64.92
CA UNK CA 17 -71.14 -24.85 63.92
C UNK CA 17 -72.64 -24.66 63.89
N UNK CA 18 -73.12 -23.91 62.90
CA UNK CA 18 -74.48 -23.36 62.94
C UNK CA 18 -75.54 -24.39 62.58
N UNK CA 19 -75.13 -25.50 61.97
CA UNK CA 19 -76.05 -26.60 61.72
C UNK CA 19 -75.57 -27.87 62.41
N UNK CA 20 -76.43 -28.88 62.43
CA UNK CA 20 -76.07 -30.17 62.98
C UNK CA 20 -75.18 -30.92 62.00
N UNK CA 21 -74.35 -31.82 62.55
CA UNK CA 21 -73.41 -32.57 61.73
C UNK CA 21 -74.08 -33.64 60.90
N UNK CA 22 -75.22 -34.16 61.34
CA UNK CA 22 -76.01 -35.01 60.46
C UNK CA 22 -76.77 -34.18 59.44
N UNK CA 23 -77.13 -32.94 59.81
CA UNK CA 23 -77.84 -32.06 58.91
C UNK CA 23 -76.96 -31.52 57.80
N UNK CA 24 -75.64 -31.47 58.02
CA UNK CA 24 -74.70 -31.10 56.97
C UNK CA 24 -74.63 -32.17 55.88
N UNK CA 25 -74.62 -33.45 56.28
CA UNK CA 25 -74.66 -34.52 55.28
C UNK CA 25 -76.04 -34.67 54.67
N UNK CA 26 -77.10 -34.29 55.41
CA UNK CA 26 -78.44 -34.27 54.85
C UNK CA 26 -78.59 -33.17 53.81
N UNK CA 27 -77.99 -32.01 54.06
CA UNK CA 27 -78.00 -30.93 53.06
C UNK CA 27 -77.06 -31.23 51.90
N UNK CA 28 -76.01 -32.03 52.15
CA UNK CA 28 -75.16 -32.47 51.04
C UNK CA 28 -75.85 -33.49 50.16
N UNK CA 29 -76.67 -34.36 50.76
CA UNK CA 29 -77.46 -35.30 49.97
C UNK CA 29 -78.59 -34.60 49.24
N UNK CA 30 -79.16 -33.57 49.86
CA UNK CA 30 -80.17 -32.76 49.19
C UNK CA 30 -79.56 -31.91 48.09
N UNK CA 31 -78.31 -31.49 48.26
CA UNK CA 31 -77.63 -30.70 47.24
C UNK CA 31 -77.19 -31.58 46.09
N UNK CA 32 -76.82 -32.83 46.37
CA UNK CA 32 -76.47 -33.78 45.32
C UNK CA 32 -77.69 -34.22 44.55
N UNK CA 33 -78.82 -34.40 45.24
CA UNK CA 33 -80.06 -34.72 44.56
C UNK CA 33 -80.60 -33.53 43.80
N UNK CA 34 -80.36 -32.31 44.29
CA UNK CA 34 -80.79 -31.10 43.60
C UNK CA 34 -79.94 -30.82 42.38
N UNK CA 35 -78.64 -31.10 42.45
CA UNK CA 35 -77.76 -30.93 41.31
C UNK CA 35 -77.98 -32.00 40.26
N UNK CA 36 -78.25 -33.24 40.68
CA UNK CA 36 -78.56 -34.29 39.72
C UNK CA 36 -79.98 -34.17 39.19
N UNK CA 37 -80.85 -33.46 39.90
CA UNK CA 37 -82.17 -33.16 39.36
C UNK CA 37 -82.11 -32.01 38.36
N UNK CA 38 -81.37 -30.95 38.69
CA UNK CA 38 -81.26 -29.80 37.80
C UNK CA 38 -80.37 -30.06 36.61
N UNK CA 39 -79.48 -31.06 36.68
CA UNK CA 39 -78.75 -31.53 35.52
C UNK CA 39 -79.42 -32.74 34.91
N UNK CA 40 -80.39 -33.33 35.61
CA UNK CA 40 -81.24 -34.33 34.99
C UNK CA 40 -82.25 -33.64 34.08
N UNK CA 41 -82.50 -34.26 32.95
CA UNK CA 41 -83.47 -33.68 32.03
C UNK CA 41 -84.86 -34.21 32.33
N UNK CA 42 -85.77 -33.97 31.38
CA UNK CA 42 -86.86 -34.90 31.19
C UNK CA 42 -86.26 -36.27 30.86
N UNK CA 43 -86.57 -37.23 31.74
CA UNK CA 43 -85.69 -38.34 32.14
C UNK CA 43 -85.24 -39.29 31.03
N UNK CA 44 -86.02 -39.38 29.96
CA UNK CA 44 -85.67 -40.22 28.82
C UNK CA 44 -84.54 -39.55 28.03
N UNK CA 45 -83.33 -40.05 28.18
CA UNK CA 45 -82.22 -39.62 27.35
C UNK CA 45 -82.40 -40.26 25.98
N UNK CA 46 -82.80 -39.43 25.00
CA UNK CA 46 -82.97 -39.87 23.62
C UNK CA 46 -81.60 -40.12 23.02
N UNK CA 47 -81.17 -41.38 23.07
CA UNK CA 47 -79.76 -41.70 23.15
C UNK CA 47 -79.09 -41.72 21.79
N UNK CA 48 -77.86 -42.24 21.80
CA UNK CA 48 -76.94 -42.13 20.68
C UNK CA 48 -76.52 -43.50 20.18
N UNK CA 49 -76.36 -43.60 18.86
CA UNK CA 49 -75.94 -44.81 18.17
C UNK CA 49 -75.27 -44.42 16.87
N UNK CA 50 -74.73 -45.42 16.16
CA UNK CA 50 -74.01 -45.16 14.93
C UNK CA 50 -74.93 -45.28 13.72
N UNK CA 51 -74.50 -44.72 12.60
CA UNK CA 51 -75.33 -44.65 11.40
C UNK CA 51 -74.44 -44.49 10.17
N UNK CA 52 -75.09 -44.54 9.01
CA UNK CA 52 -74.44 -44.34 7.72
C UNK CA 52 -75.32 -43.44 6.87
N UNK CA 53 -74.72 -42.82 5.87
CA UNK CA 53 -75.43 -41.80 5.10
C UNK CA 53 -74.84 -41.70 3.70
N UNK CA 54 -75.72 -41.78 2.70
CA UNK CA 54 -75.31 -41.77 1.31
C UNK CA 54 -75.58 -40.41 0.68
N UNK CA 55 -74.61 -39.94 -0.11
CA UNK CA 55 -74.61 -38.58 -0.62
C UNK CA 55 -75.35 -38.48 -1.94
N UNK CA 56 -76.67 -38.31 -1.86
CA UNK CA 56 -77.51 -38.18 -3.04
C UNK CA 56 -77.36 -36.77 -3.61
N UNK CA 57 -77.31 -36.65 -4.94
CA UNK CA 57 -76.70 -35.44 -5.50
C UNK CA 57 -77.50 -34.73 -6.59
N UNK CA 58 -78.32 -35.40 -7.40
CA UNK CA 58 -78.77 -34.80 -8.66
C UNK CA 58 -79.93 -33.84 -8.47
N UNK CA 59 -81.09 -34.36 -8.09
CA UNK CA 59 -82.22 -33.56 -7.60
C UNK CA 59 -82.94 -34.47 -6.61
N UNK CA 60 -82.54 -34.37 -5.34
CA UNK CA 60 -82.85 -35.43 -4.39
C UNK CA 60 -83.16 -34.80 -3.04
N UNK CA 61 -83.60 -35.66 -2.11
CA UNK CA 61 -83.72 -35.26 -0.73
C UNK CA 61 -82.34 -35.08 -0.12
N UNK CA 62 -82.16 -33.96 0.56
CA UNK CA 62 -80.82 -33.56 1.02
C UNK CA 62 -80.43 -34.32 2.28
N UNK CA 63 -79.17 -34.13 2.68
CA UNK CA 63 -78.66 -34.85 3.83
C UNK CA 63 -79.12 -34.20 5.12
N UNK CA 64 -79.69 -35.03 5.98
CA UNK CA 64 -80.09 -34.62 7.32
C UNK CA 64 -78.93 -34.92 8.25
N UNK CA 65 -78.16 -33.88 8.56
CA UNK CA 65 -77.12 -33.96 9.58
C UNK CA 65 -77.81 -34.03 10.94
N UNK CA 66 -78.00 -35.26 11.43
CA UNK CA 66 -78.79 -35.55 12.62
C UNK CA 66 -77.97 -35.21 13.86
N UNK CA 67 -77.94 -33.93 14.20
CA UNK CA 67 -77.43 -33.42 15.46
C UNK CA 67 -78.47 -33.63 16.56
N UNK CA 68 -78.13 -33.20 17.77
CA UNK CA 68 -78.97 -33.42 18.93
C UNK CA 68 -78.72 -32.30 19.92
N UNK CA 69 -79.05 -32.56 21.19
CA UNK CA 69 -78.41 -31.84 22.29
C UNK CA 69 -77.07 -32.47 22.69
N UNK CA 70 -76.67 -33.57 22.07
CA UNK CA 70 -75.33 -34.10 22.17
C UNK CA 70 -74.57 -33.88 20.86
N UNK CA 71 -73.25 -33.82 20.95
CA UNK CA 71 -72.40 -33.44 19.83
C UNK CA 71 -72.01 -34.64 18.99
N UNK CA 72 -71.77 -34.40 17.70
CA UNK CA 72 -71.62 -35.50 16.74
C UNK CA 72 -70.44 -35.27 15.82
N UNK CA 73 -70.12 -36.32 15.05
CA UNK CA 73 -69.03 -36.31 14.08
C UNK CA 73 -69.56 -36.79 12.74
N UNK CA 74 -68.90 -36.39 11.66
CA UNK CA 74 -69.26 -36.83 10.31
C UNK CA 74 -67.97 -37.09 9.54
N UNK CA 75 -67.59 -38.36 9.43
CA UNK CA 75 -66.43 -38.76 8.66
C UNK CA 75 -66.89 -39.78 7.62
N UNK CA 76 -66.53 -39.53 6.36
CA UNK CA 76 -66.96 -40.25 5.18
C UNK CA 76 -66.00 -41.37 4.82
N UNK CA 77 -66.10 -41.81 3.56
CA UNK CA 77 -64.99 -42.48 2.87
C UNK CA 77 -63.96 -41.47 2.36
N UNK CA 78 -63.10 -41.93 1.46
CA UNK CA 78 -61.78 -41.35 1.13
C UNK CA 78 -61.69 -39.92 0.59
N UNK CA 79 -62.81 -39.23 0.38
CA UNK CA 79 -62.76 -37.85 -0.09
C UNK CA 79 -62.90 -36.87 1.07
N UNK CA 80 -62.03 -35.86 1.08
CA UNK CA 80 -61.98 -34.88 2.15
C UNK CA 80 -63.03 -33.79 1.96
N UNK CA 81 -63.55 -33.29 3.07
CA UNK CA 81 -64.48 -32.16 3.04
C UNK CA 81 -63.72 -30.86 2.83
N UNK CA 82 -63.96 -30.24 1.68
CA UNK CA 82 -63.12 -29.16 1.19
C UNK CA 82 -63.52 -27.78 1.68
N UNK CA 83 -64.80 -27.42 1.64
CA UNK CA 83 -65.20 -26.07 2.02
C UNK CA 83 -66.58 -26.08 2.65
N UNK CA 84 -66.90 -25.06 3.43
CA UNK CA 84 -68.24 -24.92 3.99
C UNK CA 84 -68.75 -23.51 3.74
N UNK CA 85 -70.05 -23.41 3.44
CA UNK CA 85 -70.72 -22.12 3.40
C UNK CA 85 -72.01 -22.27 4.19
N UNK CA 86 -72.06 -21.68 5.38
CA UNK CA 86 -73.14 -21.99 6.30
C UNK CA 86 -73.83 -20.72 6.81
N UNK CA 87 -75.05 -20.91 7.29
CA UNK CA 87 -75.80 -19.88 8.01
C UNK CA 87 -75.25 -19.89 9.43
N UNK CA 88 -74.32 -18.98 9.71
CA UNK CA 88 -73.46 -19.08 10.88
C UNK CA 88 -74.15 -18.56 12.14
N UNK CA 89 -73.34 -18.50 13.21
CA UNK CA 89 -73.66 -17.99 14.57
C UNK CA 89 -74.79 -18.74 15.26
N UNK CA 90 -75.03 -19.99 14.89
CA UNK CA 90 -75.91 -20.88 15.64
C UNK CA 90 -75.38 -22.30 15.76
N UNK CA 91 -74.40 -22.68 14.95
CA UNK CA 91 -73.97 -24.08 14.91
C UNK CA 91 -72.46 -24.11 14.76
N UNK CA 92 -71.77 -24.61 15.78
CA UNK CA 92 -70.33 -24.81 15.71
C UNK CA 92 -70.07 -26.01 14.82
N UNK CA 93 -69.88 -25.74 13.53
CA UNK CA 93 -69.47 -26.74 12.56
C UNK CA 93 -67.96 -26.64 12.45
N UNK CA 94 -67.25 -27.31 13.36
CA UNK CA 94 -65.80 -27.36 13.35
C UNK CA 94 -65.37 -28.24 12.19
N UNK CA 95 -65.09 -27.60 11.05
CA UNK CA 95 -64.86 -28.30 9.80
C UNK CA 95 -63.47 -27.94 9.30
N UNK CA 96 -62.57 -28.91 9.41
CA UNK CA 96 -61.22 -28.76 8.91
C UNK CA 96 -61.15 -29.23 7.47
N UNK CA 97 -59.93 -29.43 6.96
CA UNK CA 97 -59.72 -29.91 5.59
C UNK CA 97 -59.65 -31.43 5.50
N UNK CA 98 -60.15 -32.15 6.50
CA UNK CA 98 -60.14 -33.61 6.47
C UNK CA 98 -61.45 -34.11 5.87
N UNK CA 99 -61.70 -35.42 5.97
CA UNK CA 99 -62.99 -36.00 5.65
C UNK CA 99 -63.91 -35.95 6.86
N UNK CA 100 -63.36 -35.63 8.03
CA UNK CA 100 -64.10 -35.60 9.27
C UNK CA 100 -64.44 -34.16 9.61
N UNK CA 101 -65.70 -33.92 9.93
CA UNK CA 101 -66.20 -32.63 10.39
C UNK CA 101 -66.97 -32.86 11.68
N UNK CA 102 -66.59 -32.15 12.75
CA UNK CA 102 -67.19 -32.38 14.07
C UNK CA 102 -68.10 -31.20 14.38
N UNK CA 103 -69.28 -31.49 14.94
CA UNK CA 103 -70.32 -30.48 15.08
C UNK CA 103 -70.97 -30.50 16.46
N UNK CA 104 -71.39 -29.30 16.90
CA UNK CA 104 -72.24 -29.12 18.07
C UNK CA 104 -73.08 -27.86 17.87
N UNK CA 105 -74.40 -28.00 18.04
CA UNK CA 105 -75.32 -26.88 17.84
C UNK CA 105 -75.34 -26.04 19.11
N UNK CA 106 -75.35 -24.71 18.95
CA UNK CA 106 -75.53 -23.86 20.11
C UNK CA 106 -76.98 -23.78 20.54
N UNK CA 107 -77.91 -23.81 19.59
CA UNK CA 107 -79.33 -23.64 19.90
C UNK CA 107 -79.99 -24.97 20.22
N UNK CA 108 -80.95 -24.91 21.14
CA UNK CA 108 -81.57 -26.10 21.72
C UNK CA 108 -82.57 -26.77 20.77
N UNK CA 109 -83.07 -26.04 19.78
CA UNK CA 109 -83.92 -26.63 18.75
C UNK CA 109 -83.43 -26.08 17.41
N UNK CA 110 -82.47 -26.77 16.80
CA UNK CA 110 -81.68 -26.17 15.74
C UNK CA 110 -82.08 -26.75 14.39
N UNK CA 111 -82.35 -25.84 13.46
CA UNK CA 111 -82.47 -26.17 12.05
C UNK CA 111 -81.70 -25.14 11.22
N UNK CA 112 -80.65 -25.60 10.55
CA UNK CA 112 -79.79 -24.68 9.83
C UNK CA 112 -79.30 -25.32 8.55
N UNK CA 113 -78.74 -24.50 7.68
CA UNK CA 113 -78.31 -24.95 6.35
C UNK CA 113 -76.79 -24.84 6.25
N UNK CA 114 -76.14 -25.98 6.06
CA UNK CA 114 -74.76 -25.97 5.63
C UNK CA 114 -74.70 -26.11 4.11
N UNK CA 115 -73.56 -25.73 3.55
CA UNK CA 115 -73.26 -26.05 2.16
C UNK CA 115 -71.88 -26.68 2.15
N UNK CA 116 -71.85 -28.02 2.09
CA UNK CA 116 -70.62 -28.80 2.12
C UNK CA 116 -70.10 -28.95 0.70
N UNK CA 117 -68.92 -28.41 0.46
CA UNK CA 117 -68.17 -28.71 -0.74
C UNK CA 117 -67.20 -29.82 -0.39
N UNK CA 118 -67.35 -30.96 -1.05
CA UNK CA 118 -66.37 -32.04 -0.99
C UNK CA 118 -65.35 -31.82 -2.11
N UNK CA 119 -64.54 -32.83 -2.40
CA UNK CA 119 -63.70 -32.79 -3.59
C UNK CA 119 -64.60 -33.03 -4.81
N UNK CA 120 -65.11 -31.92 -5.35
CA UNK CA 120 -66.16 -31.94 -6.35
C UNK CA 120 -66.16 -30.62 -7.10
N UNK CA 121 -67.07 -30.49 -8.07
CA UNK CA 121 -67.29 -29.26 -8.81
C UNK CA 121 -68.73 -28.77 -8.72
N UNK CA 122 -69.47 -29.24 -7.72
CA UNK CA 122 -70.86 -28.83 -7.47
C UNK CA 122 -71.10 -29.02 -5.97
N UNK CA 123 -71.25 -27.91 -5.25
CA UNK CA 123 -71.33 -27.97 -3.79
C UNK CA 123 -72.72 -28.42 -3.34
N UNK CA 124 -72.76 -29.31 -2.35
CA UNK CA 124 -74.02 -29.88 -1.91
C UNK CA 124 -74.47 -29.23 -0.61
N UNK CA 125 -75.61 -28.58 -0.64
CA UNK CA 125 -76.17 -28.03 0.59
C UNK CA 125 -76.81 -29.16 1.40
N UNK CA 126 -77.03 -28.89 2.69
CA UNK CA 126 -77.43 -29.92 3.63
C UNK CA 126 -78.17 -29.26 4.77
N UNK CA 127 -79.06 -30.00 5.42
CA UNK CA 127 -79.80 -29.46 6.55
C UNK CA 127 -79.33 -30.11 7.84
N UNK CA 128 -78.79 -29.30 8.74
CA UNK CA 128 -78.40 -29.77 10.06
C UNK CA 128 -79.57 -29.57 11.01
N UNK CA 129 -79.93 -30.63 11.72
CA UNK CA 129 -81.14 -30.63 12.54
C UNK CA 129 -80.88 -31.30 13.89
N UNK CA 130 -81.39 -30.68 14.95
CA UNK CA 130 -81.10 -31.15 16.29
C UNK CA 130 -82.31 -31.86 16.92
N UNK CA 131 -82.05 -33.07 17.42
CA UNK CA 131 -82.80 -33.82 18.44
C UNK CA 131 -84.21 -34.26 18.03
N UNK CA 132 -84.41 -34.69 16.78
CA UNK CA 132 -85.68 -35.30 16.39
C UNK CA 132 -85.60 -36.81 16.64
N UNK CA 133 -85.75 -37.17 17.93
CA UNK CA 133 -85.94 -38.51 18.48
C UNK CA 133 -84.84 -39.53 18.20
N UNK CA 134 -83.63 -39.07 17.90
CA UNK CA 134 -82.47 -39.93 17.72
C UNK CA 134 -81.22 -39.11 18.01
N UNK CA 135 -80.10 -39.80 18.22
CA UNK CA 135 -78.80 -39.15 18.13
C UNK CA 135 -77.82 -40.08 17.42
N UNK CA 136 -77.17 -39.56 16.38
CA UNK CA 136 -76.16 -40.31 15.64
C UNK CA 136 -74.79 -39.84 16.11
N UNK CA 137 -74.18 -40.64 17.00
CA UNK CA 137 -72.90 -40.28 17.56
C UNK CA 137 -71.75 -40.52 16.58
N UNK CA 138 -71.93 -41.38 15.59
CA UNK CA 138 -70.89 -41.64 14.60
C UNK CA 138 -71.55 -42.03 13.29
N UNK CA 139 -71.36 -41.22 12.26
CA UNK CA 139 -71.98 -41.47 10.97
C UNK CA 139 -70.92 -41.64 9.89
N UNK CA 140 -70.99 -42.75 9.17
CA UNK CA 140 -70.10 -43.04 8.06
C UNK CA 140 -70.84 -42.66 6.78
N UNK CA 141 -70.26 -41.77 5.98
CA UNK CA 141 -70.93 -41.26 4.79
C UNK CA 141 -70.39 -41.97 3.57
N UNK CA 142 -71.23 -42.84 3.01
CA UNK CA 142 -71.02 -43.37 1.67
C UNK CA 142 -71.22 -42.24 0.68
N UNK CA 143 -70.12 -41.73 0.13
CA UNK CA 143 -70.20 -40.75 -0.92
C UNK CA 143 -70.56 -41.45 -2.23
N UNK CA 144 -71.44 -40.82 -3.00
CA UNK CA 144 -71.80 -41.35 -4.30
C UNK CA 144 -70.86 -40.80 -5.37
N UNK DA 1 -102.62 -3.12 35.38
CA UNK DA 1 -103.08 -4.46 35.78
C UNK DA 1 -103.06 -5.38 34.57
N UNK DA 2 -104.20 -5.50 33.90
CA UNK DA 2 -104.25 -6.20 32.61
C UNK DA 2 -103.53 -5.42 31.54
N UNK DA 3 -103.55 -4.08 31.64
CA UNK DA 3 -102.76 -3.24 30.74
C UNK DA 3 -101.27 -3.36 31.03
N UNK DA 4 -100.90 -3.57 32.30
CA UNK DA 4 -99.51 -3.82 32.65
C UNK DA 4 -99.03 -5.19 32.19
N UNK DA 5 -99.91 -6.19 32.25
CA UNK DA 5 -99.61 -7.51 31.72
C UNK DA 5 -99.52 -7.50 30.20
N UNK DA 6 -100.32 -6.65 29.55
CA UNK DA 6 -100.22 -6.47 28.11
C UNK DA 6 -98.96 -5.71 27.72
N UNK DA 7 -98.51 -4.80 28.59
CA UNK DA 7 -97.25 -4.08 28.35
C UNK DA 7 -96.04 -4.98 28.53
N UNK DA 8 -96.09 -5.88 29.52
CA UNK DA 8 -95.02 -6.86 29.69
C UNK DA 8 -95.06 -7.93 28.60
N UNK DA 9 -96.26 -8.24 28.09
CA UNK DA 9 -96.40 -9.12 26.93
C UNK DA 9 -95.88 -8.45 25.67
N UNK DA 10 -96.05 -7.13 25.56
CA UNK DA 10 -95.50 -6.38 24.44
C UNK DA 10 -93.98 -6.28 24.53
N UNK DA 11 -93.43 -6.21 25.74
CA UNK DA 11 -91.99 -6.20 25.93
C UNK DA 11 -91.37 -7.56 25.63
N UNK DA 12 -92.03 -8.63 26.07
CA UNK DA 12 -91.58 -9.99 25.78
C UNK DA 12 -91.76 -10.35 24.32
N UNK DA 13 -92.78 -9.79 23.67
CA UNK DA 13 -92.96 -9.99 22.24
C UNK DA 13 -91.99 -9.15 21.44
N UNK DA 14 -91.53 -8.02 22.00
CA UNK DA 14 -90.49 -7.23 21.36
C UNK DA 14 -89.13 -7.95 21.43
N UNK DA 15 -88.85 -8.60 22.56
CA UNK DA 15 -87.64 -9.41 22.69
C UNK DA 15 -87.70 -10.66 21.81
N UNK DA 16 -88.88 -11.28 21.71
CA UNK DA 16 -89.06 -12.44 20.84
C UNK DA 16 -89.05 -12.04 19.36
N UNK DA 17 -89.49 -10.81 19.05
CA UNK DA 17 -89.40 -10.30 17.69
C UNK DA 17 -87.98 -9.95 17.30
N UNK DA 18 -87.18 -9.45 18.23
CA UNK DA 18 -85.77 -9.19 17.94
C UNK DA 18 -84.97 -10.48 17.81
N UNK DA 19 -85.29 -11.50 18.62
CA UNK DA 19 -84.64 -12.80 18.46
C UNK DA 19 -85.12 -13.54 17.22
N UNK DA 20 -86.38 -13.33 16.81
CA UNK DA 20 -86.86 -13.91 15.57
C UNK DA 20 -86.37 -13.15 14.34
N UNK DA 21 -86.02 -11.87 14.49
CA UNK DA 21 -85.52 -11.10 13.37
C UNK DA 21 -83.99 -11.06 13.31
N UNK DA 22 -83.31 -11.59 14.31
CA UNK DA 22 -81.87 -11.78 14.21
C UNK DA 22 -81.53 -12.88 13.22
N UNK DA 23 -80.62 -12.57 12.29
CA UNK DA 23 -80.28 -13.49 11.21
C UNK DA 23 -78.85 -13.20 10.78
N UNK DA 24 -77.95 -14.15 11.04
CA UNK DA 24 -76.56 -13.99 10.62
C UNK DA 24 -76.41 -14.33 9.15
N UNK DA 25 -75.24 -14.02 8.60
CA UNK DA 25 -75.00 -14.15 7.17
C UNK DA 25 -74.30 -15.47 6.86
N UNK DA 26 -73.93 -15.65 5.60
CA UNK DA 26 -73.19 -16.83 5.20
C UNK DA 26 -71.73 -16.69 5.60
N UNK DA 27 -71.17 -17.79 6.10
CA UNK DA 27 -69.75 -17.87 6.43
C UNK DA 27 -69.15 -18.89 5.48
N UNK DA 28 -68.13 -18.46 4.72
CA UNK DA 28 -67.45 -19.31 3.75
C UNK DA 28 -66.16 -19.79 4.38
N UNK DA 29 -66.27 -20.79 5.25
CA UNK DA 29 -65.10 -21.38 5.89
C UNK DA 29 -64.42 -22.32 4.91
N UNK DA 30 -63.40 -21.83 4.22
CA UNK DA 30 -62.60 -22.64 3.33
C UNK DA 30 -61.36 -23.12 4.07
N UNK DA 31 -61.25 -24.43 4.24
CA UNK DA 31 -60.13 -25.03 4.95
C UNK DA 31 -59.32 -25.84 3.95
N UNK DA 32 -58.04 -25.51 3.83
CA UNK DA 32 -57.15 -26.20 2.90
C UNK DA 32 -55.84 -26.60 3.58
N UNK EA 1 -55.39 -8.90 101.19
CA UNK EA 1 -55.04 -8.42 99.87
C UNK EA 1 -54.41 -9.52 99.05
N UNK EA 2 -54.02 -10.60 99.74
CA UNK EA 2 -53.47 -11.78 99.08
C UNK EA 2 -54.52 -12.52 98.27
N UNK EA 3 -55.75 -12.60 98.80
CA UNK EA 3 -56.85 -13.19 98.04
C UNK EA 3 -57.33 -12.28 96.94
N UNK EA 4 -57.14 -10.96 97.08
CA UNK EA 4 -57.49 -10.03 96.01
C UNK EA 4 -56.49 -10.10 94.85
N UNK EA 5 -55.20 -10.25 95.17
CA UNK EA 5 -54.20 -10.46 94.13
C UNK EA 5 -54.31 -11.85 93.50
N UNK EA 6 -54.72 -12.85 94.29
CA UNK EA 6 -54.95 -14.18 93.75
C UNK EA 6 -56.21 -14.23 92.89
N UNK EA 7 -57.22 -13.42 93.23
CA UNK EA 7 -58.42 -13.33 92.41
C UNK EA 7 -58.17 -12.54 91.13
N UNK EA 8 -57.28 -11.54 91.20
CA UNK EA 8 -56.85 -10.81 90.00
C UNK EA 8 -56.04 -11.71 89.06
N UNK EA 9 -55.18 -12.57 89.64
CA UNK EA 9 -54.40 -13.51 88.85
C UNK EA 9 -55.25 -14.64 88.28
N UNK EA 10 -56.24 -15.12 89.04
CA UNK EA 10 -57.12 -16.18 88.55
C UNK EA 10 -58.12 -15.67 87.54
N UNK EA 11 -58.57 -14.41 87.69
CA UNK EA 11 -59.44 -13.80 86.70
C UNK EA 11 -58.68 -13.46 85.43
N UNK EA 12 -57.40 -13.08 85.55
CA UNK EA 12 -56.53 -12.92 84.40
C UNK EA 12 -56.22 -14.24 83.71
N UNK EA 13 -56.10 -15.33 84.47
CA UNK EA 13 -55.87 -16.65 83.88
C UNK EA 13 -57.11 -17.19 83.19
N UNK EA 14 -58.29 -16.96 83.76
CA UNK EA 14 -59.53 -17.35 83.11
C UNK EA 14 -59.88 -16.45 81.93
N UNK EA 15 -59.43 -15.20 81.94
CA UNK EA 15 -59.62 -14.34 80.78
C UNK EA 15 -58.61 -14.65 79.69
N UNK EA 16 -57.41 -15.12 80.06
CA UNK EA 16 -56.38 -15.42 79.08
C UNK EA 16 -56.67 -16.76 78.39
N UNK EA 17 -56.73 -17.83 79.18
CA UNK EA 17 -57.19 -19.12 78.66
C UNK EA 17 -58.71 -19.05 78.59
N UNK EA 18 -59.22 -18.76 77.39
CA UNK EA 18 -60.65 -18.59 77.21
C UNK EA 18 -61.37 -19.93 77.17
N UNK EA 19 -60.99 -20.80 76.25
CA UNK EA 19 -61.59 -22.12 76.21
C UNK EA 19 -60.90 -23.05 77.20
N UNK EA 20 -61.63 -24.06 77.63
CA UNK EA 20 -61.08 -25.02 78.59
C UNK EA 20 -60.20 -26.04 77.88
N UNK EA 21 -59.43 -26.78 78.69
CA UNK EA 21 -58.49 -27.74 78.14
C UNK EA 21 -59.19 -29.01 77.65
N UNK EA 22 -60.21 -29.48 78.37
CA UNK EA 22 -60.98 -30.61 77.88
C UNK EA 22 -61.92 -30.20 76.75
N UNK EA 23 -62.40 -28.96 76.80
CA UNK EA 23 -63.26 -28.43 75.75
C UNK EA 23 -62.50 -28.16 74.46
N UNK EA 24 -61.18 -27.91 74.55
CA UNK EA 24 -60.37 -27.76 73.34
C UNK EA 24 -60.20 -29.08 72.60
N UNK EA 25 -60.01 -30.18 73.33
CA UNK EA 25 -59.93 -31.48 72.68
C UNK EA 25 -61.30 -31.96 72.22
N UNK EA 26 -62.36 -31.58 72.93
CA UNK EA 26 -63.72 -31.90 72.49
C UNK EA 26 -64.11 -31.12 71.24
N UNK EA 27 -63.67 -29.86 71.15
CA UNK EA 27 -63.88 -29.06 69.96
C UNK EA 27 -63.00 -29.51 68.80
N UNK EA 28 -61.82 -30.05 69.07
CA UNK EA 28 -60.99 -30.61 68.00
C UNK EA 28 -61.57 -31.92 67.49
N UNK EA 29 -62.19 -32.71 68.38
CA UNK EA 29 -62.91 -33.90 67.94
C UNK EA 29 -64.18 -33.56 67.17
N UNK EA 30 -64.84 -32.47 67.56
CA UNK EA 30 -65.99 -31.97 66.81
C UNK EA 30 -65.57 -31.38 65.47
N UNK EA 31 -64.36 -30.80 65.42
CA UNK EA 31 -63.84 -30.24 64.18
C UNK EA 31 -63.44 -31.32 63.21
N UNK EA 32 -62.87 -32.42 63.71
CA UNK EA 32 -62.54 -33.56 62.87
C UNK EA 32 -63.78 -34.32 62.42
N UNK EA 33 -64.81 -34.37 63.27
CA UNK EA 33 -66.08 -34.98 62.89
C UNK EA 33 -66.83 -34.15 61.86
N UNK EA 34 -66.79 -32.82 62.01
CA UNK EA 34 -67.40 -31.94 61.03
C UNK EA 34 -66.61 -31.89 59.73
N UNK EA 35 -65.29 -32.08 59.81
CA UNK EA 35 -64.46 -32.15 58.62
C UNK EA 35 -64.69 -33.43 57.85
N UNK EA 36 -64.84 -34.56 58.54
CA UNK EA 36 -65.17 -35.82 57.87
C UNK EA 36 -66.60 -35.83 57.37
N UNK EA 37 -67.49 -35.10 58.04
CA UNK EA 37 -68.87 -34.98 57.59
C UNK EA 37 -68.99 -34.12 56.34
N UNK EA 38 -68.31 -32.98 56.31
CA UNK EA 38 -68.36 -32.12 55.15
C UNK EA 38 -67.51 -32.63 53.99
N UNK EA 39 -66.48 -33.44 54.28
CA UNK EA 39 -65.65 -33.95 53.21
C UNK EA 39 -66.07 -35.37 52.83
N UNK EA 40 -67.11 -35.89 53.47
CA UNK EA 40 -67.66 -37.17 53.08
C UNK EA 40 -68.40 -37.07 51.76
N UNK EA 41 -68.49 -38.20 51.07
CA UNK EA 41 -69.17 -38.25 49.79
C UNK EA 41 -70.65 -38.54 49.99
N UNK EA 42 -71.33 -38.79 48.87
CA UNK EA 42 -72.67 -39.37 48.94
C UNK EA 42 -72.58 -40.86 49.29
N UNK EA 43 -73.75 -41.43 49.61
CA UNK EA 43 -73.87 -42.65 50.42
C UNK EA 43 -73.31 -43.92 49.78
N UNK EA 44 -73.26 -43.97 48.46
CA UNK EA 44 -72.47 -44.98 47.76
C UNK EA 44 -71.07 -44.43 47.55
N UNK EA 45 -70.09 -44.97 48.26
CA UNK EA 45 -68.69 -44.65 47.99
C UNK EA 45 -68.31 -45.34 46.70
N UNK EA 46 -68.50 -44.64 45.58
CA UNK EA 46 -68.57 -45.19 44.23
C UNK EA 46 -67.22 -45.70 43.75
N UNK EA 47 -67.07 -47.02 43.76
CA UNK EA 47 -65.78 -47.69 43.71
C UNK EA 47 -65.15 -47.60 42.32
N UNK EA 48 -63.83 -47.49 42.34
CA UNK EA 48 -63.09 -47.33 41.10
C UNK EA 48 -62.90 -48.66 40.43
N UNK EA 49 -62.68 -48.62 39.13
CA UNK EA 49 -62.36 -49.82 38.38
C UNK EA 49 -61.52 -49.43 37.19
N UNK EA 50 -60.57 -50.27 36.85
CA UNK EA 50 -60.00 -50.26 35.52
C UNK EA 50 -60.97 -51.00 34.62
N UNK EA 51 -60.89 -50.73 33.33
CA UNK EA 51 -61.82 -51.36 32.42
C UNK EA 51 -61.12 -51.57 31.09
N UNK EA 52 -61.68 -52.48 30.31
CA UNK EA 52 -61.28 -52.68 28.93
C UNK EA 52 -62.52 -53.01 28.13
N UNK EA 53 -62.62 -52.43 26.94
CA UNK EA 53 -63.80 -52.61 26.12
C UNK EA 53 -63.41 -52.52 24.67
N UNK EA 54 -64.03 -53.36 23.85
CA UNK EA 54 -63.81 -53.29 22.42
C UNK EA 54 -64.79 -52.29 21.81
N UNK EA 55 -64.30 -51.59 20.80
CA UNK EA 55 -65.09 -50.59 20.10
C UNK EA 55 -65.61 -51.18 18.81
N UNK EA 56 -66.87 -51.60 18.82
CA UNK EA 56 -67.50 -52.06 17.59
C UNK EA 56 -67.88 -50.84 16.77
N UNK EA 57 -67.72 -50.92 15.46
CA UNK EA 57 -67.61 -49.70 14.66
C UNK EA 57 -68.72 -49.49 13.65
N UNK EA 58 -69.49 -50.51 13.28
CA UNK EA 58 -70.51 -50.32 12.25
C UNK EA 58 -71.78 -49.70 12.85
N UNK EA 59 -72.45 -50.45 13.72
CA UNK EA 59 -73.65 -49.97 14.40
C UNK EA 59 -73.76 -50.78 15.69
N UNK EA 60 -73.48 -50.16 16.82
CA UNK EA 60 -73.50 -50.87 18.08
C UNK EA 60 -74.03 -49.94 19.15
N UNK EA 61 -74.08 -50.45 20.38
CA UNK EA 61 -74.12 -49.58 21.53
C UNK EA 61 -72.82 -48.80 21.60
N UNK EA 62 -72.92 -47.49 21.80
CA UNK EA 62 -71.75 -46.64 21.84
C UNK EA 62 -71.00 -46.83 23.15
N UNK EA 63 -69.72 -46.44 23.15
CA UNK EA 63 -68.81 -46.75 24.25
C UNK EA 63 -69.12 -45.88 25.47
N UNK EA 64 -69.66 -46.51 26.50
CA UNK EA 64 -70.11 -45.79 27.68
C UNK EA 64 -68.94 -45.62 28.65
N UNK EA 65 -68.34 -44.45 28.66
CA UNK EA 65 -67.25 -44.14 29.57
C UNK EA 65 -67.83 -43.57 30.86
N UNK EA 66 -67.79 -44.37 31.92
CA UNK EA 66 -68.43 -44.04 33.18
C UNK EA 66 -67.44 -43.29 34.07
N UNK EA 67 -67.28 -42.00 33.81
CA UNK EA 67 -66.32 -41.19 34.56
C UNK EA 67 -66.97 -40.68 35.84
N UNK EA 68 -66.18 -39.98 36.66
CA UNK EA 68 -66.65 -39.37 37.90
C UNK EA 68 -65.84 -38.11 38.14
N UNK EA 69 -66.02 -37.47 39.31
CA UNK EA 69 -65.42 -36.18 39.60
C UNK EA 69 -63.92 -36.24 39.90
N UNK EA 70 -63.37 -37.43 40.13
CA UNK EA 70 -61.93 -37.62 40.20
C UNK EA 70 -61.35 -37.77 38.80
N UNK EA 71 -60.04 -37.93 38.73
CA UNK EA 71 -59.36 -38.02 37.45
C UNK EA 71 -59.56 -39.40 36.83
N UNK EA 72 -59.44 -39.45 35.51
CA UNK EA 72 -59.65 -40.69 34.77
C UNK EA 72 -58.73 -40.72 33.58
N UNK EA 73 -58.35 -41.93 33.17
CA UNK EA 73 -57.49 -42.13 32.01
C UNK EA 73 -58.26 -42.90 30.97
N UNK EA 74 -58.02 -42.59 29.70
CA UNK EA 74 -58.58 -43.33 28.58
C UNK EA 74 -57.41 -43.68 27.66
N UNK EA 75 -56.96 -44.92 27.74
CA UNK EA 75 -55.84 -45.37 26.95
C UNK EA 75 -56.39 -46.14 25.76
N UNK EA 76 -56.22 -45.58 24.57
CA UNK EA 76 -56.60 -46.27 23.35
C UNK EA 76 -55.57 -47.34 23.03
N UNK EA 77 -55.99 -48.35 22.26
CA UNK EA 77 -55.10 -49.35 21.70
C UNK EA 77 -54.15 -48.67 20.70
N UNK EA 78 -52.95 -49.24 20.58
CA UNK EA 78 -51.65 -48.55 20.45
C UNK EA 78 -51.48 -47.39 19.46
N UNK EA 79 -52.36 -47.27 18.47
CA UNK EA 79 -52.42 -46.08 17.63
C UNK EA 79 -52.87 -44.87 18.44
N UNK EA 80 -52.29 -43.72 18.14
CA UNK EA 80 -52.52 -42.52 18.90
C UNK EA 80 -53.75 -41.77 18.39
N UNK EA 81 -54.43 -41.09 19.30
CA UNK EA 81 -55.61 -40.31 18.95
C UNK EA 81 -55.18 -39.03 18.24
N UNK EA 82 -55.96 -38.60 17.25
CA UNK EA 82 -55.64 -37.39 16.50
C UNK EA 82 -56.42 -36.18 16.97
N UNK EA 83 -57.73 -36.28 17.16
CA UNK EA 83 -58.49 -35.11 17.57
C UNK EA 83 -59.62 -35.50 18.51
N UNK EA 84 -59.75 -34.77 19.61
CA UNK EA 84 -60.94 -34.84 20.45
C UNK EA 84 -62.01 -33.91 19.91
N UNK EA 85 -63.27 -34.27 20.11
CA UNK EA 85 -64.39 -33.41 19.76
C UNK EA 85 -65.33 -33.40 20.95
N UNK EA 86 -65.21 -32.39 21.79
CA UNK EA 86 -65.87 -32.36 23.08
C UNK EA 86 -66.57 -31.04 23.34
N UNK EA 87 -67.68 -31.12 24.06
CA UNK EA 87 -68.41 -29.95 24.53
C UNK EA 87 -67.78 -29.53 25.85
N UNK EA 88 -67.37 -28.27 25.94
CA UNK EA 88 -66.60 -27.80 27.08
C UNK EA 88 -67.52 -27.44 28.24
N UNK EA 89 -66.88 -26.90 29.30
CA UNK EA 89 -67.47 -26.45 30.59
C UNK EA 89 -68.19 -27.57 31.34
N UNK EA 90 -67.81 -28.82 31.12
CA UNK EA 90 -68.24 -29.95 31.92
C UNK EA 90 -67.12 -30.94 32.16
N UNK EA 91 -66.02 -30.87 31.41
CA UNK EA 91 -64.92 -31.80 31.57
C UNK EA 91 -63.65 -31.10 31.10
N UNK EA 92 -62.51 -31.51 31.63
CA UNK EA 92 -61.21 -31.04 31.20
C UNK EA 92 -60.42 -32.27 30.77
N UNK EA 93 -60.34 -32.49 29.46
CA UNK EA 93 -59.62 -33.62 28.90
C UNK EA 93 -58.22 -33.15 28.53
N UNK EA 94 -57.26 -33.38 29.42
CA UNK EA 94 -55.86 -33.14 29.14
C UNK EA 94 -55.39 -34.16 28.11
N UNK EA 95 -54.78 -33.67 27.04
CA UNK EA 95 -54.44 -34.53 25.91
C UNK EA 95 -53.16 -34.03 25.28
N UNK EA 96 -52.14 -34.87 25.34
CA UNK EA 96 -50.93 -34.67 24.55
C UNK EA 96 -51.09 -35.41 23.23
N UNK EA 97 -50.01 -35.58 22.48
CA UNK EA 97 -50.06 -36.35 21.24
C UNK EA 97 -49.77 -37.82 21.49
N UNK EA 98 -50.61 -38.48 22.29
CA UNK EA 98 -50.41 -39.88 22.66
C UNK EA 98 -51.68 -40.68 22.40
N UNK EA 99 -51.70 -41.94 22.84
CA UNK EA 99 -52.87 -42.81 22.73
C UNK EA 99 -53.68 -42.83 24.01
N UNK EA 100 -53.49 -41.85 24.89
CA UNK EA 100 -54.20 -41.82 26.17
C UNK EA 100 -54.55 -40.38 26.51
N UNK EA 101 -55.84 -40.11 26.67
CA UNK EA 101 -56.34 -38.82 27.08
C UNK EA 101 -56.88 -38.92 28.50
N UNK EA 102 -56.49 -37.98 29.35
CA UNK EA 102 -56.89 -38.04 30.76
C UNK EA 102 -57.98 -37.00 30.98
N UNK EA 103 -59.15 -37.45 31.40
CA UNK EA 103 -60.29 -36.56 31.62
C UNK EA 103 -60.46 -36.26 33.10
N UNK EA 104 -60.96 -35.07 33.40
CA UNK EA 104 -61.34 -34.68 34.75
C UNK EA 104 -62.68 -33.99 34.67
N UNK EA 105 -63.72 -34.61 35.20
CA UNK EA 105 -65.09 -34.12 35.04
C UNK EA 105 -65.34 -32.95 35.98
N UNK EA 106 -65.54 -31.77 35.41
CA UNK EA 106 -65.77 -30.56 36.19
C UNK EA 106 -67.18 -30.53 36.78
N UNK EA 107 -68.12 -31.26 36.19
CA UNK EA 107 -69.45 -31.35 36.74
C UNK EA 107 -69.54 -32.44 37.80
N UNK EA 108 -70.76 -32.72 38.24
CA UNK EA 108 -70.98 -33.74 39.27
C UNK EA 108 -71.73 -34.94 38.71
N UNK EA 109 -72.91 -34.71 38.14
CA UNK EA 109 -73.73 -35.79 37.59
C UNK EA 109 -74.31 -35.28 36.28
N UNK EA 110 -73.69 -35.66 35.17
CA UNK EA 110 -74.12 -35.18 33.86
C UNK EA 110 -73.78 -36.21 32.80
N UNK EA 111 -74.14 -35.90 31.55
CA UNK EA 111 -73.83 -36.74 30.40
C UNK EA 111 -73.50 -35.89 29.19
N UNK EA 112 -72.52 -36.33 28.41
CA UNK EA 112 -72.17 -35.65 27.17
C UNK EA 112 -71.64 -36.68 26.19
N UNK EA 113 -71.43 -36.25 24.95
CA UNK EA 113 -70.95 -37.13 23.88
C UNK EA 113 -69.64 -36.57 23.33
N UNK EA 114 -68.55 -37.30 23.55
CA UNK EA 114 -67.30 -36.97 22.89
C UNK EA 114 -67.18 -37.78 21.60
N UNK EA 115 -66.48 -37.20 20.63
CA UNK EA 115 -66.17 -37.90 19.40
C UNK EA 115 -64.66 -37.90 19.20
N UNK EA 116 -64.07 -39.08 19.17
CA UNK EA 116 -62.63 -39.25 19.10
C UNK EA 116 -62.24 -39.66 17.69
N UNK EA 117 -61.35 -38.90 17.06
CA UNK EA 117 -60.75 -39.28 15.81
C UNK EA 117 -59.34 -39.79 16.12
N UNK EA 118 -59.14 -41.08 15.91
CA UNK EA 118 -57.82 -41.71 15.96
C UNK EA 118 -57.26 -41.74 14.54
N UNK EA 119 -56.20 -42.51 14.30
CA UNK EA 119 -55.72 -42.72 12.94
C UNK EA 119 -56.67 -43.70 12.24
N UNK EA 120 -57.70 -43.13 11.63
CA UNK EA 120 -58.78 -43.89 11.02
C UNK EA 120 -59.35 -43.10 9.85
N UNK EA 121 -60.43 -43.60 9.27
CA UNK EA 121 -61.12 -42.91 8.19
C UNK EA 121 -62.56 -42.61 8.60
N UNK EA 122 -62.95 -43.09 9.78
CA UNK EA 122 -64.30 -42.90 10.31
C UNK EA 122 -64.14 -42.56 11.79
N UNK EA 123 -64.80 -41.48 12.23
CA UNK EA 123 -64.56 -40.96 13.57
C UNK EA 123 -65.34 -41.75 14.61
N UNK EA 124 -64.62 -42.26 15.61
CA UNK EA 124 -65.24 -43.01 16.70
C UNK EA 124 -65.94 -42.07 17.66
N UNK EA 125 -66.79 -42.63 18.51
CA UNK EA 125 -67.49 -41.84 19.50
C UNK EA 125 -67.45 -42.53 20.86
N UNK EA 126 -67.72 -41.75 21.90
CA UNK EA 126 -67.79 -42.27 23.26
C UNK EA 126 -68.75 -41.39 24.03
N UNK EA 127 -69.71 -42.01 24.71
CA UNK EA 127 -70.64 -41.26 25.57
C UNK EA 127 -70.03 -41.17 26.96
N UNK EA 128 -69.62 -39.96 27.34
CA UNK EA 128 -69.00 -39.72 28.64
C UNK EA 128 -70.10 -39.41 29.65
N UNK EA 129 -70.35 -40.36 30.54
CA UNK EA 129 -71.40 -40.24 31.53
C UNK EA 129 -70.77 -40.13 32.91
N UNK EA 130 -71.21 -39.14 33.68
CA UNK EA 130 -70.60 -38.86 34.95
C UNK EA 130 -71.28 -39.61 36.09
N UNK EA 131 -70.46 -40.26 36.92
CA UNK EA 131 -70.74 -40.75 38.27
C UNK EA 131 -71.81 -41.83 38.36
N UNK EA 132 -72.00 -42.63 37.31
CA UNK EA 132 -73.00 -43.70 37.33
C UNK EA 132 -72.42 -44.94 38.02
N UNK EA 133 -72.41 -44.87 39.36
CA UNK EA 133 -72.22 -45.95 40.34
C UNK EA 133 -70.86 -46.64 40.38
N UNK EA 134 -69.93 -46.32 39.47
CA UNK EA 134 -68.63 -46.96 39.38
C UNK EA 134 -67.71 -46.06 38.59
N UNK EA 135 -66.56 -45.72 39.17
CA UNK EA 135 -65.60 -44.89 38.46
C UNK EA 135 -64.77 -45.73 37.50
N UNK EA 136 -64.28 -45.09 36.45
CA UNK EA 136 -63.47 -45.75 35.44
C UNK EA 136 -62.11 -45.06 35.40
N UNK EA 137 -61.18 -45.55 36.21
CA UNK EA 137 -59.88 -44.89 36.40
C UNK EA 137 -58.94 -45.08 35.22
N UNK EA 138 -59.04 -46.18 34.50
CA UNK EA 138 -58.24 -46.40 33.30
C UNK EA 138 -59.03 -47.28 32.36
N UNK EA 139 -59.48 -46.72 31.25
CA UNK EA 139 -60.25 -47.46 30.26
C UNK EA 139 -59.34 -47.83 29.10
N UNK EA 140 -59.35 -49.11 28.74
CA UNK EA 140 -58.55 -49.65 27.66
C UNK EA 140 -59.45 -49.90 26.47
N UNK EA 141 -59.42 -49.01 25.50
CA UNK EA 141 -60.27 -49.08 24.33
C UNK EA 141 -59.59 -49.95 23.29
N UNK EA 142 -59.93 -51.23 23.27
CA UNK EA 142 -59.51 -52.11 22.19
C UNK EA 142 -60.35 -51.76 20.98
N UNK EA 143 -59.80 -50.94 20.09
CA UNK EA 143 -60.55 -50.48 18.94
C UNK EA 143 -60.58 -51.56 17.86
N UNK EA 144 -61.43 -51.32 16.86
CA UNK EA 144 -61.57 -52.26 15.76
C UNK EA 144 -60.47 -52.06 14.72
N UNK FA 1 -95.37 -12.35 51.87
CA UNK FA 1 -95.50 -13.72 52.36
C UNK FA 1 -95.41 -14.70 51.20
N UNK FA 2 -96.57 -14.97 50.58
CA UNK FA 2 -96.64 -15.88 49.43
C UNK FA 2 -95.99 -15.27 48.19
N UNK FA 3 -96.19 -13.98 47.98
CA UNK FA 3 -95.53 -13.31 46.86
C UNK FA 3 -94.05 -13.05 47.14
N UNK FA 4 -93.66 -12.97 48.42
CA UNK FA 4 -92.25 -12.84 48.78
C UNK FA 4 -91.51 -14.15 48.57
N UNK FA 5 -92.16 -15.27 48.90
CA UNK FA 5 -91.60 -16.58 48.57
C UNK FA 5 -91.63 -16.84 47.06
N UNK FA 6 -92.62 -16.27 46.35
CA UNK FA 6 -92.63 -16.30 44.89
C UNK FA 6 -91.49 -15.48 44.29
N UNK FA 7 -91.11 -14.38 44.94
CA UNK FA 7 -90.00 -13.57 44.45
C UNK FA 7 -88.64 -14.22 44.70
N UNK FA 8 -88.48 -14.87 45.87
CA UNK FA 8 -87.29 -15.67 46.13
C UNK FA 8 -87.19 -16.88 45.21
N UNK FA 9 -88.34 -17.52 44.93
CA UNK FA 9 -88.41 -18.62 43.97
C UNK FA 9 -88.16 -18.15 42.55
N UNK FA 10 -88.53 -16.90 42.23
CA UNK FA 10 -88.27 -16.37 40.90
C UNK FA 10 -86.81 -15.98 40.71
N UNK FA 11 -86.14 -15.56 41.80
CA UNK FA 11 -84.71 -15.28 41.72
C UNK FA 11 -83.90 -16.57 41.59
N UNK FA 12 -84.29 -17.61 42.34
CA UNK FA 12 -83.65 -18.92 42.17
C UNK FA 12 -84.04 -19.57 40.84
N UNK FA 13 -85.22 -19.24 40.30
CA UNK FA 13 -85.61 -19.71 38.99
C UNK FA 13 -84.87 -18.98 37.88
N UNK FA 14 -84.45 -17.74 38.14
CA UNK FA 14 -83.62 -17.01 37.19
C UNK FA 14 -82.20 -17.58 37.16
N UNK FA 15 -81.68 -17.95 38.35
CA UNK FA 15 -80.38 -18.62 38.43
C UNK FA 15 -80.42 -20.01 37.81
N UNK FA 16 -81.52 -20.75 38.01
CA UNK FA 16 -81.71 -22.05 37.40
C UNK FA 16 -82.00 -21.94 35.90
N UNK FA 17 -82.57 -20.82 35.46
CA UNK FA 17 -82.79 -20.58 34.04
C UNK FA 17 -81.51 -20.25 33.32
N UNK FA 18 -80.59 -19.55 33.98
CA UNK FA 18 -79.27 -19.32 33.40
C UNK FA 18 -78.42 -20.60 33.36
N UNK FA 19 -78.52 -21.42 34.41
CA UNK FA 19 -77.81 -22.69 34.43
C UNK FA 19 -78.42 -23.71 33.47
N UNK FA 20 -79.72 -23.60 33.20
CA UNK FA 20 -80.36 -24.41 32.16
C UNK FA 20 -80.20 -23.80 30.78
N UNK FA 21 -79.81 -22.54 30.70
CA UNK FA 21 -79.57 -21.88 29.42
C UNK FA 21 -78.15 -22.01 28.93
N UNK FA 22 -77.19 -22.29 29.82
CA UNK FA 22 -75.82 -22.49 29.39
C UNK FA 22 -75.63 -23.84 28.68
N UNK FA 23 -75.09 -23.78 27.46
CA UNK FA 23 -74.88 -24.98 26.65
C UNK FA 23 -73.69 -24.72 25.73
N UNK FA 24 -72.55 -25.33 26.02
CA UNK FA 24 -71.32 -25.01 25.33
C UNK FA 24 -71.23 -25.70 23.97
N UNK FA 25 -70.33 -25.19 23.13
CA UNK FA 25 -70.16 -25.61 21.75
C UNK FA 25 -69.03 -26.63 21.61
N UNK FA 26 -68.66 -26.90 20.37
CA UNK FA 26 -67.69 -27.94 20.06
C UNK FA 26 -66.27 -27.50 20.40
N UNK FA 27 -65.40 -28.49 20.53
CA UNK FA 27 -63.96 -28.29 20.55
C UNK FA 27 -63.33 -29.46 19.82
N UNK FA 28 -62.72 -29.20 18.68
CA UNK FA 28 -61.98 -30.19 17.92
C UNK FA 28 -60.51 -30.02 18.31
N UNK FA 29 -60.18 -30.47 19.52
CA UNK FA 29 -58.83 -30.37 20.06
C UNK FA 29 -57.93 -31.37 19.37
N UNK FA 30 -57.20 -30.90 18.36
CA UNK FA 30 -56.30 -31.75 17.57
C UNK FA 30 -54.88 -31.56 18.07
N UNK FA 31 -54.38 -32.53 18.85
CA UNK FA 31 -53.06 -32.46 19.45
C UNK FA 31 -52.06 -33.25 18.61
N UNK FA 32 -51.08 -32.52 18.08
CA UNK FA 32 -50.05 -33.13 17.26
C UNK FA 32 -48.67 -32.97 17.90
N UNK GA 1 -41.64 9.75 107.13
CA UNK GA 1 -40.30 9.97 106.62
C UNK GA 1 -39.68 8.66 106.13
N UNK GA 2 -39.15 7.88 107.07
CA UNK GA 2 -38.56 6.59 106.72
C UNK GA 2 -39.63 5.55 106.43
N UNK GA 3 -40.71 5.53 107.22
CA UNK GA 3 -41.82 4.63 106.94
C UNK GA 3 -42.62 5.08 105.72
N UNK GA 4 -42.67 6.39 105.46
CA UNK GA 4 -43.29 6.90 104.25
C UNK GA 4 -42.42 6.61 103.02
N UNK GA 5 -41.09 6.58 103.19
CA UNK GA 5 -40.21 6.20 102.10
C UNK GA 5 -40.26 4.69 101.84
N UNK GA 6 -40.50 3.90 102.90
CA UNK GA 6 -40.72 2.47 102.75
C UNK GA 6 -42.06 2.18 102.08
N UNK GA 7 -43.08 2.99 102.38
CA UNK GA 7 -44.36 2.89 101.69
C UNK GA 7 -44.27 3.36 100.24
N UNK GA 8 -43.39 4.33 99.97
CA UNK GA 8 -43.15 4.77 98.60
C UNK GA 8 -42.38 3.73 97.80
N UNK GA 9 -41.43 3.04 98.44
CA UNK GA 9 -40.69 1.95 97.79
C UNK GA 9 -41.57 0.73 97.58
N UNK GA 10 -42.50 0.46 98.51
CA UNK GA 10 -43.45 -0.63 98.32
C UNK GA 10 -44.50 -0.29 97.27
N UNK GA 11 -44.88 0.99 97.15
CA UNK GA 11 -45.78 1.44 96.09
C UNK GA 11 -45.13 1.37 94.72
N UNK GA 12 -43.85 1.75 94.63
CA UNK GA 12 -43.10 1.62 93.38
C UNK GA 12 -42.78 0.17 93.04
N UNK GA 13 -42.61 -0.68 94.05
CA UNK GA 13 -42.33 -2.10 93.80
C UNK GA 13 -43.60 -2.86 93.40
N UNK GA 14 -44.74 -2.51 93.98
CA UNK GA 14 -46.00 -3.09 93.54
C UNK GA 14 -46.46 -2.50 92.20
N UNK GA 15 -46.00 -1.28 91.88
CA UNK GA 15 -46.18 -0.76 90.53
C UNK GA 15 -45.31 -1.49 89.52
N UNK GA 16 -44.07 -1.80 89.90
CA UNK GA 16 -43.14 -2.43 88.95
C UNK GA 16 -43.39 -3.93 88.83
N UNK GA 17 -43.23 -4.66 89.93
CA UNK GA 17 -43.43 -6.11 89.92
C UNK GA 17 -44.79 -6.40 90.54
N UNK GA 18 -45.80 -6.58 89.68
CA UNK GA 18 -47.15 -6.85 90.19
C UNK GA 18 -47.35 -8.32 90.51
N UNK GA 19 -47.16 -9.19 89.54
CA UNK GA 19 -47.33 -10.62 89.77
C UNK GA 19 -46.11 -11.19 90.48
N UNK GA 20 -46.36 -12.16 91.36
CA UNK GA 20 -45.32 -12.70 92.22
C UNK GA 20 -44.52 -13.77 91.50
N UNK GA 21 -43.54 -14.34 92.23
CA UNK GA 21 -42.70 -15.39 91.69
C UNK GA 21 -43.44 -16.72 91.58
N UNK GA 22 -44.36 -17.00 92.51
CA UNK GA 22 -45.23 -18.14 92.36
C UNK GA 22 -46.29 -17.91 91.29
N UNK GA 23 -46.73 -16.66 91.12
CA UNK GA 23 -47.71 -16.32 90.10
C UNK GA 23 -47.15 -16.40 88.69
N UNK GA 24 -45.90 -15.98 88.50
CA UNK GA 24 -45.26 -16.07 87.19
C UNK GA 24 -44.91 -17.51 86.83
N UNK GA 25 -44.55 -18.31 87.83
CA UNK GA 25 -44.27 -19.72 87.59
C UNK GA 25 -45.54 -20.53 87.37
N UNK GA 26 -46.63 -20.15 88.03
CA UNK GA 26 -47.92 -20.76 87.76
C UNK GA 26 -48.46 -20.34 86.40
N UNK GA 27 -48.14 -19.11 85.97
CA UNK GA 27 -48.45 -18.65 84.62
C UNK GA 27 -47.64 -19.37 83.56
N UNK GA 28 -46.37 -19.70 83.88
CA UNK GA 28 -45.53 -20.46 82.95
C UNK GA 28 -45.97 -21.91 82.85
N UNK GA 29 -46.37 -22.52 83.98
CA UNK GA 29 -46.92 -23.88 83.98
C UNK GA 29 -48.28 -23.94 83.29
N UNK GA 30 -49.08 -22.88 83.44
CA UNK GA 30 -50.37 -22.81 82.77
C UNK GA 30 -50.21 -22.55 81.28
N UNK GA 31 -49.16 -21.81 80.90
CA UNK GA 31 -48.88 -21.58 79.48
C UNK GA 31 -48.34 -22.84 78.81
N UNK GA 32 -47.56 -23.62 79.57
CA UNK GA 32 -47.08 -24.91 79.07
C UNK GA 32 -48.19 -25.94 78.96
N UNK GA 33 -49.12 -25.95 79.93
CA UNK GA 33 -50.28 -26.83 79.86
C UNK GA 33 -51.25 -26.40 78.77
N UNK GA 34 -51.35 -25.09 78.53
CA UNK GA 34 -52.19 -24.56 77.46
C UNK GA 34 -51.60 -24.84 76.09
N UNK GA 35 -50.27 -24.81 75.97
CA UNK GA 35 -49.63 -25.15 74.71
C UNK GA 35 -49.66 -26.65 74.44
N UNK GA 36 -49.61 -27.47 75.51
CA UNK GA 36 -49.73 -28.91 75.36
C UNK GA 36 -51.15 -29.32 75.00
N UNK GA 37 -52.13 -28.64 75.59
CA UNK GA 37 -53.52 -28.89 75.23
C UNK GA 37 -53.86 -28.33 73.86
N UNK GA 38 -53.23 -27.23 73.46
CA UNK GA 38 -53.45 -26.66 72.13
C UNK GA 38 -52.80 -27.47 71.04
N UNK GA 39 -51.69 -28.12 71.33
CA UNK GA 39 -51.02 -28.97 70.35
C UNK GA 39 -51.33 -30.45 70.57
N UNK GA 40 -52.27 -30.76 71.45
CA UNK GA 40 -52.77 -32.13 71.56
C UNK GA 40 -53.58 -32.49 70.32
N UNK GA 41 -53.21 -33.60 69.71
CA UNK GA 41 -53.77 -34.02 68.44
C UNK GA 41 -55.02 -34.87 68.65
N UNK GA 42 -55.42 -35.59 67.60
CA UNK GA 42 -56.63 -36.39 67.62
C UNK GA 42 -56.45 -37.67 68.44
N UNK GA 43 -57.54 -38.43 68.55
CA UNK GA 43 -57.65 -39.50 69.53
C UNK GA 43 -56.84 -40.74 69.16
N UNK GA 44 -57.16 -41.37 68.04
CA UNK GA 44 -56.37 -42.50 67.57
C UNK GA 44 -55.28 -41.96 66.65
N UNK GA 45 -54.06 -41.89 67.17
CA UNK GA 45 -52.90 -41.56 66.34
C UNK GA 45 -52.61 -42.77 65.47
N UNK GA 46 -53.12 -42.73 64.22
CA UNK GA 46 -53.10 -43.84 63.29
C UNK GA 46 -51.69 -44.14 62.83
N UNK GA 47 -51.18 -45.29 63.29
CA UNK GA 47 -49.77 -45.59 63.49
C UNK GA 47 -49.03 -45.73 62.18
N UNK GA 48 -47.73 -45.47 62.24
CA UNK GA 48 -46.89 -45.47 61.06
C UNK GA 48 -46.60 -46.89 60.62
N UNK GA 49 -46.63 -47.09 59.32
CA UNK GA 49 -46.48 -48.43 58.77
C UNK GA 49 -45.82 -48.32 57.40
N UNK GA 50 -45.32 -49.45 56.94
CA UNK GA 50 -44.83 -49.59 55.59
C UNK GA 50 -45.68 -50.64 54.90
N UNK GA 51 -45.60 -50.65 53.58
CA UNK GA 51 -46.43 -51.55 52.79
C UNK GA 51 -45.71 -51.86 51.50
N UNK GA 52 -46.07 -52.98 50.89
CA UNK GA 52 -45.62 -53.32 49.56
C UNK GA 52 -46.77 -54.01 48.83
N UNK GA 53 -46.87 -53.73 47.54
CA UNK GA 53 -47.94 -54.29 46.74
C UNK GA 53 -47.45 -54.37 45.30
N UNK GA 54 -47.93 -55.39 44.59
CA UNK GA 54 -47.69 -55.44 43.17
C UNK GA 54 -48.81 -54.73 42.43
N UNK GA 55 -48.53 -54.37 41.19
CA UNK GA 55 -49.51 -53.71 40.34
C UNK GA 55 -49.92 -54.62 39.21
N UNK GA 56 -51.22 -54.76 39.01
CA UNK GA 56 -51.73 -55.54 37.90
C UNK GA 56 -51.86 -54.63 36.68
N UNK GA 57 -52.31 -55.18 35.56
CA UNK GA 57 -52.43 -54.37 34.37
C UNK GA 57 -53.73 -54.52 33.60
N UNK GA 58 -54.41 -55.67 33.65
CA UNK GA 58 -55.52 -55.91 32.71
C UNK GA 58 -56.82 -55.29 33.22
N UNK GA 59 -57.36 -55.85 34.31
CA UNK GA 59 -58.57 -55.30 34.94
C UNK GA 59 -58.53 -55.74 36.40
N UNK GA 60 -58.09 -54.85 37.27
CA UNK GA 60 -58.07 -55.14 38.69
C UNK GA 60 -58.35 -53.84 39.42
N UNK GA 61 -58.19 -53.87 40.74
CA UNK GA 61 -58.28 -52.66 41.52
C UNK GA 61 -57.00 -51.85 41.34
N UNK GA 62 -57.15 -50.53 41.23
CA UNK GA 62 -56.01 -49.65 41.28
C UNK GA 62 -55.46 -49.62 42.70
N UNK GA 63 -54.15 -49.37 42.81
CA UNK GA 63 -53.45 -49.50 44.08
C UNK GA 63 -53.77 -48.31 44.99
N UNK GA 64 -54.02 -48.61 46.27
CA UNK GA 64 -54.57 -47.64 47.20
C UNK GA 64 -53.49 -47.20 48.17
N UNK GA 65 -53.07 -45.96 48.05
CA UNK GA 65 -52.12 -45.38 48.99
C UNK GA 65 -52.89 -44.68 50.09
N UNK GA 66 -52.73 -45.16 51.32
CA UNK GA 66 -53.45 -44.65 52.48
C UNK GA 66 -52.53 -43.67 53.20
N UNK GA 67 -52.66 -42.39 52.87
CA UNK GA 67 -51.78 -41.38 53.44
C UNK GA 67 -52.45 -40.71 54.64
N UNK GA 68 -51.82 -39.66 55.16
CA UNK GA 68 -52.33 -38.91 56.29
C UNK GA 68 -51.84 -37.47 56.16
N UNK GA 69 -52.01 -36.69 57.23
CA UNK GA 69 -51.67 -35.27 57.21
C UNK GA 69 -50.17 -35.00 57.26
N UNK GA 70 -49.38 -35.91 57.81
CA UNK GA 70 -47.93 -35.80 57.77
C UNK GA 70 -47.41 -36.38 56.46
N UNK GA 71 -46.09 -36.28 56.26
CA UNK GA 71 -45.48 -36.65 54.99
C UNK GA 71 -45.37 -38.17 54.85
N UNK GA 72 -45.39 -38.62 53.60
CA UNK GA 72 -45.22 -40.03 53.28
C UNK GA 72 -44.59 -40.13 51.91
N UNK GA 73 -44.26 -41.35 51.51
CA UNK GA 73 -43.54 -41.57 50.27
C UNK GA 73 -44.03 -42.84 49.61
N UNK GA 74 -44.07 -42.84 48.29
CA UNK GA 74 -44.40 -44.02 47.49
C UNK GA 74 -43.21 -44.26 46.58
N UNK GA 75 -42.46 -45.32 46.86
CA UNK GA 75 -41.36 -45.73 46.02
C UNK GA 75 -41.88 -46.75 45.04
N UNK GA 76 -41.53 -46.58 43.77
CA UNK GA 76 -41.91 -47.54 42.75
C UNK GA 76 -40.87 -48.65 42.64
N UNK GA 77 -40.92 -49.37 41.53
CA UNK GA 77 -39.86 -50.32 41.20
C UNK GA 77 -38.66 -49.58 40.59
N UNK GA 78 -37.70 -50.37 40.10
CA UNK GA 78 -36.41 -49.84 39.64
C UNK GA 78 -36.49 -49.09 38.30
N UNK GA 79 -37.59 -49.20 37.57
CA UNK GA 79 -37.84 -48.28 36.47
C UNK GA 79 -38.32 -46.94 37.01
N UNK GA 80 -37.80 -45.88 36.43
CA UNK GA 80 -38.11 -44.53 36.88
C UNK GA 80 -39.44 -44.05 36.31
N UNK GA 81 -40.10 -43.18 37.06
CA UNK GA 81 -41.36 -42.59 36.60
C UNK GA 81 -41.07 -41.51 35.56
N UNK GA 82 -42.08 -41.15 34.79
CA UNK GA 82 -41.92 -40.11 33.78
C UNK GA 82 -42.82 -38.90 33.99
N UNK GA 83 -44.10 -39.10 34.30
CA UNK GA 83 -45.00 -37.98 34.50
C UNK GA 83 -46.09 -38.38 35.49
N UNK GA 84 -46.73 -37.39 36.10
CA UNK GA 84 -47.86 -37.62 36.98
C UNK GA 84 -48.98 -36.65 36.63
N UNK GA 85 -50.21 -37.08 36.83
CA UNK GA 85 -51.37 -36.23 36.64
C UNK GA 85 -52.27 -36.44 37.85
N UNK GA 86 -52.46 -35.38 38.63
CA UNK GA 86 -53.24 -35.45 39.85
C UNK GA 86 -54.46 -34.54 39.75
N UNK GA 87 -55.40 -34.77 40.66
CA UNK GA 87 -56.51 -33.87 40.92
C UNK GA 87 -56.10 -33.06 42.15
N UNK GA 88 -55.86 -31.77 41.93
CA UNK GA 88 -55.13 -30.95 42.88
C UNK GA 88 -56.02 -30.47 44.02
N UNK GA 89 -55.42 -29.57 44.83
CA UNK GA 89 -55.94 -28.99 46.08
C UNK GA 89 -56.32 -30.05 47.12
N UNK GA 90 -55.60 -31.17 47.13
CA UNK GA 90 -55.74 -32.17 48.18
C UNK GA 90 -54.43 -32.73 48.68
N UNK GA 91 -53.36 -32.71 47.89
CA UNK GA 91 -52.12 -33.37 48.26
C UNK GA 91 -50.96 -32.73 47.51
N UNK GA 92 -49.92 -32.33 48.23
CA UNK GA 92 -48.70 -31.82 47.64
C UNK GA 92 -47.75 -33.00 47.48
N UNK GA 93 -47.54 -33.43 46.25
CA UNK GA 93 -46.69 -34.57 45.96
C UNK GA 93 -45.37 -34.03 45.42
N UNK GA 94 -44.40 -33.83 46.32
CA UNK GA 94 -43.07 -33.42 45.94
C UNK GA 94 -42.35 -34.60 45.30
N UNK GA 95 -41.89 -34.41 44.07
CA UNK GA 95 -41.25 -35.49 43.34
C UNK GA 95 -40.29 -34.91 42.33
N UNK GA 96 -39.14 -35.56 42.22
CA UNK GA 96 -38.18 -35.31 41.15
C UNK GA 96 -38.47 -36.28 40.01
N UNK GA 97 -37.48 -36.46 39.14
CA UNK GA 97 -37.55 -37.45 38.07
C UNK GA 97 -37.01 -38.82 38.47
N UNK GA 98 -37.12 -39.19 39.75
CA UNK GA 98 -36.69 -40.48 40.26
C UNK GA 98 -37.86 -41.47 40.22
N UNK GA 99 -37.72 -42.60 40.90
CA UNK GA 99 -38.78 -43.60 40.99
C UNK GA 99 -39.45 -43.60 42.36
N UNK GA 100 -39.52 -42.45 43.02
CA UNK GA 100 -40.14 -42.33 44.32
C UNK GA 100 -40.72 -40.94 44.48
N UNK GA 101 -41.98 -40.85 44.87
CA UNK GA 101 -42.70 -39.59 44.99
C UNK GA 101 -43.19 -39.43 46.41
N UNK GA 102 -42.79 -38.34 47.08
CA UNK GA 102 -43.17 -38.12 48.46
C UNK GA 102 -44.39 -37.20 48.50
N UNK GA 103 -45.51 -37.72 48.96
CA UNK GA 103 -46.75 -36.96 49.01
C UNK GA 103 -47.08 -36.58 50.45
N UNK GA 104 -47.66 -35.40 50.61
CA UNK GA 104 -48.19 -34.95 51.89
C UNK GA 104 -49.58 -34.39 51.64
N UNK GA 105 -50.58 -35.00 52.24
CA UNK GA 105 -51.97 -34.64 51.99
C UNK GA 105 -52.31 -33.34 52.73
N UNK GA 106 -52.67 -32.31 51.95
CA UNK GA 106 -53.08 -31.05 52.54
C UNK GA 106 -54.45 -31.14 53.19
N UNK GA 107 -55.36 -31.93 52.61
CA UNK GA 107 -56.69 -32.08 53.15
C UNK GA 107 -56.69 -33.01 54.35
N UNK GA 108 -57.82 -33.03 55.06
CA UNK GA 108 -57.90 -33.83 56.28
C UNK GA 108 -58.34 -35.26 55.98
N UNK GA 109 -59.52 -35.43 55.39
CA UNK GA 109 -60.04 -36.76 55.09
C UNK GA 109 -60.73 -36.71 53.73
N UNK GA 110 -59.98 -36.98 52.67
CA UNK GA 110 -60.54 -36.87 51.33
C UNK GA 110 -59.89 -37.89 50.40
N UNK GA 111 -60.55 -38.16 49.29
CA UNK GA 111 -60.07 -39.12 48.30
C UNK GA 111 -59.49 -38.39 47.11
N UNK GA 112 -58.66 -39.11 46.35
CA UNK GA 112 -58.02 -38.58 45.16
C UNK GA 112 -57.65 -39.73 44.24
N UNK GA 113 -57.51 -39.43 42.95
CA UNK GA 113 -57.15 -40.45 41.96
C UNK GA 113 -55.98 -39.90 41.14
N UNK GA 114 -54.76 -40.26 41.53
CA UNK GA 114 -53.60 -39.84 40.76
C UNK GA 114 -53.35 -40.83 39.63
N UNK GA 115 -52.57 -40.41 38.64
CA UNK GA 115 -52.24 -41.29 37.52
C UNK GA 115 -50.82 -41.01 37.09
N UNK GA 116 -49.93 -41.97 37.29
CA UNK GA 116 -48.52 -41.80 36.96
C UNK GA 116 -48.20 -42.61 35.72
N UNK GA 117 -47.55 -41.98 34.76
CA UNK GA 117 -46.94 -42.67 33.64
C UNK GA 117 -45.47 -42.89 33.97
N UNK GA 118 -45.06 -44.15 34.05
CA UNK GA 118 -43.66 -44.52 34.21
C UNK GA 118 -43.06 -44.73 32.83
N UNK GA 119 -41.90 -45.38 32.74
CA UNK GA 119 -41.36 -45.81 31.45
C UNK GA 119 -42.10 -47.04 30.91
N UNK GA 120 -43.31 -46.80 30.37
CA UNK GA 120 -44.22 -47.84 29.92
C UNK GA 120 -45.18 -47.25 28.90
N UNK GA 121 -46.28 -47.94 28.60
CA UNK GA 121 -47.28 -47.40 27.69
C UNK GA 121 -48.68 -47.58 28.24
N UNK GA 122 -48.79 -47.86 29.54
CA UNK GA 122 -50.08 -47.95 30.23
C UNK GA 122 -49.92 -47.09 31.47
N UNK GA 123 -50.81 -46.10 31.61
CA UNK GA 123 -50.71 -45.17 32.72
C UNK GA 123 -51.21 -45.82 34.00
N UNK GA 124 -50.30 -46.01 34.95
CA UNK GA 124 -50.64 -46.69 36.20
C UNK GA 124 -51.38 -45.70 37.09
N UNK GA 125 -52.66 -45.94 37.30
CA UNK GA 125 -53.39 -45.07 38.20
C UNK GA 125 -53.20 -45.53 39.64
N UNK GA 126 -53.61 -44.68 40.57
CA UNK GA 126 -53.51 -44.99 41.99
C UNK GA 126 -54.60 -44.21 42.71
N UNK GA 127 -55.25 -44.85 43.66
CA UNK GA 127 -56.24 -44.19 44.49
C UNK GA 127 -55.57 -43.76 45.79
N UNK GA 128 -55.43 -42.47 45.99
CA UNK GA 128 -54.84 -41.93 47.21
C UNK GA 128 -55.95 -41.52 48.15
N UNK GA 129 -56.07 -42.22 49.27
CA UNK GA 129 -57.10 -41.94 50.26
C UNK GA 129 -56.44 -41.37 51.50
N UNK GA 130 -57.08 -40.36 52.10
CA UNK GA 130 -56.57 -39.84 53.35
C UNK GA 130 -57.17 -40.58 54.53
N UNK GA 131 -56.38 -40.66 55.61
CA UNK GA 131 -56.76 -40.96 56.99
C UNK GA 131 -57.35 -42.35 57.21
N UNK GA 132 -57.05 -43.32 56.36
CA UNK GA 132 -57.66 -44.65 56.48
C UNK GA 132 -56.79 -45.55 57.37
N UNK GA 133 -56.83 -45.23 58.68
CA UNK GA 133 -56.49 -46.10 59.82
C UNK GA 133 -55.03 -46.56 59.96
N UNK GA 134 -54.14 -46.20 59.03
CA UNK GA 134 -52.74 -46.61 59.06
C UNK GA 134 -51.96 -45.63 58.20
N UNK GA 135 -51.05 -44.89 58.82
CA UNK GA 135 -50.24 -43.93 58.08
C UNK GA 135 -49.15 -44.69 57.33
N UNK GA 136 -49.41 -44.98 56.05
CA UNK GA 136 -48.46 -45.71 55.22
C UNK GA 136 -47.35 -44.75 54.82
N UNK GA 137 -46.32 -44.67 55.68
CA UNK GA 137 -45.20 -43.75 55.50
C UNK GA 137 -44.27 -44.16 54.37
N UNK GA 138 -44.26 -45.43 53.98
CA UNK GA 138 -43.48 -45.89 52.84
C UNK GA 138 -44.20 -47.09 52.23
N UNK GA 139 -44.50 -47.00 50.95
CA UNK GA 139 -45.14 -48.08 50.22
C UNK GA 139 -44.33 -48.41 48.98
N UNK GA 140 -44.33 -49.67 48.60
CA UNK GA 140 -43.48 -50.16 47.53
C UNK GA 140 -44.35 -50.76 46.42
N UNK GA 141 -44.34 -50.11 45.27
CA UNK GA 141 -45.15 -50.55 44.13
C UNK GA 141 -44.27 -51.36 43.20
N UNK GA 142 -44.39 -52.68 43.28
CA UNK GA 142 -43.72 -53.57 42.33
C UNK GA 142 -44.59 -53.65 41.09
N UNK GA 143 -44.12 -53.03 40.01
CA UNK GA 143 -44.90 -52.97 38.79
C UNK GA 143 -44.83 -54.29 38.03
N UNK GA 144 -45.72 -54.42 37.06
CA UNK GA 144 -45.78 -55.63 36.24
C UNK GA 144 -44.83 -55.51 35.06
N UNK HA 1 -84.04 -15.05 67.15
CA UNK HA 1 -83.96 -16.27 67.95
C UNK HA 1 -83.83 -17.49 67.04
N UNK HA 2 -84.98 -18.09 66.73
CA UNK HA 2 -85.03 -19.16 65.73
C UNK HA 2 -84.80 -18.60 64.33
N UNK HA 3 -85.23 -17.36 64.08
CA UNK HA 3 -84.98 -16.71 62.80
C UNK HA 3 -83.51 -16.31 62.66
N UNK HA 4 -82.87 -15.92 63.76
CA UNK HA 4 -81.44 -15.60 63.72
C UNK HA 4 -80.59 -16.86 63.63
N UNK HA 5 -81.04 -17.97 64.24
CA UNK HA 5 -80.39 -19.26 64.06
C UNK HA 5 -80.58 -19.78 62.65
N UNK HA 6 -81.72 -19.47 62.03
CA UNK HA 6 -81.96 -19.79 60.63
C UNK HA 6 -81.08 -18.96 59.71
N UNK HA 7 -80.81 -17.71 60.07
CA UNK HA 7 -79.94 -16.84 59.26
C UNK HA 7 -78.48 -17.24 59.36
N UNK HA 8 -78.02 -17.62 60.56
CA UNK HA 8 -76.67 -18.13 60.75
C UNK HA 8 -76.46 -19.48 60.09
N UNK HA 9 -77.47 -20.36 60.18
CA UNK HA 9 -77.43 -21.65 59.48
C UNK HA 9 -77.54 -21.50 57.97
N UNK HA 10 -78.23 -20.45 57.50
CA UNK HA 10 -78.32 -20.21 56.07
C UNK HA 10 -77.04 -19.66 55.48
N UNK HA 11 -76.33 -18.80 56.23
CA UNK HA 11 -75.03 -18.30 55.77
C UNK HA 11 -73.97 -19.40 55.81
N UNK HA 12 -74.02 -20.26 56.84
CA UNK HA 12 -73.12 -21.41 56.93
C UNK HA 12 -73.43 -22.46 55.87
N UNK HA 13 -74.70 -22.62 55.53
CA UNK HA 13 -75.09 -23.55 54.47
C UNK HA 13 -74.75 -23.03 53.09
N UNK HA 14 -74.78 -21.70 52.90
CA UNK HA 14 -74.37 -21.12 51.62
C UNK HA 14 -72.87 -21.22 51.41
N UNK HA 15 -72.09 -21.04 52.49
CA UNK HA 15 -70.64 -21.23 52.41
C UNK HA 15 -70.26 -22.70 52.24
N UNK HA 16 -71.03 -23.60 52.88
CA UNK HA 16 -70.81 -25.03 52.72
C UNK HA 16 -71.23 -25.52 51.34
N UNK HA 17 -72.26 -24.91 50.75
CA UNK HA 17 -72.68 -25.26 49.40
C UNK HA 17 -71.71 -24.74 48.36
N UNK HA 18 -71.11 -23.57 48.59
CA UNK HA 18 -70.07 -23.06 47.69
C UNK HA 18 -68.79 -23.89 47.78
N UNK HA 19 -68.45 -24.35 48.99
CA UNK HA 19 -67.30 -25.23 49.19
C UNK HA 19 -67.52 -26.61 48.60
N UNK HA 20 -68.76 -27.12 48.66
CA UNK HA 20 -69.06 -28.40 48.04
C UNK HA 20 -69.22 -28.30 46.53
N UNK HA 21 -69.54 -27.12 45.99
CA UNK HA 21 -69.68 -26.97 44.55
C UNK HA 21 -68.38 -26.58 43.86
N UNK HA 22 -67.40 -26.04 44.59
CA UNK HA 22 -66.11 -25.75 43.98
C UNK HA 22 -65.30 -27.03 43.77
N UNK HA 23 -64.45 -27.03 42.75
CA UNK HA 23 -63.65 -28.20 42.39
C UNK HA 23 -62.37 -27.74 41.69
N UNK HA 24 -61.23 -28.25 42.14
CA UNK HA 24 -59.96 -27.98 41.48
C UNK HA 24 -59.84 -28.77 40.19
N UNK HA 25 -58.94 -28.34 39.32
CA UNK HA 25 -58.72 -29.03 38.06
C UNK HA 25 -57.43 -29.85 38.12
N UNK HA 26 -57.20 -30.64 37.08
CA UNK HA 26 -56.09 -31.58 37.08
C UNK HA 26 -54.78 -30.88 36.73
N UNK HA 27 -53.69 -31.40 37.28
CA UNK HA 27 -52.35 -30.89 37.00
C UNK HA 27 -51.47 -32.03 36.52
N UNK HA 28 -50.79 -31.83 35.40
CA UNK HA 28 -49.99 -32.86 34.76
C UNK HA 28 -48.52 -32.46 34.81
N UNK HA 29 -47.86 -32.84 35.92
CA UNK HA 29 -46.44 -32.58 36.08
C UNK HA 29 -45.63 -33.60 35.28
N UNK HA 30 -44.48 -33.17 34.77
CA UNK HA 30 -43.62 -34.04 33.97
C UNK HA 30 -42.17 -33.68 34.22
N UNK HA 31 -41.54 -34.41 35.14
CA UNK HA 31 -40.12 -34.21 35.44
C UNK HA 31 -39.30 -35.08 34.50
N UNK HA 32 -38.29 -34.48 33.88
CA UNK HA 32 -37.48 -35.20 32.91
C UNK HA 32 -35.99 -35.00 33.15
N UNK IA 1 -29.48 30.44 108.77
CA UNK IA 1 -29.45 30.37 107.32
C UNK IA 1 -28.61 29.18 106.88
N UNK IA 2 -27.68 28.79 107.74
CA UNK IA 2 -26.83 27.62 107.47
C UNK IA 2 -27.62 26.33 107.57
N UNK IA 3 -28.61 26.29 108.46
CA UNK IA 3 -29.54 25.17 108.52
C UNK IA 3 -30.45 25.13 107.30
N UNK IA 4 -30.77 26.31 106.74
CA UNK IA 4 -31.56 26.37 105.51
C UNK IA 4 -30.74 25.92 104.31
N UNK IA 5 -29.43 26.21 104.31
CA UNK IA 5 -28.56 25.72 103.25
C UNK IA 5 -28.29 24.23 103.38
N UNK IA 6 -28.27 23.73 104.62
CA UNK IA 6 -28.13 22.29 104.86
C UNK IA 6 -29.39 21.54 104.47
N UNK IA 7 -30.56 22.15 104.69
CA UNK IA 7 -31.81 21.58 104.23
C UNK IA 7 -31.97 21.69 102.72
N UNK IA 8 -31.36 22.71 102.10
CA UNK IA 8 -31.36 22.80 100.65
C UNK IA 8 -30.45 21.75 100.02
N UNK IA 9 -29.31 21.48 100.68
CA UNK IA 9 -28.43 20.40 100.24
C UNK IA 9 -29.05 19.04 100.49
N UNK IA 10 -29.84 18.90 101.56
CA UNK IA 10 -30.54 17.65 101.84
C UNK IA 10 -31.69 17.42 100.87
N UNK IA 11 -32.40 18.48 100.51
CA UNK IA 11 -33.48 18.37 99.54
C UNK IA 11 -32.96 18.16 98.12
N UNK IA 12 -31.80 18.74 97.79
CA UNK IA 12 -31.16 18.46 96.52
C UNK IA 12 -30.57 17.07 96.49
N UNK IA 13 -30.15 16.54 97.65
CA UNK IA 13 -29.68 15.17 97.73
C UNK IA 13 -30.83 14.18 97.61
N UNK IA 14 -31.98 14.50 98.18
CA UNK IA 14 -33.16 13.68 98.02
C UNK IA 14 -33.77 13.81 96.63
N UNK IA 15 -33.50 14.91 95.93
CA UNK IA 15 -33.85 15.01 94.53
C UNK IA 15 -32.92 14.22 93.63
N UNK IA 16 -31.61 14.32 93.86
CA UNK IA 16 -30.61 13.68 92.99
C UNK IA 16 -30.58 12.17 93.24
N UNK IA 17 -30.24 11.78 94.46
CA UNK IA 17 -30.54 10.42 94.89
C UNK IA 17 -32.01 10.41 95.23
N UNK IA 18 -32.84 10.02 94.27
CA UNK IA 18 -34.28 9.96 94.50
C UNK IA 18 -34.63 8.74 95.34
N UNK IA 19 -34.12 7.58 94.96
CA UNK IA 19 -34.12 6.45 95.87
C UNK IA 19 -32.86 6.48 96.71
N UNK IA 20 -32.82 5.64 97.74
CA UNK IA 20 -31.65 5.56 98.58
C UNK IA 20 -30.56 4.75 97.90
N UNK IA 21 -29.36 4.81 98.48
CA UNK IA 21 -28.26 3.98 98.01
C UNK IA 21 -28.47 2.51 98.32
N UNK IA 22 -29.11 2.20 99.45
CA UNK IA 22 -29.50 0.82 99.72
C UNK IA 22 -30.73 0.41 98.92
N UNK IA 23 -31.60 1.36 98.63
CA UNK IA 23 -32.79 1.08 97.82
C UNK IA 23 -32.44 0.85 96.36
N UNK IA 24 -31.32 1.43 95.87
CA UNK IA 24 -30.86 1.18 94.52
C UNK IA 24 -30.31 -0.24 94.37
N UNK IA 25 -29.61 -0.72 95.38
CA UNK IA 25 -29.11 -2.10 95.35
C UNK IA 25 -30.23 -3.10 95.61
N UNK IA 26 -31.26 -2.71 96.37
CA UNK IA 26 -32.44 -3.55 96.55
C UNK IA 26 -33.27 -3.62 95.27
N UNK IA 27 -33.30 -2.50 94.52
CA UNK IA 27 -33.96 -2.49 93.22
C UNK IA 27 -33.19 -3.29 92.18
N UNK IA 28 -31.85 -3.30 92.27
CA UNK IA 28 -31.04 -4.15 91.40
C UNK IA 28 -31.21 -5.62 91.74
N UNK IA 29 -31.38 -5.95 93.02
CA UNK IA 29 -31.67 -7.32 93.43
C UNK IA 29 -33.07 -7.76 92.99
N UNK IA 30 -34.03 -6.84 93.01
CA UNK IA 30 -35.38 -7.15 92.53
C UNK IA 30 -35.41 -7.28 91.00
N UNK IA 31 -34.56 -6.51 90.30
CA UNK IA 31 -34.45 -6.63 88.85
C UNK IA 31 -33.74 -7.92 88.45
N UNK IA 32 -32.80 -8.38 89.28
CA UNK IA 32 -32.16 -9.66 89.06
C UNK IA 32 -33.09 -10.84 89.35
N UNK IA 33 -33.95 -10.70 90.37
CA UNK IA 33 -34.96 -11.72 90.64
C UNK IA 33 -36.03 -11.75 89.57
N UNK IA 34 -36.36 -10.58 89.01
CA UNK IA 34 -37.28 -10.51 87.87
C UNK IA 34 -36.66 -11.08 86.61
N UNK IA 35 -35.34 -10.94 86.44
CA UNK IA 35 -34.66 -11.53 85.30
C UNK IA 35 -34.55 -13.05 85.40
N UNK IA 36 -34.30 -13.57 86.61
CA UNK IA 36 -34.25 -15.02 86.81
C UNK IA 36 -35.63 -15.66 86.71
N UNK IA 37 -36.68 -14.96 87.18
CA UNK IA 37 -38.03 -15.48 87.00
C UNK IA 37 -38.52 -15.29 85.56
N UNK IA 38 -37.96 -14.31 84.84
CA UNK IA 38 -38.32 -14.14 83.44
C UNK IA 38 -37.62 -15.13 82.54
N UNK IA 39 -36.45 -15.62 82.91
CA UNK IA 39 -35.76 -16.57 82.06
C UNK IA 39 -35.91 -18.00 82.58
N UNK IA 40 -36.60 -18.18 83.69
CA UNK IA 40 -36.78 -19.51 84.28
C UNK IA 40 -37.78 -20.35 83.47
N UNK IA 41 -37.48 -21.63 83.37
CA UNK IA 41 -38.26 -22.60 82.62
C UNK IA 41 -39.12 -23.44 83.56
N UNK IA 42 -39.70 -24.50 82.99
CA UNK IA 42 -40.44 -25.48 83.77
C UNK IA 42 -39.52 -26.35 84.62
N UNK IA 43 -40.15 -27.18 85.45
CA UNK IA 43 -39.51 -27.80 86.62
C UNK IA 43 -38.45 -28.86 86.28
N UNK IA 44 -38.76 -29.74 85.33
CA UNK IA 44 -37.75 -30.64 84.82
C UNK IA 44 -36.90 -29.89 83.82
N UNK IA 45 -35.69 -29.50 84.23
CA UNK IA 45 -34.69 -28.98 83.30
C UNK IA 45 -34.23 -30.13 82.43
N UNK IA 46 -34.43 -29.99 81.12
CA UNK IA 46 -34.26 -31.07 80.16
C UNK IA 46 -32.80 -31.42 79.97
N UNK IA 47 -32.34 -32.45 80.69
CA UNK IA 47 -30.93 -32.79 80.75
C UNK IA 47 -30.50 -33.47 79.46
N UNK IA 48 -29.18 -33.47 79.24
CA UNK IA 48 -28.64 -33.74 77.92
C UNK IA 48 -28.57 -35.23 77.65
N UNK IA 49 -28.58 -35.57 76.36
CA UNK IA 49 -28.45 -36.96 75.96
C UNK IA 49 -27.80 -37.01 74.57
N UNK IA 50 -27.14 -38.12 74.31
CA UNK IA 50 -26.67 -38.48 72.99
C UNK IA 50 -26.85 -39.99 72.82
N UNK IA 51 -27.41 -40.37 71.67
CA UNK IA 51 -27.82 -41.75 71.50
C UNK IA 51 -27.65 -42.16 70.05
N UNK IA 52 -28.17 -43.35 69.74
CA UNK IA 52 -28.04 -43.92 68.41
C UNK IA 52 -29.22 -44.83 68.14
N UNK IA 53 -29.52 -45.03 66.87
CA UNK IA 53 -30.60 -45.93 66.47
C UNK IA 53 -30.31 -46.47 65.08
N UNK IA 54 -30.35 -47.79 64.96
CA UNK IA 54 -30.35 -48.39 63.64
C UNK IA 54 -31.76 -48.39 63.07
N UNK IA 55 -31.87 -48.24 61.77
CA UNK IA 55 -33.15 -48.15 61.09
C UNK IA 55 -33.35 -49.40 60.23
N UNK IA 56 -34.60 -49.82 60.10
CA UNK IA 56 -34.92 -50.97 59.27
C UNK IA 56 -35.36 -50.50 57.89
N UNK IA 57 -35.77 -51.43 57.04
CA UNK IA 57 -36.22 -51.09 55.70
C UNK IA 57 -37.52 -51.75 55.27
N UNK IA 58 -37.89 -52.91 55.81
CA UNK IA 58 -39.05 -53.63 55.29
C UNK IA 58 -40.36 -53.09 55.84
N UNK IA 59 -40.58 -53.26 57.14
CA UNK IA 59 -41.81 -52.81 57.80
C UNK IA 59 -41.49 -52.62 59.28
N UNK IA 60 -41.29 -51.38 59.71
CA UNK IA 60 -40.97 -51.09 61.10
C UNK IA 60 -41.44 -49.68 61.43
N UNK IA 61 -41.22 -49.28 62.68
CA UNK IA 61 -41.55 -47.95 63.12
C UNK IA 61 -40.47 -46.97 62.71
N UNK IA 62 -40.78 -45.68 62.77
CA UNK IA 62 -39.80 -44.66 62.49
C UNK IA 62 -38.97 -44.38 63.72
N UNK IA 63 -37.84 -43.70 63.53
CA UNK IA 63 -36.99 -43.31 64.64
C UNK IA 63 -37.53 -42.05 65.29
N UNK IA 64 -37.53 -42.01 66.62
CA UNK IA 64 -38.21 -40.97 67.37
C UNK IA 64 -37.19 -40.05 68.03
N UNK IA 65 -36.88 -38.96 67.35
CA UNK IA 65 -35.95 -37.97 67.89
C UNK IA 65 -36.69 -37.03 68.82
N UNK IA 66 -36.29 -37.03 70.09
CA UNK IA 66 -36.93 -36.24 71.12
C UNK IA 66 -36.15 -34.93 71.25
N UNK IA 67 -36.59 -33.92 70.53
CA UNK IA 67 -35.85 -32.66 70.51
C UNK IA 67 -36.27 -31.76 71.67
N UNK IA 68 -35.62 -30.61 71.75
CA UNK IA 68 -35.97 -29.58 72.72
C UNK IA 68 -35.78 -28.24 72.04
N UNK IA 69 -36.05 -27.16 72.76
CA UNK IA 69 -35.99 -25.81 72.17
C UNK IA 69 -34.57 -25.28 72.00
N UNK IA 70 -33.57 -25.92 72.59
CA UNK IA 70 -32.17 -25.65 72.30
C UNK IA 70 -31.72 -26.52 71.14
N UNK IA 71 -30.48 -26.32 70.69
CA UNK IA 71 -30.04 -26.92 69.45
C UNK IA 71 -29.61 -28.37 69.66
N UNK IA 72 -29.84 -29.18 68.62
CA UNK IA 72 -29.49 -30.59 68.61
C UNK IA 72 -28.88 -30.90 67.26
N UNK IA 73 -28.18 -32.03 67.18
CA UNK IA 73 -27.44 -32.39 65.99
C UNK IA 73 -27.73 -33.83 65.61
N UNK IA 74 -28.63 -34.02 64.66
CA UNK IA 74 -28.95 -35.36 64.17
C UNK IA 74 -27.91 -35.69 63.11
N UNK IA 75 -27.08 -36.68 63.39
CA UNK IA 75 -26.05 -37.12 62.45
C UNK IA 75 -26.46 -38.48 61.93
N UNK IA 76 -26.21 -38.73 60.65
CA UNK IA 76 -26.48 -40.03 60.09
C UNK IA 76 -25.22 -40.90 60.13
N UNK IA 77 -25.35 -42.13 59.65
CA UNK IA 77 -24.18 -42.87 59.20
C UNK IA 77 -23.60 -42.18 57.98
N UNK IA 78 -22.30 -42.39 57.75
CA UNK IA 78 -21.39 -41.42 57.13
C UNK IA 78 -21.65 -41.04 55.67
N UNK IA 79 -22.61 -41.68 54.99
CA UNK IA 79 -23.15 -41.16 53.74
C UNK IA 79 -23.90 -39.85 53.99
N UNK IA 80 -23.67 -38.88 53.12
CA UNK IA 80 -24.18 -37.53 53.29
C UNK IA 80 -25.65 -37.46 52.90
N UNK IA 81 -26.39 -36.62 53.63
CA UNK IA 81 -27.82 -36.43 53.37
C UNK IA 81 -28.00 -35.51 52.18
N UNK IA 82 -28.76 -35.96 51.19
CA UNK IA 82 -28.92 -35.18 49.97
C UNK IA 82 -30.14 -34.28 50.00
N UNK IA 83 -31.20 -34.64 50.73
CA UNK IA 83 -32.42 -33.86 50.73
C UNK IA 83 -33.15 -34.01 52.06
N UNK IA 84 -33.58 -32.89 52.61
CA UNK IA 84 -34.50 -32.85 53.73
C UNK IA 84 -35.91 -32.60 53.22
N UNK IA 85 -36.89 -33.16 53.90
CA UNK IA 85 -38.30 -32.95 53.55
C UNK IA 85 -39.07 -32.92 54.86
N UNK IA 86 -39.38 -31.72 55.31
CA UNK IA 86 -39.93 -31.52 56.64
C UNK IA 86 -41.34 -30.94 56.58
N UNK IA 87 -42.12 -31.25 57.61
CA UNK IA 87 -43.35 -30.54 57.92
C UNK IA 87 -42.92 -29.36 58.79
N UNK IA 88 -42.90 -28.17 58.19
CA UNK IA 88 -42.15 -27.05 58.71
C UNK IA 88 -42.90 -26.28 59.79
N UNK IA 89 -42.37 -25.09 60.09
CA UNK IA 89 -42.93 -24.03 60.97
C UNK IA 89 -42.99 -24.46 62.44
N UNK IA 90 -42.21 -25.46 62.82
CA UNK IA 90 -42.02 -25.81 64.22
C UNK IA 90 -40.56 -26.12 64.51
N UNK IA 91 -39.69 -26.15 63.52
CA UNK IA 91 -38.30 -26.52 63.73
C UNK IA 91 -37.43 -25.79 62.71
N UNK IA 92 -36.39 -25.14 63.19
CA UNK IA 92 -35.40 -24.49 62.34
C UNK IA 92 -34.22 -25.46 62.23
N UNK IA 93 -33.94 -25.90 61.01
CA UNK IA 93 -32.90 -26.91 60.79
C UNK IA 93 -31.81 -26.29 59.92
N UNK IA 94 -30.62 -26.15 60.48
CA UNK IA 94 -29.47 -25.68 59.73
C UNK IA 94 -28.73 -26.89 59.19
N UNK IA 95 -28.57 -26.94 57.87
CA UNK IA 95 -27.94 -28.09 57.25
C UNK IA 95 -27.18 -27.67 56.01
N UNK IA 96 -25.94 -28.13 55.94
CA UNK IA 96 -25.11 -28.05 54.76
C UNK IA 96 -25.28 -29.31 53.94
N UNK IA 97 -24.30 -29.62 53.10
CA UNK IA 97 -24.24 -30.88 52.36
C UNK IA 97 -23.48 -31.96 53.10
N UNK IA 98 -23.51 -31.97 54.43
CA UNK IA 98 -22.83 -32.95 55.25
C UNK IA 98 -23.76 -34.13 55.53
N UNK IA 99 -23.36 -35.01 56.44
CA UNK IA 99 -24.19 -36.13 56.87
C UNK IA 99 -24.89 -35.82 58.18
N UNK IA 100 -24.88 -34.55 58.60
CA UNK IA 100 -25.48 -34.17 59.88
C UNK IA 100 -26.23 -32.86 59.70
N UNK IA 101 -27.35 -32.74 60.38
CA UNK IA 101 -28.18 -31.54 60.36
C UNK IA 101 -28.40 -31.08 61.79
N UNK IA 102 -28.15 -29.80 62.05
CA UNK IA 102 -28.37 -29.23 63.38
C UNK IA 102 -29.78 -28.70 63.44
N UNK IA 103 -30.68 -29.45 64.04
CA UNK IA 103 -32.07 -29.06 64.14
C UNK IA 103 -32.30 -28.34 65.46
N UNK IA 104 -33.41 -27.62 65.55
CA UNK IA 104 -33.84 -26.96 66.77
C UNK IA 104 -35.35 -26.84 66.72
N UNK IA 105 -36.02 -27.12 67.84
CA UNK IA 105 -37.45 -26.86 67.91
C UNK IA 105 -37.65 -25.38 68.19
N UNK IA 106 -38.48 -24.72 67.37
CA UNK IA 106 -38.84 -23.34 67.64
C UNK IA 106 -40.15 -23.26 68.41
N UNK IA 107 -41.09 -24.15 68.11
CA UNK IA 107 -42.29 -24.29 68.91
C UNK IA 107 -41.99 -25.12 70.15
N UNK IA 108 -42.92 -25.13 71.09
CA UNK IA 108 -42.69 -25.80 72.37
C UNK IA 108 -42.94 -27.30 72.26
N UNK IA 109 -44.16 -27.70 71.86
CA UNK IA 109 -44.53 -29.11 71.79
C UNK IA 109 -45.23 -29.35 70.46
N UNK IA 110 -44.74 -30.33 69.70
CA UNK IA 110 -45.33 -30.74 68.44
C UNK IA 110 -44.89 -32.17 68.11
N UNK IA 111 -45.76 -32.90 67.43
CA UNK IA 111 -45.36 -34.11 66.74
C UNK IA 111 -45.07 -33.77 65.28
N UNK IA 112 -44.07 -34.44 64.71
CA UNK IA 112 -43.72 -34.20 63.31
C UNK IA 112 -43.17 -35.47 62.71
N UNK IA 113 -43.33 -35.60 61.40
CA UNK IA 113 -42.77 -36.76 60.67
C UNK IA 113 -41.96 -36.21 59.51
N UNK IA 114 -40.67 -35.98 59.75
CA UNK IA 114 -39.78 -35.54 58.70
C UNK IA 114 -39.31 -36.73 57.87
N UNK IA 115 -38.64 -36.44 56.75
CA UNK IA 115 -38.16 -37.49 55.87
C UNK IA 115 -36.90 -37.00 55.16
N UNK IA 116 -35.84 -37.77 55.28
CA UNK IA 116 -34.56 -37.42 54.67
C UNK IA 116 -34.21 -38.44 53.60
N UNK IA 117 -33.73 -37.96 52.47
CA UNK IA 117 -33.22 -38.80 51.40
C UNK IA 117 -31.72 -38.57 51.29
N UNK IA 118 -30.93 -39.52 51.77
CA UNK IA 118 -29.49 -39.56 51.56
C UNK IA 118 -29.22 -40.40 50.30
N UNK IA 119 -27.99 -40.82 50.09
CA UNK IA 119 -27.65 -41.66 48.94
C UNK IA 119 -28.15 -43.10 49.12
N UNK IA 120 -29.45 -43.30 48.90
CA UNK IA 120 -30.14 -44.57 49.07
C UNK IA 120 -31.37 -44.58 48.15
N UNK IA 121 -31.96 -45.77 47.98
CA UNK IA 121 -33.04 -45.94 47.00
C UNK IA 121 -34.38 -45.96 47.68
N UNK IA 122 -34.41 -45.77 49.00
CA UNK IA 122 -35.64 -45.75 49.78
C UNK IA 122 -35.35 -44.83 50.97
N UNK IA 123 -36.02 -43.69 50.99
CA UNK IA 123 -35.66 -42.63 51.93
C UNK IA 123 -36.18 -42.93 53.33
N UNK IA 124 -35.65 -42.22 54.31
CA UNK IA 124 -35.97 -42.49 55.69
C UNK IA 124 -36.98 -41.47 56.20
N UNK IA 125 -37.76 -41.87 57.17
CA UNK IA 125 -38.63 -40.95 57.90
C UNK IA 125 -38.24 -40.94 59.35
N UNK IA 126 -38.62 -39.88 60.05
CA UNK IA 126 -38.20 -39.68 61.43
C UNK IA 126 -39.28 -38.89 62.16
N UNK IA 127 -39.85 -39.50 63.18
CA UNK IA 127 -40.81 -38.82 64.04
C UNK IA 127 -40.02 -37.93 64.99
N UNK IA 128 -40.12 -36.64 64.78
CA UNK IA 128 -39.53 -35.66 65.68
C UNK IA 128 -40.61 -35.24 66.67
N UNK IA 129 -40.43 -35.62 67.92
CA UNK IA 129 -41.33 -35.20 68.99
C UNK IA 129 -40.64 -34.13 69.82
N UNK IA 130 -41.36 -33.06 70.11
CA UNK IA 130 -40.72 -31.95 70.80
C UNK IA 130 -40.89 -32.09 72.31
N UNK IA 131 -39.84 -31.69 73.03
CA UNK IA 131 -39.79 -31.37 74.47
C UNK IA 131 -40.11 -32.56 75.38
N UNK IA 132 -39.84 -33.79 74.96
CA UNK IA 132 -40.20 -34.96 75.74
C UNK IA 132 -39.05 -35.31 76.70
N UNK IA 133 -38.90 -34.48 77.74
CA UNK IA 133 -38.18 -34.72 79.00
C UNK IA 133 -36.67 -34.99 78.94
N UNK IA 134 -36.06 -34.88 77.76
CA UNK IA 134 -34.63 -35.13 77.57
C UNK IA 134 -34.13 -34.40 76.34
N UNK IA 135 -33.17 -33.50 76.51
CA UNK IA 135 -32.61 -32.78 75.38
C UNK IA 135 -31.63 -33.70 74.66
N UNK IA 136 -32.12 -34.44 73.67
CA UNK IA 136 -31.28 -35.34 72.88
C UNK IA 136 -30.48 -34.48 71.90
N UNK IA 137 -29.32 -34.01 72.36
CA UNK IA 137 -28.54 -33.06 71.59
C UNK IA 137 -27.75 -33.72 70.47
N UNK IA 138 -27.58 -35.04 70.52
CA UNK IA 138 -26.93 -35.75 69.42
C UNK IA 138 -27.57 -37.11 69.28
N UNK IA 139 -27.98 -37.44 68.07
CA UNK IA 139 -28.50 -38.77 67.77
C UNK IA 139 -27.80 -39.28 66.53
N UNK IA 140 -27.47 -40.56 66.52
CA UNK IA 140 -26.73 -41.17 65.44
C UNK IA 140 -27.66 -42.09 64.67
N UNK IA 141 -28.02 -41.67 63.47
CA UNK IA 141 -28.94 -42.42 62.61
C UNK IA 141 -28.14 -43.46 61.86
N UNK IA 142 -27.97 -44.63 62.47
CA UNK IA 142 -27.35 -45.76 61.80
C UNK IA 142 -28.36 -46.32 60.81
N UNK IA 143 -28.01 -46.32 59.54
CA UNK IA 143 -28.89 -46.83 58.51
C UNK IA 143 -28.71 -48.34 58.36
N UNK IA 144 -29.51 -48.91 57.47
CA UNK IA 144 -29.40 -50.32 57.15
C UNK IA 144 -28.50 -50.52 55.94
N UNK JA 1 -72.24 -10.67 80.70
CA UNK JA 1 -71.34 -11.32 81.66
C UNK JA 1 -70.90 -12.67 81.13
N UNK JA 2 -71.77 -13.67 81.33
CA UNK JA 2 -71.52 -15.00 80.78
C UNK JA 2 -71.67 -15.02 79.27
N UNK JA 3 -72.51 -14.14 78.72
CA UNK JA 3 -72.59 -13.97 77.28
C UNK JA 3 -71.34 -13.30 76.72
N UNK JA 4 -70.71 -12.42 77.50
CA UNK JA 4 -69.45 -11.81 77.07
C UNK JA 4 -68.30 -12.81 77.15
N UNK JA 5 -68.36 -13.71 78.13
CA UNK JA 5 -67.43 -14.84 78.20
C UNK JA 5 -67.64 -15.82 77.05
N UNK JA 6 -68.90 -15.99 76.62
CA UNK JA 6 -69.20 -16.83 75.48
C UNK JA 6 -68.78 -16.17 74.17
N UNK JA 7 -68.79 -14.83 74.11
CA UNK JA 7 -68.32 -14.12 72.92
C UNK JA 7 -66.81 -14.18 72.79
N UNK JA 8 -66.10 -14.07 73.92
CA UNK JA 8 -64.66 -14.27 73.93
C UNK JA 8 -64.28 -15.71 73.64
N UNK JA 9 -65.10 -16.66 74.10
CA UNK JA 9 -64.91 -18.06 73.75
C UNK JA 9 -65.22 -18.34 72.28
N UNK JA 10 -66.14 -17.58 71.68
CA UNK JA 10 -66.46 -17.72 70.27
C UNK JA 10 -65.34 -17.19 69.38
N UNK JA 11 -64.76 -16.04 69.73
CA UNK JA 11 -63.65 -15.49 68.96
C UNK JA 11 -62.38 -16.32 69.14
N UNK JA 12 -62.16 -16.83 70.36
CA UNK JA 12 -61.03 -17.71 70.62
C UNK JA 12 -61.21 -19.08 69.98
N UNK JA 13 -62.46 -19.53 69.84
CA UNK JA 13 -62.71 -20.80 69.18
C UNK JA 13 -62.57 -20.67 67.67
N UNK JA 14 -62.89 -19.50 67.12
CA UNK JA 14 -62.65 -19.24 65.70
C UNK JA 14 -61.16 -19.16 65.37
N UNK JA 15 -60.38 -18.54 66.28
CA UNK JA 15 -58.93 -18.48 66.11
C UNK JA 15 -58.27 -19.85 66.29
N UNK JA 16 -58.76 -20.64 67.26
CA UNK JA 16 -58.21 -21.98 67.48
C UNK JA 16 -58.65 -22.95 66.40
N UNK JA 17 -59.81 -22.71 65.78
CA UNK JA 17 -60.25 -23.54 64.66
C UNK JA 17 -59.45 -23.26 63.40
N UNK JA 18 -59.14 -21.98 63.13
CA UNK JA 18 -58.28 -21.64 62.01
C UNK JA 18 -56.84 -22.09 62.21
N UNK JA 19 -56.36 -22.05 63.47
CA UNK JA 19 -55.01 -22.54 63.77
C UNK JA 19 -54.92 -24.06 63.72
N UNK JA 20 -55.96 -24.77 64.14
CA UNK JA 20 -55.99 -26.21 63.98
C UNK JA 20 -56.21 -26.65 62.54
N UNK JA 21 -56.84 -25.81 61.73
CA UNK JA 21 -57.02 -26.11 60.31
C UNK JA 21 -55.80 -25.79 59.46
N UNK JA 22 -54.99 -24.81 59.86
CA UNK JA 22 -53.84 -24.41 59.06
C UNK JA 22 -52.70 -25.42 59.16
N UNK JA 23 -52.01 -25.61 58.03
CA UNK JA 23 -50.98 -26.65 57.93
C UNK JA 23 -49.98 -26.24 56.86
N UNK JA 24 -48.69 -26.32 57.20
CA UNK JA 24 -47.63 -26.06 56.23
C UNK JA 24 -47.33 -27.31 55.42
N UNK JA 25 -46.91 -27.12 54.18
CA UNK JA 25 -46.73 -28.24 53.26
C UNK JA 25 -45.37 -28.88 53.45
N UNK JA 26 -45.09 -29.89 52.62
CA UNK JA 26 -43.81 -30.57 52.66
C UNK JA 26 -42.73 -29.70 52.04
N UNK JA 27 -41.61 -29.56 52.76
CA UNK JA 27 -40.49 -28.76 52.29
C UNK JA 27 -39.31 -29.67 52.02
N UNK JA 28 -38.96 -29.87 50.76
CA UNK JA 28 -37.89 -30.76 50.36
C UNK JA 28 -36.74 -29.92 49.81
N UNK JA 29 -35.86 -29.50 50.72
CA UNK JA 29 -34.64 -28.80 50.34
C UNK JA 29 -33.60 -29.82 49.94
N UNK JA 30 -32.77 -29.48 48.95
CA UNK JA 30 -31.73 -30.37 48.46
C UNK JA 30 -30.38 -29.65 48.50
N UNK JA 31 -29.38 -30.32 49.07
CA UNK JA 31 -28.03 -29.78 49.17
C UNK JA 31 -27.13 -30.57 48.24
N UNK JA 32 -26.61 -29.91 47.20
CA UNK JA 32 -25.81 -30.58 46.20
C UNK JA 32 -24.50 -29.86 45.94
N ALA KA 58 40.41 -63.53 33.17
CA ALA KA 58 39.00 -63.37 32.82
C ALA KA 58 38.52 -64.61 32.07
N LEU KA 59 39.44 -65.18 31.27
CA LEU KA 59 39.16 -66.47 30.65
C LEU KA 59 39.16 -67.58 31.70
N LYS KA 60 39.98 -67.42 32.75
CA LYS KA 60 39.89 -68.22 33.96
C LYS KA 60 38.56 -68.01 34.69
N GLU KA 61 37.98 -66.82 34.61
CA GLU KA 61 36.74 -66.55 35.32
C GLU KA 61 35.53 -67.14 34.62
N THR KA 62 35.50 -67.09 33.28
CA THR KA 62 34.42 -67.80 32.59
C THR KA 62 34.64 -69.31 32.59
N ALA KA 63 35.89 -69.76 32.73
CA ALA KA 63 36.16 -71.18 32.99
C ALA KA 63 35.65 -71.60 34.36
N LEU KA 64 35.79 -70.73 35.35
CA LEU KA 64 35.32 -71.00 36.71
C LEU KA 64 33.80 -71.01 36.79
N SER KA 65 33.16 -70.11 36.07
CA SER KA 65 31.70 -70.10 36.10
C SER KA 65 31.08 -71.15 35.20
N VAL KA 66 31.80 -71.68 34.19
CA VAL KA 66 31.21 -72.81 33.48
C VAL KA 66 31.50 -74.09 34.26
N GLY KA 67 32.54 -74.09 35.10
CA GLY KA 67 32.76 -75.22 35.98
C GLY KA 67 31.82 -75.27 37.17
N ALA KA 68 31.27 -74.12 37.56
CA ALA KA 68 30.45 -74.03 38.77
C ALA KA 68 29.10 -74.71 38.60
N GLN KA 69 28.44 -74.47 37.46
CA GLN KA 69 27.13 -75.06 37.23
C GLN KA 69 27.21 -76.55 36.92
N ALA KA 70 28.34 -76.97 36.32
CA ALA KA 70 28.56 -78.38 36.05
C ALA KA 70 28.84 -79.15 37.33
N GLY KA 71 29.62 -78.55 38.24
CA GLY KA 71 29.87 -79.17 39.53
C GLY KA 71 28.66 -79.18 40.43
N LEU KA 72 27.81 -78.16 40.31
CA LEU KA 72 26.59 -78.10 41.11
C LEU KA 72 25.56 -79.11 40.62
N ALA KA 73 25.45 -79.29 39.31
CA ALA KA 73 24.51 -80.28 38.78
C ALA KA 73 25.00 -81.71 38.98
N TRP KA 74 26.33 -81.91 38.93
CA TRP KA 74 26.90 -83.23 39.21
C TRP KA 74 26.72 -83.60 40.68
N ARG KA 75 26.92 -82.64 41.58
CA ARG KA 75 26.75 -82.88 43.00
C ARG KA 75 25.29 -83.07 43.36
N ALA KA 76 24.39 -82.41 42.63
CA ALA KA 76 22.96 -82.62 42.84
C ALA KA 76 22.51 -83.99 42.36
N LYS KA 77 23.13 -84.50 41.29
CA LYS KA 77 22.82 -85.86 40.82
C LYS KA 77 23.35 -86.93 41.78
N ILE KA 78 24.54 -86.70 42.33
CA ILE KA 78 25.16 -87.64 43.27
C ILE KA 78 24.40 -87.69 44.58
N ILE KA 79 23.95 -86.53 45.07
CA ILE KA 79 23.16 -86.58 46.29
C ILE KA 79 21.71 -86.93 46.04
N ASP KA 80 21.24 -86.90 44.79
CA ASP KA 80 19.92 -87.45 44.51
C ASP KA 80 19.93 -88.97 44.53
N GLU KA 81 21.02 -89.58 44.03
CA GLU KA 81 21.17 -91.02 44.19
C GLU KA 81 21.43 -91.42 45.63
N GLN KA 82 22.12 -90.56 46.38
CA GLN KA 82 22.36 -90.78 47.79
C GLN KA 82 21.10 -90.62 48.62
N LEU KA 83 20.16 -89.79 48.18
CA LEU KA 83 18.86 -89.74 48.84
C LEU KA 83 18.03 -90.97 48.50
N ASN KA 84 18.08 -91.39 47.23
CA ASN KA 84 17.21 -92.46 46.78
C ASN KA 84 17.63 -93.83 47.25
N LYS KA 85 18.91 -94.01 47.61
CA LYS KA 85 19.26 -95.29 48.22
C LYS KA 85 18.94 -95.30 49.71
N GLN KA 86 18.69 -94.14 50.30
CA GLN KA 86 18.23 -94.08 51.68
C GLN KA 86 16.76 -93.74 51.77
N ALA KA 87 15.96 -94.20 50.82
CA ALA KA 87 14.61 -93.68 50.66
C ALA KA 87 13.63 -94.26 51.67
N ARG KA 88 13.84 -95.50 52.10
CA ARG KA 88 12.98 -96.03 53.14
C ARG KA 88 13.38 -95.51 54.51
N ASN KA 89 14.66 -95.18 54.67
CA ASN KA 89 15.15 -94.67 55.95
C ASN KA 89 14.67 -93.26 56.19
N LEU KA 90 14.58 -92.44 55.14
CA LEU KA 90 14.01 -91.12 55.29
C LEU KA 90 12.51 -91.15 55.43
N ASP KA 91 11.85 -92.20 54.93
CA ASP KA 91 10.46 -92.44 55.26
C ASP KA 91 10.29 -92.82 56.72
N ALA KA 92 11.27 -93.51 57.29
CA ALA KA 92 11.22 -93.81 58.71
C ALA KA 92 11.53 -92.59 59.56
N ILE KA 93 12.43 -91.72 59.09
CA ILE KA 93 12.75 -90.51 59.85
C ILE KA 93 11.60 -89.52 59.78
N TYR KA 94 11.27 -89.05 58.59
CA TYR KA 94 10.35 -87.94 58.45
C TYR KA 94 8.94 -88.46 58.20
N ASP KA 95 8.44 -89.18 59.20
CA ASP KA 95 7.11 -89.73 59.19
C ASP KA 95 6.18 -88.59 59.52
N PHE KA 96 5.78 -87.84 58.50
CA PHE KA 96 4.76 -86.83 58.69
C PHE KA 96 3.40 -87.48 58.82
N ASN KA 97 3.23 -88.64 58.17
CA ASN KA 97 1.96 -89.36 58.07
C ASN KA 97 1.51 -89.92 59.40
N SER KA 98 2.45 -90.29 60.27
CA SER KA 98 2.07 -90.70 61.62
C SER KA 98 2.04 -89.53 62.58
N LEU KA 99 2.31 -88.32 62.12
CA LEU KA 99 2.16 -87.13 62.94
C LEU KA 99 1.02 -86.23 62.49
N VAL KA 100 0.13 -86.71 61.62
CA VAL KA 100 -1.07 -85.94 61.33
C VAL KA 100 -2.02 -86.05 62.51
N LEU KA 101 -2.85 -85.03 62.69
CA LEU KA 101 -3.90 -85.06 63.68
C LEU KA 101 -5.13 -85.80 63.15
N GLU KA 102 -6.20 -85.77 63.92
CA GLU KA 102 -7.24 -86.79 63.78
C GLU KA 102 -8.23 -86.52 62.65
N HIS KA 103 -8.24 -85.32 62.08
CA HIS KA 103 -9.16 -85.03 60.99
C HIS KA 103 -8.39 -84.68 59.73
N ASN KA 104 -7.25 -85.35 59.54
CA ASN KA 104 -6.22 -85.10 58.52
C ASN KA 104 -5.77 -83.64 58.53
N ILE KA 105 -5.48 -83.16 59.71
CA ILE KA 105 -4.99 -81.81 59.91
C ILE KA 105 -3.49 -81.87 60.14
N LEU KA 106 -2.75 -81.21 59.27
CA LEU KA 106 -1.34 -81.00 59.48
C LEU KA 106 -1.14 -80.08 60.68
N PRO KA 107 -0.40 -80.55 61.69
CA PRO KA 107 -0.24 -79.78 62.91
C PRO KA 107 0.74 -78.64 62.71
N PRO KA 108 0.70 -77.59 63.54
CA PRO KA 108 1.54 -76.42 63.25
C PRO KA 108 2.98 -76.61 63.65
N VAL KA 109 3.82 -75.67 63.22
CA VAL KA 109 5.24 -75.70 63.46
C VAL KA 109 5.52 -74.74 64.60
N LEU KA 110 5.72 -75.28 65.78
CA LEU KA 110 6.01 -74.48 66.95
C LEU KA 110 7.51 -74.33 67.10
N LEU KA 111 7.96 -73.14 67.40
CA LEU KA 111 9.38 -72.90 67.54
C LEU KA 111 9.70 -72.45 68.95
N GLU KA 112 10.84 -72.94 69.43
CA GLU KA 112 11.32 -72.73 70.79
C GLU KA 112 12.62 -71.95 70.72
N GLY KA 113 12.75 -70.95 71.59
CA GLY KA 113 14.05 -70.37 71.81
C GLY KA 113 14.25 -70.14 73.28
N ARG KA 114 15.40 -70.49 73.82
CA ARG KA 114 15.66 -70.22 75.22
C ARG KA 114 16.78 -69.20 75.35
N ASN KA 115 16.79 -68.52 76.51
CA ASN KA 115 17.68 -67.41 76.89
C ASN KA 115 17.66 -66.30 75.86
N THR KA 116 16.46 -65.87 75.51
CA THR KA 116 16.31 -64.95 74.40
C THR KA 116 16.56 -63.54 74.89
N LEU KA 117 17.73 -63.03 74.58
CA LEU KA 117 18.09 -61.65 74.90
C LEU KA 117 17.87 -60.81 73.67
N ASN KA 118 17.27 -59.65 73.85
CA ASN KA 118 17.41 -58.54 72.93
C ASN KA 118 18.06 -57.40 73.67
N LEU KA 119 18.97 -56.71 73.01
CA LEU KA 119 19.50 -55.46 73.50
C LEU KA 119 18.93 -54.36 72.61
N ALA KA 120 17.94 -53.62 73.12
CA ALA KA 120 17.21 -52.74 72.20
C ALA KA 120 17.92 -51.42 72.01
N ASP KA 121 18.44 -50.85 73.09
CA ASP KA 121 19.39 -49.78 72.97
C ASP KA 121 20.44 -50.01 74.03
N ALA KA 122 21.24 -48.99 74.32
CA ALA KA 122 22.30 -49.14 75.30
C ALA KA 122 21.78 -49.05 76.73
N GLN KA 123 20.56 -48.56 76.91
CA GLN KA 123 20.00 -48.40 78.24
C GLN KA 123 18.96 -49.44 78.60
N SER KA 124 18.58 -50.32 77.67
CA SER KA 124 17.51 -51.27 77.95
C SER KA 124 17.70 -52.55 77.16
N ILE KA 125 17.75 -53.65 77.89
CA ILE KA 125 17.70 -54.97 77.31
C ILE KA 125 16.39 -55.60 77.74
N ARG KA 126 16.03 -56.70 77.08
CA ARG KA 126 14.90 -57.49 77.52
C ARG KA 126 15.19 -58.95 77.25
N ILE KA 127 15.23 -59.72 78.29
CA ILE KA 127 15.46 -61.14 78.20
C ILE KA 127 14.14 -61.86 78.38
N SER KA 128 14.13 -63.11 78.00
CA SER KA 128 13.03 -64.01 78.28
C SER KA 128 13.60 -65.41 78.37
N ASP KA 129 12.97 -66.23 79.21
CA ASP KA 129 13.50 -67.57 79.38
C ASP KA 129 13.07 -68.50 78.26
N ARG KA 130 11.85 -68.37 77.75
CA ARG KA 130 11.39 -69.17 76.63
C ARG KA 130 10.59 -68.30 75.67
N THR KA 131 10.67 -68.64 74.40
CA THR KA 131 9.87 -68.02 73.36
C THR KA 131 9.31 -69.10 72.47
N TYR KA 132 7.99 -69.15 72.39
CA TYR KA 132 7.28 -70.10 71.56
C TYR KA 132 6.50 -69.36 70.49
N LYS KA 133 6.59 -69.84 69.27
CA LYS KA 133 5.96 -69.14 68.16
C LYS KA 133 5.38 -70.14 67.17
N VAL KA 134 4.14 -69.91 66.75
CA VAL KA 134 3.59 -70.72 65.67
C VAL KA 134 4.17 -70.21 64.36
N ALA KA 135 4.32 -71.11 63.41
CA ALA KA 135 4.64 -70.86 62.03
C ALA KA 135 4.14 -72.08 61.28
N LYS KA 136 3.64 -71.84 60.05
CA LYS KA 136 2.97 -72.80 59.18
C LYS KA 136 1.81 -73.48 59.91
N GLN KA 137 0.80 -72.65 60.20
CA GLN KA 137 -0.25 -72.97 61.15
C GLN KA 137 -1.19 -74.04 60.58
N ALA KA 138 -1.99 -74.63 61.47
CA ALA KA 138 -2.55 -75.96 61.25
C ALA KA 138 -3.68 -75.95 60.24
N HIS KA 139 -3.63 -76.91 59.33
CA HIS KA 139 -4.61 -76.85 58.25
C HIS KA 139 -4.88 -78.25 57.74
N PHE KA 140 -5.95 -78.36 56.95
CA PHE KA 140 -6.34 -79.63 56.36
C PHE KA 140 -5.35 -79.99 55.27
N ILE KA 141 -4.80 -81.17 55.34
CA ILE KA 141 -4.02 -81.68 54.24
C ILE KA 141 -4.68 -82.92 53.70
N THR KA 142 -4.62 -83.06 52.38
CA THR KA 142 -5.15 -84.25 51.75
C THR KA 142 -4.11 -85.36 51.76
N THR KA 143 -2.88 -85.01 51.43
CA THR KA 143 -1.74 -85.90 51.46
C THR KA 143 -0.78 -85.45 52.54
N PRO KA 144 -0.11 -86.37 53.24
CA PRO KA 144 0.98 -85.97 54.11
C PRO KA 144 2.17 -85.54 53.30
N PRO KA 145 2.96 -84.58 53.78
CA PRO KA 145 4.14 -84.18 53.03
C PRO KA 145 5.23 -85.20 53.17
N THR KA 146 5.90 -85.47 52.08
CA THR KA 146 6.95 -86.45 52.09
C THR KA 146 8.27 -85.75 52.38
N TRP KA 147 9.38 -86.50 52.36
CA TRP KA 147 10.66 -85.84 52.48
C TRP KA 147 11.09 -85.22 51.17
N ARG KA 148 10.54 -85.70 50.06
CA ARG KA 148 11.00 -85.32 48.74
C ARG KA 148 10.56 -83.95 48.31
N GLN KA 149 9.58 -83.32 48.97
CA GLN KA 149 9.30 -81.92 48.67
C GLN KA 149 10.35 -81.03 49.28
N TYR KA 150 10.96 -81.47 50.36
CA TYR KA 150 11.97 -80.72 51.07
C TYR KA 150 13.34 -80.94 50.47
N LEU KA 151 13.71 -82.18 50.23
CA LEU KA 151 15.12 -82.51 50.11
C LEU KA 151 15.60 -82.72 48.69
N TRP KA 152 14.71 -82.80 47.71
CA TRP KA 152 15.12 -83.18 46.36
C TRP KA 152 15.73 -81.98 45.67
N MET KA 153 17.03 -82.04 45.44
CA MET KA 153 17.69 -81.02 44.66
C MET KA 153 17.37 -81.24 43.19
N ASP KA 154 17.15 -80.16 42.47
CA ASP KA 154 16.68 -80.26 41.10
C ASP KA 154 17.84 -80.53 40.17
N TYR KA 155 17.79 -81.66 39.49
CA TYR KA 155 18.88 -82.09 38.62
C TYR KA 155 18.45 -81.84 37.18
N VAL KA 156 19.14 -80.91 36.52
CA VAL KA 156 19.18 -80.86 35.10
C VAL KA 156 20.57 -81.27 34.66
N LYS KA 157 20.70 -81.72 33.42
CA LYS KA 157 22.01 -82.03 32.87
C LYS KA 157 22.39 -80.94 31.88
N PRO KA 158 23.38 -80.10 32.19
CA PRO KA 158 23.70 -78.98 31.29
C PRO KA 158 24.52 -79.45 30.09
N GLU KA 159 24.07 -79.07 28.91
CA GLU KA 159 24.79 -79.29 27.66
C GLU KA 159 25.55 -78.06 27.20
N ALA KA 160 26.07 -77.27 28.14
CA ALA KA 160 26.62 -75.97 27.82
C ALA KA 160 28.11 -75.92 28.10
N PRO KA 161 28.98 -76.04 27.08
CA PRO KA 161 30.41 -75.80 27.31
C PRO KA 161 30.72 -74.32 27.40
N LYS KA 173 43.73 -72.90 28.51
CA LYS KA 173 43.72 -74.35 28.66
C LYS KA 173 44.18 -74.80 30.05
N GLU KA 174 45.36 -74.34 30.48
CA GLU KA 174 45.90 -74.77 31.77
C GLU KA 174 45.23 -74.05 32.95
N ILE KA 175 45.00 -72.75 32.83
CA ILE KA 175 44.28 -72.04 33.88
C ILE KA 175 42.79 -72.24 33.73
N TRP KA 176 42.34 -72.60 32.52
CA TRP KA 176 41.00 -73.16 32.32
C TRP KA 176 40.79 -74.41 33.14
N CYS KA 177 41.80 -75.30 33.16
CA CYS KA 177 41.71 -76.56 33.90
C CYS KA 177 41.74 -76.33 35.41
N ILE KA 178 42.62 -75.45 35.88
CA ILE KA 178 42.72 -75.32 37.34
C ILE KA 178 41.64 -74.40 37.91
N TYR KA 179 41.16 -73.41 37.15
CA TYR KA 179 40.01 -72.64 37.62
C TYR KA 179 38.70 -73.39 37.38
N THR KA 180 38.69 -74.33 36.43
CA THR KA 180 37.57 -75.23 36.24
C THR KA 180 37.40 -76.17 37.42
N GLU KA 181 38.50 -76.71 37.93
CA GLU KA 181 38.38 -77.56 39.11
C GLU KA 181 38.16 -76.78 40.40
N ARG KA 182 38.60 -75.52 40.47
CA ARG KA 182 38.23 -74.66 41.60
C ARG KA 182 36.75 -74.29 41.56
N GLY KA 183 36.21 -74.04 40.38
CA GLY KA 183 34.79 -73.81 40.23
C GLY KA 183 33.97 -75.06 40.42
N TRP KA 184 34.55 -76.22 40.12
CA TRP KA 184 33.92 -77.52 40.36
C TRP KA 184 33.75 -77.79 41.85
N LYS KA 185 34.77 -77.45 42.64
CA LYS KA 185 34.64 -77.54 44.09
C LYS KA 185 33.71 -76.48 44.67
N ASN KA 186 33.63 -75.32 44.00
CA ASN KA 186 32.66 -74.30 44.40
C ASN KA 186 31.23 -74.72 44.11
N GLY KA 187 31.01 -75.44 43.02
CA GLY KA 187 29.70 -75.97 42.72
C GLY KA 187 29.31 -77.11 43.64
N ILE KA 188 30.31 -77.88 44.09
CA ILE KA 188 30.09 -79.00 45.01
C ILE KA 188 29.67 -78.50 46.38
N ASP KA 189 30.39 -77.53 46.97
CA ASP KA 189 29.95 -77.07 48.28
C ASP KA 189 28.79 -76.07 48.20
N GLN KA 190 28.52 -75.51 47.02
CA GLN KA 190 27.33 -74.69 46.83
C GLN KA 190 26.08 -75.56 46.85
N ALA KA 191 26.16 -76.74 46.21
CA ALA KA 191 25.08 -77.71 46.28
C ALA KA 191 24.96 -78.34 47.66
N ASN KA 192 26.08 -78.48 48.38
CA ASN KA 192 26.01 -78.98 49.75
C ASN KA 192 25.41 -77.97 50.70
N THR KA 193 25.55 -76.68 50.43
CA THR KA 193 24.86 -75.71 51.26
C THR KA 193 23.39 -75.60 50.94
N ILE KA 194 23.00 -75.90 49.69
CA ILE KA 194 21.58 -76.02 49.34
C ILE KA 194 20.95 -77.22 50.06
N LEU KA 195 21.69 -78.33 50.12
CA LEU KA 195 21.26 -79.53 50.83
C LEU KA 195 21.20 -79.33 52.35
N GLU KA 196 22.13 -78.54 52.89
CA GLU KA 196 22.15 -78.23 54.32
C GLU KA 196 20.98 -77.34 54.72
N GLU KA 197 20.59 -76.43 53.82
CA GLU KA 197 19.39 -75.63 54.06
C GLU KA 197 18.12 -76.44 53.90
N ASN KA 198 18.13 -77.45 53.03
CA ASN KA 198 16.95 -78.28 52.84
C ASN KA 198 16.71 -79.22 54.02
N ILE KA 199 17.80 -79.81 54.57
CA ILE KA 199 17.65 -80.68 55.73
C ILE KA 199 17.37 -79.86 56.98
N ALA KA 200 17.81 -78.60 56.98
CA ALA KA 200 17.47 -77.67 58.02
C ALA KA 200 16.00 -77.27 58.00
N ARG KA 201 15.45 -77.13 56.80
CA ARG KA 201 14.03 -76.77 56.66
C ARG KA 201 13.12 -77.91 57.06
N ILE KA 202 13.50 -79.14 56.71
CA ILE KA 202 12.67 -80.28 57.12
C ILE KA 202 12.85 -80.58 58.60
N LYS KA 203 14.00 -80.21 59.19
CA LYS KA 203 14.20 -80.35 60.61
C LYS KA 203 13.41 -79.34 61.39
N GLU KA 204 13.24 -78.13 60.82
CA GLU KA 204 12.45 -77.10 61.45
C GLU KA 204 10.96 -77.44 61.43
N ASP KA 205 10.47 -77.96 60.31
CA ASP KA 205 9.04 -78.27 60.21
C ASP KA 205 8.67 -79.52 61.00
N PHE KA 206 9.54 -80.54 60.98
CA PHE KA 206 9.24 -81.75 61.71
C PHE KA 206 9.46 -81.61 63.21
N GLY KA 207 10.47 -80.83 63.62
CA GLY KA 207 10.63 -80.53 65.02
C GLY KA 207 9.59 -79.57 65.55
N GLY KA 208 9.00 -78.76 64.66
CA GLY KA 208 7.84 -77.99 65.05
C GLY KA 208 6.60 -78.81 65.32
N MET KA 209 6.38 -79.86 64.53
CA MET KA 209 5.24 -80.72 64.83
C MET KA 209 5.48 -81.61 66.05
N ILE KA 210 6.75 -81.97 66.29
CA ILE KA 210 7.13 -82.69 67.49
C ILE KA 210 6.99 -81.81 68.73
N LEU KA 211 7.28 -80.52 68.59
CA LEU KA 211 7.07 -79.55 69.66
C LEU KA 211 5.59 -79.26 69.88
N TYR KA 212 4.77 -79.39 68.82
CA TYR KA 212 3.32 -79.27 68.99
C TYR KA 212 2.77 -80.40 69.82
N ARG KA 213 3.25 -81.62 69.57
CA ARG KA 213 2.81 -82.77 70.36
C ARG KA 213 3.29 -82.70 71.80
N LYS KA 214 4.48 -82.11 72.01
CA LYS KA 214 5.01 -81.89 73.35
C LYS KA 214 4.21 -80.84 74.11
N LEU KA 215 3.86 -79.73 73.46
CA LEU KA 215 3.10 -78.71 74.15
C LEU KA 215 1.63 -79.03 74.29
N LEU KA 216 1.10 -79.90 73.41
CA LEU KA 216 -0.25 -80.40 73.61
C LEU KA 216 -0.30 -81.39 74.74
N ALA KA 217 0.79 -82.14 74.94
CA ALA KA 217 0.93 -82.95 76.13
C ALA KA 217 1.09 -82.09 77.38
N MET KA 218 1.78 -80.96 77.26
CA MET KA 218 2.06 -80.09 78.39
C MET KA 218 0.98 -79.06 78.62
N ASN KA 219 -0.12 -79.12 77.85
CA ASN KA 219 -1.31 -78.26 77.94
C ASN KA 219 -0.99 -76.81 77.67
N MET KA 220 -0.05 -76.56 76.76
CA MET KA 220 0.36 -75.22 76.41
C MET KA 220 -0.31 -74.71 75.15
N VAL KA 221 -0.85 -75.59 74.30
CA VAL KA 221 -1.54 -75.18 73.10
C VAL KA 221 -2.91 -75.82 73.07
N SER KA 222 -3.79 -75.19 72.38
CA SER KA 222 -5.09 -75.77 72.16
C SER KA 222 -5.02 -76.76 71.00
N PRO KA 223 -5.78 -77.85 71.06
CA PRO KA 223 -5.98 -78.66 69.87
C PRO KA 223 -6.93 -77.97 68.92
N PRO KA 224 -6.88 -78.25 67.61
CA PRO KA 224 -7.82 -77.62 66.71
C PRO KA 224 -9.21 -78.25 66.83
N TYR KA 225 -10.22 -77.42 66.69
CA TYR KA 225 -11.59 -77.85 66.87
C TYR KA 225 -12.26 -77.86 65.52
N VAL KA 226 -12.40 -79.04 64.96
CA VAL KA 226 -13.22 -79.20 63.78
C VAL KA 226 -14.68 -79.16 64.16
N SER KA 227 -15.50 -78.83 63.18
CA SER KA 227 -16.95 -78.82 63.29
C SER KA 227 -17.45 -79.47 62.02
N HIS KA 228 -17.96 -80.68 62.12
CA HIS KA 228 -18.59 -81.32 60.98
C HIS KA 228 -20.06 -80.99 61.03
N THR KA 229 -20.48 -80.03 60.21
CA THR KA 229 -21.90 -79.76 60.04
C THR KA 229 -22.39 -80.75 59.00
N ASP KA 230 -23.26 -81.65 59.41
CA ASP KA 230 -23.81 -82.64 58.52
C ASP KA 230 -24.95 -82.02 57.73
N LEU KA 231 -24.97 -82.30 56.44
CA LEU KA 231 -26.11 -82.06 55.59
C LEU KA 231 -26.54 -83.39 55.03
N GLY KA 232 -27.83 -83.54 54.81
CA GLY KA 232 -28.30 -84.77 54.24
C GLY KA 232 -28.19 -84.79 52.73
N VAL KA 233 -29.26 -85.15 52.08
CA VAL KA 233 -29.30 -85.07 50.63
C VAL KA 233 -29.44 -83.63 50.20
N THR KA 234 -28.59 -83.24 49.27
CA THR KA 234 -28.34 -81.83 48.99
C THR KA 234 -28.37 -81.61 47.49
N GLY KA 235 -29.02 -80.55 47.08
CA GLY KA 235 -29.06 -80.19 45.69
C GLY KA 235 -30.48 -80.27 45.15
N ASP KA 236 -30.61 -79.84 43.90
CA ASP KA 236 -31.87 -79.91 43.18
C ASP KA 236 -31.91 -81.23 42.40
N GLY KA 237 -32.80 -81.32 41.41
CA GLY KA 237 -32.89 -82.52 40.60
C GLY KA 237 -31.88 -82.64 39.47
N SER KA 238 -30.85 -81.80 39.44
CA SER KA 238 -29.79 -81.99 38.49
C SER KA 238 -28.53 -82.59 39.11
N GLU KA 239 -28.36 -82.46 40.41
CA GLU KA 239 -27.16 -82.95 41.08
C GLU KA 239 -27.53 -83.26 42.51
N ILE KA 240 -27.29 -84.49 42.95
CA ILE KA 240 -27.48 -84.78 44.36
C ILE KA 240 -26.15 -85.19 44.95
N HIS KA 241 -25.98 -84.84 46.20
CA HIS KA 241 -24.93 -85.37 47.04
C HIS KA 241 -25.63 -85.98 48.24
N ILE KA 242 -25.27 -87.22 48.55
CA ILE KA 242 -26.13 -88.03 49.40
C ILE KA 242 -25.87 -87.73 50.86
N ASP KA 243 -24.63 -87.77 51.29
CA ASP KA 243 -24.29 -87.49 52.68
C ASP KA 243 -23.24 -86.39 52.60
N ASP KA 244 -23.66 -85.16 52.81
CA ASP KA 244 -22.83 -84.00 52.51
C ASP KA 244 -22.37 -83.41 53.83
N ARG KA 245 -21.26 -83.89 54.34
CA ARG KA 245 -20.71 -83.35 55.57
C ARG KA 245 -19.72 -82.26 55.21
N VAL KA 246 -19.91 -81.06 55.72
CA VAL KA 246 -18.95 -79.99 55.50
C VAL KA 246 -18.19 -79.77 56.80
N LEU KA 247 -16.88 -79.88 56.73
CA LEU KA 247 -16.02 -79.94 57.90
C LEU KA 247 -15.20 -78.67 57.93
N ARG KA 248 -15.23 -77.98 59.07
CA ARG KA 248 -14.51 -76.73 59.20
C ARG KA 248 -13.60 -76.81 60.41
N ILE KA 249 -12.65 -75.89 60.46
CA ILE KA 249 -11.84 -75.69 61.64
C ILE KA 249 -12.24 -74.36 62.23
N THR KA 250 -12.91 -74.41 63.38
CA THR KA 250 -13.36 -73.21 64.03
C THR KA 250 -12.24 -72.60 64.86
N ALA KA 251 -11.68 -73.37 65.77
CA ALA KA 251 -10.60 -72.92 66.62
C ALA KA 251 -9.28 -73.39 66.02
N LEU KA 252 -8.43 -72.45 65.71
CA LEU KA 252 -7.08 -72.80 65.32
C LEU KA 252 -6.26 -73.11 66.56
N PRO KA 253 -5.18 -73.89 66.43
CA PRO KA 253 -4.30 -74.12 67.58
C PRO KA 253 -3.49 -72.88 67.92
N GLU KA 254 -3.42 -72.61 69.21
CA GLU KA 254 -2.74 -71.41 69.67
C GLU KA 254 -2.16 -71.67 71.05
N LEU KA 255 -1.25 -70.78 71.44
CA LEU KA 255 -0.54 -70.92 72.68
C LEU KA 255 -1.31 -70.23 73.80
N ASN KA 256 -1.76 -71.00 74.78
CA ASN KA 256 -2.54 -70.38 75.84
C ASN KA 256 -1.61 -69.76 76.88
N VAL KA 257 -2.05 -68.64 77.42
CA VAL KA 257 -1.25 -67.86 78.34
C VAL KA 257 -1.73 -67.99 79.77
N ASN KA 258 -2.70 -68.85 80.01
CA ASN KA 258 -3.15 -69.09 81.37
C ASN KA 258 -2.18 -70.09 81.97
N SER KA 259 -1.27 -69.58 82.79
CA SER KA 259 -0.06 -70.31 83.14
C SER KA 259 -0.31 -71.37 84.20
N ALA KA 260 -1.43 -71.29 84.89
CA ALA KA 260 -1.76 -72.31 85.89
C ALA KA 260 -2.36 -73.57 85.29
N GLU KA 261 -2.69 -73.56 84.00
CA GLU KA 261 -3.28 -74.70 83.33
C GLU KA 261 -2.25 -75.60 82.69
N TRP KA 262 -0.98 -75.34 82.89
CA TRP KA 262 0.04 -76.09 82.20
C TRP KA 262 0.33 -77.36 82.98
N ARG KA 263 0.98 -78.31 82.33
CA ARG KA 263 1.30 -79.60 82.94
C ARG KA 263 2.81 -79.83 82.82
N ALA KA 264 3.45 -80.22 83.92
CA ALA KA 264 4.89 -80.45 83.94
C ALA KA 264 5.15 -81.95 83.90
N ALA KA 265 5.49 -82.46 82.73
CA ALA KA 265 5.74 -83.88 82.58
C ALA KA 265 7.11 -84.27 83.10
N VAL KA 266 7.22 -84.48 84.40
CA VAL KA 266 8.44 -85.05 84.94
C VAL KA 266 8.40 -86.57 84.76
N ALA KA 267 9.57 -87.17 84.54
CA ALA KA 267 9.64 -88.58 84.23
C ALA KA 267 10.54 -89.25 85.26
N LYS KA 268 10.89 -90.50 85.00
CA LYS KA 268 11.71 -91.25 85.92
C LYS KA 268 12.63 -92.21 85.20
N PHE LA 25 29.10 -119.69 49.72
CA PHE LA 25 29.53 -118.47 50.38
C PHE LA 25 28.41 -117.44 50.40
N LYS LA 26 28.18 -116.83 51.56
CA LYS LA 26 27.11 -115.87 51.72
C LYS LA 26 27.61 -114.48 51.37
N LYS LA 27 26.66 -113.59 51.14
CA LYS LA 27 26.93 -112.23 50.74
C LYS LA 27 26.44 -111.29 51.83
N PRO LA 28 26.93 -110.05 51.86
CA PRO LA 28 26.31 -109.03 52.72
C PRO LA 28 24.99 -108.57 52.14
N PRO LA 29 24.15 -107.87 52.92
CA PRO LA 29 22.94 -107.26 52.36
C PRO LA 29 23.24 -106.14 51.38
N ILE LA 30 22.28 -105.90 50.51
CA ILE LA 30 22.55 -105.15 49.28
C ILE LA 30 22.53 -103.65 49.56
N ASN LA 31 21.43 -103.15 50.10
CA ASN LA 31 21.42 -101.81 50.66
C ASN LA 31 21.64 -101.88 52.17
N ASN LA 32 22.76 -102.39 52.53
CA ASN LA 32 23.13 -102.56 53.92
C ASN LA 32 23.59 -101.23 54.50
N PRO LA 33 23.30 -101.00 55.76
CA PRO LA 33 24.06 -100.00 56.50
C PRO LA 33 25.46 -100.53 56.77
N SER LA 34 26.38 -100.28 55.85
CA SER LA 34 27.76 -100.74 55.95
C SER LA 34 28.73 -99.58 55.85
N ASP LA 35 28.34 -98.44 56.41
CA ASP LA 35 29.02 -97.19 56.16
C ASP LA 35 28.68 -96.27 57.33
N ASP LA 36 29.65 -95.47 57.78
CA ASP LA 36 29.58 -94.87 59.11
C ASP LA 36 28.59 -93.71 59.21
N ALA LA 37 28.23 -93.08 58.11
CA ALA LA 37 27.12 -92.16 58.15
C ALA LA 37 25.78 -92.90 58.13
N THR LA 38 25.70 -93.90 57.27
CA THR LA 38 24.45 -94.59 57.01
C THR LA 38 24.03 -95.49 58.14
N ILE LA 39 24.98 -95.97 58.95
CA ILE LA 39 24.61 -96.76 60.12
C ILE LA 39 23.98 -95.89 61.17
N LYS LA 40 24.39 -94.62 61.26
CA LYS LA 40 23.86 -93.75 62.29
C LYS LA 40 22.53 -93.21 61.88
N LEU LA 41 22.38 -92.94 60.57
CA LEU LA 41 21.09 -92.58 59.99
C LEU LA 41 20.08 -93.72 60.10
N ALA LA 42 20.52 -94.95 59.93
CA ALA LA 42 19.60 -96.08 59.98
C ALA LA 42 19.24 -96.50 61.40
N GLU LA 43 20.15 -96.41 62.37
CA GLU LA 43 19.72 -96.75 63.73
C GLU LA 43 18.98 -95.59 64.38
N ALA LA 44 19.20 -94.37 63.88
CA ALA LA 44 18.33 -93.27 64.22
C ALA LA 44 16.94 -93.45 63.65
N ALA LA 45 16.84 -94.11 62.47
CA ALA LA 45 15.54 -94.42 61.87
C ALA LA 45 14.78 -95.48 62.65
N VAL LA 46 15.45 -96.52 63.13
CA VAL LA 46 14.74 -97.53 63.89
C VAL LA 46 14.41 -97.03 65.31
N SER LA 47 15.21 -96.08 65.82
CA SER LA 47 14.88 -95.39 67.06
C SER LA 47 13.70 -94.45 66.94
N VAL LA 48 13.59 -93.72 65.84
CA VAL LA 48 12.51 -92.77 65.74
C VAL LA 48 11.23 -93.49 65.30
N SER LA 49 11.37 -94.68 64.71
CA SER LA 49 10.23 -95.51 64.42
C SER LA 49 9.65 -96.18 65.65
N ASP LA 50 10.50 -96.64 66.59
CA ASP LA 50 9.92 -97.22 67.79
C ASP LA 50 9.41 -96.15 68.75
N SER LA 51 9.97 -94.94 68.68
CA SER LA 51 9.43 -93.85 69.47
C SER LA 51 8.11 -93.32 68.90
N MET LA 52 7.96 -93.35 67.57
CA MET LA 52 6.67 -93.10 66.94
C MET LA 52 5.65 -94.17 67.29
N LEU LA 53 6.12 -95.42 67.41
CA LEU LA 53 5.29 -96.53 67.84
C LEU LA 53 4.83 -96.38 69.29
N GLU LA 54 5.68 -95.86 70.18
CA GLU LA 54 5.21 -95.67 71.55
C GLU LA 54 4.33 -94.44 71.71
N MET LA 55 4.48 -93.44 70.83
CA MET LA 55 3.53 -92.33 70.81
C MET LA 55 2.16 -92.78 70.32
N ALA LA 56 2.17 -93.67 69.32
CA ALA LA 56 0.94 -94.28 68.83
C ALA LA 56 0.34 -95.27 69.82
N LYS LA 57 1.20 -95.88 70.66
CA LYS LA 57 0.72 -96.71 71.76
C LYS LA 57 0.02 -95.88 72.81
N VAL LA 58 0.55 -94.70 73.09
CA VAL LA 58 0.00 -93.94 74.21
C VAL LA 58 -1.19 -93.11 73.77
N GLU LA 59 -1.42 -92.94 72.46
CA GLU LA 59 -2.66 -92.28 72.08
C GLU LA 59 -3.60 -93.15 71.26
N LYS LA 60 -3.30 -94.44 71.07
CA LYS LA 60 -4.26 -95.34 70.47
C LYS LA 60 -5.30 -95.69 71.51
N VAL LA 61 -6.36 -94.90 71.56
CA VAL LA 61 -7.46 -95.18 72.47
C VAL LA 61 -8.28 -96.30 71.86
N ILE LA 62 -8.36 -97.40 72.59
CA ILE LA 62 -8.93 -98.59 72.01
C ILE LA 62 -10.28 -98.88 72.64
N THR LA 63 -10.89 -99.95 72.21
CA THR LA 63 -12.04 -100.49 72.90
C THR LA 63 -11.72 -101.91 73.35
N PRO LA 64 -12.03 -102.26 74.59
CA PRO LA 64 -12.02 -103.68 74.98
C PRO LA 64 -13.18 -104.40 74.30
N PRO LA 65 -13.00 -105.67 73.94
CA PRO LA 65 -14.04 -106.36 73.15
C PRO LA 65 -15.21 -106.86 73.96
N SER LA 66 -15.13 -106.80 75.28
CA SER LA 66 -16.28 -107.12 76.10
C SER LA 66 -17.14 -105.89 76.33
N LYS LA 67 -16.63 -104.72 75.96
CA LYS LA 67 -17.34 -103.46 76.13
C LYS LA 67 -17.27 -102.66 74.84
N ASP LA 68 -17.55 -103.32 73.72
CA ASP LA 68 -17.28 -102.70 72.44
C ASP LA 68 -18.49 -102.03 71.82
N ASN LA 69 -19.71 -102.40 72.29
CA ASN LA 69 -21.04 -101.80 72.07
C ASN LA 69 -21.61 -102.12 70.67
N THR LA 70 -20.81 -102.67 69.76
CA THR LA 70 -21.23 -103.04 68.42
C THR LA 70 -22.05 -104.33 68.46
N LEU LA 71 -22.72 -104.59 67.35
CA LEU LA 71 -23.58 -105.76 67.23
C LEU LA 71 -22.75 -107.02 67.04
N THR LA 72 -23.11 -108.07 67.76
CA THR LA 72 -22.50 -109.36 67.55
C THR LA 72 -23.17 -110.05 66.37
N ILE LA 73 -22.58 -111.13 65.91
CA ILE LA 73 -23.19 -111.90 64.82
C ILE LA 73 -24.29 -112.78 65.40
N PRO LA 74 -25.54 -112.63 64.95
CA PRO LA 74 -26.66 -113.33 65.59
C PRO LA 74 -26.83 -114.79 65.21
N ASN LA 75 -26.02 -115.30 64.27
CA ASN LA 75 -25.82 -116.69 63.83
C ASN LA 75 -27.09 -117.44 63.40
N ALA LA 76 -28.14 -116.73 62.98
CA ALA LA 76 -29.31 -117.38 62.43
C ALA LA 76 -29.03 -117.85 61.00
N TYR LA 77 -29.62 -119.01 60.65
CA TYR LA 77 -29.41 -119.63 59.35
C TYR LA 77 -30.05 -118.84 58.22
N ASN LA 78 -31.10 -118.09 58.53
CA ASN LA 78 -31.62 -117.08 57.62
C ASN LA 78 -30.64 -115.94 57.44
N LEU LA 79 -29.90 -115.59 58.48
CA LEU LA 79 -28.93 -114.50 58.37
C LEU LA 79 -27.60 -114.95 57.76
N GLN LA 80 -27.37 -116.25 57.61
CA GLN LA 80 -26.10 -116.73 57.08
C GLN LA 80 -26.08 -116.86 55.57
N ALA LA 81 -27.06 -116.33 54.86
CA ALA LA 81 -27.04 -116.39 53.40
C ALA LA 81 -26.12 -115.30 52.89
N ARG LA 82 -25.60 -115.48 51.67
CA ARG LA 82 -24.69 -114.50 51.09
C ARG LA 82 -25.46 -113.60 50.13
N ALA LA 83 -25.33 -112.30 50.32
CA ALA LA 83 -26.12 -111.31 49.59
C ALA LA 83 -25.21 -110.48 48.71
N SER LA 84 -25.78 -109.45 48.10
CA SER LA 84 -25.07 -108.60 47.17
C SER LA 84 -25.80 -107.27 47.09
N VAL LA 85 -25.20 -106.20 47.60
CA VAL LA 85 -25.87 -104.92 47.72
C VAL LA 85 -24.85 -103.78 47.66
N ASP LA 86 -25.09 -102.84 46.74
CA ASP LA 86 -24.50 -101.51 46.81
C ASP LA 86 -25.64 -100.55 47.06
N TRP LA 87 -25.55 -99.81 48.17
CA TRP LA 87 -26.58 -98.86 48.53
C TRP LA 87 -26.00 -97.83 49.48
N SER LA 88 -26.58 -96.64 49.43
CA SER LA 88 -26.30 -95.61 50.41
C SER LA 88 -27.57 -94.80 50.59
N GLY LA 89 -27.71 -94.18 51.74
CA GLY LA 89 -28.89 -93.44 52.06
C GLY LA 89 -29.42 -93.83 53.42
N PRO LA 90 -30.70 -93.57 53.71
CA PRO LA 90 -31.25 -93.76 55.06
C PRO LA 90 -31.43 -95.21 55.44
N ILE LA 91 -31.11 -95.49 56.71
CA ILE LA 91 -30.74 -96.83 57.15
C ILE LA 91 -31.96 -97.74 57.26
N GLU LA 92 -33.13 -97.14 57.54
CA GLU LA 92 -34.38 -97.82 57.86
C GLU LA 92 -34.93 -98.60 56.68
N GLU LA 93 -34.69 -98.11 55.48
CA GLU LA 93 -35.13 -98.77 54.28
C GLU LA 93 -34.30 -99.99 53.96
N LEU LA 94 -32.97 -99.90 54.11
CA LEU LA 94 -32.09 -101.04 53.87
C LEU LA 94 -32.28 -102.11 54.93
N THR LA 95 -32.51 -101.72 56.19
CA THR LA 95 -32.70 -102.77 57.17
C THR LA 95 -34.09 -103.35 57.13
N ALA LA 96 -35.07 -102.64 56.54
CA ALA LA 96 -36.36 -103.22 56.23
C ALA LA 96 -36.24 -104.25 55.11
N ARG LA 97 -35.47 -103.93 54.06
CA ARG LA 97 -35.26 -104.91 53.01
C ARG LA 97 -34.32 -106.04 53.40
N ILE LA 98 -33.46 -105.84 54.39
CA ILE LA 98 -32.62 -106.97 54.80
C ILE LA 98 -33.39 -107.85 55.78
N ALA LA 99 -34.41 -107.30 56.45
CA ALA LA 99 -35.33 -108.14 57.21
C ALA LA 99 -36.23 -108.93 56.28
N LYS LA 100 -36.60 -108.32 55.16
CA LYS LA 100 -37.37 -109.04 54.15
C LYS LA 100 -36.53 -110.06 53.40
N ALA LA 101 -35.23 -109.84 53.29
CA ALA LA 101 -34.36 -110.85 52.72
C ALA LA 101 -34.09 -112.00 53.67
N ALA LA 102 -34.07 -111.74 54.97
CA ALA LA 102 -33.91 -112.81 55.93
C ALA LA 102 -35.23 -113.41 56.38
N HIS LA 103 -36.36 -112.93 55.82
CA HIS LA 103 -37.75 -113.22 56.21
C HIS LA 103 -37.99 -112.92 57.68
N PHE LA 104 -37.43 -111.82 58.14
CA PHE LA 104 -37.56 -111.38 59.51
C PHE LA 104 -38.55 -110.24 59.50
N ARG LA 105 -39.19 -110.01 60.64
CA ARG LA 105 -39.97 -108.79 60.70
C ARG LA 105 -39.05 -107.63 61.04
N PHE LA 106 -39.54 -106.43 60.81
CA PHE LA 106 -38.75 -105.24 61.05
C PHE LA 106 -39.57 -104.30 61.92
N ARG LA 107 -39.01 -103.93 63.07
CA ARG LA 107 -39.61 -102.92 63.92
C ARG LA 107 -38.70 -101.70 64.00
N VAL LA 108 -39.32 -100.55 64.17
CA VAL LA 108 -38.60 -99.31 64.43
C VAL LA 108 -39.06 -98.80 65.80
N LEU LA 109 -38.11 -98.64 66.71
CA LEU LA 109 -38.36 -98.01 67.99
C LEU LA 109 -37.75 -96.62 67.95
N GLY LA 110 -38.51 -95.65 68.43
CA GLY LA 110 -38.12 -94.26 68.34
C GLY LA 110 -38.65 -93.63 67.07
N LYS LA 111 -38.18 -92.42 66.82
CA LYS LA 111 -38.61 -91.64 65.67
C LYS LA 111 -37.39 -91.29 64.81
N SER LA 112 -37.61 -91.18 63.54
CA SER LA 112 -36.50 -90.83 62.67
C SER LA 112 -36.32 -89.32 62.66
N PRO LA 113 -35.09 -88.80 62.63
CA PRO LA 113 -34.92 -87.35 62.66
C PRO LA 113 -35.16 -86.68 61.33
N SER LA 114 -35.01 -85.35 61.30
CA SER LA 114 -35.27 -84.58 60.10
C SER LA 114 -34.16 -84.77 59.07
N VAL LA 115 -32.93 -84.52 59.48
CA VAL LA 115 -31.82 -85.11 58.73
C VAL LA 115 -31.81 -86.61 58.98
N PRO LA 116 -31.87 -87.44 57.95
CA PRO LA 116 -31.85 -88.88 58.17
C PRO LA 116 -30.43 -89.34 58.46
N VAL LA 117 -30.34 -90.37 59.29
CA VAL LA 117 -29.06 -91.01 59.51
C VAL LA 117 -28.77 -91.89 58.31
N LEU LA 118 -27.66 -91.61 57.64
CA LEU LA 118 -27.33 -92.27 56.39
C LEU LA 118 -26.14 -93.19 56.56
N ILE LA 119 -26.22 -94.33 55.87
CA ILE LA 119 -25.18 -95.35 55.86
C ILE LA 119 -24.74 -95.51 54.42
N SER LA 120 -23.76 -96.39 54.21
CA SER LA 120 -23.28 -96.74 52.87
C SER LA 120 -22.61 -98.09 52.96
N ILE LA 121 -23.09 -99.07 52.20
CA ILE LA 121 -22.39 -100.34 52.07
C ILE LA 121 -22.43 -100.75 50.61
N SER LA 122 -21.29 -101.20 50.10
CA SER LA 122 -21.20 -101.71 48.74
C SER LA 122 -20.36 -102.96 48.79
N THR LA 123 -21.01 -104.10 49.01
CA THR LA 123 -20.31 -105.37 48.95
C THR LA 123 -21.12 -106.33 48.11
N LYS LA 124 -20.43 -107.07 47.27
CA LYS LA 124 -21.09 -107.91 46.30
C LYS LA 124 -21.17 -109.36 46.74
N ASP LA 125 -20.57 -109.72 47.87
CA ASP LA 125 -20.68 -111.07 48.40
C ASP LA 125 -20.53 -110.95 49.90
N GLU LA 126 -21.65 -110.92 50.63
CA GLU LA 126 -21.54 -110.75 52.07
C GLU LA 126 -22.74 -111.36 52.79
N SER LA 127 -22.49 -111.82 54.00
CA SER LA 127 -23.55 -112.27 54.89
C SER LA 127 -24.39 -111.11 55.40
N LEU LA 128 -25.69 -111.37 55.57
CA LEU LA 128 -26.65 -110.38 56.09
C LEU LA 128 -26.34 -109.98 57.52
N ALA LA 129 -25.79 -110.90 58.30
CA ALA LA 129 -25.41 -110.65 59.68
C ALA LA 129 -24.28 -109.64 59.79
N GLU LA 130 -23.25 -109.77 58.96
CA GLU LA 130 -22.19 -108.79 59.02
C GLU LA 130 -22.51 -107.52 58.26
N ILE LA 131 -23.49 -107.56 57.34
CA ILE LA 131 -24.04 -106.31 56.81
C ILE LA 131 -24.81 -105.56 57.91
N LEU LA 132 -25.53 -106.29 58.76
CA LEU LA 132 -26.25 -105.66 59.86
C LEU LA 132 -25.31 -105.18 60.96
N ARG LA 133 -24.18 -105.87 61.12
CA ARG LA 133 -23.10 -105.39 61.98
C ARG LA 133 -22.47 -104.12 61.41
N ASP LA 134 -22.33 -104.06 60.09
CA ASP LA 134 -21.75 -102.91 59.41
C ASP LA 134 -22.66 -101.68 59.48
N ILE LA 135 -23.97 -101.88 59.39
CA ILE LA 135 -24.85 -100.73 59.51
C ILE LA 135 -25.09 -100.36 60.95
N ASP LA 136 -24.87 -101.28 61.90
CA ASP LA 136 -24.88 -100.90 63.31
C ASP LA 136 -23.67 -100.06 63.66
N TYR LA 137 -22.51 -100.40 63.07
CA TYR LA 137 -21.30 -99.61 63.22
C TYR LA 137 -21.43 -98.27 62.52
N GLN LA 138 -22.12 -98.23 61.39
CA GLN LA 138 -22.20 -97.00 60.65
C GLN LA 138 -23.26 -96.06 61.20
N ALA LA 139 -24.29 -96.60 61.85
CA ALA LA 139 -25.18 -95.75 62.61
C ALA LA 139 -24.46 -95.23 63.85
N GLY LA 140 -23.77 -96.13 64.56
CA GLY LA 140 -22.96 -95.74 65.69
C GLY LA 140 -23.79 -95.41 66.90
N LYS LA 141 -23.85 -94.12 67.20
CA LYS LA 141 -24.64 -93.61 68.32
C LYS LA 141 -25.86 -92.85 67.87
N LYS LA 142 -26.04 -92.64 66.57
CA LYS LA 142 -27.27 -92.02 66.08
C LYS LA 142 -28.44 -92.99 66.13
N ALA LA 143 -28.17 -94.28 65.96
CA ALA LA 143 -29.17 -95.32 66.04
C ALA LA 143 -28.47 -96.61 66.42
N SER LA 144 -29.23 -97.69 66.47
CA SER LA 144 -28.69 -99.00 66.81
C SER LA 144 -29.57 -100.08 66.19
N ILE LA 145 -29.02 -101.29 66.16
CA ILE LA 145 -29.68 -102.46 65.61
C ILE LA 145 -29.78 -103.50 66.71
N HIS LA 146 -30.99 -103.99 66.97
CA HIS LA 146 -31.16 -105.20 67.75
C HIS LA 146 -31.70 -106.29 66.84
N VAL LA 147 -31.23 -107.51 67.04
CA VAL LA 147 -31.75 -108.67 66.34
C VAL LA 147 -32.24 -109.65 67.39
N TYR LA 148 -33.52 -109.97 67.35
CA TYR LA 148 -34.06 -111.03 68.18
C TYR LA 148 -34.35 -112.22 67.28
N PRO LA 149 -33.46 -113.22 67.23
CA PRO LA 149 -33.62 -114.29 66.22
C PRO LA 149 -34.57 -115.38 66.65
N ASN LA 150 -34.90 -115.43 67.94
CA ASN LA 150 -35.88 -116.39 68.42
C ASN LA 150 -37.29 -116.00 67.99
N SER LA 151 -37.60 -114.72 68.09
CA SER LA 151 -38.89 -114.22 67.60
C SER LA 151 -38.79 -113.71 66.18
N GLN LA 152 -37.59 -113.77 65.58
CA GLN LA 152 -37.30 -113.51 64.16
C GLN LA 152 -37.65 -112.08 63.74
N VAL LA 153 -37.01 -111.12 64.39
CA VAL LA 153 -37.29 -109.71 64.12
C VAL LA 153 -35.98 -108.95 64.23
N VAL LA 154 -35.81 -107.93 63.40
CA VAL LA 154 -34.78 -106.94 63.60
C VAL LA 154 -35.48 -105.67 64.04
N GLU LA 155 -34.71 -104.78 64.66
CA GLU LA 155 -35.29 -103.62 65.30
C GLU LA 155 -34.30 -102.49 65.22
N LEU LA 156 -34.65 -101.47 64.45
CA LEU LA 156 -33.85 -100.26 64.37
C LEU LA 156 -34.33 -99.34 65.48
N ARG LA 157 -33.42 -98.97 66.38
CA ARG LA 157 -33.74 -98.16 67.54
C ARG LA 157 -33.04 -96.83 67.42
N TYR LA 158 -33.78 -95.74 67.53
CA TYR LA 158 -33.17 -94.42 67.47
C TYR LA 158 -32.80 -93.98 68.89
N ALA LA 159 -32.51 -92.69 69.06
CA ALA LA 159 -32.26 -92.15 70.39
C ALA LA 159 -32.81 -90.74 70.57
N ILE MA 272 -20.42 -71.36 52.81
CA ILE MA 272 -20.43 -72.79 52.52
C ILE MA 272 -19.50 -73.08 51.35
N PRO MA 273 -18.55 -74.00 51.53
CA PRO MA 273 -17.63 -74.35 50.46
C PRO MA 273 -18.32 -75.21 49.42
N PRO MA 274 -17.81 -75.23 48.18
CA PRO MA 274 -18.41 -76.09 47.16
C PRO MA 274 -18.11 -77.56 47.38
N SER MA 275 -18.89 -78.39 46.69
CA SER MA 275 -19.02 -79.80 47.05
C SER MA 275 -17.82 -80.61 46.58
N ALA MA 276 -17.57 -80.60 45.28
CA ALA MA 276 -16.33 -81.05 44.68
C ALA MA 276 -16.18 -80.21 43.43
N ASN MA 277 -15.35 -80.64 42.50
CA ASN MA 277 -15.58 -80.22 41.13
C ASN MA 277 -16.51 -81.25 40.50
N ASP MA 278 -17.38 -80.78 39.62
CA ASP MA 278 -18.22 -81.70 38.86
C ASP MA 278 -17.59 -82.07 37.53
N LEU MA 279 -16.34 -81.68 37.31
CA LEU MA 279 -15.53 -82.27 36.25
C LEU MA 279 -15.01 -83.62 36.66
N LEU MA 280 -15.01 -83.91 37.95
CA LEU MA 280 -14.51 -85.18 38.45
C LEU MA 280 -15.45 -86.34 38.14
N LEU MA 281 -16.74 -86.06 37.94
CA LEU MA 281 -17.64 -87.07 37.40
C LEU MA 281 -17.32 -87.38 35.95
N HIS MA 282 -16.83 -86.41 35.20
CA HIS MA 282 -16.39 -86.69 33.85
C HIS MA 282 -15.06 -87.41 33.84
N VAL MA 283 -14.13 -87.01 34.72
CA VAL MA 283 -12.81 -87.61 34.64
C VAL MA 283 -12.68 -88.80 35.58
N LEU MA 284 -13.79 -89.29 36.12
CA LEU MA 284 -13.80 -90.58 36.77
C LEU MA 284 -13.70 -91.73 35.77
N GLU MA 285 -14.39 -91.68 34.66
CA GLU MA 285 -14.00 -92.51 33.53
C GLU MA 285 -13.12 -91.65 32.64
N GLY MA 286 -12.65 -92.17 31.52
CA GLY MA 286 -11.54 -91.50 30.87
C GLY MA 286 -11.82 -90.30 30.00
N VAL MA 287 -13.04 -89.79 29.98
CA VAL MA 287 -13.36 -88.67 29.10
C VAL MA 287 -12.83 -87.37 29.72
N PRO MA 288 -12.05 -86.59 28.97
CA PRO MA 288 -11.40 -85.39 29.50
C PRO MA 288 -12.39 -84.25 29.70
N PRO MA 289 -12.01 -83.15 30.37
CA PRO MA 289 -12.91 -82.01 30.47
C PRO MA 289 -13.03 -81.28 29.14
N PRO MA 290 -14.15 -80.58 28.91
CA PRO MA 290 -14.28 -79.80 27.67
C PRO MA 290 -13.38 -78.59 27.69
N GLY MA 291 -12.59 -78.43 26.63
CA GLY MA 291 -11.66 -77.33 26.53
C GLY MA 291 -10.45 -77.53 27.40
N SER MA 292 -9.89 -78.73 27.39
CA SER MA 292 -8.71 -79.01 28.18
C SER MA 292 -7.59 -79.41 27.24
N ARG MA 293 -6.47 -79.82 27.83
CA ARG MA 293 -5.30 -80.24 27.08
C ARG MA 293 -4.74 -81.46 27.78
N ARG MA 294 -4.42 -82.49 27.00
CA ARG MA 294 -3.87 -83.72 27.53
C ARG MA 294 -2.46 -83.52 28.07
N LEU MA 295 -2.12 -84.31 29.06
CA LEU MA 295 -0.76 -84.44 29.53
C LEU MA 295 -0.34 -85.89 29.39
N VAL MA 296 0.95 -86.11 29.20
CA VAL MA 296 1.45 -87.45 28.93
C VAL MA 296 2.05 -88.01 30.20
N VAL MA 297 1.31 -88.90 30.83
CA VAL MA 297 1.75 -89.59 32.02
C VAL MA 297 2.72 -90.67 31.58
N SER MA 298 3.83 -90.82 32.28
CA SER MA 298 4.75 -91.91 32.06
C SER MA 298 5.04 -92.58 33.39
N GLY MA 299 5.33 -93.87 33.34
CA GLY MA 299 5.75 -94.57 34.53
C GLY MA 299 4.65 -95.03 35.44
N GLY MA 300 3.44 -95.19 34.94
CA GLY MA 300 2.34 -95.64 35.78
C GLY MA 300 1.04 -95.49 35.02
N ASP MA 301 -0.01 -96.07 35.58
CA ASP MA 301 -1.31 -96.05 34.92
C ASP MA 301 -2.12 -94.88 35.45
N ALA MA 302 -1.87 -93.71 34.90
CA ALA MA 302 -2.79 -92.60 35.11
C ALA MA 302 -2.99 -91.92 33.77
N ARG MA 303 -4.08 -91.17 33.66
CA ARG MA 303 -4.27 -90.23 32.56
C ARG MA 303 -4.49 -88.86 33.15
N ALA MA 304 -3.83 -87.85 32.61
CA ALA MA 304 -3.90 -86.53 33.20
C ALA MA 304 -4.22 -85.49 32.15
N TRP MA 305 -5.13 -84.60 32.48
CA TRP MA 305 -5.50 -83.52 31.61
C TRP MA 305 -5.29 -82.21 32.33
N LEU MA 306 -5.22 -81.12 31.58
CA LEU MA 306 -5.02 -79.81 32.16
C LEU MA 306 -6.10 -78.90 31.64
N SER MA 307 -6.99 -78.44 32.51
CA SER MA 307 -8.13 -77.68 32.03
C SER MA 307 -7.86 -76.18 32.04
N ASN MA 308 -7.67 -75.61 33.23
CA ASN MA 308 -7.29 -74.20 33.35
C ASN MA 308 -6.45 -74.06 34.62
N GLU MA 309 -5.12 -74.18 34.44
CA GLU MA 309 -4.07 -74.11 35.47
C GLU MA 309 -4.23 -75.15 36.57
N LYS MA 310 -4.84 -76.29 36.24
CA LYS MA 310 -5.36 -77.25 37.18
C LYS MA 310 -5.41 -78.58 36.45
N MET MA 311 -4.66 -79.55 36.92
CA MET MA 311 -4.65 -80.83 36.26
C MET MA 311 -5.58 -81.79 36.99
N TYR MA 312 -6.03 -82.78 36.25
CA TYR MA 312 -7.00 -83.76 36.69
C TYR MA 312 -6.45 -85.09 36.26
N VAL MA 313 -6.21 -85.97 37.21
CA VAL MA 313 -5.73 -87.30 36.86
C VAL MA 313 -6.84 -88.30 37.11
N ARG MA 314 -6.77 -89.40 36.40
CA ARG MA 314 -7.63 -90.55 36.59
C ARG MA 314 -6.69 -91.73 36.74
N THR MA 315 -6.83 -92.44 37.85
CA THR MA 315 -5.89 -93.50 38.18
C THR MA 315 -6.59 -94.49 39.06
N ASN MA 316 -5.86 -95.49 39.47
CA ASN MA 316 -6.24 -96.31 40.61
C ASN MA 316 -5.05 -96.53 41.51
N LEU MA 317 -3.92 -95.92 41.22
CA LEU MA 317 -2.85 -95.85 42.20
C LEU MA 317 -3.19 -94.78 43.22
N THR MA 318 -2.52 -94.83 44.37
CA THR MA 318 -2.77 -93.83 45.38
C THR MA 318 -1.76 -92.70 45.20
N ILE MA 319 -2.25 -91.49 45.14
CA ILE MA 319 -1.35 -90.34 45.04
C ILE MA 319 -0.84 -90.03 46.43
N LEU MA 320 0.47 -89.89 46.57
CA LEU MA 320 1.10 -89.72 47.86
C LEU MA 320 1.69 -88.33 48.09
N SER MA 321 2.48 -87.77 47.16
CA SER MA 321 3.13 -86.51 47.54
C SER MA 321 2.33 -85.20 47.39
N PRO MA 322 1.94 -84.75 46.19
CA PRO MA 322 1.93 -83.29 45.97
C PRO MA 322 0.67 -82.57 46.44
N GLY MA 323 -0.30 -83.26 47.02
CA GLY MA 323 -1.48 -82.58 47.49
C GLY MA 323 -2.49 -82.48 46.38
N TRP MA 324 -3.59 -83.18 46.50
CA TRP MA 324 -4.65 -83.03 45.53
C TRP MA 324 -5.73 -82.16 46.13
N LEU MA 325 -6.33 -81.34 45.28
CA LEU MA 325 -7.29 -80.38 45.77
C LEU MA 325 -8.66 -80.98 45.93
N ALA MA 326 -9.00 -81.99 45.14
CA ALA MA 326 -10.32 -82.61 45.23
C ALA MA 326 -10.23 -84.03 44.71
N SER MA 327 -11.15 -84.88 45.14
CA SER MA 327 -11.14 -86.26 44.66
C SER MA 327 -12.53 -86.86 44.60
N MET MA 328 -12.66 -87.84 43.72
CA MET MA 328 -13.79 -88.73 43.64
C MET MA 328 -13.28 -90.13 43.39
N THR MA 329 -14.15 -91.10 43.55
CA THR MA 329 -13.77 -92.48 43.32
C THR MA 329 -14.99 -93.21 42.78
N SER MA 330 -14.82 -93.95 41.69
CA SER MA 330 -15.88 -94.74 41.09
C SER MA 330 -16.23 -96.01 41.85
N ALA MA 331 -17.05 -96.85 41.21
CA ALA MA 331 -17.47 -98.09 41.86
C ALA MA 331 -16.35 -99.13 41.87
N ASP MA 332 -15.49 -99.13 40.86
CA ASP MA 332 -14.43 -100.11 40.75
C ASP MA 332 -13.09 -99.60 41.25
N GLY MA 333 -13.10 -98.62 42.14
CA GLY MA 333 -11.86 -98.19 42.77
C GLY MA 333 -10.99 -97.27 41.96
N THR MA 334 -11.46 -96.79 40.82
CA THR MA 334 -10.76 -95.76 40.09
C THR MA 334 -10.98 -94.43 40.79
N HIS MA 335 -9.90 -93.76 41.16
CA HIS MA 335 -10.04 -92.40 41.66
C HIS MA 335 -9.80 -91.42 40.54
N ALA MA 336 -10.42 -90.26 40.68
CA ALA MA 336 -10.05 -89.08 39.91
C ALA MA 336 -9.64 -88.00 40.88
N TYR MA 337 -8.54 -87.34 40.59
CA TYR MA 337 -8.03 -86.28 41.43
C TYR MA 337 -7.98 -84.97 40.65
N GLU MA 338 -8.15 -83.88 41.38
CA GLU MA 338 -7.92 -82.53 40.89
C GLU MA 338 -6.80 -81.94 41.72
N MET MA 339 -5.76 -81.44 41.07
CA MET MA 339 -4.66 -80.83 41.78
C MET MA 339 -4.05 -79.75 40.93
N GLN MA 340 -3.02 -79.11 41.48
CA GLN MA 340 -2.24 -78.14 40.75
C GLN MA 340 -1.28 -78.86 39.82
N LYS MA 341 -0.75 -78.13 38.85
CA LYS MA 341 0.12 -78.79 37.86
C LYS MA 341 1.51 -78.94 38.44
N SER MA 342 1.78 -80.13 38.93
CA SER MA 342 3.06 -80.64 39.37
C SER MA 342 3.58 -81.63 38.35
N PRO MA 343 4.85 -81.48 37.92
CA PRO MA 343 5.39 -82.38 36.90
C PRO MA 343 5.72 -83.77 37.40
N VAL MA 344 5.96 -83.92 38.70
CA VAL MA 344 6.19 -85.21 39.32
C VAL MA 344 4.97 -85.57 40.12
N LEU MA 345 4.38 -86.71 39.77
CA LEU MA 345 3.40 -87.33 40.63
C LEU MA 345 4.09 -88.46 41.35
N LEU MA 346 3.80 -88.61 42.62
CA LEU MA 346 4.34 -89.72 43.38
C LEU MA 346 3.19 -90.60 43.79
N VAL MA 347 3.21 -91.85 43.37
CA VAL MA 347 2.12 -92.75 43.65
C VAL MA 347 2.62 -93.87 44.55
N SER MA 348 1.66 -94.61 45.08
CA SER MA 348 1.88 -95.91 45.66
C SER MA 348 1.09 -96.90 44.83
N TRP MA 349 1.76 -97.94 44.39
CA TRP MA 349 1.12 -98.92 43.51
C TRP MA 349 0.58 -100.08 44.34
N HIS MA 350 1.45 -100.82 44.99
CA HIS MA 350 1.01 -101.84 45.93
C HIS MA 350 1.91 -101.84 47.14
N GLY MA 351 2.09 -100.68 47.75
CA GLY MA 351 3.07 -100.53 48.79
C GLY MA 351 4.40 -100.01 48.29
N LYS MA 352 4.70 -100.22 47.02
CA LYS MA 352 5.83 -99.57 46.39
C LYS MA 352 5.49 -98.11 46.14
N VAL MA 353 6.40 -97.23 46.53
CA VAL MA 353 6.31 -95.82 46.17
C VAL MA 353 7.02 -95.68 44.83
N MET MA 354 6.30 -95.20 43.84
CA MET MA 354 6.84 -94.99 42.51
C MET MA 354 6.65 -93.54 42.12
N GLN MA 355 7.35 -93.14 41.08
CA GLN MA 355 7.18 -91.79 40.57
C GLN MA 355 6.61 -91.83 39.16
N LEU MA 356 6.07 -90.70 38.75
CA LEU MA 356 5.37 -90.52 37.50
C LEU MA 356 5.78 -89.16 36.98
N LYS MA 357 6.04 -89.07 35.68
CA LYS MA 357 6.28 -87.78 35.08
C LYS MA 357 5.07 -87.40 34.25
N VAL MA 358 4.74 -86.12 34.23
CA VAL MA 358 3.81 -85.59 33.25
C VAL MA 358 4.50 -84.44 32.54
N GLU MA 359 4.01 -84.11 31.35
CA GLU MA 359 4.62 -83.06 30.54
C GLU MA 359 3.54 -82.10 30.05
N GLY MA 360 3.76 -80.82 30.28
CA GLY MA 360 2.77 -79.80 30.02
C GLY MA 360 2.51 -79.03 31.30
N LEU NA 41 14.55 -90.24 29.96
CA LEU NA 41 13.81 -91.31 29.31
C LEU NA 41 13.18 -92.27 30.29
N PRO NA 42 12.01 -92.81 29.96
CA PRO NA 42 11.55 -94.02 30.65
C PRO NA 42 12.40 -95.21 30.22
N CYS NA 43 12.46 -96.20 31.10
CA CYS NA 43 13.37 -97.32 30.93
C CYS NA 43 12.65 -98.50 30.27
N ARG NA 44 13.39 -99.23 29.43
CA ARG NA 44 12.83 -100.39 28.74
C ARG NA 44 12.77 -101.59 29.67
N VAL NA 45 13.92 -102.03 30.16
CA VAL NA 45 13.98 -103.15 31.09
C VAL NA 45 14.07 -102.61 32.50
N ASP NA 46 13.85 -103.48 33.48
CA ASP NA 46 13.86 -103.11 34.90
C ASP NA 46 15.10 -103.64 35.59
N GLY NA 47 16.22 -103.71 34.88
CA GLY NA 47 17.36 -104.44 35.41
C GLY NA 47 17.22 -105.94 35.32
N ALA NA 48 16.56 -106.44 34.28
CA ALA NA 48 16.21 -107.84 34.14
C ALA NA 48 16.01 -108.13 32.67
N CYS NA 49 16.30 -109.36 32.25
CA CYS NA 49 16.19 -109.74 30.85
C CYS NA 49 15.50 -111.09 30.73
N ASP NA 50 14.81 -111.27 29.59
CA ASP NA 50 13.97 -112.44 29.35
C ASP NA 50 14.80 -113.70 29.15
N ALA NA 51 15.99 -113.53 28.55
CA ALA NA 51 16.96 -114.60 28.41
C ALA NA 51 17.53 -115.01 29.76
N THR NA 52 17.62 -114.07 30.69
CA THR NA 52 18.09 -114.43 32.02
C THR NA 52 17.02 -115.12 32.84
N ILE NA 53 15.73 -114.87 32.56
CA ILE NA 53 14.63 -115.67 33.15
C ILE NA 53 14.73 -117.12 32.72
N ILE NA 54 14.87 -117.36 31.41
CA ILE NA 54 14.83 -118.75 30.95
C ILE NA 54 16.15 -119.46 31.22
N LYS NA 55 17.26 -118.71 31.29
CA LYS NA 55 18.54 -119.28 31.63
C LYS NA 55 18.60 -119.68 33.10
N MET NA 56 18.06 -118.85 33.99
CA MET NA 56 18.04 -119.23 35.40
C MET NA 56 16.98 -120.28 35.71
N MET NA 57 15.93 -120.35 34.89
CA MET NA 57 14.92 -121.39 35.09
C MET NA 57 15.44 -122.76 34.66
N THR NA 58 16.11 -122.83 33.50
CA THR NA 58 16.78 -124.07 33.10
C THR NA 58 17.97 -124.44 33.98
N ASP NA 59 18.65 -123.47 34.58
CA ASP NA 59 19.78 -123.84 35.44
C ASP NA 59 19.33 -124.33 36.80
N LEU NA 60 18.23 -123.79 37.35
CA LEU NA 60 17.73 -124.35 38.60
C LEU NA 60 17.00 -125.67 38.40
N ASN NA 61 16.32 -125.86 37.25
CA ASN NA 61 15.75 -127.17 36.99
C ASN NA 61 16.81 -128.18 36.55
N LYS NA 62 17.95 -127.72 36.05
CA LYS NA 62 19.08 -128.61 35.83
C LYS NA 62 19.71 -129.02 37.14
N LYS NA 63 19.76 -128.10 38.11
CA LYS NA 63 20.25 -128.44 39.43
C LYS NA 63 19.25 -129.20 40.29
N GLY NA 64 18.02 -129.37 39.84
CA GLY NA 64 17.07 -130.20 40.55
C GLY NA 64 16.16 -129.42 41.44
N ILE NA 65 16.14 -128.11 41.27
CA ILE NA 65 15.29 -127.22 42.04
C ILE NA 65 14.10 -126.93 41.14
N LYS NA 66 12.92 -127.37 41.55
CA LYS NA 66 11.83 -127.37 40.57
C LYS NA 66 11.18 -126.01 40.51
N VAL NA 67 11.32 -125.36 39.37
CA VAL NA 67 10.78 -124.03 39.14
C VAL NA 67 9.65 -124.19 38.14
N ALA NA 68 8.43 -124.17 38.62
CA ALA NA 68 7.24 -124.26 37.80
C ALA NA 68 6.53 -122.92 37.77
N SER NA 69 5.72 -122.73 36.74
CA SER NA 69 5.09 -121.43 36.52
C SER NA 69 3.77 -121.65 35.82
N VAL NA 70 2.69 -121.69 36.58
CA VAL NA 70 1.37 -121.84 36.00
C VAL NA 70 0.72 -120.46 35.94
N GLY NA 71 0.65 -119.92 34.73
CA GLY NA 71 -0.01 -118.64 34.53
C GLY NA 71 0.88 -117.52 34.95
N GLN NA 72 0.59 -116.96 36.11
CA GLN NA 72 1.46 -115.98 36.71
C GLN NA 72 1.88 -116.35 38.12
N ASN NA 73 1.36 -117.43 38.67
CA ASN NA 73 1.91 -117.97 39.90
C ASN NA 73 3.20 -118.71 39.58
N TYR NA 74 4.19 -118.52 40.43
CA TYR NA 74 5.51 -119.07 40.25
C TYR NA 74 5.88 -119.82 41.51
N LEU NA 75 6.62 -120.91 41.34
CA LEU NA 75 6.86 -121.83 42.44
C LEU NA 75 8.24 -122.44 42.29
N ILE NA 76 9.10 -122.24 43.27
CA ILE NA 76 10.42 -122.83 43.32
C ILE NA 76 10.46 -123.74 44.53
N SER NA 77 10.68 -125.03 44.30
CA SER NA 77 10.79 -125.96 45.41
C SER NA 77 12.22 -126.46 45.48
N ILE NA 78 12.88 -126.14 46.59
CA ILE NA 78 14.19 -126.66 46.92
C ILE NA 78 13.99 -127.83 47.87
N PRO NA 79 14.72 -128.93 47.72
CA PRO NA 79 14.71 -129.95 48.78
C PRO NA 79 15.47 -129.47 50.00
N ALA NA 80 15.10 -130.02 51.15
CA ALA NA 80 15.71 -129.60 52.40
C ALA NA 80 17.11 -130.14 52.60
N SER NA 81 17.48 -131.21 51.89
CA SER NA 81 18.85 -131.69 51.91
C SER NA 81 19.77 -130.77 51.10
N ALA NA 82 19.22 -130.03 50.15
CA ALA NA 82 20.01 -129.11 49.37
C ALA NA 82 20.42 -127.87 50.15
N LEU NA 83 19.67 -127.48 51.19
CA LEU NA 83 20.10 -126.35 51.98
C LEU NA 83 20.49 -126.72 53.40
N PHE NA 84 19.60 -127.36 54.14
CA PHE NA 84 19.84 -127.60 55.53
C PHE NA 84 20.57 -128.92 55.69
N ALA NA 85 20.96 -129.23 56.91
CA ALA NA 85 21.38 -130.58 57.23
C ALA NA 85 20.15 -131.37 57.70
N ASP NA 86 20.38 -132.54 58.25
CA ASP NA 86 19.29 -133.42 58.66
C ASP NA 86 18.65 -132.93 59.95
N GLN NA 87 17.37 -132.53 59.83
CA GLN NA 87 16.47 -132.08 60.90
C GLN NA 87 17.01 -130.86 61.65
N SER NA 88 17.57 -129.91 60.91
CA SER NA 88 18.18 -128.75 61.51
C SER NA 88 17.71 -127.50 60.82
N PRO NA 89 17.50 -126.41 61.55
CA PRO NA 89 17.46 -125.09 60.95
C PRO NA 89 18.81 -124.39 60.91
N ARG NA 90 19.83 -125.10 60.47
CA ARG NA 90 21.12 -124.48 60.24
C ARG NA 90 21.45 -124.62 58.78
N LEU NA 91 21.62 -123.50 58.10
CA LEU NA 91 22.05 -123.58 56.72
C LEU NA 91 23.53 -123.88 56.68
N ASN NA 92 23.94 -124.71 55.74
CA ASN NA 92 25.37 -124.91 55.56
C ASN NA 92 25.90 -123.87 54.58
N TRP NA 93 27.23 -123.78 54.55
CA TRP NA 93 27.89 -122.71 53.82
C TRP NA 93 27.89 -122.92 52.32
N ALA NA 94 27.68 -124.14 51.85
CA ALA NA 94 27.66 -124.37 50.41
C ALA NA 94 26.35 -123.92 49.79
N SER NA 95 25.28 -123.90 50.56
CA SER NA 95 23.94 -123.61 50.09
C SER NA 95 23.68 -122.13 49.85
N TYR NA 96 24.59 -121.25 50.27
CA TYR NA 96 24.37 -119.84 50.10
C TYR NA 96 24.60 -119.40 48.67
N SER NA 97 25.37 -120.18 47.90
CA SER NA 97 25.48 -119.93 46.46
C SER NA 97 24.17 -120.28 45.74
N LEU NA 98 23.48 -121.31 46.23
CA LEU NA 98 22.15 -121.65 45.74
C LEU NA 98 21.14 -120.58 46.13
N LEU NA 99 21.28 -120.01 47.32
CA LEU NA 99 20.42 -118.90 47.69
C LEU NA 99 20.77 -117.61 46.97
N ASN NA 100 22.02 -117.46 46.54
CA ASN NA 100 22.40 -116.35 45.68
C ASN NA 100 21.82 -116.48 44.29
N GLU NA 101 21.78 -117.69 43.75
CA GLU NA 101 21.17 -117.82 42.43
C GLU NA 101 19.65 -117.87 42.49
N ILE NA 102 19.08 -118.22 43.65
CA ILE NA 102 17.64 -118.09 43.88
C ILE NA 102 17.25 -116.63 43.97
N ALA NA 103 18.05 -115.81 44.67
CA ALA NA 103 17.76 -114.39 44.75
C ALA NA 103 18.11 -113.65 43.47
N ALA NA 104 19.04 -114.18 42.68
CA ALA NA 104 19.30 -113.61 41.37
C ALA NA 104 18.21 -113.97 40.38
N PHE NA 105 17.52 -115.07 40.60
CA PHE NA 105 16.30 -115.33 39.85
C PHE NA 105 15.14 -114.49 40.35
N LEU NA 106 15.08 -114.25 41.65
CA LEU NA 106 13.99 -113.53 42.28
C LEU NA 106 14.10 -112.02 42.13
N LYS NA 107 15.27 -111.51 41.74
CA LYS NA 107 15.42 -110.10 41.42
C LYS NA 107 14.73 -109.72 40.14
N GLN NA 108 14.52 -110.68 39.26
CA GLN NA 108 14.12 -110.43 37.90
C GLN NA 108 12.65 -110.07 37.74
N PHE NA 109 11.80 -110.43 38.68
CA PHE NA 109 10.39 -110.14 38.57
C PHE NA 109 10.00 -108.97 39.45
N ARG NA 110 8.84 -108.42 39.18
CA ARG NA 110 8.23 -107.43 40.03
C ARG NA 110 7.07 -108.12 40.73
N LYS NA 111 7.18 -108.26 42.04
CA LYS NA 111 6.23 -109.04 42.80
C LYS NA 111 5.83 -108.29 44.04
N ILE NA 112 4.81 -108.80 44.71
CA ILE NA 112 4.18 -108.11 45.83
C ILE NA 112 4.46 -108.84 47.13
N ALA NA 113 4.16 -110.13 47.17
CA ALA NA 113 4.38 -110.92 48.36
C ALA NA 113 4.86 -112.29 47.95
N ILE NA 114 6.04 -112.62 48.39
CA ILE NA 114 6.56 -113.98 48.31
C ILE NA 114 6.13 -114.72 49.54
N THR NA 115 5.44 -115.85 49.40
CA THR NA 115 5.27 -116.72 50.54
C THR NA 115 6.23 -117.89 50.40
N VAL NA 116 7.13 -118.02 51.36
CA VAL NA 116 8.00 -119.16 51.48
C VAL NA 116 7.44 -120.04 52.59
N THR NA 117 7.15 -121.29 52.25
CA THR NA 117 6.64 -122.22 53.24
C THR NA 117 7.38 -123.53 53.11
N SER NA 118 7.77 -124.07 54.24
CA SER NA 118 8.59 -125.27 54.27
C SER NA 118 7.83 -126.38 54.96
N TYR NA 119 8.07 -127.62 54.55
CA TYR NA 119 7.62 -128.73 55.38
C TYR NA 119 8.62 -129.86 55.33
N SER NA 120 8.49 -130.76 56.29
CA SER NA 120 9.39 -131.89 56.40
C SER NA 120 8.65 -133.07 56.97
N SER NA 121 9.20 -134.25 56.76
CA SER NA 121 8.62 -135.49 57.22
C SER NA 121 8.76 -135.62 58.73
N LYS NA 122 7.97 -136.52 59.30
CA LYS NA 122 7.77 -136.57 60.74
C LYS NA 122 8.95 -137.21 61.44
N TYR NA 123 9.56 -136.45 62.35
CA TYR NA 123 10.80 -136.85 62.98
C TYR NA 123 10.62 -137.20 64.45
N VAL NA 124 10.13 -136.26 65.25
CA VAL NA 124 9.75 -136.59 66.61
C VAL NA 124 8.26 -136.42 66.72
N SER NA 125 7.77 -135.21 66.50
CA SER NA 125 6.36 -134.92 66.64
C SER NA 125 5.99 -133.81 65.68
N VAL NA 126 4.70 -133.53 65.63
CA VAL NA 126 4.24 -132.46 64.76
C VAL NA 126 4.53 -131.08 65.32
N LYS NA 127 4.71 -130.95 66.64
CA LYS NA 127 5.06 -129.66 67.22
C LYS NA 127 6.52 -129.34 66.99
N ARG NA 128 7.37 -130.37 67.10
CA ARG NA 128 8.78 -130.27 66.74
C ARG NA 128 8.95 -130.06 65.23
N GLU NA 129 8.03 -130.64 64.45
CA GLU NA 129 8.04 -130.51 63.00
C GLU NA 129 7.68 -129.10 62.56
N ARG NA 130 6.64 -128.52 63.17
CA ARG NA 130 6.25 -127.16 62.84
C ARG NA 130 7.24 -126.13 63.36
N ALA NA 131 7.89 -126.42 64.49
CA ALA NA 131 8.94 -125.54 65.00
C ALA NA 131 10.18 -125.57 64.12
N LEU NA 132 10.51 -126.76 63.59
CA LEU NA 132 11.62 -126.92 62.65
C LEU NA 132 11.36 -126.21 61.34
N THR NA 133 10.17 -126.35 60.80
CA THR NA 133 9.93 -125.78 59.48
C THR NA 133 9.58 -124.32 59.53
N LEU NA 134 9.08 -123.84 60.67
CA LEU NA 134 8.93 -122.42 60.91
C LEU NA 134 10.29 -121.74 61.04
N ALA NA 135 11.23 -122.39 61.73
CA ALA NA 135 12.58 -121.85 61.87
C ALA NA 135 13.35 -121.91 60.55
N ARG NA 136 13.09 -122.94 59.74
CA ARG NA 136 13.74 -123.08 58.43
C ARG NA 136 13.24 -122.05 57.44
N SER NA 137 11.93 -121.80 57.42
CA SER NA 137 11.37 -120.80 56.53
C SER NA 137 11.72 -119.40 56.98
N ARG NA 138 11.86 -119.17 58.28
CA ARG NA 138 12.25 -117.84 58.72
C ARG NA 138 13.74 -117.57 58.51
N VAL NA 139 14.61 -118.59 58.48
CA VAL NA 139 16.02 -118.28 58.22
C VAL NA 139 16.26 -118.12 56.72
N VAL NA 140 15.47 -118.82 55.89
CA VAL NA 140 15.66 -118.64 54.45
C VAL NA 140 15.00 -117.36 53.96
N SER NA 141 13.98 -116.86 54.67
CA SER NA 141 13.48 -115.54 54.31
C SER NA 141 14.27 -114.42 54.95
N GLU NA 142 14.99 -114.72 56.05
CA GLU NA 142 15.96 -113.76 56.61
C GLU NA 142 17.09 -113.50 55.63
N TYR NA 143 17.60 -114.57 54.99
CA TYR NA 143 18.65 -114.36 53.99
C TYR NA 143 18.10 -113.79 52.69
N LEU NA 144 16.87 -114.17 52.30
CA LEU NA 144 16.32 -113.66 51.06
C LEU NA 144 15.87 -112.21 51.17
N TRP NA 145 15.42 -111.79 52.34
CA TRP NA 145 15.09 -110.39 52.55
C TRP NA 145 16.34 -109.56 52.77
N SER NA 146 17.40 -110.16 53.34
CA SER NA 146 18.69 -109.50 53.43
C SER NA 146 19.30 -109.30 52.06
N GLN NA 147 19.15 -110.28 51.18
CA GLN NA 147 19.56 -110.15 49.80
C GLN NA 147 18.54 -109.32 49.02
N GLY NA 148 18.82 -109.18 47.74
CA GLY NA 148 17.96 -108.39 46.91
C GLY NA 148 16.73 -109.15 46.47
N VAL NA 149 15.61 -108.84 47.08
CA VAL NA 149 14.32 -109.04 46.47
C VAL NA 149 13.62 -107.70 46.54
N ASP NA 150 12.65 -107.49 45.66
CA ASP NA 150 11.81 -106.32 45.77
C ASP NA 150 10.37 -106.72 45.99
N SER NA 151 10.18 -107.80 46.73
CA SER NA 151 8.86 -108.08 47.23
C SER NA 151 8.57 -107.17 48.40
N ARG NA 152 7.29 -106.94 48.63
CA ARG NA 152 6.93 -106.05 49.72
C ARG NA 152 6.65 -106.82 50.99
N ILE NA 153 5.93 -107.93 50.87
CA ILE NA 153 5.76 -108.83 51.99
C ILE NA 153 6.45 -110.14 51.63
N ILE NA 154 7.10 -110.75 52.62
CA ILE NA 154 7.49 -112.14 52.54
C ILE NA 154 6.80 -112.86 53.67
N PHE NA 155 5.90 -113.76 53.33
CA PHE NA 155 5.20 -114.58 54.29
C PHE NA 155 5.95 -115.88 54.46
N THR NA 156 6.59 -116.06 55.61
CA THR NA 156 7.31 -117.26 55.92
C THR NA 156 6.48 -118.11 56.86
N GLN NA 157 6.25 -119.37 56.49
CA GLN NA 157 5.58 -120.30 57.38
C GLN NA 157 6.10 -121.70 57.16
N GLY NA 158 5.86 -122.54 58.15
CA GLY NA 158 6.31 -123.91 58.09
C GLY NA 158 5.24 -124.84 58.60
N LEU NA 159 5.18 -126.03 58.02
CA LEU NA 159 4.10 -126.96 58.28
C LEU NA 159 4.68 -128.31 58.67
N GLY NA 160 3.93 -129.03 59.49
CA GLY NA 160 4.40 -130.29 60.02
C GLY NA 160 3.93 -131.48 59.24
N SER NA 161 4.48 -131.67 58.02
CA SER NA 161 4.15 -132.72 57.04
C SER NA 161 2.68 -132.68 56.63
N ASP NA 162 2.12 -131.48 56.58
CA ASP NA 162 0.70 -131.35 56.39
C ASP NA 162 0.31 -131.22 54.94
N LYS NA 163 1.29 -131.08 54.05
CA LYS NA 163 1.07 -131.26 52.62
C LYS NA 163 2.18 -132.12 52.04
N PRO NA 164 2.07 -133.45 52.16
CA PRO NA 164 3.10 -134.29 51.53
C PRO NA 164 2.78 -134.47 50.05
N ILE NA 165 3.78 -134.25 49.20
CA ILE NA 165 3.56 -134.45 47.78
C ILE NA 165 4.03 -135.78 47.29
N THR NA 166 4.40 -136.70 48.19
CA THR NA 166 4.54 -138.10 47.82
C THR NA 166 4.03 -138.88 49.02
N SER NA 167 3.43 -140.04 48.74
CA SER NA 167 3.10 -140.97 49.80
C SER NA 167 4.31 -141.79 50.24
N TYR NA 168 5.40 -141.77 49.47
CA TYR NA 168 6.65 -142.37 49.90
C TYR NA 168 7.27 -141.49 50.98
N THR NA 169 7.64 -142.11 52.09
CA THR NA 169 8.15 -141.44 53.27
C THR NA 169 9.55 -141.97 53.57
N LEU NA 170 10.42 -141.92 52.54
CA LEU NA 170 11.66 -142.69 52.47
C LEU NA 170 12.70 -142.30 53.51
N GLY NA 171 12.75 -141.03 53.90
CA GLY NA 171 13.83 -140.61 54.76
C GLY NA 171 13.42 -139.54 55.74
N GLY NA 172 14.39 -138.72 56.13
CA GLY NA 172 14.09 -137.54 56.92
C GLY NA 172 14.06 -136.38 55.97
N ASP NA 173 15.17 -135.66 55.90
CA ASP NA 173 15.30 -134.55 54.96
C ASP NA 173 15.82 -134.99 53.60
N ARG NA 174 16.00 -136.28 53.38
CA ARG NA 174 16.22 -136.78 52.03
C ARG NA 174 14.93 -137.02 51.28
N SER NA 175 13.79 -136.92 51.96
CA SER NA 175 12.51 -137.16 51.34
C SER NA 175 12.11 -135.98 50.46
N PRO NA 176 11.44 -136.20 49.33
CA PRO NA 176 10.96 -135.08 48.52
C PRO NA 176 9.71 -134.41 49.08
N ASN NA 177 9.08 -135.00 50.09
CA ASN NA 177 8.16 -134.23 50.93
C ASN NA 177 8.89 -133.22 51.80
N ALA NA 178 10.14 -133.46 52.14
CA ALA NA 178 10.90 -132.55 52.98
C ALA NA 178 11.58 -131.53 52.08
N ARG NA 179 11.11 -130.29 52.15
CA ARG NA 179 11.36 -129.32 51.10
C ARG NA 179 10.96 -127.96 51.60
N VAL NA 180 11.26 -126.96 50.78
CA VAL NA 180 10.88 -125.60 51.05
C VAL NA 180 10.53 -124.93 49.72
N GLU NA 181 9.33 -124.38 49.66
CA GLU NA 181 8.85 -123.82 48.41
C GLU NA 181 8.70 -122.32 48.56
N ILE NA 182 8.92 -121.65 47.45
CA ILE NA 182 8.91 -120.21 47.32
C ILE NA 182 7.85 -119.95 46.26
N THR NA 183 6.72 -119.43 46.68
CA THR NA 183 5.60 -119.25 45.77
C THR NA 183 5.21 -117.78 45.78
N PHE NA 184 4.92 -117.26 44.60
CA PHE NA 184 4.53 -115.86 44.48
C PHE NA 184 3.74 -115.67 43.20
N ARG NA 185 3.36 -114.43 42.94
CA ARG NA 185 2.68 -114.06 41.71
C ARG NA 185 3.39 -112.87 41.13
N ARG NA 186 3.82 -112.99 39.88
CA ARG NA 186 4.47 -111.90 39.19
C ARG NA 186 3.46 -110.82 38.88
N ALA NA 187 3.70 -109.63 39.40
CA ALA NA 187 2.74 -108.55 39.27
C ALA NA 187 2.99 -107.78 37.99
N VAL NA 188 2.00 -107.85 37.09
CA VAL NA 188 1.94 -107.32 35.70
C VAL NA 188 3.19 -107.57 34.87
N UNK OA 1 17.16 -158.23 108.76
CA UNK OA 1 17.86 -157.28 109.62
C UNK OA 1 17.09 -155.97 109.73
N UNK OA 2 15.87 -156.06 110.25
CA UNK OA 2 14.96 -154.93 110.30
C UNK OA 2 15.29 -153.99 111.47
N UNK OA 3 14.95 -152.71 111.28
CA UNK OA 3 15.05 -151.70 112.33
C UNK OA 3 13.95 -150.67 112.06
N UNK OA 4 12.90 -150.70 112.87
CA UNK OA 4 11.71 -149.88 112.65
C UNK OA 4 11.19 -149.37 114.00
N UNK OA 5 11.59 -148.16 114.38
CA UNK OA 5 11.17 -147.57 115.65
C UNK OA 5 11.19 -146.05 115.53
N UNK OA 6 10.41 -145.41 116.41
CA UNK OA 6 10.28 -143.95 116.46
C UNK OA 6 10.83 -143.48 117.80
N UNK OA 7 12.12 -143.18 117.82
CA UNK OA 7 12.89 -142.94 119.03
C UNK OA 7 13.94 -141.89 118.72
N UNK OA 8 15.00 -141.83 119.53
CA UNK OA 8 16.15 -140.98 119.24
C UNK OA 8 17.38 -141.86 119.16
N UNK OA 9 17.63 -142.41 117.97
CA UNK OA 9 18.90 -143.09 117.72
C UNK OA 9 20.02 -142.07 117.59
N UNK OA 10 19.86 -141.12 116.65
CA UNK OA 10 20.44 -139.77 116.62
C UNK OA 10 21.95 -139.64 116.42
N UNK OA 11 22.71 -140.74 116.40
CA UNK OA 11 24.14 -140.68 116.11
C UNK OA 11 24.52 -141.99 115.42
N UNK OA 12 24.47 -141.99 114.09
CA UNK OA 12 24.71 -143.21 113.33
C UNK OA 12 25.19 -142.82 111.94
N UNK OA 13 26.48 -143.02 111.68
CA UNK OA 13 27.00 -143.07 110.31
C UNK OA 13 26.97 -144.53 109.86
N UNK OA 14 25.75 -145.02 109.64
CA UNK OA 14 25.45 -146.45 109.66
C UNK OA 14 25.63 -147.01 108.25
N UNK OA 15 26.78 -147.64 108.02
CA UNK OA 15 27.03 -148.38 106.79
C UNK OA 15 26.45 -149.78 106.99
N UNK OA 16 25.17 -149.92 106.65
CA UNK OA 16 24.46 -151.17 106.81
C UNK OA 16 24.88 -152.18 105.75
N UNK OA 17 24.75 -153.45 106.09
CA UNK OA 17 25.08 -154.55 105.19
C UNK OA 17 23.85 -154.93 104.37
N UNK OA 18 23.92 -156.06 103.69
CA UNK OA 18 22.87 -156.48 102.76
C UNK OA 18 21.68 -157.04 103.51
N UNK OA 19 20.50 -156.87 102.88
CA UNK OA 19 19.15 -157.20 103.37
C UNK OA 19 18.83 -156.56 104.72
N UNK OA 20 19.29 -155.33 104.93
CA UNK OA 20 18.99 -154.58 106.15
C UNK OA 20 17.72 -153.78 105.91
N UNK OA 21 16.59 -154.49 105.92
CA UNK OA 21 15.29 -153.92 105.56
C UNK OA 21 14.71 -153.11 106.72
N UNK OA 22 15.24 -151.90 106.86
CA UNK OA 22 14.97 -151.07 108.04
C UNK OA 22 14.03 -149.94 107.65
N UNK OA 23 12.79 -150.03 108.09
CA UNK OA 23 11.83 -148.93 107.98
C UNK OA 23 11.76 -148.11 109.26
N UNK OA 24 12.90 -147.60 109.70
CA UNK OA 24 12.99 -146.76 110.89
C UNK OA 24 12.33 -145.39 110.68
N UNK OA 25 11.81 -144.84 111.78
CA UNK OA 25 11.21 -143.52 111.79
C UNK OA 25 11.70 -142.69 112.98
N UNK OA 26 12.85 -143.06 113.52
CA UNK OA 26 13.42 -142.42 114.70
C UNK OA 26 14.00 -141.06 114.38
N UNK OA 27 14.24 -140.28 115.43
CA UNK OA 27 14.89 -138.98 115.29
C UNK OA 27 16.39 -139.17 115.10
N UNK OA 28 16.79 -139.48 113.87
CA UNK OA 28 18.18 -139.80 113.54
C UNK OA 28 18.83 -138.52 113.04
N UNK OA 29 19.41 -137.75 113.97
CA UNK OA 29 19.92 -136.43 113.65
C UNK OA 29 21.25 -136.50 112.91
N UNK OA 30 22.28 -137.04 113.55
CA UNK OA 30 23.59 -137.16 112.91
C UNK OA 30 23.64 -138.52 112.22
N UNK OA 31 22.96 -138.60 111.09
CA UNK OA 31 22.70 -139.87 110.41
C UNK OA 31 23.31 -139.88 109.01
N UNK OA 32 23.76 -141.07 108.60
CA UNK OA 32 24.13 -141.36 107.21
C UNK OA 32 23.84 -142.85 107.01
N UNK OA 33 22.66 -143.15 106.49
CA UNK OA 33 22.16 -144.54 106.41
C UNK OA 33 22.53 -145.13 105.06
N UNK OA 34 23.74 -145.69 104.97
CA UNK OA 34 24.23 -146.29 103.73
C UNK OA 34 23.84 -147.77 103.67
N UNK OA 35 22.54 -148.00 103.45
CA UNK OA 35 21.99 -149.35 103.37
C UNK OA 35 22.39 -150.00 102.05
N UNK OA 36 22.51 -151.32 102.07
CA UNK OA 36 23.02 -152.05 100.92
C UNK OA 36 21.96 -152.84 100.17
N UNK OA 37 20.80 -153.10 100.78
CA UNK OA 37 19.63 -153.66 100.12
C UNK OA 37 18.39 -153.30 100.92
N UNK OA 38 17.26 -153.23 100.20
CA UNK OA 38 15.90 -153.47 100.70
C UNK OA 38 15.40 -152.44 101.70
N UNK OA 39 15.96 -151.23 101.69
CA UNK OA 39 15.52 -150.17 102.60
C UNK OA 39 14.18 -149.62 102.14
N UNK OA 40 13.20 -149.64 103.05
CA UNK OA 40 11.80 -149.38 102.72
C UNK OA 40 11.19 -148.41 103.71
N UNK OA 41 11.85 -147.28 103.90
CA UNK OA 41 11.55 -146.38 105.01
C UNK OA 41 10.47 -145.37 104.65
N UNK OA 42 9.54 -145.14 105.58
CA UNK OA 42 8.51 -144.12 105.46
C UNK OA 42 8.48 -143.37 106.79
N UNK OA 43 9.33 -142.35 106.91
CA UNK OA 43 9.61 -141.71 108.18
C UNK OA 43 9.05 -140.29 108.22
N UNK OA 44 9.29 -139.63 109.34
CA UNK OA 44 9.16 -138.18 109.47
C UNK OA 44 10.36 -137.74 110.30
N UNK OA 45 11.47 -137.47 109.62
CA UNK OA 45 12.76 -137.31 110.26
C UNK OA 45 13.28 -135.89 110.06
N UNK OA 46 14.45 -135.63 110.63
CA UNK OA 46 15.14 -134.35 110.51
C UNK OA 46 16.63 -134.63 110.72
N UNK OA 47 17.43 -134.42 109.68
CA UNK OA 47 18.83 -134.81 109.71
C UNK OA 47 19.77 -133.62 109.56
N UNK OA 48 19.54 -132.76 108.56
CA UNK OA 48 20.14 -131.46 108.25
C UNK OA 48 21.61 -131.48 107.83
N UNK OA 49 22.29 -132.63 107.85
CA UNK OA 49 23.63 -132.73 107.26
C UNK OA 49 23.84 -134.09 106.61
N UNK OA 50 22.78 -134.69 106.06
CA UNK OA 50 22.81 -136.10 105.68
C UNK OA 50 23.54 -136.29 104.35
N UNK OA 51 24.61 -137.08 104.39
CA UNK OA 51 25.28 -137.54 103.17
C UNK OA 51 24.81 -138.96 102.91
N UNK OA 52 23.58 -139.06 102.40
CA UNK OA 52 22.96 -140.36 102.21
C UNK OA 52 23.44 -141.01 100.92
N UNK OA 53 23.72 -142.32 101.02
CA UNK OA 53 23.93 -143.16 99.86
C UNK OA 53 22.98 -144.33 99.99
N UNK OA 54 22.49 -144.82 98.86
CA UNK OA 54 21.49 -145.88 98.88
C UNK OA 54 21.71 -146.83 97.71
N UNK OA 55 21.77 -148.11 98.03
CA UNK OA 55 21.83 -149.20 97.06
C UNK OA 55 20.41 -149.70 96.78
N UNK OA 56 20.30 -150.91 96.24
CA UNK OA 56 19.13 -151.40 95.51
C UNK OA 56 17.91 -151.63 96.41
N UNK OA 57 16.74 -151.37 95.80
CA UNK OA 57 15.39 -151.43 96.39
C UNK OA 57 15.26 -150.53 97.63
N UNK OA 58 15.67 -149.28 97.47
CA UNK OA 58 15.57 -148.26 98.51
C UNK OA 58 14.40 -147.35 98.17
N UNK OA 59 13.24 -147.65 98.75
CA UNK OA 59 12.06 -146.80 98.65
C UNK OA 59 11.93 -146.03 99.96
N UNK OA 60 11.86 -144.71 99.87
CA UNK OA 60 11.88 -143.91 101.08
C UNK OA 60 10.94 -142.71 100.95
N UNK OA 61 10.45 -142.26 102.09
CA UNK OA 61 9.57 -141.08 102.14
C UNK OA 61 9.87 -140.34 103.43
N UNK OA 62 10.62 -139.24 103.32
CA UNK OA 62 11.16 -138.56 104.50
C UNK OA 62 11.10 -137.05 104.36
N UNK OA 63 10.98 -136.37 105.49
CA UNK OA 63 10.94 -134.92 105.56
C UNK OA 63 12.21 -134.35 106.20
N UNK OA 64 13.36 -134.95 105.86
CA UNK OA 64 14.64 -134.58 106.44
C UNK OA 64 15.51 -133.90 105.39
N UNK OA 65 16.43 -133.07 105.86
CA UNK OA 65 17.30 -132.34 104.96
C UNK OA 65 18.61 -133.08 104.76
N UNK OA 66 19.05 -133.15 103.51
CA UNK OA 66 20.26 -133.88 103.14
C UNK OA 66 21.37 -132.90 102.79
N UNK OA 67 22.56 -133.43 102.60
CA UNK OA 67 23.70 -132.63 102.16
C UNK OA 67 24.29 -133.25 100.91
N UNK OA 68 24.26 -134.58 100.83
CA UNK OA 68 24.75 -135.29 99.66
C UNK OA 68 23.88 -136.51 99.44
N UNK OA 69 23.79 -136.93 98.18
CA UNK OA 69 22.99 -138.08 97.80
C UNK OA 69 23.76 -138.90 96.78
N UNK OA 70 23.75 -140.21 96.97
CA UNK OA 70 24.39 -141.12 96.03
C UNK OA 70 23.50 -142.33 95.82
N UNK OA 71 23.40 -142.78 94.57
CA UNK OA 71 22.59 -143.95 94.23
C UNK OA 71 23.45 -144.98 93.52
N UNK OA 72 23.10 -146.26 93.70
CA UNK OA 72 23.94 -147.35 93.21
C UNK OA 72 23.28 -148.21 92.14
N UNK OA 73 22.10 -148.80 92.41
CA UNK OA 73 21.46 -149.66 91.42
C UNK OA 73 20.07 -149.20 91.00
N UNK OA 74 19.11 -149.13 91.93
CA UNK OA 74 17.70 -148.92 91.62
C UNK OA 74 16.99 -148.50 92.90
N UNK OA 75 16.28 -147.38 92.85
CA UNK OA 75 15.69 -146.82 94.07
C UNK OA 75 14.44 -146.02 93.72
N UNK OA 76 13.79 -145.50 94.77
CA UNK OA 76 12.65 -144.59 94.66
C UNK OA 76 12.61 -143.76 95.93
N UNK OA 77 13.12 -142.54 95.85
CA UNK OA 77 13.11 -141.64 96.99
C UNK OA 77 11.93 -140.68 96.90
N UNK OA 78 11.54 -140.16 98.06
CA UNK OA 78 10.60 -139.04 98.14
C UNK OA 78 11.01 -138.25 99.38
N UNK OA 79 11.86 -137.26 99.18
CA UNK OA 79 12.50 -136.58 100.28
C UNK OA 79 12.19 -135.09 100.24
N UNK OA 80 12.22 -134.47 101.41
CA UNK OA 80 12.00 -133.03 101.53
C UNK OA 80 13.27 -132.40 102.10
N UNK OA 81 14.24 -132.12 101.22
CA UNK OA 81 15.53 -131.60 101.64
C UNK OA 81 15.50 -130.07 101.61
N UNK OA 82 16.55 -129.45 102.20
CA UNK OA 82 16.44 -127.99 102.37
C UNK OA 82 17.65 -127.18 101.91
N UNK OA 83 18.88 -127.63 102.17
CA UNK OA 83 20.01 -126.71 102.23
C UNK OA 83 20.92 -126.76 101.01
N UNK OA 84 21.52 -127.91 100.74
CA UNK OA 84 22.41 -128.11 99.62
C UNK OA 84 22.40 -129.60 99.30
N UNK OA 85 22.77 -129.92 98.06
CA UNK OA 85 22.80 -131.33 97.67
C UNK OA 85 23.91 -131.55 96.67
N UNK OA 86 24.89 -132.35 97.07
CA UNK OA 86 25.86 -132.93 96.15
C UNK OA 86 25.33 -134.28 95.74
N UNK OA 87 24.70 -134.37 94.58
CA UNK OA 87 23.93 -135.53 94.18
C UNK OA 87 24.59 -136.24 93.01
N UNK OA 88 24.62 -137.57 93.09
CA UNK OA 88 25.15 -138.41 92.02
C UNK OA 88 24.47 -139.77 92.08
N UNK OA 89 24.21 -140.33 90.90
CA UNK OA 89 23.45 -141.56 90.82
C UNK OA 89 24.17 -142.57 89.93
N UNK OA 90 23.60 -143.78 89.89
CA UNK OA 90 24.05 -144.84 89.00
C UNK OA 90 22.85 -145.73 88.72
N UNK OA 91 22.31 -145.63 87.48
CA UNK OA 91 21.33 -146.55 86.87
C UNK OA 91 19.97 -146.57 87.58
N UNK OA 92 19.66 -145.60 88.41
CA UNK OA 92 18.57 -145.67 89.37
C UNK OA 92 17.49 -144.64 89.04
N UNK OA 93 16.52 -144.55 89.94
CA UNK OA 93 15.47 -143.55 89.87
C UNK OA 93 15.45 -142.80 91.20
N UNK OA 94 15.17 -141.50 91.14
CA UNK OA 94 15.22 -140.65 92.32
C UNK OA 94 14.23 -139.52 92.16
N UNK OA 95 13.61 -139.14 93.28
CA UNK OA 95 12.67 -138.03 93.30
C UNK OA 95 12.77 -137.33 94.64
N UNK OA 96 12.54 -136.02 94.63
CA UNK OA 96 12.52 -135.23 95.85
C UNK OA 96 11.47 -134.14 95.74
N UNK OA 97 11.12 -133.54 96.87
CA UNK OA 97 9.90 -132.75 96.94
C UNK OA 97 10.11 -131.27 97.26
N UNK OA 98 10.79 -130.94 98.35
CA UNK OA 98 10.75 -129.58 98.88
C UNK OA 98 11.77 -128.68 98.19
N UNK OA 99 11.90 -127.45 98.69
CA UNK OA 99 12.73 -126.42 98.07
C UNK OA 99 14.18 -126.70 98.38
N UNK OA 100 14.91 -127.25 97.41
CA UNK OA 100 16.30 -127.63 97.56
C UNK OA 100 17.19 -126.64 96.83
N UNK OA 101 18.50 -126.84 96.98
CA UNK OA 101 19.48 -126.05 96.26
C UNK OA 101 20.53 -127.03 95.73
N UNK OA 102 20.26 -127.60 94.55
CA UNK OA 102 21.17 -128.54 93.94
C UNK OA 102 22.28 -127.76 93.24
N UNK OA 103 23.47 -127.76 93.83
CA UNK OA 103 24.58 -127.03 93.25
C UNK OA 103 25.18 -127.76 92.07
N UNK OA 104 25.58 -129.00 92.27
CA UNK OA 104 26.15 -129.81 91.20
C UNK OA 104 25.35 -131.10 91.07
N UNK OA 105 25.24 -131.60 89.86
CA UNK OA 105 24.56 -132.86 89.59
C UNK OA 105 25.25 -133.53 88.41
N UNK OA 106 25.96 -134.61 88.69
CA UNK OA 106 26.71 -135.33 87.67
C UNK OA 106 26.12 -136.73 87.55
N UNK OA 107 25.44 -137.00 86.44
CA UNK OA 107 24.81 -138.30 86.22
C UNK OA 107 25.46 -138.93 85.01
N UNK OA 108 26.19 -140.02 85.23
CA UNK OA 108 26.90 -140.71 84.16
C UNK OA 108 26.31 -142.07 83.84
N UNK OA 109 25.03 -142.28 84.13
CA UNK OA 109 24.40 -143.58 83.95
C UNK OA 109 22.93 -143.38 83.62
N UNK OA 110 22.12 -144.42 83.80
CA UNK OA 110 20.69 -144.37 83.50
C UNK OA 110 19.96 -143.97 84.78
N UNK OA 111 19.68 -142.68 84.91
CA UNK OA 111 19.17 -142.12 86.15
C UNK OA 111 17.95 -141.28 85.86
N UNK OA 112 16.79 -141.73 86.33
CA UNK OA 112 15.56 -140.96 86.26
C UNK OA 112 15.47 -140.09 87.52
N UNK OA 113 16.16 -138.95 87.47
CA UNK OA 113 16.25 -138.05 88.61
C UNK OA 113 15.21 -136.94 88.46
N UNK OA 114 14.57 -136.57 89.57
CA UNK OA 114 13.54 -135.55 89.56
C UNK OA 114 13.49 -134.81 90.89
N UNK OA 115 13.37 -133.49 90.82
CA UNK OA 115 13.13 -132.68 92.00
C UNK OA 115 11.97 -131.75 91.71
N UNK OA 116 10.95 -131.77 92.58
CA UNK OA 116 9.76 -130.97 92.35
C UNK OA 116 9.95 -129.51 92.72
N UNK OA 117 11.00 -129.18 93.46
CA UNK OA 117 11.37 -127.80 93.71
C UNK OA 117 12.88 -127.76 93.86
N UNK OA 118 13.50 -126.77 93.22
CA UNK OA 118 14.95 -126.61 93.25
C UNK OA 118 15.25 -125.13 93.11
N UNK OA 119 15.36 -124.43 94.23
CA UNK OA 119 15.62 -122.99 94.25
C UNK OA 119 17.10 -122.81 94.53
N UNK OA 120 17.91 -122.99 93.49
CA UNK OA 120 19.36 -122.96 93.61
C UNK OA 120 19.88 -121.61 93.15
N UNK OA 121 21.20 -121.49 93.08
CA UNK OA 121 21.84 -120.28 92.62
C UNK OA 121 22.76 -120.50 91.43
N UNK OA 122 23.40 -121.66 91.36
CA UNK OA 122 24.22 -122.02 90.19
C UNK OA 122 24.15 -123.54 90.07
N UNK OA 123 23.27 -124.03 89.23
CA UNK OA 123 23.09 -125.46 89.04
C UNK OA 123 23.93 -125.91 87.86
N UNK OA 124 24.97 -126.68 88.14
CA UNK OA 124 25.80 -127.28 87.10
C UNK OA 124 25.38 -128.73 86.94
N UNK OA 125 24.74 -129.05 85.82
CA UNK OA 125 24.31 -130.42 85.54
C UNK OA 125 25.14 -130.96 84.40
N UNK OA 126 25.91 -132.00 84.69
CA UNK OA 126 26.70 -132.69 83.69
C UNK OA 126 26.14 -134.10 83.51
N UNK OA 127 25.85 -134.45 82.26
CA UNK OA 127 25.16 -135.70 81.95
C UNK OA 127 25.95 -136.49 80.93
N UNK OA 128 25.92 -137.82 81.10
CA UNK OA 128 26.72 -138.71 80.26
C UNK OA 128 25.94 -139.97 79.95
N UNK OA 129 25.48 -140.04 78.70
CA UNK OA 129 25.14 -141.17 77.85
C UNK OA 129 23.85 -141.93 78.11
N UNK OA 130 23.18 -141.77 79.25
CA UNK OA 130 21.95 -142.54 79.43
C UNK OA 130 20.78 -141.92 80.16
N UNK OA 131 21.01 -140.96 81.06
CA UNK OA 131 20.05 -140.60 82.10
C UNK OA 131 18.88 -139.76 81.61
N UNK OA 132 18.07 -139.32 82.57
CA UNK OA 132 16.89 -138.49 82.31
C UNK OA 132 16.62 -137.64 83.55
N UNK OA 133 17.09 -136.40 83.52
CA UNK OA 133 16.89 -135.49 84.64
C UNK OA 133 15.72 -134.55 84.37
N UNK OA 134 14.79 -134.47 85.33
CA UNK OA 134 13.62 -133.60 85.21
C UNK OA 134 13.50 -132.77 86.48
N UNK OA 135 14.24 -131.66 86.52
CA UNK OA 135 14.32 -130.81 87.70
C UNK OA 135 13.81 -129.43 87.34
N UNK OA 136 12.78 -128.96 88.05
CA UNK OA 136 12.12 -127.73 87.59
C UNK OA 136 11.47 -126.98 88.76
N UNK OA 137 12.19 -126.02 89.35
CA UNK OA 137 11.46 -124.85 89.82
C UNK OA 137 12.03 -123.52 89.33
N UNK OA 138 13.22 -123.14 89.82
CA UNK OA 138 13.78 -121.80 89.58
C UNK OA 138 15.28 -121.84 89.88
N UNK OA 139 16.10 -121.80 88.85
CA UNK OA 139 17.52 -121.66 89.05
C UNK OA 139 17.89 -120.19 88.94
N UNK OA 140 19.18 -119.89 89.07
CA UNK OA 140 19.67 -118.53 88.88
C UNK OA 140 20.88 -118.45 87.98
N UNK OA 141 21.65 -119.52 87.84
CA UNK OA 141 22.60 -119.67 86.74
C UNK OA 141 22.67 -121.16 86.45
N UNK OA 142 22.06 -121.58 85.35
CA UNK OA 142 22.03 -123.00 85.01
C UNK OA 142 23.04 -123.27 83.91
N UNK OA 143 23.84 -124.32 84.10
CA UNK OA 143 24.84 -124.73 83.11
C UNK OA 143 24.69 -126.23 82.93
N UNK OA 144 24.11 -126.64 81.81
CA UNK OA 144 23.81 -128.03 81.54
C UNK OA 144 24.69 -128.49 80.38
N UNK OA 145 25.71 -129.28 80.71
CA UNK OA 145 26.55 -129.90 79.69
C UNK OA 145 26.10 -131.35 79.57
N UNK OA 146 25.43 -131.66 78.47
CA UNK OA 146 25.01 -133.03 78.20
C UNK OA 146 25.94 -133.59 77.14
N UNK OA 147 27.00 -134.28 77.57
CA UNK OA 147 27.94 -134.94 76.67
C UNK OA 147 27.49 -136.36 76.38
N UNK OA 148 26.29 -136.52 75.84
CA UNK OA 148 25.38 -137.54 76.28
C UNK OA 148 24.44 -137.97 75.18
N UNK OA 149 23.93 -139.20 75.27
CA UNK OA 149 22.79 -139.65 74.48
C UNK OA 149 21.52 -139.61 75.31
N UNK OA 150 21.37 -138.56 76.12
CA UNK OA 150 20.48 -138.56 77.26
C UNK OA 150 19.55 -137.35 77.17
N UNK OA 151 18.65 -137.27 78.15
CA UNK OA 151 17.60 -136.26 78.18
C UNK OA 151 17.74 -135.38 79.40
N UNK OA 152 17.57 -134.07 79.21
CA UNK OA 152 17.55 -133.11 80.30
C UNK OA 152 16.27 -132.30 80.16
N UNK OA 153 15.18 -132.84 80.69
CA UNK OA 153 13.89 -132.18 80.60
C UNK OA 153 13.79 -131.09 81.65
N UNK OA 154 13.20 -129.95 81.28
CA UNK OA 154 13.12 -128.84 82.21
C UNK OA 154 11.93 -127.95 81.89
N UNK OA 155 11.19 -127.61 82.94
CA UNK OA 155 10.39 -126.41 82.99
C UNK OA 155 10.98 -125.47 84.04
N UNK OA 156 12.30 -125.52 84.17
CA UNK OA 156 13.03 -124.83 85.23
C UNK OA 156 13.24 -123.39 84.80
N UNK OA 157 12.60 -122.45 85.49
CA UNK OA 157 12.69 -121.04 85.12
C UNK OA 157 14.01 -120.49 85.65
N UNK OA 158 15.06 -120.65 84.85
CA UNK OA 158 16.37 -120.13 85.20
C UNK OA 158 16.54 -118.72 84.65
N UNK OA 159 17.30 -117.91 85.36
CA UNK OA 159 17.54 -116.54 84.92
C UNK OA 159 18.58 -116.48 83.81
N UNK OA 160 19.77 -117.03 84.03
CA UNK OA 160 20.74 -117.21 82.97
C UNK OA 160 20.92 -118.70 82.76
N UNK OA 161 21.06 -119.09 81.50
CA UNK OA 161 21.15 -120.50 81.16
C UNK OA 161 22.23 -120.70 80.11
N UNK OA 162 22.93 -121.83 80.22
CA UNK OA 162 24.05 -122.16 79.36
C UNK OA 162 24.03 -123.67 79.16
N UNK OA 163 23.47 -124.11 78.05
CA UNK OA 163 23.26 -125.53 77.79
C UNK OA 163 23.99 -125.91 76.51
N UNK OA 164 24.80 -126.95 76.60
CA UNK OA 164 25.56 -127.46 75.47
C UNK OA 164 25.29 -128.94 75.34
N UNK OA 165 24.75 -129.35 74.21
CA UNK OA 165 24.46 -130.75 73.92
C UNK OA 165 25.45 -131.25 72.90
N UNK OA 166 26.15 -132.34 73.22
CA UNK OA 166 27.37 -132.67 72.49
C UNK OA 166 27.23 -133.79 71.47
N UNK OA 167 26.52 -134.89 71.75
CA UNK OA 167 26.39 -135.97 70.76
C UNK OA 167 25.05 -136.68 70.94
N UNK OA 168 24.02 -136.20 70.22
CA UNK OA 168 22.64 -136.70 70.20
C UNK OA 168 22.00 -136.75 71.59
N UNK OA 169 22.09 -135.66 72.32
CA UNK OA 169 21.29 -135.44 73.51
C UNK OA 169 19.95 -134.81 73.15
N UNK OA 170 19.14 -134.56 74.16
CA UNK OA 170 17.92 -133.78 74.00
C UNK OA 170 17.70 -133.04 75.30
N UNK OA 171 17.41 -131.75 75.24
CA UNK OA 171 17.32 -130.93 76.44
C UNK OA 171 16.24 -129.87 76.28
N UNK OA 172 15.31 -129.86 77.21
CA UNK OA 172 14.20 -128.91 77.22
C UNK OA 172 14.53 -127.84 78.25
N UNK OA 173 14.96 -126.68 77.76
CA UNK OA 173 15.39 -125.58 78.61
C UNK OA 173 14.39 -124.43 78.56
N UNK OA 174 14.47 -123.56 79.56
CA UNK OA 174 13.62 -122.38 79.61
C UNK OA 174 14.37 -121.29 80.36
N UNK OA 175 14.79 -120.24 79.67
CA UNK OA 175 15.52 -119.16 80.30
C UNK OA 175 14.62 -117.95 80.51
N UNK OA 176 14.94 -117.14 81.50
CA UNK OA 176 14.22 -115.89 81.71
C UNK OA 176 14.96 -114.71 81.11
N UNK OA 177 16.19 -114.47 81.56
CA UNK OA 177 16.92 -113.28 81.15
C UNK OA 177 17.97 -113.54 80.08
N UNK OA 178 18.75 -114.61 80.21
CA UNK OA 178 19.78 -114.91 79.23
C UNK OA 178 19.70 -116.37 78.85
N UNK OA 179 19.57 -116.65 77.55
CA UNK OA 179 19.64 -118.01 77.03
C UNK OA 179 20.93 -118.17 76.26
N UNK OA 180 21.63 -119.26 76.53
CA UNK OA 180 22.91 -119.55 75.91
C UNK OA 180 22.88 -121.00 75.51
N UNK OA 181 23.00 -121.28 74.22
CA UNK OA 181 22.84 -122.67 73.79
C UNK OA 181 23.83 -123.00 72.69
N UNK OA 182 24.47 -124.14 72.81
CA UNK OA 182 25.22 -124.72 71.71
C UNK OA 182 24.80 -126.17 71.55
N UNK OA 183 24.66 -126.59 70.31
CA UNK OA 183 24.22 -127.95 70.05
C UNK OA 183 25.08 -128.60 68.99
N UNK OA 184 25.24 -129.92 69.09
CA UNK OA 184 26.07 -130.69 68.16
C UNK OA 184 25.44 -132.07 68.00
N UNK OA 185 24.93 -132.35 66.79
CA UNK OA 185 24.24 -133.59 66.36
C UNK OA 185 23.01 -133.93 67.21
N UNK OA 186 22.37 -132.93 67.81
CA UNK OA 186 21.47 -133.14 68.93
C UNK OA 186 20.28 -132.20 68.79
N UNK OA 187 19.54 -132.03 69.89
CA UNK OA 187 18.39 -131.14 69.91
C UNK OA 187 18.36 -130.36 71.21
N UNK OA 188 18.04 -129.08 71.12
CA UNK OA 188 17.84 -128.23 72.29
C UNK OA 188 16.56 -127.45 72.07
N UNK OA 189 15.52 -127.81 72.81
CA UNK OA 189 14.18 -127.25 72.59
C UNK OA 189 13.91 -126.21 73.67
N UNK OA 190 13.95 -124.94 73.28
CA UNK OA 190 13.69 -123.83 74.20
C UNK OA 190 12.19 -123.70 74.38
N UNK OA 191 11.74 -123.77 75.63
CA UNK OA 191 10.32 -123.72 75.92
C UNK OA 191 9.88 -122.38 76.49
N UNK OA 192 10.75 -121.37 76.50
CA UNK OA 192 10.37 -120.02 76.89
C UNK OA 192 11.21 -119.04 76.10
N UNK OA 193 10.61 -117.90 75.75
CA UNK OA 193 11.33 -116.88 75.01
C UNK OA 193 12.11 -116.02 75.99
N UNK OA 194 13.42 -115.92 75.78
CA UNK OA 194 14.29 -115.26 76.74
C UNK OA 194 14.22 -113.76 76.58
N UNK OA 195 14.81 -113.05 77.53
CA UNK OA 195 15.01 -111.62 77.32
C UNK OA 195 16.16 -111.39 76.36
N UNK OA 196 17.17 -112.24 76.38
CA UNK OA 196 18.24 -112.18 75.40
C UNK OA 196 18.66 -113.60 75.07
N UNK OA 197 18.44 -114.01 73.83
CA UNK OA 197 18.67 -115.37 73.39
C UNK OA 197 19.88 -115.42 72.49
N UNK OA 198 20.73 -116.43 72.69
CA UNK OA 198 21.81 -116.67 71.75
C UNK OA 198 22.06 -118.17 71.65
N UNK OA 199 21.96 -118.69 70.45
CA UNK OA 199 22.02 -120.13 70.22
C UNK OA 199 22.85 -120.40 68.98
N UNK OA 200 23.65 -121.46 69.04
CA UNK OA 200 24.57 -121.80 67.98
C UNK OA 200 24.44 -123.29 67.68
N UNK OA 201 24.24 -123.60 66.42
CA UNK OA 201 24.11 -124.97 65.96
C UNK OA 201 25.40 -125.41 65.29
N UNK OA 202 25.85 -126.60 65.63
CA UNK OA 202 26.98 -127.27 65.01
C UNK OA 202 26.48 -128.18 63.91
N UNK OA 203 27.29 -129.18 63.53
CA UNK OA 203 26.93 -130.18 62.54
C UNK OA 203 25.73 -131.00 62.98
N UNK OA 204 24.64 -130.89 62.18
CA UNK OA 204 23.44 -131.72 62.20
C UNK OA 204 22.63 -131.55 63.49
N UNK OA 205 22.51 -130.31 63.96
CA UNK OA 205 21.96 -130.03 65.28
C UNK OA 205 20.87 -128.97 65.20
N UNK OA 206 19.91 -129.06 66.10
CA UNK OA 206 18.73 -128.19 66.05
C UNK OA 206 18.55 -127.49 67.39
N UNK OA 207 18.69 -126.17 67.40
CA UNK OA 207 18.28 -125.38 68.54
C UNK OA 207 16.91 -124.80 68.23
N UNK OA 208 15.91 -125.68 68.17
CA UNK OA 208 14.57 -125.29 67.76
C UNK OA 208 13.86 -124.61 68.91
N UNK OA 209 12.93 -123.71 68.58
CA UNK OA 209 12.20 -122.97 69.60
C UNK OA 209 10.82 -123.59 69.72
N UNK OA 210 10.70 -124.58 70.59
CA UNK OA 210 9.52 -125.43 70.65
C UNK OA 210 8.49 -124.91 71.65
N UNK OA 211 8.14 -123.63 71.50
CA UNK OA 211 7.09 -123.05 72.31
C UNK OA 211 5.74 -123.41 71.71
N UNK OA 212 4.71 -123.34 72.54
CA UNK OA 212 3.36 -123.63 72.09
C UNK OA 212 2.84 -122.43 71.31
N UNK OA 213 2.84 -122.56 69.98
CA UNK OA 213 2.07 -121.65 69.14
C UNK OA 213 0.60 -121.80 69.46
N UNK OA 214 -0.12 -120.67 69.36
CA UNK OA 214 -1.35 -120.35 70.10
C UNK OA 214 -1.16 -120.57 71.59
N UNK OA 215 -0.32 -119.72 72.16
CA UNK OA 215 -0.45 -119.40 73.57
C UNK OA 215 -1.53 -118.33 73.76
N UNK OA 216 -1.75 -117.95 75.02
CA UNK OA 216 -2.73 -116.91 75.30
C UNK OA 216 -2.19 -115.54 74.92
N UNK OA 217 -0.97 -115.23 75.34
CA UNK OA 217 -0.23 -114.09 74.83
C UNK OA 217 1.23 -114.53 74.74
N UNK OA 218 1.60 -115.09 73.61
CA UNK OA 218 3.00 -115.45 73.37
C UNK OA 218 3.73 -114.17 73.01
N UNK OA 219 4.86 -113.93 73.68
CA UNK OA 219 5.62 -112.72 73.42
C UNK OA 219 6.40 -112.86 72.13
N UNK OA 220 6.58 -111.74 71.43
CA UNK OA 220 7.27 -111.71 70.16
C UNK OA 220 8.77 -111.86 70.35
N UNK OA 221 9.43 -112.32 69.30
CA UNK OA 221 10.87 -112.21 69.23
C UNK OA 221 11.22 -110.78 68.85
N UNK OA 222 11.64 -109.99 69.82
CA UNK OA 222 11.80 -108.55 69.66
C UNK OA 222 13.12 -108.21 68.96
N UNK OA 223 13.48 -106.92 68.96
CA UNK OA 223 14.69 -106.46 68.30
C UNK OA 223 15.95 -106.86 69.04
N UNK OA 224 15.86 -107.11 70.33
CA UNK OA 224 16.99 -107.62 71.07
C UNK OA 224 17.07 -109.13 71.07
N UNK OA 225 15.99 -109.84 70.72
CA UNK OA 225 15.99 -111.28 70.83
C UNK OA 225 15.79 -112.01 69.51
N UNK OA 226 15.87 -111.33 68.37
CA UNK OA 226 15.65 -111.99 67.08
C UNK OA 226 16.94 -112.65 66.62
N UNK OA 227 16.95 -113.97 66.58
CA UNK OA 227 18.09 -114.72 66.07
C UNK OA 227 17.60 -115.82 65.13
N UNK OA 228 18.51 -116.27 64.28
CA UNK OA 228 18.20 -117.24 63.25
C UNK OA 228 18.02 -118.66 63.80
N UNK PA 1 -4.16 -126.30 94.85
CA UNK PA 1 -3.13 -127.32 94.73
C UNK PA 1 -1.76 -126.68 94.53
N UNK PA 2 -1.62 -125.45 94.97
CA UNK PA 2 -0.40 -124.68 94.84
C UNK PA 2 0.44 -124.75 96.12
N UNK PA 3 1.47 -123.91 96.20
CA UNK PA 3 2.30 -123.78 97.39
C UNK PA 3 2.81 -122.34 97.40
N UNK PA 4 2.15 -121.49 98.16
CA UNK PA 4 2.49 -120.07 98.17
C UNK PA 4 3.72 -119.83 99.03
N UNK PA 5 4.48 -118.81 98.65
CA UNK PA 5 5.63 -118.36 99.42
C UNK PA 5 5.26 -117.09 100.17
N UNK PA 6 5.99 -116.83 101.25
CA UNK PA 6 5.61 -115.79 102.20
C UNK PA 6 6.19 -114.42 101.86
N UNK PA 7 6.72 -114.22 100.68
CA UNK PA 7 7.28 -112.94 100.28
C UNK PA 7 6.18 -112.09 99.64
N UNK PA 8 6.58 -111.00 98.99
CA UNK PA 8 5.63 -110.27 98.15
C UNK PA 8 5.36 -111.07 96.90
N UNK PA 9 4.26 -111.84 96.94
CA UNK PA 9 3.52 -112.35 95.78
C UNK PA 9 4.27 -113.40 94.96
N UNK PA 10 4.76 -114.44 95.63
CA UNK PA 10 5.35 -115.58 94.93
C UNK PA 10 4.60 -116.86 95.26
N UNK PA 11 4.53 -117.78 94.29
CA UNK PA 11 3.77 -119.01 94.48
C UNK PA 11 4.33 -120.09 93.57
N UNK PA 12 4.91 -121.13 94.16
CA UNK PA 12 5.20 -122.30 93.34
C UNK PA 12 3.92 -123.11 93.18
N UNK PA 13 3.89 -123.96 92.17
CA UNK PA 13 2.70 -124.74 91.90
C UNK PA 13 3.10 -126.10 91.31
N UNK PA 14 2.44 -127.14 91.79
CA UNK PA 14 2.81 -128.51 91.44
C UNK PA 14 1.66 -129.22 90.75
N UNK PA 15 1.01 -128.55 89.79
CA UNK PA 15 0.09 -129.25 88.91
C UNK PA 15 0.87 -130.13 87.95
N UNK PA 16 1.71 -129.52 87.11
CA UNK PA 16 2.82 -130.22 86.50
C UNK PA 16 4.15 -129.64 86.96
N UNK PA 17 4.39 -128.36 86.66
CA UNK PA 17 5.57 -127.60 87.08
C UNK PA 17 5.32 -126.11 86.91
N UNK PA 18 5.36 -125.34 87.99
CA UNK PA 18 5.28 -123.89 87.89
C UNK PA 18 5.98 -123.25 89.08
N UNK PA 19 6.59 -122.07 88.83
CA UNK PA 19 7.02 -121.17 89.91
C UNK PA 19 6.62 -119.76 89.48
N UNK PA 20 5.38 -119.37 89.76
CA UNK PA 20 4.81 -118.15 89.23
C UNK PA 20 4.69 -117.09 90.32
N UNK PA 21 4.07 -115.98 89.96
CA UNK PA 21 3.92 -114.85 90.87
C UNK PA 21 2.46 -114.45 90.98
N UNK PA 22 2.07 -114.08 92.19
CA UNK PA 22 0.72 -113.60 92.49
C UNK PA 22 0.70 -112.07 92.37
N UNK PA 23 -0.32 -111.44 92.92
CA UNK PA 23 -0.30 -110.00 93.13
C UNK PA 23 -0.19 -109.61 94.60
N UNK PA 24 -0.86 -110.38 95.48
CA UNK PA 24 -0.88 -110.25 96.96
C UNK PA 24 -1.35 -108.88 97.43
N UNK PA 25 -2.30 -108.29 96.72
CA UNK PA 25 -2.98 -107.07 97.14
C UNK PA 25 -4.49 -107.17 97.02
N UNK PA 26 -4.99 -108.05 96.15
CA UNK PA 26 -6.42 -108.34 96.08
C UNK PA 26 -6.78 -109.63 96.81
N UNK PA 27 -5.77 -110.46 97.13
CA UNK PA 27 -5.82 -111.64 98.02
C UNK PA 27 -6.77 -112.73 97.52
N UNK PA 28 -6.48 -113.26 96.34
CA UNK PA 28 -7.22 -114.40 95.80
C UNK PA 28 -6.43 -115.67 96.09
N UNK PA 29 -6.22 -115.92 97.38
CA UNK PA 29 -5.51 -117.11 97.84
C UNK PA 29 -6.51 -118.21 98.23
N UNK PA 30 -7.31 -118.60 97.24
CA UNK PA 30 -8.45 -119.48 97.51
C UNK PA 30 -8.04 -120.95 97.60
N UNK PA 31 -6.81 -121.28 97.15
CA UNK PA 31 -6.23 -122.64 97.01
C UNK PA 31 -7.11 -123.55 96.15
N UNK PA 32 -7.70 -122.98 95.10
CA UNK PA 32 -8.62 -123.72 94.24
C UNK PA 32 -8.53 -123.09 92.86
N UNK PA 33 -7.93 -123.82 91.92
CA UNK PA 33 -7.62 -123.28 90.62
C UNK PA 33 -7.56 -124.42 89.62
N UNK PA 34 -7.26 -124.07 88.37
CA UNK PA 34 -6.96 -125.03 87.32
C UNK PA 34 -5.61 -124.63 86.74
N UNK PA 35 -4.54 -125.07 87.40
CA UNK PA 35 -3.19 -124.70 87.00
C UNK PA 35 -2.69 -125.62 85.90
N UNK PA 36 -2.04 -125.05 84.91
CA UNK PA 36 -1.56 -125.78 83.74
C UNK PA 36 -0.11 -125.41 83.46
N UNK PA 37 0.50 -126.16 82.55
CA UNK PA 37 1.85 -125.85 82.07
C UNK PA 37 1.82 -125.01 80.81
N UNK PA 38 1.06 -123.91 80.85
CA UNK PA 38 1.08 -122.86 79.86
C UNK PA 38 1.07 -121.51 80.54
N UNK PA 39 1.57 -121.49 81.79
CA UNK PA 39 1.66 -120.35 82.72
C UNK PA 39 0.29 -119.73 82.99
N UNK PA 40 -0.57 -120.51 83.61
CA UNK PA 40 -1.93 -120.04 83.89
C UNK PA 40 -2.42 -120.69 85.18
N UNK PA 41 -2.32 -119.96 86.29
CA UNK PA 41 -2.96 -120.36 87.53
C UNK PA 41 -4.28 -119.61 87.61
N UNK PA 42 -5.31 -120.17 86.99
CA UNK PA 42 -6.61 -119.52 86.88
C UNK PA 42 -7.43 -119.87 88.11
N UNK PA 43 -7.47 -118.94 89.06
CA UNK PA 43 -8.10 -119.15 90.36
C UNK PA 43 -9.61 -118.88 90.28
N UNK PA 44 -10.24 -118.78 91.45
CA UNK PA 44 -11.68 -118.53 91.51
C UNK PA 44 -11.99 -117.08 91.18
N UNK PA 45 -11.18 -116.15 91.67
CA UNK PA 45 -11.42 -114.74 91.38
C UNK PA 45 -10.86 -114.36 90.02
N UNK PA 46 -9.56 -114.53 89.84
CA UNK PA 46 -8.87 -114.05 88.64
C UNK PA 46 -7.87 -115.10 88.20
N UNK PA 47 -6.94 -114.71 87.32
CA UNK PA 47 -5.92 -115.60 86.80
C UNK PA 47 -4.55 -115.08 87.15
N UNK PA 48 -3.61 -116.00 87.32
CA UNK PA 48 -2.24 -115.66 87.68
C UNK PA 48 -1.27 -116.38 86.76
N UNK PA 49 -0.14 -115.72 86.49
CA UNK PA 49 0.87 -116.26 85.59
C UNK PA 49 2.25 -115.98 86.19
N UNK PA 50 3.28 -116.45 85.49
CA UNK PA 50 4.65 -116.06 85.81
C UNK PA 50 4.85 -114.61 85.39
N UNK PA 51 4.98 -113.72 86.36
CA UNK PA 51 4.97 -112.29 86.07
C UNK PA 51 6.33 -111.84 85.57
N UNK PA 52 6.33 -110.79 84.75
CA UNK PA 52 7.54 -110.27 84.17
C UNK PA 52 7.67 -108.77 84.44
N UNK QA 1 15.33 -107.04 23.07
CA UNK QA 1 13.98 -107.01 23.65
C UNK QA 1 13.69 -108.35 24.31
N UNK QA 2 12.49 -108.90 24.08
CA UNK QA 2 12.11 -110.20 24.62
C UNK QA 2 12.85 -111.30 23.86
N UNK QA 3 14.01 -111.69 24.37
CA UNK QA 3 14.89 -112.62 23.69
C UNK QA 3 14.85 -113.96 24.40
N UNK QA 4 14.79 -115.02 23.58
CA UNK QA 4 15.00 -116.43 23.90
C UNK QA 4 13.95 -117.05 24.81
N UNK QA 5 12.84 -116.37 25.08
CA UNK QA 5 11.61 -117.10 25.38
C UNK QA 5 10.98 -117.50 24.07
N UNK QA 6 10.58 -116.50 23.28
CA UNK QA 6 10.26 -116.56 21.86
C UNK QA 6 10.41 -115.13 21.36
N UNK QA 7 9.84 -114.84 20.20
CA UNK QA 7 9.71 -113.45 19.82
C UNK QA 7 8.48 -112.83 20.50
N UNK QA 8 8.35 -111.51 20.37
CA UNK QA 8 7.25 -110.78 20.99
C UNK QA 8 5.96 -111.00 20.22
N UNK QA 9 4.95 -111.56 20.87
CA UNK QA 9 3.70 -111.82 20.17
C UNK QA 9 2.81 -110.58 20.13
N UNK QA 10 2.30 -110.17 21.27
CA UNK QA 10 1.44 -109.01 21.37
C UNK QA 10 2.24 -107.87 21.99
N UNK QA 11 1.56 -106.77 22.28
CA UNK QA 11 2.07 -105.73 23.16
C UNK QA 11 0.89 -105.40 24.06
N UNK QA 12 0.90 -105.97 25.26
CA UNK QA 12 -0.26 -105.91 26.14
C UNK QA 12 -0.37 -104.54 26.78
N UNK QA 13 -1.43 -103.83 26.44
CA UNK QA 13 -1.68 -102.54 27.04
C UNK QA 13 -2.12 -102.71 28.49
N UNK QA 14 -1.79 -101.69 29.29
CA UNK QA 14 -1.75 -101.66 30.76
C UNK QA 14 -0.85 -102.76 31.36
N UNK QA 15 0.22 -103.11 30.65
CA UNK QA 15 1.16 -104.13 31.06
C UNK QA 15 2.47 -103.91 30.33
N UNK QA 16 3.34 -104.91 30.39
CA UNK QA 16 4.56 -104.97 29.60
C UNK QA 16 4.25 -105.67 28.27
N UNK QA 17 5.27 -105.89 27.45
CA UNK QA 17 5.08 -106.61 26.19
C UNK QA 17 4.90 -108.09 26.46
N UNK QA 18 4.25 -108.77 25.54
CA UNK QA 18 3.86 -110.16 25.72
C UNK QA 18 4.62 -111.00 24.72
N UNK QA 19 5.66 -111.67 25.18
CA UNK QA 19 6.43 -112.59 24.36
C UNK QA 19 5.63 -113.86 24.11
N UNK QA 20 6.04 -114.64 23.12
CA UNK QA 20 5.22 -115.77 22.69
C UNK QA 20 5.53 -117.06 23.44
N UNK QA 21 6.09 -116.98 24.64
CA UNK QA 21 5.83 -117.95 25.68
C UNK QA 21 5.14 -117.30 26.88
N UNK QA 22 5.79 -116.33 27.52
CA UNK QA 22 5.32 -115.73 28.76
C UNK QA 22 5.32 -114.21 28.65
N UNK QA 23 5.03 -113.51 29.76
CA UNK QA 23 4.99 -112.06 29.75
C UNK QA 23 6.40 -111.52 29.97
N UNK QA 24 6.83 -110.61 29.09
CA UNK QA 24 8.23 -110.21 29.02
C UNK QA 24 8.56 -109.19 30.10
N UNK QA 25 9.84 -108.86 30.19
CA UNK QA 25 10.30 -107.87 31.15
C UNK QA 25 10.48 -106.50 30.51
N UNK QA 26 10.20 -106.36 29.23
CA UNK QA 26 10.39 -105.10 28.54
C UNK QA 26 9.06 -104.36 28.47
N UNK QA 27 9.07 -103.08 28.77
CA UNK QA 27 7.83 -102.33 28.95
C UNK QA 27 7.26 -101.92 27.59
N UNK QA 28 5.97 -102.15 27.40
CA UNK QA 28 5.35 -101.97 26.09
C UNK QA 28 5.00 -100.51 25.83
N UNK QA 29 4.12 -99.93 26.65
CA UNK QA 29 3.65 -98.58 26.46
C UNK QA 29 4.43 -97.61 27.33
N UNK QA 30 4.00 -96.36 27.34
CA UNK QA 30 4.58 -95.41 28.28
C UNK QA 30 3.96 -95.55 29.65
N UNK QA 31 2.72 -96.04 29.71
CA UNK QA 31 1.94 -96.01 30.93
C UNK QA 31 1.87 -97.35 31.63
N UNK QA 32 2.97 -98.08 31.66
CA UNK QA 32 3.06 -99.30 32.46
C UNK QA 32 3.72 -98.98 33.79
N UNK QA 33 3.86 -99.98 34.66
CA UNK QA 33 4.38 -99.75 35.99
C UNK QA 33 5.92 -99.79 36.01
N UNK QA 34 6.51 -98.83 35.32
CA UNK QA 34 7.96 -98.66 35.35
C UNK QA 34 8.30 -97.89 36.60
N UNK QA 35 8.85 -98.59 37.60
CA UNK QA 35 9.05 -98.03 38.95
C UNK QA 35 10.22 -97.08 38.97
N UNK QA 36 9.98 -95.87 38.44
CA UNK QA 36 11.00 -94.85 38.37
C UNK QA 36 11.09 -94.18 39.72
N UNK QA 37 12.30 -93.85 40.15
CA UNK QA 37 12.47 -93.14 41.40
C UNK QA 37 13.54 -92.06 41.29
N UNK QA 38 13.95 -91.69 40.07
CA UNK QA 38 14.88 -90.58 39.88
C UNK QA 38 14.39 -89.73 38.72
N UNK QA 39 13.64 -88.68 39.04
CA UNK QA 39 13.27 -87.68 38.05
C UNK QA 39 14.47 -86.84 37.67
N UNK QA 40 14.43 -86.32 36.44
CA UNK QA 40 15.47 -85.40 35.98
C UNK QA 40 14.73 -84.20 35.41
N UNK QA 41 14.37 -83.26 36.29
CA UNK QA 41 13.61 -82.10 35.88
C UNK QA 41 13.86 -80.96 36.84
N UNK QA 42 13.85 -79.75 36.31
CA UNK QA 42 13.95 -78.57 37.14
C UNK QA 42 12.63 -78.35 37.85
N UNK QA 43 12.73 -77.96 39.13
CA UNK QA 43 11.62 -77.65 40.05
C UNK QA 43 10.67 -78.82 40.25
N UNK QA 44 11.21 -80.04 40.25
CA UNK QA 44 10.42 -81.22 40.55
C UNK QA 44 10.17 -81.26 42.06
N UNK QA 45 8.96 -81.71 42.42
CA UNK QA 45 8.38 -81.93 43.77
C UNK QA 45 8.12 -80.65 44.59
N UNK QA 46 8.46 -79.48 44.05
CA UNK QA 46 7.62 -78.30 44.12
C UNK QA 46 6.84 -78.29 42.80
N UNK QA 47 6.14 -77.21 42.50
CA UNK QA 47 5.48 -77.13 41.21
C UNK QA 47 6.51 -76.75 40.14
N UNK QA 48 6.08 -76.81 38.87
CA UNK QA 48 6.96 -76.81 37.72
C UNK QA 48 7.59 -75.44 37.44
N UNK QA 49 8.39 -75.37 36.38
CA UNK QA 49 9.07 -74.14 36.00
C UNK QA 49 8.07 -73.17 35.38
N UNK QA 50 7.90 -72.01 36.01
CA UNK QA 50 6.99 -70.98 35.53
C UNK QA 50 7.57 -70.36 34.26
N UNK QA 51 7.04 -70.79 33.12
CA UNK QA 51 7.73 -70.70 31.83
C UNK QA 51 7.80 -69.30 31.24
N UNK QA 52 7.01 -68.36 31.75
CA UNK QA 52 6.97 -67.02 31.17
C UNK QA 52 8.08 -66.11 31.64
N UNK QA 53 8.94 -66.57 32.56
CA UNK QA 53 10.02 -65.73 33.05
C UNK QA 53 11.16 -65.64 32.05
N UNK QA 54 11.76 -64.45 31.97
CA UNK QA 54 12.96 -64.22 31.18
C UNK QA 54 13.88 -63.34 32.02
N UNK QA 55 14.70 -63.99 32.85
CA UNK QA 55 15.59 -63.30 33.77
C UNK QA 55 16.79 -64.21 34.01
N UNK QA 56 17.54 -63.94 35.08
CA UNK QA 56 18.67 -64.79 35.42
C UNK QA 56 18.23 -66.06 36.14
N UNK QA 57 17.41 -65.91 37.18
CA UNK QA 57 16.99 -67.04 37.99
C UNK QA 57 15.88 -67.82 37.30
N UNK QA 58 15.56 -68.98 37.87
CA UNK QA 58 14.51 -69.85 37.36
C UNK QA 58 13.49 -70.05 38.47
N UNK QA 59 12.49 -69.17 38.53
CA UNK QA 59 11.45 -69.28 39.53
C UNK QA 59 10.48 -70.40 39.15
N UNK QA 60 9.87 -71.01 40.16
CA UNK QA 60 8.97 -72.11 39.90
C UNK QA 60 7.52 -71.63 39.90
N UNK QA 61 6.60 -72.54 39.56
CA UNK QA 61 5.18 -72.20 39.63
C UNK QA 61 4.60 -72.35 41.03
N UNK QA 62 5.38 -72.83 42.00
CA UNK QA 62 5.08 -72.67 43.40
C UNK QA 62 5.80 -71.49 44.01
N UNK QA 63 6.38 -70.63 43.15
CA UNK QA 63 7.05 -69.36 43.46
C UNK QA 63 8.24 -69.51 44.38
N UNK QA 64 8.93 -70.63 44.28
CA UNK QA 64 10.23 -70.78 44.92
C UNK QA 64 11.31 -70.72 43.86
N UNK QA 65 12.38 -69.99 44.16
CA UNK QA 65 13.48 -69.84 43.23
C UNK QA 65 14.34 -71.10 43.28
N UNK QA 66 14.48 -71.75 42.13
CA UNK QA 66 15.24 -72.99 42.05
C UNK QA 66 16.72 -72.64 42.02
N UNK QA 67 17.36 -72.75 43.18
CA UNK QA 67 18.77 -72.38 43.30
C UNK QA 67 19.70 -73.39 42.65
N UNK QA 68 19.25 -74.63 42.46
CA UNK QA 68 20.06 -75.63 41.78
C UNK QA 68 19.93 -75.57 40.27
N UNK QA 69 19.06 -74.72 39.73
CA UNK QA 69 18.88 -74.66 38.29
C UNK QA 69 19.08 -73.25 37.75
N UNK QA 70 19.48 -72.30 38.57
CA UNK QA 70 19.70 -70.94 38.11
C UNK QA 70 21.17 -70.70 37.77
N LYS RA 24 52.64 -100.84 62.13
CA LYS RA 24 51.33 -100.54 61.56
C LYS RA 24 50.35 -100.14 62.65
N PHE RA 25 49.54 -99.12 62.38
CA PHE RA 25 48.58 -98.61 63.33
C PHE RA 25 47.22 -98.52 62.68
N LYS RA 26 46.20 -99.07 63.35
CA LYS RA 26 44.85 -99.11 62.81
C LYS RA 26 43.84 -99.05 63.93
N LYS RA 27 43.03 -97.99 63.93
CA LYS RA 27 41.81 -97.88 64.68
C LYS RA 27 40.77 -98.83 64.07
N PRO RA 28 39.85 -99.40 64.87
CA PRO RA 28 39.03 -100.57 64.41
C PRO RA 28 38.04 -100.31 63.26
N PRO RA 29 37.06 -99.35 63.33
CA PRO RA 29 35.94 -99.48 62.39
C PRO RA 29 36.23 -98.80 61.07
N ILE RA 30 37.08 -99.41 60.25
CA ILE RA 30 37.39 -98.89 58.94
C ILE RA 30 36.23 -99.31 58.05
N ASN RA 31 35.27 -98.42 57.90
CA ASN RA 31 34.02 -98.70 57.22
C ASN RA 31 34.17 -98.31 55.75
N ASN RA 32 33.04 -98.19 55.05
CA ASN RA 32 33.03 -97.70 53.69
C ASN RA 32 33.31 -96.21 53.65
N PRO RA 33 33.71 -95.67 52.49
CA PRO RA 33 33.78 -94.21 52.38
C PRO RA 33 32.40 -93.56 52.38
N SER RA 34 32.11 -92.87 53.47
CA SER RA 34 30.88 -92.11 53.56
C SER RA 34 31.01 -90.83 52.76
N ASP RA 35 29.86 -90.23 52.47
CA ASP RA 35 29.86 -88.95 51.81
C ASP RA 35 28.97 -87.98 52.56
N ASP RA 36 29.09 -86.73 52.12
CA ASP RA 36 28.79 -85.57 52.94
C ASP RA 36 27.30 -85.36 53.07
N ALA RA 37 26.53 -85.90 52.11
CA ALA RA 37 25.08 -85.86 52.10
C ALA RA 37 24.49 -86.66 53.23
N THR RA 38 24.83 -87.94 53.32
CA THR RA 38 24.29 -88.76 54.38
C THR RA 38 24.98 -88.52 55.70
N ILE RA 39 26.15 -87.86 55.71
CA ILE RA 39 26.73 -87.34 56.95
C ILE RA 39 25.84 -86.26 57.57
N LYS RA 40 25.42 -85.26 56.78
CA LYS RA 40 24.56 -84.25 57.38
C LYS RA 40 23.12 -84.68 57.50
N LEU RA 41 22.70 -85.70 56.74
CA LEU RA 41 21.42 -86.33 56.97
C LEU RA 41 21.38 -87.11 58.26
N ALA RA 42 22.49 -87.77 58.61
CA ALA RA 42 22.55 -88.53 59.86
C ALA RA 42 22.63 -87.62 61.06
N GLU RA 43 23.36 -86.51 60.96
CA GLU RA 43 23.39 -85.63 62.12
C GLU RA 43 22.18 -84.72 62.21
N ALA RA 44 21.38 -84.59 61.15
CA ALA RA 44 20.03 -84.07 61.34
C ALA RA 44 19.13 -85.12 61.98
N ALA RA 45 19.32 -86.36 61.57
CA ALA RA 45 18.46 -87.48 61.90
C ALA RA 45 18.53 -87.86 63.38
N VAL RA 46 19.72 -87.79 63.98
CA VAL RA 46 19.83 -88.09 65.40
C VAL RA 46 19.24 -87.00 66.29
N SER RA 47 19.21 -85.74 65.81
CA SER RA 47 18.60 -84.65 66.55
C SER RA 47 17.10 -84.74 66.52
N VAL RA 48 16.55 -85.14 65.37
CA VAL RA 48 15.10 -85.25 65.33
C VAL RA 48 14.65 -86.57 65.97
N SER RA 49 15.57 -87.55 66.05
CA SER RA 49 15.33 -88.81 66.73
C SER RA 49 15.21 -88.63 68.23
N ASP RA 50 16.18 -87.95 68.85
CA ASP RA 50 16.03 -87.80 70.30
C ASP RA 50 15.07 -86.67 70.69
N SER RA 51 14.72 -85.77 69.75
CA SER RA 51 13.58 -84.88 69.94
C SER RA 51 12.26 -85.64 70.05
N MET RA 52 12.04 -86.59 69.12
CA MET RA 52 10.87 -87.45 69.14
C MET RA 52 10.89 -88.42 70.33
N LEU RA 53 12.08 -88.80 70.79
CA LEU RA 53 12.22 -89.68 71.94
C LEU RA 53 11.83 -88.97 73.24
N GLU RA 54 12.24 -87.70 73.40
CA GLU RA 54 11.90 -87.01 74.63
C GLU RA 54 10.44 -86.54 74.63
N MET RA 55 9.85 -86.28 73.45
CA MET RA 55 8.42 -86.03 73.46
C MET RA 55 7.59 -87.29 73.62
N ALA RA 56 8.13 -88.48 73.27
CA ALA RA 56 7.45 -89.72 73.56
C ALA RA 56 7.49 -90.04 75.04
N LYS RA 57 8.60 -89.68 75.68
CA LYS RA 57 8.73 -89.75 77.14
C LYS RA 57 7.73 -88.83 77.84
N VAL RA 58 7.57 -87.61 77.30
CA VAL RA 58 6.67 -86.61 77.87
C VAL RA 58 5.21 -87.02 77.71
N GLU RA 59 4.86 -87.61 76.55
CA GLU RA 59 3.50 -88.09 76.32
C GLU RA 59 3.18 -89.32 77.14
N LYS RA 60 4.16 -90.22 77.29
CA LYS RA 60 3.91 -91.44 78.03
C LYS RA 60 3.94 -91.25 79.53
N VAL RA 61 4.44 -90.12 80.03
CA VAL RA 61 4.30 -89.88 81.46
C VAL RA 61 3.19 -88.85 81.76
N ILE RA 62 2.70 -88.11 80.77
CA ILE RA 62 1.50 -87.32 81.03
C ILE RA 62 0.24 -88.19 80.97
N THR RA 63 0.20 -89.22 80.12
CA THR RA 63 -0.89 -90.14 80.19
C THR RA 63 -0.27 -91.53 80.27
N PRO RA 64 -0.66 -92.36 81.23
CA PRO RA 64 -0.19 -93.73 81.23
C PRO RA 64 -0.91 -94.53 80.15
N PRO RA 65 -0.15 -95.29 79.33
CA PRO RA 65 -0.83 -96.20 78.41
C PRO RA 65 -1.37 -97.39 79.18
N SER RA 66 -2.69 -97.37 79.37
CA SER RA 66 -3.31 -98.20 80.39
C SER RA 66 -3.50 -99.64 79.94
N LYS RA 67 -3.84 -99.87 78.68
CA LYS RA 67 -3.95 -101.22 78.17
C LYS RA 67 -3.57 -101.28 76.71
N ASP RA 68 -3.39 -102.50 76.24
CA ASP RA 68 -2.72 -102.81 74.99
C ASP RA 68 -3.73 -102.87 73.84
N ASN RA 69 -3.31 -103.40 72.70
CA ASN RA 69 -4.23 -103.85 71.67
C ASN RA 69 -4.11 -105.35 71.46
N THR RA 70 -3.41 -106.05 72.34
CA THR RA 70 -3.31 -107.49 72.22
C THR RA 70 -4.55 -108.19 72.74
N LEU RA 71 -5.37 -107.50 73.52
CA LEU RA 71 -6.65 -108.07 73.93
C LEU RA 71 -7.70 -107.92 72.84
N THR RA 72 -7.50 -107.03 71.88
CA THR RA 72 -8.40 -106.94 70.75
C THR RA 72 -7.83 -107.49 69.46
N ILE RA 73 -6.53 -107.73 69.41
CA ILE RA 73 -5.91 -108.61 68.41
C ILE RA 73 -5.20 -109.69 69.20
N PRO RA 74 -5.86 -110.78 69.55
CA PRO RA 74 -5.14 -111.88 70.22
C PRO RA 74 -4.48 -112.79 69.19
N ASN RA 75 -3.49 -113.53 69.67
CA ASN RA 75 -2.72 -114.36 68.75
C ASN RA 75 -3.48 -115.63 68.43
N ALA RA 76 -3.05 -116.29 67.35
CA ALA RA 76 -3.67 -117.55 66.98
C ALA RA 76 -2.65 -118.45 66.31
N TYR RA 77 -2.87 -119.75 66.46
CA TYR RA 77 -2.31 -120.74 65.57
C TYR RA 77 -2.89 -120.47 64.20
N ASN RA 78 -1.99 -120.18 63.25
CA ASN RA 78 -2.04 -119.65 61.86
C ASN RA 78 -2.16 -118.12 61.86
N LEU RA 79 -2.17 -117.46 63.00
CA LEU RA 79 -1.68 -116.09 63.05
C LEU RA 79 -0.23 -116.03 63.46
N GLN RA 80 0.35 -117.17 63.77
CA GLN RA 80 1.75 -117.21 64.19
C GLN RA 80 2.69 -117.52 63.04
N ALA RA 81 2.23 -117.40 61.81
CA ALA RA 81 3.15 -117.35 60.69
C ALA RA 81 3.85 -116.00 60.67
N ARG RA 82 5.02 -115.95 60.07
CA ARG RA 82 5.82 -114.75 60.17
C ARG RA 82 5.83 -114.02 58.83
N ALA RA 83 6.20 -112.75 58.88
CA ALA RA 83 6.23 -111.94 57.68
C ALA RA 83 7.29 -110.87 57.82
N SER RA 84 7.88 -110.51 56.69
CA SER RA 84 8.89 -109.47 56.69
C SER RA 84 8.49 -108.48 55.62
N VAL RA 85 8.18 -107.26 56.03
CA VAL RA 85 7.33 -106.39 55.23
C VAL RA 85 7.88 -104.98 55.20
N ASP RA 86 8.07 -104.43 54.00
CA ASP RA 86 8.00 -103.01 53.80
C ASP RA 86 6.77 -102.70 52.96
N TRP RA 87 6.12 -101.60 53.26
CA TRP RA 87 4.84 -101.23 52.69
C TRP RA 87 4.65 -99.75 52.95
N SER RA 88 4.01 -99.07 52.03
CA SER RA 88 3.85 -97.63 52.19
C SER RA 88 2.50 -97.14 51.72
N GLY RA 89 1.64 -98.02 51.28
CA GLY RA 89 0.41 -97.61 50.66
C GLY RA 89 -0.72 -97.47 51.64
N PRO RA 90 -1.95 -97.64 51.18
CA PRO RA 90 -3.09 -97.64 52.09
C PRO RA 90 -3.17 -98.95 52.86
N ILE RA 91 -4.04 -98.95 53.87
CA ILE RA 91 -4.01 -100.00 54.87
C ILE RA 91 -4.72 -101.27 54.42
N GLU RA 92 -5.80 -101.16 53.64
CA GLU RA 92 -6.71 -102.27 53.44
C GLU RA 92 -6.20 -103.29 52.44
N GLU RA 93 -5.30 -102.87 51.53
CA GLU RA 93 -4.59 -103.79 50.65
C GLU RA 93 -3.64 -104.66 51.44
N LEU RA 94 -2.97 -104.03 52.41
CA LEU RA 94 -1.96 -104.71 53.21
C LEU RA 94 -2.62 -105.67 54.19
N THR RA 95 -3.68 -105.25 54.85
CA THR RA 95 -4.35 -106.12 55.80
C THR RA 95 -5.19 -107.20 55.15
N ALA RA 96 -5.66 -106.98 53.92
CA ALA RA 96 -6.27 -108.07 53.16
C ALA RA 96 -5.23 -109.09 52.75
N ARG RA 97 -4.00 -108.65 52.48
CA ARG RA 97 -2.93 -109.61 52.21
C ARG RA 97 -2.47 -110.37 53.45
N ILE RA 98 -2.51 -109.71 54.62
CA ILE RA 98 -2.18 -110.35 55.90
C ILE RA 98 -3.23 -111.41 56.25
N ALA RA 99 -4.51 -111.08 56.07
CA ALA RA 99 -5.57 -112.02 56.38
C ALA RA 99 -5.70 -113.13 55.36
N LYS RA 100 -5.32 -112.85 54.10
CA LYS RA 100 -5.26 -113.91 53.10
C LYS RA 100 -4.13 -114.88 53.39
N ALA RA 101 -3.00 -114.39 53.88
CA ALA RA 101 -1.93 -115.28 54.29
C ALA RA 101 -2.23 -115.98 55.61
N ALA RA 102 -3.06 -115.40 56.45
CA ALA RA 102 -3.43 -116.04 57.71
C ALA RA 102 -4.65 -116.90 57.59
N HIS RA 103 -5.25 -116.98 56.38
CA HIS RA 103 -6.46 -117.73 56.03
C HIS RA 103 -7.67 -117.27 56.83
N PHE RA 104 -7.71 -115.99 57.13
CA PHE RA 104 -8.80 -115.37 57.85
C PHE RA 104 -9.64 -114.62 56.83
N ARG RA 105 -10.95 -114.67 56.99
CA ARG RA 105 -11.82 -113.83 56.20
C ARG RA 105 -11.69 -112.40 56.68
N PHE RA 106 -11.51 -111.48 55.76
CA PHE RA 106 -11.23 -110.10 56.08
C PHE RA 106 -12.47 -109.27 55.78
N ARG RA 107 -13.00 -108.62 56.80
CA ARG RA 107 -14.19 -107.82 56.60
C ARG RA 107 -13.96 -106.41 57.11
N VAL RA 108 -14.65 -105.46 56.48
CA VAL RA 108 -14.43 -104.05 56.71
C VAL RA 108 -15.70 -103.45 57.30
N LEU RA 109 -15.52 -102.62 58.33
CA LEU RA 109 -16.63 -101.90 58.92
C LEU RA 109 -16.37 -100.41 58.73
N GLY RA 110 -17.43 -99.67 58.42
CA GLY RA 110 -17.30 -98.26 58.13
C GLY RA 110 -17.05 -98.03 56.65
N LYS RA 111 -17.27 -96.82 56.19
CA LYS RA 111 -16.86 -96.48 54.85
C LYS RA 111 -15.43 -95.99 54.90
N SER RA 112 -14.75 -96.10 53.80
CA SER RA 112 -13.40 -95.60 53.72
C SER RA 112 -13.43 -94.08 53.59
N PRO RA 113 -12.47 -93.36 54.15
CA PRO RA 113 -12.44 -91.92 53.97
C PRO RA 113 -11.97 -91.55 52.58
N SER RA 114 -12.20 -90.30 52.21
CA SER RA 114 -11.89 -89.84 50.88
C SER RA 114 -10.41 -89.55 50.73
N VAL RA 115 -9.80 -89.00 51.77
CA VAL RA 115 -8.36 -89.11 51.94
C VAL RA 115 -8.02 -90.56 52.27
N PRO RA 116 -6.88 -91.09 51.85
CA PRO RA 116 -6.54 -92.43 52.29
C PRO RA 116 -5.99 -92.38 53.70
N VAL RA 117 -6.12 -93.49 54.40
CA VAL RA 117 -5.32 -93.73 55.58
C VAL RA 117 -4.17 -94.61 55.14
N LEU RA 118 -2.97 -94.05 55.20
CA LEU RA 118 -1.76 -94.71 54.73
C LEU RA 118 -0.91 -95.07 55.91
N ILE RA 119 -0.43 -96.30 55.93
CA ILE RA 119 0.55 -96.71 56.89
C ILE RA 119 1.83 -97.00 56.14
N SER RA 120 2.90 -97.21 56.87
CA SER RA 120 4.19 -97.49 56.25
C SER RA 120 4.92 -98.42 57.23
N ILE RA 121 5.05 -99.67 56.84
CA ILE RA 121 5.57 -100.70 57.72
C ILE RA 121 6.86 -101.21 57.12
N SER RA 122 7.94 -101.11 57.88
CA SER RA 122 9.24 -101.63 57.44
C SER RA 122 9.83 -102.37 58.63
N THR RA 123 9.58 -103.66 58.68
CA THR RA 123 10.28 -104.50 59.64
C THR RA 123 10.65 -105.81 58.97
N LYS RA 124 11.46 -106.58 59.70
CA LYS RA 124 11.99 -107.83 59.20
C LYS RA 124 11.68 -108.90 60.22
N ASP RA 125 10.85 -109.86 59.80
CA ASP RA 125 10.47 -111.10 60.50
C ASP RA 125 9.79 -110.83 61.86
N GLU RA 126 8.61 -110.25 61.75
CA GLU RA 126 7.64 -110.31 62.84
C GLU RA 126 6.54 -111.28 62.47
N SER RA 127 5.81 -111.75 63.46
CA SER RA 127 4.67 -112.60 63.15
C SER RA 127 3.47 -111.73 62.79
N LEU RA 128 2.39 -112.42 62.39
CA LEU RA 128 1.24 -111.73 61.83
C LEU RA 128 0.41 -111.05 62.91
N ALA RA 129 0.49 -111.53 64.15
CA ALA RA 129 -0.28 -110.95 65.24
C ALA RA 129 0.29 -109.61 65.67
N GLU RA 130 1.62 -109.52 65.82
CA GLU RA 130 2.19 -108.24 66.16
C GLU RA 130 2.33 -107.35 64.94
N ILE RA 131 2.28 -107.91 63.72
CA ILE RA 131 2.25 -107.04 62.57
C ILE RA 131 0.86 -106.42 62.40
N LEU RA 132 -0.19 -107.10 62.86
CA LEU RA 132 -1.49 -106.47 62.86
C LEU RA 132 -1.63 -105.51 64.03
N ARG RA 133 -0.87 -105.75 65.10
CA ARG RA 133 -0.85 -104.86 66.24
C ARG RA 133 -0.19 -103.52 65.93
N ASP RA 134 0.94 -103.51 65.21
CA ASP RA 134 1.49 -102.19 64.91
C ASP RA 134 0.90 -101.59 63.64
N ILE RA 135 0.17 -102.38 62.83
CA ILE RA 135 -0.70 -101.78 61.81
C ILE RA 135 -1.84 -101.01 62.48
N ASP RA 136 -2.42 -101.60 63.54
CA ASP RA 136 -3.43 -100.96 64.35
C ASP RA 136 -2.89 -99.77 65.12
N TYR RA 137 -1.61 -99.82 65.48
CA TYR RA 137 -1.00 -98.67 66.13
C TYR RA 137 -0.71 -97.55 65.14
N GLN RA 138 -0.23 -97.89 63.93
CA GLN RA 138 0.12 -96.89 62.93
C GLN RA 138 -1.11 -96.23 62.32
N ALA RA 139 -2.24 -96.91 62.34
CA ALA RA 139 -3.52 -96.26 62.07
C ALA RA 139 -4.14 -95.78 63.39
N GLY RA 140 -3.52 -94.76 63.98
CA GLY RA 140 -4.02 -94.22 65.24
C GLY RA 140 -5.16 -93.28 64.98
N LYS RA 141 -6.33 -93.63 65.52
CA LYS RA 141 -7.62 -92.89 65.48
C LYS RA 141 -8.15 -92.65 64.08
N LYS RA 142 -7.76 -93.45 63.10
CA LYS RA 142 -8.28 -93.32 61.76
C LYS RA 142 -8.90 -94.64 61.40
N ALA RA 143 -8.29 -95.70 61.89
CA ALA RA 143 -8.81 -97.03 61.66
C ALA RA 143 -8.50 -97.88 62.88
N SER RA 144 -8.92 -99.13 62.81
CA SER RA 144 -8.75 -100.04 63.92
C SER RA 144 -8.75 -101.44 63.36
N ILE RA 145 -8.00 -102.32 64.01
CA ILE RA 145 -7.91 -103.73 63.62
C ILE RA 145 -8.40 -104.57 64.78
N HIS RA 146 -9.40 -105.41 64.53
CA HIS RA 146 -9.81 -106.40 65.50
C HIS RA 146 -9.71 -107.76 64.84
N VAL RA 147 -9.43 -108.78 65.62
CA VAL RA 147 -9.32 -110.14 65.12
C VAL RA 147 -10.20 -110.98 66.02
N TYR RA 148 -11.12 -111.73 65.42
CA TYR RA 148 -11.96 -112.61 66.23
C TYR RA 148 -11.49 -114.04 65.99
N PRO RA 149 -10.71 -114.64 66.88
CA PRO RA 149 -10.02 -115.88 66.56
C PRO RA 149 -10.73 -117.16 66.95
N ASN RA 150 -11.91 -117.11 67.55
CA ASN RA 150 -12.72 -118.30 67.60
C ASN RA 150 -13.55 -118.45 66.35
N SER RA 151 -13.76 -117.35 65.64
CA SER RA 151 -14.09 -117.38 64.22
C SER RA 151 -12.79 -117.26 63.45
N GLN RA 152 -12.84 -116.99 62.16
CA GLN RA 152 -11.61 -116.60 61.45
C GLN RA 152 -11.95 -115.34 60.69
N VAL RA 153 -11.95 -114.20 61.36
CA VAL RA 153 -12.10 -112.90 60.71
C VAL RA 153 -11.07 -111.93 61.25
N VAL RA 154 -10.35 -111.30 60.34
CA VAL RA 154 -9.69 -110.03 60.60
C VAL RA 154 -10.64 -108.96 60.14
N GLU RA 155 -11.05 -108.11 61.06
CA GLU RA 155 -11.95 -107.03 60.72
C GLU RA 155 -11.21 -105.72 60.89
N LEU RA 156 -11.24 -104.93 59.82
CA LEU RA 156 -10.75 -103.57 59.85
C LEU RA 156 -11.99 -102.73 60.09
N ARG RA 157 -11.84 -101.63 60.80
CA ARG RA 157 -12.91 -100.64 60.84
C ARG RA 157 -12.33 -99.26 60.72
N TYR RA 158 -12.90 -98.46 59.83
CA TYR RA 158 -12.52 -97.07 59.78
C TYR RA 158 -13.21 -96.29 60.89
N ALA RA 159 -12.76 -95.05 61.07
CA ALA RA 159 -13.35 -94.23 62.11
C ALA RA 159 -14.62 -93.58 61.62
N LYS RA 160 -15.33 -92.94 62.54
CA LYS RA 160 -16.65 -92.38 62.26
C LYS RA 160 -16.59 -90.87 62.11
N ILE RA 161 -15.56 -90.36 61.46
CA ILE RA 161 -15.39 -88.93 61.33
C ILE RA 161 -15.16 -88.56 59.87
N ALA SA 58 61.15 -35.85 41.89
CA ALA SA 58 59.84 -36.18 41.33
C ALA SA 58 59.64 -37.68 41.31
N LEU SA 59 60.55 -38.35 40.58
CA LEU SA 59 60.53 -39.81 40.55
C LEU SA 59 61.03 -40.40 41.86
N LYS SA 60 61.88 -39.66 42.58
CA LYS SA 60 62.23 -40.02 43.96
C LYS SA 60 61.04 -39.82 44.90
N GLU SA 61 60.16 -38.86 44.60
CA GLU SA 61 58.97 -38.67 45.43
C GLU SA 61 57.93 -39.75 45.20
N THR SA 62 57.76 -40.21 43.96
CA THR SA 62 56.87 -41.35 43.78
C THR SA 62 57.52 -42.67 44.18
N ALA SA 63 58.85 -42.72 44.25
CA ALA SA 63 59.53 -43.84 44.90
C ALA SA 63 59.30 -43.85 46.40
N LEU SA 64 59.27 -42.67 47.02
CA LEU SA 64 59.00 -42.51 48.44
C LEU SA 64 57.57 -42.91 48.79
N SER SA 65 56.62 -42.53 47.93
CA SER SA 65 55.24 -42.96 48.13
C SER SA 65 55.02 -44.41 47.74
N VAL SA 66 55.89 -44.99 46.93
CA VAL SA 66 55.87 -46.44 46.72
C VAL SA 66 56.33 -47.15 47.99
N GLY SA 67 57.38 -46.64 48.63
CA GLY SA 67 57.94 -47.30 49.80
C GLY SA 67 57.14 -47.13 51.07
N ALA SA 68 56.29 -46.09 51.14
CA ALA SA 68 55.61 -45.74 52.38
C ALA SA 68 54.50 -46.72 52.73
N GLN SA 69 53.67 -47.09 51.76
CA GLN SA 69 52.56 -47.98 52.04
C GLN SA 69 53.02 -49.42 52.18
N ALA SA 70 54.13 -49.77 51.53
CA ALA SA 70 54.70 -51.10 51.69
C ALA SA 70 55.35 -51.25 53.06
N GLY SA 71 56.01 -50.19 53.55
CA GLY SA 71 56.57 -50.23 54.88
C GLY SA 71 55.53 -50.19 55.98
N LEU SA 72 54.43 -49.47 55.74
CA LEU SA 72 53.32 -49.43 56.68
C LEU SA 72 52.60 -50.77 56.78
N ALA SA 73 52.43 -51.45 55.65
CA ALA SA 73 51.77 -52.75 55.65
C ALA SA 73 52.65 -53.85 56.21
N TRP SA 74 53.97 -53.79 55.93
CA TRP SA 74 54.91 -54.76 56.49
C TRP SA 74 55.08 -54.58 57.99
N ARG SA 75 55.16 -53.32 58.44
CA ARG SA 75 55.32 -53.03 59.85
C ARG SA 75 54.08 -53.36 60.64
N ALA SA 76 52.90 -53.19 60.03
CA ALA SA 76 51.65 -53.59 60.67
C ALA SA 76 51.50 -55.10 60.73
N LYS SA 77 52.12 -55.82 59.77
CA LYS SA 77 52.15 -57.28 59.84
C LYS SA 77 53.04 -57.77 60.98
N ILE SA 78 54.18 -57.09 61.19
CA ILE SA 78 55.07 -57.42 62.30
C ILE SA 78 54.43 -57.07 63.66
N ILE SA 79 53.63 -55.99 63.68
CA ILE SA 79 52.83 -55.61 64.84
C ILE SA 79 51.75 -56.64 65.15
N ASP SA 80 51.15 -57.22 64.11
CA ASP SA 80 50.07 -58.18 64.29
C ASP SA 80 50.56 -59.53 64.77
N GLU SA 81 51.73 -59.98 64.28
CA GLU SA 81 52.29 -61.21 64.84
C GLU SA 81 52.89 -60.99 66.22
N GLN SA 82 53.32 -59.76 66.51
CA GLN SA 82 53.76 -59.41 67.84
C GLN SA 82 52.62 -59.37 68.85
N LEU SA 83 51.45 -58.93 68.40
CA LEU SA 83 50.28 -58.92 69.26
C LEU SA 83 49.75 -60.32 69.48
N ASN SA 84 49.77 -61.14 68.43
CA ASN SA 84 49.29 -62.51 68.56
C ASN SA 84 50.25 -63.41 69.31
N LYS SA 85 51.53 -63.05 69.34
CA LYS SA 85 52.45 -63.72 70.25
C LYS SA 85 52.15 -63.37 71.70
N GLN SA 86 51.69 -62.15 71.94
CA GLN SA 86 51.46 -61.65 73.29
C GLN SA 86 50.00 -61.71 73.66
N ALA SA 87 49.30 -62.76 73.23
CA ALA SA 87 47.84 -62.75 73.20
C ALA SA 87 47.23 -62.96 74.57
N ARG SA 88 47.79 -63.87 75.36
CA ARG SA 88 47.19 -64.15 76.66
C ARG SA 88 47.61 -63.11 77.70
N ASN SA 89 48.76 -62.47 77.47
CA ASN SA 89 49.18 -61.38 78.34
C ASN SA 89 48.33 -60.16 78.12
N LEU SA 90 47.85 -59.95 76.90
CA LEU SA 90 47.06 -58.76 76.64
C LEU SA 90 45.63 -58.88 77.11
N ASP SA 91 45.04 -60.07 77.15
CA ASP SA 91 43.74 -60.17 77.80
C ASP SA 91 43.90 -60.41 79.29
N ALA SA 92 45.12 -60.69 79.75
CA ALA SA 92 45.36 -60.53 81.17
C ALA SA 92 45.44 -59.05 81.55
N ILE SA 93 46.05 -58.23 80.70
CA ILE SA 93 46.25 -56.82 81.02
C ILE SA 93 44.95 -56.04 80.86
N TYR SA 94 44.29 -56.22 79.74
CA TYR SA 94 43.08 -55.47 79.44
C TYR SA 94 41.87 -56.32 79.75
N ASP SA 95 41.73 -56.60 81.03
CA ASP SA 95 40.64 -57.43 81.53
C ASP SA 95 39.40 -56.57 81.62
N PHE SA 96 38.72 -56.44 80.48
CA PHE SA 96 37.45 -55.72 80.46
C PHE SA 96 36.35 -56.55 81.06
N ASN SA 97 36.50 -57.89 80.99
CA ASN SA 97 35.49 -58.82 81.44
C ASN SA 97 35.35 -58.81 82.95
N SER SA 98 36.46 -58.67 83.68
CA SER SA 98 36.38 -58.61 85.12
C SER SA 98 36.26 -57.19 85.65
N LEU SA 99 36.01 -56.23 84.78
CA LEU SA 99 35.63 -54.90 85.21
C LEU SA 99 34.18 -54.59 84.90
N VAL SA 100 33.48 -55.52 84.27
CA VAL SA 100 32.09 -55.32 83.88
C VAL SA 100 31.19 -55.40 85.12
N LEU SA 101 30.25 -54.46 85.22
CA LEU SA 101 29.35 -54.39 86.37
C LEU SA 101 28.32 -55.49 86.33
N GLU SA 102 27.57 -55.63 87.42
CA GLU SA 102 26.86 -56.85 87.81
C GLU SA 102 25.64 -57.17 86.95
N HIS SA 103 25.18 -56.25 86.14
CA HIS SA 103 24.05 -56.53 85.26
C HIS SA 103 24.50 -56.46 83.82
N ASN SA 104 25.78 -56.82 83.61
CA ASN SA 104 26.55 -56.71 82.36
C ASN SA 104 26.53 -55.29 81.81
N ILE SA 105 26.80 -54.35 82.69
CA ILE SA 105 26.98 -52.96 82.30
C ILE SA 105 28.48 -52.69 82.19
N LEU SA 106 28.88 -52.13 81.07
CA LEU SA 106 30.20 -51.59 80.96
C LEU SA 106 30.26 -50.31 81.76
N PRO SA 107 31.22 -50.18 82.68
CA PRO SA 107 31.34 -48.98 83.50
C PRO SA 107 31.88 -47.81 82.66
N PRO SA 108 31.62 -46.57 83.06
CA PRO SA 108 32.00 -45.46 82.18
C PRO SA 108 33.47 -45.11 82.32
N VAL SA 109 33.90 -44.16 81.50
CA VAL SA 109 35.29 -43.78 81.41
C VAL SA 109 35.44 -42.45 82.14
N LEU SA 110 36.05 -42.48 83.31
CA LEU SA 110 36.28 -41.26 84.06
C LEU SA 110 37.67 -40.76 83.74
N LEU SA 111 37.79 -39.47 83.49
CA LEU SA 111 39.06 -38.89 83.16
C LEU SA 111 39.46 -37.88 84.23
N GLU SA 112 40.61 -38.14 84.85
CA GLU SA 112 41.19 -37.31 85.88
C GLU SA 112 42.16 -36.35 85.23
N GLY SA 113 42.12 -35.09 85.63
CA GLY SA 113 43.21 -34.20 85.34
C GLY SA 113 43.54 -33.40 86.56
N ARG SA 114 44.81 -33.25 86.91
CA ARG SA 114 45.17 -32.40 88.02
C ARG SA 114 45.93 -31.17 87.54
N ASN SA 115 45.95 -30.14 88.41
CA ASN SA 115 46.60 -28.83 88.26
C ASN SA 115 46.13 -28.11 87.00
N THR SA 116 44.84 -28.01 86.82
CA THR SA 116 44.31 -27.59 85.55
C THR SA 116 44.21 -26.08 85.52
N LEU SA 117 45.13 -25.44 84.80
CA LEU SA 117 45.07 -24.00 84.58
C LEU SA 117 44.45 -23.75 83.22
N ASN SA 118 43.70 -22.65 83.12
CA ASN SA 118 43.34 -22.06 81.84
C ASN SA 118 43.44 -20.56 81.94
N LEU SA 119 44.42 -19.99 81.24
CA LEU SA 119 44.55 -18.56 81.12
C LEU SA 119 43.55 -18.12 80.07
N ALA SA 120 42.43 -17.52 80.48
CA ALA SA 120 41.37 -17.32 79.50
C ALA SA 120 41.58 -16.05 78.71
N ASP SA 121 41.86 -14.95 79.38
CA ASP SA 121 42.39 -13.78 78.72
C ASP SA 121 43.56 -13.33 79.56
N ALA SA 122 44.03 -12.12 79.31
CA ALA SA 122 45.26 -11.67 79.95
C ALA SA 122 45.01 -11.19 81.37
N GLN SA 123 43.76 -10.96 81.75
CA GLN SA 123 43.44 -10.48 83.07
C GLN SA 123 42.73 -11.50 83.94
N SER SA 124 42.54 -12.73 83.46
CA SER SA 124 41.84 -13.72 84.25
C SER SA 124 42.32 -15.11 83.90
N ILE SA 125 42.86 -15.81 84.88
CA ILE SA 125 43.07 -17.22 84.74
C ILE SA 125 42.06 -17.93 85.61
N ARG SA 126 41.89 -19.21 85.36
CA ARG SA 126 41.08 -20.03 86.24
C ARG SA 126 41.80 -21.34 86.46
N ILE SA 127 42.12 -21.62 87.69
CA ILE SA 127 42.76 -22.87 88.02
C ILE SA 127 41.74 -23.75 88.70
N SER SA 128 42.03 -25.04 88.69
CA SER SA 128 41.27 -26.00 89.45
C SER SA 128 42.21 -27.12 89.81
N ASP SA 129 41.93 -27.75 90.94
CA ASP SA 129 42.88 -28.74 91.43
C ASP SA 129 42.65 -30.09 90.76
N ARG SA 130 41.41 -30.50 90.60
CA ARG SA 130 41.08 -31.76 89.94
C ARG SA 130 39.91 -31.56 89.02
N THR SA 131 39.93 -32.22 87.89
CA THR SA 131 38.75 -32.33 87.05
C THR SA 131 38.48 -33.80 86.84
N TYR SA 132 37.23 -34.18 86.99
CA TYR SA 132 36.79 -35.49 86.61
C TYR SA 132 35.72 -35.34 85.56
N LYS SA 133 35.89 -36.03 84.45
CA LYS SA 133 34.96 -35.94 83.35
C LYS SA 133 34.45 -37.33 83.02
N VAL SA 134 33.16 -37.46 82.75
CA VAL SA 134 32.67 -38.72 82.22
C VAL SA 134 32.84 -38.67 80.71
N ALA SA 135 33.17 -39.81 80.13
CA ALA SA 135 33.18 -40.03 78.71
C ALA SA 135 32.93 -41.52 78.53
N LYS SA 136 32.19 -41.85 77.46
CA LYS SA 136 31.79 -43.20 77.06
C LYS SA 136 31.02 -43.88 78.18
N GLN SA 137 29.81 -43.35 78.43
CA GLN SA 137 29.02 -43.58 79.62
C GLN SA 137 28.57 -45.04 79.78
N ALA SA 138 28.08 -45.35 80.97
CA ALA SA 138 27.85 -46.71 81.39
C ALA SA 138 26.64 -47.30 80.71
N HIS SA 139 26.84 -48.46 80.09
CA HIS SA 139 25.80 -48.93 79.19
C HIS SA 139 25.87 -50.43 79.11
N PHE SA 140 24.75 -51.02 78.71
CA PHE SA 140 24.57 -52.47 78.71
C PHE SA 140 25.42 -53.08 77.62
N ILE SA 141 26.45 -53.80 78.00
CA ILE SA 141 27.19 -54.52 77.01
C ILE SA 141 26.71 -55.96 77.05
N THR SA 142 26.84 -56.65 75.93
CA THR SA 142 26.69 -58.09 75.97
C THR SA 142 28.04 -58.74 76.21
N THR SA 143 28.92 -58.64 75.24
CA THR SA 143 30.20 -59.26 75.46
C THR SA 143 31.25 -58.18 75.67
N PRO SA 144 32.22 -58.38 76.55
CA PRO SA 144 33.20 -57.33 76.86
C PRO SA 144 34.16 -57.11 75.69
N PRO SA 145 34.68 -55.89 75.53
CA PRO SA 145 35.59 -55.65 74.41
C PRO SA 145 36.94 -56.27 74.69
N THR SA 146 37.54 -56.77 73.63
CA THR SA 146 38.85 -57.36 73.76
C THR SA 146 39.89 -56.29 73.52
N TRP SA 147 41.14 -56.70 73.51
CA TRP SA 147 42.20 -55.79 73.11
C TRP SA 147 42.26 -55.65 71.60
N ARG SA 148 41.69 -56.59 70.85
CA ARG SA 148 41.69 -56.52 69.40
C ARG SA 148 40.75 -55.47 68.84
N GLN SA 149 39.79 -54.98 69.62
CA GLN SA 149 38.92 -53.92 69.14
C GLN SA 149 39.63 -52.59 69.09
N TYR SA 150 40.64 -52.42 69.92
CA TYR SA 150 41.41 -51.20 69.92
C TYR SA 150 42.73 -51.36 69.21
N LEU SA 151 43.40 -52.49 69.39
CA LEU SA 151 44.83 -52.60 69.15
C LEU SA 151 45.19 -53.25 67.83
N TRP SA 152 44.23 -53.72 67.06
CA TRP SA 152 44.58 -54.48 65.87
C TRP SA 152 44.86 -53.52 64.73
N MET SA 153 46.03 -53.66 64.12
CA MET SA 153 46.34 -52.89 62.94
C MET SA 153 45.84 -53.64 61.72
N ASP SA 154 45.24 -52.91 60.78
CA ASP SA 154 44.58 -53.56 59.67
C ASP SA 154 45.58 -53.94 58.60
N TYR SA 155 45.98 -55.20 58.61
CA TYR SA 155 46.96 -55.70 57.67
C TYR SA 155 46.26 -56.02 56.36
N VAL SA 156 46.83 -55.51 55.27
CA VAL SA 156 46.54 -56.00 53.96
C VAL SA 156 47.86 -56.01 53.20
N LYS SA 157 47.94 -56.83 52.16
CA LYS SA 157 49.19 -56.98 51.41
C LYS SA 157 49.03 -56.27 50.07
N PRO SA 158 49.73 -55.17 49.83
CA PRO SA 158 49.53 -54.41 48.59
C PRO SA 158 50.26 -55.06 47.43
N GLU SA 159 49.62 -55.06 46.26
CA GLU SA 159 50.22 -55.50 45.01
C GLU SA 159 50.43 -54.36 44.04
N ALA SA 160 50.91 -53.22 44.51
CA ALA SA 160 51.05 -52.05 43.66
C ALA SA 160 52.52 -51.64 43.56
N PRO SA 161 53.28 -52.13 42.57
CA PRO SA 161 54.64 -51.65 42.37
C PRO SA 161 54.67 -50.34 41.59
N LYS SA 173 66.25 -45.76 39.61
CA LYS SA 173 67.45 -46.52 39.90
C LYS SA 173 67.97 -46.21 41.31
N GLU SA 174 68.91 -45.27 41.38
CA GLU SA 174 69.70 -45.02 42.58
C GLU SA 174 68.93 -44.18 43.60
N ILE SA 175 68.29 -43.11 43.14
CA ILE SA 175 67.46 -42.30 44.02
C ILE SA 175 66.13 -42.99 44.31
N TRP SA 176 65.69 -43.89 43.40
CA TRP SA 176 64.59 -44.81 43.68
C TRP SA 176 64.94 -45.74 44.83
N CYS SA 177 66.18 -46.22 44.87
CA CYS SA 177 66.65 -47.09 45.94
C CYS SA 177 66.70 -46.38 47.28
N ILE SA 178 67.35 -45.22 47.33
CA ILE SA 178 67.50 -44.54 48.62
C ILE SA 178 66.22 -43.82 49.05
N TYR SA 179 65.32 -43.53 48.12
CA TYR SA 179 64.06 -42.94 48.52
C TYR SA 179 63.00 -43.98 48.84
N THR SA 180 63.15 -45.21 48.33
CA THR SA 180 62.35 -46.29 48.88
C THR SA 180 62.79 -46.67 50.27
N GLU SA 181 64.09 -46.51 50.60
CA GLU SA 181 64.48 -46.70 52.00
C GLU SA 181 64.00 -45.59 52.92
N ARG SA 182 63.99 -44.34 52.45
CA ARG SA 182 63.46 -43.25 53.27
C ARG SA 182 61.93 -43.33 53.40
N GLY SA 183 61.26 -43.78 52.34
CA GLY SA 183 59.82 -44.01 52.43
C GLY SA 183 59.46 -45.21 53.28
N TRP SA 184 60.32 -46.24 53.27
CA TRP SA 184 60.13 -47.43 54.09
C TRP SA 184 60.29 -47.11 55.57
N LYS SA 185 61.21 -46.20 55.89
CA LYS SA 185 61.33 -45.76 57.28
C LYS SA 185 60.20 -44.81 57.68
N ASN SA 186 59.65 -44.07 56.71
CA ASN SA 186 58.49 -43.23 57.00
C ASN SA 186 57.23 -44.05 57.23
N GLY SA 187 57.08 -45.14 56.49
CA GLY SA 187 55.95 -46.03 56.71
C GLY SA 187 56.07 -46.82 57.99
N ILE SA 188 57.31 -47.12 58.41
CA ILE SA 188 57.55 -47.81 59.66
C ILE SA 188 57.21 -46.94 60.86
N ASP SA 189 57.65 -45.66 60.87
CA ASP SA 189 57.31 -44.86 62.04
C ASP SA 189 55.89 -44.30 61.98
N GLN SA 190 55.26 -44.31 60.79
CA GLN SA 190 53.84 -44.00 60.74
C GLN SA 190 52.98 -45.14 61.29
N ALA SA 191 53.42 -46.39 61.07
CA ALA SA 191 52.72 -47.52 61.67
C ALA SA 191 52.96 -47.59 63.18
N ASN SA 192 54.13 -47.14 63.62
CA ASN SA 192 54.42 -47.09 65.05
C ASN SA 192 53.62 -46.00 65.75
N THR SA 193 53.37 -44.86 65.12
CA THR SA 193 52.54 -43.88 65.82
C THR SA 193 51.05 -44.19 65.72
N ILE SA 194 50.62 -45.00 64.73
CA ILE SA 194 49.24 -45.47 64.71
C ILE SA 194 49.00 -46.49 65.84
N LEU SA 195 49.97 -47.38 66.04
CA LEU SA 195 49.96 -48.32 67.17
C LEU SA 195 50.05 -47.64 68.52
N GLU SA 196 50.82 -46.54 68.59
CA GLU SA 196 50.94 -45.73 69.80
C GLU SA 196 49.62 -45.04 70.15
N GLU SA 197 48.86 -44.62 69.14
CA GLU SA 197 47.55 -44.06 69.39
C GLU SA 197 46.53 -45.11 69.78
N ASN SA 198 46.68 -46.34 69.27
CA ASN SA 198 45.76 -47.41 69.65
C ASN SA 198 45.98 -47.89 71.08
N ILE SA 199 47.25 -47.99 71.47
CA ILE SA 199 47.69 -48.23 72.84
C ILE SA 199 47.22 -47.15 73.79
N ALA SA 200 47.22 -45.92 73.31
CA ALA SA 200 46.74 -44.78 74.06
C ALA SA 200 45.23 -44.81 74.27
N ARG SA 201 44.49 -45.28 73.25
CA ARG SA 201 43.04 -45.32 73.35
C ARG SA 201 42.56 -46.41 74.30
N ILE SA 202 43.21 -47.58 74.25
CA ILE SA 202 42.85 -48.65 75.17
C ILE SA 202 43.32 -48.34 76.59
N LYS SA 203 44.41 -47.56 76.74
CA LYS SA 203 44.85 -47.13 78.05
C LYS SA 203 43.94 -46.08 78.65
N GLU SA 204 43.33 -45.27 77.78
CA GLU SA 204 42.41 -44.23 78.22
C GLU SA 204 41.11 -44.82 78.74
N ASP SA 205 40.47 -45.73 77.99
CA ASP SA 205 39.19 -46.21 78.49
C ASP SA 205 39.35 -47.30 79.56
N PHE SA 206 40.49 -47.98 79.59
CA PHE SA 206 40.69 -48.94 80.66
C PHE SA 206 41.07 -48.27 81.97
N GLY SA 207 41.84 -47.18 81.92
CA GLY SA 207 42.07 -46.39 83.10
C GLY SA 207 40.86 -45.61 83.55
N GLY SA 208 39.94 -45.33 82.62
CA GLY SA 208 38.65 -44.79 82.99
C GLY SA 208 37.78 -45.74 83.77
N MET SA 209 37.79 -47.02 83.40
CA MET SA 209 37.01 -47.99 84.17
C MET SA 209 37.64 -48.32 85.53
N ILE SA 210 38.97 -48.30 85.59
CA ILE SA 210 39.69 -48.46 86.86
C ILE SA 210 39.47 -47.25 87.76
N LEU SA 211 39.36 -46.06 87.16
CA LEU SA 211 39.03 -44.84 87.88
C LEU SA 211 37.58 -44.82 88.32
N TYR SA 212 36.70 -45.53 87.61
CA TYR SA 212 35.31 -45.66 88.06
C TYR SA 212 35.21 -46.51 89.29
N ARG SA 213 35.98 -47.60 89.35
CA ARG SA 213 35.98 -48.43 90.55
C ARG SA 213 36.65 -47.73 91.73
N LYS SA 214 37.64 -46.87 91.44
CA LYS SA 214 38.27 -46.06 92.48
C LYS SA 214 37.33 -45.00 93.03
N LEU SA 215 36.63 -44.28 92.17
CA LEU SA 215 35.75 -43.23 92.67
C LEU SA 215 34.42 -43.76 93.19
N LEU SA 216 34.03 -44.97 92.79
CA LEU SA 216 32.89 -45.60 93.42
C LEU SA 216 33.27 -46.14 94.78
N ALA SA 217 34.53 -46.54 94.93
CA ALA SA 217 35.05 -46.84 96.24
C ALA SA 217 35.20 -45.58 97.10
N MET SA 218 35.48 -44.45 96.49
CA MET SA 218 35.65 -43.20 97.20
C MET SA 218 34.37 -42.41 97.35
N ASN SA 219 33.26 -42.96 96.84
CA ASN SA 219 31.91 -42.38 96.84
C ASN SA 219 31.87 -41.04 96.10
N MET SA 220 32.60 -40.95 95.00
CA MET SA 220 32.54 -39.77 94.17
C MET SA 220 31.58 -39.92 93.00
N VAL SA 221 31.16 -41.13 92.67
CA VAL SA 221 30.20 -41.37 91.61
C VAL SA 221 29.04 -42.19 92.15
N SER SA 222 27.96 -42.10 91.47
CA SER SA 222 26.83 -42.96 91.73
C SER SA 222 27.03 -44.30 91.01
N PRO SA 223 26.61 -45.40 91.60
CA PRO SA 223 26.51 -46.64 90.85
C PRO SA 223 25.31 -46.60 89.93
N PRO SA 224 25.28 -47.38 88.85
CA PRO SA 224 24.07 -47.42 88.02
C PRO SA 224 22.98 -48.21 88.69
N TYR SA 225 21.75 -47.85 88.37
CA TYR SA 225 20.59 -48.47 88.96
C TYR SA 225 19.81 -49.15 87.85
N VAL SA 226 19.69 -50.46 87.96
CA VAL SA 226 18.86 -51.19 87.04
C VAL SA 226 17.47 -51.35 87.63
N SER SA 227 16.51 -51.49 86.74
CA SER SA 227 15.14 -51.85 87.09
C SER SA 227 14.80 -53.03 86.22
N HIS SA 228 14.74 -54.20 86.83
CA HIS SA 228 14.28 -55.38 86.13
C HIS SA 228 12.80 -55.50 86.40
N THR SA 229 12.00 -54.92 85.53
CA THR SA 229 10.55 -55.10 85.60
C THR SA 229 10.27 -56.49 85.05
N ASP SA 230 9.66 -57.33 85.88
CA ASP SA 230 9.32 -58.67 85.47
C ASP SA 230 7.94 -58.66 84.84
N LEU SA 231 7.82 -59.40 83.75
CA LEU SA 231 6.54 -59.71 83.16
C LEU SA 231 6.40 -61.22 83.15
N GLY SA 232 5.15 -61.67 83.23
CA GLY SA 232 4.86 -63.09 83.18
C GLY SA 232 4.85 -63.68 81.80
N VAL SA 233 4.00 -64.65 81.53
CA VAL SA 233 3.96 -65.17 80.17
C VAL SA 233 3.14 -64.19 79.33
N THR SA 234 3.65 -63.90 78.15
CA THR SA 234 3.45 -62.61 77.55
C THR SA 234 3.25 -62.77 76.05
N GLY SA 235 2.10 -62.34 75.59
CA GLY SA 235 1.79 -62.38 74.17
C GLY SA 235 0.43 -63.00 73.94
N ASP SA 236 0.12 -63.14 72.67
CA ASP SA 236 -1.17 -63.64 72.23
C ASP SA 236 -1.09 -65.16 72.08
N GLY SA 237 -2.07 -65.74 71.38
CA GLY SA 237 -1.99 -67.15 71.04
C GLY SA 237 -0.95 -67.50 70.01
N SER SA 238 -0.49 -66.53 69.23
CA SER SA 238 0.49 -66.79 68.19
C SER SA 238 1.92 -66.81 68.68
N GLU SA 239 2.22 -66.13 69.77
CA GLU SA 239 3.60 -66.05 70.26
C GLU SA 239 3.56 -65.81 71.76
N ILE SA 240 4.33 -66.58 72.53
CA ILE SA 240 4.49 -66.30 73.94
C ILE SA 240 5.98 -66.21 74.27
N HIS SA 241 6.27 -65.51 75.35
CA HIS SA 241 7.57 -65.49 76.00
C HIS SA 241 7.33 -65.64 77.49
N ILE SA 242 7.96 -66.62 78.10
CA ILE SA 242 7.49 -67.15 79.37
C ILE SA 242 7.94 -66.32 80.57
N ASP SA 243 9.23 -66.13 80.76
CA ASP SA 243 9.71 -65.27 81.85
C ASP SA 243 10.27 -64.07 81.12
N ASP SA 244 9.52 -62.96 81.13
CA ASP SA 244 9.80 -61.86 80.23
C ASP SA 244 10.30 -60.69 81.08
N ARG SA 245 11.60 -60.65 81.30
CA ARG SA 245 12.14 -59.60 82.15
C ARG SA 245 12.69 -58.50 81.27
N VAL SA 246 12.22 -57.28 81.45
CA VAL SA 246 12.77 -56.13 80.75
C VAL SA 246 13.61 -55.35 81.74
N LEU SA 247 14.86 -55.10 81.37
CA LEU SA 247 15.86 -54.56 82.26
C LEU SA 247 16.26 -53.19 81.74
N ARG SA 248 16.20 -52.19 82.59
CA ARG SA 248 16.57 -50.84 82.18
C ARG SA 248 17.61 -50.28 83.13
N ILE SA 249 18.41 -49.37 82.62
CA ILE SA 249 19.17 -48.47 83.48
C ILE SA 249 18.30 -47.24 83.66
N THR SA 250 17.89 -47.00 84.90
CA THR SA 250 17.15 -45.79 85.20
C THR SA 250 18.10 -44.64 85.48
N ALA SA 251 18.97 -44.81 86.46
CA ALA SA 251 19.93 -43.80 86.83
C ALA SA 251 21.26 -44.12 86.18
N LEU SA 252 21.72 -43.22 85.34
CA LEU SA 252 23.06 -43.34 84.82
C LEU SA 252 24.06 -42.93 85.90
N PRO SA 253 25.30 -43.44 85.84
CA PRO SA 253 26.32 -42.99 86.78
C PRO SA 253 26.78 -41.58 86.49
N GLU SA 254 26.99 -40.82 87.55
CA GLU SA 254 27.46 -39.46 87.44
C GLU SA 254 28.24 -39.14 88.69
N LEU SA 255 29.02 -38.07 88.62
CA LEU SA 255 29.79 -37.63 89.76
C LEU SA 255 28.88 -36.89 90.71
N ASN SA 256 28.91 -37.25 91.98
CA ASN SA 256 28.13 -36.50 92.95
C ASN SA 256 28.89 -35.23 93.30
N VAL SA 257 28.14 -34.14 93.51
CA VAL SA 257 28.71 -32.83 93.72
C VAL SA 257 28.49 -32.34 95.13
N ASN SA 258 27.94 -33.16 96.00
CA ASN SA 258 27.94 -32.84 97.41
C ASN SA 258 29.21 -33.42 97.99
N SER SA 259 30.06 -32.54 98.48
CA SER SA 259 31.45 -32.89 98.70
C SER SA 259 31.66 -33.60 100.02
N ALA SA 260 30.71 -33.51 100.93
CA ALA SA 260 30.89 -34.08 102.26
C ALA SA 260 30.54 -35.55 102.34
N GLU SA 261 30.07 -36.15 101.24
CA GLU SA 261 29.70 -37.54 101.19
C GLU SA 261 30.79 -38.40 100.61
N TRP SA 262 31.98 -37.86 100.44
CA TRP SA 262 33.04 -38.59 99.78
C TRP SA 262 33.76 -39.44 100.82
N ARG SA 263 34.62 -40.33 100.35
CA ARG SA 263 35.21 -41.35 101.21
C ARG SA 263 36.71 -41.38 100.97
N ALA SA 264 37.46 -40.63 101.78
CA ALA SA 264 38.91 -40.61 101.72
C ALA SA 264 39.40 -41.90 102.34
N ALA SA 265 40.16 -42.66 101.57
CA ALA SA 265 40.64 -43.93 102.08
C ALA SA 265 42.15 -43.94 102.19
N VAL SA 266 42.66 -43.97 103.41
CA VAL SA 266 44.08 -43.96 103.66
C VAL SA 266 44.57 -45.41 103.86
N ALA SA 267 45.74 -45.71 103.33
CA ALA SA 267 46.26 -47.07 103.34
C ALA SA 267 47.36 -47.16 104.39
N LYS SA 268 48.04 -48.29 104.42
CA LYS SA 268 49.14 -48.48 105.35
C LYS SA 268 50.23 -49.38 104.77
N PHE TA 25 69.56 -82.88 77.62
CA PHE TA 25 69.37 -81.45 77.41
C PHE TA 25 67.88 -81.07 77.35
N LYS TA 26 67.53 -80.04 78.11
CA LYS TA 26 66.19 -79.51 78.11
C LYS TA 26 66.13 -78.30 77.19
N LYS TA 27 65.03 -77.59 77.25
CA LYS TA 27 64.85 -76.39 76.48
C LYS TA 27 64.31 -75.28 77.35
N PRO TA 28 64.53 -74.03 76.97
CA PRO TA 28 63.73 -72.93 77.51
C PRO TA 28 62.30 -73.02 76.98
N PRO TA 29 61.33 -72.41 77.68
CA PRO TA 29 59.93 -72.44 77.21
C PRO TA 29 59.68 -71.71 75.90
N ILE TA 30 58.59 -72.09 75.23
CA ILE TA 30 58.43 -71.74 73.83
C ILE TA 30 57.90 -70.33 73.66
N ASN TA 31 56.83 -70.01 74.37
CA ASN TA 31 56.37 -68.63 74.46
C ASN TA 31 56.90 -67.99 75.75
N ASN TA 32 58.21 -68.00 75.87
CA ASN TA 32 58.81 -67.53 77.10
C ASN TA 32 58.94 -66.02 77.09
N PRO TA 33 58.79 -65.41 78.23
CA PRO TA 33 59.30 -64.06 78.42
C PRO TA 33 60.82 -64.11 78.49
N SER TA 34 61.49 -64.03 77.34
CA SER TA 34 62.93 -64.11 77.24
C SER TA 34 63.48 -62.85 76.59
N ASP TA 35 62.66 -61.82 76.58
CA ASP TA 35 62.95 -60.59 75.88
C ASP TA 35 62.66 -59.46 76.86
N ASP TA 36 63.44 -58.37 76.76
CA ASP TA 36 63.46 -57.39 77.85
C ASP TA 36 62.25 -56.47 77.87
N ALA TA 37 61.49 -56.39 76.78
CA ALA TA 37 60.20 -55.74 76.84
C ALA TA 37 59.10 -56.69 77.26
N THR TA 38 59.19 -57.95 76.84
CA THR TA 38 58.15 -58.90 77.13
C THR TA 38 58.19 -59.40 78.57
N ILE TA 39 59.34 -59.28 79.25
CA ILE TA 39 59.36 -59.59 80.67
C ILE TA 39 58.67 -58.50 81.45
N LYS TA 40 58.69 -57.27 80.96
CA LYS TA 40 57.99 -56.20 81.65
C LYS TA 40 56.51 -56.24 81.36
N LEU TA 41 56.15 -56.68 80.14
CA LEU TA 41 54.76 -56.83 79.76
C LEU TA 41 54.10 -57.97 80.51
N ALA TA 42 54.77 -59.11 80.61
CA ALA TA 42 54.16 -60.22 81.32
C ALA TA 42 54.31 -60.08 82.83
N GLU TA 43 55.27 -59.29 83.30
CA GLU TA 43 55.38 -58.99 84.71
C GLU TA 43 54.27 -58.05 85.15
N ALA TA 44 53.88 -57.13 84.27
CA ALA TA 44 52.71 -56.30 84.51
C ALA TA 44 51.44 -57.11 84.40
N ALA TA 45 51.44 -58.16 83.58
CA ALA TA 45 50.27 -59.04 83.44
C ALA TA 45 50.03 -59.89 84.69
N VAL TA 46 51.10 -60.40 85.32
CA VAL TA 46 50.91 -61.21 86.51
C VAL TA 46 50.56 -60.33 87.71
N SER TA 47 51.09 -59.08 87.73
CA SER TA 47 50.68 -58.06 88.70
C SER TA 47 49.25 -57.60 88.54
N VAL TA 48 48.78 -57.42 87.31
CA VAL TA 48 47.45 -56.92 87.12
C VAL TA 48 46.42 -58.03 87.31
N SER TA 49 46.82 -59.31 87.18
CA SER TA 49 45.87 -60.37 87.45
C SER TA 49 45.78 -60.67 88.93
N ASP TA 50 46.88 -60.45 89.69
CA ASP TA 50 46.72 -60.63 91.14
C ASP TA 50 45.98 -59.46 91.78
N SER TA 51 46.13 -58.25 91.23
CA SER TA 51 45.35 -57.14 91.79
C SER TA 51 43.90 -57.18 91.35
N MET TA 52 43.63 -57.77 90.17
CA MET TA 52 42.27 -58.09 89.77
C MET TA 52 41.64 -59.15 90.64
N LEU TA 53 42.45 -60.13 91.07
CA LEU TA 53 41.94 -61.15 91.96
C LEU TA 53 41.72 -60.61 93.37
N GLU TA 54 42.54 -59.66 93.83
CA GLU TA 54 42.28 -59.10 95.16
C GLU TA 54 41.13 -58.11 95.18
N MET TA 55 40.85 -57.39 94.08
CA MET TA 55 39.62 -56.60 94.08
C MET TA 55 38.40 -57.48 93.88
N ALA TA 56 38.57 -58.63 93.22
CA ALA TA 56 37.52 -59.63 93.18
C ALA TA 56 37.27 -60.29 94.53
N LYS TA 57 38.34 -60.43 95.33
CA LYS TA 57 38.22 -60.90 96.71
C LYS TA 57 37.51 -59.89 97.57
N VAL TA 58 37.70 -58.61 97.29
CA VAL TA 58 37.19 -57.62 98.21
C VAL TA 58 35.79 -57.17 97.83
N GLU TA 59 35.32 -57.45 96.62
CA GLU TA 59 33.90 -57.24 96.39
C GLU TA 59 33.13 -58.52 96.15
N LYS TA 60 33.75 -59.68 96.32
CA LYS TA 60 33.01 -60.93 96.28
C LYS TA 60 32.22 -61.07 97.57
N VAL TA 61 30.93 -60.80 97.49
CA VAL TA 61 30.01 -61.05 98.59
C VAL TA 61 29.66 -62.52 98.59
N ILE TA 62 29.92 -63.19 99.70
CA ILE TA 62 29.55 -64.59 99.82
C ILE TA 62 28.68 -64.75 101.06
N THR TA 63 27.92 -65.83 101.06
CA THR TA 63 27.32 -66.28 102.27
C THR TA 63 28.14 -67.41 102.87
N PRO TA 64 28.26 -67.49 104.19
CA PRO TA 64 28.75 -68.72 104.80
C PRO TA 64 27.75 -69.83 104.62
N PRO TA 65 28.21 -71.09 104.52
CA PRO TA 65 27.27 -72.18 104.22
C PRO TA 65 26.47 -72.67 105.41
N SER TA 66 26.73 -72.16 106.61
CA SER TA 66 25.80 -72.35 107.70
C SER TA 66 24.54 -71.54 107.49
N LYS TA 67 24.68 -70.32 106.98
CA LYS TA 67 23.53 -69.43 106.85
C LYS TA 67 23.23 -69.19 105.38
N ASP TA 68 23.32 -70.24 104.57
CA ASP TA 68 23.24 -70.10 103.13
C ASP TA 68 21.81 -70.12 102.60
N ASN TA 69 20.82 -70.47 103.45
CA ASN TA 69 19.37 -70.27 103.33
C ASN TA 69 18.70 -71.24 102.33
N THR TA 70 19.47 -72.03 101.58
CA THR TA 70 18.97 -72.90 100.54
C THR TA 70 18.40 -74.19 101.13
N LEU TA 71 17.76 -74.96 100.26
CA LEU TA 71 17.30 -76.28 100.65
C LEU TA 71 18.45 -77.29 100.56
N THR TA 72 18.62 -78.06 101.62
CA THR TA 72 19.54 -79.18 101.60
C THR TA 72 18.88 -80.38 100.92
N ILE TA 73 19.68 -81.40 100.64
CA ILE TA 73 19.18 -82.66 100.10
C ILE TA 73 18.56 -83.44 101.25
N PRO TA 74 17.26 -83.77 101.20
CA PRO TA 74 16.59 -84.33 102.37
C PRO TA 74 16.75 -85.84 102.54
N ASN TA 75 17.53 -86.49 101.67
CA ASN TA 75 18.00 -87.89 101.65
C ASN TA 75 16.89 -88.95 101.79
N ALA TA 76 15.66 -88.65 101.39
CA ALA TA 76 14.63 -89.67 101.32
C ALA TA 76 14.85 -90.55 100.10
N TYR TA 77 14.54 -91.84 100.28
CA TYR TA 77 14.85 -92.86 99.27
C TYR TA 77 13.96 -92.73 98.04
N ASN TA 78 12.75 -92.23 98.22
CA ASN TA 78 11.95 -91.85 97.08
C ASN TA 78 12.46 -90.58 96.42
N LEU TA 79 13.09 -89.70 97.18
CA LEU TA 79 13.67 -88.50 96.60
C LEU TA 79 15.02 -88.73 95.95
N GLN TA 80 15.62 -89.90 96.13
CA GLN TA 80 16.86 -90.22 95.43
C GLN TA 80 16.64 -90.98 94.12
N ALA TA 81 15.54 -90.72 93.42
CA ALA TA 81 15.33 -91.31 92.11
C ALA TA 81 15.84 -90.36 91.03
N ARG TA 82 16.46 -90.91 90.01
CA ARG TA 82 16.89 -90.08 88.88
C ARG TA 82 15.67 -89.79 88.02
N ALA TA 83 15.43 -88.53 87.75
CA ALA TA 83 14.24 -88.08 87.05
C ALA TA 83 14.65 -87.44 85.72
N SER TA 84 13.68 -86.85 85.03
CA SER TA 84 13.94 -86.20 83.75
C SER TA 84 12.88 -85.15 83.52
N VAL TA 85 13.28 -83.89 83.39
CA VAL TA 85 12.34 -82.79 83.24
C VAL TA 85 12.97 -81.68 82.41
N ASP TA 86 12.30 -81.29 81.33
CA ASP TA 86 12.40 -79.94 80.81
C ASP TA 86 11.04 -79.29 80.98
N TRP TA 87 11.04 -78.13 81.63
CA TRP TA 87 9.87 -77.34 81.91
C TRP TA 87 10.32 -75.93 82.23
N SER TA 88 9.45 -74.98 81.94
CA SER TA 88 9.65 -73.63 82.43
C SER TA 88 8.27 -73.06 82.67
N GLY TA 89 7.93 -72.82 83.93
CA GLY TA 89 6.65 -72.26 84.24
C GLY TA 89 6.43 -72.02 85.72
N PRO TA 90 5.17 -71.99 86.16
CA PRO TA 90 4.90 -71.70 87.57
C PRO TA 90 5.21 -72.85 88.49
N ILE TA 91 5.85 -72.51 89.62
CA ILE TA 91 6.65 -73.42 90.44
C ILE TA 91 5.77 -74.45 91.17
N GLU TA 92 4.49 -74.10 91.41
CA GLU TA 92 3.50 -74.96 92.04
C GLU TA 92 3.16 -76.19 91.23
N GLU TA 93 3.25 -76.11 89.91
CA GLU TA 93 2.89 -77.25 89.09
C GLU TA 93 4.00 -78.26 89.01
N LEU TA 94 5.26 -77.81 88.89
CA LEU TA 94 6.37 -78.75 88.86
C LEU TA 94 6.63 -79.32 90.24
N THR TA 95 6.36 -78.55 91.29
CA THR TA 95 6.53 -79.12 92.61
C THR TA 95 5.40 -80.04 93.02
N ALA TA 96 4.19 -79.81 92.49
CA ALA TA 96 3.08 -80.74 92.66
C ALA TA 96 3.36 -82.06 91.96
N ARG TA 97 3.87 -81.99 90.74
CA ARG TA 97 4.15 -83.23 90.05
C ARG TA 97 5.49 -83.83 90.44
N ILE TA 98 6.37 -83.07 91.10
CA ILE TA 98 7.53 -83.66 91.73
C ILE TA 98 7.11 -84.38 93.02
N ALA TA 99 6.01 -83.96 93.66
CA ALA TA 99 5.59 -84.62 94.86
C ALA TA 99 4.85 -85.90 94.55
N LYS TA 100 4.02 -85.88 93.51
CA LYS TA 100 3.42 -87.15 93.11
C LYS TA 100 4.38 -88.01 92.28
N ALA TA 101 5.50 -87.46 91.80
CA ALA TA 101 6.58 -88.30 91.33
C ALA TA 101 7.29 -89.02 92.46
N ALA TA 102 7.48 -88.34 93.58
CA ALA TA 102 8.15 -88.96 94.72
C ALA TA 102 7.21 -89.63 95.69
N HIS TA 103 5.92 -89.74 95.33
CA HIS TA 103 4.79 -90.23 96.17
C HIS TA 103 4.69 -89.46 97.48
N PHE TA 104 4.87 -88.15 97.39
CA PHE TA 104 4.80 -87.28 98.54
C PHE TA 104 3.54 -86.46 98.44
N ARG TA 105 3.06 -85.98 99.57
CA ARG TA 105 1.97 -85.04 99.49
C ARG TA 105 2.52 -83.66 99.18
N PHE TA 106 1.65 -82.80 98.69
CA PHE TA 106 2.04 -81.47 98.27
C PHE TA 106 1.12 -80.45 98.92
N ARG TA 107 1.64 -79.71 99.89
CA ARG TA 107 0.90 -78.61 100.46
C ARG TA 107 1.42 -77.30 99.89
N VAL TA 108 0.53 -76.32 99.82
CA VAL TA 108 0.93 -74.97 99.46
C VAL TA 108 0.50 -74.04 100.60
N LEU TA 109 1.47 -73.40 101.22
CA LEU TA 109 1.22 -72.41 102.25
C LEU TA 109 1.61 -71.07 101.69
N GLY TA 110 0.66 -70.16 101.63
CA GLY TA 110 0.88 -68.86 101.04
C GLY TA 110 -0.01 -68.62 99.83
N LYS TA 111 0.22 -67.47 99.21
CA LYS TA 111 -0.65 -66.97 98.15
C LYS TA 111 0.15 -66.86 96.87
N SER TA 112 -0.34 -67.47 95.82
CA SER TA 112 0.33 -67.32 94.54
C SER TA 112 -0.02 -65.98 93.94
N PRO TA 113 0.96 -65.18 93.50
CA PRO TA 113 0.64 -63.85 92.98
C PRO TA 113 0.09 -63.85 91.57
N SER TA 114 -0.24 -62.66 91.08
CA SER TA 114 -0.87 -62.52 89.77
C SER TA 114 0.14 -62.75 88.65
N VAL TA 115 1.24 -62.01 88.68
CA VAL TA 115 2.42 -62.48 87.96
C VAL TA 115 2.96 -63.72 88.65
N PRO TA 116 3.06 -64.85 87.97
CA PRO TA 116 3.50 -66.07 88.63
C PRO TA 116 5.00 -66.09 88.77
N VAL TA 117 5.45 -66.65 89.88
CA VAL TA 117 6.87 -66.89 90.09
C VAL TA 117 7.27 -68.08 89.22
N LEU TA 118 8.24 -67.85 88.34
CA LEU TA 118 8.56 -68.77 87.26
C LEU TA 118 9.93 -69.37 87.45
N ILE TA 119 10.09 -70.63 87.05
CA ILE TA 119 11.37 -71.32 87.11
C ILE TA 119 11.72 -71.82 85.72
N SER TA 120 12.84 -72.53 85.62
CA SER TA 120 13.25 -73.17 84.37
C SER TA 120 14.14 -74.34 84.75
N ILE TA 121 13.68 -75.55 84.50
CA ILE TA 121 14.44 -76.75 84.80
C ILE TA 121 14.54 -77.56 83.54
N SER TA 122 15.74 -77.77 83.03
CA SER TA 122 15.94 -78.66 81.90
C SER TA 122 17.14 -79.56 82.22
N THR TA 123 16.88 -80.64 82.95
CA THR TA 123 17.85 -81.71 83.15
C THR TA 123 17.26 -83.01 82.65
N LYS TA 124 17.99 -83.68 81.77
CA LYS TA 124 17.57 -84.98 81.31
C LYS TA 124 17.86 -86.07 82.30
N ASP TA 125 18.79 -85.88 83.23
CA ASP TA 125 18.94 -86.79 84.35
C ASP TA 125 19.45 -86.00 85.54
N GLU TA 126 18.62 -85.92 86.57
CA GLU TA 126 19.01 -85.37 87.85
C GLU TA 126 18.13 -86.02 88.90
N SER TA 127 18.68 -86.27 90.08
CA SER TA 127 17.92 -86.63 91.27
C SER TA 127 16.95 -85.53 91.64
N LEU TA 128 15.74 -85.95 92.01
CA LEU TA 128 14.65 -84.97 92.12
C LEU TA 128 14.70 -84.20 93.42
N ALA TA 129 15.49 -84.67 94.38
CA ALA TA 129 15.88 -83.82 95.51
C ALA TA 129 16.77 -82.67 95.05
N GLU TA 130 17.63 -82.90 94.06
CA GLU TA 130 18.43 -81.81 93.53
C GLU TA 130 17.63 -80.93 92.58
N ILE TA 131 16.58 -81.47 91.96
CA ILE TA 131 15.65 -80.63 91.20
C ILE TA 131 14.82 -79.77 92.14
N LEU TA 132 14.55 -80.28 93.34
CA LEU TA 132 13.90 -79.48 94.37
C LEU TA 132 14.83 -78.43 94.95
N ARG TA 133 16.12 -78.75 95.04
CA ARG TA 133 17.12 -77.78 95.46
C ARG TA 133 17.28 -76.66 94.43
N ASP TA 134 17.24 -77.02 93.15
CA ASP TA 134 17.33 -76.04 92.08
C ASP TA 134 16.05 -75.22 91.97
N ILE TA 135 14.90 -75.81 92.31
CA ILE TA 135 13.67 -75.05 92.25
C ILE TA 135 13.53 -74.17 93.48
N ASP TA 136 14.20 -74.50 94.59
CA ASP TA 136 14.26 -73.59 95.72
C ASP TA 136 15.21 -72.44 95.44
N TYR TA 137 16.30 -72.72 94.72
CA TYR TA 137 17.26 -71.66 94.37
C TYR TA 137 16.70 -70.73 93.32
N GLN TA 138 15.89 -71.24 92.40
CA GLN TA 138 15.29 -70.35 91.42
C GLN TA 138 14.02 -69.70 91.94
N ALA TA 139 13.45 -70.22 93.03
CA ALA TA 139 12.48 -69.44 93.79
C ALA TA 139 13.15 -68.24 94.41
N GLY TA 140 14.15 -68.49 95.26
CA GLY TA 140 14.89 -67.41 95.86
C GLY TA 140 14.14 -66.69 96.95
N LYS TA 141 13.80 -65.43 96.70
CA LYS TA 141 13.13 -64.63 97.70
C LYS TA 141 11.64 -64.53 97.45
N LYS TA 142 11.13 -65.22 96.44
CA LYS TA 142 9.70 -65.20 96.18
C LYS TA 142 9.00 -66.37 96.81
N ALA TA 143 9.67 -67.50 96.94
CA ALA TA 143 9.06 -68.71 97.47
C ALA TA 143 10.14 -69.52 98.17
N SER TA 144 9.73 -70.64 98.76
CA SER TA 144 10.64 -71.56 99.41
C SER TA 144 10.02 -72.94 99.41
N ILE TA 145 10.86 -73.94 99.61
CA ILE TA 145 10.46 -75.34 99.61
C ILE TA 145 10.75 -75.91 100.99
N HIS TA 146 9.77 -76.53 101.62
CA HIS TA 146 10.02 -77.34 102.79
C HIS TA 146 9.72 -78.79 102.46
N VAL TA 147 10.54 -79.70 102.98
CA VAL TA 147 10.37 -81.13 102.79
C VAL TA 147 10.32 -81.77 104.17
N TYR TA 148 9.23 -82.47 104.46
CA TYR TA 148 9.15 -83.28 105.66
C TYR TA 148 9.13 -84.73 105.24
N PRO TA 149 10.26 -85.44 105.30
CA PRO TA 149 10.28 -86.83 104.81
C PRO TA 149 9.73 -87.83 105.80
N ASN TA 150 9.70 -87.50 107.09
CA ASN TA 150 9.00 -88.34 108.05
C ASN TA 150 7.49 -88.23 107.87
N SER TA 151 7.02 -87.05 107.52
CA SER TA 151 5.61 -86.84 107.23
C SER TA 151 5.29 -87.00 105.75
N GLN TA 152 6.35 -87.11 104.92
CA GLN TA 152 6.30 -87.42 103.47
C GLN TA 152 5.52 -86.39 102.68
N VAL TA 153 5.86 -85.13 102.87
CA VAL TA 153 5.11 -84.04 102.25
C VAL TA 153 6.06 -82.89 101.95
N VAL TA 154 6.03 -82.41 100.71
CA VAL TA 154 6.71 -81.18 100.38
C VAL TA 154 5.69 -80.04 100.41
N GLU TA 155 6.20 -78.84 100.57
CA GLU TA 155 5.35 -77.70 100.88
C GLU TA 155 5.96 -76.48 100.21
N LEU TA 156 5.17 -75.82 99.38
CA LEU TA 156 5.60 -74.61 98.71
C LEU TA 156 5.13 -73.43 99.54
N ARG TA 157 6.07 -72.62 100.01
CA ARG TA 157 5.75 -71.49 100.85
C ARG TA 157 5.96 -70.20 100.08
N TYR TA 158 4.94 -69.35 100.08
CA TYR TA 158 5.06 -68.02 99.54
C TYR TA 158 5.45 -67.05 100.65
N ALA TA 159 5.34 -65.76 100.39
CA ALA TA 159 5.60 -64.75 101.41
C ALA TA 159 4.67 -63.55 101.26
N ILE UA 272 8.57 -49.48 75.79
CA ILE UA 272 8.82 -50.90 75.96
C ILE UA 272 9.67 -51.41 74.78
N PRO UA 273 10.72 -52.18 75.08
CA PRO UA 273 11.59 -52.66 74.04
C PRO UA 273 10.96 -53.80 73.27
N PRO UA 274 11.45 -54.10 72.06
CA PRO UA 274 11.04 -55.33 71.39
C PRO UA 274 11.62 -56.56 72.06
N SER UA 275 11.02 -57.70 71.73
CA SER UA 275 11.21 -58.91 72.53
C SER UA 275 12.52 -59.60 72.22
N ALA UA 276 12.68 -60.01 70.97
CA ALA UA 276 13.93 -60.47 70.39
C ALA UA 276 13.83 -60.11 68.93
N ASN UA 277 14.61 -60.76 68.11
CA ASN UA 277 14.11 -60.97 66.78
C ASN UA 277 13.39 -62.31 66.80
N ASP UA 278 12.25 -62.38 66.12
CA ASP UA 278 11.56 -63.64 65.89
C ASP UA 278 12.17 -64.41 64.73
N LEU UA 279 13.03 -63.75 63.98
CA LEU UA 279 13.91 -64.36 62.98
C LEU UA 279 14.94 -65.26 63.62
N LEU UA 280 15.30 -65.01 64.89
CA LEU UA 280 16.23 -65.84 65.62
C LEU UA 280 15.69 -67.24 65.92
N LEU UA 281 14.37 -67.43 65.92
CA LEU UA 281 13.82 -68.78 65.99
C LEU UA 281 14.08 -69.56 64.71
N HIS UA 282 14.09 -68.88 63.57
CA HIS UA 282 14.44 -69.54 62.32
C HIS UA 282 15.93 -69.80 62.26
N VAL UA 283 16.74 -68.85 62.73
CA VAL UA 283 18.18 -69.08 62.62
C VAL UA 283 18.74 -69.76 63.86
N LEU UA 284 17.86 -70.16 64.78
CA LEU UA 284 18.23 -71.15 65.77
C LEU UA 284 18.24 -72.55 65.18
N GLU UA 285 17.45 -72.79 64.14
CA GLU UA 285 17.70 -73.94 63.29
C GLU UA 285 18.63 -73.48 62.17
N GLY UA 286 18.94 -74.35 61.24
CA GLY UA 286 19.77 -73.88 60.15
C GLY UA 286 19.04 -73.17 59.03
N VAL UA 287 17.71 -73.03 59.13
CA VAL UA 287 16.92 -72.43 58.04
C VAL UA 287 17.16 -70.93 58.03
N PRO UA 288 17.49 -70.35 56.87
CA PRO UA 288 17.84 -68.93 56.79
C PRO UA 288 16.61 -68.05 56.92
N PRO UA 289 16.77 -66.73 57.07
CA PRO UA 289 15.61 -65.84 57.00
C PRO UA 289 15.08 -65.73 55.58
N PRO UA 290 13.81 -65.38 55.41
CA PRO UA 290 13.28 -65.14 54.06
C PRO UA 290 13.85 -63.85 53.47
N GLY UA 291 14.37 -63.96 52.25
CA GLY UA 291 14.97 -62.83 51.59
C GLY UA 291 16.34 -62.54 52.13
N SER UA 292 17.23 -63.52 52.06
CA SER UA 292 18.54 -63.41 52.66
C SER UA 292 19.63 -63.35 51.62
N ARG UA 293 20.86 -63.35 52.11
CA ARG UA 293 22.03 -63.68 51.33
C ARG UA 293 23.01 -64.31 52.30
N ARG UA 294 23.48 -65.50 51.99
CA ARG UA 294 24.36 -66.20 52.90
C ARG UA 294 25.75 -65.62 52.85
N LEU UA 295 26.44 -65.70 53.98
CA LEU UA 295 27.84 -65.40 54.06
C LEU UA 295 28.56 -66.71 54.24
N VAL UA 296 29.73 -66.83 53.63
CA VAL UA 296 30.57 -67.98 53.90
C VAL UA 296 31.45 -67.66 55.08
N VAL UA 297 31.58 -68.61 55.98
CA VAL UA 297 32.23 -68.40 57.25
C VAL UA 297 33.26 -69.50 57.44
N SER UA 298 34.51 -69.11 57.67
CA SER UA 298 35.63 -70.05 57.66
C SER UA 298 36.22 -70.17 59.04
N GLY UA 299 36.95 -71.25 59.27
CA GLY UA 299 37.70 -71.42 60.48
C GLY UA 299 36.92 -71.77 61.71
N GLY UA 300 35.67 -72.17 61.58
CA GLY UA 300 34.88 -72.53 62.74
C GLY UA 300 33.54 -73.06 62.29
N ASP UA 301 32.87 -73.74 63.22
CA ASP UA 301 31.56 -74.31 62.92
C ASP UA 301 30.50 -73.30 63.29
N ALA UA 302 30.29 -72.34 62.41
CA ALA UA 302 29.15 -71.46 62.50
C ALA UA 302 28.56 -71.37 61.12
N ARG UA 303 27.33 -70.87 61.04
CA ARG UA 303 26.71 -70.50 59.78
C ARG UA 303 26.26 -69.06 59.88
N ALA UA 304 26.44 -68.31 58.81
CA ALA UA 304 26.12 -66.91 58.82
C ALA UA 304 25.11 -66.60 57.74
N TRP UA 305 24.25 -65.64 57.99
CA TRP UA 305 23.41 -65.06 56.96
C TRP UA 305 23.37 -63.55 57.14
N LEU UA 306 22.98 -62.85 56.09
CA LEU UA 306 22.90 -61.39 56.15
C LEU UA 306 21.57 -60.98 55.55
N SER UA 307 20.63 -60.55 56.40
CA SER UA 307 19.29 -60.31 55.90
C SER UA 307 19.06 -58.86 55.50
N ASN UA 308 19.12 -57.94 56.48
CA ASN UA 308 19.01 -56.53 56.14
C ASN UA 308 19.92 -55.78 57.10
N GLU UA 309 21.18 -55.64 56.67
CA GLU UA 309 22.32 -55.05 57.41
C GLU UA 309 22.59 -55.68 58.77
N LYS UA 310 22.22 -56.94 58.97
CA LYS UA 310 22.40 -57.67 60.21
C LYS UA 310 22.81 -59.06 59.84
N MET UA 311 23.85 -59.58 60.48
CA MET UA 311 24.22 -60.96 60.27
C MET UA 311 23.68 -61.80 61.42
N TYR UA 312 23.39 -63.04 61.08
CA TYR UA 312 22.70 -63.99 61.93
C TYR UA 312 23.55 -65.24 61.90
N VAL UA 313 24.18 -65.55 63.01
CA VAL UA 313 25.08 -66.70 63.06
C VAL UA 313 24.49 -67.77 63.95
N ARG UA 314 24.25 -68.93 63.36
CA ARG UA 314 23.90 -70.15 64.07
C ARG UA 314 25.20 -70.85 64.42
N THR UA 315 25.50 -70.89 65.70
CA THR UA 315 26.83 -71.22 66.18
C THR UA 315 26.60 -72.23 67.31
N ASN UA 316 27.60 -73.00 67.68
CA ASN UA 316 27.60 -73.57 69.01
C ASN UA 316 28.92 -73.31 69.72
N LEU UA 317 29.74 -72.44 69.16
CA LEU UA 317 30.80 -71.77 69.89
C LEU UA 317 30.20 -70.57 70.61
N THR UA 318 31.02 -69.88 71.39
CA THR UA 318 30.54 -68.64 71.98
C THR UA 318 31.29 -67.45 71.43
N ILE UA 319 30.56 -66.52 70.84
CA ILE UA 319 31.18 -65.39 70.17
C ILE UA 319 31.57 -64.36 71.23
N LEU UA 320 32.73 -63.73 71.06
CA LEU UA 320 33.32 -62.90 72.10
C LEU UA 320 33.58 -61.47 71.68
N SER UA 321 34.14 -61.22 70.49
CA SER UA 321 34.52 -59.83 70.23
C SER UA 321 33.42 -58.85 69.81
N PRO UA 322 32.70 -59.00 68.68
CA PRO UA 322 32.17 -57.79 68.03
C PRO UA 322 30.84 -57.27 68.57
N GLY UA 323 30.25 -57.91 69.57
CA GLY UA 323 29.03 -57.36 70.12
C GLY UA 323 27.83 -57.87 69.37
N TRP UA 324 27.01 -58.70 70.00
CA TRP UA 324 25.81 -59.18 69.35
C TRP UA 324 24.61 -58.48 69.94
N LEU UA 325 23.65 -58.16 69.07
CA LEU UA 325 22.48 -57.45 69.54
C LEU UA 325 21.47 -58.37 70.16
N ALA UA 326 21.35 -59.59 69.67
CA ALA UA 326 20.31 -60.46 70.19
C ALA UA 326 20.80 -61.89 70.14
N SER UA 327 20.22 -62.73 70.98
CA SER UA 327 20.58 -64.14 70.97
C SER UA 327 19.42 -65.00 71.43
N MET UA 328 19.40 -66.22 70.92
CA MET UA 328 18.58 -67.30 71.43
C MET UA 328 19.45 -68.54 71.53
N THR UA 329 18.92 -69.57 72.17
CA THR UA 329 19.68 -70.80 72.33
C THR UA 329 18.68 -71.94 72.39
N SER UA 330 18.86 -72.96 71.57
CA SER UA 330 17.97 -74.11 71.58
C SER UA 330 18.33 -75.11 72.67
N ALA UA 331 17.77 -76.32 72.54
CA ALA UA 331 17.87 -77.33 73.59
C ALA UA 331 19.26 -77.94 73.67
N ASP UA 332 19.97 -78.03 72.55
CA ASP UA 332 21.25 -78.70 72.51
C ASP UA 332 22.42 -77.73 72.61
N GLY UA 333 22.16 -76.51 73.05
CA GLY UA 333 23.23 -75.54 73.17
C GLY UA 333 23.62 -74.86 71.88
N THR UA 334 22.83 -75.01 70.83
CA THR UA 334 23.01 -74.20 69.64
C THR UA 334 22.56 -72.79 69.95
N HIS UA 335 23.33 -71.80 69.53
CA HIS UA 335 22.94 -70.43 69.71
C HIS UA 335 22.63 -69.79 68.37
N ALA UA 336 21.77 -68.79 68.42
CA ALA UA 336 21.53 -67.91 67.30
C ALA UA 336 21.89 -66.50 67.75
N TYR UA 337 22.82 -65.87 67.07
CA TYR UA 337 23.19 -64.50 67.39
C TYR UA 337 22.79 -63.60 66.24
N GLU UA 338 22.35 -62.40 66.59
CA GLU UA 338 22.12 -61.33 65.64
C GLU UA 338 23.03 -60.17 65.98
N MET UA 339 23.86 -59.78 65.02
CA MET UA 339 24.82 -58.70 65.23
C MET UA 339 24.92 -57.88 63.97
N GLN UA 340 25.69 -56.79 64.06
CA GLN UA 340 26.02 -56.01 62.88
C GLN UA 340 27.07 -56.73 62.07
N LYS UA 341 27.18 -56.36 60.80
CA LYS UA 341 28.05 -57.10 59.89
C LYS UA 341 29.50 -56.72 60.13
N SER UA 342 30.14 -57.51 60.98
CA SER UA 342 31.55 -57.51 61.26
C SER UA 342 32.25 -58.51 60.37
N PRO UA 343 33.42 -58.19 59.80
CA PRO UA 343 34.06 -59.13 58.87
C PRO UA 343 34.76 -60.28 59.56
N VAL UA 344 34.98 -60.19 60.86
CA VAL UA 344 35.61 -61.25 61.62
C VAL UA 344 34.67 -61.59 62.77
N LEU UA 345 34.83 -62.79 63.29
CA LEU UA 345 34.10 -63.25 64.46
C LEU UA 345 35.10 -63.96 65.35
N LEU UA 346 35.35 -63.43 66.53
CA LEU UA 346 36.32 -64.02 67.42
C LEU UA 346 35.58 -64.86 68.45
N VAL UA 347 35.68 -66.17 68.31
CA VAL UA 347 34.89 -67.07 69.14
C VAL UA 347 35.80 -67.70 70.18
N SER UA 348 35.15 -68.31 71.16
CA SER UA 348 35.77 -69.26 72.07
C SER UA 348 35.20 -70.63 71.74
N TRP UA 349 36.09 -71.57 71.41
CA TRP UA 349 35.69 -72.93 71.10
C TRP UA 349 35.58 -73.75 72.37
N HIS UA 350 36.69 -74.01 73.02
CA HIS UA 350 36.70 -74.85 74.20
C HIS UA 350 37.69 -74.28 75.20
N GLY UA 351 37.59 -73.00 75.44
CA GLY UA 351 38.63 -72.27 76.15
C GLY UA 351 39.65 -71.64 75.24
N LYS UA 352 39.78 -72.14 74.02
CA LYS UA 352 40.62 -71.52 73.02
C LYS UA 352 39.88 -70.33 72.41
N VAL UA 353 40.61 -69.26 72.16
CA VAL UA 353 40.09 -68.13 71.44
C VAL UA 353 40.57 -68.23 70.00
N MET UA 354 39.63 -68.26 69.06
CA MET UA 354 39.94 -68.41 67.65
C MET UA 354 39.23 -67.32 66.87
N GLN UA 355 39.60 -67.18 65.62
CA GLN UA 355 38.98 -66.20 64.77
C GLN UA 355 38.28 -66.89 63.60
N LEU UA 356 37.36 -66.15 63.00
CA LEU UA 356 36.50 -66.67 61.96
C LEU UA 356 36.34 -65.59 60.90
N LYS UA 357 36.79 -65.85 59.69
CA LYS UA 357 36.53 -64.95 58.57
C LYS UA 357 35.07 -65.08 58.21
N VAL UA 358 34.42 -63.97 57.87
CA VAL UA 358 33.20 -64.03 57.08
C VAL UA 358 33.45 -63.24 55.81
N GLU UA 359 32.58 -63.41 54.83
CA GLU UA 359 32.74 -62.73 53.54
C GLU UA 359 31.40 -62.17 53.07
N GLY UA 360 31.32 -60.84 53.01
CA GLY UA 360 30.11 -60.15 52.61
C GLY UA 360 29.69 -59.13 53.66
N LEU VA 41 44.41 -67.02 53.09
CA LEU VA 41 43.97 -68.40 52.91
C LEU VA 41 43.80 -69.12 54.24
N PRO VA 42 42.80 -70.00 54.35
CA PRO VA 42 42.76 -70.92 55.48
C PRO VA 42 43.84 -71.98 55.33
N CYS VA 43 44.23 -72.55 56.46
CA CYS VA 43 45.35 -73.48 56.53
C CYS VA 43 44.89 -74.91 56.30
N ARG VA 44 45.70 -75.69 55.59
CA ARG VA 44 45.41 -77.10 55.39
C ARG VA 44 45.84 -77.92 56.60
N VAL VA 45 47.13 -77.93 56.90
CA VAL VA 45 47.61 -78.58 58.12
C VAL VA 45 47.72 -77.55 59.23
N ASP VA 46 47.62 -78.02 60.48
CA ASP VA 46 47.74 -77.16 61.65
C ASP VA 46 49.13 -77.21 62.26
N GLY VA 47 50.16 -77.05 61.45
CA GLY VA 47 51.52 -77.24 61.91
C GLY VA 47 51.88 -78.66 62.29
N ALA VA 48 51.26 -79.65 61.66
CA ALA VA 48 51.42 -81.05 62.06
C ALA VA 48 51.17 -81.94 60.86
N CYS VA 49 51.66 -83.16 60.90
CA CYS VA 49 51.47 -84.11 59.81
C CYS VA 49 51.23 -85.51 60.35
N ASP VA 50 50.36 -86.24 59.66
CA ASP VA 50 49.94 -87.57 60.09
C ASP VA 50 51.05 -88.61 59.89
N ALA VA 51 51.92 -88.39 58.90
CA ALA VA 51 53.10 -89.23 58.72
C ALA VA 51 54.09 -89.04 59.85
N THR VA 52 54.21 -87.82 60.36
CA THR VA 52 55.02 -87.57 61.53
C THR VA 52 54.36 -88.09 62.80
N ILE VA 53 53.03 -88.17 62.81
CA ILE VA 53 52.29 -88.73 63.94
C ILE VA 53 52.55 -90.23 64.07
N ILE VA 54 52.51 -90.94 62.94
CA ILE VA 54 52.77 -92.38 63.01
C ILE VA 54 54.28 -92.66 63.12
N LYS VA 55 55.13 -91.72 62.69
CA LYS VA 55 56.57 -91.84 62.85
C LYS VA 55 56.98 -91.70 64.32
N MET VA 56 56.40 -90.72 65.02
CA MET VA 56 56.67 -90.57 66.44
C MET VA 56 55.99 -91.65 67.28
N MET VA 57 54.88 -92.24 66.78
CA MET VA 57 54.26 -93.35 67.49
C MET VA 57 55.08 -94.63 67.38
N THR VA 58 55.64 -94.91 66.20
CA THR VA 58 56.57 -96.01 66.02
C THR VA 58 57.88 -95.81 66.75
N ASP VA 59 58.39 -94.58 66.82
CA ASP VA 59 59.66 -94.37 67.51
C ASP VA 59 59.51 -94.37 69.02
N LEU VA 60 58.34 -93.99 69.52
CA LEU VA 60 58.10 -94.08 70.96
C LEU VA 60 57.86 -95.52 71.38
N ASN VA 61 57.18 -96.31 70.54
CA ASN VA 61 57.04 -97.73 70.86
C ASN VA 61 58.33 -98.50 70.63
N LYS VA 62 59.22 -98.01 69.76
CA LYS VA 62 60.54 -98.59 69.64
C LYS VA 62 61.40 -98.26 70.84
N LYS VA 63 61.19 -97.08 71.44
CA LYS VA 63 61.87 -96.75 72.69
C LYS VA 63 61.18 -97.32 73.91
N GLY VA 64 60.05 -97.99 73.77
CA GLY VA 64 59.44 -98.66 74.88
C GLY VA 64 58.45 -97.80 75.63
N ILE VA 65 58.27 -96.57 75.20
CA ILE VA 65 57.18 -95.72 75.66
C ILE VA 65 55.92 -96.28 75.04
N LYS VA 66 55.01 -96.76 75.87
CA LYS VA 66 53.84 -97.42 75.28
C LYS VA 66 52.82 -96.34 74.95
N VAL VA 67 52.63 -96.12 73.65
CA VAL VA 67 51.65 -95.16 73.16
C VAL VA 67 50.54 -95.96 72.48
N ALA VA 68 49.35 -95.86 73.03
CA ALA VA 68 48.19 -96.54 72.52
C ALA VA 68 47.12 -95.52 72.16
N SER VA 69 46.23 -95.91 71.25
CA SER VA 69 45.23 -95.00 70.73
C SER VA 69 43.94 -95.79 70.60
N VAL VA 70 42.93 -95.42 71.37
CA VAL VA 70 41.70 -96.17 71.41
C VAL VA 70 40.58 -95.22 70.99
N GLY VA 71 40.32 -95.18 69.69
CA GLY VA 71 39.32 -94.28 69.18
C GLY VA 71 39.87 -92.89 69.09
N GLN VA 72 39.47 -92.04 70.01
CA GLN VA 72 40.07 -90.73 70.12
C GLN VA 72 40.88 -90.57 71.39
N ASN VA 73 40.89 -91.56 72.26
CA ASN VA 73 41.67 -91.46 73.48
C ASN VA 73 43.08 -91.94 73.24
N TYR VA 74 44.04 -91.11 73.61
CA TYR VA 74 45.44 -91.39 73.35
C TYR VA 74 46.16 -91.45 74.68
N LEU VA 75 47.14 -92.34 74.74
CA LEU VA 75 47.72 -92.73 76.02
C LEU VA 75 49.20 -92.99 75.83
N ILE VA 76 50.03 -92.23 76.54
CA ILE VA 76 51.47 -92.42 76.50
C ILE VA 76 51.94 -92.74 77.90
N SER VA 77 52.47 -93.94 78.09
CA SER VA 77 53.04 -94.30 79.38
C SER VA 77 54.55 -94.34 79.24
N ILE VA 78 55.20 -93.46 79.99
CA ILE VA 78 56.62 -93.50 80.24
C ILE VA 78 56.83 -94.42 81.44
N PRO VA 79 57.71 -95.42 81.35
CA PRO VA 79 58.17 -96.08 82.57
C PRO VA 79 59.04 -95.13 83.37
N ALA VA 80 58.93 -95.23 84.69
CA ALA VA 80 59.52 -94.24 85.59
C ALA VA 80 61.03 -94.36 85.71
N SER VA 81 61.61 -95.48 85.30
CA SER VA 81 63.06 -95.59 85.17
C SER VA 81 63.60 -94.74 84.05
N ALA VA 82 62.80 -94.48 83.01
CA ALA VA 82 63.27 -93.65 81.92
C ALA VA 82 63.21 -92.16 82.24
N LEU VA 83 62.52 -91.77 83.31
CA LEU VA 83 62.42 -90.37 83.66
C LEU VA 83 63.14 -90.04 84.95
N PHE VA 84 62.80 -90.69 86.05
CA PHE VA 84 63.21 -90.20 87.35
C PHE VA 84 64.36 -91.03 87.90
N ALA VA 85 64.77 -90.66 89.10
CA ALA VA 85 65.71 -91.47 89.84
C ALA VA 85 64.93 -92.49 90.66
N ASP VA 86 65.66 -93.30 91.42
CA ASP VA 86 65.08 -94.37 92.22
C ASP VA 86 64.35 -93.80 93.43
N GLN VA 87 63.01 -93.84 93.36
CA GLN VA 87 62.06 -93.34 94.36
C GLN VA 87 62.24 -91.87 94.67
N SER VA 88 62.58 -91.08 93.66
CA SER VA 88 62.79 -89.67 93.85
C SER VA 88 61.92 -88.90 92.88
N PRO VA 89 61.48 -87.70 93.23
CA PRO VA 89 60.83 -86.81 92.27
C PRO VA 89 61.79 -85.90 91.52
N ARG VA 90 62.88 -86.45 91.01
CA ARG VA 90 63.87 -85.66 90.32
C ARG VA 90 64.18 -86.32 88.99
N LEU VA 91 64.03 -85.59 87.91
CA LEU VA 91 64.42 -86.08 86.62
C LEU VA 91 65.93 -86.10 86.50
N ASN VA 92 66.44 -87.12 85.83
CA ASN VA 92 67.79 -87.00 85.34
C ASN VA 92 67.78 -86.23 84.03
N TRP VA 93 68.96 -85.74 83.65
CA TRP VA 93 69.12 -84.79 82.58
C TRP VA 93 68.92 -85.40 81.20
N ALA VA 94 69.08 -86.71 81.07
CA ALA VA 94 68.88 -87.36 79.78
C ALA VA 94 67.41 -87.55 79.45
N SER VA 95 66.54 -87.49 80.45
CA SER VA 95 65.11 -87.67 80.26
C SER VA 95 64.43 -86.48 79.61
N TYR VA 96 65.09 -85.33 79.59
CA TYR VA 96 64.54 -84.14 78.97
C TYR VA 96 64.51 -84.24 77.45
N SER VA 97 65.38 -85.07 76.85
CA SER VA 97 65.29 -85.32 75.43
C SER VA 97 64.07 -86.17 75.10
N LEU VA 98 63.73 -87.10 75.99
CA LEU VA 98 62.51 -87.88 75.86
C LEU VA 98 61.28 -87.02 76.08
N LEU VA 99 61.38 -86.08 77.01
CA LEU VA 99 60.27 -85.16 77.23
C LEU VA 99 60.12 -84.14 76.12
N ASN VA 100 61.22 -83.80 75.45
CA ASN VA 100 61.15 -82.99 74.24
C ASN VA 100 60.53 -83.74 73.09
N GLU VA 101 60.79 -85.04 72.96
CA GLU VA 101 60.19 -85.76 71.85
C GLU VA 101 58.73 -86.14 72.12
N ILE VA 102 58.32 -86.30 73.37
CA ILE VA 102 56.89 -86.50 73.59
C ILE VA 102 56.15 -85.16 73.61
N ALA VA 103 56.88 -84.06 73.85
CA ALA VA 103 56.26 -82.75 73.67
C ALA VA 103 56.09 -82.41 72.20
N ALA VA 104 57.02 -82.87 71.36
CA ALA VA 104 56.83 -82.78 69.93
C ALA VA 104 55.78 -83.74 69.41
N PHE VA 105 55.53 -84.83 70.13
CA PHE VA 105 54.37 -85.65 69.81
C PHE VA 105 53.07 -85.01 70.27
N LEU VA 106 53.09 -84.34 71.41
CA LEU VA 106 51.90 -83.73 71.96
C LEU VA 106 51.62 -82.34 71.44
N LYS VA 107 52.43 -81.82 70.53
CA LYS VA 107 51.97 -80.66 69.81
C LYS VA 107 51.37 -81.04 68.46
N GLN VA 108 51.34 -82.32 68.14
CA GLN VA 108 50.77 -82.72 66.86
C GLN VA 108 49.25 -82.80 66.89
N PHE VA 109 48.64 -82.88 68.06
CA PHE VA 109 47.21 -83.08 68.17
C PHE VA 109 46.54 -81.83 68.74
N ARG VA 110 45.28 -81.65 68.39
CA ARG VA 110 44.50 -80.54 68.90
C ARG VA 110 43.73 -81.05 70.12
N LYS VA 111 44.25 -80.74 71.30
CA LYS VA 111 43.76 -81.29 72.54
C LYS VA 111 43.27 -80.17 73.46
N ILE VA 112 42.50 -80.56 74.45
CA ILE VA 112 41.90 -79.63 75.39
C ILE VA 112 42.48 -79.83 76.78
N ALA VA 113 42.34 -81.03 77.32
CA ALA VA 113 42.89 -81.33 78.63
C ALA VA 113 43.71 -82.60 78.51
N ILE VA 114 44.92 -82.58 79.01
CA ILE VA 114 45.65 -83.80 79.25
C ILE VA 114 45.72 -84.00 80.74
N THR VA 115 45.45 -85.22 81.21
CA THR VA 115 45.79 -85.56 82.57
C THR VA 115 47.07 -86.38 82.55
N VAL VA 116 48.04 -85.96 83.34
CA VAL VA 116 49.19 -86.78 83.61
C VAL VA 116 49.01 -87.32 85.03
N THR VA 117 49.35 -88.58 85.20
CA THR VA 117 49.28 -89.17 86.51
C THR VA 117 50.46 -90.10 86.66
N SER VA 118 50.90 -90.25 87.89
CA SER VA 118 51.99 -91.16 88.18
C SER VA 118 51.52 -92.15 89.21
N TYR VA 119 51.96 -93.39 89.08
CA TYR VA 119 51.84 -94.30 90.19
C TYR VA 119 53.11 -95.13 90.25
N SER VA 120 53.63 -95.25 91.46
CA SER VA 120 54.86 -95.98 91.73
C SER VA 120 54.60 -96.96 92.86
N SER VA 121 55.32 -98.08 92.79
CA SER VA 121 55.21 -99.19 93.73
C SER VA 121 55.69 -98.78 95.12
N LYS VA 122 55.22 -99.55 96.12
CA LYS VA 122 55.24 -99.13 97.52
C LYS VA 122 56.64 -99.15 98.10
N TYR VA 123 57.07 -98.00 98.62
CA TYR VA 123 58.44 -97.82 99.06
C TYR VA 123 58.53 -97.66 100.57
N VAL VA 124 57.88 -96.65 101.13
CA VAL VA 124 57.78 -96.56 102.57
C VAL VA 124 56.32 -96.66 102.95
N SER VA 125 55.52 -95.69 102.51
CA SER VA 125 54.14 -95.63 102.91
C SER VA 125 53.30 -95.21 101.72
N VAL VA 126 51.99 -95.27 101.90
CA VAL VA 126 51.11 -94.78 100.85
C VAL VA 126 51.06 -93.27 100.82
N LYS VA 127 51.33 -92.58 101.94
CA LYS VA 127 51.35 -91.13 101.94
C LYS VA 127 52.61 -90.59 101.30
N ARG VA 128 53.74 -91.26 101.58
CA ARG VA 128 55.01 -90.98 100.92
C ARG VA 128 54.95 -91.32 99.45
N GLU VA 129 54.23 -92.40 99.12
CA GLU VA 129 54.00 -92.86 97.76
C GLU VA 129 53.17 -91.85 96.96
N ARG VA 130 52.11 -91.33 97.57
CA ARG VA 130 51.24 -90.39 96.88
C ARG VA 130 51.86 -89.02 96.75
N ALA VA 131 52.67 -88.60 97.73
CA ALA VA 131 53.35 -87.32 97.62
C ALA VA 131 54.49 -87.39 96.62
N LEU VA 132 55.12 -88.57 96.48
CA LEU VA 132 56.13 -88.80 95.46
C LEU VA 132 55.53 -88.77 94.06
N THR VA 133 54.40 -89.42 93.88
CA THR VA 133 53.82 -89.50 92.54
C THR VA 133 53.11 -88.22 92.14
N LEU VA 134 52.59 -87.46 93.10
CA LEU VA 134 52.00 -86.17 92.74
C LEU VA 134 53.08 -85.14 92.48
N ALA VA 135 54.25 -85.26 93.14
CA ALA VA 135 55.38 -84.40 92.80
C ALA VA 135 55.99 -84.75 91.46
N ARG VA 136 55.98 -86.04 91.10
CA ARG VA 136 56.48 -86.49 89.81
C ARG VA 136 55.59 -86.04 88.67
N SER VA 137 54.27 -86.12 88.87
CA SER VA 137 53.37 -85.68 87.82
C SER VA 137 53.32 -84.16 87.73
N ARG VA 138 53.54 -83.45 88.85
CA ARG VA 138 53.54 -82.00 88.75
C ARG VA 138 54.85 -81.47 88.16
N VAL VA 139 55.97 -82.20 88.25
CA VAL VA 139 57.16 -81.70 87.60
C VAL VA 139 57.14 -82.05 86.11
N VAL VA 140 56.49 -83.17 85.74
CA VAL VA 140 56.42 -83.49 84.31
C VAL VA 140 55.35 -82.64 83.60
N SER VA 141 54.32 -82.19 84.32
CA SER VA 141 53.40 -81.26 83.70
C SER VA 141 53.93 -79.83 83.75
N GLU VA 142 54.83 -79.52 84.70
CA GLU VA 142 55.53 -78.24 84.69
C GLU VA 142 56.43 -78.11 83.47
N TYR VA 143 57.14 -79.19 83.11
CA TYR VA 143 57.97 -79.13 81.92
C TYR VA 143 57.16 -79.19 80.63
N LEU VA 144 56.06 -79.96 80.62
CA LEU VA 144 55.23 -80.02 79.42
C LEU VA 144 54.42 -78.76 79.18
N TRP VA 145 53.94 -78.12 80.24
CA TRP VA 145 53.27 -76.83 80.12
C TRP VA 145 54.26 -75.72 79.81
N SER VA 146 55.52 -75.89 80.21
CA SER VA 146 56.56 -74.99 79.74
C SER VA 146 56.84 -75.21 78.26
N GLN VA 147 56.75 -76.45 77.80
CA GLN VA 147 57.02 -76.73 76.40
C GLN VA 147 55.84 -76.39 75.52
N GLY VA 148 55.98 -76.70 74.25
CA GLY VA 148 54.93 -76.35 73.33
C GLY VA 148 53.91 -77.45 73.31
N VAL VA 149 52.87 -77.30 74.13
CA VAL VA 149 51.65 -78.05 73.97
C VAL VA 149 50.55 -77.02 73.76
N ASP VA 150 49.45 -77.46 73.17
CA ASP VA 150 48.35 -76.56 72.83
C ASP VA 150 47.22 -76.69 73.81
N SER VA 151 47.52 -77.08 75.04
CA SER VA 151 46.49 -77.51 75.95
C SER VA 151 45.77 -76.35 76.59
N ARG VA 152 44.57 -76.63 77.07
CA ARG VA 152 43.91 -75.70 77.95
C ARG VA 152 44.12 -76.09 79.41
N ILE VA 153 43.80 -77.32 79.78
CA ILE VA 153 44.09 -77.81 81.12
C ILE VA 153 45.05 -78.97 81.02
N ILE VA 154 46.09 -78.94 81.82
CA ILE VA 154 46.86 -80.13 82.10
C ILE VA 154 46.62 -80.46 83.56
N PHE VA 155 45.81 -81.48 83.79
CA PHE VA 155 45.62 -82.04 85.11
C PHE VA 155 46.84 -82.86 85.46
N THR VA 156 47.20 -82.89 86.73
CA THR VA 156 48.30 -83.69 87.22
C THR VA 156 47.91 -84.30 88.55
N GLN VA 157 48.04 -85.62 88.65
CA GLN VA 157 47.78 -86.28 89.91
C GLN VA 157 48.70 -87.48 90.10
N GLY VA 158 48.77 -87.95 91.34
CA GLY VA 158 49.59 -89.09 91.65
C GLY VA 158 48.92 -90.06 92.60
N LEU VA 159 49.23 -91.33 92.46
CA LEU VA 159 48.57 -92.41 93.17
C LEU VA 159 49.62 -93.32 93.79
N GLY VA 160 49.26 -93.95 94.91
CA GLY VA 160 50.23 -94.70 95.66
C GLY VA 160 50.24 -96.17 95.35
N SER VA 161 50.55 -96.50 94.08
CA SER VA 161 50.29 -97.80 93.43
C SER VA 161 48.86 -98.28 93.67
N ASP VA 162 47.91 -97.38 93.42
CA ASP VA 162 46.52 -97.74 93.58
C ASP VA 162 45.93 -98.32 92.31
N LYS VA 163 46.69 -98.34 91.23
CA LYS VA 163 46.32 -99.09 90.03
C LYS VA 163 47.55 -99.86 89.58
N PRO VA 164 47.78 -101.07 90.11
CA PRO VA 164 48.89 -101.88 89.61
C PRO VA 164 48.48 -102.53 88.30
N ILE VA 165 49.49 -102.81 87.46
CA ILE VA 165 49.27 -103.09 86.05
C ILE VA 165 49.66 -104.50 85.71
N THR VA 166 50.79 -104.97 86.21
CA THR VA 166 50.95 -106.39 86.41
C THR VA 166 51.03 -106.61 87.91
N SER VA 167 50.83 -107.84 88.33
CA SER VA 167 50.83 -108.14 89.76
C SER VA 167 52.22 -108.42 90.29
N TYR VA 168 53.23 -108.51 89.43
CA TYR VA 168 54.58 -108.73 89.89
C TYR VA 168 55.20 -107.40 90.27
N THR VA 169 55.46 -107.23 91.57
CA THR VA 169 55.95 -105.97 92.10
C THR VA 169 57.42 -106.11 92.50
N LEU VA 170 58.22 -106.77 91.65
CA LEU VA 170 59.55 -107.16 92.05
C LEU VA 170 60.55 -106.01 92.01
N GLY VA 171 60.23 -104.90 91.35
CA GLY VA 171 61.16 -103.80 91.29
C GLY VA 171 60.71 -102.61 92.12
N GLY VA 172 61.47 -101.54 92.08
CA GLY VA 172 61.10 -100.30 92.72
C GLY VA 172 60.54 -99.40 91.65
N ASP VA 173 61.37 -98.51 91.12
CA ASP VA 173 61.07 -97.86 89.86
C ASP VA 173 61.51 -98.67 88.67
N ARG VA 174 62.18 -99.80 88.88
CA ARG VA 174 62.43 -100.75 87.82
C ARG VA 174 61.22 -101.59 87.48
N SER VA 175 60.24 -101.64 88.40
CA SER VA 175 58.99 -102.33 88.15
C SER VA 175 58.17 -101.58 87.10
N PRO VA 176 57.45 -102.28 86.22
CA PRO VA 176 56.59 -101.60 85.26
C PRO VA 176 55.28 -101.09 85.84
N ASN VA 177 54.97 -101.40 87.10
CA ASN VA 177 53.92 -100.68 87.80
C ASN VA 177 54.27 -99.22 88.01
N ALA VA 178 55.54 -98.92 88.27
CA ALA VA 178 55.98 -97.56 88.47
C ALA VA 178 56.09 -96.88 87.11
N ARG VA 179 55.13 -96.02 86.82
CA ARG VA 179 55.09 -95.34 85.54
C ARG VA 179 54.36 -94.02 85.70
N VAL VA 180 54.54 -93.17 84.70
CA VAL VA 180 53.79 -91.93 84.59
C VAL VA 180 53.14 -91.93 83.21
N GLU VA 181 51.83 -91.74 83.16
CA GLU VA 181 51.17 -91.75 81.87
C GLU VA 181 50.32 -90.51 81.65
N ILE VA 182 50.22 -90.22 80.35
CA ILE VA 182 49.87 -88.96 79.77
C ILE VA 182 48.68 -89.27 78.88
N THR VA 183 47.49 -88.91 79.34
CA THR VA 183 46.27 -89.39 78.71
C THR VA 183 45.43 -88.19 78.31
N PHE VA 184 44.98 -88.20 77.05
CA PHE VA 184 44.13 -87.13 76.58
C PHE VA 184 43.16 -87.70 75.56
N ARG VA 185 42.22 -86.88 75.15
CA ARG VA 185 41.36 -87.20 74.03
C ARG VA 185 41.54 -86.12 72.97
N ARG VA 186 41.90 -86.53 71.77
CA ARG VA 186 42.09 -85.65 70.64
C ARG VA 186 40.78 -85.04 70.22
N ALA VA 187 40.71 -83.71 70.16
CA ALA VA 187 39.47 -83.04 69.85
C ALA VA 187 39.37 -82.78 68.36
N VAL VA 188 38.22 -83.15 67.78
CA VAL VA 188 37.85 -83.22 66.35
C VAL VA 188 38.93 -83.77 65.43
N UNK WA 1 76.52 -99.24 146.54
CA UNK WA 1 77.12 -97.94 146.85
C UNK WA 1 76.11 -96.81 146.67
N UNK WA 2 74.96 -96.96 147.33
CA UNK WA 2 73.84 -96.04 147.15
C UNK WA 2 74.06 -94.73 147.91
N UNK WA 3 73.38 -93.69 147.42
CA UNK WA 3 73.36 -92.38 148.09
C UNK WA 3 71.99 -91.78 147.82
N UNK WA 4 71.10 -91.86 148.83
CA UNK WA 4 69.70 -91.47 148.68
C UNK WA 4 69.28 -90.63 149.88
N UNK WA 5 69.31 -89.31 149.73
CA UNK WA 5 68.95 -88.40 150.80
C UNK WA 5 68.44 -87.08 150.23
N UNK WA 6 67.65 -86.39 151.04
CA UNK WA 6 67.10 -85.06 150.70
C UNK WA 6 67.68 -84.06 151.69
N UNK WA 7 68.79 -83.44 151.29
CA UNK WA 7 69.61 -82.60 152.15
C UNK WA 7 70.21 -81.51 151.30
N UNK WA 8 71.29 -80.90 151.78
CA UNK WA 8 72.08 -79.97 150.98
C UNK WA 8 73.52 -80.46 150.99
N UNK WA 9 73.83 -81.40 150.09
CA UNK WA 9 75.23 -81.74 149.85
C UNK WA 9 75.92 -80.64 149.07
N UNK WA 10 75.34 -80.27 147.92
CA UNK WA 10 75.41 -78.96 147.26
C UNK WA 10 76.75 -78.54 146.65
N UNK WA 11 77.83 -79.31 146.83
CA UNK WA 11 79.12 -78.97 146.24
C UNK WA 11 79.86 -80.27 145.95
N UNK WA 12 79.69 -80.77 144.73
CA UNK WA 12 80.27 -82.05 144.34
C UNK WA 12 80.44 -82.07 142.83
N UNK WA 13 81.70 -82.08 142.38
CA UNK WA 13 82.01 -82.51 141.01
C UNK WA 13 82.32 -84.01 141.05
N UNK WA 14 81.26 -84.78 141.29
CA UNK WA 14 81.38 -86.15 141.76
C UNK WA 14 81.38 -87.10 140.56
N UNK WA 15 82.57 -87.52 140.15
CA UNK WA 15 82.71 -88.56 139.13
C UNK WA 15 82.71 -89.90 139.85
N UNK WA 16 81.51 -90.48 139.97
CA UNK WA 16 81.32 -91.71 140.72
C UNK WA 16 81.80 -92.91 139.92
N UNK WA 17 82.14 -93.98 140.65
CA UNK WA 17 82.63 -95.21 140.06
C UNK WA 17 81.44 -96.15 139.78
N UNK WA 18 81.75 -97.42 139.51
CA UNK WA 18 80.76 -98.40 139.11
C UNK WA 18 79.91 -98.83 140.29
N UNK WA 19 78.64 -99.15 139.98
CA UNK WA 19 77.54 -99.54 140.88
C UNK WA 19 77.29 -98.52 141.99
N UNK WA 20 77.45 -97.24 141.69
CA UNK WA 20 77.12 -96.17 142.64
C UNK WA 20 75.67 -95.78 142.40
N UNK WA 21 74.76 -96.63 142.88
CA UNK WA 21 73.32 -96.53 142.58
C UNK WA 21 72.67 -95.47 143.46
N UNK WA 22 72.94 -94.21 143.12
CA UNK WA 22 72.58 -93.08 143.97
C UNK WA 22 71.23 -92.53 143.54
N UNK WA 23 70.19 -92.84 144.30
CA UNK WA 23 68.88 -92.22 144.13
C UNK WA 23 68.69 -91.04 145.07
N UNK WA 24 69.64 -90.10 145.05
CA UNK WA 24 69.57 -88.90 145.88
C UNK WA 24 68.48 -87.94 145.42
N UNK WA 25 67.99 -87.14 146.38
CA UNK WA 25 67.02 -86.09 146.12
C UNK WA 25 67.44 -84.78 146.79
N UNK WA 26 68.73 -84.65 147.11
CA UNK WA 26 69.25 -83.53 147.85
C UNK WA 26 69.33 -82.26 147.00
N UNK WA 27 69.49 -81.13 147.69
CA UNK WA 27 69.72 -79.85 147.03
C UNK WA 27 71.16 -79.78 146.54
N UNK WA 28 71.42 -80.35 145.37
CA UNK WA 28 72.78 -80.44 144.82
C UNK WA 28 72.99 -79.24 143.91
N UNK WA 29 73.47 -78.14 144.50
CA UNK WA 29 73.58 -76.87 143.79
C UNK WA 29 74.76 -76.86 142.83
N UNK WA 30 75.98 -76.98 143.36
CA UNK WA 30 77.17 -77.02 142.52
C UNK WA 30 77.48 -78.48 142.22
N UNK WA 31 76.68 -79.06 141.33
CA UNK WA 31 76.68 -80.48 141.06
C UNK WA 31 77.27 -80.80 139.71
N UNK WA 32 77.94 -81.95 139.62
CA UNK WA 32 78.28 -82.62 138.36
C UNK WA 32 78.36 -84.11 138.69
N UNK WA 33 77.26 -84.83 138.47
CA UNK WA 33 77.14 -86.22 138.91
C UNK WA 33 77.46 -87.14 137.73
N UNK WA 34 78.74 -87.52 137.61
CA UNK WA 34 79.19 -88.38 136.52
C UNK WA 34 79.25 -89.84 137.00
N UNK WA 35 78.05 -90.37 137.28
CA UNK WA 35 77.89 -91.74 137.72
C UNK WA 35 78.14 -92.72 136.58
N UNK WA 36 78.81 -93.83 136.89
CA UNK WA 36 79.33 -94.72 135.87
C UNK WA 36 78.55 -96.02 135.71
N UNK WA 37 77.63 -96.34 136.63
CA UNK WA 37 76.68 -97.43 136.49
C UNK WA 37 75.49 -97.16 137.40
N UNK WA 38 74.32 -97.60 136.92
CA UNK WA 38 73.16 -98.01 137.73
C UNK WA 38 72.51 -96.86 138.50
N UNK WA 39 72.63 -95.63 137.99
CA UNK WA 39 71.99 -94.49 138.63
C UNK WA 39 70.48 -94.53 138.38
N UNK WA 40 69.70 -94.38 139.44
CA UNK WA 40 68.25 -94.53 139.41
C UNK WA 40 67.59 -93.37 140.13
N UNK WA 41 67.98 -92.16 139.76
CA UNK WA 41 67.68 -90.97 140.56
C UNK WA 41 66.33 -90.38 140.19
N UNK WA 42 65.54 -90.04 141.22
CA UNK WA 42 64.24 -89.37 141.04
C UNK WA 42 64.21 -88.21 142.04
N UNK WA 43 64.72 -87.07 141.61
CA UNK WA 43 64.92 -85.92 142.48
C UNK WA 43 63.94 -84.80 142.12
N UNK WA 44 64.03 -83.72 142.89
CA UNK WA 44 63.42 -82.43 142.55
C UNK WA 44 64.48 -81.40 142.94
N UNK WA 45 65.38 -81.11 142.01
CA UNK WA 45 66.60 -80.38 142.31
C UNK WA 45 66.64 -79.05 141.55
N UNK WA 46 67.73 -78.32 141.75
CA UNK WA 46 67.98 -77.06 141.07
C UNK WA 46 69.49 -76.88 141.02
N UNK WA 47 70.08 -77.10 139.85
CA UNK WA 47 71.53 -77.12 139.71
C UNK WA 47 72.07 -75.92 138.94
N UNK WA 48 71.48 -75.61 137.78
CA UNK WA 48 71.62 -74.43 136.93
C UNK WA 48 72.97 -74.27 136.23
N UNK WA 49 73.95 -75.14 136.47
CA UNK WA 49 75.18 -75.13 135.70
C UNK WA 49 75.71 -76.53 135.47
N UNK WA 50 74.83 -77.52 135.34
CA UNK WA 50 75.21 -78.93 135.39
C UNK WA 50 75.83 -79.39 134.08
N UNK WA 51 77.05 -79.92 134.16
CA UNK WA 51 77.66 -80.65 133.05
C UNK WA 51 77.58 -82.13 133.42
N UNK WA 52 76.44 -82.73 133.13
CA UNK WA 52 76.20 -84.10 133.52
C UNK WA 52 76.72 -85.07 132.46
N UNK WA 53 77.35 -86.13 132.93
CA UNK WA 53 77.67 -87.28 132.09
C UNK WA 53 77.03 -88.49 132.74
N UNK WA 54 76.54 -89.42 131.92
CA UNK WA 54 75.84 -90.57 132.46
C UNK WA 54 76.16 -91.80 131.62
N UNK WA 55 76.70 -92.82 132.28
CA UNK WA 55 76.92 -94.13 131.72
C UNK WA 55 75.73 -95.04 132.04
N UNK WA 56 75.93 -96.36 131.95
CA UNK WA 56 74.89 -97.37 131.74
C UNK WA 56 73.91 -97.51 132.88
N UNK WA 57 72.65 -97.80 132.50
CA UNK WA 57 71.46 -98.01 133.35
C UNK WA 57 71.17 -96.82 134.25
N UNK WA 58 71.24 -95.63 133.66
CA UNK WA 58 70.95 -94.39 134.37
C UNK WA 58 69.55 -93.92 133.99
N UNK WA 59 68.59 -94.22 134.85
CA UNK WA 59 67.24 -93.69 134.74
C UNK WA 59 67.11 -92.53 135.72
N UNK WA 60 66.51 -91.43 135.26
CA UNK WA 60 66.48 -90.23 136.07
C UNK WA 60 65.17 -89.49 135.87
N UNK WA 61 64.82 -88.68 136.87
CA UNK WA 61 63.63 -87.83 136.82
C UNK WA 61 63.92 -86.59 137.66
N UNK WA 62 64.23 -85.49 137.00
CA UNK WA 62 64.76 -84.31 137.67
C UNK WA 62 64.18 -83.02 137.11
N UNK WA 63 64.17 -81.98 137.93
CA UNK WA 63 63.65 -80.67 137.55
C UNK WA 63 64.71 -79.58 137.68
N UNK WA 64 65.94 -79.87 137.26
CA UNK WA 64 67.06 -78.97 137.37
C UNK WA 64 67.60 -78.60 136.00
N UNK WA 65 68.30 -77.48 135.93
CA UNK WA 65 68.83 -77.00 134.67
C UNK WA 65 70.25 -77.49 134.45
N UNK WA 66 70.54 -77.96 133.25
CA UNK WA 66 71.86 -78.43 132.88
C UNK WA 66 72.55 -77.40 132.02
N UNK WA 67 73.82 -77.66 131.69
CA UNK WA 67 74.55 -76.84 130.74
C UNK WA 67 75.18 -77.73 129.70
N UNK WA 68 75.51 -78.96 130.08
CA UNK WA 68 76.05 -79.93 129.15
C UNK WA 68 75.57 -81.31 129.54
N UNK WA 69 75.43 -82.18 128.55
CA UNK WA 69 74.99 -83.55 128.77
C UNK WA 69 75.80 -84.48 127.88
N UNK WA 70 76.25 -85.59 128.46
CA UNK WA 70 76.99 -86.59 127.71
C UNK WA 70 76.49 -87.98 128.10
N UNK WA 71 76.40 -88.85 127.12
CA UNK WA 71 75.93 -90.21 127.32
C UNK WA 71 77.01 -91.19 126.89
N UNK WA 72 77.06 -92.36 127.53
CA UNK WA 72 78.11 -93.33 127.26
C UNK WA 72 77.59 -94.66 126.71
N UNK WA 73 76.68 -95.33 127.42
CA UNK WA 73 76.20 -96.63 126.94
C UNK WA 73 74.70 -96.67 126.69
N UNK WA 74 73.87 -96.43 127.70
CA UNK WA 74 72.42 -96.61 127.64
C UNK WA 74 71.81 -95.92 128.84
N UNK WA 75 70.78 -95.11 128.62
CA UNK WA 75 70.17 -94.35 129.71
C UNK WA 75 68.69 -94.13 129.42
N UNK WA 76 68.01 -93.47 130.37
CA UNK WA 76 66.64 -93.01 130.22
C UNK WA 76 66.47 -91.82 131.18
N UNK WA 77 66.56 -90.61 130.64
CA UNK WA 77 66.36 -89.43 131.46
C UNK WA 77 64.93 -88.94 131.36
N UNK WA 78 64.52 -88.17 132.36
CA UNK WA 78 63.32 -87.33 132.26
C UNK WA 78 63.67 -86.06 133.04
N UNK WA 79 64.22 -85.09 132.33
CA UNK WA 79 64.80 -83.93 132.96
C UNK WA 79 64.14 -82.66 132.46
N UNK WA 80 64.07 -81.66 133.34
CA UNK WA 80 63.43 -80.38 133.05
C UNK WA 80 64.50 -79.28 133.13
N UNK WA 81 65.21 -79.08 132.03
CA UNK WA 81 66.31 -78.12 131.99
C UNK WA 81 65.81 -76.75 131.52
N UNK WA 82 66.68 -75.73 131.63
CA UNK WA 82 66.17 -74.38 131.36
C UNK WA 82 67.00 -73.54 130.40
N UNK WA 83 68.34 -73.59 130.49
CA UNK WA 83 69.14 -72.48 129.97
C UNK WA 83 69.84 -72.78 128.66
N UNK WA 84 70.72 -73.78 128.64
CA UNK WA 84 71.53 -74.10 127.48
C UNK WA 84 71.95 -75.55 127.59
N UNK WA 85 72.33 -76.14 126.46
CA UNK WA 85 72.72 -77.53 126.45
C UNK WA 85 73.75 -77.78 125.37
N UNK WA 86 74.93 -78.24 125.78
CA UNK WA 86 75.89 -78.87 124.88
C UNK WA 86 75.74 -80.37 125.06
N UNK WA 87 75.08 -81.02 124.11
CA UNK WA 87 74.66 -82.40 124.27
C UNK WA 87 75.43 -83.30 123.32
N UNK WA 88 75.84 -84.47 123.83
CA UNK WA 88 76.54 -85.46 123.05
C UNK WA 88 76.20 -86.84 123.60
N UNK WA 89 75.97 -87.79 122.69
CA UNK WA 89 75.48 -89.10 123.07
C UNK WA 89 76.40 -90.19 122.53
N UNK WA 90 76.24 -91.39 123.08
CA UNK WA 90 76.89 -92.59 122.57
C UNK WA 90 75.97 -93.77 122.86
N UNK WA 91 75.30 -94.27 121.80
CA UNK WA 91 74.56 -95.54 121.74
C UNK WA 91 73.36 -95.61 122.67
N UNK WA 92 72.83 -94.47 123.11
CA UNK WA 92 71.98 -94.40 124.29
C UNK WA 92 70.57 -93.93 123.93
N UNK WA 93 69.78 -93.70 124.96
CA UNK WA 93 68.46 -93.10 124.84
C UNK WA 93 68.34 -91.98 125.85
N UNK WA 94 67.61 -90.92 125.49
CA UNK WA 94 67.52 -89.74 126.34
C UNK WA 94 66.22 -89.01 126.04
N UNK WA 95 65.61 -88.48 127.09
CA UNK WA 95 64.40 -87.67 126.97
C UNK WA 95 64.47 -86.50 127.93
N UNK WA 96 64.14 -85.31 127.44
CA UNK WA 96 64.10 -84.12 128.28
C UNK WA 96 62.76 -83.43 128.08
N UNK WA 97 62.35 -82.65 129.08
CA UNK WA 97 60.96 -82.23 129.16
C UNK WA 97 60.75 -80.73 128.97
N UNK WA 98 61.37 -79.88 129.78
CA UNK WA 98 60.99 -78.48 129.81
C UNK WA 98 61.76 -77.68 128.77
N UNK WA 99 61.61 -76.35 128.83
CA UNK WA 99 62.06 -75.44 127.78
C UNK WA 99 63.56 -75.26 127.84
N UNK WA 100 64.27 -75.92 126.94
CA UNK WA 100 65.71 -75.79 126.83
C UNK WA 100 66.08 -75.03 125.57
N UNK WA 101 67.35 -74.62 125.49
CA UNK WA 101 67.88 -73.95 124.31
C UNK WA 101 69.13 -74.72 123.89
N UNK WA 102 68.92 -75.77 123.10
CA UNK WA 102 70.01 -76.64 122.65
C UNK WA 102 70.73 -75.94 121.51
N UNK WA 103 71.97 -75.53 121.75
CA UNK WA 103 72.74 -74.87 120.71
C UNK WA 103 73.30 -75.89 119.71
N UNK WA 104 74.13 -76.80 120.18
CA UNK WA 104 74.72 -77.81 119.32
C UNK WA 104 74.29 -79.19 119.79
N UNK WA 105 74.10 -80.10 118.84
CA UNK WA 105 73.77 -81.48 119.16
C UNK WA 105 74.41 -82.39 118.12
N UNK WA 106 75.43 -83.13 118.54
CA UNK WA 106 76.18 -83.99 117.66
C UNK WA 106 75.98 -85.43 118.11
N UNK WA 107 75.29 -86.21 117.30
CA UNK WA 107 75.08 -87.62 117.56
C UNK WA 107 75.94 -88.41 116.59
N UNK WA 108 76.88 -89.18 117.11
CA UNK WA 108 77.79 -89.96 116.29
C UNK WA 108 77.62 -91.46 116.50
N UNK WA 109 76.49 -91.89 117.03
CA UNK WA 109 76.26 -93.29 117.38
C UNK WA 109 74.76 -93.57 117.25
N UNK WA 110 74.29 -94.64 117.91
CA UNK WA 110 72.88 -95.02 117.90
C UNK WA 110 72.22 -94.48 119.16
N UNK WA 111 71.42 -93.44 118.99
CA UNK WA 111 70.86 -92.71 120.13
C UNK WA 111 69.43 -92.32 119.82
N UNK WA 112 68.54 -92.54 120.78
CA UNK WA 112 67.16 -92.09 120.70
C UNK WA 112 67.01 -90.87 121.60
N UNK WA 113 67.29 -89.70 121.03
CA UNK WA 113 67.25 -88.44 121.77
C UNK WA 113 65.89 -87.78 121.57
N UNK WA 114 65.39 -87.15 122.62
CA UNK WA 114 64.09 -86.48 122.57
C UNK WA 114 64.08 -85.28 123.50
N UNK WA 115 63.43 -84.21 123.06
CA UNK WA 115 63.26 -83.01 123.87
C UNK WA 115 61.89 -82.43 123.59
N UNK WA 116 61.06 -82.33 124.63
CA UNK WA 116 59.67 -81.95 124.43
C UNK WA 116 59.48 -80.45 124.24
N UNK WA 117 60.48 -79.64 124.56
CA UNK WA 117 60.40 -78.20 124.34
C UNK WA 117 61.82 -77.67 124.12
N UNK WA 118 62.19 -77.47 122.87
CA UNK WA 118 63.47 -76.86 122.52
C UNK WA 118 63.16 -75.48 121.95
N UNK WA 119 63.41 -74.43 122.72
CA UNK WA 119 63.23 -73.05 122.29
C UNK WA 119 64.60 -72.40 122.21
N UNK WA 120 65.26 -72.59 121.07
CA UNK WA 120 66.63 -72.16 120.88
C UNK WA 120 66.69 -71.05 119.83
N UNK WA 121 67.90 -70.69 119.45
CA UNK WA 121 68.12 -69.70 118.40
C UNK WA 121 68.79 -70.27 117.17
N UNK WA 122 69.75 -71.17 117.34
CA UNK WA 122 70.43 -71.77 116.19
C UNK WA 122 70.81 -73.19 116.57
N UNK WA 123 69.97 -74.14 116.19
CA UNK WA 123 70.19 -75.54 116.53
C UNK WA 123 71.01 -76.19 115.44
N UNK WA 124 72.30 -76.32 115.67
CA UNK WA 124 73.17 -77.05 114.76
C UNK WA 124 73.16 -78.51 115.19
N UNK WA 125 72.47 -79.34 114.41
CA UNK WA 125 72.38 -80.77 114.68
C UNK WA 125 73.16 -81.50 113.61
N UNK WA 126 74.09 -82.34 114.04
CA UNK WA 126 74.88 -83.16 113.14
C UNK WA 126 74.69 -84.62 113.51
N UNK WA 127 74.52 -85.47 112.50
CA UNK WA 127 74.25 -86.88 112.73
C UNK WA 127 75.21 -87.75 111.93
N UNK WA 128 75.61 -88.87 112.54
CA UNK WA 128 76.59 -89.76 111.93
C UNK WA 128 76.17 -91.21 112.15
N UNK WA 129 75.52 -91.75 111.12
CA UNK WA 129 75.38 -93.13 110.69
C UNK WA 129 74.42 -94.05 111.45
N UNK WA 130 73.94 -93.65 112.64
CA UNK WA 130 73.06 -94.60 113.33
C UNK WA 130 71.87 -94.04 114.11
N UNK WA 131 71.93 -92.79 114.56
CA UNK WA 131 71.05 -92.34 115.64
C UNK WA 131 69.65 -91.97 115.17
N UNK WA 132 68.89 -91.36 116.09
CA UNK WA 132 67.50 -90.96 115.86
C UNK WA 132 67.17 -89.81 116.82
N UNK WA 133 67.18 -88.59 116.31
CA UNK WA 133 66.79 -87.43 117.10
C UNK WA 133 65.35 -87.05 116.79
N UNK WA 134 64.61 -86.68 117.83
CA UNK WA 134 63.23 -86.22 117.66
C UNK WA 134 62.95 -85.13 118.69
N UNK WA 135 63.21 -83.88 118.31
CA UNK WA 135 63.05 -82.74 119.21
C UNK WA 135 62.14 -81.74 118.53
N UNK WA 136 61.17 -81.21 119.27
CA UNK WA 136 60.14 -80.41 118.61
C UNK WA 136 59.57 -79.34 119.55
N UNK WA 137 60.14 -78.14 119.53
CA UNK WA 137 59.25 -76.99 119.73
C UNK WA 137 59.38 -75.88 118.69
N UNK WA 138 60.51 -75.13 118.74
CA UNK WA 138 60.60 -73.86 118.03
C UNK WA 138 62.06 -73.43 117.94
N UNK WA 139 62.62 -73.44 116.74
CA UNK WA 139 63.94 -72.89 116.54
C UNK WA 139 63.83 -71.59 115.77
N UNK WA 140 64.98 -70.94 115.52
CA UNK WA 140 65.03 -69.82 114.61
C UNK WA 140 65.99 -70.02 113.46
N UNK WA 141 67.08 -70.74 113.64
CA UNK WA 141 67.90 -71.19 112.53
C UNK WA 141 68.31 -72.62 112.84
N UNK WA 142 67.68 -73.59 112.20
CA UNK WA 142 68.05 -74.99 112.36
C UNK WA 142 68.98 -75.38 111.22
N UNK WA 143 69.97 -76.20 111.53
CA UNK WA 143 70.94 -76.67 110.54
C UNK WA 143 71.20 -78.12 110.84
N UNK WA 144 70.50 -79.00 110.14
CA UNK WA 144 70.61 -80.44 110.35
C UNK WA 144 71.44 -81.01 109.21
N UNK WA 145 72.64 -81.45 109.54
CA UNK WA 145 73.51 -82.14 108.59
C UNK WA 145 73.55 -83.60 109.01
N UNK WA 146 72.81 -84.43 108.30
CA UNK WA 146 72.84 -85.86 108.54
C UNK WA 146 73.82 -86.46 107.55
N UNK WA 147 75.08 -86.59 107.95
CA UNK WA 147 76.10 -87.29 107.17
C UNK WA 147 76.08 -88.77 107.47
N UNK WA 148 74.99 -89.45 107.15
CA UNK WA 148 74.44 -90.41 108.07
C UNK WA 148 73.47 -91.37 107.38
N UNK WA 149 73.29 -92.52 108.00
CA UNK WA 149 72.12 -93.38 107.77
C UNK WA 149 71.12 -93.22 108.89
N UNK WA 150 70.95 -91.98 109.37
CA UNK WA 150 70.19 -91.70 110.58
C UNK WA 150 68.90 -90.98 110.18
N UNK WA 151 68.11 -90.64 111.20
CA UNK WA 151 66.81 -90.04 111.01
C UNK WA 151 66.62 -88.88 111.98
N UNK WA 152 66.44 -87.68 111.44
CA UNK WA 152 66.18 -86.48 112.24
C UNK WA 152 64.72 -86.13 112.06
N UNK WA 153 63.86 -86.74 112.87
CA UNK WA 153 62.43 -86.47 112.83
C UNK WA 153 62.17 -85.13 113.51
N UNK WA 154 61.15 -84.41 113.03
CA UNK WA 154 60.85 -83.10 113.58
C UNK WA 154 59.39 -82.76 113.38
N UNK WA 155 58.79 -82.24 114.44
CA UNK WA 155 57.67 -81.31 114.36
C UNK WA 155 58.13 -79.96 114.89
N UNK WA 156 59.42 -79.68 114.71
CA UNK WA 156 60.04 -78.47 115.25
C UNK WA 156 59.83 -77.33 114.28
N UNK WA 157 58.96 -76.39 114.64
CA UNK WA 157 58.62 -75.28 113.76
C UNK WA 157 59.74 -74.25 113.83
N UNK WA 158 60.64 -74.31 112.86
CA UNK WA 158 61.74 -73.37 112.80
C UNK WA 158 61.42 -72.25 111.82
N UNK WA 159 62.08 -71.11 112.02
CA UNK WA 159 61.89 -69.99 111.11
C UNK WA 159 62.82 -70.07 109.91
N UNK WA 160 63.89 -70.83 110.01
CA UNK WA 160 64.76 -71.09 108.88
C UNK WA 160 65.37 -72.47 109.07
N UNK WA 161 65.46 -73.21 107.98
CA UNK WA 161 65.91 -74.59 108.03
C UNK WA 161 66.96 -74.83 106.98
N UNK WA 162 68.06 -75.48 107.38
CA UNK WA 162 69.13 -75.86 106.46
C UNK WA 162 69.41 -77.33 106.70
N UNK WA 163 68.79 -78.20 105.90
CA UNK WA 163 68.84 -79.64 106.11
C UNK WA 163 69.54 -80.29 104.93
N UNK WA 164 70.71 -80.88 105.18
CA UNK WA 164 71.46 -81.58 104.15
C UNK WA 164 71.66 -83.02 104.58
N UNK WA 165 71.17 -83.95 103.76
CA UNK WA 165 71.25 -85.38 104.04
C UNK WA 165 72.17 -86.03 103.02
N UNK WA 166 73.09 -86.88 103.49
CA UNK WA 166 74.22 -87.27 102.66
C UNK WA 166 74.16 -88.69 102.10
N UNK WA 167 73.80 -89.72 102.87
CA UNK WA 167 73.84 -91.09 102.35
C UNK WA 167 72.78 -91.96 103.04
N UNK WA 168 71.57 -92.01 102.43
CA UNK WA 168 70.36 -92.71 102.91
C UNK WA 168 69.98 -92.33 104.34
N UNK WA 169 69.89 -91.02 104.57
CA UNK WA 169 69.32 -90.49 105.79
C UNK WA 169 67.83 -90.24 105.60
N UNK WA 170 67.17 -89.82 106.67
CA UNK WA 170 65.75 -89.51 106.62
C UNK WA 170 65.47 -88.39 107.62
N UNK WA 171 65.03 -87.25 107.12
CA UNK WA 171 64.81 -86.08 107.96
C UNK WA 171 63.41 -85.54 107.73
N UNK WA 172 62.73 -85.20 108.81
CA UNK WA 172 61.36 -84.68 108.74
C UNK WA 172 61.37 -83.26 109.28
N UNK WA 173 61.53 -82.30 108.39
CA UNK WA 173 61.66 -80.89 108.75
C UNK WA 173 60.30 -80.20 108.69
N UNK WA 174 60.25 -79.01 109.29
CA UNK WA 174 59.08 -78.13 109.21
C UNK WA 174 59.60 -76.70 109.38
N UNK WA 175 59.34 -75.85 108.40
CA UNK WA 175 59.97 -74.54 108.32
C UNK WA 175 58.92 -73.46 108.08
N UNK WA 176 59.00 -72.38 108.85
CA UNK WA 176 58.02 -71.32 108.72
C UNK WA 176 58.38 -70.35 107.59
N UNK WA 177 59.51 -69.66 107.70
CA UNK WA 177 59.81 -68.60 106.74
C UNK WA 177 60.76 -69.01 105.64
N UNK WA 178 61.87 -69.68 105.96
CA UNK WA 178 62.87 -69.99 104.95
C UNK WA 178 63.24 -71.47 105.04
N UNK WA 179 63.03 -72.21 103.96
CA UNK WA 179 63.34 -73.64 103.92
C UNK WA 179 64.48 -73.88 102.95
N UNK WA 180 65.41 -74.73 103.35
CA UNK WA 180 66.67 -74.94 102.66
C UNK WA 180 66.99 -76.42 102.73
N UNK WA 181 67.00 -77.10 101.59
CA UNK WA 181 67.18 -78.53 101.63
C UNK WA 181 68.17 -78.96 100.56
N UNK WA 182 69.09 -79.83 100.94
CA UNK WA 182 69.94 -80.53 99.98
C UNK WA 182 69.92 -82.00 100.36
N UNK WA 183 69.73 -82.85 99.36
CA UNK WA 183 69.60 -84.27 99.63
C UNK WA 183 70.49 -85.07 98.70
N UNK WA 184 70.99 -86.20 99.19
CA UNK WA 184 71.79 -87.12 98.37
C UNK WA 184 71.48 -88.55 98.78
N UNK WA 185 70.85 -89.30 97.86
CA UNK WA 185 70.43 -90.72 98.00
C UNK WA 185 69.51 -90.98 99.19
N UNK WA 186 68.72 -89.99 99.58
CA UNK WA 186 68.12 -89.94 100.91
C UNK WA 186 66.72 -89.37 100.80
N UNK WA 187 66.16 -88.97 101.93
CA UNK WA 187 64.79 -88.48 101.98
C UNK WA 187 64.70 -87.31 102.93
N UNK WA 188 64.07 -86.22 102.48
CA UNK WA 188 63.80 -85.07 103.32
C UNK WA 188 62.32 -84.73 103.18
N UNK WA 189 61.53 -85.10 104.16
CA UNK WA 189 60.08 -84.91 104.12
C UNK WA 189 59.73 -83.59 104.76
N UNK WA 190 59.13 -82.69 103.98
CA UNK WA 190 58.84 -81.33 104.45
C UNK WA 190 57.37 -81.26 104.84
N UNK WA 191 57.09 -81.29 106.14
CA UNK WA 191 55.72 -81.38 106.62
C UNK WA 191 55.07 -80.03 106.88
N UNK WA 192 55.61 -78.94 106.32
CA UNK WA 192 54.98 -77.62 106.36
C UNK WA 192 55.51 -76.80 105.20
N UNK WA 193 54.61 -76.14 104.48
CA UNK WA 193 55.01 -75.32 103.34
C UNK WA 193 55.50 -73.99 103.86
N UNK WA 194 56.76 -73.67 103.55
CA UNK WA 194 57.38 -72.46 104.06
C UNK WA 194 56.95 -71.25 103.25
N UNK WA 195 57.32 -70.07 103.75
CA UNK WA 195 57.04 -68.84 103.02
C UNK WA 195 57.95 -68.69 101.82
N UNK WA 196 59.19 -69.18 101.92
CA UNK WA 196 60.06 -69.32 100.77
C UNK WA 196 60.87 -70.58 100.97
N UNK WA 197 60.77 -71.50 100.01
CA UNK WA 197 61.36 -72.81 100.12
C UNK WA 197 62.25 -73.09 98.92
N UNK WA 198 63.34 -73.80 99.16
CA UNK WA 198 64.21 -74.23 98.07
C UNK WA 198 64.84 -75.56 98.44
N UNK WA 199 64.79 -76.50 97.49
CA UNK WA 199 65.21 -77.87 97.76
C UNK WA 199 65.94 -78.42 96.57
N UNK WA 200 67.24 -78.68 96.73
CA UNK WA 200 68.07 -79.26 95.71
C UNK WA 200 68.27 -80.73 96.01
N UNK WA 201 67.87 -81.56 95.06
CA UNK WA 201 67.97 -83.01 95.16
C UNK WA 201 69.15 -83.46 94.31
N UNK WA 202 69.95 -84.38 94.85
CA UNK WA 202 71.10 -84.95 94.19
C UNK WA 202 70.68 -86.26 93.53
N UNK WA 203 71.66 -87.11 93.23
CA UNK WA 203 71.41 -88.47 92.76
C UNK WA 203 70.64 -89.28 93.79
N UNK WA 204 69.54 -89.90 93.32
CA UNK WA 204 68.68 -90.86 94.04
C UNK WA 204 67.98 -90.26 95.26
N UNK WA 205 67.71 -88.97 95.21
CA UNK WA 205 67.41 -88.20 96.41
C UNK WA 205 66.03 -87.56 96.35
N UNK WA 206 65.25 -87.73 97.42
CA UNK WA 206 63.83 -87.41 97.40
C UNK WA 206 63.48 -86.36 98.44
N UNK WA 207 63.44 -85.10 98.04
CA UNK WA 207 62.98 -84.04 98.94
C UNK WA 207 61.50 -83.79 98.64
N UNK WA 208 60.68 -84.76 99.02
CA UNK WA 208 59.25 -84.72 98.74
C UNK WA 208 58.52 -84.17 99.96
N UNK WA 209 57.82 -83.05 99.78
CA UNK WA 209 57.12 -82.38 100.85
C UNK WA 209 55.85 -83.18 101.17
N UNK WA 210 55.96 -84.05 102.17
CA UNK WA 210 54.89 -84.99 102.49
C UNK WA 210 53.97 -84.42 103.56
N UNK WA 211 53.26 -83.36 103.19
CA UNK WA 211 52.24 -82.83 104.06
C UNK WA 211 50.99 -83.67 103.95
N UNK WA 212 50.11 -83.55 104.94
CA UNK WA 212 48.85 -84.28 104.96
C UNK WA 212 47.90 -83.60 104.00
N UNK WA 213 47.75 -84.21 102.82
CA UNK WA 213 46.66 -83.86 101.92
C UNK WA 213 45.33 -84.22 102.56
N UNK WA 214 44.31 -83.42 102.24
CA UNK WA 214 43.13 -83.14 103.06
C UNK WA 214 43.52 -82.74 104.49
N UNK WA 215 44.16 -81.59 104.56
CA UNK WA 215 44.07 -80.81 105.78
C UNK WA 215 42.75 -80.03 105.76
N UNK WA 216 42.40 -79.47 106.92
CA UNK WA 216 41.17 -78.70 107.00
C UNK WA 216 41.32 -77.35 106.32
N UNK WA 217 42.51 -76.76 106.44
CA UNK WA 217 42.90 -75.62 105.61
C UNK WA 217 44.36 -75.87 105.23
N UNK WA 218 44.58 -76.57 104.13
CA UNK WA 218 45.91 -76.74 103.58
C UNK WA 218 46.27 -75.50 102.79
N UNK WA 219 47.35 -74.83 103.17
CA UNK WA 219 47.77 -73.64 102.44
C UNK WA 219 48.45 -74.04 101.14
N UNK WA 220 47.99 -73.45 100.05
CA UNK WA 220 48.48 -73.81 98.73
C UNK WA 220 49.84 -73.17 98.46
N UNK WA 221 50.53 -73.71 97.46
CA UNK WA 221 51.83 -73.18 97.09
C UNK WA 221 51.62 -71.94 96.23
N UNK WA 222 52.12 -70.80 96.70
CA UNK WA 222 51.89 -69.52 96.04
C UNK WA 222 52.87 -69.31 94.89
N UNK WA 223 52.91 -68.09 94.35
CA UNK WA 223 53.80 -67.79 93.25
C UNK WA 223 55.25 -67.63 93.67
N UNK WA 224 55.50 -67.42 94.95
CA UNK WA 224 56.84 -67.32 95.47
C UNK WA 224 57.34 -68.63 96.05
N UNK WA 225 56.49 -69.64 96.17
CA UNK WA 225 56.88 -70.88 96.81
C UNK WA 225 56.81 -72.07 95.87
N UNK WA 226 56.36 -71.90 94.64
CA UNK WA 226 56.13 -73.02 93.74
C UNK WA 226 57.43 -73.40 93.08
N UNK WA 227 58.21 -74.25 93.75
CA UNK WA 227 59.36 -74.89 93.14
C UNK WA 227 59.04 -76.34 92.86
N UNK WA 228 59.83 -76.95 91.97
CA UNK WA 228 59.57 -78.29 91.46
C UNK WA 228 59.89 -79.37 92.47
N UNK XA 1 45.47 -80.79 127.54
CA UNK XA 1 46.78 -81.01 128.12
C UNK XA 1 47.82 -80.11 127.46
N UNK XA 2 47.61 -78.81 127.52
CA UNK XA 2 48.49 -77.84 126.89
C UNK XA 2 49.50 -77.31 127.90
N UNK XA 3 50.28 -76.30 127.48
CA UNK XA 3 51.21 -75.60 128.36
C UNK XA 3 51.36 -74.19 127.78
N UNK XA 4 50.69 -73.24 128.41
CA UNK XA 4 50.69 -71.87 127.89
C UNK XA 4 51.97 -71.15 128.28
N UNK XA 5 52.18 -70.00 127.65
CA UNK XA 5 53.23 -69.06 128.06
C UNK XA 5 52.58 -67.72 128.33
N UNK XA 6 53.27 -66.90 129.13
CA UNK XA 6 52.68 -65.68 129.66
C UNK XA 6 52.97 -64.46 128.80
N UNK XA 7 53.20 -64.63 127.51
CA UNK XA 7 53.33 -63.51 126.58
C UNK XA 7 51.95 -63.18 126.00
N UNK XA 8 51.91 -62.43 124.91
CA UNK XA 8 50.66 -62.29 124.18
C UNK XA 8 50.37 -63.56 123.38
N UNK XA 9 49.70 -64.51 124.07
CA UNK XA 9 48.94 -65.62 123.48
C UNK XA 9 49.77 -66.63 122.70
N UNK XA 10 50.75 -67.24 123.36
CA UNK XA 10 51.46 -68.39 122.81
C UNK XA 10 51.30 -69.58 123.74
N UNK XA 11 51.23 -70.78 123.17
CA UNK XA 11 51.00 -71.98 123.96
C UNK XA 11 51.63 -73.17 123.27
N UNK XA 12 52.53 -73.87 123.96
CA UNK XA 12 52.94 -75.17 123.47
C UNK XA 12 51.91 -76.22 123.83
N UNK XA 13 51.98 -77.36 123.16
CA UNK XA 13 51.03 -78.43 123.42
C UNK XA 13 51.71 -79.77 123.21
N UNK XA 14 51.31 -80.76 123.99
CA UNK XA 14 52.02 -82.02 124.02
C UNK XA 14 51.09 -83.22 123.88
N UNK XA 15 50.18 -83.17 122.91
CA UNK XA 15 49.51 -84.39 122.48
C UNK XA 15 50.48 -85.30 121.75
N UNK XA 16 51.04 -84.81 120.65
CA UNK XA 16 52.33 -85.29 120.18
C UNK XA 16 53.38 -84.18 120.27
N UNK XA 17 53.16 -83.07 119.55
CA UNK XA 17 54.02 -81.88 119.52
C UNK XA 17 53.30 -80.72 118.86
N UNK XA 18 53.25 -79.56 119.51
CA UNK XA 18 52.75 -78.33 118.90
C UNK XA 18 53.34 -77.13 119.62
N UNK XA 19 53.50 -76.02 118.87
CA UNK XA 19 53.77 -74.71 119.47
C UNK XA 19 52.88 -73.69 118.75
N UNK XA 20 51.64 -73.55 119.24
CA UNK XA 20 50.64 -72.77 118.55
C UNK XA 20 50.42 -71.44 119.26
N UNK XA 21 49.47 -70.67 118.75
CA UNK XA 21 49.19 -69.34 119.27
C UNK XA 21 47.70 -69.15 119.45
N UNK XA 22 47.34 -68.53 120.57
CA UNK XA 22 45.96 -68.23 120.92
C UNK XA 22 45.63 -66.82 120.41
N UNK XA 23 44.55 -66.23 120.92
CA UNK XA 23 44.30 -64.81 120.77
C UNK XA 23 44.38 -64.05 122.08
N UNK XA 24 43.91 -64.68 123.18
CA UNK XA 24 43.85 -64.16 124.57
C UNK XA 24 43.08 -62.85 124.67
N UNK XA 25 42.01 -62.72 123.89
CA UNK XA 25 41.04 -61.65 124.03
C UNK XA 25 39.63 -62.16 124.24
N UNK XA 26 39.35 -63.41 123.83
CA UNK XA 26 38.12 -64.10 124.19
C UNK XA 26 38.30 -65.02 125.38
N UNK XA 27 39.56 -65.42 125.65
CA UNK XA 27 40.03 -66.11 126.87
C UNK XA 27 39.37 -67.47 127.10
N UNK XA 28 39.58 -68.39 126.16
CA UNK XA 28 39.14 -69.77 126.32
C UNK XA 28 40.21 -70.54 127.08
N UNK XA 29 40.25 -70.31 128.39
CA UNK XA 29 41.23 -70.95 129.26
C UNK XA 29 40.63 -72.20 129.91
N UNK XA 30 40.21 -73.13 129.06
CA UNK XA 30 39.52 -74.32 129.53
C UNK XA 30 40.47 -75.37 130.07
N UNK XA 31 41.68 -75.44 129.48
CA UNK XA 31 42.68 -76.53 129.61
C UNK XA 31 42.07 -77.92 129.35
N UNK XA 32 41.21 -78.00 128.33
CA UNK XA 32 40.45 -79.21 128.03
C UNK XA 32 40.07 -79.14 126.57
N UNK XA 33 40.67 -80.01 125.76
CA UNK XA 33 40.60 -79.88 124.32
C UNK XA 33 40.88 -81.23 123.69
N UNK XA 34 40.78 -81.28 122.36
CA UNK XA 34 41.27 -82.39 121.56
C UNK XA 34 42.41 -81.83 120.72
N UNK XA 35 43.64 -82.00 121.20
CA UNK XA 35 44.82 -81.48 120.53
C UNK XA 35 45.32 -82.52 119.53
N UNK XA 36 45.63 -82.08 118.32
CA UNK XA 36 46.02 -82.97 117.24
C UNK XA 36 47.34 -82.52 116.63
N UNK XA 37 47.95 -83.41 115.86
CA UNK XA 37 49.10 -83.07 115.02
C UNK XA 37 48.68 -82.71 113.59
N UNK XA 38 47.71 -81.82 113.49
CA UNK XA 38 47.35 -81.12 112.27
C UNK XA 38 47.15 -79.65 112.57
N UNK XA 39 47.79 -79.21 113.67
CA UNK XA 39 47.75 -77.86 114.26
C UNK XA 39 46.32 -77.42 114.59
N UNK XA 40 45.69 -78.16 115.51
CA UNK XA 40 44.30 -77.88 115.84
C UNK XA 40 44.09 -78.16 117.32
N UNK XA 41 44.22 -77.13 118.14
CA UNK XA 41 43.80 -77.18 119.53
C UNK XA 41 42.31 -76.84 119.56
N UNK XA 42 41.48 -77.88 119.59
CA UNK XA 42 40.02 -77.73 119.52
C UNK XA 42 39.48 -77.62 120.93
N UNK XA 43 39.39 -76.40 121.45
CA UNK XA 43 39.06 -76.15 122.84
C UNK XA 43 37.55 -76.20 123.08
N UNK XA 44 37.13 -75.76 124.26
CA UNK XA 44 35.72 -75.81 124.63
C UNK XA 44 34.92 -74.71 123.96
N UNK XA 45 35.49 -73.50 123.89
CA UNK XA 45 34.81 -72.40 123.23
C UNK XA 45 35.02 -72.45 121.72
N UNK XA 46 36.27 -72.35 121.28
CA UNK XA 46 36.60 -72.24 119.86
C UNK XA 46 37.75 -73.19 119.56
N UNK XA 47 38.36 -73.02 118.38
CA UNK XA 47 39.48 -73.83 117.95
C UNK XA 47 40.72 -72.96 117.76
N UNK XA 48 41.88 -73.51 118.11
CA UNK XA 48 43.13 -72.78 118.08
C UNK XA 48 44.12 -73.51 117.20
N UNK XA 49 44.96 -72.73 116.52
CA UNK XA 49 45.92 -73.25 115.55
C UNK XA 49 47.23 -72.50 115.68
N UNK XA 50 48.22 -72.96 114.93
CA UNK XA 50 49.48 -72.22 114.81
C UNK XA 50 49.24 -71.01 113.93
N UNK XA 51 49.38 -69.83 114.51
CA UNK XA 51 48.98 -68.61 113.81
C UNK XA 51 50.05 -68.15 112.83
N UNK XA 52 49.60 -67.55 111.74
CA UNK XA 52 50.50 -67.00 110.74
C UNK XA 52 50.10 -65.56 110.41
N UNK YA 1 48.86 -84.87 51.88
CA UNK YA 1 47.68 -84.90 52.73
C UNK YA 1 47.80 -86.00 53.78
N UNK YA 2 46.86 -86.94 53.83
CA UNK YA 2 46.95 -88.05 54.76
C UNK YA 2 47.97 -89.05 54.25
N UNK YA 3 49.22 -88.88 54.65
CA UNK YA 3 50.30 -89.76 54.25
C UNK YA 3 50.59 -90.73 55.39
N UNK YA 4 50.89 -91.97 55.01
CA UNK YA 4 51.50 -93.04 55.79
C UNK YA 4 50.64 -93.59 56.93
N UNK YA 5 49.40 -93.16 57.11
CA UNK YA 5 48.48 -94.01 57.85
C UNK YA 5 47.82 -94.97 56.89
N UNK YA 6 47.03 -94.41 55.97
CA UNK YA 6 46.70 -94.93 54.65
C UNK YA 6 46.27 -93.71 53.85
N UNK YA 7 45.59 -93.94 52.74
CA UNK YA 7 44.98 -92.81 52.05
C UNK YA 7 43.65 -92.43 52.72
N UNK YA 8 43.06 -91.34 52.22
CA UNK YA 8 41.89 -90.74 52.84
C UNK YA 8 40.64 -91.54 52.53
N UNK YA 9 39.94 -92.01 53.57
CA UNK YA 9 38.74 -92.81 53.34
C UNK YA 9 37.52 -91.92 53.08
N UNK YA 10 37.12 -91.15 54.07
CA UNK YA 10 35.99 -90.25 53.95
C UNK YA 10 36.48 -88.82 54.13
N UNK YA 11 35.55 -87.88 54.11
CA UNK YA 11 35.82 -86.50 54.52
C UNK YA 11 34.64 -86.10 55.40
N UNK YA 12 34.80 -86.29 56.70
CA UNK YA 12 33.72 -86.13 57.66
C UNK YA 12 33.40 -84.66 57.87
N UNK YA 13 32.14 -84.30 57.65
CA UNK YA 13 31.73 -82.93 57.88
C UNK YA 13 31.65 -82.66 59.38
N UNK YA 14 31.82 -81.38 59.72
CA UNK YA 14 32.15 -80.81 61.05
C UNK YA 14 33.41 -81.45 61.65
N UNK YA 15 34.38 -81.78 60.79
CA UNK YA 15 35.57 -82.50 61.18
C UNK YA 15 36.63 -82.33 60.10
N UNK YA 16 37.75 -83.01 60.30
CA UNK YA 16 38.83 -83.15 59.34
C UNK YA 16 38.54 -84.34 58.43
N UNK YA 17 39.48 -84.67 57.55
CA UNK YA 17 39.33 -85.85 56.71
C UNK YA 17 39.69 -87.09 57.50
N UNK YA 18 38.95 -88.16 57.27
CA UNK YA 18 39.17 -89.41 57.98
C UNK YA 18 40.03 -90.30 57.10
N UNK YA 19 41.28 -90.49 57.51
CA UNK YA 19 42.17 -91.40 56.81
C UNK YA 19 41.77 -92.83 57.13
N UNK YA 20 42.29 -93.78 56.35
CA UNK YA 20 41.82 -95.16 56.48
C UNK YA 20 42.57 -95.97 57.54
N UNK YA 21 43.31 -95.30 58.42
CA UNK YA 21 43.53 -95.77 59.78
C UNK YA 21 42.77 -94.91 60.79
N UNK YA 22 43.02 -93.59 60.82
CA UNK YA 22 42.62 -92.71 61.91
C UNK YA 22 42.15 -91.36 61.40
N UNK YA 23 42.05 -90.37 62.28
CA UNK YA 23 41.64 -89.02 61.87
C UNK YA 23 42.87 -88.21 61.51
N UNK YA 24 42.80 -87.52 60.38
CA UNK YA 24 43.99 -86.82 59.89
C UNK YA 24 44.10 -85.45 60.51
N UNK YA 25 45.07 -84.68 60.01
CA UNK YA 25 45.27 -83.31 60.44
C UNK YA 25 45.07 -82.33 59.30
N UNK YA 26 44.41 -82.74 58.23
CA UNK YA 26 44.11 -81.85 57.12
C UNK YA 26 42.62 -81.54 57.14
N UNK YA 27 42.28 -80.28 56.96
CA UNK YA 27 40.91 -79.83 57.16
C UNK YA 27 40.05 -80.19 55.96
N UNK YA 28 38.91 -80.82 56.23
CA UNK YA 28 38.07 -81.34 55.15
C UNK YA 28 37.25 -80.23 54.50
N UNK YA 29 36.59 -79.42 55.30
CA UNK YA 29 35.73 -78.36 54.81
C UNK YA 29 36.29 -77.00 55.19
N UNK YA 30 35.56 -75.95 54.81
CA UNK YA 30 35.91 -74.60 55.25
C UNK YA 30 35.53 -74.38 56.69
N UNK YA 31 34.51 -75.09 57.16
CA UNK YA 31 33.89 -74.81 58.44
C UNK YA 31 34.29 -75.81 59.51
N UNK YA 32 35.54 -76.25 59.51
CA UNK YA 32 36.07 -77.05 60.60
C UNK YA 32 36.80 -76.14 61.58
N UNK YA 33 37.43 -76.72 62.59
CA UNK YA 33 38.04 -75.91 63.64
C UNK YA 33 39.51 -75.63 63.35
N UNK YA 34 39.75 -74.99 62.21
CA UNK YA 34 41.05 -74.42 61.90
C UNK YA 34 41.24 -73.19 62.77
N UNK YA 35 42.14 -73.27 63.75
CA UNK YA 35 42.33 -72.22 64.75
C UNK YA 35 43.08 -71.05 64.14
N UNK YA 36 42.35 -70.22 63.41
CA UNK YA 36 42.94 -69.05 62.78
C UNK YA 36 43.08 -67.95 63.81
N UNK YA 37 44.24 -67.30 63.82
CA UNK YA 37 44.46 -66.22 64.77
C UNK YA 37 45.20 -65.03 64.15
N UNK YA 38 45.32 -64.97 62.83
CA UNK YA 38 45.89 -63.81 62.15
C UNK YA 38 45.04 -63.53 60.92
N UNK YA 39 44.12 -62.57 61.04
CA UNK YA 39 43.29 -62.17 59.92
C UNK YA 39 44.09 -61.32 58.93
N UNK YA 40 43.54 -61.19 57.73
CA UNK YA 40 44.14 -60.31 56.72
C UNK YA 40 43.00 -59.56 56.05
N UNK YA 41 42.61 -58.42 56.64
CA UNK YA 41 41.51 -57.64 56.12
C UNK YA 41 41.66 -56.20 56.57
N UNK YA 42 41.27 -55.29 55.70
CA UNK YA 42 41.16 -53.89 56.09
C UNK YA 42 39.89 -53.72 56.89
N UNK YA 43 39.98 -52.95 57.97
CA UNK YA 43 38.92 -52.63 58.95
C UNK YA 43 38.32 -53.87 59.62
N UNK YA 44 39.14 -54.90 59.82
CA UNK YA 44 38.72 -56.01 60.65
C UNK YA 44 38.84 -55.59 62.10
N UNK YA 45 37.93 -56.13 62.93
CA UNK YA 45 37.73 -56.02 64.40
C UNK YA 45 37.19 -54.66 64.86
N UNK YA 46 37.10 -53.69 63.95
CA UNK YA 46 36.00 -52.76 63.87
C UNK YA 46 35.09 -53.34 62.78
N UNK YA 47 34.06 -52.61 62.38
CA UNK YA 47 33.22 -53.12 61.30
C UNK YA 47 33.91 -52.88 59.96
N UNK YA 48 33.40 -53.55 58.92
CA UNK YA 48 34.13 -53.78 57.68
C UNK YA 48 34.20 -52.54 56.80
N UNK YA 49 34.73 -52.71 55.59
CA UNK YA 49 34.92 -51.61 54.67
C UNK YA 49 33.59 -51.22 54.04
N UNK YA 50 33.09 -50.02 54.37
CA UNK YA 50 31.84 -49.50 53.83
C UNK YA 50 32.05 -49.14 52.37
N UNK YA 51 31.65 -50.06 51.50
CA UNK YA 51 32.20 -50.26 50.17
C UNK YA 51 31.92 -49.15 49.17
N UNK YA 52 30.95 -48.27 49.44
CA UNK YA 52 30.47 -47.33 48.44
C UNK YA 52 31.34 -46.08 48.30
N UNK YA 53 32.42 -45.96 49.06
CA UNK YA 53 33.27 -44.78 48.95
C UNK YA 53 34.18 -44.87 47.73
N UNK YA 54 34.43 -43.71 47.12
CA UNK YA 54 35.45 -43.57 46.08
C UNK YA 54 36.17 -42.25 46.35
N UNK YA 55 37.19 -42.33 47.20
CA UNK YA 55 37.93 -41.16 47.66
C UNK YA 55 39.35 -41.62 47.99
N UNK YA 56 40.06 -40.81 48.77
CA UNK YA 56 41.40 -41.20 49.20
C UNK YA 56 41.37 -42.24 50.31
N UNK YA 57 40.68 -41.93 51.41
CA UNK YA 57 40.69 -42.78 52.59
C UNK YA 57 39.78 -43.99 52.42
N UNK YA 58 39.90 -44.93 53.34
CA UNK YA 58 39.05 -46.11 53.39
C UNK YA 58 38.20 -46.03 54.65
N UNK YA 59 36.94 -45.66 54.50
CA UNK YA 59 36.05 -45.53 55.64
C UNK YA 59 35.53 -46.90 56.05
N UNK YA 60 35.38 -47.10 57.35
CA UNK YA 60 34.85 -48.36 57.82
C UNK YA 60 33.33 -48.25 58.02
N UNK YA 61 32.67 -49.40 58.17
CA UNK YA 61 31.23 -49.41 58.39
C UNK YA 61 30.83 -48.99 59.79
N UNK YA 62 31.77 -48.98 60.75
CA UNK YA 62 31.56 -48.34 62.04
C UNK YA 62 32.10 -46.91 62.06
N UNK YA 63 32.24 -46.29 60.87
CA UNK YA 63 32.64 -44.90 60.62
C UNK YA 63 34.03 -44.57 61.16
N UNK YA 64 34.92 -45.55 61.16
CA UNK YA 64 36.32 -45.31 61.41
C UNK YA 64 37.02 -45.10 60.08
N UNK YA 65 38.12 -44.38 60.11
CA UNK YA 65 38.96 -44.23 58.93
C UNK YA 65 40.18 -45.11 59.11
N UNK YA 66 40.40 -46.01 58.16
CA UNK YA 66 41.52 -46.95 58.23
C UNK YA 66 42.78 -46.21 57.86
N UNK YA 67 43.51 -45.73 58.87
CA UNK YA 67 44.75 -45.03 58.65
C UNK YA 67 45.87 -45.96 58.19
N UNK YA 68 45.79 -47.25 58.54
CA UNK YA 68 46.77 -48.21 58.09
C UNK YA 68 46.42 -48.82 56.75
N UNK YA 69 45.28 -48.46 56.15
CA UNK YA 69 44.89 -49.08 54.90
C UNK YA 69 44.45 -48.07 53.84
N UNK YA 70 44.56 -46.77 54.11
CA UNK YA 70 44.19 -45.77 53.12
C UNK YA 70 45.28 -45.61 52.07
N LYS ZA 24 87.56 -56.09 77.63
CA LYS ZA 24 86.18 -56.35 77.26
C LYS ZA 24 85.23 -55.86 78.33
N PHE ZA 25 84.12 -55.25 77.91
CA PHE ZA 25 83.14 -54.71 78.84
C PHE ZA 25 81.76 -55.22 78.49
N LYS ZA 26 81.09 -55.79 79.48
CA LYS ZA 26 79.73 -56.28 79.29
C LYS ZA 26 78.92 -55.97 80.54
N LYS ZA 27 78.08 -54.96 80.44
CA LYS ZA 27 76.95 -54.80 81.35
C LYS ZA 27 76.03 -56.00 81.14
N PRO ZA 28 75.57 -56.64 82.23
CA PRO ZA 28 75.28 -58.10 82.21
C PRO ZA 28 74.10 -58.54 81.33
N PRO ZA 29 72.79 -58.07 81.52
CA PRO ZA 29 71.73 -58.81 80.85
C PRO ZA 29 71.53 -58.46 79.39
N ILE ZA 30 72.10 -59.31 78.55
CA ILE ZA 30 71.99 -59.17 77.10
C ILE ZA 30 70.89 -60.13 76.70
N ASN ZA 31 69.69 -59.61 76.62
CA ASN ZA 31 68.51 -60.40 76.38
C ASN ZA 31 68.28 -60.54 74.88
N ASN ZA 32 67.07 -60.95 74.50
CA ASN ZA 32 66.69 -60.97 73.10
C ASN ZA 32 66.49 -59.54 72.58
N PRO ZA 33 66.56 -59.34 71.26
CA PRO ZA 33 66.24 -58.02 70.71
C PRO ZA 33 64.76 -57.72 70.81
N SER ZA 34 64.43 -56.69 71.59
CA SER ZA 34 63.07 -56.24 71.74
C SER ZA 34 62.60 -55.53 70.48
N ASP ZA 35 61.29 -55.52 70.30
CA ASP ZA 35 60.71 -54.74 69.23
C ASP ZA 35 59.76 -53.71 69.82
N ASP ZA 36 59.40 -52.77 68.95
CA ASP ZA 36 58.86 -51.48 69.35
C ASP ZA 36 57.45 -51.60 69.87
N ALA ZA 37 56.71 -52.61 69.38
CA ALA ZA 37 55.34 -52.89 69.82
C ALA ZA 37 55.31 -53.36 71.26
N THR ZA 38 56.21 -54.27 71.61
CA THR ZA 38 56.26 -54.76 72.98
C THR ZA 38 56.88 -53.75 73.91
N ILE ZA 39 57.69 -52.82 73.37
CA ILE ZA 39 58.24 -51.72 74.16
C ILE ZA 39 57.15 -50.77 74.62
N LYS ZA 40 56.35 -50.24 73.68
CA LYS ZA 40 55.31 -49.33 74.17
C LYS ZA 40 54.08 -50.04 74.71
N LEU ZA 41 53.93 -51.34 74.44
CA LEU ZA 41 52.88 -52.11 75.08
C LEU ZA 41 53.22 -52.39 76.53
N ALA ZA 42 54.51 -52.62 76.83
CA ALA ZA 42 54.93 -52.81 78.21
C ALA ZA 42 54.92 -51.49 78.97
N GLU ZA 43 55.24 -50.39 78.29
CA GLU ZA 43 55.21 -49.11 78.97
C GLU ZA 43 53.80 -48.57 79.14
N ALA ZA 44 52.83 -49.07 78.37
CA ALA ZA 44 51.44 -48.88 78.74
C ALA ZA 44 51.02 -49.79 79.88
N ALA ZA 45 51.58 -51.00 79.88
CA ALA ZA 45 51.15 -52.06 80.78
C ALA ZA 45 51.56 -51.81 82.22
N VAL ZA 46 52.68 -51.12 82.42
CA VAL ZA 46 53.11 -50.82 83.78
C VAL ZA 46 52.24 -49.73 84.40
N SER ZA 47 51.74 -48.79 83.58
CA SER ZA 47 50.83 -47.74 84.03
C SER ZA 47 49.45 -48.27 84.36
N VAL ZA 48 48.97 -49.22 83.54
CA VAL ZA 48 47.73 -49.93 83.82
C VAL ZA 48 47.86 -50.82 85.05
N SER ZA 49 49.05 -51.37 85.27
CA SER ZA 49 49.33 -52.26 86.39
C SER ZA 49 49.36 -51.51 87.71
N ASP ZA 50 50.05 -50.37 87.78
CA ASP ZA 50 50.13 -49.73 89.09
C ASP ZA 50 48.91 -48.86 89.36
N SER ZA 51 48.17 -48.44 88.33
CA SER ZA 51 46.89 -47.78 88.59
C SER ZA 51 45.83 -48.77 89.06
N MET ZA 52 45.86 -50.01 88.54
CA MET ZA 52 45.04 -51.08 89.06
C MET ZA 52 45.46 -51.49 90.47
N LEU ZA 53 46.76 -51.35 90.77
CA LEU ZA 53 47.29 -51.67 92.09
C LEU ZA 53 46.83 -50.70 93.16
N GLU ZA 54 46.80 -49.39 92.84
CA GLU ZA 54 46.28 -48.46 93.84
C GLU ZA 54 44.76 -48.44 93.85
N MET ZA 55 44.11 -48.93 92.78
CA MET ZA 55 42.66 -49.16 92.85
C MET ZA 55 42.32 -50.32 93.77
N ALA ZA 56 43.16 -51.36 93.78
CA ALA ZA 56 42.95 -52.48 94.68
C ALA ZA 56 43.28 -52.12 96.11
N LYS ZA 57 44.22 -51.17 96.27
CA LYS ZA 57 44.53 -50.59 97.58
C LYS ZA 57 43.36 -49.81 98.16
N VAL ZA 58 42.75 -48.94 97.34
CA VAL ZA 58 41.67 -48.10 97.84
C VAL ZA 58 40.37 -48.90 98.03
N GLU ZA 59 40.20 -49.99 97.26
CA GLU ZA 59 39.05 -50.86 97.48
C GLU ZA 59 39.23 -51.71 98.73
N LYS ZA 60 40.43 -52.23 98.95
CA LYS ZA 60 40.64 -53.11 100.08
C LYS ZA 60 40.76 -52.37 101.40
N VAL ZA 61 40.95 -51.06 101.38
CA VAL ZA 61 40.85 -50.33 102.65
C VAL ZA 61 39.55 -49.55 102.82
N ILE ZA 62 38.76 -49.33 101.76
CA ILE ZA 62 37.42 -48.78 101.98
C ILE ZA 62 36.39 -49.87 102.27
N THR ZA 63 36.64 -51.11 101.91
CA THR ZA 63 35.91 -52.18 102.54
C THR ZA 63 36.96 -53.20 102.95
N PRO ZA 64 37.12 -53.45 104.23
CA PRO ZA 64 37.95 -54.57 104.65
C PRO ZA 64 37.26 -55.88 104.31
N PRO ZA 65 37.98 -56.83 103.69
CA PRO ZA 65 37.34 -58.11 103.35
C PRO ZA 65 37.16 -58.97 104.59
N SER ZA 66 35.90 -59.27 104.89
CA SER ZA 66 35.57 -59.93 106.14
C SER ZA 66 35.88 -61.42 106.10
N LYS ZA 67 35.53 -62.08 105.01
CA LYS ZA 67 35.61 -63.52 104.94
C LYS ZA 67 36.26 -63.94 103.64
N ASP ZA 68 36.77 -65.15 103.65
CA ASP ZA 68 37.39 -65.78 102.48
C ASP ZA 68 36.33 -66.49 101.67
N ASN ZA 69 36.74 -67.37 100.77
CA ASN ZA 69 35.81 -68.36 100.27
C ASN ZA 69 36.30 -69.78 100.53
N THR ZA 70 37.24 -69.94 101.44
CA THR ZA 70 37.68 -71.28 101.80
C THR ZA 70 36.68 -71.97 102.71
N LEU ZA 71 35.83 -71.21 103.41
CA LEU ZA 71 34.81 -71.86 104.22
C LEU ZA 71 33.64 -72.33 103.38
N THR ZA 72 33.46 -71.80 102.16
CA THR ZA 72 32.46 -72.34 101.26
C THR ZA 72 33.02 -73.21 100.15
N ILE ZA 73 34.31 -73.13 99.86
CA ILE ZA 73 34.99 -74.15 99.07
C ILE ZA 73 36.11 -74.69 99.97
N PRO ZA 74 35.86 -75.71 100.77
CA PRO ZA 74 36.96 -76.31 101.53
C PRO ZA 74 37.72 -77.29 100.69
N ASN ZA 75 38.95 -77.59 101.07
CA ASN ZA 75 39.71 -78.53 100.29
C ASN ZA 75 39.32 -79.96 100.66
N ALA ZA 76 39.75 -80.90 99.84
CA ALA ZA 76 39.44 -82.30 100.09
C ALA ZA 76 40.54 -83.17 99.52
N TYR ZA 77 40.60 -84.40 100.01
CA TYR ZA 77 41.38 -85.44 99.37
C TYR ZA 77 40.67 -85.76 98.06
N ASN ZA 78 41.46 -85.80 96.99
CA ASN ZA 78 41.22 -85.89 95.54
C ASN ZA 78 40.73 -84.56 94.93
N LEU ZA 79 40.40 -83.56 95.75
CA LEU ZA 79 40.42 -82.18 95.33
C LEU ZA 79 41.82 -81.60 95.40
N GLN ZA 80 42.74 -82.27 96.11
CA GLN ZA 80 44.12 -81.85 96.15
C GLN ZA 80 44.98 -82.43 95.03
N ALA ZA 81 44.39 -82.83 93.91
CA ALA ZA 81 45.17 -82.96 92.69
C ALA ZA 81 45.41 -81.57 92.12
N ARG ZA 82 46.39 -81.47 91.24
CA ARG ZA 82 46.77 -80.16 90.74
C ARG ZA 82 46.39 -80.05 89.28
N ALA ZA 83 46.39 -78.82 88.79
CA ALA ZA 83 46.13 -78.59 87.38
C ALA ZA 83 46.90 -77.36 86.94
N SER ZA 84 46.92 -77.12 85.64
CA SER ZA 84 47.56 -75.93 85.10
C SER ZA 84 46.78 -75.53 83.87
N VAL ZA 85 46.20 -74.35 83.89
CA VAL ZA 85 45.07 -74.03 83.03
C VAL ZA 85 45.24 -72.65 82.43
N ASP ZA 86 45.16 -72.56 81.11
CA ASP ZA 86 44.72 -71.34 80.46
C ASP ZA 86 43.38 -71.63 79.80
N TRP ZA 87 42.49 -70.66 79.89
CA TRP ZA 87 41.09 -70.84 79.56
C TRP ZA 87 40.49 -69.47 79.37
N SER ZA 88 39.58 -69.36 78.42
CA SER ZA 88 38.96 -68.08 78.12
C SER ZA 88 37.49 -68.19 77.79
N GLY ZA 89 36.90 -69.38 77.90
CA GLY ZA 89 35.52 -69.56 77.56
C GLY ZA 89 34.60 -69.30 78.71
N PRO ZA 90 33.39 -69.83 78.67
CA PRO ZA 90 32.48 -69.68 79.80
C PRO ZA 90 32.81 -70.65 80.90
N ILE ZA 91 32.09 -70.53 82.01
CA ILE ZA 91 32.57 -71.08 83.27
C ILE ZA 91 32.23 -72.57 83.39
N GLU ZA 92 31.10 -72.99 82.84
CA GLU ZA 92 30.49 -74.25 83.20
C GLU ZA 92 31.19 -75.43 82.52
N GLU ZA 93 31.82 -75.18 81.37
CA GLU ZA 93 32.61 -76.20 80.69
C GLU ZA 93 33.91 -76.46 81.43
N LEU ZA 94 34.50 -75.38 81.94
CA LEU ZA 94 35.74 -75.46 82.68
C LEU ZA 94 35.55 -76.14 84.02
N THR ZA 95 34.51 -75.75 84.78
CA THR ZA 95 34.29 -76.37 86.07
C THR ZA 95 33.69 -77.77 85.97
N ALA ZA 96 33.04 -78.09 84.84
CA ALA ZA 96 32.66 -79.47 84.57
C ALA ZA 96 33.90 -80.33 84.32
N ARG ZA 97 34.91 -79.76 83.67
CA ARG ZA 97 36.16 -80.49 83.50
C ARG ZA 97 36.95 -80.62 84.80
N ILE ZA 98 36.83 -79.63 85.69
CA ILE ZA 98 37.48 -79.67 87.00
C ILE ZA 98 36.86 -80.75 87.87
N ALA ZA 99 35.52 -80.81 87.91
CA ALA ZA 99 34.87 -81.84 88.71
C ALA ZA 99 34.94 -83.23 88.07
N LYS ZA 100 35.10 -83.29 86.74
CA LYS ZA 100 35.32 -84.56 86.07
C LYS ZA 100 36.70 -85.13 86.38
N ALA ZA 101 37.72 -84.28 86.44
CA ALA ZA 101 39.03 -84.81 86.82
C ALA ZA 101 39.24 -84.84 88.32
N ALA ZA 102 38.33 -84.26 89.09
CA ALA ZA 102 38.38 -84.37 90.53
C ALA ZA 102 37.41 -85.40 91.06
N HIS ZA 103 36.74 -86.13 90.16
CA HIS ZA 103 35.76 -87.21 90.43
C HIS ZA 103 34.58 -86.72 91.24
N PHE ZA 104 34.16 -85.51 91.00
CA PHE ZA 104 33.05 -84.93 91.73
C PHE ZA 104 31.88 -84.80 90.78
N ARG ZA 105 30.68 -85.03 91.29
CA ARG ZA 105 29.49 -84.78 90.52
C ARG ZA 105 29.29 -83.28 90.42
N PHE ZA 106 29.22 -82.77 89.20
CA PHE ZA 106 29.04 -81.35 88.96
C PHE ZA 106 27.58 -81.07 88.73
N ARG ZA 107 27.07 -80.04 89.37
CA ARG ZA 107 25.68 -79.67 89.19
C ARG ZA 107 25.59 -78.16 89.21
N VAL ZA 108 24.60 -77.63 88.52
CA VAL ZA 108 24.36 -76.20 88.50
C VAL ZA 108 23.08 -75.92 89.24
N LEU ZA 109 23.02 -74.78 89.90
CA LEU ZA 109 21.83 -74.25 90.52
C LEU ZA 109 21.53 -72.93 89.83
N GLY ZA 110 20.27 -72.72 89.50
CA GLY ZA 110 19.96 -71.55 88.70
C GLY ZA 110 20.16 -71.79 87.23
N LYS ZA 111 19.75 -70.83 86.43
CA LYS ZA 111 19.94 -70.95 85.00
C LYS ZA 111 20.97 -69.94 84.53
N SER ZA 112 21.79 -70.36 83.57
CA SER ZA 112 22.83 -69.54 83.00
C SER ZA 112 22.22 -68.38 82.22
N PRO ZA 113 22.77 -67.17 82.35
CA PRO ZA 113 22.18 -66.02 81.68
C PRO ZA 113 22.57 -66.00 80.20
N SER ZA 114 21.91 -65.10 79.48
CA SER ZA 114 21.94 -65.13 78.02
C SER ZA 114 23.21 -64.55 77.47
N VAL ZA 115 23.54 -63.33 77.89
CA VAL ZA 115 24.95 -62.96 77.97
C VAL ZA 115 25.65 -63.93 78.91
N PRO ZA 116 26.71 -64.60 78.49
CA PRO ZA 116 27.31 -65.61 79.34
C PRO ZA 116 28.19 -64.96 80.39
N VAL ZA 117 28.50 -65.72 81.42
CA VAL ZA 117 29.56 -65.32 82.32
C VAL ZA 117 30.82 -66.02 81.82
N LEU ZA 118 31.78 -65.22 81.38
CA LEU ZA 118 33.03 -65.69 80.82
C LEU ZA 118 34.12 -65.47 81.84
N ILE ZA 119 34.93 -66.46 82.07
CA ILE ZA 119 36.11 -66.30 82.87
C ILE ZA 119 37.31 -66.58 81.99
N SER ZA 120 38.50 -66.30 82.51
CA SER ZA 120 39.74 -66.52 81.76
C SER ZA 120 40.82 -66.76 82.81
N ILE ZA 121 41.23 -68.00 82.92
CA ILE ZA 121 42.21 -68.38 83.92
C ILE ZA 121 43.51 -68.67 83.21
N SER ZA 122 44.60 -68.14 83.72
CA SER ZA 122 45.92 -68.49 83.19
C SER ZA 122 46.81 -68.64 84.40
N THR ZA 123 46.86 -69.86 84.92
CA THR ZA 123 47.75 -70.17 86.01
C THR ZA 123 48.41 -71.51 85.72
N LYS ZA 124 49.42 -71.82 86.53
CA LYS ZA 124 50.29 -72.96 86.28
C LYS ZA 124 50.60 -73.62 87.60
N ASP ZA 125 50.35 -74.94 87.65
CA ASP ZA 125 50.63 -75.87 88.77
C ASP ZA 125 49.90 -75.41 90.04
N GLU ZA 126 48.60 -75.55 89.95
CA GLU ZA 126 47.72 -75.02 90.98
C GLU ZA 126 46.71 -76.11 91.32
N SER ZA 127 46.39 -76.25 92.61
CA SER ZA 127 45.49 -77.32 92.99
C SER ZA 127 44.05 -76.90 92.71
N LEU ZA 128 43.18 -77.91 92.70
CA LEU ZA 128 41.86 -77.75 92.11
C LEU ZA 128 40.92 -76.99 93.02
N ALA ZA 129 41.18 -77.04 94.34
CA ALA ZA 129 40.36 -76.32 95.31
C ALA ZA 129 40.54 -74.81 95.19
N GLU ZA 130 41.78 -74.35 95.04
CA GLU ZA 130 41.94 -72.93 94.86
C GLU ZA 130 41.81 -72.52 93.40
N ILE ZA 131 41.80 -73.47 92.46
CA ILE ZA 131 41.34 -73.17 91.10
C ILE ZA 131 39.84 -72.86 91.10
N LEU ZA 132 39.05 -73.63 91.84
CA LEU ZA 132 37.63 -73.28 91.99
C LEU ZA 132 37.42 -72.05 92.87
N ARG ZA 133 38.36 -71.75 93.75
CA ARG ZA 133 38.26 -70.51 94.50
C ARG ZA 133 38.55 -69.27 93.66
N ASP ZA 134 39.55 -69.31 92.76
CA ASP ZA 134 39.73 -68.11 91.96
C ASP ZA 134 38.79 -68.07 90.77
N ILE ZA 135 38.18 -69.20 90.41
CA ILE ZA 135 37.05 -69.18 89.47
C ILE ZA 135 35.84 -68.53 90.14
N ASP ZA 136 35.63 -68.83 91.42
CA ASP ZA 136 34.58 -68.23 92.23
C ASP ZA 136 34.81 -66.74 92.46
N TYR ZA 137 36.05 -66.33 92.56
CA TYR ZA 137 36.35 -64.91 92.66
C TYR ZA 137 36.21 -64.21 91.32
N GLN ZA 138 36.66 -64.85 90.24
CA GLN ZA 138 36.68 -64.22 88.92
C GLN ZA 138 35.30 -64.11 88.33
N ALA ZA 139 34.41 -65.03 88.66
CA ALA ZA 139 32.99 -64.87 88.37
C ALA ZA 139 32.25 -64.31 89.59
N GLY ZA 140 32.77 -63.20 90.12
CA GLY ZA 140 32.17 -62.59 91.29
C GLY ZA 140 30.94 -61.82 90.89
N LYS ZA 141 29.88 -61.98 91.69
CA LYS ZA 141 28.55 -61.35 91.59
C LYS ZA 141 27.79 -61.69 90.30
N LYS ZA 142 28.16 -62.78 89.62
CA LYS ZA 142 27.40 -63.28 88.50
C LYS ZA 142 27.20 -64.77 88.74
N ALA ZA 143 28.16 -65.38 89.41
CA ALA ZA 143 28.07 -66.78 89.75
C ALA ZA 143 28.72 -66.99 91.09
N SER ZA 144 28.77 -68.26 91.50
CA SER ZA 144 29.49 -68.70 92.68
C SER ZA 144 29.79 -70.17 92.53
N ILE ZA 145 30.88 -70.59 93.16
CA ILE ZA 145 31.28 -71.99 93.22
C ILE ZA 145 31.12 -72.46 94.65
N HIS ZA 146 30.43 -73.58 94.85
CA HIS ZA 146 30.35 -74.22 96.15
C HIS ZA 146 30.75 -75.67 96.00
N VAL ZA 147 31.35 -76.21 97.05
CA VAL ZA 147 31.85 -77.57 97.05
C VAL ZA 147 31.36 -78.21 98.34
N TYR ZA 148 30.72 -79.38 98.22
CA TYR ZA 148 30.32 -80.06 99.43
C TYR ZA 148 31.11 -81.34 99.54
N PRO ZA 149 32.26 -81.35 100.22
CA PRO ZA 149 33.15 -82.51 100.18
C PRO ZA 149 32.84 -83.58 101.20
N ASN ZA 150 31.70 -83.53 101.89
CA ASN ZA 150 31.26 -84.71 102.63
C ASN ZA 150 30.50 -85.68 101.74
N SER ZA 151 29.79 -85.16 100.74
CA SER ZA 151 29.43 -85.91 99.55
C SER ZA 151 30.49 -85.59 98.49
N GLN ZA 152 30.23 -85.84 97.22
CA GLN ZA 152 31.17 -85.41 96.19
C GLN ZA 152 30.42 -84.60 95.16
N VAL ZA 153 30.21 -83.31 95.44
CA VAL ZA 153 29.55 -82.44 94.48
C VAL ZA 153 30.30 -81.10 94.42
N VAL ZA 154 30.64 -80.70 93.21
CA VAL ZA 154 30.92 -79.31 92.88
C VAL ZA 154 29.65 -78.74 92.30
N GLU ZA 155 29.09 -77.74 92.95
CA GLU ZA 155 27.93 -77.07 92.42
C GLU ZA 155 28.30 -75.65 92.06
N LEU ZA 156 27.61 -75.15 91.04
CA LEU ZA 156 27.84 -73.81 90.53
C LEU ZA 156 26.50 -73.12 90.57
N ARG ZA 157 26.39 -72.08 91.40
CA ARG ZA 157 25.18 -71.28 91.42
C ARG ZA 157 25.36 -70.13 90.46
N TYR ZA 158 24.36 -69.90 89.62
CA TYR ZA 158 24.34 -68.65 88.90
C TYR ZA 158 23.65 -67.60 89.74
N ALA ZA 159 23.67 -66.36 89.29
CA ALA ZA 159 23.03 -65.32 90.06
C ALA ZA 159 21.54 -65.29 89.77
N LYS ZA 160 20.81 -64.54 90.57
CA LYS ZA 160 19.36 -64.50 90.47
C LYS ZA 160 18.88 -63.22 89.78
N ILE ZA 161 19.60 -62.77 88.77
CA ILE ZA 161 19.23 -61.55 88.06
C ILE ZA 161 19.27 -61.78 86.56
N ALA AB 58 73.74 -2.95 35.92
CA ALA AB 58 72.52 -3.66 36.30
C ALA AB 58 72.86 -5.11 36.65
N LEU AB 59 73.85 -5.66 35.92
CA LEU AB 59 74.35 -6.98 36.26
C LEU AB 59 75.17 -6.94 37.54
N LYS AB 60 75.81 -5.80 37.81
CA LYS AB 60 76.40 -5.51 39.10
C LYS AB 60 75.35 -5.40 40.20
N GLU AB 61 74.16 -4.92 39.86
CA GLU AB 61 73.11 -4.75 40.86
C GLU AB 61 72.45 -6.09 41.21
N THR AB 62 72.25 -6.98 40.24
CA THR AB 62 71.75 -8.29 40.61
C THR AB 62 72.83 -9.18 41.21
N ALA AB 63 74.12 -8.87 40.95
CA ALA AB 63 75.20 -9.46 41.74
C ALA AB 63 75.17 -9.00 43.19
N LEU AB 64 74.82 -7.74 43.40
CA LEU AB 64 74.76 -7.15 44.73
C LEU AB 64 73.59 -7.73 45.54
N SER AB 65 72.44 -7.90 44.91
CA SER AB 65 71.34 -8.54 45.61
C SER AB 65 71.47 -10.06 45.66
N VAL AB 66 72.34 -10.65 44.85
CA VAL AB 66 72.73 -12.04 45.12
C VAL AB 66 73.56 -12.12 46.39
N GLY AB 67 74.47 -11.16 46.58
CA GLY AB 67 75.32 -11.18 47.77
C GLY AB 67 74.63 -10.76 49.06
N ALA AB 68 73.54 -10.01 48.94
CA ALA AB 68 72.89 -9.40 50.11
C ALA AB 68 72.19 -10.42 51.00
N GLN AB 69 71.38 -11.30 50.41
CA GLN AB 69 70.62 -12.25 51.19
C GLN AB 69 71.49 -13.39 51.69
N ALA AB 70 72.58 -13.68 50.98
CA ALA AB 70 73.50 -14.70 51.41
C ALA AB 70 74.37 -14.21 52.57
N GLY AB 71 74.79 -12.95 52.52
CA GLY AB 71 75.53 -12.37 53.64
C GLY AB 71 74.65 -12.12 54.85
N LEU AB 72 73.36 -11.86 54.61
CA LEU AB 72 72.39 -11.70 55.68
C LEU AB 72 72.14 -13.01 56.43
N ALA AB 73 71.97 -14.11 55.69
CA ALA AB 73 71.74 -15.39 56.34
C ALA AB 73 73.01 -15.97 56.93
N TRP AB 74 74.17 -15.62 56.37
CA TRP AB 74 75.45 -16.05 56.94
C TRP AB 74 75.75 -15.35 58.25
N ARG AB 75 75.52 -14.03 58.29
CA ARG AB 75 75.71 -13.26 59.51
C ARG AB 75 74.69 -13.62 60.57
N ALA AB 76 73.47 -13.97 60.12
CA ALA AB 76 72.41 -14.40 61.04
C ALA AB 76 72.72 -15.75 61.66
N LYS AB 77 73.33 -16.66 60.90
CA LYS AB 77 73.73 -17.95 61.44
C LYS AB 77 74.92 -17.83 62.39
N ILE AB 78 75.84 -16.91 62.07
CA ILE AB 78 77.03 -16.65 62.89
C ILE AB 78 76.65 -16.06 64.23
N ILE AB 79 75.69 -15.13 64.24
CA ILE AB 79 75.27 -14.57 65.51
C ILE AB 79 74.24 -15.43 66.20
N ASP AB 80 73.67 -16.42 65.51
CA ASP AB 80 72.90 -17.44 66.21
C ASP AB 80 73.79 -18.35 67.03
N GLU AB 81 74.95 -18.75 66.49
CA GLU AB 81 75.86 -19.55 67.30
C GLU AB 81 76.56 -18.71 68.36
N GLN AB 82 76.75 -17.42 68.09
CA GLN AB 82 77.24 -16.51 69.12
C GLN AB 82 76.22 -16.27 70.23
N LEU AB 83 74.94 -16.32 69.90
CA LEU AB 83 73.91 -16.23 70.93
C LEU AB 83 73.80 -17.52 71.71
N ASN AB 84 74.02 -18.66 71.05
CA ASN AB 84 73.95 -19.94 71.77
C ASN AB 84 75.19 -20.20 72.59
N LYS AB 85 76.29 -19.53 72.26
CA LYS AB 85 77.51 -19.65 73.06
C LYS AB 85 77.37 -18.98 74.41
N GLN AB 86 76.56 -17.93 74.49
CA GLN AB 86 76.47 -17.11 75.71
C GLN AB 86 75.17 -17.34 76.44
N ALA AB 87 74.66 -18.58 76.42
CA ALA AB 87 73.27 -18.84 76.75
C ALA AB 87 73.00 -18.78 78.26
N ARG AB 88 73.95 -19.23 79.08
CA ARG AB 88 73.77 -19.14 80.52
C ARG AB 88 73.94 -17.72 81.02
N ASN AB 89 74.79 -16.95 80.33
CA ASN AB 89 74.94 -15.55 80.64
C ASN AB 89 73.71 -14.77 80.23
N LEU AB 90 73.04 -15.18 79.16
CA LEU AB 90 71.92 -14.42 78.68
C LEU AB 90 70.64 -14.65 79.48
N ASP AB 91 70.41 -15.85 80.02
CA ASP AB 91 69.30 -15.97 80.96
C ASP AB 91 69.73 -15.53 82.35
N ALA AB 92 71.03 -15.38 82.61
CA ALA AB 92 71.42 -14.66 83.81
C ALA AB 92 71.14 -13.16 83.68
N ILE AB 93 71.26 -12.61 82.47
CA ILE AB 93 71.01 -11.19 82.29
C ILE AB 93 69.52 -10.93 82.24
N TYR AB 94 68.81 -11.62 81.37
CA TYR AB 94 67.40 -11.34 81.16
C TYR AB 94 66.56 -12.30 81.99
N ASP AB 95 66.68 -12.12 83.30
CA ASP AB 95 65.98 -12.97 84.25
C ASP AB 95 64.59 -12.43 84.40
N PHE AB 96 63.71 -12.80 83.46
CA PHE AB 96 62.31 -12.41 83.54
C PHE AB 96 61.59 -13.24 84.58
N ASN AB 97 62.10 -14.44 84.84
CA ASN AB 97 61.52 -15.36 85.81
C ASN AB 97 61.69 -14.84 87.24
N SER AB 98 62.76 -14.08 87.50
CA SER AB 98 62.88 -13.44 88.79
C SER AB 98 62.32 -12.04 88.80
N LEU AB 99 61.64 -11.63 87.75
CA LEU AB 99 61.01 -10.33 87.75
C LEU AB 99 59.51 -10.36 87.61
N VAL AB 100 58.91 -11.55 87.57
CA VAL AB 100 57.46 -11.62 87.59
C VAL AB 100 56.96 -11.34 89.01
N LEU AB 101 55.70 -10.96 89.09
CA LEU AB 101 55.12 -10.58 90.36
C LEU AB 101 54.48 -11.80 91.03
N GLU AB 102 53.58 -11.51 91.97
CA GLU AB 102 52.88 -12.41 92.89
C GLU AB 102 52.17 -13.57 92.24
N HIS AB 103 51.32 -13.31 91.26
CA HIS AB 103 50.43 -14.33 90.73
C HIS AB 103 50.80 -14.67 89.31
N ASN AB 104 52.11 -14.76 89.07
CA ASN AB 104 52.76 -14.73 87.75
C ASN AB 104 52.24 -13.60 86.90
N ILE AB 105 52.29 -12.41 87.45
CA ILE AB 105 51.99 -11.20 86.71
C ILE AB 105 53.26 -10.77 86.02
N LEU AB 106 53.21 -10.71 84.71
CA LEU AB 106 54.25 -10.04 83.97
C LEU AB 106 54.09 -8.55 84.20
N PRO AB 107 55.12 -7.88 84.72
CA PRO AB 107 54.97 -6.49 85.13
C PRO AB 107 55.06 -5.57 83.90
N PRO AB 108 54.51 -4.35 83.97
CA PRO AB 108 54.43 -3.55 82.75
C PRO AB 108 55.72 -2.82 82.45
N VAL AB 109 55.80 -2.28 81.23
CA VAL AB 109 57.05 -1.71 80.71
C VAL AB 109 56.98 -0.20 80.85
N LEU AB 110 57.61 0.33 81.88
CA LEU AB 110 57.58 1.76 82.11
C LEU AB 110 58.72 2.39 81.34
N LEU AB 111 58.44 3.48 80.65
CA LEU AB 111 59.48 4.20 79.93
C LEU AB 111 59.69 5.54 80.59
N GLU AB 112 60.94 6.00 80.57
CA GLU AB 112 61.36 7.21 81.26
C GLU AB 112 61.97 8.16 80.26
N GLY AB 113 61.45 9.38 80.23
CA GLY AB 113 62.08 10.40 79.43
C GLY AB 113 62.30 11.66 80.22
N ARG AB 114 63.54 12.13 80.33
CA ARG AB 114 63.78 13.34 81.06
C ARG AB 114 64.16 14.46 80.10
N ASN AB 115 63.95 15.71 80.58
CA ASN AB 115 64.18 16.99 79.89
C ASN AB 115 63.45 17.05 78.56
N THR AB 116 62.13 17.10 78.64
CA THR AB 116 61.32 16.90 77.46
C THR AB 116 60.87 18.24 76.92
N LEU AB 117 61.35 18.57 75.73
CA LEU AB 117 60.93 19.77 75.02
C LEU AB 117 60.02 19.34 73.89
N ASN AB 118 58.94 20.09 73.70
CA ASN AB 118 58.20 20.09 72.45
C ASN AB 118 58.00 21.53 72.01
N LEU AB 119 58.47 21.83 70.82
CA LEU AB 119 58.23 23.11 70.18
C LEU AB 119 56.96 22.98 69.37
N ALA AB 120 55.84 23.50 69.89
CA ALA AB 120 54.57 23.25 69.23
C ALA AB 120 54.36 24.17 68.05
N ASP AB 121 54.79 25.42 68.19
CA ASP AB 121 54.70 26.39 67.13
C ASP AB 121 55.86 27.35 67.33
N ALA AB 122 55.74 28.53 66.74
CA ALA AB 122 56.72 29.58 66.96
C ALA AB 122 56.58 30.20 68.34
N GLN AB 123 55.40 30.12 68.94
CA GLN AB 123 55.11 30.87 70.14
C GLN AB 123 54.97 30.05 71.41
N SER AB 124 54.80 28.73 71.33
CA SER AB 124 54.60 27.96 72.55
C SER AB 124 55.42 26.69 72.53
N ILE AB 125 56.11 26.46 73.64
CA ILE AB 125 56.81 25.21 73.87
C ILE AB 125 56.28 24.59 75.15
N ARG AB 126 56.65 23.34 75.36
CA ARG AB 126 56.29 22.63 76.57
C ARG AB 126 57.50 21.86 77.06
N ILE AB 127 57.95 22.16 78.27
CA ILE AB 127 58.96 21.38 78.94
C ILE AB 127 58.30 20.53 79.99
N SER AB 128 58.87 19.36 80.21
CA SER AB 128 58.52 18.59 81.39
C SER AB 128 59.79 17.93 81.90
N ASP AB 129 59.80 17.70 83.21
CA ASP AB 129 61.04 17.30 83.85
C ASP AB 129 61.31 15.81 83.69
N ARG AB 130 60.36 14.97 84.09
CA ARG AB 130 60.44 13.53 83.89
C ARG AB 130 59.08 13.01 83.46
N THR AB 131 59.07 12.16 82.45
CA THR AB 131 57.84 11.52 82.01
C THR AB 131 57.99 10.03 82.17
N TYR AB 132 56.91 9.39 82.60
CA TYR AB 132 56.84 7.94 82.60
C TYR AB 132 55.61 7.49 81.83
N LYS AB 133 55.80 6.49 81.01
CA LYS AB 133 54.72 5.94 80.21
C LYS AB 133 54.61 4.45 80.45
N VAL AB 134 53.42 3.99 80.81
CA VAL AB 134 53.14 2.57 80.87
C VAL AB 134 52.90 2.07 79.46
N ALA AB 135 53.92 1.57 78.81
CA ALA AB 135 53.71 0.73 77.65
C ALA AB 135 53.52 -0.68 78.17
N LYS AB 136 52.77 -1.48 77.41
CA LYS AB 136 52.76 -2.95 77.44
C LYS AB 136 52.36 -3.52 78.81
N GLN AB 137 51.08 -3.32 79.15
CA GLN AB 137 50.56 -3.35 80.51
C GLN AB 137 50.67 -4.74 81.15
N ALA AB 138 50.58 -4.76 82.48
CA ALA AB 138 50.80 -5.95 83.29
C ALA AB 138 49.70 -6.97 83.08
N HIS AB 139 50.11 -8.22 82.93
CA HIS AB 139 49.08 -9.21 82.68
C HIS AB 139 49.46 -10.52 83.32
N PHE AB 140 48.60 -11.50 83.12
CA PHE AB 140 48.87 -12.84 83.58
C PHE AB 140 49.80 -13.49 82.59
N ILE AB 141 50.84 -14.11 83.07
CA ILE AB 141 51.67 -14.90 82.20
C ILE AB 141 51.72 -16.31 82.75
N THR AB 142 51.94 -17.27 81.86
CA THR AB 142 52.11 -18.65 82.29
C THR AB 142 53.59 -18.96 82.46
N THR AB 143 54.33 -18.82 81.38
CA THR AB 143 55.76 -19.02 81.37
C THR AB 143 56.43 -17.68 81.23
N PRO AB 144 57.59 -17.44 81.84
CA PRO AB 144 58.28 -16.19 81.65
C PRO AB 144 58.94 -16.15 80.28
N PRO AB 145 59.14 -14.96 79.71
CA PRO AB 145 59.79 -14.89 78.42
C PRO AB 145 61.28 -15.09 78.57
N THR AB 146 61.86 -15.77 77.60
CA THR AB 146 63.29 -15.94 77.52
C THR AB 146 63.87 -14.78 76.72
N TRP AB 147 65.15 -14.85 76.40
CA TRP AB 147 65.69 -13.86 75.49
C TRP AB 147 65.29 -14.14 74.06
N ARG AB 148 65.04 -15.39 73.74
CA ARG AB 148 65.06 -15.85 72.36
C ARG AB 148 63.79 -15.52 71.60
N GLN AB 149 62.75 -15.00 72.26
CA GLN AB 149 61.69 -14.38 71.49
C GLN AB 149 62.13 -13.04 70.95
N TYR AB 150 63.04 -12.35 71.64
CA TYR AB 150 63.58 -11.11 71.16
C TYR AB 150 64.79 -11.31 70.27
N LEU AB 151 65.84 -11.94 70.79
CA LEU AB 151 67.16 -11.84 70.22
C LEU AB 151 67.42 -12.77 69.05
N TRP AB 152 66.68 -13.87 68.94
CA TRP AB 152 67.04 -14.93 68.01
C TRP AB 152 66.68 -14.51 66.60
N MET AB 153 67.59 -14.75 65.67
CA MET AB 153 67.33 -14.42 64.28
C MET AB 153 67.07 -15.68 63.48
N ASP AB 154 66.23 -15.53 62.47
CA ASP AB 154 65.72 -16.68 61.75
C ASP AB 154 66.72 -17.08 60.68
N TYR AB 155 67.24 -18.28 60.79
CA TYR AB 155 68.21 -18.78 59.84
C TYR AB 155 67.52 -19.76 58.92
N VAL AB 156 67.28 -19.35 57.68
CA VAL AB 156 67.11 -20.29 56.61
C VAL AB 156 68.29 -20.14 55.65
N LYS AB 157 68.75 -21.26 55.11
CA LYS AB 157 69.87 -21.27 54.18
C LYS AB 157 69.29 -21.04 52.80
N PRO AB 158 69.57 -19.91 52.14
CA PRO AB 158 68.93 -19.62 50.85
C PRO AB 158 69.61 -20.39 49.73
N GLU AB 159 68.86 -21.24 49.06
CA GLU AB 159 69.34 -21.96 47.89
C GLU AB 159 69.02 -21.21 46.60
N ALA AB 160 69.40 -19.95 46.50
CA ALA AB 160 69.09 -19.16 45.32
C ALA AB 160 70.35 -18.52 44.76
N PRO AB 161 71.11 -19.21 43.89
CA PRO AB 161 72.18 -18.51 43.18
C PRO AB 161 71.63 -17.71 42.01
N LYS AB 173 81.51 -11.29 35.70
CA LYS AB 173 82.21 -12.23 36.57
C LYS AB 173 83.11 -11.46 37.54
N GLU AB 174 83.87 -10.50 37.04
CA GLU AB 174 84.80 -9.73 37.86
C GLU AB 174 84.08 -8.65 38.67
N ILE AB 175 83.13 -7.94 38.04
CA ILE AB 175 82.32 -6.99 38.80
C ILE AB 175 81.22 -7.71 39.55
N TRP AB 176 80.88 -8.94 39.14
CA TRP AB 176 80.07 -9.84 39.96
C TRP AB 176 80.76 -10.17 41.26
N CYS AB 177 82.08 -10.41 41.21
CA CYS AB 177 82.85 -10.72 42.41
C CYS AB 177 82.97 -9.52 43.33
N ILE AB 178 83.27 -8.34 42.77
CA ILE AB 178 83.49 -7.21 43.67
C ILE AB 178 82.16 -6.57 44.14
N TYR AB 179 81.10 -6.62 43.34
CA TYR AB 179 79.81 -6.19 43.82
C TYR AB 179 79.14 -7.23 44.70
N THR AB 180 79.51 -8.51 44.56
CA THR AB 180 78.94 -9.50 45.45
C THR AB 180 79.65 -9.48 46.80
N GLU AB 181 80.90 -9.01 46.84
CA GLU AB 181 81.51 -8.77 48.15
C GLU AB 181 81.00 -7.50 48.80
N ARG AB 182 80.66 -6.47 48.01
CA ARG AB 182 79.98 -5.29 48.54
C ARG AB 182 78.58 -5.61 49.04
N GLY AB 183 77.87 -6.49 48.33
CA GLY AB 183 76.57 -6.95 48.79
C GLY AB 183 76.65 -7.87 49.98
N TRP AB 184 77.74 -8.62 50.10
CA TRP AB 184 77.96 -9.50 51.25
C TRP AB 184 78.21 -8.71 52.52
N LYS AB 185 78.95 -7.60 52.39
CA LYS AB 185 79.12 -6.69 53.53
C LYS AB 185 77.85 -5.94 53.86
N ASN AB 186 77.02 -5.65 52.83
CA ASN AB 186 75.72 -5.04 53.05
C ASN AB 186 74.76 -5.96 53.77
N GLY AB 187 74.82 -7.26 53.47
CA GLY AB 187 73.99 -8.21 54.19
C GLY AB 187 74.47 -8.47 55.59
N ILE AB 188 75.78 -8.39 55.81
CA ILE AB 188 76.37 -8.56 57.14
C ILE AB 188 75.99 -7.41 58.07
N ASP AB 189 76.07 -6.17 57.60
CA ASP AB 189 75.69 -5.09 58.51
C ASP AB 189 74.19 -4.87 58.54
N GLN AB 190 73.45 -5.43 57.57
CA GLN AB 190 72.00 -5.43 57.64
C GLN AB 190 71.50 -6.38 58.71
N ALA AB 191 72.15 -7.55 58.84
CA ALA AB 191 71.82 -8.47 59.92
C ALA AB 191 72.30 -7.96 61.27
N ASN AB 192 73.39 -7.17 61.28
CA ASN AB 192 73.82 -6.52 62.51
C ASN AB 192 72.86 -5.45 62.97
N THR AB 193 72.20 -4.75 62.03
CA THR AB 193 71.16 -3.81 62.45
C THR AB 193 69.89 -4.49 62.94
N ILE AB 194 69.61 -5.69 62.43
CA ILE AB 194 68.46 -6.44 62.95
C ILE AB 194 68.73 -6.94 64.36
N LEU AB 195 69.98 -7.36 64.62
CA LEU AB 195 70.40 -7.73 65.97
C LEU AB 195 70.47 -6.52 66.92
N GLU AB 196 70.77 -5.33 66.38
CA GLU AB 196 70.77 -4.09 67.13
C GLU AB 196 69.36 -3.71 67.57
N GLU AB 197 68.38 -3.95 66.71
CA GLU AB 197 67.00 -3.70 67.09
C GLU AB 197 66.46 -4.77 68.02
N ASN AB 198 67.02 -5.97 67.98
CA ASN AB 198 66.56 -7.00 68.91
C ASN AB 198 67.10 -6.81 70.31
N ILE AB 199 68.36 -6.35 70.44
CA ILE AB 199 68.87 -6.01 71.77
C ILE AB 199 68.27 -4.71 72.28
N ALA AB 200 67.77 -3.87 71.36
CA ALA AB 200 67.06 -2.67 71.73
C ALA AB 200 65.70 -2.97 72.31
N ARG AB 201 65.03 -3.96 71.71
CA ARG AB 201 63.71 -4.37 72.17
C ARG AB 201 63.78 -5.08 73.52
N ILE AB 202 64.83 -5.89 73.72
CA ILE AB 202 64.93 -6.55 75.02
C ILE AB 202 65.45 -5.60 76.10
N LYS AB 203 66.16 -4.53 75.73
CA LYS AB 203 66.64 -3.58 76.72
C LYS AB 203 65.53 -2.67 77.16
N GLU AB 204 64.62 -2.36 76.22
CA GLU AB 204 63.41 -1.60 76.52
C GLU AB 204 62.47 -2.35 77.44
N ASP AB 205 62.26 -3.65 77.16
CA ASP AB 205 61.32 -4.43 77.97
C ASP AB 205 61.86 -4.74 79.37
N PHE AB 206 63.15 -5.10 79.45
CA PHE AB 206 63.69 -5.44 80.75
C PHE AB 206 63.98 -4.22 81.61
N GLY AB 207 64.36 -3.10 80.99
CA GLY AB 207 64.47 -1.86 81.74
C GLY AB 207 63.14 -1.29 82.15
N GLY AB 208 62.07 -1.62 81.40
CA GLY AB 208 60.74 -1.27 81.85
C GLY AB 208 60.26 -2.03 83.06
N MET AB 209 60.62 -3.32 83.15
CA MET AB 209 60.20 -4.05 84.34
C MET AB 209 61.04 -3.72 85.57
N ILE AB 210 62.33 -3.42 85.36
CA ILE AB 210 63.20 -2.90 86.41
C ILE AB 210 62.73 -1.53 86.89
N LEU AB 211 62.25 -0.70 85.95
CA LEU AB 211 61.72 0.61 86.27
C LEU AB 211 60.36 0.53 86.96
N TYR AB 212 59.61 -0.55 86.70
CA TYR AB 212 58.39 -0.81 87.45
C TYR AB 212 58.69 -1.12 88.90
N ARG AB 213 59.71 -1.95 89.15
CA ARG AB 213 60.09 -2.27 90.53
C ARG AB 213 60.67 -1.06 91.25
N LYS AB 214 61.36 -0.18 90.52
CA LYS AB 214 61.87 1.07 91.07
C LYS AB 214 60.73 2.04 91.44
N LEU AB 215 59.72 2.15 90.58
CA LEU AB 215 58.63 3.08 90.89
C LEU AB 215 57.65 2.50 91.91
N LEU AB 216 57.57 1.17 92.02
CA LEU AB 216 56.77 0.57 93.06
C LEU AB 216 57.47 0.69 94.40
N ALA AB 217 58.79 0.69 94.40
CA ALA AB 217 59.54 1.02 95.61
C ALA AB 217 59.42 2.50 95.95
N MET AB 218 59.30 3.35 94.93
CA MET AB 218 59.17 4.79 95.13
C MET AB 218 57.74 5.24 95.32
N ASN AB 219 56.78 4.29 95.34
CA ASN AB 219 55.34 4.49 95.53
C ASN AB 219 54.73 5.35 94.43
N MET AB 220 55.23 5.20 93.22
CA MET AB 220 54.71 5.96 92.09
C MET AB 220 53.72 5.19 91.26
N VAL AB 221 53.67 3.87 91.37
CA VAL AB 221 52.70 3.06 90.65
C VAL AB 221 51.92 2.21 91.63
N SER AB 222 50.75 1.88 91.25
CA SER AB 222 49.96 0.93 92.02
C SER AB 222 50.42 -0.49 91.69
N PRO AB 223 50.48 -1.38 92.66
CA PRO AB 223 50.68 -2.80 92.37
C PRO AB 223 49.40 -3.39 91.81
N PRO AB 224 49.46 -4.50 91.07
CA PRO AB 224 48.21 -5.09 90.58
C PRO AB 224 47.48 -5.84 91.67
N TYR AB 225 46.16 -5.70 91.64
CA TYR AB 225 45.33 -6.27 92.67
C TYR AB 225 44.63 -7.48 92.08
N VAL AB 226 45.12 -8.65 92.47
CA VAL AB 226 44.47 -9.88 92.10
C VAL AB 226 43.24 -10.10 92.98
N SER AB 227 42.40 -11.02 92.55
CA SER AB 227 41.20 -11.38 93.28
C SER AB 227 40.93 -12.84 92.97
N HIS AB 228 41.20 -13.71 93.93
CA HIS AB 228 40.95 -15.13 93.74
C HIS AB 228 39.62 -15.45 94.39
N THR AB 229 38.58 -15.51 93.58
CA THR AB 229 37.28 -15.93 94.07
C THR AB 229 37.27 -17.45 94.00
N ASP AB 230 37.16 -18.08 95.16
CA ASP AB 230 37.13 -19.52 95.28
C ASP AB 230 35.74 -20.04 94.99
N LEU AB 231 35.68 -21.14 94.26
CA LEU AB 231 34.47 -21.93 94.12
C LEU AB 231 34.78 -23.33 94.60
N GLY AB 232 33.74 -24.01 95.08
CA GLY AB 232 33.89 -25.37 95.56
C GLY AB 232 33.90 -26.41 94.46
N VAL AB 233 33.33 -27.59 94.69
CA VAL AB 233 33.26 -28.54 93.60
C VAL AB 233 32.08 -28.13 92.73
N THR AB 234 32.31 -28.12 91.43
CA THR AB 234 31.60 -27.23 90.53
C THR AB 234 31.21 -28.00 89.30
N GLY AB 235 30.06 -27.67 88.75
CA GLY AB 235 29.56 -28.35 87.58
C GLY AB 235 28.57 -29.43 87.99
N ASP AB 236 28.04 -30.07 86.97
CA ASP AB 236 26.98 -31.06 87.15
C ASP AB 236 27.61 -32.43 87.31
N GLY AB 237 26.81 -33.49 87.15
CA GLY AB 237 27.29 -34.85 87.26
C GLY AB 237 28.21 -35.32 86.17
N SER AB 238 28.24 -34.64 85.03
CA SER AB 238 29.13 -35.04 83.96
C SER AB 238 30.55 -34.54 84.14
N GLU AB 239 30.77 -33.52 84.96
CA GLU AB 239 32.08 -32.89 85.08
C GLU AB 239 32.19 -32.22 86.43
N ILE AB 240 33.17 -32.61 87.22
CA ILE AB 240 33.48 -31.81 88.39
C ILE AB 240 34.86 -31.22 88.25
N HIS AB 241 35.03 -30.06 88.86
CA HIS AB 241 36.33 -29.49 89.14
C HIS AB 241 36.32 -29.14 90.61
N ILE AB 242 37.27 -29.68 91.36
CA ILE AB 242 37.14 -29.79 92.80
C ILE AB 242 37.46 -28.50 93.53
N ASP AB 243 38.64 -27.97 93.35
CA ASP AB 243 38.98 -26.68 93.95
C ASP AB 243 39.04 -25.74 92.76
N ASP AB 244 38.06 -24.85 92.65
CA ASP AB 244 37.87 -24.10 91.42
C ASP AB 244 38.13 -22.64 91.72
N ARG AB 245 39.38 -22.22 91.64
CA ARG AB 245 39.72 -20.85 91.98
C ARG AB 245 39.86 -20.04 90.71
N VAL AB 246 39.06 -19.00 90.55
CA VAL AB 246 39.19 -18.11 89.40
C VAL AB 246 39.85 -16.83 89.88
N LEU AB 247 40.93 -16.46 89.20
CA LEU AB 247 41.82 -15.40 89.63
C LEU AB 247 41.73 -14.30 88.59
N ARG AB 248 41.33 -13.11 89.04
CA ARG AB 248 41.22 -11.97 88.14
C ARG AB 248 42.18 -10.87 88.57
N ILE AB 249 42.45 -9.98 87.64
CA ILE AB 249 43.13 -8.73 87.94
C ILE AB 249 42.07 -7.65 87.95
N THR AB 250 41.77 -7.13 89.13
CA THR AB 250 40.79 -6.07 89.22
C THR AB 250 41.40 -4.72 88.90
N ALA AB 251 42.52 -4.42 89.54
CA ALA AB 251 43.20 -3.15 89.35
C ALA AB 251 44.46 -3.39 88.54
N LEU AB 252 44.55 -2.77 87.41
CA LEU AB 252 45.78 -2.78 86.66
C LEU AB 252 46.77 -1.81 87.30
N PRO AB 253 48.07 -2.03 87.11
CA PRO AB 253 49.06 -1.05 87.58
C PRO AB 253 49.01 0.22 86.77
N GLU AB 254 49.17 1.34 87.48
CA GLU AB 254 49.10 2.65 86.86
C GLU AB 254 49.91 3.62 87.69
N LEU AB 255 50.32 4.71 87.06
CA LEU AB 255 51.04 5.75 87.76
C LEU AB 255 50.06 6.57 88.56
N ASN AB 256 50.30 6.70 89.86
CA ASN AB 256 49.41 7.51 90.65
C ASN AB 256 49.82 8.96 90.51
N VAL AB 257 48.83 9.84 90.55
CA VAL AB 257 49.04 11.24 90.27
C VAL AB 257 48.88 12.10 91.51
N ASN AB 258 48.48 11.52 92.62
CA ASN AB 258 48.61 12.21 93.89
C ASN AB 258 50.08 12.14 94.27
N SER AB 259 50.79 13.25 94.04
CA SER AB 259 52.24 13.19 93.95
C SER AB 259 52.90 13.29 95.31
N ALA AB 260 52.14 13.62 96.36
CA ALA AB 260 52.71 13.75 97.69
C ALA AB 260 52.89 12.41 98.40
N GLU AB 261 52.39 11.32 97.82
CA GLU AB 261 52.49 10.00 98.39
C GLU AB 261 53.65 9.22 97.85
N TRP AB 262 54.60 9.88 97.19
CA TRP AB 262 55.75 9.18 96.67
C TRP AB 262 56.76 8.96 97.78
N ARG AB 263 57.79 8.18 97.49
CA ARG AB 263 58.83 7.89 98.47
C ARG AB 263 60.17 8.34 97.92
N ALA AB 264 61.05 8.77 98.81
CA ALA AB 264 62.34 9.33 98.42
C ALA AB 264 63.45 8.36 98.78
N ALA AB 265 64.13 7.85 97.77
CA ALA AB 265 65.24 6.95 98.02
C ALA AB 265 66.55 7.68 98.22
N VAL AB 266 66.88 8.02 99.44
CA VAL AB 266 68.21 8.52 99.70
C VAL AB 266 69.05 7.42 100.30
N ALA AB 267 70.10 7.03 99.58
CA ALA AB 267 70.98 5.98 100.07
C ALA AB 267 72.30 6.63 100.44
N LYS AB 268 73.26 5.80 100.84
CA LYS AB 268 74.51 6.33 101.36
C LYS AB 268 75.71 5.60 100.80
N PHE BB 25 99.83 -31.29 82.26
CA PHE BB 25 99.48 -29.97 81.76
C PHE BB 25 97.97 -29.77 81.68
N LYS BB 26 97.51 -28.57 81.99
CA LYS BB 26 96.09 -28.29 82.00
C LYS BB 26 95.71 -27.39 80.85
N LYS BB 27 94.45 -27.00 80.86
CA LYS BB 27 93.80 -26.27 79.81
C LYS BB 27 93.15 -25.04 80.39
N PRO BB 28 92.73 -24.08 79.57
CA PRO BB 28 91.79 -23.07 80.05
C PRO BB 28 90.39 -23.67 80.18
N PRO BB 29 89.48 -22.99 80.88
CA PRO BB 29 88.07 -23.34 80.77
C PRO BB 29 87.51 -23.13 79.39
N ILE BB 30 86.48 -23.91 79.08
CA ILE BB 30 86.10 -24.20 77.69
C ILE BB 30 85.36 -23.03 77.07
N ASN BB 31 84.21 -22.69 77.64
CA ASN BB 31 83.57 -21.43 77.32
C ASN BB 31 83.89 -20.40 78.40
N ASN BB 32 85.19 -20.22 78.61
CA ASN BB 32 85.67 -19.11 79.40
C ASN BB 32 85.48 -17.83 78.60
N PRO BB 33 85.21 -16.72 79.26
CA PRO BB 33 85.32 -15.44 78.57
C PRO BB 33 86.78 -15.07 78.39
N SER BB 34 87.39 -15.56 77.33
CA SER BB 34 88.79 -15.27 77.01
C SER BB 34 88.87 -14.21 75.93
N ASP BB 35 87.96 -13.26 75.97
CA ASP BB 35 87.65 -12.41 74.85
C ASP BB 35 86.94 -11.18 75.40
N ASP BB 36 87.36 -10.01 74.87
CA ASP BB 36 87.23 -8.72 75.54
C ASP BB 36 85.79 -8.24 75.65
N ALA BB 37 84.91 -8.68 74.78
CA ALA BB 37 83.49 -8.39 74.94
C ALA BB 37 82.81 -9.37 75.86
N THR BB 38 83.24 -10.62 75.84
CA THR BB 38 82.62 -11.65 76.64
C THR BB 38 82.94 -11.52 78.12
N ILE BB 39 84.07 -10.90 78.49
CA ILE BB 39 84.31 -10.65 79.91
C ILE BB 39 83.42 -9.55 80.43
N LYS BB 40 83.13 -8.56 79.60
CA LYS BB 40 82.25 -7.48 80.04
C LYS BB 40 80.80 -7.91 80.09
N LEU BB 41 80.40 -8.78 79.15
CA LEU BB 41 79.07 -9.37 79.16
C LEU BB 41 78.88 -10.35 80.32
N ALA BB 42 79.90 -11.15 80.63
CA ALA BB 42 79.72 -12.13 81.68
C ALA BB 42 79.93 -11.55 83.07
N GLU BB 43 80.72 -10.48 83.22
CA GLU BB 43 80.78 -9.87 84.55
C GLU BB 43 79.59 -8.95 84.77
N ALA BB 44 78.96 -8.52 83.68
CA ALA BB 44 77.65 -7.92 83.78
C ALA BB 44 76.61 -8.94 84.21
N ALA BB 45 76.76 -10.20 83.76
CA ALA BB 45 75.85 -11.27 84.16
C ALA BB 45 76.00 -11.63 85.63
N VAL BB 46 77.23 -11.58 86.16
CA VAL BB 46 77.35 -11.85 87.58
C VAL BB 46 76.91 -10.64 88.42
N SER BB 47 76.96 -9.42 87.85
CA SER BB 47 76.49 -8.27 88.61
C SER BB 47 74.97 -8.19 88.63
N VAL BB 48 74.32 -8.59 87.53
CA VAL BB 48 72.86 -8.59 87.53
C VAL BB 48 72.36 -9.79 88.33
N SER BB 49 73.16 -10.87 88.46
CA SER BB 49 72.76 -12.01 89.27
C SER BB 49 72.84 -11.72 90.76
N ASP BB 50 73.88 -11.03 91.24
CA ASP BB 50 73.86 -10.75 92.67
C ASP BB 50 72.99 -9.55 93.02
N SER BB 51 72.71 -8.64 92.07
CA SER BB 51 71.71 -7.62 92.39
C SER BB 51 70.29 -8.14 92.32
N MET BB 52 70.05 -9.18 91.51
CA MET BB 52 68.83 -9.98 91.59
C MET BB 52 68.72 -10.70 92.92
N LEU BB 53 69.87 -11.17 93.44
CA LEU BB 53 69.89 -11.86 94.72
C LEU BB 53 69.60 -10.91 95.89
N GLU BB 54 70.14 -9.69 95.86
CA GLU BB 54 69.79 -8.82 96.99
C GLU BB 54 68.45 -8.14 96.85
N MET BB 55 67.89 -8.01 95.64
CA MET BB 55 66.49 -7.56 95.59
C MET BB 55 65.53 -8.68 95.99
N ALA BB 56 65.97 -9.94 95.77
CA ALA BB 56 65.25 -11.09 96.31
C ALA BB 56 65.36 -11.19 97.82
N LYS BB 57 66.53 -10.80 98.36
CA LYS BB 57 66.78 -10.75 99.79
C LYS BB 57 65.92 -9.70 100.47
N VAL BB 58 65.70 -8.57 99.80
CA VAL BB 58 65.01 -7.52 100.53
C VAL BB 58 63.49 -7.70 100.41
N GLU BB 59 62.98 -8.27 99.29
CA GLU BB 59 61.53 -8.36 99.22
C GLU BB 59 61.03 -9.74 99.66
N LYS BB 60 61.95 -10.66 99.94
CA LYS BB 60 61.62 -11.98 100.49
C LYS BB 60 61.15 -11.84 101.92
N VAL BB 61 59.86 -12.04 102.14
CA VAL BB 61 59.36 -12.15 103.50
C VAL BB 61 59.63 -13.56 104.00
N ILE BB 62 60.35 -13.68 105.10
CA ILE BB 62 60.44 -14.95 105.77
C ILE BB 62 59.69 -14.84 107.08
N THR BB 63 59.30 -15.97 107.64
CA THR BB 63 58.89 -16.02 109.01
C THR BB 63 59.98 -16.71 109.83
N PRO BB 64 60.20 -16.29 111.08
CA PRO BB 64 61.06 -17.08 111.95
C PRO BB 64 60.36 -18.38 112.34
N PRO BB 65 61.13 -19.45 112.58
CA PRO BB 65 60.50 -20.74 112.89
C PRO BB 65 60.00 -20.87 114.32
N SER BB 66 60.27 -19.89 115.18
CA SER BB 66 59.62 -19.84 116.47
C SER BB 66 58.20 -19.30 116.34
N LYS BB 67 57.93 -18.54 115.29
CA LYS BB 67 56.62 -17.96 115.05
C LYS BB 67 56.13 -18.34 113.65
N ASP BB 68 56.28 -19.61 113.30
CA ASP BB 68 55.98 -20.06 111.96
C ASP BB 68 54.56 -20.56 111.79
N ASN BB 69 53.89 -20.89 112.91
CA ASN BB 69 52.45 -21.16 113.16
C ASN BB 69 52.00 -22.54 112.67
N THR BB 70 52.79 -23.21 111.83
CA THR BB 70 52.50 -24.53 111.28
C THR BB 70 52.67 -25.61 112.34
N LEU BB 71 52.02 -26.75 112.09
CA LEU BB 71 51.98 -27.83 113.05
C LEU BB 71 53.28 -28.61 113.05
N THR BB 72 53.80 -28.87 114.25
CA THR BB 72 54.96 -29.72 114.38
C THR BB 72 54.59 -31.18 114.23
N ILE BB 73 55.60 -32.03 114.08
CA ILE BB 73 55.42 -33.47 114.10
C ILE BB 73 55.18 -33.89 115.55
N PRO BB 74 54.05 -34.53 115.87
CA PRO BB 74 53.70 -34.77 117.27
C PRO BB 74 54.33 -36.01 117.88
N ASN BB 75 55.18 -36.72 117.12
CA ASN BB 75 56.04 -37.88 117.46
C ASN BB 75 55.34 -39.05 118.16
N ALA BB 76 54.04 -39.22 117.96
CA ALA BB 76 53.36 -40.40 118.48
C ALA BB 76 53.65 -41.61 117.60
N TYR BB 77 53.76 -42.78 118.26
CA TYR BB 77 54.16 -44.01 117.59
C TYR BB 77 53.05 -44.53 116.68
N ASN BB 78 51.80 -44.22 116.99
CA ASN BB 78 50.72 -44.47 116.04
C ASN BB 78 50.77 -43.51 114.88
N LEU BB 79 51.31 -42.30 115.08
CA LEU BB 79 51.44 -41.37 113.97
C LEU BB 79 52.72 -41.55 113.18
N GLN BB 80 53.59 -42.46 113.59
CA GLN BB 80 54.80 -42.76 112.82
C GLN BB 80 54.62 -43.96 111.90
N ALA BB 81 53.43 -44.16 111.36
CA ALA BB 81 53.22 -45.22 110.39
C ALA BB 81 53.21 -44.63 108.99
N ARG BB 82 53.93 -45.29 108.08
CA ARG BB 82 54.04 -44.80 106.73
C ARG BB 82 52.80 -45.19 105.94
N ALA BB 83 51.92 -44.22 105.72
CA ALA BB 83 50.64 -44.42 105.06
C ALA BB 83 50.79 -44.09 103.58
N SER BB 84 49.67 -44.06 102.88
CA SER BB 84 49.63 -43.73 101.46
C SER BB 84 48.23 -43.27 101.11
N VAL BB 85 48.12 -42.06 100.58
CA VAL BB 85 46.82 -41.48 100.26
C VAL BB 85 46.98 -40.58 99.04
N ASP BB 86 46.19 -40.84 98.00
CA ASP BB 86 45.94 -39.85 96.97
C ASP BB 86 44.46 -39.55 97.03
N TRP BB 87 44.13 -38.29 97.26
CA TRP BB 87 42.78 -37.83 97.50
C TRP BB 87 42.76 -36.31 97.40
N SER BB 88 41.68 -35.78 96.85
CA SER BB 88 41.43 -34.36 96.91
C SER BB 88 39.98 -34.11 97.30
N GLY BB 89 39.76 -33.21 98.26
CA GLY BB 89 38.43 -32.80 98.64
C GLY BB 89 38.42 -32.07 99.97
N PRO BB 90 37.35 -32.17 100.75
CA PRO BB 90 37.27 -31.41 102.00
C PRO BB 90 37.85 -32.11 103.23
N ILE BB 91 38.46 -31.27 104.07
CA ILE BB 91 39.54 -31.62 105.02
C ILE BB 91 39.12 -32.58 106.12
N GLU BB 92 37.89 -32.43 106.63
CA GLU BB 92 37.36 -33.10 107.82
C GLU BB 92 37.20 -34.60 107.62
N GLU BB 93 36.99 -35.00 106.38
CA GLU BB 93 36.82 -36.39 106.04
C GLU BB 93 38.13 -37.14 106.03
N LEU BB 94 39.18 -36.54 105.46
CA LEU BB 94 40.50 -37.16 105.46
C LEU BB 94 41.10 -37.20 106.85
N THR BB 95 40.93 -36.11 107.61
CA THR BB 95 41.46 -36.05 108.97
C THR BB 95 40.73 -36.97 109.94
N ALA BB 96 39.44 -37.23 109.68
CA ALA BB 96 38.70 -38.26 110.38
C ALA BB 96 39.24 -39.65 110.06
N ARG BB 97 39.51 -39.92 108.78
CA ARG BB 97 39.97 -41.26 108.45
C ARG BB 97 41.44 -41.51 108.76
N ILE BB 98 42.28 -40.47 108.86
CA ILE BB 98 43.63 -40.76 109.34
C ILE BB 98 43.66 -40.86 110.85
N ALA BB 99 42.71 -40.20 111.53
CA ALA BB 99 42.56 -40.40 112.97
C ALA BB 99 42.11 -41.81 113.28
N LYS BB 100 41.20 -42.35 112.49
CA LYS BB 100 40.84 -43.75 112.73
C LYS BB 100 41.83 -44.72 112.11
N ALA BB 101 42.71 -44.25 111.22
CA ALA BB 101 43.85 -45.07 110.82
C ALA BB 101 44.89 -45.15 111.92
N ALA BB 102 45.11 -44.06 112.64
CA ALA BB 102 46.07 -44.06 113.73
C ALA BB 102 45.43 -44.37 115.07
N HIS BB 103 44.15 -44.79 115.07
CA HIS BB 103 43.31 -45.10 116.24
C HIS BB 103 43.21 -43.91 117.21
N PHE BB 104 43.10 -42.73 116.63
CA PHE BB 104 42.96 -41.51 117.41
C PHE BB 104 41.53 -41.05 117.31
N ARG BB 105 41.07 -40.33 118.31
CA ARG BB 105 39.76 -39.74 118.20
C ARG BB 105 39.84 -38.50 117.31
N PHE BB 106 38.69 -38.10 116.79
CA PHE BB 106 38.62 -36.97 115.88
C PHE BB 106 37.56 -36.01 116.37
N ARG BB 107 37.97 -34.87 116.90
CA ARG BB 107 37.04 -33.83 117.25
C ARG BB 107 37.10 -32.72 116.22
N VAL BB 108 36.01 -31.99 116.12
CA VAL BB 108 35.94 -30.84 115.23
C VAL BB 108 35.26 -29.71 116.01
N LEU BB 109 35.98 -28.60 116.14
CA LEU BB 109 35.47 -27.41 116.78
C LEU BB 109 35.35 -26.31 115.73
N GLY BB 110 34.31 -25.53 115.81
CA GLY BB 110 34.02 -24.56 114.78
C GLY BB 110 33.03 -25.10 113.79
N LYS BB 111 32.71 -24.27 112.81
CA LYS BB 111 31.63 -24.53 111.87
C LYS BB 111 32.24 -24.80 110.51
N SER BB 112 31.78 -25.84 109.87
CA SER BB 112 32.27 -26.06 108.51
C SER BB 112 31.50 -25.16 107.56
N PRO BB 113 32.19 -24.39 106.70
CA PRO BB 113 31.47 -23.41 105.88
C PRO BB 113 30.76 -24.01 104.68
N SER BB 114 30.09 -23.15 103.91
CA SER BB 114 29.31 -23.59 102.77
C SER BB 114 30.20 -24.00 101.61
N VAL BB 115 31.10 -23.12 101.20
CA VAL BB 115 32.27 -23.54 100.43
C VAL BB 115 33.14 -24.35 101.38
N PRO BB 116 33.56 -25.56 101.01
CA PRO BB 116 34.43 -26.33 101.88
C PRO BB 116 35.87 -25.97 101.66
N VAL BB 117 36.63 -26.06 102.71
CA VAL BB 117 38.07 -25.87 102.63
C VAL BB 117 38.64 -27.18 102.10
N LEU BB 118 39.42 -27.07 101.03
CA LEU BB 118 39.78 -28.23 100.21
C LEU BB 118 41.27 -28.47 100.23
N ILE BB 119 41.66 -29.74 100.30
CA ILE BB 119 43.05 -30.18 100.32
C ILE BB 119 43.25 -31.03 99.09
N SER BB 120 44.49 -31.11 98.63
CA SER BB 120 44.94 -32.15 97.73
C SER BB 120 46.15 -32.78 98.36
N ILE BB 121 46.10 -34.09 98.60
CA ILE BB 121 47.26 -34.82 99.10
C ILE BB 121 47.41 -36.05 98.23
N SER BB 122 48.57 -36.20 97.62
CA SER BB 122 48.88 -37.38 96.83
C SER BB 122 50.30 -37.80 97.22
N THR BB 123 50.39 -38.85 98.01
CA THR BB 123 51.65 -39.48 98.31
C THR BB 123 51.45 -40.98 98.41
N LYS BB 124 52.41 -41.74 97.90
CA LYS BB 124 52.31 -43.18 97.99
C LYS BB 124 53.14 -43.77 99.12
N ASP BB 125 53.95 -42.95 99.79
CA ASP BB 125 54.55 -43.34 101.06
C ASP BB 125 54.81 -42.07 101.84
N GLU BB 126 54.05 -41.88 102.92
CA GLU BB 126 54.35 -40.78 103.83
C GLU BB 126 53.88 -41.18 105.23
N SER BB 127 54.59 -40.69 106.23
CA SER BB 127 54.10 -40.80 107.60
C SER BB 127 52.93 -39.85 107.79
N LEU BB 128 51.92 -40.32 108.54
CA LEU BB 128 50.69 -39.56 108.61
C LEU BB 128 50.77 -38.39 109.58
N ALA BB 129 51.80 -38.32 110.41
CA ALA BB 129 52.20 -37.08 111.04
C ALA BB 129 52.61 -36.02 110.02
N GLU BB 130 53.31 -36.41 108.96
CA GLU BB 130 53.66 -35.47 107.92
C GLU BB 130 52.50 -35.18 106.99
N ILE BB 131 51.56 -36.11 106.86
CA ILE BB 131 50.31 -35.81 106.14
C ILE BB 131 49.44 -34.88 106.96
N LEU BB 132 49.54 -34.96 108.29
CA LEU BB 132 48.88 -34.00 109.16
C LEU BB 132 49.50 -32.62 109.10
N ARG BB 133 50.83 -32.56 108.94
CA ARG BB 133 51.52 -31.29 108.76
C ARG BB 133 51.18 -30.67 107.42
N ASP BB 134 51.02 -31.51 106.39
CA ASP BB 134 50.65 -31.05 105.06
C ASP BB 134 49.20 -30.59 105.02
N ILE BB 135 48.32 -31.24 105.78
CA ILE BB 135 46.93 -30.81 105.78
C ILE BB 135 46.74 -29.58 106.64
N ASP BB 136 47.61 -29.36 107.64
CA ASP BB 136 47.57 -28.10 108.39
C ASP BB 136 48.14 -26.96 107.57
N TYR BB 137 49.11 -27.27 106.71
CA TYR BB 137 49.70 -26.25 105.86
C TYR BB 137 48.75 -25.85 104.74
N GLN BB 138 48.04 -26.80 104.16
CA GLN BB 138 47.09 -26.44 103.12
C GLN BB 138 45.78 -25.90 103.69
N ALA BB 139 45.50 -26.14 104.96
CA ALA BB 139 44.42 -25.41 105.60
C ALA BB 139 44.82 -23.96 105.82
N GLY BB 140 45.91 -23.75 106.54
CA GLY BB 140 46.45 -22.42 106.71
C GLY BB 140 45.66 -21.57 107.68
N LYS BB 141 44.97 -20.56 107.17
CA LYS BB 141 44.17 -19.69 108.00
C LYS BB 141 42.68 -19.96 107.88
N LYS BB 142 42.26 -20.82 106.95
CA LYS BB 142 40.87 -21.23 106.92
C LYS BB 142 40.55 -22.22 108.03
N ALA BB 143 41.49 -23.08 108.37
CA ALA BB 143 41.28 -24.09 109.40
C ALA BB 143 42.64 -24.41 110.01
N SER BB 144 42.61 -25.25 111.04
CA SER BB 144 43.82 -25.59 111.76
C SER BB 144 43.67 -26.95 112.40
N ILE BB 145 44.80 -27.58 112.68
CA ILE BB 145 44.87 -28.91 113.25
C ILE BB 145 45.54 -28.81 114.61
N HIS BB 146 44.83 -29.21 115.65
CA HIS BB 146 45.47 -29.52 116.92
C HIS BB 146 45.54 -31.02 117.06
N VAL BB 147 46.47 -31.50 117.86
CA VAL BB 147 46.68 -32.93 118.08
C VAL BB 147 47.17 -33.12 119.51
N TYR BB 148 46.47 -33.97 120.26
CA TYR BB 148 46.79 -34.22 121.64
C TYR BB 148 47.14 -35.69 121.81
N PRO BB 149 48.42 -36.04 121.91
CA PRO BB 149 48.80 -37.46 121.93
C PRO BB 149 48.66 -38.11 123.29
N ASN BB 150 48.48 -37.29 124.33
CA ASN BB 150 48.23 -37.85 125.66
C ASN BB 150 46.82 -38.38 125.77
N SER BB 151 45.86 -37.66 125.21
CA SER BB 151 44.49 -38.15 125.18
C SER BB 151 44.16 -38.85 123.88
N GLN BB 152 45.12 -38.82 122.93
CA GLN BB 152 45.10 -39.47 121.61
C GLN BB 152 43.92 -39.02 120.75
N VAL BB 153 43.89 -37.73 120.47
CA VAL BB 153 42.77 -37.14 119.75
C VAL BB 153 43.28 -35.99 118.88
N VAL BB 154 42.98 -36.04 117.60
CA VAL BB 154 43.24 -34.91 116.72
C VAL BB 154 41.97 -34.09 116.62
N GLU BB 155 42.13 -32.85 116.21
CA GLU BB 155 41.04 -31.90 116.29
C GLU BB 155 41.17 -30.92 115.14
N LEU BB 156 40.17 -30.90 114.29
CA LEU BB 156 40.06 -29.87 113.27
C LEU BB 156 39.30 -28.70 113.87
N ARG BB 157 39.93 -27.53 113.90
CA ARG BB 157 39.23 -26.31 114.28
C ARG BB 157 39.09 -25.40 113.08
N TYR BB 158 37.93 -24.82 112.95
CA TYR BB 158 37.68 -23.77 111.97
C TYR BB 158 37.90 -22.42 112.63
N ALA BB 159 37.42 -21.36 112.00
CA ALA BB 159 37.44 -20.04 112.62
C ALA BB 159 36.19 -19.23 112.28
N ILE CB 272 32.47 -15.03 83.83
CA ILE CB 272 33.17 -16.22 84.34
C ILE CB 272 33.97 -16.86 83.20
N PRO CB 273 35.25 -17.10 83.43
CA PRO CB 273 36.10 -17.68 82.40
C PRO CB 273 35.83 -19.17 82.27
N PRO CB 274 36.21 -19.79 81.15
CA PRO CB 274 36.03 -21.24 81.03
C PRO CB 274 37.05 -22.01 81.85
N SER CB 275 36.76 -23.30 82.01
CA SER CB 275 37.42 -24.09 83.03
C SER CB 275 38.81 -24.53 82.61
N ALA CB 276 38.87 -25.32 81.56
CA ALA CB 276 40.05 -25.62 80.77
C ALA CB 276 39.52 -25.95 79.40
N ASN CB 277 40.30 -26.61 78.59
CA ASN CB 277 39.68 -27.48 77.63
C ASN CB 277 39.57 -28.84 78.28
N ASP CB 278 38.46 -29.53 78.02
CA ASP CB 278 38.33 -30.93 78.39
C ASP CB 278 38.96 -31.87 77.37
N LEU CB 279 39.42 -31.31 76.25
CA LEU CB 279 40.35 -31.96 75.34
C LEU CB 279 41.69 -32.28 75.99
N LEU CB 280 42.09 -31.48 77.00
CA LEU CB 280 43.29 -31.74 77.76
C LEU CB 280 43.23 -33.01 78.59
N LEU CB 281 42.04 -33.51 78.92
CA LEU CB 281 41.96 -34.84 79.50
C LEU CB 281 42.26 -35.93 78.49
N HIS CB 282 41.95 -35.70 77.21
CA HIS CB 282 42.32 -36.68 76.20
C HIS CB 282 43.81 -36.59 75.88
N VAL CB 283 44.35 -35.37 75.84
CA VAL CB 283 45.77 -35.27 75.51
C VAL CB 283 46.63 -35.32 76.77
N LEU CB 284 46.01 -35.52 77.92
CA LEU CB 284 46.71 -35.99 79.10
C LEU CB 284 46.93 -37.49 79.05
N GLU CB 285 46.16 -38.19 78.24
CA GLU CB 285 46.57 -39.50 77.77
C GLU CB 285 47.30 -39.30 76.44
N GLY CB 286 47.53 -40.38 75.72
CA GLY CB 286 48.09 -40.14 74.41
C GLY CB 286 47.07 -40.01 73.32
N VAL CB 287 45.79 -40.03 73.64
CA VAL CB 287 44.76 -40.10 72.59
C VAL CB 287 44.56 -38.70 72.03
N PRO CB 288 44.62 -38.53 70.70
CA PRO CB 288 44.48 -37.22 70.08
C PRO CB 288 43.06 -36.69 70.16
N PRO CB 289 42.84 -35.40 69.92
CA PRO CB 289 41.48 -34.90 69.84
C PRO CB 289 40.79 -35.36 68.57
N PRO CB 290 39.46 -35.42 68.56
CA PRO CB 290 38.74 -35.81 67.35
C PRO CB 290 38.83 -34.75 66.26
N GLY CB 291 39.31 -35.17 65.10
CA GLY CB 291 39.51 -34.25 64.00
C GLY CB 291 40.75 -33.42 64.18
N SER CB 292 41.89 -34.06 64.31
CA SER CB 292 43.16 -33.36 64.43
C SER CB 292 44.05 -33.69 63.26
N ARG CB 293 45.23 -33.09 63.26
CA ARG CB 293 46.33 -33.54 62.43
C ARG CB 293 47.55 -33.50 63.32
N ARG CB 294 48.27 -34.61 63.41
CA ARG CB 294 49.38 -34.70 64.35
C ARG CB 294 50.59 -33.95 63.81
N LEU CB 295 51.44 -33.54 64.74
CA LEU CB 295 52.70 -32.91 64.41
C LEU CB 295 53.80 -33.85 64.83
N VAL CB 296 54.98 -33.69 64.25
CA VAL CB 296 56.10 -34.54 64.57
C VAL CB 296 57.06 -33.78 65.48
N VAL CB 297 57.19 -34.26 66.70
CA VAL CB 297 58.04 -33.63 67.69
C VAL CB 297 59.40 -34.28 67.64
N SER CB 298 60.43 -33.48 67.42
CA SER CB 298 61.79 -33.96 67.39
C SER CB 298 62.56 -33.41 68.58
N GLY CB 299 63.56 -34.15 69.02
CA GLY CB 299 64.45 -33.66 70.05
C GLY CB 299 63.98 -33.83 71.47
N GLY CB 300 62.89 -34.55 71.70
CA GLY CB 300 62.44 -34.75 73.07
C GLY CB 300 61.19 -35.61 73.08
N ASP CB 301 60.84 -36.06 74.27
CA ASP CB 301 59.70 -36.96 74.43
C ASP CB 301 58.44 -36.13 74.63
N ALA CB 302 57.84 -35.73 73.52
CA ALA CB 302 56.60 -34.99 73.55
C ALA CB 302 55.79 -35.42 72.34
N ARG CB 303 54.48 -35.30 72.45
CA ARG CB 303 53.59 -35.59 71.34
C ARG CB 303 52.69 -34.40 71.13
N ALA CB 304 52.72 -33.82 69.95
CA ALA CB 304 51.90 -32.64 69.70
C ALA CB 304 50.91 -32.92 68.58
N TRP CB 305 49.65 -32.59 68.84
CA TRP CB 305 48.60 -32.59 67.86
C TRP CB 305 48.17 -31.16 67.61
N LEU CB 306 47.44 -30.95 66.52
CA LEU CB 306 46.92 -29.63 66.19
C LEU CB 306 45.48 -29.81 65.78
N SER CB 307 44.55 -29.32 66.59
CA SER CB 307 43.15 -29.62 66.34
C SER CB 307 42.48 -28.55 65.51
N ASN CB 308 42.36 -27.33 66.05
CA ASN CB 308 41.81 -26.23 65.26
C ASN CB 308 42.53 -24.96 65.72
N GLU CB 309 43.65 -24.66 65.05
CA GLU CB 309 44.50 -23.47 65.21
C GLU CB 309 45.12 -23.37 66.61
N LYS CB 310 45.26 -24.50 67.29
CA LYS CB 310 45.79 -24.64 68.63
C LYS CB 310 46.53 -25.94 68.58
N MET CB 311 47.70 -25.99 69.20
CA MET CB 311 48.36 -27.27 69.34
C MET CB 311 48.24 -27.73 70.79
N TYR CB 312 48.37 -29.03 70.96
CA TYR CB 312 48.15 -29.70 72.23
C TYR CB 312 49.29 -30.67 72.37
N VAL CB 313 50.10 -30.52 73.39
CA VAL CB 313 51.34 -31.27 73.47
C VAL CB 313 51.39 -32.00 74.80
N ARG CB 314 51.57 -33.32 74.72
CA ARG CB 314 51.68 -34.21 75.85
C ARG CB 314 53.15 -34.46 76.14
N THR CB 315 53.60 -34.03 77.32
CA THR CB 315 55.00 -33.98 77.65
C THR CB 315 55.16 -34.57 79.04
N ASN CB 316 56.39 -34.81 79.46
CA ASN CB 316 56.71 -34.77 80.88
C ASN CB 316 57.93 -33.91 81.14
N LEU CB 317 58.50 -33.33 80.08
CA LEU CB 317 59.39 -32.20 80.19
C LEU CB 317 58.56 -30.95 80.39
N THR CB 318 59.18 -29.87 80.85
CA THR CB 318 58.38 -28.68 81.11
C THR CB 318 58.68 -27.60 80.09
N ILE CB 319 57.64 -27.13 79.42
CA ILE CB 319 57.75 -26.14 78.37
C ILE CB 319 57.98 -24.77 78.98
N LEU CB 320 58.99 -24.06 78.48
CA LEU CB 320 59.49 -22.83 79.07
C LEU CB 320 59.33 -21.61 78.18
N SER CB 321 59.65 -21.71 76.88
CA SER CB 321 59.64 -20.45 76.11
C SER CB 321 58.33 -19.93 75.51
N PRO CB 322 57.47 -20.69 74.78
CA PRO CB 322 56.43 -20.01 74.00
C PRO CB 322 55.20 -19.62 74.80
N GLY CB 323 54.96 -20.22 75.96
CA GLY CB 323 53.84 -19.79 76.74
C GLY CB 323 52.59 -20.52 76.31
N TRP CB 324 52.04 -21.31 77.20
CA TRP CB 324 50.90 -22.13 76.88
C TRP CB 324 49.63 -21.44 77.37
N LEU CB 325 48.50 -21.90 76.86
CA LEU CB 325 47.25 -21.30 77.25
C LEU CB 325 46.52 -22.10 78.30
N ALA CB 326 46.70 -23.41 78.31
CA ALA CB 326 46.06 -24.22 79.33
C ALA CB 326 46.96 -25.40 79.65
N SER CB 327 46.87 -25.89 80.88
CA SER CB 327 47.67 -27.03 81.26
C SER CB 327 46.89 -27.97 82.15
N MET CB 328 47.23 -29.24 82.05
CA MET CB 328 46.79 -30.29 82.96
C MET CB 328 47.98 -31.18 83.26
N THR CB 329 47.86 -31.98 84.30
CA THR CB 329 48.95 -32.86 84.69
C THR CB 329 48.33 -34.10 85.31
N SER CB 330 48.71 -35.28 84.86
CA SER CB 330 48.16 -36.51 85.41
C SER CB 330 48.89 -36.95 86.67
N ALA CB 331 48.64 -38.20 87.06
CA ALA CB 331 49.19 -38.75 88.29
C ALA CB 331 50.68 -38.99 88.20
N ASP CB 332 51.17 -39.35 87.02
CA ASP CB 332 52.58 -39.70 86.85
C ASP CB 332 53.44 -38.52 86.39
N GLY CB 333 52.94 -37.30 86.53
CA GLY CB 333 53.71 -36.14 86.16
C GLY CB 333 53.76 -35.85 84.68
N THR CB 334 52.91 -36.49 83.90
CA THR CB 334 52.70 -36.10 82.53
C THR CB 334 51.95 -34.79 82.51
N HIS CB 335 52.48 -33.79 81.82
CA HIS CB 335 51.71 -32.60 81.55
C HIS CB 335 51.07 -32.70 80.18
N ALA CB 336 50.04 -31.89 79.98
CA ALA CB 336 49.40 -31.72 78.69
C ALA CB 336 49.07 -30.25 78.52
N TYR CB 337 49.61 -29.65 77.48
CA TYR CB 337 49.48 -28.22 77.26
C TYR CB 337 48.62 -27.95 76.05
N GLU CB 338 47.90 -26.84 76.11
CA GLU CB 338 47.21 -26.27 74.97
C GLU CB 338 47.84 -24.91 74.73
N MET CB 339 48.32 -24.68 73.51
CA MET CB 339 48.99 -23.44 73.19
C MET CB 339 48.73 -23.10 71.74
N GLN CB 340 49.35 -22.02 71.29
CA GLN CB 340 49.23 -21.63 69.91
C GLN CB 340 50.22 -22.42 69.06
N LYS CB 341 50.09 -22.25 67.75
CA LYS CB 341 50.94 -22.95 66.79
C LYS CB 341 52.30 -22.29 66.80
N SER CB 342 53.24 -22.92 67.48
CA SER CB 342 54.60 -22.43 67.44
C SER CB 342 55.54 -23.54 66.99
N PRO CB 343 56.47 -23.25 66.07
CA PRO CB 343 57.31 -24.32 65.52
C PRO CB 343 58.42 -24.78 66.45
N VAL CB 344 58.76 -23.98 67.45
CA VAL CB 344 59.78 -24.30 68.42
C VAL CB 344 59.11 -24.40 69.76
N LEU CB 345 59.25 -25.57 70.39
CA LEU CB 345 59.07 -25.63 71.82
C LEU CB 345 60.43 -25.52 72.42
N LEU CB 346 60.53 -24.92 73.58
CA LEU CB 346 61.76 -25.01 74.34
C LEU CB 346 61.43 -25.57 75.70
N VAL CB 347 62.20 -26.53 76.15
CA VAL CB 347 61.85 -27.30 77.32
C VAL CB 347 62.98 -27.23 78.32
N SER CB 348 62.63 -27.44 79.59
CA SER CB 348 63.56 -27.89 80.58
C SER CB 348 63.40 -29.38 80.69
N TRP CB 349 64.51 -30.09 80.51
CA TRP CB 349 64.55 -31.53 80.75
C TRP CB 349 64.84 -31.81 82.22
N HIS CB 350 66.04 -31.49 82.66
CA HIS CB 350 66.44 -31.80 84.01
C HIS CB 350 67.33 -30.69 84.53
N GLY CB 351 66.89 -29.46 84.33
CA GLY CB 351 67.77 -28.32 84.49
C GLY CB 351 68.48 -27.94 83.22
N LYS CB 352 68.35 -28.73 82.17
CA LYS CB 352 68.91 -28.40 80.87
C LYS CB 352 67.83 -27.79 80.02
N VAL CB 353 68.13 -26.64 79.44
CA VAL CB 353 67.25 -26.04 78.45
C VAL CB 353 67.59 -26.66 77.11
N MET CB 354 66.60 -27.25 76.47
CA MET CB 354 66.75 -27.80 75.14
C MET CB 354 65.66 -27.23 74.25
N GLN CB 355 65.80 -27.43 72.95
CA GLN CB 355 64.74 -27.04 72.03
C GLN CB 355 64.15 -28.27 71.36
N LEU CB 356 62.96 -28.07 70.82
CA LEU CB 356 62.13 -29.12 70.27
C LEU CB 356 61.52 -28.58 68.98
N LYS CB 357 61.54 -29.37 67.93
CA LYS CB 357 61.00 -28.96 66.65
C LYS CB 357 59.60 -29.55 66.55
N VAL CB 358 58.64 -28.79 66.03
CA VAL CB 358 57.42 -29.40 65.52
C VAL CB 358 57.30 -28.99 64.05
N GLU CB 359 56.43 -29.69 63.32
CA GLU CB 359 56.26 -29.45 61.89
C GLU CB 359 54.78 -29.44 61.54
N GLY CB 360 54.27 -28.27 61.18
CA GLY CB 360 52.87 -28.07 60.91
C GLY CB 360 52.42 -26.75 61.50
N LEU DB 41 68.92 -31.32 60.28
CA LEU DB 41 68.47 -32.63 60.72
C LEU DB 41 68.74 -32.82 62.20
N PRO DB 42 67.98 -33.69 62.86
CA PRO DB 42 68.39 -34.16 64.19
C PRO DB 42 69.67 -34.98 64.11
N CYS DB 43 70.45 -34.90 65.16
CA CYS DB 43 71.80 -35.44 65.19
C CYS DB 43 71.79 -36.91 65.59
N ARG DB 44 72.65 -37.69 64.93
CA ARG DB 44 72.80 -39.10 65.27
C ARG DB 44 73.64 -39.26 66.54
N VAL DB 45 74.90 -38.83 66.48
CA VAL DB 45 75.75 -38.83 67.66
C VAL DB 45 75.59 -37.49 68.36
N ASP DB 46 75.99 -37.44 69.63
CA ASP DB 46 75.87 -36.22 70.44
C ASP DB 46 77.23 -35.59 70.69
N GLY DB 47 78.12 -35.67 69.70
CA GLY DB 47 79.50 -35.34 69.95
C GLY DB 47 80.22 -36.40 70.76
N ALA DB 48 79.86 -37.67 70.55
CA ALA DB 48 80.41 -38.77 71.32
C ALA DB 48 80.30 -40.04 70.49
N CYS DB 49 81.23 -40.96 70.69
CA CYS DB 49 81.19 -42.27 70.05
C CYS DB 49 81.41 -43.36 71.08
N ASP DB 50 80.74 -44.50 70.86
CA ASP DB 50 80.80 -45.63 71.78
C ASP DB 50 82.16 -46.33 71.73
N ALA DB 51 82.83 -46.29 70.58
CA ALA DB 51 84.17 -46.84 70.46
C ALA DB 51 85.19 -45.99 71.21
N THR DB 52 84.98 -44.67 71.23
CA THR DB 52 85.81 -43.79 72.02
C THR DB 52 85.51 -43.90 73.50
N ILE DB 53 84.27 -44.28 73.85
CA ILE DB 53 83.88 -44.54 75.24
C ILE DB 53 84.63 -45.76 75.77
N ILE DB 54 84.66 -46.85 74.99
CA ILE DB 54 85.34 -48.03 75.51
C ILE DB 54 86.85 -47.92 75.33
N LYS DB 55 87.33 -47.08 74.41
CA LYS DB 55 88.76 -46.85 74.28
C LYS DB 55 89.29 -46.04 75.44
N MET DB 56 88.51 -45.06 75.90
CA MET DB 56 88.86 -44.32 77.11
C MET DB 56 88.70 -45.17 78.36
N MET DB 57 87.78 -46.14 78.33
CA MET DB 57 87.56 -46.98 79.50
C MET DB 57 88.67 -48.02 79.65
N THR DB 58 89.11 -48.64 78.55
CA THR DB 58 90.29 -49.49 78.57
C THR DB 58 91.57 -48.74 78.84
N ASP DB 59 91.70 -47.49 78.38
CA ASP DB 59 92.90 -46.72 78.67
C ASP DB 59 92.99 -46.28 80.12
N LEU DB 60 91.84 -46.00 80.73
CA LEU DB 60 91.84 -45.63 82.14
C LEU DB 60 92.03 -46.85 83.04
N ASN DB 61 91.50 -48.00 82.65
CA ASN DB 61 91.75 -49.20 83.43
C ASN DB 61 93.14 -49.75 83.18
N LYS DB 62 93.77 -49.42 82.05
CA LYS DB 62 95.18 -49.70 81.86
C LYS DB 62 96.03 -48.80 82.73
N LYS DB 63 95.62 -47.54 82.90
CA LYS DB 63 96.35 -46.63 83.78
C LYS DB 63 95.98 -46.76 85.24
N GLY DB 64 95.09 -47.69 85.61
CA GLY DB 64 94.84 -47.95 87.00
C GLY DB 64 93.74 -47.14 87.60
N ILE DB 65 93.09 -46.30 86.81
CA ILE DB 65 91.85 -45.66 87.20
C ILE DB 65 90.77 -46.74 87.16
N LYS DB 66 90.12 -46.97 88.29
CA LYS DB 66 89.14 -48.05 88.30
C LYS DB 66 87.82 -47.52 87.77
N VAL DB 67 87.40 -48.04 86.61
CA VAL DB 67 86.18 -47.62 85.96
C VAL DB 67 85.18 -48.77 86.06
N ALA DB 68 84.29 -48.70 87.01
CA ALA DB 68 83.20 -49.66 87.11
C ALA DB 68 81.97 -49.07 86.47
N SER DB 69 81.10 -49.94 85.97
CA SER DB 69 79.90 -49.49 85.29
C SER DB 69 78.84 -50.54 85.55
N VAL DB 70 77.93 -50.27 86.47
CA VAL DB 70 76.94 -51.23 86.89
C VAL DB 70 75.57 -50.74 86.43
N GLY DB 71 75.18 -51.18 85.25
CA GLY DB 71 73.93 -50.73 84.68
C GLY DB 71 74.08 -49.34 84.11
N GLN DB 72 73.51 -48.36 84.79
CA GLN DB 72 73.70 -46.99 84.35
C GLN DB 72 74.51 -46.17 85.33
N ASN DB 73 74.81 -46.68 86.51
CA ASN DB 73 75.77 -46.04 87.38
C ASN DB 73 77.16 -46.27 86.84
N TYR DB 74 77.99 -45.26 86.96
CA TYR DB 74 79.38 -45.32 86.54
C TYR DB 74 80.22 -44.74 87.65
N LEU DB 75 81.34 -45.39 87.91
CA LEU DB 75 82.21 -44.99 89.01
C LEU DB 75 83.64 -44.99 88.51
N ILE DB 76 84.25 -43.83 88.47
CA ILE DB 76 85.65 -43.69 88.12
C ILE DB 76 86.39 -43.26 89.36
N SER DB 77 87.25 -44.11 89.87
CA SER DB 77 88.04 -43.76 91.04
C SER DB 77 89.48 -43.59 90.63
N ILE DB 78 90.01 -42.42 90.95
CA ILE DB 78 91.43 -42.13 90.84
C ILE DB 78 92.05 -42.52 92.18
N PRO DB 79 93.20 -43.17 92.19
CA PRO DB 79 93.99 -43.20 93.42
C PRO DB 79 94.55 -41.83 93.70
N ALA DB 80 94.66 -41.50 95.00
CA ALA DB 80 94.98 -40.15 95.43
C ALA DB 80 96.44 -39.77 95.20
N SER DB 81 97.32 -40.76 95.11
CA SER DB 81 98.71 -40.50 94.76
C SER DB 81 98.87 -40.16 93.29
N ALA DB 82 97.92 -40.58 92.45
CA ALA DB 82 97.97 -40.20 91.05
C ALA DB 82 97.54 -38.77 90.79
N LEU DB 83 96.89 -38.12 91.74
CA LEU DB 83 96.52 -36.72 91.58
C LEU DB 83 97.34 -35.80 92.47
N PHE DB 84 97.28 -36.01 93.76
CA PHE DB 84 97.77 -35.02 94.69
C PHE DB 84 99.16 -35.40 95.15
N ALA DB 85 99.71 -34.62 96.05
CA ALA DB 85 100.88 -35.05 96.77
C ALA DB 85 100.40 -35.71 98.06
N ASP DB 86 101.33 -36.07 98.93
CA ASP DB 86 100.96 -36.82 100.13
C ASP DB 86 100.37 -35.90 101.19
N GLN DB 87 99.11 -36.18 101.54
CA GLN DB 87 98.29 -35.53 102.57
C GLN DB 87 98.14 -34.03 102.33
N SER DB 88 97.85 -33.67 101.09
CA SER DB 88 97.79 -32.29 100.67
C SER DB 88 96.75 -32.14 99.59
N PRO DB 89 95.98 -31.05 99.60
CA PRO DB 89 94.98 -30.81 98.56
C PRO DB 89 95.52 -30.05 97.34
N ARG DB 90 96.68 -30.45 96.85
CA ARG DB 90 97.34 -29.69 95.80
C ARG DB 90 97.68 -30.63 94.67
N LEU DB 91 97.24 -30.28 93.47
CA LEU DB 91 97.43 -31.14 92.33
C LEU DB 91 98.85 -31.06 91.82
N ASN DB 92 99.33 -32.18 91.30
CA ASN DB 92 100.55 -32.13 90.53
C ASN DB 92 100.24 -31.60 89.15
N TRP DB 93 101.25 -31.08 88.48
CA TRP DB 93 101.06 -30.59 87.12
C TRP DB 93 100.95 -31.71 86.11
N ALA DB 94 101.48 -32.90 86.43
CA ALA DB 94 101.34 -34.03 85.54
C ALA DB 94 99.94 -34.63 85.60
N SER DB 95 99.24 -34.45 86.71
CA SER DB 95 97.94 -35.05 86.89
C SER DB 95 96.82 -34.31 86.20
N TYR DB 96 97.09 -33.11 85.68
CA TYR DB 96 96.09 -32.38 84.92
C TYR DB 96 95.83 -33.00 83.55
N SER DB 97 96.81 -33.74 83.00
CA SER DB 97 96.55 -34.52 81.79
C SER DB 97 95.64 -35.70 82.07
N LEU DB 98 95.77 -36.30 83.25
CA LEU DB 98 94.85 -37.33 83.70
C LEU DB 98 93.46 -36.77 83.96
N LEU DB 99 93.42 -35.54 84.47
CA LEU DB 99 92.14 -34.88 84.65
C LEU DB 99 91.52 -34.42 83.34
N ASN DB 100 92.37 -34.17 82.34
CA ASN DB 100 91.89 -33.89 81.00
C ASN DB 100 91.31 -35.12 80.34
N GLU DB 101 91.93 -36.29 80.53
CA GLU DB 101 91.36 -37.47 79.87
C GLU DB 101 90.16 -38.05 80.61
N ILE DB 102 90.02 -37.83 81.92
CA ILE DB 102 88.75 -38.20 82.54
C ILE DB 102 87.69 -37.14 82.26
N ALA DB 103 88.09 -35.89 81.99
CA ALA DB 103 87.13 -34.89 81.55
C ALA DB 103 86.63 -35.18 80.14
N ALA DB 104 87.50 -35.72 79.29
CA ALA DB 104 87.07 -36.22 78.00
C ALA DB 104 86.24 -37.49 78.11
N PHE DB 105 86.41 -38.26 79.18
CA PHE DB 105 85.52 -39.39 79.43
C PHE DB 105 84.14 -38.94 79.88
N LEU DB 106 84.07 -37.95 80.77
CA LEU DB 106 82.78 -37.44 81.22
C LEU DB 106 82.09 -36.56 80.19
N LYS DB 107 82.82 -36.06 79.18
CA LYS DB 107 82.19 -35.38 78.06
C LYS DB 107 81.34 -36.30 77.20
N GLN DB 108 81.70 -37.59 77.14
CA GLN DB 108 81.04 -38.53 76.25
C GLN DB 108 79.67 -38.96 76.72
N PHE DB 109 79.34 -38.76 77.99
CA PHE DB 109 78.06 -39.18 78.52
C PHE DB 109 77.16 -37.98 78.76
N ARG DB 110 75.86 -38.23 78.75
CA ARG DB 110 74.89 -37.20 79.08
C ARG DB 110 74.33 -37.51 80.45
N LYS DB 111 74.55 -36.62 81.40
CA LYS DB 111 74.26 -36.89 82.78
C LYS DB 111 73.54 -35.72 83.43
N ILE DB 112 73.24 -35.89 84.72
CA ILE DB 112 72.56 -34.89 85.53
C ILE DB 112 73.48 -34.37 86.61
N ALA DB 113 73.93 -35.24 87.49
CA ALA DB 113 74.75 -34.84 88.61
C ALA DB 113 75.93 -35.79 88.75
N ILE DB 114 77.11 -35.24 88.66
CA ILE DB 114 78.33 -35.93 89.06
C ILE DB 114 78.52 -35.69 90.54
N THR DB 115 78.66 -36.74 91.33
CA THR DB 115 79.13 -36.56 92.69
C THR DB 115 80.58 -37.03 92.75
N VAL DB 116 81.47 -36.10 93.07
CA VAL DB 116 82.85 -36.44 93.36
C VAL DB 116 83.01 -36.44 94.86
N THR DB 117 83.54 -37.51 95.39
CA THR DB 117 83.85 -37.57 96.79
C THR DB 117 85.27 -38.07 96.92
N SER DB 118 85.89 -37.78 98.04
CA SER DB 118 87.26 -38.26 98.25
C SER DB 118 87.42 -38.75 99.67
N TYR DB 119 88.26 -39.76 99.85
CA TYR DB 119 88.64 -40.14 101.20
C TYR DB 119 90.08 -40.60 101.21
N SER DB 120 90.71 -40.48 102.37
CA SER DB 120 92.09 -40.90 102.54
C SER DB 120 92.26 -41.51 103.91
N SER DB 121 93.42 -42.12 104.11
CA SER DB 121 93.76 -42.73 105.38
C SER DB 121 94.07 -41.66 106.42
N LYS DB 122 94.07 -42.09 107.69
CA LYS DB 122 94.18 -41.16 108.80
C LYS DB 122 95.60 -40.64 108.95
N TYR DB 123 95.75 -39.32 108.98
CA TYR DB 123 97.06 -38.70 109.05
C TYR DB 123 97.31 -38.01 110.38
N VAL DB 124 96.50 -37.02 110.74
CA VAL DB 124 96.60 -36.42 112.06
C VAL DB 124 95.33 -36.73 112.82
N SER DB 125 94.22 -36.20 112.33
CA SER DB 125 92.94 -36.32 113.00
C SER DB 125 91.86 -36.43 111.95
N VAL DB 126 90.66 -36.81 112.38
CA VAL DB 126 89.57 -36.96 111.45
C VAL DB 126 88.99 -35.62 111.03
N LYS DB 127 89.19 -34.54 111.79
CA LYS DB 127 88.72 -33.23 111.37
C LYS DB 127 89.61 -32.64 110.29
N ARG DB 128 90.92 -32.88 110.41
CA ARG DB 128 91.86 -32.51 109.36
C ARG DB 128 91.69 -33.42 108.15
N GLU DB 129 91.28 -34.67 108.38
CA GLU DB 129 91.02 -35.61 107.30
C GLU DB 129 89.79 -35.22 106.49
N ARG DB 130 88.75 -34.75 107.17
CA ARG DB 130 87.55 -34.31 106.46
C ARG DB 130 87.76 -32.99 105.74
N ALA DB 131 88.57 -32.09 106.32
CA ALA DB 131 88.89 -30.84 105.64
C ALA DB 131 89.80 -31.06 104.43
N LEU DB 132 90.74 -32.01 104.55
CA LEU DB 132 91.64 -32.42 103.49
C LEU DB 132 90.88 -33.05 102.33
N THR DB 133 89.90 -33.88 102.65
CA THR DB 133 89.26 -34.61 101.58
C THR DB 133 88.15 -33.80 100.91
N LEU DB 134 87.50 -32.89 101.64
CA LEU DB 134 86.55 -32.03 100.96
C LEU DB 134 87.25 -30.91 100.20
N ALA DB 135 88.48 -30.56 100.62
CA ALA DB 135 89.29 -29.66 99.81
C ALA DB 135 89.80 -30.32 98.55
N ARG DB 136 90.12 -31.62 98.62
CA ARG DB 136 90.57 -32.37 97.45
C ARG DB 136 89.44 -32.57 96.44
N SER DB 137 88.24 -32.86 96.95
CA SER DB 137 87.09 -33.02 96.08
C SER DB 137 86.62 -31.69 95.51
N ARG DB 138 86.83 -30.59 96.26
CA ARG DB 138 86.43 -29.32 95.70
C ARG DB 138 87.41 -28.78 94.68
N VAL DB 139 88.70 -29.14 94.74
CA VAL DB 139 89.59 -28.70 93.66
C VAL DB 139 89.44 -29.59 92.43
N VAL DB 140 89.06 -30.87 92.62
CA VAL DB 140 88.85 -31.69 91.43
C VAL DB 140 87.49 -31.38 90.78
N SER DB 141 86.49 -30.92 91.53
CA SER DB 141 85.28 -30.46 90.88
C SER DB 141 85.41 -29.06 90.33
N GLU DB 142 86.33 -28.24 90.88
CA GLU DB 142 86.63 -26.94 90.29
C GLU DB 142 87.27 -27.10 88.91
N TYR DB 143 88.18 -28.07 88.76
CA TYR DB 143 88.76 -28.29 87.44
C TYR DB 143 87.79 -28.99 86.49
N LEU DB 144 86.93 -29.86 87.00
CA LEU DB 144 85.98 -30.53 86.11
C LEU DB 144 84.82 -29.63 85.72
N TRP DB 145 84.44 -28.69 86.57
CA TRP DB 145 83.45 -27.70 86.21
C TRP DB 145 84.02 -26.67 85.27
N SER DB 146 85.33 -26.38 85.39
CA SER DB 146 85.99 -25.53 84.41
C SER DB 146 86.10 -26.22 83.07
N GLN DB 147 86.34 -27.52 83.07
CA GLN DB 147 86.48 -28.26 81.83
C GLN DB 147 85.12 -28.59 81.24
N GLY DB 148 85.16 -29.32 80.14
CA GLY DB 148 83.91 -29.66 79.50
C GLY DB 148 83.35 -30.93 80.09
N VAL DB 149 82.51 -30.77 81.09
CA VAL DB 149 81.53 -31.77 81.43
C VAL DB 149 80.19 -31.11 81.19
N ASP DB 150 79.15 -31.91 81.10
CA ASP DB 150 77.83 -31.39 80.81
C ASP DB 150 76.88 -31.73 81.95
N SER DB 151 77.44 -31.93 83.13
CA SER DB 151 76.60 -32.20 84.28
C SER DB 151 76.03 -30.91 84.79
N ARG DB 152 74.78 -30.97 85.20
CA ARG DB 152 74.11 -29.79 85.72
C ARG DB 152 74.48 -29.54 87.17
N ILE DB 153 74.50 -30.58 87.99
CA ILE DB 153 75.02 -30.46 89.35
C ILE DB 153 76.27 -31.31 89.44
N ILE DB 154 77.30 -30.78 90.09
CA ILE DB 154 78.40 -31.58 90.60
C ILE DB 154 78.43 -31.40 92.11
N PHE DB 155 78.07 -32.46 92.83
CA PHE DB 155 78.23 -32.51 94.27
C PHE DB 155 79.66 -32.87 94.56
N THR DB 156 80.21 -32.32 95.62
CA THR DB 156 81.59 -32.57 96.01
C THR DB 156 81.67 -32.68 97.52
N GLN DB 157 82.17 -33.81 97.99
CA GLN DB 157 82.30 -34.01 99.42
C GLN DB 157 83.52 -34.87 99.73
N GLY DB 158 83.93 -34.82 100.99
CA GLY DB 158 85.04 -35.62 101.44
C GLY DB 158 84.73 -36.33 102.74
N LEU DB 159 85.21 -37.55 102.88
CA LEU DB 159 85.00 -38.35 104.07
C LEU DB 159 86.34 -38.60 104.75
N GLY DB 160 86.33 -38.57 106.07
CA GLY DB 160 87.54 -38.75 106.85
C GLY DB 160 87.80 -40.18 107.24
N SER DB 161 88.22 -40.99 106.26
CA SER DB 161 88.49 -42.44 106.35
C SER DB 161 87.25 -43.22 106.77
N ASP DB 162 86.09 -42.76 106.33
CA ASP DB 162 84.85 -43.31 106.83
C ASP DB 162 84.29 -44.39 105.93
N LYS DB 163 84.87 -44.60 104.76
CA LYS DB 163 84.56 -45.74 103.92
C LYS DB 163 85.84 -46.30 103.31
N PRO DB 164 86.60 -47.11 104.04
CA PRO DB 164 87.77 -47.74 103.42
C PRO DB 164 87.35 -48.92 102.56
N ILE DB 165 88.01 -49.09 101.41
CA ILE DB 165 87.70 -50.24 100.58
C ILE DB 165 88.69 -51.38 100.75
N THR DB 166 89.64 -51.25 101.66
CA THR DB 166 90.38 -52.39 102.17
C THR DB 166 90.71 -52.13 103.62
N SER DB 167 91.07 -53.18 104.32
CA SER DB 167 91.49 -53.07 105.70
C SER DB 167 92.99 -52.83 105.83
N TYR DB 168 93.71 -52.87 104.73
CA TYR DB 168 95.15 -52.65 104.74
C TYR DB 168 95.44 -51.16 104.79
N THR DB 169 95.91 -50.68 105.93
CA THR DB 169 96.12 -49.26 106.13
C THR DB 169 97.62 -48.96 106.18
N LEU DB 170 98.39 -49.60 105.32
CA LEU DB 170 99.84 -49.51 105.43
C LEU DB 170 100.38 -48.26 104.75
N GLY DB 171 99.59 -47.61 103.92
CA GLY DB 171 100.12 -46.50 103.16
C GLY DB 171 99.68 -45.15 103.70
N GLY DB 172 100.08 -44.09 103.01
CA GLY DB 172 99.58 -42.76 103.30
C GLY DB 172 98.55 -42.43 102.27
N ASP DB 173 98.96 -41.70 101.24
CA ASP DB 173 98.18 -41.63 100.03
C ASP DB 173 98.58 -42.69 99.02
N ARG DB 174 99.52 -43.55 99.37
CA ARG DB 174 99.85 -44.67 98.52
C ARG DB 174 98.93 -45.86 98.74
N SER DB 175 98.15 -45.85 99.81
CA SER DB 175 97.19 -46.92 100.05
C SER DB 175 95.99 -46.74 99.13
N PRO DB 176 95.35 -47.83 98.66
CA PRO DB 176 94.17 -47.67 97.81
C PRO DB 176 92.89 -47.37 98.55
N ASN DB 177 92.91 -47.27 99.88
CA ASN DB 177 91.89 -46.53 100.59
C ASN DB 177 91.87 -45.07 100.22
N ALA DB 178 93.03 -44.47 99.97
CA ALA DB 178 93.10 -43.06 99.59
C ALA DB 178 92.77 -42.93 98.11
N ARG DB 179 91.63 -42.32 97.84
CA ARG DB 179 91.11 -42.24 96.49
C ARG DB 179 90.15 -41.07 96.40
N VAL DB 180 89.84 -40.71 95.16
CA VAL DB 180 88.78 -39.76 94.87
C VAL DB 180 87.93 -40.36 93.75
N GLU DB 181 86.64 -40.53 94.01
CA GLU DB 181 85.79 -41.18 93.04
C GLU DB 181 84.72 -40.26 92.50
N ILE DB 182 84.29 -40.61 91.29
CA ILE DB 182 83.46 -39.83 90.41
C ILE DB 182 82.27 -40.73 90.10
N THR DB 183 81.14 -40.47 90.72
CA THR DB 183 80.00 -41.35 90.58
C THR DB 183 78.90 -40.58 89.87
N PHE DB 184 78.38 -41.16 88.80
CA PHE DB 184 77.25 -40.55 88.12
C PHE DB 184 76.38 -41.63 87.50
N ARG DB 185 75.07 -41.39 87.48
CA ARG DB 185 74.17 -42.19 86.66
C ARG DB 185 74.05 -41.52 85.32
N ARG DB 186 74.40 -42.24 84.27
CA ARG DB 186 74.27 -41.75 82.90
C ARG DB 186 72.80 -41.69 82.53
N ALA DB 187 72.33 -40.52 82.13
CA ALA DB 187 70.92 -40.33 81.87
C ALA DB 187 70.56 -40.85 80.48
N VAL DB 188 69.53 -41.70 80.44
CA VAL DB 188 68.88 -42.38 79.29
C VAL DB 188 69.82 -42.99 78.26
N UNK EB 1 120.83 -18.36 148.98
CA UNK EB 1 120.92 -16.91 148.87
C UNK EB 1 119.54 -16.30 148.65
N UNK EB 2 118.73 -16.31 149.69
CA UNK EB 2 117.35 -15.85 149.60
C UNK EB 2 117.27 -14.33 149.65
N UNK EB 3 116.23 -13.80 149.03
CA UNK EB 3 115.89 -12.37 149.12
C UNK EB 3 114.36 -12.29 148.97
N UNK EB 4 113.67 -12.23 150.10
CA UNK EB 4 112.19 -12.25 150.14
C UNK EB 4 111.73 -11.11 151.05
N UNK EB 5 111.46 -9.95 150.46
CA UNK EB 5 111.10 -8.78 151.25
C UNK EB 5 110.19 -7.87 150.44
N UNK EB 6 109.25 -7.22 151.14
CA UNK EB 6 108.32 -6.26 150.55
C UNK EB 6 108.70 -4.88 151.05
N UNK EB 7 109.54 -4.20 150.28
CA UNK EB 7 110.16 -2.94 150.68
C UNK EB 7 110.33 -2.10 149.42
N UNK EB 8 111.24 -1.12 149.48
CA UNK EB 8 111.60 -0.35 148.30
C UNK EB 8 113.08 -0.58 148.03
N UNK EB 9 113.38 -1.67 147.31
CA UNK EB 9 114.76 -1.87 146.83
C UNK EB 9 115.05 -0.93 145.67
N UNK EB 10 114.26 -1.04 144.59
CA UNK EB 10 113.97 -0.01 143.59
C UNK EB 10 115.09 0.43 142.65
N UNK EB 11 116.32 -0.05 142.86
CA UNK EB 11 117.42 0.25 141.94
C UNK EB 11 118.36 -0.96 141.98
N UNK EB 12 118.14 -1.90 141.06
CA UNK EB 12 118.91 -3.13 141.04
C UNK EB 12 118.90 -3.66 139.60
N UNK EB 13 119.99 -3.40 138.88
CA UNK EB 13 120.26 -4.11 137.63
C UNK EB 13 121.16 -5.31 137.95
N UNK EB 14 120.53 -6.28 138.64
CA UNK EB 14 121.28 -7.28 139.39
C UNK EB 14 121.28 -8.59 138.60
N UNK EB 15 122.45 -8.99 138.12
CA UNK EB 15 122.64 -10.32 137.54
C UNK EB 15 123.06 -11.24 138.67
N UNK EB 16 122.08 -11.97 139.19
CA UNK EB 16 122.28 -12.82 140.35
C UNK EB 16 122.98 -14.12 139.94
N UNK EB 17 123.68 -14.72 140.90
CA UNK EB 17 124.46 -15.93 140.67
C UNK EB 17 123.59 -17.15 140.94
N UNK EB 18 124.23 -18.32 141.00
CA UNK EB 18 123.53 -19.58 141.21
C UNK EB 18 123.06 -19.71 142.65
N UNK EB 19 121.93 -20.43 142.80
CA UNK EB 19 121.16 -20.66 144.04
C UNK EB 19 120.74 -19.35 144.72
N UNK EB 20 120.42 -18.33 143.93
CA UNK EB 20 119.92 -17.07 144.46
C UNK EB 20 118.40 -17.13 144.47
N UNK EB 21 117.86 -17.85 145.45
CA UNK EB 21 116.43 -18.15 145.51
C UNK EB 21 115.66 -16.97 146.09
N UNK EB 22 115.49 -15.95 145.25
CA UNK EB 22 114.91 -14.68 145.67
C UNK EB 22 113.41 -14.69 145.39
N UNK EB 23 112.61 -14.91 146.43
CA UNK EB 23 111.16 -14.74 146.35
C UNK EB 23 110.75 -13.36 146.86
N UNK EB 24 111.37 -12.30 146.32
CA UNK EB 24 111.10 -10.93 146.72
C UNK EB 24 109.73 -10.45 146.25
N UNK EB 25 109.21 -9.45 146.97
CA UNK EB 25 107.96 -8.78 146.63
C UNK EB 25 108.08 -7.27 146.81
N UNK EB 26 109.29 -6.74 146.75
CA UNK EB 26 109.56 -5.34 147.01
C UNK EB 26 109.15 -4.45 145.85
N UNK EB 27 109.06 -3.16 146.13
CA UNK EB 27 108.82 -2.16 145.09
C UNK EB 27 110.09 -1.95 144.29
N UNK EB 28 110.32 -2.80 143.30
CA UNK EB 28 111.56 -2.80 142.53
C UNK EB 28 111.30 -2.06 141.22
N UNK EB 29 111.51 -0.74 141.25
CA UNK EB 29 111.18 0.12 140.11
C UNK EB 29 112.20 -0.01 138.99
N UNK EB 30 113.45 0.35 139.25
CA UNK EB 30 114.51 0.24 138.24
C UNK EB 30 115.16 -1.13 138.41
N UNK EB 31 114.45 -2.15 137.95
CA UNK EB 31 114.82 -3.54 138.21
C UNK EB 31 115.23 -4.24 136.93
N UNK EB 32 116.19 -5.17 137.07
CA UNK EB 32 116.53 -6.17 136.07
C UNK EB 32 117.12 -7.36 136.84
N UNK EB 33 116.29 -8.36 137.11
CA UNK EB 33 116.67 -9.46 138.00
C UNK EB 33 117.07 -10.66 137.15
N UNK EB 34 118.37 -10.75 136.82
CA UNK EB 34 118.88 -11.83 135.98
C UNK EB 34 119.42 -12.96 136.86
N UNK EB 35 118.48 -13.67 137.47
CA UNK EB 35 118.82 -14.78 138.36
C UNK EB 35 119.30 -15.99 137.57
N UNK EB 36 120.22 -16.75 138.18
CA UNK EB 36 120.85 -17.86 137.48
C UNK EB 36 120.43 -19.24 137.97
N UNK EB 37 119.68 -19.32 139.07
CA UNK EB 37 118.97 -20.52 139.53
C UNK EB 37 117.87 -20.12 140.49
N UNK EB 38 116.85 -20.98 140.56
CA UNK EB 38 116.01 -21.22 141.73
C UNK EB 38 115.11 -20.04 142.12
N UNK EB 39 114.82 -19.14 141.17
CA UNK EB 39 113.97 -17.99 141.47
C UNK EB 39 112.52 -18.42 141.54
N UNK EB 40 111.89 -18.23 142.70
CA UNK EB 40 110.56 -18.75 143.03
C UNK EB 40 109.67 -17.62 143.50
N UNK EB 41 109.59 -16.56 142.71
CA UNK EB 41 109.01 -15.30 143.16
C UNK EB 41 107.51 -15.24 142.91
N UNK EB 42 106.78 -14.68 143.87
CA UNK EB 42 105.34 -14.45 143.74
C UNK EB 42 105.06 -13.07 144.32
N UNK EB 43 105.17 -12.04 143.48
CA UNK EB 43 105.14 -10.65 143.92
C UNK EB 43 103.84 -9.99 143.49
N UNK EB 44 103.76 -8.68 143.75
CA UNK EB 44 102.77 -7.78 143.16
C UNK EB 44 103.55 -6.49 142.90
N UNK EB 45 104.13 -6.39 141.72
CA UNK EB 45 105.18 -5.42 141.44
C UNK EB 45 104.77 -4.45 140.34
N UNK EB 46 105.67 -3.52 140.06
CA UNK EB 46 105.51 -2.54 138.98
C UNK EB 46 106.92 -2.14 138.57
N UNK EB 47 107.32 -2.51 137.35
CA UNK EB 47 108.70 -2.31 136.92
C UNK EB 47 108.83 -1.35 135.76
N UNK EB 48 108.01 -1.53 134.71
CA UNK EB 48 107.75 -0.67 133.54
C UNK EB 48 108.89 -0.52 132.54
N UNK EB 49 110.10 -1.05 132.82
CA UNK EB 49 111.15 -1.10 131.82
C UNK EB 49 112.00 -2.36 131.98
N UNK EB 50 111.40 -3.47 132.43
CA UNK EB 50 112.16 -4.64 132.86
C UNK EB 50 112.63 -5.45 131.66
N UNK EB 51 113.95 -5.63 131.57
CA UNK EB 51 114.54 -6.60 130.65
C UNK EB 51 114.92 -7.83 131.46
N UNK EB 52 113.91 -8.63 131.77
CA UNK EB 52 114.08 -9.77 132.67
C UNK EB 52 114.75 -10.93 131.96
N UNK EB 53 115.68 -11.56 132.67
CA UNK EB 53 116.33 -12.78 132.20
C UNK EB 53 116.23 -13.81 133.31
N UNK EB 54 116.08 -15.08 132.93
CA UNK EB 54 115.89 -16.13 133.92
C UNK EB 54 116.44 -17.45 133.42
N UNK EB 55 117.26 -18.09 134.24
CA UNK EB 55 117.73 -19.45 134.08
C UNK EB 55 116.80 -20.41 134.82
N UNK EB 56 117.31 -21.61 135.14
CA UNK EB 56 116.52 -22.77 135.57
C UNK EB 56 115.85 -22.58 136.92
N UNK EB 57 114.71 -23.27 137.08
CA UNK EB 57 113.80 -23.30 138.23
C UNK EB 57 113.29 -21.90 138.60
N UNK EB 58 112.86 -21.18 137.56
CA UNK EB 58 112.32 -19.82 137.72
C UNK EB 58 110.82 -19.89 137.57
N UNK EB 59 110.13 -20.05 138.70
CA UNK EB 59 108.67 -19.96 138.77
C UNK EB 59 108.31 -18.59 139.34
N UNK EB 60 107.54 -17.82 138.59
CA UNK EB 60 107.27 -16.45 138.98
C UNK EB 60 105.79 -16.14 138.81
N UNK EB 61 105.31 -15.17 139.59
CA UNK EB 61 103.92 -14.72 139.51
C UNK EB 61 103.90 -13.24 139.85
N UNK EB 62 103.83 -12.40 138.82
CA UNK EB 62 104.05 -10.97 138.99
C UNK EB 62 103.12 -10.15 138.11
N UNK EB 63 102.83 -8.93 138.57
CA UNK EB 63 101.92 -8.00 137.89
C UNK EB 63 102.65 -6.75 137.41
N UNK EB 64 103.87 -6.90 136.95
CA UNK EB 64 104.71 -5.79 136.56
C UNK EB 64 104.90 -5.75 135.05
N UNK EB 65 105.18 -4.57 134.53
CA UNK EB 65 105.36 -4.40 133.10
C UNK EB 65 106.82 -4.61 132.72
N UNK EB 66 107.06 -5.35 131.65
CA UNK EB 66 108.40 -5.68 131.20
C UNK EB 66 108.68 -5.00 129.86
N UNK EB 67 109.93 -5.11 129.43
CA UNK EB 67 110.33 -4.59 128.12
C UNK EB 67 110.96 -5.72 127.30
N UNK EB 68 111.74 -6.57 127.97
CA UNK EB 68 112.37 -7.69 127.29
C UNK EB 68 112.34 -8.90 128.19
N UNK EB 69 112.40 -10.07 127.58
CA UNK EB 69 112.36 -11.33 128.30
C UNK EB 69 113.36 -12.30 127.69
N UNK EB 70 114.09 -13.00 128.55
CA UNK EB 70 115.10 -13.95 128.11
C UNK EB 70 115.03 -15.19 128.97
N UNK EB 71 114.98 -16.35 128.32
CA UNK EB 71 114.91 -17.64 129.02
C UNK EB 71 116.12 -18.49 128.62
N UNK EB 72 116.60 -19.29 129.57
CA UNK EB 72 117.85 -20.01 129.38
C UNK EB 72 117.72 -21.53 129.44
N UNK EB 73 117.13 -22.10 130.50
CA UNK EB 73 117.05 -23.54 130.61
C UNK EB 73 115.64 -24.08 130.69
N UNK EB 74 114.87 -23.71 131.72
CA UNK EB 74 113.54 -24.26 132.02
C UNK EB 74 112.89 -23.33 133.03
N UNK EB 75 111.63 -22.95 132.79
CA UNK EB 75 111.00 -21.96 133.64
C UNK EB 75 109.49 -22.18 133.68
N UNK EB 76 108.82 -21.36 134.50
CA UNK EB 76 107.37 -21.27 134.56
C UNK EB 76 107.04 -19.87 135.06
N UNK EB 77 106.71 -18.98 134.14
CA UNK EB 77 106.35 -17.63 134.53
C UNK EB 77 104.84 -17.47 134.52
N UNK EB 78 104.37 -16.45 135.25
CA UNK EB 78 103.00 -15.98 135.15
C UNK EB 78 103.06 -14.48 135.41
N UNK EB 79 103.20 -13.72 134.35
CA UNK EB 79 103.44 -12.29 134.46
C UNK EB 79 102.31 -11.51 133.79
N UNK EB 80 102.20 -10.25 134.17
CA UNK EB 80 101.18 -9.35 133.63
C UNK EB 80 101.87 -8.07 133.15
N UNK EB 81 102.40 -8.12 131.92
CA UNK EB 81 103.14 -7.00 131.36
C UNK EB 81 102.22 -6.09 130.55
N UNK EB 82 102.74 -4.91 130.13
CA UNK EB 82 101.81 -3.95 129.54
C UNK EB 82 102.25 -3.34 128.21
N UNK EB 83 103.52 -2.98 128.03
CA UNK EB 83 103.86 -1.96 127.05
C UNK EB 83 104.48 -2.50 125.77
N UNK EB 84 105.62 -3.18 125.86
CA UNK EB 84 106.29 -3.72 124.69
C UNK EB 84 107.08 -4.94 125.12
N UNK EB 85 107.33 -5.83 124.18
CA UNK EB 85 107.98 -7.09 124.52
C UNK EB 85 108.99 -7.46 123.47
N UNK EB 86 110.22 -7.67 123.91
CA UNK EB 86 111.27 -8.30 123.10
C UNK EB 86 111.61 -9.62 123.78
N UNK EB 87 111.01 -10.71 123.33
CA UNK EB 87 111.07 -11.97 124.02
C UNK EB 87 111.93 -12.97 123.25
N UNK EB 88 112.77 -13.68 123.99
CA UNK EB 88 113.59 -14.74 123.41
C UNK EB 88 113.80 -15.83 124.45
N UNK EB 89 113.79 -17.07 123.99
CA UNK EB 89 113.82 -18.21 124.89
C UNK EB 89 114.92 -19.18 124.48
N UNK EB 90 115.15 -20.16 125.37
CA UNK EB 90 116.01 -21.29 125.09
C UNK EB 90 115.50 -22.46 125.93
N UNK EB 91 114.81 -23.40 125.25
CA UNK EB 91 114.40 -24.72 125.76
C UNK EB 91 113.45 -24.68 126.95
N UNK EB 92 112.73 -23.58 127.13
CA UNK EB 92 112.01 -23.31 128.37
C UNK EB 92 110.52 -23.21 128.11
N UNK EB 93 109.79 -22.81 129.14
CA UNK EB 93 108.35 -22.61 129.06
C UNK EB 93 107.99 -21.32 129.79
N UNK EB 94 106.98 -20.63 129.29
CA UNK EB 94 106.63 -19.32 129.82
C UNK EB 94 105.14 -19.06 129.59
N UNK EB 95 104.55 -18.29 130.49
CA UNK EB 95 103.16 -17.88 130.35
C UNK EB 95 103.01 -16.44 130.81
N UNK EB 96 102.19 -15.68 130.10
CA UNK EB 96 101.92 -14.29 130.44
C UNK EB 96 100.42 -14.04 130.34
N UNK EB 97 99.95 -13.02 131.06
CA UNK EB 97 98.53 -12.91 131.33
C UNK EB 97 97.86 -11.66 130.77
N UNK EB 98 98.42 -10.47 131.01
CA UNK EB 98 97.70 -9.24 130.71
C UNK EB 98 97.92 -8.83 129.26
N UNK EB 99 97.44 -7.64 128.91
CA UNK EB 99 97.50 -7.12 127.55
C UNK EB 99 98.92 -6.67 127.23
N UNK EB 100 99.55 -7.33 126.27
CA UNK EB 100 100.89 -7.01 125.84
C UNK EB 100 100.91 -6.64 124.38
N UNK EB 101 101.98 -5.95 123.98
CA UNK EB 101 102.20 -5.59 122.58
C UNK EB 101 103.56 -6.14 122.19
N UNK EB 102 103.56 -7.43 121.82
CA UNK EB 102 104.80 -8.10 121.45
C UNK EB 102 105.09 -7.81 119.99
N UNK EB 103 106.11 -6.99 119.74
CA UNK EB 103 106.44 -6.62 118.37
C UNK EB 103 107.19 -7.74 117.66
N UNK EB 104 108.17 -8.32 118.31
CA UNK EB 104 108.95 -9.39 117.70
C UNK EB 104 109.16 -10.52 118.69
N UNK EB 105 109.16 -11.74 118.19
CA UNK EB 105 109.48 -12.92 118.99
C UNK EB 105 110.23 -13.90 118.12
N UNK EB 106 111.39 -14.33 118.59
CA UNK EB 106 112.24 -15.25 117.84
C UNK EB 106 112.58 -16.41 118.76
N UNK EB 107 112.02 -17.58 118.46
CA UNK EB 107 112.24 -18.76 119.28
C UNK EB 107 113.03 -19.76 118.45
N UNK EB 108 114.26 -20.06 118.89
CA UNK EB 108 115.14 -20.95 118.16
C UNK EB 108 115.44 -22.24 118.91
N UNK EB 109 114.58 -22.61 119.86
CA UNK EB 109 114.82 -23.79 120.68
C UNK EB 109 113.47 -24.40 121.05
N UNK EB 110 113.45 -25.23 122.10
CA UNK EB 110 112.23 -25.90 122.54
C UNK EB 110 111.56 -25.02 123.58
N UNK EB 111 110.58 -24.24 123.15
CA UNK EB 111 109.97 -23.22 123.99
C UNK EB 111 108.46 -23.38 123.95
N UNK EB 112 107.85 -23.47 125.12
CA UNK EB 112 106.40 -23.45 125.25
C UNK EB 112 105.98 -22.08 125.77
N UNK EB 113 105.85 -21.14 124.84
CA UNK EB 113 105.49 -19.77 125.18
C UNK EB 113 103.99 -19.58 125.04
N UNK EB 114 103.37 -18.97 126.03
CA UNK EB 114 101.94 -18.67 126.00
C UNK EB 114 101.71 -17.25 126.47
N UNK EB 115 100.76 -16.57 125.81
CA UNK EB 115 100.37 -15.23 126.20
C UNK EB 115 98.86 -15.10 126.04
N UNK EB 116 98.16 -14.84 127.13
CA UNK EB 116 96.71 -14.86 127.10
C UNK EB 116 96.10 -13.60 126.51
N UNK EB 117 96.87 -12.54 126.32
CA UNK EB 117 96.38 -11.35 125.65
C UNK EB 117 97.54 -10.68 124.92
N UNK EB 118 97.65 -10.91 123.62
CA UNK EB 118 98.59 -10.20 122.76
C UNK EB 118 97.80 -9.20 121.94
N UNK EB 119 97.75 -7.95 122.40
CA UNK EB 119 97.10 -6.86 121.68
C UNK EB 119 98.20 -5.98 121.10
N UNK EB 120 98.67 -6.35 119.92
CA UNK EB 120 99.84 -5.72 119.33
C UNK EB 120 99.47 -5.05 118.00
N UNK EB 121 100.48 -4.59 117.29
CA UNK EB 121 100.28 -3.93 116.01
C UNK EB 121 100.90 -4.67 114.85
N UNK EB 122 102.11 -5.17 115.00
CA UNK EB 122 102.76 -5.93 113.94
C UNK EB 122 103.65 -6.98 114.60
N UNK EB 123 103.11 -8.18 114.78
CA UNK EB 123 103.81 -9.23 115.50
C UNK EB 123 104.53 -10.13 114.49
N UNK EB 124 105.84 -10.01 114.42
CA UNK EB 124 106.65 -10.91 113.63
C UNK EB 124 107.20 -11.99 114.56
N UNK EB 125 106.91 -13.24 114.25
CA UNK EB 125 107.36 -14.38 115.05
C UNK EB 125 108.11 -15.33 114.13
N UNK EB 126 109.35 -15.62 114.48
CA UNK EB 126 110.19 -16.52 113.70
C UNK EB 126 110.53 -17.72 114.55
N UNK EB 127 110.26 -18.92 114.02
CA UNK EB 127 110.41 -20.15 114.78
C UNK EB 127 111.42 -21.06 114.09
N UNK EB 128 112.31 -21.65 114.91
CA UNK EB 128 113.37 -22.50 114.40
C UNK EB 128 113.39 -23.82 115.16
N UNK EB 129 112.79 -24.83 114.54
CA UNK EB 129 112.97 -26.27 114.64
C UNK EB 129 112.42 -26.98 115.88
N UNK EB 130 112.02 -26.27 116.94
CA UNK EB 130 111.54 -27.03 118.09
C UNK EB 130 110.36 -26.45 118.88
N UNK EB 131 110.17 -25.14 118.87
CA UNK EB 131 109.34 -24.44 119.85
C UNK EB 131 107.85 -24.60 119.61
N UNK EB 132 107.06 -23.97 120.48
CA UNK EB 132 105.59 -24.03 120.40
C UNK EB 132 105.05 -22.74 121.03
N UNK EB 133 104.59 -21.83 120.19
CA UNK EB 133 104.02 -20.58 120.66
C UNK EB 133 102.51 -20.62 120.57
N UNK EB 134 101.83 -20.21 121.64
CA UNK EB 134 100.37 -20.10 121.65
C UNK EB 134 100.03 -18.72 122.17
N UNK EB 135 100.03 -17.73 121.28
CA UNK EB 135 99.74 -16.34 121.61
C UNK EB 135 98.41 -15.99 120.98
N UNK EB 136 97.47 -15.45 121.77
CA UNK EB 136 96.13 -15.23 121.24
C UNK EB 136 95.44 -14.07 121.96
N UNK EB 137 95.55 -12.85 121.40
CA UNK EB 137 94.34 -12.02 121.38
C UNK EB 137 94.02 -11.43 120.02
N UNK EB 138 94.82 -10.45 119.59
CA UNK EB 138 94.48 -9.61 118.44
C UNK EB 138 95.73 -8.89 117.96
N UNK EB 139 96.26 -9.30 116.81
CA UNK EB 139 97.28 -8.50 116.18
C UNK EB 139 96.65 -7.70 115.06
N UNK EB 140 97.46 -6.94 114.33
CA UNK EB 140 97.00 -6.30 113.12
C UNK EB 140 97.86 -6.63 111.92
N UNK EB 141 99.06 -7.16 112.11
CA UNK EB 141 99.87 -7.70 111.03
C UNK EB 141 100.72 -8.81 111.63
N UNK EB 142 100.26 -10.05 111.51
CA UNK EB 142 101.02 -11.20 111.95
C UNK EB 142 101.96 -11.62 110.83
N UNK EB 143 103.17 -12.01 111.19
CA UNK EB 143 104.15 -12.48 110.22
C UNK EB 143 104.85 -13.67 110.86
N UNK EB 144 104.35 -14.86 110.58
CA UNK EB 144 104.87 -16.09 111.18
C UNK EB 144 105.76 -16.78 110.17
N UNK EB 145 107.07 -16.70 110.39
CA UNK EB 145 108.02 -17.43 109.59
C UNK EB 145 108.43 -18.66 110.37
N UNK EB 146 107.76 -19.77 110.12
CA UNK EB 146 108.12 -21.03 110.75
C UNK EB 146 109.09 -21.73 109.82
N UNK EB 147 110.40 -21.59 110.11
CA UNK EB 147 111.47 -22.23 109.35
C UNK EB 147 111.87 -23.55 109.98
N UNK EB 148 110.88 -24.32 110.41
CA UNK EB 148 110.88 -25.08 111.64
C UNK EB 148 110.31 -26.46 111.39
N UNK EB 149 110.60 -27.39 112.30
CA UNK EB 149 109.88 -28.66 112.39
C UNK EB 149 108.91 -28.63 113.55
N UNK EB 150 108.26 -27.49 113.75
CA UNK EB 150 107.73 -27.12 115.05
C UNK EB 150 106.33 -26.53 114.89
N UNK EB 151 105.71 -26.23 116.02
CA UNK EB 151 104.30 -25.85 116.07
C UNK EB 151 104.16 -24.36 116.36
N UNK EB 152 103.10 -23.76 115.81
CA UNK EB 152 102.69 -22.38 116.14
C UNK EB 152 101.17 -22.36 116.09
N UNK EB 153 100.56 -22.58 117.24
CA UNK EB 153 99.10 -22.57 117.36
C UNK EB 153 98.62 -21.15 117.58
N UNK EB 154 97.43 -20.85 117.09
CA UNK EB 154 96.89 -19.50 117.22
C UNK EB 154 95.37 -19.50 117.21
N UNK EB 155 94.81 -18.89 118.23
CA UNK EB 155 93.47 -18.34 118.20
C UNK EB 155 93.56 -16.82 118.24
N UNK EB 156 94.61 -16.29 117.61
CA UNK EB 156 94.85 -14.86 117.55
C UNK EB 156 94.16 -14.29 116.32
N UNK EB 157 93.21 -13.39 116.53
CA UNK EB 157 92.46 -12.82 115.42
C UNK EB 157 93.28 -11.67 114.84
N UNK EB 158 94.22 -12.00 113.96
CA UNK EB 158 94.98 -11.00 113.24
C UNK EB 158 94.12 -10.36 112.16
N UNK EB 159 94.36 -9.07 111.92
CA UNK EB 159 93.65 -8.41 110.83
C UNK EB 159 94.24 -8.77 109.48
N UNK EB 160 95.56 -8.95 109.41
CA UNK EB 160 96.21 -9.48 108.24
C UNK EB 160 97.31 -10.42 108.70
N UNK EB 161 97.52 -11.49 107.94
CA UNK EB 161 98.47 -12.52 108.35
C UNK EB 161 99.33 -12.93 107.17
N UNK EB 162 100.62 -13.08 107.43
CA UNK EB 162 101.59 -13.57 106.46
C UNK EB 162 102.32 -14.73 107.11
N UNK EB 163 101.94 -15.95 106.77
CA UNK EB 163 102.44 -17.15 107.44
C UNK EB 163 103.10 -18.05 106.41
N UNK EB 164 104.38 -18.34 106.61
CA UNK EB 164 105.13 -19.21 105.72
C UNK EB 164 105.79 -20.30 106.54
N UNK EB 165 105.50 -21.55 106.18
CA UNK EB 165 106.05 -22.72 106.85
C UNK EB 165 106.98 -23.44 105.91
N UNK EB 166 108.15 -23.83 106.39
CA UNK EB 166 109.24 -24.21 105.49
C UNK EB 166 109.53 -25.70 105.40
N UNK EB 167 109.59 -26.45 106.51
CA UNK EB 167 109.93 -27.89 106.43
C UNK EB 167 109.28 -28.66 107.59
N UNK EB 168 108.07 -29.17 107.34
CA UNK EB 168 107.23 -29.96 108.28
C UNK EB 168 106.97 -29.24 109.61
N UNK EB 169 106.62 -27.96 109.51
CA UNK EB 169 106.06 -27.22 110.62
C UNK EB 169 104.55 -27.44 110.68
N UNK EB 170 103.92 -26.79 111.67
CA UNK EB 170 102.47 -26.77 111.76
C UNK EB 170 102.07 -25.39 112.28
N UNK EB 171 101.06 -24.79 111.65
CA UNK EB 171 100.67 -23.41 111.98
C UNK EB 171 99.16 -23.29 111.94
N UNK EB 172 98.58 -22.77 113.01
CA UNK EB 172 97.14 -22.62 113.12
C UNK EB 172 96.82 -21.14 113.20
N UNK EB 173 96.43 -20.56 112.07
CA UNK EB 173 96.24 -19.13 111.94
C UNK EB 173 94.77 -18.76 112.07
N UNK EB 174 94.52 -17.47 112.24
CA UNK EB 174 93.16 -16.92 112.22
C UNK EB 174 93.28 -15.50 111.69
N UNK EB 175 92.57 -15.21 110.60
CA UNK EB 175 92.72 -13.94 109.91
C UNK EB 175 91.38 -13.24 109.79
N UNK EB 176 91.39 -11.91 109.89
CA UNK EB 176 90.16 -11.16 109.74
C UNK EB 176 89.97 -10.70 108.29
N UNK EB 177 90.89 -9.89 107.78
CA UNK EB 177 90.71 -9.27 106.48
C UNK EB 177 91.59 -9.85 105.39
N UNK EB 178 92.81 -10.25 105.73
CA UNK EB 178 93.77 -10.69 104.72
C UNK EB 178 94.49 -11.91 105.22
N UNK EB 179 94.27 -13.05 104.56
CA UNK EB 179 95.01 -14.27 104.86
C UNK EB 179 96.07 -14.47 103.80
N UNK EB 180 97.30 -14.71 104.24
CA UNK EB 180 98.43 -14.87 103.35
C UNK EB 180 99.18 -16.09 103.79
N UNK EB 181 99.20 -17.12 102.94
CA UNK EB 181 99.72 -18.41 103.40
C UNK EB 181 100.64 -18.99 102.34
N UNK EB 182 101.81 -19.45 102.77
CA UNK EB 182 102.68 -20.24 101.94
C UNK EB 182 103.22 -21.40 102.77
N UNK EB 183 103.14 -22.60 102.21
CA UNK EB 183 103.58 -23.77 102.96
C UNK EB 183 104.47 -24.64 102.09
N UNK EB 184 105.44 -25.30 102.72
CA UNK EB 184 106.37 -26.19 102.04
C UNK EB 184 106.62 -27.38 102.97
N UNK EB 185 106.28 -28.59 102.49
CA UNK EB 185 106.40 -29.90 103.18
C UNK EB 185 105.64 -30.00 104.52
N UNK EB 186 104.64 -29.15 104.75
CA UNK EB 186 104.17 -28.85 106.10
C UNK EB 186 102.64 -28.74 106.07
N UNK EB 187 102.10 -28.13 107.12
CA UNK EB 187 100.66 -27.91 107.22
C UNK EB 187 100.40 -26.53 107.81
N UNK EB 188 99.45 -25.81 107.20
CA UNK EB 188 99.02 -24.52 107.71
C UNK EB 188 97.50 -24.52 107.76
N UNK EB 189 96.94 -24.66 108.96
CA UNK EB 189 95.52 -24.91 109.14
C UNK EB 189 94.81 -23.61 109.48
N UNK EB 190 94.01 -23.10 108.55
CA UNK EB 190 93.30 -21.84 108.72
C UNK EB 190 92.07 -22.09 109.56
N UNK EB 191 91.99 -21.44 110.72
CA UNK EB 191 90.85 -21.63 111.61
C UNK EB 191 89.82 -20.52 111.50
N UNK EB 192 89.94 -19.61 110.53
CA UNK EB 192 88.90 -18.63 110.23
C UNK EB 192 88.98 -18.28 108.76
N UNK EB 193 87.84 -18.03 108.14
CA UNK EB 193 87.82 -17.69 106.73
C UNK EB 193 87.85 -16.18 106.59
N UNK EB 194 88.93 -15.67 106.01
CA UNK EB 194 89.18 -14.24 105.98
C UNK EB 194 88.38 -13.56 104.88
N UNK EB 195 88.49 -12.23 104.83
CA UNK EB 195 87.75 -11.47 103.83
C UNK EB 195 88.36 -11.60 102.46
N UNK EB 196 89.69 -11.61 102.37
CA UNK EB 196 90.38 -12.06 101.17
C UNK EB 196 91.48 -13.00 101.60
N UNK EB 197 91.43 -14.22 101.09
CA UNK EB 197 92.38 -15.26 101.44
C UNK EB 197 93.21 -15.59 100.22
N UNK EB 198 94.48 -15.89 100.45
CA UNK EB 198 95.34 -16.37 99.36
C UNK EB 198 96.39 -17.30 99.95
N UNK EB 199 96.48 -18.49 99.38
CA UNK EB 199 97.34 -19.53 99.91
C UNK EB 199 98.08 -20.19 98.76
N UNK EB 200 99.32 -20.57 99.01
CA UNK EB 200 100.16 -21.19 98.02
C UNK EB 200 100.85 -22.38 98.66
N UNK EB 201 100.60 -23.56 98.11
CA UNK EB 201 101.16 -24.80 98.59
C UNK EB 201 102.31 -25.20 97.69
N UNK EB 202 103.44 -25.54 98.31
CA UNK EB 202 104.66 -25.93 97.64
C UNK EB 202 104.69 -27.45 97.52
N UNK EB 203 105.89 -28.02 97.42
CA UNK EB 203 106.09 -29.45 97.39
C UNK EB 203 105.62 -30.11 98.68
N UNK EB 204 104.50 -30.85 98.55
CA UNK EB 204 103.92 -31.78 99.53
C UNK EB 204 103.44 -31.07 100.79
N UNK EB 205 102.65 -30.02 100.63
CA UNK EB 205 102.22 -29.19 101.75
C UNK EB 205 100.75 -28.86 101.66
N UNK EB 206 100.13 -28.67 102.81
CA UNK EB 206 98.68 -28.50 102.91
C UNK EB 206 98.36 -27.15 103.54
N UNK EB 207 97.67 -26.29 102.79
CA UNK EB 207 97.05 -25.12 103.38
C UNK EB 207 95.57 -25.42 103.53
N UNK EB 208 95.27 -26.44 104.33
CA UNK EB 208 93.91 -26.93 104.47
C UNK EB 208 93.19 -26.10 105.52
N UNK EB 209 92.19 -25.33 105.09
CA UNK EB 209 91.41 -24.47 105.99
C UNK EB 209 90.49 -25.34 106.82
N UNK EB 210 90.98 -25.72 107.99
CA UNK EB 210 90.28 -26.66 108.86
C UNK EB 210 89.39 -25.93 109.85
N UNK EB 211 88.42 -25.22 109.32
CA UNK EB 211 87.37 -24.64 110.14
C UNK EB 211 86.43 -25.73 110.61
N UNK EB 212 85.76 -25.48 111.73
CA UNK EB 212 84.82 -26.44 112.30
C UNK EB 212 83.55 -26.40 111.47
N UNK EB 213 83.43 -27.33 110.52
CA UNK EB 213 82.21 -27.55 109.78
C UNK EB 213 81.13 -28.03 110.72
N UNK EB 214 79.90 -27.56 110.46
CA UNK EB 214 78.79 -27.34 111.40
C UNK EB 214 79.23 -26.44 112.56
N UNK EB 215 79.53 -25.21 112.19
CA UNK EB 215 79.34 -24.12 113.14
C UNK EB 215 77.87 -23.71 113.11
N UNK EB 216 77.49 -22.85 114.06
CA UNK EB 216 76.10 -22.44 114.16
C UNK EB 216 75.73 -21.44 113.07
N UNK EB 217 76.67 -20.59 112.68
CA UNK EB 217 76.57 -19.80 111.47
C UNK EB 217 77.98 -19.70 110.90
N UNK EB 218 78.33 -20.65 110.04
CA UNK EB 218 79.61 -20.61 109.35
C UNK EB 218 79.41 -19.89 108.03
N UNK EB 219 80.18 -18.83 107.81
CA UNK EB 219 80.06 -18.07 106.57
C UNK EB 219 80.70 -18.83 105.42
N UNK EB 220 80.09 -18.75 104.25
CA UNK EB 220 80.61 -19.44 103.10
C UNK EB 220 81.79 -18.70 102.51
N UNK EB 221 82.66 -19.44 101.83
CA UNK EB 221 83.74 -18.86 101.07
C UNK EB 221 83.14 -18.23 99.82
N UNK EB 222 82.92 -16.91 99.88
CA UNK EB 222 82.19 -16.17 98.86
C UNK EB 222 83.07 -15.85 97.65
N UNK EB 223 82.55 -15.02 96.74
CA UNK EB 223 83.10 -14.85 95.40
C UNK EB 223 84.42 -14.10 95.35
N UNK EB 224 84.71 -13.34 96.40
CA UNK EB 224 86.01 -12.70 96.52
C UNK EB 224 86.98 -13.49 97.36
N UNK EB 225 86.56 -14.63 97.92
CA UNK EB 225 87.43 -15.41 98.78
C UNK EB 225 87.47 -16.88 98.43
N UNK EB 226 86.82 -17.29 97.34
CA UNK EB 226 86.79 -18.70 96.97
C UNK EB 226 88.06 -19.04 96.22
N UNK EB 227 89.13 -19.33 96.95
CA UNK EB 227 90.32 -19.90 96.37
C UNK EB 227 90.20 -21.41 96.39
N UNK EB 228 91.03 -22.07 95.57
CA UNK EB 228 90.96 -23.52 95.45
C UNK EB 228 91.81 -24.21 96.51
N UNK FB 1 83.19 -14.95 133.30
CA UNK FB 1 84.61 -15.29 133.36
C UNK FB 1 85.38 -14.60 132.25
N UNK FB 2 84.84 -13.49 131.75
CA UNK FB 2 85.43 -12.73 130.67
C UNK FB 2 86.22 -11.55 131.23
N UNK FB 3 86.63 -10.64 130.35
CA UNK FB 3 87.31 -9.41 130.73
C UNK FB 3 86.91 -8.35 129.70
N UNK FB 4 85.93 -7.54 130.05
CA UNK FB 4 85.45 -6.52 129.13
C UNK FB 4 86.37 -5.30 129.18
N UNK FB 5 86.69 -4.78 128.00
CA UNK FB 5 87.41 -3.53 127.90
C UNK FB 5 86.40 -2.39 127.88
N UNK FB 6 86.84 -1.22 128.32
CA UNK FB 6 85.93 -0.11 128.61
C UNK FB 6 85.67 0.80 127.42
N UNK FB 7 85.86 0.33 126.19
CA UNK FB 7 85.57 1.10 125.00
C UNK FB 7 84.12 0.85 124.58
N UNK FB 8 83.77 1.25 123.36
CA UNK FB 8 82.48 0.85 122.81
C UNK FB 8 82.51 -0.61 122.43
N UNK FB 9 82.07 -1.46 123.38
CA UNK FB 9 81.58 -2.83 123.17
C UNK FB 9 82.65 -3.82 122.70
N UNK FB 10 83.76 -3.91 123.44
CA UNK FB 10 84.77 -4.94 123.19
C UNK FB 10 85.07 -5.71 124.48
N UNK FB 11 85.35 -7.00 124.33
CA UNK FB 11 85.56 -7.86 125.49
C UNK FB 11 86.48 -9.01 125.13
N UNK FB 12 87.61 -9.12 125.82
CA UNK FB 12 88.36 -10.35 125.72
C UNK FB 12 87.73 -11.40 126.63
N UNK FB 13 88.04 -12.67 126.38
CA UNK FB 13 87.46 -13.73 127.17
C UNK FB 13 88.46 -14.87 127.28
N UNK FB 14 88.52 -15.47 128.47
CA UNK FB 14 89.56 -16.45 128.76
C UNK FB 14 88.94 -17.77 129.24
N UNK FB 15 87.93 -18.25 128.54
CA UNK FB 15 87.49 -19.62 128.75
C UNK FB 15 88.51 -20.59 128.16
N UNK FB 16 88.73 -20.51 126.86
CA UNK FB 16 89.96 -20.98 126.26
C UNK FB 16 90.75 -19.83 125.68
N UNK FB 17 90.19 -19.15 124.67
CA UNK FB 17 90.76 -17.98 124.01
C UNK FB 17 89.71 -17.26 123.18
N UNK FB 18 89.43 -15.99 123.48
CA UNK FB 18 88.52 -15.20 122.66
C UNK FB 18 88.84 -13.72 122.80
N UNK FB 19 88.60 -12.96 121.72
CA UNK FB 19 88.55 -11.49 121.79
C UNK FB 19 87.33 -11.02 120.98
N UNK FB 20 86.18 -10.99 121.61
CA UNK FB 20 84.92 -10.76 120.92
C UNK FB 20 84.41 -9.35 121.18
N UNK FB 21 83.21 -9.08 120.68
CA UNK FB 21 82.60 -7.76 120.83
C UNK FB 21 81.27 -7.89 121.54
N UNK FB 22 80.97 -6.90 122.36
CA UNK FB 22 79.72 -6.79 123.10
C UNK FB 22 78.72 -5.99 122.25
N UNK FB 23 77.65 -5.51 122.87
CA UNK FB 23 76.78 -4.53 122.24
C UNK FB 23 76.83 -3.16 122.91
N UNK FB 24 76.93 -3.15 124.26
CA UNK FB 24 77.02 -1.98 125.15
C UNK FB 24 75.84 -1.01 124.98
N UNK FB 25 74.67 -1.55 124.69
CA UNK FB 25 73.42 -0.80 124.71
C UNK FB 25 72.30 -1.52 125.43
N UNK FB 26 72.34 -2.85 125.50
CA UNK FB 26 71.38 -3.62 126.27
C UNK FB 26 71.91 -4.04 127.63
N UNK FB 27 73.24 -4.03 127.81
CA UNK FB 27 73.98 -4.16 129.08
C UNK FB 27 73.73 -5.48 129.80
N UNK FB 28 74.11 -6.58 129.14
CA UNK FB 28 74.10 -7.90 129.77
C UNK FB 28 75.51 -8.19 130.26
N UNK FB 29 75.95 -7.39 131.23
CA UNK FB 29 77.27 -7.54 131.83
C UNK FB 29 77.18 -8.34 133.12
N UNK FB 30 76.68 -9.57 132.98
CA UNK FB 30 76.36 -10.40 134.13
C UNK FB 30 77.58 -11.07 134.73
N UNK FB 31 78.68 -11.14 133.96
CA UNK FB 31 79.91 -11.93 134.20
C UNK FB 31 79.62 -13.40 134.49
N UNK FB 32 78.65 -13.95 133.77
CA UNK FB 32 78.19 -15.31 133.99
C UNK FB 32 77.73 -15.84 132.65
N UNK FB 33 78.50 -16.76 132.07
CA UNK FB 33 78.29 -17.15 130.69
C UNK FB 33 78.81 -18.56 130.48
N UNK FB 34 78.62 -19.07 129.28
CA UNK FB 34 79.23 -20.32 128.81
C UNK FB 34 79.98 -19.97 127.53
N UNK FB 35 81.20 -19.49 127.70
CA UNK FB 35 82.02 -19.06 126.56
C UNK FB 35 82.74 -20.27 125.98
N UNK FB 36 82.74 -20.36 124.66
CA UNK FB 36 83.30 -21.53 123.97
C UNK FB 36 84.26 -21.06 122.88
N UNK FB 37 85.04 -22.02 122.37
CA UNK FB 37 85.92 -21.78 121.23
C UNK FB 37 85.26 -22.17 119.92
N UNK FB 38 84.04 -21.66 119.72
CA UNK FB 38 83.32 -21.69 118.45
C UNK FB 38 82.65 -20.35 118.24
N UNK FB 39 83.24 -19.30 118.84
CA UNK FB 39 82.81 -17.90 118.84
C UNK FB 39 81.40 -17.72 119.38
N UNK FB 40 81.22 -18.08 120.65
CA UNK FB 40 79.91 -17.97 121.29
C UNK FB 40 80.13 -17.67 122.77
N UNK FB 41 79.82 -16.45 123.17
CA UNK FB 41 79.72 -16.08 124.58
C UNK FB 41 78.24 -16.09 124.94
N UNK FB 42 77.78 -17.21 125.46
CA UNK FB 42 76.35 -17.41 125.75
C UNK FB 42 76.07 -16.94 127.17
N UNK FB 43 75.68 -15.68 127.30
CA UNK FB 43 75.53 -15.03 128.59
C UNK FB 43 74.17 -15.34 129.22
N UNK FB 44 73.83 -14.59 130.27
CA UNK FB 44 72.59 -14.83 131.00
C UNK FB 44 71.37 -14.32 130.22
N UNK FB 45 71.49 -13.13 129.62
CA UNK FB 45 70.38 -12.61 128.83
C UNK FB 45 70.39 -13.17 127.41
N UNK FB 46 71.46 -12.89 126.66
CA UNK FB 46 71.53 -13.22 125.24
C UNK FB 46 72.90 -13.83 124.97
N UNK FB 47 73.24 -13.94 123.68
CA UNK FB 47 74.50 -14.51 123.23
C UNK FB 47 75.27 -13.51 122.39
N UNK FB 48 76.59 -13.52 122.54
CA UNK FB 48 77.47 -12.59 121.84
C UNK FB 48 78.60 -13.35 121.18
N UNK FB 49 79.12 -12.78 120.10
CA UNK FB 49 80.18 -13.39 119.32
C UNK FB 49 81.21 -12.34 118.93
N UNK FB 50 82.24 -12.78 118.22
CA UNK FB 50 83.20 -11.88 117.60
C UNK FB 50 82.52 -11.20 116.42
N UNK FB 51 82.15 -9.94 116.60
CA UNK FB 51 81.30 -9.26 115.63
C UNK FB 51 82.09 -8.80 114.42
N UNK FB 52 81.43 -8.82 113.27
CA UNK FB 52 82.03 -8.34 112.03
C UNK FB 52 81.01 -7.59 111.21
N UNK GB 1 77.96 -46.28 63.67
CA UNK GB 1 76.88 -46.52 64.64
C UNK GB 1 77.47 -46.98 65.96
N UNK GB 2 76.78 -47.88 66.66
CA UNK GB 2 77.28 -48.43 67.91
C UNK GB 2 78.39 -49.44 67.62
N UNK GB 3 79.60 -48.96 67.43
CA UNK GB 3 80.71 -49.78 66.98
C UNK GB 3 81.54 -50.20 68.19
N UNK GB 4 82.18 -51.36 68.04
CA UNK GB 4 83.27 -51.92 68.84
C UNK GB 4 82.91 -52.38 70.26
N UNK GB 5 81.78 -51.98 70.82
CA UNK GB 5 81.36 -52.58 72.09
C UNK GB 5 80.77 -53.94 71.79
N UNK GB 6 79.68 -53.96 71.03
CA UNK GB 6 79.18 -55.08 70.26
C UNK GB 6 78.36 -54.46 69.13
N UNK GB 7 77.54 -55.27 68.48
CA UNK GB 7 76.64 -54.71 67.49
C UNK GB 7 75.36 -54.23 68.15
N UNK GB 8 74.51 -53.58 67.36
CA UNK GB 8 73.27 -53.00 67.85
C UNK GB 8 72.24 -54.09 68.12
N UNK GB 9 71.89 -54.27 69.39
CA UNK GB 9 70.96 -55.35 69.75
C UNK GB 9 69.52 -54.94 69.49
N UNK GB 10 69.04 -53.91 70.16
CA UNK GB 10 67.67 -53.46 70.09
C UNK GB 10 67.65 -51.98 69.76
N UNK GB 11 66.49 -51.37 69.93
CA UNK GB 11 66.38 -49.91 69.95
C UNK GB 11 65.32 -49.60 71.00
N UNK GB 12 65.75 -49.21 72.19
CA UNK GB 12 64.82 -48.89 73.27
C UNK GB 12 64.17 -47.56 72.98
N UNK GB 13 62.84 -47.57 72.87
CA UNK GB 13 62.12 -46.35 72.58
C UNK GB 13 62.07 -45.45 73.80
N UNK GB 14 61.91 -44.16 73.52
CA UNK GB 14 62.24 -42.98 74.36
C UNK GB 14 63.70 -42.96 74.82
N UNK GB 15 64.60 -43.49 73.99
CA UNK GB 15 66.02 -43.51 74.30
C UNK GB 15 66.82 -43.59 73.01
N UNK GB 16 68.12 -43.75 73.19
CA UNK GB 16 69.09 -44.05 72.15
C UNK GB 16 69.09 -45.56 71.89
N UNK GB 17 69.85 -46.01 70.90
CA UNK GB 17 69.90 -47.42 70.53
C UNK GB 17 70.68 -48.21 71.57
N UNK GB 18 70.44 -49.50 71.62
CA UNK GB 18 71.00 -50.35 72.66
C UNK GB 18 71.90 -51.37 72.00
N UNK GB 19 73.21 -51.19 72.16
CA UNK GB 19 74.18 -52.15 71.66
C UNK GB 19 74.19 -53.41 72.54
N UNK GB 20 74.84 -54.46 72.06
CA UNK GB 20 74.77 -55.73 72.76
C UNK GB 20 75.86 -55.91 73.82
N UNK GB 21 76.42 -54.81 74.34
CA UNK GB 21 77.04 -54.77 75.66
C UNK GB 21 76.34 -53.78 76.57
N UNK GB 22 76.20 -52.52 76.13
CA UNK GB 22 75.67 -51.43 76.94
C UNK GB 22 74.69 -50.57 76.15
N UNK GB 23 74.27 -49.43 76.70
CA UNK GB 23 73.42 -48.51 75.96
C UNK GB 23 74.31 -47.55 75.19
N UNK GB 24 74.02 -47.35 73.92
CA UNK GB 24 74.93 -46.64 73.04
C UNK GB 24 74.74 -45.13 73.14
N UNK GB 25 75.35 -44.42 72.21
CA UNK GB 25 75.23 -42.97 72.14
C UNK GB 25 74.63 -42.51 70.83
N UNK GB 26 73.98 -43.39 70.08
CA UNK GB 26 73.38 -43.02 68.81
C UNK GB 26 71.87 -43.10 68.95
N UNK GB 27 71.18 -42.03 68.54
CA UNK GB 27 69.78 -41.82 68.89
C UNK GB 27 68.86 -42.71 68.06
N UNK GB 28 68.01 -43.47 68.74
CA UNK GB 28 67.21 -44.50 68.11
C UNK GB 28 66.01 -43.91 67.36
N UNK GB 29 65.26 -43.05 68.02
CA UNK GB 29 64.02 -42.52 67.48
C UNK GB 29 64.15 -41.03 67.23
N UNK GB 30 63.06 -40.45 66.70
CA UNK GB 30 63.00 -38.99 66.60
C UNK GB 30 62.76 -38.36 67.95
N UNK GB 31 61.97 -39.01 68.78
CA UNK GB 31 61.48 -38.43 70.02
C UNK GB 31 62.30 -38.88 71.23
N UNK GB 32 63.60 -39.03 71.06
CA UNK GB 32 64.49 -39.22 72.20
C UNK GB 32 65.07 -37.87 72.59
N UNK GB 33 65.94 -37.86 73.60
CA UNK GB 33 66.40 -36.60 74.17
C UNK GB 33 67.70 -36.14 73.52
N UNK GB 34 67.64 -35.93 72.21
CA UNK GB 34 68.67 -35.21 71.47
C UNK GB 34 68.61 -33.76 71.90
N UNK GB 35 69.68 -33.25 72.49
CA UNK GB 35 69.67 -31.89 73.04
C UNK GB 35 69.98 -30.89 71.93
N UNK GB 36 68.98 -30.66 71.08
CA UNK GB 36 69.11 -29.69 70.01
C UNK GB 36 68.93 -28.31 70.59
N UNK GB 37 69.91 -27.44 70.36
CA UNK GB 37 69.83 -26.08 70.87
C UNK GB 37 70.09 -25.05 69.79
N UNK GB 38 70.06 -25.42 68.51
CA UNK GB 38 70.15 -24.47 67.41
C UNK GB 38 69.08 -24.82 66.39
N UNK GB 39 68.15 -23.91 66.19
CA UNK GB 39 67.07 -24.11 65.24
C UNK GB 39 67.46 -23.59 63.88
N UNK GB 40 66.66 -23.97 62.88
CA UNK GB 40 66.82 -23.40 61.54
C UNK GB 40 65.42 -23.29 60.94
N UNK GB 41 64.78 -22.15 61.16
CA UNK GB 41 63.42 -21.93 60.67
C UNK GB 41 63.15 -20.46 60.53
N UNK GB 42 62.32 -20.11 59.56
CA UNK GB 42 61.83 -18.74 59.43
C UNK GB 42 60.76 -18.51 60.48
N UNK GB 43 60.91 -17.38 61.19
CA UNK GB 43 60.08 -16.94 62.33
C UNK GB 43 60.00 -17.96 63.46
N UNK GB 44 61.12 -18.64 63.73
CA UNK GB 44 61.20 -19.49 64.92
C UNK GB 44 61.32 -18.62 66.15
N UNK GB 45 60.68 -19.07 67.25
CA UNK GB 45 60.59 -18.55 68.62
C UNK GB 45 59.73 -17.27 68.76
N UNK GB 46 59.30 -16.70 67.64
CA UNK GB 46 58.00 -16.10 67.47
C UNK GB 46 57.11 -17.21 66.89
N UNK GB 47 55.88 -16.89 66.51
CA UNK GB 47 55.04 -17.92 65.93
C UNK GB 47 55.41 -18.14 64.47
N UNK GB 48 54.86 -19.21 63.87
CA UNK GB 48 55.34 -19.79 62.62
C UNK GB 48 55.00 -18.93 61.40
N UNK GB 49 55.44 -19.37 60.23
CA UNK GB 49 55.24 -18.59 59.00
C UNK GB 49 53.80 -18.72 58.54
N UNK GB 50 53.09 -17.59 58.54
CA UNK GB 50 51.68 -17.55 58.14
C UNK GB 50 51.60 -17.74 56.63
N UNK GB 51 51.40 -18.98 56.22
CA UNK GB 51 51.83 -19.46 54.91
C UNK GB 51 50.90 -19.08 53.77
N UNK GB 52 49.81 -18.36 54.02
CA UNK GB 52 48.85 -18.04 52.96
C UNK GB 52 49.28 -16.88 52.09
N UNK GB 53 50.34 -16.15 52.45
CA UNK GB 53 50.70 -14.95 51.71
C UNK GB 53 51.46 -15.28 50.44
N UNK GB 54 51.36 -14.38 49.47
CA UNK GB 54 52.19 -14.39 48.26
C UNK GB 54 52.56 -12.93 47.99
N UNK GB 55 53.66 -12.50 48.59
CA UNK GB 55 54.09 -11.10 48.53
C UNK GB 55 55.60 -11.08 48.67
N UNK GB 56 56.16 -9.91 48.98
CA UNK GB 56 57.60 -9.81 49.17
C UNK GB 56 58.02 -10.36 50.53
N UNK GB 57 57.53 -9.75 51.61
CA UNK GB 57 57.95 -10.09 52.95
C UNK GB 57 57.25 -11.36 53.44
N UNK GB 58 57.79 -11.94 54.50
CA UNK GB 58 57.25 -13.13 55.12
C UNK GB 58 56.72 -12.75 56.49
N UNK GB 59 55.42 -12.91 56.69
CA UNK GB 59 54.80 -12.55 57.95
C UNK GB 59 54.72 -13.76 58.87
N UNK GB 60 54.93 -13.53 60.16
CA UNK GB 60 54.77 -14.61 61.12
C UNK GB 60 53.29 -14.82 61.43
N UNK GB 61 52.99 -15.91 62.14
CA UNK GB 61 51.62 -16.12 62.60
C UNK GB 61 51.27 -15.25 63.80
N UNK GB 62 52.26 -14.71 64.49
CA UNK GB 62 52.05 -13.63 65.46
C UNK GB 62 52.28 -12.26 64.85
N UNK GB 63 52.27 -12.18 63.50
CA UNK GB 63 52.15 -10.97 62.68
C UNK GB 63 53.34 -10.03 62.80
N UNK GB 64 54.51 -10.58 63.12
CA UNK GB 64 55.75 -9.85 62.93
C UNK GB 64 56.26 -10.17 61.53
N UNK GB 65 56.70 -9.14 60.83
CA UNK GB 65 57.31 -9.34 59.53
C UNK GB 65 58.74 -9.82 59.75
N UNK GB 66 59.06 -10.98 59.20
CA UNK GB 66 60.38 -11.58 59.39
C UNK GB 66 61.34 -10.87 58.47
N UNK GB 67 62.13 -9.96 59.04
CA UNK GB 67 63.08 -9.20 58.24
C UNK GB 67 64.29 -10.03 57.85
N UNK GB 68 64.60 -11.08 58.60
CA UNK GB 68 65.76 -11.91 58.31
C UNK GB 68 65.49 -12.96 57.25
N UNK GB 69 64.26 -13.09 56.77
CA UNK GB 69 63.99 -14.03 55.68
C UNK GB 69 63.13 -13.40 54.59
N UNK GB 70 63.15 -12.08 54.45
CA UNK GB 70 62.37 -11.41 53.44
C UNK GB 70 63.18 -11.25 52.16
N LYS HB 24 109.45 -2.23 69.59
CA LYS HB 24 108.14 -2.87 69.65
C LYS HB 24 107.28 -2.27 70.73
N PHE HB 25 106.05 -1.95 70.39
CA PHE HB 25 105.10 -1.36 71.33
C PHE HB 25 103.87 -2.24 71.42
N LYS HB 26 103.36 -2.42 72.63
CA LYS HB 26 102.20 -3.28 72.83
C LYS HB 26 101.42 -2.83 74.04
N LYS HB 27 100.13 -2.57 73.86
CA LYS HB 27 99.21 -2.49 74.98
C LYS HB 27 99.01 -3.88 75.55
N PRO HB 28 98.82 -4.03 76.88
CA PRO HB 28 98.92 -5.37 77.51
C PRO HB 28 97.81 -6.36 77.18
N PRO HB 29 96.46 -6.08 77.33
CA PRO HB 29 95.53 -7.19 77.13
C PRO HB 29 95.20 -7.42 75.67
N ILE HB 30 95.84 -8.40 75.08
CA ILE HB 30 95.53 -8.82 73.72
C ILE HB 30 94.77 -10.13 73.88
N ASN HB 31 93.45 -10.03 73.86
CA ASN HB 31 92.57 -11.16 74.05
C ASN HB 31 92.28 -11.81 72.71
N ASN HB 32 91.25 -12.64 72.66
CA ASN HB 32 90.75 -13.18 71.41
C ASN HB 32 90.04 -12.10 70.60
N PRO HB 33 89.86 -12.32 69.30
CA PRO HB 33 88.95 -11.42 68.55
C PRO HB 33 87.51 -11.66 68.94
N SER HB 34 86.82 -10.59 69.28
CA SER HB 34 85.38 -10.64 69.48
C SER HB 34 84.68 -10.36 68.17
N ASP HB 35 83.36 -10.37 68.23
CA ASP HB 35 82.54 -9.87 67.14
C ASP HB 35 81.48 -8.97 67.72
N ASP HB 36 80.68 -8.39 66.83
CA ASP HB 36 79.88 -7.27 67.27
C ASP HB 36 78.58 -7.71 67.91
N ALA HB 37 78.25 -9.01 67.82
CA ALA HB 37 77.15 -9.58 68.58
C ALA HB 37 77.42 -9.54 70.08
N THR HB 38 78.58 -10.06 70.49
CA THR HB 38 78.89 -10.01 71.90
C THR HB 38 79.39 -8.65 72.35
N ILE HB 39 79.87 -7.81 71.42
CA ILE HB 39 80.15 -6.39 71.74
C ILE HB 39 78.86 -5.64 72.04
N LYS HB 40 77.84 -5.84 71.20
CA LYS HB 40 76.54 -5.21 71.35
C LYS HB 40 75.76 -5.73 72.55
N LEU HB 41 75.89 -7.03 72.83
CA LEU HB 41 75.25 -7.61 73.99
C LEU HB 41 75.95 -7.20 75.27
N ALA HB 42 77.25 -6.90 75.20
CA ALA HB 42 77.97 -6.35 76.34
C ALA HB 42 77.54 -4.92 76.65
N GLU HB 43 77.37 -4.08 75.63
CA GLU HB 43 76.97 -2.72 75.95
C GLU HB 43 75.48 -2.59 76.25
N ALA HB 44 74.66 -3.57 75.87
CA ALA HB 44 73.33 -3.63 76.45
C ALA HB 44 73.35 -4.14 77.88
N ALA HB 45 74.28 -5.07 78.13
CA ALA HB 45 74.38 -5.79 79.37
C ALA HB 45 74.83 -4.93 80.53
N VAL HB 46 75.76 -4.00 80.26
CA VAL HB 46 76.22 -3.10 81.33
C VAL HB 46 75.17 -2.07 81.71
N SER HB 47 74.30 -1.68 80.79
CA SER HB 47 73.26 -0.71 81.09
C SER HB 47 72.12 -1.35 81.86
N VAL HB 48 71.82 -2.61 81.53
CA VAL HB 48 70.75 -3.27 82.28
C VAL HB 48 71.28 -3.75 83.63
N SER HB 49 72.60 -3.95 83.73
CA SER HB 49 73.26 -4.29 84.97
C SER HB 49 73.25 -3.14 85.97
N ASP HB 50 73.63 -1.93 85.54
CA ASP HB 50 73.68 -0.88 86.54
C ASP HB 50 72.33 -0.25 86.81
N SER HB 51 71.38 -0.36 85.86
CA SER HB 51 70.00 0.01 86.20
C SER HB 51 69.37 -0.98 87.16
N MET HB 52 69.75 -2.26 87.06
CA MET HB 52 69.33 -3.27 88.01
C MET HB 52 69.92 -3.05 89.40
N LEU HB 53 71.18 -2.66 89.49
CA LEU HB 53 71.78 -2.49 90.82
C LEU HB 53 71.34 -1.19 91.48
N GLU HB 54 70.99 -0.17 90.69
CA GLU HB 54 70.38 0.99 91.35
C GLU HB 54 68.92 0.73 91.69
N MET HB 55 68.25 -0.21 90.99
CA MET HB 55 66.91 -0.67 91.44
C MET HB 55 67.00 -1.44 92.75
N ALA HB 56 68.08 -2.20 92.93
CA ALA HB 56 68.32 -2.86 94.21
C ALA HB 56 68.69 -1.86 95.31
N LYS HB 57 69.30 -0.74 94.92
CA LYS HB 57 69.62 0.32 95.86
C LYS HB 57 68.37 1.04 96.38
N VAL HB 58 67.42 1.37 95.49
CA VAL HB 58 66.17 2.03 95.94
C VAL HB 58 65.28 1.06 96.74
N GLU HB 59 65.27 -0.23 96.37
CA GLU HB 59 64.47 -1.21 97.11
C GLU HB 59 65.04 -1.51 98.49
N LYS HB 60 66.36 -1.63 98.60
CA LYS HB 60 66.95 -1.89 99.90
C LYS HB 60 67.09 -0.64 100.75
N VAL HB 61 66.85 0.56 100.19
CA VAL HB 61 66.83 1.72 101.08
C VAL HB 61 65.42 2.22 101.41
N ILE HB 62 64.38 1.80 100.67
CA ILE HB 62 63.03 2.11 101.13
C ILE HB 62 62.51 1.06 102.09
N THR HB 63 62.79 -0.23 101.88
CA THR HB 63 62.58 -1.16 102.96
C THR HB 63 63.98 -1.59 103.35
N PRO HB 64 64.39 -1.40 104.59
CA PRO HB 64 65.56 -2.08 105.07
C PRO HB 64 65.27 -3.56 105.19
N PRO HB 65 66.22 -4.43 104.83
CA PRO HB 65 65.99 -5.88 105.00
C PRO HB 65 66.03 -6.26 106.47
N SER HB 66 64.95 -6.87 106.93
CA SER HB 66 64.73 -7.11 108.35
C SER HB 66 65.60 -8.25 108.87
N LYS HB 67 65.55 -9.39 108.20
CA LYS HB 67 66.32 -10.54 108.64
C LYS HB 67 66.73 -11.37 107.44
N ASP HB 68 67.58 -12.33 107.72
CA ASP HB 68 68.11 -13.25 106.73
C ASP HB 68 67.17 -14.46 106.62
N ASN HB 69 67.61 -15.51 105.95
CA ASN HB 69 66.91 -16.78 106.00
C ASN HB 69 67.79 -17.88 106.56
N THR HB 70 68.86 -17.50 107.26
CA THR HB 70 69.73 -18.52 107.83
C THR HB 70 69.21 -19.06 109.13
N LEU HB 71 68.24 -18.37 109.74
CA LEU HB 71 67.63 -18.92 110.95
C LEU HB 71 66.55 -19.94 110.59
N THR HB 72 66.01 -19.86 109.38
CA THR HB 72 65.08 -20.88 108.92
C THR HB 72 65.70 -21.90 107.99
N ILE HB 73 66.85 -21.61 107.41
CA ILE HB 73 67.69 -22.62 106.76
C ILE HB 73 69.02 -22.61 107.51
N PRO HB 74 69.19 -23.36 108.58
CA PRO HB 74 70.48 -23.37 109.27
C PRO HB 74 71.41 -24.43 108.70
N ASN HB 75 72.71 -24.16 108.82
CA ASN HB 75 73.69 -25.08 108.25
C ASN HB 75 73.88 -26.27 109.19
N ALA HB 76 74.50 -27.32 108.65
CA ALA HB 76 74.60 -28.57 109.38
C ALA HB 76 75.79 -29.38 108.89
N TYR HB 77 76.20 -30.31 109.72
CA TYR HB 77 77.16 -31.32 109.31
C TYR HB 77 76.44 -32.27 108.39
N ASN HB 78 77.03 -32.48 107.21
CA ASN HB 78 76.62 -33.11 105.93
C ASN HB 78 75.75 -32.17 105.10
N LEU HB 79 75.32 -31.04 105.63
CA LEU HB 79 74.88 -29.93 104.80
C LEU HB 79 76.04 -29.05 104.38
N GLN HB 80 77.20 -29.24 105.00
CA GLN HB 80 78.40 -28.50 104.66
C GLN HB 80 79.18 -29.10 103.50
N ALA HB 81 78.66 -30.14 102.86
CA ALA HB 81 79.20 -30.60 101.60
C ALA HB 81 78.87 -29.59 100.51
N ARG HB 82 79.68 -29.58 99.46
CA ARG HB 82 79.58 -28.50 98.50
C ARG HB 82 78.96 -28.99 97.21
N ALA HB 83 78.52 -28.05 96.40
CA ALA HB 83 77.96 -28.36 95.09
C ALA HB 83 78.28 -27.23 94.13
N SER HB 84 78.15 -27.53 92.85
CA SER HB 84 78.43 -26.54 91.81
C SER HB 84 77.46 -26.82 90.68
N VAL HB 85 76.57 -25.89 90.42
CA VAL HB 85 75.31 -26.20 89.75
C VAL HB 85 74.95 -25.11 88.77
N ASP HB 86 74.71 -25.49 87.52
CA ASP HB 86 73.88 -24.68 86.63
C ASP HB 86 72.61 -25.47 86.38
N TRP HB 87 71.48 -24.78 86.35
CA TRP HB 87 70.17 -25.40 86.42
C TRP HB 87 69.17 -24.37 85.93
N SER HB 88 68.12 -24.83 85.27
CA SER HB 88 67.15 -23.89 84.75
C SER HB 88 65.70 -24.30 84.95
N GLY HB 89 65.43 -25.52 85.41
CA GLY HB 89 64.09 -26.03 85.41
C GLY HB 89 63.29 -25.69 86.65
N PRO HB 90 62.39 -26.57 87.06
CA PRO HB 90 61.60 -26.29 88.26
C PRO HB 90 62.38 -26.62 89.51
N ILE HB 91 61.76 -26.29 90.64
CA ILE HB 91 62.48 -26.25 91.90
C ILE HB 91 62.64 -27.63 92.53
N GLU HB 92 61.63 -28.50 92.38
CA GLU HB 92 61.45 -29.65 93.24
C GLU HB 92 62.40 -30.78 92.88
N GLU HB 93 62.77 -30.85 91.60
CA GLU HB 93 63.79 -31.78 91.11
C GLU HB 93 65.17 -31.45 91.66
N LEU HB 94 65.48 -30.16 91.72
CA LEU HB 94 66.78 -29.68 92.17
C LEU HB 94 66.91 -29.82 93.68
N THR HB 95 65.83 -29.51 94.41
CA THR HB 95 65.85 -29.66 95.86
C THR HB 95 65.83 -31.11 96.30
N ALA HB 96 65.18 -31.99 95.53
CA ALA HB 96 65.23 -33.42 95.81
C ALA HB 96 66.60 -34.00 95.52
N ARG HB 97 67.29 -33.46 94.50
CA ARG HB 97 68.62 -33.96 94.20
C ARG HB 97 69.67 -33.50 95.20
N ILE HB 98 69.54 -32.28 95.74
CA ILE HB 98 70.51 -31.85 96.75
C ILE HB 98 70.23 -32.52 98.09
N ALA HB 99 68.95 -32.76 98.41
CA ALA HB 99 68.66 -33.44 99.67
C ALA HB 99 68.96 -34.92 99.60
N LYS HB 100 68.92 -35.50 98.39
CA LYS HB 100 69.41 -36.85 98.19
C LYS HB 100 70.92 -36.93 98.34
N ALA HB 101 71.64 -35.93 97.86
CA ALA HB 101 73.08 -35.93 98.09
C ALA HB 101 73.45 -35.52 99.51
N ALA HB 102 72.59 -34.80 100.20
CA ALA HB 102 72.85 -34.34 101.54
C ALA HB 102 72.24 -35.23 102.60
N HIS HB 103 71.65 -36.37 102.18
CA HIS HB 103 71.10 -37.44 103.03
C HIS HB 103 69.96 -36.96 103.91
N PHE HB 104 69.21 -35.99 103.42
CA PHE HB 104 68.07 -35.47 104.15
C PHE HB 104 66.82 -35.94 103.44
N ARG HB 105 65.84 -36.35 104.22
CA ARG HB 105 64.53 -36.65 103.68
C ARG HB 105 63.88 -35.36 103.22
N PHE HB 106 63.56 -35.30 101.94
CA PHE HB 106 62.96 -34.13 101.34
C PHE HB 106 61.47 -34.34 101.34
N ARG HB 107 60.73 -33.32 101.77
CA ARG HB 107 59.29 -33.44 101.80
C ARG HB 107 58.67 -32.15 101.28
N VAL HB 108 57.43 -32.29 100.80
CA VAL HB 108 56.69 -31.21 100.16
C VAL HB 108 55.51 -30.86 101.03
N LEU HB 109 55.39 -29.58 101.37
CA LEU HB 109 54.19 -29.07 102.03
C LEU HB 109 53.52 -28.13 101.06
N GLY HB 110 52.23 -28.33 100.82
CA GLY HB 110 51.51 -27.54 99.85
C GLY HB 110 51.63 -28.12 98.46
N LYS HB 111 50.54 -28.14 97.71
CA LYS HB 111 50.61 -28.64 96.35
C LYS HB 111 51.18 -27.54 95.48
N SER HB 112 52.08 -27.93 94.64
CA SER HB 112 52.80 -27.25 93.59
C SER HB 112 51.80 -26.62 92.62
N PRO HB 113 52.02 -25.40 92.16
CA PRO HB 113 51.01 -24.72 91.36
C PRO HB 113 51.06 -25.18 89.92
N SER HB 114 50.14 -24.62 89.13
CA SER HB 114 49.90 -25.17 87.81
C SER HB 114 50.92 -24.65 86.82
N VAL HB 115 51.32 -23.39 86.98
CA VAL HB 115 52.58 -22.95 86.40
C VAL HB 115 53.72 -23.54 87.22
N PRO HB 116 54.89 -23.81 86.64
CA PRO HB 116 56.00 -24.25 87.47
C PRO HB 116 56.61 -23.07 88.19
N VAL HB 117 57.36 -23.39 89.24
CA VAL HB 117 58.18 -22.41 89.91
C VAL HB 117 59.59 -22.62 89.39
N LEU HB 118 59.93 -21.94 88.30
CA LEU HB 118 61.21 -22.11 87.66
C LEU HB 118 62.25 -21.32 88.43
N ILE HB 119 63.35 -21.99 88.77
CA ILE HB 119 64.52 -21.32 89.30
C ILE HB 119 65.67 -21.67 88.39
N SER HB 120 66.69 -20.82 88.39
CA SER HB 120 67.81 -21.03 87.48
C SER HB 120 69.06 -20.54 88.18
N ILE HB 121 69.97 -21.46 88.43
CA ILE HB 121 71.10 -21.22 89.30
C ILE HB 121 72.35 -21.60 88.54
N SER HB 122 73.27 -20.67 88.39
CA SER HB 122 74.61 -20.99 87.93
C SER HB 122 75.55 -20.46 89.00
N THR HB 123 75.98 -21.34 89.89
CA THR HB 123 77.05 -21.03 90.82
C THR HB 123 78.08 -22.14 90.77
N LYS HB 124 79.23 -21.85 91.34
CA LYS HB 124 80.35 -22.78 91.31
C LYS HB 124 80.98 -22.83 92.69
N ASP HB 125 81.03 -24.05 93.24
CA ASP HB 125 81.62 -24.43 94.52
C ASP HB 125 81.01 -23.65 95.68
N GLU HB 126 79.73 -23.93 95.89
CA GLU HB 126 79.04 -23.29 96.98
C GLU HB 126 78.47 -24.40 97.85
N SER HB 127 78.44 -24.16 99.16
CA SER HB 127 77.90 -25.12 100.10
C SER HB 127 76.39 -25.21 99.97
N LEU HB 128 75.85 -26.31 100.46
CA LEU HB 128 74.47 -26.68 100.17
C LEU HB 128 73.49 -25.85 100.96
N ALA HB 129 73.92 -25.31 102.10
CA ALA HB 129 73.06 -24.43 102.90
C ALA HB 129 72.89 -23.09 102.23
N GLU HB 130 73.95 -22.56 101.62
CA GLU HB 130 73.83 -21.33 100.87
C GLU HB 130 73.19 -21.53 99.51
N ILE HB 131 73.33 -22.75 98.94
CA ILE HB 131 72.64 -23.08 97.71
C ILE HB 131 71.14 -23.18 97.95
N LEU HB 132 70.75 -23.70 99.12
CA LEU HB 132 69.37 -23.67 99.54
C LEU HB 132 68.88 -22.29 99.88
N ARG HB 133 69.77 -21.43 100.36
CA ARG HB 133 69.38 -20.08 100.69
C ARG HB 133 69.13 -19.23 99.46
N ASP HB 134 69.98 -19.33 98.43
CA ASP HB 134 69.64 -18.55 97.23
C ASP HB 134 68.64 -19.29 96.34
N ILE HB 135 68.39 -20.58 96.57
CA ILE HB 135 67.21 -21.23 95.99
C ILE HB 135 65.94 -20.66 96.62
N ASP HB 136 65.97 -20.44 97.92
CA ASP HB 136 64.86 -19.85 98.66
C ASP HB 136 64.64 -18.39 98.29
N TYR HB 137 65.71 -17.67 97.99
CA TYR HB 137 65.55 -16.29 97.51
C TYR HB 137 65.10 -16.27 96.06
N GLN HB 138 65.55 -17.25 95.26
CA GLN HB 138 65.17 -17.29 93.84
C GLN HB 138 63.72 -17.68 93.65
N ALA HB 139 63.21 -18.56 94.50
CA ALA HB 139 61.78 -18.81 94.55
C ALA HB 139 61.17 -18.02 95.71
N GLY HB 140 61.40 -16.72 95.70
CA GLY HB 140 60.82 -15.85 96.70
C GLY HB 140 59.38 -15.63 96.35
N LYS HB 141 58.53 -15.56 97.40
CA LYS HB 141 57.09 -15.27 97.39
C LYS HB 141 56.23 -16.28 96.63
N LYS HB 142 56.78 -17.45 96.29
CA LYS HB 142 56.06 -18.48 95.57
C LYS HB 142 56.32 -19.77 96.31
N ALA HB 143 57.49 -19.83 96.92
CA ALA HB 143 57.91 -21.02 97.63
C ALA HB 143 58.77 -20.60 98.81
N SER HB 144 59.13 -21.58 99.62
CA SER HB 144 60.04 -21.39 100.73
C SER HB 144 60.74 -22.72 100.94
N ILE HB 145 61.94 -22.67 101.49
CA ILE HB 145 62.59 -23.90 101.94
C ILE HB 145 62.78 -23.79 103.44
N HIS HB 146 62.56 -24.88 104.14
CA HIS HB 146 62.90 -24.95 105.54
C HIS HB 146 63.72 -26.21 105.76
N VAL HB 147 64.73 -26.12 106.62
CA VAL HB 147 65.58 -27.24 106.95
C VAL HB 147 65.46 -27.45 108.44
N TYR HB 148 65.11 -28.67 108.86
CA TYR HB 148 65.06 -28.93 110.28
C TYR HB 148 66.20 -29.87 110.62
N PRO HB 149 67.36 -29.36 111.05
CA PRO HB 149 68.56 -30.19 111.12
C PRO HB 149 68.78 -30.91 112.43
N ASN HB 150 67.88 -30.80 113.41
CA ASN HB 150 67.85 -31.78 114.48
C ASN HB 150 67.16 -33.07 114.06
N SER HB 151 66.26 -32.98 113.10
CA SER HB 151 65.84 -34.11 112.29
C SER HB 151 66.73 -34.14 111.05
N GLN HB 152 66.35 -34.89 110.03
CA GLN HB 152 67.03 -34.75 108.74
C GLN HB 152 65.95 -34.58 107.69
N VAL HB 153 65.43 -33.37 107.56
CA VAL HB 153 64.38 -33.09 106.59
C VAL HB 153 64.61 -31.71 105.98
N VAL HB 154 64.57 -31.68 104.65
CA VAL HB 154 64.45 -30.46 103.88
C VAL HB 154 63.02 -30.41 103.39
N GLU HB 155 62.24 -29.45 103.89
CA GLU HB 155 60.88 -29.32 103.43
C GLU HB 155 60.81 -28.12 102.49
N LEU HB 156 59.92 -28.24 101.52
CA LEU HB 156 59.68 -27.21 100.54
C LEU HB 156 58.23 -26.82 100.66
N ARG HB 157 57.97 -25.54 100.88
CA ARG HB 157 56.62 -25.04 101.09
C ARG HB 157 56.20 -24.29 99.85
N TYR HB 158 55.12 -24.73 99.22
CA TYR HB 158 54.57 -23.98 98.13
C TYR HB 158 53.69 -22.87 98.69
N ALA HB 159 53.31 -21.93 97.82
CA ALA HB 159 52.59 -20.76 98.29
C ALA HB 159 51.11 -21.06 98.49
N LYS HB 160 50.38 -20.01 98.87
CA LYS HB 160 49.00 -20.13 99.32
C LYS HB 160 48.01 -19.87 98.20
N ILE HB 161 48.49 -19.76 96.97
CA ILE HB 161 47.72 -19.16 95.89
C ILE HB 161 47.87 -19.93 94.60
N ALA IB 58 75.48 27.08 17.15
CA ALA IB 58 74.59 26.43 18.11
C ALA IB 58 75.34 25.39 18.91
N LEU IB 59 76.37 24.80 18.29
CA LEU IB 59 77.21 23.88 19.03
C LEU IB 59 78.18 24.62 19.94
N LYS IB 60 78.47 25.89 19.62
CA LYS IB 60 79.19 26.78 20.52
C LYS IB 60 78.39 27.08 21.79
N GLU IB 61 77.08 27.31 21.65
CA GLU IB 61 76.30 27.59 22.85
C GLU IB 61 75.93 26.31 23.59
N THR IB 62 75.93 25.15 22.91
CA THR IB 62 75.82 23.93 23.69
C THR IB 62 77.14 23.56 24.35
N ALA IB 63 78.28 24.08 23.86
CA ALA IB 63 79.51 24.00 24.63
C ALA IB 63 79.50 24.95 25.81
N LEU IB 64 78.80 26.08 25.67
CA LEU IB 64 78.62 27.04 26.75
C LEU IB 64 77.79 26.47 27.89
N SER IB 65 76.69 25.79 27.56
CA SER IB 65 75.92 25.13 28.60
C SER IB 65 76.54 23.82 29.05
N VAL IB 66 77.48 23.26 28.30
CA VAL IB 66 78.32 22.20 28.86
C VAL IB 66 79.24 22.76 29.93
N GLY IB 67 79.84 23.93 29.68
CA GLY IB 67 80.80 24.49 30.61
C GLY IB 67 80.22 25.15 31.83
N ALA IB 68 78.93 25.55 31.77
CA ALA IB 68 78.32 26.38 32.80
C ALA IB 68 78.10 25.63 34.11
N GLN IB 69 77.50 24.44 34.04
CA GLN IB 69 77.18 23.69 35.24
C GLN IB 69 78.42 23.06 35.85
N ALA IB 70 79.41 22.75 35.02
CA ALA IB 70 80.66 22.19 35.53
C ALA IB 70 81.50 23.25 36.22
N GLY IB 71 81.52 24.46 35.67
CA GLY IB 71 82.21 25.56 36.33
C GLY IB 71 81.52 26.04 37.58
N LEU IB 72 80.19 25.95 37.60
CA LEU IB 72 79.42 26.32 38.79
C LEU IB 72 79.62 25.33 39.92
N ALA IB 73 79.67 24.04 39.59
CA ALA IB 73 79.88 23.02 40.62
C ALA IB 73 81.32 23.00 41.12
N TRP IB 74 82.28 23.27 40.23
CA TRP IB 74 83.68 23.37 40.63
C TRP IB 74 83.94 24.57 41.51
N ARG IB 75 83.36 25.72 41.14
CA ARG IB 75 83.48 26.94 41.93
C ARG IB 75 82.79 26.81 43.26
N ALA IB 76 81.66 26.09 43.31
CA ALA IB 76 80.95 25.84 44.56
C ALA IB 76 81.71 24.90 45.48
N LYS IB 77 82.48 23.98 44.90
CA LYS IB 77 83.36 23.12 45.71
C LYS IB 77 84.52 23.91 46.30
N ILE IB 78 85.05 24.87 45.54
CA ILE IB 78 86.13 25.72 46.03
C ILE IB 78 85.63 26.68 47.11
N ILE IB 79 84.38 27.16 46.96
CA ILE IB 79 83.67 27.97 47.96
C ILE IB 79 83.45 27.18 49.25
N ASP IB 80 83.11 25.90 49.13
CA ASP IB 80 82.82 25.07 50.29
C ASP IB 80 84.09 24.71 51.08
N GLU IB 81 85.20 24.47 50.37
CA GLU IB 81 86.46 24.26 51.09
C GLU IB 81 86.99 25.55 51.69
N GLN IB 82 86.71 26.70 51.06
CA GLN IB 82 87.08 27.98 51.65
C GLN IB 82 86.22 28.33 52.86
N LEU IB 83 84.98 27.89 52.88
CA LEU IB 83 84.12 28.12 54.03
C LEU IB 83 84.51 27.20 55.19
N ASN IB 84 84.89 25.97 54.87
CA ASN IB 84 85.35 25.06 55.91
C ASN IB 84 86.74 25.40 56.42
N LYS IB 85 87.54 26.13 55.64
CA LYS IB 85 88.79 26.64 56.14
C LYS IB 85 88.58 27.74 57.16
N GLN IB 86 87.52 28.51 57.01
CA GLN IB 86 87.26 29.66 57.86
C GLN IB 86 86.14 29.40 58.84
N ALA IB 87 86.09 28.20 59.42
CA ALA IB 87 84.87 27.76 60.09
C ALA IB 87 84.72 28.35 61.48
N ARG IB 88 85.78 28.37 62.28
CA ARG IB 88 85.70 28.94 63.61
C ARG IB 88 85.70 30.45 63.58
N ASN IB 89 86.27 31.02 62.52
CA ASN IB 89 86.20 32.47 62.32
C ASN IB 89 84.79 32.91 61.99
N LEU IB 90 84.11 32.16 61.12
CA LEU IB 90 82.71 32.45 60.83
C LEU IB 90 81.79 32.08 61.96
N ASP IB 91 82.19 31.13 62.81
CA ASP IB 91 81.52 30.87 64.07
C ASP IB 91 81.65 32.04 65.02
N ALA IB 92 82.77 32.75 64.98
CA ALA IB 92 82.89 33.95 65.78
C ALA IB 92 82.10 35.11 65.18
N ILE IB 93 82.04 35.18 63.84
CA ILE IB 93 81.34 36.27 63.15
C ILE IB 93 79.82 36.15 63.35
N TYR IB 94 79.24 35.04 62.97
CA TYR IB 94 77.80 34.90 63.02
C TYR IB 94 77.40 34.15 64.27
N ASP IB 95 77.63 34.82 65.40
CA ASP IB 95 77.38 34.23 66.71
C ASP IB 95 75.91 34.41 67.04
N PHE IB 96 75.08 33.55 66.46
CA PHE IB 96 73.65 33.57 66.75
C PHE IB 96 73.35 33.06 68.14
N ASN IB 97 74.22 32.20 68.67
CA ASN IB 97 74.00 31.50 69.93
C ASN IB 97 74.08 32.44 71.11
N SER IB 98 74.98 33.40 71.08
CA SER IB 98 74.99 34.42 72.12
C SER IB 98 74.28 35.68 71.68
N LEU IB 99 73.23 35.54 70.88
CA LEU IB 99 72.33 36.63 70.60
C LEU IB 99 70.88 36.30 70.85
N VAL IB 100 70.58 35.07 71.27
CA VAL IB 100 69.21 34.71 71.55
C VAL IB 100 68.80 35.28 72.90
N LEU IB 101 67.51 35.33 73.13
CA LEU IB 101 66.98 35.98 74.31
C LEU IB 101 66.93 34.98 75.46
N GLU IB 102 66.40 35.41 76.59
CA GLU IB 102 66.60 34.71 77.85
C GLU IB 102 65.74 33.46 77.99
N HIS IB 103 64.75 33.26 77.15
CA HIS IB 103 63.97 32.05 77.17
C HIS IB 103 64.20 31.24 75.90
N ASN IB 104 65.43 31.33 75.37
CA ASN IB 104 65.88 31.02 73.98
C ASN IB 104 64.83 31.36 72.93
N ILE IB 105 64.55 32.63 72.84
CA ILE IB 105 63.77 33.20 71.77
C ILE IB 105 64.74 33.82 70.80
N LEU IB 106 64.63 33.45 69.54
CA LEU IB 106 65.37 34.09 68.48
C LEU IB 106 64.83 35.49 68.27
N PRO IB 107 65.70 36.52 68.34
CA PRO IB 107 65.23 37.89 68.23
C PRO IB 107 64.91 38.24 66.79
N PRO IB 108 64.00 39.18 66.54
CA PRO IB 108 63.52 39.36 65.17
C PRO IB 108 64.46 40.24 64.36
N VAL IB 109 64.17 40.37 63.08
CA VAL IB 109 65.00 41.11 62.15
C VAL IB 109 64.44 42.53 62.07
N LEU IB 110 65.26 43.51 62.37
CA LEU IB 110 64.85 44.88 62.14
C LEU IB 110 65.65 45.44 60.96
N LEU IB 111 64.94 46.02 60.02
CA LEU IB 111 65.58 46.61 58.86
C LEU IB 111 65.46 48.12 58.96
N GLU IB 112 66.59 48.80 58.75
CA GLU IB 112 66.70 50.23 58.90
C GLU IB 112 66.91 50.86 57.53
N GLY IB 113 66.06 51.81 57.19
CA GLY IB 113 66.32 52.58 56.00
C GLY IB 113 66.27 54.05 56.34
N ARG IB 114 67.32 54.78 56.02
CA ARG IB 114 67.28 56.21 56.21
C ARG IB 114 67.07 56.88 54.87
N ASN IB 115 66.59 58.13 54.92
CA ASN IB 115 66.36 59.05 53.81
C ASN IB 115 65.41 58.46 52.77
N THR IB 116 64.26 58.00 53.25
CA THR IB 116 63.33 57.29 52.40
C THR IB 116 62.55 58.30 51.58
N LEU IB 117 62.60 58.15 50.26
CA LEU IB 117 61.89 59.00 49.33
C LEU IB 117 61.02 58.12 48.46
N ASN IB 118 59.76 58.48 48.29
CA ASN IB 118 58.94 57.88 47.26
C ASN IB 118 58.22 58.96 46.48
N LEU IB 119 58.33 58.88 45.18
CA LEU IB 119 57.66 59.81 44.28
C LEU IB 119 56.42 59.10 43.76
N ALA IB 120 55.27 59.38 44.37
CA ALA IB 120 54.11 58.52 44.08
C ALA IB 120 53.41 58.94 42.81
N ASP IB 121 53.44 60.22 42.49
CA ASP IB 121 52.96 60.71 41.22
C ASP IB 121 53.79 61.92 40.85
N ALA IB 122 53.27 62.73 39.94
CA ALA IB 122 53.93 63.96 39.58
C ALA IB 122 53.79 65.03 40.66
N GLN IB 123 52.77 64.92 41.50
CA GLN IB 123 52.42 65.98 42.42
C GLN IB 123 52.65 65.68 43.88
N SER IB 124 53.08 64.46 44.25
CA SER IB 124 53.26 64.17 45.66
C SER IB 124 54.40 63.20 45.88
N ILE IB 125 55.30 63.60 46.77
CA ILE IB 125 56.35 62.73 47.25
C ILE IB 125 56.12 62.50 48.74
N ARG IB 126 56.82 61.51 49.26
CA ARG IB 126 56.74 61.19 50.67
C ARG IB 126 58.14 60.86 51.15
N ILE IB 127 58.62 61.64 52.09
CA ILE IB 127 59.91 61.40 52.69
C ILE IB 127 59.62 60.85 54.07
N SER IB 128 60.54 60.03 54.55
CA SER IB 128 60.64 59.77 55.97
C SER IB 128 62.11 59.74 56.31
N ASP IB 129 62.41 60.14 57.53
CA ASP IB 129 63.81 60.26 57.90
C ASP IB 129 64.41 58.90 58.23
N ARG IB 130 63.75 58.11 59.06
CA ARG IB 130 64.15 56.72 59.29
C ARG IB 130 62.93 55.82 59.14
N THR IB 131 63.17 54.56 58.84
CA THR IB 131 62.12 53.57 58.70
C THR IB 131 62.61 52.24 59.23
N TYR IB 132 61.88 51.69 60.19
CA TYR IB 132 62.21 50.42 60.80
C TYR IB 132 61.13 49.41 60.49
N LYS IB 133 61.55 48.27 59.98
CA LYS IB 133 60.63 47.21 59.59
C LYS IB 133 60.96 45.95 60.36
N VAL IB 134 59.94 45.34 60.96
CA VAL IB 134 60.08 44.04 61.60
C VAL IB 134 59.85 42.96 60.55
N ALA IB 135 60.93 42.39 60.06
CA ALA IB 135 60.86 41.15 59.32
C ALA IB 135 61.18 40.02 60.27
N LYS IB 136 60.59 38.84 59.99
CA LYS IB 136 61.02 37.51 60.47
C LYS IB 136 60.99 37.40 62.00
N GLN IB 137 59.77 37.45 62.54
CA GLN IB 137 59.47 37.85 63.92
C GLN IB 137 60.05 36.91 64.98
N ALA IB 138 60.06 37.41 66.22
CA ALA IB 138 60.76 36.74 67.30
C ALA IB 138 60.04 35.50 67.74
N HIS IB 139 60.79 34.41 67.81
CA HIS IB 139 60.10 33.13 67.93
C HIS IB 139 60.97 32.17 68.69
N PHE IB 140 60.32 31.14 69.24
CA PHE IB 140 60.95 30.19 70.15
C PHE IB 140 61.89 29.32 69.36
N ILE IB 141 63.15 29.35 69.69
CA ILE IB 141 64.08 28.54 68.94
C ILE IB 141 64.49 27.39 69.86
N THR IB 142 64.86 26.29 69.25
CA THR IB 142 65.41 25.17 70.00
C THR IB 142 66.92 25.19 69.91
N THR IB 143 67.43 25.24 68.70
CA THR IB 143 68.83 25.41 68.54
C THR IB 143 69.08 26.66 67.71
N PRO IB 144 70.05 27.50 68.08
CA PRO IB 144 70.33 28.71 67.31
C PRO IB 144 71.04 28.38 66.01
N PRO IB 145 70.88 29.19 64.97
CA PRO IB 145 71.38 28.79 63.65
C PRO IB 145 72.88 28.96 63.53
N THR IB 146 73.46 28.18 62.64
CA THR IB 146 74.85 28.32 62.29
C THR IB 146 74.95 29.22 61.07
N TRP IB 147 76.14 29.29 60.48
CA TRP IB 147 76.22 29.96 59.20
C TRP IB 147 75.82 29.04 58.06
N ARG IB 148 75.85 27.73 58.28
CA ARG IB 148 75.74 26.81 57.16
C ARG IB 148 74.31 26.60 56.69
N GLN IB 149 73.31 27.14 57.39
CA GLN IB 149 71.98 27.21 56.82
C GLN IB 149 71.87 28.33 55.80
N TYR IB 150 72.79 29.28 55.83
CA TYR IB 150 72.80 30.44 54.95
C TYR IB 150 73.81 30.30 53.83
N LEU IB 151 75.02 29.84 54.15
CA LEU IB 151 76.16 30.05 53.29
C LEU IB 151 76.61 28.83 52.51
N TRP IB 152 76.05 27.66 52.79
CA TRP IB 152 76.60 26.44 52.21
C TRP IB 152 76.07 26.29 50.80
N MET IB 153 76.96 26.29 49.82
CA MET IB 153 76.56 26.05 48.46
C MET IB 153 76.46 24.56 48.23
N ASP IB 154 75.48 24.15 47.44
CA ASP IB 154 75.20 22.73 47.30
C ASP IB 154 76.10 22.13 46.24
N TYR IB 155 77.08 21.37 46.68
CA TYR IB 155 78.04 20.75 45.78
C TYR IB 155 77.55 19.35 45.43
N VAL IB 156 77.34 19.13 44.14
CA VAL IB 156 77.37 17.80 43.57
C VAL IB 156 78.39 17.80 42.43
N LYS IB 157 78.89 16.63 42.09
CA LYS IB 157 79.84 16.50 40.98
C LYS IB 157 79.04 16.03 39.76
N PRO IB 158 78.91 16.86 38.72
CA PRO IB 158 78.07 16.46 37.57
C PRO IB 158 78.81 15.51 36.65
N GLU IB 159 78.10 14.49 36.19
CA GLU IB 159 78.62 13.51 35.25
C GLU IB 159 77.94 13.60 33.88
N ALA IB 160 77.73 14.80 33.37
CA ALA IB 160 77.02 14.95 32.10
C ALA IB 160 77.91 15.63 31.06
N PRO IB 161 78.75 14.89 30.33
CA PRO IB 161 79.53 15.53 29.26
C PRO IB 161 78.70 15.76 28.00
N LYS IB 173 85.37 21.39 17.85
CA LYS IB 173 86.32 21.08 18.92
C LYS IB 173 87.06 22.35 19.39
N GLU IB 174 87.39 23.23 18.45
CA GLU IB 174 88.14 24.44 18.77
C GLU IB 174 87.23 25.53 19.35
N ILE IB 175 86.03 25.70 18.78
CA ILE IB 175 85.07 26.61 19.38
C ILE IB 175 84.39 25.96 20.57
N TRP IB 176 84.38 24.63 20.63
CA TRP IB 176 84.06 23.91 21.86
C TRP IB 176 85.04 24.25 22.98
N CYS IB 177 86.33 24.37 22.65
CA CYS IB 177 87.35 24.70 23.64
C CYS IB 177 87.22 26.13 24.15
N ILE IB 178 87.02 27.08 23.24
CA ILE IB 178 86.92 28.47 23.69
C ILE IB 178 85.54 28.78 24.29
N TYR IB 179 84.49 28.04 23.92
CA TYR IB 179 83.21 28.29 24.54
C TYR IB 179 83.01 27.50 25.80
N THR IB 180 83.75 26.40 26.00
CA THR IB 180 83.76 25.80 27.33
C THR IB 180 84.59 26.61 28.30
N GLU IB 181 85.60 27.36 27.81
CA GLU IB 181 86.27 28.33 28.65
C GLU IB 181 85.36 29.50 29.04
N ARG IB 182 84.57 30.02 28.09
CA ARG IB 182 83.62 31.08 28.39
C ARG IB 182 82.47 30.60 29.26
N GLY IB 183 82.04 29.35 29.08
CA GLY IB 183 81.04 28.78 29.96
C GLY IB 183 81.57 28.46 31.34
N TRP IB 184 82.87 28.17 31.43
CA TRP IB 184 83.50 27.90 32.72
C TRP IB 184 83.59 29.16 33.58
N LYS IB 185 83.95 30.28 32.96
CA LYS IB 185 83.95 31.52 33.75
C LYS IB 185 82.54 32.07 33.96
N ASN IB 186 81.59 31.69 33.10
CA ASN IB 186 80.19 32.01 33.35
C ASN IB 186 79.63 31.24 34.53
N GLY IB 187 80.05 29.99 34.69
CA GLY IB 187 79.66 29.23 35.86
C GLY IB 187 80.34 29.69 37.13
N ILE IB 188 81.57 30.23 36.99
CA ILE IB 188 82.31 30.74 38.15
C ILE IB 188 81.68 32.01 38.69
N ASP IB 189 81.35 32.99 37.83
CA ASP IB 189 80.72 34.17 38.40
C ASP IB 189 79.22 33.98 38.66
N GLN IB 190 78.62 32.92 38.10
CA GLN IB 190 77.28 32.51 38.49
C GLN IB 190 77.25 31.99 39.92
N ALA IB 191 78.25 31.18 40.29
CA ALA IB 191 78.37 30.72 41.67
C ALA IB 191 78.81 31.84 42.62
N ASN IB 192 79.53 32.84 42.10
CA ASN IB 192 79.88 34.00 42.90
C ASN IB 192 78.68 34.88 43.21
N THR IB 193 77.73 35.00 42.28
CA THR IB 193 76.51 35.72 42.63
C THR IB 193 75.58 34.95 43.53
N ILE IB 194 75.64 33.61 43.48
CA ILE IB 194 74.88 32.78 44.44
C ILE IB 194 75.46 32.95 45.86
N LEU IB 195 76.79 33.02 45.95
CA LEU IB 195 77.48 33.27 47.20
C LEU IB 195 77.25 34.68 47.73
N GLU IB 196 77.14 35.66 46.83
CA GLU IB 196 76.91 37.04 47.22
C GLU IB 196 75.50 37.24 47.77
N GLU IB 197 74.54 36.50 47.21
CA GLU IB 197 73.18 36.48 47.76
C GLU IB 197 73.13 35.77 49.11
N ASN IB 198 73.97 34.75 49.31
CA ASN IB 198 73.97 34.04 50.59
C ASN IB 198 74.57 34.85 51.73
N ILE IB 199 75.69 35.53 51.47
CA ILE IB 199 76.35 36.37 52.46
C ILE IB 199 75.52 37.61 52.74
N ALA IB 200 74.79 38.07 51.72
CA ALA IB 200 73.83 39.14 51.85
C ALA IB 200 72.64 38.76 52.72
N ARG IB 201 72.19 37.50 52.63
CA ARG IB 201 71.08 37.03 53.45
C ARG IB 201 71.45 36.91 54.91
N ILE IB 202 72.67 36.40 55.19
CA ILE IB 202 73.08 36.27 56.58
C ILE IB 202 73.47 37.63 57.19
N LYS IB 203 73.85 38.59 56.34
CA LYS IB 203 74.09 39.95 56.81
C LYS IB 203 72.81 40.66 57.17
N GLU IB 204 71.73 40.37 56.42
CA GLU IB 204 70.41 40.91 56.73
C GLU IB 204 69.87 40.36 58.04
N ASP IB 205 70.04 39.05 58.28
CA ASP IB 205 69.51 38.45 59.50
C ASP IB 205 70.31 38.81 60.75
N PHE IB 206 71.64 38.84 60.65
CA PHE IB 206 72.41 39.16 61.83
C PHE IB 206 72.45 40.65 62.13
N GLY IB 207 72.38 41.50 61.09
CA GLY IB 207 72.24 42.93 61.33
C GLY IB 207 70.87 43.31 61.85
N GLY IB 208 69.86 42.51 61.51
CA GLY IB 208 68.56 42.68 62.11
C GLY IB 208 68.49 42.31 63.58
N MET IB 209 69.21 41.27 63.98
CA MET IB 209 69.24 40.93 65.41
C MET IB 209 70.09 41.89 66.23
N ILE IB 210 71.16 42.41 65.62
CA ILE IB 210 71.98 43.46 66.24
C ILE IB 210 71.18 44.74 66.39
N LEU IB 211 70.32 45.04 65.42
CA LEU IB 211 69.44 46.18 65.49
C LEU IB 211 68.32 46.00 66.50
N TYR IB 212 67.93 44.74 66.76
CA TYR IB 212 66.98 44.49 67.84
C TYR IB 212 67.58 44.77 69.20
N ARG IB 213 68.86 44.41 69.37
CA ARG IB 213 69.55 44.74 70.61
C ARG IB 213 69.77 46.24 70.79
N LYS IB 214 70.02 46.94 69.69
CA LYS IB 214 70.18 48.39 69.75
C LYS IB 214 68.86 49.10 70.04
N LEU IB 215 67.78 48.70 69.39
CA LEU IB 215 66.52 49.38 69.61
C LEU IB 215 65.83 48.96 70.90
N LEU IB 216 66.16 47.78 71.42
CA LEU IB 216 65.74 47.42 72.76
C LEU IB 216 66.55 48.18 73.80
N ALA IB 217 67.80 48.52 73.48
CA ALA IB 217 68.55 49.39 74.37
C ALA IB 217 68.07 50.84 74.30
N MET IB 218 67.53 51.24 73.16
CA MET IB 218 67.03 52.59 72.98
C MET IB 218 65.56 52.71 73.32
N ASN IB 219 64.95 51.59 73.76
CA ASN IB 219 63.55 51.43 74.14
C ASN IB 219 62.61 51.76 72.98
N MET IB 220 63.01 51.36 71.79
CA MET IB 220 62.19 51.53 70.63
C MET IB 220 61.31 50.32 70.34
N VAL IB 221 61.64 49.17 70.92
CA VAL IB 221 60.85 47.95 70.72
C VAL IB 221 60.53 47.32 72.06
N SER IB 222 59.46 46.61 72.09
CA SER IB 222 59.10 45.88 73.29
C SER IB 222 59.90 44.57 73.35
N PRO IB 223 60.37 44.19 74.53
CA PRO IB 223 60.93 42.85 74.68
C PRO IB 223 59.81 41.82 74.73
N PRO IB 224 60.06 40.57 74.37
CA PRO IB 224 58.97 39.59 74.37
C PRO IB 224 58.64 39.13 75.78
N TYR IB 225 57.37 38.81 75.98
CA TYR IB 225 56.89 38.44 77.29
C TYR IB 225 56.43 37.00 77.24
N VAL IB 226 57.16 36.15 77.94
CA VAL IB 226 56.75 34.77 78.08
C VAL IB 226 55.90 34.61 79.33
N SER IB 227 54.95 33.70 79.24
CA SER IB 227 54.20 33.22 80.39
C SER IB 227 54.54 31.75 80.50
N HIS IB 228 55.25 31.40 81.55
CA HIS IB 228 55.46 30.00 81.87
C HIS IB 228 54.42 29.62 82.90
N THR IB 229 53.30 29.08 82.43
CA THR IB 229 52.28 28.58 83.33
C THR IB 229 52.72 27.18 83.73
N ASP IB 230 52.73 26.93 85.03
CA ASP IB 230 53.27 25.71 85.57
C ASP IB 230 52.15 24.77 85.98
N LEU IB 231 52.09 23.63 85.34
CA LEU IB 231 51.28 22.51 85.77
C LEU IB 231 52.18 21.57 86.55
N GLY IB 232 51.58 20.89 87.52
CA GLY IB 232 52.33 19.95 88.32
C GLY IB 232 52.48 18.62 87.65
N VAL IB 233 52.16 17.56 88.35
CA VAL IB 233 52.04 16.26 87.72
C VAL IB 233 50.78 16.23 86.85
N THR IB 234 50.85 15.51 85.75
CA THR IB 234 49.83 15.60 84.73
C THR IB 234 49.51 14.20 84.23
N GLY IB 235 48.48 14.12 83.41
CA GLY IB 235 48.13 12.89 82.73
C GLY IB 235 47.38 11.92 83.63
N ASP IB 236 47.00 10.83 83.01
CA ASP IB 236 46.26 9.77 83.69
C ASP IB 236 47.25 8.73 84.20
N GLY IB 237 46.77 7.54 84.56
CA GLY IB 237 47.63 6.48 85.07
C GLY IB 237 48.53 5.83 84.05
N SER IB 238 48.32 6.07 82.76
CA SER IB 238 49.21 5.52 81.75
C SER IB 238 50.39 6.41 81.42
N GLU IB 239 50.33 7.70 81.76
CA GLU IB 239 51.34 8.65 81.31
C GLU IB 239 51.41 9.78 82.31
N ILE IB 240 52.58 10.03 82.89
CA ILE IB 240 52.72 11.20 83.73
C ILE IB 240 53.89 12.03 83.24
N HIS IB 241 53.76 13.35 83.41
CA HIS IB 241 54.84 14.30 83.26
C HIS IB 241 54.91 15.09 84.55
N ILE IB 242 56.07 15.08 85.20
CA ILE IB 242 56.19 15.36 86.62
C ILE IB 242 56.16 16.86 86.89
N ASP IB 243 56.97 17.63 86.21
CA ASP IB 243 56.94 19.08 86.32
C ASP IB 243 56.71 19.56 84.90
N ASP IB 244 55.52 20.09 84.63
CA ASP IB 244 55.09 20.37 83.28
C ASP IB 244 54.91 21.88 83.15
N ARG IB 245 55.93 22.54 82.63
CA ARG IB 245 55.82 23.96 82.40
C ARG IB 245 55.50 24.17 80.93
N VAL IB 246 54.53 25.02 80.65
CA VAL IB 246 54.20 25.35 79.27
C VAL IB 246 54.41 26.85 79.10
N LEU IB 247 55.20 27.20 78.10
CA LEU IB 247 55.77 28.52 77.94
C LEU IB 247 55.21 29.11 76.67
N ARG IB 248 54.57 30.25 76.80
CA ARG IB 248 54.04 30.94 75.63
C ARG IB 248 54.66 32.30 75.52
N ILE IB 249 54.73 32.79 74.29
CA ILE IB 249 55.05 34.18 74.03
C ILE IB 249 53.73 34.90 73.82
N THR IB 250 53.37 35.74 74.78
CA THR IB 250 52.15 36.50 74.63
C THR IB 250 52.40 37.78 73.86
N ALA IB 251 53.32 38.59 74.34
CA ALA IB 251 53.68 39.83 73.68
C ALA IB 251 54.77 39.52 72.67
N LEU IB 252 54.44 39.69 71.41
CA LEU IB 252 55.50 39.69 70.41
C LEU IB 252 56.25 41.02 70.46
N PRO IB 253 57.51 41.04 70.07
CA PRO IB 253 58.24 42.30 69.97
C PRO IB 253 57.74 43.18 68.84
N GLU IB 254 57.56 44.44 69.16
CA GLU IB 254 57.01 45.38 68.20
C GLU IB 254 57.63 46.73 68.47
N LEU IB 255 57.63 47.57 67.44
CA LEU IB 255 58.11 48.93 67.58
C LEU IB 255 57.08 49.74 68.33
N ASN IB 256 57.49 50.37 69.42
CA ASN IB 256 56.58 51.26 70.11
C ASN IB 256 56.51 52.56 69.33
N VAL IB 257 55.31 53.12 69.29
CA VAL IB 257 55.02 54.23 68.40
C VAL IB 257 55.07 55.55 69.14
N ASN IB 258 54.72 55.55 70.42
CA ASN IB 258 54.87 56.69 71.32
C ASN IB 258 56.36 56.94 71.56
N SER IB 259 56.86 58.01 70.96
CA SER IB 259 58.30 58.21 70.89
C SER IB 259 58.81 59.11 71.99
N ALA IB 260 58.01 59.38 73.01
CA ALA IB 260 58.52 60.06 74.18
C ALA IB 260 59.19 59.10 75.15
N GLU IB 261 59.03 57.80 74.94
CA GLU IB 261 59.62 56.77 75.77
C GLU IB 261 60.95 56.28 75.24
N TRP IB 262 61.50 56.97 74.26
CA TRP IB 262 62.71 56.50 73.62
C TRP IB 262 63.92 57.00 74.39
N ARG IB 263 65.06 56.36 74.16
CA ARG IB 263 66.28 56.64 74.91
C ARG IB 263 67.41 56.91 73.94
N ALA IB 264 68.14 57.99 74.14
CA ALA IB 264 69.18 58.41 73.22
C ALA IB 264 70.54 58.02 73.78
N ALA IB 265 71.16 57.01 73.20
CA ALA IB 265 72.46 56.61 73.68
C ALA IB 265 73.55 57.52 73.12
N VAL IB 266 73.87 58.59 73.83
CA VAL IB 266 75.01 59.41 73.46
C VAL IB 266 76.26 58.89 74.18
N ALA IB 267 77.39 58.88 73.47
CA ALA IB 267 78.57 58.19 73.95
C ALA IB 267 79.70 59.19 74.14
N LYS IB 268 80.88 58.67 74.40
CA LYS IB 268 82.04 59.51 74.66
C LYS IB 268 83.33 58.82 74.26
N PHE JB 25 114.94 24.85 62.73
CA PHE JB 25 114.06 25.73 61.97
C PHE JB 25 112.59 25.51 62.34
N LYS JB 26 111.84 26.61 62.40
CA LYS JB 26 110.44 26.57 62.78
C LYS JB 26 109.57 26.68 61.55
N LYS JB 27 108.28 26.81 61.80
CA LYS JB 27 107.27 26.88 60.78
C LYS JB 27 106.35 28.06 61.03
N PRO JB 28 105.61 28.51 60.03
CA PRO JB 28 104.46 29.38 60.29
C PRO JB 28 103.31 28.58 60.86
N PRO JB 29 102.29 29.23 61.45
CA PRO JB 29 101.09 28.49 61.84
C PRO JB 29 100.30 27.99 60.64
N ILE JB 30 99.54 26.92 60.88
CA ILE JB 30 99.15 26.04 59.79
C ILE JB 30 97.98 26.61 59.00
N ASN JB 31 96.86 26.91 59.67
CA ASN JB 31 95.82 27.72 59.04
C ASN JB 31 95.93 29.14 59.57
N ASN JB 32 97.07 29.75 59.29
CA ASN JB 32 97.29 31.12 59.68
C ASN JB 32 96.60 32.05 58.69
N PRO JB 33 96.19 33.23 59.13
CA PRO JB 33 95.83 34.27 58.15
C PRO JB 33 97.06 34.82 57.46
N SER JB 34 97.49 34.15 56.40
CA SER JB 34 98.65 34.55 55.61
C SER JB 34 98.20 35.15 54.30
N ASP JB 35 97.08 35.84 54.34
CA ASP JB 35 96.30 36.10 53.15
C ASP JB 35 95.40 37.29 53.43
N ASP JB 36 95.48 38.30 52.57
CA ASP JB 36 95.05 39.67 52.81
C ASP JB 36 93.54 39.83 52.99
N ALA JB 37 92.75 38.88 52.52
CA ALA JB 37 91.35 38.86 52.87
C ALA JB 37 91.12 38.19 54.21
N THR JB 38 91.87 37.14 54.52
CA THR JB 38 91.65 36.41 55.75
C THR JB 38 92.22 37.11 56.96
N ILE JB 39 93.17 38.02 56.77
CA ILE JB 39 93.64 38.88 57.85
C ILE JB 39 92.56 39.86 58.25
N LYS JB 40 91.82 40.36 57.27
CA LYS JB 40 90.70 41.25 57.57
C LYS JB 40 89.51 40.51 58.13
N LEU JB 41 89.31 39.28 57.70
CA LEU JB 41 88.18 38.49 58.18
C LEU JB 41 88.41 38.00 59.60
N ALA JB 42 89.63 37.59 59.93
CA ALA JB 42 89.87 37.15 61.30
C ALA JB 42 90.12 38.32 62.25
N GLU JB 43 90.54 39.48 61.73
CA GLU JB 43 90.55 40.69 62.53
C GLU JB 43 89.15 41.17 62.85
N ALA JB 44 88.23 40.97 61.92
CA ALA JB 44 86.83 41.26 62.19
C ALA JB 44 86.23 40.24 63.13
N ALA JB 45 86.76 39.00 63.12
CA ALA JB 45 86.31 37.96 64.03
C ALA JB 45 86.74 38.23 65.46
N VAL JB 46 87.95 38.75 65.66
CA VAL JB 46 88.39 39.05 67.02
C VAL JB 46 87.71 40.32 67.52
N SER JB 47 87.31 41.22 66.61
CA SER JB 47 86.53 42.38 67.02
C SER JB 47 85.09 42.06 67.35
N VAL JB 48 84.47 41.11 66.65
CA VAL JB 48 83.08 40.82 66.96
C VAL JB 48 83.01 39.93 68.20
N SER JB 49 84.07 39.16 68.50
CA SER JB 49 84.04 38.39 69.73
C SER JB 49 84.37 39.22 70.94
N ASP JB 50 85.18 40.29 70.80
CA ASP JB 50 85.34 41.17 71.96
C ASP JB 50 84.13 42.07 72.18
N SER JB 51 83.46 42.51 71.12
CA SER JB 51 82.28 43.33 71.33
C SER JB 51 81.08 42.50 71.74
N MET JB 52 81.07 41.20 71.39
CA MET JB 52 80.13 40.27 71.98
C MET JB 52 80.43 40.02 73.45
N LEU JB 53 81.71 40.05 73.82
CA LEU JB 53 82.08 39.94 75.23
C LEU JB 53 81.69 41.17 76.04
N GLU JB 54 81.80 42.38 75.49
CA GLU JB 54 81.32 43.51 76.28
C GLU JB 54 79.81 43.66 76.23
N MET JB 55 79.14 43.08 75.22
CA MET JB 55 77.69 42.99 75.28
C MET JB 55 77.24 41.97 76.32
N ALA JB 56 78.03 40.93 76.50
CA ALA JB 56 77.77 39.97 77.58
C ALA JB 56 78.12 40.54 78.94
N LYS JB 57 79.11 41.43 79.00
CA LYS JB 57 79.47 42.13 80.22
C LYS JB 57 78.40 43.10 80.63
N VAL JB 58 77.74 43.73 79.67
CA VAL JB 58 76.73 44.69 80.04
C VAL JB 58 75.38 44.02 80.27
N GLU JB 59 75.14 42.84 79.71
CA GLU JB 59 73.87 42.17 79.99
C GLU JB 59 73.95 41.17 81.13
N LYS JB 60 75.15 40.80 81.60
CA LYS JB 60 75.27 39.78 82.63
C LYS JB 60 74.96 40.40 83.99
N VAL JB 61 73.71 40.24 84.43
CA VAL JB 61 73.39 40.58 85.80
C VAL JB 61 73.94 39.48 86.71
N ILE JB 62 74.54 39.89 87.82
CA ILE JB 62 75.16 38.97 88.74
C ILE JB 62 74.86 39.41 90.16
N THR JB 63 75.21 38.55 91.10
CA THR JB 63 75.03 38.86 92.48
C THR JB 63 76.38 38.77 93.18
N PRO JB 64 76.64 39.60 94.20
CA PRO JB 64 77.82 39.40 95.02
C PRO JB 64 77.66 38.17 95.90
N PRO JB 65 78.76 37.54 96.32
CA PRO JB 65 78.64 36.40 97.24
C PRO JB 65 78.31 36.76 98.67
N SER JB 66 78.33 38.04 99.04
CA SER JB 66 77.74 38.44 100.31
C SER JB 66 76.23 38.40 100.23
N LYS JB 67 75.67 38.67 99.06
CA LYS JB 67 74.23 38.80 98.89
C LYS JB 67 73.74 37.80 97.86
N ASP JB 68 74.21 36.56 97.96
CA ASP JB 68 73.88 35.56 96.95
C ASP JB 68 72.65 34.75 97.27
N ASN JB 69 72.19 34.78 98.54
CA ASN JB 69 70.91 34.35 99.13
C ASN JB 69 70.76 32.82 99.26
N THR JB 70 71.61 32.05 98.59
CA THR JB 70 71.51 30.60 98.58
C THR JB 70 72.11 30.00 99.86
N LEU JB 71 71.84 28.72 100.05
CA LEU JB 71 72.24 28.03 101.27
C LEU JB 71 73.73 27.71 101.22
N THR JB 72 74.40 28.04 102.32
CA THR JB 72 75.79 27.65 102.48
C THR JB 72 75.86 26.19 102.91
N ILE JB 73 77.07 25.64 102.89
CA ILE JB 73 77.31 24.28 103.36
C ILE JB 73 77.39 24.31 104.89
N PRO JB 74 76.52 23.58 105.59
CA PRO JB 74 76.42 23.77 107.05
C PRO JB 74 77.44 22.99 107.87
N ASN JB 75 78.38 22.29 107.21
CA ASN JB 75 79.58 21.60 107.71
C ASN JB 75 79.34 20.61 108.86
N ALA JB 76 78.15 20.06 108.99
CA ALA JB 76 77.91 19.01 109.98
C ALA JB 76 78.49 17.69 109.49
N TYR JB 77 79.00 16.90 110.43
CA TYR JB 77 79.70 15.66 110.10
C TYR JB 77 78.74 14.59 109.62
N ASN JB 78 77.49 14.64 110.08
CA ASN JB 78 76.45 13.84 109.47
C ASN JB 78 76.09 14.37 108.09
N LEU JB 79 76.23 15.67 107.87
CA LEU JB 79 75.92 16.22 106.56
C LEU JB 79 77.06 16.08 105.56
N GLN JB 80 78.23 15.61 105.98
CA GLN JB 80 79.31 15.33 105.05
C GLN JB 80 79.32 13.88 104.57
N ALA JB 81 78.18 13.21 104.56
CA ALA JB 81 78.10 11.86 104.03
C ALA JB 81 77.82 11.90 102.54
N ARG JB 82 78.48 11.03 101.79
CA ARG JB 82 78.26 10.94 100.36
C ARG JB 82 77.00 10.12 100.13
N ALA JB 83 76.04 10.72 99.45
CA ALA JB 83 74.72 10.13 99.29
C ALA JB 83 74.46 9.86 97.83
N SER JB 84 73.32 9.22 97.55
CA SER JB 84 73.01 8.81 96.19
C SER JB 84 71.51 8.83 96.01
N VAL JB 85 71.02 9.68 95.10
CA VAL JB 85 69.59 9.91 94.96
C VAL JB 85 69.27 10.27 93.51
N ASP JB 86 68.35 9.51 92.91
CA ASP JB 86 67.65 9.94 91.71
C ASP JB 86 66.19 10.05 92.10
N TRP JB 87 65.70 11.28 92.19
CA TRP JB 87 64.34 11.53 92.64
C TRP JB 87 63.90 12.87 92.12
N SER JB 88 62.62 12.97 91.79
CA SER JB 88 62.07 14.22 91.31
C SER JB 88 60.61 14.32 91.72
N GLY JB 89 60.25 15.43 92.33
CA GLY JB 89 58.89 15.66 92.76
C GLY JB 89 58.80 16.66 93.89
N PRO JB 90 57.83 16.49 94.79
CA PRO JB 90 57.58 17.51 95.82
C PRO JB 90 58.59 17.50 96.96
N ILE JB 91 59.08 18.72 97.24
CA ILE JB 91 60.35 19.03 97.91
C ILE JB 91 60.41 18.52 99.35
N GLU JB 92 59.26 18.47 100.02
CA GLU JB 92 59.14 18.14 101.43
C GLU JB 92 59.45 16.69 101.72
N GLU JB 93 59.24 15.80 100.75
CA GLU JB 93 59.46 14.40 101.02
C GLU JB 93 60.92 14.02 100.83
N LEU JB 94 61.58 14.63 99.85
CA LEU JB 94 63.01 14.41 99.66
C LEU JB 94 63.82 15.07 100.77
N THR JB 95 63.38 16.23 101.23
CA THR JB 95 64.06 16.84 102.36
C THR JB 95 63.76 16.16 103.69
N ALA JB 96 62.58 15.53 103.80
CA ALA JB 96 62.24 14.73 104.98
C ALA JB 96 63.10 13.49 105.08
N ARG JB 97 63.26 12.77 103.98
CA ARG JB 97 64.10 11.60 104.04
C ARG JB 97 65.59 11.93 103.93
N ILE JB 98 65.93 13.15 103.52
CA ILE JB 98 67.33 13.54 103.60
C ILE JB 98 67.67 13.96 105.03
N ALA JB 99 66.70 14.43 105.80
CA ALA JB 99 66.96 14.72 107.21
C ALA JB 99 67.01 13.44 108.01
N LYS JB 100 66.16 12.48 107.64
CA LYS JB 100 66.23 11.13 108.19
C LYS JB 100 67.50 10.39 107.81
N ALA JB 101 68.06 10.69 106.64
CA ALA JB 101 69.35 10.14 106.27
C ALA JB 101 70.49 10.77 107.05
N ALA JB 102 70.39 12.05 107.36
CA ALA JB 102 71.44 12.70 108.11
C ALA JB 102 71.19 12.72 109.61
N HIS JB 103 70.16 11.96 110.08
CA HIS JB 103 69.72 11.83 111.48
C HIS JB 103 69.34 13.18 112.09
N PHE JB 104 68.72 14.01 111.27
CA PHE JB 104 68.29 15.34 111.68
C PHE JB 104 66.77 15.32 111.74
N ARG JB 105 66.21 16.21 112.54
CA ARG JB 105 64.77 16.35 112.45
C ARG JB 105 64.41 17.21 111.26
N PHE JB 106 63.15 17.11 110.84
CA PHE JB 106 62.68 17.86 109.69
C PHE JB 106 61.43 18.62 110.09
N ARG JB 107 61.56 19.93 110.23
CA ARG JB 107 60.40 20.78 110.48
C ARG JB 107 59.96 21.42 109.18
N VAL JB 108 58.67 21.70 109.09
CA VAL JB 108 58.12 22.46 107.98
C VAL JB 108 57.40 23.67 108.54
N LEU JB 109 57.86 24.85 108.16
CA LEU JB 109 57.21 26.09 108.49
C LEU JB 109 56.56 26.63 107.24
N GLY JB 110 55.29 26.98 107.35
CA GLY JB 110 54.53 27.43 106.19
C GLY JB 110 53.57 26.37 105.70
N LYS JB 111 52.77 26.76 104.74
CA LYS JB 111 51.75 25.89 104.16
C LYS JB 111 52.21 25.43 102.79
N SER JB 112 51.98 24.18 102.50
CA SER JB 112 52.33 23.71 101.17
C SER JB 112 51.21 24.07 100.21
N PRO JB 113 51.51 24.56 99.01
CA PRO JB 113 50.46 24.95 98.07
C PRO JB 113 49.86 23.74 97.38
N SER JB 114 48.79 23.99 96.62
CA SER JB 114 48.06 22.94 95.94
C SER JB 114 48.85 22.39 94.76
N VAL JB 115 49.35 23.27 93.91
CA VAL JB 115 50.46 22.90 93.04
C VAL JB 115 51.71 22.68 93.90
N PRO JB 116 52.34 21.52 93.83
CA PRO JB 116 53.51 21.26 94.67
C PRO JB 116 54.74 21.88 94.05
N VAL JB 117 55.72 22.15 94.91
CA VAL JB 117 56.98 22.69 94.43
C VAL JB 117 57.85 21.52 94.02
N LEU JB 118 58.12 21.42 92.72
CA LEU JB 118 58.76 20.25 92.15
C LEU JB 118 60.23 20.53 91.89
N ILE JB 119 61.09 19.65 92.38
CA ILE JB 119 62.53 19.73 92.19
C ILE JB 119 62.96 18.47 91.47
N SER JB 120 64.26 18.40 91.13
CA SER JB 120 64.79 17.25 90.40
C SER JB 120 66.24 17.07 90.81
N ILE JB 121 66.59 15.92 91.37
CA ILE JB 121 67.96 15.61 91.76
C ILE JB 121 68.31 14.24 91.22
N SER JB 122 69.36 14.15 90.41
CA SER JB 122 69.90 12.83 90.06
C SER JB 122 71.40 12.87 90.21
N THR JB 123 71.90 12.66 91.43
CA THR JB 123 73.33 12.55 91.68
C THR JB 123 73.61 11.20 92.32
N LYS JB 124 74.56 10.47 91.76
CA LYS JB 124 74.79 9.12 92.25
C LYS JB 124 75.93 9.01 93.24
N ASP JB 125 76.75 10.05 93.41
CA ASP JB 125 77.61 10.19 94.58
C ASP JB 125 77.81 11.67 94.82
N GLU JB 126 77.16 12.19 95.85
CA GLU JB 126 77.30 13.60 96.18
C GLU JB 126 77.05 13.77 97.67
N SER JB 127 77.71 14.75 98.25
CA SER JB 127 77.55 15.04 99.67
C SER JB 127 76.22 15.71 99.91
N LEU JB 128 75.50 15.23 100.93
CA LEU JB 128 74.09 15.54 101.04
C LEU JB 128 73.81 16.92 101.62
N ALA JB 129 74.83 17.57 102.20
CA ALA JB 129 74.75 19.00 102.42
C ALA JB 129 74.74 19.78 101.11
N GLU JB 130 75.53 19.34 100.13
CA GLU JB 130 75.47 20.00 98.83
C GLU JB 130 74.24 19.58 98.02
N ILE JB 131 73.67 18.40 98.32
CA ILE JB 131 72.38 18.04 97.77
C ILE JB 131 71.30 18.96 98.31
N LEU JB 132 71.37 19.29 99.61
CA LEU JB 132 70.47 20.25 100.25
C LEU JB 132 70.64 21.68 99.74
N ARG JB 133 71.88 22.03 99.36
CA ARG JB 133 72.14 23.28 98.63
C ARG JB 133 71.44 23.30 97.28
N ASP JB 134 71.41 22.15 96.60
CA ASP JB 134 70.71 22.05 95.33
C ASP JB 134 69.19 22.03 95.52
N ILE JB 135 68.68 21.55 96.67
CA ILE JB 135 67.24 21.64 96.97
C ILE JB 135 66.85 23.10 97.20
N ASP JB 136 67.73 23.85 97.86
CA ASP JB 136 67.48 25.27 98.11
C ASP JB 136 67.53 26.09 96.84
N TYR JB 137 68.44 25.74 95.92
CA TYR JB 137 68.50 26.41 94.64
C TYR JB 137 67.34 26.04 93.74
N GLN JB 138 66.92 24.79 93.74
CA GLN JB 138 65.82 24.39 92.88
C GLN JB 138 64.47 24.78 93.45
N ALA JB 139 64.41 25.07 94.75
CA ALA JB 139 63.28 25.78 95.29
C ALA JB 139 63.27 27.22 94.79
N GLY JB 140 64.32 27.96 95.14
CA GLY JB 140 64.41 29.32 94.67
C GLY JB 140 63.52 30.26 95.43
N LYS JB 141 62.41 30.66 94.81
CA LYS JB 141 61.53 31.65 95.39
C LYS JB 141 60.29 31.03 96.03
N LYS JB 142 59.97 29.79 95.68
CA LYS JB 142 58.74 29.19 96.17
C LYS JB 142 58.90 28.65 97.58
N ALA JB 143 60.13 28.33 97.98
CA ALA JB 143 60.39 27.84 99.32
C ALA JB 143 61.82 28.21 99.68
N SER JB 144 62.25 27.69 100.82
CA SER JB 144 63.61 27.90 101.31
C SER JB 144 63.96 26.77 102.26
N ILE JB 145 65.26 26.56 102.44
CA ILE JB 145 65.79 25.57 103.36
C ILE JB 145 66.58 26.30 104.42
N HIS JB 146 66.31 26.02 105.68
CA HIS JB 146 67.18 26.42 106.76
C HIS JB 146 67.75 25.17 107.41
N VAL JB 147 68.98 25.27 107.91
CA VAL JB 147 69.62 24.19 108.65
C VAL JB 147 70.11 24.78 109.97
N TYR JB 148 69.63 24.25 111.08
CA TYR JB 148 70.21 24.54 112.37
C TYR JB 148 70.95 23.30 112.84
N PRO JB 149 72.27 23.24 112.71
CA PRO JB 149 72.98 21.99 112.99
C PRO JB 149 73.29 21.80 114.46
N ASN JB 150 73.24 22.87 115.23
CA ASN JB 150 73.39 22.75 116.68
C ASN JB 150 72.13 22.16 117.30
N SER JB 151 70.98 22.48 116.72
CA SER JB 151 69.73 21.85 117.13
C SER JB 151 69.46 20.57 116.37
N GLN JB 152 70.29 20.26 115.36
CA GLN JB 152 70.25 19.08 114.48
C GLN JB 152 68.91 18.93 113.77
N VAL JB 153 68.53 19.98 113.07
CA VAL JB 153 67.22 20.02 112.41
C VAL JB 153 67.40 20.78 111.11
N VAL JB 154 66.73 20.31 110.06
CA VAL JB 154 66.54 21.11 108.88
C VAL JB 154 65.08 21.50 108.83
N GLU JB 155 64.79 22.54 108.06
CA GLU JB 155 63.47 23.15 108.10
C GLU JB 155 63.14 23.68 106.73
N LEU JB 156 62.04 23.20 106.18
CA LEU JB 156 61.55 23.70 104.91
C LEU JB 156 60.58 24.83 105.20
N ARG JB 157 60.90 26.02 104.73
CA ARG JB 157 60.04 27.17 104.91
C ARG JB 157 59.38 27.50 103.59
N TYR JB 158 58.09 27.73 103.62
CA TYR JB 158 57.40 28.19 102.42
C TYR JB 158 57.35 29.71 102.42
N ALA JB 159 56.53 30.29 101.56
CA ALA JB 159 56.34 31.74 101.56
C ALA JB 159 54.89 32.12 101.28
N ILE KB 272 46.31 24.42 74.75
CA ILE KB 272 47.37 23.64 75.38
C ILE KB 272 48.12 22.85 74.30
N PRO KB 273 49.46 22.88 74.36
CA PRO KB 273 50.24 22.19 73.37
C PRO KB 273 50.44 20.73 73.75
N PRO KB 274 50.88 19.88 72.84
CA PRO KB 274 51.30 18.53 73.24
C PRO KB 274 52.62 18.56 74.00
N SER KB 275 52.85 17.48 74.73
CA SER KB 275 53.91 17.48 75.73
C SER KB 275 55.25 17.18 75.12
N ALA KB 276 55.32 16.09 74.37
CA ALA KB 276 56.40 15.72 73.48
C ALA KB 276 55.75 14.86 72.43
N ASN KB 277 56.55 14.07 71.74
CA ASN KB 277 56.04 12.80 71.27
C ASN KB 277 56.43 11.75 72.28
N ASP KB 278 55.55 10.78 72.49
CA ASP KB 278 55.88 9.60 73.27
C ASP KB 278 56.50 8.51 72.42
N LEU KB 279 56.67 8.77 71.11
CA LEU KB 279 57.60 8.03 70.27
C LEU KB 279 59.04 8.28 70.67
N LEU KB 280 59.33 9.44 71.27
CA LEU KB 280 60.63 9.71 71.84
C LEU KB 280 60.98 8.84 73.04
N LEU KB 281 60.00 8.26 73.73
CA LEU KB 281 60.30 7.23 74.72
C LEU KB 281 60.79 5.95 74.06
N HIS KB 282 60.30 5.62 72.88
CA HIS KB 282 60.77 4.44 72.20
C HIS KB 282 62.12 4.70 71.54
N VAL KB 283 62.32 5.89 71.01
CA VAL KB 283 63.58 6.16 70.31
C VAL KB 283 64.56 6.78 71.31
N LEU KB 284 64.15 6.92 72.56
CA LEU KB 284 65.05 7.08 73.68
C LEU KB 284 65.86 5.82 73.93
N GLU KB 285 65.27 4.65 73.71
CA GLU KB 285 66.03 3.43 73.62
C GLU KB 285 66.41 3.25 72.16
N GLY KB 286 66.99 2.10 71.81
CA GLY KB 286 67.27 1.92 70.40
C GLY KB 286 66.10 1.45 69.57
N VAL KB 287 64.97 1.14 70.17
CA VAL KB 287 63.89 0.44 69.47
C VAL KB 287 63.16 1.43 68.56
N PRO KB 288 62.98 1.09 67.29
CA PRO KB 288 62.42 2.03 66.31
C PRO KB 288 60.95 2.30 66.56
N PRO KB 289 60.42 3.40 66.02
CA PRO KB 289 58.97 3.60 66.06
C PRO KB 289 58.27 2.64 65.13
N PRO KB 290 57.04 2.23 65.44
CA PRO KB 290 56.38 1.19 64.65
C PRO KB 290 55.92 1.70 63.30
N GLY KB 291 56.29 0.96 62.25
CA GLY KB 291 56.02 1.36 60.89
C GLY KB 291 56.87 2.54 60.47
N SER KB 292 58.18 2.43 60.66
CA SER KB 292 59.09 3.47 60.25
C SER KB 292 60.05 2.92 59.23
N ARG KB 293 61.05 3.72 58.88
CA ARG KB 293 62.05 3.32 57.92
C ARG KB 293 63.41 3.71 58.46
N ARG KB 294 64.35 2.77 58.43
CA ARG KB 294 65.68 3.03 58.97
C ARG KB 294 66.47 3.93 58.04
N LEU KB 295 67.35 4.71 58.63
CA LEU KB 295 68.26 5.58 57.93
C LEU KB 295 69.67 5.22 58.36
N VAL KB 296 70.64 5.50 57.52
CA VAL KB 296 72.02 5.23 57.86
C VAL KB 296 72.69 6.55 58.24
N VAL KB 297 72.97 6.71 59.52
CA VAL KB 297 73.71 7.84 60.03
C VAL KB 297 75.18 7.50 59.88
N SER KB 298 75.90 8.30 59.13
CA SER KB 298 77.32 8.05 58.93
C SER KB 298 78.13 9.23 59.45
N GLY KB 299 79.13 8.93 60.27
CA GLY KB 299 80.00 9.93 60.79
C GLY KB 299 79.93 10.12 62.28
N GLY KB 300 79.00 9.48 62.96
CA GLY KB 300 78.93 9.57 64.40
C GLY KB 300 78.12 8.43 64.93
N ASP KB 301 78.13 8.29 66.25
CA ASP KB 301 77.39 7.21 66.88
C ASP KB 301 75.97 7.71 67.10
N ALA KB 302 75.14 7.52 66.09
CA ALA KB 302 73.74 7.90 66.17
C ALA KB 302 72.98 6.93 65.30
N ARG KB 303 71.70 6.75 65.63
CA ARG KB 303 70.78 6.07 64.73
C ARG KB 303 69.63 7.00 64.43
N ALA KB 304 69.01 6.83 63.28
CA ALA KB 304 67.84 7.61 62.93
C ALA KB 304 66.81 6.76 62.22
N TRP KB 305 65.56 7.09 62.44
CA TRP KB 305 64.46 6.48 61.75
C TRP KB 305 63.58 7.55 61.14
N LEU KB 306 62.66 7.13 60.29
CA LEU KB 306 61.78 8.07 59.60
C LEU KB 306 60.37 7.54 59.70
N SER KB 307 59.58 8.12 60.59
CA SER KB 307 58.30 7.50 60.93
C SER KB 307 57.19 7.90 59.99
N ASN KB 308 56.83 9.19 60.00
CA ASN KB 308 55.88 9.71 59.02
C ASN KB 308 56.26 11.16 58.75
N GLU KB 309 57.15 11.35 57.77
CA GLU KB 309 57.79 12.61 57.36
C GLU KB 309 58.51 13.34 58.50
N LYS KB 310 58.99 12.62 59.50
CA LYS KB 310 59.76 13.16 60.60
C LYS KB 310 60.82 12.14 60.94
N MET KB 311 62.04 12.59 61.07
CA MET KB 311 63.11 11.69 61.46
C MET KB 311 63.32 11.79 62.96
N TYR KB 312 63.83 10.71 63.51
CA TYR KB 312 64.00 10.54 64.94
C TYR KB 312 65.43 10.08 65.11
N VAL KB 313 66.20 10.84 65.87
CA VAL KB 313 67.60 10.51 66.08
C VAL KB 313 67.80 10.12 67.52
N ARG KB 314 68.49 9.01 67.73
CA ARG KB 314 68.99 8.62 69.03
C ARG KB 314 70.49 8.81 69.00
N THR KB 315 70.99 9.62 69.92
CA THR KB 315 72.42 9.87 69.99
C THR KB 315 72.75 10.25 71.41
N ASN KB 316 74.03 10.48 71.64
CA ASN KB 316 74.47 11.19 72.84
C ASN KB 316 75.37 12.34 72.46
N LEU KB 317 75.42 12.68 71.18
CA LEU KB 317 76.02 13.93 70.75
C LEU KB 317 74.99 15.04 70.89
N THR KB 318 75.43 16.28 70.73
CA THR KB 318 74.47 17.36 70.75
C THR KB 318 74.13 17.79 69.33
N ILE KB 319 72.84 17.86 69.04
CA ILE KB 319 72.38 18.28 67.73
C ILE KB 319 72.45 19.81 67.70
N LEU KB 320 73.11 20.34 66.68
CA LEU KB 320 73.37 21.77 66.60
C LEU KB 320 72.65 22.48 65.46
N SER KB 321 72.83 22.08 64.18
CA SER KB 321 72.22 22.96 63.16
C SER KB 321 70.72 22.82 62.89
N PRO KB 322 70.16 21.68 62.43
CA PRO KB 322 69.00 21.78 61.55
C PRO KB 322 67.66 21.98 62.23
N GLY KB 323 67.62 22.11 63.55
CA GLY KB 323 66.41 22.50 64.22
C GLY KB 323 65.59 21.27 64.54
N TRP KB 324 65.43 20.96 65.81
CA TRP KB 324 64.62 19.82 66.17
C TRP KB 324 63.32 20.28 66.78
N LEU KB 325 62.30 19.44 66.64
CA LEU KB 325 61.02 19.81 67.21
C LEU KB 325 60.84 19.31 68.63
N ALA KB 326 61.48 18.20 69.00
CA ALA KB 326 61.21 17.63 70.31
C ALA KB 326 62.40 16.84 70.81
N SER KB 327 62.61 16.85 72.12
CA SER KB 327 63.65 15.99 72.68
C SER KB 327 63.27 15.43 74.02
N MET KB 328 63.82 14.25 74.28
CA MET KB 328 63.92 13.67 75.59
C MET KB 328 65.37 13.25 75.81
N THR KB 329 65.68 12.83 77.03
CA THR KB 329 67.05 12.49 77.39
C THR KB 329 66.96 11.44 78.48
N SER KB 330 67.75 10.38 78.37
CA SER KB 330 67.73 9.27 79.32
C SER KB 330 68.35 9.58 80.67
N ALA KB 331 68.45 8.54 81.49
CA ALA KB 331 69.18 8.65 82.75
C ALA KB 331 70.68 8.73 82.50
N ASP KB 332 71.18 7.99 81.51
CA ASP KB 332 72.60 7.99 81.21
C ASP KB 332 72.96 8.99 80.12
N GLY KB 333 72.05 9.91 79.80
CA GLY KB 333 72.38 11.03 78.98
C GLY KB 333 72.45 10.79 77.49
N THR KB 334 71.73 9.79 76.98
CA THR KB 334 71.50 9.75 75.55
C THR KB 334 70.19 10.44 75.22
N HIS KB 335 70.24 11.36 74.28
CA HIS KB 335 69.08 12.13 73.87
C HIS KB 335 68.37 11.47 72.70
N ALA KB 336 67.09 11.77 72.61
CA ALA KB 336 66.26 11.42 71.47
C ALA KB 336 65.64 12.69 70.92
N TYR KB 337 65.70 12.84 69.59
CA TYR KB 337 65.28 14.03 68.88
C TYR KB 337 64.22 13.67 67.85
N GLU KB 338 63.22 14.52 67.74
CA GLU KB 338 62.25 14.48 66.66
C GLU KB 338 62.41 15.75 65.85
N MET KB 339 62.72 15.59 64.56
CA MET KB 339 62.96 16.74 63.69
C MET KB 339 62.45 16.44 62.29
N GLN KB 340 62.51 17.44 61.43
CA GLN KB 340 62.21 17.29 60.02
C GLN KB 340 63.36 16.62 59.31
N LYS KB 341 63.10 16.15 58.09
CA LYS KB 341 64.02 15.33 57.32
C LYS KB 341 65.14 16.21 56.78
N SER KB 342 66.20 16.32 57.55
CA SER KB 342 67.38 17.00 57.05
C SER KB 342 68.40 15.97 56.59
N PRO KB 343 69.03 16.15 55.44
CA PRO KB 343 70.05 15.18 55.00
C PRO KB 343 71.36 15.30 55.73
N VAL KB 344 71.61 16.42 56.38
CA VAL KB 344 72.84 16.66 57.11
C VAL KB 344 72.45 17.04 58.53
N LEU KB 345 73.02 16.34 59.49
CA LEU KB 345 72.96 16.77 60.87
C LEU KB 345 74.29 17.42 61.19
N LEU KB 346 74.27 18.38 62.10
CA LEU KB 346 75.51 18.93 62.62
C LEU KB 346 75.47 18.73 64.12
N VAL KB 347 76.61 18.37 64.69
CA VAL KB 347 76.67 17.90 66.06
C VAL KB 347 77.87 18.52 66.74
N SER KB 348 77.77 18.63 68.04
CA SER KB 348 78.92 18.79 68.90
C SER KB 348 79.23 17.42 69.46
N TRP KB 349 80.44 16.95 69.21
CA TRP KB 349 80.89 15.69 69.80
C TRP KB 349 81.43 15.98 71.20
N HIS KB 350 82.53 16.71 71.26
CA HIS KB 350 83.08 17.14 72.53
C HIS KB 350 83.61 18.55 72.36
N GLY KB 351 82.79 19.40 71.80
CA GLY KB 351 83.23 20.71 71.39
C GLY KB 351 83.63 20.79 69.94
N LYS KB 352 84.15 19.70 69.37
CA LYS KB 352 84.37 19.62 67.95
C LYS KB 352 83.03 19.53 67.24
N VAL KB 353 82.86 20.40 66.25
CA VAL KB 353 81.63 20.48 65.47
C VAL KB 353 81.80 19.59 64.25
N MET KB 354 80.89 18.64 64.10
CA MET KB 354 80.96 17.65 63.05
C MET KB 354 79.67 17.60 62.28
N GLN KB 355 79.67 16.89 61.16
CA GLN KB 355 78.47 16.64 60.39
C GLN KB 355 78.22 15.15 60.27
N LEU KB 356 76.95 14.79 60.15
CA LEU KB 356 76.53 13.42 59.90
C LEU KB 356 75.66 13.41 58.66
N LYS KB 357 75.90 12.44 57.77
CA LYS KB 357 75.05 12.26 56.59
C LYS KB 357 73.98 11.24 56.93
N VAL KB 358 72.74 11.55 56.57
CA VAL KB 358 71.69 10.55 56.58
C VAL KB 358 71.35 10.23 55.12
N GLU KB 359 70.71 9.08 54.91
CA GLU KB 359 70.29 8.67 53.57
C GLU KB 359 68.85 8.19 53.63
N GLY KB 360 67.92 9.04 53.20
CA GLY KB 360 66.51 8.76 53.27
C GLY KB 360 65.72 10.05 53.40
N LEU LB 41 81.79 9.61 50.01
CA LEU LB 41 82.17 8.46 50.81
C LEU LB 41 82.75 8.88 52.16
N PRO LB 42 82.47 8.12 53.21
CA PRO LB 42 83.20 8.31 54.46
C PRO LB 42 84.64 7.84 54.34
N CYS LB 43 85.50 8.42 55.17
CA CYS LB 43 86.93 8.23 55.06
C CYS LB 43 87.40 7.04 55.88
N ARG LB 44 88.41 6.34 55.35
CA ARG LB 44 88.99 5.21 56.07
C ARG LB 44 89.85 5.70 57.24
N VAL LB 45 90.90 6.46 56.93
CA VAL LB 45 91.77 7.01 57.97
C VAL LB 45 91.46 8.48 58.14
N ASP LB 46 91.85 9.04 59.29
CA ASP LB 46 91.74 10.47 59.53
C ASP LB 46 93.05 11.19 59.25
N GLY LB 47 93.66 10.93 58.10
CA GLY LB 47 94.98 11.48 57.80
C GLY LB 47 96.11 10.91 58.65
N ALA LB 48 96.01 9.65 59.05
CA ALA LB 48 96.97 9.09 59.99
C ALA LB 48 97.03 7.59 59.79
N CYS LB 49 98.24 7.04 59.83
CA CYS LB 49 98.43 5.60 59.67
C CYS LB 49 99.11 5.03 60.90
N ASP LB 50 98.82 3.75 61.16
CA ASP LB 50 99.33 3.07 62.35
C ASP LB 50 100.84 2.82 62.26
N ALA LB 51 101.35 2.67 61.04
CA ALA LB 51 102.79 2.60 60.80
C ALA LB 51 103.46 3.93 61.11
N THR LB 52 102.76 5.04 60.88
CA THR LB 52 103.32 6.33 61.22
C THR LB 52 103.26 6.61 62.73
N ILE LB 53 102.28 6.00 63.44
CA ILE LB 53 102.28 5.99 64.91
C ILE LB 53 103.51 5.31 65.47
N ILE LB 54 103.78 4.07 65.01
CA ILE LB 54 104.88 3.33 65.64
C ILE LB 54 106.24 3.82 65.13
N LYS LB 55 106.27 4.40 63.94
CA LYS LB 55 107.51 4.97 63.41
C LYS LB 55 107.88 6.25 64.12
N MET LB 56 106.90 7.13 64.40
CA MET LB 56 107.21 8.35 65.14
C MET LB 56 107.44 8.07 66.62
N MET LB 57 106.83 6.99 67.15
CA MET LB 57 107.06 6.60 68.53
C MET LB 57 108.45 6.02 68.71
N THR LB 58 108.89 5.16 67.80
CA THR LB 58 110.24 4.62 67.93
C THR LB 58 111.31 5.61 67.51
N ASP LB 59 110.98 6.63 66.70
CA ASP LB 59 111.98 7.62 66.37
C ASP LB 59 112.14 8.63 67.48
N LEU LB 60 111.07 8.93 68.21
CA LEU LB 60 111.20 9.81 69.35
C LEU LB 60 111.86 9.11 70.52
N ASN LB 61 111.62 7.81 70.68
CA ASN LB 61 112.32 7.05 71.70
C ASN LB 61 113.77 6.79 71.32
N LYS LB 62 114.10 6.78 70.03
CA LYS LB 62 115.48 6.76 69.62
C LYS LB 62 116.15 8.10 69.87
N LYS LB 63 115.42 9.20 69.71
CA LYS LB 63 115.97 10.51 70.02
C LYS LB 63 115.98 10.84 71.51
N GLY LB 64 115.41 10.00 72.36
CA GLY LB 64 115.50 10.23 73.78
C GLY LB 64 114.28 10.90 74.35
N ILE LB 65 113.29 11.17 73.53
CA ILE LB 65 112.00 11.64 73.99
C ILE LB 65 111.21 10.41 74.37
N LYS LB 66 110.99 10.21 75.65
CA LYS LB 66 110.43 8.93 76.06
C LYS LB 66 108.92 8.94 75.92
N VAL LB 67 108.43 8.07 75.06
CA VAL LB 67 107.02 8.00 74.71
C VAL LB 67 106.47 6.74 75.36
N ALA LB 68 105.82 6.90 76.50
CA ALA LB 68 105.08 5.83 77.11
C ALA LB 68 103.63 5.93 76.70
N SER LB 69 102.94 4.80 76.74
CA SER LB 69 101.59 4.76 76.20
C SER LB 69 100.82 3.72 76.98
N VAL LB 70 100.05 4.17 77.96
CA VAL LB 70 99.42 3.31 78.93
C VAL LB 70 97.93 3.32 78.63
N GLY LB 71 97.46 2.31 77.91
CA GLY LB 71 96.03 2.15 77.77
C GLY LB 71 95.47 3.02 76.68
N GLN LB 72 94.97 4.17 77.09
CA GLN LB 72 94.58 5.19 76.16
C GLN LB 72 95.17 6.53 76.52
N ASN LB 73 95.89 6.62 77.63
CA ASN LB 73 96.70 7.80 77.89
C ASN LB 73 98.01 7.67 77.15
N TYR LB 74 98.53 8.80 76.74
CA TYR LB 74 99.79 8.87 76.04
C TYR LB 74 100.64 9.92 76.73
N LEU LB 75 101.90 9.59 76.93
CA LEU LB 75 102.84 10.49 77.60
C LEU LB 75 104.06 10.56 76.70
N ILE LB 76 104.39 11.73 76.19
CA ILE LB 76 105.71 11.92 75.61
C ILE LB 76 106.46 12.83 76.56
N SER LB 77 107.77 12.63 76.62
CA SER LB 77 108.59 13.14 77.71
C SER LB 77 109.86 13.73 77.13
N ILE LB 78 109.92 15.06 77.11
CA ILE LB 78 111.07 15.79 76.58
C ILE LB 78 111.93 16.24 77.76
N PRO LB 79 113.22 15.96 77.76
CA PRO LB 79 114.11 16.58 78.74
C PRO LB 79 114.29 18.06 78.42
N ALA LB 80 114.46 18.84 79.48
CA ALA LB 80 114.45 20.29 79.37
C ALA LB 80 115.69 20.85 78.68
N SER LB 81 116.81 20.13 78.74
CA SER LB 81 117.98 20.56 78.01
C SER LB 81 117.87 20.26 76.52
N ALA LB 82 117.00 19.33 76.15
CA ALA LB 82 116.84 18.98 74.76
C ALA LB 82 116.04 20.00 73.98
N LEU LB 83 115.27 20.85 74.66
CA LEU LB 83 114.49 21.85 73.95
C LEU LB 83 114.71 23.27 74.44
N PHE LB 84 114.86 23.50 75.74
CA PHE LB 84 115.15 24.84 76.20
C PHE LB 84 116.64 25.01 76.39
N ALA LB 85 117.03 26.23 76.76
CA ALA LB 85 118.38 26.48 77.23
C ALA LB 85 118.39 26.31 78.75
N ASP LB 86 119.50 26.66 79.38
CA ASP LB 86 119.66 26.44 80.81
C ASP LB 86 118.94 27.52 81.60
N GLN LB 87 117.97 27.08 82.43
CA GLN LB 87 117.19 27.87 83.39
C GLN LB 87 116.42 29.00 82.76
N SER LB 88 115.91 28.77 81.56
CA SER LB 88 115.39 29.84 80.74
C SER LB 88 114.16 29.39 80.00
N PRO LB 89 113.13 30.23 79.90
CA PRO LB 89 111.98 29.95 79.04
C PRO LB 89 112.14 30.46 77.62
N ARG LB 90 113.30 30.24 77.03
CA ARG LB 90 113.55 30.59 75.65
C ARG LB 90 113.92 29.32 74.93
N LEU LB 91 113.16 28.98 73.91
CA LEU LB 91 113.44 27.76 73.20
C LEU LB 91 114.58 28.03 72.20
N ASN LB 92 115.42 27.04 71.99
CA ASN LB 92 116.46 27.16 70.99
C ASN LB 92 115.88 27.00 69.60
N TRP LB 93 116.67 27.38 68.60
CA TRP LB 93 116.21 27.32 67.23
C TRP LB 93 116.26 25.91 66.65
N ALA LB 94 117.14 25.06 67.17
CA ALA LB 94 117.25 23.71 66.63
C ALA LB 94 116.14 22.81 67.14
N SER LB 95 115.54 23.17 68.27
CA SER LB 95 114.50 22.38 68.91
C SER LB 95 113.14 22.53 68.27
N TYR LB 96 112.98 23.46 67.33
CA TYR LB 96 111.72 23.60 66.62
C TYR LB 96 111.52 22.47 65.62
N SER LB 97 112.59 21.81 65.17
CA SER LB 97 112.46 20.59 64.39
C SER LB 97 111.95 19.44 65.23
N LEU LB 98 112.39 19.38 66.50
CA LEU LB 98 111.89 18.41 67.45
C LEU LB 98 110.41 18.65 67.77
N LEU LB 99 110.04 19.91 67.89
CA LEU LB 99 108.64 20.23 68.08
C LEU LB 99 107.81 20.08 66.81
N ASN LB 100 108.44 20.13 65.64
CA ASN LB 100 107.75 19.78 64.41
C ASN LB 100 107.46 18.29 64.33
N GLU LB 101 108.39 17.45 64.78
CA GLU LB 101 108.07 16.03 64.81
C GLU LB 101 107.15 15.66 65.97
N ILE LB 102 107.14 16.47 67.03
CA ILE LB 102 106.19 16.28 68.11
C ILE LB 102 104.78 16.64 67.67
N ALA LB 103 104.63 17.75 66.94
CA ALA LB 103 103.32 18.15 66.45
C ALA LB 103 102.86 17.30 65.28
N ALA LB 104 103.79 16.73 64.51
CA ALA LB 104 103.41 15.76 63.51
C ALA LB 104 103.05 14.42 64.11
N PHE LB 105 103.56 14.11 65.30
CA PHE LB 105 103.07 12.97 66.04
C PHE LB 105 101.70 13.24 66.67
N LEU LB 106 101.48 14.47 67.10
CA LEU LB 106 100.22 14.82 67.74
C LEU LB 106 99.12 15.17 66.76
N LYS LB 107 99.43 15.25 65.47
CA LYS LB 107 98.39 15.33 64.46
C LYS LB 107 97.61 14.04 64.29
N GLN LB 108 98.16 12.92 64.71
CA GLN LB 108 97.66 11.64 64.28
C GLN LB 108 96.56 11.06 65.15
N PHE LB 109 96.40 11.52 66.38
CA PHE LB 109 95.38 11.00 67.26
C PHE LB 109 94.21 11.97 67.30
N ARG LB 110 93.11 11.51 67.88
CA ARG LB 110 91.99 12.39 68.16
C ARG LB 110 91.90 12.55 69.67
N LYS LB 111 91.92 13.79 70.12
CA LYS LB 111 92.01 14.07 71.54
C LYS LB 111 91.18 15.30 71.88
N ILE LB 112 90.75 15.34 73.13
CA ILE LB 112 89.92 16.41 73.63
C ILE LB 112 90.77 17.48 74.28
N ALA LB 113 91.75 17.06 75.06
CA ALA LB 113 92.52 17.96 75.88
C ALA LB 113 93.90 17.38 76.00
N ILE LB 114 94.90 18.15 75.62
CA ILE LB 114 96.28 17.80 75.90
C ILE LB 114 96.76 18.66 77.05
N THR LB 115 97.25 18.05 78.12
CA THR LB 115 97.88 18.82 79.16
C THR LB 115 99.38 18.74 79.01
N VAL LB 116 100.00 19.90 78.83
CA VAL LB 116 101.43 20.07 78.81
C VAL LB 116 101.82 20.62 80.17
N THR LB 117 102.65 19.87 80.89
CA THR LB 117 103.14 20.40 82.15
C THR LB 117 104.64 20.20 82.21
N SER LB 118 105.29 20.98 83.05
CA SER LB 118 106.74 21.01 83.07
C SER LB 118 107.25 21.30 84.46
N TYR LB 119 108.39 20.71 84.81
CA TYR LB 119 109.05 21.07 86.05
C TYR LB 119 110.55 20.93 85.89
N SER LB 120 111.25 21.95 86.35
CA SER LB 120 112.70 21.97 86.35
C SER LB 120 113.20 21.87 87.77
N SER LB 121 114.49 21.57 87.90
CA SER LB 121 115.13 21.35 89.17
C SER LB 121 115.31 22.65 89.94
N LYS LB 122 115.54 22.50 91.24
CA LYS LB 122 115.45 23.58 92.22
C LYS LB 122 116.63 24.55 92.09
N TYR LB 123 116.34 25.79 91.70
CA TYR LB 123 117.38 26.70 91.24
C TYR LB 123 117.59 27.93 92.11
N VAL LB 124 116.59 28.80 92.26
CA VAL LB 124 116.74 29.99 93.10
C VAL LB 124 115.67 29.96 94.17
N SER LB 125 114.41 29.91 93.75
CA SER LB 125 113.30 29.77 94.68
C SER LB 125 112.25 28.89 94.02
N VAL LB 126 111.28 28.48 94.82
CA VAL LB 126 110.15 27.75 94.25
C VAL LB 126 109.22 28.68 93.48
N LYS LB 127 109.19 29.99 93.79
CA LYS LB 127 108.36 30.92 93.05
C LYS LB 127 109.00 31.26 91.70
N ARG LB 128 110.33 31.38 91.69
CA ARG LB 128 111.13 31.52 90.48
C ARG LB 128 111.01 30.27 89.61
N GLU LB 129 110.97 29.11 90.28
CA GLU LB 129 110.84 27.81 89.63
C GLU LB 129 109.48 27.64 88.95
N ARG LB 130 108.42 28.04 89.65
CA ARG LB 130 107.08 27.88 89.11
C ARG LB 130 106.77 28.89 88.03
N ALA LB 131 107.36 30.10 88.12
CA ALA LB 131 107.20 31.09 87.07
C ALA LB 131 107.96 30.70 85.81
N LEU LB 132 109.14 30.08 85.99
CA LEU LB 132 109.94 29.59 84.85
C LEU LB 132 109.26 28.43 84.15
N THR LB 133 108.69 27.49 84.90
CA THR LB 133 108.09 26.33 84.26
C THR LB 133 106.70 26.63 83.72
N LEU LB 134 106.02 27.63 84.29
CA LEU LB 134 104.76 28.11 83.72
C LEU LB 134 105.00 28.80 82.39
N ALA LB 135 106.07 29.59 82.29
CA ALA LB 135 106.41 30.26 81.03
C ALA LB 135 106.92 29.28 79.99
N ARG LB 136 107.62 28.23 80.44
CA ARG LB 136 108.12 27.19 79.55
C ARG LB 136 106.98 26.36 78.96
N SER LB 137 106.01 25.99 79.79
CA SER LB 137 104.88 25.19 79.34
C SER LB 137 103.95 26.00 78.45
N ARG LB 138 103.81 27.31 78.72
CA ARG LB 138 102.96 28.08 77.83
C ARG LB 138 103.65 28.43 76.52
N VAL LB 139 104.99 28.47 76.44
CA VAL LB 139 105.57 28.76 75.13
C VAL LB 139 105.64 27.49 74.28
N VAL LB 140 105.76 26.32 74.92
CA VAL LB 140 105.72 25.09 74.13
C VAL LB 140 104.27 24.72 73.76
N SER LB 141 103.30 25.16 74.54
CA SER LB 141 101.92 25.03 74.13
C SER LB 141 101.52 26.07 73.10
N GLU LB 142 102.17 27.23 73.10
CA GLU LB 142 101.93 28.24 72.07
C GLU LB 142 102.42 27.77 70.72
N TYR LB 143 103.58 27.10 70.69
CA TYR LB 143 104.05 26.54 69.43
C TYR LB 143 103.24 25.32 69.01
N LEU LB 144 102.80 24.51 69.96
CA LEU LB 144 101.99 23.35 69.61
C LEU LB 144 100.55 23.73 69.26
N TRP LB 145 100.09 24.90 69.69
CA TRP LB 145 98.79 25.37 69.26
C TRP LB 145 98.85 26.02 67.90
N SER LB 146 99.95 26.73 67.61
CA SER LB 146 100.08 27.34 66.28
C SER LB 146 100.35 26.29 65.24
N GLN LB 147 101.06 25.24 65.60
CA GLN LB 147 101.08 24.05 64.77
C GLN LB 147 99.78 23.29 64.90
N GLY LB 148 99.59 22.34 64.01
CA GLY LB 148 98.36 21.60 64.02
C GLY LB 148 98.36 20.52 65.06
N VAL LB 149 97.70 20.78 66.17
CA VAL LB 149 97.06 19.73 66.93
C VAL LB 149 95.60 19.82 66.54
N ASP LB 150 94.84 18.77 66.82
CA ASP LB 150 93.41 18.81 66.59
C ASP LB 150 92.68 18.93 67.91
N SER LB 151 93.39 19.38 68.93
CA SER LB 151 92.83 19.35 70.27
C SER LB 151 91.91 20.52 70.50
N ARG LB 152 91.13 20.40 71.55
CA ARG LB 152 90.20 21.43 71.93
C ARG LB 152 90.70 22.20 73.13
N ILE LB 153 91.37 21.53 74.06
CA ILE LB 153 91.99 22.21 75.18
C ILE LB 153 93.47 21.86 75.14
N ILE LB 154 94.33 22.84 75.39
CA ILE LB 154 95.68 22.56 75.87
C ILE LB 154 95.81 23.18 77.24
N PHE LB 155 96.01 22.33 78.25
CA PHE LB 155 96.21 22.75 79.62
C PHE LB 155 97.69 22.86 79.89
N THR LB 156 98.19 24.06 80.09
CA THR LB 156 99.61 24.30 80.32
C THR LB 156 99.79 24.58 81.80
N GLN LB 157 100.71 23.84 82.43
CA GLN LB 157 101.07 24.18 83.80
C GLN LB 157 102.53 23.85 84.06
N GLY LB 158 103.05 24.46 85.12
CA GLY LB 158 104.41 24.21 85.53
C GLY LB 158 104.52 24.14 87.03
N LEU LB 159 105.37 23.25 87.52
CA LEU LB 159 105.52 22.99 88.94
C LEU LB 159 106.96 23.23 89.37
N GLY LB 160 107.15 23.44 90.66
CA GLY LB 160 108.46 23.79 91.18
C GLY LB 160 109.27 22.63 91.71
N SER LB 161 109.56 21.67 90.83
CA SER LB 161 110.12 20.33 91.11
C SER LB 161 109.29 19.58 92.16
N ASP LB 162 107.97 19.70 92.07
CA ASP LB 162 107.11 19.05 93.03
C ASP LB 162 106.90 17.59 92.71
N LYS LB 163 107.15 17.19 91.46
CA LYS LB 163 107.13 15.80 91.08
C LYS LB 163 108.45 15.45 90.41
N PRO LB 164 109.49 15.11 91.17
CA PRO LB 164 110.70 14.58 90.56
C PRO LB 164 110.47 13.13 90.16
N ILE LB 165 111.28 12.65 89.21
CA ILE LB 165 111.22 11.23 88.90
C ILE LB 165 112.51 10.50 89.23
N THR LB 166 113.47 11.18 89.85
CA THR LB 166 114.57 10.53 90.53
C THR LB 166 114.94 11.36 91.74
N SER LB 167 115.65 10.73 92.67
CA SER LB 167 116.21 11.45 93.80
C SER LB 167 117.57 12.04 93.50
N TYR LB 168 118.12 11.75 92.32
CA TYR LB 168 119.35 12.39 91.88
C TYR LB 168 119.04 13.80 91.41
N THR LB 169 119.70 14.77 92.03
CA THR LB 169 119.46 16.19 91.82
C THR LB 169 120.72 16.82 91.24
N LEU LB 170 121.19 16.24 90.12
CA LEU LB 170 122.56 16.40 89.62
C LEU LB 170 122.92 17.81 89.20
N GLY LB 171 121.96 18.59 88.71
CA GLY LB 171 122.32 19.89 88.18
C GLY LB 171 121.14 20.78 87.89
N GLY LB 172 121.22 21.49 86.78
CA GLY LB 172 120.14 22.38 86.41
C GLY LB 172 119.19 21.70 85.47
N ASP LB 173 119.24 22.08 84.20
CA ASP LB 173 118.35 21.50 83.21
C ASP LB 173 118.92 20.24 82.58
N ARG LB 174 120.11 19.83 82.97
CA ARG LB 174 120.67 18.55 82.53
C ARG LB 174 120.07 17.37 83.27
N SER LB 175 119.40 17.61 84.38
CA SER LB 175 118.79 16.54 85.16
C SER LB 175 117.55 16.01 84.46
N PRO LB 176 117.26 14.70 84.55
CA PRO LB 176 116.02 14.18 83.97
C PRO LB 176 114.77 14.50 84.77
N ASN LB 177 114.91 14.97 86.01
CA ASN LB 177 113.80 15.62 86.69
C ASN LB 177 113.39 16.92 86.03
N ALA LB 178 114.33 17.62 85.40
CA ALA LB 178 114.03 18.84 84.67
C ALA LB 178 113.54 18.45 83.29
N ARG LB 179 112.25 18.64 83.06
CA ARG LB 179 111.62 18.11 81.88
C ARG LB 179 110.33 18.87 81.60
N VAL LB 180 109.80 18.61 80.41
CA VAL LB 180 108.43 18.93 80.06
C VAL LB 180 107.79 17.63 79.57
N GLU LB 181 106.57 17.37 80.00
CA GLU LB 181 105.87 16.22 79.49
C GLU LB 181 104.53 16.64 78.91
N ILE LB 182 104.14 15.91 77.89
CA ILE LB 182 102.93 16.15 77.14
C ILE LB 182 102.08 14.92 77.34
N THR LB 183 100.97 15.07 78.05
CA THR LB 183 100.12 13.96 78.42
C THR LB 183 98.74 14.22 77.85
N PHE LB 184 98.15 13.20 77.26
CA PHE LB 184 96.77 13.32 76.82
C PHE LB 184 96.11 11.96 76.89
N ARG LB 185 94.84 11.94 76.53
CA ARG LB 185 94.11 10.70 76.38
C ARG LB 185 93.63 10.67 74.95
N ARG LB 186 93.92 9.57 74.26
CA ARG LB 186 93.39 9.36 72.93
C ARG LB 186 91.90 9.09 73.03
N ALA LB 187 91.11 9.86 72.28
CA ALA LB 187 89.67 9.68 72.30
C ALA LB 187 89.26 8.73 71.20
N VAL LB 188 88.54 7.68 71.59
CA VAL LB 188 88.01 6.54 70.82
C VAL LB 188 88.98 5.92 69.81
N UNK MB 1 139.44 65.72 115.59
CA UNK MB 1 139.12 67.01 114.97
C UNK MB 1 137.60 67.20 114.87
N UNK MB 2 136.94 67.18 116.03
CA UNK MB 2 135.49 67.20 116.08
C UNK MB 2 134.94 68.60 115.84
N UNK MB 3 133.70 68.64 115.35
CA UNK MB 3 132.96 69.89 115.16
C UNK MB 3 131.49 69.56 115.36
N UNK MB 4 130.97 69.84 116.57
CA UNK MB 4 129.62 69.46 116.97
C UNK MB 4 128.92 70.68 117.57
N UNK MB 5 128.21 71.44 116.74
CA UNK MB 5 127.56 72.66 117.20
C UNK MB 5 126.34 72.95 116.33
N UNK MB 6 125.38 73.65 116.92
CA UNK MB 6 124.15 74.08 116.25
C UNK MB 6 124.17 75.61 116.19
N UNK MB 7 124.59 76.13 115.03
CA UNK MB 7 124.84 77.55 114.83
C UNK MB 7 124.48 77.87 113.38
N UNK MB 8 125.01 78.97 112.87
CA UNK MB 8 124.92 79.30 111.45
C UNK MB 8 126.34 79.41 110.90
N UNK MB 9 126.90 78.28 110.48
CA UNK MB 9 128.22 78.30 109.86
C UNK MB 9 128.13 78.79 108.43
N UNK MB 10 127.31 78.11 107.61
CA UNK MB 10 126.68 78.58 106.37
C UNK MB 10 127.58 78.85 105.15
N UNK MB 11 128.90 78.73 105.29
CA UNK MB 11 129.82 78.89 104.15
C UNK MB 11 131.01 77.98 104.42
N UNK MB 12 130.94 76.75 103.92
CA UNK MB 12 131.98 75.77 104.18
C UNK MB 12 131.99 74.77 103.02
N UNK MB 13 132.95 74.93 102.11
CA UNK MB 13 133.32 73.85 101.20
C UNK MB 13 134.44 73.04 101.87
N UNK MB 14 134.03 72.27 102.86
CA UNK MB 14 134.94 71.75 103.88
C UNK MB 14 135.51 70.43 103.39
N UNK MB 15 136.62 70.51 102.66
CA UNK MB 15 137.37 69.32 102.25
C UNK MB 15 138.23 68.89 103.45
N UNK MB 16 137.62 68.13 104.35
CA UNK MB 16 138.23 67.79 105.61
C UNK MB 16 139.23 66.66 105.46
N UNK MB 17 140.16 66.60 106.41
CA UNK MB 17 141.16 65.53 106.45
C UNK MB 17 140.62 64.38 107.30
N UNK MB 18 141.48 63.41 107.61
CA UNK MB 18 141.09 62.25 108.37
C UNK MB 18 140.93 62.58 109.84
N UNK MB 19 140.14 61.73 110.52
CA UNK MB 19 139.66 61.85 111.91
C UNK MB 19 138.95 63.19 112.18
N UNK MB 20 138.17 63.66 111.21
CA UNK MB 20 137.38 64.88 111.36
C UNK MB 20 135.97 64.47 111.76
N UNK MB 21 135.85 63.96 112.98
CA UNK MB 21 134.61 63.36 113.48
C UNK MB 21 133.62 64.45 113.89
N UNK MB 22 132.98 65.04 112.88
CA UNK MB 22 132.17 66.24 113.07
C UNK MB 22 130.70 65.85 113.13
N UNK MB 23 130.14 65.84 114.32
CA UNK MB 23 128.69 65.68 114.51
C UNK MB 23 128.00 67.05 114.66
N UNK MB 24 128.24 67.95 113.71
CA UNK MB 24 127.63 69.27 113.73
C UNK MB 24 126.15 69.22 113.39
N UNK MB 25 125.43 70.24 113.87
CA UNK MB 25 124.02 70.44 113.55
C UNK MB 25 123.77 71.88 113.13
N UNK MB 26 124.80 72.57 112.68
CA UNK MB 26 124.72 73.99 112.34
C UNK MB 26 123.98 74.20 111.03
N UNK MB 27 123.50 75.43 110.86
CA UNK MB 27 122.82 75.83 109.63
C UNK MB 27 123.84 76.07 108.52
N UNK MB 28 124.29 75.00 107.88
CA UNK MB 28 125.36 75.05 106.88
C UNK MB 28 124.70 75.06 105.51
N UNK MB 29 124.47 76.27 104.99
CA UNK MB 29 123.77 76.43 103.72
C UNK MB 29 124.66 76.09 102.54
N UNK MB 30 125.73 76.86 102.35
CA UNK MB 30 126.66 76.62 101.24
C UNK MB 30 127.73 75.66 101.72
N UNK MB 31 127.35 74.39 101.81
CA UNK MB 31 128.18 73.37 102.43
C UNK MB 31 128.54 72.27 101.44
N UNK MB 32 129.74 71.73 101.60
CA UNK MB 32 130.18 70.50 100.92
C UNK MB 32 131.18 69.83 101.85
N UNK MB 33 130.69 68.89 102.66
CA UNK MB 33 131.47 68.32 103.76
C UNK MB 33 132.18 67.06 103.27
N UNK MB 34 133.32 67.23 102.62
CA UNK MB 34 134.09 66.11 102.09
C UNK MB 34 135.06 65.59 103.14
N UNK MB 35 134.49 64.87 104.12
CA UNK MB 35 135.28 64.29 105.19
C UNK MB 35 136.06 63.08 104.69
N UNK MB 36 137.12 62.72 105.42
CA UNK MB 36 137.95 61.61 105.02
C UNK MB 36 137.96 60.44 105.99
N UNK MB 37 137.44 60.63 107.20
CA UNK MB 37 137.21 59.56 108.17
C UNK MB 37 136.17 60.01 109.17
N UNK MB 38 135.42 59.01 109.67
CA UNK MB 38 134.80 59.00 111.01
C UNK MB 38 133.70 60.03 111.21
N UNK MB 39 133.06 60.49 110.14
CA UNK MB 39 131.97 61.46 110.25
C UNK MB 39 130.72 60.75 110.75
N UNK MB 40 130.18 61.24 111.88
CA UNK MB 40 129.13 60.56 112.63
C UNK MB 40 128.01 61.53 112.98
N UNK MB 41 127.50 62.23 111.98
CA UNK MB 41 126.65 63.38 112.20
C UNK MB 41 125.17 63.03 112.24
N UNK MB 42 124.43 63.68 113.14
CA UNK MB 42 122.98 63.54 113.24
C UNK MB 42 122.40 64.95 113.39
N UNK MB 43 122.10 65.58 112.25
CA UNK MB 43 121.74 66.99 112.19
C UNK MB 43 120.28 67.16 111.78
N UNK MB 44 119.88 68.41 111.67
CA UNK MB 44 118.63 68.82 111.01
C UNK MB 44 118.97 70.08 110.23
N UNK MB 45 119.41 69.90 108.99
CA UNK MB 45 119.98 70.98 108.20
C UNK MB 45 119.07 71.31 107.01
N UNK MB 46 119.51 72.29 106.23
CA UNK MB 46 118.86 72.66 104.97
C UNK MB 46 119.95 73.22 104.07
N UNK MB 47 120.41 72.42 103.11
CA UNK MB 47 121.59 72.77 102.33
C UNK MB 47 121.26 73.26 100.93
N UNK MB 48 120.42 72.51 100.20
CA UNK MB 48 119.75 72.78 98.91
C UNK MB 48 120.68 72.86 97.69
N UNK MB 49 122.01 72.76 97.85
CA UNK MB 49 122.90 72.60 96.70
C UNK MB 49 124.07 71.70 97.03
N UNK MB 50 123.89 70.72 97.91
CA UNK MB 50 125.01 70.01 98.54
C UNK MB 50 125.58 68.97 97.60
N UNK MB 51 126.89 69.07 97.34
CA UNK MB 51 127.64 68.04 96.65
C UNK MB 51 128.41 67.25 97.71
N UNK MB 52 127.70 66.40 98.41
CA UNK MB 52 128.26 65.68 99.55
C UNK MB 52 129.11 64.50 99.09
N UNK MB 53 130.30 64.39 99.68
CA UNK MB 53 131.19 63.26 99.43
C UNK MB 53 131.66 62.76 100.79
N UNK MB 54 131.85 61.46 100.92
CA UNK MB 54 132.22 60.89 102.21
C UNK MB 54 133.07 59.64 102.03
N UNK MB 55 134.14 59.56 102.81
CA UNK MB 55 134.95 58.38 102.99
C UNK MB 55 134.48 57.61 104.21
N UNK MB 56 135.35 56.74 104.76
CA UNK MB 56 134.99 55.64 105.66
C UNK MB 56 134.45 56.10 107.02
N UNK MB 57 133.58 55.24 107.57
CA UNK MB 57 132.86 55.36 108.84
C UNK MB 57 132.01 56.64 108.90
N UNK MB 58 131.25 56.87 107.83
CA UNK MB 58 130.39 58.04 107.70
C UNK MB 58 128.95 57.62 107.97
N UNK MB 59 128.55 57.69 109.23
CA UNK MB 59 127.16 57.53 109.63
C UNK MB 59 126.52 58.91 109.72
N UNK MB 60 125.38 59.08 109.07
CA UNK MB 60 124.78 60.41 109.02
C UNK MB 60 123.26 60.31 109.05
N UNK MB 61 122.64 61.37 109.57
CA UNK MB 61 121.18 61.46 109.59
C UNK MB 61 120.80 62.94 109.45
N UNK MB 62 120.31 63.31 108.27
CA UNK MB 62 120.07 64.71 107.95
C UNK MB 62 118.81 64.90 107.13
N UNK MB 63 118.19 66.07 107.28
CA UNK MB 63 116.98 66.44 106.55
C UNK MB 63 117.23 67.60 105.60
N UNK MB 64 118.37 67.55 104.90
CA UNK MB 64 118.79 68.60 103.98
C UNK MB 64 118.81 68.07 102.56
N UNK MB 65 118.63 68.98 101.61
CA UNK MB 65 118.62 68.60 100.21
C UNK MB 65 120.02 68.55 99.65
N UNK MB 66 120.30 67.54 98.85
CA UNK MB 66 121.60 67.37 98.21
C UNK MB 66 121.50 67.71 96.73
N UNK MB 67 122.67 67.72 96.08
CA UNK MB 67 122.73 67.89 94.63
C UNK MB 67 123.55 66.76 94.03
N UNK MB 68 124.58 66.35 94.76
CA UNK MB 68 125.43 65.26 94.32
C UNK MB 68 125.87 64.45 95.53
N UNK MB 69 126.17 63.19 95.29
CA UNK MB 69 126.55 62.26 96.36
C UNK MB 69 127.69 61.40 95.89
N UNK MB 70 128.70 61.22 96.74
CA UNK MB 70 129.85 60.42 96.40
C UNK MB 70 130.29 59.61 97.60
N UNK MB 71 130.50 58.31 97.38
CA UNK MB 71 130.96 57.41 98.43
C UNK MB 71 132.34 56.87 98.07
N UNK MB 72 133.14 56.57 99.10
CA UNK MB 72 134.51 56.11 98.86
C UNK MB 72 134.80 54.72 99.42
N UNK MB 73 134.59 54.50 100.73
CA UNK MB 73 134.93 53.21 101.32
C UNK MB 73 133.75 52.50 101.97
N UNK MB 74 133.11 53.09 102.98
CA UNK MB 74 132.09 52.43 103.79
C UNK MB 74 131.32 53.49 104.54
N UNK MB 75 129.99 53.48 104.41
CA UNK MB 75 129.18 54.54 105.00
C UNK MB 75 127.78 54.02 105.31
N UNK MB 76 127.00 54.86 105.98
CA UNK MB 76 125.59 54.59 106.28
C UNK MB 76 124.91 55.95 106.44
N UNK MB 77 124.20 56.37 105.41
CA UNK MB 77 123.49 57.64 105.45
C UNK MB 77 122.02 57.42 105.79
N UNK MB 78 121.37 58.51 106.22
CA UNK MB 78 119.91 58.57 106.33
C UNK MB 78 119.55 60.01 106.03
N UNK MB 79 119.28 60.30 104.78
CA UNK MB 79 119.15 61.67 104.32
C UNK MB 79 117.79 61.90 103.67
N UNK MB 80 117.34 63.15 103.76
CA UNK MB 80 116.05 63.55 103.19
C UNK MB 80 116.30 64.65 102.15
N UNK MB 81 116.61 64.23 100.92
CA UNK MB 81 116.94 65.16 99.85
C UNK MB 81 115.66 65.62 99.14
N UNK MB 82 115.80 66.60 98.23
CA UNK MB 82 114.58 67.13 97.64
C UNK MB 82 114.55 67.25 96.11
N UNK MB 83 115.64 67.70 95.48
CA UNK MB 83 115.51 68.30 94.15
C UNK MB 83 116.10 67.47 93.03
N UNK MB 84 117.40 67.19 93.08
CA UNK MB 84 118.09 66.40 92.07
C UNK MB 84 119.31 65.79 92.73
N UNK MB 85 119.74 64.64 92.22
CA UNK MB 85 120.87 63.95 92.83
C UNK MB 85 121.67 63.22 91.77
N UNK MB 86 122.90 63.65 91.59
CA UNK MB 86 123.88 62.91 90.80
C UNK MB 86 124.73 62.12 91.79
N UNK MB 87 124.56 60.80 91.83
CA UNK MB 87 125.15 59.99 92.88
C UNK MB 87 126.09 58.94 92.29
N UNK MB 88 127.22 58.73 92.95
CA UNK MB 88 128.18 57.72 92.58
C UNK MB 88 128.78 57.13 93.85
N UNK MB 89 128.91 55.80 93.86
CA UNK MB 89 129.32 55.09 95.05
C UNK MB 89 130.59 54.28 94.79
N UNK MB 90 131.24 53.87 95.87
CA UNK MB 90 132.39 52.97 95.80
C UNK MB 90 132.39 52.12 97.07
N UNK MB 91 131.97 50.86 96.93
CA UNK MB 91 132.13 49.75 97.90
C UNK MB 91 131.40 49.97 99.23
N UNK MB 92 130.41 50.85 99.26
CA UNK MB 92 129.82 51.32 100.50
C UNK MB 92 128.35 50.95 100.58
N UNK MB 93 127.68 51.46 101.61
CA UNK MB 93 126.25 51.36 101.76
C UNK MB 93 125.67 52.75 101.87
N UNK MB 94 124.41 52.91 101.50
CA UNK MB 94 123.76 54.21 101.46
C UNK MB 94 122.26 54.03 101.58
N UNK MB 95 121.63 54.91 102.34
CA UNK MB 95 120.18 54.94 102.45
C UNK MB 95 119.71 56.38 102.46
N UNK MB 96 118.61 56.64 101.78
CA UNK MB 96 118.01 57.96 101.79
C UNK MB 96 116.51 57.81 101.95
N UNK MB 97 115.85 58.88 102.40
CA UNK MB 97 114.50 58.75 102.92
C UNK MB 97 113.44 59.46 102.07
N UNK MB 98 113.57 60.75 101.83
CA UNK MB 98 112.45 61.53 101.30
C UNK MB 98 112.38 61.44 99.78
N UNK MB 99 111.54 62.28 99.20
CA UNK MB 99 111.29 62.28 97.76
C UNK MB 99 112.46 62.94 97.05
N UNK MB 100 113.35 62.14 96.50
CA UNK MB 100 114.44 62.62 95.66
C UNK MB 100 114.06 62.50 94.20
N UNK MB 101 114.94 62.99 93.33
CA UNK MB 101 114.82 62.78 91.89
C UNK MB 101 116.21 62.39 91.39
N UNK MB 102 116.50 61.11 91.45
CA UNK MB 102 117.80 60.59 91.03
C UNK MB 102 117.81 60.49 89.52
N UNK MB 103 118.61 61.35 88.88
CA UNK MB 103 118.66 61.33 87.42
C UNK MB 103 119.54 60.19 86.92
N UNK MB 104 120.81 60.20 87.28
CA UNK MB 104 121.73 59.15 86.87
C UNK MB 104 122.33 58.51 88.11
N UNK MB 105 122.63 57.22 88.00
CA UNK MB 105 123.28 56.48 89.08
C UNK MB 105 124.23 55.47 88.47
N UNK MB 106 125.52 55.71 88.61
CA UNK MB 106 126.55 54.84 88.07
C UNK MB 106 127.25 54.13 89.21
N UNK MB 107 126.87 52.89 89.45
CA UNK MB 107 127.42 52.11 90.56
C UNK MB 107 128.33 51.05 89.98
N UNK MB 108 129.65 51.32 90.02
CA UNK MB 108 130.63 50.40 89.46
C UNK MB 108 131.40 49.64 90.53
N UNK MB 109 130.81 49.41 91.70
CA UNK MB 109 131.51 48.79 92.81
C UNK MB 109 130.50 48.01 93.64
N UNK MB 110 130.86 47.71 94.89
CA UNK MB 110 129.98 47.01 95.83
C UNK MB 110 129.21 48.05 96.64
N UNK MB 111 127.98 48.31 96.22
CA UNK MB 111 127.20 49.42 96.77
C UNK MB 111 125.83 48.92 97.17
N UNK MB 112 125.50 49.08 98.45
CA UNK MB 112 124.16 48.78 98.94
C UNK MB 112 123.38 50.10 99.06
N UNK MB 113 122.90 50.57 97.92
CA UNK MB 113 122.21 51.86 97.85
C UNK MB 113 120.71 51.65 97.94
N UNK MB 114 120.04 52.52 98.68
CA UNK MB 114 118.60 52.44 98.84
C UNK MB 114 117.99 53.83 98.98
N UNK MB 115 116.79 53.99 98.43
CA UNK MB 115 116.07 55.25 98.51
C UNK MB 115 114.61 54.93 98.77
N UNK MB 116 114.06 55.46 99.86
CA UNK MB 116 112.68 55.13 100.23
C UNK MB 116 111.65 55.87 99.41
N UNK MB 117 112.04 56.92 98.69
CA UNK MB 117 111.19 57.55 97.68
C UNK MB 117 112.12 58.13 96.62
N UNK MB 118 111.70 58.04 95.36
CA UNK MB 118 112.42 58.63 94.24
C UNK MB 118 111.39 58.97 93.17
N UNK MB 119 111.07 60.26 93.05
CA UNK MB 119 110.09 60.75 92.08
C UNK MB 119 110.87 61.51 91.02
N UNK MB 120 111.36 60.78 90.02
CA UNK MB 120 112.15 61.36 88.96
C UNK MB 120 111.43 61.21 87.62
N UNK MB 121 112.07 61.66 86.57
CA UNK MB 121 111.51 61.61 85.23
C UNK MB 121 112.26 60.66 84.32
N UNK MB 122 113.58 60.52 84.50
CA UNK MB 122 114.36 59.59 83.70
C UNK MB 122 115.49 59.08 84.59
N UNK MB 123 115.25 57.94 85.22
CA UNK MB 123 116.25 57.32 86.09
C UNK MB 123 117.15 56.45 85.24
N UNK MB 124 118.36 56.91 84.99
CA UNK MB 124 119.35 56.16 84.21
C UNK MB 124 120.30 55.50 85.18
N UNK MB 125 120.06 54.22 85.48
CA UNK MB 125 120.93 53.45 86.34
C UNK MB 125 121.84 52.61 85.47
N UNK MB 126 123.14 52.70 85.69
CA UNK MB 126 124.11 51.84 85.06
C UNK MB 126 124.98 51.22 86.15
N UNK MB 127 125.07 49.89 86.16
CA UNK MB 127 125.72 49.19 87.25
C UNK MB 127 126.73 48.19 86.71
N UNK MB 128 127.76 47.95 87.51
CA UNK MB 128 128.93 47.19 87.06
C UNK MB 128 129.49 46.37 88.21
N UNK MB 129 129.31 45.06 88.09
CA UNK MB 129 130.05 43.92 88.62
C UNK MB 129 129.91 43.57 90.10
N UNK MB 130 129.36 44.44 90.96
CA UNK MB 130 129.18 44.00 92.34
C UNK MB 130 127.93 44.47 93.08
N UNK MB 131 127.37 45.62 92.71
CA UNK MB 131 126.52 46.42 93.60
C UNK MB 131 125.10 45.85 93.77
N UNK MB 132 124.29 46.61 94.52
CA UNK MB 132 122.92 46.22 94.86
C UNK MB 132 122.10 47.48 95.09
N UNK MB 133 121.34 47.90 94.08
CA UNK MB 133 120.53 49.10 94.15
C UNK MB 133 119.07 48.75 94.41
N UNK MB 134 118.49 49.38 95.43
CA UNK MB 134 117.10 49.12 95.79
C UNK MB 134 116.35 50.45 95.92
N UNK MB 135 115.90 50.99 94.80
CA UNK MB 135 115.26 52.30 94.75
C UNK MB 135 113.82 52.11 94.32
N UNK MB 136 112.88 52.66 95.10
CA UNK MB 136 111.47 52.35 94.85
C UNK MB 136 110.54 53.47 95.28
N UNK MB 137 110.22 54.39 94.37
CA UNK MB 137 108.84 54.88 94.39
C UNK MB 137 108.14 54.91 93.04
N UNK MB 138 108.57 55.82 92.15
CA UNK MB 138 107.81 56.12 90.92
C UNK MB 138 108.74 56.84 89.95
N UNK MB 139 109.14 56.17 88.89
CA UNK MB 139 109.88 56.82 87.84
C UNK MB 139 108.92 57.24 86.74
N UNK MB 140 109.46 57.81 85.67
CA UNK MB 140 108.70 58.04 84.46
C UNK MB 140 109.38 57.51 83.21
N UNK MB 141 110.70 57.37 83.22
CA UNK MB 141 111.41 56.60 82.21
C UNK MB 141 112.61 55.98 82.91
N UNK MB 142 112.55 54.68 83.18
CA UNK MB 142 113.65 53.99 83.84
C UNK MB 142 114.48 53.28 82.80
N UNK MB 143 115.80 53.35 82.96
CA UNK MB 143 116.74 52.70 82.04
C UNK MB 143 117.85 52.13 82.90
N UNK MB 144 117.74 50.84 83.19
CA UNK MB 144 118.73 50.15 84.01
C UNK MB 144 119.55 49.25 83.11
N UNK MB 145 120.81 49.61 82.93
CA UNK MB 145 121.77 48.76 82.24
C UNK MB 145 122.65 48.14 83.30
N UNK MB 146 122.41 46.86 83.57
CA UNK MB 146 123.26 46.09 84.46
C UNK MB 146 124.29 45.39 83.58
N UNK MB 147 125.44 46.02 83.39
CA UNK MB 147 126.50 45.56 82.49
C UNK MB 147 127.54 44.75 83.24
N UNK MB 148 127.08 43.84 84.09
CA UNK MB 148 127.49 43.71 85.46
C UNK MB 148 127.70 42.26 85.85
N UNK MB 149 127.62 42.00 87.15
CA UNK MB 149 127.21 40.73 87.75
C UNK MB 149 126.37 40.99 89.00
N UNK MB 150 125.49 41.99 88.92
CA UNK MB 150 124.99 42.68 90.10
C UNK MB 150 123.49 42.50 90.25
N UNK MB 151 122.92 43.23 91.20
CA UNK MB 151 121.50 43.15 91.53
C UNK MB 151 120.89 44.54 91.44
N UNK MB 152 119.70 44.63 90.84
CA UNK MB 152 118.90 45.85 90.82
C UNK MB 152 117.49 45.48 91.24
N UNK MB 153 117.25 45.42 92.54
CA UNK MB 153 115.94 45.08 93.05
C UNK MB 153 115.06 46.31 93.03
N UNK MB 154 113.78 46.12 92.68
CA UNK MB 154 112.91 47.27 92.53
C UNK MB 154 111.46 46.91 92.80
N UNK MB 155 110.81 47.80 93.55
CA UNK MB 155 109.37 47.96 93.54
C UNK MB 155 109.03 49.38 93.12
N UNK MB 156 109.75 49.87 92.11
CA UNK MB 156 109.58 51.24 91.62
C UNK MB 156 108.57 51.21 90.48
N UNK MB 157 107.46 51.93 90.64
CA UNK MB 157 106.37 51.87 89.67
C UNK MB 157 106.68 52.84 88.53
N UNK MB 158 107.57 52.43 87.63
CA UNK MB 158 107.91 53.24 86.47
C UNK MB 158 106.84 53.12 85.41
N UNK MB 159 106.57 54.22 84.73
CA UNK MB 159 105.62 54.19 83.63
C UNK MB 159 106.22 53.56 82.39
N UNK MB 160 107.49 53.82 82.13
CA UNK MB 160 108.21 53.17 81.04
C UNK MB 160 109.49 52.61 81.60
N UNK MB 161 109.85 51.41 81.18
CA UNK MB 161 111.02 50.74 81.73
C UNK MB 161 111.83 50.11 80.63
N UNK MB 162 113.14 50.23 80.72
CA UNK MB 162 114.09 49.68 79.75
C UNK MB 162 115.23 49.08 80.54
N UNK MB 163 115.20 47.76 80.70
CA UNK MB 163 116.15 47.03 81.52
C UNK MB 163 116.94 46.09 80.64
N UNK MB 164 118.25 46.25 80.62
CA UNK MB 164 119.14 45.39 79.86
C UNK MB 164 120.17 44.82 80.80
N UNK MB 165 120.14 43.50 80.98
CA UNK MB 165 121.09 42.79 81.82
C UNK MB 165 122.07 42.06 80.91
N UNK MB 166 123.37 42.18 81.20
CA UNK MB 166 124.38 41.72 80.28
C UNK MB 166 125.07 40.42 80.66
N UNK MB 167 125.33 40.17 81.96
CA UNK MB 167 126.01 38.94 82.40
C UNK MB 167 125.63 38.66 83.85
N UNK MB 168 124.74 37.68 84.06
CA UNK MB 168 124.44 37.02 85.36
C UNK MB 168 123.89 37.99 86.41
N UNK MB 169 123.19 39.01 85.96
CA UNK MB 169 122.64 40.01 86.84
C UNK MB 169 121.21 39.64 87.20
N UNK MB 170 120.64 40.37 88.15
CA UNK MB 170 119.29 40.07 88.62
C UNK MB 170 118.57 41.38 88.85
N UNK MB 171 117.59 41.69 88.01
CA UNK MB 171 116.96 43.00 88.04
C UNK MB 171 115.45 42.84 88.15
N UNK MB 172 114.91 43.22 89.29
CA UNK MB 172 113.50 43.07 89.59
C UNK MB 172 112.82 44.39 89.27
N UNK MB 173 112.08 44.43 88.16
CA UNK MB 173 111.47 45.65 87.66
C UNK MB 173 109.96 45.60 87.82
N UNK MB 174 109.33 46.76 87.65
CA UNK MB 174 107.88 46.87 87.67
C UNK MB 174 107.48 48.02 86.75
N UNK MB 175 106.82 47.70 85.65
CA UNK MB 175 106.43 48.70 84.66
C UNK MB 175 104.94 48.97 84.74
N UNK MB 176 104.54 50.19 84.41
CA UNK MB 176 103.12 50.51 84.39
C UNK MB 176 102.56 50.46 82.97
N UNK MB 177 103.18 51.17 82.04
CA UNK MB 177 102.66 51.23 80.68
C UNK MB 177 103.52 50.51 79.66
N UNK MB 178 104.84 50.67 79.71
CA UNK MB 178 105.70 50.06 78.70
C UNK MB 178 106.82 49.31 79.40
N UNK MB 179 106.95 48.03 79.11
CA UNK MB 179 108.02 47.21 79.64
C UNK MB 179 108.96 46.83 78.52
N UNK MB 180 110.25 46.99 78.75
CA UNK MB 180 111.26 46.79 77.74
C UNK MB 180 112.39 46.01 78.39
N UNK MB 181 112.66 44.81 77.91
CA UNK MB 181 113.60 43.96 78.61
C UNK MB 181 114.49 43.26 77.61
N UNK MB 182 115.79 43.28 77.87
CA UNK MB 182 116.73 42.44 77.15
C UNK MB 182 117.63 41.79 78.18
N UNK MB 183 117.76 40.49 78.10
CA UNK MB 183 118.57 39.78 79.08
C UNK MB 183 119.63 38.96 78.37
N UNK MB 184 120.79 38.81 79.02
CA UNK MB 184 121.86 37.98 78.47
C UNK MB 184 122.52 37.23 79.63
N UNK MB 185 122.36 35.91 79.64
CA UNK MB 185 122.83 34.94 80.66
C UNK MB 185 122.39 35.29 82.09
N UNK MB 186 121.21 35.90 82.25
CA UNK MB 186 120.87 36.63 83.46
C UNK MB 186 119.40 36.41 83.77
N UNK MB 187 118.87 37.24 84.66
CA UNK MB 187 117.47 37.15 85.06
C UNK MB 187 116.86 38.54 85.21
N UNK MB 188 115.64 38.70 84.73
CA UNK MB 188 114.87 39.92 84.89
C UNK MB 188 113.48 39.53 85.38
N UNK MB 189 113.20 39.81 86.64
CA UNK MB 189 111.95 39.40 87.28
C UNK MB 189 110.92 40.51 87.15
N UNK MB 190 109.87 40.27 86.38
CA UNK MB 190 108.84 41.27 86.10
C UNK MB 190 107.75 41.14 87.15
N UNK MB 191 107.83 41.96 88.20
CA UNK MB 191 106.93 41.85 89.33
C UNK MB 191 105.62 42.62 89.14
N UNK MB 192 105.40 43.26 88.00
CA UNK MB 192 104.12 43.86 87.69
C UNK MB 192 103.87 43.73 86.20
N UNK MB 193 102.61 43.75 85.81
CA UNK MB 193 102.25 43.55 84.41
C UNK MB 193 102.02 44.91 83.77
N UNK MB 194 102.76 45.20 82.71
CA UNK MB 194 102.64 46.48 82.04
C UNK MB 194 101.43 46.48 81.12
N UNK MB 195 101.14 47.65 80.56
CA UNK MB 195 100.12 47.73 79.52
C UNK MB 195 100.62 47.11 78.22
N UNK MB 196 101.92 47.22 77.96
CA UNK MB 196 102.51 46.52 76.82
C UNK MB 196 103.91 46.08 77.23
N UNK MB 197 104.14 44.77 77.22
CA UNK MB 197 105.42 44.18 77.63
C UNK MB 197 106.15 43.65 76.42
N UNK MB 198 107.47 43.83 76.42
CA UNK MB 198 108.29 43.32 75.33
C UNK MB 198 109.64 42.92 75.88
N UNK MB 199 109.97 41.65 75.74
CA UNK MB 199 111.15 41.10 76.37
C UNK MB 199 111.87 40.19 75.39
N UNK MB 200 113.12 40.50 75.10
CA UNK MB 200 113.99 39.65 74.32
C UNK MB 200 115.03 39.03 75.23
N UNK MB 201 115.14 37.71 75.15
CA UNK MB 201 116.13 36.96 75.90
C UNK MB 201 117.22 36.49 74.96
N UNK MB 202 118.45 36.60 75.42
CA UNK MB 202 119.64 36.17 74.70
C UNK MB 202 119.98 34.74 75.09
N UNK MB 203 121.22 34.34 74.86
CA UNK MB 203 121.75 33.04 75.28
C UNK MB 203 121.71 32.88 76.79
N UNK MB 204 120.99 31.83 77.22
CA UNK MB 204 120.90 31.33 78.60
C UNK MB 204 120.28 32.33 79.56
N UNK MB 205 119.32 33.10 79.07
CA UNK MB 205 118.79 34.25 79.79
C UNK MB 205 117.29 34.09 80.04
N UNK MB 206 116.81 34.61 81.15
CA UNK MB 206 115.45 34.34 81.60
C UNK MB 206 114.76 35.62 82.07
N UNK MB 207 113.96 36.23 81.21
CA UNK MB 207 113.13 37.35 81.61
C UNK MB 207 111.76 36.79 81.99
N UNK MB 208 111.69 36.15 83.14
CA UNK MB 208 110.46 35.53 83.60
C UNK MB 208 109.69 36.52 84.46
N UNK MB 209 108.37 36.46 84.41
CA UNK MB 209 107.53 37.39 85.16
C UNK MB 209 107.14 36.72 86.46
N UNK MB 210 107.85 37.07 87.53
CA UNK MB 210 107.66 36.45 88.84
C UNK MB 210 106.66 37.22 89.69
N UNK MB 211 105.48 37.46 89.13
CA UNK MB 211 104.40 38.09 89.86
C UNK MB 211 103.78 37.08 90.82
N UNK MB 212 103.14 37.61 91.85
CA UNK MB 212 102.55 36.77 92.89
C UNK MB 212 101.26 36.18 92.36
N UNK MB 213 101.35 34.97 91.81
CA UNK MB 213 100.17 34.17 91.49
C UNK MB 213 99.47 33.78 92.78
N UNK MB 214 98.15 33.62 92.68
CA UNK MB 214 97.17 33.88 93.75
C UNK MB 214 97.39 35.25 94.38
N UNK MB 215 97.17 36.26 93.55
CA UNK MB 215 96.89 37.58 94.11
C UNK MB 215 95.39 37.68 94.42
N UNK MB 216 94.99 38.87 94.88
CA UNK MB 216 93.56 39.12 95.08
C UNK MB 216 92.85 39.29 93.75
N UNK MB 217 93.39 40.13 92.88
CA UNK MB 217 92.97 40.19 91.49
C UNK MB 217 94.23 40.39 90.66
N UNK MB 218 94.87 39.28 90.29
CA UNK MB 218 95.97 39.34 89.34
C UNK MB 218 95.38 39.51 87.95
N UNK MB 219 95.75 40.58 87.26
CA UNK MB 219 95.22 40.82 85.92
C UNK MB 219 95.92 39.91 84.92
N UNK MB 220 95.15 39.39 83.98
CA UNK MB 220 95.71 38.47 83.01
C UNK MB 220 96.36 39.21 81.86
N UNK MB 221 97.17 38.47 81.10
CA UNK MB 221 97.80 39.00 79.91
C UNK MB 221 96.75 39.14 78.82
N UNK MB 222 96.54 40.35 78.33
CA UNK MB 222 95.50 40.63 77.35
C UNK MB 222 96.01 40.35 75.94
N UNK MB 223 95.25 40.78 74.93
CA UNK MB 223 95.69 40.60 73.54
C UNK MB 223 96.80 41.55 73.16
N UNK MB 224 96.94 42.67 73.86
CA UNK MB 224 98.01 43.61 73.61
C UNK MB 224 99.28 43.31 74.39
N UNK MB 225 99.23 42.44 75.41
CA UNK MB 225 100.39 42.23 76.26
C UNK MB 225 100.87 40.79 76.30
N UNK MB 226 100.26 39.88 75.53
CA UNK MB 226 100.67 38.48 75.57
C UNK MB 226 101.87 38.29 74.67
N UNK MB 227 103.06 38.43 75.24
CA UNK MB 227 104.27 37.96 74.58
C UNK MB 227 104.59 36.57 75.09
N UNK MB 228 105.49 35.89 74.37
CA UNK MB 228 105.84 34.52 74.72
C UNK MB 228 106.81 34.47 75.90
N UNK NB 1 100.76 53.25 108.69
CA UNK NB 1 101.96 54.07 108.63
C UNK NB 1 102.25 54.52 107.20
N UNK NB 2 101.39 55.40 106.68
CA UNK NB 2 101.48 55.86 105.31
C UNK NB 2 102.33 57.12 105.21
N UNK NB 3 102.32 57.73 104.03
CA UNK NB 3 102.85 59.08 103.81
C UNK NB 3 102.02 59.66 102.67
N UNK NB 4 100.97 60.39 103.01
CA UNK NB 4 100.05 60.87 102.00
C UNK NB 4 100.60 62.11 101.32
N UNK NB 5 100.22 62.30 100.05
CA UNK NB 5 100.58 63.49 99.31
C UNK NB 5 99.39 64.42 99.24
N UNK NB 6 99.67 65.67 98.91
CA UNK NB 6 98.68 66.74 99.01
C UNK NB 6 97.85 66.92 97.75
N UNK NB 7 97.94 66.01 96.79
CA UNK NB 7 97.21 66.15 95.53
C UNK NB 7 95.84 65.49 95.68
N UNK NB 8 95.13 65.34 94.56
CA UNK NB 8 93.95 64.49 94.55
C UNK NB 8 94.37 63.03 94.61
N UNK NB 9 94.26 62.45 95.81
CA UNK NB 9 94.18 61.01 96.08
C UNK NB 9 95.46 60.22 95.75
N UNK NB 10 96.58 60.68 96.28
CA UNK NB 10 97.83 59.93 96.14
C UNK NB 10 98.51 59.76 97.50
N UNK NB 11 99.14 58.61 97.71
CA UNK NB 11 99.80 58.33 98.99
C UNK NB 11 100.93 57.34 98.78
N UNK NB 12 102.15 57.72 99.14
CA UNK NB 12 103.18 56.71 99.24
C UNK NB 12 103.05 55.97 100.56
N UNK NB 13 103.70 54.82 100.65
CA UNK NB 13 103.60 54.03 101.87
C UNK NB 13 104.90 53.27 102.08
N UNK NB 14 105.34 53.24 103.33
CA UNK NB 14 106.65 52.73 103.68
C UNK NB 14 106.56 51.54 104.63
N UNK NB 15 105.66 50.61 104.34
CA UNK NB 15 105.70 49.32 105.04
C UNK NB 15 106.87 48.49 104.54
N UNK NB 16 106.85 48.14 103.25
CA UNK NB 16 108.06 47.76 102.55
C UNK NB 16 108.36 48.75 101.43
N UNK NB 17 107.44 48.87 100.46
CA UNK NB 17 107.50 49.81 99.35
C UNK NB 17 106.14 49.94 98.68
N UNK NB 18 105.56 51.14 98.65
CA UNK NB 18 104.35 51.38 97.88
C UNK NB 18 104.26 52.85 97.48
N UNK NB 19 103.67 53.10 96.30
CA UNK NB 19 103.22 54.44 95.92
C UNK NB 19 101.83 54.30 95.32
N UNK NB 20 100.80 54.29 96.18
CA UNK NB 20 99.46 53.94 95.77
C UNK NB 20 98.58 55.18 95.66
N UNK NB 21 97.31 54.95 95.36
CA UNK NB 21 96.35 56.03 95.17
C UNK NB 21 95.14 55.81 96.06
N UNK NB 22 94.65 56.89 96.63
CA UNK NB 22 93.49 56.89 97.50
C UNK NB 22 92.23 57.17 96.66
N UNK NB 23 91.14 57.52 97.31
CA UNK NB 23 89.98 58.09 96.62
C UNK NB 23 89.79 59.57 96.90
N UNK NB 24 90.07 59.99 98.15
CA UNK NB 24 90.01 61.37 98.68
C UNK NB 24 88.64 62.01 98.51
N UNK NB 25 87.59 61.21 98.66
CA UNK NB 25 86.22 61.71 98.72
C UNK NB 25 85.42 61.12 99.88
N UNK NB 26 85.77 59.93 100.35
CA UNK NB 26 85.15 59.34 101.52
C UNK NB 26 85.96 59.56 102.79
N UNK NB 27 87.21 60.06 102.64
CA UNK NB 27 88.13 60.51 103.70
C UNK NB 27 88.49 59.39 104.69
N UNK NB 28 89.09 58.33 104.17
CA UNK NB 28 89.59 57.23 105.01
C UNK NB 28 91.08 57.43 105.27
N UNK NB 29 91.41 58.60 105.82
CA UNK NB 29 92.78 58.92 106.22
C UNK NB 29 92.96 58.64 107.71
N UNK NB 30 92.83 57.36 108.05
CA UNK NB 30 92.80 56.96 109.46
C UNK NB 30 94.19 56.84 110.04
N UNK NB 31 95.22 56.78 109.17
CA UNK NB 31 96.66 56.55 109.47
C UNK NB 31 96.90 55.27 110.26
N UNK NB 32 96.10 54.24 109.98
CA UNK NB 32 96.13 53.00 110.74
C UNK NB 32 95.66 51.90 109.82
N UNK NB 33 96.56 51.02 109.42
CA UNK NB 33 96.28 50.03 108.38
C UNK NB 33 97.22 48.86 108.56
N UNK NB 34 97.04 47.84 107.73
CA UNK NB 34 97.99 46.76 107.57
C UNK NB 34 98.45 46.85 106.12
N UNK NB 35 99.44 47.71 105.87
CA UNK NB 35 99.96 47.94 104.52
C UNK NB 35 100.91 46.81 104.15
N UNK NB 36 100.76 46.30 102.93
CA UNK NB 36 101.53 45.16 102.47
C UNK NB 36 102.03 45.42 101.07
N UNK NB 37 103.03 44.64 100.65
CA UNK NB 37 103.59 44.72 99.31
C UNK NB 37 102.94 43.74 98.36
N UNK NB 38 101.61 43.78 98.31
CA UNK NB 38 100.79 43.09 97.32
C UNK NB 38 99.64 43.98 96.91
N UNK NB 39 99.89 45.30 96.93
CA UNK NB 39 98.95 46.41 96.65
C UNK NB 39 97.73 46.36 97.56
N UNK NB 40 97.97 46.56 98.85
CA UNK NB 40 96.89 46.47 99.83
C UNK NB 40 97.15 47.47 100.95
N UNK NB 41 96.53 48.64 100.84
CA UNK NB 41 96.46 49.59 101.96
C UNK NB 41 95.11 49.36 102.62
N UNK NB 42 95.06 48.35 103.50
CA UNK NB 42 93.81 47.92 104.13
C UNK NB 42 93.58 48.74 105.38
N UNK NB 43 92.85 49.84 105.24
CA UNK NB 43 92.68 50.82 106.30
C UNK NB 43 91.56 50.43 107.25
N UNK NB 44 91.16 51.37 108.10
CA UNK NB 44 90.09 51.10 109.06
C UNK NB 44 88.73 51.10 108.39
N UNK NB 45 88.53 51.97 107.40
CA UNK NB 45 87.26 52.01 106.70
C UNK NB 45 87.21 50.95 105.60
N UNK NB 46 88.10 51.04 104.63
CA UNK NB 46 88.08 50.16 103.46
C UNK NB 46 89.53 49.82 103.09
N UNK NB 47 89.69 49.26 101.89
CA UNK NB 47 91.00 48.86 101.39
C UNK NB 47 91.34 49.66 100.14
N UNK NB 48 92.60 50.05 100.03
CA UNK NB 48 93.08 50.86 98.92
C UNK NB 48 94.27 50.17 98.28
N UNK NB 49 94.52 50.51 97.02
CA UNK NB 49 95.60 49.90 96.26
C UNK NB 49 96.20 50.94 95.31
N UNK NB 50 97.21 50.53 94.57
CA UNK NB 50 97.74 51.33 93.48
C UNK NB 50 96.73 51.30 92.34
N UNK NB 51 96.12 52.45 92.05
CA UNK NB 51 94.98 52.49 91.15
C UNK NB 51 95.44 52.47 89.69
N UNK NB 52 94.49 52.18 88.81
CA UNK NB 52 94.76 52.07 87.38
C UNK NB 52 93.62 52.63 86.56
N UNK OB 1 95.68 -1.51 56.14
CA UNK OB 1 94.88 -0.75 57.09
C UNK OB 1 95.63 -0.62 58.41
N UNK OB 2 95.33 -1.49 59.38
CA UNK OB 2 96.08 -1.52 60.62
C UNK OB 2 97.42 -2.19 60.39
N UNK OB 3 98.40 -1.43 59.91
CA UNK OB 3 99.66 -1.97 59.47
C UNK OB 3 100.77 -1.57 60.43
N UNK OB 4 101.69 -2.51 60.66
CA UNK OB 4 102.99 -2.39 61.34
C UNK OB 4 102.95 -2.10 62.82
N UNK OB 5 101.77 -1.97 63.44
CA UNK OB 5 101.68 -2.15 64.89
C UNK OB 5 101.61 -3.63 65.17
N UNK OB 6 100.54 -4.26 64.70
CA UNK OB 6 100.36 -5.69 64.56
C UNK OB 6 99.29 -5.90 63.49
N UNK OB 7 98.74 -7.11 63.41
CA UNK OB 7 97.59 -7.31 62.55
C UNK OB 7 96.31 -6.82 63.24
N UNK OB 8 95.22 -6.75 62.49
CA UNK OB 8 93.96 -6.28 63.04
C UNK OB 8 93.30 -7.39 63.83
N UNK OB 9 93.10 -7.18 65.12
CA UNK OB 9 92.51 -8.23 65.95
C UNK OB 9 90.98 -8.23 65.86
N UNK OB 10 90.35 -7.17 66.32
CA UNK OB 10 88.91 -7.10 66.34
C UNK OB 10 88.45 -5.87 65.59
N UNK OB 11 87.15 -5.74 65.38
CA UNK OB 11 86.56 -4.53 64.83
C UNK OB 11 85.65 -4.00 65.93
N UNK OB 12 86.16 -3.04 66.70
CA UNK OB 12 85.45 -2.54 67.87
C UNK OB 12 84.31 -1.64 67.44
N UNK OB 13 83.09 -2.14 67.60
CA UNK OB 13 81.91 -1.33 67.38
C UNK OB 13 81.81 -0.26 68.45
N UNK OB 14 81.24 0.88 68.04
CA UNK OB 14 81.30 2.22 68.66
C UNK OB 14 82.74 2.72 68.84
N UNK OB 15 83.63 2.33 67.94
CA UNK OB 15 85.02 2.75 67.95
C UNK OB 15 85.59 2.56 66.54
N UNK OB 16 86.91 2.65 66.45
CA UNK OB 16 87.68 2.32 65.26
C UNK OB 16 88.11 0.85 65.35
N UNK OB 17 88.91 0.40 64.40
CA UNK OB 17 89.33 -0.99 64.36
C UNK OB 17 90.44 -1.23 65.37
N UNK OB 18 90.47 -2.43 65.92
CA UNK OB 18 91.39 -2.77 67.00
C UNK OB 18 92.49 -3.65 66.46
N UNK OB 19 93.68 -3.07 66.31
CA UNK OB 19 94.85 -3.85 65.94
C UNK OB 19 95.35 -4.65 67.15
N UNK OB 20 96.23 -5.62 66.91
CA UNK OB 20 96.63 -6.53 67.98
C UNK OB 20 97.82 -6.03 68.79
N UNK OB 21 98.11 -4.73 68.76
CA UNK OB 21 98.64 -4.03 69.91
C UNK OB 21 97.65 -3.00 70.43
N UNK OB 22 97.31 -2.00 69.62
CA UNK OB 22 96.56 -0.83 70.06
C UNK OB 22 95.33 -0.60 69.18
N UNK OB 23 94.62 0.50 69.38
CA UNK OB 23 93.46 0.83 68.56
C UNK OB 23 93.91 1.59 67.33
N UNK OB 24 93.50 1.13 66.16
CA UNK OB 24 94.06 1.65 64.92
C UNK OB 24 93.38 2.94 64.53
N UNK OB 25 93.95 3.61 63.52
CA UNK OB 25 93.41 4.85 63.01
C UNK OB 25 92.38 4.63 61.92
N UNK OB 26 92.22 3.40 61.47
CA UNK OB 26 91.24 3.10 60.42
C UNK OB 26 89.90 2.83 61.08
N UNK OB 27 88.84 3.34 60.46
CA UNK OB 27 87.51 3.29 61.06
C UNK OB 27 86.83 1.97 60.75
N UNK OB 28 86.33 1.31 61.78
CA UNK OB 28 85.73 -0.01 61.60
C UNK OB 28 84.32 0.07 61.04
N UNK OB 29 83.44 0.79 61.72
CA UNK OB 29 82.04 0.86 61.36
C UNK OB 29 81.74 2.14 60.59
N UNK OB 30 80.53 2.22 60.04
CA UNK OB 30 80.07 3.47 59.46
C UNK OB 30 79.65 4.46 60.52
N UNK OB 31 79.30 3.98 61.70
CA UNK OB 31 78.80 4.80 62.78
C UNK OB 31 79.90 5.20 63.76
N UNK OB 32 81.16 5.08 63.35
CA UNK OB 32 82.27 5.57 64.16
C UNK OB 32 82.39 7.08 63.98
N UNK OB 33 83.20 7.73 64.81
CA UNK OB 33 83.22 9.19 64.86
C UNK OB 33 84.24 9.78 63.90
N UNK OB 34 84.02 9.51 62.61
CA UNK OB 34 84.79 10.15 61.55
C UNK OB 34 84.29 11.58 61.42
N UNK OB 35 85.16 12.54 61.70
CA UNK OB 35 84.79 13.95 61.81
C UNK OB 35 84.57 14.54 60.41
N UNK OB 36 83.38 14.30 59.89
CA UNK OB 36 83.01 14.81 58.58
C UNK OB 36 82.69 16.28 58.66
N UNK OB 37 83.32 17.08 57.80
CA UNK OB 37 83.07 18.50 57.78
C UNK OB 37 82.84 19.03 56.38
N UNK OB 38 82.68 18.18 55.37
CA UNK OB 38 82.35 18.61 54.02
C UNK OB 38 81.38 17.61 53.41
N UNK OB 39 80.14 18.04 53.19
CA UNK OB 39 79.14 17.19 52.59
C UNK OB 39 79.29 17.16 51.07
N UNK OB 40 78.48 16.33 50.43
CA UNK OB 40 78.32 16.37 48.98
C UNK OB 40 76.86 16.04 48.70
N UNK OB 41 76.02 17.07 48.69
CA UNK OB 41 74.59 16.87 48.53
C UNK OB 41 73.94 18.13 48.00
N UNK OB 42 72.96 17.96 47.13
CA UNK OB 42 72.10 19.05 46.74
C UNK OB 42 71.14 19.37 47.88
N UNK OB 43 71.07 20.65 48.23
CA UNK OB 43 70.26 21.24 49.32
C UNK OB 43 70.56 20.63 50.68
N UNK OB 44 71.83 20.33 50.94
CA UNK OB 44 72.28 20.00 52.28
C UNK OB 44 72.25 21.26 53.13
N UNK OB 45 71.85 21.08 54.41
CA UNK OB 45 71.69 22.06 55.49
C UNK OB 45 70.57 23.09 55.28
N UNK OB 46 69.81 22.97 54.21
CA UNK OB 46 68.37 23.12 54.22
C UNK OB 46 67.85 21.70 54.23
N UNK OB 47 66.54 21.50 54.02
CA UNK OB 47 66.07 20.13 53.93
C UNK OB 47 66.36 19.57 52.55
N UNK OB 48 66.13 18.25 52.39
CA UNK OB 48 66.67 17.48 51.28
C UNK OB 48 65.90 17.74 49.97
N UNK OB 49 66.28 17.00 48.92
CA UNK OB 49 65.68 17.17 47.61
C UNK OB 49 64.28 16.57 47.60
N UNK OB 50 63.27 17.43 47.44
CA UNK OB 50 61.87 17.00 47.37
C UNK OB 50 61.66 16.27 46.06
N UNK OB 51 61.55 14.94 46.16
CA UNK OB 51 61.81 14.03 45.04
C UNK OB 51 60.73 14.01 43.98
N UNK OB 52 59.55 14.56 44.25
CA UNK OB 52 58.40 14.38 43.36
C UNK OB 52 58.42 15.29 42.14
N UNK OB 53 59.36 16.22 42.04
CA UNK OB 53 59.38 17.14 40.91
C UNK OB 53 60.01 16.48 39.69
N UNK OB 54 59.50 16.85 38.51
CA UNK OB 54 60.13 16.54 37.23
C UNK OB 54 59.99 17.80 36.39
N UNK OB 55 60.94 18.71 36.55
CA UNK OB 55 60.89 20.03 35.93
C UNK OB 55 62.33 20.49 35.73
N UNK OB 56 62.51 21.80 35.51
CA UNK OB 56 63.86 22.34 35.38
C UNK OB 56 64.55 22.46 36.72
N UNK OB 57 63.97 23.22 37.65
CA UNK OB 57 64.61 23.54 38.91
C UNK OB 57 64.53 22.37 39.88
N UNK OB 58 65.34 22.45 40.93
CA UNK OB 58 65.41 21.41 41.95
C UNK OB 58 65.04 22.03 43.29
N UNK OB 59 63.75 22.06 43.61
CA UNK OB 59 63.28 22.63 44.85
C UNK OB 59 63.54 21.68 46.00
N UNK OB 60 63.79 22.23 47.18
CA UNK OB 60 64.13 21.39 48.32
C UNK OB 60 62.87 20.97 49.07
N UNK OB 61 63.07 20.16 50.12
CA UNK OB 61 61.95 19.78 50.97
C UNK OB 61 61.59 20.87 51.97
N UNK OB 62 62.45 21.88 52.15
CA UNK OB 62 62.08 23.10 52.83
C UNK OB 62 61.66 24.19 51.86
N UNK OB 63 61.42 23.80 50.60
CA UNK OB 63 60.82 24.62 49.51
C UNK OB 63 61.67 25.83 49.13
N UNK OB 64 62.98 25.64 49.07
CA UNK OB 64 63.87 26.61 48.46
C UNK OB 64 64.49 25.97 47.22
N UNK OB 65 64.52 26.72 46.13
CA UNK OB 65 65.05 26.23 44.86
C UNK OB 65 66.58 26.27 44.93
N UNK OB 66 67.19 25.10 44.74
CA UNK OB 66 68.64 24.98 44.77
C UNK OB 66 69.21 25.56 43.48
N UNK OB 67 69.70 26.79 43.57
CA UNK OB 67 70.25 27.44 42.39
C UNK OB 67 71.64 26.93 42.04
N UNK OB 68 72.32 26.29 42.98
CA UNK OB 68 73.62 25.72 42.70
C UNK OB 68 73.56 24.29 42.19
N UNK OB 69 72.36 23.74 41.97
CA UNK OB 69 72.26 22.38 41.47
C UNK OB 69 71.18 22.21 40.42
N UNK OB 70 70.64 23.29 39.87
CA UNK OB 70 69.62 23.19 38.85
C UNK OB 70 70.14 23.66 37.50
N LYS PB 24 113.53 48.44 40.02
CA LYS PB 24 112.59 47.53 40.64
C LYS PB 24 111.68 48.26 41.61
N PHE PB 25 110.37 48.03 41.49
CA PHE PB 25 109.38 48.69 42.34
C PHE PB 25 108.49 47.65 42.99
N LYS PB 26 108.31 47.78 44.30
CA LYS PB 26 107.51 46.84 45.07
C LYS PB 26 106.85 47.56 46.23
N LYS PB 27 105.52 47.54 46.25
CA LYS PB 27 104.76 47.84 47.45
C LYS PB 27 104.97 46.70 48.44
N PRO PB 28 105.05 46.99 49.75
CA PRO PB 28 105.58 45.98 50.73
C PRO PB 28 104.72 44.74 50.97
N PRO PB 29 103.40 44.81 51.37
CA PRO PB 29 102.79 43.55 51.83
C PRO PB 29 102.28 42.67 50.70
N ILE PB 30 103.07 41.67 50.33
CA ILE PB 30 102.65 40.72 49.32
C ILE PB 30 102.30 39.44 50.03
N ASN PB 31 101.01 39.22 50.25
CA ASN PB 31 100.53 38.03 50.93
C ASN PB 31 100.24 36.95 49.90
N ASN PB 32 99.50 35.93 50.29
CA ASN PB 32 99.11 34.89 49.37
C ASN PB 32 97.99 35.37 48.45
N PRO PB 33 97.74 34.67 47.34
CA PRO PB 33 96.51 34.92 46.59
C PRO PB 33 95.27 34.54 47.39
N SER PB 34 94.40 35.52 47.60
CA SER PB 34 93.09 35.26 48.13
C SER PB 34 92.13 34.94 47.01
N ASP PB 35 90.96 34.47 47.38
CA ASP PB 35 89.88 34.30 46.44
C ASP PB 35 88.71 35.17 46.87
N ASP PB 36 87.72 35.24 45.98
CA ASP PB 36 86.63 36.19 46.12
C ASP PB 36 85.65 35.83 47.23
N ALA PB 37 85.63 34.55 47.65
CA ALA PB 37 84.82 34.09 48.76
C ALA PB 37 85.23 34.74 50.07
N THR PB 38 86.52 34.66 50.39
CA THR PB 38 86.98 35.30 51.60
C THR PB 38 87.16 36.80 51.43
N ILE PB 39 87.19 37.31 50.17
CA ILE PB 39 87.12 38.76 49.95
C ILE PB 39 85.76 39.31 50.35
N LYS PB 40 84.66 38.76 49.82
CA LYS PB 40 83.37 39.32 50.18
C LYS PB 40 82.89 38.87 51.54
N LEU PB 41 83.45 37.77 52.06
CA LEU PB 41 83.25 37.41 53.46
C LEU PB 41 83.93 38.41 54.39
N ALA PB 42 85.10 38.92 53.99
CA ALA PB 42 85.78 39.90 54.82
C ALA PB 42 85.11 41.26 54.77
N GLU PB 43 84.62 41.67 53.60
CA GLU PB 43 83.99 42.98 53.59
C GLU PB 43 82.53 42.93 54.00
N ALA PB 44 81.96 41.75 54.22
CA ALA PB 44 80.75 41.70 55.03
C ALA PB 44 81.06 41.60 56.51
N ALA PB 45 82.20 40.98 56.84
CA ALA PB 45 82.63 40.77 58.20
C ALA PB 45 83.00 42.07 58.90
N VAL PB 46 83.57 43.01 58.14
CA VAL PB 46 83.87 44.33 58.68
C VAL PB 46 82.59 45.13 58.95
N SER PB 47 81.53 44.90 58.16
CA SER PB 47 80.26 45.58 58.34
C SER PB 47 79.49 45.06 59.52
N VAL PB 48 79.54 43.74 59.74
CA VAL PB 48 78.82 43.21 60.89
C VAL PB 48 79.64 43.44 62.16
N SER PB 49 80.97 43.61 62.01
CA SER PB 49 81.84 43.94 63.13
C SER PB 49 81.61 45.37 63.62
N ASP PB 50 81.53 46.36 62.71
CA ASP PB 50 81.39 47.69 63.25
C ASP PB 50 79.94 48.04 63.57
N SER PB 51 78.96 47.32 63.00
CA SER PB 51 77.60 47.44 63.49
C SER PB 51 77.42 46.81 64.88
N MET PB 52 78.13 45.71 65.14
CA MET PB 52 78.21 45.13 66.47
C MET PB 52 78.93 46.05 67.45
N LEU PB 53 79.90 46.81 66.95
CA LEU PB 53 80.66 47.76 67.75
C LEU PB 53 79.81 48.93 68.22
N GLU PB 54 78.96 49.46 67.33
CA GLU PB 54 78.08 50.54 67.80
C GLU PB 54 76.92 50.01 68.62
N MET PB 55 76.54 48.73 68.44
CA MET PB 55 75.53 48.12 69.32
C MET PB 55 76.05 47.95 70.74
N ALA PB 56 77.30 47.53 70.87
CA ALA PB 56 77.91 47.37 72.18
C ALA PB 56 78.22 48.71 72.84
N LYS PB 57 78.49 49.73 72.03
CA LYS PB 57 78.68 51.09 72.54
C LYS PB 57 77.37 51.67 73.07
N VAL PB 58 76.26 51.47 72.34
CA VAL PB 58 74.94 51.93 72.73
C VAL PB 58 74.42 51.21 73.99
N GLU PB 59 74.70 49.90 74.10
CA GLU PB 59 74.30 49.14 75.28
C GLU PB 59 75.14 49.49 76.50
N LYS PB 60 76.44 49.71 76.32
CA LYS PB 60 77.27 50.02 77.46
C LYS PB 60 77.20 51.47 77.87
N VAL PB 61 76.56 52.34 77.09
CA VAL PB 61 76.27 53.66 77.62
C VAL PB 61 74.80 53.84 78.05
N ILE PB 62 73.89 52.97 77.64
CA ILE PB 62 72.55 53.01 78.20
C ILE PB 62 72.46 52.24 79.51
N THR PB 63 73.42 51.37 79.80
CA THR PB 63 73.60 50.93 81.17
C THR PB 63 75.10 50.82 81.41
N PRO PB 64 75.65 51.48 82.42
CA PRO PB 64 77.00 51.17 82.84
C PRO PB 64 77.03 49.84 83.54
N PRO PB 65 78.01 48.98 83.24
CA PRO PB 65 78.11 47.71 83.97
C PRO PB 65 78.68 47.93 85.36
N SER PB 66 77.88 47.56 86.35
CA SER PB 66 78.21 47.95 87.72
C SER PB 66 79.27 47.06 88.35
N LYS PB 67 79.14 45.73 88.24
CA LYS PB 67 80.12 44.83 88.83
C LYS PB 67 80.51 43.78 87.81
N ASP PB 68 81.68 43.21 88.02
CA ASP PB 68 82.28 42.22 87.15
C ASP PB 68 81.81 40.83 87.55
N ASN PB 69 82.50 39.80 87.05
CA ASN PB 69 82.34 38.48 87.64
C ASN PB 69 83.61 38.04 88.35
N THR PB 70 84.55 38.95 88.59
CA THR PB 70 85.76 38.57 89.31
C THR PB 70 85.50 38.46 90.80
N LEU PB 71 84.44 39.09 91.29
CA LEU PB 71 84.13 38.97 92.71
C LEU PB 71 83.42 37.66 93.02
N THR PB 72 82.82 37.01 92.01
CA THR PB 72 82.27 35.68 92.21
C THR PB 72 83.14 34.57 91.65
N ILE PB 73 84.00 34.87 90.67
CA ILE PB 73 85.06 33.97 90.24
C ILE PB 73 86.39 34.66 90.55
N PRO PB 74 86.91 34.49 91.76
CA PRO PB 74 88.22 35.09 92.05
C PRO PB 74 89.36 34.21 91.58
N ASN PB 75 90.54 34.79 91.42
CA ASN PB 75 91.67 33.99 91.02
C ASN PB 75 92.23 33.24 92.22
N ALA PB 76 92.92 32.15 91.94
CA ALA PB 76 93.45 31.29 92.99
C ALA PB 76 94.69 30.59 92.50
N TYR PB 77 95.49 30.11 93.45
CA TYR PB 77 96.65 29.30 93.10
C TYR PB 77 96.15 27.94 92.70
N ASN PB 78 96.61 27.49 91.54
CA ASN PB 78 96.33 26.37 90.65
C ASN PB 78 95.06 26.63 89.81
N LEU PB 79 94.35 27.73 90.04
CA LEU PB 79 93.52 28.34 89.03
C LEU PB 79 94.31 29.32 88.17
N GLN PB 80 95.56 29.58 88.53
CA GLN PB 80 96.44 30.38 87.69
C GLN PB 80 97.26 29.54 86.72
N ALA PB 81 96.87 28.29 86.48
CA ALA PB 81 97.42 27.57 85.34
C ALA PB 81 96.78 28.07 84.06
N ARG PB 82 97.42 27.77 82.94
CA ARG PB 82 96.96 28.35 81.71
C ARG PB 82 96.35 27.29 80.81
N ALA PB 83 95.57 27.74 79.84
CA ALA PB 83 94.92 26.85 78.91
C ALA PB 83 94.63 27.61 77.63
N SER PB 84 94.48 26.85 76.55
CA SER PB 84 94.12 27.43 75.27
C SER PB 84 93.00 26.59 74.69
N VAL PB 85 91.85 27.21 74.48
CA VAL PB 85 90.58 26.50 74.31
C VAL PB 85 89.95 26.92 73.00
N ASP PB 86 89.65 25.97 72.13
CA ASP PB 86 88.56 26.20 71.20
C ASP PB 86 87.53 25.10 71.39
N TRP PB 87 86.30 25.52 71.58
CA TRP PB 87 85.26 24.63 72.06
C TRP PB 87 83.96 25.19 71.55
N SER PB 88 83.05 24.30 71.20
CA SER PB 88 81.77 24.79 70.72
C SER PB 88 80.58 23.99 71.23
N GLY PB 89 80.77 23.05 72.13
CA GLY PB 89 79.67 22.28 72.62
C GLY PB 89 78.93 22.91 73.78
N PRO PB 90 78.26 22.10 74.58
CA PRO PB 90 77.57 22.62 75.76
C PRO PB 90 78.55 22.93 76.88
N ILE PB 91 78.01 23.53 77.94
CA ILE PB 91 78.85 24.25 78.89
C ILE PB 91 79.47 23.30 79.91
N GLU PB 92 78.74 22.26 80.33
CA GLU PB 92 79.07 21.55 81.55
C GLU PB 92 80.21 20.55 81.35
N GLU PB 93 80.40 20.05 80.12
CA GLU PB 93 81.53 19.21 79.81
C GLU PB 93 82.82 20.01 79.81
N LEU PB 94 82.71 21.25 79.33
CA LEU PB 94 83.86 22.15 79.24
C LEU PB 94 84.30 22.62 80.63
N THR PB 95 83.34 23.01 81.47
CA THR PB 95 83.66 23.45 82.81
C THR PB 95 84.07 22.31 83.73
N ALA PB 96 83.59 21.09 83.45
CA ALA PB 96 84.10 19.91 84.14
C ALA PB 96 85.54 19.62 83.78
N ARG PB 97 85.93 19.90 82.53
CA ARG PB 97 87.33 19.74 82.15
C ARG PB 97 88.23 20.81 82.75
N ILE PB 98 87.73 22.04 82.88
CA ILE PB 98 88.48 23.13 83.51
C ILE PB 98 88.67 22.85 85.00
N ALA PB 99 87.63 22.33 85.65
CA ALA PB 99 87.73 22.02 87.07
C ALA PB 99 88.55 20.77 87.34
N LYS PB 100 88.54 19.81 86.39
CA LYS PB 100 89.36 18.61 86.54
C LYS PB 100 90.84 18.92 86.35
N ALA PB 101 91.18 19.85 85.46
CA ALA PB 101 92.58 20.24 85.39
C ALA PB 101 92.96 21.26 86.43
N ALA PB 102 92.00 21.94 87.03
CA ALA PB 102 92.32 22.84 88.11
C ALA PB 102 92.29 22.17 89.47
N HIS PB 103 91.96 20.86 89.51
CA HIS PB 103 91.77 20.03 90.72
C HIS PB 103 90.71 20.63 91.63
N PHE PB 104 89.64 21.09 91.02
CA PHE PB 104 88.50 21.62 91.75
C PHE PB 104 87.36 20.64 91.56
N ARG PB 105 86.66 20.34 92.65
CA ARG PB 105 85.47 19.52 92.55
C ARG PB 105 84.36 20.33 91.88
N PHE PB 106 83.79 19.75 90.83
CA PHE PB 106 82.83 20.46 90.01
C PHE PB 106 81.44 20.00 90.38
N ARG PB 107 80.62 20.93 90.82
CA ARG PB 107 79.25 20.60 91.17
C ARG PB 107 78.32 21.51 90.40
N VAL PB 108 77.17 20.97 90.06
CA VAL PB 108 76.16 21.67 89.27
C VAL PB 108 74.97 21.92 90.17
N LEU PB 109 74.47 23.14 90.16
CA LEU PB 109 73.26 23.51 90.87
C LEU PB 109 72.20 23.85 89.84
N GLY PB 110 70.98 23.40 90.07
CA GLY PB 110 69.92 23.59 89.12
C GLY PB 110 69.85 22.45 88.14
N LYS PB 111 68.64 22.13 87.69
CA LYS PB 111 68.49 21.12 86.67
C LYS PB 111 68.83 21.73 85.32
N SER PB 112 69.29 20.88 84.41
CA SER PB 112 69.65 21.38 83.09
C SER PB 112 68.42 21.62 82.25
N PRO PB 113 68.41 22.63 81.40
CA PRO PB 113 67.32 22.80 80.46
C PRO PB 113 67.45 21.77 79.35
N SER PB 114 66.31 21.48 78.72
CA SER PB 114 66.22 20.49 77.66
C SER PB 114 66.91 20.98 76.40
N VAL PB 115 66.77 22.26 76.11
CA VAL PB 115 67.62 22.92 75.14
C VAL PB 115 68.96 23.06 75.83
N PRO PB 116 70.07 22.77 75.18
CA PRO PB 116 71.36 22.99 75.82
C PRO PB 116 71.72 24.45 75.77
N VAL PB 117 72.30 24.92 76.86
CA VAL PB 117 73.06 26.16 76.83
C VAL PB 117 74.44 25.77 76.34
N LEU PB 118 74.79 26.29 75.18
CA LEU PB 118 76.03 25.94 74.54
C LEU PB 118 76.82 27.22 74.31
N ILE PB 119 78.12 27.13 74.51
CA ILE PB 119 79.01 28.26 74.34
C ILE PB 119 80.03 27.84 73.30
N SER PB 120 80.85 28.79 72.88
CA SER PB 120 81.91 28.45 71.94
C SER PB 120 83.09 29.35 72.28
N ILE PB 121 83.96 28.86 73.14
CA ILE PB 121 85.11 29.64 73.56
C ILE PB 121 86.21 29.37 72.58
N SER PB 122 86.71 30.40 71.94
CA SER PB 122 87.82 30.25 71.01
C SER PB 122 88.86 31.28 71.41
N THR PB 123 89.80 30.88 72.24
CA THR PB 123 90.89 31.75 72.62
C THR PB 123 92.17 30.95 72.82
N LYS PB 124 93.26 31.68 72.89
CA LYS PB 124 94.60 31.10 72.95
C LYS PB 124 95.33 31.72 74.12
N ASP PB 125 95.87 30.85 74.99
CA ASP PB 125 96.69 31.15 76.17
C ASP PB 125 96.00 32.07 77.18
N GLU PB 126 94.93 31.59 77.78
CA GLU PB 126 94.27 32.33 78.85
C GLU PB 126 94.51 31.63 80.17
N SER PB 127 94.32 32.38 81.25
CA SER PB 127 94.30 31.73 82.55
C SER PB 127 92.97 31.01 82.73
N LEU PB 128 92.97 30.07 83.68
CA LEU PB 128 91.82 29.21 83.91
C LEU PB 128 90.66 29.97 84.53
N ALA PB 129 90.97 30.95 85.38
CA ALA PB 129 89.94 31.80 85.95
C ALA PB 129 89.38 32.77 84.93
N GLU PB 130 90.19 33.14 83.94
CA GLU PB 130 89.70 34.03 82.90
C GLU PB 130 88.86 33.30 81.87
N ILE PB 131 89.19 32.04 81.56
CA ILE PB 131 88.29 31.32 80.68
C ILE PB 131 87.02 30.90 81.40
N LEU PB 132 87.05 30.70 82.72
CA LEU PB 132 85.80 30.53 83.47
C LEU PB 132 85.00 31.81 83.54
N ARG PB 133 85.67 32.96 83.54
CA ARG PB 133 85.01 34.25 83.54
C ARG PB 133 84.27 34.54 82.24
N ASP PB 134 84.86 34.26 81.07
CA ASP PB 134 84.03 34.49 79.89
C ASP PB 134 83.20 33.28 79.47
N ILE PB 135 83.38 32.11 80.11
CA ILE PB 135 82.34 31.09 80.06
C ILE PB 135 81.09 31.58 80.76
N ASP PB 136 81.28 32.21 81.93
CA ASP PB 136 80.20 32.82 82.71
C ASP PB 136 79.58 33.99 81.99
N TYR PB 137 80.38 34.74 81.24
CA TYR PB 137 79.83 35.81 80.43
C TYR PB 137 79.10 35.30 79.21
N GLN PB 138 79.63 34.26 78.56
CA GLN PB 138 79.07 33.78 77.30
C GLN PB 138 77.77 33.01 77.53
N ALA PB 139 77.62 32.44 78.71
CA ALA PB 139 76.29 32.05 79.19
C ALA PB 139 75.62 33.23 79.88
N GLY PB 140 75.09 34.15 79.08
CA GLY PB 140 74.40 35.28 79.65
C GLY PB 140 72.96 34.94 80.02
N LYS PB 141 72.66 35.05 81.32
CA LYS PB 141 71.36 34.82 81.97
C LYS PB 141 70.81 33.41 81.77
N LYS PB 142 71.68 32.43 81.59
CA LYS PB 142 71.22 31.06 81.45
C LYS PB 142 72.00 30.21 82.43
N ALA PB 143 73.25 30.57 82.65
CA ALA PB 143 74.10 29.79 83.52
C ALA PB 143 75.14 30.72 84.13
N SER PB 144 75.62 30.35 85.30
CA SER PB 144 76.57 31.18 86.01
C SER PB 144 77.62 30.28 86.63
N ILE PB 145 78.87 30.67 86.52
CA ILE PB 145 79.95 29.94 87.15
C ILE PB 145 80.28 30.63 88.47
N HIS PB 146 80.43 29.84 89.53
CA HIS PB 146 80.96 30.35 90.78
C HIS PB 146 82.09 29.45 91.23
N VAL PB 147 83.11 30.05 91.81
CA VAL PB 147 84.28 29.35 92.32
C VAL PB 147 84.40 29.69 93.78
N TYR PB 148 84.47 28.68 94.64
CA TYR PB 148 84.71 28.97 96.05
C TYR PB 148 86.12 28.54 96.40
N PRO PB 149 87.10 29.44 96.40
CA PRO PB 149 88.50 29.04 96.46
C PRO PB 149 89.08 28.91 97.85
N ASN PB 150 88.31 29.11 98.91
CA ASN PB 150 88.76 28.67 100.22
C ASN PB 150 88.60 27.17 100.37
N SER PB 151 87.56 26.60 99.77
CA SER PB 151 87.50 25.18 99.48
C SER PB 151 88.04 24.97 98.07
N GLN PB 152 87.78 23.83 97.45
CA GLN PB 152 88.10 23.69 96.03
C GLN PB 152 86.86 23.18 95.32
N VAL PB 153 85.90 24.08 95.06
CA VAL PB 153 84.75 23.74 94.22
C VAL PB 153 84.56 24.80 93.15
N VAL PB 154 84.24 24.33 91.96
CA VAL PB 154 83.62 25.16 90.93
C VAL PB 154 82.21 24.66 90.81
N GLU PB 155 81.24 25.51 91.09
CA GLU PB 155 79.88 25.15 90.79
C GLU PB 155 79.45 25.91 89.56
N LEU PB 156 78.55 25.27 88.82
CA LEU PB 156 77.89 25.88 87.69
C LEU PB 156 76.42 25.83 88.04
N ARG PB 157 75.76 26.98 88.03
CA ARG PB 157 74.34 27.03 88.29
C ARG PB 157 73.59 27.33 87.02
N TYR PB 158 72.61 26.50 86.71
CA TYR PB 158 71.66 26.80 85.65
C TYR PB 158 70.66 27.84 86.11
N ALA PB 159 69.87 28.33 85.16
CA ALA PB 159 68.89 29.35 85.49
C ALA PB 159 67.64 28.72 86.07
N LYS PB 160 66.68 29.56 86.45
CA LYS PB 160 65.48 29.11 87.13
C LYS PB 160 64.25 29.24 86.25
N ILE PB 161 64.39 28.97 84.96
CA ILE PB 161 63.28 29.09 84.03
C ILE PB 161 63.26 27.91 83.06
N ALA QB 58 66.17 48.33 -9.34
CA ALA QB 58 65.64 47.32 -8.43
C ALA QB 58 66.75 46.83 -7.52
N LEU QB 59 67.81 46.30 -8.13
CA LEU QB 59 68.99 45.90 -7.37
C LEU QB 59 69.76 47.12 -6.88
N LYS QB 60 69.68 48.23 -7.60
CA LYS QB 60 70.15 49.52 -7.11
C LYS QB 60 69.30 50.04 -5.95
N GLU QB 61 68.01 49.69 -5.94
CA GLU QB 61 67.13 50.15 -4.87
C GLU QB 61 67.35 49.37 -3.59
N THR QB 62 67.57 48.06 -3.68
CA THR QB 62 67.98 47.36 -2.47
C THR QB 62 69.45 47.60 -2.12
N ALA QB 63 70.27 48.09 -3.06
CA ALA QB 63 71.60 48.59 -2.73
C ALA QB 63 71.56 49.86 -1.91
N LEU QB 64 70.68 50.80 -2.25
CA LEU QB 64 70.59 52.03 -1.46
C LEU QB 64 69.88 51.80 -0.14
N SER QB 65 68.98 50.82 -0.09
CA SER QB 65 68.42 50.45 1.20
C SER QB 65 69.37 49.63 2.05
N VAL QB 66 70.36 48.98 1.44
CA VAL QB 66 71.47 48.42 2.20
C VAL QB 66 72.34 49.53 2.76
N GLY QB 67 72.60 50.57 1.95
CA GLY QB 67 73.49 51.64 2.36
C GLY QB 67 72.92 52.61 3.37
N ALA QB 68 71.59 52.70 3.44
CA ALA QB 68 70.95 53.73 4.25
C ALA QB 68 71.04 53.47 5.74
N GLN QB 69 70.78 52.23 6.16
CA GLN QB 69 70.81 51.91 7.58
C GLN QB 69 72.23 51.80 8.11
N ALA QB 70 73.15 51.38 7.24
CA ALA QB 70 74.57 51.34 7.61
C ALA QB 70 75.16 52.74 7.70
N GLY QB 71 74.71 53.64 6.82
CA GLY QB 71 75.18 55.01 6.88
C GLY QB 71 74.60 55.79 8.03
N LEU QB 72 73.35 55.51 8.40
CA LEU QB 72 72.78 56.21 9.54
C LEU QB 72 73.30 55.66 10.85
N ALA QB 73 73.68 54.38 10.88
CA ALA QB 73 74.35 53.84 12.06
C ALA QB 73 75.78 54.36 12.20
N TRP QB 74 76.47 54.56 11.07
CA TRP QB 74 77.81 55.13 11.08
C TRP QB 74 77.81 56.58 11.52
N ARG QB 75 76.86 57.36 10.98
CA ARG QB 75 76.70 58.77 11.33
C ARG QB 75 76.21 58.92 12.76
N ALA QB 76 75.43 57.95 13.24
CA ALA QB 76 75.03 57.90 14.64
C ALA QB 76 76.20 57.66 15.58
N LYS QB 77 77.15 56.81 15.19
CA LYS QB 77 78.33 56.59 16.01
C LYS QB 77 79.27 57.79 16.01
N ILE QB 78 79.35 58.48 14.86
CA ILE QB 78 80.21 59.64 14.73
C ILE QB 78 79.65 60.82 15.53
N ILE QB 79 78.33 60.98 15.53
CA ILE QB 79 77.79 62.03 16.38
C ILE QB 79 77.67 61.60 17.83
N ASP QB 80 77.77 60.30 18.14
CA ASP QB 80 77.75 59.89 19.53
C ASP QB 80 79.07 60.19 20.22
N GLU QB 81 80.21 59.86 19.60
CA GLU QB 81 81.43 60.21 20.33
C GLU QB 81 81.86 61.64 20.01
N GLN QB 82 81.24 62.28 19.02
CA GLN QB 82 81.33 63.73 18.90
C GLN QB 82 80.55 64.44 20.01
N LEU QB 83 79.44 63.86 20.46
CA LEU QB 83 78.75 64.36 21.64
C LEU QB 83 79.55 64.11 22.89
N ASN QB 84 80.19 62.94 22.97
CA ASN QB 84 80.95 62.56 24.15
C ASN QB 84 82.27 63.31 24.27
N LYS QB 85 82.78 63.84 23.16
CA LYS QB 85 83.89 64.77 23.20
C LYS QB 85 83.52 66.07 23.90
N GLN QB 86 82.28 66.52 23.76
CA GLN QB 86 81.89 67.83 24.23
C GLN QB 86 81.05 67.76 25.49
N ALA QB 87 81.26 66.72 26.30
CA ALA QB 87 80.30 66.29 27.31
C ALA QB 87 80.23 67.23 28.51
N ARG QB 88 81.33 67.86 28.88
CA ARG QB 88 81.26 68.81 29.98
C ARG QB 88 80.71 70.13 29.53
N ASN QB 89 80.90 70.46 28.25
CA ASN QB 89 80.33 71.67 27.68
C ASN QB 89 78.83 71.56 27.57
N LEU QB 90 78.32 70.37 27.27
CA LEU QB 90 76.88 70.16 27.25
C LEU QB 90 76.27 70.11 28.63
N ASP QB 91 77.05 69.68 29.63
CA ASP QB 91 76.62 69.81 31.02
C ASP QB 91 76.56 71.26 31.45
N ALA QB 92 77.47 72.09 30.94
CA ALA QB 92 77.38 73.51 31.25
C ALA QB 92 76.27 74.19 30.46
N ILE QB 93 75.96 73.68 29.28
CA ILE QB 93 74.98 74.36 28.42
C ILE QB 93 73.57 74.00 28.86
N TYR QB 94 73.26 72.72 28.93
CA TYR QB 94 71.93 72.31 29.34
C TYR QB 94 71.94 71.94 30.82
N ASP QB 95 72.17 72.97 31.62
CA ASP QB 95 72.22 72.86 33.08
C ASP QB 95 70.79 72.84 33.56
N PHE QB 96 70.17 71.67 33.54
CA PHE QB 96 68.83 71.54 34.09
C PHE QB 96 68.86 71.50 35.61
N ASN QB 97 70.00 71.08 36.17
CA ASN QB 97 70.14 70.89 37.61
C ASN QB 97 70.11 72.21 38.37
N SER QB 98 70.66 73.27 37.78
CA SER QB 98 70.59 74.59 38.37
C SER QB 98 69.38 75.37 37.89
N LEU QB 99 68.46 74.71 37.20
CA LEU QB 99 67.22 75.33 36.76
C LEU QB 99 66.01 74.80 37.50
N VAL QB 100 66.18 73.89 38.46
CA VAL QB 100 65.03 73.35 39.15
C VAL QB 100 64.55 74.33 40.22
N LEU QB 101 63.33 74.12 40.66
CA LEU QB 101 62.79 74.90 41.75
C LEU QB 101 63.10 74.18 43.05
N GLU QB 102 62.73 74.79 44.17
CA GLU QB 102 63.40 74.51 45.43
C GLU QB 102 62.90 73.26 46.14
N HIS QB 103 61.80 72.67 45.73
CA HIS QB 103 61.37 71.42 46.32
C HIS QB 103 61.59 70.29 45.33
N ASN QB 104 62.62 70.46 44.48
CA ASN QB 104 62.96 69.65 43.30
C ASN QB 104 61.77 69.47 42.37
N ILE QB 105 61.13 70.58 42.07
CA ILE QB 105 60.13 70.63 41.01
C ILE QB 105 60.84 71.02 39.74
N LEU QB 106 60.69 70.21 38.72
CA LEU QB 106 61.07 70.60 37.39
C LEU QB 106 60.09 71.66 36.90
N PRO QB 107 60.59 72.81 36.44
CA PRO QB 107 59.72 73.91 36.08
C PRO QB 107 59.07 73.65 34.72
N PRO QB 108 57.92 74.27 34.44
CA PRO QB 108 57.21 73.90 33.20
C PRO QB 108 57.75 74.66 32.00
N VAL QB 109 57.49 74.11 30.81
CA VAL QB 109 58.10 74.73 29.63
C VAL QB 109 57.08 75.70 29.04
N LEU QB 110 57.53 76.93 28.87
CA LEU QB 110 56.67 77.97 28.33
C LEU QB 110 57.10 78.27 26.93
N LEU QB 111 56.15 78.30 26.03
CA LEU QB 111 56.42 78.57 24.63
C LEU QB 111 55.87 79.94 24.29
N GLU QB 112 56.73 80.77 23.72
CA GLU QB 112 56.37 82.11 23.30
C GLU QB 112 56.10 82.10 21.81
N GLY QB 113 54.97 82.65 21.41
CA GLY QB 113 54.78 82.93 20.01
C GLY QB 113 54.41 84.37 19.83
N ARG QB 114 55.25 85.17 19.22
CA ARG QB 114 54.86 86.54 18.96
C ARG QB 114 54.28 86.63 17.57
N ASN QB 115 53.48 87.68 17.37
CA ASN QB 115 52.87 88.12 16.10
C ASN QB 115 51.98 87.04 15.48
N THR QB 116 51.09 86.48 16.29
CA THR QB 116 50.30 85.35 15.84
C THR QB 116 49.12 85.87 15.04
N LEU QB 117 48.88 85.25 13.91
CA LEU QB 117 47.69 85.53 13.13
C LEU QB 117 47.11 84.24 12.62
N ASN QB 118 45.79 84.16 12.64
CA ASN QB 118 45.07 83.02 12.08
C ASN QB 118 44.01 83.53 11.11
N LEU QB 119 44.09 83.05 9.89
CA LEU QB 119 43.11 83.31 8.85
C LEU QB 119 42.05 82.23 8.97
N ALA QB 120 40.90 82.56 9.54
CA ALA QB 120 39.94 81.49 9.81
C ALA QB 120 39.12 81.16 8.57
N ASP QB 121 38.73 82.18 7.83
CA ASP QB 121 37.93 82.03 6.64
C ASP QB 121 38.27 83.19 5.73
N ALA QB 122 37.39 83.49 4.79
CA ALA QB 122 37.50 84.70 4.00
C ALA QB 122 37.29 85.95 4.83
N GLN QB 123 36.45 85.88 5.87
CA GLN QB 123 35.93 87.09 6.49
C GLN QB 123 36.39 87.34 7.90
N SER QB 124 37.15 86.43 8.53
CA SER QB 124 37.55 86.70 9.89
C SER QB 124 38.95 86.20 10.14
N ILE QB 125 39.76 87.07 10.74
CA ILE QB 125 41.07 86.70 11.22
C ILE QB 125 41.13 87.00 12.69
N ARG QB 126 42.06 86.34 13.36
CA ARG QB 126 42.34 86.62 14.76
C ARG QB 126 43.83 86.86 14.90
N ILE QB 127 44.20 88.02 15.36
CA ILE QB 127 45.59 88.28 15.65
C ILE QB 127 45.75 88.36 17.16
N SER QB 128 46.94 88.01 17.60
CA SER QB 128 47.36 88.31 18.95
C SER QB 128 48.80 88.70 18.87
N ASP QB 129 49.21 89.58 19.77
CA ASP QB 129 50.57 90.07 19.69
C ASP QB 129 51.54 89.09 20.30
N ARG QB 130 51.19 88.48 21.43
CA ARG QB 130 51.96 87.41 22.02
C ARG QB 130 51.02 86.29 22.40
N THR QB 131 51.54 85.08 22.47
CA THR QB 131 50.88 83.96 23.13
C THR QB 131 51.91 83.28 24.00
N TYR QB 132 51.47 82.84 25.16
CA TYR QB 132 52.28 81.99 26.01
C TYR QB 132 51.54 80.70 26.26
N LYS QB 133 52.23 79.59 26.07
CA LYS QB 133 51.62 78.29 26.28
C LYS QB 133 52.44 77.50 27.28
N VAL QB 134 51.76 76.76 28.13
CA VAL QB 134 52.40 75.87 29.07
C VAL QB 134 52.32 74.46 28.52
N ALA QB 135 53.44 73.94 28.07
CA ALA QB 135 53.55 72.51 27.87
C ALA QB 135 54.36 71.98 29.04
N LYS QB 136 54.18 70.68 29.32
CA LYS QB 136 55.02 69.85 30.17
C LYS QB 136 55.10 70.38 31.61
N GLN QB 137 53.94 70.33 32.28
CA GLN QB 137 53.65 71.07 33.52
C GLN QB 137 54.55 70.64 34.67
N ALA QB 138 54.65 71.53 35.66
CA ALA QB 138 55.71 71.46 36.66
C ALA QB 138 55.50 70.34 37.64
N HIS QB 139 56.54 69.53 37.79
CA HIS QB 139 56.30 68.28 38.47
C HIS QB 139 57.53 67.90 39.24
N PHE QB 140 57.35 67.03 40.23
CA PHE QB 140 58.41 66.61 41.12
C PHE QB 140 59.37 65.70 40.36
N ILE QB 141 60.59 66.11 40.22
CA ILE QB 141 61.60 65.19 39.75
C ILE QB 141 62.49 64.83 40.92
N THR QB 142 62.98 63.59 40.91
CA THR QB 142 64.05 63.24 41.82
C THR QB 142 65.38 63.70 41.23
N THR QB 143 65.78 63.13 40.11
CA THR QB 143 67.02 63.57 39.54
C THR QB 143 66.75 64.52 38.38
N PRO QB 144 67.64 65.49 38.13
CA PRO QB 144 67.44 66.40 37.01
C PRO QB 144 67.69 65.71 35.68
N PRO QB 145 67.12 66.20 34.58
CA PRO QB 145 67.39 65.59 33.29
C PRO QB 145 68.76 66.01 32.78
N THR QB 146 69.46 65.05 32.24
CA THR QB 146 70.73 65.35 31.60
C THR QB 146 70.47 65.67 30.14
N TRP QB 147 71.53 65.99 29.40
CA TRP QB 147 71.37 66.19 27.97
C TRP QB 147 71.24 64.87 27.23
N ARG QB 148 71.71 63.77 27.83
CA ARG QB 148 71.80 62.51 27.12
C ARG QB 148 70.48 61.80 26.98
N GLN QB 149 69.43 62.21 27.69
CA GLN QB 149 68.11 61.67 27.42
C GLN QB 149 67.56 62.19 26.12
N TYR QB 150 67.94 63.40 25.76
CA TYR QB 150 67.48 63.99 24.52
C TYR QB 150 68.41 63.66 23.37
N LEU QB 151 69.71 63.88 23.54
CA LEU QB 151 70.56 64.00 22.38
C LEU QB 151 71.15 62.69 21.88
N TRP QB 152 71.02 61.62 22.62
CA TRP QB 152 71.77 60.42 22.29
C TRP QB 152 71.04 59.65 21.21
N MET QB 153 71.64 59.55 20.04
CA MET QB 153 71.09 58.66 19.04
C MET QB 153 71.59 57.26 19.27
N ASP QB 154 70.77 56.29 18.92
CA ASP QB 154 70.99 54.93 19.37
C ASP QB 154 71.90 54.21 18.41
N TYR QB 155 72.99 53.66 18.94
CA TYR QB 155 73.99 53.01 18.10
C TYR QB 155 73.85 51.51 18.22
N VAL QB 156 73.24 50.91 17.22
CA VAL QB 156 73.43 49.52 16.94
C VAL QB 156 74.37 49.42 15.74
N LYS QB 157 74.96 48.26 15.54
CA LYS QB 157 75.81 48.04 14.37
C LYS QB 157 75.11 46.94 13.59
N PRO QB 158 74.52 47.25 12.43
CA PRO QB 158 73.70 46.25 11.73
C PRO QB 158 74.56 45.26 10.97
N GLU QB 159 74.27 43.97 11.14
CA GLU QB 159 74.98 42.90 10.48
C GLU QB 159 74.17 42.29 9.35
N ALA QB 160 73.46 43.13 8.59
CA ALA QB 160 72.65 42.63 7.49
C ALA QB 160 73.18 43.20 6.18
N PRO QB 161 74.09 42.51 5.48
CA PRO QB 161 74.46 42.96 4.14
C PRO QB 161 73.40 42.59 3.12
N LYS QB 173 76.88 45.41 -8.83
CA LYS QB 173 78.30 45.71 -8.82
C LYS QB 173 78.57 47.21 -8.83
N GLU QB 174 78.59 47.77 -10.04
CA GLU QB 174 78.93 49.18 -10.24
C GLU QB 174 77.79 50.10 -9.81
N ILE QB 175 76.55 49.74 -10.17
CA ILE QB 175 75.40 50.51 -9.75
C ILE QB 175 75.05 50.22 -8.32
N TRP QB 176 75.44 49.03 -7.82
CA TRP QB 176 75.41 48.72 -6.39
C TRP QB 176 76.30 49.66 -5.61
N CYS QB 177 77.51 49.95 -6.12
CA CYS QB 177 78.45 50.81 -5.43
C CYS QB 177 78.01 52.27 -5.44
N ILE QB 178 77.55 52.75 -6.60
CA ILE QB 178 77.20 54.18 -6.65
C ILE QB 178 75.82 54.45 -6.03
N TYR QB 179 74.90 53.46 -6.06
CA TYR QB 179 73.67 53.64 -5.33
C TYR QB 179 73.82 53.36 -3.84
N THR QB 180 74.81 52.56 -3.42
CA THR QB 180 74.97 52.37 -1.98
C THR QB 180 75.70 53.54 -1.36
N GLU QB 181 76.44 54.34 -2.16
CA GLU QB 181 76.96 55.55 -1.57
C GLU QB 181 75.99 56.72 -1.68
N ARG QB 182 75.05 56.67 -2.63
CA ARG QB 182 73.90 57.57 -2.56
C ARG QB 182 73.00 57.25 -1.37
N GLY QB 183 72.87 55.95 -1.06
CA GLY QB 183 72.16 55.54 0.14
C GLY QB 183 72.90 55.87 1.41
N TRP QB 184 74.24 55.86 1.37
CA TRP QB 184 75.07 56.25 2.50
C TRP QB 184 74.94 57.75 2.77
N LYS QB 185 74.79 58.56 1.72
CA LYS QB 185 74.55 59.98 1.93
C LYS QB 185 73.13 60.26 2.40
N ASN QB 186 72.17 59.43 2.00
CA ASN QB 186 70.81 59.58 2.52
C ASN QB 186 70.69 59.11 3.96
N GLY QB 187 71.50 58.12 4.35
CA GLY QB 187 71.54 57.71 5.73
C GLY QB 187 72.23 58.73 6.61
N ILE QB 188 73.23 59.43 6.05
CA ILE QB 188 73.94 60.47 6.77
C ILE QB 188 73.05 61.69 6.99
N ASP QB 189 72.28 62.11 5.98
CA ASP QB 189 71.42 63.26 6.23
C ASP QB 189 70.13 62.90 6.97
N GLN QB 190 69.74 61.62 6.97
CA GLN QB 190 68.59 61.23 7.79
C GLN QB 190 68.97 61.14 9.26
N ALA QB 191 70.21 60.73 9.55
CA ALA QB 191 70.73 60.79 10.91
C ALA QB 191 70.97 62.23 11.37
N ASN QB 192 71.33 63.12 10.44
CA ASN QB 192 71.45 64.53 10.80
C ASN QB 192 70.09 65.18 11.02
N THR QB 193 69.05 64.69 10.35
CA THR QB 193 67.69 65.12 10.60
C THR QB 193 67.21 64.71 11.99
N ILE QB 194 67.57 63.50 12.44
CA ILE QB 194 67.19 63.06 13.79
C ILE QB 194 67.98 63.82 14.87
N LEU QB 195 69.25 64.16 14.58
CA LEU QB 195 70.03 65.00 15.48
C LEU QB 195 69.53 66.44 15.55
N GLU QB 196 69.04 66.97 14.43
CA GLU QB 196 68.46 68.30 14.38
C GLU QB 196 67.15 68.37 15.16
N GLU QB 197 66.37 67.29 15.12
CA GLU QB 197 65.15 67.24 15.93
C GLU QB 197 65.44 67.04 17.40
N ASN QB 198 66.53 66.35 17.74
CA ASN QB 198 66.87 66.15 19.14
C ASN QB 198 67.43 67.40 19.79
N ILE QB 199 68.26 68.14 19.04
CA ILE QB 199 68.78 69.45 19.43
C ILE QB 199 67.66 70.46 19.56
N ALA QB 200 66.66 70.34 18.69
CA ALA QB 200 65.47 71.15 18.75
C ALA QB 200 64.61 70.86 19.97
N ARG QB 201 64.51 69.59 20.36
CA ARG QB 201 63.67 69.21 21.48
C ARG QB 201 64.28 69.61 22.81
N ILE QB 202 65.61 69.50 22.91
CA ILE QB 202 66.26 69.95 24.15
C ILE QB 202 66.34 71.48 24.20
N LYS QB 203 66.37 72.15 23.04
CA LYS QB 203 66.31 73.60 22.99
C LYS QB 203 64.93 74.11 23.36
N GLU QB 204 63.90 73.33 23.03
CA GLU QB 204 62.54 73.68 23.37
C GLU QB 204 62.27 73.54 24.85
N ASP QB 205 62.76 72.44 25.47
CA ASP QB 205 62.55 72.25 26.90
C ASP QB 205 63.40 73.19 27.75
N PHE QB 206 64.63 73.46 27.31
CA PHE QB 206 65.51 74.33 28.07
C PHE QB 206 65.12 75.80 27.94
N GLY QB 207 64.75 76.25 26.74
CA GLY QB 207 64.24 77.60 26.58
C GLY QB 207 62.87 77.79 27.16
N GLY QB 208 62.09 76.71 27.28
CA GLY QB 208 60.85 76.77 28.04
C GLY QB 208 61.04 76.97 29.51
N MET QB 209 62.08 76.35 30.10
CA MET QB 209 62.31 76.58 31.52
C MET QB 209 62.96 77.92 31.80
N ILE QB 210 63.75 78.43 30.85
CA ILE QB 210 64.27 79.80 30.93
C ILE QB 210 63.15 80.80 30.80
N LEU QB 211 62.17 80.50 29.95
CA LEU QB 211 61.00 81.36 29.79
C LEU QB 211 60.08 81.28 30.98
N TYR QB 212 60.07 80.15 31.71
CA TYR QB 212 59.37 80.09 32.99
C TYR QB 212 59.99 81.02 34.01
N ARG QB 213 61.31 80.99 34.14
CA ARG QB 213 61.93 81.82 35.18
C ARG QB 213 61.93 83.31 34.79
N LYS QB 214 61.88 83.59 33.49
CA LYS QB 214 61.72 84.97 33.03
C LYS QB 214 60.31 85.49 33.26
N LEU QB 215 59.29 84.68 32.97
CA LEU QB 215 57.94 85.16 33.21
C LEU QB 215 57.52 85.06 34.67
N LEU QB 216 58.21 84.25 35.46
CA LEU QB 216 58.01 84.29 36.91
C LEU QB 216 58.65 85.55 37.49
N ALA QB 217 59.78 85.97 36.91
CA ALA QB 217 60.40 87.22 37.30
C ALA QB 217 59.59 88.42 36.81
N MET QB 218 58.89 88.28 35.71
CA MET QB 218 58.01 89.32 35.20
C MET QB 218 56.59 89.22 35.74
N ASN QB 219 56.34 88.24 36.62
CA ASN QB 219 55.06 87.93 37.26
C ASN QB 219 53.97 87.62 36.25
N MET QB 220 54.32 86.90 35.20
CA MET QB 220 53.30 86.42 34.28
C MET QB 220 52.84 85.01 34.59
N VAL QB 221 53.57 84.25 35.40
CA VAL QB 221 53.14 82.92 35.78
C VAL QB 221 53.38 82.74 37.27
N SER QB 222 52.39 82.15 37.96
CA SER QB 222 52.42 81.90 39.38
C SER QB 222 53.46 80.82 39.72
N PRO QB 223 54.15 80.94 40.86
CA PRO QB 223 55.07 79.89 41.28
C PRO QB 223 54.29 78.71 41.84
N PRO QB 224 54.86 77.49 41.85
CA PRO QB 224 54.12 76.38 42.42
C PRO QB 224 54.15 76.41 43.94
N TYR QB 225 53.06 75.93 44.52
CA TYR QB 225 52.87 75.99 45.96
C TYR QB 225 52.93 74.56 46.46
N VAL QB 226 53.98 74.26 47.20
CA VAL QB 226 54.07 72.97 47.86
C VAL QB 226 53.40 73.05 49.22
N SER QB 227 53.16 71.89 49.78
CA SER QB 227 52.46 71.74 51.04
C SER QB 227 53.08 70.52 51.69
N HIS QB 228 53.97 70.76 52.65
CA HIS QB 228 54.60 69.67 53.37
C HIS QB 228 53.81 69.44 54.63
N THR QB 229 52.84 68.55 54.57
CA THR QB 229 52.14 68.12 55.77
C THR QB 229 53.06 67.17 56.51
N ASP QB 230 53.33 67.49 57.76
CA ASP QB 230 54.21 66.70 58.59
C ASP QB 230 53.40 65.72 59.41
N LEU QB 231 53.83 64.47 59.39
CA LEU QB 231 53.35 63.44 60.28
C LEU QB 231 54.55 62.98 61.09
N GLY QB 232 54.31 62.66 62.34
CA GLY QB 232 55.40 62.30 63.21
C GLY QB 232 55.81 60.86 63.08
N VAL QB 233 55.89 60.21 64.20
CA VAL QB 233 56.16 58.78 64.24
C VAL QB 233 54.90 58.00 63.89
N THR QB 234 54.85 57.51 62.66
CA THR QB 234 53.67 56.83 62.15
C THR QB 234 53.92 55.33 62.10
N GLY QB 235 52.90 54.62 61.65
CA GLY QB 235 52.99 53.19 61.45
C GLY QB 235 52.61 52.43 62.71
N ASP QB 236 52.50 51.13 62.53
CA ASP QB 236 52.09 50.21 63.57
C ASP QB 236 53.32 49.69 64.30
N GLY QB 237 53.17 48.60 65.05
CA GLY QB 237 54.31 47.95 65.66
C GLY QB 237 55.23 47.25 64.69
N SER QB 238 54.75 46.87 63.52
CA SER QB 238 55.56 46.15 62.57
C SER QB 238 56.42 47.06 61.70
N GLU QB 239 56.02 48.31 61.51
CA GLU QB 239 56.82 49.25 60.71
C GLU QB 239 56.63 50.62 61.32
N ILE QB 240 57.72 51.34 61.53
CA ILE QB 240 57.57 52.75 61.83
C ILE QB 240 58.36 53.56 60.83
N HIS QB 241 57.85 54.75 60.58
CA HIS QB 241 58.59 55.82 59.95
C HIS QB 241 58.71 56.93 60.97
N ILE QB 242 59.91 57.47 61.13
CA ILE QB 242 60.19 58.32 62.27
C ILE QB 242 59.71 59.74 61.98
N ASP QB 243 60.12 60.30 60.85
CA ASP QB 243 59.66 61.63 60.47
C ASP QB 243 59.08 61.51 59.08
N ASP QB 244 57.76 61.48 58.99
CA ASP QB 244 57.05 61.20 57.75
C ASP QB 244 56.51 62.52 57.22
N ARG QB 245 57.26 63.16 56.34
CA ARG QB 245 56.76 64.36 55.70
C ARG QB 245 56.18 63.97 54.35
N VAL QB 246 54.95 64.35 54.07
CA VAL QB 246 54.38 64.13 52.76
C VAL QB 246 54.22 65.49 52.10
N LEU QB 247 54.82 65.64 50.92
CA LEU QB 247 54.94 66.91 50.25
C LEU QB 247 54.10 66.85 48.99
N ARG QB 248 53.20 67.81 48.83
CA ARG QB 248 52.36 67.86 47.66
C ARG QB 248 52.53 69.19 46.96
N ILE QB 249 52.17 69.21 45.69
CA ILE QB 249 51.94 70.46 44.99
C ILE QB 249 50.45 70.69 45.02
N THR QB 250 50.04 71.76 45.70
CA THR QB 250 48.64 72.13 45.72
C THR QB 250 48.29 72.97 44.52
N ALA QB 251 49.10 73.98 44.24
CA ALA QB 251 48.85 74.91 43.15
C ALA QB 251 49.89 74.68 42.07
N LEU QB 252 49.44 74.37 40.89
CA LEU QB 252 50.32 74.27 39.75
C LEU QB 252 50.69 75.67 39.26
N PRO QB 253 51.80 75.81 38.53
CA PRO QB 253 52.08 77.07 37.87
C PRO QB 253 51.13 77.31 36.72
N GLU QB 254 50.62 78.51 36.65
CA GLU QB 254 49.71 78.88 35.60
C GLU QB 254 49.90 80.37 35.33
N LEU QB 255 49.61 80.75 34.10
CA LEU QB 255 49.82 82.13 33.68
C LEU QB 255 48.70 82.99 34.24
N ASN QB 256 49.07 84.05 34.95
CA ASN QB 256 48.03 84.90 35.54
C ASN QB 256 47.47 85.81 34.47
N VAL QB 257 46.15 85.82 34.37
CA VAL QB 257 45.48 86.54 33.31
C VAL QB 257 44.92 87.87 33.78
N ASN QB 258 45.03 88.17 35.06
CA ASN QB 258 44.86 89.56 35.49
C ASN QB 258 46.15 90.24 35.08
N SER QB 259 46.04 91.23 34.21
CA SER QB 259 47.22 91.66 33.48
C SER QB 259 47.96 92.77 34.18
N ALA QB 260 47.36 93.38 35.19
CA ALA QB 260 47.93 94.58 35.78
C ALA QB 260 49.04 94.30 36.78
N GLU QB 261 49.31 93.04 37.09
CA GLU QB 261 50.33 92.67 38.05
C GLU QB 261 51.64 92.33 37.40
N TRP QB 262 51.81 92.68 36.13
CA TRP QB 262 52.98 92.25 35.39
C TRP QB 262 54.12 93.22 35.64
N ARG QB 263 55.34 92.76 35.39
CA ARG QB 263 56.54 93.50 35.79
C ARG QB 263 57.39 93.78 34.57
N ALA QB 264 57.41 95.03 34.12
CA ALA QB 264 58.21 95.43 32.97
C ALA QB 264 59.64 95.66 33.41
N ALA QB 265 60.56 94.85 32.87
CA ALA QB 265 61.95 94.98 33.27
C ALA QB 265 62.75 95.82 32.29
N VAL QB 266 63.06 97.04 32.69
CA VAL QB 266 63.94 97.89 31.91
C VAL QB 266 65.39 97.52 32.19
N ALA QB 267 66.32 98.07 31.41
CA ALA QB 267 67.73 97.81 31.67
C ALA QB 267 68.53 99.07 31.43
N LYS QB 268 69.84 98.95 31.49
CA LYS QB 268 70.76 100.06 31.23
C LYS QB 268 72.10 99.56 30.72
N PHE RB 25 109.64 71.78 24.15
CA PHE RB 25 108.44 71.95 23.34
C PHE RB 25 107.16 71.56 24.11
N LYS RB 26 106.16 72.42 24.02
CA LYS RB 26 104.91 72.18 24.70
C LYS RB 26 103.86 71.73 23.71
N LYS RB 27 102.66 71.51 24.20
CA LYS RB 27 101.57 70.99 23.41
C LYS RB 27 100.38 71.91 23.49
N PRO RB 28 99.46 71.81 22.53
CA PRO RB 28 98.11 72.34 22.76
C PRO RB 28 97.36 71.46 23.72
N PRO RB 29 96.30 71.96 24.36
CA PRO RB 29 95.47 71.13 25.24
C PRO RB 29 94.71 70.04 24.49
N ILE RB 30 94.32 69.02 25.25
CA ILE RB 30 93.90 67.74 24.70
C ILE RB 30 92.53 67.82 24.06
N ASN RB 31 91.51 68.12 24.85
CA ASN RB 31 90.22 68.48 24.31
C ASN RB 31 90.08 70.00 24.25
N ASN RB 32 90.98 70.60 23.53
CA ASN RB 32 90.93 72.02 23.30
C ASN RB 32 89.89 72.32 22.22
N PRO RB 33 89.18 73.42 22.33
CA PRO RB 33 88.41 73.89 21.19
C PRO RB 33 89.30 74.47 20.10
N SER RB 34 89.83 73.60 19.25
CA SER RB 34 90.68 74.04 18.15
C SER RB 34 89.94 73.91 16.83
N ASP RB 35 88.65 74.16 16.85
CA ASP RB 35 87.77 73.70 15.79
C ASP RB 35 86.55 74.60 15.76
N ASP RB 36 86.28 75.16 14.57
CA ASP RB 36 85.51 76.40 14.34
C ASP RB 36 84.07 76.36 14.82
N ALA RB 37 83.49 75.18 14.96
CA ALA RB 37 82.23 75.03 15.66
C ALA RB 37 82.42 74.90 17.16
N THR RB 38 83.47 74.21 17.58
CA THR RB 38 83.62 73.89 18.99
C THR RB 38 84.12 75.04 19.82
N ILE RB 39 84.81 76.02 19.20
CA ILE RB 39 85.15 77.25 19.94
C ILE RB 39 83.90 78.05 20.25
N LYS RB 40 82.96 78.13 19.30
CA LYS RB 40 81.71 78.83 19.49
C LYS RB 40 80.81 78.12 20.48
N LEU RB 41 80.86 76.77 20.46
CA LEU RB 41 80.14 75.95 21.42
C LEU RB 41 80.66 76.12 22.84
N ALA RB 42 81.97 76.15 23.00
CA ALA RB 42 82.51 76.24 24.35
C ALA RB 42 82.51 77.65 24.90
N GLU RB 43 82.58 78.69 24.05
CA GLU RB 43 82.40 80.02 24.60
C GLU RB 43 80.94 80.36 24.83
N ALA RB 44 80.03 79.65 24.14
CA ALA RB 44 78.63 79.68 24.53
C ALA RB 44 78.41 79.00 25.86
N ALA RB 45 79.21 77.96 26.16
CA ALA RB 45 79.14 77.29 27.44
C ALA RB 45 79.66 78.14 28.59
N VAL RB 46 80.72 78.94 28.37
CA VAL RB 46 81.20 79.77 29.48
C VAL RB 46 80.27 80.98 29.66
N SER RB 47 79.59 81.42 28.57
CA SER RB 47 78.53 82.40 28.66
C SER RB 47 77.30 81.94 29.41
N VAL RB 48 76.88 80.70 29.20
CA VAL RB 48 75.68 80.26 29.87
C VAL RB 48 75.98 79.85 31.32
N SER RB 49 77.24 79.52 31.64
CA SER RB 49 77.54 79.20 33.04
C SER RB 49 77.76 80.44 33.88
N ASP RB 50 78.34 81.53 33.33
CA ASP RB 50 78.44 82.72 34.17
C ASP RB 50 77.12 83.48 34.20
N SER RB 51 76.27 83.28 33.19
CA SER RB 51 74.90 83.78 33.27
C SER RB 51 74.06 83.04 34.29
N MET RB 52 74.28 81.72 34.41
CA MET RB 52 73.69 80.91 35.48
C MET RB 52 74.19 81.33 36.85
N LEU RB 53 75.48 81.73 36.91
CA LEU RB 53 76.08 82.20 38.14
C LEU RB 53 75.50 83.53 38.61
N GLU RB 54 75.28 84.48 37.70
CA GLU RB 54 74.62 85.71 38.14
C GLU RB 54 73.12 85.56 38.37
N MET RB 55 72.47 84.56 37.74
CA MET RB 55 71.09 84.23 38.06
C MET RB 55 70.97 83.68 39.48
N ALA RB 56 71.88 82.78 39.85
CA ALA RB 56 71.85 82.19 41.17
C ALA RB 56 72.37 83.14 42.22
N LYS RB 57 73.23 84.10 41.81
CA LYS RB 57 73.65 85.21 42.64
C LYS RB 57 72.49 86.09 43.01
N VAL RB 58 71.64 86.42 42.05
CA VAL RB 58 70.61 87.38 42.33
C VAL RB 58 69.37 86.74 42.93
N GLU RB 59 69.22 85.41 42.85
CA GLU RB 59 68.12 84.81 43.59
C GLU RB 59 68.56 84.04 44.82
N LYS RB 60 69.85 84.03 45.12
CA LYS RB 60 70.36 83.41 46.34
C LYS RB 60 69.98 84.28 47.52
N VAL RB 61 69.17 83.75 48.42
CA VAL RB 61 68.93 84.40 49.69
C VAL RB 61 70.04 83.99 50.64
N ILE RB 62 70.77 84.96 51.16
CA ILE RB 62 71.78 84.70 52.16
C ILE RB 62 71.24 85.18 53.49
N THR RB 63 71.95 84.85 54.56
CA THR RB 63 71.74 85.52 55.81
C THR RB 63 73.09 86.07 56.25
N PRO RB 64 73.13 87.29 56.79
CA PRO RB 64 74.38 87.79 57.37
C PRO RB 64 74.71 87.06 58.63
N PRO RB 65 76.01 86.83 58.92
CA PRO RB 65 76.38 85.98 60.06
C PRO RB 65 76.26 86.66 61.41
N SER RB 66 76.08 87.97 61.44
CA SER RB 66 75.74 88.68 62.66
C SER RB 66 74.25 88.62 62.97
N LYS RB 67 73.44 88.22 62.00
CA LYS RB 67 72.00 88.17 62.16
C LYS RB 67 71.48 86.83 61.63
N ASP RB 68 72.09 85.74 62.09
CA ASP RB 68 71.86 84.46 61.44
C ASP RB 68 71.05 83.49 62.26
N ASN RB 69 70.78 83.82 63.55
CA ASN RB 69 69.80 83.24 64.47
C ASN RB 69 70.16 81.84 64.99
N THR RB 70 71.26 81.25 64.52
CA THR RB 70 71.66 79.93 64.95
C THR RB 70 72.50 80.01 66.22
N LEU RB 71 72.71 78.86 66.83
CA LEU RB 71 73.48 78.81 68.07
C LEU RB 71 74.97 78.86 67.78
N THR RB 72 75.68 79.69 68.53
CA THR RB 72 77.12 79.72 68.49
C THR RB 72 77.70 78.60 69.35
N ILE RB 73 79.01 78.44 69.31
CA ILE RB 73 79.70 77.44 70.12
C ILE RB 73 79.91 78.02 71.51
N PRO RB 74 79.41 77.37 72.57
CA PRO RB 74 79.46 77.97 73.90
C PRO RB 74 80.78 77.78 74.64
N ASN RB 75 81.78 77.14 74.01
CA ASN RB 75 83.21 77.02 74.36
C ASN RB 75 83.50 76.48 75.77
N ALA RB 76 82.58 75.74 76.39
CA ALA RB 76 82.85 75.15 77.69
C ALA RB 76 83.71 73.90 77.53
N TYR RB 77 84.54 73.64 78.55
CA TYR RB 77 85.48 72.53 78.52
C TYR RB 77 84.77 71.19 78.67
N ASN RB 78 83.61 71.19 79.32
CA ASN RB 78 82.73 70.03 79.27
C ASN RB 78 82.07 69.90 77.91
N LEU RB 79 81.86 71.02 77.22
CA LEU RB 79 81.25 70.94 75.90
C LEU RB 79 82.25 70.66 74.78
N GLN RB 80 83.54 70.61 75.09
CA GLN RB 80 84.54 70.24 74.09
C GLN RB 80 84.90 68.77 74.13
N ALA RB 81 83.97 67.88 74.46
CA ALA RB 81 84.24 66.46 74.44
C ALA RB 81 83.81 65.85 73.12
N ARG RB 82 84.64 64.96 72.59
CA ARG RB 82 84.30 64.27 71.35
C ARG RB 82 83.31 63.16 71.66
N ALA RB 83 82.06 63.35 71.25
CA ALA RB 83 80.98 62.42 71.53
C ALA RB 83 80.60 61.71 70.25
N SER RB 84 79.61 60.83 70.35
CA SER RB 84 79.21 59.98 69.24
C SER RB 84 77.80 59.48 69.45
N VAL RB 85 76.88 59.85 68.57
CA VAL RB 85 75.50 59.43 68.70
C VAL RB 85 74.86 59.29 67.32
N ASP RB 86 74.15 58.18 67.11
CA ASP RB 86 73.19 58.03 66.03
C ASP RB 86 71.85 58.03 66.71
N TRP RB 87 71.10 59.12 66.60
CA TRP RB 87 69.77 59.15 67.16
C TRP RB 87 68.87 60.03 66.33
N SER RB 88 67.64 59.60 66.14
CA SER RB 88 66.69 60.41 65.40
C SER RB 88 65.34 60.24 66.07
N GLY RB 89 64.97 61.23 66.87
CA GLY RB 89 63.68 61.27 67.48
C GLY RB 89 63.43 62.67 67.99
N PRO RB 90 62.67 62.83 69.07
CA PRO RB 90 62.32 64.16 69.56
C PRO RB 90 63.49 64.85 70.25
N ILE RB 91 63.41 66.18 70.32
CA ILE RB 91 64.57 67.01 70.57
C ILE RB 91 64.98 66.98 72.04
N GLU RB 92 63.99 66.86 72.94
CA GLU RB 92 64.14 67.03 74.37
C GLU RB 92 64.91 65.89 75.01
N GLU RB 93 64.86 64.72 74.41
CA GLU RB 93 65.48 63.57 75.02
C GLU RB 93 66.96 63.49 74.76
N LEU RB 94 67.40 63.78 73.53
CA LEU RB 94 68.84 63.75 73.29
C LEU RB 94 69.48 65.04 73.76
N THR RB 95 68.72 66.14 73.87
CA THR RB 95 69.32 67.30 74.54
C THR RB 95 69.43 67.12 76.04
N ALA RB 96 68.49 66.36 76.63
CA ALA RB 96 68.57 65.97 78.05
C ALA RB 96 69.77 65.08 78.30
N ARG RB 97 70.00 64.12 77.42
CA ARG RB 97 71.13 63.24 77.63
C ARG RB 97 72.44 63.84 77.14
N ILE RB 98 72.38 64.89 76.31
CA ILE RB 98 73.63 65.55 75.96
C ILE RB 98 74.02 66.52 77.07
N ALA RB 99 73.04 67.01 77.84
CA ALA RB 99 73.37 67.78 79.03
C ALA RB 99 73.87 66.88 80.15
N LYS RB 100 73.32 65.67 80.20
CA LYS RB 100 73.80 64.68 81.15
C LYS RB 100 75.18 64.15 80.78
N ALA RB 101 75.53 64.14 79.50
CA ALA RB 101 76.88 63.78 79.10
C ALA RB 101 77.86 64.92 79.36
N ALA RB 102 77.41 66.17 79.25
CA ALA RB 102 78.30 67.28 79.52
C ALA RB 102 78.18 67.83 80.93
N HIS RB 103 77.48 67.09 81.82
CA HIS RB 103 77.23 67.42 83.25
C HIS RB 103 76.52 68.76 83.43
N PHE RB 104 75.61 69.05 82.52
CA PHE RB 104 74.86 70.29 82.55
C PHE RB 104 73.44 69.97 82.99
N ARG RB 105 72.78 70.97 83.54
CA ARG RB 105 71.36 70.78 83.80
C ARG RB 105 70.59 70.98 82.51
N PHE RB 106 69.39 70.41 82.48
CA PHE RB 106 68.54 70.49 81.29
C PHE RB 106 67.21 71.08 81.69
N ARG RB 107 66.97 72.33 81.32
CA ARG RB 107 65.69 72.96 81.53
C ARG RB 107 64.91 72.94 80.22
N VAL RB 108 63.61 72.84 80.34
CA VAL RB 108 62.72 72.98 79.19
C VAL RB 108 61.77 74.13 79.49
N LEU RB 109 61.84 75.17 78.67
CA LEU RB 109 60.93 76.29 78.75
C LEU RB 109 59.96 76.21 77.58
N GLY RB 110 58.68 76.25 77.89
CA GLY RB 110 57.65 76.04 76.89
C GLY RB 110 57.06 74.65 77.03
N LYS RB 111 56.06 74.40 76.21
CA LYS RB 111 55.37 73.11 76.19
C LYS RB 111 55.71 72.41 74.89
N SER RB 112 55.83 71.12 74.95
CA SER RB 112 56.07 70.40 73.71
C SER RB 112 54.73 70.19 72.99
N PRO RB 113 54.71 70.24 71.66
CA PRO RB 113 53.44 69.99 70.96
C PRO RB 113 53.11 68.52 70.86
N SER RB 114 51.92 68.22 70.31
CA SER RB 114 51.48 66.84 70.15
C SER RB 114 52.26 66.15 69.04
N VAL RB 115 52.46 66.85 67.92
CA VAL RB 115 53.53 66.46 67.01
C VAL RB 115 54.86 66.77 67.68
N PRO RB 116 55.73 65.80 67.87
CA PRO RB 116 57.04 66.10 68.46
C PRO RB 116 57.96 66.68 67.42
N VAL RB 117 58.85 67.57 67.88
CA VAL RB 117 59.85 68.14 67.00
C VAL RB 117 60.94 67.09 66.81
N LEU RB 118 60.83 66.32 65.75
CA LEU RB 118 61.76 65.24 65.48
C LEU RB 118 62.94 65.78 64.70
N ILE RB 119 64.14 65.37 65.10
CA ILE RB 119 65.34 65.73 64.37
C ILE RB 119 66.03 64.45 63.94
N SER RB 120 67.19 64.57 63.31
CA SER RB 120 68.02 63.41 63.00
C SER RB 120 69.48 63.80 63.20
N ILE RB 121 70.23 62.96 63.90
CA ILE RB 121 71.65 63.15 64.11
C ILE RB 121 72.31 61.80 63.89
N SER RB 122 73.36 61.77 63.07
CA SER RB 122 74.18 60.57 63.01
C SER RB 122 75.64 61.00 62.85
N THR RB 123 76.41 60.86 63.91
CA THR RB 123 77.85 61.04 63.83
C THR RB 123 78.55 60.13 64.82
N LYS RB 124 79.79 59.77 64.49
CA LYS RB 124 80.51 58.82 65.30
C LYS RB 124 81.76 59.37 65.95
N ASP RB 125 82.14 60.62 65.67
CA ASP RB 125 83.07 61.40 66.47
C ASP RB 125 82.76 62.86 66.20
N GLU RB 126 82.24 63.55 67.20
CA GLU RB 126 81.86 64.93 67.01
C GLU RB 126 81.87 65.62 68.36
N SER RB 127 82.17 66.91 68.36
CA SER RB 127 82.06 67.66 69.59
C SER RB 127 80.60 67.96 69.87
N LEU RB 128 80.21 67.73 71.11
CA LEU RB 128 78.81 67.75 71.50
C LEU RB 128 78.24 69.16 71.62
N ALA RB 129 79.10 70.17 71.70
CA ALA RB 129 78.67 71.54 71.46
C ALA RB 129 78.26 71.75 70.00
N GLU RB 130 78.96 71.11 69.07
CA GLU RB 130 78.54 71.21 67.69
C GLU RB 130 77.35 70.31 67.36
N ILE RB 131 77.14 69.26 68.17
CA ILE RB 131 75.90 68.49 68.10
C ILE RB 131 74.75 69.33 68.63
N LEU RB 132 75.01 70.19 69.61
CA LEU RB 132 74.01 71.14 70.08
C LEU RB 132 73.74 72.25 69.07
N ARG RB 133 74.75 72.63 68.30
CA ARG RB 133 74.56 73.57 67.19
C ARG RB 133 73.70 72.96 66.08
N ASP RB 134 73.93 71.68 65.80
CA ASP RB 134 73.17 70.96 64.79
C ASP RB 134 71.74 70.69 65.26
N ILE RB 135 71.53 70.51 66.57
CA ILE RB 135 70.17 70.30 67.03
C ILE RB 135 69.42 71.63 67.12
N ASP RB 136 70.15 72.76 67.26
CA ASP RB 136 69.51 74.06 67.17
C ASP RB 136 69.13 74.39 65.74
N TYR RB 137 69.96 73.94 64.79
CA TYR RB 137 69.67 74.12 63.38
C TYR RB 137 68.51 73.26 62.92
N GLN RB 138 68.45 72.01 63.36
CA GLN RB 138 67.38 71.14 62.94
C GLN RB 138 66.09 71.43 63.66
N ALA RB 139 66.16 72.07 64.84
CA ALA RB 139 64.98 72.69 65.41
C ALA RB 139 64.49 73.82 64.53
N GLY RB 140 65.30 74.86 64.41
CA GLY RB 140 64.93 76.01 63.60
C GLY RB 140 63.83 76.83 64.23
N LYS RB 141 62.64 76.72 63.65
CA LYS RB 141 61.52 77.54 64.07
C LYS RB 141 60.71 76.92 65.20
N LYS RB 142 60.72 75.60 65.34
CA LYS RB 142 59.81 74.96 66.27
C LYS RB 142 60.31 75.02 67.69
N ALA RB 143 61.62 75.12 67.87
CA ALA RB 143 62.24 75.21 69.18
C ALA RB 143 63.58 75.90 69.01
N SER RB 144 64.29 76.06 70.12
CA SER RB 144 65.63 76.62 70.12
C SER RB 144 66.40 76.09 71.31
N ILE RB 145 67.70 76.27 71.26
CA ILE RB 145 68.62 75.85 72.31
C ILE RB 145 69.28 77.08 72.87
N HIS RB 146 69.26 77.25 74.18
CA HIS RB 146 70.12 78.20 74.85
C HIS RB 146 71.10 77.43 75.72
N VAL RB 147 72.34 77.91 75.80
CA VAL RB 147 73.33 77.38 76.73
C VAL RB 147 73.78 78.52 77.63
N TYR RB 148 73.61 78.36 78.94
CA TYR RB 148 74.22 79.24 79.90
C TYR RB 148 75.34 78.46 80.57
N PRO RB 149 76.59 78.62 80.13
CA PRO RB 149 77.67 77.77 80.65
C PRO RB 149 78.22 78.24 81.97
N ASN RB 150 77.95 79.49 82.32
CA ASN RB 150 78.33 80.01 83.63
C ASN RB 150 77.45 79.43 84.72
N SER RB 151 76.21 79.11 84.40
CA SER RB 151 75.32 78.43 85.33
C SER RB 151 75.21 76.94 85.03
N GLN RB 152 75.86 76.50 83.93
CA GLN RB 152 75.97 75.11 83.46
C GLN RB 152 74.61 74.47 83.21
N VAL RB 153 73.87 75.08 82.27
CA VAL RB 153 72.51 74.64 82.00
C VAL RB 153 72.20 74.87 80.52
N VAL RB 154 71.70 73.84 79.85
CA VAL RB 154 71.11 74.03 78.55
C VAL RB 154 69.60 74.11 78.73
N GLU RB 155 68.95 74.76 77.78
CA GLU RB 155 67.55 75.09 77.93
C GLU RB 155 66.89 74.98 76.57
N LEU RB 156 65.89 74.13 76.47
CA LEU RB 156 65.16 73.94 75.25
C LEU RB 156 63.93 74.83 75.29
N ARG RB 157 63.87 75.81 74.39
CA ARG RB 157 62.79 76.76 74.39
C ARG RB 157 61.86 76.46 73.23
N TYR RB 158 60.58 76.31 73.52
CA TYR RB 158 59.61 76.12 72.46
C TYR RB 158 59.05 77.46 72.03
N ALA RB 159 57.94 77.45 71.28
CA ALA RB 159 57.25 78.69 70.93
C ALA RB 159 55.73 78.50 70.92
N ILE SB 272 46.40 59.92 50.55
CA ILE SB 272 47.72 59.78 51.14
C ILE SB 272 48.55 58.82 50.28
N PRO SB 273 49.77 59.21 49.92
CA PRO SB 273 50.60 58.38 49.08
C PRO SB 273 51.24 57.27 49.89
N PRO SB 274 51.77 56.23 49.24
CA PRO SB 274 52.53 55.21 49.98
C PRO SB 274 53.88 55.72 50.43
N SER SB 275 54.49 54.96 51.34
CA SER SB 275 55.62 55.44 52.10
C SER SB 275 56.90 55.34 51.30
N ALA SB 276 57.29 54.12 50.96
CA ALA SB 276 58.26 53.74 49.94
C ALA SB 276 57.92 52.31 49.59
N ASN SB 277 58.83 51.62 48.93
CA ASN SB 277 58.73 50.18 48.92
C ASN SB 277 59.54 49.63 50.07
N ASP SB 278 58.99 48.60 50.70
CA ASP SB 278 59.69 47.84 51.74
C ASP SB 278 60.56 46.75 51.18
N LEU SB 279 60.55 46.60 49.85
CA LEU SB 279 61.57 45.85 49.15
C LEU SB 279 62.90 46.58 49.16
N LEU SB 280 62.88 47.91 49.31
CA LEU SB 280 64.11 48.68 49.41
C LEU SB 280 64.84 48.46 50.72
N LEU SB 281 64.14 48.03 51.77
CA LEU SB 281 64.82 47.60 52.99
C LEU SB 281 65.58 46.30 52.79
N HIS SB 282 65.06 45.44 51.91
CA HIS SB 282 65.81 44.26 51.53
C HIS SB 282 66.98 44.64 50.64
N VAL SB 283 66.74 45.45 49.61
CA VAL SB 283 67.84 45.71 48.67
C VAL SB 283 68.72 46.88 49.08
N LEU SB 284 68.54 47.38 50.30
CA LEU SB 284 69.56 48.19 50.94
C LEU SB 284 70.83 47.40 51.28
N GLU SB 285 70.69 46.20 51.82
CA GLU SB 285 71.81 45.27 51.83
C GLU SB 285 71.67 44.41 50.58
N GLY SB 286 72.52 43.42 50.36
CA GLY SB 286 72.55 42.85 49.03
C GLY SB 286 71.48 41.83 48.66
N VAL SB 287 70.50 41.57 49.51
CA VAL SB 287 69.60 40.43 49.30
C VAL SB 287 68.55 40.79 48.26
N PRO SB 288 68.30 39.93 47.28
CA PRO SB 288 67.31 40.21 46.24
C PRO SB 288 65.90 40.21 46.80
N PRO SB 289 64.95 40.84 46.09
CA PRO SB 289 63.55 40.71 46.49
C PRO SB 289 63.04 39.33 46.16
N PRO SB 290 62.02 38.83 46.87
CA PRO SB 290 61.53 37.46 46.61
C PRO SB 290 60.76 37.36 45.30
N GLY SB 291 61.16 36.40 44.48
CA GLY SB 291 60.59 36.24 43.16
C GLY SB 291 61.08 37.31 42.21
N SER SB 292 62.37 37.31 41.92
CA SER SB 292 62.98 38.34 41.10
C SER SB 292 63.76 37.73 39.95
N ARG SB 293 64.50 38.59 39.26
CA ARG SB 293 65.44 38.15 38.25
C ARG SB 293 66.64 39.06 38.32
N ARG SB 294 67.83 38.47 38.33
CA ARG SB 294 69.05 39.25 38.46
C ARG SB 294 69.39 39.96 37.17
N LEU SB 295 70.15 41.02 37.29
CA LEU SB 295 70.55 41.86 36.18
C LEU SB 295 72.03 42.12 36.31
N VAL SB 296 72.79 41.77 35.29
CA VAL SB 296 74.24 41.92 35.35
C VAL SB 296 74.57 43.37 35.02
N VAL SB 297 75.18 44.05 35.99
CA VAL SB 297 75.57 45.44 35.84
C VAL SB 297 77.05 45.45 35.49
N SER SB 298 77.43 46.26 34.53
CA SER SB 298 78.82 46.36 34.13
C SER SB 298 79.30 47.78 34.30
N GLY SB 299 80.52 47.95 34.75
CA GLY SB 299 81.14 49.24 34.79
C GLY SB 299 81.11 49.96 36.11
N GLY SB 300 80.80 49.26 37.19
CA GLY SB 300 80.93 49.86 38.51
C GLY SB 300 80.27 48.96 39.52
N ASP SB 301 80.53 49.27 40.79
CA ASP SB 301 80.06 48.39 41.87
C ASP SB 301 78.62 48.73 42.16
N ALA SB 302 77.72 48.04 41.48
CA ALA SB 302 76.29 48.19 41.70
C ALA SB 302 75.64 46.88 41.35
N ARG SB 303 74.54 46.57 42.02
CA ARG SB 303 73.82 45.35 41.77
C ARG SB 303 72.37 45.70 41.46
N ALA SB 304 71.73 44.87 40.66
CA ALA SB 304 70.39 45.17 40.20
C ALA SB 304 69.55 43.91 40.14
N TRP SB 305 68.28 44.06 40.48
CA TRP SB 305 67.31 43.00 40.33
C TRP SB 305 66.09 43.57 39.63
N LEU SB 306 65.18 42.69 39.26
CA LEU SB 306 64.01 43.11 38.51
C LEU SB 306 62.82 42.35 39.08
N SER SB 307 61.97 43.04 39.82
CA SER SB 307 60.96 42.32 40.59
C SER SB 307 59.70 42.09 39.76
N ASN SB 308 59.01 43.17 39.40
CA ASN SB 308 57.92 43.12 38.42
C ASN SB 308 57.90 44.47 37.72
N GLU SB 309 58.65 44.55 36.61
CA GLU SB 309 58.76 45.69 35.67
C GLU SB 309 59.34 46.96 36.30
N LYS SB 310 59.97 46.86 37.48
CA LYS SB 310 60.77 47.92 38.06
C LYS SB 310 62.08 47.27 38.46
N MET SB 311 63.17 47.94 38.14
CA MET SB 311 64.45 47.43 38.55
C MET SB 311 64.87 48.12 39.83
N TYR SB 312 65.69 47.41 40.58
CA TYR SB 312 66.03 47.77 41.94
C TYR SB 312 67.54 47.71 42.02
N VAL SB 313 68.18 48.83 42.32
CA VAL SB 313 69.62 48.92 42.27
C VAL SB 313 70.15 49.22 43.64
N ARG SB 314 71.27 48.62 43.97
CA ARG SB 314 71.98 48.82 45.21
C ARG SB 314 73.39 49.27 44.86
N THR SB 315 73.77 50.45 45.34
CA THR SB 315 75.01 51.05 44.88
C THR SB 315 75.56 52.01 45.93
N ASN SB 316 76.84 52.33 45.79
CA ASN SB 316 77.40 53.44 46.54
C ASN SB 316 77.52 54.69 45.70
N LEU SB 317 77.32 54.59 44.39
CA LEU SB 317 77.37 55.79 43.57
C LEU SB 317 76.04 56.50 43.63
N THR SB 318 75.98 57.69 43.04
CA THR SB 318 74.67 58.34 42.93
C THR SB 318 74.23 58.31 41.48
N ILE SB 319 73.08 57.70 41.23
CA ILE SB 319 72.60 57.59 39.87
C ILE SB 319 71.97 58.91 39.47
N LEU SB 320 72.06 59.23 38.19
CA LEU SB 320 71.85 60.57 37.69
C LEU SB 320 70.80 60.67 36.60
N SER SB 321 70.84 59.83 35.55
CA SER SB 321 69.85 60.07 34.51
C SER SB 321 68.42 59.54 34.75
N PRO SB 322 68.16 58.23 34.88
CA PRO SB 322 66.89 57.72 34.34
C PRO SB 322 65.67 57.88 35.24
N GLY SB 323 65.79 58.51 36.39
CA GLY SB 323 64.61 58.79 37.17
C GLY SB 323 64.31 57.63 38.08
N TRP SB 324 64.45 57.82 39.38
CA TRP SB 324 64.11 56.74 40.28
C TRP SB 324 62.82 57.08 41.02
N LEU SB 325 62.00 56.06 41.18
CA LEU SB 325 60.73 56.27 41.84
C LEU SB 325 60.87 56.32 43.35
N ALA SB 326 61.79 55.56 43.91
CA ALA SB 326 61.91 55.50 45.36
C ALA SB 326 63.35 55.22 45.74
N SER SB 327 63.69 55.56 46.98
CA SER SB 327 65.06 55.36 47.45
C SER SB 327 65.09 55.24 48.95
N MET SB 328 65.97 54.37 49.44
CA MET SB 328 66.40 54.36 50.82
C MET SB 328 67.91 54.38 50.84
N THR SB 329 68.47 54.64 52.02
CA THR SB 329 69.91 54.84 52.15
C THR SB 329 70.31 54.30 53.51
N SER SB 330 71.34 53.45 53.54
CA SER SB 330 71.70 52.75 54.76
C SER SB 330 72.46 53.59 55.77
N ALA SB 331 72.99 52.92 56.80
CA ALA SB 331 73.82 53.60 57.77
C ALA SB 331 75.19 53.92 57.19
N ASP SB 332 75.74 53.04 56.36
CA ASP SB 332 77.05 53.23 55.76
C ASP SB 332 76.97 53.91 54.41
N GLY SB 333 75.83 54.47 54.05
CA GLY SB 333 75.74 55.29 52.87
C GLY SB 333 75.52 54.56 51.58
N THR SB 334 75.19 53.28 51.60
CA THR SB 334 74.80 52.62 50.38
C THR SB 334 73.35 52.95 50.08
N HIS SB 335 73.05 53.26 48.84
CA HIS SB 335 71.70 53.57 48.42
C HIS SB 335 71.04 52.35 47.79
N ALA SB 336 69.72 52.35 47.87
CA ALA SB 336 68.90 51.44 47.10
C ALA SB 336 67.79 52.22 46.43
N TYR SB 337 67.71 52.13 45.11
CA TYR SB 337 66.68 52.81 44.34
C TYR SB 337 65.74 51.81 43.71
N GLU SB 338 64.49 52.21 43.61
CA GLU SB 338 63.46 51.55 42.83
C GLU SB 338 63.16 52.46 41.65
N MET SB 339 63.24 51.91 40.45
CA MET SB 339 63.15 52.74 39.26
C MET SB 339 62.56 51.94 38.11
N GLN SB 340 62.18 52.64 37.06
CA GLN SB 340 61.75 52.01 35.82
C GLN SB 340 62.95 51.41 35.11
N LYS SB 341 62.71 50.36 34.34
CA LYS SB 341 63.81 49.56 33.82
C LYS SB 341 64.43 50.23 32.61
N SER SB 342 65.60 50.80 32.83
CA SER SB 342 66.47 51.51 31.93
C SER SB 342 67.72 50.71 31.66
N PRO SB 343 68.20 50.62 30.42
CA PRO SB 343 69.42 49.85 30.17
C PRO SB 343 70.69 50.57 30.55
N VAL SB 344 70.62 51.87 30.74
CA VAL SB 344 71.78 52.71 31.02
C VAL SB 344 71.49 53.41 32.34
N LEU SB 345 72.45 53.28 33.25
CA LEU SB 345 72.44 54.08 34.46
C LEU SB 345 73.58 55.07 34.37
N LEU SB 346 73.27 56.34 34.44
CA LEU SB 346 74.29 57.37 34.57
C LEU SB 346 74.59 57.51 36.05
N VAL SB 347 75.86 57.70 36.40
CA VAL SB 347 76.24 57.84 37.80
C VAL SB 347 77.26 58.94 37.96
N SER SB 348 77.27 59.49 39.15
CA SER SB 348 78.40 60.19 39.70
C SER SB 348 79.15 59.24 40.61
N TRP SB 349 80.43 59.03 40.30
CA TRP SB 349 81.34 58.28 41.15
C TRP SB 349 81.91 59.18 42.24
N HIS SB 350 82.77 60.11 41.86
CA HIS SB 350 83.24 61.15 42.74
C HIS SB 350 83.29 62.44 41.93
N GLY SB 351 82.19 62.76 41.29
CA GLY SB 351 82.14 63.84 40.35
C GLY SB 351 82.38 63.42 38.91
N LYS SB 352 83.02 62.28 38.71
CA LYS SB 352 83.10 61.67 37.41
C LYS SB 352 81.74 61.12 37.02
N VAL SB 353 81.33 61.40 35.79
CA VAL SB 353 80.04 60.95 35.29
C VAL SB 353 80.27 59.73 34.41
N MET SB 354 79.84 58.58 34.89
CA MET SB 354 80.07 57.33 34.20
C MET SB 354 78.73 56.71 33.82
N GLN SB 355 78.78 55.73 32.95
CA GLN SB 355 77.60 54.98 32.59
C GLN SB 355 77.78 53.53 32.99
N LEU SB 356 76.66 52.87 33.25
CA LEU SB 356 76.63 51.44 33.49
C LEU SB 356 75.55 50.83 32.64
N LYS SB 357 75.80 49.64 32.10
CA LYS SB 357 74.78 48.95 31.35
C LYS SB 357 74.24 47.79 32.17
N VAL SB 358 72.95 47.53 32.02
CA VAL SB 358 72.35 46.33 32.58
C VAL SB 358 71.80 45.50 31.43
N GLU SB 359 71.27 44.33 31.76
CA GLU SB 359 70.75 43.41 30.75
C GLU SB 359 69.41 42.84 31.17
N GLY SB 360 68.34 43.54 30.81
CA GLY SB 360 66.98 43.13 31.13
C GLY SB 360 66.10 44.32 31.42
N LEU TB 41 81.48 45.51 24.38
CA LEU TB 41 81.98 44.84 25.56
C LEU TB 41 82.69 45.83 26.48
N PRO TB 42 82.72 45.57 27.79
CA PRO TB 42 83.58 46.36 28.67
C PRO TB 42 85.05 46.03 28.43
N CYS TB 43 85.90 46.99 28.79
CA CYS TB 43 87.29 46.97 28.40
C CYS TB 43 88.18 46.42 29.51
N ARG TB 44 89.30 45.81 29.10
CA ARG TB 44 90.28 45.31 30.06
C ARG TB 44 91.07 46.46 30.67
N VAL TB 45 91.78 47.21 29.84
CA VAL TB 45 92.62 48.30 30.32
C VAL TB 45 91.88 49.61 30.14
N ASP TB 46 92.17 50.58 31.01
CA ASP TB 46 91.59 51.92 30.89
C ASP TB 46 92.55 52.87 30.18
N GLY TB 47 93.07 52.47 29.03
CA GLY TB 47 94.07 53.27 28.34
C GLY TB 47 95.42 53.29 29.03
N ALA TB 48 95.79 52.22 29.70
CA ALA TB 48 97.03 52.21 30.48
C ALA TB 48 97.62 50.80 30.49
N CYS TB 49 98.87 50.71 30.91
CA CYS TB 49 99.57 49.44 31.06
C CYS TB 49 100.53 49.56 32.22
N ASP TB 50 100.60 48.51 33.05
CA ASP TB 50 101.45 48.51 34.24
C ASP TB 50 102.93 48.44 33.87
N ALA TB 51 103.24 47.86 32.71
CA ALA TB 51 104.57 47.94 32.11
C ALA TB 51 104.94 49.37 31.77
N THR TB 52 103.99 50.15 31.27
CA THR TB 52 104.26 51.55 30.99
C THR TB 52 104.32 52.39 32.25
N ILE TB 53 103.62 51.97 33.31
CA ILE TB 53 103.72 52.64 34.62
C ILE TB 53 105.10 52.45 35.22
N ILE TB 54 105.62 51.22 35.20
CA ILE TB 54 106.95 51.01 35.78
C ILE TB 54 108.05 51.49 34.84
N LYS TB 55 107.77 51.57 33.53
CA LYS TB 55 108.72 52.14 32.58
C LYS TB 55 108.87 53.63 32.78
N MET TB 56 107.75 54.34 32.98
CA MET TB 56 107.82 55.77 33.26
C MET TB 56 108.32 56.05 34.66
N MET TB 57 108.15 55.11 35.59
CA MET TB 57 108.69 55.26 36.94
C MET TB 57 110.21 55.13 36.96
N THR TB 58 110.75 54.11 36.27
CA THR TB 58 112.21 54.00 36.14
C THR TB 58 112.81 55.09 35.27
N ASP TB 59 112.08 55.61 34.29
CA ASP TB 59 112.62 56.66 33.46
C ASP TB 59 112.62 58.00 34.18
N LEU TB 60 111.65 58.21 35.07
CA LEU TB 60 111.65 59.44 35.84
C LEU TB 60 112.67 59.38 36.96
N ASN TB 61 112.88 58.22 37.56
CA ASN TB 61 113.93 58.11 38.57
C ASN TB 61 115.32 58.05 37.96
N LYS TB 62 115.42 57.68 36.69
CA LYS TB 62 116.68 57.85 35.97
C LYS TB 62 116.93 59.32 35.66
N LYS TB 63 115.87 60.07 35.32
CA LYS TB 63 116.02 61.48 35.05
C LYS TB 63 116.14 62.33 36.32
N GLY TB 64 115.93 61.77 37.49
CA GLY TB 64 116.10 62.52 38.72
C GLY TB 64 114.80 62.99 39.32
N ILE TB 65 113.68 62.61 38.74
CA ILE TB 65 112.37 62.89 39.30
C ILE TB 65 112.08 61.76 40.26
N LYS TB 66 111.98 62.06 41.54
CA LYS TB 66 111.86 60.95 42.48
C LYS TB 66 110.41 60.54 42.61
N VAL TB 67 110.15 59.28 42.27
CA VAL TB 67 108.81 58.71 42.29
C VAL TB 67 108.72 57.80 43.50
N ALA TB 68 108.05 58.26 44.53
CA ALA TB 68 107.75 57.42 45.67
C ALA TB 68 106.32 56.97 45.61
N SER TB 69 106.05 55.81 46.18
CA SER TB 69 104.71 55.24 46.14
C SER TB 69 104.51 54.39 47.38
N VAL TB 70 103.86 54.94 48.39
CA VAL TB 70 103.60 54.19 49.61
C VAL TB 70 102.12 53.82 49.64
N GLY TB 71 101.84 52.58 49.28
CA GLY TB 71 100.49 52.07 49.32
C GLY TB 71 99.72 52.52 48.11
N GLN TB 72 98.88 53.51 48.30
CA GLN TB 72 98.18 54.11 47.19
C GLN TB 72 98.44 55.60 47.08
N ASN TB 73 99.24 56.17 47.97
CA ASN TB 73 99.69 57.53 47.81
C ASN TB 73 100.89 57.56 46.88
N TYR TB 74 100.85 58.45 45.92
CA TYR TB 74 101.89 58.52 44.91
C TYR TB 74 102.45 59.93 44.93
N LEU TB 75 103.76 60.02 44.77
CA LEU TB 75 104.45 61.29 44.92
C LEU TB 75 105.52 61.36 43.85
N ILE TB 76 105.49 62.38 43.02
CA ILE TB 76 106.60 62.64 42.13
C ILE TB 76 107.17 64.00 42.50
N SER TB 77 108.48 64.07 42.61
CA SER TB 77 109.16 65.30 42.99
C SER TB 77 110.13 65.68 41.90
N ILE TB 78 109.87 66.83 41.29
CA ILE TB 78 110.80 67.46 40.36
C ILE TB 78 111.55 68.53 41.13
N PRO TB 79 112.87 68.62 41.01
CA PRO TB 79 113.57 69.80 41.51
C PRO TB 79 113.24 71.01 40.66
N ALA TB 80 113.27 72.18 41.31
CA ALA TB 80 112.79 73.40 40.68
C ALA TB 80 113.75 73.96 39.64
N SER TB 81 115.02 73.54 39.66
CA SER TB 81 115.93 73.90 38.59
C SER TB 81 115.66 73.10 37.32
N ALA TB 82 114.98 71.96 37.43
CA ALA TB 82 114.62 71.22 36.25
C ALA TB 82 113.41 71.79 35.54
N LEU TB 83 112.65 72.68 36.17
CA LEU TB 83 111.50 73.27 35.52
C LEU TB 83 111.64 74.77 35.29
N PHE TB 84 112.17 75.51 36.23
CA PHE TB 84 112.13 76.95 36.16
C PHE TB 84 113.53 77.49 35.98
N ALA TB 85 113.62 78.82 35.91
CA ALA TB 85 114.91 79.48 36.05
C ALA TB 85 115.09 79.85 37.52
N ASP TB 86 116.06 80.70 37.81
CA ASP TB 86 116.40 81.01 39.19
C ASP TB 86 115.44 82.02 39.78
N GLN TB 87 114.69 81.57 40.79
CA GLN TB 87 113.73 82.34 41.61
C GLN TB 87 112.62 82.97 40.78
N SER TB 88 112.16 82.23 39.79
CA SER TB 88 111.21 82.75 38.82
C SER TB 88 110.06 81.79 38.67
N PRO TB 89 108.86 82.29 38.43
CA PRO TB 89 107.75 81.43 38.00
C PRO TB 89 107.64 81.30 36.49
N ARG TB 90 108.75 81.09 35.82
CA ARG TB 90 108.74 80.96 34.38
C ARG TB 90 109.36 79.61 34.04
N LEU TB 91 108.60 78.78 33.35
CA LEU TB 91 109.14 77.56 32.82
C LEU TB 91 110.10 77.85 31.67
N ASN TB 92 111.22 77.15 31.66
CA ASN TB 92 112.00 77.14 30.44
C ASN TB 92 111.34 76.19 29.46
N TRP TB 93 111.65 76.39 28.19
CA TRP TB 93 110.95 75.73 27.09
C TRP TB 93 111.30 74.25 26.98
N ALA TB 94 112.45 73.84 27.49
CA ALA TB 94 112.80 72.43 27.42
C ALA TB 94 112.08 71.61 28.48
N SER TB 95 111.60 72.24 29.53
CA SER TB 95 110.97 71.53 30.63
C SER TB 95 109.52 71.15 30.36
N TYR TB 96 108.95 71.65 29.26
CA TYR TB 96 107.62 71.22 28.86
C TYR TB 96 107.60 69.79 28.34
N SER TB 97 108.73 69.27 27.87
CA SER TB 97 108.82 67.86 27.53
C SER TB 97 108.78 66.99 28.77
N LEU TB 98 109.37 67.49 29.87
CA LEU TB 98 109.29 66.79 31.15
C LEU TB 98 107.88 66.86 31.72
N LEU TB 99 107.21 67.99 31.55
CA LEU TB 99 105.81 68.08 31.92
C LEU TB 99 104.90 67.25 31.04
N ASN TB 100 105.28 67.04 29.79
CA ASN TB 100 104.57 66.13 28.90
C ASN TB 100 104.72 64.68 29.32
N GLU TB 101 105.92 64.28 29.76
CA GLU TB 101 106.04 62.88 30.14
C GLU TB 101 105.50 62.61 31.54
N ILE TB 102 105.46 63.60 32.44
CA ILE TB 102 104.80 63.32 33.71
C ILE TB 102 103.28 63.49 33.58
N ALA TB 103 102.81 64.22 32.57
CA ALA TB 103 101.39 64.23 32.29
C ALA TB 103 100.94 62.95 31.64
N ALA TB 104 101.79 62.35 30.81
CA ALA TB 104 101.50 61.03 30.28
C ALA TB 104 101.64 59.94 31.32
N PHE TB 105 102.47 60.16 32.35
CA PHE TB 105 102.47 59.29 33.52
C PHE TB 105 101.19 59.43 34.33
N LEU TB 106 100.70 60.66 34.47
CA LEU TB 106 99.48 60.91 35.22
C LEU TB 106 98.22 60.50 34.48
N LYS TB 107 98.29 60.24 33.17
CA LYS TB 107 97.15 59.65 32.49
C LYS TB 107 96.96 58.17 32.78
N GLN TB 108 97.93 57.49 33.39
CA GLN TB 108 97.82 56.07 33.57
C GLN TB 108 97.04 55.68 34.81
N PHE TB 109 96.71 56.63 35.67
CA PHE TB 109 95.99 56.33 36.90
C PHE TB 109 94.63 57.01 36.87
N ARG TB 110 93.72 56.47 37.66
CA ARG TB 110 92.44 57.10 37.89
C ARG TB 110 92.46 57.69 39.28
N LYS TB 111 92.40 59.01 39.35
CA LYS TB 111 92.51 59.69 40.63
C LYS TB 111 91.47 60.78 40.75
N ILE TB 112 91.30 61.24 41.98
CA ILE TB 112 90.26 62.20 42.33
C ILE TB 112 90.87 63.58 42.51
N ALA TB 113 92.00 63.66 43.17
CA ALA TB 113 92.56 64.93 43.57
C ALA TB 113 94.07 64.90 43.47
N ILE TB 114 94.59 65.58 42.47
CA ILE TB 114 96.00 65.86 42.36
C ILE TB 114 96.27 67.12 43.15
N THR TB 115 97.17 67.06 44.11
CA THR TB 115 97.64 68.28 44.74
C THR TB 115 99.07 68.53 44.34
N VAL TB 116 99.30 69.66 43.70
CA VAL TB 116 100.63 70.10 43.34
C VAL TB 116 101.00 71.19 44.33
N THR TB 117 102.05 70.94 45.09
CA THR TB 117 102.51 71.96 46.00
C THR TB 117 104.02 72.10 45.86
N SER TB 118 104.47 73.31 46.12
CA SER TB 118 105.80 73.71 45.71
C SER TB 118 106.48 74.50 46.81
N TYR TB 119 107.77 74.25 47.01
CA TYR TB 119 108.51 75.13 47.89
C TYR TB 119 109.90 75.32 47.34
N SER TB 120 110.50 76.44 47.71
CA SER TB 120 111.87 76.75 47.33
C SER TB 120 112.55 77.49 48.47
N SER TB 121 113.85 77.71 48.30
CA SER TB 121 114.72 78.18 49.36
C SER TB 121 114.50 79.66 49.67
N LYS TB 122 115.10 80.11 50.76
CA LYS TB 122 114.92 81.47 51.26
C LYS TB 122 115.65 82.46 50.37
N TYR TB 123 114.91 83.35 49.70
CA TYR TB 123 115.50 84.28 48.76
C TYR TB 123 115.41 85.74 49.20
N VAL TB 124 114.21 86.31 49.32
CA VAL TB 124 114.12 87.69 49.78
C VAL TB 124 113.31 87.76 51.06
N SER TB 125 112.03 87.39 50.98
CA SER TB 125 111.15 87.42 52.14
C SER TB 125 110.30 86.17 52.07
N VAL TB 126 109.57 85.91 53.15
CA VAL TB 126 108.67 84.76 53.11
C VAL TB 126 107.41 85.09 52.32
N LYS TB 127 107.04 86.36 52.18
CA LYS TB 127 105.91 86.72 51.36
C LYS TB 127 106.27 86.64 49.89
N ARG TB 128 107.51 87.00 49.58
CA ARG TB 128 108.07 86.83 48.24
C ARG TB 128 108.24 85.35 47.91
N GLU TB 129 108.57 84.55 48.93
CA GLU TB 129 108.79 83.14 48.73
C GLU TB 129 107.47 82.38 48.52
N ARG TB 130 106.44 82.75 49.29
CA ARG TB 130 105.13 82.13 49.12
C ARG TB 130 104.44 82.58 47.85
N ALA TB 131 104.67 83.83 47.42
CA ALA TB 131 104.11 84.29 46.14
C ALA TB 131 104.82 83.63 44.96
N LEU TB 132 106.13 83.38 45.11
CA LEU TB 132 106.90 82.67 44.09
C LEU TB 132 106.45 81.22 43.96
N THR TB 133 106.22 80.57 45.09
CA THR TB 133 105.89 79.15 45.00
C THR TB 133 104.44 78.92 44.67
N LEU TB 134 103.57 79.88 45.03
CA LEU TB 134 102.18 79.83 44.61
C LEU TB 134 102.05 80.04 43.11
N ALA TB 135 102.86 80.96 42.56
CA ALA TB 135 102.86 81.18 41.12
C ALA TB 135 103.49 80.03 40.34
N ARG TB 136 104.51 79.37 40.93
CA ARG TB 136 105.15 78.21 40.30
C ARG TB 136 104.22 77.02 40.25
N SER TB 137 103.51 76.77 41.35
CA SER TB 137 102.58 75.65 41.41
C SER TB 137 101.34 75.92 40.57
N ARG TB 138 100.91 77.17 40.45
CA ARG TB 138 99.76 77.42 39.60
C ARG TB 138 100.09 77.41 38.12
N VAL TB 139 101.35 77.67 37.70
CA VAL TB 139 101.62 77.52 36.27
C VAL TB 139 101.87 76.06 35.91
N VAL TB 140 102.37 75.25 36.85
CA VAL TB 140 102.55 73.84 36.50
C VAL TB 140 101.21 73.08 36.58
N SER TB 141 100.27 73.52 37.40
CA SER TB 141 98.95 72.92 37.33
C SER TB 141 98.09 73.51 36.23
N GLU TB 142 98.38 74.74 35.77
CA GLU TB 142 97.71 75.28 34.59
C GLU TB 142 98.07 74.48 33.34
N TYR TB 143 99.36 74.15 33.20
CA TYR TB 143 99.76 73.29 32.08
C TYR TB 143 99.30 71.84 32.27
N LEU TB 144 99.23 71.35 33.50
CA LEU TB 144 98.79 69.99 33.72
C LEU TB 144 97.29 69.81 33.56
N TRP TB 145 96.50 70.82 33.90
CA TRP TB 145 95.07 70.76 33.68
C TRP TB 145 94.73 70.98 32.23
N SER TB 146 95.53 71.78 31.53
CA SER TB 146 95.39 71.89 30.08
C SER TB 146 95.78 70.61 29.39
N GLN TB 147 96.80 69.94 29.88
CA GLN TB 147 97.24 68.70 29.29
C GLN TB 147 96.41 67.53 29.78
N GLY TB 148 96.89 66.34 29.49
CA GLY TB 148 96.15 65.16 29.84
C GLY TB 148 96.33 64.79 31.30
N VAL TB 149 95.36 65.14 32.10
CA VAL TB 149 95.12 64.47 33.36
C VAL TB 149 93.67 64.05 33.32
N ASP TB 150 93.28 63.22 34.28
CA ASP TB 150 91.88 62.83 34.41
C ASP TB 150 91.38 63.08 35.81
N SER TB 151 92.07 63.94 36.53
CA SER TB 151 91.69 64.21 37.90
C SER TB 151 90.53 65.19 37.95
N ARG TB 152 89.73 65.06 38.98
CA ARG TB 152 88.63 65.98 39.18
C ARG TB 152 89.10 67.30 39.76
N ILE TB 153 89.86 67.25 40.84
CA ILE TB 153 90.39 68.45 41.46
C ILE TB 153 91.89 68.42 41.30
N ILE TB 154 92.46 69.56 40.93
CA ILE TB 154 93.88 69.79 41.15
C ILE TB 154 93.99 70.95 42.12
N PHE TB 155 94.39 70.64 43.33
CA PHE TB 155 94.76 71.65 44.31
C PHE TB 155 96.17 72.07 43.97
N THR TB 156 96.49 73.33 44.19
CA THR TB 156 97.81 73.87 43.94
C THR TB 156 98.15 74.90 44.98
N GLN TB 157 99.29 74.72 45.61
CA GLN TB 157 99.72 75.65 46.65
C GLN TB 157 101.24 75.70 46.74
N GLY TB 158 101.72 76.72 47.42
CA GLY TB 158 103.14 76.85 47.61
C GLY TB 158 103.49 77.35 49.00
N LEU TB 159 104.66 76.94 49.49
CA LEU TB 159 105.08 77.23 50.85
C LEU TB 159 106.42 77.94 50.84
N GLY TB 160 106.63 78.79 51.83
CA GLY TB 160 107.82 79.62 51.87
C GLY TB 160 108.96 78.98 52.63
N SER TB 161 109.49 77.89 52.04
CA SER TB 161 110.46 76.95 52.65
C SER TB 161 109.97 76.43 53.99
N ASP TB 162 108.68 76.14 54.09
CA ASP TB 162 108.11 75.71 55.35
C ASP TB 162 108.23 74.22 55.56
N LYS TB 163 108.56 73.47 54.51
CA LYS TB 163 108.99 72.09 54.66
C LYS TB 163 110.28 71.88 53.89
N PRO TB 164 111.44 72.20 54.48
CA PRO TB 164 112.69 71.76 53.85
C PRO TB 164 112.90 70.27 54.13
N ILE TB 165 113.30 69.54 53.09
CA ILE TB 165 113.68 68.15 53.30
C ILE TB 165 115.18 67.98 53.41
N THR TB 166 115.93 69.07 53.45
CA THR TB 166 117.31 69.00 53.90
C THR TB 166 117.54 70.22 54.78
N SER TB 167 118.37 70.05 55.78
CA SER TB 167 118.87 71.18 56.56
C SER TB 167 120.00 71.91 55.86
N TYR TB 168 120.59 71.30 54.83
CA TYR TB 168 121.57 71.97 53.99
C TYR TB 168 120.85 72.98 53.10
N THR TB 169 121.19 74.26 53.28
CA THR TB 169 120.57 75.33 52.51
C THR TB 169 121.61 75.92 51.57
N LEU TB 170 122.33 75.04 50.87
CA LEU TB 170 123.49 75.44 50.09
C LEU TB 170 123.11 76.17 48.81
N GLY TB 171 121.91 75.94 48.29
CA GLY TB 171 121.59 76.49 46.99
C GLY TB 171 120.41 77.42 47.01
N GLY TB 172 120.06 77.95 45.84
CA GLY TB 172 118.85 78.71 45.69
C GLY TB 172 117.82 77.79 45.09
N ASP TB 173 117.65 77.86 43.77
CA ASP TB 173 116.92 76.83 43.07
C ASP TB 173 117.77 75.62 42.73
N ARG TB 174 119.07 75.68 42.98
CA ARG TB 174 119.91 74.51 42.90
C ARG TB 174 119.83 73.62 44.13
N SER TB 175 119.20 74.11 45.20
CA SER TB 175 119.03 73.33 46.41
C SER TB 175 118.01 72.22 46.19
N PRO TB 176 118.14 71.08 46.86
CA PRO TB 176 117.09 70.05 46.79
C PRO TB 176 115.84 70.37 47.59
N ASN TB 177 115.83 71.43 48.40
CA ASN TB 177 114.59 71.93 48.97
C ASN TB 177 113.73 72.65 47.93
N ALA TB 178 114.32 73.09 46.84
CA ALA TB 178 113.57 73.75 45.78
C ALA TB 178 112.94 72.68 44.89
N ARG TB 179 111.66 72.42 45.11
CA ARG TB 179 111.02 71.32 44.43
C ARG TB 179 109.55 71.63 44.25
N VAL TB 180 109.02 71.07 43.17
CA VAL TB 180 107.60 70.90 42.97
C VAL TB 180 107.31 69.44 43.27
N GLU TB 181 106.28 69.19 44.05
CA GLU TB 181 105.86 67.82 44.23
C GLU TB 181 104.39 67.70 43.88
N ILE TB 182 104.09 66.61 43.21
CA ILE TB 182 102.76 66.31 42.74
C ILE TB 182 102.37 65.04 43.45
N THR TB 183 101.37 65.13 44.29
CA THR TB 183 100.95 64.02 45.13
C THR TB 183 99.51 63.72 44.81
N PHE TB 184 99.18 62.43 44.77
CA PHE TB 184 97.79 62.05 44.67
C PHE TB 184 97.57 60.75 45.42
N ARG TB 185 96.33 60.31 45.43
CA ARG TB 185 95.97 58.97 45.84
C ARG TB 185 95.26 58.31 44.67
N ARG TB 186 95.77 57.17 44.25
CA ARG TB 186 95.19 56.48 43.11
C ARG TB 186 93.89 55.82 43.52
N ALA TB 187 92.80 56.23 42.90
CA ALA TB 187 91.49 55.74 43.29
C ALA TB 187 91.24 54.38 42.67
N VAL TB 188 90.96 53.40 43.53
CA VAL TB 188 90.76 51.95 43.31
C VAL TB 188 91.76 51.30 42.38
N UNK UB 1 128.20 133.31 54.76
CA UNK UB 1 127.56 134.09 53.71
C UNK UB 1 126.05 133.87 53.71
N UNK UB 2 125.45 134.04 54.89
CA UNK UB 2 124.04 133.72 55.11
C UNK UB 2 123.12 134.78 54.51
N UNK UB 3 121.85 134.40 54.36
CA UNK UB 3 120.78 135.32 53.96
C UNK UB 3 119.49 134.76 54.56
N UNK UB 4 119.06 135.33 55.69
CA UNK UB 4 117.93 134.82 56.46
C UNK UB 4 117.02 135.99 56.84
N UNK UB 5 116.03 136.26 56.00
CA UNK UB 5 115.12 137.38 56.23
C UNK UB 5 113.77 137.09 55.61
N UNK UB 6 112.73 137.73 56.16
CA UNK UB 6 111.35 137.60 55.71
C UNK UB 6 110.92 138.95 55.14
N UNK UB 7 110.98 139.07 53.82
CA UNK UB 7 110.81 140.32 53.10
C UNK UB 7 110.18 139.99 51.75
N UNK UB 8 110.33 140.89 50.79
CA UNK UB 8 109.97 140.62 49.39
C UNK UB 8 111.20 140.90 48.54
N UNK UB 9 112.07 139.90 48.41
CA UNK UB 9 113.23 140.04 47.53
C UNK UB 9 112.81 139.91 46.07
N UNK UB 10 112.11 138.82 45.74
CA UNK UB 10 111.17 138.66 44.62
C UNK UB 10 111.73 138.64 43.20
N UNK UB 11 113.03 138.90 43.01
CA UNK UB 11 113.63 138.84 41.68
C UNK UB 11 115.09 138.43 41.86
N UNK UB 12 115.34 137.12 41.77
CA UNK UB 12 116.67 136.58 42.02
C UNK UB 12 116.81 135.26 41.27
N UNK UB 13 117.63 135.25 40.22
CA UNK UB 13 118.16 134.01 39.67
C UNK UB 13 119.51 133.72 40.33
N UNK UB 14 119.42 133.38 41.60
CA UNK UB 14 120.55 133.42 42.53
C UNK UB 14 121.36 132.14 42.37
N UNK UB 15 122.33 132.17 41.47
CA UNK UB 15 123.29 131.08 41.33
C UNK UB 15 124.44 131.36 42.28
N UNK UB 16 124.21 131.06 43.56
CA UNK UB 16 125.15 131.39 44.62
C UNK UB 16 126.34 130.44 44.62
N UNK UB 17 127.43 130.91 45.22
CA UNK UB 17 128.67 130.15 45.33
C UNK UB 17 128.65 129.32 46.61
N UNK UB 18 129.82 128.80 47.00
CA UNK UB 18 129.95 127.92 48.13
C UNK UB 18 129.80 128.69 49.46
N UNK UB 19 129.33 127.94 50.47
CA UNK UB 19 129.08 128.36 51.86
C UNK UB 19 128.10 129.53 51.97
N UNK UB 20 127.14 129.61 51.05
CA UNK UB 20 126.09 130.63 51.09
C UNK UB 20 124.91 130.06 51.86
N UNK UB 21 125.06 130.00 53.19
CA UNK UB 21 124.12 129.28 54.05
C UNK UB 21 122.88 130.12 54.34
N UNK UB 22 122.04 130.25 53.32
CA UNK UB 22 120.88 131.14 53.35
C UNK UB 22 119.68 130.40 53.91
N UNK UB 23 119.28 130.75 55.13
CA UNK UB 23 117.99 130.32 55.68
C UNK UB 23 116.92 131.39 55.48
N UNK UB 24 116.76 131.86 54.25
CA UNK UB 24 115.81 132.92 53.90
C UNK UB 24 114.35 132.45 54.00
N UNK UB 25 113.48 133.42 54.27
CA UNK UB 25 112.04 133.20 54.33
C UNK UB 25 111.29 134.31 53.58
N UNK UB 26 111.97 135.03 52.72
CA UNK UB 26 111.40 136.16 52.00
C UNK UB 26 110.47 135.72 50.88
N UNK UB 27 109.62 136.64 50.46
CA UNK UB 27 108.72 136.40 49.32
C UNK UB 27 109.50 136.48 48.02
N UNK UB 28 110.10 135.36 47.62
CA UNK UB 28 110.94 135.29 46.43
C UNK UB 28 110.11 134.73 45.28
N UNK UB 29 109.50 135.63 44.51
CA UNK UB 29 108.60 135.24 43.44
C UNK UB 29 109.36 134.70 42.23
N UNK UB 30 110.19 135.55 41.61
CA UNK UB 30 110.97 135.13 40.44
C UNK UB 30 112.31 134.60 40.94
N UNK UB 31 112.26 133.41 41.54
CA UNK UB 31 113.38 132.83 42.24
C UNK UB 31 113.95 131.64 41.49
N UNK UB 32 115.28 131.50 41.54
CA UNK UB 32 115.98 130.27 41.15
C UNK UB 32 117.23 130.20 42.03
N UNK UB 33 117.12 129.51 43.16
CA UNK UB 33 118.17 129.53 44.18
C UNK UB 33 119.05 128.30 44.00
N UNK UB 34 120.12 128.45 43.21
CA UNK UB 34 121.07 127.36 42.97
C UNK UB 34 122.25 127.48 43.93
N UNK UB 35 121.94 127.30 45.22
CA UNK UB 35 122.91 127.45 46.29
C UNK UB 35 123.89 126.29 46.31
N UNK UB 36 125.16 126.59 46.05
CA UNK UB 36 126.15 125.57 45.77
C UNK UB 36 126.75 124.91 47.00
N UNK UB 37 126.36 125.32 48.21
CA UNK UB 37 126.58 124.59 49.47
C UNK UB 37 125.59 125.09 50.51
N UNK UB 38 125.30 124.19 51.46
CA UNK UB 38 125.00 124.51 52.87
C UNK UB 38 123.69 125.26 53.08
N UNK UB 39 122.73 125.13 52.16
CA UNK UB 39 121.46 125.82 52.29
C UNK UB 39 120.59 125.13 53.33
N UNK UB 40 120.09 125.90 54.29
CA UNK UB 40 119.41 125.39 55.48
C UNK UB 40 118.09 126.11 55.68
N UNK UB 41 117.28 126.16 54.64
CA UNK UB 41 116.15 127.07 54.58
C UNK UB 41 114.87 126.43 55.12
N UNK UB 42 114.12 127.18 55.92
CA UNK UB 42 112.82 126.75 56.44
C UNK UB 42 111.88 127.93 56.30
N UNK UB 43 111.22 128.02 55.15
CA UNK UB 43 110.46 129.20 54.77
C UNK UB 43 108.97 128.91 54.78
N UNK UB 44 108.19 129.91 54.41
CA UNK UB 44 106.79 129.77 53.99
C UNK UB 44 106.65 130.70 52.80
N UNK UB 45 106.95 130.18 51.61
CA UNK UB 45 107.13 130.99 50.43
C UNK UB 45 106.10 130.63 49.36
N UNK UB 46 106.19 131.35 48.24
CA UNK UB 46 105.32 131.11 47.09
C UNK UB 46 106.09 131.53 45.85
N UNK UB 47 106.65 130.57 45.13
CA UNK UB 47 107.52 130.86 44.00
C UNK UB 47 106.82 130.72 42.66
N UNK UB 48 106.14 129.58 42.44
CA UNK UB 48 105.26 129.18 41.33
C UNK UB 48 105.94 128.99 39.97
N UNK UB 49 107.24 129.27 39.83
CA UNK UB 49 107.96 128.94 38.60
C UNK UB 49 109.40 128.52 38.90
N UNK UB 50 109.63 127.88 40.06
CA UNK UB 50 110.97 127.68 40.59
C UNK UB 50 111.68 126.55 39.87
N UNK UB 51 112.86 126.84 39.34
CA UNK UB 51 113.75 125.82 38.78
C UNK UB 51 114.97 125.77 39.70
N UNK UB 52 114.86 124.99 40.76
CA UNK UB 52 115.88 124.97 41.79
C UNK UB 52 116.94 123.92 41.51
N UNK UB 53 118.19 124.26 41.83
CA UNK UB 53 119.27 123.29 41.91
C UNK UB 53 119.77 123.32 43.34
N UNK UB 54 120.20 122.18 43.85
CA UNK UB 54 120.63 122.11 45.25
C UNK UB 54 121.81 121.18 45.40
N UNK UB 55 122.92 121.72 45.88
CA UNK UB 55 124.13 120.99 46.20
C UNK UB 55 124.12 120.61 47.68
N UNK UB 56 125.30 120.30 48.22
CA UNK UB 56 125.48 119.53 49.46
C UNK UB 56 125.03 120.29 50.71
N UNK UB 57 124.47 119.51 51.65
CA UNK UB 57 123.85 119.91 52.93
C UNK UB 57 122.76 120.97 52.73
N UNK UB 58 121.82 120.67 51.84
CA UNK UB 58 120.66 121.50 51.59
C UNK UB 58 119.46 120.87 52.28
N UNK UB 59 119.19 121.33 53.49
CA UNK UB 59 118.00 120.94 54.23
C UNK UB 59 116.97 122.05 54.09
N UNK UB 60 115.79 121.70 53.57
CA UNK UB 60 114.81 122.73 53.24
C UNK UB 60 113.43 122.32 53.76
N UNK UB 61 112.60 123.32 54.02
CA UNK UB 61 111.23 123.11 54.45
C UNK UB 61 110.41 124.28 53.92
N UNK UB 62 109.76 124.09 52.77
CA UNK UB 62 109.16 125.19 52.05
C UNK UB 62 107.78 124.81 51.54
N UNK UB 63 106.90 125.80 51.42
CA UNK UB 63 105.54 125.63 50.96
C UNK UB 63 105.29 126.34 49.63
N UNK UB 64 106.25 126.27 48.72
CA UNK UB 64 106.20 127.00 47.47
C UNK UB 64 106.19 126.03 46.29
N UNK UB 65 105.53 126.46 45.20
CA UNK UB 65 105.44 125.64 44.02
C UNK UB 65 106.69 125.77 43.17
N UNK UB 66 107.13 124.66 42.59
CA UNK UB 66 108.32 124.62 41.77
C UNK UB 66 107.95 124.23 40.34
N UNK UB 67 108.96 124.23 39.48
CA UNK UB 67 108.79 123.79 38.10
C UNK UB 67 109.83 122.75 37.76
N UNK UB 68 111.04 122.89 38.31
CA UNK UB 68 112.09 121.93 38.07
C UNK UB 68 112.98 121.85 39.30
N UNK UB 69 113.61 120.69 39.48
CA UNK UB 69 114.48 120.45 40.62
C UNK UB 69 115.65 119.60 40.16
N UNK UB 70 116.84 119.95 40.65
CA UNK UB 70 118.04 119.20 40.34
C UNK UB 70 118.88 119.06 41.60
N UNK UB 71 119.52 117.91 41.75
CA UNK UB 71 120.32 117.62 42.93
C UNK UB 71 121.75 117.30 42.50
N UNK UB 72 122.71 117.63 43.36
CA UNK UB 72 124.12 117.49 43.02
C UNK UB 72 124.87 116.47 43.88
N UNK UB 73 124.87 116.64 45.21
CA UNK UB 73 125.61 115.73 46.06
C UNK UB 73 124.73 114.98 47.06
N UNK UB 74 124.06 115.70 47.97
CA UNK UB 74 123.31 115.13 49.08
C UNK UB 74 122.44 116.23 49.65
N UNK UB 75 121.18 115.91 49.94
CA UNK UB 75 120.25 116.92 50.41
C UNK UB 75 119.22 116.28 51.33
N UNK UB 76 118.29 117.12 51.81
CA UNK UB 76 117.08 116.69 52.50
C UNK UB 76 116.05 117.80 52.31
N UNK UB 77 115.17 117.63 51.36
CA UNK UB 77 114.12 118.60 51.14
C UNK UB 77 112.86 118.22 51.90
N UNK UB 78 112.00 119.21 52.10
CA UNK UB 78 110.60 118.98 52.48
C UNK UB 78 109.83 120.13 51.84
N UNK UB 79 109.37 119.91 50.61
CA UNK UB 79 108.78 120.96 49.81
C UNK UB 79 107.33 120.64 49.51
N UNK UB 80 106.55 121.69 49.29
CA UNK UB 80 105.14 121.55 48.94
C UNK UB 80 104.92 122.22 47.58
N UNK UB 81 105.17 121.47 46.51
CA UNK UB 81 105.02 121.99 45.16
C UNK UB 81 103.60 121.75 44.66
N UNK UB 82 103.25 122.37 43.53
CA UNK UB 82 101.86 122.32 43.13
C UNK UB 82 101.61 121.91 41.68
N UNK UB 83 102.43 122.35 40.73
CA UNK UB 83 101.99 122.39 39.33
C UNK UB 83 102.67 121.37 38.44
N UNK UB 84 104.00 121.43 38.33
CA UNK UB 84 104.74 120.54 37.46
C UNK UB 84 106.14 120.39 38.01
N UNK UB 85 106.81 119.31 37.62
CA UNK UB 85 108.15 119.04 38.13
C UNK UB 85 108.98 118.31 37.10
N UNK UB 86 110.04 118.95 36.65
CA UNK UB 86 111.11 118.29 35.90
C UNK UB 86 112.22 117.99 36.90
N UNK UB 87 112.34 116.73 37.31
CA UNK UB 87 113.22 116.37 38.40
C UNK UB 87 114.43 115.60 37.89
N UNK UB 88 115.60 115.91 38.45
CA UNK UB 88 116.82 115.19 38.15
C UNK UB 88 117.72 115.21 39.37
N UNK UB 89 118.39 114.09 39.63
CA UNK UB 89 119.15 113.95 40.87
C UNK UB 89 120.55 113.42 40.57
N UNK UB 90 121.40 113.52 41.59
CA UNK UB 90 122.74 112.94 41.55
C UNK UB 90 123.13 112.59 42.98
N UNK UB 91 122.98 111.29 43.33
CA UNK UB 91 123.50 110.63 44.55
C UNK UB 91 122.91 111.18 45.84
N UNK UB 92 121.73 111.79 45.78
CA UNK UB 92 121.18 112.57 46.87
C UNK UB 92 119.95 111.91 47.46
N UNK UB 93 119.32 112.63 48.39
CA UNK UB 93 118.05 112.23 48.99
C UNK UB 93 117.13 113.43 48.97
N UNK UB 94 115.84 113.19 48.72
CA UNK UB 94 114.89 114.28 48.56
C UNK UB 94 113.51 113.81 48.95
N UNK UB 95 112.77 114.68 49.62
CA UNK UB 95 111.38 114.43 49.96
C UNK UB 95 110.52 115.61 49.54
N UNK UB 96 109.28 115.34 49.17
CA UNK UB 96 108.32 116.39 48.83
C UNK UB 96 106.95 115.98 49.35
N UNK UB 97 106.08 116.96 49.52
CA UNK UB 97 104.86 116.73 50.28
C UNK UB 97 103.57 116.87 49.47
N UNK UB 98 103.33 118.01 48.82
CA UNK UB 98 102.00 118.33 48.35
C UNK UB 98 101.71 117.72 46.99
N UNK UB 99 100.56 118.06 46.43
CA UNK UB 99 100.02 117.43 45.23
C UNK UB 99 100.74 118.00 44.00
N UNK UB 100 101.77 117.31 43.55
CA UNK UB 100 102.51 117.69 42.36
C UNK UB 100 102.04 116.88 41.15
N UNK UB 101 102.48 117.30 39.97
CA UNK UB 101 102.21 116.56 38.74
C UNK UB 101 103.55 116.38 38.02
N UNK UB 102 104.28 115.35 38.39
CA UNK UB 102 105.59 115.09 37.83
C UNK UB 102 105.41 114.40 36.49
N UNK UB 103 105.81 115.08 35.42
CA UNK UB 103 105.69 114.50 34.09
C UNK UB 103 106.80 113.50 33.81
N UNK UB 104 108.05 113.90 34.02
CA UNK UB 104 109.17 113.02 33.75
C UNK UB 104 110.12 113.03 34.93
N UNK UB 105 110.73 111.88 35.20
CA UNK UB 105 111.74 111.75 36.24
C UNK UB 105 112.83 110.84 35.73
N UNK UB 106 114.07 111.31 35.84
CA UNK UB 106 115.24 110.56 35.38
C UNK UB 106 116.25 110.52 36.51
N UNK UB 107 116.51 109.33 37.02
CA UNK UB 107 117.47 109.15 38.11
C UNK UB 107 118.55 108.20 37.61
N UNK UB 108 119.78 108.71 37.52
CA UNK UB 108 120.89 107.93 37.01
C UNK UB 108 121.97 107.70 38.07
N UNK UB 109 121.63 107.82 39.35
CA UNK UB 109 122.60 107.74 40.42
C UNK UB 109 121.90 107.17 41.66
N UNK UB 110 122.51 107.39 42.83
CA UNK UB 110 121.96 106.92 44.10
C UNK UB 110 121.05 108.00 44.66
N UNK UB 111 119.76 107.87 44.39
CA UNK UB 111 118.79 108.91 44.71
C UNK UB 111 117.66 108.31 45.54
N UNK UB 112 117.47 108.86 46.73
CA UNK UB 112 116.33 108.48 47.57
C UNK UB 112 115.26 109.55 47.40
N UNK UB 113 114.50 109.43 46.31
CA UNK UB 113 113.47 110.40 45.97
C UNK UB 113 112.13 109.95 46.54
N UNK UB 114 111.41 110.88 47.16
CA UNK UB 114 110.11 110.57 47.72
C UNK UB 114 109.15 111.72 47.48
N UNK UB 115 107.91 111.39 47.11
CA UNK UB 115 106.86 112.39 46.94
C UNK UB 115 105.60 111.85 47.59
N UNK UB 116 105.08 112.56 48.58
CA UNK UB 116 103.95 112.08 49.35
C UNK UB 116 102.62 112.25 48.64
N UNK UB 117 102.58 113.04 47.57
CA UNK UB 117 101.39 113.15 46.74
C UNK UB 117 101.84 113.47 45.33
N UNK UB 118 101.22 112.83 44.34
CA UNK UB 118 101.58 112.97 42.94
C UNK UB 118 100.35 112.66 42.11
N UNK UB 119 99.67 113.70 41.63
CA UNK UB 119 98.51 113.54 40.75
C UNK UB 119 98.97 113.89 39.34
N UNK UB 120 99.57 112.93 38.67
CA UNK UB 120 100.17 113.15 37.36
C UNK UB 120 99.19 112.75 36.26
N UNK UB 121 99.68 112.79 35.04
CA UNK UB 121 98.91 112.31 33.89
C UNK UB 121 99.65 111.27 33.08
N UNK UB 122 100.96 111.41 32.91
CA UNK UB 122 101.78 110.41 32.22
C UNK UB 122 103.18 110.49 32.82
N UNK UB 123 103.47 109.64 33.78
CA UNK UB 123 104.73 109.70 34.52
C UNK UB 123 105.72 108.75 33.90
N UNK UB 124 106.70 109.29 33.20
CA UNK UB 124 107.79 108.49 32.64
C UNK UB 124 108.94 108.53 33.63
N UNK UB 125 109.24 107.40 34.25
CA UNK UB 125 110.29 107.28 35.25
C UNK UB 125 111.37 106.36 34.70
N UNK UB 126 112.54 106.91 34.42
CA UNK UB 126 113.68 106.15 33.94
C UNK UB 126 114.73 106.11 35.02
N UNK UB 127 115.25 104.91 35.30
CA UNK UB 127 116.20 104.74 36.39
C UNK UB 127 117.42 103.96 35.93
N UNK UB 128 118.57 104.30 36.52
CA UNK UB 128 119.85 103.74 36.10
C UNK UB 128 120.74 103.50 37.32
N UNK UB 129 120.88 102.23 37.66
CA UNK UB 129 121.93 101.52 38.38
C UNK UB 129 122.02 101.69 39.90
N UNK UB 130 121.38 102.70 40.50
CA UNK UB 130 121.55 102.82 41.96
C UNK UB 130 120.38 103.27 42.81
N UNK UB 131 119.44 104.05 42.26
CA UNK UB 131 118.53 104.88 43.04
C UNK UB 131 117.42 104.09 43.73
N UNK UB 132 116.54 104.84 44.42
CA UNK UB 132 115.41 104.29 45.16
C UNK UB 132 114.30 105.33 45.19
N UNK UB 133 113.35 105.23 44.27
CA UNK UB 133 112.26 106.18 44.21
C UNK UB 133 111.03 105.61 44.90
N UNK UB 134 110.41 106.43 45.75
CA UNK UB 134 109.16 106.05 46.43
C UNK UB 134 108.15 107.17 46.25
N UNK UB 135 107.45 107.16 45.12
CA UNK UB 135 106.49 108.20 44.77
C UNK UB 135 105.12 107.55 44.64
N UNK UB 136 104.16 108.02 45.44
CA UNK UB 136 102.91 107.27 45.54
C UNK UB 136 101.72 108.18 45.83
N UNK UB 137 101.05 108.67 44.79
CA UNK UB 137 99.60 108.76 44.92
C UNK UB 137 98.80 108.17 43.75
N UNK UB 138 98.83 108.84 42.59
CA UNK UB 138 97.87 108.55 41.53
C UNK UB 138 98.39 109.09 40.20
N UNK UB 139 98.97 108.24 39.38
CA UNK UB 139 99.24 108.64 38.00
C UNK UB 139 98.09 108.14 37.13
N UNK UB 140 98.20 108.35 35.83
CA UNK UB 140 97.25 107.75 34.90
C UNK UB 140 97.91 106.87 33.86
N UNK UB 141 99.15 107.13 33.49
CA UNK UB 141 99.93 106.20 32.68
C UNK UB 141 101.36 106.27 33.19
N UNK UB 142 101.76 105.27 33.97
CA UNK UB 142 103.08 105.23 34.55
C UNK UB 142 103.97 104.30 33.74
N UNK UB 143 104.94 104.89 33.04
CA UNK UB 143 105.89 104.13 32.24
C UNK UB 143 107.21 104.14 33.01
N UNK UB 144 107.52 103.02 33.65
CA UNK UB 144 108.69 102.91 34.51
C UNK UB 144 109.68 101.97 33.84
N UNK UB 145 110.78 102.55 33.34
CA UNK UB 145 111.84 101.75 32.75
C UNK UB 145 113.03 101.79 33.70
N UNK UB 146 113.23 100.69 34.41
CA UNK UB 146 114.38 100.54 35.28
C UNK UB 146 115.43 99.76 34.52
N UNK UB 147 116.44 100.47 34.00
CA UNK UB 147 117.52 99.87 33.22
C UNK UB 147 118.71 99.55 34.08
N UNK UB 148 118.46 98.99 35.25
CA UNK UB 148 119.02 99.46 36.50
C UNK UB 148 119.26 98.32 37.47
N UNK UB 149 120.16 98.54 38.42
CA UNK UB 149 120.29 97.70 39.61
C UNK UB 149 119.60 98.36 40.79
N UNK UB 150 118.44 98.97 40.54
CA UNK UB 150 117.84 99.93 41.43
C UNK UB 150 116.42 99.48 41.76
N UNK UB 151 115.72 100.32 42.51
CA UNK UB 151 114.41 99.99 43.05
C UNK UB 151 113.44 101.12 42.78
N UNK UB 152 112.23 100.77 42.39
CA UNK UB 152 111.12 101.72 42.22
C UNK UB 152 109.95 101.19 43.03
N UNK UB 153 109.93 101.55 44.31
CA UNK UB 153 108.84 101.15 45.19
C UNK UB 153 107.65 102.04 44.92
N UNK UB 154 106.45 101.46 45.04
CA UNK UB 154 105.25 102.21 44.70
C UNK UB 154 104.05 101.66 45.44
N UNK UB 155 103.34 102.56 46.11
CA UNK UB 155 101.93 102.41 46.40
C UNK UB 155 101.14 103.36 45.51
N UNK UB 156 101.70 103.68 44.35
CA UNK UB 156 101.10 104.62 43.42
C UNK UB 156 100.02 103.92 42.62
N UNK UB 157 98.77 104.28 42.86
CA UNK UB 157 97.64 103.68 42.14
C UNK UB 157 97.58 104.29 40.76
N UNK UB 158 98.14 103.59 39.78
CA UNK UB 158 98.14 104.04 38.41
C UNK UB 158 96.95 103.47 37.65
N UNK UB 159 96.43 104.25 36.72
CA UNK UB 159 95.33 103.77 35.89
C UNK UB 159 95.83 102.87 34.79
N UNK UB 160 97.08 103.01 34.39
CA UNK UB 160 97.72 102.12 33.43
C UNK UB 160 99.20 102.12 33.73
N UNK UB 161 99.83 100.96 33.67
CA UNK UB 161 101.22 100.83 34.07
C UNK UB 161 101.99 100.03 33.03
N UNK UB 162 103.21 100.49 32.74
CA UNK UB 162 104.10 99.83 31.80
C UNK UB 162 105.49 99.84 32.42
N UNK UB 163 105.86 98.76 33.09
CA UNK UB 163 107.08 98.68 33.87
C UNK UB 163 107.98 97.62 33.27
N UNK UB 164 109.17 98.03 32.84
CA UNK UB 164 110.15 97.14 32.25
C UNK UB 164 111.44 97.23 33.05
N UNK UB 165 111.85 96.09 33.61
CA UNK UB 165 113.06 96.01 34.41
C UNK UB 165 114.10 95.24 33.62
N UNK UB 166 115.31 95.77 33.51
CA UNK UB 166 116.23 95.29 32.49
C UNK UB 166 117.35 94.39 33.00
N UNK UB 167 117.97 94.67 34.16
CA UNK UB 167 119.04 93.81 34.71
C UNK UB 167 119.11 93.97 36.22
N UNK UB 168 118.42 93.08 36.95
CA UNK UB 168 118.35 92.98 38.42
C UNK UB 168 117.90 94.27 39.10
N UNK UB 169 116.73 94.77 38.67
CA UNK UB 169 116.03 95.82 39.37
C UNK UB 169 114.94 95.23 40.26
N UNK UB 170 114.25 96.11 40.97
CA UNK UB 170 113.12 95.70 41.80
C UNK UB 170 112.05 96.78 41.71
N UNK UB 171 110.86 96.42 41.22
CA UNK UB 171 109.81 97.37 40.97
C UNK UB 171 108.53 96.93 41.66
N UNK UB 172 107.98 97.79 42.49
CA UNK UB 172 106.78 97.48 43.27
C UNK UB 172 105.65 98.36 42.73
N UNK UB 173 104.89 97.83 41.81
CA UNK UB 173 103.90 98.60 41.07
C UNK UB 173 102.49 98.36 41.62
N UNK UB 174 101.55 99.19 41.17
CA UNK UB 174 100.15 99.06 41.52
C UNK UB 174 99.34 99.64 40.37
N UNK UB 175 98.52 98.80 39.73
CA UNK UB 175 97.80 99.22 38.54
C UNK UB 175 96.31 99.00 38.73
N UNK UB 176 95.51 100.01 38.42
CA UNK UB 176 94.08 99.88 38.58
C UNK UB 176 93.44 99.18 37.39
N UNK UB 177 93.51 99.78 36.20
CA UNK UB 177 92.80 99.24 35.07
C UNK UB 177 93.68 98.40 34.14
N UNK UB 178 94.96 98.70 34.03
CA UNK UB 178 95.81 98.05 33.04
C UNK UB 178 97.20 97.87 33.62
N UNK UB 179 97.65 96.62 33.72
CA UNK UB 179 99.01 96.32 34.12
C UNK UB 179 99.78 95.78 32.93
N UNK UB 180 101.00 96.23 32.78
CA UNK UB 180 101.81 95.96 31.61
C UNK UB 180 103.23 95.81 32.09
N UNK UB 181 103.74 94.58 32.11
CA UNK UB 181 104.98 94.34 32.83
C UNK UB 181 105.89 93.45 32.02
N UNK UB 182 107.18 93.75 32.04
CA UNK UB 182 108.19 92.87 31.46
C UNK UB 182 109.46 93.00 32.27
N UNK UB 183 110.12 91.88 32.50
CA UNK UB 183 111.30 91.88 33.35
C UNK UB 183 112.37 90.97 32.77
N UNK UB 184 113.63 91.31 33.06
CA UNK UB 184 114.78 90.54 32.57
C UNK UB 184 115.84 90.49 33.66
N UNK UB 185 116.13 89.27 34.14
CA UNK UB 185 117.02 88.94 35.28
C UNK UB 185 116.71 89.67 36.59
N UNK UB 186 115.44 90.03 36.81
CA UNK UB 186 115.06 91.06 37.76
C UNK UB 186 113.82 90.62 38.51
N UNK UB 187 113.16 91.56 39.17
CA UNK UB 187 111.96 91.26 39.93
C UNK UB 187 110.97 92.40 39.81
N UNK UB 188 109.69 92.07 39.64
CA UNK UB 188 108.63 93.07 39.54
C UNK UB 188 107.46 92.59 40.39
N UNK UB 189 107.24 93.24 41.52
CA UNK UB 189 106.26 92.79 42.50
C UNK UB 189 104.97 93.57 42.34
N UNK UB 190 103.94 92.92 41.77
CA UNK UB 190 102.64 93.53 41.58
C UNK UB 190 101.91 93.54 42.91
N UNK UB 191 101.57 94.73 43.40
CA UNK UB 191 100.96 94.86 44.72
C UNK UB 191 99.45 94.98 44.67
N UNK UB 192 98.86 95.08 43.48
CA UNK UB 192 97.40 95.09 43.33
C UNK UB 192 97.06 94.46 42.00
N UNK UB 193 95.97 93.73 41.96
CA UNK UB 193 95.57 93.05 40.73
C UNK UB 193 94.80 94.03 39.87
N UNK UB 194 95.22 94.20 38.62
CA UNK UB 194 94.59 95.14 37.73
C UNK UB 194 93.32 94.57 37.15
N UNK UB 195 92.59 95.42 36.42
CA UNK UB 195 91.43 94.94 35.70
C UNK UB 195 91.83 94.10 34.50
N UNK UB 196 92.83 94.54 33.74
CA UNK UB 196 93.43 93.71 32.73
C UNK UB 196 94.94 93.72 32.93
N UNK UB 197 95.51 92.56 33.15
CA UNK UB 197 96.93 92.44 33.47
C UNK UB 197 97.63 91.63 32.41
N UNK UB 198 98.88 92.02 32.12
CA UNK UB 198 99.72 91.23 31.22
C UNK UB 198 101.16 91.41 31.62
N UNK UB 199 101.85 90.30 31.83
CA UNK UB 199 103.21 90.31 32.33
C UNK UB 199 104.05 89.32 31.56
N UNK UB 200 105.29 89.69 31.28
CA UNK UB 200 106.20 88.87 30.51
C UNK UB 200 107.53 88.78 31.24
N UNK UB 201 107.86 87.58 31.69
CA UNK UB 201 109.13 87.28 32.32
C UNK UB 201 110.10 86.85 31.24
N UNK UB 202 111.28 87.42 31.27
CA UNK UB 202 112.37 87.13 30.33
C UNK UB 202 113.28 86.10 30.98
N UNK UB 203 114.55 86.06 30.54
CA UNK UB 203 115.56 85.18 31.12
C UNK UB 203 115.80 85.49 32.59
N UNK UB 204 115.38 84.53 33.43
CA UNK UB 204 115.63 84.43 34.88
C UNK UB 204 115.05 85.60 35.68
N UNK UB 205 113.82 85.99 35.35
CA UNK UB 205 113.16 87.12 36.00
C UNK UB 205 111.79 86.74 36.52
N UNK UB 206 111.32 87.47 37.52
CA UNK UB 206 110.08 87.15 38.21
C UNK UB 206 109.11 88.32 38.14
N UNK UB 207 107.96 88.13 37.52
CA UNK UB 207 106.85 89.05 37.68
C UNK UB 207 105.88 88.42 38.66
N UNK UB 208 106.27 88.37 39.92
CA UNK UB 208 105.46 87.73 40.95
C UNK UB 208 104.41 88.73 41.42
N UNK UB 209 103.21 88.25 41.68
CA UNK UB 209 102.14 89.11 42.16
C UNK UB 209 102.14 89.05 43.68
N UNK UB 210 102.84 90.00 44.30
CA UNK UB 210 103.03 90.01 45.75
C UNK UB 210 101.96 90.83 46.46
N UNK UB 211 100.70 90.56 46.13
CA UNK UB 211 99.61 91.03 46.95
C UNK UB 211 99.54 90.21 48.21
N UNK UB 212 99.04 90.82 49.28
CA UNK UB 212 99.00 90.18 50.58
C UNK UB 212 97.86 89.18 50.61
N UNK UB 213 98.22 87.90 50.67
CA UNK UB 213 97.26 86.85 50.95
C UNK UB 213 96.75 86.99 52.38
N UNK UB 214 95.53 86.49 52.60
CA UNK UB 214 94.62 86.84 53.70
C UNK UB 214 94.45 88.35 53.83
N UNK UB 215 93.86 88.93 52.78
CA UNK UB 215 93.28 90.25 52.91
C UNK UB 215 91.89 90.16 53.53
N UNK UB 216 91.26 91.32 53.71
CA UNK UB 216 89.88 91.33 54.16
C UNK UB 216 88.95 90.92 53.03
N UNK UB 217 89.17 91.48 51.85
CA UNK UB 217 88.50 91.04 50.63
C UNK UB 217 89.50 91.25 49.49
N UNK UB 218 90.27 90.20 49.18
CA UNK UB 218 91.12 90.21 48.02
C UNK UB 218 90.31 89.72 46.83
N UNK UB 219 90.22 90.52 45.78
CA UNK UB 219 89.49 90.13 44.59
C UNK UB 219 90.32 89.12 43.81
N UNK UB 220 89.67 88.02 43.43
CA UNK UB 220 90.37 86.92 42.77
C UNK UB 220 90.66 87.24 41.31
N UNK UB 221 91.56 86.44 40.73
CA UNK UB 221 91.96 86.63 39.35
C UNK UB 221 90.88 86.08 38.44
N UNK UB 222 90.02 86.99 37.96
CA UNK UB 222 88.89 86.64 37.11
C UNK UB 222 89.33 86.29 35.70
N UNK UB 223 88.37 85.88 34.86
CA UNK UB 223 88.62 85.29 33.55
C UNK UB 223 89.16 86.27 32.51
N UNK UB 224 89.03 87.57 32.75
CA UNK UB 224 89.69 88.56 31.95
C UNK UB 224 91.07 88.93 32.48
N UNK UB 225 91.43 88.52 33.69
CA UNK UB 225 92.67 88.96 34.30
C UNK UB 225 93.53 87.82 34.84
N UNK UB 226 93.27 86.59 34.45
CA UNK UB 226 94.01 85.44 34.99
C UNK UB 226 95.08 85.04 33.99
N UNK UB 227 96.33 85.38 34.27
CA UNK UB 227 97.43 84.97 33.45
C UNK UB 227 98.28 83.96 34.19
N UNK UB 228 99.21 83.35 33.47
CA UNK UB 228 100.12 82.38 34.07
C UNK UB 228 101.20 83.09 34.89
N UNK VB 1 93.92 111.62 60.28
CA UNK VB 1 95.28 111.91 59.83
C UNK VB 1 95.36 111.88 58.31
N UNK VB 2 94.21 112.00 57.66
CA UNK VB 2 94.11 111.95 56.20
C UNK VB 2 94.11 113.36 55.63
N UNK VB 3 93.80 113.47 54.33
CA UNK VB 3 93.70 114.76 53.65
C UNK VB 3 92.67 114.58 52.55
N UNK VB 4 91.46 115.08 52.77
CA UNK VB 4 90.39 114.90 51.81
C UNK VB 4 90.52 115.88 50.65
N UNK VB 5 89.77 115.61 49.59
CA UNK VB 5 89.65 116.51 48.45
C UNK VB 5 88.20 116.96 48.34
N UNK VB 6 88.01 118.10 47.71
CA UNK VB 6 86.72 118.78 47.69
C UNK VB 6 85.80 118.35 46.56
N UNK VB 7 86.10 117.24 45.88
CA UNK VB 7 85.26 116.71 44.83
C UNK VB 7 84.23 115.76 45.44
N UNK VB 8 83.58 114.95 44.61
CA UNK VB 8 82.72 113.89 45.11
C UNK VB 8 83.58 112.77 45.68
N UNK VB 9 83.92 112.89 46.97
CA UNK VB 9 84.33 111.82 47.88
C UNK VB 9 85.67 111.15 47.53
N UNK VB 10 86.72 111.96 47.39
CA UNK VB 10 88.07 111.46 47.29
C UNK VB 10 88.88 111.93 48.48
N UNK VB 11 89.85 111.12 48.89
CA UNK VB 11 90.66 111.44 50.06
C UNK VB 11 92.02 110.78 49.93
N UNK VB 12 93.09 111.58 49.90
CA UNK VB 12 94.39 110.98 50.09
C UNK VB 12 94.63 110.73 51.57
N UNK VB 13 95.58 109.86 51.87
CA UNK VB 13 95.82 109.50 53.26
C UNK VB 13 97.30 109.22 53.47
N UNK VB 14 97.82 109.72 54.58
CA UNK VB 14 99.25 109.67 54.86
C UNK VB 14 99.55 108.89 56.12
N UNK VB 15 98.90 107.73 56.30
CA UNK VB 15 99.35 106.80 57.32
C UNK VB 15 100.66 106.15 56.90
N UNK VB 16 100.63 105.42 55.79
CA UNK VB 16 101.83 105.20 54.99
C UNK VB 16 101.69 105.84 53.62
N UNK VB 17 100.71 105.38 52.81
CA UNK VB 17 100.38 105.89 51.50
C UNK VB 17 99.01 105.39 51.05
N UNK VB 18 98.06 106.29 50.78
CA UNK VB 18 96.78 105.89 50.19
C UNK VB 18 96.20 107.03 49.38
N UNK VB 19 95.45 106.68 48.33
CA UNK VB 19 94.55 107.63 47.66
C UNK VB 19 93.19 106.94 47.51
N UNK VB 20 92.38 107.00 48.56
CA UNK VB 20 91.15 106.22 48.62
C UNK VB 20 89.95 107.12 48.37
N UNK VB 21 88.76 106.55 48.52
CA UNK VB 21 87.52 107.25 48.22
C UNK VB 21 86.53 107.05 49.36
N UNK VB 22 85.80 108.12 49.67
CA UNK VB 22 84.75 108.13 50.67
C UNK VB 22 83.42 107.83 49.98
N UNK VB 23 82.31 108.12 50.65
CA UNK VB 23 81.01 108.20 49.99
C UNK VB 23 80.44 109.60 49.98
N UNK VB 24 80.68 110.37 51.07
CA UNK VB 24 80.28 111.78 51.28
C UNK VB 24 78.77 112.01 51.17
N UNK VB 25 78.00 111.03 51.62
CA UNK VB 25 76.57 111.16 51.79
C UNK VB 25 76.11 110.84 53.20
N UNK VB 26 76.82 109.96 53.90
CA UNK VB 26 76.59 109.71 55.32
C UNK VB 26 77.42 110.62 56.22
N UNK VB 27 78.49 111.23 55.66
CA UNK VB 27 79.31 112.30 56.25
C UNK VB 27 80.02 111.89 57.53
N UNK VB 28 80.89 110.88 57.42
CA UNK VB 28 81.75 110.47 58.53
C UNK VB 28 83.09 111.17 58.39
N UNK VB 29 83.05 112.50 58.49
CA UNK VB 29 84.26 113.34 58.39
C UNK VB 29 84.80 113.65 59.78
N UNK VB 30 85.16 112.58 60.49
CA UNK VB 30 85.59 112.72 61.87
C UNK VB 30 87.03 113.18 61.99
N UNK VB 31 87.83 112.97 60.92
CA UNK VB 31 89.29 113.16 60.84
C UNK VB 31 90.04 112.41 61.95
N UNK VB 32 89.58 111.22 62.28
CA UNK VB 32 90.14 110.41 63.36
C UNK VB 32 89.88 108.96 63.02
N UNK VB 33 90.93 108.22 62.70
CA UNK VB 33 90.78 106.90 62.12
C UNK VB 33 92.04 106.10 62.41
N UNK VB 34 92.05 104.87 61.91
CA UNK VB 34 93.23 104.01 61.92
C UNK VB 34 93.41 103.49 60.50
N UNK VB 35 94.10 104.27 59.68
CA UNK VB 35 94.32 103.91 58.28
C UNK VB 35 95.53 102.99 58.18
N UNK VB 36 95.45 102.01 57.29
CA UNK VB 36 96.49 101.01 57.13
C UNK VB 36 96.81 100.82 55.66
N UNK VB 37 97.86 100.04 55.41
CA UNK VB 37 98.27 99.68 54.04
C UNK VB 37 97.65 98.35 53.60
N UNK VB 38 96.33 98.25 53.75
CA UNK VB 38 95.52 97.18 53.20
C UNK VB 38 94.26 97.78 52.59
N UNK VB 39 94.33 99.09 52.30
CA UNK VB 39 93.25 99.96 51.81
C UNK VB 39 92.05 99.95 52.75
N UNK VB 40 92.27 100.43 53.98
CA UNK VB 40 91.22 100.42 54.97
C UNK VB 40 91.39 101.67 55.84
N UNK VB 41 90.63 102.71 55.53
CA UNK VB 41 90.52 103.89 56.40
C UNK VB 41 89.34 103.64 57.33
N UNK VB 42 89.62 103.04 58.49
CA UNK VB 42 88.59 102.65 59.44
C UNK VB 42 88.32 103.82 60.37
N UNK VB 43 87.24 104.54 60.09
CA UNK VB 43 86.92 105.78 60.80
C UNK VB 43 86.14 105.47 62.08
N UNK VB 44 85.59 106.53 62.68
CA UNK VB 44 84.81 106.35 63.91
C UNK VB 44 83.43 105.76 63.60
N UNK VB 45 82.82 106.17 62.50
CA UNK VB 45 81.51 105.65 62.14
C UNK VB 45 81.62 104.39 61.28
N UNK VB 46 82.33 104.48 60.16
CA UNK VB 46 82.35 103.43 59.15
C UNK VB 46 83.79 103.19 58.71
N UNK VB 47 83.93 102.45 57.61
CA UNK VB 47 85.25 102.16 57.04
C UNK VB 47 85.29 102.62 55.59
N UNK VB 48 86.46 103.05 55.15
CA UNK VB 48 86.64 103.58 53.81
C UNK VB 48 87.79 102.86 53.13
N UNK VB 49 87.66 102.67 51.82
CA UNK VB 49 88.63 101.93 51.02
C UNK VB 49 88.86 102.64 49.70
N UNK VB 50 89.83 102.15 48.94
CA UNK VB 50 90.01 102.58 47.56
C UNK VB 50 88.88 101.99 46.73
N UNK VB 51 87.93 102.83 46.32
CA UNK VB 51 86.69 102.33 45.75
C UNK VB 51 86.84 101.96 44.29
N UNK VB 52 86.07 100.98 43.86
CA UNK VB 52 86.04 100.55 42.49
C UNK VB 52 84.62 100.28 42.04
N UNK WB 1 98.37 42.01 30.22
CA UNK WB 1 97.63 41.98 31.47
C UNK WB 1 98.44 42.67 32.55
N UNK WB 2 98.50 42.10 33.76
CA UNK WB 2 99.42 42.58 34.78
C UNK WB 2 100.83 42.15 34.39
N UNK WB 3 101.53 42.99 33.64
CA UNK WB 3 102.86 42.68 33.15
C UNK WB 3 103.85 43.67 33.70
N UNK WB 4 105.08 43.19 33.92
CA UNK WB 4 106.32 43.88 34.27
C UNK WB 4 106.36 44.50 35.67
N UNK WB 5 105.29 44.43 36.47
CA UNK WB 5 105.49 44.53 37.90
C UNK WB 5 105.89 43.15 38.42
N UNK WB 6 104.96 42.22 38.34
CA UNK WB 6 105.14 40.77 38.28
C UNK WB 6 103.86 40.23 37.67
N UNK WB 7 103.61 38.93 37.85
CA UNK WB 7 102.34 38.37 37.40
C UNK WB 7 101.21 38.74 38.37
N UNK WB 8 99.98 38.47 37.94
CA UNK WB 8 98.79 38.82 38.71
C UNK WB 8 98.64 37.91 39.91
N UNK WB 9 98.69 38.47 41.11
CA UNK WB 9 98.63 37.64 42.32
C UNK WB 9 97.21 37.25 42.67
N UNK WB 10 96.39 38.21 43.05
CA UNK WB 10 95.00 37.99 43.38
C UNK WB 10 94.14 38.59 42.30
N UNK WB 11 92.84 38.62 42.54
CA UNK WB 11 91.92 39.44 41.75
C UNK WB 11 90.96 40.01 42.79
N UNK WB 12 91.25 41.23 43.24
CA UNK WB 12 90.51 41.86 44.33
C UNK WB 12 89.15 42.28 43.83
N UNK WB 13 88.11 41.73 44.43
CA UNK WB 13 86.76 42.12 44.10
C UNK WB 13 86.47 43.51 44.64
N UNK WB 14 85.55 44.20 43.95
CA UNK WB 14 85.30 45.65 43.98
C UNK WB 14 86.57 46.47 43.76
N UNK WB 15 87.41 46.00 42.84
CA UNK WB 15 88.70 46.60 42.51
C UNK WB 15 89.14 46.03 41.17
N UNK WB 16 90.35 46.41 40.76
CA UNK WB 16 91.01 45.87 39.59
C UNK WB 16 91.82 44.63 40.01
N UNK WB 17 92.65 44.12 39.10
CA UNK WB 17 93.49 42.98 39.43
C UNK WB 17 94.67 43.42 40.28
N UNK WB 18 95.16 42.51 41.10
CA UNK WB 18 96.23 42.80 42.04
C UNK WB 18 97.48 42.08 41.58
N UNK WB 19 98.40 42.84 40.98
CA UNK WB 19 99.68 42.29 40.58
C UNK WB 19 100.57 42.09 41.81
N UNK WB 20 101.66 41.34 41.63
CA UNK WB 20 102.45 40.93 42.77
C UNK WB 20 103.52 41.95 43.18
N UNK WB 21 103.45 43.18 42.68
CA UNK WB 21 103.96 44.33 43.41
C UNK WB 21 102.84 45.28 43.82
N UNK WB 22 102.09 45.82 42.85
CA UNK WB 22 101.12 46.88 43.07
C UNK WB 22 99.76 46.51 42.51
N UNK WB 23 98.82 47.45 42.45
CA UNK WB 23 97.49 47.17 41.93
C UNK WB 23 97.46 47.53 40.45
N UNK WB 24 96.97 46.61 39.63
CA UNK WB 24 97.17 46.71 38.19
C UNK WB 24 96.16 47.64 37.55
N UNK WB 25 96.31 47.82 36.25
CA UNK WB 25 95.39 48.64 35.47
C UNK WB 25 94.41 47.80 34.68
N UNK WB 26 94.43 46.48 34.85
CA UNK WB 26 93.49 45.61 34.19
C UNK WB 26 92.33 45.30 35.12
N UNK WB 27 91.11 45.40 34.62
CA UNK WB 27 89.93 45.23 35.46
C UNK WB 27 89.66 43.75 35.68
N UNK WB 28 89.41 43.38 36.94
CA UNK WB 28 89.32 41.99 37.32
C UNK WB 28 87.89 41.46 37.18
N UNK WB 29 86.95 42.08 37.88
CA UNK WB 29 85.57 41.67 37.84
C UNK WB 29 84.84 42.36 36.70
N UNK WB 30 83.53 42.17 36.63
CA UNK WB 30 82.72 42.93 35.69
C UNK WB 30 82.21 44.20 36.33
N UNK WB 31 82.43 44.38 37.62
CA UNK WB 31 81.80 45.42 38.40
C UNK WB 31 82.81 46.32 39.07
N UNK WB 32 83.97 46.53 38.47
CA UNK WB 32 84.89 47.54 38.92
C UNK WB 32 84.59 48.83 38.17
N UNK WB 33 85.20 49.94 38.60
CA UNK WB 33 84.78 51.26 38.11
C UNK WB 33 85.48 51.63 36.81
N UNK WB 34 85.22 50.85 35.76
CA UNK WB 34 85.65 51.20 34.41
C UNK WB 34 84.72 52.29 33.92
N UNK WB 35 85.28 53.45 33.57
CA UNK WB 35 84.49 54.62 33.23
C UNK WB 35 83.97 54.49 31.81
N UNK WB 36 82.86 53.77 31.69
CA UNK WB 36 82.21 53.60 30.40
C UNK WB 36 81.45 54.87 30.08
N UNK WB 37 81.75 55.47 28.93
CA UNK WB 37 81.08 56.70 28.54
C UNK WB 37 80.45 56.62 27.16
N UNK WB 38 80.56 55.50 26.46
CA UNK WB 38 79.84 55.29 25.21
C UNK WB 38 79.25 53.89 25.22
N UNK WB 39 77.99 53.77 25.61
CA UNK WB 39 77.28 52.51 25.48
C UNK WB 39 76.76 52.37 24.06
N UNK WB 40 76.19 51.20 23.75
CA UNK WB 40 75.73 50.94 22.40
C UNK WB 40 74.50 50.04 22.49
N UNK WB 41 73.32 50.65 22.42
CA UNK WB 41 72.07 49.91 22.51
C UNK WB 41 70.96 50.70 21.83
N UNK WB 42 70.00 49.96 21.27
CA UNK WB 42 68.78 50.58 20.80
C UNK WB 42 67.94 50.97 22.00
N UNK WB 43 67.46 52.22 21.97
CA UNK WB 43 66.70 52.92 23.01
C UNK WB 43 67.44 52.96 24.35
N UNK WB 44 68.76 53.14 24.30
CA UNK WB 44 69.48 53.50 25.52
C UNK WB 44 69.25 54.98 25.80
N UNK WB 45 69.21 55.32 27.10
CA UNK WB 45 69.04 56.63 27.76
C UNK WB 45 67.64 57.23 27.66
N UNK WB 46 66.76 56.61 26.89
CA UNK WB 46 65.34 56.53 27.17
C UNK WB 46 65.12 55.22 27.90
N UNK WB 47 63.87 54.76 27.99
CA UNK WB 47 63.66 53.42 28.51
C UNK WB 47 63.98 52.41 27.42
N UNK WB 48 64.14 51.15 27.82
CA UNK WB 48 64.71 50.08 26.99
C UNK WB 48 63.77 49.66 25.87
N UNK WB 49 64.28 48.83 24.96
CA UNK WB 49 63.54 48.39 23.78
C UNK WB 49 62.47 47.39 24.19
N UNK WB 50 61.20 47.77 24.00
CA UNK WB 50 60.05 46.97 24.40
C UNK WB 50 59.93 45.76 23.48
N UNK WB 51 60.20 44.58 24.02
CA UNK WB 51 60.53 43.41 23.23
C UNK WB 51 59.32 42.72 22.61
N UNK WB 52 58.10 43.14 22.94
CA UNK WB 52 56.91 42.41 22.51
C UNK WB 52 56.53 42.67 21.06
N UNK WB 53 57.10 43.68 20.42
CA UNK WB 53 56.66 44.05 19.07
C UNK WB 53 57.29 43.15 18.02
N UNK WB 54 56.54 42.91 16.94
CA UNK WB 54 57.06 42.29 15.73
C UNK WB 54 56.46 43.07 14.56
N UNK WB 55 57.14 44.14 14.18
CA UNK WB 55 56.64 45.08 13.18
C UNK WB 55 57.85 45.70 12.49
N UNK WB 56 57.63 46.83 11.82
CA UNK WB 56 58.74 47.52 11.17
C UNK WB 56 59.54 48.36 12.17
N UNK WB 57 58.86 49.18 12.95
CA UNK WB 57 59.51 50.11 13.85
C UNK WB 57 60.00 49.42 15.12
N UNK WB 58 60.80 50.14 15.89
CA UNK WB 58 61.33 49.66 17.16
C UNK WB 58 60.83 50.60 18.26
N UNK WB 59 60.13 50.05 19.23
CA UNK WB 59 59.48 50.86 20.24
C UNK WB 59 60.21 50.76 21.58
N UNK WB 60 60.43 51.91 22.21
CA UNK WB 60 61.01 51.90 23.53
C UNK WB 60 59.95 51.55 24.57
N UNK WB 61 60.39 51.27 25.79
CA UNK WB 61 59.44 51.00 26.86
C UNK WB 61 58.78 52.25 27.42
N UNK WB 62 59.30 53.44 27.11
CA UNK WB 62 58.60 54.68 27.34
C UNK WB 62 57.87 55.17 26.10
N UNK WB 63 57.67 54.27 25.12
CA UNK WB 63 56.82 54.41 23.94
C UNK WB 63 57.29 55.50 22.97
N UNK WB 64 58.57 55.80 22.99
CA UNK WB 64 59.17 56.52 21.88
C UNK WB 64 59.57 55.50 20.83
N UNK WB 65 59.37 55.85 19.57
CA UNK WB 65 59.77 55.00 18.47
C UNK WB 65 61.14 55.47 18.01
N UNK WB 66 62.13 54.59 18.13
CA UNK WB 66 63.51 54.95 17.79
C UNK WB 66 63.66 54.94 16.29
N UNK WB 67 63.77 56.12 15.70
CA UNK WB 67 64.03 56.23 14.28
C UNK WB 67 65.46 55.87 13.93
N UNK WB 68 66.38 55.97 14.88
CA UNK WB 68 67.78 55.65 14.63
C UNK WB 68 68.06 54.15 14.56
N UNK WB 69 67.13 53.29 14.96
CA UNK WB 69 67.38 51.86 14.88
C UNK WB 69 66.21 51.08 14.29
N UNK WB 70 65.48 51.63 13.33
CA UNK WB 70 64.35 50.91 12.75
C UNK WB 70 64.37 50.96 11.23
N LYS XB 24 99.18 84.29 -3.45
CA LYS XB 24 98.36 83.43 -2.62
C LYS XB 24 97.31 84.26 -1.90
N PHE XB 25 96.15 83.65 -1.63
CA PHE XB 25 95.02 84.34 -1.04
C PHE XB 25 94.48 83.50 0.11
N LYS XB 26 94.39 84.09 1.29
CA LYS XB 26 93.99 83.33 2.47
C LYS XB 26 93.30 84.22 3.48
N LYS XB 27 92.12 83.80 3.92
CA LYS XB 27 91.48 84.27 5.14
C LYS XB 27 92.23 83.70 6.34
N PRO XB 28 92.29 84.41 7.47
CA PRO XB 28 93.19 83.99 8.58
C PRO XB 28 92.82 82.70 9.30
N PRO XB 29 91.59 82.49 9.91
CA PRO XB 29 91.50 81.32 10.78
C PRO XB 29 91.19 80.03 10.04
N ILE XB 30 92.23 79.26 9.80
CA ILE XB 30 92.10 77.97 9.15
C ILE XB 30 92.26 76.95 10.26
N ASN XB 31 91.15 76.58 10.86
CA ASN XB 31 91.12 75.70 12.01
C ASN XB 31 91.10 74.25 11.55
N ASN XB 32 90.73 73.35 12.46
CA ASN XB 32 90.42 71.98 12.13
C ASN XB 32 89.13 71.87 11.30
N PRO XB 33 88.90 70.75 10.65
CA PRO XB 33 87.57 70.52 10.09
C PRO XB 33 86.53 70.26 11.15
N SER XB 34 85.57 71.17 11.27
CA SER XB 34 84.40 70.89 12.10
C SER XB 34 83.46 69.96 11.38
N ASP XB 35 82.58 69.35 12.15
CA ASP XB 35 81.52 68.56 11.55
C ASP XB 35 80.19 69.13 12.02
N ASP XB 36 79.14 68.59 11.40
CA ASP XB 36 77.87 69.28 11.42
C ASP XB 36 77.12 69.08 12.73
N ALA XB 37 77.49 68.06 13.50
CA ALA XB 37 76.96 67.84 14.83
C ALA XB 37 77.35 68.98 15.77
N THR XB 38 78.63 69.35 15.74
CA THR XB 38 79.11 70.45 16.54
C THR XB 38 78.66 71.78 15.97
N ILE XB 39 78.38 71.83 14.66
CA ILE XB 39 77.84 73.05 14.04
C ILE XB 39 76.43 73.34 14.52
N LYS XB 40 75.53 72.35 14.48
CA LYS XB 40 74.18 72.64 14.94
C LYS XB 40 74.05 72.61 16.45
N LEU XB 41 75.02 72.02 17.16
CA LEU XB 41 75.11 72.19 18.60
C LEU XB 41 75.54 73.61 18.96
N ALA XB 42 76.40 74.21 18.13
CA ALA XB 42 76.81 75.58 18.36
C ALA XB 42 75.70 76.57 18.09
N GLU XB 43 74.93 76.36 17.02
CA GLU XB 43 73.83 77.30 16.80
C GLU XB 43 72.56 76.92 17.54
N ALA XB 44 72.57 75.85 18.34
CA ALA XB 44 71.61 75.76 19.43
C ALA XB 44 72.09 76.47 20.68
N ALA XB 45 73.39 76.32 20.98
CA ALA XB 45 73.99 76.82 22.20
C ALA XB 45 74.06 78.33 22.25
N VAL XB 46 74.16 79.00 21.09
CA VAL XB 46 74.13 80.46 21.12
C VAL XB 46 72.73 80.99 21.39
N SER XB 47 71.68 80.24 21.05
CA SER XB 47 70.32 80.68 21.30
C SER XB 47 69.95 80.47 22.75
N VAL XB 48 70.43 79.36 23.33
CA VAL XB 48 70.22 79.20 24.77
C VAL XB 48 71.15 80.09 25.58
N SER XB 49 72.27 80.53 25.00
CA SER XB 49 73.18 81.45 25.67
C SER XB 49 72.60 82.84 25.78
N ASP XB 50 72.06 83.38 24.67
CA ASP XB 50 71.58 84.75 24.80
C ASP XB 50 70.16 84.81 25.37
N SER XB 51 69.40 83.69 25.33
CA SER XB 51 68.14 83.68 26.06
C SER XB 51 68.39 83.58 27.57
N MET XB 52 69.44 82.84 27.97
CA MET XB 52 69.86 82.83 29.37
C MET XB 52 70.42 84.17 29.80
N LEU XB 53 71.07 84.88 28.89
CA LEU XB 53 71.66 86.17 29.18
C LEU XB 53 70.59 87.23 29.41
N GLU XB 54 69.55 87.24 28.58
CA GLU XB 54 68.50 88.22 28.77
C GLU XB 54 67.59 87.85 29.94
N MET XB 55 67.51 86.56 30.29
CA MET XB 55 66.83 86.13 31.51
C MET XB 55 67.57 86.59 32.75
N ALA XB 56 68.91 86.50 32.73
CA ALA XB 56 69.71 86.92 33.87
C ALA XB 56 69.70 88.43 34.04
N LYS XB 57 69.61 89.15 32.91
CA LYS XB 57 69.43 90.60 32.90
C LYS XB 57 68.11 91.02 33.53
N VAL XB 58 67.01 90.38 33.14
CA VAL XB 58 65.71 90.80 33.69
C VAL XB 58 65.50 90.32 35.13
N GLU XB 59 66.15 89.23 35.54
CA GLU XB 59 66.09 88.83 36.95
C GLU XB 59 66.93 89.75 37.81
N LYS XB 60 68.07 90.18 37.31
CA LYS XB 60 68.91 91.05 38.10
C LYS XB 60 68.44 92.50 38.11
N VAL XB 61 67.48 92.87 37.27
CA VAL XB 61 66.87 94.17 37.52
C VAL XB 61 65.57 94.05 38.36
N ILE XB 62 64.76 92.98 38.21
CA ILE XB 62 63.52 92.89 38.97
C ILE XB 62 63.75 92.44 40.40
N THR XB 63 64.87 91.78 40.68
CA THR XB 63 65.36 91.71 42.04
C THR XB 63 66.74 92.33 41.95
N PRO XB 64 67.02 93.42 42.64
CA PRO XB 64 68.38 93.90 42.71
C PRO XB 64 69.19 92.99 43.60
N PRO XB 65 70.48 92.77 43.29
CA PRO XB 65 71.31 91.98 44.19
C PRO XB 65 71.63 92.74 45.46
N SER XB 66 71.14 92.21 46.57
CA SER XB 66 71.18 92.91 47.84
C SER XB 66 72.59 92.90 48.43
N LYS XB 67 73.16 91.71 48.57
CA LYS XB 67 74.51 91.59 49.11
C LYS XB 67 75.17 90.36 48.52
N ASP XB 68 76.43 90.21 48.90
CA ASP XB 68 77.29 89.17 48.35
C ASP XB 68 77.19 87.92 49.21
N ASN XB 69 78.11 86.98 49.02
CA ASN XB 69 78.32 85.95 50.01
C ASN XB 69 79.76 85.97 50.52
N THR XB 70 80.48 87.04 50.26
CA THR XB 70 81.84 87.15 50.75
C THR XB 70 81.90 87.48 52.23
N LEU XB 71 80.81 88.00 52.80
CA LEU XB 71 80.77 88.19 54.24
C LEU XB 71 80.55 86.87 54.97
N THR XB 72 79.78 85.95 54.40
CA THR XB 72 79.59 84.66 55.04
C THR XB 72 80.62 83.61 54.64
N ILE XB 73 81.28 83.78 53.49
CA ILE XB 73 82.49 83.02 53.18
C ILE XB 73 83.62 84.04 53.00
N PRO XB 74 84.34 84.41 54.05
CA PRO XB 74 85.46 85.33 53.87
C PRO XB 74 86.76 84.61 53.57
N ASN XB 75 87.67 85.35 52.95
CA ASN XB 75 88.92 84.75 52.50
C ASN XB 75 89.87 84.59 53.68
N ALA XB 76 90.83 83.68 53.52
CA ALA XB 76 91.71 83.33 54.62
C ALA XB 76 93.03 82.85 54.08
N TYR XB 77 94.04 82.94 54.94
CA TYR XB 77 95.31 82.29 54.68
C TYR XB 77 95.08 80.81 54.82
N ASN XB 78 95.64 80.04 53.88
CA ASN XB 78 95.34 78.68 53.40
C ASN XB 78 93.86 78.46 53.08
N LEU XB 79 93.14 79.50 52.67
CA LEU XB 79 92.01 79.43 51.77
C LEU XB 79 92.33 80.14 50.47
N GLN XB 80 93.45 80.86 50.45
CA GLN XB 80 93.93 81.52 49.25
C GLN XB 80 94.73 80.60 48.34
N ALA XB 81 94.94 79.35 48.75
CA ALA XB 81 95.51 78.33 47.88
C ALA XB 81 94.54 78.01 46.76
N ARG XB 82 95.07 77.65 45.61
CA ARG XB 82 94.26 77.62 44.43
C ARG XB 82 93.82 76.20 44.13
N ALA XB 83 92.79 76.08 43.30
CA ALA XB 83 92.34 74.79 42.83
C ALA XB 83 91.69 74.95 41.47
N SER XB 84 91.60 73.85 40.75
CA SER XB 84 90.97 73.80 39.45
C SER XB 84 90.12 72.54 39.41
N VAL XB 85 88.81 72.72 39.28
CA VAL XB 85 87.82 71.70 39.61
C VAL XB 85 86.97 71.43 38.38
N ASP XB 86 86.94 70.19 37.93
CA ASP XB 86 85.76 69.71 37.23
C ASP XB 86 85.14 68.66 38.13
N TRP XB 87 83.81 68.68 38.21
CA TRP XB 87 83.05 67.92 39.20
C TRP XB 87 81.59 67.97 38.81
N SER XB 88 80.90 66.86 39.00
CA SER XB 88 79.47 66.87 38.74
C SER XB 88 78.65 66.06 39.73
N GLY XB 89 79.20 65.67 40.86
CA GLY XB 89 78.46 64.87 41.79
C GLY XB 89 77.74 65.66 42.86
N PRO XB 90 77.49 65.02 44.02
CA PRO XB 90 76.89 65.75 45.13
C PRO XB 90 77.87 66.68 45.82
N ILE XB 91 77.32 67.48 46.73
CA ILE XB 91 78.05 68.63 47.24
C ILE XB 91 79.08 68.22 48.30
N GLU XB 92 78.85 67.07 48.97
CA GLU XB 92 79.42 66.82 50.29
C GLU XB 92 80.88 66.44 50.22
N GLU XB 93 81.21 65.52 49.32
CA GLU XB 93 82.59 65.06 49.23
C GLU XB 93 83.45 66.06 48.50
N LEU XB 94 82.82 66.92 47.68
CA LEU XB 94 83.53 68.04 47.07
C LEU XB 94 83.92 69.08 48.11
N THR XB 95 82.99 69.51 48.96
CA THR XB 95 83.39 70.51 49.95
C THR XB 95 84.16 69.92 51.12
N ALA XB 96 84.07 68.60 51.32
CA ALA XB 96 84.97 67.94 52.26
C ALA XB 96 86.38 67.86 51.71
N ARG XB 97 86.52 67.74 50.39
CA ARG XB 97 87.86 67.75 49.80
C ARG XB 97 88.45 69.15 49.75
N ILE XB 98 87.61 70.18 49.55
CA ILE XB 98 88.03 71.58 49.61
C ILE XB 98 88.49 71.94 51.01
N ALA XB 99 87.77 71.49 52.04
CA ALA XB 99 88.16 71.77 53.41
C ALA XB 99 89.35 70.95 53.89
N LYS XB 100 89.49 69.73 53.37
CA LYS XB 100 90.64 68.88 53.71
C LYS XB 100 91.92 69.42 53.08
N ALA XB 101 91.84 69.96 51.88
CA ALA XB 101 93.03 70.59 51.32
C ALA XB 101 93.13 72.06 51.66
N ALA XB 102 92.16 72.60 52.39
CA ALA XB 102 92.31 73.91 52.98
C ALA XB 102 92.76 73.84 54.42
N HIS XB 103 92.91 72.61 54.96
CA HIS XB 103 93.25 72.29 56.36
C HIS XB 103 92.21 72.88 57.31
N PHE XB 104 90.96 72.77 56.91
CA PHE XB 104 89.84 73.27 57.68
C PHE XB 104 89.00 72.07 58.07
N ARG XB 105 88.57 72.06 59.32
CA ARG XB 105 87.63 71.04 59.76
C ARG XB 105 86.28 71.30 59.14
N PHE XB 106 85.68 70.27 58.58
CA PHE XB 106 84.43 70.40 57.85
C PHE XB 106 83.30 69.83 58.69
N ARG XB 107 82.19 70.54 58.76
CA ARG XB 107 81.05 70.05 59.50
C ARG XB 107 79.78 70.36 58.72
N VAL XB 108 78.77 69.52 58.92
CA VAL XB 108 77.50 69.65 58.24
C VAL XB 108 76.44 69.95 59.28
N LEU XB 109 75.46 70.76 58.90
CA LEU XB 109 74.30 71.10 59.73
C LEU XB 109 73.06 70.73 58.95
N GLY XB 110 72.19 69.97 59.57
CA GLY XB 110 71.03 69.46 58.86
C GLY XB 110 71.34 68.13 58.19
N LYS XB 111 70.40 67.21 58.23
CA LYS XB 111 70.61 65.98 57.49
C LYS XB 111 70.22 66.22 56.04
N SER XB 112 70.81 65.42 55.17
CA SER XB 112 70.73 65.67 53.74
C SER XB 112 69.38 65.24 53.20
N PRO XB 113 68.86 65.92 52.18
CA PRO XB 113 67.68 65.42 51.48
C PRO XB 113 68.02 64.18 50.67
N SER XB 114 66.99 63.41 50.37
CA SER XB 114 67.16 62.09 49.79
C SER XB 114 67.50 62.19 48.31
N VAL XB 115 66.81 63.08 47.61
CA VAL XB 115 67.33 63.65 46.38
C VAL XB 115 68.56 64.45 46.78
N PRO XB 116 69.71 64.22 46.17
CA PRO XB 116 70.93 64.88 46.62
C PRO XB 116 71.01 66.31 46.10
N VAL XB 117 71.82 67.10 46.78
CA VAL XB 117 72.16 68.42 46.30
C VAL XB 117 73.26 68.21 45.28
N LEU XB 118 72.92 68.26 44.01
CA LEU XB 118 73.88 68.06 42.93
C LEU XB 118 74.42 69.41 42.52
N ILE XB 119 75.73 69.48 42.31
CA ILE XB 119 76.33 70.63 41.70
C ILE XB 119 77.16 70.12 40.53
N SER XB 120 77.69 71.05 39.74
CA SER XB 120 78.62 70.70 38.67
C SER XB 120 79.51 71.93 38.49
N ILE XB 121 80.72 71.83 38.99
CA ILE XB 121 81.67 72.93 38.86
C ILE XB 121 82.69 72.54 37.81
N SER XB 122 82.84 73.37 36.79
CA SER XB 122 83.94 73.24 35.85
C SER XB 122 84.58 74.62 35.78
N THR XB 123 85.62 74.81 36.58
CA THR XB 123 86.39 76.03 36.55
C THR XB 123 87.86 75.67 36.72
N LYS XB 124 88.71 76.65 36.43
CA LYS XB 124 90.14 76.40 36.37
C LYS XB 124 90.86 77.59 36.98
N ASP XB 125 91.65 77.29 38.03
CA ASP XB 125 92.50 78.21 38.79
C ASP XB 125 91.69 79.36 39.42
N GLU XB 126 90.83 78.98 40.35
CA GLU XB 126 90.31 79.96 41.31
C GLU XB 126 90.84 79.63 42.68
N SER XB 127 90.74 80.61 43.57
CA SER XB 127 91.03 80.40 44.98
C SER XB 127 89.91 79.59 45.60
N LEU XB 128 90.24 78.94 46.72
CA LEU XB 128 89.34 77.99 47.37
C LEU XB 128 88.14 78.67 48.00
N ALA XB 129 88.28 79.93 48.38
CA ALA XB 129 87.14 80.71 48.83
C ALA XB 129 86.21 81.04 47.67
N GLU XB 130 86.75 81.19 46.47
CA GLU XB 130 85.90 81.40 45.32
C GLU XB 130 85.23 80.13 44.84
N ILE XB 131 85.89 78.97 44.96
CA ILE XB 131 85.24 77.69 44.68
C ILE XB 131 84.14 77.41 45.70
N LEU XB 132 84.35 77.80 46.96
CA LEU XB 132 83.30 77.67 47.97
C LEU XB 132 82.18 78.68 47.76
N ARG XB 133 82.50 79.83 47.16
CA ARG XB 133 81.47 80.83 46.90
C ARG XB 133 80.58 80.43 45.74
N ASP XB 134 81.14 79.91 44.65
CA ASP XB 134 80.23 79.47 43.59
C ASP XB 134 79.64 78.10 43.85
N ILE XB 135 80.18 77.32 44.80
CA ILE XB 135 79.50 76.14 45.29
C ILE XB 135 78.28 76.54 46.10
N ASP XB 136 78.42 77.62 46.89
CA ASP XB 136 77.31 78.20 47.66
C ASP XB 136 76.25 78.81 46.76
N TYR XB 137 76.65 79.37 45.64
CA TYR XB 137 75.67 79.90 44.70
C TYR XB 137 75.02 78.79 43.90
N GLN XB 138 75.78 77.76 43.54
CA GLN XB 138 75.26 76.66 42.73
C GLN XB 138 74.30 75.80 43.51
N ALA XB 139 74.51 75.70 44.82
CA ALA XB 139 73.47 75.19 45.71
C ALA XB 139 72.66 76.34 46.29
N GLY XB 140 71.98 77.06 45.40
CA GLY XB 140 71.09 78.12 45.83
C GLY XB 140 69.83 77.50 46.38
N LYS XB 141 69.44 77.97 47.58
CA LYS XB 141 68.19 77.68 48.32
C LYS XB 141 68.05 76.24 48.80
N LYS XB 142 69.06 75.39 48.64
CA LYS XB 142 69.01 74.00 49.05
C LYS XB 142 70.09 73.78 50.08
N ALA XB 143 71.21 74.46 49.90
CA ALA XB 143 72.30 74.35 50.85
C ALA XB 143 72.94 75.71 51.01
N SER XB 144 73.92 75.79 51.90
CA SER XB 144 74.66 77.02 52.15
C SER XB 144 76.05 76.64 52.62
N ILE XB 145 77.02 77.44 52.23
CA ILE XB 145 78.39 77.27 52.68
C ILE XB 145 78.71 78.42 53.61
N HIS XB 146 79.16 78.10 54.81
CA HIS XB 146 79.64 79.10 55.74
C HIS XB 146 81.06 78.73 56.13
N VAL XB 147 81.91 79.74 56.32
CA VAL XB 147 83.30 79.52 56.68
C VAL XB 147 83.57 80.42 57.87
N TYR XB 148 84.06 79.84 58.96
CA TYR XB 148 84.43 80.64 60.11
C TYR XB 148 85.94 80.68 60.22
N PRO XB 149 86.60 81.73 59.72
CA PRO XB 149 88.06 81.74 59.67
C PRO XB 149 88.75 82.25 60.93
N ASN XB 150 88.01 82.59 61.98
CA ASN XB 150 88.63 82.74 63.28
C ASN XB 150 88.96 81.39 63.89
N SER XB 151 88.11 80.40 63.66
CA SER XB 151 88.44 78.99 63.81
C SER XB 151 88.94 78.49 62.46
N GLN XB 152 88.98 77.19 62.25
CA GLN XB 152 89.24 76.69 60.90
C GLN XB 152 88.14 75.68 60.63
N VAL XB 153 86.98 76.17 60.18
CA VAL XB 153 85.83 75.30 59.96
C VAL XB 153 85.05 75.79 58.75
N VAL XB 154 84.90 74.91 57.78
CA VAL XB 154 83.89 75.08 56.74
C VAL XB 154 82.67 74.31 57.20
N GLU XB 155 81.50 74.90 57.08
CA GLU XB 155 80.28 74.18 57.39
C GLU XB 155 79.29 74.29 56.24
N LEU XB 156 78.52 73.21 56.12
CA LEU XB 156 77.55 73.02 55.05
C LEU XB 156 76.18 72.95 55.70
N ARG XB 157 75.40 74.00 55.57
CA ARG XB 157 74.05 73.99 56.10
C ARG XB 157 73.11 73.49 55.02
N TYR XB 158 72.11 72.72 55.41
CA TYR XB 158 71.12 72.35 54.43
C TYR XB 158 69.89 73.23 54.54
N ALA XB 159 68.89 72.92 53.74
CA ALA XB 159 67.62 73.60 53.89
C ALA XB 159 66.78 72.88 54.94
N LYS XB 160 65.63 73.45 55.24
CA LYS XB 160 64.73 72.90 56.25
C LYS XB 160 63.44 72.40 55.63
N ILE XB 161 63.53 71.76 54.48
CA ILE XB 161 62.36 71.25 53.79
C ILE XB 161 62.61 69.84 53.30
N ALA YB 58 47.30 54.49 -39.05
CA ALA YB 58 47.06 54.63 -37.62
C ALA YB 58 48.39 54.75 -36.89
N LEU YB 59 49.44 54.24 -37.54
CA LEU YB 59 50.78 54.36 -36.98
C LEU YB 59 51.30 55.78 -37.09
N LYS YB 60 50.84 56.50 -38.12
CA LYS YB 60 50.98 57.95 -38.21
C LYS YB 60 50.27 58.67 -37.06
N GLU YB 61 49.12 58.15 -36.63
CA GLU YB 61 48.36 58.78 -35.55
C GLU YB 61 49.00 58.57 -34.19
N THR YB 62 49.52 57.37 -33.92
CA THR YB 62 50.26 57.23 -32.67
C THR YB 62 51.64 57.86 -32.72
N ALA YB 63 52.19 58.10 -33.92
CA ALA YB 63 53.37 58.95 -34.04
C ALA YB 63 53.05 60.41 -33.75
N LEU YB 64 51.84 60.84 -34.12
CA LEU YB 64 51.40 62.20 -33.87
C LEU YB 64 51.17 62.45 -32.38
N SER YB 65 50.58 61.47 -31.69
CA SER YB 65 50.46 61.62 -30.24
C SER YB 65 51.75 61.29 -29.50
N VAL YB 66 52.73 60.65 -30.15
CA VAL YB 66 54.08 60.65 -29.60
C VAL YB 66 54.67 62.05 -29.65
N GLY YB 67 54.45 62.76 -30.76
CA GLY YB 67 54.99 64.10 -30.91
C GLY YB 67 54.28 65.18 -30.12
N ALA YB 68 53.02 64.93 -29.72
CA ALA YB 68 52.17 65.95 -29.12
C ALA YB 68 52.61 66.31 -27.71
N GLN YB 69 52.83 65.31 -26.85
CA GLN YB 69 53.18 65.58 -25.48
C GLN YB 69 54.62 66.03 -25.33
N ALA YB 70 55.48 65.62 -26.28
CA ALA YB 70 56.86 66.09 -26.30
C ALA YB 70 56.92 67.54 -26.75
N GLY YB 71 56.09 67.92 -27.73
CA GLY YB 71 56.06 69.32 -28.15
C GLY YB 71 55.41 70.22 -27.15
N LEU YB 72 54.46 69.70 -26.38
CA LEU YB 72 53.82 70.46 -25.33
C LEU YB 72 54.76 70.67 -24.15
N ALA YB 73 55.55 69.65 -23.80
CA ALA YB 73 56.50 69.81 -22.72
C ALA YB 73 57.69 70.66 -23.13
N TRP YB 74 58.06 70.63 -24.41
CA TRP YB 74 59.13 71.47 -24.91
C TRP YB 74 58.73 72.93 -24.96
N ARG YB 75 57.50 73.22 -25.41
CA ARG YB 75 57.01 74.58 -25.44
C ARG YB 75 56.73 75.10 -24.05
N ALA YB 76 56.35 74.21 -23.12
CA ALA YB 76 56.15 74.57 -21.73
C ALA YB 76 57.47 74.95 -21.04
N LYS YB 77 58.55 74.24 -21.38
CA LYS YB 77 59.86 74.57 -20.83
C LYS YB 77 60.42 75.86 -21.40
N ILE YB 78 60.20 76.08 -22.71
CA ILE YB 78 60.73 77.25 -23.40
C ILE YB 78 60.02 78.52 -22.95
N ILE YB 79 58.70 78.44 -22.76
CA ILE YB 79 58.02 79.61 -22.21
C ILE YB 79 58.15 79.70 -20.70
N ASP YB 80 58.63 78.66 -20.02
CA ASP YB 80 58.93 78.80 -18.60
C ASP YB 80 60.19 79.62 -18.39
N GLU YB 81 61.25 79.37 -19.17
CA GLU YB 81 62.41 80.25 -19.02
C GLU YB 81 62.20 81.59 -19.69
N GLN YB 82 61.28 81.67 -20.67
CA GLN YB 82 60.89 82.97 -21.21
C GLN YB 82 60.07 83.79 -20.20
N LEU YB 83 59.31 83.12 -19.34
CA LEU YB 83 58.64 83.80 -18.25
C LEU YB 83 59.63 84.19 -17.16
N ASN YB 84 60.64 83.34 -16.92
CA ASN YB 84 61.61 83.62 -15.88
C ASN YB 84 62.61 84.70 -16.28
N LYS YB 85 62.75 84.94 -17.59
CA LYS YB 85 63.54 86.07 -18.05
C LYS YB 85 62.88 87.39 -17.71
N GLN YB 86 61.56 87.44 -17.70
CA GLN YB 86 60.84 88.69 -17.51
C GLN YB 86 60.21 88.77 -16.13
N ALA YB 87 60.90 88.28 -15.11
CA ALA YB 87 60.29 88.07 -13.82
C ALA YB 87 60.12 89.35 -13.03
N ARG YB 88 61.08 90.27 -13.14
CA ARG YB 88 60.92 91.56 -12.47
C ARG YB 88 59.95 92.45 -13.22
N ASN YB 89 59.90 92.29 -14.54
CA ASN YB 89 58.98 93.04 -15.38
C ASN YB 89 57.55 92.62 -15.11
N LEU YB 90 57.32 91.33 -14.94
CA LEU YB 90 56.00 90.84 -14.62
C LEU YB 90 55.61 91.12 -13.18
N ASP YB 91 56.59 91.24 -12.29
CA ASP YB 91 56.31 91.71 -10.95
C ASP YB 91 55.95 93.18 -10.94
N ALA YB 92 56.51 93.95 -11.87
CA ALA YB 92 56.08 95.34 -12.00
C ALA YB 92 54.71 95.44 -12.65
N ILE YB 93 54.40 94.52 -13.57
CA ILE YB 93 53.12 94.55 -14.26
C ILE YB 93 51.99 94.12 -13.33
N TYR YB 94 52.14 92.98 -12.68
CA TYR YB 94 51.07 92.43 -11.88
C TYR YB 94 51.33 92.71 -10.40
N ASP YB 95 51.32 93.99 -10.07
CA ASP YB 95 51.52 94.42 -8.70
C ASP YB 95 50.21 94.25 -7.96
N PHE YB 96 49.98 93.02 -7.49
CA PHE YB 96 48.79 92.78 -6.69
C PHE YB 96 48.99 93.27 -5.28
N ASN YB 97 50.24 93.30 -4.83
CA ASN YB 97 50.63 93.71 -3.48
C ASN YB 97 50.32 95.18 -3.22
N SER YB 98 50.50 96.02 -4.24
CA SER YB 98 50.13 97.42 -4.12
C SER YB 98 48.72 97.69 -4.61
N LEU YB 99 47.90 96.66 -4.75
CA LEU YB 99 46.48 96.84 -4.99
C LEU YB 99 45.60 96.30 -3.89
N VAL YB 100 46.16 95.77 -2.79
CA VAL YB 100 45.32 95.27 -1.72
C VAL YB 100 44.79 96.43 -0.90
N LEU YB 101 43.78 96.13 -0.10
CA LEU YB 101 43.15 97.13 0.71
C LEU YB 101 43.87 97.20 2.05
N GLU YB 102 43.46 98.13 2.91
CA GLU YB 102 44.26 98.54 4.05
C GLU YB 102 44.21 97.57 5.20
N HIS YB 103 43.28 96.63 5.21
CA HIS YB 103 43.24 95.63 6.26
C HIS YB 103 43.63 94.28 5.69
N ASN YB 104 44.51 94.33 4.67
CA ASN YB 104 44.96 93.22 3.82
C ASN YB 104 43.79 92.44 3.23
N ILE YB 105 42.95 93.16 2.53
CA ILE YB 105 41.86 92.56 1.80
C ILE YB 105 42.23 92.58 0.32
N LEU YB 106 42.19 91.41 -0.29
CA LEU YB 106 42.24 91.32 -1.72
C LEU YB 106 40.95 91.90 -2.27
N PRO YB 107 41.05 92.89 -3.17
CA PRO YB 107 39.88 93.54 -3.71
C PRO YB 107 39.16 92.62 -4.68
N PRO YB 108 37.85 92.82 -4.93
CA PRO YB 108 37.13 91.87 -5.77
C PRO YB 108 37.33 92.18 -7.25
N VAL YB 109 36.90 91.25 -8.08
CA VAL YB 109 37.15 91.31 -9.52
C VAL YB 109 35.86 91.76 -10.20
N LEU YB 110 35.79 93.03 -10.56
CA LEU YB 110 34.60 93.57 -11.20
C LEU YB 110 34.79 93.52 -12.70
N LEU YB 111 34.12 92.59 -13.34
CA LEU YB 111 34.07 92.53 -14.78
C LEU YB 111 33.10 93.58 -15.28
N GLU YB 112 33.38 94.12 -16.46
CA GLU YB 112 32.58 95.13 -17.11
C GLU YB 112 32.18 94.63 -18.48
N GLY YB 113 30.92 94.77 -18.84
CA GLY YB 113 30.57 94.61 -20.23
C GLY YB 113 29.71 95.75 -20.71
N ARG YB 114 30.18 96.52 -21.67
CA ARG YB 114 29.34 97.55 -22.25
C ARG YB 114 28.57 97.01 -23.42
N ASN YB 115 27.47 97.71 -23.76
CA ASN YB 115 26.65 97.56 -24.96
C ASN YB 115 26.04 96.16 -25.10
N THR YB 116 25.29 95.76 -24.10
CA THR YB 116 24.87 94.38 -24.01
C THR YB 116 23.49 94.21 -24.62
N LEU YB 117 23.33 93.16 -25.40
CA LEU YB 117 22.05 92.79 -25.98
C LEU YB 117 21.79 91.32 -25.69
N ASN YB 118 20.53 91.00 -25.49
CA ASN YB 118 20.07 89.63 -25.39
C ASN YB 118 18.77 89.49 -26.16
N LEU YB 119 18.81 88.74 -27.24
CA LEU YB 119 17.62 88.36 -27.99
C LEU YB 119 17.05 87.13 -27.31
N ALA YB 120 15.95 87.29 -26.59
CA ALA YB 120 15.45 86.16 -25.82
C ALA YB 120 14.62 85.23 -26.69
N ASP YB 121 13.93 85.78 -27.66
CA ASP YB 121 13.01 85.04 -28.50
C ASP YB 121 12.83 85.83 -29.79
N ALA YB 122 11.77 85.53 -30.52
CA ALA YB 122 11.45 86.28 -31.71
C ALA YB 122 10.86 87.65 -31.38
N GLN YB 123 10.31 87.82 -30.19
CA GLN YB 123 9.53 88.99 -29.88
C GLN YB 123 10.14 89.93 -28.86
N SER YB 124 11.16 89.53 -28.10
CA SER YB 124 11.66 90.40 -27.05
C SER YB 124 13.17 90.38 -27.00
N ILE YB 125 13.77 91.57 -26.96
CA ILE YB 125 15.16 91.69 -26.60
C ILE YB 125 15.24 92.49 -25.31
N ARG YB 126 16.41 92.40 -24.68
CA ARG YB 126 16.74 93.20 -23.52
C ARG YB 126 18.11 93.79 -23.77
N ILE YB 127 18.21 95.09 -23.73
CA ILE YB 127 19.50 95.73 -23.87
C ILE YB 127 19.83 96.38 -22.55
N SER YB 128 21.12 96.46 -22.28
CA SER YB 128 21.60 97.30 -21.21
C SER YB 128 22.84 97.99 -21.74
N ASP YB 129 23.12 99.16 -21.21
CA ASP YB 129 24.25 99.89 -21.73
C ASP YB 129 25.54 99.43 -21.07
N ARG YB 130 25.53 99.22 -19.77
CA ARG YB 130 26.64 98.60 -19.06
C ARG YB 130 26.09 97.52 -18.16
N THR YB 131 26.88 96.48 -17.96
CA THR YB 131 26.72 95.64 -16.80
C THR YB 131 28.04 95.62 -16.07
N TYR YB 132 27.97 95.57 -14.75
CA TYR YB 132 29.13 95.30 -13.92
C TYR YB 132 28.81 94.11 -13.04
N LYS YB 133 29.65 93.10 -13.11
CA LYS YB 133 29.47 91.91 -12.30
C LYS YB 133 30.70 91.69 -11.45
N VAL YB 134 30.51 91.48 -10.16
CA VAL YB 134 31.63 91.11 -9.31
C VAL YB 134 31.72 89.58 -9.25
N ALA YB 135 32.86 89.07 -9.68
CA ALA YB 135 33.29 87.74 -9.34
C ALA YB 135 34.41 87.89 -8.35
N LYS YB 136 34.69 86.80 -7.62
CA LYS YB 136 35.84 86.58 -6.75
C LYS YB 136 35.93 87.64 -5.65
N GLN YB 137 34.94 87.58 -4.75
CA GLN YB 137 34.63 88.65 -3.80
C GLN YB 137 35.74 88.88 -2.78
N ALA YB 138 35.68 90.04 -2.16
CA ALA YB 138 36.83 90.61 -1.46
C ALA YB 138 37.06 89.92 -0.14
N HIS YB 139 38.31 89.55 0.10
CA HIS YB 139 38.53 88.68 1.23
C HIS YB 139 39.90 88.90 1.82
N PHE YB 140 40.04 88.42 3.06
CA PHE YB 140 41.26 88.57 3.87
C PHE YB 140 42.38 87.78 3.24
N ILE YB 141 43.31 88.46 2.65
CA ILE YB 141 44.45 87.79 2.09
C ILE YB 141 45.55 87.82 3.13
N THR YB 142 46.37 86.78 3.17
CA THR YB 142 47.60 86.85 3.94
C THR YB 142 48.73 87.32 3.05
N THR YB 143 49.03 86.54 2.03
CA THR YB 143 50.08 86.94 1.13
C THR YB 143 49.49 87.20 -0.24
N PRO YB 144 49.77 88.35 -0.86
CA PRO YB 144 49.10 88.74 -2.11
C PRO YB 144 49.60 87.92 -3.29
N PRO YB 145 48.75 87.67 -4.29
CA PRO YB 145 49.11 86.68 -5.32
C PRO YB 145 50.12 87.21 -6.31
N THR YB 146 50.98 86.33 -6.76
CA THR YB 146 52.00 86.71 -7.72
C THR YB 146 51.47 86.43 -9.11
N TRP YB 147 52.34 86.55 -10.11
CA TRP YB 147 51.94 86.11 -11.43
C TRP YB 147 52.07 84.60 -11.57
N ARG YB 148 52.90 83.98 -10.72
CA ARG YB 148 53.32 82.61 -10.93
C ARG YB 148 52.26 81.61 -10.52
N GLN YB 149 51.23 82.02 -9.76
CA GLN YB 149 50.08 81.15 -9.56
C GLN YB 149 49.19 81.11 -10.78
N TYR YB 150 49.29 82.11 -11.65
CA TYR YB 150 48.49 82.16 -12.86
C TYR YB 150 49.23 81.59 -14.06
N LEU YB 151 50.46 82.00 -14.26
CA LEU YB 151 51.08 81.89 -15.58
C LEU YB 151 52.04 80.74 -15.73
N TRP YB 152 52.37 80.04 -14.66
CA TRP YB 152 53.42 79.04 -14.73
C TRP YB 152 52.89 77.78 -15.37
N MET YB 153 53.46 77.42 -16.51
CA MET YB 153 53.05 76.20 -17.16
C MET YB 153 53.79 75.04 -16.52
N ASP YB 154 53.12 73.89 -16.44
CA ASP YB 154 53.62 72.81 -15.60
C ASP YB 154 54.58 71.95 -16.39
N TYR YB 155 55.84 71.98 -16.01
CA TYR YB 155 56.88 71.30 -16.77
C TYR YB 155 57.14 69.93 -16.16
N VAL YB 156 56.78 68.89 -16.90
CA VAL YB 156 57.36 67.59 -16.71
C VAL YB 156 58.17 67.28 -17.97
N LYS YB 157 59.14 66.39 -17.83
CA LYS YB 157 59.93 65.92 -18.97
C LYS YB 157 59.57 64.48 -19.23
N PRO YB 158 58.86 64.16 -20.32
CA PRO YB 158 58.36 62.79 -20.50
C PRO YB 158 59.45 61.87 -21.02
N GLU YB 159 59.53 60.69 -20.43
CA GLU YB 159 60.45 59.64 -20.85
C GLU YB 159 59.74 58.53 -21.60
N ALA YB 160 58.78 58.87 -22.44
CA ALA YB 160 57.95 57.86 -23.10
C ALA YB 160 58.09 57.96 -24.61
N PRO YB 161 59.04 57.25 -25.24
CA PRO YB 161 59.09 57.20 -26.69
C PRO YB 161 58.03 56.26 -27.25
N LYS YB 173 58.40 55.08 -40.25
CA LYS YB 173 59.62 55.85 -40.00
C LYS YB 173 59.50 57.22 -40.71
N GLU YB 174 59.14 57.22 -41.99
CA GLU YB 174 59.04 58.46 -42.75
C GLU YB 174 57.74 59.22 -42.42
N ILE YB 175 56.62 58.50 -42.31
CA ILE YB 175 55.39 59.13 -41.88
C ILE YB 175 55.38 59.34 -40.38
N TRP YB 176 56.19 58.56 -39.64
CA TRP YB 176 56.50 58.85 -38.25
C TRP YB 176 57.18 60.19 -38.10
N CYS YB 177 58.12 60.50 -39.00
CA CYS YB 177 58.85 61.77 -38.95
C CYS YB 177 57.95 62.94 -39.33
N ILE YB 178 57.15 62.80 -40.38
CA ILE YB 178 56.35 63.96 -40.79
C ILE YB 178 55.09 64.13 -39.93
N TYR YB 179 54.50 63.04 -39.42
CA TYR YB 179 53.40 63.19 -38.48
C TYR YB 179 53.89 63.52 -37.09
N THR YB 180 55.14 63.21 -36.75
CA THR YB 180 55.64 63.60 -35.46
C THR YB 180 56.05 65.05 -35.46
N GLU YB 181 56.41 65.63 -36.60
CA GLU YB 181 56.59 67.07 -36.62
C GLU YB 181 55.27 67.81 -36.72
N ARG YB 182 54.24 67.20 -37.31
CA ARG YB 182 52.90 67.78 -37.23
C ARG YB 182 52.32 67.69 -35.82
N GLY YB 183 52.62 66.60 -35.11
CA GLY YB 183 52.22 66.50 -33.72
C GLY YB 183 53.02 67.40 -32.80
N TRP YB 184 54.27 67.68 -33.16
CA TRP YB 184 55.11 68.62 -32.43
C TRP YB 184 54.60 70.05 -32.57
N LYS YB 185 54.11 70.40 -33.76
CA LYS YB 185 53.48 71.70 -33.92
C LYS YB 185 52.12 71.78 -33.25
N ASN YB 186 51.41 70.64 -33.17
CA ASN YB 186 50.16 70.59 -32.42
C ASN YB 186 50.38 70.72 -30.93
N GLY YB 187 51.46 70.15 -30.41
CA GLY YB 187 51.79 70.33 -29.02
C GLY YB 187 52.29 71.73 -28.70
N ILE YB 188 52.95 72.37 -29.67
CA ILE YB 188 53.44 73.73 -29.48
C ILE YB 188 52.30 74.73 -29.45
N ASP YB 189 51.33 74.65 -30.37
CA ASP YB 189 50.25 75.63 -30.29
C ASP YB 189 49.19 75.23 -29.27
N GLN YB 190 49.17 73.97 -28.82
CA GLN YB 190 48.33 73.56 -27.72
C GLN YB 190 48.83 74.17 -26.41
N ALA YB 191 50.16 74.19 -26.24
CA ALA YB 191 50.74 74.88 -25.08
C ALA YB 191 50.64 76.39 -25.19
N ASN YB 192 50.60 76.91 -26.42
CA ASN YB 192 50.39 78.34 -26.63
C ASN YB 192 48.96 78.75 -26.31
N THR YB 193 47.98 77.88 -26.54
CA THR YB 193 46.63 78.19 -26.14
C THR YB 193 46.42 78.06 -24.64
N ILE YB 194 47.20 77.19 -23.98
CA ILE YB 194 47.19 77.11 -22.52
C ILE YB 194 47.76 78.39 -21.91
N LEU YB 195 48.83 78.91 -22.51
CA LEU YB 195 49.41 80.19 -22.12
C LEU YB 195 48.49 81.37 -22.40
N GLU YB 196 47.75 81.33 -23.52
CA GLU YB 196 46.80 82.37 -23.91
C GLU YB 196 45.63 82.44 -22.95
N GLU YB 197 45.21 81.27 -22.45
CA GLU YB 197 44.19 81.22 -21.41
C GLU YB 197 44.74 81.67 -20.06
N ASN YB 198 46.04 81.49 -19.82
CA ASN YB 198 46.61 81.89 -18.54
C ASN YB 198 46.79 83.40 -18.41
N ILE YB 199 47.26 84.05 -19.48
CA ILE YB 199 47.40 85.51 -19.41
C ILE YB 199 46.05 86.17 -19.59
N ALA YB 200 45.11 85.47 -20.21
CA ALA YB 200 43.71 85.87 -20.21
C ALA YB 200 43.11 85.87 -18.81
N ARG YB 201 43.46 84.85 -18.00
CA ARG YB 201 42.95 84.75 -16.64
C ARG YB 201 43.55 85.81 -15.73
N ILE YB 202 44.85 86.06 -15.87
CA ILE YB 202 45.45 87.07 -15.00
C ILE YB 202 45.11 88.50 -15.48
N LYS YB 203 44.75 88.67 -16.76
CA LYS YB 203 44.30 89.96 -17.25
C LYS YB 203 42.91 90.26 -16.78
N GLU YB 204 42.08 89.20 -16.67
CA GLU YB 204 40.75 89.29 -16.09
C GLU YB 204 40.80 89.68 -14.62
N ASP YB 205 41.70 89.05 -13.86
CA ASP YB 205 41.75 89.28 -12.41
C ASP YB 205 42.35 90.63 -12.05
N PHE YB 206 43.44 91.00 -12.73
CA PHE YB 206 44.06 92.28 -12.42
C PHE YB 206 43.29 93.45 -13.00
N GLY YB 207 42.61 93.27 -14.15
CA GLY YB 207 41.77 94.31 -14.68
C GLY YB 207 40.51 94.50 -13.87
N GLY YB 208 40.01 93.43 -13.25
CA GLY YB 208 38.88 93.59 -12.36
C GLY YB 208 39.22 94.24 -11.04
N MET YB 209 40.44 94.04 -10.55
CA MET YB 209 40.82 94.77 -9.33
C MET YB 209 41.13 96.25 -9.60
N ILE YB 210 41.70 96.55 -10.78
CA ILE YB 210 41.88 97.92 -11.25
C ILE YB 210 40.54 98.61 -11.44
N LEU YB 211 39.57 97.85 -11.94
CA LEU YB 211 38.24 98.37 -12.15
C LEU YB 211 37.48 98.50 -10.83
N TYR YB 212 37.85 97.73 -9.80
CA TYR YB 212 37.31 97.96 -8.46
C TYR YB 212 37.77 99.30 -7.91
N ARG YB 213 39.06 99.60 -8.07
CA ARG YB 213 39.57 100.87 -7.60
C ARG YB 213 39.04 102.06 -8.39
N LYS YB 214 38.75 101.83 -9.68
CA LYS YB 214 38.08 102.83 -10.51
C LYS YB 214 36.64 103.07 -10.06
N LEU YB 215 35.89 102.01 -9.79
CA LEU YB 215 34.50 102.22 -9.39
C LEU YB 215 34.36 102.65 -7.93
N LEU YB 216 35.35 102.36 -7.10
CA LEU YB 216 35.37 102.90 -5.75
C LEU YB 216 35.72 104.38 -5.78
N ALA YB 217 36.55 104.78 -6.74
CA ALA YB 217 36.79 106.20 -6.96
C ALA YB 217 35.58 106.89 -7.59
N MET YB 218 34.80 106.15 -8.36
CA MET YB 218 33.59 106.67 -8.96
C MET YB 218 32.37 106.53 -8.06
N ASN YB 219 32.55 105.95 -6.87
CA ASN YB 219 31.54 105.67 -5.85
C ASN YB 219 30.44 104.75 -6.38
N MET YB 220 30.83 103.76 -7.16
CA MET YB 220 29.88 102.77 -7.63
C MET YB 220 29.86 101.50 -6.79
N VAL YB 221 30.89 101.26 -6.00
CA VAL YB 221 30.94 100.10 -5.12
C VAL YB 221 31.22 100.56 -3.71
N SER YB 222 30.78 99.78 -2.79
CA SER YB 222 31.04 100.07 -1.39
C SER YB 222 32.43 99.56 -1.03
N PRO YB 223 33.17 100.29 -0.19
CA PRO YB 223 34.40 99.74 0.37
C PRO YB 223 34.06 98.71 1.44
N PRO YB 224 34.95 97.77 1.74
CA PRO YB 224 34.63 96.77 2.76
C PRO YB 224 34.78 97.35 4.16
N TYR YB 225 33.91 96.90 5.03
CA TYR YB 225 33.84 97.44 6.38
C TYR YB 225 34.37 96.38 7.33
N VAL YB 226 35.58 96.59 7.78
CA VAL YB 226 36.12 95.73 8.81
C VAL YB 226 35.60 96.18 10.16
N SER YB 227 35.74 95.30 11.13
CA SER YB 227 35.44 95.58 12.52
C SER YB 227 36.48 94.85 13.33
N HIS YB 228 37.41 95.60 13.91
CA HIS YB 228 38.36 95.02 14.83
C HIS YB 228 37.79 95.13 16.23
N THR YB 229 37.15 94.08 16.71
CA THR YB 229 36.73 94.05 18.09
C THR YB 229 37.90 93.50 18.88
N ASP YB 230 38.29 94.23 19.91
CA ASP YB 230 39.48 93.91 20.67
C ASP YB 230 39.12 93.02 21.84
N LEU YB 231 40.01 92.08 22.13
CA LEU YB 231 40.02 91.36 23.38
C LEU YB 231 41.38 91.62 24.02
N GLY YB 232 41.40 91.66 25.33
CA GLY YB 232 42.65 91.84 26.02
C GLY YB 232 43.41 90.55 26.18
N VAL YB 233 43.83 90.27 27.37
CA VAL YB 233 44.47 89.00 27.67
C VAL YB 233 43.41 87.92 27.72
N THR YB 234 43.66 86.83 27.02
CA THR YB 234 42.61 85.89 26.70
C THR YB 234 43.08 84.48 26.97
N GLY YB 235 42.30 83.77 27.75
CA GLY YB 235 42.54 82.36 27.99
C GLY YB 235 42.67 82.09 29.48
N ASP YB 236 42.92 80.83 29.77
CA ASP YB 236 43.05 80.35 31.13
C ASP YB 236 44.51 80.44 31.55
N GLY YB 237 44.88 79.73 32.61
CA GLY YB 237 46.24 79.76 33.08
C GLY YB 237 47.23 78.97 32.25
N SER YB 238 46.77 78.14 31.31
CA SER YB 238 47.68 77.38 30.49
C SER YB 238 47.93 78.01 29.12
N GLU YB 239 47.06 78.92 28.68
CA GLU YB 239 47.25 79.59 27.40
C GLU YB 239 46.88 81.04 27.61
N ILE YB 240 47.79 81.96 27.33
CA ILE YB 240 47.35 83.34 27.20
C ILE YB 240 47.69 83.83 25.80
N HIS YB 241 46.87 84.75 25.33
CA HIS YB 241 47.17 85.56 24.16
C HIS YB 241 46.94 87.00 24.57
N ILE YB 242 47.95 87.83 24.41
CA ILE YB 242 48.08 89.06 25.18
C ILE YB 242 47.26 90.19 24.58
N ASP YB 243 47.49 90.50 23.33
CA ASP YB 243 46.67 91.49 22.63
C ASP YB 243 45.92 90.73 21.56
N ASP YB 244 44.65 90.42 21.83
CA ASP YB 244 43.91 89.45 21.03
C ASP YB 244 42.82 90.20 20.28
N ARG YB 245 43.15 90.72 19.12
CA ARG YB 245 42.15 91.39 18.31
C ARG YB 245 41.52 90.37 17.39
N VAL YB 246 40.21 90.43 17.23
CA VAL YB 246 39.54 89.64 16.21
C VAL YB 246 38.92 90.60 15.20
N LEU YB 247 39.33 90.44 13.95
CA LEU YB 247 38.98 91.35 12.87
C LEU YB 247 38.02 90.62 11.95
N ARG YB 248 36.89 91.24 11.67
CA ARG YB 248 35.95 90.68 10.72
C ARG YB 248 35.74 91.66 9.59
N ILE YB 249 35.34 91.12 8.44
CA ILE YB 249 34.72 91.92 7.40
C ILE YB 249 33.23 91.73 7.56
N THR YB 250 32.56 92.77 8.02
CA THR YB 250 31.11 92.71 8.18
C THR YB 250 30.42 92.94 6.85
N ALA YB 251 30.73 94.04 6.19
CA ALA YB 251 30.11 94.39 4.93
C ALA YB 251 31.05 94.02 3.81
N LEU YB 252 30.60 93.12 2.95
CA LEU YB 252 31.33 92.84 1.73
C LEU YB 252 31.16 93.98 0.74
N PRO YB 253 32.11 94.17 -0.18
CA PRO YB 253 31.91 95.16 -1.25
C PRO YB 253 30.85 94.72 -2.23
N GLU YB 254 29.97 95.65 -2.55
CA GLU YB 254 28.90 95.40 -3.48
C GLU YB 254 28.64 96.67 -4.25
N LEU YB 255 28.05 96.50 -5.42
CA LEU YB 255 27.71 97.63 -6.26
C LEU YB 255 26.49 98.31 -5.70
N ASN YB 256 26.57 99.62 -5.50
CA ASN YB 256 25.37 100.32 -5.06
C ASN YB 256 24.51 100.61 -6.28
N VAL YB 257 23.20 100.37 -6.11
CA VAL YB 257 22.24 100.66 -7.15
C VAL YB 257 21.65 102.03 -6.99
N ASN YB 258 22.06 102.76 -5.97
CA ASN YB 258 21.66 104.15 -5.79
C ASN YB 258 22.45 104.95 -6.81
N SER YB 259 21.76 105.43 -7.83
CA SER YB 259 22.44 105.96 -9.00
C SER YB 259 22.95 107.37 -8.79
N ALA YB 260 22.32 108.12 -7.90
CA ALA YB 260 22.64 109.53 -7.75
C ALA YB 260 23.91 109.77 -6.94
N GLU YB 261 24.46 108.76 -6.29
CA GLU YB 261 25.65 108.90 -5.47
C GLU YB 261 26.92 108.61 -6.22
N TRP YB 262 26.88 108.58 -7.54
CA TRP YB 262 28.04 108.22 -8.31
C TRP YB 262 28.91 109.45 -8.54
N ARG YB 263 30.14 109.25 -8.99
CA ARG YB 263 31.05 110.35 -9.29
C ARG YB 263 31.51 110.21 -10.73
N ALA YB 264 31.47 111.30 -11.49
CA ALA YB 264 31.74 111.28 -12.92
C ALA YB 264 33.04 112.03 -13.21
N ALA YB 265 34.07 111.30 -13.59
CA ALA YB 265 35.39 111.85 -13.76
C ALA YB 265 35.59 112.66 -15.03
N VAL YB 266 35.89 113.94 -14.87
CA VAL YB 266 36.41 114.71 -15.98
C VAL YB 266 37.92 114.49 -16.08
N ALA YB 267 38.53 114.92 -17.17
CA ALA YB 267 39.97 115.11 -17.15
C ALA YB 267 40.30 116.37 -17.93
N LYS YB 268 41.59 116.61 -18.13
CA LYS YB 268 42.07 117.72 -18.93
C LYS YB 268 43.43 117.42 -19.53
N PHE ZB 25 86.12 98.38 -25.39
CA PHE ZB 25 84.79 97.96 -25.86
C PHE ZB 25 83.87 97.62 -24.69
N LYS ZB 26 82.65 98.15 -24.75
CA LYS ZB 26 81.66 97.89 -23.72
C LYS ZB 26 80.72 96.79 -24.19
N LYS ZB 27 79.68 96.56 -23.40
CA LYS ZB 27 78.75 95.49 -23.66
C LYS ZB 27 77.33 96.03 -23.63
N PRO ZB 28 76.37 95.34 -24.26
CA PRO ZB 28 74.97 95.66 -24.04
C PRO ZB 28 74.51 95.18 -22.67
N PRO ZB 29 73.37 95.64 -22.18
CA PRO ZB 29 72.82 95.07 -20.95
C PRO ZB 29 72.33 93.65 -21.13
N ILE ZB 30 72.37 92.90 -20.04
CA ILE ZB 30 72.36 91.45 -20.12
C ILE ZB 30 70.95 90.92 -20.33
N ASN ZB 31 70.04 91.25 -19.44
CA ASN ZB 31 68.63 91.07 -19.71
C ASN ZB 31 68.06 92.42 -20.16
N ASN ZB 32 68.57 92.88 -21.29
CA ASN ZB 32 68.08 94.10 -21.88
C ASN ZB 32 66.74 93.84 -22.56
N PRO ZB 33 65.91 94.83 -22.63
CA PRO ZB 33 64.89 94.84 -23.67
C PRO ZB 33 65.53 95.08 -25.04
N SER ZB 34 65.96 94.00 -25.68
CA SER ZB 34 66.65 94.04 -26.95
C SER ZB 34 65.89 93.25 -28.00
N ASP ZB 35 64.58 93.35 -27.94
CA ASP ZB 35 63.70 92.43 -28.63
C ASP ZB 35 62.36 93.10 -28.72
N ASP ZB 36 61.69 92.94 -29.88
CA ASP ZB 36 60.58 93.82 -30.26
C ASP ZB 36 59.31 93.56 -29.45
N ALA ZB 37 59.19 92.40 -28.84
CA ALA ZB 37 58.13 92.17 -27.88
C ALA ZB 37 58.48 92.64 -26.49
N THR ZB 38 59.74 92.46 -26.10
CA THR ZB 38 60.14 92.77 -24.74
C THR ZB 38 60.33 94.25 -24.49
N ILE ZB 39 60.52 95.03 -25.56
CA ILE ZB 39 60.57 96.48 -25.39
C ILE ZB 39 59.18 97.01 -25.10
N LYS ZB 40 58.13 96.39 -25.66
CA LYS ZB 40 56.78 96.81 -25.40
C LYS ZB 40 56.31 96.30 -24.05
N LEU ZB 41 56.81 95.11 -23.66
CA LEU ZB 41 56.53 94.55 -22.35
C LEU ZB 41 57.14 95.36 -21.23
N ALA ZB 42 58.40 95.74 -21.35
CA ALA ZB 42 59.03 96.49 -20.28
C ALA ZB 42 58.68 97.97 -20.34
N GLU ZB 43 58.27 98.49 -21.50
CA GLU ZB 43 57.72 99.83 -21.56
C GLU ZB 43 56.35 99.90 -20.90
N ALA ZB 44 55.57 98.82 -21.02
CA ALA ZB 44 54.34 98.69 -20.27
C ALA ZB 44 54.59 98.54 -18.79
N ALA ZB 45 55.72 97.92 -18.42
CA ALA ZB 45 56.09 97.74 -17.01
C ALA ZB 45 56.49 99.05 -16.34
N VAL ZB 46 57.23 99.91 -17.05
CA VAL ZB 46 57.63 101.17 -16.44
C VAL ZB 46 56.45 102.16 -16.45
N SER ZB 47 55.52 101.98 -17.40
CA SER ZB 47 54.27 102.74 -17.41
C SER ZB 47 53.33 102.36 -16.28
N VAL ZB 48 53.21 101.06 -15.99
CA VAL ZB 48 52.31 100.66 -14.91
C VAL ZB 48 52.97 100.90 -13.56
N SER ZB 49 54.30 100.99 -13.51
CA SER ZB 49 55.00 101.31 -12.28
C SER ZB 49 54.86 102.76 -11.88
N ASP ZB 50 54.98 103.69 -12.84
CA ASP ZB 50 54.80 105.08 -12.44
C ASP ZB 50 53.33 105.46 -12.30
N SER ZB 51 52.42 104.77 -13.02
CA SER ZB 51 51.00 104.97 -12.76
C SER ZB 51 50.55 104.36 -11.43
N MET ZB 52 51.19 103.27 -11.01
CA MET ZB 52 51.02 102.75 -9.66
C MET ZB 52 51.54 103.71 -8.61
N LEU ZB 53 52.64 104.41 -8.93
CA LEU ZB 53 53.19 105.37 -7.99
C LEU ZB 53 52.32 106.61 -7.89
N GLU ZB 54 51.65 107.04 -8.99
CA GLU ZB 54 50.78 108.19 -8.79
C GLU ZB 54 49.42 107.83 -8.22
N MET ZB 55 48.93 106.60 -8.37
CA MET ZB 55 47.72 106.26 -7.61
C MET ZB 55 48.03 106.05 -6.13
N ALA ZB 56 49.26 105.62 -5.83
CA ALA ZB 56 49.72 105.61 -4.45
C ALA ZB 56 49.97 107.01 -3.91
N LYS ZB 57 50.36 107.95 -4.80
CA LYS ZB 57 50.55 109.34 -4.44
C LYS ZB 57 49.25 110.01 -4.07
N VAL ZB 58 48.15 109.65 -4.75
CA VAL ZB 58 46.92 110.31 -4.37
C VAL ZB 58 46.31 109.67 -3.13
N GLU ZB 59 46.18 108.33 -3.06
CA GLU ZB 59 45.49 107.79 -1.89
C GLU ZB 59 46.38 107.56 -0.69
N LYS ZB 60 47.67 107.92 -0.76
CA LYS ZB 60 48.48 108.01 0.44
C LYS ZB 60 48.03 109.22 1.25
N VAL ZB 61 47.44 108.96 2.40
CA VAL ZB 61 47.24 109.99 3.40
C VAL ZB 61 48.58 110.23 4.07
N ILE ZB 62 48.99 111.49 4.14
CA ILE ZB 62 50.19 111.86 4.86
C ILE ZB 62 49.77 112.64 6.08
N THR ZB 63 50.75 112.96 6.92
CA THR ZB 63 50.57 113.93 7.96
C THR ZB 63 51.68 114.95 7.82
N PRO ZB 64 51.38 116.24 8.00
CA PRO ZB 64 52.45 117.23 8.11
C PRO ZB 64 53.16 117.08 9.44
N PRO ZB 65 54.47 117.34 9.49
CA PRO ZB 65 55.22 117.09 10.74
C PRO ZB 65 55.01 118.15 11.79
N SER ZB 66 54.45 119.30 11.42
CA SER ZB 66 54.05 120.28 12.40
C SER ZB 66 52.73 119.90 13.06
N LYS ZB 67 51.95 119.05 12.42
CA LYS ZB 67 50.67 118.61 12.93
C LYS ZB 67 50.60 117.10 12.97
N ASP ZB 68 51.62 116.47 13.54
CA ASP ZB 68 51.67 115.02 13.58
C ASP ZB 68 51.20 114.43 14.90
N ASN ZB 69 51.22 115.23 15.98
CA ASN ZB 69 50.72 115.04 17.35
C ASN ZB 69 51.41 113.93 18.16
N THR ZB 70 52.42 113.27 17.62
CA THR ZB 70 53.23 112.33 18.38
C THR ZB 70 54.21 113.08 19.28
N LEU ZB 71 54.80 112.35 20.22
CA LEU ZB 71 55.74 112.92 21.17
C LEU ZB 71 57.07 113.20 20.49
N THR ZB 72 57.72 114.29 20.88
CA THR ZB 72 59.07 114.55 20.48
C THR ZB 72 60.05 113.84 21.42
N ILE ZB 73 61.33 113.95 21.10
CA ILE ZB 73 62.38 113.57 22.05
C ILE ZB 73 62.46 114.67 23.10
N PRO ZB 74 62.29 114.37 24.39
CA PRO ZB 74 62.30 115.42 25.41
C PRO ZB 74 63.67 115.88 25.88
N ASN ZB 75 64.76 115.31 25.32
CA ASN ZB 75 66.18 115.71 25.41
C ASN ZB 75 66.75 115.84 26.82
N ALA ZB 76 66.16 115.20 27.83
CA ALA ZB 76 66.74 115.16 29.16
C ALA ZB 76 67.90 114.18 29.20
N TYR ZB 77 68.92 114.53 29.99
CA TYR ZB 77 70.13 113.71 30.08
C TYR ZB 77 69.88 112.41 30.83
N ASN ZB 78 68.93 112.42 31.76
CA ASN ZB 78 68.42 111.18 32.32
C ASN ZB 78 67.61 110.40 31.30
N LEU ZB 79 66.97 111.08 30.35
CA LEU ZB 79 66.22 110.39 29.31
C LEU ZB 79 67.09 109.92 28.15
N GLN ZB 80 68.38 110.27 28.12
CA GLN ZB 80 69.26 109.76 27.09
C GLN ZB 80 69.99 108.50 27.49
N ALA ZB 81 69.49 107.76 28.46
CA ALA ZB 81 70.08 106.49 28.84
C ALA ZB 81 69.67 105.40 27.84
N ARG ZB 82 70.64 104.63 27.39
CA ARG ZB 82 70.38 103.55 26.46
C ARG ZB 82 69.89 102.32 27.24
N ALA ZB 83 68.60 102.02 27.11
CA ALA ZB 83 67.94 100.96 27.87
C ALA ZB 83 67.77 99.73 26.99
N SER ZB 84 67.03 98.76 27.51
CA SER ZB 84 66.67 97.56 26.76
C SER ZB 84 65.39 96.98 27.35
N VAL ZB 85 64.36 96.80 26.52
CA VAL ZB 85 63.06 96.35 26.99
C VAL ZB 85 62.54 95.29 26.02
N ASP ZB 86 62.20 94.12 26.55
CA ASP ZB 86 61.30 93.20 25.85
C ASP ZB 86 60.10 93.01 26.76
N TRP ZB 87 58.97 93.60 26.36
CA TRP ZB 87 57.78 93.57 27.20
C TRP ZB 87 56.56 93.83 26.35
N SER ZB 88 55.45 93.24 26.76
CA SER ZB 88 54.18 93.43 26.07
C SER ZB 88 53.06 93.36 27.09
N GLY ZB 89 52.49 94.49 27.42
CA GLY ZB 89 51.36 94.53 28.31
C GLY ZB 89 50.84 95.94 28.48
N PRO ZB 90 50.27 96.26 29.64
CA PRO ZB 90 49.68 97.59 29.83
C PRO ZB 90 50.69 98.69 30.02
N ILE ZB 91 50.38 99.85 29.42
CA ILE ZB 91 51.32 100.94 29.19
C ILE ZB 91 51.71 101.64 30.50
N GLU ZB 92 50.84 101.56 31.52
CA GLU ZB 92 51.03 102.16 32.83
C GLU ZB 92 52.19 101.57 33.63
N GLU ZB 93 52.43 100.27 33.54
CA GLU ZB 93 53.52 99.66 34.29
C GLU ZB 93 54.87 99.87 33.64
N LEU ZB 94 54.89 99.84 32.31
CA LEU ZB 94 56.11 100.13 31.54
C LEU ZB 94 56.51 101.58 31.69
N THR ZB 95 55.54 102.50 31.70
CA THR ZB 95 55.87 103.90 31.91
C THR ZB 95 56.23 104.22 33.34
N ALA ZB 96 55.67 103.48 34.32
CA ALA ZB 96 56.02 103.70 35.71
C ALA ZB 96 57.43 103.26 36.01
N ARG ZB 97 57.83 102.10 35.50
CA ARG ZB 97 59.19 101.69 35.78
C ARG ZB 97 60.17 102.19 34.75
N ILE ZB 98 59.69 102.78 33.65
CA ILE ZB 98 60.61 103.52 32.80
C ILE ZB 98 60.82 104.92 33.37
N ALA ZB 99 59.86 105.40 34.18
CA ALA ZB 99 60.00 106.66 34.88
C ALA ZB 99 60.99 106.54 36.01
N LYS ZB 100 60.89 105.45 36.78
CA LYS ZB 100 61.90 105.25 37.81
C LYS ZB 100 63.19 104.67 37.28
N ALA ZB 101 63.23 104.21 36.02
CA ALA ZB 101 64.50 104.08 35.32
C ALA ZB 101 65.12 105.43 35.00
N ALA ZB 102 64.32 106.41 34.61
CA ALA ZB 102 64.85 107.72 34.30
C ALA ZB 102 64.92 108.66 35.48
N HIS ZB 103 64.64 108.15 36.71
CA HIS ZB 103 64.50 108.89 37.97
C HIS ZB 103 63.47 110.00 37.86
N PHE ZB 104 62.36 109.69 37.21
CA PHE ZB 104 61.29 110.64 36.99
C PHE ZB 104 60.13 110.29 37.88
N ARG ZB 105 59.38 111.31 38.29
CA ARG ZB 105 58.11 111.00 38.91
C ARG ZB 105 57.12 110.63 37.83
N PHE ZB 106 56.16 109.78 38.20
CA PHE ZB 106 55.21 109.24 37.25
C PHE ZB 106 53.81 109.61 37.70
N ARG ZB 107 53.08 110.31 36.85
CA ARG ZB 107 51.69 110.63 37.13
C ARG ZB 107 50.80 110.05 36.05
N VAL ZB 108 49.72 109.43 36.47
CA VAL ZB 108 48.68 108.99 35.56
C VAL ZB 108 47.48 109.91 35.76
N LEU ZB 109 47.08 110.58 34.69
CA LEU ZB 109 45.86 111.37 34.68
C LEU ZB 109 44.86 110.68 33.77
N GLY ZB 110 43.67 110.43 34.29
CA GLY ZB 110 42.65 109.73 33.56
C GLY ZB 110 42.36 108.37 34.16
N LYS ZB 111 41.46 107.66 33.50
CA LYS ZB 111 40.93 106.41 34.00
C LYS ZB 111 41.44 105.28 33.11
N SER ZB 112 42.03 104.30 33.71
CA SER ZB 112 42.46 103.15 32.94
C SER ZB 112 41.25 102.26 32.67
N PRO ZB 113 40.96 101.92 31.42
CA PRO ZB 113 39.79 101.09 31.11
C PRO ZB 113 40.03 99.63 31.47
N SER ZB 114 38.94 98.87 31.44
CA SER ZB 114 38.93 97.47 31.80
C SER ZB 114 39.67 96.60 30.79
N VAL ZB 115 39.39 96.78 29.51
CA VAL ZB 115 40.32 96.32 28.49
C VAL ZB 115 41.53 97.23 28.57
N PRO ZB 116 42.73 96.68 28.78
CA PRO ZB 116 43.89 97.55 28.96
C PRO ZB 116 44.47 97.99 27.63
N VAL ZB 117 45.05 99.18 27.65
CA VAL ZB 117 45.81 99.66 26.51
C VAL ZB 117 47.10 98.90 26.46
N LEU ZB 118 47.26 98.05 25.45
CA LEU ZB 118 48.40 97.16 25.37
C LEU ZB 118 49.43 97.71 24.40
N ILE ZB 119 50.70 97.61 24.78
CA ILE ZB 119 51.81 98.00 23.92
C ILE ZB 119 52.71 96.79 23.74
N SER ZB 120 53.79 96.93 22.97
CA SER ZB 120 54.75 95.86 22.74
C SER ZB 120 56.06 96.48 22.32
N ILE ZB 121 57.06 96.44 23.20
CA ILE ZB 121 58.38 96.95 22.90
C ILE ZB 121 59.37 95.81 23.01
N SER ZB 122 60.10 95.55 21.94
CA SER ZB 122 61.15 94.54 21.98
C SER ZB 122 62.35 95.11 21.26
N THR ZB 123 63.20 95.81 22.00
CA THR ZB 123 64.50 96.24 21.52
C THR ZB 123 65.52 96.10 22.62
N LYS ZB 124 66.77 95.90 22.23
CA LYS ZB 124 67.75 95.48 23.21
C LYS ZB 124 68.94 96.38 23.39
N ASP ZB 125 69.08 97.46 22.62
CA ASP ZB 125 69.87 98.60 23.05
C ASP ZB 125 69.28 99.84 22.41
N GLU ZB 126 68.44 100.55 23.16
CA GLU ZB 126 67.76 101.70 22.58
C GLU ZB 126 67.46 102.68 23.70
N SER ZB 127 67.51 103.97 23.39
CA SER ZB 127 67.27 105.03 24.35
C SER ZB 127 65.80 105.09 24.78
N LEU ZB 128 65.63 105.39 26.06
CA LEU ZB 128 64.31 105.24 26.66
C LEU ZB 128 63.40 106.42 26.35
N ALA ZB 129 63.96 107.53 25.87
CA ALA ZB 129 63.16 108.60 25.29
C ALA ZB 129 62.49 108.15 24.00
N GLU ZB 130 63.18 107.41 23.14
CA GLU ZB 130 62.53 106.91 21.95
C GLU ZB 130 61.65 105.71 22.23
N ILE ZB 131 61.92 104.99 23.33
CA ILE ZB 131 61.00 103.97 23.81
C ILE ZB 131 59.70 104.61 24.29
N LEU ZB 132 59.80 105.77 24.94
CA LEU ZB 132 58.64 106.55 25.34
C LEU ZB 132 57.89 107.15 24.15
N ARG ZB 133 58.64 107.48 23.10
CA ARG ZB 133 58.09 107.97 21.85
C ARG ZB 133 57.23 106.92 21.16
N ASP ZB 134 57.74 105.70 21.06
CA ASP ZB 134 56.94 104.72 20.34
C ASP ZB 134 55.95 103.97 21.23
N ILE ZB 135 55.97 104.12 22.57
CA ILE ZB 135 54.75 103.74 23.27
C ILE ZB 135 53.69 104.83 23.18
N ASP ZB 136 54.09 106.10 22.96
CA ASP ZB 136 53.09 107.11 22.65
C ASP ZB 136 52.48 106.87 21.28
N TYR ZB 137 53.28 106.37 20.35
CA TYR ZB 137 52.77 105.94 19.06
C TYR ZB 137 51.89 104.71 19.18
N GLN ZB 138 52.27 103.73 20.00
CA GLN ZB 138 51.47 102.52 20.10
C GLN ZB 138 50.25 102.70 20.97
N ALA ZB 139 50.24 103.73 21.82
CA ALA ZB 139 49.00 104.17 22.43
C ALA ZB 139 48.10 104.78 21.38
N GLY ZB 140 48.55 105.86 20.75
CA GLY ZB 140 47.80 106.46 19.68
C GLY ZB 140 46.61 107.25 20.17
N LYS ZB 141 45.43 106.66 20.05
CA LYS ZB 141 44.20 107.35 20.40
C LYS ZB 141 43.73 107.00 21.80
N LYS ZB 142 44.15 105.86 22.33
CA LYS ZB 142 43.60 105.40 23.60
C LYS ZB 142 44.32 106.06 24.77
N ALA ZB 143 45.56 106.49 24.58
CA ALA ZB 143 46.29 107.16 25.63
C ALA ZB 143 47.23 108.17 24.98
N SER ZB 144 47.99 108.87 25.83
CA SER ZB 144 48.96 109.85 25.37
C SER ZB 144 50.00 110.02 26.46
N ILE ZB 145 51.18 110.48 26.06
CA ILE ZB 145 52.32 110.66 26.95
C ILE ZB 145 52.69 112.13 26.97
N HIS ZB 146 52.81 112.70 28.16
CA HIS ZB 146 53.43 113.99 28.33
C HIS ZB 146 54.68 113.83 29.16
N VAL ZB 147 55.71 114.62 28.87
CA VAL ZB 147 56.91 114.68 29.69
C VAL ZB 147 57.16 116.15 30.01
N TYR ZB 148 57.18 116.49 31.30
CA TYR ZB 148 57.62 117.79 31.73
C TYR ZB 148 58.96 117.64 32.41
N PRO ZB 149 60.07 117.92 31.72
CA PRO ZB 149 61.39 117.54 32.27
C PRO ZB 149 61.97 118.57 33.21
N ASN ZB 150 61.39 119.76 33.30
CA ASN ZB 150 61.85 120.72 34.28
C ASN ZB 150 61.37 120.34 35.67
N SER ZB 151 60.16 119.79 35.77
CA SER ZB 151 59.70 119.22 37.01
C SER ZB 151 59.98 117.73 37.10
N GLN ZB 152 60.54 117.15 36.03
CA GLN ZB 152 60.97 115.75 35.88
C GLN ZB 152 59.84 114.76 36.13
N VAL ZB 153 58.67 115.07 35.61
CA VAL ZB 153 57.52 114.20 35.75
C VAL ZB 153 57.10 113.75 34.36
N VAL ZB 154 56.59 112.53 34.26
CA VAL ZB 154 56.06 111.99 33.03
C VAL ZB 154 54.65 111.46 33.31
N GLU ZB 155 53.72 111.94 32.51
CA GLU ZB 155 52.30 111.75 32.77
C GLU ZB 155 51.68 110.95 31.65
N LEU ZB 156 51.13 109.80 32.00
CA LEU ZB 156 50.30 109.03 31.11
C LEU ZB 156 48.88 109.56 31.22
N ARG ZB 157 48.33 110.00 30.10
CA ARG ZB 157 46.99 110.55 30.07
C ARG ZB 157 46.07 109.61 29.31
N TYR ZB 158 44.89 109.39 29.86
CA TYR ZB 158 43.87 108.63 29.17
C TYR ZB 158 42.94 109.59 28.43
N ALA ZB 159 41.80 109.10 27.98
CA ALA ZB 159 40.78 109.96 27.38
C ALA ZB 159 39.37 109.49 27.72
N ILE AC 272 33.33 83.50 16.77
CA ILE AC 272 34.68 83.69 17.27
C ILE AC 272 35.62 82.66 16.62
N PRO AC 273 36.67 83.13 15.95
CA PRO AC 273 37.63 82.23 15.34
C PRO AC 273 38.55 81.62 16.37
N PRO AC 274 39.26 80.55 16.03
CA PRO AC 274 40.40 80.14 16.85
C PRO AC 274 41.54 81.14 16.76
N SER AC 275 42.40 81.10 17.78
CA SER AC 275 43.39 82.15 17.99
C SER AC 275 44.55 82.03 17.02
N ALA AC 276 45.20 80.88 17.02
CA ALA AC 276 46.10 80.42 15.98
C ALA AC 276 46.01 78.91 16.02
N ASN AC 277 46.98 78.23 15.45
CA ASN AC 277 47.24 76.89 15.89
C ASN AC 277 48.25 76.99 17.01
N ASP AC 278 48.08 76.17 18.04
CA ASP AC 278 49.08 76.06 19.09
C ASP AC 278 50.11 74.99 18.81
N LEU AC 279 50.10 74.43 17.59
CA LEU AC 279 51.24 73.66 17.11
C LEU AC 279 52.31 74.59 16.56
N LEU AC 280 51.95 75.85 16.33
CA LEU AC 280 52.91 76.80 15.79
C LEU AC 280 53.93 77.24 16.81
N LEU AC 281 53.68 77.08 18.10
CA LEU AC 281 54.74 77.29 19.05
C LEU AC 281 55.72 76.13 19.07
N HIS AC 282 55.26 74.93 18.73
CA HIS AC 282 56.18 73.82 18.56
C HIS AC 282 57.01 73.99 17.32
N VAL AC 283 56.38 74.43 16.23
CA VAL AC 283 57.15 74.56 15.00
C VAL AC 283 57.75 75.96 14.88
N LEU AC 284 57.57 76.80 15.88
CA LEU AC 284 58.39 77.99 16.06
C LEU AC 284 59.74 77.64 16.67
N GLU AC 285 59.81 76.52 17.35
CA GLU AC 285 61.08 75.86 17.62
C GLU AC 285 61.37 74.93 16.46
N GLY AC 286 62.41 74.14 16.55
CA GLY AC 286 62.58 73.18 15.48
C GLY AC 286 61.82 71.90 15.66
N VAL AC 287 61.11 71.73 16.77
CA VAL AC 287 60.55 70.42 17.12
C VAL AC 287 59.28 70.19 16.30
N PRO AC 288 59.12 69.03 15.66
CA PRO AC 288 57.96 68.78 14.80
C PRO AC 288 56.69 68.57 15.60
N PRO AC 289 55.52 68.56 14.96
CA PRO AC 289 54.29 68.19 15.67
C PRO AC 289 54.27 66.71 16.00
N PRO AC 290 53.50 66.28 16.99
CA PRO AC 290 53.38 64.84 17.28
C PRO AC 290 52.58 64.13 16.19
N GLY AC 291 53.17 63.09 15.64
CA GLY AC 291 52.54 62.33 14.57
C GLY AC 291 52.57 63.07 13.25
N SER AC 292 53.76 63.34 12.74
CA SER AC 292 53.92 64.07 11.49
C SER AC 292 54.66 63.25 10.47
N ARG AC 293 54.96 63.88 9.36
CA ARG AC 293 55.88 63.36 8.37
C ARG AC 293 56.68 64.54 7.88
N ARG AC 294 57.99 64.40 7.87
CA ARG AC 294 58.83 65.53 7.49
C ARG AC 294 58.88 65.65 5.98
N LEU AC 295 58.87 66.88 5.52
CA LEU AC 295 59.01 67.17 4.11
C LEU AC 295 60.44 67.61 3.87
N VAL AC 296 60.90 67.54 2.63
CA VAL AC 296 62.30 67.77 2.33
C VAL AC 296 62.40 69.13 1.65
N VAL AC 297 62.73 70.15 2.44
CA VAL AC 297 62.91 71.51 1.94
C VAL AC 297 64.25 71.56 1.23
N SER AC 298 64.23 71.95 -0.04
CA SER AC 298 65.46 72.20 -0.77
C SER AC 298 65.46 73.64 -1.28
N GLY AC 299 66.62 74.27 -1.23
CA GLY AC 299 66.79 75.61 -1.75
C GLY AC 299 66.56 76.73 -0.77
N GLY AC 300 66.66 76.47 0.52
CA GLY AC 300 66.49 77.53 1.49
C GLY AC 300 66.57 76.96 2.88
N ASP AC 301 66.84 77.84 3.83
CA ASP AC 301 66.95 77.42 5.22
C ASP AC 301 65.56 77.42 5.81
N ALA AC 302 64.84 76.32 5.60
CA ALA AC 302 63.54 76.14 6.19
C ALA AC 302 63.41 74.68 6.54
N ARG AC 303 62.55 74.38 7.51
CA ARG AC 303 62.11 73.01 7.69
C ARG AC 303 60.61 72.96 7.47
N ALA AC 304 60.10 71.79 7.10
CA ALA AC 304 58.68 71.62 6.90
C ALA AC 304 58.23 70.26 7.38
N TRP AC 305 57.06 70.22 8.00
CA TRP AC 305 56.43 68.98 8.41
C TRP AC 305 54.99 68.98 7.95
N LEU AC 306 54.37 67.81 8.03
CA LEU AC 306 53.05 67.58 7.48
C LEU AC 306 52.25 66.78 8.49
N SER AC 307 51.30 67.42 9.16
CA SER AC 307 50.63 66.74 10.25
C SER AC 307 49.31 66.10 9.82
N ASN AC 308 48.35 66.93 9.40
CA ASN AC 308 47.10 66.39 8.87
C ASN AC 308 46.66 67.38 7.79
N GLU AC 309 47.10 67.10 6.56
CA GLU AC 309 46.82 67.81 5.30
C GLU AC 309 47.26 69.27 5.31
N LYS AC 310 48.19 69.65 6.19
CA LYS AC 310 48.65 71.02 6.37
C LYS AC 310 50.13 70.93 6.59
N MET AC 311 50.89 71.77 5.92
CA MET AC 311 52.32 71.79 6.17
C MET AC 311 52.67 72.98 7.04
N TYR AC 312 53.64 72.75 7.89
CA TYR AC 312 54.18 73.76 8.79
C TYR AC 312 55.60 73.98 8.37
N VAL AC 313 55.98 75.22 8.15
CA VAL AC 313 57.36 75.55 7.87
C VAL AC 313 57.91 76.38 9.00
N ARG AC 314 59.21 76.24 9.22
CA ARG AC 314 59.97 76.97 10.21
C ARG AC 314 61.09 77.65 9.47
N THR AC 315 61.04 78.97 9.41
CA THR AC 315 61.73 79.74 8.39
C THR AC 315 62.35 80.95 9.07
N ASN AC 316 63.21 81.65 8.36
CA ASN AC 316 63.38 83.07 8.58
C ASN AC 316 63.34 83.80 7.25
N LEU AC 317 63.20 83.07 6.15
CA LEU AC 317 62.77 83.66 4.90
C LEU AC 317 61.29 84.00 5.00
N THR AC 318 60.84 84.92 4.17
CA THR AC 318 59.44 85.31 4.25
C THR AC 318 58.66 84.68 3.12
N ILE AC 319 57.46 84.23 3.41
CA ILE AC 319 56.67 83.48 2.46
C ILE AC 319 55.87 84.46 1.61
N LEU AC 320 55.98 84.36 0.30
CA LEU AC 320 55.43 85.33 -0.62
C LEU AC 320 54.26 84.82 -1.45
N SER AC 321 54.38 83.69 -2.18
CA SER AC 321 53.19 83.29 -2.94
C SER AC 321 52.13 82.45 -2.20
N PRO AC 322 52.39 81.23 -1.71
CA PRO AC 322 51.33 80.21 -1.78
C PRO AC 322 50.29 80.26 -0.68
N GLY AC 323 50.35 81.22 0.22
CA GLY AC 323 49.23 81.48 1.12
C GLY AC 323 49.28 80.63 2.36
N TRP AC 324 49.36 81.25 3.53
CA TRP AC 324 49.36 80.49 4.75
C TRP AC 324 48.13 80.78 5.58
N LEU AC 325 47.71 79.78 6.34
CA LEU AC 325 46.51 79.91 7.12
C LEU AC 325 46.78 80.50 8.48
N ALA AC 326 47.99 80.32 9.00
CA ALA AC 326 48.34 80.92 10.29
C ALA AC 326 49.83 81.16 10.35
N SER AC 327 50.25 82.00 11.29
CA SER AC 327 51.67 82.28 11.45
C SER AC 327 51.99 82.73 12.85
N MET AC 328 53.23 82.44 13.26
CA MET AC 328 53.86 82.97 14.45
C MET AC 328 55.29 83.40 14.12
N THR AC 329 55.92 84.09 15.07
CA THR AC 329 57.27 84.56 14.88
C THR AC 329 57.94 84.62 16.25
N SER AC 330 59.11 84.01 16.40
CA SER AC 330 59.84 84.03 17.65
C SER AC 330 60.64 85.29 17.86
N ALA AC 331 61.53 85.28 18.84
CA ALA AC 331 62.25 86.48 19.23
C ALA AC 331 63.38 86.79 18.25
N ASP AC 332 63.95 85.78 17.64
CA ASP AC 332 65.07 85.95 16.71
C ASP AC 332 64.62 86.06 15.26
N GLY AC 333 63.34 86.28 15.02
CA GLY AC 333 62.86 86.43 13.67
C GLY AC 333 62.65 85.15 12.91
N THR AC 334 62.69 84.01 13.59
CA THR AC 334 62.21 82.78 13.02
C THR AC 334 60.70 82.87 12.92
N HIS AC 335 60.15 82.72 11.74
CA HIS AC 335 58.70 82.57 11.65
C HIS AC 335 58.34 81.11 11.54
N ALA AC 336 57.05 80.83 11.69
CA ALA AC 336 56.52 79.50 11.49
C ALA AC 336 55.13 79.61 10.93
N TYR AC 337 54.92 78.99 9.78
CA TYR AC 337 53.69 79.18 9.04
C TYR AC 337 52.94 77.86 8.92
N GLU AC 338 51.62 77.94 9.04
CA GLU AC 338 50.72 76.84 8.78
C GLU AC 338 49.98 77.13 7.48
N MET AC 339 50.10 76.20 6.52
CA MET AC 339 49.53 76.41 5.21
C MET AC 339 49.01 75.10 4.66
N GLN AC 340 48.39 75.19 3.48
CA GLN AC 340 48.03 74.03 2.69
C GLN AC 340 49.26 73.50 1.99
N LYS AC 341 49.14 72.26 1.48
CA LYS AC 341 50.27 71.50 0.96
C LYS AC 341 50.63 72.02 -0.42
N SER AC 342 51.60 72.92 -0.45
CA SER AC 342 52.05 73.37 -1.76
C SER AC 342 53.42 72.79 -2.05
N PRO AC 343 53.69 72.36 -3.29
CA PRO AC 343 54.99 71.76 -3.59
C PRO AC 343 56.12 72.76 -3.70
N VAL AC 344 55.80 74.02 -3.98
CA VAL AC 344 56.81 75.06 -4.04
C VAL AC 344 56.41 76.16 -3.08
N LEU AC 345 57.40 76.70 -2.41
CA LEU AC 345 57.24 77.92 -1.64
C LEU AC 345 57.98 79.01 -2.39
N LEU AC 346 57.38 80.17 -2.50
CA LEU AC 346 58.08 81.33 -3.01
C LEU AC 346 58.47 82.15 -1.81
N VAL AC 347 59.75 82.40 -1.64
CA VAL AC 347 60.22 83.16 -0.50
C VAL AC 347 60.89 84.42 -0.99
N SER AC 348 61.00 85.36 -0.07
CA SER AC 348 61.94 86.45 -0.19
C SER AC 348 63.06 86.17 0.77
N TRP AC 349 64.28 86.17 0.25
CA TRP AC 349 65.48 86.06 1.09
C TRP AC 349 65.88 87.43 1.60
N HIS AC 350 66.37 88.30 0.72
CA HIS AC 350 66.76 89.64 1.09
C HIS AC 350 66.37 90.59 -0.02
N GLY AC 351 65.15 90.48 -0.49
CA GLY AC 351 64.74 91.11 -1.71
C GLY AC 351 64.86 90.21 -2.93
N LYS AC 352 65.73 89.21 -2.87
CA LYS AC 352 65.73 88.14 -3.85
C LYS AC 352 64.49 87.30 -3.68
N VAL AC 353 63.89 86.93 -4.78
CA VAL AC 353 62.67 86.13 -4.78
C VAL AC 353 63.05 84.73 -5.21
N MET AC 354 63.12 83.83 -4.25
CA MET AC 354 63.60 82.49 -4.52
C MET AC 354 62.45 81.50 -4.39
N GLN AC 355 62.73 80.26 -4.75
CA GLN AC 355 61.76 79.20 -4.60
C GLN AC 355 62.34 78.08 -3.76
N LEU AC 356 61.46 77.20 -3.32
CA LEU AC 356 61.76 76.15 -2.36
C LEU AC 356 60.94 74.92 -2.74
N LYS AC 357 61.58 73.79 -2.97
CA LYS AC 357 60.84 72.58 -3.27
C LYS AC 357 60.62 71.79 -1.99
N VAL AC 358 59.44 71.21 -1.84
CA VAL AC 358 59.21 70.19 -0.83
C VAL AC 358 58.85 68.90 -1.54
N GLU AC 359 58.78 67.80 -0.78
CA GLU AC 359 58.36 66.52 -1.34
C GLU AC 359 57.29 65.89 -0.47
N GLY AC 360 56.03 66.06 -0.89
CA GLY AC 360 54.90 65.58 -0.14
C GLY AC 360 53.99 66.75 0.20
N LEU BC 41 66.87 68.24 -9.53
CA LEU BC 41 68.15 68.34 -8.83
C LEU BC 41 68.46 69.79 -8.49
N PRO BC 42 68.93 70.05 -7.26
CA PRO BC 42 69.49 71.37 -6.96
C PRO BC 42 70.86 71.55 -7.60
N CYS BC 43 71.28 72.79 -7.67
CA CYS BC 43 72.53 73.16 -8.34
C CYS BC 43 73.69 73.19 -7.35
N ARG BC 44 74.83 72.67 -7.77
CA ARG BC 44 76.02 72.68 -6.93
C ARG BC 44 76.66 74.07 -6.90
N VAL BC 45 77.12 74.54 -8.05
CA VAL BC 45 77.69 75.88 -8.16
C VAL BC 45 76.57 76.86 -8.47
N ASP BC 46 76.82 78.14 -8.25
CA ASP BC 46 75.92 79.19 -8.74
C ASP BC 46 76.41 79.80 -10.03
N GLY BC 47 76.78 78.99 -11.01
CA GLY BC 47 77.41 79.49 -12.22
C GLY BC 47 78.78 80.11 -12.01
N ALA BC 48 79.56 79.61 -11.06
CA ALA BC 48 80.73 80.30 -10.57
C ALA BC 48 81.60 79.31 -9.83
N CYS BC 49 82.92 79.50 -9.85
CA CYS BC 49 83.82 78.56 -9.21
C CYS BC 49 85.00 79.27 -8.59
N ASP BC 50 85.54 78.63 -7.54
CA ASP BC 50 86.56 79.18 -6.65
C ASP BC 50 87.88 79.40 -7.36
N ALA BC 51 88.18 78.56 -8.36
CA ALA BC 51 89.34 78.75 -9.22
C ALA BC 51 89.22 79.99 -10.06
N THR BC 52 88.00 80.31 -10.51
CA THR BC 52 87.83 81.53 -11.27
C THR BC 52 87.78 82.76 -10.37
N ILE BC 53 87.36 82.61 -9.11
CA ILE BC 53 87.48 83.70 -8.12
C ILE BC 53 88.95 84.04 -7.83
N ILE BC 54 89.78 83.02 -7.60
CA ILE BC 54 91.18 83.31 -7.28
C ILE BC 54 91.97 83.70 -8.53
N LYS BC 55 91.52 83.27 -9.72
CA LYS BC 55 92.16 83.66 -10.96
C LYS BC 55 91.87 85.11 -11.29
N MET BC 56 90.61 85.55 -11.10
CA MET BC 56 90.28 86.95 -11.33
C MET BC 56 90.82 87.85 -10.22
N MET BC 57 91.03 87.31 -9.03
CA MET BC 57 91.65 88.10 -7.96
C MET BC 57 93.14 88.32 -8.21
N THR BC 58 93.86 87.28 -8.63
CA THR BC 58 95.27 87.49 -8.91
C THR BC 58 95.50 88.20 -10.24
N ASP BC 59 94.54 88.16 -11.17
CA ASP BC 59 94.72 88.88 -12.41
C ASP BC 59 94.36 90.34 -12.26
N LEU BC 60 93.43 90.66 -11.37
CA LEU BC 60 93.10 92.06 -11.12
C LEU BC 60 94.18 92.71 -10.26
N ASN BC 61 94.80 91.93 -9.36
CA ASN BC 61 95.93 92.44 -8.61
C ASN BC 61 97.20 92.53 -9.47
N LYS BC 62 97.30 91.69 -10.50
CA LYS BC 62 98.38 91.84 -11.47
C LYS BC 62 98.16 93.07 -12.35
N LYS BC 63 96.91 93.38 -12.65
CA LYS BC 63 96.60 94.60 -13.38
C LYS BC 63 96.68 95.86 -12.53
N GLY BC 64 96.76 95.73 -11.22
CA GLY BC 64 96.92 96.90 -10.38
C GLY BC 64 95.65 97.34 -9.72
N ILE BC 65 94.59 96.56 -9.88
CA ILE BC 65 93.31 96.83 -9.23
C ILE BC 65 93.30 95.99 -7.97
N LYS BC 66 93.42 96.63 -6.82
CA LYS BC 66 93.79 95.87 -5.64
C LYS BC 66 92.56 95.27 -4.97
N VAL BC 67 92.52 93.95 -4.91
CA VAL BC 67 91.38 93.22 -4.39
C VAL BC 67 91.74 92.78 -2.98
N ALA BC 68 91.43 93.61 -2.01
CA ALA BC 68 91.51 93.20 -0.63
C ALA BC 68 90.23 92.45 -0.28
N SER BC 69 90.34 91.53 0.66
CA SER BC 69 89.20 90.70 1.01
C SER BC 69 89.39 90.29 2.46
N VAL BC 70 88.72 90.98 3.37
CA VAL BC 70 88.91 90.77 4.80
C VAL BC 70 87.70 90.01 5.33
N GLY BC 71 87.82 88.70 5.44
CA GLY BC 71 86.78 87.92 6.05
C GLY BC 71 85.67 87.62 5.08
N GLN BC 72 84.59 88.39 5.15
CA GLN BC 72 83.55 88.31 4.15
C GLN BC 72 83.35 89.61 3.42
N ASN BC 73 83.93 90.70 3.88
CA ASN BC 73 83.93 91.92 3.11
C ASN BC 73 84.96 91.84 2.01
N TYR BC 74 84.67 92.48 0.90
CA TYR BC 74 85.50 92.48 -0.27
C TYR BC 74 85.61 93.90 -0.78
N LEU BC 75 86.76 94.19 -1.37
CA LEU BC 75 87.11 95.56 -1.71
C LEU BC 75 87.96 95.55 -2.95
N ILE BC 76 87.44 96.09 -4.03
CA ILE BC 76 88.15 96.23 -5.28
C ILE BC 76 88.49 97.70 -5.44
N SER BC 77 89.78 98.01 -5.43
CA SER BC 77 90.26 99.39 -5.44
C SER BC 77 90.80 99.68 -6.83
N ILE BC 78 90.14 100.58 -7.54
CA ILE BC 78 90.52 100.99 -8.89
C ILE BC 78 91.11 102.39 -8.80
N PRO BC 79 92.32 102.61 -9.32
CA PRO BC 79 92.78 103.99 -9.51
C PRO BC 79 92.00 104.66 -10.64
N ALA BC 80 91.77 105.97 -10.47
CA ALA BC 80 90.88 106.71 -11.36
C ALA BC 80 91.50 107.01 -12.72
N SER BC 81 92.82 106.86 -12.86
CA SER BC 81 93.42 106.96 -14.18
C SER BC 81 93.13 105.73 -15.04
N ALA BC 82 92.86 104.60 -14.40
CA ALA BC 82 92.51 103.40 -15.15
C ALA BC 82 91.09 103.44 -15.69
N LEU BC 83 90.21 104.26 -15.11
CA LEU BC 83 88.85 104.38 -15.60
C LEU BC 83 88.60 105.67 -16.34
N PHE BC 84 88.80 106.80 -15.68
CA PHE BC 84 88.40 108.08 -16.22
C PHE BC 84 89.61 108.78 -16.81
N ALA BC 85 89.37 109.95 -17.36
CA ALA BC 85 90.47 110.84 -17.70
C ALA BC 85 90.70 111.78 -16.53
N ASP BC 86 91.51 112.81 -16.74
CA ASP BC 86 91.90 113.71 -15.68
C ASP BC 86 90.79 114.69 -15.33
N GLN BC 87 90.29 114.55 -14.09
CA GLN BC 87 89.26 115.38 -13.44
C GLN BC 87 87.95 115.41 -14.22
N SER BC 88 87.60 114.26 -14.77
CA SER BC 88 86.47 114.16 -15.67
C SER BC 88 85.54 113.08 -15.18
N PRO BC 89 84.24 113.29 -15.27
CA PRO BC 89 83.28 112.20 -15.09
C PRO BC 89 82.93 111.52 -16.39
N ARG BC 90 83.93 111.10 -17.13
CA ARG BC 90 83.75 110.44 -18.41
C ARG BC 90 84.73 109.29 -18.46
N LEU BC 91 84.23 108.11 -18.76
CA LEU BC 91 85.10 106.96 -18.92
C LEU BC 91 85.85 107.05 -20.25
N ASN BC 92 87.06 106.54 -20.25
CA ASN BC 92 87.70 106.20 -21.50
C ASN BC 92 87.09 104.92 -22.02
N TRP BC 93 87.18 104.72 -23.32
CA TRP BC 93 86.57 103.57 -23.96
C TRP BC 93 87.33 102.28 -23.69
N ALA BC 94 88.61 102.37 -23.38
CA ALA BC 94 89.40 101.17 -23.10
C ALA BC 94 89.12 100.62 -21.70
N SER BC 95 88.58 101.43 -20.81
CA SER BC 95 88.28 101.05 -19.44
C SER BC 95 87.08 100.15 -19.29
N TYR BC 96 86.28 100.00 -20.35
CA TYR BC 96 85.13 99.14 -20.28
C TYR BC 96 85.51 97.67 -20.31
N SER BC 97 86.70 97.33 -20.80
CA SER BC 97 87.21 95.98 -20.65
C SER BC 97 87.57 95.67 -19.20
N LEU BC 98 88.06 96.68 -18.48
CA LEU BC 98 88.31 96.57 -17.06
C LEU BC 98 87.01 96.46 -16.28
N LEU BC 99 85.99 97.20 -16.70
CA LEU BC 99 84.69 97.06 -16.04
C LEU BC 99 83.97 95.79 -16.43
N ASN BC 100 84.28 95.22 -17.61
CA ASN BC 100 83.75 93.92 -17.97
C ASN BC 100 84.38 92.82 -17.14
N GLU BC 101 85.67 92.92 -16.86
CA GLU BC 101 86.26 91.89 -16.00
C GLU BC 101 85.97 92.14 -14.54
N ILE BC 102 85.63 93.38 -14.16
CA ILE BC 102 85.17 93.67 -12.81
C ILE BC 102 83.77 93.10 -12.60
N ALA BC 103 82.90 93.24 -13.60
CA ALA BC 103 81.55 92.69 -13.49
C ALA BC 103 81.54 91.18 -13.65
N ALA BC 104 82.51 90.61 -14.37
CA ALA BC 104 82.62 89.17 -14.39
C ALA BC 104 83.23 88.61 -13.12
N PHE BC 105 83.99 89.44 -12.39
CA PHE BC 105 84.36 89.06 -11.04
C PHE BC 105 83.20 89.22 -10.07
N LEU BC 106 82.36 90.23 -10.28
CA LEU BC 106 81.22 90.51 -9.42
C LEU BC 106 80.07 89.54 -9.63
N LYS BC 107 80.04 88.83 -10.75
CA LYS BC 107 79.06 87.77 -10.96
C LYS BC 107 79.28 86.55 -10.10
N GLN BC 108 80.47 86.39 -9.53
CA GLN BC 108 80.85 85.12 -8.95
C GLN BC 108 80.26 84.88 -7.56
N PHE BC 109 79.87 85.94 -6.87
CA PHE BC 109 79.37 85.80 -5.51
C PHE BC 109 77.89 86.09 -5.48
N ARG BC 110 77.30 85.90 -4.33
CA ARG BC 110 75.91 86.25 -4.08
C ARG BC 110 75.92 87.34 -3.04
N LYS BC 111 75.43 88.51 -3.38
CA LYS BC 111 75.54 89.64 -2.50
C LYS BC 111 74.22 90.37 -2.42
N ILE BC 112 74.16 91.32 -1.51
CA ILE BC 112 72.94 92.07 -1.20
C ILE BC 112 73.07 93.50 -1.65
N ALA BC 113 74.11 94.19 -1.19
CA ALA BC 113 74.30 95.58 -1.55
C ALA BC 113 75.77 95.79 -1.88
N ILE BC 114 76.03 96.11 -3.13
CA ILE BC 114 77.32 96.61 -3.55
C ILE BC 114 77.32 98.10 -3.29
N THR BC 115 78.27 98.59 -2.49
CA THR BC 115 78.48 100.02 -2.46
C THR BC 115 79.73 100.33 -3.25
N VAL BC 116 79.72 101.47 -3.91
CA VAL BC 116 80.83 101.92 -4.72
C VAL BC 116 80.99 103.41 -4.45
N THR BC 117 82.19 103.80 -4.03
CA THR BC 117 82.40 105.21 -3.72
C THR BC 117 83.71 105.67 -4.32
N SER BC 118 83.78 106.96 -4.59
CA SER BC 118 84.92 107.54 -5.27
C SER BC 118 85.42 108.75 -4.53
N TYR BC 119 86.73 108.91 -4.49
CA TYR BC 119 87.29 110.18 -4.04
C TYR BC 119 88.52 110.46 -4.87
N SER BC 120 88.66 111.71 -5.27
CA SER BC 120 89.82 112.17 -5.99
C SER BC 120 90.44 113.32 -5.22
N SER BC 121 91.68 113.64 -5.58
CA SER BC 121 92.43 114.72 -4.96
C SER BC 121 91.85 116.08 -5.35
N LYS BC 122 92.21 117.09 -4.55
CA LYS BC 122 91.56 118.39 -4.58
C LYS BC 122 91.92 119.17 -5.83
N TYR BC 123 90.92 119.67 -6.54
CA TYR BC 123 91.17 120.30 -7.83
C TYR BC 123 90.86 121.78 -7.84
N VAL BC 124 89.60 122.18 -7.68
CA VAL BC 124 89.32 123.61 -7.54
C VAL BC 124 88.60 123.84 -6.22
N SER BC 125 87.89 122.83 -5.71
CA SER BC 125 86.95 123.02 -4.61
C SER BC 125 86.50 121.65 -4.11
N VAL BC 126 86.00 121.68 -2.87
CA VAL BC 126 85.42 120.49 -2.30
C VAL BC 126 84.05 120.21 -2.91
N LYS BC 127 83.32 121.24 -3.36
CA LYS BC 127 82.01 121.02 -3.96
C LYS BC 127 82.13 120.50 -5.38
N ARG BC 128 83.15 120.96 -6.09
CA ARG BC 128 83.52 120.41 -7.40
C ARG BC 128 84.02 118.98 -7.26
N GLU BC 129 84.72 118.70 -6.15
CA GLU BC 129 85.23 117.37 -5.86
C GLU BC 129 84.11 116.38 -5.56
N ARG BC 130 83.11 116.82 -4.82
CA ARG BC 130 82.01 115.92 -4.48
C ARG BC 130 81.05 115.73 -5.65
N ALA BC 131 80.86 116.75 -6.49
CA ALA BC 131 80.03 116.58 -7.67
C ALA BC 131 80.70 115.71 -8.72
N LEU BC 132 82.02 115.86 -8.88
CA LEU BC 132 82.83 115.04 -9.77
C LEU BC 132 82.85 113.59 -9.32
N THR BC 133 82.98 113.34 -8.03
CA THR BC 133 83.11 111.97 -7.58
C THR BC 133 81.76 111.29 -7.45
N LEU BC 134 80.70 112.06 -7.22
CA LEU BC 134 79.35 111.52 -7.25
C LEU BC 134 78.95 111.12 -8.67
N ALA BC 135 79.36 111.92 -9.66
CA ALA BC 135 79.08 111.56 -11.05
C ALA BC 135 79.97 110.42 -11.52
N ARG BC 136 81.18 110.29 -10.95
CA ARG BC 136 82.08 109.19 -11.32
C ARG BC 136 81.59 107.87 -10.77
N SER BC 137 81.13 107.87 -9.52
CA SER BC 137 80.54 106.69 -8.93
C SER BC 137 79.20 106.33 -9.57
N ARG BC 138 78.40 107.32 -9.96
CA ARG BC 138 77.13 107.01 -10.58
C ARG BC 138 77.27 106.55 -12.02
N VAL BC 139 78.36 106.91 -12.71
CA VAL BC 139 78.52 106.39 -14.06
C VAL BC 139 79.13 104.98 -14.02
N VAL BC 140 79.96 104.68 -13.01
CA VAL BC 140 80.52 103.34 -12.95
C VAL BC 140 79.50 102.34 -12.39
N SER BC 141 78.57 102.80 -11.56
CA SER BC 141 77.53 101.91 -11.12
C SER BC 141 76.38 101.84 -12.09
N GLU BC 142 76.21 102.86 -12.97
CA GLU BC 142 75.26 102.74 -14.07
C GLU BC 142 75.71 101.67 -15.05
N TYR BC 143 77.02 101.58 -15.31
CA TYR BC 143 77.49 100.49 -16.17
C TYR BC 143 77.48 99.15 -15.47
N LEU BC 144 77.76 99.11 -14.16
CA LEU BC 144 77.71 97.85 -13.44
C LEU BC 144 76.29 97.35 -13.20
N TRP BC 145 75.33 98.26 -13.09
CA TRP BC 145 73.94 97.85 -13.01
C TRP BC 145 73.40 97.48 -14.37
N SER BC 146 73.94 98.10 -15.43
CA SER BC 146 73.60 97.69 -16.79
C SER BC 146 74.16 96.31 -17.09
N GLN BC 147 75.34 96.01 -16.58
CA GLN BC 147 75.89 94.69 -16.66
C GLN BC 147 75.24 93.77 -15.65
N GLY BC 148 75.66 92.53 -15.67
CA GLY BC 148 75.06 91.57 -14.79
C GLY BC 148 75.77 91.61 -13.47
N VAL BC 149 75.17 92.25 -12.50
CA VAL BC 149 75.47 91.91 -11.13
C VAL BC 149 74.18 91.38 -10.56
N ASP BC 150 74.29 90.52 -9.56
CA ASP BC 150 73.12 89.98 -8.91
C ASP BC 150 72.91 90.63 -7.57
N SER BC 151 73.43 91.84 -7.41
CA SER BC 151 73.16 92.56 -6.18
C SER BC 151 71.80 93.18 -6.25
N ARG BC 152 71.28 93.52 -5.09
CA ARG BC 152 69.96 94.10 -4.99
C ARG BC 152 70.03 95.60 -4.89
N ILE BC 153 70.90 96.10 -4.03
CA ILE BC 153 71.13 97.53 -3.92
C ILE BC 153 72.54 97.81 -4.40
N ILE BC 154 72.71 98.93 -5.10
CA ILE BC 154 74.03 99.49 -5.32
C ILE BC 154 74.02 100.91 -4.78
N PHE BC 155 74.87 101.17 -3.79
CA PHE BC 155 74.99 102.47 -3.14
C PHE BC 155 76.17 103.20 -3.74
N THR BC 156 75.89 104.25 -4.48
CA THR BC 156 76.88 104.98 -5.24
C THR BC 156 77.09 106.30 -4.54
N GLN BC 157 78.33 106.60 -4.14
CA GLN BC 157 78.58 107.91 -3.56
C GLN BC 157 79.98 108.40 -3.88
N GLY BC 158 80.17 109.70 -3.68
CA GLY BC 158 81.48 110.29 -3.86
C GLY BC 158 81.82 111.28 -2.78
N LEU BC 159 83.07 111.24 -2.31
CA LEU BC 159 83.52 112.14 -1.26
C LEU BC 159 84.62 113.03 -1.81
N GLY BC 160 84.75 114.22 -1.24
CA GLY BC 160 85.70 115.19 -1.72
C GLY BC 160 87.05 115.15 -1.06
N SER BC 161 87.81 114.08 -1.34
CA SER BC 161 89.10 113.73 -0.72
C SER BC 161 88.99 113.63 0.80
N ASP BC 162 87.86 113.10 1.28
CA ASP BC 162 87.66 113.07 2.71
C ASP BC 162 88.25 111.83 3.35
N LYS BC 163 88.55 110.81 2.57
CA LYS BC 163 89.40 109.71 3.03
C LYS BC 163 90.58 109.58 2.08
N PRO BC 164 91.67 110.32 2.31
CA PRO BC 164 92.88 110.08 1.53
C PRO BC 164 93.61 108.86 2.05
N ILE BC 165 94.09 108.03 1.13
CA ILE BC 165 94.81 106.83 1.51
C ILE BC 165 96.30 107.11 1.70
N THR BC 166 96.77 108.27 1.26
CA THR BC 166 98.18 108.62 1.31
C THR BC 166 98.22 110.11 1.61
N SER BC 167 99.19 110.51 2.42
CA SER BC 167 99.43 111.92 2.66
C SER BC 167 100.15 112.61 1.51
N TYR BC 168 100.77 111.84 0.61
CA TYR BC 168 101.29 112.37 -0.64
C TYR BC 168 100.13 112.77 -1.54
N THR BC 169 100.18 113.98 -2.05
CA THR BC 169 99.12 114.63 -2.81
C THR BC 169 99.67 115.05 -4.15
N LEU BC 170 100.25 114.08 -4.87
CA LEU BC 170 101.19 114.30 -5.98
C LEU BC 170 100.57 114.98 -7.19
N GLY BC 171 99.31 114.69 -7.49
CA GLY BC 171 98.74 115.20 -8.71
C GLY BC 171 97.24 115.16 -8.72
N GLY BC 172 96.67 114.97 -9.90
CA GLY BC 172 95.23 114.90 -10.00
C GLY BC 172 94.80 113.46 -9.92
N ASP BC 173 94.43 112.88 -11.05
CA ASP BC 173 93.94 111.52 -11.07
C ASP BC 173 95.03 110.49 -11.30
N ARG BC 174 96.29 110.91 -11.28
CA ARG BC 174 97.39 109.97 -11.19
C ARG BC 174 97.72 109.61 -9.76
N SER BC 175 97.14 110.33 -8.81
CA SER BC 175 97.41 110.12 -7.40
C SER BC 175 96.73 108.84 -6.91
N PRO BC 176 97.34 108.10 -5.98
CA PRO BC 176 96.66 106.94 -5.40
C PRO BC 176 95.54 107.29 -4.42
N ASN BC 177 95.44 108.55 -3.98
CA ASN BC 177 94.22 109.01 -3.34
C ASN BC 177 93.05 109.10 -4.30
N ALA BC 178 93.30 109.27 -5.59
CA ALA BC 178 92.24 109.31 -6.58
C ALA BC 178 91.87 107.90 -6.97
N ARG BC 179 90.72 107.46 -6.50
CA ARG BC 179 90.34 106.07 -6.64
C ARG BC 179 88.83 105.97 -6.55
N VAL BC 180 88.33 104.95 -7.23
CA VAL BC 180 86.97 104.48 -7.05
C VAL BC 180 87.07 103.05 -6.53
N GLU BC 181 86.37 102.75 -5.46
CA GLU BC 181 86.49 101.42 -4.91
C GLU BC 181 85.13 100.86 -4.54
N ILE BC 182 85.03 99.56 -4.75
CA ILE BC 182 83.80 98.79 -4.77
C ILE BC 182 83.86 97.84 -3.59
N THR BC 183 82.97 98.03 -2.64
CA THR BC 183 82.99 97.25 -1.41
C THR BC 183 81.66 96.53 -1.26
N PHE BC 184 81.73 95.28 -0.84
CA PHE BC 184 80.50 94.53 -0.57
C PHE BC 184 80.79 93.50 0.50
N ARG BC 185 79.73 92.86 0.97
CA ARG BC 185 79.84 91.69 1.81
C ARG BC 185 79.30 90.51 1.02
N ARG BC 186 80.12 89.48 0.88
CA ARG BC 186 79.69 88.23 0.28
C ARG BC 186 78.68 87.54 1.19
N ALA BC 187 77.43 87.52 0.79
CA ALA BC 187 76.40 86.88 1.58
C ALA BC 187 76.46 85.37 1.39
N VAL BC 188 76.39 84.65 2.52
CA VAL BC 188 76.55 83.19 2.72
C VAL BC 188 77.67 82.52 1.94
N UNK CC 1 89.75 168.98 -20.94
CA UNK CC 1 88.69 169.39 -21.86
C UNK CC 1 87.33 168.94 -21.33
N UNK CC 2 86.96 169.47 -20.18
CA UNK CC 2 85.76 169.02 -19.48
C UNK CC 2 84.50 169.62 -20.10
N UNK CC 3 83.38 168.92 -19.88
CA UNK CC 3 82.06 169.39 -20.28
C UNK CC 3 81.07 168.82 -19.28
N UNK CC 4 80.71 169.62 -18.27
CA UNK CC 4 79.84 169.20 -17.18
C UNK CC 4 78.62 170.12 -17.18
N UNK CC 5 77.57 169.72 -17.89
CA UNK CC 5 76.42 170.59 -18.06
C UNK CC 5 75.14 169.76 -18.07
N UNK CC 6 74.08 170.34 -17.50
CA UNK CC 6 72.73 169.76 -17.51
C UNK CC 6 71.88 170.67 -18.38
N UNK CC 7 71.84 170.37 -19.67
CA UNK CC 7 71.28 171.25 -20.69
C UNK CC 7 70.67 170.36 -21.77
N UNK CC 8 70.48 170.91 -22.97
CA UNK CC 8 70.06 170.12 -24.12
C UNK CC 8 71.02 170.40 -25.27
N UNK CC 9 72.14 169.68 -25.29
CA UNK CC 9 73.00 169.70 -26.46
C UNK CC 9 72.37 168.90 -27.59
N UNK CC 10 71.99 167.65 -27.30
CA UNK CC 10 70.94 166.85 -27.94
C UNK CC 10 71.18 166.38 -29.37
N UNK CC 11 72.28 166.78 -30.01
CA UNK CC 11 72.64 166.28 -31.34
C UNK CC 11 74.17 166.31 -31.40
N UNK CC 12 74.78 165.19 -31.04
CA UNK CC 12 76.23 165.12 -30.92
C UNK CC 12 76.66 163.68 -31.14
N UNK CC 13 77.23 163.39 -32.30
CA UNK CC 13 78.04 162.18 -32.49
C UNK CC 13 79.50 162.54 -32.19
N UNK CC 14 79.75 162.76 -30.90
CA UNK CC 14 80.95 163.42 -30.42
C UNK CC 14 82.08 162.42 -30.37
N UNK CC 15 82.95 162.45 -31.38
CA UNK CC 15 84.19 161.68 -31.37
C UNK CC 15 85.23 162.53 -30.64
N UNK CC 16 85.22 162.41 -29.32
CA UNK CC 16 86.05 163.25 -28.46
C UNK CC 16 87.50 162.79 -28.47
N UNK CC 17 88.40 163.74 -28.26
CA UNK CC 17 89.84 163.50 -28.27
C UNK CC 17 90.31 163.14 -26.86
N UNK CC 18 91.62 163.16 -26.65
CA UNK CC 18 92.20 162.79 -25.38
C UNK CC 18 92.01 163.91 -24.36
N UNK CC 19 91.94 163.49 -23.08
CA UNK CC 19 91.66 164.29 -21.88
C UNK CC 19 90.34 165.06 -21.96
N UNK CC 20 89.34 164.49 -22.62
CA UNK CC 20 88.03 165.12 -22.73
C UNK CC 20 87.16 164.61 -21.59
N UNK CC 21 87.41 165.19 -20.40
CA UNK CC 21 86.84 164.67 -19.15
C UNK CC 21 85.44 165.26 -18.91
N UNK CC 22 84.50 164.83 -19.75
CA UNK CC 22 83.16 165.41 -19.79
C UNK CC 22 82.28 164.69 -18.78
N UNK CC 23 82.03 165.33 -17.65
CA UNK CC 23 81.04 164.86 -16.67
C UNK CC 23 79.70 165.54 -16.87
N UNK CC 24 79.18 165.52 -18.10
CA UNK CC 24 77.90 166.15 -18.41
C UNK CC 24 76.72 165.34 -17.89
N UNK CC 25 75.60 166.04 -17.70
CA UNK CC 25 74.32 165.45 -17.36
C UNK CC 25 73.21 165.98 -18.25
N UNK CC 26 73.57 166.41 -19.47
CA UNK CC 26 72.66 167.09 -20.36
C UNK CC 26 71.69 166.13 -21.04
N UNK CC 27 70.60 166.70 -21.56
CA UNK CC 27 69.64 165.95 -22.36
C UNK CC 27 70.21 165.71 -23.76
N UNK CC 28 71.03 164.67 -23.89
CA UNK CC 28 71.71 164.37 -25.15
C UNK CC 28 70.89 163.30 -25.86
N UNK CC 29 69.97 163.75 -26.73
CA UNK CC 29 69.03 162.85 -27.39
C UNK CC 29 69.71 162.05 -28.50
N UNK CC 30 70.21 162.75 -29.53
CA UNK CC 30 70.90 162.08 -30.63
C UNK CC 30 72.38 162.03 -30.28
N UNK CC 31 72.72 161.13 -29.36
CA UNK CC 31 74.05 161.08 -28.75
C UNK CC 31 74.84 159.88 -29.23
N UNK CC 32 76.15 160.08 -29.36
CA UNK CC 32 77.15 159.00 -29.48
C UNK CC 32 78.46 159.58 -28.95
N UNK CC 33 78.78 159.30 -27.70
CA UNK CC 33 79.92 159.93 -27.03
C UNK CC 33 81.10 158.96 -27.02
N UNK CC 34 81.97 159.09 -28.02
CA UNK CC 34 83.14 158.21 -28.14
C UNK CC 34 84.37 158.93 -27.56
N UNK CC 35 84.36 159.08 -26.24
CA UNK CC 35 85.45 159.72 -25.52
C UNK CC 35 86.69 158.84 -25.48
N UNK CC 36 87.85 159.45 -25.71
CA UNK CC 36 89.08 158.70 -25.91
C UNK CC 36 90.03 158.70 -24.73
N UNK CC 37 89.72 159.47 -23.67
CA UNK CC 37 90.39 159.41 -22.37
C UNK CC 37 89.49 160.06 -21.33
N UNK CC 38 89.50 159.46 -20.13
CA UNK CC 38 89.22 160.11 -18.84
C UNK CC 38 87.79 160.60 -18.69
N UNK CC 39 86.83 159.95 -19.33
CA UNK CC 39 85.43 160.31 -19.18
C UNK CC 39 84.92 159.84 -17.82
N UNK CC 40 84.36 160.76 -17.06
CA UNK CC 40 83.99 160.54 -15.66
C UNK CC 40 82.56 161.00 -15.41
N UNK CC 41 81.65 160.51 -16.25
CA UNK CC 41 80.31 161.09 -16.36
C UNK CC 41 79.31 160.40 -15.44
N UNK CC 42 78.47 161.21 -14.78
CA UNK CC 42 77.38 160.72 -13.95
C UNK CC 42 76.14 161.52 -14.35
N UNK CC 43 75.43 161.02 -15.36
CA UNK CC 43 74.31 161.73 -15.95
C UNK CC 43 73.00 161.18 -15.40
N UNK CC 44 71.90 161.76 -15.88
CA UNK CC 44 70.56 161.19 -15.77
C UNK CC 44 69.91 161.49 -17.12
N UNK CC 45 70.10 160.59 -18.07
CA UNK CC 45 69.86 160.90 -19.47
C UNK CC 45 68.85 159.92 -20.09
N UNK CC 46 68.58 160.15 -21.37
CA UNK CC 46 67.74 159.28 -22.18
C UNK CC 46 68.22 159.45 -23.62
N UNK CC 47 68.73 158.37 -24.22
CA UNK CC 47 69.38 158.47 -25.52
C UNK CC 47 68.66 157.69 -26.62
N UNK CC 48 68.34 156.42 -26.36
CA UNK CC 48 67.54 155.46 -27.13
C UNK CC 48 68.14 154.99 -28.46
N UNK CC 49 69.29 155.53 -28.89
CA UNK CC 49 70.00 154.99 -30.04
C UNK CC 49 71.51 155.07 -29.86
N UNK CC 50 72.00 154.97 -28.62
CA UNK CC 50 73.39 155.28 -28.32
C UNK CC 50 74.29 154.11 -28.69
N UNK CC 51 75.21 154.37 -29.62
CA UNK CC 51 76.30 153.45 -29.92
C UNK CC 51 77.54 153.98 -29.22
N UNK CC 52 77.59 153.77 -27.91
CA UNK CC 52 78.64 154.34 -27.09
C UNK CC 52 79.93 153.54 -27.20
N UNK CC 53 81.05 154.27 -27.27
CA UNK CC 53 82.37 153.67 -27.27
C UNK CC 53 83.18 154.39 -26.20
N UNK CC 54 84.09 153.67 -25.55
CA UNK CC 54 84.85 154.26 -24.46
C UNK CC 54 86.24 153.66 -24.38
N UNK CC 55 87.24 154.52 -24.30
CA UNK CC 55 88.61 154.19 -24.00
C UNK CC 55 88.85 154.32 -22.49
N UNK CC 56 90.12 154.48 -22.09
CA UNK CC 56 90.58 154.31 -20.71
C UNK CC 56 90.07 155.40 -19.78
N UNK CC 57 89.97 155.03 -18.49
CA UNK CC 57 89.52 155.82 -17.34
C UNK CC 57 88.10 156.36 -17.53
N UNK CC 58 87.23 155.51 -18.08
CA UNK CC 58 85.84 155.87 -18.35
C UNK CC 58 84.97 155.29 -17.25
N UNK CC 59 84.67 156.11 -16.26
CA UNK CC 59 83.69 155.80 -15.22
C UNK CC 59 82.39 156.49 -15.60
N UNK CC 60 81.28 155.76 -15.56
CA UNK CC 60 80.02 156.29 -16.04
C UNK CC 60 78.87 155.84 -15.15
N UNK CC 61 77.83 156.66 -15.11
CA UNK CC 61 76.63 156.34 -14.34
C UNK CC 61 75.44 156.98 -15.05
N UNK CC 62 74.67 156.18 -15.78
CA UNK CC 62 73.62 156.72 -16.63
C UNK CC 62 72.38 155.85 -16.62
N UNK CC 63 71.22 156.50 -16.75
CA UNK CC 63 69.93 155.82 -16.86
C UNK CC 63 69.34 156.00 -18.25
N UNK CC 64 70.19 155.90 -19.27
CA UNK CC 64 69.82 156.14 -20.65
C UNK CC 64 69.83 154.83 -21.42
N UNK CC 65 69.04 154.79 -22.48
CA UNK CC 65 68.96 153.58 -23.30
C UNK CC 65 70.01 153.63 -24.39
N UNK CC 66 70.77 152.55 -24.52
CA UNK CC 66 71.83 152.43 -25.52
C UNK CC 66 71.46 151.39 -26.54
N UNK CC 67 72.25 151.33 -27.61
CA UNK CC 67 72.03 150.35 -28.66
C UNK CC 67 73.28 149.51 -28.88
N UNK CC 68 74.44 150.15 -28.78
CA UNK CC 68 75.71 149.46 -28.98
C UNK CC 68 76.72 149.97 -27.98
N UNK CC 69 77.71 149.14 -27.69
CA UNK CC 69 78.73 149.46 -26.70
C UNK CC 69 80.06 148.88 -27.12
N UNK CC 70 81.11 149.68 -27.01
CA UNK CC 70 82.45 149.25 -27.38
C UNK CC 70 83.42 149.71 -26.31
N UNK CC 71 84.30 148.78 -25.91
CA UNK CC 71 85.32 149.08 -24.90
C UNK CC 71 86.70 148.91 -25.52
N UNK CC 72 87.65 149.74 -25.07
CA UNK CC 72 88.98 149.76 -25.66
C UNK CC 72 90.09 149.36 -24.68
N UNK CC 73 90.22 150.03 -23.54
CA UNK CC 73 91.30 149.74 -22.62
C UNK CC 73 90.83 149.31 -21.24
N UNK CC 74 90.05 150.15 -20.54
CA UNK CC 74 89.65 149.93 -19.15
C UNK CC 74 88.50 150.86 -18.85
N UNK CC 75 87.48 150.37 -18.15
CA UNK CC 75 86.29 151.16 -17.89
C UNK CC 75 85.65 150.71 -16.58
N UNK CC 76 84.64 151.47 -16.15
CA UNK CC 76 83.76 151.12 -15.04
C UNK CC 76 82.45 151.86 -15.27
N UNK CC 77 81.46 151.16 -15.79
CA UNK CC 77 80.18 151.79 -16.08
C UNK CC 77 79.12 151.37 -15.08
N UNK CC 78 78.04 152.12 -15.05
CA UNK CC 78 76.80 151.73 -14.36
C UNK CC 78 75.66 152.32 -15.18
N UNK CC 79 75.16 151.53 -16.11
CA UNK CC 79 74.22 152.03 -17.11
C UNK CC 79 72.92 151.23 -17.05
N UNK CC 80 71.84 151.91 -17.44
CA UNK CC 80 70.50 151.32 -17.41
C UNK CC 80 69.89 151.40 -18.80
N UNK CC 81 70.21 150.43 -19.65
CA UNK CC 81 69.74 150.42 -21.03
C UNK CC 81 68.42 149.66 -21.14
N UNK CC 82 67.82 149.65 -22.35
CA UNK CC 82 66.48 149.11 -22.44
C UNK CC 82 66.21 148.10 -23.53
N UNK CC 83 66.74 148.30 -24.75
CA UNK CC 83 66.11 147.71 -25.93
C UNK CC 83 66.91 146.60 -26.58
N UNK CC 84 68.14 146.89 -27.01
CA UNK CC 84 68.99 145.92 -27.67
C UNK CC 84 70.43 146.32 -27.43
N UNK CC 85 71.32 145.34 -27.50
CA UNK CC 85 72.71 145.60 -27.17
C UNK CC 85 73.63 144.87 -28.12
N UNK CC 86 74.39 145.65 -28.89
CA UNK CC 86 75.52 145.13 -29.66
C UNK CC 86 76.78 145.56 -28.92
N UNK CC 87 77.29 144.69 -28.06
CA UNK CC 87 78.40 145.03 -27.18
C UNK CC 87 79.63 144.24 -27.55
N UNK CC 88 80.78 144.91 -27.51
CA UNK CC 88 82.07 144.29 -27.75
C UNK CC 88 83.12 145.01 -26.91
N UNK CC 89 84.03 144.24 -26.34
CA UNK CC 89 84.94 144.76 -25.34
C UNK CC 89 86.38 144.46 -25.72
N UNK CC 90 87.30 145.16 -25.03
CA UNK CC 90 88.73 144.90 -25.14
C UNK CC 90 89.37 145.27 -23.80
N UNK CC 91 89.79 144.25 -23.05
CA UNK CC 91 90.67 144.31 -21.86
C UNK CC 91 90.08 145.09 -20.68
N UNK CC 92 88.77 145.28 -20.65
CA UNK CC 92 88.13 146.29 -19.81
C UNK CC 92 87.22 145.65 -18.76
N UNK CC 93 86.50 146.50 -18.06
CA UNK CC 93 85.47 146.10 -17.12
C UNK CC 93 84.21 146.90 -17.39
N UNK CC 94 83.04 146.30 -17.17
CA UNK CC 94 81.78 146.96 -17.47
C UNK CC 94 80.68 146.37 -16.59
N UNK CC 95 79.80 147.23 -16.11
CA UNK CC 95 78.63 146.81 -15.36
C UNK CC 95 77.41 147.56 -15.86
N UNK CC 96 76.34 146.83 -16.13
CA UNK CC 96 75.08 147.42 -16.55
C UNK CC 96 73.97 146.91 -15.64
N UNK CC 97 72.89 147.67 -15.54
CA UNK CC 97 71.95 147.50 -14.44
C UNK CC 97 70.56 147.02 -14.87
N UNK CC 98 69.88 147.75 -15.75
CA UNK CC 98 68.46 147.50 -15.97
C UNK CC 98 68.25 146.41 -17.01
N UNK CC 99 67.00 146.25 -17.44
CA UNK CC 99 66.58 145.16 -18.31
C UNK CC 99 67.02 145.45 -19.73
N UNK CC 100 67.96 144.65 -20.22
CA UNK CC 100 68.44 144.74 -21.59
C UNK CC 100 68.12 143.45 -22.32
N UNK CC 101 68.28 143.51 -23.64
CA UNK CC 101 68.14 142.33 -24.49
C UNK CC 101 69.40 142.26 -25.35
N UNK CC 102 70.44 141.68 -24.78
CA UNK CC 102 71.72 141.56 -25.45
C UNK CC 102 71.64 140.40 -26.45
N UNK CC 103 71.56 140.73 -27.73
CA UNK CC 103 71.36 139.70 -28.74
C UNK CC 103 72.66 138.98 -29.05
N UNK CC 104 73.79 139.65 -28.89
CA UNK CC 104 75.09 139.05 -29.17
C UNK CC 104 76.15 139.69 -28.29
N UNK CC 105 77.15 138.89 -27.91
CA UNK CC 105 78.30 139.37 -27.18
C UNK CC 105 79.52 138.65 -27.71
N UNK CC 106 80.56 139.41 -28.02
CA UNK CC 106 81.78 138.88 -28.58
C UNK CC 106 82.96 139.46 -27.81
N UNK CC 107 83.54 138.65 -26.93
CA UNK CC 107 84.63 139.11 -26.09
C UNK CC 107 85.87 138.32 -26.45
N UNK CC 108 86.82 138.96 -27.13
CA UNK CC 108 88.07 138.32 -27.52
C UNK CC 108 89.27 138.85 -26.74
N UNK CC 109 89.05 139.30 -25.51
CA UNK CC 109 90.11 139.91 -24.71
C UNK CC 109 89.81 139.62 -23.24
N UNK CC 110 90.42 140.41 -22.35
CA UNK CC 110 90.21 140.26 -20.91
C UNK CC 110 89.20 141.30 -20.46
N UNK CC 111 87.97 140.86 -20.23
CA UNK CC 111 86.88 141.77 -19.93
C UNK CC 111 86.04 141.20 -18.80
N UNK CC 112 85.73 142.05 -17.83
CA UNK CC 112 84.79 141.70 -16.76
C UNK CC 112 83.46 142.37 -17.08
N UNK CC 113 82.67 141.69 -17.89
CA UNK CC 113 81.36 142.19 -18.30
C UNK CC 113 80.30 141.66 -17.36
N UNK CC 114 79.42 142.54 -16.90
CA UNK CC 114 78.35 142.16 -16.00
C UNK CC 114 77.08 142.91 -16.36
N UNK CC 115 75.95 142.20 -16.34
CA UNK CC 115 74.66 142.79 -16.60
C UNK CC 115 73.69 142.26 -15.56
N UNK CC 116 73.04 143.15 -14.81
CA UNK CC 116 72.22 142.71 -13.70
C UNK CC 116 70.83 142.27 -14.11
N UNK CC 117 70.42 142.52 -15.35
CA UNK CC 117 69.16 142.02 -15.87
C UNK CC 117 69.31 141.85 -17.37
N UNK CC 118 69.40 140.61 -17.83
CA UNK CC 118 69.41 140.28 -19.25
C UNK CC 118 68.08 139.61 -19.56
N UNK CC 119 67.18 140.32 -20.22
CA UNK CC 119 65.89 139.79 -20.62
C UNK CC 119 65.87 139.75 -22.14
N UNK CC 120 66.40 138.67 -22.70
CA UNK CC 120 66.60 138.56 -24.14
C UNK CC 120 65.89 137.32 -24.68
N UNK CC 121 65.88 137.19 -26.00
CA UNK CC 121 65.35 136.01 -26.66
C UNK CC 121 66.43 135.00 -27.00
N UNK CC 122 67.55 135.45 -27.55
CA UNK CC 122 68.65 134.54 -27.86
C UNK CC 122 69.95 135.30 -27.68
N UNK CC 123 70.65 135.01 -26.59
CA UNK CC 123 71.96 135.62 -26.33
C UNK CC 123 73.03 134.71 -26.91
N UNK CC 124 73.72 135.19 -27.93
CA UNK CC 124 74.83 134.47 -28.52
C UNK CC 124 76.12 135.02 -27.95
N UNK CC 125 76.69 134.32 -26.98
CA UNK CC 125 77.94 134.72 -26.37
C UNK CC 125 79.06 133.93 -27.02
N UNK CC 126 80.09 134.62 -27.45
CA UNK CC 126 81.28 133.98 -28.01
C UNK CC 126 82.51 134.60 -27.36
N UNK CC 127 83.35 133.75 -26.79
CA UNK CC 127 84.46 134.22 -25.96
C UNK CC 127 85.76 133.61 -26.41
N UNK CC 128 86.83 134.40 -26.32
CA UNK CC 128 88.14 134.01 -26.81
C UNK CC 128 89.20 134.45 -25.82
N UNK CC 129 89.70 133.47 -25.08
CA UNK CC 129 90.99 133.31 -24.42
C UNK CC 129 91.29 134.08 -23.14
N UNK CC 130 90.50 135.09 -22.76
CA UNK CC 130 90.83 135.78 -21.52
C UNK CC 130 89.67 136.28 -20.66
N UNK CC 131 88.47 136.42 -21.22
CA UNK CC 131 87.43 137.24 -20.63
C UNK CC 131 86.72 136.57 -19.45
N UNK CC 132 85.73 137.29 -18.91
CA UNK CC 132 84.93 136.85 -17.76
C UNK CC 132 83.56 137.52 -17.84
N UNK CC 133 82.57 136.80 -18.33
CA UNK CC 133 81.21 137.32 -18.41
C UNK CC 133 80.35 136.76 -17.29
N UNK CC 134 79.60 137.65 -16.63
CA UNK CC 134 78.70 137.24 -15.55
C UNK CC 134 77.39 138.00 -15.72
N UNK CC 135 76.47 137.45 -16.50
CA UNK CC 135 75.24 138.14 -16.88
C UNK CC 135 74.07 137.24 -16.57
N UNK CC 136 73.08 137.78 -15.84
CA UNK CC 136 72.05 136.88 -15.29
C UNK CC 136 70.73 137.61 -15.08
N UNK CC 137 69.80 137.49 -16.04
CA UNK CC 137 68.43 137.27 -15.60
C UNK CC 137 67.72 136.10 -16.26
N UNK CC 138 67.39 136.23 -17.55
CA UNK CC 138 66.43 135.32 -18.19
C UNK CC 138 66.55 135.44 -19.71
N UNK CC 139 67.13 134.42 -20.35
CA UNK CC 139 67.09 134.35 -21.80
C UNK CC 139 66.07 133.29 -22.21
N UNK CC 140 65.77 133.22 -23.50
CA UNK CC 140 64.97 132.13 -24.02
C UNK CC 140 65.75 131.17 -24.89
N UNK CC 141 66.89 131.58 -25.44
CA UNK CC 141 67.85 130.66 -26.06
C UNK CC 141 69.23 131.24 -25.84
N UNK CC 142 70.07 130.53 -25.11
CA UNK CC 142 71.45 130.97 -24.88
C UNK CC 142 72.39 130.08 -25.67
N UNK CC 143 73.33 130.69 -26.38
CA UNK CC 143 74.33 129.97 -27.16
C UNK CC 143 75.70 130.50 -26.74
N UNK CC 144 76.36 129.78 -25.85
CA UNK CC 144 77.61 130.25 -25.26
C UNK CC 144 78.74 129.37 -25.76
N UNK CC 145 79.50 129.90 -26.71
CA UNK CC 145 80.68 129.20 -27.22
C UNK CC 145 81.91 129.85 -26.60
N UNK CC 146 82.51 129.15 -25.66
CA UNK CC 146 83.78 129.58 -25.10
C UNK CC 146 84.87 128.89 -25.90
N UNK CC 147 85.29 129.53 -26.99
CA UNK CC 147 86.36 129.03 -27.85
C UNK CC 147 87.72 129.52 -27.39
N UNK CC 148 88.07 129.21 -26.15
CA UNK CC 148 88.68 130.17 -25.26
C UNK CC 148 89.75 129.52 -24.40
N UNK CC 149 90.07 130.22 -23.31
CA UNK CC 149 90.54 129.68 -22.03
C UNK CC 149 89.92 130.48 -20.89
N UNK CC 150 88.66 130.84 -21.04
CA UNK CC 150 88.04 131.95 -20.31
C UNK CC 150 86.91 131.42 -19.44
N UNK CC 151 86.13 132.35 -18.89
CA UNK CC 151 85.10 132.01 -17.93
C UNK CC 151 83.79 132.68 -18.32
N UNK CC 152 82.69 131.95 -18.19
CA UNK CC 152 81.35 132.48 -18.41
C UNK CC 152 80.47 131.99 -17.27
N UNK CC 153 80.45 132.74 -16.18
CA UNK CC 153 79.63 132.38 -15.04
C UNK CC 153 78.21 132.82 -15.29
N UNK CC 154 77.24 132.06 -14.80
CA UNK CC 154 75.84 132.41 -14.99
C UNK CC 154 74.99 131.88 -13.85
N UNK CC 155 74.16 132.76 -13.34
CA UNK CC 155 72.93 132.39 -12.65
C UNK CC 155 71.77 132.81 -13.53
N UNK CC 156 71.96 132.70 -14.84
CA UNK CC 156 71.00 133.15 -15.84
C UNK CC 156 70.04 132.02 -16.13
N UNK CC 157 68.81 132.12 -15.61
CA UNK CC 157 67.80 131.07 -15.78
C UNK CC 157 67.25 131.18 -17.19
N UNK CC 158 67.93 130.54 -18.13
CA UNK CC 158 67.50 130.52 -19.52
C UNK CC 158 66.67 129.29 -19.80
N UNK CC 159 65.81 129.38 -20.81
CA UNK CC 159 64.92 128.27 -21.13
C UNK CC 159 65.66 127.17 -21.88
N UNK CC 160 66.39 127.51 -22.94
CA UNK CC 160 67.20 126.52 -23.61
C UNK CC 160 68.63 127.00 -23.63
N UNK CC 161 69.56 126.09 -23.39
CA UNK CC 161 70.97 126.44 -23.27
C UNK CC 161 71.78 125.56 -24.20
N UNK CC 162 72.79 126.16 -24.84
CA UNK CC 162 73.68 125.46 -25.77
C UNK CC 162 75.07 126.03 -25.55
N UNK CC 163 75.86 125.35 -24.73
CA UNK CC 163 77.16 125.84 -24.32
C UNK CC 163 78.24 124.86 -24.76
N UNK CC 164 79.21 125.35 -25.53
CA UNK CC 164 80.32 124.53 -25.98
C UNK CC 164 81.62 125.16 -25.52
N UNK CC 165 82.37 124.43 -24.70
CA UNK CC 165 83.65 124.88 -24.19
C UNK CC 165 84.77 124.15 -24.92
N UNK CC 166 85.78 124.89 -25.39
CA UNK CC 166 86.72 124.32 -26.34
C UNK CC 166 88.07 123.90 -25.76
N UNK CC 167 88.70 124.70 -24.88
CA UNK CC 167 90.02 124.36 -24.31
C UNK CC 167 90.21 125.09 -22.98
N UNK CC 168 89.99 124.37 -21.87
CA UNK CC 168 90.27 124.80 -20.47
C UNK CC 168 89.52 126.08 -20.08
N UNK CC 169 88.31 126.23 -20.60
CA UNK CC 169 87.39 127.26 -20.19
C UNK CC 169 86.59 126.78 -18.98
N UNK CC 170 85.72 127.63 -18.48
CA UNK CC 170 84.85 127.28 -17.36
C UNK CC 170 83.56 128.05 -17.50
N UNK CC 171 82.44 127.35 -17.54
CA UNK CC 171 81.15 127.97 -17.77
C UNK CC 171 80.13 127.42 -16.79
N UNK CC 172 79.28 128.31 -16.28
CA UNK CC 172 78.29 127.97 -15.26
C UNK CC 172 76.92 128.30 -15.84
N UNK CC 173 76.21 127.27 -16.27
CA UNK CC 173 74.93 127.40 -16.96
C UNK CC 173 73.77 127.18 -16.00
N UNK CC 174 72.57 127.55 -16.46
CA UNK CC 174 71.34 127.36 -15.70
C UNK CC 174 70.20 127.23 -16.71
N UNK CC 175 69.75 126.00 -16.94
CA UNK CC 175 68.78 125.73 -17.98
C UNK CC 175 67.43 125.35 -17.37
N UNK CC 176 66.38 126.01 -17.86
CA UNK CC 176 65.05 125.70 -17.37
C UNK CC 176 64.47 124.49 -18.10
N UNK CC 177 64.30 124.59 -19.41
CA UNK CC 177 63.61 123.55 -20.16
C UNK CC 177 64.56 122.59 -20.87
N UNK CC 178 65.66 123.07 -21.42
CA UNK CC 178 66.54 122.22 -22.20
C UNK CC 178 67.99 122.61 -21.93
N UNK CC 179 68.81 121.64 -21.55
CA UNK CC 179 70.23 121.83 -21.34
C UNK CC 179 70.99 121.15 -22.46
N UNK CC 180 71.99 121.83 -22.99
CA UNK CC 180 72.75 121.36 -24.14
C UNK CC 180 74.19 121.73 -23.91
N UNK CC 181 75.04 120.74 -23.68
CA UNK CC 181 76.40 121.06 -23.28
C UNK CC 181 77.38 120.17 -24.03
N UNK CC 182 78.43 120.78 -24.56
CA UNK CC 182 79.57 120.04 -25.07
C UNK CC 182 80.83 120.61 -24.44
N UNK CC 183 81.70 119.73 -24.00
CA UNK CC 183 82.92 120.18 -23.35
C UNK CC 183 84.12 119.52 -24.00
N UNK CC 184 85.22 120.25 -24.09
CA UNK CC 184 86.49 119.68 -24.53
C UNK CC 184 87.58 120.30 -23.66
N UNK CC 185 88.26 119.45 -22.86
CA UNK CC 185 89.40 119.76 -21.98
C UNK CC 185 89.09 120.81 -20.90
N UNK CC 186 87.82 120.97 -20.52
CA UNK CC 186 87.36 122.15 -19.82
C UNK CC 186 86.31 121.74 -18.78
N UNK CC 187 85.57 122.73 -18.28
CA UNK CC 187 84.56 122.48 -17.27
C UNK CC 187 83.26 123.19 -17.61
N UNK CC 188 82.14 122.46 -17.49
CA UNK CC 188 80.81 123.02 -17.62
C UNK CC 188 80.01 122.65 -16.38
N UNK CC 189 79.50 123.64 -15.68
CA UNK CC 189 78.85 123.43 -14.38
C UNK CC 189 77.36 123.71 -14.51
N UNK CC 190 76.56 122.66 -14.38
CA UNK CC 190 75.11 122.75 -14.56
C UNK CC 190 74.48 123.06 -13.22
N UNK CC 191 74.25 124.34 -12.94
CA UNK CC 191 73.80 124.76 -11.62
C UNK CC 191 72.30 124.61 -11.41
N UNK CC 192 71.53 124.31 -12.45
CA UNK CC 192 70.12 123.97 -12.28
C UNK CC 192 69.82 122.79 -13.18
N UNK CC 193 69.15 121.79 -12.63
CA UNK CC 193 68.80 120.59 -13.37
C UNK CC 193 67.63 120.90 -14.29
N UNK CC 194 67.82 120.67 -15.58
CA UNK CC 194 66.86 121.12 -16.57
C UNK CC 194 65.70 120.14 -16.66
N UNK CC 195 64.71 120.53 -17.45
CA UNK CC 195 63.60 119.62 -17.72
C UNK CC 195 64.01 118.54 -18.69
N UNK CC 196 64.94 118.82 -19.59
CA UNK CC 196 65.54 117.80 -20.43
C UNK CC 196 66.99 118.18 -20.66
N UNK CC 197 67.90 117.33 -20.21
CA UNK CC 197 69.32 117.64 -20.19
C UNK CC 197 70.06 116.75 -21.18
N UNK CC 198 71.12 117.31 -21.76
CA UNK CC 198 72.00 116.55 -22.64
C UNK CC 198 73.40 117.14 -22.58
N UNK CC 199 74.38 116.28 -22.33
CA UNK CC 199 75.74 116.73 -22.11
C UNK CC 199 76.71 115.72 -22.70
N UNK CC 200 77.57 116.20 -23.59
CA UNK CC 200 78.60 115.38 -24.23
C UNK CC 200 79.96 115.92 -23.85
N UNK CC 201 80.80 115.06 -23.30
CA UNK CC 201 82.15 115.39 -22.89
C UNK CC 201 83.14 114.78 -23.86
N UNK CC 202 84.15 115.57 -24.24
CA UNK CC 202 85.25 115.16 -25.09
C UNK CC 202 86.41 114.72 -24.20
N UNK CC 203 87.62 114.68 -24.77
CA UNK CC 203 88.84 114.40 -24.04
C UNK CC 203 89.10 115.45 -22.97
N UNK CC 204 89.41 114.96 -21.75
CA UNK CC 204 89.81 115.72 -20.54
C UNK CC 204 88.73 116.67 -20.05
N UNK CC 205 87.47 116.34 -20.31
CA UNK CC 205 86.39 117.30 -20.27
C UNK CC 205 85.34 116.94 -19.23
N UNK CC 206 84.76 117.96 -18.61
CA UNK CC 206 83.89 117.75 -17.45
C UNK CC 206 82.60 118.53 -17.58
N UNK CC 207 81.49 117.84 -17.83
CA UNK CC 207 80.17 118.44 -17.69
C UNK CC 207 79.59 117.97 -16.36
N UNK CC 208 80.27 118.34 -15.28
CA UNK CC 208 79.84 117.95 -13.94
C UNK CC 208 78.72 118.88 -13.51
N UNK CC 209 77.57 118.30 -13.14
CA UNK CC 209 76.43 119.08 -12.70
C UNK CC 209 76.66 119.47 -11.27
N UNK CC 210 77.21 120.67 -11.08
CA UNK CC 210 77.59 121.15 -9.75
C UNK CC 210 76.46 121.94 -9.10
N UNK CC 211 75.33 121.26 -8.90
CA UNK CC 211 74.24 121.80 -8.12
C UNK CC 211 74.60 121.74 -6.65
N UNK CC 212 73.95 122.59 -5.87
CA UNK CC 212 74.17 122.61 -4.42
C UNK CC 212 73.44 121.42 -3.82
N UNK CC 213 74.21 120.39 -3.45
CA UNK CC 213 73.66 119.26 -2.72
C UNK CC 213 73.28 119.71 -1.32
N UNK CC 214 72.29 119.00 -0.75
CA UNK CC 214 71.45 119.42 0.38
C UNK CC 214 70.86 120.81 0.16
N UNK CC 215 69.99 120.88 -0.84
CA UNK CC 215 69.15 122.06 -0.99
C UNK CC 215 67.93 121.95 -0.08
N UNK CC 216 67.04 122.94 -0.20
CA UNK CC 216 65.80 122.89 0.55
C UNK CC 216 64.84 121.87 -0.05
N UNK CC 217 64.66 121.92 -1.36
CA UNK CC 217 64.00 120.84 -2.10
C UNK CC 217 64.72 120.75 -3.44
N UNK CC 218 65.76 119.92 -3.50
CA UNK CC 218 66.45 119.67 -4.75
C UNK CC 218 65.62 118.67 -5.54
N UNK CC 219 65.38 118.97 -6.81
CA UNK CC 219 64.58 118.09 -7.64
C UNK CC 219 65.43 116.91 -8.08
N UNK CC 220 64.81 115.73 -8.11
CA UNK CC 220 65.51 114.51 -8.45
C UNK CC 220 65.72 114.42 -9.96
N UNK CC 221 66.77 113.70 -10.35
CA UNK CC 221 67.06 113.49 -11.75
C UNK CC 221 66.10 112.44 -12.30
N UNK CC 222 64.98 112.91 -12.85
CA UNK CC 222 63.89 112.05 -13.31
C UNK CC 222 64.25 111.32 -14.60
N UNK CC 223 63.36 110.43 -15.04
CA UNK CC 223 63.63 109.45 -16.09
C UNK CC 223 63.77 110.06 -17.48
N UNK CC 224 63.23 111.24 -17.69
CA UNK CC 224 63.48 111.99 -18.90
C UNK CC 224 64.72 112.86 -18.81
N UNK CC 225 65.38 112.95 -17.65
CA UNK CC 225 66.51 113.83 -17.49
C UNK CC 225 67.74 113.16 -16.90
N UNK CC 226 67.69 111.86 -16.63
CA UNK CC 226 68.81 111.19 -15.96
C UNK CC 226 69.76 110.65 -17.01
N UNK CC 227 70.71 111.47 -17.42
CA UNK CC 227 71.80 111.03 -18.27
C UNK CC 227 73.05 110.86 -17.42
N UNK CC 228 74.03 110.16 -17.97
CA UNK CC 228 75.26 109.85 -17.25
C UNK CC 228 76.20 111.04 -17.19
N UNK DC 1 64.91 143.87 -0.93
CA UNK DC 1 65.69 144.52 -1.97
C UNK DC 1 65.45 143.87 -3.33
N UNK DC 2 64.18 143.71 -3.69
CA UNK DC 2 63.80 143.04 -4.91
C UNK DC 2 63.52 144.07 -6.01
N UNK DC 3 62.99 143.61 -7.14
CA UNK DC 3 62.51 144.47 -8.22
C UNK DC 3 61.37 143.69 -8.89
N UNK DC 4 60.14 143.97 -8.48
CA UNK DC 4 59.02 143.24 -9.02
C UNK DC 4 58.64 143.76 -10.40
N UNK DC 5 57.94 142.94 -11.16
CA UNK DC 5 57.44 143.32 -12.47
C UNK DC 5 55.94 143.50 -12.40
N UNK DC 6 55.40 144.13 -13.43
CA UNK DC 6 54.00 144.54 -13.45
C UNK DC 6 53.08 143.48 -14.04
N UNK DC 7 53.57 142.28 -14.29
CA UNK DC 7 52.78 141.23 -14.90
C UNK DC 7 52.07 140.42 -13.80
N UNK DC 8 51.52 139.27 -14.15
CA UNK DC 8 51.02 138.35 -13.15
C UNK DC 8 52.21 137.65 -12.48
N UNK DC 9 52.68 138.28 -11.39
CA UNK DC 9 53.50 137.68 -10.32
C UNK DC 9 54.89 137.25 -10.76
N UNK DC 10 55.64 138.16 -11.37
CA UNK DC 10 57.05 137.95 -11.63
C UNK DC 10 57.88 138.98 -10.88
N UNK DC 11 59.09 138.60 -10.47
CA UNK DC 11 59.92 139.48 -9.66
C UNK DC 11 61.38 139.15 -9.88
N UNK DC 12 62.14 140.08 -10.45
CA UNK DC 12 63.57 139.90 -10.41
C UNK DC 12 64.10 140.30 -9.04
N UNK DC 13 65.30 139.85 -8.71
CA UNK DC 13 65.88 140.16 -7.42
C UNK DC 13 67.39 140.25 -7.55
N UNK DC 14 67.98 141.20 -6.85
CA UNK DC 14 69.40 141.46 -6.98
C UNK DC 14 70.09 141.44 -5.62
N UNK DC 15 69.79 140.42 -4.81
CA UNK DC 15 70.63 140.15 -3.65
C UNK DC 15 71.97 139.61 -4.08
N UNK DC 16 71.97 138.47 -4.78
CA UNK DC 16 73.07 138.14 -5.67
C UNK DC 16 72.59 138.10 -7.11
N UNK DC 17 71.64 137.20 -7.43
CA UNK DC 17 71.01 137.04 -8.74
C UNK DC 17 69.77 136.17 -8.62
N UNK DC 18 68.59 136.69 -9.01
CA UNK DC 18 67.38 135.88 -9.07
C UNK DC 18 66.41 136.46 -10.08
N UNK DC 19 65.64 135.57 -10.75
CA UNK DC 19 64.45 135.97 -11.49
C UNK DC 19 63.32 135.03 -11.08
N UNK DC 20 62.67 135.32 -9.96
CA UNK DC 20 61.72 134.40 -9.37
C UNK DC 20 60.29 134.85 -9.66
N UNK DC 21 59.34 134.15 -9.07
CA UNK DC 21 57.93 134.40 -9.34
C UNK DC 21 57.13 134.30 -8.05
N UNK DC 22 56.21 135.23 -7.88
CA UNK DC 22 55.32 135.31 -6.73
C UNK DC 22 54.04 134.53 -7.04
N UNK DC 23 52.99 134.75 -6.26
CA UNK DC 23 51.65 134.33 -6.64
C UNK DC 23 50.71 135.50 -6.88
N UNK DC 24 50.88 136.60 -6.10
CA UNK DC 24 50.17 137.89 -6.20
C UNK DC 24 48.65 137.74 -6.04
N UNK DC 25 48.24 136.81 -5.21
CA UNK DC 25 46.85 136.68 -4.79
C UNK DC 25 46.68 136.79 -3.29
N UNK DC 26 47.70 136.45 -2.51
CA UNK DC 26 47.73 136.72 -1.08
C UNK DC 26 48.42 138.04 -0.76
N UNK DC 27 49.14 138.61 -1.74
CA UNK DC 27 49.70 139.98 -1.76
C UNK DC 27 50.70 140.25 -0.63
N UNK DC 28 51.80 139.49 -0.65
CA UNK DC 28 52.91 139.73 0.29
C UNK DC 28 53.80 140.82 -0.28
N UNK DC 29 53.33 142.06 -0.15
CA UNK DC 29 54.05 143.23 -0.66
C UNK DC 29 54.85 143.88 0.46
N UNK DC 30 55.74 143.09 1.06
CA UNK DC 30 56.52 143.56 2.19
C UNK DC 30 57.69 144.42 1.76
N UNK DC 31 58.32 144.07 0.62
CA UNK DC 31 59.61 144.59 0.12
C UNK DC 31 60.73 144.52 1.17
N UNK DC 32 60.75 143.42 1.92
CA UNK DC 32 61.69 143.24 3.04
C UNK DC 32 61.82 141.74 3.26
N UNK DC 33 62.99 141.20 2.98
CA UNK DC 33 63.14 139.77 2.87
C UNK DC 33 64.59 139.38 3.13
N UNK DC 34 64.86 138.09 3.05
CA UNK DC 34 66.21 137.54 3.05
C UNK DC 34 66.32 136.70 1.79
N UNK DC 35 66.78 137.31 0.70
CA UNK DC 35 66.87 136.64 -0.58
C UNK DC 35 68.25 136.01 -0.73
N UNK DC 36 68.29 134.73 -1.10
CA UNK DC 36 69.52 133.97 -1.18
C UNK DC 36 69.63 133.31 -2.54
N UNK DC 37 70.83 132.82 -2.85
CA UNK DC 37 71.10 132.09 -4.08
C UNK DC 37 70.97 130.58 -3.88
N UNK DC 38 69.83 130.18 -3.31
CA UNK DC 38 69.38 128.80 -3.26
C UNK DC 38 67.90 128.75 -3.60
N UNK DC 39 67.47 129.73 -4.41
CA UNK DC 39 66.09 129.98 -4.88
C UNK DC 39 65.11 130.15 -3.71
N UNK DC 40 65.36 131.19 -2.91
CA UNK DC 40 64.52 131.45 -1.75
C UNK DC 40 64.46 132.95 -1.52
N UNK DC 41 63.31 133.54 -1.82
CA UNK DC 41 63.00 134.91 -1.41
C UNK DC 41 62.03 134.80 -0.24
N UNK DC 42 62.58 134.79 0.97
CA UNK DC 42 61.80 134.55 2.19
C UNK DC 42 61.35 135.89 2.75
N UNK DC 43 60.10 136.26 2.47
CA UNK DC 43 59.57 137.56 2.82
C UNK DC 43 59.04 137.59 4.24
N UNK DC 44 58.31 138.65 4.58
CA UNK DC 44 57.76 138.78 5.92
C UNK DC 44 56.54 137.88 6.10
N UNK DC 45 55.73 137.73 5.05
CA UNK DC 45 54.56 136.85 5.14
C UNK DC 45 54.94 135.40 4.87
N UNK DC 46 55.44 135.12 3.68
CA UNK DC 46 55.72 133.75 3.24
C UNK DC 46 57.03 133.73 2.48
N UNK DC 47 57.28 132.63 1.78
CA UNK DC 47 58.50 132.45 0.99
C UNK DC 47 58.16 132.19 -0.46
N UNK DC 48 58.96 132.76 -1.35
CA UNK DC 48 58.74 132.63 -2.79
C UNK DC 48 60.02 132.14 -3.45
N UNK DC 49 59.86 131.48 -4.59
CA UNK DC 49 60.96 130.88 -5.32
C UNK DC 49 60.73 131.05 -6.82
N UNK DC 50 61.68 130.55 -7.61
CA UNK DC 50 61.52 130.50 -9.05
C UNK DC 50 60.51 129.41 -9.37
N UNK DC 51 59.34 129.80 -9.83
CA UNK DC 51 58.21 128.90 -9.90
C UNK DC 51 58.27 128.03 -11.15
N UNK DC 52 57.79 126.79 -11.01
CA UNK DC 52 57.70 125.87 -12.12
C UNK DC 52 56.40 125.08 -12.05
N UNK EC 1 85.06 70.77 -7.46
CA UNK EC 1 84.49 71.35 -6.24
C UNK EC 1 85.31 72.55 -5.81
N UNK EC 2 85.82 72.55 -4.57
CA UNK EC 2 86.65 73.64 -4.10
C UNK EC 2 88.05 73.53 -4.66
N UNK EC 3 88.25 74.02 -5.88
CA UNK EC 3 89.53 73.92 -6.56
C UNK EC 3 90.29 75.22 -6.38
N UNK EC 4 91.62 75.09 -6.30
CA UNK EC 4 92.65 76.12 -6.50
C UNK EC 4 92.72 77.22 -5.44
N UNK EC 5 91.88 77.21 -4.41
CA UNK EC 5 92.22 77.98 -3.23
C UNK EC 5 93.05 77.11 -2.31
N UNK EC 6 92.45 76.03 -1.84
CA UNK EC 6 93.07 74.84 -1.28
C UNK EC 6 92.03 73.74 -1.44
N UNK EC 7 92.20 72.64 -0.73
CA UNK EC 7 91.13 71.66 -0.71
C UNK EC 7 90.04 72.08 0.27
N UNK EC 8 88.93 71.34 0.24
CA UNK EC 8 87.77 71.65 1.07
C UNK EC 8 88.03 71.27 2.51
N UNK EC 9 87.98 72.25 3.41
CA UNK EC 9 88.32 71.98 4.81
C UNK EC 9 87.14 71.38 5.58
N UNK EC 10 86.07 72.14 5.74
CA UNK EC 10 84.89 71.67 6.43
C UNK EC 10 83.71 71.74 5.48
N UNK EC 11 82.53 71.42 5.99
CA UNK EC 11 81.28 71.60 5.24
C UNK EC 11 80.30 72.23 6.21
N UNK EC 12 80.26 73.55 6.22
CA UNK EC 12 79.47 74.31 7.19
C UNK EC 12 78.00 74.21 6.85
N UNK EC 13 77.22 73.69 7.78
CA UNK EC 13 75.78 73.66 7.61
C UNK EC 13 75.20 75.05 7.78
N UNK EC 14 74.03 75.24 7.15
CA UNK EC 14 73.39 76.53 6.79
C UNK EC 14 74.30 77.43 5.96
N UNK EC 15 75.13 76.83 5.12
CA UNK EC 15 76.10 77.53 4.30
C UNK EC 15 76.50 76.61 3.15
N UNK EC 16 77.56 77.01 2.46
CA UNK EC 16 78.21 76.24 1.43
C UNK EC 16 79.38 75.49 2.07
N UNK EC 17 80.17 74.79 1.27
CA UNK EC 17 81.37 74.14 1.76
C UNK EC 17 82.44 75.17 2.03
N UNK EC 18 83.27 74.91 3.04
CA UNK EC 18 84.32 75.85 3.43
C UNK EC 18 85.65 75.28 2.98
N UNK EC 19 86.23 75.90 1.96
CA UNK EC 19 87.55 75.54 1.49
C UNK EC 19 88.60 76.03 2.48
N UNK EC 20 89.83 75.52 2.36
CA UNK EC 20 90.85 75.83 3.34
C UNK EC 20 91.64 77.09 3.01
N UNK EC 21 91.11 77.98 2.18
CA UNK EC 21 91.38 79.39 2.25
C UNK EC 21 90.13 80.17 2.63
N UNK EC 22 89.06 80.08 1.84
CA UNK EC 22 87.86 80.88 2.00
C UNK EC 22 86.60 80.05 1.83
N UNK EC 23 85.44 80.66 1.70
CA UNK EC 23 84.19 79.92 1.50
C UNK EC 23 84.00 79.61 0.03
N UNK EC 24 83.58 78.38 -0.28
CA UNK EC 24 83.43 77.99 -1.67
C UNK EC 24 82.07 78.38 -2.19
N UNK EC 25 81.90 78.28 -3.50
CA UNK EC 25 80.64 78.55 -4.15
C UNK EC 25 79.85 77.28 -4.42
N UNK EC 26 80.24 76.18 -3.80
CA UNK EC 26 79.56 74.91 -4.00
C UNK EC 26 78.79 74.55 -2.75
N UNK EC 27 77.50 74.26 -2.90
CA UNK EC 27 76.58 74.16 -1.78
C UNK EC 27 76.76 72.86 -1.02
N UNK EC 28 76.85 72.97 0.30
CA UNK EC 28 77.17 71.81 1.13
C UNK EC 28 75.94 70.94 1.38
N UNK EC 29 74.88 71.54 1.92
CA UNK EC 29 73.68 70.82 2.28
C UNK EC 29 72.58 71.04 1.25
N UNK EC 30 71.40 70.51 1.53
CA UNK EC 30 70.25 70.81 0.70
C UNK EC 30 69.65 72.15 1.05
N UNK EC 31 69.88 72.62 2.26
CA UNK EC 31 69.15 73.74 2.82
C UNK EC 31 69.98 75.02 2.85
N UNK EC 32 70.81 75.25 1.84
CA UNK EC 32 71.48 76.52 1.72
C UNK EC 32 70.65 77.42 0.81
N UNK EC 33 71.13 78.63 0.54
CA UNK EC 33 70.37 79.58 -0.26
C UNK EC 33 70.69 79.45 -1.74
N UNK EC 34 70.39 78.28 -2.28
CA UNK EC 34 70.44 78.06 -3.73
C UNK EC 34 69.26 78.76 -4.33
N UNK EC 35 69.50 79.83 -5.11
CA UNK EC 35 68.43 80.70 -5.59
C UNK EC 35 67.71 80.06 -6.77
N UNK EC 36 66.86 79.08 -6.46
CA UNK EC 36 66.18 78.32 -7.49
C UNK EC 36 64.99 79.11 -8.00
N UNK EC 37 64.85 79.15 -9.32
CA UNK EC 37 63.73 79.89 -9.90
C UNK EC 37 62.92 79.05 -10.87
N UNK EC 38 63.52 78.06 -11.53
CA UNK EC 38 62.81 77.23 -12.50
C UNK EC 38 62.48 75.90 -11.83
N UNK EC 39 61.25 75.76 -11.37
CA UNK EC 39 60.74 74.50 -10.86
C UNK EC 39 60.50 73.53 -12.01
N UNK EC 40 60.43 72.24 -11.67
CA UNK EC 40 60.09 71.22 -12.65
C UNK EC 40 59.17 70.22 -11.97
N UNK EC 41 57.87 70.50 -12.02
CA UNK EC 41 56.89 69.65 -11.35
C UNK EC 41 55.53 69.81 -12.01
N UNK EC 42 54.73 68.76 -11.91
CA UNK EC 42 53.34 68.84 -12.35
C UNK EC 42 52.53 69.58 -11.31
N UNK EC 43 51.77 70.59 -11.77
CA UNK EC 43 50.81 71.40 -11.01
C UNK EC 43 51.46 72.20 -9.88
N UNK EC 44 52.75 72.53 -10.04
CA UNK EC 44 53.42 73.39 -9.07
C UNK EC 44 52.98 74.82 -9.26
N UNK EC 45 52.99 75.58 -8.14
CA UNK EC 45 52.53 76.95 -7.85
C UNK EC 45 51.01 77.11 -7.80
N UNK EC 46 50.26 76.09 -8.19
CA UNK EC 46 49.07 75.66 -7.50
C UNK EC 46 49.52 74.53 -6.56
N UNK EC 47 48.60 73.87 -5.87
CA UNK EC 47 49.00 72.78 -5.00
C UNK EC 47 49.26 71.52 -5.84
N UNK EC 48 49.87 70.52 -5.20
CA UNK EC 48 50.48 69.41 -5.93
C UNK EC 48 49.45 68.40 -6.42
N UNK EC 49 49.94 67.29 -6.98
CA UNK EC 49 49.07 66.30 -7.63
C UNK EC 49 48.34 65.47 -6.59
N UNK EC 50 47.00 65.53 -6.62
CA UNK EC 50 46.16 64.71 -5.76
C UNK EC 50 46.25 63.27 -6.25
N UNK EC 51 47.11 62.49 -5.60
CA UNK EC 51 47.74 61.31 -6.20
C UNK EC 51 46.83 60.10 -6.31
N UNK EC 52 45.62 60.14 -5.79
CA UNK EC 52 44.75 58.96 -5.78
C UNK EC 52 44.05 58.70 -7.10
N UNK EC 53 44.17 59.58 -8.09
CA UNK EC 53 43.48 59.39 -9.35
C UNK EC 53 44.22 58.39 -10.23
N UNK EC 54 43.44 57.50 -10.85
CA UNK EC 54 43.95 56.60 -11.89
C UNK EC 54 42.99 56.73 -13.08
N UNK EC 55 43.21 57.75 -13.88
CA UNK EC 55 42.31 58.12 -14.96
C UNK EC 55 43.14 58.79 -16.05
N UNK EC 56 42.47 59.51 -16.94
CA UNK EC 56 43.19 60.20 -18.01
C UNK EC 56 43.86 61.48 -17.53
N UNK EC 57 43.07 62.41 -16.99
CA UNK EC 57 43.53 63.75 -16.68
C UNK EC 57 44.35 63.78 -15.39
N UNK EC 58 45.03 64.90 -15.16
CA UNK EC 58 45.87 65.11 -13.99
C UNK EC 58 45.23 66.20 -13.15
N UNK EC 59 44.70 65.83 -11.99
CA UNK EC 59 44.05 66.78 -11.10
C UNK EC 59 45.00 67.22 -10.00
N UNK EC 60 44.98 68.51 -9.67
CA UNK EC 60 45.81 68.99 -8.59
C UNK EC 60 45.07 68.86 -7.25
N UNK EC 61 45.78 69.12 -6.15
CA UNK EC 61 45.15 69.14 -4.85
C UNK EC 61 44.33 70.39 -4.60
N UNK EC 62 44.52 71.43 -5.39
CA UNK EC 62 43.63 72.59 -5.42
C UNK EC 62 42.55 72.45 -6.48
N UNK EC 63 42.36 71.23 -6.99
CA UNK EC 63 41.26 70.80 -7.88
C UNK EC 63 41.26 71.50 -9.23
N UNK EC 64 42.43 71.93 -9.68
CA UNK EC 64 42.59 72.38 -11.05
C UNK EC 64 43.16 71.25 -11.87
N UNK EC 65 42.48 70.90 -12.94
CA UNK EC 65 42.93 69.86 -13.86
C UNK EC 65 44.08 70.43 -14.68
N UNK EC 66 45.26 69.87 -14.48
CA UNK EC 66 46.47 70.39 -15.14
C UNK EC 66 46.49 69.88 -16.56
N UNK EC 67 46.25 70.79 -17.50
CA UNK EC 67 46.27 70.42 -18.91
C UNK EC 67 47.69 70.24 -19.43
N UNK EC 68 48.69 70.80 -18.75
CA UNK EC 68 50.06 70.75 -19.21
C UNK EC 68 50.72 69.39 -18.98
N UNK EC 69 50.15 68.54 -18.13
CA UNK EC 69 50.74 67.22 -17.93
C UNK EC 69 49.74 66.10 -18.13
N UNK EC 70 48.60 66.37 -18.74
CA UNK EC 70 47.61 65.32 -18.97
C UNK EC 70 47.58 64.89 -20.44
N LYS FC 24 68.50 96.80 -52.66
CA LYS FC 24 68.36 96.32 -51.29
C LYS FC 24 67.35 97.17 -50.54
N PHE FC 25 66.42 96.52 -49.86
CA PHE FC 25 65.37 97.20 -49.12
C PHE FC 25 65.36 96.72 -47.69
N LYS FC 26 65.34 97.66 -46.74
CA LYS FC 26 65.38 97.32 -45.32
C LYS FC 26 64.63 98.35 -44.51
N LYS FC 27 63.54 97.93 -43.90
CA LYS FC 27 62.91 98.66 -42.82
C LYS FC 27 63.83 98.66 -41.61
N PRO FC 28 63.89 99.76 -40.84
CA PRO FC 28 65.04 99.97 -39.90
C PRO FC 28 65.11 99.05 -38.69
N PRO FC 29 64.05 98.83 -37.82
CA PRO FC 29 64.35 98.05 -36.62
C PRO FC 29 64.33 96.55 -36.86
N ILE FC 30 65.51 95.99 -36.97
CA ILE FC 30 65.69 94.54 -37.06
C ILE FC 30 66.29 94.14 -35.73
N ASN FC 31 65.42 93.75 -34.81
CA ASN FC 31 65.83 93.38 -33.47
C ASN FC 31 66.12 91.89 -33.42
N ASN FC 32 66.17 91.33 -32.22
CA ASN FC 32 66.25 89.89 -32.03
C ASN FC 32 64.95 89.22 -32.42
N PRO FC 33 64.98 87.92 -32.73
CA PRO FC 33 63.73 87.17 -32.89
C PRO FC 33 63.01 87.02 -31.56
N SER FC 34 61.81 87.57 -31.49
CA SER FC 34 60.95 87.37 -30.34
C SER FC 34 60.24 86.03 -30.46
N ASP FC 35 59.59 85.64 -29.38
CA ASP FC 35 58.72 84.49 -29.42
C ASP FC 35 57.36 84.90 -28.91
N ASP FC 36 56.40 83.99 -29.08
CA ASP FC 36 55.02 84.35 -28.95
C ASP FC 36 54.56 84.50 -27.52
N ALA FC 37 55.33 83.95 -26.57
CA ALA FC 37 55.06 84.15 -25.15
C ALA FC 37 55.27 85.60 -24.75
N THR FC 38 56.40 86.16 -25.17
CA THR FC 38 56.68 87.57 -24.98
C THR FC 38 55.78 88.46 -25.81
N ILE FC 39 55.32 87.97 -26.97
CA ILE FC 39 54.39 88.73 -27.81
C ILE FC 39 53.01 88.87 -27.16
N LYS FC 40 52.42 87.76 -26.71
CA LYS FC 40 51.09 87.89 -26.14
C LYS FC 40 51.11 88.33 -24.69
N LEU FC 41 52.25 88.18 -24.01
CA LEU FC 41 52.45 88.82 -22.72
C LEU FC 41 52.55 90.33 -22.86
N ALA FC 42 53.14 90.79 -23.98
CA ALA FC 42 53.24 92.20 -24.27
C ALA FC 42 51.90 92.81 -24.60
N GLU FC 43 51.10 92.16 -25.44
CA GLU FC 43 49.82 92.78 -25.77
C GLU FC 43 48.74 92.52 -24.73
N ALA FC 44 49.00 91.65 -23.75
CA ALA FC 44 48.19 91.71 -22.54
C ALA FC 44 48.62 92.85 -21.62
N ALA FC 45 49.94 93.09 -21.58
CA ALA FC 45 50.53 94.08 -20.71
C ALA FC 45 50.19 95.50 -21.10
N VAL FC 46 49.98 95.75 -22.40
CA VAL FC 46 49.59 97.09 -22.80
C VAL FC 46 48.13 97.40 -22.46
N SER FC 47 47.25 96.40 -22.45
CA SER FC 47 45.88 96.59 -22.01
C SER FC 47 45.79 96.77 -20.52
N VAL FC 48 46.68 96.10 -19.78
CA VAL FC 48 46.67 96.28 -18.33
C VAL FC 48 47.33 97.62 -17.96
N SER FC 49 48.20 98.14 -18.85
CA SER FC 49 48.85 99.41 -18.61
C SER FC 49 47.91 100.59 -18.83
N ASP FC 50 47.16 100.57 -19.94
CA ASP FC 50 46.36 101.77 -20.19
C ASP FC 50 45.05 101.73 -19.41
N SER FC 51 44.60 100.53 -18.99
CA SER FC 51 43.52 100.51 -18.01
C SER FC 51 43.99 100.95 -16.63
N MET FC 52 45.26 100.70 -16.28
CA MET FC 52 45.77 101.18 -15.01
C MET FC 52 46.00 102.69 -15.01
N LEU FC 53 46.43 103.27 -16.15
CA LEU FC 53 46.55 104.73 -16.18
C LEU FC 53 45.21 105.43 -16.31
N GLU FC 54 44.20 104.73 -16.87
CA GLU FC 54 42.82 105.18 -16.79
C GLU FC 54 42.32 105.25 -15.36
N MET FC 55 42.70 104.25 -14.54
CA MET FC 55 42.37 104.24 -13.13
C MET FC 55 43.10 105.34 -12.35
N ALA FC 56 44.35 105.60 -12.74
CA ALA FC 56 45.15 106.66 -12.13
C ALA FC 56 44.58 108.05 -12.45
N LYS FC 57 44.00 108.18 -13.64
CA LYS FC 57 43.33 109.41 -14.06
C LYS FC 57 42.07 109.68 -13.24
N VAL FC 58 41.18 108.67 -13.07
CA VAL FC 58 39.93 108.89 -12.34
C VAL FC 58 40.17 109.06 -10.83
N GLU FC 59 41.20 108.41 -10.29
CA GLU FC 59 41.52 108.55 -8.86
C GLU FC 59 42.15 109.90 -8.55
N LYS FC 60 43.05 110.37 -9.42
CA LYS FC 60 43.68 111.66 -9.19
C LYS FC 60 42.78 112.83 -9.55
N VAL FC 61 41.67 112.61 -10.27
CA VAL FC 61 40.74 113.71 -10.44
C VAL FC 61 39.60 113.70 -9.41
N ILE FC 62 39.25 112.54 -8.82
CA ILE FC 62 38.21 112.56 -7.80
C ILE FC 62 38.78 113.00 -6.45
N THR FC 63 40.06 112.71 -6.17
CA THR FC 63 40.66 113.38 -5.05
C THR FC 63 41.90 114.07 -5.59
N PRO FC 64 42.01 115.38 -5.44
CA PRO FC 64 43.29 116.02 -5.69
C PRO FC 64 44.26 115.65 -4.58
N PRO FC 65 45.46 115.18 -4.92
CA PRO FC 65 46.48 115.00 -3.90
C PRO FC 65 47.00 116.35 -3.45
N SER FC 66 46.62 116.74 -2.25
CA SER FC 66 46.90 118.10 -1.79
C SER FC 66 48.33 118.25 -1.32
N LYS FC 67 48.92 117.19 -0.78
CA LYS FC 67 50.25 117.31 -0.20
C LYS FC 67 51.14 116.19 -0.70
N ASP FC 68 52.42 116.48 -0.72
CA ASP FC 68 53.47 115.56 -1.12
C ASP FC 68 53.95 114.78 0.11
N ASN FC 69 55.08 114.10 0.00
CA ASN FC 69 55.74 113.61 1.19
C ASN FC 69 57.17 114.11 1.30
N THR FC 70 57.52 115.14 0.54
CA THR FC 70 58.83 115.74 0.68
C THR FC 70 58.93 116.62 1.91
N LEU FC 71 57.79 117.08 2.42
CA LEU FC 71 57.81 117.83 3.67
C LEU FC 71 57.99 116.93 4.88
N THR FC 72 57.73 115.63 4.77
CA THR FC 72 58.08 114.72 5.84
C THR FC 72 59.34 113.92 5.55
N ILE FC 73 59.71 113.74 4.28
CA ILE FC 73 61.03 113.20 3.94
C ILE FC 73 61.77 114.28 3.17
N PRO FC 74 62.49 115.17 3.83
CA PRO FC 74 63.27 116.16 3.09
C PRO FC 74 64.62 115.62 2.69
N ASN FC 75 65.23 116.29 1.71
CA ASN FC 75 66.55 115.91 1.26
C ASN FC 75 67.59 116.35 2.27
N ALA FC 76 68.75 115.72 2.22
CA ALA FC 76 69.83 116.04 3.14
C ALA FC 76 71.17 115.70 2.53
N TYR FC 77 72.20 116.25 3.16
CA TYR FC 77 73.55 115.80 2.89
C TYR FC 77 73.71 114.46 3.57
N ASN FC 78 74.47 113.57 2.92
CA ASN FC 78 74.41 112.10 2.90
C ASN FC 78 72.98 111.54 2.92
N LEU FC 79 72.09 112.14 2.13
CA LEU FC 79 70.87 111.55 1.63
C LEU FC 79 70.78 111.81 0.15
N GLN FC 80 71.65 112.67 -0.36
CA GLN FC 80 71.89 112.81 -1.78
C GLN FC 80 72.95 111.86 -2.31
N ALA FC 81 73.35 110.84 -1.55
CA ALA FC 81 74.04 109.72 -2.16
C ALA FC 81 73.03 108.92 -2.96
N ARG FC 82 73.49 108.29 -4.01
CA ARG FC 82 72.54 107.67 -4.92
C ARG FC 82 72.55 106.18 -4.71
N ALA FC 83 71.51 105.52 -5.22
CA ALA FC 83 71.40 104.08 -5.13
C ALA FC 83 70.54 103.60 -6.28
N SER FC 84 70.73 102.33 -6.62
CA SER FC 84 69.94 101.71 -7.67
C SER FC 84 69.47 100.38 -7.11
N VAL FC 85 68.16 100.23 -6.96
CA VAL FC 85 67.57 99.19 -6.11
C VAL FC 85 66.65 98.34 -6.94
N ASP FC 86 66.88 97.04 -6.98
CA ASP FC 86 65.76 96.13 -7.14
C ASP FC 86 65.63 95.36 -5.85
N TRP FC 87 64.39 95.21 -5.40
CA TRP FC 87 64.09 94.66 -4.08
C TRP FC 87 62.65 94.23 -4.11
N SER FC 88 62.35 93.12 -3.46
CA SER FC 88 60.97 92.67 -3.42
C SER FC 88 60.56 92.06 -2.09
N GLY FC 89 61.36 92.18 -1.05
CA GLY FC 89 61.00 91.61 0.22
C GLY FC 89 60.25 92.58 1.11
N PRO FC 90 60.35 92.40 2.43
CA PRO FC 90 59.71 93.32 3.34
C PRO FC 90 60.48 94.63 3.49
N ILE FC 91 59.87 95.54 4.22
CA ILE FC 91 60.29 96.93 4.19
C ILE FC 91 61.47 97.20 5.12
N GLU FC 92 61.73 96.30 6.07
CA GLU FC 92 62.56 96.67 7.21
C GLU FC 92 64.03 96.49 6.91
N GLU FC 93 64.36 95.42 6.19
CA GLU FC 93 65.73 95.20 5.74
C GLU FC 93 66.15 96.22 4.70
N LEU FC 94 65.20 96.64 3.87
CA LEU FC 94 65.48 97.64 2.85
C LEU FC 94 65.69 99.01 3.46
N THR FC 95 64.84 99.41 4.39
CA THR FC 95 64.98 100.72 5.01
C THR FC 95 66.15 100.80 5.98
N ALA FC 96 66.49 99.67 6.61
CA ALA FC 96 67.68 99.59 7.44
C ALA FC 96 68.94 99.66 6.61
N ARG FC 97 68.91 99.11 5.39
CA ARG FC 97 70.09 99.22 4.53
C ARG FC 97 70.24 100.60 3.91
N ILE FC 98 69.12 101.25 3.58
CA ILE FC 98 69.11 102.64 3.11
C ILE FC 98 69.64 103.58 4.18
N ALA FC 99 69.23 103.38 5.43
CA ALA FC 99 69.69 104.24 6.52
C ALA FC 99 71.12 103.93 6.95
N LYS FC 100 71.54 102.66 6.84
CA LYS FC 100 72.91 102.29 7.16
C LYS FC 100 73.90 102.82 6.15
N ALA FC 101 73.52 102.89 4.88
CA ALA FC 101 74.39 103.54 3.94
C ALA FC 101 74.16 105.04 3.88
N ALA FC 102 73.09 105.53 4.49
CA ALA FC 102 72.87 106.95 4.58
C ALA FC 102 73.52 107.58 5.79
N HIS FC 103 74.09 106.75 6.68
CA HIS FC 103 74.65 107.11 8.00
C HIS FC 103 73.60 107.80 8.85
N PHE FC 104 72.45 107.15 8.94
CA PHE FC 104 71.33 107.60 9.74
C PHE FC 104 71.00 106.47 10.69
N ARG FC 105 70.63 106.81 11.91
CA ARG FC 105 70.09 105.82 12.82
C ARG FC 105 68.67 105.48 12.38
N PHE FC 106 68.43 104.19 12.19
CA PHE FC 106 67.13 103.69 11.78
C PHE FC 106 66.36 103.27 13.02
N ARG FC 107 65.13 103.72 13.14
CA ARG FC 107 64.26 103.24 14.20
C ARG FC 107 62.88 103.00 13.64
N VAL FC 108 62.15 102.09 14.28
CA VAL FC 108 60.77 101.85 13.92
C VAL FC 108 59.88 102.31 15.06
N LEU FC 109 58.66 102.69 14.71
CA LEU FC 109 57.60 102.99 15.64
C LEU FC 109 56.43 102.10 15.28
N GLY FC 110 55.81 101.52 16.29
CA GLY FC 110 54.77 100.53 16.05
C GLY FC 110 55.35 99.15 16.01
N LYS FC 111 54.62 98.17 16.51
CA LYS FC 111 55.02 96.79 16.33
C LYS FC 111 54.61 96.37 14.94
N SER FC 112 55.34 95.41 14.38
CA SER FC 112 55.20 94.98 13.01
C SER FC 112 53.90 94.20 12.83
N PRO FC 113 53.21 94.36 11.71
CA PRO FC 113 52.01 93.57 11.47
C PRO FC 113 52.40 92.15 11.09
N SER FC 114 51.44 91.25 11.27
CA SER FC 114 51.78 89.83 11.23
C SER FC 114 51.85 89.34 9.80
N VAL FC 115 50.96 89.84 8.97
CA VAL FC 115 51.24 89.89 7.53
C VAL FC 115 52.40 90.85 7.32
N PRO FC 116 53.41 90.49 6.55
CA PRO FC 116 54.49 91.43 6.31
C PRO FC 116 54.07 92.46 5.28
N VAL FC 117 54.42 93.71 5.56
CA VAL FC 117 54.21 94.76 4.58
C VAL FC 117 55.33 94.59 3.55
N LEU FC 118 54.94 94.28 2.33
CA LEU FC 118 55.89 93.99 1.27
C LEU FC 118 55.91 95.16 0.32
N ILE FC 119 57.09 95.53 -0.14
CA ILE FC 119 57.24 96.45 -1.25
C ILE FC 119 58.13 95.77 -2.26
N SER FC 120 58.25 96.37 -3.42
CA SER FC 120 59.17 95.86 -4.44
C SER FC 120 59.66 97.07 -5.22
N ILE FC 121 60.74 97.65 -4.75
CA ILE FC 121 61.29 98.82 -5.39
C ILE FC 121 62.20 98.36 -6.50
N SER FC 122 61.85 98.70 -7.73
CA SER FC 122 62.67 98.37 -8.89
C SER FC 122 62.93 99.65 -9.65
N THR FC 123 64.10 100.25 -9.41
CA THR FC 123 64.48 101.49 -10.05
C THR FC 123 65.99 101.59 -10.09
N LYS FC 124 66.46 102.62 -10.77
CA LYS FC 124 67.88 102.75 -11.09
C LYS FC 124 68.31 104.19 -10.96
N ASP FC 125 69.34 104.42 -10.13
CA ASP FC 125 70.18 105.61 -10.03
C ASP FC 125 69.37 106.85 -9.61
N GLU FC 126 68.91 106.82 -8.37
CA GLU FC 126 68.40 108.05 -7.79
C GLU FC 126 68.79 108.10 -6.33
N SER FC 127 68.55 109.25 -5.71
CA SER FC 127 69.03 109.47 -4.36
C SER FC 127 68.11 108.81 -3.36
N LEU FC 128 68.58 108.77 -2.12
CA LEU FC 128 67.91 108.03 -1.08
C LEU FC 128 66.65 108.72 -0.58
N ALA FC 129 66.55 110.04 -0.78
CA ALA FC 129 65.37 110.78 -0.36
C ALA FC 129 64.17 110.43 -1.22
N GLU FC 130 64.36 110.34 -2.52
CA GLU FC 130 63.25 109.91 -3.37
C GLU FC 130 63.11 108.40 -3.39
N ILE FC 131 64.14 107.64 -3.00
CA ILE FC 131 63.96 106.20 -2.79
C ILE FC 131 63.06 105.95 -1.58
N LEU FC 132 63.26 106.71 -0.50
CA LEU FC 132 62.42 106.58 0.67
C LEU FC 132 61.05 107.18 0.46
N ARG FC 133 60.93 108.14 -0.46
CA ARG FC 133 59.61 108.62 -0.86
C ARG FC 133 58.86 107.58 -1.67
N ASP FC 134 59.57 106.81 -2.52
CA ASP FC 134 58.92 105.70 -3.23
C ASP FC 134 58.56 104.54 -2.32
N ILE FC 135 59.37 104.30 -1.28
CA ILE FC 135 59.07 103.32 -0.26
C ILE FC 135 57.85 103.74 0.54
N ASP FC 136 57.77 105.04 0.85
CA ASP FC 136 56.66 105.61 1.60
C ASP FC 136 55.37 105.65 0.80
N TYR FC 137 55.47 105.78 -0.52
CA TYR FC 137 54.27 105.71 -1.32
C TYR FC 137 53.82 104.28 -1.55
N GLN FC 138 54.77 103.36 -1.72
CA GLN FC 138 54.43 101.96 -1.96
C GLN FC 138 53.90 101.29 -0.70
N ALA FC 139 54.31 101.77 0.47
CA ALA FC 139 53.63 101.43 1.70
C ALA FC 139 52.47 102.41 1.90
N GLY FC 140 51.37 102.10 1.22
CA GLY FC 140 50.20 102.96 1.31
C GLY FC 140 49.28 102.49 2.40
N LYS FC 141 49.09 103.34 3.43
CA LYS FC 141 48.27 103.16 4.63
C LYS FC 141 48.68 101.93 5.46
N LYS FC 142 49.93 101.53 5.41
CA LYS FC 142 50.38 100.38 6.16
C LYS FC 142 51.60 100.80 6.93
N ALA FC 143 52.43 101.61 6.30
CA ALA FC 143 53.64 102.09 6.91
C ALA FC 143 53.93 103.47 6.35
N SER FC 144 54.93 104.12 6.92
CA SER FC 144 55.21 105.50 6.60
C SER FC 144 56.65 105.79 6.96
N ILE FC 145 57.37 106.40 6.05
CA ILE FC 145 58.76 106.76 6.28
C ILE FC 145 58.81 108.22 6.66
N HIS FC 146 59.45 108.52 7.79
CA HIS FC 146 59.74 109.89 8.17
C HIS FC 146 61.25 110.02 8.32
N VAL FC 147 61.78 111.18 7.99
CA VAL FC 147 63.20 111.42 8.07
C VAL FC 147 63.38 112.72 8.83
N TYR FC 148 64.14 112.68 9.91
CA TYR FC 148 64.41 113.89 10.67
C TYR FC 148 65.85 114.29 10.45
N PRO FC 149 66.13 115.23 9.56
CA PRO FC 149 67.53 115.47 9.16
C PRO FC 149 68.23 116.53 10.00
N ASN FC 150 67.56 117.08 11.00
CA ASN FC 150 68.25 117.83 12.03
C ASN FC 150 69.11 116.93 12.89
N SER FC 151 68.56 115.78 13.29
CA SER FC 151 69.30 114.65 13.80
C SER FC 151 69.64 113.73 12.62
N GLN FC 152 69.98 112.50 12.88
CA GLN FC 152 70.07 111.54 11.79
C GLN FC 152 69.18 110.37 12.13
N VAL FC 153 67.87 110.52 11.87
CA VAL FC 153 66.91 109.45 12.09
C VAL FC 153 66.18 109.20 10.79
N VAL FC 154 66.24 107.96 10.30
CA VAL FC 154 65.23 107.42 9.41
C VAL FC 154 64.31 106.60 10.27
N GLU FC 155 63.03 106.91 10.24
CA GLU FC 155 62.05 106.25 11.06
C GLU FC 155 60.97 105.65 10.19
N LEU FC 156 60.64 104.40 10.50
CA LEU FC 156 59.58 103.67 9.81
C LEU FC 156 58.47 103.46 10.81
N ARG FC 157 57.26 103.87 10.46
CA ARG FC 157 56.11 103.71 11.33
C ARG FC 157 55.13 102.76 10.69
N TYR FC 158 54.70 101.75 11.44
CA TYR FC 158 53.57 100.99 10.92
C TYR FC 158 52.27 101.63 11.31
N ALA FC 159 51.17 101.03 10.87
CA ALA FC 159 49.88 101.61 11.16
C ALA FC 159 49.31 101.00 12.43
N LYS FC 160 48.19 101.56 12.88
CA LYS FC 160 47.60 101.19 14.15
C LYS FC 160 46.40 100.27 13.99
N ILE FC 161 46.48 99.34 13.04
CA ILE FC 161 45.39 98.40 12.83
C ILE FC 161 45.91 96.98 12.84
N ALA GC 58 23.75 45.74 -63.98
CA ALA GC 58 23.73 46.14 -62.59
C ALA GC 58 25.06 46.76 -62.20
N LEU GC 59 26.12 46.27 -62.84
CA LEU GC 59 27.44 46.88 -62.66
C LEU GC 59 27.51 48.23 -63.37
N LYS GC 60 26.75 48.38 -64.46
CA LYS GC 60 26.54 49.67 -65.10
C LYS GC 60 25.79 50.64 -64.19
N GLU GC 61 24.82 50.15 -63.41
CA GLU GC 61 24.08 51.04 -62.54
C GLU GC 61 24.83 51.36 -61.25
N THR GC 62 25.72 50.48 -60.78
CA THR GC 62 26.56 50.94 -59.67
C THR GC 62 27.70 51.81 -60.16
N ALA GC 63 28.07 51.73 -61.45
CA ALA GC 63 28.93 52.75 -62.04
C ALA GC 63 28.21 54.09 -62.17
N LEU GC 64 26.90 54.04 -62.45
CA LEU GC 64 26.06 55.22 -62.54
C LEU GC 64 25.93 55.92 -61.19
N SER GC 65 25.74 55.16 -60.13
CA SER GC 65 25.72 55.79 -58.81
C SER GC 65 27.10 56.07 -58.24
N VAL GC 66 28.15 55.53 -58.85
CA VAL GC 66 29.49 56.08 -58.59
C VAL GC 66 29.60 57.47 -59.19
N GLY GC 67 29.15 57.63 -60.45
CA GLY GC 67 29.31 58.91 -61.13
C GLY GC 67 28.38 60.01 -60.68
N ALA GC 68 27.26 59.66 -60.03
CA ALA GC 68 26.25 60.64 -59.66
C ALA GC 68 26.70 61.56 -58.53
N GLN GC 69 27.34 61.01 -57.50
CA GLN GC 69 27.75 61.81 -56.36
C GLN GC 69 28.98 62.64 -56.68
N ALA GC 70 29.82 62.15 -57.58
CA ALA GC 70 30.99 62.91 -58.00
C ALA GC 70 30.60 64.05 -58.93
N GLY GC 71 29.59 63.83 -59.79
CA GLY GC 71 29.10 64.91 -60.64
C GLY GC 71 28.34 65.96 -59.88
N LEU GC 72 27.63 65.55 -58.82
CA LEU GC 72 26.94 66.49 -57.95
C LEU GC 72 27.91 67.33 -57.12
N ALA GC 73 28.97 66.71 -56.62
CA ALA GC 73 29.95 67.46 -55.84
C ALA GC 73 30.83 68.35 -56.71
N TRP GC 74 31.12 67.92 -57.95
CA TRP GC 74 31.89 68.76 -58.87
C TRP GC 74 31.10 69.96 -59.32
N ARG GC 75 29.81 69.77 -59.61
CA ARG GC 75 28.94 70.88 -60.00
C ARG GC 75 28.68 71.81 -58.83
N ALA GC 76 28.66 71.26 -57.61
CA ALA GC 76 28.51 72.07 -56.40
C ALA GC 76 29.73 72.95 -56.14
N LYS GC 77 30.93 72.41 -56.41
CA LYS GC 77 32.15 73.21 -56.29
C LYS GC 77 32.23 74.28 -57.38
N ILE GC 78 31.76 73.94 -58.59
CA ILE GC 78 31.79 74.86 -59.73
C ILE GC 78 30.84 76.03 -59.53
N ILE GC 79 29.65 75.75 -58.98
CA ILE GC 79 28.75 76.88 -58.73
C ILE GC 79 29.12 77.58 -57.43
N ASP GC 80 29.91 76.96 -56.56
CA ASP GC 80 30.42 77.68 -55.40
C ASP GC 80 31.46 78.72 -55.82
N GLU GC 81 32.33 78.39 -56.78
CA GLU GC 81 33.23 79.40 -57.35
C GLU GC 81 32.48 80.44 -58.15
N GLN GC 82 31.42 80.03 -58.83
CA GLN GC 82 30.62 80.97 -59.59
C GLN GC 82 29.79 81.88 -58.70
N LEU GC 83 29.39 81.39 -57.53
CA LEU GC 83 28.70 82.23 -56.56
C LEU GC 83 29.68 83.19 -55.89
N ASN GC 84 30.89 82.73 -55.62
CA ASN GC 84 31.88 83.58 -54.98
C ASN GC 84 32.48 84.60 -55.92
N LYS GC 85 32.39 84.36 -57.24
CA LYS GC 85 32.79 85.37 -58.21
C LYS GC 85 31.83 86.54 -58.22
N GLN GC 86 30.56 86.30 -57.94
CA GLN GC 86 29.53 87.33 -58.00
C GLN GC 86 29.11 87.79 -56.63
N ALA GC 87 30.04 87.86 -55.68
CA ALA GC 87 29.71 87.95 -54.27
C ALA GC 87 29.26 89.36 -53.88
N ARG GC 88 29.87 90.38 -54.46
CA ARG GC 88 29.42 91.73 -54.17
C ARG GC 88 28.16 92.07 -54.93
N ASN GC 89 27.97 91.45 -56.08
CA ASN GC 89 26.76 91.65 -56.87
C ASN GC 89 25.57 91.00 -56.20
N LEU GC 90 25.77 89.84 -55.61
CA LEU GC 90 24.75 89.16 -54.85
C LEU GC 90 24.40 89.87 -53.56
N ASP GC 91 25.39 90.54 -52.94
CA ASP GC 91 25.06 91.39 -51.81
C ASP GC 91 24.39 92.67 -52.25
N ALA GC 92 24.60 93.10 -53.48
CA ALA GC 92 23.84 94.24 -53.98
C ALA GC 92 22.41 93.85 -54.30
N ILE GC 93 22.19 92.61 -54.75
CA ILE GC 93 20.83 92.17 -55.04
C ILE GC 93 20.08 91.86 -53.74
N TYR GC 94 20.58 90.90 -52.97
CA TYR GC 94 19.81 90.41 -51.84
C TYR GC 94 20.30 91.05 -50.55
N ASP GC 95 20.28 92.39 -50.52
CA ASP GC 95 20.64 93.09 -49.30
C ASP GC 95 19.40 93.07 -48.43
N PHE GC 96 19.47 92.28 -47.37
CA PHE GC 96 18.36 92.24 -46.44
C PHE GC 96 18.48 93.37 -45.45
N ASN GC 97 19.71 93.90 -45.30
CA ASN GC 97 20.08 94.90 -44.30
C ASN GC 97 19.38 96.23 -44.54
N SER GC 98 19.19 96.60 -45.80
CA SER GC 98 18.43 97.78 -46.14
C SER GC 98 16.97 97.49 -46.40
N LEU GC 99 16.50 96.31 -46.02
CA LEU GC 99 15.08 96.03 -45.93
C LEU GC 99 14.61 95.82 -44.51
N VAL GC 100 15.53 95.72 -43.57
CA VAL GC 100 15.21 95.44 -42.17
C VAL GC 100 14.65 96.69 -41.51
N LEU GC 101 13.55 96.50 -40.77
CA LEU GC 101 12.83 97.60 -40.15
C LEU GC 101 13.61 98.19 -38.97
N GLU GC 102 13.12 99.33 -38.47
CA GLU GC 102 13.88 100.32 -37.71
C GLU GC 102 14.29 99.88 -36.32
N HIS GC 103 13.74 98.81 -35.78
CA HIS GC 103 14.13 98.33 -34.47
C HIS GC 103 14.85 97.01 -34.59
N ASN GC 104 15.49 96.81 -35.76
CA ASN GC 104 16.09 95.56 -36.25
C ASN GC 104 15.11 94.41 -36.21
N ILE GC 105 13.95 94.65 -36.80
CA ILE GC 105 12.96 93.62 -37.05
C ILE GC 105 13.08 93.22 -38.52
N LEU GC 106 13.36 91.95 -38.74
CA LEU GC 106 13.21 91.35 -40.05
C LEU GC 106 11.74 91.37 -40.44
N PRO GC 107 11.41 91.97 -41.59
CA PRO GC 107 10.03 92.08 -42.00
C PRO GC 107 9.50 90.73 -42.51
N PRO GC 108 8.20 90.48 -42.43
CA PRO GC 108 7.72 89.14 -42.76
C PRO GC 108 7.55 88.97 -44.27
N VAL GC 109 7.34 87.73 -44.70
CA VAL GC 109 7.24 87.49 -46.13
C VAL GC 109 5.75 87.46 -46.48
N LEU GC 110 5.42 88.08 -47.59
CA LEU GC 110 4.05 88.12 -48.07
C LEU GC 110 4.04 87.43 -49.41
N LEU GC 111 3.08 86.55 -49.61
CA LEU GC 111 2.97 85.85 -50.86
C LEU GC 111 1.65 86.23 -51.49
N GLU GC 112 1.72 86.69 -52.73
CA GLU GC 112 0.58 87.21 -53.47
C GLU GC 112 0.19 86.18 -54.51
N GLY GC 113 -1.08 85.84 -54.55
CA GLY GC 113 -1.56 85.01 -55.63
C GLY GC 113 -2.78 85.62 -56.24
N ARG GC 114 -2.69 86.03 -57.49
CA ARG GC 114 -3.87 86.53 -58.17
C ARG GC 114 -4.52 85.39 -58.94
N ASN GC 115 -5.82 85.59 -59.24
CA ASN GC 115 -6.68 84.72 -60.05
C ASN GC 115 -6.77 83.30 -59.50
N THR GC 116 -7.18 83.20 -58.25
CA THR GC 116 -7.18 81.92 -57.59
C THR GC 116 -8.53 81.29 -57.79
N LEU GC 117 -8.54 80.03 -58.19
CA LEU GC 117 -9.76 79.26 -58.00
C LEU GC 117 -9.43 77.87 -57.52
N ASN GC 118 -10.47 77.22 -57.04
CA ASN GC 118 -10.41 75.87 -56.52
C ASN GC 118 -11.79 75.26 -56.66
N LEU GC 119 -11.90 74.17 -57.39
CA LEU GC 119 -13.13 73.39 -57.44
C LEU GC 119 -13.07 72.41 -56.28
N ALA GC 120 -14.03 72.51 -55.37
CA ALA GC 120 -14.02 71.58 -54.26
C ALA GC 120 -14.63 70.25 -54.67
N ASP GC 121 -15.52 70.30 -55.63
CA ASP GC 121 -16.32 69.15 -56.00
C ASP GC 121 -16.79 69.37 -57.42
N ALA GC 122 -17.81 68.63 -57.81
CA ALA GC 122 -18.43 68.83 -59.11
C ALA GC 122 -19.25 70.11 -59.15
N GLN GC 123 -19.79 70.53 -58.02
CA GLN GC 123 -20.83 71.54 -58.02
C GLN GC 123 -20.41 72.89 -57.46
N SER GC 124 -19.26 73.01 -56.82
CA SER GC 124 -18.92 74.29 -56.20
C SER GC 124 -17.46 74.62 -56.43
N ILE GC 125 -17.23 75.78 -57.03
CA ILE GC 125 -15.90 76.34 -57.12
C ILE GC 125 -15.85 77.58 -56.26
N ARG GC 126 -14.63 77.99 -55.94
CA ARG GC 126 -14.38 79.15 -55.11
C ARG GC 126 -13.26 79.92 -55.78
N ILE GC 127 -13.55 81.14 -56.17
CA ILE GC 127 -12.52 81.99 -56.76
C ILE GC 127 -12.21 83.11 -55.80
N SER GC 128 -11.06 83.70 -56.01
CA SER GC 128 -10.70 84.96 -55.38
C SER GC 128 -9.84 85.72 -56.36
N ASP GC 129 -9.96 87.03 -56.29
CA ASP GC 129 -9.14 87.86 -57.17
C ASP GC 129 -7.72 87.95 -56.65
N ARG GC 130 -7.55 88.12 -55.34
CA ARG GC 130 -6.23 88.17 -54.75
C ARG GC 130 -6.21 87.33 -53.49
N THR GC 131 -5.04 86.80 -53.20
CA THR GC 131 -4.75 86.18 -51.92
C THR GC 131 -3.44 86.75 -51.45
N TYR GC 132 -3.40 87.13 -50.20
CA TYR GC 132 -2.16 87.53 -49.56
C TYR GC 132 -1.96 86.69 -48.32
N LYS GC 133 -0.81 86.07 -48.21
CA LYS GC 133 -0.50 85.33 -47.00
C LYS GC 133 0.86 85.73 -46.48
N VAL GC 134 0.89 86.23 -45.26
CA VAL GC 134 2.16 86.37 -44.56
C VAL GC 134 2.58 84.98 -44.09
N ALA GC 135 3.75 84.57 -44.56
CA ALA GC 135 4.50 83.51 -43.90
C ALA GC 135 5.69 84.19 -43.26
N LYS GC 136 6.34 83.45 -42.35
CA LYS GC 136 7.65 83.73 -41.76
C LYS GC 136 7.68 85.08 -41.04
N GLN GC 137 6.92 85.13 -39.93
CA GLN GC 137 6.46 86.35 -39.26
C GLN GC 137 7.61 87.22 -38.74
N ALA GC 138 7.30 88.49 -38.54
CA ALA GC 138 8.31 89.52 -38.34
C ALA GC 138 8.92 89.42 -36.97
N HIS GC 139 10.25 89.52 -36.92
CA HIS GC 139 10.87 89.23 -35.64
C HIS GC 139 12.15 90.01 -35.51
N PHE GC 140 12.66 90.02 -34.28
CA PHE GC 140 13.92 90.68 -33.98
C PHE GC 140 15.05 89.86 -34.57
N ILE GC 141 15.95 90.50 -35.25
CA ILE GC 141 17.18 89.83 -35.63
C ILE GC 141 18.35 90.64 -35.13
N THR GC 142 19.43 89.95 -34.82
CA THR GC 142 20.65 90.59 -34.37
C THR GC 142 21.61 90.79 -35.53
N THR GC 143 21.30 90.20 -36.68
CA THR GC 143 21.99 90.46 -37.93
C THR GC 143 21.04 90.21 -39.10
N PRO GC 144 21.19 90.90 -40.22
CA PRO GC 144 20.45 90.54 -41.43
C PRO GC 144 20.98 89.24 -42.00
N PRO GC 145 20.16 88.49 -42.74
CA PRO GC 145 20.67 87.31 -43.42
C PRO GC 145 21.47 87.71 -44.63
N THR GC 146 22.38 86.83 -45.01
CA THR GC 146 23.16 87.04 -46.20
C THR GC 146 22.51 86.28 -47.35
N TRP GC 147 23.22 86.20 -48.46
CA TRP GC 147 22.75 85.33 -49.52
C TRP GC 147 23.24 83.90 -49.30
N ARG GC 148 24.26 83.73 -48.47
CA ARG GC 148 24.85 82.40 -48.31
C ARG GC 148 24.04 81.48 -47.42
N GLN GC 149 23.04 81.99 -46.72
CA GLN GC 149 22.19 81.12 -45.93
C GLN GC 149 21.19 80.37 -46.80
N TYR GC 150 20.97 80.84 -48.02
CA TYR GC 150 20.15 80.09 -48.96
C TYR GC 150 20.98 79.48 -50.07
N LEU GC 151 21.96 80.20 -50.59
CA LEU GC 151 22.54 79.84 -51.87
C LEU GC 151 23.74 78.95 -51.81
N TRP GC 152 24.39 78.82 -50.66
CA TRP GC 152 25.69 78.16 -50.61
C TRP GC 152 25.52 76.65 -50.58
N MET GC 153 25.88 76.00 -51.68
CA MET GC 153 25.73 74.56 -51.79
C MET GC 153 26.89 73.87 -51.08
N ASP GC 154 26.58 72.76 -50.43
CA ASP GC 154 27.53 72.13 -49.55
C ASP GC 154 28.50 71.26 -50.33
N TYR GC 155 29.76 71.66 -50.31
CA TYR GC 155 30.80 70.97 -51.06
C TYR GC 155 31.61 70.11 -50.11
N VAL GC 156 31.65 68.81 -50.40
CA VAL GC 156 32.71 67.95 -49.94
C VAL GC 156 33.34 67.30 -51.16
N LYS GC 157 34.54 66.78 -51.01
CA LYS GC 157 35.21 66.08 -52.11
C LYS GC 157 35.13 64.59 -51.82
N PRO GC 158 34.35 63.82 -52.58
CA PRO GC 158 34.14 62.40 -52.25
C PRO GC 158 35.32 61.55 -52.68
N GLU GC 159 35.88 60.80 -51.74
CA GLU GC 159 37.02 59.94 -52.00
C GLU GC 159 36.65 58.48 -52.00
N ALA GC 160 35.50 58.13 -52.59
CA ALA GC 160 35.04 56.75 -52.60
C ALA GC 160 34.93 56.23 -54.03
N PRO GC 161 35.99 55.63 -54.60
CA PRO GC 161 35.84 54.96 -55.89
C PRO GC 161 35.07 53.65 -55.79
N LYS GC 173 34.04 48.15 -67.74
CA LYS GC 173 34.94 49.24 -68.11
C LYS GC 173 34.30 50.16 -69.17
N GLU GC 174 33.73 49.58 -70.23
CA GLU GC 174 33.12 50.37 -71.30
C GLU GC 174 31.75 50.91 -70.90
N ILE GC 175 30.91 50.08 -70.27
CA ILE GC 175 29.63 50.58 -69.77
C ILE GC 175 29.81 51.31 -68.46
N TRP GC 176 30.92 51.04 -67.74
CA TRP GC 176 31.36 51.88 -66.63
C TRP GC 176 31.63 53.30 -67.09
N CYS GC 177 32.29 53.44 -68.24
CA CYS GC 177 32.64 54.76 -68.77
C CYS GC 177 31.43 55.52 -69.27
N ILE GC 178 30.56 54.83 -70.02
CA ILE GC 178 29.44 55.58 -70.59
C ILE GC 178 28.30 55.78 -69.58
N TYR GC 179 28.11 54.85 -68.62
CA TYR GC 179 27.13 55.11 -67.58
C TYR GC 179 27.68 55.98 -66.48
N THR GC 180 29.00 56.08 -66.34
CA THR GC 180 29.53 56.98 -65.34
C THR GC 180 29.54 58.41 -65.86
N GLU GC 181 29.60 58.61 -67.18
CA GLU GC 181 29.40 59.97 -67.65
C GLU GC 181 27.92 60.32 -67.81
N ARG GC 182 27.04 59.31 -67.96
CA ARG GC 182 25.60 59.57 -67.80
C ARG GC 182 25.25 59.91 -66.35
N GLY GC 183 25.92 59.27 -65.39
CA GLY GC 183 25.76 59.62 -64.00
C GLY GC 183 26.35 60.96 -63.65
N TRP GC 184 27.42 61.35 -64.34
CA TRP GC 184 28.02 62.67 -64.19
C TRP GC 184 27.07 63.77 -64.68
N LYS GC 185 26.36 63.50 -65.77
CA LYS GC 185 25.35 64.46 -66.24
C LYS GC 185 24.11 64.49 -65.37
N ASN GC 186 23.78 63.35 -64.74
CA ASN GC 186 22.66 63.34 -63.81
C ASN GC 186 23.00 64.02 -62.49
N GLY GC 187 24.25 63.93 -62.07
CA GLY GC 187 24.66 64.64 -60.88
C GLY GC 187 24.79 66.14 -61.12
N ILE GC 188 25.14 66.51 -62.35
CA ILE GC 188 25.27 67.92 -62.71
C ILE GC 188 23.90 68.58 -62.78
N ASP GC 189 22.90 67.91 -63.39
CA ASP GC 189 21.59 68.53 -63.41
C ASP GC 189 20.84 68.37 -62.10
N GLN GC 190 21.23 67.41 -61.26
CA GLN GC 190 20.62 67.31 -59.93
C GLN GC 190 21.13 68.40 -59.01
N ALA GC 191 22.40 68.78 -59.17
CA ALA GC 191 22.89 69.96 -58.45
C ALA GC 191 22.32 71.25 -59.02
N ASN GC 192 21.99 71.27 -60.31
CA ASN GC 192 21.29 72.42 -60.88
C ASN GC 192 19.86 72.55 -60.37
N THR GC 193 19.18 71.43 -60.09
CA THR GC 193 17.88 71.54 -59.45
C THR GC 193 17.96 71.93 -57.99
N ILE GC 194 19.07 71.61 -57.30
CA ILE GC 194 19.26 72.09 -55.93
C ILE GC 194 19.51 73.60 -55.92
N LEU GC 195 20.28 74.09 -56.89
CA LEU GC 195 20.48 75.54 -57.05
C LEU GC 195 19.23 76.27 -57.52
N GLU GC 196 18.37 75.59 -58.29
CA GLU GC 196 17.11 76.17 -58.72
C GLU GC 196 16.14 76.33 -57.56
N GLU GC 197 16.13 75.35 -56.66
CA GLU GC 197 15.34 75.46 -55.43
C GLU GC 197 15.89 76.50 -54.46
N ASN GC 198 17.21 76.66 -54.41
CA ASN GC 198 17.81 77.60 -53.47
C ASN GC 198 17.65 79.04 -53.91
N ILE GC 199 17.81 79.28 -55.23
CA ILE GC 199 17.51 80.54 -55.90
C ILE GC 199 16.04 80.90 -55.76
N ALA GC 200 15.18 79.89 -55.80
CA ALA GC 200 13.76 80.09 -55.62
C ALA GC 200 13.40 80.46 -54.19
N ARG GC 201 14.13 79.92 -53.22
CA ARG GC 201 13.83 80.20 -51.83
C ARG GC 201 14.28 81.60 -51.41
N ILE GC 202 15.42 82.04 -51.94
CA ILE GC 202 15.87 83.39 -51.61
C ILE GC 202 15.05 84.44 -52.37
N LYS GC 203 14.54 84.07 -53.57
CA LYS GC 203 13.63 84.95 -54.30
C LYS GC 203 12.27 85.04 -53.63
N GLU GC 204 11.83 83.96 -52.99
CA GLU GC 204 10.57 83.95 -52.25
C GLU GC 204 10.63 84.82 -51.00
N ASP GC 205 11.71 84.68 -50.22
CA ASP GC 205 11.85 85.47 -48.98
C ASP GC 205 12.11 86.95 -49.25
N PHE GC 206 12.89 87.23 -50.30
CA PHE GC 206 13.23 88.59 -50.61
C PHE GC 206 12.07 89.33 -51.28
N GLY GC 207 11.35 88.67 -52.19
CA GLY GC 207 10.16 89.27 -52.76
C GLY GC 207 9.01 89.36 -51.78
N GLY GC 208 9.00 88.51 -50.75
CA GLY GC 208 8.04 88.67 -49.67
C GLY GC 208 8.30 89.88 -48.82
N MET GC 209 9.56 90.22 -48.60
CA MET GC 209 9.83 91.46 -47.85
C MET GC 209 9.64 92.72 -48.70
N ILE GC 210 9.84 92.60 -50.02
CA ILE GC 210 9.51 93.68 -50.94
C ILE GC 210 8.00 93.89 -51.01
N LEU GC 211 7.25 92.80 -50.93
CA LEU GC 211 5.80 92.89 -50.88
C LEU GC 211 5.30 93.40 -49.54
N TYR GC 212 6.07 93.22 -48.47
CA TYR GC 212 5.73 93.85 -47.20
C TYR GC 212 5.90 95.35 -47.26
N ARG GC 213 6.95 95.82 -47.93
CA ARG GC 213 7.14 97.26 -48.07
C ARG GC 213 6.12 97.88 -49.01
N LYS GC 214 5.68 97.13 -50.02
CA LYS GC 214 4.65 97.61 -50.94
C LYS GC 214 3.29 97.67 -50.28
N LEU GC 215 2.94 96.65 -49.49
CA LEU GC 215 1.65 96.69 -48.82
C LEU GC 215 1.65 97.57 -47.58
N LEU GC 216 2.82 97.83 -47.00
CA LEU GC 216 2.89 98.80 -45.91
C LEU GC 216 2.77 100.21 -46.44
N ALA GC 217 3.28 100.43 -47.66
CA ALA GC 217 3.01 101.67 -48.35
C ALA GC 217 1.55 101.80 -48.76
N MET GC 218 0.93 100.69 -49.14
CA MET GC 218 -0.44 100.67 -49.61
C MET GC 218 -1.46 100.51 -48.49
N ASN GC 219 -0.98 100.49 -47.24
CA ASN GC 219 -1.77 100.38 -46.01
C ASN GC 219 -2.57 99.10 -45.93
N MET GC 220 -1.98 98.00 -46.38
CA MET GC 220 -2.63 96.72 -46.25
C MET GC 220 -2.09 95.87 -45.12
N VAL GC 221 -0.94 96.21 -44.56
CA VAL GC 221 -0.43 95.52 -43.38
C VAL GC 221 -0.15 96.53 -42.28
N SER GC 222 -0.28 96.08 -41.09
CA SER GC 222 0.09 96.90 -39.95
C SER GC 222 1.60 96.83 -39.74
N PRO GC 223 2.25 97.96 -39.44
CA PRO GC 223 3.65 97.91 -39.06
C PRO GC 223 3.78 97.37 -37.65
N PRO GC 224 4.90 96.75 -37.27
CA PRO GC 224 5.00 96.19 -35.93
C PRO GC 224 5.26 97.26 -34.89
N TYR GC 225 4.56 97.13 -33.78
CA TYR GC 225 4.65 98.09 -32.70
C TYR GC 225 5.58 97.51 -31.67
N VAL GC 226 6.58 98.28 -31.29
CA VAL GC 226 7.46 97.88 -30.22
C VAL GC 226 7.23 98.77 -29.01
N SER GC 227 7.26 98.14 -27.85
CA SER GC 227 7.25 98.85 -26.58
C SER GC 227 8.63 98.66 -25.98
N HIS GC 228 9.41 99.73 -25.94
CA HIS GC 228 10.62 99.74 -25.16
C HIS GC 228 10.25 100.29 -23.80
N THR GC 229 10.05 99.40 -22.83
CA THR GC 229 9.88 99.82 -21.46
C THR GC 229 11.27 99.96 -20.87
N ASP GC 230 11.56 101.15 -20.36
CA ASP GC 230 12.88 101.42 -19.82
C ASP GC 230 12.93 101.05 -18.35
N LEU GC 231 14.04 100.49 -17.93
CA LEU GC 231 14.38 100.31 -16.54
C LEU GC 231 15.69 101.04 -16.30
N GLY GC 232 15.84 101.53 -15.09
CA GLY GC 232 17.06 102.22 -14.74
C GLY GC 232 18.15 101.27 -14.32
N VAL GC 233 18.81 101.59 -13.24
CA VAL GC 233 19.85 100.72 -12.71
C VAL GC 233 19.20 99.54 -12.02
N THR GC 234 19.53 98.35 -12.49
CA THR GC 234 18.79 97.17 -12.12
C THR GC 234 19.75 96.26 -11.38
N GLY GC 235 19.26 95.12 -10.96
CA GLY GC 235 20.08 94.13 -10.30
C GLY GC 235 20.30 94.46 -8.82
N ASP GC 236 20.92 93.51 -8.16
CA ASP GC 236 21.19 93.58 -6.74
C ASP GC 236 22.56 94.20 -6.52
N GLY GC 237 23.16 93.98 -5.36
CA GLY GC 237 24.51 94.45 -5.09
C GLY GC 237 25.61 93.75 -5.87
N SER GC 238 25.34 92.57 -6.44
CA SER GC 238 26.40 91.84 -7.12
C SER GC 238 26.34 91.93 -8.63
N GLU GC 239 25.23 92.36 -9.21
CA GLU GC 239 25.17 92.59 -10.65
C GLU GC 239 24.46 93.91 -10.84
N ILE GC 240 24.97 94.78 -11.70
CA ILE GC 240 24.16 95.91 -12.11
C ILE GC 240 24.14 95.96 -13.62
N HIS GC 241 23.00 96.39 -14.16
CA HIS GC 241 22.85 96.75 -15.55
C HIS GC 241 22.27 98.15 -15.58
N ILE GC 242 22.97 99.08 -16.23
CA ILE GC 242 22.82 100.48 -15.93
C ILE GC 242 21.63 101.11 -16.66
N ASP GC 243 21.59 100.99 -17.96
CA ASP GC 243 20.46 101.48 -18.74
C ASP GC 243 19.86 100.20 -19.31
N ASP GC 244 18.75 99.76 -18.71
CA ASP GC 244 18.21 98.44 -19.00
C ASP GC 244 16.87 98.59 -19.70
N ARG GC 245 16.90 98.71 -21.02
CA ARG GC 245 15.65 98.77 -21.76
C ARG GC 245 15.24 97.35 -22.10
N VAL GC 246 13.95 97.06 -22.03
CA VAL GC 246 13.42 95.79 -22.50
C VAL GC 246 12.41 96.09 -23.60
N LEU GC 247 12.65 95.52 -24.77
CA LEU GC 247 11.95 95.87 -25.99
C LEU GC 247 11.11 94.69 -26.38
N ARG GC 248 9.81 94.89 -26.52
CA ARG GC 248 8.94 93.84 -26.99
C ARG GC 248 8.26 94.27 -28.27
N ILE GC 249 7.98 93.30 -29.11
CA ILE GC 249 7.04 93.47 -30.21
C ILE GC 249 5.67 93.13 -29.65
N THR GC 250 4.87 94.16 -29.44
CA THR GC 250 3.53 93.90 -28.93
C THR GC 250 2.60 93.48 -30.06
N ALA GC 251 2.52 94.30 -31.10
CA ALA GC 251 1.69 94.01 -32.25
C ALA GC 251 2.56 93.37 -33.32
N LEU GC 252 2.24 92.15 -33.67
CA LEU GC 252 2.85 91.55 -34.83
C LEU GC 252 2.20 92.14 -36.08
N PRO GC 253 2.92 92.15 -37.21
CA PRO GC 253 2.31 92.61 -38.47
C PRO GC 253 1.28 91.64 -38.99
N GLU GC 254 0.17 92.19 -39.45
CA GLU GC 254 -0.90 91.40 -40.00
C GLU GC 254 -1.58 92.23 -41.06
N LEU GC 255 -2.21 91.54 -41.99
CA LEU GC 255 -2.95 92.21 -43.04
C LEU GC 255 -4.26 92.72 -42.47
N ASN GC 256 -4.56 93.98 -42.72
CA ASN GC 256 -5.84 94.50 -42.26
C ASN GC 256 -6.93 94.04 -43.20
N VAL GC 257 -8.06 93.66 -42.61
CA VAL GC 257 -9.21 93.23 -43.38
C VAL GC 257 -10.28 94.31 -43.40
N ASN GC 258 -9.99 95.45 -42.82
CA ASN GC 258 -10.86 96.60 -42.94
C ASN GC 258 -10.55 97.18 -44.31
N SER GC 259 -11.50 97.05 -45.22
CA SER GC 259 -11.15 97.08 -46.62
C SER GC 259 -11.12 98.48 -47.17
N ALA GC 260 -11.66 99.45 -46.45
CA ALA GC 260 -11.75 100.80 -46.96
C ALA GC 260 -10.59 101.68 -46.51
N GLU GC 261 -9.59 101.11 -45.83
CA GLU GC 261 -8.49 101.88 -45.30
C GLU GC 261 -7.27 101.82 -46.18
N TRP GC 262 -7.40 101.33 -47.39
CA TRP GC 262 -6.23 101.02 -48.18
C TRP GC 262 -5.81 102.25 -48.97
N ARG GC 263 -4.65 102.15 -49.61
CA ARG GC 263 -4.08 103.29 -50.33
C ARG GC 263 -3.75 102.86 -51.75
N ALA GC 264 -4.62 103.18 -52.68
CA ALA GC 264 -4.39 102.95 -54.10
C ALA GC 264 -3.44 104.01 -54.58
N ALA GC 265 -2.19 103.62 -54.79
CA ALA GC 265 -1.22 104.63 -55.21
C ALA GC 265 -0.91 104.49 -56.69
N VAL GC 266 -1.60 105.28 -57.49
CA VAL GC 266 -1.37 105.33 -58.91
C VAL GC 266 -0.15 106.23 -59.20
N ALA GC 267 0.55 105.94 -60.29
CA ALA GC 267 1.72 106.72 -60.65
C ALA GC 267 1.52 107.27 -62.06
N LYS GC 268 2.58 107.86 -62.60
CA LYS GC 268 2.46 108.55 -63.88
C LYS GC 268 3.65 108.30 -64.78
N PHE HC 25 49.71 99.17 -73.61
CA PHE HC 25 48.46 98.44 -73.77
C PHE HC 25 47.76 98.25 -72.43
N LYS HC 26 46.44 98.42 -72.43
CA LYS HC 26 45.66 98.21 -71.24
C LYS HC 26 44.99 96.85 -71.27
N LYS HC 27 44.10 96.64 -70.32
CA LYS HC 27 43.42 95.39 -70.11
C LYS HC 27 41.95 95.63 -69.90
N PRO HC 28 41.10 94.62 -70.06
CA PRO HC 28 39.75 94.68 -69.51
C PRO HC 28 39.78 94.55 -68.01
N PRO HC 29 38.70 94.96 -67.31
CA PRO HC 29 38.62 94.72 -65.87
C PRO HC 29 38.54 93.25 -65.48
N ILE HC 30 38.85 92.99 -64.22
CA ILE HC 30 39.28 91.65 -63.82
C ILE HC 30 38.08 90.73 -63.63
N ASN HC 31 37.21 91.06 -62.70
CA ASN HC 31 35.87 90.47 -62.69
C ASN HC 31 34.89 91.44 -63.34
N ASN HC 32 35.14 91.67 -64.62
CA ASN HC 32 34.28 92.45 -65.47
C ASN HC 32 33.01 91.67 -65.74
N PRO HC 33 31.89 92.34 -65.93
CA PRO HC 33 30.76 91.71 -66.62
C PRO HC 33 31.10 91.57 -68.09
N SER HC 34 31.75 90.47 -68.45
CA SER HC 34 32.26 90.23 -69.79
C SER HC 34 31.62 89.00 -70.38
N ASP HC 35 30.38 88.74 -69.99
CA ASP HC 35 29.76 87.45 -70.16
C ASP HC 35 28.26 87.67 -70.11
N ASP HC 36 27.52 86.93 -70.94
CA ASP HC 36 26.17 87.34 -71.32
C ASP HC 36 25.14 87.11 -70.23
N ALA HC 37 25.42 86.28 -69.25
CA ALA HC 37 24.57 86.18 -68.09
C ALA HC 37 24.97 87.14 -66.99
N THR HC 38 26.27 87.37 -66.84
CA THR HC 38 26.72 88.24 -65.77
C THR HC 38 26.52 89.71 -66.08
N ILE HC 39 26.32 90.08 -67.36
CA ILE HC 39 25.95 91.46 -67.67
C ILE HC 39 24.51 91.73 -67.23
N LYS HC 40 23.65 90.72 -67.30
CA LYS HC 40 22.29 90.89 -66.83
C LYS HC 40 22.21 90.82 -65.32
N LEU HC 41 23.10 90.03 -64.70
CA LEU HC 41 23.15 89.95 -63.25
C LEU HC 41 23.69 91.24 -62.63
N ALA HC 42 24.76 91.81 -63.20
CA ALA HC 42 25.27 93.04 -62.64
C ALA HC 42 24.49 94.27 -63.07
N GLU HC 43 23.77 94.19 -64.19
CA GLU HC 43 22.84 95.25 -64.57
C GLU HC 43 21.63 95.28 -63.67
N ALA HC 44 21.17 94.08 -63.27
CA ALA HC 44 20.14 93.97 -62.25
C ALA HC 44 20.64 94.46 -60.90
N ALA HC 45 21.93 94.27 -60.61
CA ALA HC 45 22.54 94.73 -59.36
C ALA HC 45 22.60 96.23 -59.25
N VAL HC 46 23.00 96.92 -60.33
CA VAL HC 46 23.07 98.38 -60.27
C VAL HC 46 21.66 98.99 -60.31
N SER HC 47 20.71 98.30 -60.96
CA SER HC 47 19.30 98.71 -60.95
C SER HC 47 18.64 98.55 -59.59
N VAL HC 48 18.95 97.46 -58.87
CA VAL HC 48 18.31 97.25 -57.60
C VAL HC 48 19.02 98.09 -56.52
N SER HC 49 20.27 98.50 -56.78
CA SER HC 49 20.95 99.42 -55.87
C SER HC 49 20.39 100.83 -55.98
N ASP HC 50 20.07 101.27 -57.22
CA ASP HC 50 19.53 102.62 -57.35
C ASP HC 50 18.08 102.70 -56.91
N SER HC 51 17.29 101.65 -57.16
CA SER HC 51 15.93 101.62 -56.65
C SER HC 51 15.87 101.38 -55.15
N MET HC 52 16.88 100.72 -54.58
CA MET HC 52 16.98 100.57 -53.12
C MET HC 52 17.33 101.89 -52.46
N LEU HC 53 18.23 102.66 -53.07
CA LEU HC 53 18.54 103.95 -52.49
C LEU HC 53 17.46 104.99 -52.75
N GLU HC 54 16.61 104.80 -53.78
CA GLU HC 54 15.44 105.64 -53.89
C GLU HC 54 14.36 105.29 -52.89
N MET HC 55 14.28 104.02 -52.48
CA MET HC 55 13.44 103.65 -51.34
C MET HC 55 13.98 104.23 -50.04
N ALA HC 56 15.31 104.30 -49.93
CA ALA HC 56 15.95 104.96 -48.81
C ALA HC 56 15.74 106.47 -48.84
N LYS HC 57 15.62 107.04 -50.04
CA LYS HC 57 15.34 108.46 -50.19
C LYS HC 57 13.94 108.82 -49.77
N VAL HC 58 12.97 107.97 -50.07
CA VAL HC 58 11.61 108.33 -49.68
C VAL HC 58 11.38 107.98 -48.20
N GLU HC 59 11.95 106.90 -47.66
CA GLU HC 59 11.72 106.62 -46.24
C GLU HC 59 12.66 107.36 -45.30
N LYS HC 60 13.67 108.05 -45.81
CA LYS HC 60 14.58 108.78 -44.93
C LYS HC 60 13.92 110.07 -44.47
N VAL HC 61 13.54 110.11 -43.20
CA VAL HC 61 13.17 111.37 -42.58
C VAL HC 61 14.43 112.14 -42.24
N ILE HC 62 14.50 113.38 -42.69
CA ILE HC 62 15.59 114.26 -42.29
C ILE HC 62 14.99 115.42 -41.53
N THR HC 63 15.83 116.10 -40.78
CA THR HC 63 15.46 117.35 -40.15
C THR HC 63 16.29 118.46 -40.75
N PRO HC 64 15.73 119.66 -40.94
CA PRO HC 64 16.53 120.79 -41.36
C PRO HC 64 17.42 121.27 -40.23
N PRO HC 65 18.62 121.78 -40.51
CA PRO HC 65 19.51 122.25 -39.43
C PRO HC 65 19.13 123.60 -38.87
N SER HC 66 18.20 124.31 -39.49
CA SER HC 66 17.61 125.47 -38.85
C SER HC 66 16.66 125.06 -37.74
N LYS HC 67 16.05 123.88 -37.84
CA LYS HC 67 15.09 123.39 -36.87
C LYS HC 67 15.48 122.01 -36.39
N ASP HC 68 16.75 121.83 -36.03
CA ASP HC 68 17.24 120.51 -35.67
C ASP HC 68 17.12 120.21 -34.18
N ASN HC 69 17.08 121.28 -33.36
CA ASN HC 69 16.71 121.40 -31.94
C ASN HC 69 17.87 120.92 -31.03
N THR HC 70 18.97 120.44 -31.61
CA THR HC 70 20.15 120.04 -30.87
C THR HC 70 20.94 121.25 -30.41
N LEU HC 71 21.82 121.02 -29.44
CA LEU HC 71 22.61 122.08 -28.85
C LEU HC 71 23.75 122.49 -29.76
N THR HC 72 23.85 123.78 -30.02
CA THR HC 72 24.98 124.30 -30.76
C THR HC 72 26.19 124.43 -29.83
N ILE HC 73 27.37 124.49 -30.43
CA ILE HC 73 28.62 124.64 -29.69
C ILE HC 73 28.74 126.08 -29.18
N PRO HC 74 28.83 126.30 -27.87
CA PRO HC 74 28.73 127.65 -27.33
C PRO HC 74 30.02 128.46 -27.35
N ASN HC 75 31.11 127.91 -27.90
CA ASN HC 75 32.37 128.53 -28.32
C ASN HC 75 33.14 129.30 -27.23
N ALA HC 76 32.85 129.06 -25.95
CA ALA HC 76 33.58 129.72 -24.87
C ALA HC 76 34.94 129.07 -24.67
N TYR HC 77 35.92 129.89 -24.25
CA TYR HC 77 37.30 129.43 -24.11
C TYR HC 77 37.48 128.52 -22.90
N ASN HC 78 36.61 128.66 -21.91
CA ASN HC 78 36.46 127.63 -20.89
C ASN HC 78 35.93 126.33 -21.47
N LEU HC 79 35.03 126.42 -22.46
CA LEU HC 79 34.47 125.21 -23.02
C LEU HC 79 35.30 124.60 -24.14
N GLN HC 80 36.41 125.24 -24.53
CA GLN HC 80 37.28 124.67 -25.55
C GLN HC 80 38.43 123.89 -24.98
N ALA HC 81 38.26 123.25 -23.83
CA ALA HC 81 39.30 122.41 -23.27
C ALA HC 81 39.06 120.96 -23.65
N ARG HC 82 40.08 120.31 -24.19
CA ARG HC 82 39.98 118.91 -24.58
C ARG HC 82 40.01 118.04 -23.34
N ALA HC 83 38.85 117.52 -22.98
CA ALA HC 83 38.68 116.76 -21.76
C ALA HC 83 38.68 115.28 -22.09
N SER HC 84 38.54 114.46 -21.05
CA SER HC 84 38.48 113.01 -21.21
C SER HC 84 37.53 112.47 -20.17
N VAL HC 85 36.57 111.65 -20.61
CA VAL HC 85 35.56 111.12 -19.70
C VAL HC 85 35.06 109.77 -20.24
N ASP HC 86 35.10 108.75 -19.40
CA ASP HC 86 34.30 107.55 -19.59
C ASP HC 86 33.35 107.45 -18.41
N TRP HC 87 32.05 107.51 -18.70
CA TRP HC 87 31.04 107.45 -17.67
C TRP HC 87 29.71 107.01 -18.25
N SER HC 88 28.99 106.22 -17.49
CA SER HC 88 27.62 105.88 -17.84
C SER HC 88 26.75 106.01 -16.60
N GLY HC 89 25.75 106.88 -16.66
CA GLY HC 89 24.83 107.05 -15.56
C GLY HC 89 23.94 108.25 -15.76
N PRO HC 90 23.33 108.74 -14.68
CA PRO HC 90 22.34 109.81 -14.81
C PRO HC 90 22.97 111.17 -15.00
N ILE HC 91 22.26 112.03 -15.73
CA ILE HC 91 22.80 113.12 -16.53
C ILE HC 91 23.44 114.22 -15.69
N GLU HC 92 22.81 114.57 -14.57
CA GLU HC 92 23.05 115.75 -13.77
C GLU HC 92 24.39 115.75 -13.08
N GLU HC 93 24.92 114.58 -12.77
CA GLU HC 93 26.21 114.52 -12.11
C GLU HC 93 27.36 114.71 -13.07
N LEU HC 94 27.26 114.14 -14.29
CA LEU HC 94 28.25 114.39 -15.32
C LEU HC 94 28.22 115.84 -15.76
N THR HC 95 27.02 116.39 -16.01
CA THR HC 95 26.99 117.74 -16.54
C THR HC 95 27.26 118.79 -15.46
N ALA HC 96 27.04 118.44 -14.19
CA ALA HC 96 27.50 119.24 -13.07
C ALA HC 96 29.02 119.24 -12.97
N ARG HC 97 29.66 118.08 -13.18
CA ARG HC 97 31.10 118.12 -13.01
C ARG HC 97 31.84 118.57 -14.26
N ILE HC 98 31.25 118.53 -15.45
CA ILE HC 98 31.92 119.24 -16.54
C ILE HC 98 31.66 120.73 -16.45
N ALA HC 99 30.54 121.14 -15.82
CA ALA HC 99 30.29 122.56 -15.55
C ALA HC 99 31.31 123.13 -14.60
N LYS HC 100 31.63 122.41 -13.53
CA LYS HC 100 32.70 122.92 -12.67
C LYS HC 100 34.08 122.55 -13.20
N ALA HC 101 34.19 121.67 -14.20
CA ALA HC 101 35.46 121.52 -14.88
C ALA HC 101 35.73 122.68 -15.82
N ALA HC 102 34.68 123.30 -16.35
CA ALA HC 102 34.85 124.52 -17.11
C ALA HC 102 34.64 125.77 -16.27
N HIS HC 103 34.48 125.59 -14.94
CA HIS HC 103 34.24 126.64 -13.93
C HIS HC 103 32.97 127.43 -14.22
N PHE HC 104 31.95 126.73 -14.70
CA PHE HC 104 30.66 127.33 -14.97
C PHE HC 104 29.77 126.98 -13.80
N ARG HC 105 28.75 127.80 -13.59
CA ARG HC 105 27.76 127.40 -12.61
C ARG HC 105 26.83 126.38 -13.24
N PHE HC 106 26.12 125.67 -12.37
CA PHE HC 106 25.26 124.58 -12.81
C PHE HC 106 23.90 124.76 -12.19
N ARG HC 107 22.93 125.17 -12.99
CA ARG HC 107 21.55 125.22 -12.53
C ARG HC 107 20.81 124.02 -13.08
N VAL HC 108 19.90 123.49 -12.28
CA VAL HC 108 18.94 122.50 -12.74
C VAL HC 108 17.55 123.12 -12.60
N LEU HC 109 16.86 123.27 -13.72
CA LEU HC 109 15.48 123.70 -13.75
C LEU HC 109 14.64 122.51 -14.17
N GLY HC 110 13.64 122.19 -13.37
CA GLY HC 110 12.90 120.96 -13.52
C GLY HC 110 13.24 119.98 -12.41
N LYS HC 111 12.55 118.86 -12.42
CA LYS HC 111 12.72 117.84 -11.40
C LYS HC 111 13.18 116.55 -12.05
N SER HC 112 14.01 115.81 -11.36
CA SER HC 112 14.49 114.56 -11.92
C SER HC 112 13.45 113.47 -11.71
N PRO HC 113 13.13 112.66 -12.72
CA PRO HC 113 12.19 111.56 -12.53
C PRO HC 113 12.81 110.41 -11.75
N SER HC 114 11.93 109.50 -11.35
CA SER HC 114 12.27 108.33 -10.54
C SER HC 114 13.15 107.35 -11.27
N VAL HC 115 12.78 106.93 -12.46
CA VAL HC 115 13.76 106.36 -13.38
C VAL HC 115 14.60 107.53 -13.88
N PRO HC 116 15.91 107.51 -13.68
CA PRO HC 116 16.73 108.63 -14.14
C PRO HC 116 17.05 108.50 -15.62
N VAL HC 117 17.12 109.65 -16.27
CA VAL HC 117 17.55 109.66 -17.65
C VAL HC 117 19.07 109.52 -17.69
N LEU HC 118 19.54 108.54 -18.44
CA LEU HC 118 20.91 108.06 -18.36
C LEU HC 118 21.66 108.37 -19.65
N ILE HC 119 22.95 108.70 -19.51
CA ILE HC 119 23.84 109.05 -20.63
C ILE HC 119 24.96 108.04 -20.58
N SER HC 120 25.66 107.82 -21.69
CA SER HC 120 26.97 107.18 -21.67
C SER HC 120 27.88 107.99 -22.57
N ILE HC 121 28.97 108.51 -22.01
CA ILE HC 121 30.00 109.19 -22.76
C ILE HC 121 31.26 108.39 -22.59
N SER HC 122 31.96 108.11 -23.67
CA SER HC 122 33.26 107.49 -23.59
C SER HC 122 34.14 108.12 -24.65
N THR HC 123 34.97 109.06 -24.25
CA THR HC 123 35.98 109.62 -25.13
C THR HC 123 37.25 109.93 -24.37
N LYS HC 124 38.37 109.64 -25.02
CA LYS HC 124 39.67 109.84 -24.43
C LYS HC 124 40.26 111.21 -24.70
N ASP HC 125 39.80 111.92 -25.74
CA ASP HC 125 40.12 113.34 -25.94
C ASP HC 125 39.00 113.92 -26.78
N GLU HC 126 38.16 114.74 -26.16
CA GLU HC 126 37.18 115.53 -26.88
C GLU HC 126 36.90 116.78 -26.06
N SER HC 127 36.56 117.85 -26.76
CA SER HC 127 36.27 119.11 -26.09
C SER HC 127 34.91 119.04 -25.43
N LEU HC 128 34.79 119.72 -24.30
CA LEU HC 128 33.64 119.51 -23.45
C LEU HC 128 32.41 120.27 -23.90
N ALA HC 129 32.55 121.18 -24.86
CA ALA HC 129 31.39 121.63 -25.61
C ALA HC 129 30.82 120.55 -26.51
N GLU HC 130 31.67 119.68 -27.07
CA GLU HC 130 31.16 118.53 -27.80
C GLU HC 130 30.63 117.45 -26.88
N ILE HC 131 31.14 117.37 -25.65
CA ILE HC 131 30.56 116.48 -24.65
C ILE HC 131 29.20 117.03 -24.18
N LEU HC 132 29.05 118.36 -24.19
CA LEU HC 132 27.77 118.98 -23.91
C LEU HC 132 26.75 118.75 -25.01
N ARG HC 133 27.20 118.76 -26.26
CA ARG HC 133 26.34 118.43 -27.40
C ARG HC 133 25.92 116.97 -27.37
N ASP HC 134 26.83 116.08 -26.97
CA ASP HC 134 26.55 114.67 -26.84
C ASP HC 134 25.62 114.34 -25.68
N ILE HC 135 25.72 115.06 -24.57
CA ILE HC 135 24.83 114.79 -23.45
C ILE HC 135 23.46 115.42 -23.72
N ASP HC 136 23.40 116.49 -24.54
CA ASP HC 136 22.11 117.03 -24.96
C ASP HC 136 21.41 116.12 -25.94
N TYR HC 137 22.18 115.45 -26.80
CA TYR HC 137 21.60 114.51 -27.74
C TYR HC 137 21.12 113.24 -27.07
N GLN HC 138 21.91 112.71 -26.14
CA GLN HC 138 21.50 111.49 -25.48
C GLN HC 138 20.46 111.72 -24.41
N ALA HC 139 20.32 112.95 -23.92
CA ALA HC 139 19.11 113.33 -23.22
C ALA HC 139 17.93 113.29 -24.17
N GLY HC 140 18.01 114.05 -25.25
CA GLY HC 140 16.96 114.03 -26.24
C GLY HC 140 15.73 114.78 -25.80
N LYS HC 141 14.71 114.03 -25.42
CA LYS HC 141 13.42 114.64 -25.11
C LYS HC 141 13.12 114.67 -23.62
N LYS HC 142 13.83 113.86 -22.82
CA LYS HC 142 13.57 113.84 -21.39
C LYS HC 142 14.21 115.02 -20.70
N ALA HC 143 15.26 115.57 -21.29
CA ALA HC 143 15.91 116.76 -20.74
C ALA HC 143 16.49 117.55 -21.90
N SER HC 144 17.14 118.65 -21.54
CA SER HC 144 17.89 119.45 -22.49
C SER HC 144 18.95 120.21 -21.71
N ILE HC 145 19.88 120.79 -22.45
CA ILE HC 145 20.91 121.66 -21.87
C ILE HC 145 20.75 123.03 -22.49
N HIS HC 146 20.74 124.06 -21.67
CA HIS HC 146 21.02 125.40 -22.15
C HIS HC 146 22.37 125.84 -21.61
N VAL HC 147 23.10 126.61 -22.41
CA VAL HC 147 24.36 127.19 -21.99
C VAL HC 147 24.22 128.70 -22.08
N TYR HC 148 24.51 129.40 -21.00
CA TYR HC 148 24.56 130.85 -20.99
C TYR HC 148 25.99 131.25 -20.72
N PRO HC 149 26.81 131.49 -21.75
CA PRO HC 149 28.25 131.73 -21.52
C PRO HC 149 28.60 133.16 -21.16
N ASN HC 150 27.68 134.09 -21.34
CA ASN HC 150 27.91 135.46 -20.90
C ASN HC 150 27.84 135.55 -19.38
N SER HC 151 26.97 134.77 -18.76
CA SER HC 151 26.88 134.68 -17.32
C SER HC 151 27.60 133.47 -16.75
N GLN HC 152 28.13 132.61 -17.64
CA GLN HC 152 28.93 131.40 -17.36
C GLN HC 152 28.16 130.40 -16.49
N VAL HC 153 27.06 129.92 -17.04
CA VAL HC 153 26.19 128.99 -16.32
C VAL HC 153 25.54 128.04 -17.31
N VAL HC 154 25.67 126.74 -17.06
CA VAL HC 154 24.91 125.75 -17.82
C VAL HC 154 23.67 125.41 -17.01
N GLU HC 155 22.70 124.83 -17.71
CA GLU HC 155 21.41 124.61 -17.09
C GLU HC 155 20.82 123.34 -17.65
N LEU HC 156 20.58 122.39 -16.77
CA LEU HC 156 19.90 121.16 -17.12
C LEU HC 156 18.42 121.41 -16.98
N ARG HC 157 17.69 121.23 -18.07
CA ARG HC 157 16.28 121.53 -18.14
C ARG HC 157 15.50 120.24 -18.32
N TYR HC 158 14.58 119.97 -17.40
CA TYR HC 158 13.75 118.80 -17.55
C TYR HC 158 12.47 119.16 -18.30
N ALA HC 159 11.49 118.26 -18.25
CA ALA HC 159 10.17 118.55 -18.80
C ALA HC 159 9.06 117.93 -17.96
N ILE IC 272 9.31 88.69 -18.47
CA ILE IC 272 10.55 89.46 -18.45
C ILE IC 272 11.70 88.60 -18.97
N PRO IC 273 12.40 89.08 -20.00
CA PRO IC 273 13.53 88.34 -20.54
C PRO IC 273 14.74 88.45 -19.63
N PRO IC 274 15.70 87.54 -19.75
CA PRO IC 274 16.97 87.72 -19.05
C PRO IC 274 17.80 88.83 -19.66
N SER IC 275 18.80 89.27 -18.88
CA SER IC 275 19.51 90.51 -19.18
C SER IC 275 20.53 90.31 -20.29
N ALA IC 276 21.45 89.38 -20.09
CA ALA IC 276 22.34 88.84 -21.10
C ALA IC 276 22.66 87.43 -20.64
N ASN IC 277 23.72 86.86 -21.15
CA ASN IC 277 24.40 85.84 -20.38
C ASN IC 277 25.48 86.53 -19.56
N ASP IC 278 25.69 86.04 -18.34
CA ASP IC 278 26.77 86.55 -17.51
C ASP IC 278 28.08 85.81 -17.73
N LEU IC 279 28.09 84.87 -18.68
CA LEU IC 279 29.30 84.25 -19.16
C LEU IC 279 30.04 85.15 -20.12
N LEU IC 280 29.34 86.14 -20.68
CA LEU IC 280 29.91 87.00 -21.70
C LEU IC 280 30.89 88.01 -21.14
N LEU IC 281 30.87 88.26 -19.84
CA LEU IC 281 31.94 89.05 -19.27
C LEU IC 281 33.22 88.24 -19.12
N HIS IC 282 33.09 86.92 -18.96
CA HIS IC 282 34.27 86.08 -19.01
C HIS IC 282 34.79 85.95 -20.42
N VAL IC 283 33.88 85.83 -21.38
CA VAL IC 283 34.38 85.68 -22.76
C VAL IC 283 34.53 87.03 -23.45
N LEU IC 284 34.33 88.12 -22.72
CA LEU IC 284 34.83 89.41 -23.15
C LEU IC 284 36.29 89.58 -22.83
N GLU IC 285 36.81 88.82 -21.88
CA GLU IC 285 38.23 88.59 -21.79
C GLU IC 285 38.53 87.34 -22.59
N GLY IC 286 39.75 86.85 -22.54
CA GLY IC 286 39.98 85.60 -23.22
C GLY IC 286 39.72 84.38 -22.38
N VAL IC 287 39.26 84.54 -21.15
CA VAL IC 287 39.13 83.40 -20.25
C VAL IC 287 37.89 82.60 -20.63
N PRO IC 288 38.00 81.28 -20.81
CA PRO IC 288 36.87 80.46 -21.21
C PRO IC 288 35.87 80.31 -20.09
N PRO IC 289 34.65 79.86 -20.39
CA PRO IC 289 33.70 79.52 -19.33
C PRO IC 289 34.13 78.26 -18.59
N PRO IC 290 33.68 78.08 -17.34
CA PRO IC 290 34.00 76.85 -16.62
C PRO IC 290 33.27 75.64 -17.20
N GLY IC 291 34.04 74.62 -17.54
CA GLY IC 291 33.50 73.46 -18.21
C GLY IC 291 33.17 73.76 -19.65
N SER IC 292 34.19 74.03 -20.45
CA SER IC 292 33.98 74.30 -21.86
C SER IC 292 34.73 73.30 -22.70
N ARG IC 293 34.73 73.55 -23.99
CA ARG IC 293 35.62 72.95 -24.95
C ARG IC 293 36.05 74.07 -25.86
N ARG IC 294 37.35 74.17 -26.13
CA ARG IC 294 37.85 75.17 -27.04
C ARG IC 294 37.47 74.82 -28.47
N LEU IC 295 37.34 75.85 -29.29
CA LEU IC 295 37.09 75.68 -30.70
C LEU IC 295 38.24 76.29 -31.47
N VAL IC 296 38.50 75.76 -32.64
CA VAL IC 296 39.67 76.14 -33.41
C VAL IC 296 39.25 77.12 -34.49
N VAL IC 297 39.35 78.40 -34.20
CA VAL IC 297 38.97 79.45 -35.15
C VAL IC 297 40.09 79.58 -36.16
N SER IC 298 39.74 79.68 -37.44
CA SER IC 298 40.72 79.79 -38.50
C SER IC 298 40.40 80.98 -39.39
N GLY IC 299 41.41 81.79 -39.66
CA GLY IC 299 41.26 82.85 -40.63
C GLY IC 299 40.77 84.16 -40.07
N GLY IC 300 41.07 84.47 -38.83
CA GLY IC 300 40.68 85.73 -38.25
C GLY IC 300 41.01 85.71 -36.78
N ASP IC 301 41.07 86.89 -36.19
CA ASP IC 301 41.44 86.98 -34.78
C ASP IC 301 40.19 86.90 -33.94
N ALA IC 302 39.65 85.70 -33.82
CA ALA IC 302 38.58 85.43 -32.88
C ALA IC 302 38.94 84.18 -32.13
N ARG IC 303 38.41 84.04 -30.93
CA ARG IC 303 38.50 82.81 -30.18
C ARG IC 303 37.09 82.32 -29.90
N ALA IC 304 36.93 81.04 -29.68
CA ALA IC 304 35.59 80.51 -29.49
C ALA IC 304 35.61 79.34 -28.53
N TRP IC 305 34.62 79.28 -27.67
CA TRP IC 305 34.45 78.14 -26.79
C TRP IC 305 33.04 77.61 -26.93
N LEU IC 306 32.87 76.34 -26.61
CA LEU IC 306 31.58 75.68 -26.74
C LEU IC 306 31.19 75.17 -25.37
N SER IC 307 30.21 75.82 -24.74
CA SER IC 307 29.96 75.54 -23.33
C SER IC 307 28.88 74.49 -23.12
N ASN IC 308 27.65 74.80 -23.52
CA ASN IC 308 26.56 73.82 -23.44
C ASN IC 308 25.59 74.16 -24.58
N GLU IC 309 25.86 73.54 -25.73
CA GLU IC 309 25.18 73.73 -27.03
C GLU IC 309 25.17 75.19 -27.50
N LYS IC 310 26.21 75.95 -27.15
CA LYS IC 310 26.27 77.38 -27.36
C LYS IC 310 27.73 77.69 -27.56
N MET IC 311 28.05 78.48 -28.57
CA MET IC 311 29.42 78.92 -28.72
C MET IC 311 29.52 80.40 -28.37
N TYR IC 312 30.72 80.77 -27.98
CA TYR IC 312 31.04 82.11 -27.52
C TYR IC 312 32.28 82.52 -28.28
N VAL IC 313 32.18 83.57 -29.08
CA VAL IC 313 33.35 84.07 -29.77
C VAL IC 313 33.76 85.39 -29.14
N ARG IC 314 35.07 85.64 -29.15
CA ARG IC 314 35.69 86.81 -28.59
C ARG IC 314 36.54 87.40 -29.69
N THR IC 315 36.24 88.62 -30.08
CA THR IC 315 36.77 89.11 -31.33
C THR IC 315 36.84 90.62 -31.27
N ASN IC 316 37.29 91.21 -32.36
CA ASN IC 316 36.98 92.60 -32.65
C ASN IC 316 36.57 92.76 -34.10
N LEU IC 317 36.22 91.67 -34.77
CA LEU IC 317 35.54 91.74 -36.05
C LEU IC 317 34.06 91.95 -35.83
N THR IC 318 33.33 92.11 -36.92
CA THR IC 318 31.88 92.18 -36.79
C THR IC 318 31.26 90.90 -37.33
N ILE IC 319 30.36 90.30 -36.56
CA ILE IC 319 29.73 89.05 -36.93
C ILE IC 319 28.54 89.36 -37.82
N LEU IC 320 28.49 88.73 -38.99
CA LEU IC 320 27.50 89.05 -40.00
C LEU IC 320 26.51 87.93 -40.29
N SER IC 321 26.96 86.70 -40.64
CA SER IC 321 25.90 85.73 -41.01
C SER IC 321 25.15 85.07 -39.87
N PRO IC 322 25.76 84.27 -38.97
CA PRO IC 322 25.01 83.11 -38.47
C PRO IC 322 24.07 83.37 -37.31
N GLY IC 323 23.89 84.63 -36.89
CA GLY IC 323 22.91 84.94 -35.88
C GLY IC 323 23.50 84.78 -34.50
N TRP IC 324 23.60 85.86 -33.74
CA TRP IC 324 24.04 85.71 -32.36
C TRP IC 324 22.91 86.00 -31.42
N LEU IC 325 22.92 85.32 -30.29
CA LEU IC 325 21.84 85.47 -29.33
C LEU IC 325 22.11 86.55 -28.32
N ALA IC 326 23.39 86.80 -28.01
CA ALA IC 326 23.70 87.83 -27.03
C ALA IC 326 25.06 88.42 -27.35
N SER IC 327 25.26 89.66 -26.93
CA SER IC 327 26.54 90.31 -27.22
C SER IC 327 26.90 91.32 -26.16
N MET IC 328 28.20 91.40 -25.91
CA MET IC 328 28.82 92.41 -25.08
C MET IC 328 30.00 93.01 -25.82
N THR IC 329 30.51 94.12 -25.31
CA THR IC 329 31.62 94.80 -25.93
C THR IC 329 32.43 95.49 -24.84
N SER IC 330 33.72 95.25 -24.79
CA SER IC 330 34.59 95.89 -23.83
C SER IC 330 35.01 97.29 -24.24
N ALA IC 331 36.02 97.82 -23.56
CA ALA IC 331 36.42 99.21 -23.76
C ALA IC 331 37.18 99.41 -25.05
N ASP IC 332 37.90 98.40 -25.51
CA ASP IC 332 38.79 98.54 -26.66
C ASP IC 332 38.17 98.02 -27.94
N GLY IC 333 36.86 97.91 -28.00
CA GLY IC 333 36.20 97.38 -29.18
C GLY IC 333 36.24 95.88 -29.33
N THR IC 334 36.70 95.16 -28.31
CA THR IC 334 36.51 93.72 -28.25
C THR IC 334 35.03 93.46 -28.06
N HIS IC 335 34.48 92.56 -28.85
CA HIS IC 335 33.14 92.07 -28.56
C HIS IC 335 33.20 90.63 -28.13
N ALA IC 336 32.07 90.17 -27.61
CA ALA IC 336 31.85 88.79 -27.24
C ALA IC 336 30.45 88.44 -27.65
N TYR IC 337 30.30 87.33 -28.35
CA TYR IC 337 29.01 86.92 -28.87
C TYR IC 337 28.68 85.52 -28.38
N GLU IC 338 27.43 85.36 -27.95
CA GLU IC 338 26.85 84.06 -27.64
C GLU IC 338 25.92 83.71 -28.78
N MET IC 339 26.15 82.55 -29.40
CA MET IC 339 25.37 82.14 -30.55
C MET IC 339 25.21 80.63 -30.55
N GLN IC 340 24.43 80.14 -31.50
CA GLN IC 340 24.36 78.72 -31.74
C GLN IC 340 25.59 78.26 -32.49
N LYS IC 341 25.83 76.95 -32.47
CA LYS IC 341 27.06 76.36 -33.01
C LYS IC 341 26.95 76.30 -34.52
N SER IC 342 27.54 77.29 -35.18
CA SER IC 342 27.67 77.26 -36.63
C SER IC 342 29.12 76.97 -36.98
N PRO IC 343 29.41 76.20 -38.03
CA PRO IC 343 30.80 75.89 -38.36
C PRO IC 343 31.50 77.01 -39.10
N VAL IC 344 30.76 77.94 -39.68
CA VAL IC 344 31.35 79.07 -40.35
C VAL IC 344 30.90 80.32 -39.61
N LEU IC 345 31.68 81.36 -39.75
CA LEU IC 345 31.33 82.67 -39.26
C LEU IC 345 31.61 83.64 -40.38
N LEU IC 346 30.71 84.57 -40.63
CA LEU IC 346 30.99 85.63 -41.57
C LEU IC 346 31.36 86.84 -40.76
N VAL IC 347 32.43 87.50 -41.14
CA VAL IC 347 32.87 88.69 -40.42
C VAL IC 347 33.01 89.82 -41.41
N SER IC 348 32.90 91.02 -40.89
CA SER IC 348 33.43 92.20 -41.53
C SER IC 348 34.74 92.49 -40.84
N TRP IC 349 35.81 92.56 -41.64
CA TRP IC 349 37.12 92.93 -41.11
C TRP IC 349 37.24 94.43 -41.07
N HIS IC 350 37.34 95.06 -42.24
CA HIS IC 350 37.32 96.51 -42.34
C HIS IC 350 36.51 96.89 -43.56
N GLY IC 351 35.31 96.37 -43.66
CA GLY IC 351 34.54 96.49 -44.85
C GLY IC 351 34.66 95.29 -45.77
N LYS IC 352 35.63 94.43 -45.52
CA LYS IC 352 35.75 93.20 -46.26
C LYS IC 352 34.91 92.12 -45.60
N VAL IC 353 34.08 91.47 -46.39
CA VAL IC 353 33.40 90.25 -46.00
C VAL IC 353 34.40 89.13 -46.01
N MET IC 354 34.58 88.47 -44.87
CA MET IC 354 35.45 87.32 -44.78
C MET IC 354 34.72 86.20 -44.07
N GLN IC 355 35.30 85.01 -44.08
CA GLN IC 355 34.75 83.88 -43.36
C GLN IC 355 35.77 83.34 -42.37
N LEU IC 356 35.28 82.51 -41.46
CA LEU IC 356 36.02 81.98 -40.34
C LEU IC 356 35.56 80.55 -40.08
N LYS IC 357 36.42 79.57 -40.23
CA LYS IC 357 36.05 78.20 -39.91
C LYS IC 357 36.29 77.94 -38.45
N VAL IC 358 35.36 77.23 -37.81
CA VAL IC 358 35.61 76.64 -36.51
C VAL IC 358 35.38 75.15 -36.61
N GLU IC 359 35.85 74.41 -35.61
CA GLU IC 359 35.81 72.95 -35.63
C GLU IC 359 35.26 72.42 -34.33
N GLY IC 360 34.04 71.90 -34.37
CA GLY IC 360 33.33 71.46 -33.20
C GLY IC 360 31.92 72.01 -33.24
N LEU JC 41 42.36 73.10 -46.07
CA LEU JC 41 43.45 73.80 -45.40
C LEU JC 41 43.34 75.31 -45.60
N PRO JC 42 43.82 76.08 -44.63
CA PRO JC 42 44.02 77.52 -44.89
C PRO JC 42 45.23 77.75 -45.77
N CYS JC 43 45.32 78.97 -46.29
CA CYS JC 43 46.33 79.32 -47.27
C CYS JC 43 47.56 79.92 -46.59
N ARG JC 44 48.74 79.60 -47.12
CA ARG JC 44 49.98 80.17 -46.62
C ARG JC 44 50.15 81.60 -47.11
N VAL JC 45 50.25 81.78 -48.42
CA VAL JC 45 50.36 83.11 -49.01
C VAL JC 45 49.03 83.48 -49.63
N ASP JC 46 48.78 84.78 -49.76
CA ASP JC 46 47.55 85.30 -50.35
C ASP JC 46 47.73 85.64 -51.83
N GLY JC 47 48.28 84.71 -52.61
CA GLY JC 47 48.62 85.01 -53.99
C GLY JC 47 49.75 86.01 -54.17
N ALA JC 48 50.72 86.01 -53.26
CA ALA JC 48 51.72 87.07 -53.21
C ALA JC 48 52.98 86.56 -52.58
N CYS JC 49 54.12 86.93 -53.14
CA CYS JC 49 55.39 86.50 -52.60
C CYS JC 49 56.26 87.70 -52.25
N ASP JC 50 57.07 87.52 -51.21
CA ASP JC 50 57.98 88.56 -50.73
C ASP JC 50 59.08 88.84 -51.73
N ALA JC 51 59.50 87.79 -52.46
CA ALA JC 51 60.44 87.92 -53.56
C ALA JC 51 59.84 88.71 -54.72
N THR JC 52 58.54 88.59 -54.92
CA THR JC 52 57.91 89.34 -55.99
C THR JC 52 57.71 90.80 -55.63
N ILE JC 53 57.52 91.16 -54.35
CA ILE JC 53 57.39 92.59 -54.07
C ILE JC 53 58.74 93.27 -53.97
N ILE JC 54 59.81 92.52 -53.62
CA ILE JC 54 61.11 93.19 -53.71
C ILE JC 54 61.56 93.29 -55.17
N LYS JC 55 61.12 92.35 -56.02
CA LYS JC 55 61.38 92.43 -57.44
C LYS JC 55 60.63 93.59 -58.08
N MET JC 56 59.36 93.78 -57.71
CA MET JC 56 58.59 94.88 -58.29
C MET JC 56 58.99 96.23 -57.71
N MET JC 57 59.51 96.24 -56.47
CA MET JC 57 60.03 97.47 -55.89
C MET JC 57 61.34 97.87 -56.55
N THR JC 58 62.25 96.91 -56.78
CA THR JC 58 63.51 97.28 -57.40
C THR JC 58 63.39 97.51 -58.91
N ASP JC 59 62.39 96.92 -59.58
CA ASP JC 59 62.24 97.25 -60.99
C ASP JC 59 61.44 98.51 -61.21
N LEU JC 60 60.57 98.89 -60.28
CA LEU JC 60 59.93 100.20 -60.39
C LEU JC 60 60.88 101.32 -60.02
N ASN JC 61 61.77 101.09 -59.06
CA ASN JC 61 62.81 102.07 -58.76
C ASN JC 61 63.89 102.11 -59.84
N LYS JC 62 64.07 101.02 -60.59
CA LYS JC 62 64.91 101.06 -61.77
C LYS JC 62 64.25 101.86 -62.88
N LYS JC 63 62.93 101.72 -63.04
CA LYS JC 63 62.21 102.49 -64.05
C LYS JC 63 61.95 103.93 -63.66
N GLY JC 64 62.25 104.34 -62.45
CA GLY JC 64 62.10 105.73 -62.07
C GLY JC 64 60.87 106.00 -61.26
N ILE JC 65 60.03 105.00 -61.06
CA ILE JC 65 58.90 105.10 -60.15
C ILE JC 65 59.47 105.00 -58.75
N LYS JC 66 59.41 106.08 -57.99
CA LYS JC 66 60.03 106.04 -56.68
C LYS JC 66 59.10 105.36 -55.70
N VAL JC 67 59.52 104.19 -55.24
CA VAL JC 67 58.75 103.39 -54.30
C VAL JC 67 59.50 103.42 -52.99
N ALA JC 68 59.00 104.19 -52.05
CA ALA JC 68 59.56 104.23 -50.71
C ALA JC 68 58.59 103.56 -49.76
N SER JC 69 59.14 103.03 -48.67
CA SER JC 69 58.32 102.29 -47.72
C SER JC 69 58.82 102.61 -46.33
N VAL JC 70 58.08 103.42 -45.60
CA VAL JC 70 58.45 103.75 -44.23
C VAL JC 70 57.54 102.98 -43.29
N GLY JC 71 58.02 101.83 -42.83
CA GLY JC 71 57.30 101.04 -41.86
C GLY JC 71 56.20 100.22 -42.50
N GLN JC 72 54.96 100.61 -42.26
CA GLN JC 72 53.85 100.03 -42.97
C GLN JC 72 53.25 100.99 -43.96
N ASN JC 73 53.68 102.24 -43.97
CA ASN JC 73 53.24 103.16 -44.99
C ASN JC 73 54.09 103.00 -46.23
N TYR JC 74 53.43 103.02 -47.37
CA TYR JC 74 54.07 102.82 -48.65
C TYR JC 74 53.66 103.97 -49.54
N LEU JC 75 54.64 104.47 -50.29
CA LEU JC 75 54.37 105.51 -51.28
C LEU JC 75 55.07 105.11 -52.55
N ILE JC 76 54.29 104.84 -53.59
CA ILE JC 76 54.84 104.72 -54.92
C ILE JC 76 54.51 106.01 -55.63
N SER JC 77 55.37 106.38 -56.56
CA SER JC 77 55.42 107.75 -57.04
C SER JC 77 55.81 107.79 -58.50
N ILE JC 78 54.88 108.22 -59.34
CA ILE JC 78 55.07 108.26 -60.77
C ILE JC 78 55.14 109.73 -61.19
N PRO JC 79 56.14 110.14 -61.96
CA PRO JC 79 56.13 111.49 -62.52
C PRO JC 79 55.09 111.59 -63.62
N ALA JC 80 54.63 112.83 -63.83
CA ALA JC 80 53.46 113.06 -64.68
C ALA JC 80 53.76 112.90 -66.16
N SER JC 81 55.03 113.00 -66.56
CA SER JC 81 55.38 112.71 -67.95
C SER JC 81 55.39 111.22 -68.23
N ALA JC 82 55.53 110.40 -67.20
CA ALA JC 82 55.50 108.96 -67.41
C ALA JC 82 54.11 108.41 -67.61
N LEU JC 83 53.07 109.16 -67.27
CA LEU JC 83 51.71 108.73 -67.50
C LEU JC 83 51.00 109.60 -68.53
N PHE JC 84 50.93 110.89 -68.28
CA PHE JC 84 50.04 111.76 -69.01
C PHE JC 84 50.82 112.48 -70.10
N ALA JC 85 50.09 113.12 -71.00
CA ALA JC 85 50.68 114.10 -71.88
C ALA JC 85 50.72 115.43 -71.14
N ASP JC 86 51.40 116.42 -71.72
CA ASP JC 86 51.81 117.63 -71.03
C ASP JC 86 50.64 118.58 -70.79
N GLN JC 87 50.40 118.88 -69.51
CA GLN JC 87 49.30 119.70 -68.96
C GLN JC 87 47.93 119.18 -69.37
N SER JC 88 47.80 117.86 -69.41
CA SER JC 88 46.70 117.19 -70.06
C SER JC 88 46.17 116.12 -69.14
N PRO JC 89 44.85 115.97 -69.04
CA PRO JC 89 44.28 114.85 -68.27
C PRO JC 89 43.99 113.63 -69.12
N ARG JC 90 45.00 113.14 -69.84
CA ARG JC 90 44.84 111.99 -70.71
C ARG JC 90 46.09 111.14 -70.65
N LEU JC 91 45.93 109.86 -70.34
CA LEU JC 91 47.06 108.95 -70.35
C LEU JC 91 47.49 108.62 -71.77
N ASN JC 92 48.76 108.27 -71.92
CA ASN JC 92 49.24 107.69 -73.14
C ASN JC 92 48.88 106.21 -73.17
N TRP JC 93 48.98 105.62 -74.35
CA TRP JC 93 48.69 104.20 -74.48
C TRP JC 93 49.83 103.34 -73.95
N ALA JC 94 51.04 103.86 -73.95
CA ALA JC 94 52.17 103.08 -73.46
C ALA JC 94 52.22 103.04 -71.95
N SER JC 95 51.60 104.02 -71.29
CA SER JC 95 51.63 104.12 -69.83
C SER JC 95 50.68 103.15 -69.14
N TYR JC 96 49.80 102.50 -69.88
CA TYR JC 96 48.92 101.49 -69.31
C TYR JC 96 49.67 100.22 -68.92
N SER JC 97 50.82 99.95 -69.54
CA SER JC 97 51.67 98.85 -69.10
C SER JC 97 52.34 99.17 -67.77
N LEU JC 98 52.67 100.44 -67.57
CA LEU JC 98 53.16 100.91 -66.28
C LEU JC 98 52.07 100.86 -65.22
N LEU JC 99 50.84 101.18 -65.61
CA LEU JC 99 49.73 101.04 -64.69
C LEU JC 99 49.36 99.59 -64.43
N ASN JC 100 49.66 98.70 -65.37
CA ASN JC 100 49.52 97.27 -65.15
C ASN JC 100 50.54 96.76 -64.15
N GLU JC 101 51.78 97.23 -64.23
CA GLU JC 101 52.74 96.71 -63.26
C GLU JC 101 52.63 97.38 -61.90
N ILE JC 102 52.09 98.62 -61.81
CA ILE JC 102 51.81 99.12 -60.46
C ILE JC 102 50.53 98.52 -59.92
N ALA JC 103 49.62 98.06 -60.78
CA ALA JC 103 48.47 97.33 -60.29
C ALA JC 103 48.86 95.93 -59.85
N ALA JC 104 49.87 95.36 -60.49
CA ALA JC 104 50.44 94.10 -60.02
C ALA JC 104 51.23 94.29 -58.74
N PHE JC 105 51.81 95.46 -58.53
CA PHE JC 105 52.47 95.70 -57.25
C PHE JC 105 51.46 95.95 -56.13
N LEU JC 106 50.37 96.63 -56.43
CA LEU JC 106 49.31 96.80 -55.45
C LEU JC 106 48.41 95.57 -55.29
N LYS JC 107 48.57 94.55 -56.12
CA LYS JC 107 47.81 93.33 -55.89
C LYS JC 107 48.44 92.39 -54.87
N GLN JC 108 49.58 92.75 -54.29
CA GLN JC 108 50.24 91.81 -53.41
C GLN JC 108 50.05 92.11 -51.94
N PHE JC 109 49.57 93.29 -51.60
CA PHE JC 109 49.40 93.64 -50.20
C PHE JC 109 47.93 93.52 -49.84
N ARG JC 110 47.67 93.53 -48.55
CA ARG JC 110 46.32 93.64 -48.05
C ARG JC 110 46.18 95.05 -47.51
N LYS JC 111 45.38 95.86 -48.18
CA LYS JC 111 45.25 97.26 -47.84
C LYS JC 111 43.79 97.58 -47.64
N ILE JC 112 43.54 98.78 -47.15
CA ILE JC 112 42.20 99.27 -46.88
C ILE JC 112 41.88 100.46 -47.76
N ALA JC 113 42.69 101.50 -47.66
CA ALA JC 113 42.46 102.72 -48.42
C ALA JC 113 43.72 103.05 -49.18
N ILE JC 114 43.64 102.97 -50.49
CA ILE JC 114 44.63 103.57 -51.36
C ILE JC 114 44.23 105.01 -51.51
N THR JC 115 45.12 105.95 -51.19
CA THR JC 115 44.87 107.31 -51.60
C THR JC 115 45.83 107.68 -52.71
N VAL JC 116 45.27 108.00 -53.86
CA VAL JC 116 46.03 108.47 -54.99
C VAL JC 116 45.77 109.98 -55.11
N THR JC 117 46.85 110.72 -55.18
CA THR JC 117 46.70 112.16 -55.34
C THR JC 117 47.67 112.63 -56.41
N SER JC 118 47.30 113.73 -57.03
CA SER JC 118 48.12 114.31 -58.08
C SER JC 118 48.47 115.74 -57.73
N TYR JC 119 49.66 116.17 -58.14
CA TYR JC 119 49.91 117.61 -58.25
C TYR JC 119 50.92 117.87 -59.34
N SER JC 120 50.69 118.94 -60.09
CA SER JC 120 51.60 119.37 -61.13
C SER JC 120 51.78 120.87 -61.01
N SER JC 121 52.87 121.35 -61.61
CA SER JC 121 53.27 122.76 -61.55
C SER JC 121 52.32 123.62 -62.37
N LYS JC 122 52.34 124.92 -62.06
CA LYS JC 122 51.25 125.83 -62.41
C LYS JC 122 51.25 126.19 -63.89
N TYR JC 123 50.07 126.17 -64.50
CA TYR JC 123 50.00 126.32 -65.94
C TYR JC 123 49.33 127.61 -66.39
N VAL JC 124 48.04 127.81 -66.11
CA VAL JC 124 47.46 129.12 -66.42
C VAL JC 124 46.88 129.69 -65.14
N SER JC 125 46.51 128.82 -64.20
CA SER JC 125 45.79 129.22 -62.99
C SER JC 125 45.79 128.04 -62.04
N VAL JC 126 45.55 128.35 -60.77
CA VAL JC 126 45.44 127.29 -59.78
C VAL JC 126 44.10 126.58 -59.87
N LYS JC 127 43.07 127.21 -60.45
CA LYS JC 127 41.78 126.52 -60.58
C LYS JC 127 41.81 125.50 -61.72
N ARG JC 128 42.47 125.88 -62.82
CA ARG JC 128 42.73 124.95 -63.92
C ARG JC 128 43.70 123.85 -63.49
N GLU JC 129 44.66 124.21 -62.61
CA GLU JC 129 45.63 123.27 -62.07
C GLU JC 129 44.99 122.24 -61.15
N ARG JC 130 44.05 122.68 -60.31
CA ARG JC 130 43.37 121.77 -59.41
C ARG JC 130 42.36 120.90 -60.14
N ALA JC 131 41.71 121.43 -61.18
CA ALA JC 131 40.79 120.62 -61.97
C ALA JC 131 41.53 119.59 -62.82
N LEU JC 132 42.74 119.96 -63.29
CA LEU JC 132 43.64 119.05 -64.00
C LEU JC 132 44.09 117.90 -63.11
N THR JC 133 44.51 118.21 -61.89
CA THR JC 133 45.07 117.17 -61.05
C THR JC 133 43.99 116.30 -60.41
N LEU JC 134 42.79 116.86 -60.23
CA LEU JC 134 41.63 116.07 -59.81
C LEU JC 134 41.18 115.12 -60.91
N ALA JC 135 41.21 115.59 -62.17
CA ALA JC 135 40.88 114.73 -63.30
C ALA JC 135 41.93 113.66 -63.55
N ARG JC 136 43.21 113.99 -63.29
CA ARG JC 136 44.30 113.04 -63.45
C ARG JC 136 44.24 111.92 -62.42
N SER JC 137 43.97 112.27 -61.16
CA SER JC 137 43.83 111.28 -60.11
C SER JC 137 42.57 110.43 -60.27
N ARG JC 138 41.47 111.00 -60.76
CA ARG JC 138 40.28 110.18 -60.97
C ARG JC 138 40.40 109.28 -62.20
N VAL JC 139 41.25 109.65 -63.17
CA VAL JC 139 41.51 108.79 -64.32
C VAL JC 139 42.36 107.59 -63.91
N VAL JC 140 43.39 107.82 -63.10
CA VAL JC 140 44.28 106.73 -62.74
C VAL JC 140 43.66 105.82 -61.68
N SER JC 141 42.74 106.33 -60.87
CA SER JC 141 42.00 105.45 -60.00
C SER JC 141 40.84 104.77 -60.68
N GLU JC 142 40.34 105.32 -61.80
CA GLU JC 142 39.38 104.59 -62.64
C GLU JC 142 40.02 103.35 -63.24
N TYR JC 143 41.29 103.47 -63.68
CA TYR JC 143 41.98 102.28 -64.18
C TYR JC 143 42.41 101.34 -63.08
N LEU JC 144 42.84 101.87 -61.93
CA LEU JC 144 43.29 101.00 -60.85
C LEU JC 144 42.14 100.31 -60.13
N TRP JC 145 40.97 100.95 -60.08
CA TRP JC 145 39.80 100.31 -59.53
C TRP JC 145 39.21 99.32 -60.51
N SER JC 146 39.37 99.58 -61.81
CA SER JC 146 38.99 98.61 -62.83
C SER JC 146 39.89 97.39 -62.79
N GLN JC 147 41.17 97.60 -62.53
CA GLN JC 147 42.10 96.50 -62.53
C GLN JC 147 42.13 95.80 -61.18
N GLY JC 148 43.12 94.95 -61.02
CA GLY JC 148 43.19 94.16 -59.81
C GLY JC 148 43.85 94.93 -58.70
N VAL JC 149 43.03 95.50 -57.83
CA VAL JC 149 43.44 95.83 -56.48
C VAL JC 149 42.42 95.19 -55.58
N ASP JC 150 42.70 95.17 -54.28
CA ASP JC 150 41.74 94.74 -53.29
C ASP JC 150 41.64 95.73 -52.15
N SER JC 151 41.87 97.00 -52.46
CA SER JC 151 41.55 98.05 -51.51
C SER JC 151 40.05 98.17 -51.40
N ARG JC 152 39.60 98.51 -50.21
CA ARG JC 152 38.19 98.78 -50.05
C ARG JC 152 37.84 100.14 -50.61
N ILE JC 153 38.73 101.11 -50.48
CA ILE JC 153 38.37 102.47 -50.83
C ILE JC 153 39.59 103.19 -51.37
N ILE JC 154 39.39 103.85 -52.51
CA ILE JC 154 40.44 104.65 -53.12
C ILE JC 154 40.04 106.11 -53.05
N PHE JC 155 40.82 106.88 -52.32
CA PHE JC 155 40.64 108.32 -52.19
C PHE JC 155 41.43 109.02 -53.28
N THR JC 156 40.72 109.69 -54.17
CA THR JC 156 41.31 110.33 -55.32
C THR JC 156 41.23 111.82 -55.08
N GLN JC 157 42.38 112.50 -55.09
CA GLN JC 157 42.34 113.96 -55.04
C GLN JC 157 43.49 114.56 -55.82
N GLY JC 158 43.34 115.85 -56.10
CA GLY JC 158 44.37 116.56 -56.82
C GLY JC 158 44.57 117.97 -56.31
N LEU JC 159 45.82 118.41 -56.25
CA LEU JC 159 46.17 119.68 -55.64
C LEU JC 159 46.93 120.52 -56.65
N GLY JC 160 46.87 121.83 -56.47
CA GLY JC 160 47.40 122.75 -57.46
C GLY JC 160 48.81 123.21 -57.20
N SER JC 161 49.76 122.26 -57.22
CA SER JC 161 51.17 122.42 -56.79
C SER JC 161 51.28 122.97 -55.36
N ASP JC 162 50.41 122.50 -54.49
CA ASP JC 162 50.40 122.99 -53.12
C ASP JC 162 51.43 122.28 -52.25
N LYS JC 163 52.00 121.20 -52.73
CA LYS JC 163 53.15 120.58 -52.08
C LYS JC 163 54.18 120.30 -53.16
N PRO JC 164 55.07 121.26 -53.46
CA PRO JC 164 56.20 120.94 -54.32
C PRO JC 164 57.23 120.15 -53.54
N ILE JC 165 58.00 119.31 -54.23
CA ILE JC 165 59.05 118.57 -53.57
C ILE JC 165 60.43 119.03 -53.98
N THR JC 166 60.50 120.06 -54.83
CA THR JC 166 61.70 120.85 -54.98
C THR JC 166 61.25 122.26 -55.33
N SER JC 167 62.17 123.19 -55.23
CA SER JC 167 61.91 124.56 -55.68
C SER JC 167 62.25 124.76 -57.14
N TYR JC 168 62.76 123.73 -57.81
CA TYR JC 168 63.10 123.82 -59.22
C TYR JC 168 61.84 123.67 -60.06
N THR JC 169 61.36 124.80 -60.59
CA THR JC 169 60.09 124.81 -61.30
C THR JC 169 60.34 124.97 -62.79
N LEU JC 170 61.37 124.30 -63.30
CA LEU JC 170 61.82 124.56 -64.66
C LEU JC 170 61.00 123.81 -65.69
N GLY JC 171 60.25 122.81 -65.27
CA GLY JC 171 59.55 121.98 -66.24
C GLY JC 171 58.05 122.21 -66.23
N GLY JC 172 57.35 121.48 -67.09
CA GLY JC 172 55.91 121.50 -67.08
C GLY JC 172 55.46 120.26 -66.35
N ASP JC 173 55.13 119.22 -67.09
CA ASP JC 173 55.03 117.90 -66.50
C ASP JC 173 56.33 117.13 -66.61
N ARG JC 174 57.38 117.75 -67.13
CA ARG JC 174 58.72 117.22 -66.98
C ARG JC 174 59.36 117.69 -65.69
N SER JC 175 58.71 118.60 -64.97
CA SER JC 175 59.14 118.98 -63.63
C SER JC 175 58.95 117.82 -62.67
N PRO JC 176 59.88 117.61 -61.74
CA PRO JC 176 59.71 116.50 -60.79
C PRO JC 176 58.75 116.80 -59.66
N ASN JC 177 58.29 118.05 -59.52
CA ASN JC 177 57.11 118.34 -58.73
C ASN JC 177 55.85 117.72 -59.31
N ALA JC 178 55.77 117.58 -60.63
CA ALA JC 178 54.59 117.04 -61.28
C ALA JC 178 54.57 115.53 -61.15
N ARG JC 179 53.66 115.03 -60.34
CA ARG JC 179 53.63 113.62 -60.03
C ARG JC 179 52.23 113.21 -59.66
N VAL JC 180 52.02 111.91 -59.69
CA VAL JC 180 50.96 111.24 -58.96
C VAL JC 180 51.64 110.38 -57.91
N GLU JC 181 50.99 110.23 -56.78
CA GLU JC 181 51.46 109.27 -55.80
C GLU JC 181 50.32 108.38 -55.35
N ILE JC 182 50.68 107.15 -55.04
CA ILE JC 182 49.78 106.17 -54.49
C ILE JC 182 50.35 105.93 -53.11
N THR JC 183 49.61 106.33 -52.10
CA THR JC 183 50.06 106.17 -50.73
C THR JC 183 49.05 105.28 -50.05
N PHE JC 184 49.53 104.35 -49.25
CA PHE JC 184 48.64 103.51 -48.46
C PHE JC 184 49.37 103.05 -47.22
N ARG JC 185 48.62 102.41 -46.34
CA ARG JC 185 49.20 101.63 -45.26
C ARG JC 185 48.78 100.20 -45.50
N ARG JC 186 49.77 99.34 -45.65
CA ARG JC 186 49.55 97.91 -45.75
C ARG JC 186 49.02 97.38 -44.43
N ALA JC 187 47.89 96.70 -44.47
CA ALA JC 187 47.25 96.25 -43.24
C ALA JC 187 47.76 94.87 -42.86
N VAL JC 188 48.24 94.77 -41.62
CA VAL JC 188 48.83 93.60 -40.90
C VAL JC 188 49.81 92.78 -41.70
N UNK KC 1 32.97 165.55 -93.26
CA UNK KC 1 31.75 165.24 -94.01
C UNK KC 1 30.70 164.64 -93.10
N UNK KC 2 30.22 165.43 -92.14
CA UNK KC 2 29.34 164.94 -91.10
C UNK KC 2 27.90 164.80 -91.60
N UNK KC 3 27.13 163.98 -90.88
CA UNK KC 3 25.70 163.83 -91.12
C UNK KC 3 25.05 163.50 -89.78
N UNK KC 4 24.51 164.53 -89.12
CA UNK KC 4 23.93 164.41 -87.79
C UNK KC 4 22.54 165.03 -87.83
N UNK KC 5 21.52 164.19 -87.99
CA UNK KC 5 20.15 164.68 -88.12
C UNK KC 5 19.18 163.64 -87.57
N UNK KC 6 18.05 164.12 -87.06
CA UNK KC 6 16.97 163.28 -86.53
C UNK KC 6 15.73 163.56 -87.37
N UNK KC 7 15.57 162.80 -88.45
CA UNK KC 7 14.55 163.03 -89.46
C UNK KC 7 14.12 161.69 -90.01
N UNK KC 8 13.54 161.69 -91.21
CA UNK KC 8 13.24 160.45 -91.92
C UNK KC 8 14.06 160.45 -93.21
N UNK KC 9 15.32 160.02 -93.10
CA UNK KC 9 16.12 159.80 -94.31
C UNK KC 9 15.63 158.54 -95.04
N UNK KC 10 15.67 157.40 -94.35
CA UNK KC 10 14.81 156.22 -94.52
C UNK KC 10 15.03 155.37 -95.77
N UNK KC 11 15.86 155.81 -96.71
CA UNK KC 11 16.18 155.00 -97.90
C UNK KC 11 17.59 155.36 -98.31
N UNK KC 12 18.56 154.61 -97.79
CA UNK KC 12 19.97 154.92 -98.01
C UNK KC 12 20.77 153.64 -97.85
N UNK KC 13 21.23 153.08 -98.97
CA UNK KC 13 22.27 152.05 -98.95
C UNK KC 13 23.63 152.74 -99.08
N UNK KC 14 23.98 153.48 -98.02
CA UNK KC 14 24.97 154.53 -98.10
C UNK KC 14 26.36 153.93 -97.86
N UNK KC 15 27.11 153.76 -98.94
CA UNK KC 15 28.51 153.36 -98.86
C UNK KC 15 29.35 154.62 -98.97
N UNK KC 16 29.49 155.32 -97.84
CA UNK KC 16 30.18 156.59 -97.80
C UNK KC 16 31.69 156.40 -97.85
N UNK KC 17 32.39 157.48 -98.15
CA UNK KC 17 33.84 157.48 -98.25
C UNK KC 17 34.46 157.81 -96.89
N UNK KC 18 35.75 158.09 -96.89
CA UNK KC 18 36.48 158.40 -95.66
C UNK KC 18 36.13 159.79 -95.15
N UNK KC 19 36.40 159.98 -93.85
CA UNK KC 19 36.07 161.15 -93.02
C UNK KC 19 34.58 161.50 -93.06
N UNK KC 20 33.71 160.49 -93.11
CA UNK KC 20 32.26 160.69 -93.09
C UNK KC 20 31.78 160.50 -91.66
N UNK KC 21 32.08 161.50 -90.83
CA UNK KC 21 31.82 161.42 -89.38
C UNK KC 21 30.35 161.68 -89.08
N UNK KC 22 29.53 160.66 -89.34
CA UNK KC 22 28.07 160.79 -89.33
C UNK KC 22 27.53 160.35 -87.98
N UNK KC 23 27.19 161.32 -87.13
CA UNK KC 23 26.46 161.04 -85.89
C UNK KC 23 24.96 161.27 -86.06
N UNK KC 24 24.37 160.64 -87.08
CA UNK KC 24 22.95 160.76 -87.34
C UNK KC 24 22.12 159.96 -86.32
N UNK KC 25 20.86 160.40 -86.16
CA UNK KC 25 19.87 159.71 -85.33
C UNK KC 25 18.51 159.67 -86.02
N UNK KC 26 18.51 159.74 -87.35
CA UNK KC 26 17.30 159.79 -88.16
C UNK KC 26 16.59 158.44 -88.20
N UNK KC 27 15.33 158.47 -88.63
CA UNK KC 27 14.56 157.25 -88.85
C UNK KC 27 14.98 156.61 -90.16
N UNK KC 28 16.08 155.86 -90.12
CA UNK KC 28 16.71 155.31 -91.32
C UNK KC 28 16.24 153.87 -91.47
N UNK KC 29 15.11 153.70 -92.17
CA UNK KC 29 14.47 152.39 -92.28
C UNK KC 29 15.21 151.47 -93.24
N UNK KC 30 15.28 151.85 -94.52
CA UNK KC 30 15.95 151.01 -95.52
C UNK KC 30 17.41 151.46 -95.62
N UNK KC 31 18.17 151.15 -94.58
CA UNK KC 31 19.50 151.70 -94.40
C UNK KC 31 20.56 150.61 -94.48
N UNK KC 32 21.74 151.01 -94.95
CA UNK KC 32 22.97 150.21 -94.85
C UNK KC 32 24.13 151.22 -94.81
N UNK KC 33 24.58 151.54 -93.61
CA UNK KC 33 25.59 152.60 -93.42
C UNK KC 33 26.98 151.99 -93.49
N UNK KC 34 27.44 151.69 -94.70
CA UNK KC 34 28.75 151.09 -94.91
C UNK KC 34 29.82 152.19 -95.00
N UNK KC 35 30.19 152.71 -93.83
CA UNK KC 35 31.11 153.83 -93.73
C UNK KC 35 32.56 153.39 -93.94
N UNK KC 36 33.48 154.37 -93.92
CA UNK KC 36 34.88 154.08 -94.18
C UNK KC 36 35.84 154.71 -93.17
N UNK KC 37 35.44 155.77 -92.47
CA UNK KC 37 36.22 156.35 -91.39
C UNK KC 37 35.30 157.12 -90.45
N UNK KC 38 35.70 157.12 -89.17
CA UNK KC 38 35.41 158.17 -88.18
C UNK KC 38 33.94 158.29 -87.80
N UNK KC 39 33.14 157.25 -88.00
CA UNK KC 39 31.74 157.29 -87.64
C UNK KC 39 31.59 157.12 -86.14
N UNK KC 40 30.93 158.09 -85.50
CA UNK KC 40 30.79 158.16 -84.04
C UNK KC 40 29.32 158.31 -83.66
N UNK KC 41 28.49 157.43 -84.21
CA UNK KC 41 27.05 157.63 -84.21
C UNK KC 41 26.41 157.18 -82.90
N UNK KC 42 25.46 157.99 -82.41
CA UNK KC 42 24.66 157.66 -81.23
C UNK KC 42 23.20 157.88 -81.62
N UNK KC 43 22.59 156.86 -82.22
CA UNK KC 43 21.25 156.96 -82.77
C UNK KC 43 20.23 156.33 -81.82
N UNK KC 44 18.96 156.47 -82.18
CA UNK KC 44 17.86 155.71 -81.59
C UNK KC 44 16.95 155.38 -82.77
N UNK KC 45 17.23 154.26 -83.43
CA UNK KC 45 16.69 154.00 -84.77
C UNK KC 45 15.89 152.69 -84.78
N UNK KC 46 15.42 152.35 -85.98
CA UNK KC 46 14.71 151.10 -86.24
C UNK KC 46 14.98 150.75 -87.69
N UNK KC 47 15.75 149.69 -87.91
CA UNK KC 47 16.24 149.38 -89.25
C UNK KC 47 15.62 148.13 -89.84
N UNK KC 48 15.73 146.99 -89.14
CA UNK KC 48 15.14 145.66 -89.36
C UNK KC 48 15.64 144.91 -90.59
N UNK KC 49 16.50 145.49 -91.43
CA UNK KC 49 17.17 144.74 -92.49
C UNK KC 49 18.59 145.22 -92.70
N UNK KC 50 19.26 145.69 -91.65
CA UNK KC 50 20.54 146.39 -91.78
C UNK KC 50 21.68 145.40 -91.98
N UNK KC 51 22.29 145.45 -93.15
CA UNK KC 51 23.53 144.74 -93.43
C UNK KC 51 24.66 145.75 -93.31
N UNK KC 52 24.98 146.10 -92.07
CA UNK KC 52 25.92 147.19 -91.81
C UNK KC 52 27.36 146.72 -91.94
N UNK KC 53 28.17 147.58 -92.57
CA UNK KC 53 29.61 147.37 -92.64
C UNK KC 53 30.26 148.58 -91.98
N UNK KC 54 31.46 148.39 -91.44
CA UNK KC 54 32.16 149.47 -90.77
C UNK KC 54 33.66 149.26 -90.86
N UNK KC 55 34.35 150.29 -91.34
CA UNK KC 55 35.79 150.43 -91.23
C UNK KC 55 36.12 151.25 -89.99
N UNK KC 56 37.33 151.81 -89.94
CA UNK KC 56 38.00 152.25 -88.71
C UNK KC 56 37.36 153.45 -88.05
N UNK KC 57 37.62 153.56 -86.73
CA UNK KC 57 37.15 154.59 -85.79
C UNK KC 57 35.62 154.70 -85.75
N UNK KC 58 34.97 153.55 -85.70
CA UNK KC 58 33.51 153.47 -85.74
C UNK KC 58 33.00 153.14 -84.34
N UNK KC 59 32.67 154.18 -83.58
CA UNK KC 59 31.95 154.03 -82.33
C UNK KC 59 30.46 154.20 -82.61
N UNK KC 60 29.65 153.36 -82.01
CA UNK KC 60 28.22 153.39 -82.32
C UNK KC 60 27.39 153.02 -81.10
N UNK KC 61 26.20 153.62 -81.02
CA UNK KC 61 25.24 153.30 -79.96
C UNK KC 61 23.86 153.34 -80.59
N UNK KC 62 23.28 152.17 -80.86
CA UNK KC 62 22.05 152.07 -81.64
C UNK KC 62 21.07 151.12 -80.99
N UNK KC 63 19.78 151.36 -81.22
CA UNK KC 63 18.69 150.51 -80.73
C UNK KC 63 17.86 149.96 -81.88
N UNK KC 64 18.52 149.49 -82.93
CA UNK KC 64 17.86 149.07 -84.15
C UNK KC 64 18.24 147.64 -84.49
N UNK KC 65 17.35 146.96 -85.20
CA UNK KC 65 17.56 145.57 -85.57
C UNK KC 65 18.42 145.46 -86.82
N UNK KC 66 19.42 144.60 -86.77
CA UNK KC 66 20.35 144.40 -87.87
C UNK KC 66 20.01 143.12 -88.63
N UNK KC 67 20.75 142.87 -89.70
CA UNK KC 67 20.65 141.61 -90.43
C UNK KC 67 22.04 141.01 -90.62
N UNK KC 68 23.02 141.88 -90.85
CA UNK KC 68 24.39 141.42 -91.09
C UNK KC 68 25.35 142.47 -90.56
N UNK KC 69 26.53 141.99 -90.17
CA UNK KC 69 27.55 142.85 -89.60
C UNK KC 69 28.89 142.54 -90.26
N UNK KC 70 29.61 143.59 -90.65
CA UNK KC 70 30.93 143.42 -91.26
C UNK KC 70 31.89 144.41 -90.61
N UNK KC 71 33.03 143.90 -90.16
CA UNK KC 71 34.06 144.74 -89.55
C UNK KC 71 35.31 144.69 -90.39
N UNK KC 72 36.04 145.80 -90.43
CA UNK KC 72 37.24 145.89 -91.27
C UNK KC 72 38.53 146.14 -90.49
N UNK KC 73 38.62 147.22 -89.71
CA UNK KC 73 39.88 147.55 -89.06
C UNK KC 73 39.81 147.57 -87.54
N UNK KC 74 38.97 148.43 -86.95
CA UNK KC 74 38.87 148.65 -85.50
C UNK KC 74 37.60 149.44 -85.24
N UNK KC 75 36.84 149.05 -84.23
CA UNK KC 75 35.56 149.68 -83.95
C UNK KC 75 35.22 149.54 -82.48
N UNK KC 76 34.05 150.10 -82.10
CA UNK KC 76 33.46 149.91 -80.79
C UNK KC 76 31.94 150.12 -80.97
N UNK KC 77 31.21 149.03 -81.07
CA UNK KC 77 29.77 149.11 -81.26
C UNK KC 77 29.05 148.85 -79.95
N UNK KC 78 27.82 149.37 -79.87
CA UNK KC 78 26.87 149.03 -78.81
C UNK KC 78 25.49 149.11 -79.44
N UNK KC 79 25.04 147.98 -79.96
CA UNK KC 79 23.82 147.94 -80.75
C UNK KC 79 22.83 146.96 -80.13
N UNK KC 80 21.55 147.25 -80.31
CA UNK KC 80 20.46 146.43 -79.78
C UNK KC 80 19.67 145.84 -80.95
N UNK KC 81 20.14 144.70 -81.46
CA UNK KC 81 19.53 144.08 -82.63
C UNK KC 81 18.53 143.00 -82.19
N UNK KC 82 17.71 142.53 -83.14
CA UNK KC 82 16.62 141.65 -82.74
C UNK KC 82 16.48 140.35 -83.50
N UNK KC 83 16.66 140.35 -84.83
CA UNK KC 83 16.07 139.31 -85.66
C UNK KC 83 17.04 138.21 -86.05
N UNK KC 84 18.10 138.56 -86.78
CA UNK KC 84 19.07 137.60 -87.28
C UNK KC 84 20.36 138.35 -87.51
N UNK KC 85 21.48 137.63 -87.50
CA UNK KC 85 22.77 138.27 -87.68
C UNK KC 85 23.71 137.35 -88.41
N UNK KC 86 24.13 137.76 -89.60
CA UNK KC 86 25.26 137.16 -90.29
C UNK KC 86 26.45 138.06 -90.02
N UNK KC 87 27.35 137.63 -89.13
CA UNK KC 87 28.40 138.49 -88.63
C UNK KC 87 29.76 138.02 -89.13
N UNK KC 88 30.60 138.97 -89.53
CA UNK KC 88 31.96 138.69 -89.96
C UNK KC 88 32.85 139.85 -89.54
N UNK KC 89 34.00 139.52 -88.96
CA UNK KC 89 34.86 140.52 -88.36
C UNK KC 89 36.25 140.48 -88.99
N UNK KC 90 36.98 141.58 -88.80
CA UNK KC 90 38.39 141.65 -89.16
C UNK KC 90 39.06 142.64 -88.21
N UNK KC 91 39.91 142.11 -87.31
CA UNK KC 91 40.89 142.83 -86.48
C UNK KC 91 40.26 143.81 -85.47
N UNK KC 92 38.98 143.67 -85.17
CA UNK KC 92 38.20 144.77 -84.60
C UNK KC 92 37.66 144.41 -83.23
N UNK KC 93 36.78 145.27 -82.73
CA UNK KC 93 36.12 145.09 -81.45
C UNK KC 93 34.66 145.47 -81.58
N UNK KC 94 33.77 144.69 -80.98
CA UNK KC 94 32.34 144.88 -81.16
C UNK KC 94 31.59 144.34 -79.96
N UNK KC 95 30.55 145.07 -79.56
CA UNK KC 95 29.64 144.64 -78.51
C UNK KC 95 28.21 144.84 -78.95
N UNK KC 96 27.35 143.88 -78.63
CA UNK KC 96 25.93 143.96 -78.94
C UNK KC 96 25.14 143.65 -77.69
N UNK KC 97 23.91 144.17 -77.62
CA UNK KC 97 23.20 144.29 -76.36
C UNK KC 97 21.95 143.43 -76.26
N UNK KC 98 21.02 143.52 -77.22
CA UNK KC 98 19.71 142.93 -77.04
C UNK KC 98 19.70 141.46 -77.45
N UNK KC 99 18.50 140.88 -77.51
CA UNK KC 99 18.33 139.46 -77.83
C UNK KC 99 18.52 139.27 -79.33
N UNK KC 100 19.52 138.49 -79.71
CA UNK KC 100 19.82 138.24 -81.10
C UNK KC 100 19.71 136.75 -81.41
N UNK KC 101 19.74 136.43 -82.70
CA UNK KC 101 19.74 135.05 -83.16
C UNK KC 101 20.89 134.92 -84.16
N UNK KC 102 22.09 134.71 -83.63
CA UNK KC 102 23.29 134.64 -84.45
C UNK KC 102 23.38 133.27 -85.07
N UNK KC 103 23.19 133.20 -86.40
CA UNK KC 103 23.17 131.92 -87.07
C UNK KC 103 24.58 131.38 -87.30
N UNK KC 104 25.43 132.15 -87.96
CA UNK KC 104 26.80 131.72 -88.22
C UNK KC 104 27.76 132.84 -87.85
N UNK KC 105 28.87 132.47 -87.24
CA UNK KC 105 29.93 133.41 -86.91
C UNK KC 105 31.23 132.88 -87.47
N UNK KC 106 31.97 133.76 -88.14
CA UNK KC 106 33.25 133.39 -88.74
C UNK KC 106 34.26 134.49 -88.39
N UNK KC 107 35.15 134.18 -87.46
CA UNK KC 107 36.14 135.15 -87.00
C UNK KC 107 37.51 134.66 -87.43
N UNK KC 108 38.00 135.19 -88.56
CA UNK KC 108 39.28 134.77 -89.10
C UNK KC 108 40.40 135.78 -88.83
N UNK KC 109 40.27 136.58 -87.78
CA UNK KC 109 41.23 137.64 -87.50
C UNK KC 109 41.26 137.87 -85.99
N UNK KC 110 41.78 139.03 -85.57
CA UNK KC 110 41.87 139.41 -84.16
C UNK KC 110 40.72 140.33 -83.82
N UNK KC 111 39.73 139.80 -83.12
CA UNK KC 111 38.51 140.54 -82.85
C UNK KC 111 38.06 140.24 -81.44
N UNK KC 112 37.43 141.23 -80.81
CA UNK KC 112 36.80 141.07 -79.51
C UNK KC 112 35.30 141.23 -79.68
N UNK KC 113 34.64 140.10 -79.94
CA UNK KC 113 33.20 140.09 -80.16
C UNK KC 113 32.47 139.77 -78.88
N UNK KC 114 31.45 140.54 -78.58
CA UNK KC 114 30.67 140.35 -77.36
C UNK KC 114 29.19 140.49 -77.66
N UNK KC 115 28.39 139.63 -77.05
CA UNK KC 115 26.93 139.70 -77.17
C UNK KC 115 26.34 139.48 -75.79
N UNK KC 116 25.49 140.40 -75.35
CA UNK KC 116 24.92 140.27 -74.02
C UNK KC 116 23.72 139.33 -73.99
N UNK KC 117 23.13 139.03 -75.14
CA UNK KC 117 22.03 138.08 -75.22
C UNK KC 117 22.03 137.47 -76.61
N UNK KC 118 22.05 136.14 -76.67
CA UNK KC 118 21.91 135.40 -77.93
C UNK KC 118 20.94 134.26 -77.68
N UNK KC 119 19.77 134.32 -78.30
CA UNK KC 119 18.76 133.27 -78.20
C UNK KC 119 18.59 132.69 -79.60
N UNK KC 120 19.42 131.72 -79.93
CA UNK KC 120 19.45 131.15 -81.27
C UNK KC 120 19.11 129.67 -81.23
N UNK KC 121 19.10 129.06 -82.40
CA UNK KC 121 18.82 127.64 -82.52
C UNK KC 121 20.05 126.82 -82.87
N UNK KC 122 20.92 127.34 -83.75
CA UNK KC 122 22.12 126.62 -84.14
C UNK KC 122 23.18 127.66 -84.48
N UNK KC 123 24.08 127.90 -83.55
CA UNK KC 123 25.14 128.89 -83.76
C UNK KC 123 26.42 128.14 -84.09
N UNK KC 124 26.79 128.15 -85.36
CA UNK KC 124 28.05 127.58 -85.82
C UNK KC 124 29.08 128.69 -85.80
N UNK KC 125 30.03 128.60 -84.89
CA UNK KC 125 31.06 129.62 -84.74
C UNK KC 125 32.40 128.98 -85.09
N UNK KC 126 32.99 129.46 -86.18
CA UNK KC 126 34.30 129.00 -86.62
C UNK KC 126 35.28 130.15 -86.46
N UNK KC 127 36.46 129.85 -85.92
CA UNK KC 127 37.44 130.89 -85.64
C UNK KC 127 38.83 130.44 -86.09
N UNK KC 128 39.68 131.43 -86.37
CA UNK KC 128 40.95 131.18 -87.04
C UNK KC 128 42.01 132.14 -86.51
N UNK KC 129 42.84 131.60 -85.63
CA UNK KC 129 44.20 131.96 -85.23
C UNK KC 129 44.39 133.19 -84.34
N UNK KC 130 43.38 134.05 -84.16
CA UNK KC 130 43.66 135.23 -83.36
C UNK KC 130 42.60 135.76 -82.40
N UNK KC 131 41.31 135.57 -82.71
CA UNK KC 131 40.26 136.40 -82.13
C UNK KC 131 39.86 136.01 -80.71
N UNK KC 132 38.78 136.63 -80.23
CA UNK KC 132 38.27 136.42 -78.87
C UNK KC 132 36.77 136.66 -78.87
N UNK KC 133 35.98 135.59 -78.92
CA UNK KC 133 34.53 135.72 -78.90
C UNK KC 133 33.98 135.38 -77.53
N UNK KC 134 33.12 136.25 -77.01
CA UNK KC 134 32.44 136.03 -75.72
C UNK KC 134 30.95 136.28 -75.92
N UNK KC 135 30.24 135.26 -76.38
CA UNK KC 135 28.81 135.34 -76.67
C UNK KC 135 28.06 134.45 -75.69
N UNK KC 136 27.12 135.03 -74.95
CA UNK KC 136 26.54 134.28 -73.84
C UNK KC 136 25.11 134.75 -73.52
N UNK KC 137 24.12 134.07 -74.10
CA UNK KC 137 22.96 133.76 -73.25
C UNK KC 137 22.54 132.29 -73.29
N UNK KC 138 21.96 131.86 -74.42
CA UNK KC 138 21.30 130.55 -74.50
C UNK KC 138 21.14 130.16 -75.96
N UNK KC 139 22.01 129.29 -76.44
CA UNK KC 139 21.81 128.70 -77.76
C UNK KC 139 21.01 127.41 -77.61
N UNK KC 140 20.81 126.72 -78.72
CA UNK KC 140 20.20 125.40 -78.68
C UNK KC 140 21.01 124.35 -79.39
N UNK KC 141 21.90 124.73 -80.31
CA UNK KC 141 22.90 123.82 -80.86
C UNK KC 141 24.12 124.67 -81.17
N UNK KC 142 25.05 124.74 -80.24
CA UNK KC 142 26.30 125.47 -80.44
C UNK KC 142 27.32 124.52 -81.05
N UNK KC 143 27.96 124.96 -82.13
CA UNK KC 143 28.97 124.16 -82.80
C UNK KC 143 30.15 125.08 -83.03
N UNK KC 144 31.16 124.96 -82.18
CA UNK KC 144 32.30 125.88 -82.22
C UNK KC 144 33.50 125.10 -82.73
N UNK KC 145 33.96 125.46 -83.91
CA UNK KC 145 35.19 124.93 -84.47
C UNK KC 145 36.23 126.02 -84.40
N UNK KC 146 37.12 125.92 -83.43
CA UNK KC 146 38.22 126.87 -83.29
C UNK KC 146 39.44 126.23 -83.94
N UNK KC 147 39.63 126.48 -85.24
CA UNK KC 147 40.82 126.05 -85.95
C UNK KC 147 41.95 127.04 -85.78
N UNK KC 148 42.45 127.19 -84.56
CA UNK KC 148 42.76 128.52 -84.08
C UNK KC 148 43.72 128.49 -82.91
N UNK KC 149 44.46 129.58 -82.74
CA UNK KC 149 45.17 129.90 -81.50
C UNK KC 149 44.39 130.93 -80.70
N UNK KC 150 43.08 130.79 -80.67
CA UNK KC 150 42.17 131.86 -80.29
C UNK KC 150 41.27 131.38 -79.16
N UNK KC 151 40.47 132.31 -78.65
CA UNK KC 151 39.71 132.13 -77.43
C UNK KC 151 38.22 132.22 -77.70
N UNK KC 152 37.45 131.31 -77.11
CA UNK KC 152 35.99 131.33 -77.17
C UNK KC 152 35.48 131.18 -75.74
N UNK KC 153 35.37 132.29 -75.04
CA UNK KC 153 34.80 132.31 -73.71
C UNK KC 153 33.29 132.19 -73.81
N UNK KC 154 32.69 131.41 -72.90
CA UNK KC 154 31.26 131.16 -73.02
C UNK KC 154 30.65 130.89 -71.66
N UNK KC 155 29.62 131.66 -71.36
CA UNK KC 155 28.60 131.30 -70.38
C UNK KC 155 27.27 131.15 -71.10
N UNK KC 156 27.33 130.68 -72.34
CA UNK KC 156 26.15 130.46 -73.17
C UNK KC 156 25.59 129.09 -72.84
N UNK KC 157 24.47 129.06 -72.11
CA UNK KC 157 23.87 127.81 -71.64
C UNK KC 157 23.18 127.16 -72.83
N UNK KC 158 23.89 126.26 -73.48
CA UNK KC 158 23.41 125.63 -74.71
C UNK KC 158 22.77 124.29 -74.40
N UNK KC 159 21.78 123.94 -75.22
CA UNK KC 159 21.17 122.63 -75.09
C UNK KC 159 22.04 121.54 -75.70
N UNK KC 160 22.75 121.84 -76.77
CA UNK KC 160 23.69 120.90 -77.34
C UNK KC 160 24.98 121.63 -77.68
N UNK KC 161 26.09 120.95 -77.50
CA UNK KC 161 27.40 121.55 -77.74
C UNK KC 161 28.27 120.59 -78.52
N UNK KC 162 28.88 121.11 -79.59
CA UNK KC 162 29.85 120.36 -80.38
C UNK KC 162 31.05 121.29 -80.56
N UNK KC 163 32.04 121.13 -79.68
CA UNK KC 163 33.16 122.06 -79.60
C UNK KC 163 34.45 121.34 -79.94
N UNK KC 164 35.10 121.74 -81.02
CA UNK KC 164 36.35 121.14 -81.45
C UNK KC 164 37.41 122.22 -81.56
N UNK KC 165 38.47 122.06 -80.79
CA UNK KC 165 39.61 122.98 -80.81
C UNK KC 165 40.79 122.29 -81.46
N UNK KC 166 41.39 122.93 -82.46
CA UNK KC 166 42.30 122.23 -83.35
C UNK KC 166 43.77 122.37 -83.00
N UNK KC 167 44.28 123.58 -82.69
CA UNK KC 167 45.73 123.73 -82.42
C UNK KC 167 45.94 124.91 -81.47
N UNK KC 168 45.99 124.60 -80.16
CA UNK KC 168 46.22 125.53 -79.03
C UNK KC 168 45.22 126.68 -79.00
N UNK KC 169 43.93 126.36 -79.16
CA UNK KC 169 42.84 127.26 -78.83
C UNK KC 169 42.53 127.17 -77.34
N UNK KC 170 41.53 127.95 -76.91
CA UNK KC 170 41.00 127.84 -75.56
C UNK KC 170 39.52 128.16 -75.63
N UNK KC 171 38.67 127.21 -75.24
CA UNK KC 171 37.24 127.37 -75.37
C UNK KC 171 36.55 126.98 -74.07
N UNK KC 172 35.86 127.93 -73.46
CA UNK KC 172 35.16 127.71 -72.20
C UNK KC 172 33.69 127.56 -72.52
N UNK KC 173 33.20 126.33 -72.47
CA UNK KC 173 31.84 126.00 -72.87
C UNK KC 173 30.99 125.64 -71.66
N UNK KC 174 29.68 125.69 -71.85
CA UNK KC 174 28.72 125.25 -70.83
C UNK KC 174 27.52 124.67 -71.58
N UNK KC 175 27.16 123.44 -71.24
CA UNK KC 175 26.11 122.71 -71.95
C UNK KC 175 25.08 122.19 -70.96
N UNK KC 176 23.83 122.16 -71.38
CA UNK KC 176 22.77 121.72 -70.48
C UNK KC 176 22.46 120.25 -70.65
N UNK KC 177 22.19 119.82 -71.87
CA UNK KC 177 21.74 118.45 -72.10
C UNK KC 177 22.79 117.56 -72.75
N UNK KC 178 23.51 118.07 -73.74
CA UNK KC 178 24.36 117.23 -74.57
C UNK KC 178 25.68 117.93 -74.79
N UNK KC 179 26.78 117.30 -74.38
CA UNK KC 179 28.10 117.86 -74.54
C UNK KC 179 28.96 116.94 -75.39
N UNK KC 180 29.53 117.49 -76.44
CA UNK KC 180 30.37 116.76 -77.38
C UNK KC 180 31.60 117.60 -77.62
N UNK KC 181 32.77 117.08 -77.26
CA UNK KC 181 33.97 117.90 -77.28
C UNK KC 181 35.13 117.14 -77.89
N UNK KC 182 35.86 117.78 -78.78
CA UNK KC 182 37.14 117.29 -79.26
C UNK KC 182 38.19 118.35 -79.06
N UNK KC 183 39.37 117.94 -78.60
CA UNK KC 183 40.46 118.87 -78.40
C UNK KC 183 41.74 118.29 -78.98
N UNK KC 184 42.59 119.17 -79.51
CA UNK KC 184 43.91 118.76 -79.98
C UNK KC 184 44.89 119.88 -79.65
N UNK KC 185 45.84 119.57 -78.75
CA UNK KC 185 46.92 120.46 -78.23
C UNK KC 185 46.41 121.73 -77.55
N UNK KC 186 45.18 121.70 -77.03
CA UNK KC 186 44.45 122.91 -76.67
C UNK KC 186 43.76 122.69 -75.32
N UNK KC 187 42.85 123.59 -74.99
CA UNK KC 187 42.11 123.50 -73.73
C UNK KC 187 40.63 123.70 -73.97
N UNK KC 188 39.82 122.80 -73.43
CA UNK KC 188 38.36 122.91 -73.46
C UNK KC 188 37.85 122.84 -72.03
N UNK KC 189 37.18 123.91 -71.58
CA UNK KC 189 36.79 124.07 -70.19
C UNK KC 189 35.28 123.95 -70.06
N UNK KC 190 34.83 122.87 -69.44
CA UNK KC 190 33.39 122.62 -69.25
C UNK KC 190 32.97 123.24 -67.93
N UNK KC 191 32.38 124.43 -67.99
CA UNK KC 191 31.99 125.15 -66.79
C UNK KC 191 30.63 124.75 -66.26
N UNK KC 192 29.87 123.92 -66.98
CA UNK KC 192 28.64 123.37 -66.46
C UNK KC 192 28.58 121.90 -66.83
N UNK KC 193 27.90 121.11 -66.02
CA UNK KC 193 27.87 119.66 -66.22
C UNK KC 193 26.63 119.30 -66.99
N UNK KC 194 26.79 118.84 -68.22
CA UNK KC 194 25.66 118.45 -69.05
C UNK KC 194 25.11 117.10 -68.61
N UNK KC 195 23.90 116.80 -69.07
CA UNK KC 195 23.26 115.55 -68.71
C UNK KC 195 23.90 114.36 -69.41
N UNK KC 196 24.43 114.56 -70.61
CA UNK KC 196 25.33 113.59 -71.21
C UNK KC 196 26.58 114.35 -71.63
N UNK KC 197 27.74 113.77 -71.37
CA UNK KC 197 29.00 114.43 -71.63
C UNK KC 197 29.98 113.46 -72.25
N UNK KC 198 30.58 113.84 -73.37
CA UNK KC 198 31.59 113.00 -73.99
C UNK KC 198 32.64 113.89 -74.63
N UNK KC 199 33.90 113.66 -74.25
CA UNK KC 199 34.98 114.55 -74.63
C UNK KC 199 36.19 113.71 -74.98
N UNK KC 200 36.79 114.00 -76.13
CA UNK KC 200 37.92 113.27 -76.64
C UNK KC 200 39.11 114.21 -76.72
N UNK KC 201 40.14 113.88 -75.96
CA UNK KC 201 41.40 114.59 -76.00
C UNK KC 201 42.34 113.90 -76.96
N UNK KC 202 43.01 114.68 -77.79
CA UNK KC 202 44.03 114.22 -78.70
C UNK KC 202 45.39 114.40 -78.05
N UNK KC 203 46.45 114.44 -78.87
CA UNK KC 203 47.81 114.72 -78.43
C UNK KC 203 47.93 116.08 -77.74
N UNK KC 204 48.33 116.02 -76.46
CA UNK KC 204 48.64 117.14 -75.56
C UNK KC 204 47.43 118.05 -75.33
N UNK KC 205 46.25 117.45 -75.26
CA UNK KC 205 45.00 118.19 -75.27
C UNK KC 205 44.29 118.10 -73.93
N UNK KC 206 43.49 119.11 -73.61
CA UNK KC 206 42.91 119.23 -72.28
C UNK KC 206 41.40 119.46 -72.34
N UNK KC 207 40.62 118.43 -72.05
CA UNK KC 207 39.19 118.59 -71.85
C UNK KC 207 38.92 118.60 -70.35
N UNK KC 208 39.47 119.59 -69.67
CA UNK KC 208 39.37 119.68 -68.22
C UNK KC 208 38.08 120.43 -67.84
N UNK KC 209 37.19 119.75 -67.13
CA UNK KC 209 35.91 120.35 -66.74
C UNK KC 209 36.17 121.24 -65.55
N UNK KC 210 36.43 122.51 -65.82
CA UNK KC 210 36.87 123.47 -64.80
C UNK KC 210 35.68 124.21 -64.19
N UNK KC 211 34.75 123.45 -63.63
CA UNK KC 211 33.64 124.01 -62.90
C UNK KC 211 34.11 124.47 -61.53
N UNK KC 212 33.32 125.35 -60.93
CA UNK KC 212 33.66 125.93 -59.63
C UNK KC 212 33.38 124.91 -58.55
N UNK KC 213 34.44 124.26 -58.06
CA UNK KC 213 34.33 123.43 -56.87
C UNK KC 213 34.10 124.34 -55.66
N UNK KC 214 33.46 123.75 -54.64
CA UNK KC 214 32.68 124.42 -53.60
C UNK KC 214 31.66 125.39 -54.20
N UNK KC 215 30.71 124.80 -54.91
CA UNK KC 215 29.47 125.49 -55.16
C UNK KC 215 28.52 125.29 -53.98
N UNK KC 216 27.35 125.90 -54.07
CA UNK KC 216 26.33 125.66 -53.05
C UNK KC 216 25.70 124.30 -53.25
N UNK KC 217 25.39 123.95 -54.48
CA UNK KC 217 24.95 122.59 -54.83
C UNK KC 217 25.64 122.24 -56.14
N UNK KC 218 26.84 121.67 -56.04
CA UNK KC 218 27.51 121.14 -57.21
C UNK KC 218 26.95 119.75 -57.49
N UNK KC 219 26.25 119.60 -58.61
CA UNK KC 219 25.66 118.32 -58.97
C UNK KC 219 26.74 117.35 -59.42
N UNK KC 220 26.65 116.11 -58.97
CA UNK KC 220 27.74 115.19 -59.18
C UNK KC 220 27.65 114.54 -60.55
N UNK KC 221 28.79 114.04 -61.01
CA UNK KC 221 28.85 113.26 -62.23
C UNK KC 221 28.19 111.91 -61.99
N UNK KC 222 27.00 111.73 -62.53
CA UNK KC 222 26.17 110.57 -62.24
C UNK KC 222 26.58 109.38 -63.11
N UNK KC 223 25.79 108.31 -63.08
CA UNK KC 223 26.11 107.08 -63.80
C UNK KC 223 25.90 107.21 -65.30
N UNK KC 224 25.08 108.16 -65.74
CA UNK KC 224 24.94 108.43 -67.15
C UNK KC 224 25.99 109.40 -67.68
N UNK KC 225 26.70 110.10 -66.81
CA UNK KC 225 27.59 111.16 -67.26
C UNK KC 225 29.04 111.01 -66.81
N UNK KC 226 29.41 109.90 -66.19
CA UNK KC 226 30.76 109.74 -65.65
C UNK KC 226 31.69 109.32 -66.78
N UNK KC 227 32.43 110.28 -67.32
CA UNK KC 227 33.51 109.98 -68.25
C UNK KC 227 34.84 110.10 -67.53
N UNK KC 228 35.90 109.68 -68.20
CA UNK KC 228 37.24 109.74 -67.62
C UNK KC 228 37.80 111.15 -67.68
N UNK LC 1 18.97 144.39 -61.27
CA UNK LC 1 19.75 144.71 -62.46
C UNK LC 1 19.62 143.62 -63.52
N UNK LC 2 18.55 142.85 -63.43
CA UNK LC 2 18.28 141.76 -64.35
C UNK LC 2 17.44 142.24 -65.53
N UNK LC 3 16.91 141.29 -66.31
CA UNK LC 3 16.03 141.60 -67.43
C UNK LC 3 15.11 140.40 -67.59
N UNK LC 4 13.87 140.54 -67.11
CA UNK LC 4 12.93 139.43 -67.13
C UNK LC 4 12.36 139.20 -68.52
N UNK LC 5 11.79 138.02 -68.73
CA UNK LC 5 11.06 137.72 -69.95
C UNK LC 5 9.60 137.52 -69.60
N UNK LC 6 8.75 137.64 -70.62
CA UNK LC 6 7.31 137.70 -70.43
C UNK LC 6 6.65 136.33 -70.31
N UNK LC 7 7.40 135.24 -70.38
CA UNK LC 7 6.84 133.90 -70.42
C UNK LC 7 6.64 133.39 -68.99
N UNK LC 8 6.36 132.10 -68.86
CA UNK LC 8 6.30 131.47 -67.54
C UNK LC 8 7.70 131.32 -66.98
N UNK LC 9 8.09 132.31 -66.16
CA UNK LC 9 9.18 132.23 -65.18
C UNK LC 9 10.58 132.09 -65.78
N UNK LC 10 10.97 133.04 -66.62
CA UNK LC 10 12.34 133.10 -67.14
C UNK LC 10 12.87 134.53 -67.10
N UNK LC 11 14.18 134.66 -66.88
CA UNK LC 11 14.79 135.99 -66.77
C UNK LC 11 16.26 135.91 -67.15
N UNK LC 12 16.68 136.74 -68.09
CA UNK LC 12 18.11 136.91 -68.27
C UNK LC 12 18.65 137.85 -67.20
N UNK LC 13 19.97 137.82 -67.01
CA UNK LC 13 20.56 138.67 -65.98
C UNK LC 13 21.93 139.11 -66.44
N UNK LC 14 22.17 140.41 -66.34
CA UNK LC 14 23.38 141.01 -66.88
C UNK LC 14 24.25 141.56 -65.77
N UNK LC 15 24.39 140.81 -64.67
CA UNK LC 15 25.42 141.13 -63.69
C UNK LC 15 26.79 140.83 -64.25
N UNK LC 16 27.06 139.57 -64.56
CA UNK LC 16 28.10 139.23 -65.50
C UNK LC 16 27.52 138.53 -66.73
N UNK LC 17 26.90 137.36 -66.54
CA UNK LC 17 26.24 136.58 -67.58
C UNK LC 17 25.32 135.53 -66.96
N UNK LC 18 24.01 135.64 -67.17
CA UNK LC 18 23.08 134.60 -66.74
C UNK LC 18 21.85 134.58 -67.62
N UNK LC 19 21.26 133.39 -67.78
CA UNK LC 19 19.89 133.24 -68.31
C UNK LC 19 19.18 132.22 -67.42
N UNK LC 20 18.60 132.70 -66.33
CA UNK LC 20 18.06 131.81 -65.30
C UNK LC 20 16.54 131.77 -65.38
N UNK LC 21 15.95 131.07 -64.42
CA UNK LC 21 14.51 130.88 -64.38
C UNK LC 21 13.96 131.37 -63.06
N UNK LC 22 12.78 131.97 -63.10
CA UNK LC 22 12.08 132.49 -61.94
C UNK LC 22 11.15 131.40 -61.41
N UNK LC 23 10.20 131.79 -60.56
CA UNK LC 23 9.09 130.91 -60.21
C UNK LC 23 7.76 131.40 -60.74
N UNK LC 24 7.55 132.74 -60.72
CA UNK LC 24 6.36 133.48 -61.21
C UNK LC 24 5.06 133.04 -60.53
N UNK LC 25 5.15 132.67 -59.26
CA UNK LC 25 4.00 132.43 -58.42
C UNK LC 25 4.09 133.09 -57.06
N UNK LC 26 5.30 133.33 -56.57
CA UNK LC 26 5.51 134.06 -55.32
C UNK LC 26 5.76 135.54 -55.55
N UNK LC 27 6.17 135.92 -56.78
CA UNK LC 27 6.30 137.28 -57.31
C UNK LC 27 7.31 138.13 -56.53
N UNK LC 28 8.57 137.69 -56.56
CA UNK LC 28 9.67 138.47 -55.99
C UNK LC 28 10.34 139.26 -57.10
N UNK LC 29 9.56 140.15 -57.70
CA UNK LC 29 10.03 140.99 -58.80
C UNK LC 29 10.49 142.35 -58.27
N UNK LC 30 11.48 142.30 -57.38
CA UNK LC 30 11.93 143.50 -56.69
C UNK LC 30 12.85 144.35 -57.56
N UNK LC 31 13.45 143.73 -58.59
CA UNK LC 31 14.56 144.25 -59.43
C UNK LC 31 15.74 144.75 -58.60
N UNK LC 32 16.07 144.01 -57.54
CA UNK LC 32 17.07 144.42 -56.57
C UNK LC 32 17.61 143.15 -55.94
N UNK LC 33 18.87 142.84 -56.21
CA UNK LC 33 19.41 141.53 -55.88
C UNK LC 33 20.93 141.64 -55.78
N UNK LC 34 21.55 140.51 -55.44
CA UNK LC 34 22.98 140.31 -55.59
C UNK LC 34 23.13 139.11 -56.51
N UNK LC 35 23.25 139.38 -57.81
CA UNK LC 35 23.33 138.33 -58.81
C UNK LC 35 24.80 138.02 -59.11
N UNK LC 36 25.15 136.75 -59.08
CA UNK LC 36 26.53 136.32 -59.23
C UNK LC 36 26.64 135.30 -60.36
N UNK LC 37 27.88 135.03 -60.77
CA UNK LC 37 28.17 133.98 -61.74
C UNK LC 37 28.53 132.66 -61.04
N UNK LC 38 27.68 132.25 -60.11
CA UNK LC 38 27.67 130.92 -59.54
C UNK LC 38 26.25 130.38 -59.54
N UNK LC 39 25.45 130.91 -60.49
CA UNK LC 39 24.02 130.63 -60.72
C UNK LC 39 23.18 130.92 -59.47
N UNK LC 40 23.17 132.18 -59.07
CA UNK LC 40 22.44 132.58 -57.87
C UNK LC 40 21.98 134.02 -58.05
N UNK LC 41 20.69 134.21 -58.29
CA UNK LC 41 20.06 135.53 -58.27
C UNK LC 41 19.41 135.68 -56.90
N UNK LC 42 20.19 136.19 -55.93
CA UNK LC 42 19.76 136.28 -54.54
C UNK LC 42 19.04 137.60 -54.34
N UNK LC 43 17.70 137.54 -54.39
CA UNK LC 43 16.87 138.73 -54.36
C UNK LC 43 16.57 139.14 -52.92
N UNK LC 44 15.62 140.07 -52.76
CA UNK LC 44 15.25 140.53 -51.42
C UNK LC 44 14.40 139.51 -50.69
N UNK LC 45 13.52 138.82 -51.41
CA UNK LC 45 12.67 137.82 -50.77
C UNK LC 45 13.36 136.46 -50.70
N UNK LC 46 13.76 135.91 -51.85
CA UNK LC 46 14.32 134.57 -51.92
C UNK LC 46 15.47 134.59 -52.91
N UNK LC 47 15.92 133.39 -53.32
CA UNK LC 47 17.01 133.26 -54.27
C UNK LC 47 16.54 132.47 -55.48
N UNK LC 48 16.99 132.90 -56.66
CA UNK LC 48 16.63 132.25 -57.91
C UNK LC 48 17.89 131.75 -58.60
N UNK LC 49 17.72 130.71 -59.41
CA UNK LC 49 18.84 130.08 -60.10
C UNK LC 49 18.38 129.63 -61.48
N UNK LC 50 19.33 129.15 -62.27
CA UNK LC 50 19.02 128.46 -63.51
C UNK LC 50 18.41 127.11 -63.17
N UNK LC 51 17.11 126.99 -63.38
CA UNK LC 51 16.36 125.83 -62.89
C UNK LC 51 16.58 124.61 -63.77
N UNK LC 52 16.45 123.44 -63.17
CA UNK LC 52 16.65 122.18 -63.86
C UNK LC 52 15.38 121.36 -63.86
N UNK MC 1 59.00 80.54 -48.30
CA UNK MC 1 58.49 81.42 -47.26
C UNK MC 1 58.93 82.86 -47.55
N UNK MC 2 59.56 83.52 -46.58
CA UNK MC 2 60.08 84.86 -46.79
C UNK MC 2 61.34 84.80 -47.62
N UNK MC 3 61.19 84.79 -48.94
CA UNK MC 3 62.31 84.64 -49.86
C UNK MC 3 62.73 86.01 -50.36
N UNK MC 4 64.04 86.23 -50.37
CA UNK MC 4 64.79 87.29 -51.04
C UNK MC 4 64.56 88.69 -50.49
N UNK MC 5 63.88 88.85 -49.36
CA UNK MC 5 64.08 90.09 -48.61
C UNK MC 5 65.25 89.89 -47.67
N UNK MC 6 65.08 88.98 -46.73
CA UNK MC 6 66.11 88.30 -45.96
C UNK MC 6 65.44 87.02 -45.47
N UNK MC 7 66.04 86.37 -44.49
CA UNK MC 7 65.37 85.20 -43.92
C UNK MC 7 64.28 85.63 -42.93
N UNK MC 8 63.50 84.65 -42.49
CA UNK MC 8 62.40 84.89 -41.58
C UNK MC 8 62.92 85.15 -40.17
N UNK MC 9 62.74 86.38 -39.69
CA UNK MC 9 63.33 86.75 -38.40
C UNK MC 9 62.47 86.27 -37.23
N UNK MC 10 61.29 86.84 -37.08
CA UNK MC 10 60.39 86.45 -36.01
C UNK MC 10 59.16 85.80 -36.64
N UNK MC 11 58.29 85.28 -35.80
CA UNK MC 11 56.98 84.80 -36.25
C UNK MC 11 55.97 85.51 -35.35
N UNK MC 12 55.61 86.72 -35.77
CA UNK MC 12 54.88 87.62 -34.89
C UNK MC 12 53.42 87.24 -34.84
N UNK MC 13 52.93 86.99 -33.64
CA UNK MC 13 51.53 86.65 -33.45
C UNK MC 13 50.65 87.88 -33.64
N UNK MC 14 49.36 87.59 -33.91
CA UNK MC 14 48.33 88.46 -34.53
C UNK MC 14 48.71 88.94 -35.92
N UNK MC 15 49.56 88.19 -36.62
CA UNK MC 15 50.11 88.69 -37.88
C UNK MC 15 50.55 87.53 -38.74
N UNK MC 16 51.21 87.90 -39.84
CA UNK MC 16 52.02 87.04 -40.67
C UNK MC 16 53.44 87.03 -40.11
N UNK MC 17 54.35 86.27 -40.72
CA UNK MC 17 55.71 86.15 -40.21
C UNK MC 17 56.53 87.39 -40.55
N UNK MC 18 57.41 87.76 -39.65
CA UNK MC 18 58.23 88.96 -39.80
C UNK MC 18 59.57 88.54 -40.36
N UNK MC 19 59.82 88.90 -41.61
CA UNK MC 19 61.11 88.70 -42.24
C UNK MC 19 62.12 89.68 -41.69
N UNK MC 20 63.40 89.43 -42.00
CA UNK MC 20 64.46 90.28 -41.48
C UNK MC 20 64.77 91.49 -42.38
N UNK MC 21 63.87 91.82 -43.30
CA UNK MC 21 63.71 93.18 -43.78
C UNK MC 21 62.36 93.75 -43.33
N UNK MC 22 61.25 93.10 -43.68
CA UNK MC 22 59.90 93.66 -43.55
C UNK MC 22 58.92 92.59 -43.07
N UNK MC 23 57.62 92.81 -43.24
CA UNK MC 23 56.63 91.81 -42.89
C UNK MC 23 56.31 90.96 -44.10
N UNK MC 24 56.42 89.65 -43.96
CA UNK MC 24 56.24 88.76 -45.09
C UNK MC 24 54.76 88.52 -45.32
N UNK MC 25 54.44 87.90 -46.45
CA UNK MC 25 53.06 87.62 -46.80
C UNK MC 25 52.68 86.20 -46.45
N UNK MC 26 53.53 85.47 -45.76
CA UNK MC 26 53.24 84.11 -45.36
C UNK MC 26 52.71 84.12 -43.94
N UNK MC 27 51.52 83.54 -43.75
CA UNK MC 27 50.77 83.69 -42.51
C UNK MC 27 51.38 82.84 -41.40
N UNK MC 28 51.60 83.46 -40.24
CA UNK MC 28 52.35 82.81 -39.17
C UNK MC 28 51.48 81.86 -38.36
N UNK MC 29 50.27 82.28 -38.03
CA UNK MC 29 49.42 81.53 -37.13
C UNK MC 29 48.18 81.01 -37.86
N UNK MC 30 47.31 80.33 -37.11
CA UNK MC 30 46.00 79.99 -37.65
C UNK MC 30 45.09 81.19 -37.69
N UNK MC 31 45.29 82.12 -36.76
CA UNK MC 31 44.34 83.18 -36.49
C UNK MC 31 44.83 84.54 -36.98
N UNK MC 32 45.51 84.58 -38.12
CA UNK MC 32 45.77 85.84 -38.79
C UNK MC 32 44.60 86.18 -39.69
N UNK MC 33 44.67 87.33 -40.37
CA UNK MC 33 43.53 87.81 -41.15
C UNK MC 33 43.58 87.30 -42.59
N UNK MC 34 43.54 85.98 -42.73
CA UNK MC 34 43.51 85.34 -44.04
C UNK MC 34 42.09 85.41 -44.57
N UNK MC 35 41.89 86.08 -45.70
CA UNK MC 35 40.55 86.33 -46.24
C UNK MC 35 40.01 85.08 -46.92
N UNK MC 36 39.51 84.16 -46.10
CA UNK MC 36 38.91 82.95 -46.62
C UNK MC 36 37.51 83.27 -47.10
N UNK MC 37 37.22 82.89 -48.36
CA UNK MC 37 35.90 83.12 -48.90
C UNK MC 37 35.31 81.88 -49.56
N UNK MC 38 35.87 80.70 -49.32
CA UNK MC 38 35.33 79.47 -49.88
C UNK MC 38 35.52 78.34 -48.89
N UNK MC 39 34.50 78.05 -48.08
CA UNK MC 39 34.51 76.92 -47.18
C UNK MC 39 34.36 75.62 -47.96
N UNK MC 40 34.74 74.53 -47.31
CA UNK MC 40 34.53 73.19 -47.85
C UNK MC 40 34.06 72.32 -46.71
N UNK MC 41 32.75 72.31 -46.48
CA UNK MC 41 32.17 71.57 -45.36
C UNK MC 41 30.73 71.25 -45.68
N UNK MC 42 30.24 70.15 -45.11
CA UNK MC 42 28.84 69.81 -45.22
C UNK MC 42 28.04 70.71 -44.29
N UNK MC 43 26.94 71.26 -44.84
CA UNK MC 43 25.93 72.09 -44.16
C UNK MC 43 26.51 73.39 -43.58
N UNK MC 44 27.56 73.92 -44.21
CA UNK MC 44 28.09 75.21 -43.82
C UNK MC 44 27.15 76.31 -44.30
N UNK MC 45 27.05 77.37 -43.48
CA UNK MC 45 26.22 78.58 -43.52
C UNK MC 45 24.74 78.34 -43.21
N UNK MC 46 24.32 77.09 -43.09
CA UNK MC 46 23.36 76.66 -42.10
C UNK MC 46 24.17 76.13 -40.93
N UNK MC 47 23.52 75.50 -39.95
CA UNK MC 47 24.27 74.94 -38.84
C UNK MC 47 24.88 73.61 -39.26
N UNK MC 48 25.82 73.11 -38.45
CA UNK MC 48 26.65 71.97 -38.82
C UNK MC 48 25.88 70.65 -38.73
N UNK MC 49 26.56 69.56 -39.10
CA UNK MC 49 25.94 68.25 -39.23
C UNK MC 49 25.64 67.66 -37.86
N UNK MC 50 24.36 67.33 -37.62
CA UNK MC 50 23.93 66.74 -36.37
C UNK MC 50 24.43 65.30 -36.34
N UNK MC 51 25.57 65.11 -35.67
CA UNK MC 51 26.47 63.99 -35.93
C UNK MC 51 25.99 62.65 -35.37
N UNK MC 52 24.90 62.62 -34.60
CA UNK MC 52 24.45 61.39 -33.97
C UNK MC 52 23.71 60.45 -34.92
N UNK MC 53 23.33 60.92 -36.11
CA UNK MC 53 22.53 60.10 -37.00
C UNK MC 53 23.39 59.06 -37.72
N UNK MC 54 22.78 57.92 -38.01
CA UNK MC 54 23.38 56.88 -38.84
C UNK MC 54 22.27 56.37 -39.75
N UNK MC 55 22.12 57.02 -40.90
CA UNK MC 55 21.04 56.74 -41.84
C UNK MC 55 21.55 57.09 -43.23
N UNK MC 56 20.63 57.26 -44.17
CA UNK MC 56 21.01 57.63 -45.53
C UNK MC 56 21.41 59.10 -45.62
N UNK MC 57 20.50 60.00 -45.27
CA UNK MC 57 20.69 61.42 -45.49
C UNK MC 57 21.61 62.02 -44.43
N UNK MC 58 22.03 63.26 -44.68
CA UNK MC 58 22.82 64.05 -43.74
C UNK MC 58 21.93 65.16 -43.20
N UNK MC 59 21.75 65.20 -41.89
CA UNK MC 59 20.88 66.20 -41.28
C UNK MC 59 21.71 67.25 -40.57
N UNK MC 60 21.38 68.51 -40.81
CA UNK MC 60 22.09 69.59 -40.17
C UNK MC 60 21.54 69.83 -38.77
N UNK MC 61 22.21 70.69 -38.00
CA UNK MC 61 21.71 71.04 -36.67
C UNK MC 61 20.61 72.07 -36.71
N UNK MC 62 20.38 72.71 -37.86
CA UNK MC 62 19.18 73.48 -38.11
C UNK MC 62 18.09 72.64 -38.79
N UNK MC 63 18.29 71.31 -38.82
CA UNK MC 63 17.34 70.27 -39.26
C UNK MC 63 16.94 70.41 -40.72
N UNK MC 64 17.86 70.90 -41.55
CA UNK MC 64 17.71 70.81 -42.98
C UNK MC 64 18.53 69.63 -43.48
N UNK MC 65 17.91 68.79 -44.29
CA UNK MC 65 18.61 67.67 -44.90
C UNK MC 65 19.46 68.20 -46.04
N UNK MC 66 20.77 68.09 -45.88
CA UNK MC 66 21.72 68.60 -46.88
C UNK MC 66 21.72 67.62 -48.04
N UNK MC 67 20.95 67.94 -49.07
CA UNK MC 67 20.81 67.09 -50.25
C UNK MC 67 22.07 67.10 -51.12
N UNK MC 68 22.88 68.15 -51.01
CA UNK MC 68 24.17 68.21 -51.69
C UNK MC 68 25.20 67.25 -51.10
N UNK MC 69 25.05 66.83 -49.84
CA UNK MC 69 26.01 65.91 -49.25
C UNK MC 69 25.41 64.56 -48.94
N UNK MC 70 24.11 64.38 -49.08
CA UNK MC 70 23.48 63.09 -48.82
C UNK MC 70 23.72 62.13 -49.98
N LYS NC 24 29.60 83.39 -94.42
CA LYS NC 24 29.95 83.56 -93.01
C LYS NC 24 28.91 84.41 -92.30
N PHE NC 25 28.23 83.85 -91.32
CA PHE NC 25 27.13 84.52 -90.65
C PHE NC 25 27.42 84.66 -89.18
N LYS NC 26 27.23 85.86 -88.65
CA LYS NC 26 27.46 86.11 -87.23
C LYS NC 26 26.45 87.11 -86.72
N LYS NC 27 25.76 86.75 -85.65
CA LYS NC 27 25.08 87.70 -84.79
C LYS NC 27 26.14 88.43 -83.97
N PRO NC 28 25.90 89.70 -83.57
CA PRO NC 28 26.97 90.54 -82.95
C PRO NC 28 27.53 90.07 -81.61
N PRO NC 29 26.74 89.90 -80.51
CA PRO NC 29 27.40 89.92 -79.20
C PRO NC 29 27.90 88.55 -78.79
N ILE NC 30 28.95 88.07 -79.45
CA ILE NC 30 29.55 86.79 -79.12
C ILE NC 30 30.41 87.07 -77.89
N ASN NC 31 29.82 86.86 -76.73
CA ASN NC 31 30.47 87.13 -75.46
C ASN NC 31 31.23 85.89 -75.00
N ASN NC 32 31.62 85.87 -73.73
CA ASN NC 32 32.18 84.68 -73.11
C ASN NC 32 31.11 83.60 -72.93
N PRO NC 33 31.51 82.34 -72.76
CA PRO NC 33 30.53 81.32 -72.37
C PRO NC 33 30.12 81.51 -70.92
N SER NC 34 28.81 81.61 -70.69
CA SER NC 34 28.30 81.63 -69.34
C SER NC 34 28.03 80.23 -68.84
N ASP NC 35 27.52 80.15 -67.63
CA ASP NC 35 27.09 78.88 -67.10
C ASP NC 35 25.77 79.05 -66.39
N ASP NC 36 25.24 77.89 -65.96
CA ASP NC 36 23.83 77.75 -65.62
C ASP NC 36 23.50 78.40 -64.29
N ALA NC 37 24.52 78.52 -63.42
CA ALA NC 37 24.40 79.24 -62.15
C ALA NC 37 24.14 80.71 -62.37
N THR NC 38 24.95 81.35 -63.20
CA THR NC 38 24.77 82.75 -63.54
C THR NC 38 23.56 83.00 -64.41
N ILE NC 39 23.11 82.00 -65.17
CA ILE NC 39 21.92 82.16 -66.01
C ILE NC 39 20.66 82.20 -65.15
N LYS NC 40 20.50 81.21 -64.25
CA LYS NC 40 19.32 81.25 -63.40
C LYS NC 40 19.45 82.24 -62.26
N LEU NC 41 20.68 82.66 -61.93
CA LEU NC 41 20.90 83.77 -61.03
C LEU NC 41 20.47 85.09 -61.61
N ALA NC 42 20.72 85.30 -62.90
CA ALA NC 42 20.34 86.56 -63.52
C ALA NC 42 18.84 86.60 -63.82
N GLU NC 43 18.25 85.46 -64.15
CA GLU NC 43 16.81 85.48 -64.39
C GLU NC 43 16.01 85.41 -63.10
N ALA NC 44 16.65 85.11 -61.97
CA ALA NC 44 16.05 85.46 -60.69
C ALA NC 44 16.19 86.94 -60.38
N ALA NC 45 17.38 87.47 -60.69
CA ALA NC 45 17.79 88.82 -60.32
C ALA NC 45 16.99 89.90 -61.01
N VAL NC 46 16.55 89.65 -62.25
CA VAL NC 46 15.71 90.64 -62.92
C VAL NC 46 14.30 90.69 -62.36
N SER NC 47 13.78 89.58 -61.81
CA SER NC 47 12.45 89.61 -61.23
C SER NC 47 12.47 90.30 -59.88
N VAL NC 48 13.59 90.11 -59.16
CA VAL NC 48 13.90 90.89 -57.96
C VAL NC 48 14.04 92.38 -58.26
N SER NC 49 14.66 92.70 -59.40
CA SER NC 49 14.96 94.08 -59.77
C SER NC 49 13.71 94.85 -60.15
N ASP NC 50 12.81 94.26 -60.96
CA ASP NC 50 11.64 95.06 -61.31
C ASP NC 50 10.54 95.00 -60.27
N SER NC 51 10.52 93.98 -59.39
CA SER NC 51 9.62 94.05 -58.24
C SER NC 51 10.07 95.12 -57.25
N MET NC 52 11.39 95.29 -57.10
CA MET NC 52 11.93 96.36 -56.29
C MET NC 52 11.72 97.72 -56.94
N LEU NC 53 11.71 97.75 -58.26
CA LEU NC 53 11.42 98.97 -59.02
C LEU NC 53 9.98 99.42 -58.85
N GLU NC 54 9.03 98.49 -58.89
CA GLU NC 54 7.63 98.88 -58.67
C GLU NC 54 7.33 99.16 -57.21
N MET NC 55 8.14 98.61 -56.28
CA MET NC 55 7.98 98.94 -54.87
C MET NC 55 8.50 100.34 -54.58
N ALA NC 56 9.59 100.73 -55.26
CA ALA NC 56 10.10 102.10 -55.14
C ALA NC 56 9.18 103.11 -55.80
N LYS NC 57 8.49 102.68 -56.87
CA LYS NC 57 7.50 103.52 -57.54
C LYS NC 57 6.28 103.78 -56.66
N VAL NC 58 5.78 102.74 -56.00
CA VAL NC 58 4.57 102.90 -55.19
C VAL NC 58 4.91 103.59 -53.87
N GLU NC 59 6.16 103.49 -53.41
CA GLU NC 59 6.54 104.19 -52.19
C GLU NC 59 6.79 105.66 -52.44
N LYS NC 60 7.41 106.00 -53.57
CA LYS NC 60 7.65 107.40 -53.86
C LYS NC 60 6.42 108.10 -54.43
N VAL NC 61 5.36 107.37 -54.76
CA VAL NC 61 4.13 108.09 -55.07
C VAL NC 61 3.09 108.03 -53.94
N ILE NC 62 3.25 107.15 -52.95
CA ILE NC 62 2.43 107.27 -51.75
C ILE NC 62 3.07 108.23 -50.74
N THR NC 63 4.34 108.59 -50.92
CA THR NC 63 4.91 109.60 -50.07
C THR NC 63 5.78 110.47 -50.96
N PRO NC 64 5.55 111.78 -51.02
CA PRO NC 64 6.42 112.65 -51.79
C PRO NC 64 7.73 112.86 -51.05
N PRO NC 65 8.88 112.66 -51.72
CA PRO NC 65 10.15 113.01 -51.08
C PRO NC 65 10.31 114.51 -51.02
N SER NC 66 10.08 115.06 -49.83
CA SER NC 66 9.92 116.51 -49.68
C SER NC 66 11.28 117.20 -49.66
N LYS NC 67 12.23 116.66 -48.91
CA LYS NC 67 13.54 117.25 -48.76
C LYS NC 67 14.59 116.20 -49.04
N ASP NC 68 15.75 116.67 -49.50
CA ASP NC 68 16.90 115.83 -49.74
C ASP NC 68 17.76 115.81 -48.48
N ASN NC 69 18.97 115.29 -48.59
CA ASN NC 69 19.93 115.44 -47.50
C ASN NC 69 21.11 116.30 -47.90
N THR NC 70 21.00 117.03 -49.00
CA THR NC 70 22.02 118.01 -49.35
C THR NC 70 21.88 119.26 -48.50
N LEU NC 71 20.68 119.49 -47.97
CA LEU NC 71 20.43 120.60 -47.09
C LEU NC 71 21.05 120.38 -45.72
N THR NC 72 21.22 119.11 -45.31
CA THR NC 72 21.93 118.84 -44.07
C THR NC 72 23.33 118.29 -44.26
N ILE NC 73 23.68 117.81 -45.45
CA ILE NC 73 25.05 117.50 -45.81
C ILE NC 73 25.41 118.38 -46.99
N PRO NC 74 25.91 119.58 -46.78
CA PRO NC 74 26.24 120.44 -47.93
C PRO NC 74 27.64 120.17 -48.44
N ASN NC 75 27.89 120.49 -49.70
CA ASN NC 75 29.19 120.20 -50.27
C ASN NC 75 30.19 121.28 -49.86
N ALA NC 76 31.48 120.96 -50.03
CA ALA NC 76 32.53 121.85 -49.60
C ALA NC 76 33.78 121.60 -50.41
N TYR NC 77 34.61 122.64 -50.50
CA TYR NC 77 35.99 122.48 -50.92
C TYR NC 77 36.70 121.65 -49.87
N ASN NC 78 37.37 120.61 -50.35
CA ASN NC 78 38.09 119.47 -49.76
C ASN NC 78 37.13 118.38 -49.29
N LEU NC 79 35.82 118.60 -49.33
CA LEU NC 79 34.84 117.54 -49.45
C LEU NC 79 34.53 117.21 -50.89
N GLN NC 80 35.08 117.96 -51.84
CA GLN NC 80 34.87 117.68 -53.24
C GLN NC 80 35.95 116.80 -53.84
N ALA NC 81 36.78 116.16 -53.00
CA ALA NC 81 37.60 115.06 -53.47
C ALA NC 81 36.73 113.84 -53.71
N ARG NC 82 37.22 112.92 -54.52
CA ARG NC 82 36.38 111.80 -54.89
C ARG NC 82 36.91 110.53 -54.25
N ALA NC 83 36.09 109.50 -54.25
CA ALA NC 83 36.55 108.20 -53.79
C ALA NC 83 35.84 107.12 -54.58
N SER NC 84 36.26 105.89 -54.35
CA SER NC 84 35.61 104.73 -54.94
C SER NC 84 35.64 103.63 -53.88
N VAL NC 85 34.47 103.23 -53.43
CA VAL NC 85 34.33 102.54 -52.16
C VAL NC 85 33.54 101.25 -52.36
N ASP NC 86 34.12 100.13 -51.96
CA ASP NC 86 33.45 98.86 -51.83
C ASP NC 86 33.55 98.42 -50.37
N TRP NC 87 32.45 98.52 -49.65
CA TRP NC 87 32.53 98.41 -48.20
C TRP NC 87 31.28 97.71 -47.70
N SER NC 88 31.44 96.93 -46.64
CA SER NC 88 30.35 96.14 -46.13
C SER NC 88 30.25 96.11 -44.62
N GLY NC 89 31.06 96.86 -43.90
CA GLY NC 89 31.11 96.74 -42.47
C GLY NC 89 30.18 97.69 -41.76
N PRO NC 90 30.51 98.03 -40.52
CA PRO NC 90 29.73 99.04 -39.79
C PRO NC 90 30.08 100.44 -40.27
N ILE NC 91 29.31 101.40 -39.77
CA ILE NC 91 29.28 102.69 -40.42
C ILE NC 91 30.44 103.59 -39.96
N GLU NC 92 30.87 103.47 -38.70
CA GLU NC 92 31.67 104.51 -38.08
C GLU NC 92 33.13 104.41 -38.49
N GLU NC 93 33.57 103.21 -38.87
CA GLU NC 93 34.86 102.97 -39.49
C GLU NC 93 34.99 103.69 -40.82
N LEU NC 94 33.93 103.59 -41.64
CA LEU NC 94 33.96 104.14 -42.99
C LEU NC 94 33.82 105.65 -42.95
N THR NC 95 32.92 106.17 -42.11
CA THR NC 95 32.76 107.60 -42.01
C THR NC 95 33.93 108.29 -41.33
N ALA NC 96 34.61 107.60 -40.40
CA ALA NC 96 35.85 108.08 -39.82
C ALA NC 96 36.97 108.13 -40.86
N ARG NC 97 37.00 107.13 -41.75
CA ARG NC 97 38.02 107.08 -42.79
C ARG NC 97 37.83 108.14 -43.85
N ILE NC 98 36.59 108.41 -44.25
CA ILE NC 98 36.40 109.41 -45.29
C ILE NC 98 36.38 110.81 -44.70
N ALA NC 99 36.14 110.94 -43.40
CA ALA NC 99 36.32 112.23 -42.76
C ALA NC 99 37.78 112.55 -42.55
N LYS NC 100 38.60 111.53 -42.28
CA LYS NC 100 40.04 111.70 -42.21
C LYS NC 100 40.63 112.03 -43.56
N ALA NC 101 40.08 111.45 -44.63
CA ALA NC 101 40.51 111.80 -45.97
C ALA NC 101 40.07 113.19 -46.40
N ALA NC 102 38.90 113.64 -45.97
CA ALA NC 102 38.48 114.99 -46.27
C ALA NC 102 38.95 116.02 -45.27
N HIS NC 103 39.78 115.61 -44.29
CA HIS NC 103 40.40 116.44 -43.23
C HIS NC 103 39.36 117.09 -42.35
N PHE NC 104 38.28 116.38 -42.10
CA PHE NC 104 37.23 116.82 -41.22
C PHE NC 104 37.37 116.06 -39.93
N ARG NC 105 37.24 116.75 -38.81
CA ARG NC 105 37.20 116.08 -37.52
C ARG NC 105 35.88 115.37 -37.38
N PHE NC 106 35.93 114.09 -37.04
CA PHE NC 106 34.75 113.25 -37.01
C PHE NC 106 34.34 113.01 -35.57
N ARG NC 107 33.05 113.12 -35.30
CA ARG NC 107 32.54 112.88 -33.97
C ARG NC 107 31.19 112.18 -34.06
N VAL NC 108 30.86 111.45 -33.01
CA VAL NC 108 29.59 110.76 -32.96
C VAL NC 108 28.73 111.39 -31.89
N LEU NC 109 27.43 111.38 -32.13
CA LEU NC 109 26.43 111.78 -31.15
C LEU NC 109 25.55 110.56 -30.91
N GLY NC 110 25.31 110.26 -29.64
CA GLY NC 110 24.58 109.06 -29.31
C GLY NC 110 25.52 107.90 -29.12
N LYS NC 111 25.11 106.94 -28.30
CA LYS NC 111 25.87 105.71 -28.18
C LYS NC 111 25.51 104.82 -29.36
N SER NC 112 26.41 103.92 -29.69
CA SER NC 112 26.13 103.01 -30.79
C SER NC 112 25.24 101.88 -30.29
N PRO NC 113 24.29 101.39 -31.09
CA PRO NC 113 23.47 100.27 -30.66
C PRO NC 113 24.26 98.98 -30.70
N SER NC 114 23.76 98.00 -29.94
CA SER NC 114 24.54 96.82 -29.66
C SER NC 114 24.55 95.85 -30.83
N VAL NC 115 23.41 95.69 -31.48
CA VAL NC 115 23.46 95.27 -32.88
C VAL NC 115 24.02 96.43 -33.71
N PRO NC 116 25.06 96.21 -34.50
CA PRO NC 116 25.62 97.31 -35.28
C PRO NC 116 24.74 97.66 -36.45
N VAL NC 117 24.79 98.92 -36.83
CA VAL NC 117 24.21 99.35 -38.08
C VAL NC 117 25.26 99.13 -39.15
N LEU NC 118 24.93 98.30 -40.13
CA LEU NC 118 25.84 97.95 -41.20
C LEU NC 118 25.40 98.69 -42.44
N ILE NC 119 26.37 99.22 -43.16
CA ILE NC 119 26.15 99.72 -44.48
C ILE NC 119 27.00 98.91 -45.43
N SER NC 120 26.63 98.90 -46.69
CA SER NC 120 27.44 98.20 -47.68
C SER NC 120 27.32 99.01 -48.96
N ILE NC 121 28.25 99.92 -49.16
CA ILE NC 121 28.19 100.81 -50.29
C ILE NC 121 29.33 100.44 -51.23
N SER NC 122 28.97 100.17 -52.48
CA SER NC 122 29.96 99.85 -53.50
C SER NC 122 29.65 100.73 -54.69
N THR NC 123 30.37 101.83 -54.79
CA THR NC 123 30.33 102.68 -55.96
C THR NC 123 31.75 102.97 -56.40
N LYS NC 124 31.87 103.53 -57.60
CA LYS NC 124 33.14 103.83 -58.21
C LYS NC 124 33.07 105.24 -58.74
N ASP NC 125 34.07 106.06 -58.35
CA ASP NC 125 34.28 107.46 -58.74
C ASP NC 125 33.07 108.32 -58.35
N GLU NC 126 32.92 108.47 -57.05
CA GLU NC 126 31.84 109.27 -56.50
C GLU NC 126 32.47 110.30 -55.55
N SER NC 127 31.91 111.51 -55.55
CA SER NC 127 32.40 112.58 -54.68
C SER NC 127 32.04 112.31 -53.25
N LEU NC 128 32.79 112.93 -52.34
CA LEU NC 128 32.79 112.52 -50.94
C LEU NC 128 31.55 112.99 -50.20
N ALA NC 129 30.97 114.11 -50.63
CA ALA NC 129 29.68 114.54 -50.11
C ALA NC 129 28.57 113.63 -50.60
N GLU NC 130 28.71 113.08 -51.79
CA GLU NC 130 27.72 112.14 -52.29
C GLU NC 130 27.82 110.77 -51.63
N ILE NC 131 29.02 110.31 -51.29
CA ILE NC 131 29.17 109.09 -50.50
C ILE NC 131 28.66 109.29 -49.08
N LEU NC 132 28.82 110.51 -48.52
CA LEU NC 132 28.22 110.84 -47.24
C LEU NC 132 26.70 110.88 -47.29
N ARG NC 133 26.16 111.32 -48.43
CA ARG NC 133 24.73 111.37 -48.60
C ARG NC 133 24.10 110.00 -48.81
N ASP NC 134 24.76 109.09 -49.55
CA ASP NC 134 24.13 107.77 -49.69
C ASP NC 134 24.46 106.88 -48.51
N ILE NC 135 25.49 107.19 -47.72
CA ILE NC 135 25.67 106.53 -46.43
C ILE NC 135 24.57 106.94 -45.46
N ASP NC 136 24.19 108.22 -45.51
CA ASP NC 136 23.07 108.74 -44.74
C ASP NC 136 21.73 108.17 -45.18
N TYR NC 137 21.59 107.90 -46.47
CA TYR NC 137 20.39 107.22 -46.95
C TYR NC 137 20.40 105.74 -46.56
N GLN NC 138 21.57 105.10 -46.65
CA GLN NC 138 21.68 103.66 -46.48
C GLN NC 138 21.52 103.26 -45.02
N ALA NC 139 21.96 104.11 -44.12
CA ALA NC 139 21.53 104.00 -42.73
C ALA NC 139 20.32 104.90 -42.49
N GLY NC 140 19.21 104.54 -43.12
CA GLY NC 140 17.97 105.26 -42.89
C GLY NC 140 17.38 104.85 -41.58
N LYS NC 141 16.96 105.84 -40.79
CA LYS NC 141 16.20 105.75 -39.53
C LYS NC 141 16.95 105.04 -38.39
N LYS NC 142 18.28 104.88 -38.51
CA LYS NC 142 19.08 104.26 -37.49
C LYS NC 142 20.22 105.20 -37.17
N ALA NC 143 20.70 105.89 -38.20
CA ALA NC 143 21.77 106.83 -38.06
C ALA NC 143 21.49 108.00 -38.99
N SER NC 144 22.34 109.01 -38.89
CA SER NC 144 22.22 110.23 -39.69
C SER NC 144 23.56 110.91 -39.70
N ILE NC 145 24.04 111.27 -40.87
CA ILE NC 145 25.28 112.03 -40.96
C ILE NC 145 24.94 113.50 -41.13
N HIS NC 146 25.62 114.35 -40.38
CA HIS NC 146 25.56 115.78 -40.58
C HIS NC 146 26.96 116.31 -40.77
N VAL NC 147 27.07 117.37 -41.55
CA VAL NC 147 28.35 117.96 -41.92
C VAL NC 147 28.24 119.45 -41.65
N TYR NC 148 29.18 119.99 -40.90
CA TYR NC 148 29.18 121.41 -40.60
C TYR NC 148 30.36 122.04 -41.31
N PRO NC 149 30.22 122.46 -42.57
CA PRO NC 149 31.39 122.77 -43.39
C PRO NC 149 31.98 124.15 -43.16
N ASN NC 150 31.36 125.01 -42.36
CA ASN NC 150 32.04 126.23 -41.97
C ASN NC 150 32.97 125.99 -40.79
N SER NC 151 32.76 124.90 -40.06
CA SER NC 151 33.77 124.25 -39.25
C SER NC 151 34.41 123.16 -40.10
N GLN NC 152 35.08 122.21 -39.48
CA GLN NC 152 35.39 120.97 -40.19
C GLN NC 152 34.94 119.85 -39.31
N VAL NC 153 33.63 119.58 -39.31
CA VAL NC 153 33.02 118.56 -38.47
C VAL NC 153 32.19 117.66 -39.37
N VAL NC 154 32.50 116.38 -39.39
CA VAL NC 154 31.52 115.36 -39.78
C VAL NC 154 31.06 114.71 -38.50
N GLU NC 155 29.77 114.81 -38.19
CA GLU NC 155 29.26 114.07 -37.06
C GLU NC 155 28.25 113.05 -37.54
N LEU NC 156 28.22 111.94 -36.83
CA LEU NC 156 27.33 110.82 -37.12
C LEU NC 156 26.48 110.64 -35.88
N ARG NC 157 25.18 110.82 -36.03
CA ARG NC 157 24.25 110.67 -34.93
C ARG NC 157 23.56 109.34 -35.05
N TYR NC 158 23.59 108.56 -33.99
CA TYR NC 158 22.77 107.36 -33.94
C TYR NC 158 21.35 107.73 -33.55
N ALA NC 159 20.48 106.73 -33.55
CA ALA NC 159 19.11 107.00 -33.15
C ALA NC 159 18.96 106.93 -31.64
N LYS NC 160 17.74 107.13 -31.17
CA LYS NC 160 17.48 107.18 -29.74
C LYS NC 160 16.62 106.01 -29.29
N ILE NC 161 16.88 104.82 -29.82
CA ILE NC 161 16.08 103.66 -29.49
C ILE NC 161 16.98 102.44 -29.26
N ALA OC 58 0.54 23.46 -78.75
CA ALA OC 58 0.88 24.15 -77.51
C ALA OC 58 1.99 25.14 -77.75
N LEU OC 59 3.00 24.68 -78.51
CA LEU OC 59 4.08 25.56 -78.91
C LEU OC 59 3.62 26.55 -79.97
N LYS OC 60 2.64 26.15 -80.78
CA LYS OC 60 1.94 27.05 -81.69
C LYS OC 60 1.12 28.09 -80.92
N GLU OC 61 0.56 27.71 -79.76
CA GLU OC 61 -0.22 28.65 -78.99
C GLU OC 61 0.63 29.65 -78.21
N THR OC 62 1.80 29.23 -77.69
CA THR OC 62 2.67 30.24 -77.12
C THR OC 62 3.38 31.08 -78.17
N ALA OC 63 3.51 30.58 -79.42
CA ALA OC 63 3.90 31.41 -80.54
C ALA OC 63 2.82 32.45 -80.88
N LEU OC 64 1.55 32.06 -80.73
CA LEU OC 64 0.43 32.95 -81.00
C LEU OC 64 0.34 34.07 -79.97
N SER OC 65 0.55 33.73 -78.70
CA SER OC 65 0.58 34.79 -77.70
C SER OC 65 1.89 35.56 -77.66
N VAL OC 66 2.96 35.04 -78.27
CA VAL OC 66 4.10 35.88 -78.60
C VAL OC 66 3.71 36.93 -79.63
N GLY OC 67 2.96 36.51 -80.65
CA GLY OC 67 2.59 37.43 -81.72
C GLY OC 67 1.53 38.45 -81.38
N ALA OC 68 0.69 38.16 -80.36
CA ALA OC 68 -0.50 38.97 -80.09
C ALA OC 68 -0.16 40.34 -79.49
N GLN OC 69 0.72 40.37 -78.49
CA GLN OC 69 1.02 41.62 -77.80
C GLN OC 69 1.89 42.53 -78.63
N ALA OC 70 2.75 41.93 -79.47
CA ALA OC 70 3.56 42.73 -80.37
C ALA OC 70 2.72 43.26 -81.51
N GLY OC 71 1.68 42.52 -81.91
CA GLY OC 71 0.77 43.01 -82.93
C GLY OC 71 -0.11 44.14 -82.48
N LEU OC 72 -0.62 44.07 -81.24
CA LEU OC 72 -1.43 45.17 -80.74
C LEU OC 72 -0.59 46.36 -80.33
N ALA OC 73 0.68 46.13 -79.97
CA ALA OC 73 1.56 47.26 -79.68
C ALA OC 73 1.99 47.98 -80.96
N TRP OC 74 2.21 47.24 -82.04
CA TRP OC 74 2.53 47.83 -83.34
C TRP OC 74 1.33 48.57 -83.90
N ARG OC 75 0.14 47.99 -83.75
CA ARG OC 75 -1.08 48.61 -84.23
C ARG OC 75 -1.45 49.83 -83.42
N ALA OC 76 -1.10 49.82 -82.12
CA ALA OC 76 -1.32 50.96 -81.25
C ALA OC 76 -0.40 52.11 -81.59
N LYS OC 77 0.83 51.81 -82.02
CA LYS OC 77 1.74 52.86 -82.46
C LYS OC 77 1.32 53.46 -83.80
N ILE OC 78 0.81 52.59 -84.70
CA ILE OC 78 0.36 53.01 -86.02
C ILE OC 78 -0.88 53.90 -85.92
N ILE OC 79 -1.83 53.53 -85.06
CA ILE OC 79 -2.97 54.42 -84.91
C ILE OC 79 -2.69 55.58 -83.97
N ASP OC 80 -1.59 55.56 -83.22
CA ASP OC 80 -1.23 56.72 -82.43
C ASP OC 80 -0.70 57.84 -83.30
N GLU OC 81 0.16 57.52 -84.27
CA GLU OC 81 0.57 58.61 -85.14
C GLU OC 81 -0.45 58.86 -86.24
N GLN OC 82 -1.37 57.92 -86.47
CA GLN OC 82 -2.52 58.24 -87.30
C GLN OC 82 -3.49 59.18 -86.60
N LEU OC 83 -3.58 59.12 -85.28
CA LEU OC 83 -4.35 60.11 -84.54
C LEU OC 83 -3.62 61.43 -84.51
N ASN OC 84 -2.30 61.39 -84.39
CA ASN OC 84 -1.50 62.60 -84.30
C ASN OC 84 -1.37 63.32 -85.63
N LYS OC 85 -1.56 62.61 -86.74
CA LYS OC 85 -1.60 63.26 -88.04
C LYS OC 85 -2.83 64.12 -88.20
N GLN OC 86 -3.96 63.69 -87.63
CA GLN OC 86 -5.22 64.39 -87.79
C GLN OC 86 -5.53 65.27 -86.60
N ALA OC 87 -4.50 65.88 -86.00
CA ALA OC 87 -4.63 66.42 -84.66
C ALA OC 87 -5.35 67.75 -84.62
N ARG OC 88 -5.17 68.59 -85.64
CA ARG OC 88 -5.99 69.79 -85.74
C ARG OC 88 -7.40 69.46 -86.21
N ASN OC 89 -7.52 68.38 -86.97
CA ASN OC 89 -8.83 67.93 -87.42
C ASN OC 89 -9.62 67.29 -86.29
N LEU OC 90 -8.92 66.73 -85.31
CA LEU OC 90 -9.63 66.03 -84.27
C LEU OC 90 -10.16 66.95 -83.20
N ASP OC 91 -9.50 68.08 -82.92
CA ASP OC 91 -10.17 69.03 -82.05
C ASP OC 91 -10.99 70.01 -82.88
N ALA OC 92 -10.91 69.94 -84.21
CA ALA OC 92 -11.99 70.52 -84.98
C ALA OC 92 -13.27 69.68 -84.84
N ILE OC 93 -13.15 68.35 -84.89
CA ILE OC 93 -14.33 67.47 -84.79
C ILE OC 93 -14.86 67.45 -83.37
N TYR OC 94 -14.02 67.09 -82.41
CA TYR OC 94 -14.49 66.91 -81.05
C TYR OC 94 -14.16 68.15 -80.23
N ASP OC 95 -14.74 69.25 -80.66
CA ASP OC 95 -14.49 70.53 -80.03
C ASP OC 95 -15.38 70.61 -78.82
N PHE OC 96 -14.88 70.12 -77.69
CA PHE OC 96 -15.63 70.21 -76.45
C PHE OC 96 -15.58 71.61 -75.87
N ASN OC 97 -14.57 72.40 -76.27
CA ASN OC 97 -14.31 73.72 -75.72
C ASN OC 97 -15.37 74.72 -76.10
N SER OC 98 -15.89 74.64 -77.32
CA SER OC 98 -16.97 75.52 -77.72
C SER OC 98 -18.34 74.89 -77.51
N LEU OC 99 -18.43 73.87 -76.67
CA LEU OC 99 -19.72 73.35 -76.24
C LEU OC 99 -19.92 73.42 -74.75
N VAL OC 100 -19.01 74.01 -73.99
CA VAL OC 100 -19.23 74.14 -72.57
C VAL OC 100 -20.20 75.28 -72.31
N LEU OC 101 -20.75 75.29 -71.12
CA LEU OC 101 -21.73 76.29 -70.76
C LEU OC 101 -21.00 77.53 -70.26
N GLU OC 102 -21.76 78.56 -69.90
CA GLU OC 102 -21.21 79.90 -69.73
C GLU OC 102 -20.46 80.09 -68.42
N HIS OC 103 -20.58 79.16 -67.48
CA HIS OC 103 -19.87 79.26 -66.23
C HIS OC 103 -18.80 78.18 -66.13
N ASN OC 104 -18.30 77.75 -67.30
CA ASN OC 104 -17.40 76.60 -67.51
C ASN OC 104 -17.95 75.32 -66.90
N ILE OC 105 -19.21 75.06 -67.20
CA ILE OC 105 -19.86 73.82 -66.85
C ILE OC 105 -19.82 72.91 -68.05
N LEU OC 106 -19.30 71.72 -67.86
CA LEU OC 106 -19.45 70.67 -68.84
C LEU OC 106 -20.91 70.24 -68.88
N PRO OC 107 -21.54 70.27 -70.06
CA PRO OC 107 -22.94 69.94 -70.17
C PRO OC 107 -23.16 68.45 -70.06
N PRO OC 108 -24.36 67.98 -69.71
CA PRO OC 108 -24.52 66.55 -69.45
C PRO OC 108 -24.77 65.74 -70.72
N VAL OC 109 -24.56 64.43 -70.60
CA VAL OC 109 -24.63 63.53 -71.74
C VAL OC 109 -26.05 62.97 -71.80
N LEU OC 110 -26.87 63.53 -72.66
CA LEU OC 110 -28.22 63.01 -72.84
C LEU OC 110 -28.21 61.95 -73.92
N LEU OC 111 -28.83 60.82 -73.64
CA LEU OC 111 -28.91 59.75 -74.60
C LEU OC 111 -30.35 59.57 -75.04
N GLU OC 112 -30.55 59.55 -76.35
CA GLU OC 112 -31.87 59.37 -76.95
C GLU OC 112 -32.02 57.92 -77.38
N GLY OC 113 -33.15 57.32 -77.06
CA GLY OC 113 -33.53 56.11 -77.71
C GLY OC 113 -34.87 56.32 -78.38
N ARG OC 114 -35.05 55.83 -79.58
CA ARG OC 114 -36.39 55.83 -80.15
C ARG OC 114 -36.83 54.40 -80.35
N ASN OC 115 -38.17 54.24 -80.41
CA ASN OC 115 -38.91 53.00 -80.69
C ASN OC 115 -38.57 51.88 -79.70
N THR OC 116 -38.61 52.20 -78.42
CA THR OC 116 -38.19 51.20 -77.45
C THR OC 116 -39.35 50.28 -77.13
N LEU OC 117 -39.08 48.98 -77.08
CA LEU OC 117 -40.01 48.10 -76.39
C LEU OC 117 -39.25 47.11 -75.55
N ASN OC 118 -39.89 46.68 -74.47
CA ASN OC 118 -39.41 45.60 -73.64
C ASN OC 118 -40.49 44.57 -73.49
N LEU OC 119 -40.22 43.39 -74.02
CA LEU OC 119 -40.99 42.20 -73.74
C LEU OC 119 -40.61 41.76 -72.33
N ALA OC 120 -41.50 42.00 -71.36
CA ALA OC 120 -41.11 41.66 -69.99
C ALA OC 120 -41.39 40.21 -69.70
N ASP OC 121 -42.48 39.70 -70.24
CA ASP OC 121 -42.88 38.32 -70.02
C ASP OC 121 -43.64 37.88 -71.26
N ALA OC 122 -44.41 36.81 -71.11
CA ALA OC 122 -45.26 36.35 -72.20
C ALA OC 122 -46.45 37.25 -72.41
N GLN OC 123 -46.88 37.94 -71.36
CA GLN OC 123 -48.16 38.63 -71.40
C GLN OC 123 -48.06 40.15 -71.47
N SER OC 124 -46.92 40.74 -71.17
CA SER OC 124 -46.87 42.19 -71.13
C SER OC 124 -45.61 42.71 -71.80
N ILE OC 125 -45.81 43.63 -72.74
CA ILE OC 125 -44.72 44.43 -73.24
C ILE OC 125 -44.97 45.87 -72.85
N ARG OC 126 -43.90 46.64 -72.87
CA ARG OC 126 -43.96 48.06 -72.58
C ARG OC 126 -43.22 48.76 -73.71
N ILE OC 127 -43.93 49.55 -74.48
CA ILE OC 127 -43.28 50.30 -75.52
C ILE OC 127 -43.22 51.74 -75.05
N SER OC 128 -42.23 52.44 -75.55
CA SER OC 128 -42.27 53.88 -75.51
C SER OC 128 -41.76 54.38 -76.85
N ASP OC 129 -42.15 55.60 -77.15
CA ASP OC 129 -41.76 56.12 -78.44
C ASP OC 129 -40.36 56.73 -78.39
N ARG OC 130 -40.11 57.64 -77.45
CA ARG OC 130 -38.79 58.24 -77.31
C ARG OC 130 -38.39 58.26 -75.84
N THR OC 131 -37.11 58.04 -75.59
CA THR OC 131 -36.56 58.01 -74.25
C THR OC 131 -35.37 58.92 -74.19
N TYR OC 132 -35.26 59.67 -73.11
CA TYR OC 132 -34.08 60.47 -72.87
C TYR OC 132 -33.52 60.12 -71.50
N LYS OC 133 -32.22 59.87 -71.48
CA LYS OC 133 -31.55 59.51 -70.24
C LYS OC 133 -30.42 60.49 -70.01
N VAL OC 134 -30.14 60.76 -68.74
CA VAL OC 134 -29.03 61.64 -68.39
C VAL OC 134 -27.94 60.78 -67.80
N ALA OC 135 -26.77 60.79 -68.43
CA ALA OC 135 -25.59 60.20 -67.84
C ALA OC 135 -24.46 61.20 -67.98
N LYS OC 136 -23.51 61.11 -67.04
CA LYS OC 136 -22.39 62.04 -66.82
C LYS OC 136 -22.91 63.47 -66.67
N GLN OC 137 -23.55 63.72 -65.53
CA GLN OC 137 -24.25 64.96 -65.20
C GLN OC 137 -23.36 66.20 -65.25
N ALA OC 138 -24.02 67.35 -65.37
CA ALA OC 138 -23.35 68.61 -65.69
C ALA OC 138 -22.56 69.13 -64.52
N HIS OC 139 -21.30 69.47 -64.78
CA HIS OC 139 -20.44 69.76 -63.64
C HIS OC 139 -19.36 70.74 -64.05
N PHE OC 140 -18.75 71.35 -63.05
CA PHE OC 140 -17.78 72.42 -63.24
C PHE OC 140 -16.47 71.83 -63.74
N ILE OC 141 -16.02 72.28 -64.89
CA ILE OC 141 -14.73 71.85 -65.38
C ILE OC 141 -13.80 73.05 -65.46
N THR OC 142 -12.54 72.82 -65.14
CA THR OC 142 -11.52 73.83 -65.29
C THR OC 142 -10.99 73.87 -66.70
N THR OC 143 -11.04 72.74 -67.38
CA THR OC 143 -10.61 72.68 -68.75
C THR OC 143 -11.54 71.77 -69.53
N PRO OC 144 -11.72 71.99 -70.84
CA PRO OC 144 -12.47 71.06 -71.64
C PRO OC 144 -11.74 69.76 -71.83
N PRO OC 145 -12.45 68.66 -72.06
CA PRO OC 145 -11.78 67.43 -72.46
C PRO OC 145 -11.30 67.55 -73.89
N THR OC 146 -10.16 66.96 -74.16
CA THR OC 146 -9.65 66.91 -75.51
C THR OC 146 -10.05 65.56 -76.10
N TRP OC 147 -9.58 65.26 -77.31
CA TRP OC 147 -9.87 63.95 -77.86
C TRP OC 147 -8.98 62.88 -77.25
N ARG OC 148 -7.81 63.27 -76.73
CA ARG OC 148 -6.81 62.31 -76.30
C ARG OC 148 -7.14 61.62 -75.00
N GLN OC 149 -8.12 62.11 -74.24
CA GLN OC 149 -8.51 61.38 -73.04
C GLN OC 149 -9.35 60.17 -73.38
N TYR OC 150 -9.97 60.18 -74.54
CA TYR OC 150 -10.73 59.05 -75.05
C TYR OC 150 -9.90 58.21 -76.01
N LEU OC 151 -9.31 58.83 -77.01
CA LEU OC 151 -8.85 58.10 -78.19
C LEU OC 151 -7.43 57.60 -78.12
N TRP OC 152 -6.57 58.16 -77.29
CA TRP OC 152 -5.14 57.88 -77.34
C TRP OC 152 -4.86 56.50 -76.77
N MET OC 153 -4.54 55.57 -77.67
CA MET OC 153 -4.24 54.22 -77.27
C MET OC 153 -2.85 54.15 -76.68
N ASP OC 154 -2.63 53.18 -75.83
CA ASP OC 154 -1.48 53.19 -74.96
C ASP OC 154 -0.32 52.45 -75.58
N TYR OC 155 0.78 53.16 -75.79
CA TYR OC 155 1.95 52.58 -76.44
C TYR OC 155 2.97 52.20 -75.39
N VAL OC 156 3.21 50.90 -75.27
CA VAL OC 156 4.43 50.38 -74.72
C VAL OC 156 5.10 49.54 -75.81
N LYS OC 157 6.38 49.31 -75.66
CA LYS OC 157 7.12 48.49 -76.63
C LYS OC 157 7.67 47.28 -75.91
N PRO OC 158 7.19 46.06 -76.20
CA PRO OC 158 7.63 44.89 -75.43
C PRO OC 158 8.98 44.40 -75.91
N GLU OC 159 9.88 44.15 -74.96
CA GLU OC 159 11.17 43.54 -75.24
C GLU OC 159 11.18 42.05 -74.95
N ALA OC 160 10.02 41.39 -75.02
CA ALA OC 160 9.90 40.04 -74.53
C ALA OC 160 9.65 39.06 -75.68
N PRO OC 161 10.62 38.24 -76.06
CA PRO OC 161 10.34 37.15 -77.00
C PRO OC 161 9.74 35.95 -76.29
N LYS OC 173 9.25 26.37 -85.43
CA LYS OC 173 9.83 27.35 -86.34
C LYS OC 173 8.82 27.67 -87.46
N GLU OC 174 8.34 26.64 -88.16
CA GLU OC 174 7.38 26.86 -89.24
C GLU OC 174 5.97 27.13 -88.71
N ILE OC 175 5.55 26.40 -87.67
CA ILE OC 175 4.27 26.67 -87.04
C ILE OC 175 4.38 27.87 -86.12
N TRP OC 176 5.60 28.16 -85.62
CA TRP OC 176 5.89 29.43 -84.95
C TRP OC 176 5.65 30.61 -85.86
N CYS OC 177 6.09 30.50 -87.12
CA CYS OC 177 5.93 31.59 -88.08
C CYS OC 177 4.48 31.78 -88.50
N ILE OC 178 3.77 30.68 -88.79
CA ILE OC 178 2.40 30.84 -89.28
C ILE OC 178 1.42 31.14 -88.13
N TYR OC 179 1.65 30.64 -86.92
CA TYR OC 179 0.78 30.99 -85.82
C TYR OC 179 1.17 32.31 -85.20
N THR OC 180 2.41 32.78 -85.39
CA THR OC 180 2.75 34.08 -84.88
C THR OC 180 2.25 35.17 -85.82
N GLU OC 181 2.06 34.87 -87.11
CA GLU OC 181 1.38 35.86 -87.93
C GLU OC 181 -0.13 35.79 -87.78
N ARG OC 182 -0.68 34.62 -87.41
CA ARG OC 182 -2.09 34.57 -86.99
C ARG OC 182 -2.33 35.33 -85.69
N GLY OC 183 -1.38 35.26 -84.76
CA GLY OC 183 -1.46 36.04 -83.55
C GLY OC 183 -1.23 37.51 -83.77
N TRP OC 184 -0.40 37.86 -84.77
CA TRP OC 184 -0.17 39.24 -85.15
C TRP OC 184 -1.41 39.88 -85.74
N LYS OC 185 -2.17 39.11 -86.53
CA LYS OC 185 -3.42 39.65 -87.04
C LYS OC 185 -4.51 39.69 -85.97
N ASN OC 186 -4.42 38.81 -84.97
CA ASN OC 186 -5.33 38.91 -83.85
C ASN OC 186 -5.01 40.09 -82.96
N GLY OC 187 -3.73 40.45 -82.87
CA GLY OC 187 -3.36 41.66 -82.15
C GLY OC 187 -3.76 42.92 -82.88
N ILE OC 188 -3.73 42.87 -84.22
CA ILE OC 188 -4.11 44.02 -85.03
C ILE OC 188 -5.60 44.31 -84.96
N ASP OC 189 -6.45 43.27 -85.09
CA ASP OC 189 -7.87 43.58 -85.00
C ASP OC 189 -8.36 43.72 -83.56
N GLN OC 190 -7.61 43.22 -82.59
CA GLN OC 190 -7.97 43.46 -81.19
C GLN OC 190 -7.66 44.89 -80.78
N ALA OC 191 -6.56 45.45 -81.31
CA ALA OC 191 -6.30 46.87 -81.10
C ALA OC 191 -7.25 47.76 -81.88
N ASN OC 192 -7.73 47.29 -83.04
CA ASN OC 192 -8.73 48.04 -83.79
C ASN OC 192 -10.08 48.05 -83.10
N THR OC 193 -10.41 46.98 -82.37
CA THR OC 193 -11.65 47.01 -81.59
C THR OC 193 -11.54 47.87 -80.35
N ILE OC 194 -10.33 48.00 -79.78
CA ILE OC 194 -10.14 48.93 -78.66
C ILE OC 194 -10.29 50.38 -79.11
N LEU OC 195 -9.72 50.71 -80.28
CA LEU OC 195 -9.89 52.04 -80.88
C LEU OC 195 -11.32 52.32 -81.30
N GLU OC 196 -12.05 51.30 -81.75
CA GLU OC 196 -13.46 51.45 -82.12
C GLU OC 196 -14.34 51.68 -80.89
N GLU OC 197 -13.97 51.08 -79.76
CA GLU OC 197 -14.64 51.37 -78.49
C GLU OC 197 -14.36 52.78 -78.00
N ASN OC 198 -13.14 53.29 -78.22
CA ASN OC 198 -12.80 54.64 -77.81
C ASN OC 198 -13.48 55.69 -78.69
N ILE OC 199 -13.61 55.38 -79.98
CA ILE OC 199 -14.34 56.18 -80.97
C ILE OC 199 -15.80 56.26 -80.61
N ALA OC 200 -16.34 55.16 -80.12
CA ALA OC 200 -17.73 55.13 -79.72
C ALA OC 200 -17.97 55.84 -78.41
N ARG OC 201 -16.97 55.84 -77.53
CA ARG OC 201 -17.08 56.53 -76.24
C ARG OC 201 -17.05 58.03 -76.41
N ILE OC 202 -16.19 58.53 -77.30
CA ILE OC 202 -16.13 59.96 -77.54
C ILE OC 202 -17.33 60.40 -78.38
N LYS OC 203 -17.91 59.50 -79.20
CA LYS OC 203 -19.11 59.83 -79.93
C LYS OC 203 -20.33 59.86 -79.02
N GLU OC 204 -20.32 59.03 -77.97
CA GLU OC 204 -21.38 59.04 -76.98
C GLU OC 204 -21.38 60.31 -76.15
N ASP OC 205 -20.19 60.74 -75.70
CA ASP OC 205 -20.13 61.93 -74.85
C ASP OC 205 -20.36 63.22 -75.65
N PHE OC 206 -19.82 63.31 -76.86
CA PHE OC 206 -19.99 64.53 -77.61
C PHE OC 206 -21.37 64.63 -78.26
N GLY OC 207 -21.97 63.50 -78.64
CA GLY OC 207 -23.35 63.53 -79.08
C GLY OC 207 -24.34 63.74 -77.96
N GLY OC 208 -23.94 63.38 -76.72
CA GLY OC 208 -24.77 63.73 -75.58
C GLY OC 208 -24.79 65.19 -75.24
N MET OC 209 -23.66 65.87 -75.38
CA MET OC 209 -23.67 67.31 -75.15
C MET OC 209 -24.32 68.09 -76.30
N ILE OC 210 -24.25 67.54 -77.51
CA ILE OC 210 -24.97 68.07 -78.66
C ILE OC 210 -26.47 67.90 -78.48
N LEU OC 211 -26.87 66.78 -77.89
CA LEU OC 211 -28.27 66.51 -77.62
C LEU OC 211 -28.78 67.32 -76.44
N TYR OC 212 -27.88 67.72 -75.53
CA TYR OC 212 -28.24 68.68 -74.50
C TYR OC 212 -28.56 70.03 -75.10
N ARG OC 213 -27.76 70.47 -76.07
CA ARG OC 213 -28.01 71.77 -76.69
C ARG OC 213 -29.28 71.77 -77.53
N LYS OC 214 -29.61 70.62 -78.13
CA LYS OC 214 -30.88 70.48 -78.82
C LYS OC 214 -32.06 70.44 -77.87
N LEU OC 215 -31.93 69.78 -76.72
CA LEU OC 215 -33.07 69.71 -75.82
C LEU OC 215 -33.23 70.97 -74.98
N LEU OC 216 -32.15 71.70 -74.77
CA LEU OC 216 -32.24 73.01 -74.15
C LEU OC 216 -32.87 74.02 -75.10
N ALA OC 217 -32.60 73.87 -76.41
CA ALA OC 217 -33.28 74.70 -77.39
C ALA OC 217 -34.74 74.32 -77.56
N MET OC 218 -35.07 73.05 -77.35
CA MET OC 218 -36.44 72.59 -77.48
C MET OC 218 -37.19 72.61 -76.16
N ASN OC 219 -36.55 73.15 -75.11
CA ASN OC 219 -37.07 73.33 -73.75
C ASN OC 219 -37.43 72.00 -73.10
N MET OC 220 -36.62 70.99 -73.37
CA MET OC 220 -36.83 69.69 -72.78
C MET OC 220 -35.95 69.44 -71.56
N VAL OC 221 -34.99 70.31 -71.27
CA VAL OC 221 -34.19 70.20 -70.06
C VAL OC 221 -34.04 71.56 -69.44
N SER OC 222 -33.80 71.56 -68.17
CA SER OC 222 -33.48 72.79 -67.48
C SER OC 222 -32.01 73.14 -67.70
N PRO OC 223 -31.68 74.41 -67.93
CA PRO OC 223 -30.29 74.81 -67.88
C PRO OC 223 -29.82 74.87 -66.43
N PRO OC 224 -28.52 74.72 -66.16
CA PRO OC 224 -28.09 74.74 -64.76
C PRO OC 224 -28.02 76.15 -64.20
N TYR OC 225 -28.44 76.27 -62.96
CA TYR OC 225 -28.55 77.55 -62.30
C TYR OC 225 -27.38 77.68 -61.36
N VAL OC 226 -26.41 78.50 -61.74
CA VAL OC 226 -25.33 78.82 -60.83
C VAL OC 226 -25.81 79.85 -59.81
N SER OC 227 -25.09 79.91 -58.71
CA SER OC 227 -25.34 80.87 -57.66
C SER OC 227 -23.97 81.33 -57.20
N HIS OC 228 -23.59 82.54 -57.59
CA HIS OC 228 -22.33 83.11 -57.14
C HIS OC 228 -22.62 84.02 -55.99
N THR OC 229 -22.36 83.55 -54.78
CA THR OC 229 -22.47 84.43 -53.62
C THR OC 229 -21.12 85.11 -53.47
N ASP OC 230 -21.15 86.42 -53.44
CA ASP OC 230 -19.94 87.21 -53.35
C ASP OC 230 -19.62 87.38 -51.88
N LEU OC 231 -18.35 87.51 -51.59
CA LEU OC 231 -17.84 87.87 -50.28
C LEU OC 231 -16.76 88.90 -50.49
N GLY OC 232 -16.64 89.82 -49.54
CA GLY OC 232 -15.62 90.84 -49.59
C GLY OC 232 -14.25 90.37 -49.16
N VAL OC 233 -13.45 91.26 -48.59
CA VAL OC 233 -12.13 90.82 -48.19
C VAL OC 233 -12.26 90.12 -46.85
N THR OC 234 -11.60 88.99 -46.75
CA THR OC 234 -12.03 87.95 -45.86
C THR OC 234 -10.83 87.37 -45.16
N GLY OC 235 -11.05 86.38 -44.33
CA GLY OC 235 -9.99 85.77 -43.57
C GLY OC 235 -9.57 86.62 -42.38
N ASP OC 236 -8.58 86.13 -41.68
CA ASP OC 236 -8.04 86.81 -40.52
C ASP OC 236 -6.88 87.68 -40.97
N GLY OC 237 -6.05 88.12 -40.02
CA GLY OC 237 -4.92 88.97 -40.34
C GLY OC 237 -3.75 88.26 -41.02
N SER OC 238 -3.75 86.93 -41.05
CA SER OC 238 -2.61 86.22 -41.59
C SER OC 238 -2.81 85.73 -43.01
N GLU OC 239 -4.04 85.62 -43.49
CA GLU OC 239 -4.27 85.13 -44.84
C GLU OC 239 -5.55 85.76 -45.33
N ILE OC 240 -5.46 86.75 -46.21
CA ILE OC 240 -6.67 87.33 -46.74
C ILE OC 240 -6.83 86.90 -48.18
N HIS OC 241 -8.07 86.89 -48.62
CA HIS OC 241 -8.45 86.85 -50.02
C HIS OC 241 -9.24 88.11 -50.22
N ILE OC 242 -9.28 88.64 -51.44
CA ILE OC 242 -9.85 89.97 -51.58
C ILE OC 242 -11.25 89.92 -52.18
N ASP OC 243 -11.41 89.41 -53.38
CA ASP OC 243 -12.75 89.30 -53.94
C ASP OC 243 -13.02 87.81 -53.92
N ASP OC 244 -13.76 87.35 -52.91
CA ASP OC 244 -13.92 85.93 -52.66
C ASP OC 244 -15.31 85.55 -53.12
N ARG OC 245 -15.40 85.02 -54.32
CA ARG OC 245 -16.69 84.57 -54.81
C ARG OC 245 -16.76 83.06 -54.63
N VAL OC 246 -17.94 82.54 -54.36
CA VAL OC 246 -18.15 81.10 -54.36
C VAL OC 246 -19.34 80.79 -55.24
N LEU OC 247 -19.11 79.94 -56.23
CA LEU OC 247 -20.05 79.67 -57.30
C LEU OC 247 -20.51 78.23 -57.14
N ARG OC 248 -21.79 78.05 -56.87
CA ARG OC 248 -22.34 76.72 -56.77
C ARG OC 248 -23.26 76.48 -57.94
N ILE OC 249 -23.56 75.21 -58.19
CA ILE OC 249 -24.65 74.83 -59.05
C ILE OC 249 -25.79 74.42 -58.14
N THR OC 250 -26.82 75.24 -58.09
CA THR OC 250 -27.95 74.93 -57.25
C THR OC 250 -28.87 73.94 -57.92
N ALA OC 251 -29.25 74.23 -59.16
CA ALA OC 251 -30.12 73.37 -59.92
C ALA OC 251 -29.28 72.59 -60.93
N LEU OC 252 -29.23 71.29 -60.77
CA LEU OC 252 -28.63 70.47 -61.80
C LEU OC 252 -29.60 70.35 -62.97
N PRO OC 253 -29.09 70.16 -64.19
CA PRO OC 253 -29.97 69.99 -65.34
C PRO OC 253 -30.70 68.66 -65.31
N GLU OC 254 -31.98 68.74 -65.65
CA GLU OC 254 -32.84 67.59 -65.58
C GLU OC 254 -33.90 67.75 -66.65
N LEU OC 255 -34.54 66.64 -66.96
CA LEU OC 255 -35.49 66.60 -68.05
C LEU OC 255 -36.82 67.19 -67.61
N ASN OC 256 -37.37 68.06 -68.44
CA ASN OC 256 -38.60 68.75 -68.10
C ASN OC 256 -39.79 67.88 -68.45
N VAL OC 257 -40.38 67.28 -67.43
CA VAL OC 257 -41.39 66.26 -67.62
C VAL OC 257 -42.77 66.88 -67.87
N ASN OC 258 -42.93 68.16 -67.63
CA ASN OC 258 -44.17 68.84 -68.02
C ASN OC 258 -44.08 69.15 -69.50
N SER OC 259 -44.79 68.37 -70.31
CA SER OC 259 -44.57 68.37 -71.75
C SER OC 259 -45.26 69.51 -72.47
N ALA OC 260 -46.08 70.29 -71.77
CA ALA OC 260 -46.73 71.42 -72.41
C ALA OC 260 -45.84 72.64 -72.54
N GLU OC 261 -44.65 72.63 -71.93
CA GLU OC 261 -43.69 73.71 -72.03
C GLU OC 261 -42.72 73.53 -73.18
N TRP OC 262 -42.88 72.48 -73.96
CA TRP OC 262 -41.87 72.08 -74.92
C TRP OC 262 -42.00 72.92 -76.18
N ARG OC 263 -40.94 72.95 -76.96
CA ARG OC 263 -40.90 73.75 -78.18
C ARG OC 263 -40.60 72.82 -79.33
N ALA OC 264 -41.26 73.03 -80.45
CA ALA OC 264 -40.98 72.27 -81.66
C ALA OC 264 -40.13 73.13 -82.56
N ALA OC 265 -39.16 72.54 -83.24
CA ALA OC 265 -38.34 73.32 -84.14
C ALA OC 265 -38.62 72.96 -85.59
N VAL OC 266 -39.65 73.57 -86.16
CA VAL OC 266 -39.94 73.33 -87.56
C VAL OC 266 -39.08 74.24 -88.43
N ALA OC 267 -38.32 73.62 -89.34
CA ALA OC 267 -37.35 74.35 -90.13
C ALA OC 267 -37.90 74.54 -91.53
N LYS OC 268 -37.07 75.06 -92.43
CA LYS OC 268 -37.47 75.30 -93.79
C LYS OC 268 -36.31 75.16 -94.76
N PHE PC 25 8.58 73.51 -110.81
CA PHE PC 25 7.67 72.46 -110.33
C PHE PC 25 7.23 72.71 -108.88
N LYS PC 26 5.94 72.57 -108.64
CA LYS PC 26 5.39 72.73 -107.31
C LYS PC 26 5.15 71.38 -106.68
N LYS PC 27 4.63 71.42 -105.47
CA LYS PC 27 4.43 70.26 -104.64
C LYS PC 27 2.98 70.28 -104.16
N PRO PC 28 2.44 69.16 -103.70
CA PRO PC 28 1.12 69.21 -103.07
C PRO PC 28 1.22 69.77 -101.66
N PRO PC 29 0.09 70.06 -101.01
CA PRO PC 29 0.11 70.29 -99.57
C PRO PC 29 0.55 69.06 -98.79
N ILE PC 30 1.26 69.32 -97.71
CA ILE PC 30 2.08 68.28 -97.11
C ILE PC 30 1.26 67.35 -96.23
N ASN PC 31 0.47 67.91 -95.32
CA ASN PC 31 -0.62 67.15 -94.71
C ASN PC 31 -1.94 67.52 -95.37
N ASN PC 32 -1.99 67.25 -96.55
CA ASN PC 32 -3.20 67.31 -97.33
C ASN PC 32 -4.07 66.12 -96.98
N PRO PC 33 -5.37 66.24 -97.07
CA PRO PC 33 -6.20 65.06 -97.20
C PRO PC 33 -6.04 64.48 -98.60
N SER PC 34 -5.04 63.63 -98.77
CA SER PC 34 -4.77 62.97 -100.04
C SER PC 34 -5.22 61.53 -100.00
N ASP PC 35 -6.22 61.26 -99.18
CA ASP PC 35 -6.58 59.91 -98.79
C ASP PC 35 -8.09 59.88 -98.67
N ASP PC 36 -8.69 58.72 -98.98
CA ASP PC 36 -10.13 58.66 -99.15
C ASP PC 36 -10.89 58.64 -97.85
N ALA PC 37 -10.25 58.25 -96.76
CA ALA PC 37 -10.88 58.42 -95.45
C ALA PC 37 -10.71 59.83 -94.94
N THR PC 38 -9.53 60.39 -95.16
CA THR PC 38 -9.21 61.65 -94.52
C THR PC 38 -9.77 62.83 -95.27
N ILE PC 39 -10.22 62.65 -96.52
CA ILE PC 39 -11.01 63.69 -97.16
C ILE PC 39 -12.36 63.83 -96.48
N LYS PC 40 -12.95 62.69 -96.06
CA LYS PC 40 -14.24 62.70 -95.40
C LYS PC 40 -14.11 63.17 -93.97
N LEU PC 41 -12.98 62.86 -93.35
CA LEU PC 41 -12.69 63.31 -91.99
C LEU PC 41 -12.47 64.82 -91.94
N ALA PC 42 -11.73 65.37 -92.89
CA ALA PC 42 -11.48 66.81 -92.83
C ALA PC 42 -12.63 67.64 -93.42
N GLU PC 43 -13.45 67.09 -94.32
CA GLU PC 43 -14.60 67.88 -94.72
C GLU PC 43 -15.76 67.76 -93.75
N ALA PC 44 -15.75 66.69 -92.95
CA ALA PC 44 -16.57 66.67 -91.74
C ALA PC 44 -16.06 67.66 -90.72
N ALA PC 45 -14.74 67.91 -90.68
CA ALA PC 45 -14.19 68.91 -89.76
C ALA PC 45 -14.56 70.33 -90.15
N VAL PC 46 -14.61 70.63 -91.46
CA VAL PC 46 -14.97 72.00 -91.83
C VAL PC 46 -16.49 72.19 -91.73
N SER PC 47 -17.27 71.09 -91.84
CA SER PC 47 -18.70 71.21 -91.60
C SER PC 47 -19.05 71.33 -90.14
N VAL PC 48 -18.30 70.67 -89.25
CA VAL PC 48 -18.63 70.80 -87.84
C VAL PC 48 -18.07 72.12 -87.30
N SER PC 49 -17.04 72.69 -87.94
CA SER PC 49 -16.55 73.99 -87.56
C SER PC 49 -17.48 75.11 -88.00
N ASP PC 50 -18.09 75.01 -89.18
CA ASP PC 50 -19.00 76.09 -89.55
C ASP PC 50 -20.36 75.95 -88.87
N SER PC 51 -20.77 74.72 -88.52
CA SER PC 51 -22.01 74.61 -87.76
C SER PC 51 -21.82 74.98 -86.29
N MET PC 52 -20.60 74.84 -85.77
CA MET PC 52 -20.24 75.46 -84.50
C MET PC 52 -20.21 76.97 -84.60
N LEU PC 53 -19.82 77.50 -85.75
CA LEU PC 53 -19.85 78.95 -85.97
C LEU PC 53 -21.27 79.49 -86.06
N GLU PC 54 -22.23 78.76 -86.65
CA GLU PC 54 -23.60 79.27 -86.60
C GLU PC 54 -24.28 79.01 -85.26
N MET PC 55 -23.80 78.04 -84.47
CA MET PC 55 -24.27 77.93 -83.09
C MET PC 55 -23.77 79.09 -82.24
N ALA PC 56 -22.53 79.50 -82.48
CA ALA PC 56 -21.96 80.67 -81.82
C ALA PC 56 -22.60 81.97 -82.30
N LYS PC 57 -22.97 82.02 -83.57
CA LYS PC 57 -23.68 83.15 -84.17
C LYS PC 57 -25.07 83.29 -83.61
N VAL PC 58 -25.70 82.19 -83.22
CA VAL PC 58 -27.05 82.29 -82.75
C VAL PC 58 -27.11 82.37 -81.22
N GLU PC 59 -26.02 82.03 -80.54
CA GLU PC 59 -26.01 82.17 -79.10
C GLU PC 59 -25.28 83.41 -78.62
N LYS PC 60 -24.57 84.10 -79.51
CA LYS PC 60 -23.73 85.22 -79.14
C LYS PC 60 -24.59 86.43 -78.85
N VAL PC 61 -24.83 86.70 -77.58
CA VAL PC 61 -25.53 87.92 -77.19
C VAL PC 61 -24.57 89.09 -77.36
N ILE PC 62 -24.95 90.03 -78.20
CA ILE PC 62 -24.13 91.18 -78.48
C ILE PC 62 -24.82 92.40 -77.91
N THR PC 63 -24.16 93.54 -78.04
CA THR PC 63 -24.82 94.77 -77.80
C THR PC 63 -24.43 95.65 -78.98
N PRO PC 64 -25.30 96.53 -79.44
CA PRO PC 64 -24.87 97.58 -80.35
C PRO PC 64 -23.98 98.57 -79.64
N PRO PC 65 -23.05 99.23 -80.35
CA PRO PC 65 -22.22 100.26 -79.69
C PRO PC 65 -22.95 101.57 -79.49
N SER PC 66 -24.11 101.75 -80.10
CA SER PC 66 -24.98 102.87 -79.73
C SER PC 66 -25.62 102.65 -78.37
N LYS PC 67 -25.82 101.39 -77.99
CA LYS PC 67 -26.49 101.06 -76.74
C LYS PC 67 -25.62 100.12 -75.92
N ASP PC 68 -24.35 100.47 -75.76
CA ASP PC 68 -23.42 99.57 -75.08
C ASP PC 68 -23.21 99.89 -73.62
N ASN PC 69 -23.50 101.13 -73.22
CA ASN PC 69 -23.55 101.77 -71.89
C ASN PC 69 -22.23 101.86 -71.12
N THR PC 70 -21.13 101.42 -71.73
CA THR PC 70 -19.81 101.62 -71.15
C THR PC 70 -19.37 103.06 -71.33
N LEU PC 71 -18.40 103.46 -70.53
CA LEU PC 71 -17.94 104.84 -70.56
C LEU PC 71 -17.02 105.05 -71.75
N THR PC 72 -17.29 106.11 -72.50
CA THR PC 72 -16.35 106.54 -73.52
C THR PC 72 -15.18 107.25 -72.87
N ILE PC 73 -14.06 107.30 -73.57
CA ILE PC 73 -12.90 108.01 -73.04
C ILE PC 73 -13.14 109.51 -73.25
N PRO PC 74 -13.07 110.32 -72.20
CA PRO PC 74 -13.61 111.68 -72.27
C PRO PC 74 -12.67 112.74 -72.81
N ASN PC 75 -11.52 112.34 -73.38
CA ASN PC 75 -10.51 113.09 -74.14
C ASN PC 75 -9.99 114.37 -73.47
N ALA PC 76 -10.02 114.46 -72.14
CA ALA PC 76 -9.38 115.56 -71.45
C ALA PC 76 -7.87 115.35 -71.44
N TYR PC 77 -7.13 116.47 -71.52
CA TYR PC 77 -5.68 116.42 -71.66
C TYR PC 77 -5.00 115.97 -70.38
N ASN PC 78 -5.63 116.23 -69.22
CA ASN PC 78 -5.17 115.62 -67.99
C ASN PC 78 -5.53 114.14 -67.94
N LEU PC 79 -6.60 113.75 -68.63
CA LEU PC 79 -6.97 112.35 -68.67
C LEU PC 79 -6.21 111.56 -69.73
N GLN PC 80 -5.41 112.22 -70.56
CA GLN PC 80 -4.52 111.51 -71.47
C GLN PC 80 -3.14 111.27 -70.87
N ALA PC 81 -3.00 111.38 -69.56
CA ALA PC 81 -1.74 111.05 -68.89
C ALA PC 81 -1.60 109.55 -68.80
N ARG PC 82 -0.43 109.07 -69.20
CA ARG PC 82 -0.14 107.64 -69.11
C ARG PC 82 0.18 107.30 -67.67
N ALA PC 83 -0.48 106.28 -67.14
CA ALA PC 83 -0.39 105.98 -65.72
C ALA PC 83 0.09 104.56 -65.52
N SER PC 84 0.21 104.16 -64.26
CA SER PC 84 0.69 102.83 -63.91
C SER PC 84 0.08 102.45 -62.57
N VAL PC 85 -0.70 101.39 -62.54
CA VAL PC 85 -1.42 101.01 -61.34
C VAL PC 85 -1.51 99.49 -61.27
N ASP PC 86 -1.02 98.92 -60.18
CA ASP PC 86 -1.42 97.59 -59.75
C ASP PC 86 -2.24 97.80 -58.49
N TRP PC 87 -3.53 97.50 -58.55
CA TRP PC 87 -4.38 97.66 -57.40
C TRP PC 87 -5.56 96.74 -57.46
N SER PC 88 -5.91 96.20 -56.31
CA SER PC 88 -7.17 95.52 -56.11
C SER PC 88 -7.84 96.08 -54.88
N GLY PC 89 -9.16 96.21 -54.92
CA GLY PC 89 -9.92 96.68 -53.78
C GLY PC 89 -11.15 97.47 -54.17
N PRO PC 90 -11.71 98.27 -53.24
CA PRO PC 90 -12.97 98.97 -53.52
C PRO PC 90 -12.75 100.21 -54.38
N ILE PC 91 -13.74 100.51 -55.20
CA ILE PC 91 -13.55 101.35 -56.39
C ILE PC 91 -13.41 102.83 -56.04
N GLU PC 92 -13.97 103.25 -54.88
CA GLU PC 92 -14.05 104.65 -54.47
C GLU PC 92 -12.69 105.24 -54.14
N GLU PC 93 -11.79 104.42 -53.64
CA GLU PC 93 -10.47 104.84 -53.26
C GLU PC 93 -9.55 104.99 -54.46
N LEU PC 94 -9.67 104.06 -55.41
CA LEU PC 94 -8.90 104.10 -56.64
C LEU PC 94 -9.35 105.23 -57.54
N THR PC 95 -10.67 105.48 -57.61
CA THR PC 95 -11.19 106.60 -58.38
C THR PC 95 -10.87 107.94 -57.77
N ALA PC 96 -10.84 108.02 -56.43
CA ALA PC 96 -10.43 109.23 -55.73
C ALA PC 96 -8.98 109.57 -56.01
N ARG PC 97 -8.12 108.54 -56.06
CA ARG PC 97 -6.73 108.88 -56.23
C ARG PC 97 -6.32 108.99 -57.69
N ILE PC 98 -7.08 108.40 -58.63
CA ILE PC 98 -6.82 108.77 -60.01
C ILE PC 98 -7.50 110.09 -60.38
N ALA PC 99 -8.48 110.53 -59.60
CA ALA PC 99 -9.04 111.86 -59.77
C ALA PC 99 -8.06 112.92 -59.32
N LYS PC 100 -7.41 112.70 -58.18
CA LYS PC 100 -6.37 113.65 -57.78
C LYS PC 100 -5.06 113.44 -58.53
N ALA PC 101 -4.88 112.31 -59.21
CA ALA PC 101 -3.82 112.22 -60.19
C ALA PC 101 -4.10 113.04 -61.43
N ALA PC 102 -5.33 113.04 -61.91
CA ALA PC 102 -5.68 113.78 -63.10
C ALA PC 102 -6.21 115.18 -62.81
N HIS PC 103 -6.03 115.66 -61.56
CA HIS PC 103 -6.37 117.01 -61.09
C HIS PC 103 -7.86 117.30 -61.19
N PHE PC 104 -8.67 116.26 -61.02
CA PHE PC 104 -10.10 116.36 -61.12
C PHE PC 104 -10.67 116.28 -59.73
N ARG PC 105 -11.83 116.90 -59.54
CA ARG PC 105 -12.52 116.68 -58.30
C ARG PC 105 -13.22 115.34 -58.34
N PHE PC 106 -13.56 114.84 -57.15
CA PHE PC 106 -14.12 113.51 -57.04
C PHE PC 106 -15.38 113.56 -56.20
N ARG PC 107 -16.52 113.26 -56.79
CA ARG PC 107 -17.75 113.19 -56.05
C ARG PC 107 -18.24 111.75 -55.99
N VAL PC 108 -18.87 111.43 -54.87
CA VAL PC 108 -19.56 110.15 -54.72
C VAL PC 108 -21.05 110.44 -54.52
N LEU PC 109 -21.87 109.90 -55.41
CA LEU PC 109 -23.31 110.03 -55.32
C LEU PC 109 -23.89 108.68 -54.94
N GLY PC 110 -24.80 108.69 -53.98
CA GLY PC 110 -25.43 107.47 -53.50
C GLY PC 110 -24.72 106.94 -52.27
N LYS PC 111 -25.26 105.83 -51.78
CA LYS PC 111 -24.74 105.16 -50.60
C LYS PC 111 -23.81 104.05 -51.04
N SER PC 112 -22.76 103.84 -50.29
CA SER PC 112 -21.87 102.73 -50.59
C SER PC 112 -22.35 101.50 -49.85
N PRO PC 113 -22.30 100.31 -50.45
CA PRO PC 113 -22.73 99.11 -49.74
C PRO PC 113 -21.64 98.64 -48.80
N SER PC 114 -22.07 97.91 -47.77
CA SER PC 114 -21.18 97.42 -46.73
C SER PC 114 -20.30 96.28 -47.22
N VAL PC 115 -20.83 95.40 -48.05
CA VAL PC 115 -19.97 94.59 -48.90
C VAL PC 115 -19.39 95.55 -49.92
N PRO PC 116 -18.07 95.70 -50.02
CA PRO PC 116 -17.51 96.69 -50.92
C PRO PC 116 -17.50 96.18 -52.35
N VAL PC 117 -17.75 97.11 -53.27
CA VAL PC 117 -17.67 96.79 -54.69
C VAL PC 117 -16.22 96.72 -55.10
N LEU PC 118 -15.69 95.51 -55.19
CA LEU PC 118 -14.27 95.30 -55.37
C LEU PC 118 -13.94 95.32 -56.83
N ILE PC 119 -12.68 95.58 -57.14
CA ILE PC 119 -12.24 95.85 -58.50
C ILE PC 119 -10.79 95.44 -58.58
N SER PC 120 -10.28 95.24 -59.79
CA SER PC 120 -8.88 94.86 -59.97
C SER PC 120 -8.36 95.42 -61.27
N ILE PC 121 -7.44 96.37 -61.20
CA ILE PC 121 -6.71 96.84 -62.38
C ILE PC 121 -5.23 96.61 -62.13
N SER PC 122 -4.58 95.94 -63.05
CA SER PC 122 -3.14 95.78 -63.00
C SER PC 122 -2.59 96.03 -64.39
N THR PC 123 -2.21 97.28 -64.65
CA THR PC 123 -1.50 97.61 -65.88
C THR PC 123 -0.43 98.64 -65.60
N LYS PC 124 0.65 98.54 -66.35
CA LYS PC 124 1.87 99.23 -65.95
C LYS PC 124 2.27 100.38 -66.86
N ASP PC 125 1.62 100.56 -68.00
CA ASP PC 125 1.73 101.79 -68.79
C ASP PC 125 0.45 101.88 -69.60
N GLU PC 126 -0.52 102.64 -69.10
CA GLU PC 126 -1.78 102.77 -69.80
C GLU PC 126 -2.42 104.08 -69.39
N SER PC 127 -3.28 104.61 -70.25
CA SER PC 127 -3.82 105.94 -70.05
C SER PC 127 -4.92 105.95 -68.99
N LEU PC 128 -5.04 107.10 -68.35
CA LEU PC 128 -5.90 107.29 -67.20
C LEU PC 128 -7.39 107.24 -67.53
N ALA PC 129 -7.76 107.69 -68.72
CA ALA PC 129 -9.14 107.59 -69.16
C ALA PC 129 -9.52 106.15 -69.48
N GLU PC 130 -8.57 105.37 -69.96
CA GLU PC 130 -8.82 103.95 -70.18
C GLU PC 130 -8.85 103.16 -68.90
N ILE PC 131 -8.12 103.62 -67.87
CA ILE PC 131 -8.23 103.06 -66.53
C ILE PC 131 -9.60 103.33 -65.95
N LEU PC 132 -10.12 104.54 -66.21
CA LEU PC 132 -11.48 104.92 -65.81
C LEU PC 132 -12.55 104.14 -66.57
N ARG PC 133 -12.27 103.80 -67.83
CA ARG PC 133 -13.15 102.93 -68.61
C ARG PC 133 -13.12 101.51 -68.06
N ASP PC 134 -11.96 101.10 -67.54
CA ASP PC 134 -11.80 99.75 -67.03
C ASP PC 134 -12.48 99.57 -65.67
N ILE PC 135 -12.44 100.58 -64.79
CA ILE PC 135 -13.16 100.42 -63.53
C ILE PC 135 -14.65 100.62 -63.73
N ASP PC 136 -15.05 101.39 -64.76
CA ASP PC 136 -16.48 101.50 -65.08
C ASP PC 136 -17.02 100.19 -65.64
N TYR PC 137 -16.19 99.48 -66.41
CA TYR PC 137 -16.55 98.17 -66.91
C TYR PC 137 -16.62 97.13 -65.82
N GLN PC 138 -15.63 97.10 -64.93
CA GLN PC 138 -15.63 96.08 -63.90
C GLN PC 138 -16.57 96.40 -62.75
N ALA PC 139 -16.99 97.65 -62.62
CA ALA PC 139 -18.14 97.93 -61.78
C ALA PC 139 -19.40 97.39 -62.43
N GLY PC 140 -19.63 97.76 -63.68
CA GLY PC 140 -20.78 97.25 -64.39
C GLY PC 140 -22.07 97.90 -63.96
N LYS PC 141 -22.97 97.11 -63.38
CA LYS PC 141 -24.24 97.63 -62.92
C LYS PC 141 -24.28 97.74 -61.40
N LYS PC 142 -23.17 97.47 -60.73
CA LYS PC 142 -23.09 97.73 -59.29
C LYS PC 142 -22.97 99.22 -59.01
N ALA PC 143 -22.19 99.93 -59.81
CA ALA PC 143 -22.03 101.37 -59.74
C ALA PC 143 -21.58 101.84 -61.13
N SER PC 144 -21.39 103.14 -61.27
CA SER PC 144 -21.07 103.70 -62.57
C SER PC 144 -20.27 104.98 -62.41
N ILE PC 145 -19.68 105.42 -63.51
CA ILE PC 145 -18.74 106.54 -63.53
C ILE PC 145 -19.27 107.60 -64.49
N HIS PC 146 -19.44 108.82 -63.98
CA HIS PC 146 -19.67 109.98 -64.84
C HIS PC 146 -18.46 110.89 -64.80
N VAL PC 147 -18.08 111.39 -65.97
CA VAL PC 147 -16.98 112.35 -66.09
C VAL PC 147 -17.58 113.64 -66.63
N TYR PC 148 -17.30 114.75 -65.96
CA TYR PC 148 -17.61 116.06 -66.49
C TYR PC 148 -16.30 116.81 -66.66
N PRO PC 149 -15.71 116.84 -67.87
CA PRO PC 149 -14.38 117.43 -68.03
C PRO PC 149 -14.42 118.94 -68.15
N ASN PC 150 -15.59 119.50 -68.45
CA ASN PC 150 -15.73 120.95 -68.47
C ASN PC 150 -15.75 121.51 -67.07
N SER PC 151 -16.36 120.80 -66.15
CA SER PC 151 -16.35 121.17 -64.74
C SER PC 151 -15.22 120.51 -63.98
N GLN PC 152 -14.49 119.59 -64.65
CA GLN PC 152 -13.31 118.86 -64.17
C GLN PC 152 -13.59 118.05 -62.90
N VAL PC 153 -14.58 117.17 -62.99
CA VAL PC 153 -15.00 116.38 -61.85
C VAL PC 153 -15.47 115.01 -62.33
N VAL PC 154 -14.92 113.96 -61.76
CA VAL PC 154 -15.46 112.64 -61.98
C VAL PC 154 -16.34 112.30 -60.78
N GLU PC 155 -17.19 111.32 -60.98
CA GLU PC 155 -18.26 111.08 -60.02
C GLU PC 155 -18.65 109.62 -60.08
N LEU PC 156 -18.42 108.93 -58.98
CA LEU PC 156 -18.83 107.56 -58.83
C LEU PC 156 -20.25 107.57 -58.30
N ARG PC 157 -21.18 106.98 -59.04
CA ARG PC 157 -22.58 106.93 -58.66
C ARG PC 157 -22.95 105.48 -58.37
N TYR PC 158 -23.50 105.23 -57.20
CA TYR PC 158 -24.01 103.90 -56.91
C TYR PC 158 -25.46 103.79 -57.38
N ALA PC 159 -26.08 102.66 -57.09
CA ALA PC 159 -27.48 102.43 -57.47
C ALA PC 159 -28.17 101.50 -56.47
N ILE QC 272 -19.54 75.52 -47.29
CA ILE QC 272 -18.52 76.46 -47.75
C ILE QC 272 -17.29 75.69 -48.20
N PRO QC 273 -16.83 75.91 -49.44
CA PRO QC 273 -15.66 75.22 -49.93
C PRO QC 273 -14.39 75.84 -49.37
N PRO QC 274 -13.25 75.17 -49.48
CA PRO QC 274 -11.97 75.84 -49.23
C PRO QC 274 -11.65 76.86 -50.30
N SER QC 275 -10.74 77.77 -49.95
CA SER QC 275 -10.48 78.93 -50.79
C SER QC 275 -9.61 78.56 -51.98
N ALA QC 276 -8.39 78.15 -51.71
CA ALA QC 276 -7.52 77.46 -52.64
C ALA QC 276 -6.62 76.60 -51.78
N ASN QC 277 -5.57 76.07 -52.36
CA ASN QC 277 -4.50 75.54 -51.54
C ASN QC 277 -3.54 76.68 -51.26
N ASP QC 278 -3.13 76.81 -50.02
CA ASP QC 278 -2.28 77.93 -49.65
C ASP QC 278 -0.82 77.65 -49.86
N LEU QC 279 -0.45 76.44 -50.28
CA LEU QC 279 0.92 76.22 -50.72
C LEU QC 279 1.05 76.42 -52.22
N LEU QC 280 -0.04 76.80 -52.88
CA LEU QC 280 0.06 77.32 -54.24
C LEU QC 280 0.72 78.69 -54.29
N LEU QC 281 0.72 79.44 -53.20
CA LEU QC 281 1.54 80.65 -53.14
C LEU QC 281 3.02 80.33 -53.06
N HIS QC 282 3.39 79.19 -52.45
CA HIS QC 282 4.77 78.74 -52.49
C HIS QC 282 5.14 78.26 -53.88
N VAL QC 283 4.26 77.49 -54.51
CA VAL QC 283 4.61 76.99 -55.84
C VAL QC 283 4.21 77.95 -56.95
N LEU QC 284 3.74 79.14 -56.58
CA LEU QC 284 3.75 80.27 -57.49
C LEU QC 284 5.12 80.92 -57.56
N GLU QC 285 5.97 80.70 -56.57
CA GLU QC 285 7.39 80.86 -56.78
C GLU QC 285 7.95 79.51 -57.21
N GLY QC 286 9.26 79.37 -57.23
CA GLY QC 286 9.77 78.07 -57.55
C GLY QC 286 9.94 77.16 -56.37
N VAL QC 287 9.64 77.62 -55.17
CA VAL QC 287 10.00 76.90 -53.94
C VAL QC 287 9.02 75.74 -53.76
N PRO QC 288 9.53 74.52 -53.57
CA PRO QC 288 8.67 73.33 -53.44
C PRO QC 288 7.88 73.35 -52.14
N PRO QC 289 6.80 72.58 -52.03
CA PRO QC 289 6.11 72.45 -50.76
C PRO QC 289 6.93 71.62 -49.78
N PRO QC 290 6.74 71.80 -48.47
CA PRO QC 290 7.54 71.05 -47.50
C PRO QC 290 7.14 69.59 -47.44
N GLY QC 291 8.14 68.71 -47.48
CA GLY QC 291 7.91 67.29 -47.47
C GLY QC 291 7.41 66.79 -48.81
N SER QC 292 8.07 67.18 -49.88
CA SER QC 292 7.62 66.85 -51.21
C SER QC 292 8.46 65.75 -51.81
N ARG QC 293 8.17 65.47 -53.07
CA ARG QC 293 9.05 64.71 -53.95
C ARG QC 293 9.06 65.45 -55.26
N ARG QC 294 10.25 65.72 -55.77
CA ARG QC 294 10.39 66.40 -57.05
C ARG QC 294 9.99 65.47 -58.18
N LEU QC 295 9.43 66.06 -59.22
CA LEU QC 295 9.18 65.35 -60.46
C LEU QC 295 10.03 65.96 -61.54
N VAL QC 296 10.12 65.31 -62.69
CA VAL QC 296 10.96 65.78 -63.77
C VAL QC 296 10.12 66.02 -65.02
N VAL QC 297 9.76 67.27 -65.23
CA VAL QC 297 9.02 67.70 -66.40
C VAL QC 297 9.98 67.74 -67.58
N SER QC 298 9.63 67.05 -68.65
CA SER QC 298 10.44 67.05 -69.85
C SER QC 298 9.60 67.51 -71.03
N GLY QC 299 10.03 68.60 -71.64
CA GLY QC 299 9.38 69.08 -72.84
C GLY QC 299 8.82 70.48 -72.77
N GLY QC 300 9.09 71.22 -71.71
CA GLY QC 300 8.62 72.59 -71.63
C GLY QC 300 9.09 73.20 -70.33
N ASP QC 301 9.01 74.52 -70.29
CA ASP QC 301 9.41 75.26 -69.08
C ASP QC 301 8.30 75.15 -68.06
N ALA QC 302 8.39 74.11 -67.25
CA ALA QC 302 7.48 73.89 -66.14
C ALA QC 302 8.23 73.08 -65.11
N ARG QC 303 7.90 73.30 -63.85
CA ARG QC 303 8.40 72.46 -62.77
C ARG QC 303 7.22 71.78 -62.12
N ALA QC 304 7.44 70.63 -61.51
CA ALA QC 304 6.37 69.94 -60.82
C ALA QC 304 6.90 69.22 -59.60
N TRP QC 305 6.09 69.19 -58.56
CA TRP QC 305 6.40 68.47 -57.34
C TRP QC 305 5.20 67.62 -56.97
N LEU QC 306 5.42 66.68 -56.08
CA LEU QC 306 4.36 65.77 -55.68
C LEU QC 306 4.32 65.76 -54.17
N SER QC 307 3.32 66.42 -53.59
CA SER QC 307 3.35 66.66 -52.16
C SER QC 307 2.69 65.54 -51.39
N ASN QC 308 1.39 65.35 -51.57
CA ASN QC 308 0.72 64.21 -50.97
C ASN QC 308 -0.44 63.86 -51.91
N GLU QC 309 -0.12 62.94 -52.84
CA GLU QC 309 -1.03 62.36 -53.85
C GLU QC 309 -1.63 63.41 -54.78
N LYS QC 310 -0.88 64.49 -55.01
CA LYS QC 310 -1.30 65.69 -55.69
C LYS QC 310 -0.05 66.26 -56.31
N MET QC 311 -0.08 66.52 -57.60
CA MET QC 311 1.07 67.17 -58.21
C MET QC 311 0.78 68.65 -58.37
N TYR QC 312 1.86 69.41 -58.40
CA TYR QC 312 1.81 70.85 -58.36
C TYR QC 312 2.79 71.33 -59.40
N VAL QC 313 2.29 71.92 -60.47
CA VAL QC 313 3.18 72.42 -61.50
C VAL QC 313 3.24 73.93 -61.39
N ARG QC 314 4.33 74.48 -61.88
CA ARG QC 314 4.60 75.90 -61.93
C ARG QC 314 5.06 76.20 -63.33
N THR QC 315 4.31 77.03 -64.04
CA THR QC 315 4.56 77.22 -65.46
C THR QC 315 4.04 78.58 -65.87
N ASN QC 316 4.09 78.84 -67.16
CA ASN QC 316 3.36 79.94 -67.76
C ASN QC 316 2.71 79.52 -69.07
N LEU QC 317 2.94 78.28 -69.51
CA LEU QC 317 2.09 77.66 -70.49
C LEU QC 317 0.75 77.32 -69.86
N THR QC 318 -0.28 77.19 -70.68
CA THR QC 318 -1.58 76.90 -70.10
C THR QC 318 -1.85 75.40 -70.16
N ILE QC 319 -2.40 74.87 -69.09
CA ILE QC 319 -2.66 73.45 -68.94
C ILE QC 319 -3.97 73.13 -69.63
N LEU QC 320 -3.96 72.14 -70.51
CA LEU QC 320 -5.10 71.86 -71.35
C LEU QC 320 -5.79 70.54 -71.05
N SER QC 321 -5.10 69.39 -71.11
CA SER QC 321 -5.87 68.16 -70.91
C SER QC 321 -6.23 67.77 -69.47
N PRO QC 322 -5.29 67.51 -68.54
CA PRO QC 322 -5.60 66.51 -67.52
C PRO QC 322 -6.41 66.98 -66.33
N GLY QC 323 -6.84 68.24 -66.30
CA GLY QC 323 -7.74 68.69 -65.26
C GLY QC 323 -6.99 69.14 -64.03
N TRP QC 324 -7.17 70.38 -63.64
CA TRP QC 324 -6.51 70.86 -62.43
C TRP QC 324 -7.53 71.27 -61.41
N LEU QC 325 -7.23 71.00 -60.15
CA LEU QC 325 -8.19 71.24 -59.10
C LEU QC 325 -8.13 72.64 -58.55
N ALA QC 326 -6.97 73.28 -58.64
CA ALA QC 326 -6.85 74.65 -58.17
C ALA QC 326 -5.75 75.34 -58.97
N SER QC 327 -5.84 76.67 -59.08
CA SER QC 327 -4.73 77.40 -59.66
C SER QC 327 -4.64 78.81 -59.10
N MET QC 328 -3.44 79.36 -59.24
CA MET QC 328 -3.09 80.72 -58.89
C MET QC 328 -2.19 81.28 -59.97
N THR QC 329 -1.92 82.59 -59.90
CA THR QC 329 -1.18 83.27 -60.94
C THR QC 329 -0.49 84.49 -60.33
N SER QC 330 0.81 84.60 -60.52
CA SER QC 330 1.57 85.73 -60.00
C SER QC 330 1.44 86.98 -60.86
N ALA QC 331 2.32 87.96 -60.58
CA ALA QC 331 2.26 89.23 -61.30
C ALA QC 331 2.80 89.10 -62.72
N ASP QC 332 3.73 88.19 -62.95
CA ASP QC 332 4.37 88.07 -64.25
C ASP QC 332 3.71 87.03 -65.14
N GLY QC 333 2.53 86.56 -64.77
CA GLY QC 333 1.85 85.56 -65.56
C GLY QC 333 2.33 84.15 -65.37
N THR QC 334 3.15 83.90 -64.35
CA THR QC 334 3.38 82.54 -63.89
C THR QC 334 2.11 82.02 -63.26
N HIS QC 335 1.68 80.84 -63.66
CA HIS QC 335 0.60 80.18 -62.95
C HIS QC 335 1.16 79.00 -62.17
N ALA QC 336 0.40 78.59 -61.17
CA ALA QC 336 0.69 77.41 -60.38
C ALA QC 336 -0.57 76.58 -60.33
N TYR QC 337 -0.44 75.28 -60.59
CA TYR QC 337 -1.58 74.40 -60.72
C TYR QC 337 -1.48 73.25 -59.72
N GLU QC 338 -2.55 73.07 -58.96
CA GLU QC 338 -2.80 71.89 -58.15
C GLU QC 338 -3.67 70.94 -58.94
N MET QC 339 -3.17 69.71 -59.16
CA MET QC 339 -3.91 68.72 -59.92
C MET QC 339 -3.61 67.33 -59.38
N GLN QC 340 -4.33 66.35 -59.93
CA GLN QC 340 -4.05 64.96 -59.65
C GLN QC 340 -2.88 64.48 -60.50
N LYS QC 341 -2.27 63.38 -60.06
CA LYS QC 341 -0.97 62.93 -60.58
C LYS QC 341 -1.14 62.30 -61.95
N SER QC 342 -0.97 63.10 -62.99
CA SER QC 342 -1.01 62.56 -64.33
C SER QC 342 0.41 62.48 -64.89
N PRO QC 343 0.73 61.49 -65.73
CA PRO QC 343 2.09 61.44 -66.29
C PRO QC 343 2.31 62.39 -67.44
N VAL QC 344 1.23 62.88 -68.05
CA VAL QC 344 1.28 63.62 -69.29
C VAL QC 344 0.48 64.90 -69.10
N LEU QC 345 1.10 66.03 -69.42
CA LEU QC 345 0.40 67.29 -69.44
C LEU QC 345 0.25 67.74 -70.88
N LEU QC 346 -0.90 68.29 -71.22
CA LEU QC 346 -1.03 69.01 -72.47
C LEU QC 346 -0.92 70.48 -72.14
N VAL QC 347 -0.19 71.21 -72.97
CA VAL QC 347 -0.06 72.64 -72.76
C VAL QC 347 -0.31 73.35 -74.08
N SER QC 348 -0.88 74.53 -73.98
CA SER QC 348 -0.78 75.50 -75.05
C SER QC 348 0.41 76.36 -74.74
N TRP QC 349 1.40 76.35 -75.64
CA TRP QC 349 2.59 77.17 -75.48
C TRP QC 349 2.31 78.56 -76.04
N HIS QC 350 2.10 78.64 -77.34
CA HIS QC 350 1.72 79.90 -77.98
C HIS QC 350 0.71 79.62 -79.06
N GLY QC 351 -0.30 78.85 -78.75
CA GLY QC 351 -1.22 78.35 -79.74
C GLY QC 351 -0.87 76.97 -80.25
N LYS QC 352 0.36 76.53 -80.05
CA LYS QC 352 0.72 75.15 -80.28
C LYS QC 352 0.34 74.30 -79.08
N VAL QC 353 -0.34 73.19 -79.34
CA VAL QC 353 -0.50 72.15 -78.33
C VAL QC 353 0.78 71.32 -78.28
N MET QC 354 1.26 71.12 -77.07
CA MET QC 354 2.48 70.38 -76.82
C MET QC 354 2.26 69.48 -75.64
N GLN QC 355 3.15 68.53 -75.45
CA GLN QC 355 3.02 67.59 -74.36
C GLN QC 355 4.23 67.68 -73.43
N LEU QC 356 3.98 67.36 -72.17
CA LEU QC 356 4.98 67.38 -71.12
C LEU QC 356 4.95 66.02 -70.45
N LYS QC 357 6.12 65.42 -70.23
CA LYS QC 357 6.20 64.15 -69.55
C LYS QC 357 6.79 64.34 -68.16
N VAL QC 358 6.11 63.81 -67.15
CA VAL QC 358 6.66 63.80 -65.80
C VAL QC 358 6.94 62.36 -65.41
N GLU QC 359 7.68 62.18 -64.32
CA GLU QC 359 7.98 60.84 -63.81
C GLU QC 359 7.72 60.79 -62.32
N GLY QC 360 6.82 59.90 -61.91
CA GLY QC 360 6.37 59.83 -60.53
C GLY QC 360 4.86 59.96 -60.49
N LEU RC 41 12.78 58.80 -75.23
CA LEU RC 41 13.73 59.89 -75.08
C LEU RC 41 13.19 61.16 -75.74
N PRO RC 42 13.51 62.32 -75.17
CA PRO RC 42 13.27 63.57 -75.89
C PRO RC 42 14.27 63.76 -77.02
N CYS RC 43 13.92 64.65 -77.93
CA CYS RC 43 14.65 64.80 -79.19
C CYS RC 43 15.67 65.93 -79.10
N ARG RC 44 16.86 65.68 -79.64
CA ARG RC 44 17.87 66.73 -79.76
C ARG RC 44 17.58 67.60 -80.98
N VAL RC 45 17.61 67.00 -82.17
CA VAL RC 45 17.31 67.71 -83.40
C VAL RC 45 15.81 67.70 -83.62
N ASP RC 46 15.22 68.88 -83.77
CA ASP RC 46 13.78 69.00 -84.04
C ASP RC 46 13.50 69.13 -85.54
N GLY RC 47 14.05 68.22 -86.33
CA GLY RC 47 13.90 68.30 -87.78
C GLY RC 47 14.71 69.39 -88.43
N ALA RC 48 15.79 69.84 -87.80
CA ALA RC 48 16.54 70.99 -88.32
C ALA RC 48 18.00 70.87 -87.92
N CYS RC 49 18.88 71.09 -88.88
CA CYS RC 49 20.31 71.09 -88.63
C CYS RC 49 20.85 72.48 -88.95
N ASP RC 50 21.71 72.99 -88.06
CA ASP RC 50 22.18 74.37 -88.15
C ASP RC 50 23.17 74.57 -89.28
N ALA RC 51 23.87 73.50 -89.66
CA ALA RC 51 24.69 73.51 -90.87
C ALA RC 51 23.84 73.63 -92.12
N THR RC 52 22.65 73.01 -92.11
CA THR RC 52 21.73 73.20 -93.22
C THR RC 52 21.04 74.56 -93.17
N ILE RC 53 20.96 75.18 -91.99
CA ILE RC 53 20.43 76.54 -91.88
C ILE RC 53 21.39 77.54 -92.53
N ILE RC 54 22.69 77.42 -92.25
CA ILE RC 54 23.63 78.34 -92.87
C ILE RC 54 23.91 77.96 -94.33
N LYS RC 55 23.71 76.68 -94.68
CA LYS RC 55 23.80 76.24 -96.07
C LYS RC 55 22.67 76.83 -96.91
N MET RC 56 21.45 76.82 -96.36
CA MET RC 56 20.33 77.45 -97.04
C MET RC 56 20.43 78.98 -97.03
N MET RC 57 21.11 79.55 -96.04
CA MET RC 57 21.29 81.01 -96.00
C MET RC 57 22.28 81.49 -97.05
N THR RC 58 23.43 80.80 -97.16
CA THR RC 58 24.40 81.04 -98.22
C THR RC 58 23.85 80.73 -99.60
N ASP RC 59 23.02 79.70 -99.73
CA ASP RC 59 22.48 79.37 -101.04
C ASP RC 59 21.38 80.30 -101.48
N LEU RC 60 20.61 80.86 -100.54
CA LEU RC 60 19.64 81.86 -100.94
C LEU RC 60 20.29 83.20 -101.24
N ASN RC 61 21.40 83.54 -100.58
CA ASN RC 61 22.14 84.71 -101.02
C ASN RC 61 22.90 84.48 -102.31
N LYS RC 62 23.27 83.23 -102.59
CA LYS RC 62 23.94 82.92 -103.85
C LYS RC 62 22.94 82.93 -105.00
N LYS RC 63 21.67 82.64 -104.70
CA LYS RC 63 20.61 82.90 -105.67
C LYS RC 63 20.14 84.34 -105.65
N GLY RC 64 20.63 85.16 -104.74
CA GLY RC 64 20.35 86.57 -104.78
C GLY RC 64 19.13 86.98 -104.01
N ILE RC 65 18.71 86.16 -103.07
CA ILE RC 65 17.59 86.44 -102.21
C ILE RC 65 18.16 86.88 -100.87
N LYS RC 66 17.81 88.08 -100.43
CA LYS RC 66 18.52 88.64 -99.29
C LYS RC 66 17.90 88.09 -98.02
N VAL RC 67 18.61 87.16 -97.39
CA VAL RC 67 18.21 86.66 -96.09
C VAL RC 67 19.13 87.34 -95.08
N ALA RC 68 18.51 88.13 -94.22
CA ALA RC 68 19.20 88.80 -93.14
C ALA RC 68 18.62 88.36 -91.82
N SER RC 69 19.35 88.64 -90.75
CA SER RC 69 18.98 88.13 -89.43
C SER RC 69 19.54 89.08 -88.40
N VAL RC 70 18.67 89.68 -87.62
CA VAL RC 70 19.07 90.68 -86.64
C VAL RC 70 18.58 90.23 -85.27
N GLY RC 71 19.42 89.48 -84.57
CA GLY RC 71 19.04 89.07 -83.24
C GLY RC 71 18.21 87.82 -83.28
N GLN RC 72 16.90 88.01 -83.23
CA GLN RC 72 15.99 86.90 -83.46
C GLN RC 72 14.99 87.20 -84.55
N ASN RC 73 14.96 88.42 -85.07
CA ASN RC 73 14.18 88.71 -86.26
C ASN RC 73 14.93 88.21 -87.48
N TYR RC 74 14.20 87.62 -88.41
CA TYR RC 74 14.76 87.07 -89.63
C TYR RC 74 13.96 87.59 -90.80
N LEU RC 75 14.65 87.79 -91.92
CA LEU RC 75 14.09 88.57 -93.02
C LEU RC 75 14.52 87.94 -94.34
N ILE RC 76 13.54 87.63 -95.19
CA ILE RC 76 13.79 87.06 -96.51
C ILE RC 76 13.17 88.00 -97.54
N SER RC 77 14.01 88.69 -98.32
CA SER RC 77 13.47 89.52 -99.38
C SER RC 77 13.76 88.85 -100.71
N ILE RC 78 12.70 88.37 -101.35
CA ILE RC 78 12.71 87.91 -102.73
C ILE RC 78 12.36 89.09 -103.62
N PRO RC 79 13.12 89.39 -104.66
CA PRO RC 79 12.65 90.32 -105.67
C PRO RC 79 11.49 89.74 -106.46
N ALA RC 80 10.58 90.63 -106.87
CA ALA RC 80 9.30 90.20 -107.43
C ALA RC 80 9.41 89.66 -108.85
N SER RC 81 10.51 89.96 -109.55
CA SER RC 81 10.73 89.33 -110.84
C SER RC 81 11.16 87.89 -110.70
N ALA RC 82 11.69 87.49 -109.55
CA ALA RC 82 12.04 86.10 -109.33
C ALA RC 82 10.84 85.24 -109.00
N LEU RC 83 9.72 85.85 -108.62
CA LEU RC 83 8.51 85.09 -108.31
C LEU RC 83 7.43 85.29 -109.36
N PHE RC 84 7.00 86.52 -109.56
CA PHE RC 84 5.81 86.81 -110.31
C PHE RC 84 6.19 87.21 -111.72
N ALA RC 85 5.18 87.40 -112.55
CA ALA RC 85 5.36 88.10 -113.81
C ALA RC 85 5.15 89.59 -113.55
N ASP RC 86 5.28 90.41 -114.59
CA ASP RC 86 5.34 91.86 -114.42
C ASP RC 86 3.96 92.45 -114.19
N GLN RC 87 3.80 93.07 -113.01
CA GLN RC 87 2.58 93.73 -112.50
C GLN RC 87 1.37 92.80 -112.48
N SER RC 88 1.60 91.55 -112.10
CA SER RC 88 0.55 90.55 -112.06
C SER RC 88 0.73 89.71 -110.81
N PRO RC 89 -0.36 89.29 -110.18
CA PRO RC 89 -0.27 88.30 -109.10
C PRO RC 89 -0.37 86.86 -109.56
N ARG RC 90 0.35 86.51 -110.60
CA ARG RC 90 0.42 85.14 -111.06
C ARG RC 90 1.85 84.68 -110.90
N LEU RC 91 2.04 83.56 -110.22
CA LEU RC 91 3.38 83.03 -110.11
C LEU RC 91 3.79 82.37 -111.42
N ASN RC 92 5.06 82.52 -111.75
CA ASN RC 92 5.63 81.66 -112.77
C ASN RC 92 5.87 80.30 -112.15
N TRP RC 93 5.81 79.29 -113.02
CA TRP RC 93 5.95 77.90 -112.59
C TRP RC 93 7.38 77.55 -112.17
N ALA RC 94 8.37 78.29 -112.68
CA ALA RC 94 9.75 78.06 -112.28
C ALA RC 94 10.04 78.55 -110.88
N SER RC 95 9.24 79.49 -110.38
CA SER RC 95 9.42 80.07 -109.05
C SER RC 95 8.97 79.15 -107.92
N TYR RC 96 8.30 78.05 -108.22
CA TYR RC 96 7.84 77.15 -107.18
C TYR RC 96 8.97 76.32 -106.60
N SER RC 97 10.07 76.14 -107.33
CA SER RC 97 11.25 75.51 -106.75
C SER RC 97 11.95 76.45 -105.77
N LEU RC 98 11.90 77.75 -106.07
CA LEU RC 98 12.41 78.76 -105.15
C LEU RC 98 11.54 78.85 -103.90
N LEU RC 99 10.23 78.72 -104.09
CA LEU RC 99 9.32 78.69 -102.97
C LEU RC 99 9.39 77.41 -102.17
N ASN RC 100 9.79 76.31 -102.82
CA ASN RC 100 10.04 75.04 -102.16
C ASN RC 100 11.23 75.11 -101.24
N GLU RC 101 12.36 75.67 -101.69
CA GLU RC 101 13.49 75.62 -100.76
C GLU RC 101 13.51 76.81 -99.80
N ILE RC 102 12.72 77.87 -100.03
CA ILE RC 102 12.53 78.80 -98.91
C ILE RC 102 11.50 78.26 -97.92
N ALA RC 103 10.60 77.36 -98.35
CA ALA RC 103 9.76 76.66 -97.38
C ALA RC 103 10.55 75.63 -96.60
N ALA RC 104 11.58 75.06 -97.21
CA ALA RC 104 12.54 74.27 -96.49
C ALA RC 104 13.42 75.10 -95.57
N PHE RC 105 13.62 76.38 -95.89
CA PHE RC 105 14.28 77.26 -94.92
C PHE RC 105 13.37 77.60 -93.76
N LEU RC 106 12.08 77.79 -94.01
CA LEU RC 106 11.15 78.10 -92.93
C LEU RC 106 10.70 76.87 -92.16
N LYS RC 107 11.06 75.67 -92.60
CA LYS RC 107 10.89 74.50 -91.76
C LYS RC 107 11.87 74.44 -90.59
N GLN RC 108 12.98 75.16 -90.67
CA GLN RC 108 14.05 74.95 -89.71
C GLN RC 108 13.85 75.67 -88.39
N PHE RC 109 12.87 76.53 -88.28
CA PHE RC 109 12.71 77.35 -87.09
C PHE RC 109 11.36 77.11 -86.46
N ARG RC 110 11.31 77.21 -85.15
CA ARG RC 110 10.05 77.19 -84.44
C ARG RC 110 9.61 78.64 -84.32
N LYS RC 111 8.66 79.03 -85.15
CA LYS RC 111 8.18 80.40 -85.22
C LYS RC 111 6.76 80.46 -84.71
N ILE RC 112 6.24 81.67 -84.59
CA ILE RC 112 4.88 81.93 -84.15
C ILE RC 112 4.08 82.57 -85.27
N ALA RC 113 4.47 83.76 -85.69
CA ALA RC 113 3.84 84.45 -86.78
C ALA RC 113 4.91 84.75 -87.81
N ILE RC 114 4.61 84.43 -89.04
CA ILE RC 114 5.31 85.00 -90.17
C ILE RC 114 4.47 86.16 -90.64
N THR RC 115 5.09 87.25 -91.07
CA THR RC 115 4.40 88.21 -91.90
C THR RC 115 5.11 88.32 -93.23
N VAL RC 116 4.35 88.10 -94.28
CA VAL RC 116 4.80 88.26 -95.65
C VAL RC 116 4.17 89.53 -96.19
N THR RC 117 5.01 90.44 -96.65
CA THR RC 117 4.56 91.73 -97.11
C THR RC 117 5.23 92.03 -98.43
N SER RC 118 4.43 92.36 -99.42
CA SER RC 118 4.96 92.69 -100.73
C SER RC 118 4.75 94.16 -101.01
N TYR RC 119 5.73 94.78 -101.67
CA TYR RC 119 5.44 96.04 -102.33
C TYR RC 119 6.02 96.01 -103.73
N SER RC 120 5.45 96.83 -104.59
CA SER RC 120 6.01 97.02 -105.92
C SER RC 120 6.10 98.50 -106.20
N SER RC 121 6.80 98.81 -107.29
CA SER RC 121 6.87 100.16 -107.81
C SER RC 121 5.54 100.56 -108.45
N LYS RC 122 5.39 101.87 -108.69
CA LYS RC 122 4.14 102.43 -109.18
C LYS RC 122 3.89 102.07 -110.64
N TYR RC 123 2.73 101.46 -110.89
CA TYR RC 123 2.36 101.06 -112.23
C TYR RC 123 1.20 101.88 -112.77
N VAL RC 124 0.05 101.84 -112.10
CA VAL RC 124 -1.06 102.70 -112.49
C VAL RC 124 -1.33 103.68 -111.37
N SER RC 125 -1.73 103.17 -110.23
CA SER RC 125 -2.18 104.00 -109.12
C SER RC 125 -1.94 103.25 -107.83
N VAL RC 126 -2.22 103.92 -106.72
CA VAL RC 126 -2.03 103.32 -105.41
C VAL RC 126 -3.09 102.27 -105.10
N LYS RC 127 -4.30 102.38 -105.65
CA LYS RC 127 -5.34 101.41 -105.34
C LYS RC 127 -5.13 100.11 -106.11
N ARG RC 128 -4.74 100.23 -107.39
CA ARG RC 128 -4.34 99.09 -108.21
C ARG RC 128 -3.05 98.48 -107.70
N GLU RC 129 -2.16 99.33 -107.17
CA GLU RC 129 -0.90 98.91 -106.57
C GLU RC 129 -1.10 98.11 -105.29
N ARG RC 130 -2.01 98.56 -104.44
CA ARG RC 130 -2.25 97.84 -103.19
C ARG RC 130 -3.05 96.57 -103.40
N ALA RC 131 -3.94 96.55 -104.41
CA ALA RC 131 -4.65 95.33 -104.74
C ALA RC 131 -3.73 94.28 -105.35
N LEU RC 132 -2.75 94.72 -106.15
CA LEU RC 132 -1.76 93.81 -106.72
C LEU RC 132 -0.83 93.26 -105.65
N THR RC 133 -0.38 94.09 -104.71
CA THR RC 133 0.56 93.60 -103.72
C THR RC 133 -0.11 92.78 -102.62
N LEU RC 134 -1.38 93.08 -102.33
CA LEU RC 134 -2.17 92.26 -101.41
C LEU RC 134 -2.48 90.90 -102.01
N ALA RC 135 -2.76 90.87 -103.31
CA ALA RC 135 -3.00 89.60 -104.00
C ALA RC 135 -1.73 88.79 -104.16
N ARG RC 136 -0.59 89.46 -104.35
CA ARG RC 136 0.71 88.80 -104.49
C ARG RC 136 1.15 88.16 -103.19
N SER RC 137 0.95 88.87 -102.08
CA SER RC 137 1.30 88.35 -100.78
C SER RC 137 0.36 87.26 -100.32
N ARG RC 138 -0.93 87.34 -100.68
CA ARG RC 138 -1.81 86.24 -100.29
C ARG RC 138 -1.65 85.00 -101.16
N VAL RC 139 -1.11 85.15 -102.39
CA VAL RC 139 -0.79 83.98 -103.20
C VAL RC 139 0.44 83.26 -102.65
N VAL RC 140 1.48 84.01 -102.28
CA VAL RC 140 2.69 83.36 -101.75
C VAL RC 140 2.48 82.89 -100.31
N SER RC 141 1.55 83.50 -99.57
CA SER RC 141 1.18 82.97 -98.28
C SER RC 141 0.31 81.74 -98.37
N GLU RC 142 -0.53 81.65 -99.42
CA GLU RC 142 -1.31 80.44 -99.68
C GLU RC 142 -0.42 79.26 -100.01
N TYR RC 143 0.63 79.49 -100.82
CA TYR RC 143 1.53 78.40 -101.14
C TYR RC 143 2.45 78.05 -99.97
N LEU RC 144 2.87 79.03 -99.18
CA LEU RC 144 3.69 78.73 -98.02
C LEU RC 144 2.88 78.15 -96.87
N TRP RC 145 1.58 78.40 -96.84
CA TRP RC 145 0.72 77.75 -95.87
C TRP RC 145 0.46 76.31 -96.25
N SER RC 146 0.27 76.04 -97.55
CA SER RC 146 0.04 74.65 -97.96
C SER RC 146 1.32 73.85 -97.89
N GLN RC 147 2.47 74.49 -98.07
CA GLN RC 147 3.73 73.88 -97.73
C GLN RC 147 3.92 73.84 -96.22
N GLY RC 148 4.94 73.12 -95.81
CA GLY RC 148 5.18 72.95 -94.40
C GLY RC 148 5.85 74.15 -93.76
N VAL RC 149 5.10 74.91 -93.03
CA VAL RC 149 5.65 75.79 -92.03
C VAL RC 149 5.01 75.39 -90.72
N ASP RC 150 5.74 75.63 -89.63
CA ASP RC 150 5.23 75.33 -88.29
C ASP RC 150 4.78 76.59 -87.61
N SER RC 151 4.41 77.60 -88.39
CA SER RC 151 3.92 78.83 -87.83
C SER RC 151 2.49 78.66 -87.36
N ARG RC 152 2.06 79.60 -86.53
CA ARG RC 152 0.69 79.64 -86.11
C ARG RC 152 -0.12 80.63 -86.92
N ILE RC 153 0.45 81.81 -87.19
CA ILE RC 153 -0.21 82.79 -88.04
C ILE RC 153 0.73 83.14 -89.18
N ILE RC 154 0.18 83.32 -90.38
CA ILE RC 154 0.85 83.97 -91.48
C ILE RC 154 0.07 85.24 -91.80
N PHE RC 155 0.73 86.38 -91.68
CA PHE RC 155 0.13 87.67 -91.94
C PHE RC 155 0.57 88.13 -93.32
N THR RC 156 -0.32 88.06 -94.28
CA THR RC 156 -0.05 88.52 -95.63
C THR RC 156 -0.60 89.92 -95.80
N GLN RC 157 0.23 90.82 -96.33
CA GLN RC 157 -0.20 92.15 -96.72
C GLN RC 157 0.74 92.70 -97.77
N GLY RC 158 0.27 93.73 -98.46
CA GLY RC 158 1.14 94.43 -99.37
C GLY RC 158 0.85 95.91 -99.40
N LEU RC 159 1.88 96.72 -99.58
CA LEU RC 159 1.72 98.16 -99.65
C LEU RC 159 2.03 98.68 -101.03
N GLY RC 160 1.45 99.84 -101.34
CA GLY RC 160 1.55 100.44 -102.64
C GLY RC 160 2.68 101.43 -102.78
N SER RC 161 3.91 100.90 -102.83
CA SER RC 161 5.19 101.64 -102.88
C SER RC 161 5.36 102.58 -101.69
N ASP RC 162 4.84 102.17 -100.53
CA ASP RC 162 4.94 103.00 -99.35
C ASP RC 162 6.24 102.79 -98.61
N LYS RC 163 6.93 101.68 -98.86
CA LYS RC 163 8.27 101.48 -98.34
C LYS RC 163 9.18 101.07 -99.50
N PRO RC 164 9.75 102.04 -100.22
CA PRO RC 164 10.85 101.70 -101.12
C PRO RC 164 12.13 101.54 -100.33
N ILE RC 165 13.14 100.91 -100.94
CA ILE RC 165 14.43 100.81 -100.27
C ILE RC 165 15.54 101.49 -101.05
N THR RC 166 15.30 101.87 -102.30
CA THR RC 166 16.15 102.83 -102.97
C THR RC 166 15.28 104.00 -103.36
N SER RC 167 15.93 105.02 -103.90
CA SER RC 167 15.24 106.08 -104.60
C SER RC 167 15.18 105.82 -106.09
N TYR RC 168 15.76 104.72 -106.54
CA TYR RC 168 15.84 104.41 -107.96
C TYR RC 168 14.55 103.75 -108.42
N THR RC 169 13.74 104.48 -109.15
CA THR RC 169 12.45 103.97 -109.60
C THR RC 169 12.53 103.66 -111.08
N LEU RC 170 13.65 103.08 -111.50
CA LEU RC 170 13.90 102.88 -112.93
C LEU RC 170 13.15 101.69 -113.49
N GLY RC 171 12.66 100.80 -112.64
CA GLY RC 171 12.07 99.58 -113.15
C GLY RC 171 10.62 99.40 -112.80
N GLY RC 172 10.04 98.30 -113.27
CA GLY RC 172 8.70 97.92 -112.89
C GLY RC 172 8.82 96.88 -111.82
N ASP RC 173 8.72 95.61 -112.19
CA ASP RC 173 9.14 94.54 -111.30
C ASP RC 173 10.61 94.20 -111.48
N ARG RC 174 11.31 94.87 -112.38
CA ARG RC 174 12.75 94.78 -112.44
C ARG RC 174 13.43 95.70 -111.44
N SER RC 175 12.67 96.63 -110.84
CA SER RC 175 13.19 97.49 -109.80
C SER RC 175 13.47 96.67 -108.54
N PRO RC 176 14.51 97.02 -107.76
CA PRO RC 176 14.73 96.35 -106.48
C PRO RC 176 13.77 96.75 -105.39
N ASN RC 177 13.03 97.86 -105.55
CA ASN RC 177 11.92 98.18 -104.67
C ASN RC 177 10.76 97.20 -104.81
N ALA RC 178 10.61 96.55 -105.96
CA ALA RC 178 9.53 95.61 -106.17
C ALA RC 178 9.94 94.24 -105.65
N ARG RC 179 9.44 93.90 -104.46
CA ARG RC 179 9.95 92.76 -103.74
C ARG RC 179 8.92 92.30 -102.72
N VAL RC 180 9.19 91.15 -102.16
CA VAL RC 180 8.35 90.54 -101.14
C VAL RC 180 9.24 90.09 -100.00
N GLU RC 181 8.97 90.61 -98.81
CA GLU RC 181 9.77 90.23 -97.67
C GLU RC 181 8.96 89.35 -96.74
N ILE RC 182 9.67 88.43 -96.14
CA ILE RC 182 9.15 87.40 -95.28
C ILE RC 182 9.86 87.62 -93.96
N THR RC 183 9.18 88.27 -93.03
CA THR RC 183 9.82 88.62 -91.77
C THR RC 183 9.14 87.83 -90.68
N PHE RC 184 9.93 87.32 -89.76
CA PHE RC 184 9.39 86.63 -88.60
C PHE RC 184 10.37 86.78 -87.46
N ARG RC 185 9.95 86.35 -86.27
CA ARG RC 185 10.85 86.24 -85.14
C ARG RC 185 10.90 84.80 -84.71
N ARG RC 186 12.11 84.25 -84.66
CA ARG RC 186 12.34 82.88 -84.24
C ARG RC 186 12.08 82.75 -82.76
N ALA RC 187 11.09 81.95 -82.40
CA ALA RC 187 10.74 81.79 -80.99
C ALA RC 187 11.69 80.79 -80.34
N VAL RC 188 12.38 81.27 -79.30
CA VAL RC 188 13.38 80.60 -78.43
C VAL RC 188 14.42 79.74 -79.14
N UNK SC 1 -29.42 122.13 -146.12
CA UNK SC 1 -30.50 121.18 -146.37
C UNK SC 1 -31.23 120.83 -145.08
N UNK SC 2 -31.68 121.86 -144.38
CA UNK SC 2 -32.28 121.72 -143.06
C UNK SC 2 -33.70 121.18 -143.15
N UNK SC 3 -34.15 120.63 -142.02
CA UNK SC 3 -35.53 120.16 -141.85
C UNK SC 3 -35.84 120.22 -140.35
N UNK SC 4 -36.56 121.27 -139.94
CA UNK SC 4 -36.83 121.54 -138.52
C UNK SC 4 -38.31 121.87 -138.35
N UNK SC 5 -39.10 120.86 -137.98
CA UNK SC 5 -40.54 121.04 -137.87
C UNK SC 5 -41.10 120.06 -136.85
N UNK SC 6 -42.23 120.45 -136.24
CA UNK SC 6 -42.96 119.64 -135.27
C UNK SC 6 -44.31 119.29 -135.89
N UNK SC 7 -44.38 118.13 -136.53
CA UNK SC 7 -45.52 117.74 -137.37
C UNK SC 7 -45.64 116.23 -137.29
N UNK SC 8 -46.31 115.63 -138.28
CA UNK SC 8 -46.32 114.19 -138.46
C UNK SC 8 -45.79 113.89 -139.86
N UNK SC 9 -44.47 113.83 -139.99
CA UNK SC 9 -43.89 113.36 -141.26
C UNK SC 9 -44.03 111.86 -141.39
N UNK SC 10 -43.56 111.13 -140.37
CA UNK SC 10 -43.96 109.77 -139.96
C UNK SC 10 -43.61 108.60 -140.90
N UNK SC 11 -43.06 108.86 -142.08
CA UNK SC 11 -42.67 107.79 -142.99
C UNK SC 11 -41.47 108.29 -143.79
N UNK SC 12 -40.27 107.97 -143.29
CA UNK SC 12 -39.05 108.49 -143.88
C UNK SC 12 -37.91 107.53 -143.56
N UNK SC 13 -37.52 106.70 -144.54
CA UNK SC 13 -36.24 106.01 -144.49
C UNK SC 13 -35.20 106.89 -145.18
N UNK SC 14 -34.86 107.98 -144.50
CA UNK SC 14 -34.25 109.15 -145.13
C UNK SC 14 -32.74 109.03 -145.04
N UNK SC 15 -32.12 108.49 -146.09
CA UNK SC 15 -30.67 108.49 -146.23
C UNK SC 15 -30.27 109.82 -146.84
N UNK SC 16 -30.12 110.81 -145.96
CA UNK SC 16 -29.82 112.17 -146.40
C UNK SC 16 -28.36 112.32 -146.80
N UNK SC 17 -28.09 113.35 -147.59
CA UNK SC 17 -26.75 113.65 -148.06
C UNK SC 17 -26.06 114.60 -147.09
N UNK SC 18 -24.95 115.19 -147.52
CA UNK SC 18 -24.15 116.06 -146.68
C UNK SC 18 -24.83 117.42 -146.51
N UNK SC 19 -24.45 118.10 -145.41
CA UNK SC 19 -24.99 119.37 -144.89
C UNK SC 19 -26.51 119.34 -144.69
N UNK SC 20 -27.03 118.20 -144.25
CA UNK SC 20 -28.46 118.06 -143.97
C UNK SC 20 -28.67 118.32 -142.48
N UNK SC 21 -28.62 119.60 -142.11
CA UNK SC 21 -28.69 120.01 -140.71
C UNK SC 21 -30.14 120.04 -140.24
N UNK SC 22 -30.69 118.84 -140.02
CA UNK SC 22 -32.11 118.68 -139.76
C UNK SC 22 -32.34 118.60 -138.26
N UNK SC 23 -32.81 119.71 -137.68
CA UNK SC 23 -33.25 119.74 -136.29
C UNK SC 23 -34.77 119.54 -136.19
N UNK SC 24 -35.27 118.47 -136.82
CA UNK SC 24 -36.69 118.13 -136.79
C UNK SC 24 -37.13 117.65 -135.41
N UNK SC 25 -38.41 117.89 -135.12
CA UNK SC 25 -39.05 117.44 -133.89
C UNK SC 25 -40.40 116.82 -134.18
N UNK SC 26 -40.61 116.38 -135.42
CA UNK SC 26 -41.88 115.84 -135.86
C UNK SC 26 -42.11 114.42 -135.32
N UNK SC 27 -43.36 113.96 -135.45
CA UNK SC 27 -43.73 112.62 -135.06
C UNK SC 27 -43.30 111.60 -136.10
N UNK SC 28 -42.00 111.29 -136.14
CA UNK SC 28 -41.41 110.49 -137.20
C UNK SC 28 -41.45 109.02 -136.77
N UNK SC 29 -42.54 108.34 -137.15
CA UNK SC 29 -42.79 106.98 -136.69
C UNK SC 29 -41.93 105.97 -137.43
N UNK SC 30 -42.12 105.84 -138.74
CA UNK SC 30 -41.38 104.87 -139.53
C UNK SC 30 -40.15 105.58 -140.09
N UNK SC 31 -39.19 105.81 -139.20
CA UNK SC 31 -38.07 106.71 -139.47
C UNK SC 31 -36.74 105.97 -139.42
N UNK SC 32 -35.82 106.40 -140.29
CA UNK SC 32 -34.41 106.06 -140.22
C UNK SC 32 -33.65 107.23 -140.83
N UNK SC 33 -33.18 108.13 -139.97
CA UNK SC 33 -32.55 109.38 -140.41
C UNK SC 33 -31.06 109.17 -140.52
N UNK SC 34 -30.61 108.69 -141.69
CA UNK SC 34 -29.20 108.39 -141.92
C UNK SC 34 -28.50 109.61 -142.52
N UNK SC 35 -28.37 110.64 -141.68
CA UNK SC 35 -27.76 111.90 -142.09
C UNK SC 35 -26.25 111.75 -142.21
N UNK SC 36 -25.68 112.46 -143.16
CA UNK SC 36 -24.27 112.29 -143.48
C UNK SC 36 -23.37 113.43 -143.00
N UNK SC 37 -23.95 114.56 -142.59
CA UNK SC 37 -23.21 115.66 -141.96
C UNK SC 37 -24.18 116.50 -141.14
N UNK SC 38 -23.66 117.03 -140.03
CA UNK SC 38 -24.09 118.27 -139.39
C UNK SC 38 -25.49 118.22 -138.78
N UNK SC 39 -25.98 117.04 -138.45
CA UNK SC 39 -27.30 116.93 -137.82
C UNK SC 39 -27.21 117.35 -136.36
N UNK SC 40 -28.10 118.25 -135.95
CA UNK SC 40 -28.05 118.90 -134.65
C UNK SC 40 -29.43 118.90 -133.99
N UNK SC 41 -30.04 117.72 -133.93
CA UNK SC 41 -31.45 117.61 -133.60
C UNK SC 41 -31.70 117.51 -132.10
N UNK SC 42 -32.74 118.21 -131.63
CA UNK SC 42 -33.19 118.11 -130.24
C UNK SC 42 -34.70 117.95 -130.29
N UNK SC 43 -35.15 116.70 -130.37
CA UNK SC 43 -36.55 116.36 -130.60
C UNK SC 43 -37.18 115.82 -129.32
N UNK SC 44 -38.46 115.48 -129.44
CA UNK SC 44 -39.16 114.62 -128.48
C UNK SC 44 -40.02 113.69 -129.33
N UNK SC 45 -39.44 112.57 -129.75
CA UNK SC 45 -40.02 111.73 -130.78
C UNK SC 45 -40.46 110.39 -130.21
N UNK SC 46 -40.99 109.55 -131.09
CA UNK SC 46 -41.38 108.18 -130.74
C UNK SC 46 -41.26 107.37 -132.02
N UNK SC 47 -40.24 106.51 -132.09
CA UNK SC 47 -39.90 105.82 -133.32
C UNK SC 47 -40.22 104.34 -133.29
N UNK SC 48 -39.73 103.62 -132.27
CA UNK SC 48 -39.98 102.23 -131.86
C UNK SC 48 -39.46 101.15 -132.80
N UNK SC 49 -38.91 101.49 -133.97
CA UNK SC 49 -38.23 100.50 -134.81
C UNK SC 49 -37.02 101.12 -135.53
N UNK SC 50 -36.36 102.09 -134.91
CA UNK SC 50 -35.39 102.93 -135.60
C UNK SC 50 -34.06 102.21 -135.78
N UNK SC 51 -33.64 102.06 -137.03
CA UNK SC 51 -32.29 101.61 -137.36
C UNK SC 51 -31.49 102.85 -137.76
N UNK SC 52 -31.10 103.62 -136.75
CA UNK SC 52 -30.45 104.91 -137.00
C UNK SC 52 -28.97 104.73 -137.29
N UNK SC 53 -28.49 105.50 -138.26
CA UNK SC 53 -27.08 105.60 -138.57
C UNK SC 53 -26.73 107.08 -138.62
N UNK SC 54 -25.50 107.42 -138.27
CA UNK SC 54 -25.11 108.81 -138.19
C UNK SC 54 -23.62 108.97 -138.50
N UNK SC 55 -23.32 109.84 -139.45
CA UNK SC 55 -21.98 110.30 -139.75
C UNK SC 55 -21.71 111.61 -138.98
N UNK SC 56 -20.72 112.38 -139.43
CA UNK SC 56 -19.99 113.38 -138.64
C UNK SC 56 -20.85 114.57 -138.21
N UNK SC 57 -20.51 115.08 -137.01
CA UNK SC 57 -21.14 116.19 -136.28
C UNK SC 57 -22.64 115.98 -136.07
N UNK SC 58 -22.98 114.81 -135.54
CA UNK SC 58 -24.36 114.43 -135.25
C UNK SC 58 -24.59 114.55 -133.75
N UNK SC 59 -25.11 115.70 -133.33
CA UNK SC 59 -25.55 115.91 -131.96
C UNK SC 59 -27.06 115.74 -131.92
N UNK SC 60 -27.55 115.01 -130.94
CA UNK SC 60 -28.98 114.70 -130.88
C UNK SC 60 -29.45 114.59 -129.44
N UNK SC 61 -30.74 114.83 -129.26
CA UNK SC 61 -31.37 114.67 -127.95
C UNK SC 61 -32.80 114.21 -128.20
N UNK SC 62 -33.06 112.93 -127.95
CA UNK SC 62 -34.32 112.31 -128.36
C UNK SC 62 -34.86 111.36 -127.30
N UNK SC 63 -36.18 111.24 -127.24
CA UNK SC 63 -36.88 110.35 -126.31
C UNK SC 63 -37.62 109.25 -127.07
N UNK SC 64 -36.97 108.67 -128.06
CA UNK SC 64 -37.58 107.67 -128.93
C UNK SC 64 -36.81 106.36 -128.84
N UNK SC 65 -37.50 105.28 -129.17
CA UNK SC 65 -36.90 103.95 -129.09
C UNK SC 65 -36.25 103.57 -130.41
N UNK SC 66 -35.04 103.03 -130.32
CA UNK SC 66 -34.29 102.58 -131.49
C UNK SC 66 -34.31 101.06 -131.57
N UNK SC 67 -33.76 100.55 -132.66
CA UNK SC 67 -33.59 99.11 -132.83
C UNK SC 67 -32.14 98.82 -133.18
N UNK SC 68 -31.52 99.71 -133.94
CA UNK SC 68 -30.13 99.57 -134.29
C UNK SC 68 -29.49 100.95 -134.37
N UNK SC 69 -28.19 100.99 -134.16
CA UNK SC 69 -27.45 102.24 -134.18
C UNK SC 69 -26.11 102.01 -134.85
N UNK SC 70 -25.71 102.95 -135.69
CA UNK SC 70 -24.43 102.88 -136.38
C UNK SC 70 -23.78 104.25 -136.41
N UNK SC 71 -22.46 104.28 -136.24
CA UNK SC 71 -21.71 105.53 -136.23
C UNK SC 71 -20.55 105.46 -137.21
N UNK SC 72 -20.16 106.62 -137.75
CA UNK SC 72 -19.13 106.67 -138.77
C UNK SC 72 -17.90 107.49 -138.39
N UNK SC 73 -18.06 108.76 -138.00
CA UNK SC 73 -16.91 109.59 -137.68
C UNK SC 73 -16.91 110.12 -136.26
N UNK SC 74 -17.94 110.87 -135.86
CA UNK SC 74 -17.98 111.59 -134.59
C UNK SC 74 -19.43 111.97 -134.31
N UNK SC 75 -19.85 111.83 -133.06
CA UNK SC 75 -21.23 112.09 -132.70
C UNK SC 75 -21.32 112.50 -131.24
N UNK SC 76 -22.52 112.93 -130.83
CA UNK SC 76 -22.86 113.19 -129.43
C UNK SC 76 -24.37 113.00 -129.32
N UNK SC 77 -24.79 111.84 -128.83
CA UNK SC 77 -26.21 111.55 -128.71
C UNK SC 77 -26.64 111.66 -127.26
N UNK SC 78 -27.94 111.90 -127.08
CA UNK SC 78 -28.58 111.73 -125.77
C UNK SC 78 -29.97 111.17 -126.08
N UNK SC 79 -30.06 109.85 -126.12
CA UNK SC 79 -31.26 109.18 -126.58
C UNK SC 79 -31.85 108.33 -125.47
N UNK SC 80 -33.16 108.18 -125.51
CA UNK SC 80 -33.90 107.41 -124.51
C UNK SC 80 -34.62 106.25 -125.22
N UNK SC 81 -33.89 105.15 -125.42
CA UNK SC 81 -34.42 104.01 -126.16
C UNK SC 81 -35.05 103.01 -125.20
N UNK SC 82 -35.76 102.02 -125.75
CA UNK SC 82 -36.54 101.18 -124.86
C UNK SC 82 -36.38 99.67 -125.03
N UNK SC 83 -36.28 99.17 -126.27
CA UNK SC 83 -36.63 97.78 -126.51
C UNK SC 83 -35.43 96.88 -126.82
N UNK SC 84 -34.67 97.21 -127.87
CA UNK SC 84 -33.57 96.37 -128.30
C UNK SC 84 -32.59 97.26 -129.04
N UNK SC 85 -31.33 96.83 -129.07
CA UNK SC 85 -30.31 97.63 -129.74
C UNK SC 85 -29.25 96.73 -130.34
N UNK SC 86 -29.02 96.92 -131.64
CA UNK SC 86 -27.84 96.38 -132.31
C UNK SC 86 -26.95 97.57 -132.63
N UNK SC 87 -25.89 97.75 -131.86
CA UNK SC 87 -25.07 98.94 -131.94
C UNK SC 87 -23.72 98.62 -132.58
N UNK SC 88 -23.25 99.53 -133.43
CA UNK SC 88 -21.93 99.44 -134.03
C UNK SC 88 -21.42 100.85 -134.31
N UNK SC 89 -20.18 101.10 -133.95
CA UNK SC 89 -19.64 102.45 -134.02
C UNK SC 89 -18.34 102.46 -134.81
N UNK SC 90 -17.90 103.68 -135.13
CA UNK SC 90 -16.58 103.90 -135.73
C UNK SC 90 -16.12 105.29 -135.28
N UNK SC 91 -15.09 105.31 -134.42
CA UNK SC 91 -14.28 106.49 -134.03
C UNK SC 91 -15.07 107.59 -133.30
N UNK SC 92 -16.24 107.27 -132.76
CA UNK SC 92 -17.22 108.29 -132.39
C UNK SC 92 -17.43 108.31 -130.88
N UNK SC 93 -18.38 109.12 -130.47
CA UNK SC 93 -18.82 109.21 -129.09
C UNK SC 93 -20.34 109.09 -129.05
N UNK SC 94 -20.87 108.44 -128.03
CA UNK SC 94 -22.29 108.18 -127.96
C UNK SC 94 -22.71 108.03 -126.51
N UNK SC 95 -23.88 108.56 -126.18
CA UNK SC 95 -24.47 108.40 -124.87
C UNK SC 95 -25.96 108.12 -125.03
N UNK SC 96 -26.46 107.18 -124.23
CA UNK SC 96 -27.88 106.88 -124.22
C UNK SC 96 -28.36 106.86 -122.78
N UNK SC 97 -29.64 107.15 -122.59
CA UNK SC 97 -30.13 107.54 -121.26
C UNK SC 97 -31.05 106.50 -120.63
N UNK SC 98 -32.14 106.13 -121.27
CA UNK SC 98 -33.16 105.32 -120.61
C UNK SC 98 -32.82 103.83 -120.70
N UNK SC 99 -33.78 103.00 -120.30
CA UNK SC 99 -33.56 101.57 -120.12
C UNK SC 99 -33.56 100.87 -121.47
N UNK SC 100 -32.39 100.48 -121.94
CA UNK SC 100 -32.25 99.71 -123.16
C UNK SC 100 -31.99 98.25 -122.85
N UNK SC 101 -31.97 97.42 -123.91
CA UNK SC 101 -31.63 96.01 -123.78
C UNK SC 101 -30.72 95.66 -124.96
N UNK SC 102 -29.42 95.85 -124.76
CA UNK SC 102 -28.45 95.64 -125.82
C UNK SC 102 -28.02 94.18 -125.83
N UNK SC 103 -28.30 93.49 -126.93
CA UNK SC 103 -27.89 92.10 -127.05
C UNK SC 103 -26.44 91.98 -127.47
N UNK SC 104 -26.03 92.73 -128.48
CA UNK SC 104 -24.67 92.66 -128.97
C UNK SC 104 -24.14 94.06 -129.21
N UNK SC 105 -22.82 94.22 -129.05
CA UNK SC 105 -22.14 95.47 -129.34
C UNK SC 105 -20.73 95.16 -129.80
N UNK SC 106 -20.41 95.52 -131.03
CA UNK SC 106 -19.09 95.31 -131.60
C UNK SC 106 -18.47 96.67 -131.86
N UNK SC 107 -17.38 96.95 -131.17
CA UNK SC 107 -16.70 98.24 -131.28
C UNK SC 107 -15.29 97.99 -131.74
N UNK SC 108 -14.99 98.34 -132.99
CA UNK SC 108 -13.70 98.06 -133.60
C UNK SC 108 -12.88 99.31 -133.87
N UNK SC 109 -13.15 100.41 -133.17
CA UNK SC 109 -12.48 101.68 -133.42
C UNK SC 109 -12.40 102.45 -132.11
N UNK SC 110 -12.20 103.76 -132.21
CA UNK SC 110 -12.11 104.64 -131.03
C UNK SC 110 -13.48 105.23 -130.74
N UNK SC 111 -14.16 104.66 -129.76
CA UNK SC 111 -15.55 104.97 -129.49
C UNK SC 111 -15.74 105.14 -127.98
N UNK SC 112 -16.27 106.30 -127.60
CA UNK SC 112 -16.65 106.55 -126.22
C UNK SC 112 -18.16 106.30 -126.09
N UNK SC 113 -18.51 105.06 -125.87
CA UNK SC 113 -19.90 104.64 -125.78
C UNK SC 113 -20.35 104.60 -124.34
N UNK SC 114 -21.56 105.07 -124.08
CA UNK SC 114 -22.11 105.10 -122.74
C UNK SC 114 -23.60 104.82 -122.77
N UNK SC 115 -24.06 104.01 -121.82
CA UNK SC 115 -25.48 103.70 -121.68
C UNK SC 115 -25.82 103.74 -120.21
N UNK SC 116 -26.68 104.68 -119.82
CA UNK SC 116 -26.95 104.92 -118.40
C UNK SC 116 -27.86 103.89 -117.78
N UNK SC 117 -28.59 103.12 -118.57
CA UNK SC 117 -29.41 102.03 -118.05
C UNK SC 117 -29.50 100.95 -119.12
N UNK SC 118 -28.80 99.84 -118.90
CA UNK SC 118 -28.88 98.69 -119.79
C UNK SC 118 -29.46 97.54 -118.99
N UNK SC 119 -30.74 97.22 -119.21
CA UNK SC 119 -31.39 96.08 -118.59
C UNK SC 119 -31.47 94.99 -119.65
N UNK SC 120 -30.37 94.28 -119.84
CA UNK SC 120 -30.22 93.31 -120.91
C UNK SC 120 -30.48 91.90 -120.38
N UNK SC 121 -30.22 90.91 -121.22
CA UNK SC 121 -30.28 89.52 -120.82
C UNK SC 121 -29.00 88.77 -121.12
N UNK SC 122 -28.39 89.02 -122.27
CA UNK SC 122 -27.10 88.41 -122.60
C UNK SC 122 -26.37 89.40 -123.49
N UNK SC 123 -25.54 90.24 -122.88
CA UNK SC 123 -24.89 91.35 -123.59
C UNK SC 123 -23.48 90.92 -123.95
N UNK SC 124 -23.23 90.78 -125.25
CA UNK SC 124 -21.91 90.41 -125.74
C UNK SC 124 -21.25 91.65 -126.31
N UNK SC 125 -20.21 92.13 -125.64
CA UNK SC 125 -19.43 93.28 -126.09
C UNK SC 125 -18.09 92.76 -126.60
N UNK SC 126 -17.90 92.80 -127.91
CA UNK SC 126 -16.62 92.48 -128.51
C UNK SC 126 -15.92 93.77 -128.87
N UNK SC 127 -14.68 93.91 -128.44
CA UNK SC 127 -13.95 95.17 -128.57
C UNK SC 127 -12.61 94.94 -129.24
N UNK SC 128 -12.23 95.91 -130.08
CA UNK SC 128 -11.03 95.78 -130.91
C UNK SC 128 -10.30 97.12 -130.95
N UNK SC 129 -9.18 97.15 -130.24
CA UNK SC 129 -7.96 97.94 -130.42
C UNK SC 129 -7.98 99.42 -130.03
N UNK SC 130 -9.14 100.05 -129.82
CA UNK SC 130 -9.07 101.45 -129.39
C UNK SC 130 -10.09 101.94 -128.36
N UNK SC 131 -11.31 101.41 -128.38
CA UNK SC 131 -12.48 102.10 -127.86
C UNK SC 131 -12.57 102.09 -126.33
N UNK SC 132 -13.64 102.70 -125.82
CA UNK SC 132 -13.87 102.86 -124.39
C UNK SC 132 -15.37 102.86 -124.12
N UNK SC 133 -15.91 101.70 -123.80
CA UNK SC 133 -17.33 101.60 -123.48
C UNK SC 133 -17.55 101.69 -121.98
N UNK SC 134 -18.64 102.35 -121.59
CA UNK SC 134 -19.02 102.43 -120.17
C UNK SC 134 -20.54 102.27 -120.07
N UNK SC 135 -21.01 101.03 -119.99
CA UNK SC 135 -22.43 100.71 -120.00
C UNK SC 135 -22.76 100.00 -118.70
N UNK SC 136 -23.68 100.57 -117.91
CA UNK SC 136 -23.82 100.07 -116.54
C UNK SC 136 -25.24 100.25 -116.01
N UNK SC 137 -26.08 99.22 -116.17
CA UNK SC 137 -27.04 98.98 -115.10
C UNK SC 137 -27.05 97.55 -114.57
N UNK SC 138 -27.57 96.62 -115.39
CA UNK SC 138 -27.86 95.25 -114.92
C UNK SC 138 -28.02 94.34 -116.13
N UNK SC 139 -27.04 93.51 -116.40
CA UNK SC 139 -27.20 92.47 -117.40
C UNK SC 139 -27.60 91.18 -116.69
N UNK SC 140 -27.65 90.09 -117.43
CA UNK SC 140 -27.81 88.77 -116.83
C UNK SC 140 -26.85 87.74 -117.39
N UNK SC 141 -26.18 88.02 -118.50
CA UNK SC 141 -25.04 87.24 -118.95
C UNK SC 141 -24.15 88.20 -119.73
N UNK SC 142 -23.16 88.78 -119.08
CA UNK SC 142 -22.21 89.66 -119.75
C UNK SC 142 -21.13 88.81 -120.39
N UNK SC 143 -20.72 89.18 -121.59
CA UNK SC 143 -19.70 88.45 -122.33
C UNK SC 143 -18.80 89.50 -122.98
N UNK SC 144 -17.73 89.85 -122.30
CA UNK SC 144 -16.84 90.91 -122.76
C UNK SC 144 -15.59 90.28 -123.33
N UNK SC 145 -15.45 90.32 -124.64
CA UNK SC 145 -14.26 89.83 -125.31
C UNK SC 145 -13.47 91.03 -125.80
N UNK SC 146 -12.49 91.45 -125.03
CA UNK SC 146 -11.64 92.56 -125.42
C UNK SC 146 -10.45 91.99 -126.18
N UNK SC 147 -10.65 91.73 -127.47
CA UNK SC 147 -9.59 91.22 -128.34
C UNK SC 147 -8.79 92.36 -128.93
N UNK SC 148 -8.09 93.12 -128.09
CA UNK SC 148 -8.07 94.56 -128.23
C UNK SC 148 -6.72 95.15 -127.85
N UNK SC 149 -6.77 96.46 -127.57
CA UNK SC 149 -5.88 97.21 -126.70
C UNK SC 149 -6.68 98.27 -125.96
N UNK SC 150 -7.89 97.92 -125.55
CA UNK SC 150 -8.95 98.88 -125.28
C UNK SC 150 -9.39 98.76 -123.83
N UNK SC 151 -10.48 99.45 -123.50
CA UNK SC 151 -10.97 99.54 -122.13
C UNK SC 151 -12.48 99.36 -122.11
N UNK SC 152 -12.97 98.67 -121.08
CA UNK SC 152 -14.40 98.45 -120.87
C UNK SC 152 -14.68 98.64 -119.39
N UNK SC 153 -15.03 99.87 -119.00
CA UNK SC 153 -15.37 100.14 -117.62
C UNK SC 153 -16.79 99.68 -117.34
N UNK SC 154 -17.05 99.29 -116.09
CA UNK SC 154 -18.37 98.77 -115.75
C UNK SC 154 -18.68 98.98 -114.28
N UNK SC 155 -19.84 99.54 -114.03
CA UNK SC 155 -20.57 99.38 -112.78
C UNK SC 155 -21.80 98.53 -113.03
N UNK SC 156 -21.77 97.75 -114.12
CA UNK SC 156 -22.88 96.92 -114.54
C UNK SC 156 -22.95 95.70 -113.64
N UNK SC 157 -23.94 95.65 -112.77
CA UNK SC 157 -24.09 94.53 -111.83
C UNK SC 157 -24.73 93.37 -112.56
N UNK SC 158 -23.90 92.58 -113.26
CA UNK SC 158 -24.39 91.43 -114.00
C UNK SC 158 -24.40 90.20 -113.13
N UNK SC 159 -25.33 89.29 -113.41
CA UNK SC 159 -25.43 88.07 -112.62
C UNK SC 159 -24.36 87.06 -113.00
N UNK SC 160 -24.28 86.69 -114.28
CA UNK SC 160 -23.15 85.91 -114.74
C UNK SC 160 -22.31 86.79 -115.64
N UNK SC 161 -20.99 86.64 -115.57
CA UNK SC 161 -20.09 87.41 -116.39
C UNK SC 161 -18.99 86.53 -116.91
N UNK SC 162 -18.65 86.71 -118.19
CA UNK SC 162 -17.57 86.00 -118.84
C UNK SC 162 -16.74 87.04 -119.58
N UNK SC 163 -15.58 87.36 -119.04
CA UNK SC 163 -14.76 88.46 -119.54
C UNK SC 163 -13.37 87.93 -119.84
N UNK SC 164 -12.99 87.99 -121.11
CA UNK SC 164 -11.65 87.58 -121.55
C UNK SC 164 -10.99 88.76 -122.23
N UNK SC 165 -9.79 89.10 -121.78
CA UNK SC 165 -9.02 90.22 -122.31
C UNK SC 165 -7.74 89.69 -122.95
N UNK SC 166 -7.42 90.16 -124.16
CA UNK SC 166 -6.44 89.47 -124.97
C UNK SC 166 -5.07 90.14 -125.04
N UNK SC 167 -4.99 91.48 -125.07
CA UNK SC 167 -3.71 92.20 -125.15
C UNK SC 167 -3.92 93.61 -124.62
N UNK SC 168 -3.38 93.88 -123.42
CA UNK SC 168 -3.19 95.22 -122.80
C UNK SC 168 -4.51 95.98 -122.58
N UNK SC 169 -5.58 95.22 -122.37
CA UNK SC 169 -6.91 95.77 -122.21
C UNK SC 169 -7.21 95.98 -120.74
N UNK SC 170 -8.19 96.83 -120.47
CA UNK SC 170 -8.54 97.16 -119.09
C UNK SC 170 -10.04 97.02 -118.93
N UNK SC 171 -10.47 95.94 -118.29
CA UNK SC 171 -11.89 95.66 -118.13
C UNK SC 171 -12.23 95.73 -116.65
N UNK SC 172 -13.23 96.53 -116.31
CA UNK SC 172 -13.61 96.76 -114.93
C UNK SC 172 -15.00 96.17 -114.75
N UNK SC 173 -15.06 94.93 -114.30
CA UNK SC 173 -16.30 94.18 -114.23
C UNK SC 173 -16.91 94.25 -112.84
N UNK SC 174 -18.15 93.78 -112.73
CA UNK SC 174 -18.85 93.65 -111.46
C UNK SC 174 -19.82 92.48 -111.61
N UNK SC 175 -19.58 91.39 -110.88
CA UNK SC 175 -20.37 90.18 -111.01
C UNK SC 175 -21.20 89.96 -109.76
N UNK SC 176 -22.43 89.49 -109.94
CA UNK SC 176 -23.27 89.17 -108.79
C UNK SC 176 -23.14 87.70 -108.40
N UNK SC 177 -23.49 86.80 -109.32
CA UNK SC 177 -23.56 85.39 -108.99
C UNK SC 177 -22.38 84.58 -109.51
N UNK SC 178 -21.91 84.84 -110.72
CA UNK SC 178 -20.87 84.03 -111.33
C UNK SC 178 -19.87 84.96 -112.01
N UNK SC 179 -18.62 84.91 -111.57
CA UNK SC 179 -17.54 85.65 -112.19
C UNK SC 179 -16.67 84.69 -112.96
N UNK SC 180 -16.46 85.00 -114.24
CA UNK SC 180 -15.68 84.18 -115.14
C UNK SC 180 -14.70 85.11 -115.82
N UNK SC 181 -13.41 84.92 -115.59
CA UNK SC 181 -12.45 85.88 -116.12
C UNK SC 181 -11.24 85.16 -116.65
N UNK SC 182 -10.75 85.59 -117.80
CA UNK SC 182 -9.47 85.16 -118.32
C UNK SC 182 -8.77 86.35 -118.89
N UNK SC 183 -7.46 86.45 -118.66
CA UNK SC 183 -6.73 87.60 -119.14
C UNK SC 183 -5.39 87.17 -119.72
N UNK SC 184 -4.91 87.93 -120.70
CA UNK SC 184 -3.59 87.74 -121.28
C UNK SC 184 -2.98 89.12 -121.50
N UNK SC 185 -1.85 89.38 -120.83
CA UNK SC 185 -1.06 90.64 -120.86
C UNK SC 185 -1.87 91.89 -120.47
N UNK SC 186 -2.90 91.74 -119.64
CA UNK SC 186 -3.95 92.75 -119.54
C UNK SC 186 -4.39 92.87 -118.09
N UNK SC 187 -5.50 93.60 -117.88
CA UNK SC 187 -5.96 93.95 -116.54
C UNK SC 187 -7.46 93.74 -116.42
N UNK SC 188 -7.87 92.88 -115.49
CA UNK SC 188 -9.28 92.66 -115.16
C UNK SC 188 -9.50 93.08 -113.71
N UNK SC 189 -10.43 93.99 -113.48
CA UNK SC 189 -10.64 94.58 -112.16
C UNK SC 189 -12.01 94.17 -111.63
N UNK SC 190 -12.03 93.23 -110.68
CA UNK SC 190 -13.25 92.74 -110.07
C UNK SC 190 -13.70 93.72 -109.00
N UNK SC 191 -14.60 94.62 -109.36
CA UNK SC 191 -15.03 95.67 -108.44
C UNK SC 191 -16.14 95.23 -107.49
N UNK SC 192 -16.66 94.02 -107.63
CA UNK SC 192 -17.61 93.46 -106.66
C UNK SC 192 -17.38 91.96 -106.62
N UNK SC 193 -17.39 91.41 -105.41
CA UNK SC 193 -17.08 90.00 -105.24
C UNK SC 193 -18.32 89.18 -105.52
N UNK SC 194 -18.19 88.18 -106.38
CA UNK SC 194 -19.33 87.42 -106.83
C UNK SC 194 -19.72 86.36 -105.81
N UNK SC 195 -20.80 85.64 -106.12
CA UNK SC 195 -21.15 84.50 -105.28
C UNK SC 195 -20.25 83.32 -105.58
N UNK SC 196 -19.78 83.20 -106.81
CA UNK SC 196 -18.74 82.23 -107.14
C UNK SC 196 -17.85 82.84 -108.20
N UNK SC 197 -16.57 82.94 -107.89
CA UNK SC 197 -15.60 83.59 -108.76
C UNK SC 197 -14.63 82.57 -109.32
N UNK SC 198 -14.13 82.84 -110.53
CA UNK SC 198 -13.10 82.03 -111.16
C UNK SC 198 -12.36 82.90 -112.15
N UNK SC 199 -11.04 82.95 -112.03
CA UNK SC 199 -10.23 83.86 -112.82
C UNK SC 199 -8.93 83.19 -113.19
N UNK SC 200 -8.59 83.25 -114.46
CA UNK SC 200 -7.38 82.62 -114.99
C UNK SC 200 -6.50 83.68 -115.62
N UNK SC 201 -5.31 83.84 -115.04
CA UNK SC 201 -4.31 84.76 -115.53
C UNK SC 201 -3.36 84.02 -116.47
N UNK SC 202 -3.11 84.61 -117.62
CA UNK SC 202 -2.12 84.14 -118.58
C UNK SC 202 -0.83 84.92 -118.34
N UNK SC 203 0.05 84.95 -119.35
CA UNK SC 203 1.35 85.63 -119.27
C UNK SC 203 1.20 87.14 -119.11
N UNK SC 204 1.72 87.63 -117.97
CA UNK SC 204 1.81 89.04 -117.55
C UNK SC 204 0.44 89.70 -117.43
N UNK SC 205 -0.51 88.99 -116.85
CA UNK SC 205 -1.91 89.40 -116.85
C UNK SC 205 -2.47 89.47 -115.45
N UNK SC 206 -3.28 90.49 -115.19
CA UNK SC 206 -3.73 90.80 -113.83
C UNK SC 206 -5.25 90.67 -113.72
N UNK SC 207 -5.71 89.67 -112.98
CA UNK SC 207 -7.10 89.63 -112.54
C UNK SC 207 -7.13 90.13 -111.10
N UNK SC 208 -6.73 91.38 -110.91
CA UNK SC 208 -6.61 91.96 -109.58
C UNK SC 208 -7.99 92.47 -109.16
N UNK SC 209 -8.53 91.89 -108.08
CA UNK SC 209 -9.84 92.26 -107.58
C UNK SC 209 -9.70 93.56 -106.81
N UNK SC 210 -9.90 94.67 -107.53
CA UNK SC 210 -9.61 95.99 -107.01
C UNK SC 210 -10.84 96.62 -106.35
N UNK SC 211 -11.36 95.93 -105.34
CA UNK SC 211 -12.42 96.51 -104.54
C UNK SC 211 -11.83 97.51 -103.57
N UNK SC 212 -12.69 98.40 -103.06
CA UNK SC 212 -12.26 99.43 -102.14
C UNK SC 212 -12.08 98.83 -100.76
N UNK SC 213 -10.83 98.71 -100.32
CA UNK SC 213 -10.54 98.48 -98.92
C UNK SC 213 -10.97 99.71 -98.12
N UNK SC 214 -11.39 99.46 -96.88
CA UNK SC 214 -12.35 100.26 -96.11
C UNK SC 214 -13.60 100.56 -96.93
N UNK SC 215 -14.32 99.49 -97.24
CA UNK SC 215 -15.74 99.64 -97.44
C UNK SC 215 -16.43 99.62 -96.08
N UNK SC 216 -17.72 99.96 -96.07
CA UNK SC 216 -18.45 100.01 -94.81
C UNK SC 216 -18.79 98.61 -94.33
N UNK SC 217 -19.24 97.75 -95.24
CA UNK SC 217 -19.39 96.32 -94.96
C UNK SC 217 -18.92 95.58 -96.21
N UNK SC 218 -17.63 95.32 -96.28
CA UNK SC 218 -17.08 94.54 -97.37
C UNK SC 218 -17.25 93.07 -97.05
N UNK SC 219 -17.93 92.34 -97.93
CA UNK SC 219 -18.11 90.92 -97.74
C UNK SC 219 -16.81 90.19 -98.03
N UNK SC 220 -16.39 89.35 -97.09
CA UNK SC 220 -15.15 88.63 -97.18
C UNK SC 220 -15.24 87.51 -98.21
N UNK SC 221 -14.09 87.12 -98.74
CA UNK SC 221 -14.03 86.03 -99.71
C UNK SC 221 -14.16 84.71 -98.98
N UNK SC 222 -15.36 84.13 -99.01
CA UNK SC 222 -15.68 82.92 -98.25
C UNK SC 222 -15.17 81.67 -98.97
N UNK SC 223 -15.54 80.50 -98.43
CA UNK SC 223 -15.00 79.20 -98.85
C UNK SC 223 -15.44 78.78 -100.24
N UNK SC 224 -16.56 79.29 -100.72
CA UNK SC 224 -16.97 79.07 -102.09
C UNK SC 224 -16.32 80.05 -103.06
N UNK SC 225 -15.62 81.07 -102.57
CA UNK SC 225 -15.11 82.11 -103.45
C UNK SC 225 -13.64 82.43 -103.24
N UNK SC 226 -12.95 81.76 -102.32
CA UNK SC 226 -11.57 82.11 -102.01
C UNK SC 226 -10.65 81.45 -103.02
N UNK SC 227 -10.40 82.12 -104.13
CA UNK SC 227 -9.43 81.65 -105.11
C UNK SC 227 -8.25 82.60 -105.14
N UNK SC 228 -7.13 82.10 -105.67
CA UNK SC 228 -5.89 82.87 -105.69
C UNK SC 228 -5.88 83.95 -106.77
N UNK TC 1 -31.96 112.12 -106.35
CA UNK TC 1 -31.65 112.12 -107.78
C UNK TC 1 -31.65 110.69 -108.33
N UNK TC 2 -32.56 109.87 -107.83
CA UNK TC 2 -32.66 108.48 -108.21
C UNK TC 2 -33.71 108.29 -109.30
N UNK TC 3 -34.04 107.03 -109.60
CA UNK TC 3 -35.08 106.67 -110.55
C UNK TC 3 -35.59 105.30 -110.13
N UNK TC 4 -36.73 105.28 -109.44
CA UNK TC 4 -37.27 104.03 -108.93
C UNK TC 4 -37.98 103.27 -110.03
N UNK TC 5 -38.11 101.96 -109.82
CA UNK TC 5 -38.95 101.13 -110.66
C UNK TC 5 -40.22 100.79 -109.90
N UNK TC 6 -41.26 100.43 -110.64
CA UNK TC 6 -42.59 100.25 -110.07
C UNK TC 6 -42.84 98.85 -109.52
N UNK TC 7 -41.81 98.01 -109.42
CA UNK TC 7 -41.97 96.66 -108.92
C UNK TC 7 -41.82 96.65 -107.40
N UNK TC 8 -41.65 95.48 -106.81
CA UNK TC 8 -41.31 95.39 -105.41
C UNK TC 8 -39.86 95.80 -105.19
N UNK TC 9 -39.67 97.10 -104.91
CA UNK TC 9 -38.52 97.67 -104.21
C UNK TC 9 -37.19 97.59 -104.99
N UNK TC 10 -37.19 98.09 -106.22
CA UNK TC 10 -35.95 98.28 -106.97
C UNK TC 10 -35.84 99.72 -107.44
N UNK TC 11 -34.61 100.22 -107.54
CA UNK TC 11 -34.39 101.62 -107.92
C UNK TC 11 -33.02 101.78 -108.55
N UNK TC 12 -32.97 102.27 -109.78
CA UNK TC 12 -31.69 102.72 -110.30
C UNK TC 12 -31.38 104.10 -109.73
N UNK TC 13 -30.11 104.49 -109.80
CA UNK TC 13 -29.70 105.78 -109.30
C UNK TC 13 -28.55 106.32 -110.14
N UNK TC 14 -28.58 107.63 -110.36
CA UNK TC 14 -27.68 108.25 -111.32
C UNK TC 14 -26.80 109.30 -110.66
N UNK TC 15 -26.21 108.98 -109.51
CA UNK TC 15 -25.15 109.81 -108.97
C UNK TC 15 -23.88 109.66 -109.81
N UNK TC 16 -23.33 108.45 -109.84
CA UNK TC 16 -22.46 108.03 -110.93
C UNK TC 16 -23.10 106.90 -111.72
N UNK TC 17 -23.35 105.77 -111.04
CA UNK TC 17 -24.04 104.59 -111.58
C UNK TC 17 -24.46 103.68 -110.44
N UNK TC 18 -25.75 103.36 -110.33
CA UNK TC 18 -26.22 102.43 -109.32
C UNK TC 18 -27.49 101.76 -109.79
N UNK TC 19 -27.69 100.49 -109.39
CA UNK TC 19 -28.98 99.81 -109.50
C UNK TC 19 -29.22 99.07 -108.17
N UNK TC 20 -29.77 99.78 -107.20
CA UNK TC 20 -29.92 99.24 -105.86
C UNK TC 20 -31.36 98.81 -105.62
N UNK TC 21 -31.64 98.40 -104.39
CA UNK TC 21 -32.95 97.92 -104.03
C UNK TC 21 -33.45 98.65 -102.79
N UNK TC 22 -34.74 98.96 -102.79
CA UNK TC 22 -35.40 99.64 -101.69
C UNK TC 22 -35.95 98.60 -100.72
N UNK TC 23 -36.85 99.00 -99.82
CA UNK TC 23 -37.64 98.05 -99.06
C UNK TC 23 -39.12 98.09 -99.41
N UNK TC 24 -39.62 99.28 -99.79
CA UNK TC 24 -41.01 99.59 -100.18
C UNK TC 24 -42.04 99.21 -99.11
N UNK TC 25 -41.66 99.37 -97.86
CA UNK TC 25 -42.56 99.21 -96.72
C UNK TC 25 -42.48 100.35 -95.72
N UNK TC 26 -41.34 101.03 -95.63
CA UNK TC 26 -41.20 102.20 -94.78
C UNK TC 26 -41.35 103.51 -95.54
N UNK TC 27 -41.29 103.45 -96.88
CA UNK TC 27 -41.64 104.52 -97.85
C UNK TC 27 -40.76 105.76 -97.71
N UNK TC 28 -39.45 105.57 -97.82
CA UNK TC 28 -38.49 106.67 -97.84
C UNK TC 28 -38.13 106.96 -99.30
N UNK TC 29 -39.14 107.29 -100.08
CA UNK TC 29 -38.96 107.67 -101.49
C UNK TC 29 -38.93 109.18 -101.62
N UNK TC 30 -38.00 109.81 -100.91
CA UNK TC 30 -38.01 111.26 -100.75
C UNK TC 30 -37.41 111.98 -101.94
N UNK TC 31 -36.69 111.24 -102.81
CA UNK TC 31 -35.85 111.74 -103.92
C UNK TC 31 -34.83 112.78 -103.46
N UNK TC 32 -34.24 112.57 -102.29
CA UNK TC 32 -33.35 113.53 -101.66
C UNK TC 32 -32.35 112.74 -100.83
N UNK TC 33 -31.13 112.61 -101.34
CA UNK TC 33 -30.14 111.73 -100.76
C UNK TC 33 -28.75 112.20 -101.17
N UNK TC 34 -27.74 111.51 -100.68
CA UNK TC 34 -26.37 111.66 -101.13
C UNK TC 34 -25.91 110.26 -101.53
N UNK TC 35 -26.20 109.87 -102.76
CA UNK TC 35 -25.86 108.55 -103.26
C UNK TC 35 -24.39 108.51 -103.65
N UNK TC 36 -23.71 107.42 -103.30
CA UNK TC 36 -22.29 107.28 -103.53
C UNK TC 36 -22.03 106.05 -104.39
N UNK TC 37 -20.80 105.93 -104.87
CA UNK TC 37 -20.34 104.73 -105.57
C UNK TC 37 -19.64 103.75 -104.63
N UNK TC 38 -20.31 103.45 -103.53
CA UNK TC 38 -19.97 102.38 -102.61
C UNK TC 38 -21.24 101.69 -102.16
N UNK TC 39 -22.26 101.75 -103.03
CA UNK TC 39 -23.60 101.14 -102.90
C UNK TC 39 -24.33 101.62 -101.65
N UNK TC 40 -24.52 102.92 -101.57
CA UNK TC 40 -25.16 103.51 -100.39
C UNK TC 40 -25.97 104.73 -100.83
N UNK TC 41 -27.28 104.55 -100.95
CA UNK TC 41 -28.19 105.67 -101.14
C UNK TC 41 -28.59 106.14 -99.75
N UNK TC 42 -27.98 107.23 -99.29
CA UNK TC 42 -28.16 107.72 -97.92
C UNK TC 42 -29.28 108.75 -97.92
N UNK TC 43 -30.51 108.30 -97.70
CA UNK TC 43 -31.68 109.14 -97.83
C UNK TC 43 -31.93 109.94 -96.55
N UNK TC 44 -33.08 110.60 -96.50
CA UNK TC 44 -33.41 111.43 -95.34
C UNK TC 44 -33.82 110.58 -94.14
N UNK TC 45 -34.53 109.48 -94.39
CA UNK TC 45 -34.91 108.60 -93.29
C UNK TC 45 -33.77 107.66 -92.93
N UNK TC 46 -33.37 106.79 -93.86
CA UNK TC 46 -32.40 105.74 -93.60
C UNK TC 46 -31.49 105.61 -94.82
N UNK TC 47 -30.75 104.51 -94.88
CA UNK TC 47 -29.83 104.24 -95.97
C UNK TC 47 -30.28 103.00 -96.73
N UNK TC 48 -30.10 103.04 -98.05
CA UNK TC 48 -30.48 101.93 -98.92
C UNK TC 48 -29.25 101.47 -99.69
N UNK TC 49 -29.23 100.18 -100.01
CA UNK TC 49 -28.09 99.57 -100.66
C UNK TC 49 -28.57 98.58 -101.72
N UNK TC 50 -27.61 97.98 -102.42
CA UNK TC 50 -27.91 96.86 -103.29
C UNK TC 50 -28.16 95.65 -102.41
N UNK TC 51 -29.36 95.08 -102.48
CA UNK TC 51 -29.75 94.02 -101.56
C UNK TC 51 -29.16 92.69 -102.00
N UNK TC 52 -29.07 91.77 -101.04
CA UNK TC 52 -28.49 90.46 -101.30
C UNK TC 52 -29.23 89.39 -100.52
N UNK UC 1 25.74 68.22 -83.36
CA UNK UC 1 25.35 69.35 -82.52
C UNK UC 1 25.30 70.63 -83.34
N UNK UC 2 25.70 71.75 -82.75
CA UNK UC 2 25.77 73.02 -83.46
C UNK UC 2 26.96 73.01 -84.39
N UNK UC 3 26.74 72.60 -85.64
CA UNK UC 3 27.81 72.41 -86.60
C UNK UC 3 27.72 73.50 -87.66
N UNK UC 4 28.89 74.04 -88.01
CA UNK UC 4 29.20 74.92 -89.15
C UNK UC 4 28.60 76.32 -89.08
N UNK UC 5 27.84 76.66 -88.05
CA UNK UC 5 27.65 78.08 -87.74
C UNK UC 5 28.93 78.55 -87.06
N UNK UC 6 29.19 77.99 -85.89
CA UNK UC 6 30.48 77.95 -85.21
C UNK UC 6 30.41 76.74 -84.30
N UNK UC 7 31.30 76.66 -83.32
CA UNK UC 7 31.11 75.67 -82.28
C UNK UC 7 30.10 76.19 -81.24
N UNK UC 8 29.69 75.29 -80.35
CA UNK UC 8 28.70 75.62 -79.33
C UNK UC 8 29.33 76.45 -78.23
N UNK UC 9 28.86 77.69 -78.05
CA UNK UC 9 29.48 78.57 -77.07
C UNK UC 9 28.95 78.30 -75.66
N UNK UC 10 27.67 78.54 -75.44
CA UNK UC 10 27.09 78.45 -74.12
C UNK UC 10 25.99 77.41 -74.12
N UNK UC 11 25.25 77.34 -73.03
CA UNK UC 11 24.04 76.53 -72.96
C UNK UC 11 23.01 77.41 -72.25
N UNK UC 12 22.19 78.11 -73.04
CA UNK UC 12 21.22 79.05 -72.48
C UNK UC 12 20.06 78.28 -71.87
N UNK UC 13 19.90 78.39 -70.57
CA UNK UC 13 18.82 77.68 -69.91
C UNK UC 13 17.49 78.37 -70.16
N UNK UC 14 16.43 77.56 -70.02
CA UNK UC 14 15.07 77.72 -70.56
C UNK UC 14 15.05 77.88 -72.08
N UNK UC 15 16.01 77.27 -72.77
CA UNK UC 15 16.16 77.42 -74.20
C UNK UC 15 16.96 76.24 -74.72
N UNK UC 16 17.42 76.37 -75.96
CA UNK UC 16 18.25 75.41 -76.64
C UNK UC 16 19.72 75.72 -76.37
N UNK UC 17 20.63 75.08 -77.09
CA UNK UC 17 22.04 75.43 -76.99
C UNK UC 17 22.31 76.71 -77.75
N UNK UC 18 23.47 77.30 -77.51
CA UNK UC 18 23.82 78.58 -78.11
C UNK UC 18 25.19 78.46 -78.75
N UNK UC 19 25.20 78.43 -80.08
CA UNK UC 19 26.44 78.36 -80.84
C UNK UC 19 27.15 79.71 -80.81
N UNK UC 20 28.41 79.71 -81.24
CA UNK UC 20 29.22 80.92 -81.19
C UNK UC 20 29.08 81.80 -82.44
N UNK UC 21 28.03 81.58 -83.24
CA UNK UC 21 27.47 82.59 -84.11
C UNK UC 21 26.05 82.96 -83.68
N UNK UC 22 25.13 81.99 -83.63
CA UNK UC 22 23.72 82.24 -83.39
C UNK UC 22 23.14 81.25 -82.39
N UNK UC 23 21.81 81.18 -82.29
CA UNK UC 23 21.16 80.25 -81.38
C UNK UC 23 20.91 78.92 -82.07
N UNK UC 24 21.39 77.84 -81.49
CA UNK UC 24 21.43 76.55 -82.17
C UNK UC 24 20.08 75.88 -82.13
N UNK UC 25 19.98 74.76 -82.84
CA UNK UC 25 18.75 74.00 -82.91
C UNK UC 25 18.73 72.84 -81.93
N UNK UC 26 19.88 72.42 -81.43
CA UNK UC 26 19.95 71.33 -80.48
C UNK UC 26 19.58 71.85 -79.10
N UNK UC 27 18.73 71.11 -78.39
CA UNK UC 27 18.19 71.59 -77.13
C UNK UC 27 19.17 71.36 -76.00
N UNK UC 28 19.34 72.37 -75.13
CA UNK UC 28 20.33 72.30 -74.06
C UNK UC 28 19.85 71.42 -72.91
N UNK UC 29 18.79 71.84 -72.24
CA UNK UC 29 18.28 71.16 -71.06
C UNK UC 29 17.09 70.30 -71.42
N UNK UC 30 16.50 69.69 -70.40
CA UNK UC 30 15.31 68.88 -70.61
C UNK UC 30 14.06 69.75 -70.62
N UNK UC 31 14.15 70.97 -70.13
CA UNK UC 31 12.99 71.82 -69.94
C UNK UC 31 12.85 72.87 -71.01
N UNK UC 32 13.43 72.65 -72.19
CA UNK UC 32 13.26 73.53 -73.32
C UNK UC 32 11.93 73.23 -74.01
N UNK UC 33 11.57 74.04 -75.00
CA UNK UC 33 10.26 73.89 -75.65
C UNK UC 33 10.33 72.94 -76.85
N UNK UC 34 10.73 71.71 -76.59
CA UNK UC 34 10.67 70.64 -77.57
C UNK UC 34 9.22 70.22 -77.72
N UNK UC 35 8.68 70.33 -78.92
CA UNK UC 35 7.26 70.10 -79.15
C UNK UC 35 7.00 68.60 -79.22
N UNK UC 36 6.87 68.00 -78.05
CA UNK UC 36 6.60 66.57 -77.95
C UNK UC 36 5.14 66.32 -78.25
N UNK UC 37 4.85 65.28 -79.03
CA UNK UC 37 3.47 64.97 -79.34
C UNK UC 37 3.16 63.48 -79.38
N UNK UC 38 4.11 62.60 -79.06
CA UNK UC 38 3.85 61.17 -79.02
C UNK UC 38 4.44 60.59 -77.75
N UNK UC 39 3.60 60.34 -76.75
CA UNK UC 39 4.05 59.74 -75.51
C UNK UC 39 4.22 58.24 -75.66
N UNK UC 40 5.15 57.69 -74.90
CA UNK UC 40 5.35 56.24 -74.86
C UNK UC 40 5.10 55.82 -73.42
N UNK UC 41 3.84 55.61 -73.07
CA UNK UC 41 3.50 55.31 -71.69
C UNK UC 41 2.22 54.50 -71.64
N UNK UC 42 2.12 53.63 -70.65
CA UNK UC 42 0.90 52.92 -70.37
C UNK UC 42 -0.01 53.80 -69.53
N UNK UC 43 -1.26 53.95 -70.00
CA UNK UC 43 -2.32 54.82 -69.47
C UNK UC 43 -1.88 56.28 -69.38
N UNK UC 44 -1.17 56.76 -70.41
CA UNK UC 44 -1.01 58.19 -70.60
C UNK UC 44 -2.34 58.77 -71.06
N UNK UC 45 -2.61 60.01 -70.62
CA UNK UC 45 -3.77 60.88 -70.80
C UNK UC 45 -5.05 60.42 -70.08
N UNK UC 46 -5.04 59.24 -69.47
CA UNK UC 46 -5.71 58.99 -68.21
C UNK UC 46 -4.63 59.11 -67.16
N UNK UC 47 -4.92 58.72 -65.92
CA UNK UC 47 -3.90 58.79 -64.88
C UNK UC 47 -2.95 57.61 -65.00
N UNK UC 48 -1.85 57.67 -64.26
CA UNK UC 48 -0.76 56.71 -64.43
C UNK UC 48 -1.09 55.38 -63.74
N UNK UC 49 -0.13 54.45 -63.81
CA UNK UC 49 -0.33 53.09 -63.34
C UNK UC 49 -0.30 53.02 -61.83
N UNK UC 50 -1.39 52.54 -61.23
CA UNK UC 50 -1.45 52.32 -59.80
C UNK UC 50 -0.57 51.12 -59.49
N UNK UC 51 0.67 51.39 -59.07
CA UNK UC 51 1.78 50.46 -59.18
C UNK UC 51 1.79 49.35 -58.14
N UNK UC 52 0.85 49.33 -57.19
CA UNK UC 52 0.83 48.31 -56.16
C UNK UC 52 0.21 46.99 -56.61
N UNK UC 53 -0.36 46.93 -57.80
CA UNK UC 53 -1.03 45.72 -58.26
C UNK UC 53 -0.02 44.66 -58.71
N UNK UC 54 -0.38 43.40 -58.48
CA UNK UC 54 0.36 42.25 -59.01
C UNK UC 54 -0.71 41.26 -59.48
N UNK UC 55 -1.13 41.43 -60.73
CA UNK UC 55 -2.22 40.66 -61.29
C UNK UC 55 -2.00 40.55 -62.80
N UNK UC 56 -3.04 40.21 -63.53
CA UNK UC 56 -2.93 40.15 -64.98
C UNK UC 56 -2.95 41.54 -65.61
N UNK UC 57 -4.02 42.29 -65.38
CA UNK UC 57 -4.23 43.56 -66.07
C UNK UC 57 -3.40 44.68 -65.45
N UNK UC 58 -3.35 45.81 -66.16
CA UNK UC 58 -2.69 47.02 -65.70
C UNK UC 58 -3.77 48.05 -65.42
N UNK UC 59 -3.83 48.51 -64.18
CA UNK UC 59 -4.88 49.44 -63.77
C UNK UC 59 -4.33 50.85 -63.66
N UNK UC 60 -5.05 51.79 -64.24
CA UNK UC 60 -4.68 53.19 -64.11
C UNK UC 60 -5.12 53.71 -62.74
N UNK UC 61 -4.55 54.85 -62.33
CA UNK UC 61 -4.96 55.48 -61.09
C UNK UC 61 -6.30 56.20 -61.19
N UNK UC 62 -6.84 56.39 -62.40
CA UNK UC 62 -8.22 56.77 -62.62
C UNK UC 62 -9.13 55.56 -62.81
N UNK UC 63 -8.65 54.36 -62.42
CA UNK UC 63 -9.38 53.09 -62.32
C UNK UC 63 -9.92 52.60 -63.65
N UNK UC 64 -9.17 52.88 -64.72
CA UNK UC 64 -9.43 52.23 -66.00
C UNK UC 64 -8.39 51.15 -66.23
N UNK UC 65 -8.86 49.94 -66.45
CA UNK UC 65 -7.98 48.81 -66.74
C UNK UC 65 -7.48 48.96 -68.17
N UNK UC 66 -6.17 49.07 -68.32
CA UNK UC 66 -5.54 49.38 -69.60
C UNK UC 66 -5.58 48.14 -70.48
N UNK UC 67 -6.46 48.16 -71.47
CA UNK UC 67 -6.62 47.02 -72.34
C UNK UC 67 -5.49 46.91 -73.35
N UNK UC 68 -4.80 48.01 -73.62
CA UNK UC 68 -3.70 48.00 -74.57
C UNK UC 68 -2.37 47.62 -73.92
N UNK UC 69 -2.33 47.40 -72.62
CA UNK UC 69 -1.07 47.07 -71.98
C UNK UC 69 -1.17 45.85 -71.08
N UNK UC 70 -2.33 45.18 -71.03
CA UNK UC 70 -2.47 43.98 -70.23
C UNK UC 70 -1.90 42.77 -70.96
N LYS VC 24 -8.64 47.89 -120.37
CA LYS VC 24 -8.24 48.37 -119.04
C LYS VC 24 -9.38 49.09 -118.38
N PHE VC 25 -9.73 48.67 -117.16
CA PHE VC 25 -10.87 49.22 -116.45
C PHE VC 25 -10.41 49.93 -115.19
N LYS VC 26 -10.88 51.15 -115.00
CA LYS VC 26 -10.54 51.90 -113.80
C LYS VC 26 -11.70 52.80 -113.42
N LYS VC 27 -12.24 52.59 -112.23
CA LYS VC 27 -13.05 53.61 -111.58
C LYS VC 27 -12.14 54.78 -111.22
N PRO VC 28 -12.62 56.04 -111.36
CA PRO VC 28 -11.68 57.21 -111.45
C PRO VC 28 -10.91 57.58 -110.18
N PRO VC 29 -11.52 57.78 -108.95
CA PRO VC 29 -10.67 58.33 -107.88
C PRO VC 29 -9.85 57.26 -107.19
N ILE VC 30 -8.58 57.18 -107.56
CA ILE VC 30 -7.65 56.24 -106.95
C ILE VC 30 -6.80 57.09 -106.02
N ASN VC 31 -7.12 57.04 -104.75
CA ASN VC 31 -6.49 57.88 -103.75
C ASN VC 31 -5.29 57.13 -103.17
N ASN VC 32 -4.76 57.62 -102.06
CA ASN VC 32 -3.78 56.86 -101.32
C ASN VC 32 -4.48 55.75 -100.54
N PRO VC 33 -3.75 54.72 -100.11
CA PRO VC 33 -4.32 53.76 -99.16
C PRO VC 33 -4.53 54.40 -97.80
N SER VC 34 -5.76 54.23 -97.29
CA SER VC 34 -6.10 54.65 -95.93
C SER VC 34 -5.73 53.56 -94.94
N ASP VC 35 -6.14 53.78 -93.71
CA ASP VC 35 -6.21 52.70 -92.75
C ASP VC 35 -7.57 52.73 -92.09
N ASP VC 36 -7.85 51.66 -91.37
CA ASP VC 36 -9.17 51.49 -90.78
C ASP VC 36 -9.40 52.39 -89.58
N ALA VC 37 -8.30 52.87 -88.97
CA ALA VC 37 -8.32 53.92 -87.96
C ALA VC 37 -8.98 55.19 -88.46
N THR VC 38 -8.48 55.72 -89.57
CA THR VC 38 -9.06 56.90 -90.16
C THR VC 38 -10.39 56.63 -90.84
N ILE VC 39 -10.66 55.39 -91.23
CA ILE VC 39 -11.96 55.01 -91.76
C ILE VC 39 -13.04 55.07 -90.67
N LYS VC 40 -12.78 54.47 -89.51
CA LYS VC 40 -13.81 54.50 -88.48
C LYS VC 40 -13.81 55.80 -87.71
N LEU VC 41 -12.71 56.55 -87.79
CA LEU VC 41 -12.68 57.94 -87.38
C LEU VC 41 -13.57 58.81 -88.25
N ALA VC 42 -13.57 58.57 -89.56
CA ALA VC 42 -14.37 59.38 -90.47
C ALA VC 42 -15.84 59.03 -90.39
N GLU VC 43 -16.18 57.76 -90.20
CA GLU VC 43 -17.59 57.44 -90.06
C GLU VC 43 -18.10 57.65 -88.65
N ALA VC 44 -17.23 57.93 -87.68
CA ALA VC 44 -17.69 58.63 -86.49
C ALA VC 44 -17.96 60.09 -86.79
N ALA VC 45 -17.09 60.69 -87.59
CA ALA VC 45 -17.02 62.12 -87.75
C ALA VC 45 -18.18 62.67 -88.55
N VAL VC 46 -18.67 61.91 -89.53
CA VAL VC 46 -19.78 62.37 -90.35
C VAL VC 46 -21.09 62.31 -89.59
N SER VC 47 -21.21 61.38 -88.63
CA SER VC 47 -22.37 61.29 -87.78
C SER VC 47 -22.40 62.40 -86.75
N VAL VC 48 -21.23 62.76 -86.22
CA VAL VC 48 -21.24 63.88 -85.28
C VAL VC 48 -21.33 65.21 -86.02
N SER VC 49 -20.97 65.24 -87.31
CA SER VC 49 -21.16 66.42 -88.14
C SER VC 49 -22.63 66.66 -88.45
N ASP VC 50 -23.37 65.59 -88.76
CA ASP VC 50 -24.78 65.79 -89.05
C ASP VC 50 -25.60 66.03 -87.79
N SER VC 51 -25.18 65.46 -86.65
CA SER VC 51 -25.77 65.78 -85.35
C SER VC 51 -25.58 67.24 -84.96
N MET VC 52 -24.38 67.77 -85.19
CA MET VC 52 -24.09 69.17 -84.95
C MET VC 52 -24.85 70.08 -85.91
N LEU VC 53 -25.05 69.61 -87.13
CA LEU VC 53 -25.76 70.38 -88.15
C LEU VC 53 -27.26 70.48 -87.84
N GLU VC 54 -27.86 69.38 -87.39
CA GLU VC 54 -29.28 69.42 -87.09
C GLU VC 54 -29.56 70.14 -85.78
N MET VC 55 -28.62 70.12 -84.82
CA MET VC 55 -28.89 70.93 -83.63
C MET VC 55 -28.60 72.40 -83.88
N ALA VC 56 -27.77 72.73 -84.87
CA ALA VC 56 -27.55 74.12 -85.21
C ALA VC 56 -28.73 74.73 -85.94
N LYS VC 57 -29.38 73.96 -86.81
CA LYS VC 57 -30.59 74.47 -87.46
C LYS VC 57 -31.78 74.50 -86.50
N VAL VC 58 -31.80 73.61 -85.49
CA VAL VC 58 -32.81 73.65 -84.43
C VAL VC 58 -32.67 74.90 -83.56
N GLU VC 59 -31.43 75.25 -83.18
CA GLU VC 59 -31.17 76.47 -82.41
C GLU VC 59 -31.43 77.73 -83.21
N LYS VC 60 -31.10 77.71 -84.49
CA LYS VC 60 -31.27 78.89 -85.31
C LYS VC 60 -32.71 79.12 -85.73
N VAL VC 61 -33.57 78.10 -85.73
CA VAL VC 61 -34.97 78.39 -85.98
C VAL VC 61 -35.75 78.59 -84.68
N ILE VC 62 -35.25 78.11 -83.54
CA ILE VC 62 -36.01 78.33 -82.32
C ILE VC 62 -35.65 79.66 -81.66
N THR VC 63 -34.47 80.23 -81.94
CA THR VC 63 -34.25 81.63 -81.63
C THR VC 63 -33.65 82.07 -82.96
N PRO VC 64 -34.33 82.91 -83.73
CA PRO VC 64 -33.70 83.50 -84.90
C PRO VC 64 -32.67 84.54 -84.47
N PRO VC 65 -31.50 84.59 -85.11
CA PRO VC 65 -30.50 85.56 -84.69
C PRO VC 65 -30.82 86.96 -85.17
N SER VC 66 -30.80 87.91 -84.24
CA SER VC 66 -31.20 89.27 -84.60
C SER VC 66 -30.04 90.00 -85.28
N LYS VC 67 -28.96 90.22 -84.56
CA LYS VC 67 -27.88 91.05 -85.09
C LYS VC 67 -26.59 90.25 -85.14
N ASP VC 68 -25.69 90.73 -85.96
CA ASP VC 68 -24.39 90.18 -86.23
C ASP VC 68 -23.38 90.71 -85.23
N ASN VC 69 -22.11 90.56 -85.53
CA ASN VC 69 -21.09 91.29 -84.80
C ASN VC 69 -20.27 92.17 -85.71
N THR VC 70 -20.74 92.43 -86.93
CA THR VC 70 -20.03 93.37 -87.78
C THR VC 70 -20.29 94.81 -87.40
N LEU VC 71 -21.35 95.08 -86.66
CA LEU VC 71 -21.59 96.43 -86.17
C LEU VC 71 -20.71 96.75 -84.97
N THR VC 72 -20.20 95.75 -84.28
CA THR VC 72 -19.25 96.00 -83.20
C THR VC 72 -17.83 95.68 -83.59
N ILE VC 73 -17.60 94.90 -84.65
CA ILE VC 73 -16.29 94.78 -85.28
C ILE VC 73 -16.45 95.25 -86.73
N PRO VC 74 -16.26 96.53 -87.03
CA PRO VC 74 -16.32 96.95 -88.43
C PRO VC 74 -14.95 96.98 -89.08
N ASN VC 75 -14.96 96.83 -90.39
CA ASN VC 75 -13.70 96.66 -91.12
C ASN VC 75 -13.03 98.00 -91.35
N ALA VC 76 -11.75 97.94 -91.69
CA ALA VC 76 -10.96 99.14 -91.88
C ALA VC 76 -9.84 98.89 -92.87
N TYR VC 77 -9.48 99.95 -93.58
CA TYR VC 77 -8.18 100.04 -94.22
C TYR VC 77 -7.13 100.00 -93.13
N ASN VC 78 -6.24 99.00 -93.22
CA ASN VC 78 -5.20 98.40 -92.35
C ASN VC 78 -5.79 97.34 -91.42
N LEU VC 79 -7.11 97.14 -91.42
CA LEU VC 79 -7.66 95.91 -90.89
C LEU VC 79 -7.95 94.91 -91.99
N GLN VC 80 -7.81 95.32 -93.24
CA GLN VC 80 -8.10 94.49 -94.39
C GLN VC 80 -6.90 93.67 -94.86
N ALA VC 81 -5.82 93.65 -94.09
CA ALA VC 81 -4.74 92.72 -94.36
C ALA VC 81 -5.16 91.33 -93.96
N ARG VC 82 -4.53 90.32 -94.53
CA ARG VC 82 -5.05 88.98 -94.38
C ARG VC 82 -4.13 88.15 -93.50
N ALA VC 83 -4.67 87.08 -92.96
CA ALA VC 83 -3.90 86.19 -92.12
C ALA VC 83 -4.47 84.79 -92.24
N SER VC 84 -3.64 83.82 -91.90
CA SER VC 84 -4.00 82.42 -92.01
C SER VC 84 -3.46 81.74 -90.76
N VAL VC 85 -4.34 81.19 -89.94
CA VAL VC 85 -3.99 80.93 -88.54
C VAL VC 85 -4.53 79.58 -88.10
N ASP VC 86 -3.66 78.75 -87.51
CA ASP VC 86 -4.11 77.75 -86.56
C ASP VC 86 -3.50 78.03 -85.20
N TRP VC 87 -4.29 77.82 -84.17
CA TRP VC 87 -4.03 78.36 -82.85
C TRP VC 87 -4.91 77.59 -81.88
N SER VC 88 -4.42 77.42 -80.66
CA SER VC 88 -5.19 76.65 -79.69
C SER VC 88 -5.13 77.23 -78.28
N GLY VC 89 -4.60 78.43 -78.10
CA GLY VC 89 -4.39 78.97 -76.79
C GLY VC 89 -5.52 79.84 -76.31
N PRO VC 90 -5.21 80.82 -75.47
CA PRO VC 90 -6.24 81.71 -74.95
C PRO VC 90 -6.45 82.87 -75.92
N ILE VC 91 -7.33 83.78 -75.50
CA ILE VC 91 -7.76 84.85 -76.39
C ILE VC 91 -6.72 85.95 -76.53
N GLU VC 92 -5.89 86.19 -75.52
CA GLU VC 92 -5.26 87.49 -75.39
C GLU VC 92 -3.99 87.54 -76.22
N GLU VC 93 -3.34 86.38 -76.38
CA GLU VC 93 -2.13 86.30 -77.18
C GLU VC 93 -2.46 86.39 -78.65
N LEU VC 94 -3.61 85.82 -79.04
CA LEU VC 94 -4.02 85.85 -80.43
C LEU VC 94 -4.51 87.23 -80.85
N THR VC 95 -5.37 87.87 -80.03
CA THR VC 95 -5.82 89.22 -80.38
C THR VC 95 -4.73 90.27 -80.19
N ALA VC 96 -3.74 90.00 -79.34
CA ALA VC 96 -2.57 90.86 -79.26
C ALA VC 96 -1.73 90.77 -80.52
N ARG VC 97 -1.59 89.58 -81.10
CA ARG VC 97 -0.84 89.47 -82.35
C ARG VC 97 -1.64 90.00 -83.54
N ILE VC 98 -2.98 89.91 -83.49
CA ILE VC 98 -3.84 90.45 -84.54
C ILE VC 98 -3.79 91.98 -84.54
N ALA VC 99 -3.88 92.59 -83.36
CA ALA VC 99 -3.81 94.03 -83.26
C ALA VC 99 -2.41 94.57 -83.47
N LYS VC 100 -1.38 93.78 -83.16
CA LYS VC 100 0.00 94.17 -83.43
C LYS VC 100 0.30 94.15 -84.91
N ALA VC 101 -0.26 93.21 -85.66
CA ALA VC 101 -0.06 93.25 -87.10
C ALA VC 101 -1.13 94.03 -87.83
N ALA VC 102 -2.13 94.53 -87.12
CA ALA VC 102 -3.09 95.44 -87.69
C ALA VC 102 -2.75 96.88 -87.38
N HIS VC 103 -1.69 97.10 -86.56
CA HIS VC 103 -1.25 98.39 -86.03
C HIS VC 103 -2.36 99.07 -85.26
N PHE VC 104 -2.97 98.32 -84.37
CA PHE VC 104 -3.99 98.81 -83.48
C PHE VC 104 -3.48 98.68 -82.07
N ARG VC 105 -3.79 99.64 -81.23
CA ARG VC 105 -3.50 99.50 -79.82
C ARG VC 105 -4.50 98.54 -79.22
N PHE VC 106 -3.99 97.50 -78.60
CA PHE VC 106 -4.81 96.48 -77.99
C PHE VC 106 -4.95 96.79 -76.51
N ARG VC 107 -6.17 96.69 -76.00
CA ARG VC 107 -6.38 96.80 -74.57
C ARG VC 107 -7.44 95.81 -74.14
N VAL VC 108 -7.51 95.55 -72.83
CA VAL VC 108 -8.55 94.71 -72.29
C VAL VC 108 -9.40 95.53 -71.35
N LEU VC 109 -10.58 95.01 -71.09
CA LEU VC 109 -11.52 95.54 -70.12
C LEU VC 109 -12.00 94.33 -69.36
N GLY VC 110 -12.00 94.41 -68.04
CA GLY VC 110 -12.23 93.22 -67.26
C GLY VC 110 -10.95 92.47 -66.99
N LYS VC 111 -10.76 92.03 -65.75
CA LYS VC 111 -9.69 91.10 -65.50
C LYS VC 111 -10.13 89.72 -65.96
N SER VC 112 -9.15 88.89 -66.30
CA SER VC 112 -9.44 87.60 -66.87
C SER VC 112 -9.91 86.63 -65.79
N PRO VC 113 -10.77 85.68 -66.15
CA PRO VC 113 -11.09 84.60 -65.21
C PRO VC 113 -9.91 83.67 -64.96
N SER VC 114 -10.03 82.90 -63.90
CA SER VC 114 -8.93 82.06 -63.47
C SER VC 114 -8.85 80.79 -64.30
N VAL VC 115 -9.98 80.28 -64.76
CA VAL VC 115 -9.95 79.38 -65.89
C VAL VC 115 -9.72 80.27 -67.11
N PRO VC 116 -8.92 79.85 -68.08
CA PRO VC 116 -8.81 80.66 -69.29
C PRO VC 116 -10.01 80.41 -70.17
N VAL VC 117 -10.30 81.37 -71.02
CA VAL VC 117 -11.13 81.09 -72.17
C VAL VC 117 -10.17 80.58 -73.21
N LEU VC 118 -10.65 79.71 -74.07
CA LEU VC 118 -9.77 78.98 -74.99
C LEU VC 118 -10.41 79.00 -76.35
N ILE VC 119 -9.69 79.55 -77.31
CA ILE VC 119 -10.12 79.52 -78.69
C ILE VC 119 -9.16 78.61 -79.44
N SER VC 120 -9.65 78.04 -80.54
CA SER VC 120 -8.82 77.11 -81.31
C SER VC 120 -9.22 77.29 -82.77
N ILE VC 121 -8.42 78.07 -83.48
CA ILE VC 121 -8.77 78.62 -84.77
C ILE VC 121 -7.86 78.01 -85.80
N SER VC 122 -8.42 77.26 -86.74
CA SER VC 122 -7.64 76.71 -87.83
C SER VC 122 -8.37 77.05 -89.11
N THR VC 123 -7.86 78.06 -89.80
CA THR VC 123 -8.43 78.52 -91.05
C THR VC 123 -7.34 79.17 -91.89
N LYS VC 124 -7.69 79.43 -93.13
CA LYS VC 124 -6.70 79.82 -94.14
C LYS VC 124 -7.21 81.03 -94.88
N ASP VC 125 -6.43 82.13 -94.81
CA ASP VC 125 -6.47 83.33 -95.64
C ASP VC 125 -7.81 84.06 -95.54
N GLU VC 126 -8.08 84.59 -94.36
CA GLU VC 126 -9.13 85.59 -94.29
C GLU VC 126 -8.54 86.86 -93.73
N SER VC 127 -9.30 87.94 -93.86
CA SER VC 127 -8.84 89.20 -93.32
C SER VC 127 -9.06 89.27 -91.83
N LEU VC 128 -8.48 90.31 -91.23
CA LEU VC 128 -8.37 90.41 -89.79
C LEU VC 128 -9.67 90.78 -89.14
N ALA VC 129 -10.59 91.42 -89.89
CA ALA VC 129 -11.88 91.81 -89.35
C ALA VC 129 -12.77 90.60 -89.13
N GLU VC 130 -12.76 89.66 -90.07
CA GLU VC 130 -13.54 88.47 -89.87
C GLU VC 130 -12.80 87.43 -89.04
N ILE VC 131 -11.48 87.55 -88.91
CA ILE VC 131 -10.75 86.74 -87.92
C ILE VC 131 -11.12 87.19 -86.51
N LEU VC 132 -11.22 88.49 -86.29
CA LEU VC 132 -11.69 89.01 -85.00
C LEU VC 132 -13.18 88.74 -84.79
N ARG VC 133 -13.94 88.61 -85.88
CA ARG VC 133 -15.35 88.26 -85.77
C ARG VC 133 -15.57 86.81 -85.36
N ASP VC 134 -14.84 85.85 -85.94
CA ASP VC 134 -15.10 84.49 -85.48
C ASP VC 134 -14.35 84.13 -84.21
N ILE VC 135 -13.36 84.92 -83.76
CA ILE VC 135 -12.89 84.66 -82.40
C ILE VC 135 -13.75 85.39 -81.39
N ASP VC 136 -14.52 86.40 -81.85
CA ASP VC 136 -15.58 86.94 -81.02
C ASP VC 136 -16.71 85.94 -80.87
N TYR VC 137 -16.98 85.17 -81.91
CA TYR VC 137 -17.96 84.11 -81.80
C TYR VC 137 -17.45 82.93 -81.00
N GLN VC 138 -16.16 82.60 -81.13
CA GLN VC 138 -15.57 81.48 -80.39
C GLN VC 138 -15.43 81.79 -78.92
N ALA VC 139 -15.28 83.06 -78.56
CA ALA VC 139 -15.44 83.48 -77.18
C ALA VC 139 -16.88 83.94 -76.95
N GLY VC 140 -17.81 83.00 -77.08
CA GLY VC 140 -19.21 83.31 -76.87
C GLY VC 140 -19.51 83.35 -75.39
N LYS VC 141 -20.02 84.51 -74.93
CA LYS VC 141 -20.51 84.82 -73.58
C LYS VC 141 -19.44 84.77 -72.49
N LYS VC 142 -18.17 84.65 -72.82
CA LYS VC 142 -17.08 84.77 -71.87
C LYS VC 142 -16.17 85.94 -72.18
N ALA VC 143 -16.07 86.35 -73.44
CA ALA VC 143 -15.36 87.55 -73.81
C ALA VC 143 -16.11 88.20 -74.95
N SER VC 144 -15.60 89.34 -75.41
CA SER VC 144 -16.06 89.98 -76.62
C SER VC 144 -14.90 90.75 -77.20
N ILE VC 145 -14.91 90.93 -78.50
CA ILE VC 145 -13.96 91.82 -79.14
C ILE VC 145 -14.73 93.03 -79.66
N HIS VC 146 -14.23 94.22 -79.33
CA HIS VC 146 -14.74 95.43 -79.95
C HIS VC 146 -13.57 96.11 -80.64
N VAL VC 147 -13.84 96.72 -81.78
CA VAL VC 147 -12.84 97.47 -82.52
C VAL VC 147 -13.39 98.88 -82.68
N TYR VC 148 -12.60 99.88 -82.29
CA TYR VC 148 -12.99 101.26 -82.54
C TYR VC 148 -12.13 101.81 -83.66
N PRO VC 149 -12.59 101.77 -84.92
CA PRO VC 149 -11.69 102.01 -86.05
C PRO VC 149 -11.55 103.44 -86.50
N ASN VC 150 -12.31 104.39 -85.95
CA ASN VC 150 -11.98 105.79 -86.14
C ASN VC 150 -10.74 106.19 -85.37
N SER VC 151 -10.56 105.61 -84.19
CA SER VC 151 -9.30 105.57 -83.47
C SER VC 151 -8.58 104.29 -83.86
N GLN VC 152 -7.57 103.89 -83.11
CA GLN VC 152 -6.96 102.60 -83.37
C GLN VC 152 -6.83 101.82 -82.07
N VAL VC 153 -7.92 101.19 -81.64
CA VAL VC 153 -7.88 100.30 -80.49
C VAL VC 153 -8.77 99.10 -80.78
N VAL VC 154 -8.17 97.92 -80.72
CA VAL VC 154 -8.91 96.68 -80.54
C VAL VC 154 -8.97 96.45 -79.04
N GLU VC 155 -10.18 96.43 -78.50
CA GLU VC 155 -10.34 96.13 -77.09
C GLU VC 155 -11.01 94.78 -76.94
N LEU VC 156 -10.73 94.16 -75.81
CA LEU VC 156 -11.22 92.83 -75.50
C LEU VC 156 -11.93 92.93 -74.17
N ARG VC 157 -13.24 92.78 -74.18
CA ARG VC 157 -14.01 92.80 -72.95
C ARG VC 157 -14.08 91.39 -72.44
N TYR VC 158 -14.08 91.23 -71.13
CA TYR VC 158 -14.28 89.91 -70.58
C TYR VC 158 -15.71 89.76 -70.07
N ALA VC 159 -15.96 88.67 -69.38
CA ALA VC 159 -17.29 88.48 -68.80
C ALA VC 159 -17.39 89.15 -67.44
N LYS VC 160 -18.53 88.96 -66.79
CA LYS VC 160 -18.81 89.57 -65.49
C LYS VC 160 -18.91 88.53 -64.39
N ILE VC 161 -18.41 87.33 -64.66
CA ILE VC 161 -18.64 86.18 -63.79
C ILE VC 161 -17.37 85.37 -63.59
N ALA WC 58 -16.94 -7.41 -80.23
CA ALA WC 58 -16.22 -6.52 -79.34
C ALA WC 58 -15.61 -5.37 -80.13
N LEU WC 59 -14.60 -5.71 -80.94
CA LEU WC 59 -14.00 -4.70 -81.80
C LEU WC 59 -14.91 -4.35 -82.97
N LYS WC 60 -15.79 -5.28 -83.36
CA LYS WC 60 -16.85 -5.01 -84.32
C LYS WC 60 -17.89 -4.04 -83.76
N GLU WC 61 -18.21 -4.17 -82.47
CA GLU WC 61 -19.22 -3.27 -81.90
C GLU WC 61 -18.62 -1.89 -81.61
N THR WC 62 -17.33 -1.81 -81.29
CA THR WC 62 -16.75 -0.48 -81.21
C THR WC 62 -16.42 0.10 -82.57
N ALA WC 63 -16.36 -0.74 -83.62
CA ALA WC 63 -16.30 -0.24 -84.99
C ALA WC 63 -17.62 0.37 -85.43
N LEU WC 64 -18.75 -0.24 -85.05
CA LEU WC 64 -20.04 0.37 -85.38
C LEU WC 64 -20.31 1.60 -84.53
N SER WC 65 -19.78 1.62 -83.31
CA SER WC 65 -19.89 2.80 -82.46
C SER WC 65 -19.04 3.96 -82.93
N VAL WC 66 -17.87 3.72 -83.54
CA VAL WC 66 -17.14 4.87 -84.09
C VAL WC 66 -17.67 5.21 -85.47
N GLY WC 67 -18.38 4.30 -86.12
CA GLY WC 67 -18.98 4.64 -87.39
C GLY WC 67 -20.26 5.44 -87.29
N ALA WC 68 -21.01 5.28 -86.19
CA ALA WC 68 -22.37 5.78 -86.13
C ALA WC 68 -22.44 7.29 -85.94
N GLN WC 69 -21.49 7.85 -85.19
CA GLN WC 69 -21.49 9.30 -84.97
C GLN WC 69 -20.98 10.04 -86.18
N ALA WC 70 -20.10 9.41 -86.96
CA ALA WC 70 -19.64 10.02 -88.20
C ALA WC 70 -20.73 9.92 -89.28
N GLY WC 71 -21.51 8.84 -89.27
CA GLY WC 71 -22.63 8.73 -90.16
C GLY WC 71 -23.77 9.67 -89.83
N LEU WC 72 -23.96 9.94 -88.53
CA LEU WC 72 -24.93 10.91 -88.06
C LEU WC 72 -24.54 12.33 -88.45
N ALA WC 73 -23.26 12.65 -88.33
CA ALA WC 73 -22.81 14.00 -88.69
C ALA WC 73 -22.77 14.21 -90.19
N TRP WC 74 -22.48 13.14 -90.95
CA TRP WC 74 -22.51 13.21 -92.40
C TRP WC 74 -23.93 13.37 -92.92
N ARG WC 75 -24.88 12.62 -92.34
CA ARG WC 75 -26.28 12.73 -92.72
C ARG WC 75 -26.88 14.05 -92.26
N ALA WC 76 -26.38 14.59 -91.14
CA ALA WC 76 -26.82 15.89 -90.65
C ALA WC 76 -26.36 17.02 -91.55
N LYS WC 77 -25.15 16.91 -92.10
CA LYS WC 77 -24.65 17.91 -93.04
C LYS WC 77 -25.37 17.82 -94.38
N ILE WC 78 -25.71 16.58 -94.78
CA ILE WC 78 -26.41 16.33 -96.05
C ILE WC 78 -27.82 16.89 -96.01
N ILE WC 79 -28.52 16.71 -94.89
CA ILE WC 79 -29.85 17.29 -94.81
C ILE WC 79 -29.79 18.75 -94.45
N ASP WC 80 -28.65 19.24 -93.93
CA ASP WC 80 -28.49 20.67 -93.65
C ASP WC 80 -28.45 21.50 -94.92
N GLU WC 81 -27.60 21.12 -95.90
CA GLU WC 81 -27.68 21.94 -97.11
C GLU WC 81 -28.79 21.47 -98.04
N GLN WC 82 -29.39 20.30 -97.78
CA GLN WC 82 -30.65 19.97 -98.42
C GLN WC 82 -31.81 20.82 -97.89
N LEU WC 83 -31.74 21.25 -96.63
CA LEU WC 83 -32.70 22.21 -96.12
C LEU WC 83 -32.42 23.60 -96.65
N ASN WC 84 -31.14 23.95 -96.76
CA ASN WC 84 -30.73 25.27 -97.19
C ASN WC 84 -30.95 25.51 -98.66
N LYS WC 85 -31.02 24.45 -99.46
CA LYS WC 85 -31.46 24.58 -100.83
C LYS WC 85 -32.94 24.92 -100.93
N GLN WC 86 -33.74 24.50 -99.97
CA GLN WC 86 -35.18 24.72 -100.00
C GLN WC 86 -35.58 25.87 -99.10
N ALA WC 87 -34.73 26.87 -98.96
CA ALA WC 87 -34.87 27.86 -97.89
C ALA WC 87 -35.99 28.85 -98.15
N ARG WC 88 -36.21 29.23 -99.39
CA ARG WC 88 -37.36 30.10 -99.67
C ARG WC 88 -38.64 29.30 -99.74
N ASN WC 89 -38.54 28.02 -100.10
CA ASN WC 89 -39.71 27.16 -100.15
C ASN WC 89 -40.19 26.82 -98.76
N LEU WC 90 -39.26 26.60 -97.83
CA LEU WC 90 -39.63 26.37 -96.45
C LEU WC 90 -40.07 27.63 -95.75
N ASP WC 91 -39.59 28.79 -96.22
CA ASP WC 91 -40.14 30.07 -95.79
C ASP WC 91 -41.56 30.27 -96.29
N ALA WC 92 -41.89 29.71 -97.45
CA ALA WC 92 -43.26 29.78 -97.90
C ALA WC 92 -44.15 28.81 -97.14
N ILE WC 93 -43.66 27.60 -96.84
CA ILE WC 93 -44.46 26.57 -96.18
C ILE WC 93 -44.69 26.93 -94.73
N TYR WC 94 -43.63 27.12 -93.97
CA TYR WC 94 -43.78 27.33 -92.53
C TYR WC 94 -43.72 28.81 -92.23
N ASP WC 95 -44.70 29.50 -92.77
CA ASP WC 95 -44.76 30.95 -92.75
C ASP WC 95 -45.44 31.35 -91.47
N PHE WC 96 -44.65 31.50 -90.41
CA PHE WC 96 -45.17 31.87 -89.12
C PHE WC 96 -45.59 33.32 -89.06
N ASN WC 97 -45.02 34.15 -89.93
CA ASN WC 97 -45.19 35.58 -89.86
C ASN WC 97 -46.59 36.01 -90.29
N SER WC 98 -47.16 35.40 -91.30
CA SER WC 98 -48.42 35.87 -91.82
C SER WC 98 -49.62 35.17 -91.21
N LEU WC 99 -49.42 34.41 -90.14
CA LEU WC 99 -50.56 33.97 -89.35
C LEU WC 99 -50.41 34.37 -87.89
N VAL WC 100 -49.45 35.23 -87.60
CA VAL WC 100 -49.35 35.83 -86.28
C VAL WC 100 -50.45 36.88 -86.11
N LEU WC 101 -50.78 37.18 -84.87
CA LEU WC 101 -51.96 37.99 -84.64
C LEU WC 101 -51.60 39.47 -84.62
N GLU WC 102 -52.57 40.29 -84.24
CA GLU WC 102 -52.56 41.71 -84.59
C GLU WC 102 -51.70 42.55 -83.66
N HIS WC 103 -51.27 42.01 -82.53
CA HIS WC 103 -50.41 42.75 -81.64
C HIS WC 103 -49.10 42.01 -81.45
N ASN WC 104 -48.68 41.31 -82.52
CA ASN WC 104 -47.57 40.34 -82.57
C ASN WC 104 -47.69 39.29 -81.49
N ILE WC 105 -48.88 38.73 -81.37
CA ILE WC 105 -49.13 37.63 -80.47
C ILE WC 105 -49.07 36.35 -81.27
N LEU WC 106 -48.19 35.45 -80.87
CA LEU WC 106 -48.14 34.14 -81.45
C LEU WC 106 -49.38 33.36 -81.04
N PRO WC 107 -50.15 32.85 -82.02
CA PRO WC 107 -51.39 32.17 -81.70
C PRO WC 107 -51.11 30.78 -81.14
N PRO WC 108 -52.02 30.21 -80.35
CA PRO WC 108 -51.67 29.00 -79.62
C PRO WC 108 -51.91 27.73 -80.42
N VAL WC 109 -51.29 26.65 -79.96
CA VAL WC 109 -51.22 25.42 -80.73
C VAL WC 109 -52.37 24.51 -80.32
N LEU WC 110 -53.41 24.47 -81.11
CA LEU WC 110 -54.54 23.63 -80.80
C LEU WC 110 -54.33 22.25 -81.40
N LEU WC 111 -54.51 21.21 -80.60
CA LEU WC 111 -54.41 19.86 -81.08
C LEU WC 111 -55.79 19.23 -81.07
N GLU WC 112 -56.19 18.70 -82.22
CA GLU WC 112 -57.49 18.11 -82.43
C GLU WC 112 -57.34 16.62 -82.49
N GLY WC 113 -58.10 15.90 -81.68
CA GLY WC 113 -58.21 14.48 -81.85
C GLY WC 113 -59.66 14.14 -82.04
N ARG WC 114 -60.01 13.50 -83.14
CA ARG WC 114 -61.34 12.96 -83.26
C ARG WC 114 -61.33 11.53 -82.80
N ASN WC 115 -62.52 11.01 -82.49
CA ASN WC 115 -62.86 9.60 -82.21
C ASN WC 115 -62.11 9.06 -81.00
N THR WC 116 -62.08 9.82 -79.93
CA THR WC 116 -61.21 9.52 -78.81
C THR WC 116 -61.89 8.53 -77.89
N LEU WC 117 -61.34 7.33 -77.82
CA LEU WC 117 -61.79 6.34 -76.85
C LEU WC 117 -60.71 6.13 -75.81
N ASN WC 118 -61.14 5.89 -74.58
CA ASN WC 118 -60.28 5.34 -73.55
C ASN WC 118 -61.02 4.22 -72.87
N LEU WC 119 -60.41 3.06 -72.82
CA LEU WC 119 -60.90 1.98 -71.97
C LEU WC 119 -60.22 2.15 -70.62
N ALA WC 120 -61.01 2.42 -69.57
CA ALA WC 120 -60.37 2.68 -68.30
C ALA WC 120 -60.15 1.40 -67.50
N ASP WC 121 -61.09 0.47 -67.60
CA ASP WC 121 -61.02 -0.77 -66.85
C ASP WC 121 -61.74 -1.83 -67.67
N ALA WC 122 -62.11 -2.91 -67.01
CA ALA WC 122 -62.88 -3.95 -67.69
C ALA WC 122 -64.35 -3.58 -67.82
N GLN WC 123 -64.82 -2.59 -67.06
CA GLN WC 123 -66.24 -2.29 -67.00
C GLN WC 123 -66.64 -0.92 -67.52
N SER WC 124 -65.71 -0.06 -67.90
CA SER WC 124 -66.11 1.28 -68.32
C SER WC 124 -65.16 1.84 -69.35
N ILE WC 125 -65.72 2.40 -70.41
CA ILE WC 125 -64.97 3.15 -71.39
C ILE WC 125 -65.54 4.55 -71.42
N ARG WC 126 -64.78 5.46 -72.02
CA ARG WC 126 -65.21 6.83 -72.24
C ARG WC 126 -64.88 7.18 -73.67
N ILE WC 127 -65.89 7.48 -74.44
CA ILE WC 127 -65.67 7.97 -75.79
C ILE WC 127 -65.97 9.45 -75.78
N SER WC 128 -65.40 10.12 -76.75
CA SER WC 128 -65.73 11.49 -77.06
C SER WC 128 -65.50 11.64 -78.55
N ASP WC 129 -66.34 12.45 -79.17
CA ASP WC 129 -66.27 12.57 -80.61
C ASP WC 129 -65.12 13.45 -81.05
N ARG WC 130 -64.93 14.57 -80.38
CA ARG WC 130 -63.77 15.43 -80.63
C ARG WC 130 -63.13 15.80 -79.31
N THR WC 131 -61.89 16.22 -79.41
CA THR WC 131 -61.10 16.69 -78.30
C THR WC 131 -60.19 17.78 -78.83
N TYR WC 132 -60.28 18.95 -78.23
CA TYR WC 132 -59.40 20.05 -78.58
C TYR WC 132 -58.59 20.43 -77.37
N LYS WC 133 -57.30 20.66 -77.57
CA LYS WC 133 -56.43 21.04 -76.47
C LYS WC 133 -55.56 22.21 -76.87
N VAL WC 134 -55.52 23.22 -76.02
CA VAL WC 134 -54.60 24.33 -76.16
C VAL WC 134 -53.26 23.96 -75.57
N ALA WC 135 -52.37 23.43 -76.37
CA ALA WC 135 -50.97 23.43 -76.01
C ALA WC 135 -50.43 24.79 -76.38
N LYS WC 136 -49.40 25.22 -75.63
CA LYS WC 136 -48.44 26.29 -75.99
C LYS WC 136 -49.13 27.64 -76.20
N GLN WC 137 -49.65 28.19 -75.10
CA GLN WC 137 -50.66 29.25 -75.11
C GLN WC 137 -50.14 30.56 -75.71
N ALA WC 138 -51.09 31.42 -76.11
CA ALA WC 138 -50.82 32.55 -76.98
C ALA WC 138 -50.05 33.64 -76.26
N HIS WC 139 -48.97 34.08 -76.89
CA HIS WC 139 -48.05 34.89 -76.13
C HIS WC 139 -47.33 35.82 -77.06
N PHE WC 140 -46.85 36.91 -76.48
CA PHE WC 140 -46.25 38.02 -77.21
C PHE WC 140 -44.90 37.59 -77.78
N ILE WC 141 -44.80 37.54 -79.09
CA ILE WC 141 -43.49 37.36 -79.69
C ILE WC 141 -42.99 38.71 -80.15
N THR WC 142 -41.67 38.84 -80.20
CA THR WC 142 -41.04 39.96 -80.86
C THR WC 142 -40.73 39.62 -82.31
N THR WC 143 -40.10 38.48 -82.52
CA THR WC 143 -39.78 37.93 -83.80
C THR WC 143 -40.65 36.70 -84.06
N PRO WC 144 -41.03 36.42 -85.30
CA PRO WC 144 -41.72 35.18 -85.59
C PRO WC 144 -40.75 34.02 -85.58
N PRO WC 145 -41.23 32.80 -85.36
CA PRO WC 145 -40.35 31.64 -85.51
C PRO WC 145 -40.04 31.37 -86.96
N THR WC 146 -38.89 30.77 -87.20
CA THR WC 146 -38.53 30.37 -88.55
C THR WC 146 -38.67 28.86 -88.65
N TRP WC 147 -38.31 28.32 -89.80
CA TRP WC 147 -38.24 26.88 -89.89
C TRP WC 147 -36.98 26.34 -89.25
N ARG WC 148 -35.94 27.16 -89.14
CA ARG WC 148 -34.66 26.69 -88.64
C ARG WC 148 -34.62 26.55 -87.12
N GLN WC 149 -35.62 27.04 -86.40
CA GLN WC 149 -35.66 26.77 -84.98
C GLN WC 149 -36.09 25.35 -84.70
N TYR WC 150 -36.83 24.74 -85.61
CA TYR WC 150 -37.24 23.36 -85.43
C TYR WC 150 -36.38 22.40 -86.26
N LEU WC 151 -35.99 22.81 -87.46
CA LEU WC 151 -35.55 21.83 -88.44
C LEU WC 151 -34.05 21.73 -88.60
N TRP WC 152 -33.29 22.69 -88.09
CA TRP WC 152 -31.86 22.70 -88.31
C TRP WC 152 -31.22 21.64 -87.42
N MET WC 153 -30.87 20.52 -88.01
CA MET WC 153 -30.06 19.55 -87.31
C MET WC 153 -28.66 20.10 -87.22
N ASP WC 154 -28.05 19.98 -86.06
CA ASP WC 154 -26.82 20.72 -85.83
C ASP WC 154 -25.61 19.88 -86.19
N TYR WC 155 -24.74 20.47 -86.99
CA TYR WC 155 -23.62 19.79 -87.60
C TYR WC 155 -22.34 20.21 -86.92
N VAL WC 156 -21.68 19.27 -86.26
CA VAL WC 156 -20.27 19.38 -85.99
C VAL WC 156 -19.56 18.27 -86.75
N LYS WC 157 -18.26 18.41 -86.93
CA LYS WC 157 -17.46 17.38 -87.59
C LYS WC 157 -16.61 16.69 -86.55
N PRO WC 158 -16.79 15.40 -86.30
CA PRO WC 158 -15.89 14.70 -85.38
C PRO WC 158 -14.58 14.37 -86.06
N GLU WC 159 -13.48 14.59 -85.36
CA GLU WC 159 -12.16 14.23 -85.86
C GLU WC 159 -11.57 13.06 -85.11
N ALA WC 160 -12.35 12.38 -84.30
CA ALA WC 160 -11.84 11.33 -83.43
C ALA WC 160 -12.14 9.97 -84.03
N PRO WC 161 -11.13 9.23 -84.51
CA PRO WC 161 -11.40 7.90 -85.04
C PRO WC 161 -11.55 6.85 -83.95
N LYS WC 173 -10.06 -5.00 -89.08
CA LYS WC 173 -9.79 -5.01 -90.50
C LYS WC 173 -11.08 -5.23 -91.30
N GLU WC 174 -11.41 -6.50 -91.54
CA GLU WC 174 -12.50 -6.86 -92.43
C GLU WC 174 -13.86 -6.71 -91.75
N ILE WC 175 -13.97 -7.15 -90.50
CA ILE WC 175 -15.19 -6.95 -89.74
C ILE WC 175 -15.31 -5.51 -89.25
N TRP WC 176 -14.16 -4.82 -89.12
CA TRP WC 176 -14.16 -3.36 -88.95
C TRP WC 176 -14.79 -2.66 -90.13
N CYS WC 177 -14.50 -3.13 -91.36
CA CYS WC 177 -15.06 -2.53 -92.56
C CYS WC 177 -16.56 -2.77 -92.68
N ILE WC 178 -17.00 -4.02 -92.45
CA ILE WC 178 -18.44 -4.29 -92.59
C ILE WC 178 -19.23 -3.77 -91.38
N TYR WC 179 -18.59 -3.59 -90.23
CA TYR WC 179 -19.32 -3.05 -89.11
C TYR WC 179 -19.29 -1.53 -89.09
N THR WC 180 -18.30 -0.90 -89.73
CA THR WC 180 -18.40 0.53 -89.96
C THR WC 180 -19.43 0.89 -91.01
N GLU WC 181 -19.66 0.04 -92.03
CA GLU WC 181 -20.77 0.38 -92.92
C GLU WC 181 -22.13 0.07 -92.31
N ARG WC 182 -22.23 -0.94 -91.41
CA ARG WC 182 -23.47 -1.15 -90.69
C ARG WC 182 -23.74 -0.05 -89.67
N GLY WC 183 -22.69 0.45 -89.02
CA GLY WC 183 -22.85 1.59 -88.14
C GLY WC 183 -23.10 2.89 -88.87
N TRP WC 184 -22.59 3.00 -90.10
CA TRP WC 184 -22.84 4.17 -90.95
C TRP WC 184 -24.28 4.22 -91.41
N LYS WC 185 -24.87 3.05 -91.66
CA LYS WC 185 -26.31 3.03 -91.96
C LYS WC 185 -27.15 3.28 -90.72
N ASN WC 186 -26.64 2.88 -89.55
CA ASN WC 186 -27.34 3.18 -88.31
C ASN WC 186 -27.29 4.66 -87.95
N GLY WC 187 -26.19 5.33 -88.29
CA GLY WC 187 -26.10 6.76 -88.09
C GLY WC 187 -26.92 7.55 -89.06
N ILE WC 188 -27.03 7.06 -90.31
CA ILE WC 188 -27.87 7.69 -91.33
C ILE WC 188 -29.35 7.60 -90.97
N ASP WC 189 -29.85 6.42 -90.60
CA ASP WC 189 -31.28 6.35 -90.28
C ASP WC 189 -31.60 6.89 -88.90
N GLN WC 190 -30.59 7.01 -88.02
CA GLN WC 190 -30.79 7.71 -86.76
C GLN WC 190 -30.97 9.20 -86.97
N ALA WC 191 -30.20 9.79 -87.89
CA ALA WC 191 -30.39 11.20 -88.22
C ALA WC 191 -31.66 11.44 -89.03
N ASN WC 192 -32.12 10.42 -89.76
CA ASN WC 192 -33.38 10.55 -90.46
C ASN WC 192 -34.58 10.51 -89.53
N THR WC 193 -34.52 9.71 -88.46
CA THR WC 193 -35.58 9.78 -87.46
C THR WC 193 -35.52 11.04 -86.61
N ILE WC 194 -34.33 11.64 -86.46
CA ILE WC 194 -34.22 12.92 -85.75
C ILE WC 194 -34.84 14.05 -86.57
N LEU WC 195 -34.61 14.04 -87.90
CA LEU WC 195 -35.26 15.01 -88.78
C LEU WC 195 -36.76 14.75 -88.94
N GLU WC 196 -37.17 13.48 -88.82
CA GLU WC 196 -38.58 13.09 -88.83
C GLU WC 196 -39.32 13.63 -87.62
N GLU WC 197 -38.66 13.61 -86.46
CA GLU WC 197 -39.21 14.23 -85.25
C GLU WC 197 -39.23 15.74 -85.35
N ASN WC 198 -38.27 16.33 -86.07
CA ASN WC 198 -38.24 17.77 -86.23
C ASN WC 198 -39.32 18.29 -87.16
N ILE WC 199 -39.58 17.59 -88.28
CA ILE WC 199 -40.65 18.01 -89.19
C ILE WC 199 -42.00 17.69 -88.60
N ALA WC 200 -42.06 16.70 -87.72
CA ALA WC 200 -43.23 16.41 -86.92
C ALA WC 200 -43.56 17.53 -85.93
N ARG WC 201 -42.53 18.12 -85.32
CA ARG WC 201 -42.74 19.17 -84.35
C ARG WC 201 -43.18 20.47 -85.00
N ILE WC 202 -42.59 20.79 -86.16
CA ILE WC 202 -43.02 22.00 -86.88
C ILE WC 202 -44.40 21.80 -87.52
N LYS WC 203 -44.79 20.54 -87.82
CA LYS WC 203 -46.12 20.26 -88.34
C LYS WC 203 -47.16 20.36 -87.26
N GLU WC 204 -46.78 20.00 -86.03
CA GLU WC 204 -47.64 20.15 -84.86
C GLU WC 204 -47.92 21.61 -84.55
N ASP WC 205 -46.88 22.46 -84.56
CA ASP WC 205 -47.07 23.86 -84.19
C ASP WC 205 -47.78 24.66 -85.28
N PHE WC 206 -47.46 24.39 -86.55
CA PHE WC 206 -48.10 25.13 -87.62
C PHE WC 206 -49.52 24.65 -87.88
N GLY WC 207 -49.81 23.36 -87.66
CA GLY WC 207 -51.18 22.89 -87.73
C GLY WC 207 -52.01 23.34 -86.55
N GLY WC 208 -51.37 23.60 -85.41
CA GLY WC 208 -52.06 24.21 -84.30
C GLY WC 208 -52.45 25.66 -84.53
N MET WC 209 -51.61 26.42 -85.20
CA MET WC 209 -51.99 27.80 -85.48
C MET WC 209 -52.99 27.92 -86.63
N ILE WC 210 -52.96 26.97 -87.57
CA ILE WC 210 -54.02 26.88 -88.59
C ILE WC 210 -55.35 26.49 -87.95
N LEU WC 211 -55.29 25.63 -86.94
CA LEU WC 211 -56.48 25.24 -86.19
C LEU WC 211 -56.97 26.36 -85.29
N TYR WC 212 -56.08 27.26 -84.87
CA TYR WC 212 -56.53 28.44 -84.14
C TYR WC 212 -57.28 29.39 -85.04
N ARG WC 213 -56.82 29.57 -86.27
CA ARG WC 213 -57.56 30.41 -87.21
C ARG WC 213 -58.88 29.78 -87.63
N LYS WC 214 -58.91 28.45 -87.70
CA LYS WC 214 -60.13 27.73 -88.04
C LYS WC 214 -61.15 27.79 -86.92
N LEU WC 215 -60.71 27.59 -85.67
CA LEU WC 215 -61.66 27.61 -84.58
C LEU WC 215 -62.02 29.02 -84.14
N LEU WC 216 -61.16 30.01 -84.40
CA LEU WC 216 -61.52 31.38 -84.17
C LEU WC 216 -62.55 31.85 -85.18
N ALA WC 217 -62.44 31.36 -86.43
CA ALA WC 217 -63.47 31.65 -87.41
C ALA WC 217 -64.74 30.85 -87.14
N MET WC 218 -64.61 29.69 -86.50
CA MET WC 218 -65.72 28.85 -86.11
C MET WC 218 -66.34 29.24 -84.78
N ASN WC 219 -65.75 30.24 -84.11
CA ASN WC 219 -66.11 30.75 -82.79
C ASN WC 219 -66.02 29.68 -81.70
N MET WC 220 -65.05 28.79 -81.82
CA MET WC 220 -64.81 27.81 -80.78
C MET WC 220 -63.82 28.27 -79.75
N VAL WC 221 -63.05 29.32 -80.04
CA VAL WC 221 -62.08 29.85 -79.09
C VAL WC 221 -62.24 31.36 -79.01
N SER WC 222 -61.87 31.89 -77.91
CA SER WC 222 -61.85 33.32 -77.75
C SER WC 222 -60.59 33.89 -78.39
N PRO WC 223 -60.66 35.06 -79.03
CA PRO WC 223 -59.44 35.75 -79.42
C PRO WC 223 -58.79 36.39 -78.20
N PRO WC 224 -57.48 36.64 -78.22
CA PRO WC 224 -56.88 37.29 -77.05
C PRO WC 224 -57.19 38.77 -77.02
N TYR WC 225 -57.20 39.31 -75.81
CA TYR WC 225 -57.60 40.69 -75.58
C TYR WC 225 -56.42 41.45 -75.00
N VAL WC 226 -55.77 42.23 -75.85
CA VAL WC 226 -54.76 43.15 -75.37
C VAL WC 226 -55.43 44.34 -74.71
N SER WC 227 -54.83 44.79 -73.62
CA SER WC 227 -55.17 46.06 -73.01
C SER WC 227 -53.93 46.93 -73.13
N HIS WC 228 -53.99 47.91 -74.02
CA HIS WC 228 -52.92 48.89 -74.12
C HIS WC 228 -53.37 50.11 -73.36
N THR WC 229 -52.76 50.34 -72.21
CA THR WC 229 -53.03 51.53 -71.42
C THR WC 229 -51.90 52.49 -71.66
N ASP WC 230 -52.23 53.71 -72.08
CA ASP WC 230 -51.22 54.70 -72.38
C ASP WC 230 -50.90 55.50 -71.14
N LEU WC 231 -49.61 55.69 -70.91
CA LEU WC 231 -49.11 56.64 -69.94
C LEU WC 231 -48.36 57.70 -70.71
N GLY WC 232 -48.37 58.91 -70.18
CA GLY WC 232 -47.77 60.00 -70.91
C GLY WC 232 -46.29 60.11 -70.70
N VAL WC 233 -45.84 61.32 -70.50
CA VAL WC 233 -44.43 61.58 -70.25
C VAL WC 233 -44.09 61.19 -68.82
N THR WC 234 -43.24 60.18 -68.72
CA THR WC 234 -43.16 59.38 -67.52
C THR WC 234 -41.72 59.33 -67.04
N GLY WC 235 -41.54 59.48 -65.74
CA GLY WC 235 -40.24 59.38 -65.12
C GLY WC 235 -39.82 60.70 -64.52
N ASP WC 236 -38.66 60.67 -63.88
CA ASP WC 236 -38.15 61.82 -63.18
C ASP WC 236 -37.26 62.63 -64.13
N GLY WC 237 -36.45 63.53 -63.58
CA GLY WC 237 -35.58 64.36 -64.39
C GLY WC 237 -34.36 63.66 -64.95
N SER WC 238 -34.06 62.45 -64.50
CA SER WC 238 -32.96 61.71 -65.08
C SER WC 238 -33.38 60.78 -66.20
N GLU WC 239 -34.64 60.41 -66.28
CA GLU WC 239 -35.10 59.42 -67.25
C GLU WC 239 -36.49 59.82 -67.68
N ILE WC 240 -36.70 60.15 -68.94
CA ILE WC 240 -38.07 60.31 -69.39
C ILE WC 240 -38.34 59.36 -70.54
N HIS WC 241 -39.58 58.91 -70.61
CA HIS WC 241 -40.11 58.18 -71.75
C HIS WC 241 -41.37 58.92 -72.18
N ILE WC 242 -41.49 59.19 -73.47
CA ILE WC 242 -42.42 60.20 -73.91
C ILE WC 242 -43.81 59.63 -74.10
N ASP WC 243 -43.96 58.67 -74.99
CA ASP WC 243 -45.26 58.02 -75.20
C ASP WC 243 -45.06 56.62 -74.67
N ASP WC 244 -45.53 56.36 -73.46
CA ASP WC 244 -45.22 55.13 -72.74
C ASP WC 244 -46.46 54.27 -72.70
N ARG WC 245 -46.62 53.42 -73.70
CA ARG WC 245 -47.80 52.56 -73.75
C ARG WC 245 -47.43 51.25 -73.09
N VAL WC 246 -48.33 50.70 -72.28
CA VAL WC 246 -48.12 49.37 -71.76
C VAL WC 246 -49.18 48.49 -72.38
N LEU WC 247 -48.84 47.23 -72.60
CA LEU WC 247 -49.66 46.33 -73.40
C LEU WC 247 -49.68 44.99 -72.70
N ARG WC 248 -50.78 44.69 -72.05
CA ARG WC 248 -50.94 43.39 -71.43
C ARG WC 248 -51.88 42.57 -72.26
N ILE WC 249 -51.86 41.27 -72.01
CA ILE WC 249 -52.92 40.39 -72.48
C ILE WC 249 -53.77 40.05 -71.28
N THR WC 250 -54.98 40.59 -71.24
CA THR WC 250 -55.89 40.27 -70.16
C THR WC 250 -56.49 38.89 -70.34
N ALA WC 251 -57.00 38.61 -71.53
CA ALA WC 251 -57.67 37.36 -71.79
C ALA WC 251 -56.74 36.47 -72.59
N LEU WC 252 -56.33 35.37 -71.99
CA LEU WC 252 -55.71 34.35 -72.80
C LEU WC 252 -56.77 33.63 -73.62
N PRO WC 253 -56.43 33.15 -74.82
CA PRO WC 253 -57.39 32.41 -75.62
C PRO WC 253 -57.72 31.06 -75.04
N GLU WC 254 -59.00 30.74 -75.09
CA GLU WC 254 -59.47 29.52 -74.50
C GLU WC 254 -60.65 29.03 -75.30
N LEU WC 255 -60.90 27.74 -75.20
CA LEU WC 255 -62.03 27.13 -75.86
C LEU WC 255 -63.29 27.50 -75.12
N ASN WC 256 -64.25 28.06 -75.84
CA ASN WC 256 -65.54 28.33 -75.21
C ASN WC 256 -66.29 27.01 -75.14
N VAL WC 257 -66.95 26.81 -74.01
CA VAL WC 257 -67.68 25.58 -73.77
C VAL WC 257 -69.17 25.79 -73.93
N ASN WC 258 -69.60 26.99 -74.25
CA ASN WC 258 -70.99 27.22 -74.58
C ASN WC 258 -71.15 26.91 -76.06
N SER WC 259 -71.73 25.75 -76.35
CA SER WC 259 -71.70 25.21 -77.70
C SER WC 259 -72.74 25.86 -78.61
N ALA WC 260 -73.66 26.65 -78.05
CA ALA WC 260 -74.63 27.36 -78.87
C ALA WC 260 -74.08 28.60 -79.53
N GLU WC 261 -72.86 29.02 -79.18
CA GLU WC 261 -72.16 30.16 -79.76
C GLU WC 261 -71.42 29.83 -81.03
N TRP WC 262 -71.48 28.58 -81.48
CA TRP WC 262 -70.53 28.11 -82.46
C TRP WC 262 -71.05 28.40 -83.86
N ARG WC 263 -70.19 28.21 -84.85
CA ARG WC 263 -70.47 28.60 -86.23
C ARG WC 263 -70.21 27.41 -87.12
N ALA WC 264 -71.14 27.10 -88.00
CA ALA WC 264 -70.97 26.00 -88.94
C ALA WC 264 -70.23 26.49 -90.17
N ALA WC 265 -69.96 25.58 -91.08
CA ALA WC 265 -68.88 25.78 -92.03
C ALA WC 265 -69.18 25.25 -93.42
N VAL WC 266 -70.38 25.45 -93.92
CA VAL WC 266 -70.76 24.77 -95.15
C VAL WC 266 -70.35 25.59 -96.37
N ALA WC 267 -69.52 24.97 -97.20
CA ALA WC 267 -68.93 25.62 -98.36
C ALA WC 267 -69.63 25.11 -99.60
N LYS WC 268 -69.11 25.48 -100.77
CA LYS WC 268 -69.70 25.04 -102.01
C LYS WC 268 -68.65 24.76 -103.08
N PHE XC 25 -28.14 27.85 -127.43
CA PHE XC 25 -28.59 26.88 -126.44
C PHE XC 25 -28.81 27.53 -125.07
N LYS XC 26 -29.84 27.12 -124.36
CA LYS XC 26 -30.09 27.64 -123.04
C LYS XC 26 -29.81 26.58 -122.00
N LYS XC 27 -30.09 26.94 -120.77
CA LYS XC 27 -29.95 26.12 -119.60
C LYS XC 27 -31.30 26.00 -118.93
N PRO XC 28 -31.49 25.02 -118.06
CA PRO XC 28 -32.66 25.04 -117.20
C PRO XC 28 -32.51 26.06 -116.08
N PRO XC 29 -33.58 26.34 -115.34
CA PRO XC 29 -33.45 27.03 -114.07
C PRO XC 29 -32.60 26.27 -113.06
N ILE XC 30 -31.87 27.03 -112.27
CA ILE XC 30 -30.70 26.49 -111.60
C ILE XC 30 -31.09 25.78 -110.32
N ASN XC 31 -31.86 26.43 -109.46
CA ASN XC 31 -32.59 25.71 -108.41
C ASN XC 31 -34.03 25.47 -108.85
N ASN XC 32 -34.15 24.80 -109.97
CA ASN XC 32 -35.44 24.33 -110.40
C ASN XC 32 -35.83 23.15 -109.53
N PRO XC 33 -37.11 22.95 -109.31
CA PRO XC 33 -37.55 21.65 -108.81
C PRO XC 33 -37.50 20.63 -109.93
N SER XC 34 -36.34 20.02 -110.14
CA SER XC 34 -36.14 19.00 -111.16
C SER XC 34 -36.14 17.62 -110.55
N ASP XC 35 -36.90 17.43 -109.49
CA ASP XC 35 -36.70 16.31 -108.59
C ASP XC 35 -38.02 16.03 -107.89
N ASP XC 36 -38.36 14.75 -107.80
CA ASP XC 36 -39.74 14.28 -107.62
C ASP XC 36 -40.30 14.55 -106.24
N ALA XC 37 -39.46 14.81 -105.25
CA ALA XC 37 -39.97 15.33 -104.00
C ALA XC 37 -40.09 16.85 -104.01
N THR XC 38 -39.16 17.52 -104.69
CA THR XC 38 -39.11 18.97 -104.61
C THR XC 38 -40.15 19.65 -105.48
N ILE XC 39 -40.68 18.97 -106.50
CA ILE XC 39 -41.85 19.52 -107.19
C ILE XC 39 -43.08 19.46 -106.31
N LYS XC 40 -43.18 18.43 -105.47
CA LYS XC 40 -44.28 18.39 -104.51
C LYS XC 40 -44.09 19.40 -103.39
N LEU XC 41 -42.84 19.66 -103.01
CA LEU XC 41 -42.54 20.63 -101.97
C LEU XC 41 -42.83 22.06 -102.44
N ALA XC 42 -42.37 22.42 -103.63
CA ALA XC 42 -42.63 23.75 -104.13
C ALA XC 42 -44.04 23.92 -104.66
N GLU XC 43 -44.69 22.81 -105.03
CA GLU XC 43 -46.10 22.84 -105.41
C GLU XC 43 -46.98 23.06 -104.19
N ALA XC 44 -46.55 22.50 -103.05
CA ALA XC 44 -47.18 22.82 -101.79
C ALA XC 44 -46.89 24.24 -101.36
N ALA XC 45 -45.72 24.79 -101.75
CA ALA XC 45 -45.36 26.16 -101.41
C ALA XC 45 -46.19 27.19 -102.15
N VAL XC 46 -46.47 26.94 -103.43
CA VAL XC 46 -47.29 27.91 -104.18
C VAL XC 46 -48.76 27.78 -103.76
N SER XC 47 -49.17 26.56 -103.32
CA SER XC 47 -50.47 26.38 -102.70
C SER XC 47 -50.64 27.04 -101.33
N VAL XC 48 -49.61 27.01 -100.47
CA VAL XC 48 -49.79 27.60 -99.15
C VAL XC 48 -49.66 29.12 -99.24
N SER XC 49 -48.94 29.63 -100.25
CA SER XC 49 -48.84 31.07 -100.37
C SER XC 49 -50.07 31.70 -100.98
N ASP XC 50 -50.73 31.06 -101.97
CA ASP XC 50 -51.97 31.71 -102.40
C ASP XC 50 -53.14 31.37 -101.48
N SER XC 51 -53.05 30.29 -100.68
CA SER XC 51 -54.06 30.09 -99.64
C SER XC 51 -53.91 31.06 -98.48
N MET XC 52 -52.67 31.43 -98.13
CA MET XC 52 -52.45 32.51 -97.17
C MET XC 52 -52.82 33.87 -97.75
N LEU XC 53 -52.69 34.02 -99.08
CA LEU XC 53 -53.13 35.24 -99.75
C LEU XC 53 -54.65 35.38 -99.72
N GLU XC 54 -55.40 34.28 -99.88
CA GLU XC 54 -56.85 34.42 -99.72
C GLU XC 54 -57.29 34.54 -98.28
N MET XC 55 -56.49 34.02 -97.33
CA MET XC 55 -56.79 34.26 -95.91
C MET XC 55 -56.57 35.71 -95.52
N ALA XC 56 -55.48 36.30 -96.02
CA ALA XC 56 -55.19 37.70 -95.75
C ALA XC 56 -56.09 38.63 -96.55
N LYS XC 57 -56.56 38.15 -97.70
CA LYS XC 57 -57.61 38.83 -98.47
C LYS XC 57 -58.88 38.91 -97.69
N VAL XC 58 -59.26 37.82 -97.03
CA VAL XC 58 -60.56 37.82 -96.42
C VAL XC 58 -60.55 38.44 -95.03
N GLU XC 59 -59.38 38.62 -94.41
CA GLU XC 59 -59.38 39.35 -93.14
C GLU XC 59 -58.67 40.69 -93.19
N LYS XC 60 -58.22 41.15 -94.35
CA LYS XC 60 -57.76 42.52 -94.50
C LYS XC 60 -59.00 43.40 -94.52
N VAL XC 61 -59.28 44.07 -93.41
CA VAL XC 61 -60.35 45.05 -93.38
C VAL XC 61 -59.86 46.32 -94.06
N ILE XC 62 -60.55 46.72 -95.12
CA ILE XC 62 -60.04 47.77 -95.98
C ILE XC 62 -61.04 48.91 -96.02
N THR XC 63 -60.50 50.12 -95.95
CA THR XC 63 -61.27 51.34 -96.03
C THR XC 63 -61.41 51.74 -97.49
N PRO XC 64 -62.61 52.18 -97.91
CA PRO XC 64 -62.71 52.85 -99.20
C PRO XC 64 -62.07 54.23 -99.12
N PRO XC 65 -61.53 54.74 -100.24
CA PRO XC 65 -60.86 56.05 -100.17
C PRO XC 65 -61.81 57.22 -100.16
N SER XC 66 -63.08 57.01 -100.47
CA SER XC 66 -64.11 58.02 -100.33
C SER XC 66 -64.66 58.10 -98.92
N LYS XC 67 -64.33 57.14 -98.07
CA LYS XC 67 -64.75 57.14 -96.68
C LYS XC 67 -63.56 56.79 -95.79
N ASP XC 68 -62.44 57.46 -96.02
CA ASP XC 68 -61.20 57.09 -95.36
C ASP XC 68 -60.85 57.98 -94.18
N ASN XC 69 -61.51 59.15 -94.05
CA ASN XC 69 -61.64 60.04 -92.88
C ASN XC 69 -60.35 60.84 -92.57
N THR XC 70 -59.25 60.57 -93.24
CA THR XC 70 -57.99 61.26 -93.01
C THR XC 70 -57.96 62.59 -93.77
N LEU XC 71 -56.99 63.42 -93.40
CA LEU XC 71 -56.83 64.73 -93.99
C LEU XC 71 -56.22 64.63 -95.38
N THR XC 72 -56.80 65.37 -96.32
CA THR XC 72 -56.24 65.45 -97.66
C THR XC 72 -55.21 66.59 -97.71
N ILE XC 73 -54.53 66.72 -98.84
CA ILE XC 73 -53.57 67.80 -99.01
C ILE XC 73 -54.32 69.07 -99.37
N PRO XC 74 -54.16 70.15 -98.60
CA PRO XC 74 -54.97 71.35 -98.84
C PRO XC 74 -54.47 72.25 -99.96
N ASN XC 75 -53.32 71.93 -100.56
CA ASN XC 75 -52.68 72.48 -101.78
C ASN XC 75 -52.46 73.99 -101.76
N ALA XC 76 -52.38 74.62 -100.58
CA ALA XC 76 -51.98 76.01 -100.51
C ALA XC 76 -50.49 76.16 -100.72
N TYR XC 77 -50.10 77.28 -101.35
CA TYR XC 77 -48.72 77.50 -101.76
C TYR XC 77 -47.82 77.79 -100.56
N ASN XC 78 -48.40 78.33 -99.49
CA ASN XC 78 -47.68 78.40 -98.22
C ASN XC 78 -47.52 77.03 -97.59
N LEU XC 79 -48.43 76.11 -97.85
CA LEU XC 79 -48.28 74.75 -97.36
C LEU XC 79 -47.47 73.87 -98.29
N GLN XC 80 -47.05 74.38 -99.45
CA GLN XC 80 -46.16 73.61 -100.31
C GLN XC 80 -44.70 73.97 -100.12
N ALA XC 81 -44.31 74.39 -98.93
CA ALA XC 81 -42.90 74.50 -98.59
C ALA XC 81 -42.41 73.15 -98.11
N ARG XC 82 -41.10 72.98 -98.07
CA ARG XC 82 -40.51 71.76 -97.55
C ARG XC 82 -39.86 72.04 -96.20
N ALA XC 83 -40.34 71.36 -95.17
CA ALA XC 83 -39.89 71.58 -93.82
C ALA XC 83 -39.00 70.43 -93.38
N SER XC 84 -38.58 70.47 -92.12
CA SER XC 84 -37.78 69.41 -91.54
C SER XC 84 -38.06 69.40 -90.04
N VAL XC 85 -38.66 68.33 -89.54
CA VAL XC 85 -39.02 68.24 -88.13
C VAL XC 85 -38.46 66.97 -87.53
N ASP XC 86 -37.87 67.10 -86.37
CA ASP XC 86 -37.72 65.98 -85.45
C ASP XC 86 -38.45 66.41 -84.20
N TRP XC 87 -39.60 65.81 -83.96
CA TRP XC 87 -40.32 66.16 -82.74
C TRP XC 87 -41.07 64.96 -82.22
N SER XC 88 -41.21 64.92 -80.90
CA SER XC 88 -42.04 63.93 -80.24
C SER XC 88 -42.65 64.58 -79.02
N GLY XC 89 -43.92 64.94 -79.09
CA GLY XC 89 -44.60 65.52 -77.96
C GLY XC 89 -46.05 65.86 -78.22
N PRO XC 90 -46.60 66.81 -77.47
CA PRO XC 90 -48.04 67.12 -77.58
C PRO XC 90 -48.36 67.95 -78.81
N ILE XC 91 -49.45 67.55 -79.48
CA ILE XC 91 -49.74 67.82 -80.89
C ILE XC 91 -49.97 69.30 -81.19
N GLU XC 92 -50.45 70.05 -80.18
CA GLU XC 92 -50.78 71.47 -80.31
C GLU XC 92 -49.57 72.36 -80.51
N GLU XC 93 -48.41 71.95 -80.00
CA GLU XC 93 -47.23 72.76 -80.18
C GLU XC 93 -46.61 72.61 -81.56
N LEU XC 94 -46.58 71.38 -82.08
CA LEU XC 94 -46.13 71.12 -83.46
C LEU XC 94 -47.07 71.76 -84.46
N THR XC 95 -48.38 71.65 -84.24
CA THR XC 95 -49.32 72.22 -85.18
C THR XC 95 -49.42 73.75 -85.09
N ALA XC 96 -49.20 74.33 -83.90
CA ALA XC 96 -49.19 75.78 -83.77
C ALA XC 96 -47.94 76.39 -84.39
N ARG XC 97 -46.79 75.75 -84.17
CA ARG XC 97 -45.58 76.27 -84.77
C ARG XC 97 -45.47 75.90 -86.24
N ILE XC 98 -46.19 74.88 -86.70
CA ILE XC 98 -46.20 74.64 -88.13
C ILE XC 98 -47.23 75.55 -88.81
N ALA XC 99 -48.20 76.07 -88.06
CA ALA XC 99 -49.10 77.08 -88.59
C ALA XC 99 -48.41 78.41 -88.73
N LYS XC 100 -47.63 78.80 -87.73
CA LYS XC 100 -46.87 80.04 -87.89
C LYS XC 100 -45.60 79.85 -88.71
N ALA XC 101 -45.20 78.61 -88.98
CA ALA XC 101 -44.23 78.36 -90.02
C ALA XC 101 -44.82 78.57 -91.41
N ALA XC 102 -46.05 78.14 -91.63
CA ALA XC 102 -46.70 78.34 -92.92
C ALA XC 102 -47.54 79.60 -92.99
N HIS XC 103 -47.38 80.51 -92.02
CA HIS XC 103 -48.07 81.81 -91.89
C HIS XC 103 -49.58 81.64 -91.83
N PHE XC 104 -50.02 80.61 -91.14
CA PHE XC 104 -51.44 80.32 -90.99
C PHE XC 104 -51.79 80.55 -89.53
N ARG XC 105 -53.04 80.89 -89.28
CA ARG XC 105 -53.45 81.03 -87.90
C ARG XC 105 -53.73 79.65 -87.31
N PHE XC 106 -53.82 79.61 -85.99
CA PHE XC 106 -53.98 78.35 -85.28
C PHE XC 106 -55.20 78.44 -84.38
N ARG XC 107 -56.15 77.53 -84.58
CA ARG XC 107 -57.29 77.48 -83.69
C ARG XC 107 -57.42 76.10 -83.07
N VAL XC 108 -57.58 76.06 -81.77
CA VAL XC 108 -57.73 74.82 -81.03
C VAL XC 108 -59.16 74.76 -80.53
N LEU XC 109 -59.86 73.67 -80.85
CA LEU XC 109 -61.25 73.49 -80.48
C LEU XC 109 -61.35 72.33 -79.52
N GLY XC 110 -62.16 72.51 -78.48
CA GLY XC 110 -62.28 71.53 -77.42
C GLY XC 110 -61.23 71.72 -76.36
N LYS XC 111 -61.04 70.68 -75.57
CA LYS XC 111 -60.13 70.68 -74.44
C LYS XC 111 -59.02 69.67 -74.68
N SER XC 112 -57.82 70.03 -74.31
CA SER XC 112 -56.78 69.02 -74.31
C SER XC 112 -56.95 68.14 -73.09
N PRO XC 113 -56.69 66.84 -73.17
CA PRO XC 113 -56.87 65.98 -72.00
C PRO XC 113 -55.67 66.07 -71.07
N SER XC 114 -55.73 65.28 -69.99
CA SER XC 114 -54.67 65.26 -69.01
C SER XC 114 -53.46 64.50 -69.53
N VAL XC 115 -53.66 63.27 -69.97
CA VAL XC 115 -52.67 62.63 -70.84
C VAL XC 115 -52.74 63.30 -72.21
N PRO XC 116 -51.65 63.86 -72.71
CA PRO XC 116 -51.70 64.58 -73.98
C PRO XC 116 -51.63 63.62 -75.15
N VAL XC 117 -52.12 64.10 -76.28
CA VAL XC 117 -52.03 63.33 -77.52
C VAL XC 117 -50.63 63.52 -78.08
N LEU XC 118 -49.90 62.43 -78.22
CA LEU XC 118 -48.48 62.48 -78.54
C LEU XC 118 -48.23 61.99 -79.96
N ILE XC 119 -47.56 62.80 -80.74
CA ILE XC 119 -47.23 62.51 -82.13
C ILE XC 119 -45.71 62.47 -82.15
N SER XC 120 -45.10 61.70 -83.05
CA SER XC 120 -43.68 61.89 -83.33
C SER XC 120 -43.47 61.93 -84.84
N ILE XC 121 -42.92 63.02 -85.34
CA ILE XC 121 -42.59 63.14 -86.75
C ILE XC 121 -41.09 63.36 -86.83
N SER XC 122 -40.41 62.53 -87.61
CA SER XC 122 -38.98 62.72 -87.80
C SER XC 122 -38.68 62.57 -89.29
N THR XC 123 -38.62 63.70 -89.98
CA THR XC 123 -38.23 63.74 -91.38
C THR XC 123 -37.41 65.00 -91.66
N LYS XC 124 -36.49 64.86 -92.61
CA LYS XC 124 -35.48 65.90 -92.80
C LYS XC 124 -35.71 66.73 -94.06
N ASP XC 125 -36.61 66.31 -94.95
CA ASP XC 125 -37.11 67.16 -96.03
C ASP XC 125 -38.49 66.59 -96.36
N GLU XC 126 -39.52 67.28 -95.91
CA GLU XC 126 -40.85 66.83 -96.27
C GLU XC 126 -41.77 68.03 -96.42
N SER XC 127 -42.76 67.92 -97.31
CA SER XC 127 -43.79 68.93 -97.47
C SER XC 127 -44.67 68.99 -96.24
N LEU XC 128 -44.84 70.21 -95.73
CA LEU XC 128 -45.42 70.39 -94.42
C LEU XC 128 -46.93 70.22 -94.40
N ALA XC 129 -47.58 70.30 -95.57
CA ALA XC 129 -48.96 69.85 -95.69
C ALA XC 129 -49.08 68.34 -95.51
N GLU XC 130 -48.08 67.58 -95.96
CA GLU XC 130 -48.09 66.16 -95.64
C GLU XC 130 -47.62 65.89 -94.21
N ILE XC 131 -46.92 66.83 -93.58
CA ILE XC 131 -46.69 66.71 -92.14
C ILE XC 131 -48.00 66.95 -91.37
N LEU XC 132 -48.86 67.83 -91.89
CA LEU XC 132 -50.23 67.94 -91.35
C LEU XC 132 -51.08 66.69 -91.60
N ARG XC 133 -50.85 66.03 -92.74
CA ARG XC 133 -51.52 64.77 -93.04
C ARG XC 133 -51.07 63.66 -92.09
N ASP XC 134 -49.77 63.62 -91.80
CA ASP XC 134 -49.21 62.63 -90.89
C ASP XC 134 -49.61 62.93 -89.44
N ILE XC 135 -49.77 64.20 -89.08
CA ILE XC 135 -50.18 64.52 -87.71
C ILE XC 135 -51.67 64.26 -87.53
N ASP XC 136 -52.47 64.31 -88.62
CA ASP XC 136 -53.86 63.91 -88.53
C ASP XC 136 -53.99 62.39 -88.46
N TYR XC 137 -53.09 61.67 -89.14
CA TYR XC 137 -53.11 60.22 -89.09
C TYR XC 137 -52.65 59.69 -87.74
N GLN XC 138 -51.64 60.30 -87.14
CA GLN XC 138 -51.17 59.83 -85.85
C GLN XC 138 -52.06 60.32 -84.72
N ALA XC 139 -52.84 61.38 -84.95
CA ALA XC 139 -53.91 61.69 -84.03
C ALA XC 139 -55.01 60.64 -84.12
N GLY XC 140 -55.46 60.34 -85.33
CA GLY XC 140 -56.48 59.34 -85.52
C GLY XC 140 -57.84 59.87 -85.14
N LYS XC 141 -58.35 59.39 -84.01
CA LYS XC 141 -59.63 59.89 -83.52
C LYS XC 141 -59.51 60.50 -82.13
N LYS XC 142 -58.30 60.54 -81.57
CA LYS XC 142 -58.07 61.34 -80.37
C LYS XC 142 -58.09 62.83 -80.68
N ALA XC 143 -57.70 63.21 -81.89
CA ALA XC 143 -57.78 64.59 -82.34
C ALA XC 143 -58.04 64.56 -83.84
N SER XC 144 -58.08 65.75 -84.42
CA SER XC 144 -58.31 65.90 -85.85
C SER XC 144 -57.73 67.23 -86.29
N ILE XC 145 -57.34 67.29 -87.56
CA ILE XC 145 -56.80 68.51 -88.14
C ILE XC 145 -57.72 68.93 -89.27
N HIS XC 146 -58.26 70.14 -89.18
CA HIS XC 146 -58.84 70.81 -90.33
C HIS XC 146 -57.89 71.88 -90.82
N VAL XC 147 -57.93 72.17 -92.11
CA VAL XC 147 -57.24 73.31 -92.68
C VAL XC 147 -58.28 74.07 -93.50
N TYR XC 148 -58.48 75.35 -93.17
CA TYR XC 148 -59.24 76.23 -94.03
C TYR XC 148 -58.26 77.12 -94.76
N PRO XC 149 -58.02 76.90 -96.07
CA PRO XC 149 -57.00 77.68 -96.76
C PRO XC 149 -57.50 79.03 -97.24
N ASN XC 150 -58.82 79.16 -97.34
CA ASN XC 150 -59.42 80.45 -97.69
C ASN XC 150 -59.33 81.42 -96.53
N SER XC 151 -59.56 80.94 -95.32
CA SER XC 151 -59.42 81.75 -94.13
C SER XC 151 -58.01 81.73 -93.57
N GLN XC 152 -57.17 80.84 -94.12
CA GLN XC 152 -55.73 80.67 -93.82
C GLN XC 152 -55.50 80.33 -92.35
N VAL XC 153 -56.16 79.26 -91.91
CA VAL XC 153 -56.10 78.87 -90.52
C VAL XC 153 -56.17 77.36 -90.42
N VAL XC 154 -55.26 76.77 -89.66
CA VAL XC 154 -55.36 75.36 -89.34
C VAL XC 154 -56.07 75.24 -88.00
N GLU XC 155 -56.73 74.11 -87.80
CA GLU XC 155 -57.56 73.94 -86.61
C GLU XC 155 -57.31 72.55 -86.05
N LEU XC 156 -56.71 72.52 -84.88
CA LEU XC 156 -56.63 71.31 -84.08
C LEU XC 156 -57.96 71.17 -83.37
N ARG XC 157 -58.58 70.01 -83.51
CA ARG XC 157 -59.87 69.74 -82.89
C ARG XC 157 -59.74 68.51 -82.02
N TYR XC 158 -60.21 68.58 -80.79
CA TYR XC 158 -60.29 67.40 -79.97
C TYR XC 158 -61.67 66.77 -80.11
N ALA XC 159 -62.00 65.83 -79.24
CA ALA XC 159 -63.34 65.25 -79.21
C ALA XC 159 -63.78 64.92 -77.79
N ILE YC 272 -46.83 46.96 -62.98
CA ILE YC 272 -46.23 47.63 -64.12
C ILE YC 272 -44.89 46.97 -64.45
N PRO YC 273 -44.69 46.57 -65.70
CA PRO YC 273 -43.42 46.01 -66.10
C PRO YC 273 -42.39 47.12 -66.30
N PRO YC 274 -41.09 46.80 -66.32
CA PRO YC 274 -40.08 47.83 -66.57
C PRO YC 274 -40.09 48.30 -68.02
N SER YC 275 -39.45 49.46 -68.22
CA SER YC 275 -39.65 50.24 -69.42
C SER YC 275 -38.84 49.70 -70.58
N ALA YC 276 -37.52 49.64 -70.42
CA ALA YC 276 -36.64 48.89 -71.28
C ALA YC 276 -35.48 48.46 -70.41
N ASN YC 277 -34.38 48.07 -71.03
CA ASN YC 277 -33.12 48.23 -70.35
C ASN YC 277 -32.57 49.58 -70.75
N ASP YC 278 -32.01 50.29 -69.78
CA ASP YC 278 -31.34 51.55 -70.05
C ASP YC 278 -29.87 51.36 -70.39
N LEU YC 279 -29.41 50.12 -70.47
CA LEU YC 279 -28.14 49.82 -71.12
C LEU YC 279 -28.26 49.91 -72.62
N LEU YC 280 -29.48 49.84 -73.16
CA LEU YC 280 -29.69 49.94 -74.59
C LEU YC 280 -29.45 51.34 -75.13
N LEU YC 281 -29.48 52.37 -74.30
CA LEU YC 281 -29.00 53.68 -74.73
C LEU YC 281 -27.49 53.70 -74.90
N HIS YC 282 -26.77 52.92 -74.09
CA HIS YC 282 -25.34 52.78 -74.30
C HIS YC 282 -25.06 51.93 -75.52
N VAL YC 283 -25.79 50.83 -75.69
CA VAL YC 283 -25.47 49.96 -76.82
C VAL YC 283 -26.25 50.35 -78.08
N LEU YC 284 -26.98 51.45 -78.02
CA LEU YC 284 -27.51 52.06 -79.22
C LEU YC 284 -26.44 52.73 -80.06
N GLU YC 285 -25.47 53.37 -79.43
CA GLU YC 285 -24.23 53.65 -80.13
C GLU YC 285 -23.23 52.57 -79.74
N GLY YC 286 -21.98 52.71 -80.11
CA GLY YC 286 -21.14 51.54 -80.01
C GLY YC 286 -20.51 51.26 -78.66
N VAL YC 287 -20.78 52.07 -77.65
CA VAL YC 287 -20.09 51.92 -76.37
C VAL YC 287 -20.70 50.74 -75.61
N PRO YC 288 -19.87 49.79 -75.15
CA PRO YC 288 -20.36 48.57 -74.51
C PRO YC 288 -20.95 48.84 -73.13
N PRO YC 289 -21.69 47.90 -72.54
CA PRO YC 289 -22.11 48.06 -71.15
C PRO YC 289 -20.92 47.89 -70.21
N PRO YC 290 -20.94 48.49 -69.02
CA PRO YC 290 -19.78 48.39 -68.13
C PRO YC 290 -19.67 47.01 -67.49
N GLY YC 291 -18.47 46.46 -67.50
CA GLY YC 291 -18.21 45.13 -67.01
C GLY YC 291 -18.78 44.07 -67.92
N SER YC 292 -18.48 44.15 -69.20
CA SER YC 292 -19.02 43.25 -70.18
C SER YC 292 -18.00 42.22 -70.60
N ARG YC 293 -18.37 41.45 -71.60
CA ARG YC 293 -17.43 40.66 -72.38
C ARG YC 293 -17.80 40.88 -73.82
N ARG YC 294 -16.82 41.13 -74.66
CA ARG YC 294 -17.10 41.31 -76.07
C ARG YC 294 -17.34 39.96 -76.73
N LEU YC 295 -18.20 39.96 -77.73
CA LEU YC 295 -18.39 38.82 -78.59
C LEU YC 295 -17.99 39.20 -79.99
N VAL YC 296 -17.75 38.22 -80.83
CA VAL YC 296 -17.27 38.48 -82.18
C VAL YC 296 -18.32 38.09 -83.19
N VAL YC 297 -19.01 39.08 -83.73
CA VAL YC 297 -19.97 38.90 -84.80
C VAL YC 297 -19.19 38.64 -86.07
N SER YC 298 -19.58 37.62 -86.82
CA SER YC 298 -18.97 37.33 -88.10
C SER YC 298 -20.05 37.09 -89.13
N GLY YC 299 -19.97 37.80 -90.24
CA GLY YC 299 -20.93 37.65 -91.31
C GLY YC 299 -21.68 38.88 -91.70
N GLY YC 300 -21.74 39.88 -90.85
CA GLY YC 300 -22.40 41.12 -91.19
C GLY YC 300 -22.02 42.16 -90.16
N ASP YC 301 -22.31 43.41 -90.48
CA ASP YC 301 -21.83 44.52 -89.65
C ASP YC 301 -22.78 44.67 -88.48
N ALA YC 302 -22.47 43.94 -87.42
CA ALA YC 302 -23.12 44.12 -86.15
C ALA YC 302 -22.03 44.04 -85.10
N ARG YC 303 -22.31 44.58 -83.93
CA ARG YC 303 -21.45 44.41 -82.77
C ARG YC 303 -22.26 43.75 -81.69
N ALA YC 304 -21.60 43.03 -80.79
CA ALA YC 304 -22.31 42.33 -79.73
C ALA YC 304 -21.45 42.23 -78.49
N TRP YC 305 -22.10 42.37 -77.35
CA TRP YC 305 -21.44 42.24 -76.07
C TRP YC 305 -22.28 41.37 -75.17
N LEU YC 306 -21.68 40.88 -74.10
CA LEU YC 306 -22.38 40.02 -73.16
C LEU YC 306 -22.14 40.56 -71.77
N SER YC 307 -23.19 41.06 -71.12
CA SER YC 307 -22.96 41.68 -69.82
C SER YC 307 -23.15 40.69 -68.68
N ASN YC 308 -24.37 40.20 -68.49
CA ASN YC 308 -24.61 39.18 -67.48
C ASN YC 308 -25.78 38.33 -67.98
N GLU YC 309 -25.41 37.28 -68.74
CA GLU YC 309 -26.28 36.20 -69.25
C GLU YC 309 -27.35 36.69 -70.22
N LYS YC 310 -27.19 37.89 -70.78
CA LYS YC 310 -27.96 38.40 -71.89
C LYS YC 310 -26.91 38.95 -72.83
N MET YC 311 -27.27 39.10 -74.09
CA MET YC 311 -26.34 39.74 -74.99
C MET YC 311 -27.03 40.89 -75.70
N TYR YC 312 -26.21 41.80 -76.18
CA TYR YC 312 -26.68 43.03 -76.78
C TYR YC 312 -26.04 43.13 -78.13
N VAL YC 313 -26.85 43.27 -79.16
CA VAL YC 313 -26.35 43.48 -80.51
C VAL YC 313 -26.72 44.89 -80.94
N ARG YC 314 -25.86 45.48 -81.75
CA ARG YC 314 -26.04 46.81 -82.30
C ARG YC 314 -25.80 46.69 -83.79
N THR YC 315 -26.80 47.05 -84.58
CA THR YC 315 -26.77 46.67 -85.98
C THR YC 315 -27.64 47.61 -86.80
N ASN YC 316 -27.48 47.53 -88.11
CA ASN YC 316 -28.44 48.10 -89.04
C ASN YC 316 -29.24 47.04 -89.75
N LEU YC 317 -28.95 45.76 -89.49
CA LEU YC 317 -29.79 44.71 -90.07
C LEU YC 317 -31.00 44.49 -89.18
N THR YC 318 -31.89 43.61 -89.62
CA THR YC 318 -33.00 43.25 -88.76
C THR YC 318 -32.82 41.84 -88.24
N ILE YC 319 -33.02 41.67 -86.96
CA ILE YC 319 -32.88 40.37 -86.30
C ILE YC 319 -34.14 39.57 -86.60
N LEU YC 320 -33.97 38.35 -87.10
CA LEU YC 320 -35.08 37.55 -87.57
C LEU YC 320 -35.37 36.32 -86.72
N SER YC 321 -34.42 35.41 -86.50
CA SER YC 321 -34.81 34.22 -85.72
C SER YC 321 -34.89 34.38 -84.21
N PRO YC 322 -33.80 34.65 -83.46
CA PRO YC 322 -33.71 34.04 -82.12
C PRO YC 322 -34.49 34.72 -81.02
N GLY YC 323 -35.18 35.82 -81.29
CA GLY YC 323 -36.08 36.40 -80.32
C GLY YC 323 -35.36 37.32 -79.36
N TRP YC 324 -35.77 38.57 -79.29
CA TRP YC 324 -35.12 39.47 -78.37
C TRP YC 324 -36.07 39.91 -77.27
N LEU YC 325 -35.47 40.39 -76.19
CA LEU YC 325 -36.26 40.85 -75.06
C LEU YC 325 -36.59 42.32 -75.14
N ALA YC 326 -35.66 43.13 -75.62
CA ALA YC 326 -35.93 44.55 -75.67
C ALA YC 326 -35.17 45.14 -76.85
N SER YC 327 -35.57 46.33 -77.28
CA SER YC 327 -34.88 47.01 -78.35
C SER YC 327 -35.12 48.50 -78.32
N MET YC 328 -34.12 49.21 -78.84
CA MET YC 328 -34.18 50.62 -79.14
C MET YC 328 -33.68 50.85 -80.56
N THR YC 329 -33.85 52.08 -81.03
CA THR YC 329 -33.45 52.44 -82.39
C THR YC 329 -32.98 53.89 -82.32
N SER YC 330 -31.82 54.18 -82.89
CA SER YC 330 -31.26 55.52 -82.88
C SER YC 330 -31.88 56.45 -83.91
N ALA YC 331 -31.28 57.62 -84.11
CA ALA YC 331 -31.83 58.56 -85.08
C ALA YC 331 -31.49 58.16 -86.50
N ASP YC 332 -30.38 57.46 -86.70
CA ASP YC 332 -29.92 57.08 -88.02
C ASP YC 332 -30.25 55.63 -88.35
N GLY YC 333 -31.24 55.06 -87.68
CA GLY YC 333 -31.72 53.74 -88.03
C GLY YC 333 -30.88 52.60 -87.53
N THR YC 334 -30.10 52.81 -86.49
CA THR YC 334 -29.35 51.72 -85.88
C THR YC 334 -30.18 51.11 -84.76
N HIS YC 335 -30.43 49.81 -84.83
CA HIS YC 335 -31.13 49.16 -83.74
C HIS YC 335 -30.14 48.61 -82.73
N ALA YC 336 -30.62 48.47 -81.50
CA ALA YC 336 -29.92 47.75 -80.45
C ALA YC 336 -30.90 46.82 -79.78
N TYR YC 337 -30.54 45.55 -79.74
CA TYR YC 337 -31.40 44.51 -79.18
C TYR YC 337 -30.75 43.89 -77.96
N GLU YC 338 -31.53 43.75 -76.90
CA GLU YC 338 -31.22 42.92 -75.75
C GLU YC 338 -31.91 41.59 -75.95
N MET YC 339 -31.13 40.51 -75.98
CA MET YC 339 -31.67 39.19 -76.22
C MET YC 339 -30.94 38.20 -75.33
N GLN YC 340 -31.29 36.93 -75.52
CA GLN YC 340 -30.62 35.84 -74.82
C GLN YC 340 -29.33 35.48 -75.53
N LYS YC 341 -28.62 34.53 -74.94
CA LYS YC 341 -27.36 34.04 -75.50
C LYS YC 341 -27.69 33.06 -76.61
N SER YC 342 -27.45 33.47 -77.84
CA SER YC 342 -27.59 32.54 -78.95
C SER YC 342 -26.36 32.62 -79.85
N PRO YC 343 -25.82 31.49 -80.32
CA PRO YC 343 -24.57 31.56 -81.08
C PRO YC 343 -24.74 31.96 -82.52
N VAL YC 344 -25.96 32.00 -83.04
CA VAL YC 344 -26.21 32.46 -84.40
C VAL YC 344 -27.38 33.43 -84.34
N LEU YC 345 -27.27 34.50 -85.11
CA LEU YC 345 -28.38 35.39 -85.36
C LEU YC 345 -28.80 35.21 -86.80
N LEU YC 346 -30.09 35.28 -87.06
CA LEU YC 346 -30.57 35.40 -88.41
C LEU YC 346 -30.87 36.87 -88.62
N VAL YC 347 -30.55 37.37 -89.80
CA VAL YC 347 -30.76 38.77 -90.09
C VAL YC 347 -31.35 38.88 -91.46
N SER YC 348 -32.15 39.91 -91.66
CA SER YC 348 -32.46 40.38 -92.99
C SER YC 348 -31.60 41.59 -93.25
N TRP YC 349 -30.80 41.49 -94.29
CA TRP YC 349 -29.95 42.59 -94.72
C TRP YC 349 -30.74 43.54 -95.62
N HIS YC 350 -31.13 43.07 -96.79
CA HIS YC 350 -31.87 43.88 -97.72
C HIS YC 350 -32.90 43.04 -98.41
N GLY YC 351 -33.65 42.27 -97.65
CA GLY YC 351 -34.46 41.21 -98.20
C GLY YC 351 -33.76 39.88 -98.24
N LYS YC 352 -32.44 39.87 -98.07
CA LYS YC 352 -31.69 38.65 -97.95
C LYS YC 352 -31.68 38.17 -96.52
N VAL YC 353 -31.99 36.90 -96.32
CA VAL YC 353 -31.78 36.24 -95.04
C VAL YC 353 -30.31 35.83 -95.01
N MET YC 354 -29.60 36.29 -93.99
CA MET YC 354 -28.23 35.87 -93.74
C MET YC 354 -28.14 35.42 -92.29
N GLN YC 355 -26.99 34.85 -91.93
CA GLN YC 355 -26.71 34.46 -90.56
C GLN YC 355 -25.44 35.14 -90.08
N LEU YC 356 -25.35 35.31 -88.76
CA LEU YC 356 -24.21 35.91 -88.10
C LEU YC 356 -23.76 34.99 -86.98
N LYS YC 357 -22.50 34.57 -87.02
CA LYS YC 357 -21.94 33.77 -85.94
C LYS YC 357 -21.42 34.68 -84.85
N VAL YC 358 -21.80 34.42 -83.61
CA VAL YC 358 -21.13 35.02 -82.47
C VAL YC 358 -20.37 33.91 -81.75
N GLU YC 359 -19.39 34.30 -80.94
CA GLU YC 359 -18.59 33.32 -80.20
C GLU YC 359 -18.46 33.76 -78.74
N GLY YC 360 -19.14 33.04 -77.86
CA GLY YC 360 -19.13 33.34 -76.44
C GLY YC 360 -20.53 33.24 -75.90
N LEU ZC 41 -15.46 28.31 -90.85
CA LEU ZC 41 -14.66 29.44 -91.30
C LEU ZC 41 -15.51 30.41 -92.13
N PRO ZC 42 -15.33 31.70 -91.91
CA PRO ZC 42 -15.80 32.68 -92.91
C PRO ZC 42 -14.98 32.59 -94.17
N CYS ZC 43 -15.59 32.99 -95.28
CA CYS ZC 43 -15.04 32.74 -96.60
C CYS ZC 43 -14.43 34.00 -97.20
N ARG ZC 44 -13.37 33.82 -97.98
CA ARG ZC 44 -12.73 34.95 -98.64
C ARG ZC 44 -13.55 35.40 -99.86
N VAL ZC 45 -13.72 34.52 -100.83
CA VAL ZC 45 -14.49 34.86 -102.01
C VAL ZC 45 -15.94 34.44 -101.82
N ASP ZC 46 -16.85 35.18 -102.44
CA ASP ZC 46 -18.28 34.85 -102.41
C ASP ZC 46 -18.71 34.12 -103.68
N GLY ZC 47 -17.98 33.09 -104.07
CA GLY ZC 47 -18.23 32.42 -105.34
C GLY ZC 47 -17.91 33.26 -106.56
N ALA ZC 48 -16.90 34.13 -106.48
CA ALA ZC 48 -16.58 35.04 -107.57
C ALA ZC 48 -15.10 35.42 -107.48
N CYS ZC 49 -14.54 35.90 -108.58
CA CYS ZC 49 -13.19 36.45 -108.58
C CYS ZC 49 -13.15 37.68 -109.48
N ASP ZC 50 -12.29 38.64 -109.11
CA ASP ZC 50 -12.23 39.90 -109.82
C ASP ZC 50 -11.53 39.76 -111.17
N ALA ZC 51 -10.67 38.75 -111.31
CA ALA ZC 51 -10.08 38.42 -112.61
C ALA ZC 51 -11.11 37.89 -113.57
N THR ZC 52 -12.07 37.12 -113.05
CA THR ZC 52 -13.17 36.65 -113.87
C THR ZC 52 -14.18 37.76 -114.13
N ILE ZC 53 -14.27 38.74 -113.23
CA ILE ZC 53 -15.10 39.94 -113.42
C ILE ZC 53 -14.56 40.77 -114.58
N ILE ZC 54 -13.25 41.00 -114.60
CA ILE ZC 54 -12.69 41.84 -115.65
C ILE ZC 54 -12.55 41.06 -116.96
N LYS ZC 55 -12.46 39.72 -116.89
CA LYS ZC 55 -12.43 38.94 -118.12
C LYS ZC 55 -13.80 38.87 -118.77
N MET ZC 56 -14.86 38.83 -117.94
CA MET ZC 56 -16.22 38.90 -118.47
C MET ZC 56 -16.54 40.29 -119.01
N MET ZC 57 -15.95 41.33 -118.41
CA MET ZC 57 -16.13 42.70 -118.88
C MET ZC 57 -15.43 42.95 -120.21
N THR ZC 58 -14.18 42.49 -120.34
CA THR ZC 58 -13.43 42.59 -121.60
C THR ZC 58 -14.02 41.77 -122.72
N ASP ZC 59 -14.46 40.53 -122.48
CA ASP ZC 59 -14.96 39.79 -123.64
C ASP ZC 59 -16.39 40.16 -124.00
N LEU ZC 60 -17.16 40.73 -123.06
CA LEU ZC 60 -18.45 41.28 -123.45
C LEU ZC 60 -18.31 42.58 -124.23
N ASN ZC 61 -17.30 43.40 -123.88
CA ASN ZC 61 -17.03 44.58 -124.69
C ASN ZC 61 -16.40 44.23 -126.03
N LYS ZC 62 -15.69 43.10 -126.10
CA LYS ZC 62 -15.23 42.61 -127.37
C LYS ZC 62 -16.39 42.07 -128.21
N LYS ZC 63 -17.37 41.46 -127.55
CA LYS ZC 63 -18.56 40.97 -128.25
C LYS ZC 63 -19.55 42.08 -128.60
N GLY ZC 64 -19.37 43.29 -128.10
CA GLY ZC 64 -20.24 44.37 -128.48
C GLY ZC 64 -21.26 44.71 -127.43
N ILE ZC 65 -21.29 43.97 -126.34
CA ILE ZC 65 -22.13 44.28 -125.20
C ILE ZC 65 -21.41 45.38 -124.42
N LYS ZC 66 -22.02 46.55 -124.32
CA LYS ZC 66 -21.30 47.65 -123.71
C LYS ZC 66 -21.40 47.58 -122.22
N VAL ZC 67 -20.27 47.41 -121.56
CA VAL ZC 67 -20.22 47.26 -120.11
C VAL ZC 67 -19.66 48.55 -119.55
N ALA ZC 68 -20.53 49.46 -119.17
CA ALA ZC 68 -20.12 50.66 -118.48
C ALA ZC 68 -20.21 50.42 -116.99
N SER ZC 69 -19.38 51.13 -116.24
CA SER ZC 69 -19.32 50.94 -114.79
C SER ZC 69 -18.88 52.26 -114.19
N VAL ZC 70 -19.78 52.91 -113.47
CA VAL ZC 70 -19.54 54.26 -112.99
C VAL ZC 70 -19.67 54.22 -111.47
N GLY ZC 71 -18.54 54.06 -110.80
CA GLY ZC 71 -18.54 54.03 -109.36
C GLY ZC 71 -18.97 52.67 -108.85
N GLN ZC 72 -20.21 52.58 -108.41
CA GLN ZC 72 -20.80 51.31 -108.03
C GLN ZC 72 -21.94 50.93 -108.95
N ASN ZC 73 -22.40 51.83 -109.79
CA ASN ZC 73 -23.42 51.49 -110.75
C ASN ZC 73 -22.81 50.74 -111.91
N TYR ZC 74 -23.55 49.81 -112.47
CA TYR ZC 74 -23.09 49.03 -113.59
C TYR ZC 74 -24.19 48.99 -114.62
N LEU ZC 75 -23.77 49.01 -115.88
CA LEU ZC 75 -24.69 49.04 -117.00
C LEU ZC 75 -24.15 48.09 -118.04
N ILE ZC 76 -24.94 47.09 -118.42
CA ILE ZC 76 -24.63 46.25 -119.56
C ILE ZC 76 -25.70 46.50 -120.61
N SER ZC 77 -25.26 46.84 -121.81
CA SER ZC 77 -26.11 47.33 -122.88
C SER ZC 77 -26.04 46.33 -124.01
N ILE ZC 78 -27.18 45.78 -124.38
CA ILE ZC 78 -27.24 44.77 -125.44
C ILE ZC 78 -28.11 45.34 -126.55
N PRO ZC 79 -27.63 45.38 -127.79
CA PRO ZC 79 -28.51 45.73 -128.91
C PRO ZC 79 -29.52 44.63 -129.18
N ALA ZC 80 -30.67 45.03 -129.70
CA ALA ZC 80 -31.80 44.13 -129.86
C ALA ZC 80 -31.61 43.14 -131.01
N SER ZC 81 -30.70 43.43 -131.94
CA SER ZC 81 -30.25 42.45 -132.91
C SER ZC 81 -29.51 41.30 -132.26
N ALA ZC 82 -28.79 41.55 -131.17
CA ALA ZC 82 -28.02 40.50 -130.53
C ALA ZC 82 -28.87 39.58 -129.68
N LEU ZC 83 -30.08 39.99 -129.31
CA LEU ZC 83 -30.95 39.12 -128.51
C LEU ZC 83 -32.16 38.65 -129.28
N PHE ZC 84 -32.97 39.57 -129.76
CA PHE ZC 84 -34.26 39.22 -130.32
C PHE ZC 84 -34.15 39.15 -131.83
N ALA ZC 85 -35.27 38.86 -132.47
CA ALA ZC 85 -35.37 39.06 -133.90
C ALA ZC 85 -35.89 40.47 -134.14
N ASP ZC 86 -36.18 40.80 -135.39
CA ASP ZC 86 -36.64 42.12 -135.76
C ASP ZC 86 -38.08 42.34 -135.35
N GLN ZC 87 -38.28 43.36 -134.50
CA GLN ZC 87 -39.58 43.92 -134.08
C GLN ZC 87 -40.45 42.91 -133.36
N SER ZC 88 -39.83 42.01 -132.62
CA SER ZC 88 -40.52 40.85 -132.10
C SER ZC 88 -40.08 40.57 -130.68
N PRO ZC 89 -41.02 40.20 -129.80
CA PRO ZC 89 -40.64 39.75 -128.45
C PRO ZC 89 -40.35 38.27 -128.38
N ARG ZC 90 -39.36 37.82 -129.14
CA ARG ZC 90 -39.01 36.41 -129.18
C ARG ZC 90 -37.49 36.33 -129.22
N LEU ZC 91 -36.93 35.58 -128.29
CA LEU ZC 91 -35.52 35.31 -128.39
C LEU ZC 91 -35.25 34.27 -129.46
N ASN ZC 92 -34.17 34.48 -130.20
CA ASN ZC 92 -33.65 33.39 -131.00
C ASN ZC 92 -32.79 32.50 -130.12
N TRP ZC 93 -32.50 31.32 -130.64
CA TRP ZC 93 -31.88 30.27 -129.84
C TRP ZC 93 -30.39 30.49 -129.62
N ALA ZC 94 -29.75 31.28 -130.46
CA ALA ZC 94 -28.32 31.53 -130.29
C ALA ZC 94 -28.06 32.53 -129.17
N SER ZC 95 -29.02 33.39 -128.88
CA SER ZC 95 -28.87 34.48 -127.93
C SER ZC 95 -28.95 34.03 -126.48
N TYR ZC 96 -29.36 32.79 -126.24
CA TYR ZC 96 -29.38 32.27 -124.88
C TYR ZC 96 -27.98 31.99 -124.36
N SER ZC 97 -27.01 31.77 -125.25
CA SER ZC 97 -25.61 31.64 -124.81
C SER ZC 97 -25.07 32.99 -124.38
N LEU ZC 98 -25.53 34.06 -125.04
CA LEU ZC 98 -25.22 35.43 -124.64
C LEU ZC 98 -25.83 35.76 -123.30
N LEU ZC 99 -27.07 35.33 -123.07
CA LEU ZC 99 -27.67 35.49 -121.76
C LEU ZC 99 -27.09 34.59 -120.71
N ASN ZC 100 -26.50 33.46 -121.11
CA ASN ZC 100 -25.82 32.59 -120.17
C ASN ZC 100 -24.53 33.22 -119.69
N GLU ZC 101 -23.78 33.86 -120.57
CA GLU ZC 101 -22.58 34.52 -120.05
C GLU ZC 101 -22.86 35.89 -119.45
N ILE ZC 102 -24.00 36.50 -119.80
CA ILE ZC 102 -24.45 37.71 -119.10
C ILE ZC 102 -24.89 37.37 -117.68
N ALA ZC 103 -25.59 36.25 -117.51
CA ALA ZC 103 -25.97 35.82 -116.17
C ALA ZC 103 -24.79 35.25 -115.40
N ALA ZC 104 -23.77 34.72 -116.08
CA ALA ZC 104 -22.56 34.34 -115.39
C ALA ZC 104 -21.69 35.54 -115.04
N PHE ZC 105 -21.88 36.67 -115.72
CA PHE ZC 105 -21.31 37.92 -115.24
C PHE ZC 105 -22.10 38.49 -114.06
N LEU ZC 106 -23.40 38.31 -114.09
CA LEU ZC 106 -24.29 38.81 -113.05
C LEU ZC 106 -24.31 37.92 -111.81
N LYS ZC 107 -23.71 36.74 -111.85
CA LYS ZC 107 -23.48 36.00 -110.62
C LYS ZC 107 -22.42 36.64 -109.74
N GLN ZC 108 -21.48 37.36 -110.33
CA GLN ZC 108 -20.27 37.73 -109.63
C GLN ZC 108 -20.44 38.91 -108.69
N PHE ZC 109 -21.56 39.62 -108.75
CA PHE ZC 109 -21.78 40.75 -107.88
C PHE ZC 109 -22.89 40.46 -106.90
N ARG ZC 110 -22.77 41.01 -105.71
CA ARG ZC 110 -23.82 40.97 -104.73
C ARG ZC 110 -24.63 42.24 -104.90
N LYS ZC 111 -25.85 42.09 -105.39
CA LYS ZC 111 -26.68 43.22 -105.75
C LYS ZC 111 -28.05 43.07 -105.13
N ILE ZC 112 -28.84 44.11 -105.25
CA ILE ZC 112 -30.17 44.16 -104.64
C ILE ZC 112 -31.25 44.18 -105.71
N ALA ZC 113 -31.20 45.18 -106.57
CA ALA ZC 113 -32.23 45.39 -107.58
C ALA ZC 113 -31.57 45.51 -108.94
N ILE ZC 114 -31.89 44.59 -109.81
CA ILE ZC 114 -31.55 44.70 -111.22
C ILE ZC 114 -32.73 45.35 -111.91
N THR ZC 115 -32.51 46.46 -112.60
CA THR ZC 115 -33.54 46.97 -113.48
C THR ZC 115 -33.16 46.68 -114.92
N VAL ZC 116 -34.04 45.97 -115.61
CA VAL ZC 116 -33.90 45.71 -117.02
C VAL ZC 116 -34.93 46.55 -117.72
N THR ZC 117 -34.47 47.49 -118.52
CA THR ZC 117 -35.39 48.34 -119.23
C THR ZC 117 -34.91 48.46 -120.66
N SER ZC 118 -35.86 48.56 -121.58
CA SER ZC 118 -35.54 48.32 -122.97
C SER ZC 118 -36.31 49.25 -123.87
N TYR ZC 119 -35.69 49.68 -124.96
CA TYR ZC 119 -36.46 50.46 -125.93
C TYR ZC 119 -36.01 50.15 -127.34
N SER ZC 120 -36.96 50.26 -128.26
CA SER ZC 120 -36.70 50.10 -129.68
C SER ZC 120 -37.36 51.23 -130.46
N SER ZC 121 -36.82 51.45 -131.66
CA SER ZC 121 -37.25 52.52 -132.56
C SER ZC 121 -38.65 52.23 -133.10
N LYS ZC 122 -39.30 53.31 -133.54
CA LYS ZC 122 -40.76 53.33 -133.71
C LYS ZC 122 -41.19 52.55 -134.95
N TYR ZC 123 -42.16 51.67 -134.76
CA TYR ZC 123 -42.50 50.71 -135.81
C TYR ZC 123 -43.88 50.96 -136.41
N VAL ZC 124 -44.96 50.85 -135.63
CA VAL ZC 124 -46.26 51.20 -136.17
C VAL ZC 124 -46.87 52.28 -135.29
N SER ZC 125 -46.42 52.37 -134.04
CA SER ZC 125 -47.07 53.16 -133.00
C SER ZC 125 -46.22 53.13 -131.74
N VAL ZC 126 -46.43 54.14 -130.90
CA VAL ZC 126 -45.83 54.13 -129.57
C VAL ZC 126 -46.49 53.12 -128.65
N LYS ZC 127 -47.74 52.71 -128.91
CA LYS ZC 127 -48.42 51.73 -128.07
C LYS ZC 127 -47.91 50.32 -128.35
N ARG ZC 128 -47.73 49.99 -129.64
CA ARG ZC 128 -47.12 48.73 -130.04
C ARG ZC 128 -45.64 48.69 -129.68
N GLU ZC 129 -45.00 49.87 -129.71
CA GLU ZC 129 -43.61 50.05 -129.29
C GLU ZC 129 -43.42 49.78 -127.80
N ARG ZC 130 -44.30 50.33 -126.96
CA ARG ZC 130 -44.20 50.13 -125.53
C ARG ZC 130 -44.60 48.73 -125.11
N ALA ZC 131 -45.54 48.11 -125.84
CA ALA ZC 131 -45.90 46.73 -125.51
C ALA ZC 131 -44.84 45.74 -125.97
N LEU ZC 132 -44.16 46.04 -127.08
CA LEU ZC 132 -43.05 45.23 -127.56
C LEU ZC 132 -41.87 45.30 -126.62
N THR ZC 133 -41.57 46.48 -126.12
CA THR ZC 133 -40.41 46.62 -125.26
C THR ZC 133 -40.71 46.17 -123.84
N LEU ZC 134 -41.98 46.21 -123.43
CA LEU ZC 134 -42.39 45.64 -122.16
C LEU ZC 134 -42.32 44.13 -122.17
N ALA ZC 135 -42.76 43.51 -123.28
CA ALA ZC 135 -42.69 42.05 -123.40
C ALA ZC 135 -41.26 41.57 -123.60
N ARG ZC 136 -40.42 42.38 -124.25
CA ARG ZC 136 -39.02 42.04 -124.47
C ARG ZC 136 -38.23 42.09 -123.18
N SER ZC 137 -38.49 43.11 -122.37
CA SER ZC 137 -37.82 43.24 -121.09
C SER ZC 137 -38.32 42.23 -120.08
N ARG ZC 138 -39.62 41.88 -120.14
CA ARG ZC 138 -40.13 40.87 -119.24
C ARG ZC 138 -39.70 39.47 -119.65
N VAL ZC 139 -39.37 39.23 -120.92
CA VAL ZC 139 -38.93 37.88 -121.27
C VAL ZC 139 -37.43 37.73 -121.01
N VAL ZC 140 -36.67 38.83 -121.06
CA VAL ZC 140 -35.26 38.70 -120.73
C VAL ZC 140 -35.05 38.66 -119.21
N SER ZC 141 -35.94 39.29 -118.44
CA SER ZC 141 -35.86 39.11 -117.01
C SER ZC 141 -36.49 37.82 -116.54
N GLU ZC 142 -37.39 37.22 -117.34
CA GLU ZC 142 -37.89 35.87 -117.08
C GLU ZC 142 -36.78 34.85 -117.18
N TYR ZC 143 -35.94 34.95 -118.24
CA TYR ZC 143 -34.80 34.03 -118.34
C TYR ZC 143 -33.70 34.37 -117.33
N LEU ZC 144 -33.50 35.64 -117.02
CA LEU ZC 144 -32.46 36.00 -116.05
C LEU ZC 144 -32.83 35.67 -114.62
N TRP ZC 145 -34.11 35.78 -114.28
CA TRP ZC 145 -34.59 35.34 -112.98
C TRP ZC 145 -34.58 33.83 -112.87
N SER ZC 146 -34.85 33.13 -113.98
CA SER ZC 146 -34.76 31.68 -113.98
C SER ZC 146 -33.31 31.21 -113.87
N GLN ZC 147 -32.40 31.98 -114.45
CA GLN ZC 147 -30.99 31.76 -114.21
C GLN ZC 147 -30.58 32.29 -112.85
N GLY ZC 148 -29.34 32.01 -112.49
CA GLY ZC 148 -28.91 32.41 -111.18
C GLY ZC 148 -28.43 33.82 -111.16
N VAL ZC 149 -29.29 34.71 -110.75
CA VAL ZC 149 -28.83 36.00 -110.28
C VAL ZC 149 -29.12 36.04 -108.79
N ASP ZC 150 -28.28 36.75 -108.06
CA ASP ZC 150 -28.49 36.92 -106.63
C ASP ZC 150 -29.12 38.27 -106.34
N SER ZC 151 -29.85 38.81 -107.30
CA SER ZC 151 -30.69 39.96 -107.05
C SER ZC 151 -31.89 39.53 -106.25
N ARG ZC 152 -32.32 40.41 -105.37
CA ARG ZC 152 -33.56 40.17 -104.68
C ARG ZC 152 -34.74 40.63 -105.51
N ILE ZC 153 -34.58 41.69 -106.28
CA ILE ZC 153 -35.70 42.25 -107.01
C ILE ZC 153 -35.22 42.69 -108.39
N ILE ZC 154 -35.97 42.28 -109.41
CA ILE ZC 154 -35.71 42.70 -110.79
C ILE ZC 154 -36.91 43.51 -111.28
N PHE ZC 155 -36.67 44.77 -111.59
CA PHE ZC 155 -37.67 45.63 -112.18
C PHE ZC 155 -37.52 45.62 -113.68
N THR ZC 156 -38.55 45.20 -114.39
CA THR ZC 156 -38.52 45.18 -115.83
C THR ZC 156 -39.49 46.20 -116.39
N GLN ZC 157 -39.00 47.01 -117.33
CA GLN ZC 157 -39.89 47.92 -118.05
C GLN ZC 157 -39.38 48.15 -119.46
N GLY ZC 158 -40.28 48.59 -120.32
CA GLY ZC 158 -39.93 48.97 -121.66
C GLY ZC 158 -40.46 50.34 -122.01
N LEU ZC 159 -39.72 51.09 -122.82
CA LEU ZC 159 -40.13 52.40 -123.28
C LEU ZC 159 -40.27 52.37 -124.79
N GLY ZC 160 -41.07 53.29 -125.31
CA GLY ZC 160 -41.32 53.32 -126.74
C GLY ZC 160 -40.48 54.29 -127.52
N SER ZC 161 -39.15 54.06 -127.51
CA SER ZC 161 -38.11 55.01 -127.95
C SER ZC 161 -38.28 56.40 -127.34
N ASP ZC 162 -38.52 56.43 -126.04
CA ASP ZC 162 -38.57 57.70 -125.34
C ASP ZC 162 -37.19 58.12 -124.85
N LYS ZC 163 -36.19 57.25 -124.98
CA LYS ZC 163 -34.80 57.61 -124.70
C LYS ZC 163 -33.94 57.07 -125.85
N PRO ZC 164 -33.71 57.86 -126.89
CA PRO ZC 164 -32.72 57.45 -127.89
C PRO ZC 164 -31.34 57.95 -127.51
N ILE ZC 165 -30.36 57.05 -127.50
CA ILE ZC 165 -29.01 57.48 -127.18
C ILE ZC 165 -28.22 57.88 -128.40
N THR ZC 166 -28.81 57.81 -129.59
CA THR ZC 166 -28.25 58.47 -130.74
C THR ZC 166 -29.39 59.10 -131.51
N SER ZC 167 -29.06 60.03 -132.39
CA SER ZC 167 -30.07 60.70 -133.18
C SER ZC 167 -30.27 60.03 -134.52
N TYR ZC 168 -29.39 59.12 -134.90
CA TYR ZC 168 -29.56 58.33 -136.11
C TYR ZC 168 -30.61 57.27 -135.84
N THR ZC 169 -31.61 57.21 -136.73
CA THR ZC 169 -32.75 56.30 -136.63
C THR ZC 169 -32.67 55.37 -137.83
N LEU ZC 170 -31.49 54.74 -138.00
CA LEU ZC 170 -31.07 54.11 -139.25
C LEU ZC 170 -31.90 52.90 -139.63
N GLY ZC 171 -32.48 52.19 -138.66
CA GLY ZC 171 -33.18 50.97 -138.99
C GLY ZC 171 -34.25 50.60 -137.99
N GLY ZC 172 -34.47 49.31 -137.83
CA GLY ZC 172 -35.42 48.85 -136.85
C GLY ZC 172 -34.66 48.41 -135.62
N ASP ZC 173 -34.44 47.11 -135.49
CA ASP ZC 173 -33.62 46.59 -134.41
C ASP ZC 173 -32.16 46.48 -134.77
N ARG ZC 174 -31.75 46.99 -135.92
CA ARG ZC 174 -30.34 47.17 -136.20
C ARG ZC 174 -29.80 48.47 -135.65
N SER ZC 175 -30.67 49.38 -135.26
CA SER ZC 175 -30.24 50.67 -134.76
C SER ZC 175 -29.78 50.54 -133.31
N PRO ZC 176 -28.79 51.32 -132.86
CA PRO ZC 176 -28.39 51.27 -131.46
C PRO ZC 176 -29.32 52.00 -130.51
N ASN ZC 177 -30.33 52.71 -131.00
CA ASN ZC 177 -31.48 53.06 -130.19
C ASN ZC 177 -32.23 51.83 -129.70
N ALA ZC 178 -32.32 50.79 -130.52
CA ALA ZC 178 -32.97 49.56 -130.12
C ALA ZC 178 -31.99 48.73 -129.31
N ARG ZC 179 -32.32 48.55 -128.04
CA ARG ZC 179 -31.43 47.97 -127.08
C ARG ZC 179 -32.24 47.54 -125.88
N VAL ZC 180 -31.67 46.62 -125.12
CA VAL ZC 180 -32.06 46.40 -123.76
C VAL ZC 180 -30.89 46.89 -122.93
N GLU ZC 181 -31.15 47.26 -121.69
CA GLU ZC 181 -30.10 47.63 -120.78
C GLU ZC 181 -30.40 47.06 -119.41
N ILE ZC 182 -29.37 46.52 -118.80
CA ILE ZC 182 -29.42 45.87 -117.51
C ILE ZC 182 -28.56 46.72 -116.59
N THR ZC 183 -29.19 47.39 -115.65
CA THR ZC 183 -28.50 48.34 -114.79
C THR ZC 183 -28.69 47.92 -113.35
N PHE ZC 184 -27.63 48.03 -112.56
CA PHE ZC 184 -27.75 47.74 -111.15
C PHE ZC 184 -26.74 48.55 -110.37
N ARG ZC 185 -26.76 48.39 -109.06
CA ARG ZC 185 -25.73 48.91 -108.18
C ARG ZC 185 -25.18 47.74 -107.41
N ARG ZC 186 -23.87 47.54 -107.47
CA ARG ZC 186 -23.19 46.57 -106.65
C ARG ZC 186 -23.27 47.00 -105.19
N ALA ZC 187 -23.84 46.14 -104.35
CA ALA ZC 187 -24.03 46.47 -102.95
C ALA ZC 187 -22.74 46.19 -102.19
N VAL ZC 188 -22.30 47.20 -101.43
CA VAL ZC 188 -21.10 47.28 -100.56
C VAL ZC 188 -19.81 46.69 -101.09
N UNK AD 1 -82.72 50.30 -166.64
CA UNK AD 1 -83.53 49.13 -166.35
C UNK AD 1 -83.94 49.09 -164.88
N UNK AD 2 -84.54 50.19 -164.43
CA UNK AD 2 -84.87 50.37 -163.02
C UNK AD 2 -86.09 49.55 -162.61
N UNK AD 3 -86.17 49.28 -161.30
CA UNK AD 3 -87.34 48.65 -160.70
C UNK AD 3 -87.42 49.17 -159.26
N UNK AD 4 -88.23 50.20 -159.04
CA UNK AD 4 -88.36 50.87 -157.75
C UNK AD 4 -89.82 50.79 -157.31
N UNK AD 5 -90.18 49.73 -156.60
CA UNK AD 5 -91.58 49.51 -156.26
C UNK AD 5 -91.68 48.83 -154.90
N UNK AD 6 -92.79 49.10 -154.22
CA UNK AD 6 -93.13 48.49 -152.93
C UNK AD 6 -94.41 47.69 -153.14
N UNK AD 7 -94.25 46.42 -153.45
CA UNK AD 7 -95.32 45.53 -153.88
C UNK AD 7 -95.00 44.13 -153.37
N UNK AD 8 -95.60 43.12 -153.97
CA UNK AD 8 -95.25 41.72 -153.68
C UNK AD 8 -94.82 41.06 -154.98
N UNK AD 9 -93.53 41.22 -155.34
CA UNK AD 9 -92.98 40.47 -156.45
C UNK AD 9 -92.77 39.02 -156.05
N UNK AD 10 -92.03 38.80 -154.96
CA UNK AD 10 -92.07 37.65 -154.05
C UNK AD 10 -91.58 36.30 -154.58
N UNK AD 11 -91.24 36.20 -155.87
CA UNK AD 11 -90.67 34.97 -156.43
C UNK AD 11 -89.76 35.40 -157.57
N UNK AD 12 -88.48 35.60 -157.25
CA UNK AD 12 -87.53 36.14 -158.21
C UNK AD 12 -86.14 35.67 -157.84
N UNK AD 13 -85.61 34.71 -158.60
CA UNK AD 13 -84.17 34.46 -158.63
C UNK AD 13 -83.58 35.29 -159.78
N UNK AD 14 -83.56 36.60 -159.55
CA UNK AD 14 -83.40 37.60 -160.60
C UNK AD 14 -81.92 37.79 -160.87
N UNK AD 15 -81.41 37.09 -161.90
CA UNK AD 15 -80.05 37.30 -162.37
C UNK AD 15 -80.08 38.48 -163.34
N UNK AD 16 -80.03 39.68 -162.78
CA UNK AD 16 -80.18 40.90 -163.55
C UNK AD 16 -78.89 41.22 -164.31
N UNK AD 17 -79.05 41.93 -165.42
CA UNK AD 17 -77.94 42.30 -166.29
C UNK AD 17 -77.41 43.68 -165.87
N UNK AD 18 -76.58 44.28 -166.73
CA UNK AD 18 -75.97 45.56 -166.45
C UNK AD 18 -76.99 46.68 -166.57
N UNK AD 19 -76.71 47.75 -165.79
CA UNK AD 19 -77.53 48.97 -165.61
C UNK AD 19 -78.96 48.67 -165.15
N UNK AD 20 -79.12 47.64 -164.32
CA UNK AD 20 -80.41 47.30 -163.74
C UNK AD 20 -80.51 47.98 -162.37
N UNK AD 21 -80.77 49.29 -162.41
CA UNK AD 21 -80.72 50.14 -161.22
C UNK AD 21 -82.02 50.02 -160.43
N UNK AD 22 -82.20 48.88 -159.77
CA UNK AD 22 -83.46 48.50 -159.15
C UNK AD 22 -83.45 48.91 -157.69
N UNK AD 23 -84.05 50.06 -157.38
CA UNK AD 23 -84.23 50.49 -156.00
C UNK AD 23 -85.61 50.11 -155.47
N UNK AD 24 -85.97 48.83 -155.58
CA UNK AD 24 -87.26 48.35 -155.11
C UNK AD 24 -87.31 48.23 -153.59
N UNK AD 25 -88.53 48.34 -153.06
CA UNK AD 25 -88.81 48.09 -151.66
C UNK AD 25 -89.91 47.04 -151.50
N UNK AD 26 -90.04 46.16 -152.48
CA UNK AD 26 -91.14 45.22 -152.55
C UNK AD 26 -90.95 44.05 -151.57
N UNK AD 27 -92.06 43.39 -151.27
CA UNK AD 27 -92.05 42.19 -150.44
C UNK AD 27 -91.55 41.01 -151.28
N UNK AD 28 -90.23 40.87 -151.34
CA UNK AD 28 -89.58 39.86 -152.18
C UNK AD 28 -89.18 38.69 -151.29
N UNK AD 29 -90.07 37.70 -151.21
CA UNK AD 29 -89.87 36.57 -150.29
C UNK AD 29 -88.82 35.60 -150.80
N UNK AD 30 -89.09 34.97 -151.94
CA UNK AD 30 -88.14 34.03 -152.54
C UNK AD 30 -87.25 34.82 -153.48
N UNK AD 31 -86.29 35.55 -152.89
CA UNK AD 31 -85.51 36.55 -153.61
C UNK AD 31 -84.05 36.15 -153.70
N UNK AD 32 -83.45 36.46 -154.86
CA UNK AD 32 -82.00 36.42 -155.06
C UNK AD 32 -81.69 37.43 -156.16
N UNK AD 33 -81.29 38.64 -155.77
CA UNK AD 33 -81.10 39.75 -156.71
C UNK AD 33 -79.63 39.80 -157.10
N UNK AD 34 -79.26 39.02 -158.12
CA UNK AD 34 -77.86 38.96 -158.58
C UNK AD 34 -77.65 39.99 -159.68
N UNK AD 35 -77.62 41.27 -159.27
CA UNK AD 35 -77.46 42.38 -160.19
C UNK AD 35 -76.02 42.48 -160.69
N UNK AD 36 -75.83 43.22 -161.79
CA UNK AD 36 -74.52 43.35 -162.39
C UNK AD 36 -73.97 44.76 -162.40
N UNK AD 37 -74.84 45.78 -162.32
CA UNK AD 37 -74.39 47.16 -162.20
C UNK AD 37 -75.48 47.97 -161.51
N UNK AD 38 -75.03 49.02 -160.81
CA UNK AD 38 -75.80 50.23 -160.49
C UNK AD 38 -76.97 50.00 -159.54
N UNK AD 39 -76.96 48.92 -158.76
CA UNK AD 39 -78.04 48.63 -157.84
C UNK AD 39 -77.94 49.54 -156.62
N UNK AD 40 -78.98 50.33 -156.38
CA UNK AD 40 -78.97 51.40 -155.38
C UNK AD 40 -80.20 51.27 -154.48
N UNK AD 41 -80.39 50.08 -153.92
CA UNK AD 41 -81.64 49.72 -153.26
C UNK AD 41 -81.67 50.19 -151.81
N UNK AD 42 -82.79 50.79 -151.42
CA UNK AD 42 -83.01 51.22 -150.03
C UNK AD 42 -84.40 50.73 -149.65
N UNK AD 43 -84.48 49.50 -149.16
CA UNK AD 43 -85.73 48.82 -148.92
C UNK AD 43 -86.03 48.75 -147.43
N UNK AD 44 -87.17 48.14 -147.12
CA UNK AD 44 -87.48 47.65 -145.77
C UNK AD 44 -88.17 46.31 -145.99
N UNK AD 45 -87.38 45.25 -146.09
CA UNK AD 45 -87.86 43.97 -146.60
C UNK AD 45 -87.63 42.87 -145.58
N UNK AD 46 -88.02 41.65 -145.97
CA UNK AD 46 -87.82 40.46 -145.16
C UNK AD 46 -87.70 39.28 -146.13
N UNK AD 47 -86.52 38.66 -146.18
CA UNK AD 47 -86.23 37.67 -147.21
C UNK AD 47 -86.15 36.25 -146.66
N UNK AD 48 -85.30 36.03 -145.64
CA UNK AD 48 -85.04 34.82 -144.84
C UNK AD 48 -84.37 33.67 -145.59
N UNK AD 49 -84.14 33.76 -146.90
CA UNK AD 49 -83.36 32.75 -147.61
C UNK AD 49 -82.50 33.38 -148.71
N UNK AD 50 -82.04 34.62 -148.52
CA UNK AD 50 -81.43 35.38 -149.60
C UNK AD 50 -79.99 34.96 -149.83
N UNK AD 51 -79.71 34.43 -151.01
CA UNK AD 51 -78.35 34.17 -151.46
C UNK AD 51 -77.97 35.29 -152.42
N UNK AD 52 -77.69 36.46 -151.86
CA UNK AD 52 -77.47 37.65 -152.67
C UNK AD 52 -76.04 37.71 -153.20
N UNK AD 53 -75.92 37.84 -154.51
CA UNK AD 53 -74.67 38.21 -155.14
C UNK AD 53 -74.83 39.63 -155.64
N UNK AD 54 -73.75 40.41 -155.63
CA UNK AD 54 -73.83 41.79 -156.08
C UNK AD 54 -72.52 42.21 -156.71
N UNK AD 55 -72.60 42.68 -157.95
CA UNK AD 55 -71.50 43.32 -158.65
C UNK AD 55 -71.58 44.83 -158.42
N UNK AD 56 -70.88 45.60 -159.28
CA UNK AD 56 -70.42 46.96 -158.99
C UNK AD 56 -71.54 47.98 -158.86
N UNK AD 57 -71.20 49.08 -158.15
CA UNK AD 57 -72.04 50.24 -157.80
C UNK AD 57 -73.33 49.82 -157.06
N UNK AD 58 -73.15 48.94 -156.10
CA UNK AD 58 -74.26 48.38 -155.32
C UNK AD 58 -74.26 49.05 -153.94
N UNK AD 59 -75.09 50.08 -153.80
CA UNK AD 59 -75.40 50.66 -152.50
C UNK AD 59 -76.73 50.05 -152.03
N UNK AD 60 -76.76 49.60 -150.78
CA UNK AD 60 -77.93 48.89 -150.31
C UNK AD 60 -78.23 49.27 -148.86
N UNK AD 61 -79.51 49.23 -148.51
CA UNK AD 61 -79.95 49.49 -147.12
C UNK AD 61 -81.22 48.68 -146.88
N UNK AD 62 -81.09 47.57 -146.16
CA UNK AD 62 -82.18 46.61 -146.04
C UNK AD 62 -82.23 45.96 -144.66
N UNK AD 63 -83.43 45.56 -144.26
CA UNK AD 63 -83.67 44.89 -142.99
C UNK AD 63 -84.12 43.44 -143.19
N UNK AD 64 -83.56 42.79 -144.19
CA UNK AD 64 -83.96 41.44 -144.58
C UNK AD 64 -82.88 40.43 -144.21
N UNK AD 65 -83.30 39.20 -143.96
CA UNK AD 65 -82.36 38.17 -143.55
C UNK AD 65 -81.80 37.44 -144.75
N UNK AD 66 -80.48 37.32 -144.80
CA UNK AD 66 -79.78 36.68 -145.90
C UNK AD 66 -79.38 35.27 -145.53
N UNK AD 67 -78.88 34.54 -146.51
CA UNK AD 67 -78.30 33.22 -146.28
C UNK AD 67 -76.88 33.21 -146.81
N UNK AD 68 -76.66 33.88 -147.94
CA UNK AD 68 -75.34 33.98 -148.52
C UNK AD 68 -75.17 35.35 -149.13
N UNK AD 69 -73.92 35.78 -149.24
CA UNK AD 69 -73.59 37.07 -149.83
C UNK AD 69 -72.28 36.95 -150.58
N UNK AD 70 -72.23 37.58 -151.74
CA UNK AD 70 -71.03 37.54 -152.57
C UNK AD 70 -70.84 38.89 -153.25
N UNK AD 71 -69.58 39.30 -153.38
CA UNK AD 71 -69.23 40.58 -153.98
C UNK AD 71 -68.30 40.37 -155.15
N UNK AD 72 -68.34 41.29 -156.12
CA UNK AD 72 -67.54 41.15 -157.34
C UNK AD 72 -66.54 42.28 -157.56
N UNK AD 73 -66.98 43.54 -157.58
CA UNK AD 73 -66.05 44.64 -157.86
C UNK AD 73 -65.95 45.67 -156.74
N UNK AD 74 -67.04 46.35 -156.39
CA UNK AD 74 -67.04 47.47 -155.45
C UNK AD 74 -68.47 47.73 -155.01
N UNK AD 75 -68.68 47.93 -153.72
CA UNK AD 75 -70.03 48.06 -153.18
C UNK AD 75 -70.02 48.89 -151.92
N UNK AD 76 -71.23 49.10 -151.36
CA UNK AD 76 -71.46 49.66 -150.03
C UNK AD 76 -72.84 49.17 -149.60
N UNK AD 77 -72.87 48.26 -148.66
CA UNK AD 77 -74.15 47.74 -148.18
C UNK AD 77 -74.39 48.16 -146.74
N UNK AD 78 -75.66 48.07 -146.34
CA UNK AD 78 -76.06 48.20 -144.93
C UNK AD 78 -77.28 47.30 -144.75
N UNK AD 79 -77.02 46.07 -144.34
CA UNK AD 79 -78.06 45.07 -144.25
C UNK AD 79 -78.21 44.59 -142.81
N UNK AD 80 -79.39 44.05 -142.51
CA UNK AD 80 -79.71 43.53 -141.19
C UNK AD 80 -80.16 42.07 -141.32
N UNK AD 81 -79.20 41.15 -141.35
CA UNK AD 81 -79.48 39.73 -141.54
C UNK AD 81 -79.70 39.05 -140.19
N UNK AD 82 -80.11 37.76 -140.22
CA UNK AD 82 -80.49 37.15 -138.95
C UNK AD 82 -79.88 35.78 -138.65
N UNK AD 83 -79.80 34.87 -139.62
CA UNK AD 83 -79.76 33.45 -139.28
C UNK AD 83 -78.42 32.77 -139.54
N UNK AD 84 -77.95 32.77 -140.78
CA UNK AD 84 -76.68 32.13 -141.12
C UNK AD 84 -76.12 32.83 -142.33
N UNK AD 85 -74.79 32.87 -142.42
CA UNK AD 85 -74.16 33.63 -143.49
C UNK AD 85 -73.12 32.77 -144.19
N UNK AD 86 -73.14 32.81 -145.51
CA UNK AD 86 -72.07 32.30 -146.35
C UNK AD 86 -71.55 33.47 -147.17
N UNK AD 87 -70.52 34.14 -146.68
CA UNK AD 87 -70.08 35.40 -147.25
C UNK AD 87 -68.76 35.23 -147.98
N UNK AD 88 -68.67 35.86 -149.14
CA UNK AD 88 -67.45 35.87 -149.94
C UNK AD 88 -67.40 37.16 -150.74
N UNK AD 89 -66.20 37.73 -150.84
CA UNK AD 89 -66.05 39.04 -151.44
C UNK AD 89 -64.97 39.02 -152.50
N UNK AD 90 -64.97 40.07 -153.32
CA UNK AD 90 -63.90 40.32 -154.29
C UNK AD 90 -63.76 41.83 -154.44
N UNK AD 91 -62.69 42.38 -153.84
CA UNK AD 91 -62.17 43.74 -154.02
C UNK AD 91 -63.12 44.85 -153.56
N UNK AD 92 -64.11 44.53 -152.72
CA UNK AD 92 -65.23 45.41 -152.48
C UNK AD 92 -65.24 45.87 -151.02
N UNK AD 93 -66.30 46.59 -150.68
CA UNK AD 93 -66.55 47.07 -149.33
C UNK AD 93 -67.96 46.69 -148.94
N UNK AD 94 -68.15 46.27 -147.68
CA UNK AD 94 -69.45 45.78 -147.24
C UNK AD 94 -69.60 46.04 -145.75
N UNK AD 95 -70.84 46.33 -145.35
CA UNK AD 95 -71.17 46.53 -143.95
C UNK AD 95 -72.51 45.89 -143.65
N UNK AD 96 -72.62 45.28 -142.48
CA UNK AD 96 -73.87 44.69 -142.01
C UNK AD 96 -74.12 45.14 -140.59
N UNK AD 97 -75.38 45.07 -140.16
CA UNK AD 97 -75.79 45.78 -138.95
C UNK AD 97 -76.24 44.87 -137.82
N UNK AD 98 -77.22 44.00 -138.06
CA UNK AD 98 -77.91 43.34 -136.95
C UNK AD 98 -77.17 42.07 -136.53
N UNK AD 99 -77.83 41.27 -135.70
CA UNK AD 99 -77.28 40.06 -135.12
C UNK AD 99 -77.24 38.99 -136.20
N UNK AD 100 -76.05 38.65 -136.66
CA UNK AD 100 -75.86 37.62 -137.66
C UNK AD 100 -75.00 36.50 -137.10
N UNK AD 101 -74.99 35.38 -137.81
CA UNK AD 101 -74.17 34.24 -137.41
C UNK AD 101 -73.34 33.83 -138.62
N UNK AD 102 -72.20 34.49 -138.79
CA UNK AD 102 -71.30 34.20 -139.90
C UNK AD 102 -70.53 32.92 -139.57
N UNK AD 103 -70.87 31.84 -140.28
CA UNK AD 103 -70.20 30.57 -140.03
C UNK AD 103 -68.82 30.56 -140.68
N UNK AD 104 -68.73 30.82 -141.97
CA UNK AD 104 -67.46 30.84 -142.67
C UNK AD 104 -67.32 32.14 -143.43
N UNK AD 105 -66.09 32.64 -143.50
CA UNK AD 105 -65.77 33.81 -144.30
C UNK AD 105 -64.45 33.54 -145.01
N UNK AD 106 -64.45 33.74 -146.31
CA UNK AD 106 -63.27 33.50 -147.13
C UNK AD 106 -63.02 34.72 -148.01
N UNK AD 107 -62.07 35.55 -147.60
CA UNK AD 107 -61.76 36.78 -148.33
C UNK AD 107 -60.41 36.60 -148.99
N UNK AD 108 -60.41 36.45 -150.32
CA UNK AD 108 -59.19 36.26 -151.09
C UNK AD 108 -58.84 37.48 -151.94
N UNK AD 109 -59.27 38.66 -151.54
CA UNK AD 109 -59.09 39.87 -152.33
C UNK AD 109 -59.00 41.06 -151.39
N UNK AD 110 -59.25 42.26 -151.92
CA UNK AD 110 -59.25 43.49 -151.13
C UNK AD 110 -60.67 43.79 -150.70
N UNK AD 111 -60.98 43.50 -149.45
CA UNK AD 111 -62.35 43.56 -148.95
C UNK AD 111 -62.36 44.32 -147.63
N UNK AD 112 -63.19 45.35 -147.56
CA UNK AD 112 -63.42 46.08 -146.32
C UNK AD 112 -64.77 45.64 -145.76
N UNK AD 113 -64.75 44.54 -145.01
CA UNK AD 113 -65.96 43.92 -144.51
C UNK AD 113 -66.18 44.26 -143.06
N UNK AD 114 -67.38 44.70 -142.73
CA UNK AD 114 -67.72 45.10 -141.37
C UNK AD 114 -69.06 44.51 -140.98
N UNK AD 115 -69.23 44.20 -139.71
CA UNK AD 115 -70.48 43.68 -139.18
C UNK AD 115 -70.62 44.14 -137.74
N UNK AD 116 -71.67 44.92 -137.46
CA UNK AD 116 -71.84 45.52 -136.14
C UNK AD 116 -72.31 44.55 -135.07
N UNK AD 117 -72.80 43.37 -135.46
CA UNK AD 117 -73.05 42.29 -134.51
C UNK AD 117 -72.82 40.98 -135.24
N UNK AD 118 -72.08 40.08 -134.62
CA UNK AD 118 -71.84 38.73 -135.14
C UNK AD 118 -71.90 37.79 -133.96
N UNK AD 119 -73.04 37.11 -133.80
CA UNK AD 119 -73.26 36.19 -132.69
C UNK AD 119 -73.34 34.78 -133.28
N UNK AD 120 -72.18 34.15 -133.42
CA UNK AD 120 -72.06 32.84 -134.02
C UNK AD 120 -71.43 31.85 -133.05
N UNK AD 121 -71.29 30.60 -133.49
CA UNK AD 121 -70.75 29.56 -132.65
C UNK AD 121 -69.34 29.15 -133.02
N UNK AD 122 -69.00 29.16 -134.31
CA UNK AD 122 -67.63 28.87 -134.76
C UNK AD 122 -67.41 29.64 -136.06
N UNK AD 123 -66.77 30.78 -135.95
CA UNK AD 123 -66.49 31.61 -137.13
C UNK AD 123 -65.11 31.26 -137.66
N UNK AD 124 -65.05 30.67 -138.83
CA UNK AD 124 -63.80 30.36 -139.49
C UNK AD 124 -63.56 31.41 -140.57
N UNK AD 125 -62.61 32.30 -140.31
CA UNK AD 125 -62.25 33.34 -141.26
C UNK AD 125 -60.92 32.97 -141.88
N UNK AD 126 -60.84 33.12 -143.19
CA UNK AD 126 -59.61 32.86 -143.93
C UNK AD 126 -59.34 34.06 -144.83
N UNK AD 127 -58.11 34.54 -144.81
CA UNK AD 127 -57.76 35.76 -145.52
C UNK AD 127 -56.57 35.53 -146.42
N UNK AD 128 -56.56 36.22 -147.56
CA UNK AD 128 -55.52 36.06 -148.56
C UNK AD 128 -55.19 37.41 -149.20
N UNK AD 129 -54.09 38.00 -148.74
CA UNK AD 129 -53.16 38.94 -149.36
C UNK AD 129 -53.57 40.39 -149.51
N UNK AD 130 -54.84 40.76 -149.31
CA UNK AD 130 -55.17 42.17 -149.47
C UNK AD 130 -56.19 42.77 -148.51
N UNK AD 131 -57.10 41.96 -147.97
CA UNK AD 131 -58.35 42.44 -147.40
C UNK AD 131 -58.18 43.09 -146.02
N UNK AD 132 -59.29 43.57 -145.49
CA UNK AD 132 -59.35 44.14 -144.14
C UNK AD 132 -60.75 43.88 -143.57
N UNK AD 133 -60.88 42.78 -142.84
CA UNK AD 133 -62.15 42.43 -142.23
C UNK AD 133 -62.21 42.93 -140.80
N UNK AD 134 -63.32 43.57 -140.43
CA UNK AD 134 -63.47 44.12 -139.08
C UNK AD 134 -64.86 43.77 -138.58
N UNK AD 135 -65.00 42.57 -138.01
CA UNK AD 135 -66.28 42.06 -137.56
C UNK AD 135 -66.18 41.80 -136.08
N UNK AD 136 -67.10 42.38 -135.29
CA UNK AD 136 -66.88 42.36 -133.85
C UNK AD 136 -68.20 42.39 -133.07
N UNK AD 137 -68.73 41.21 -132.73
CA UNK AD 137 -69.38 41.16 -131.43
C UNK AD 137 -68.94 40.02 -130.51
N UNK AD 138 -69.34 38.78 -130.84
CA UNK AD 138 -69.23 37.68 -129.89
C UNK AD 138 -69.31 36.34 -130.63
N UNK AD 139 -68.17 35.71 -130.85
CA UNK AD 139 -68.19 34.35 -131.35
C UNK AD 139 -67.91 33.40 -130.18
N UNK AD 140 -68.08 32.11 -130.41
CA UNK AD 140 -67.73 31.13 -129.39
C UNK AD 140 -66.52 30.28 -129.76
N UNK AD 141 -66.19 30.16 -131.05
CA UNK AD 141 -64.95 29.51 -131.47
C UNK AD 141 -64.50 30.22 -132.74
N UNK AD 142 -63.56 31.14 -132.62
CA UNK AD 142 -63.03 31.86 -133.76
C UNK AD 142 -61.77 31.17 -134.24
N UNK AD 143 -61.61 31.08 -135.56
CA UNK AD 143 -60.42 30.50 -136.17
C UNK AD 143 -60.07 31.41 -137.33
N UNK AD 144 -59.07 32.25 -137.14
CA UNK AD 144 -58.64 33.20 -138.16
C UNK AD 144 -57.32 32.71 -138.74
N UNK AD 145 -57.37 32.22 -139.97
CA UNK AD 145 -56.18 31.88 -140.72
C UNK AD 145 -55.94 33.02 -141.70
N UNK AD 146 -55.03 33.91 -141.36
CA UNK AD 146 -54.60 34.96 -142.28
C UNK AD 146 -53.37 34.44 -142.97
N UNK AD 147 -53.54 33.89 -144.18
CA UNK AD 147 -52.47 33.26 -144.96
C UNK AD 147 -51.82 34.24 -145.90
N UNK AD 148 -51.58 35.45 -145.43
CA UNK AD 148 -51.98 36.68 -146.09
C UNK AD 148 -51.02 37.80 -145.78
N UNK AD 149 -51.10 38.87 -146.57
CA UNK AD 149 -50.58 40.18 -146.20
C UNK AD 149 -51.73 41.10 -145.80
N UNK AD 150 -52.72 40.54 -145.11
CA UNK AD 150 -53.99 41.23 -144.87
C UNK AD 150 -54.12 41.55 -143.38
N UNK AD 151 -55.29 42.06 -143.02
CA UNK AD 151 -55.55 42.56 -141.68
C UNK AD 151 -56.88 42.03 -141.18
N UNK AD 152 -56.90 41.52 -139.95
CA UNK AD 152 -58.10 41.03 -139.31
C UNK AD 152 -58.26 41.79 -138.00
N UNK AD 153 -58.88 42.96 -138.09
CA UNK AD 153 -59.14 43.76 -136.90
C UNK AD 153 -60.34 43.18 -136.17
N UNK AD 154 -60.28 43.19 -134.83
CA UNK AD 154 -61.33 42.57 -134.06
C UNK AD 154 -61.44 43.19 -132.68
N UNK AD 155 -62.68 43.42 -132.28
CA UNK AD 155 -63.08 43.49 -130.88
C UNK AD 155 -64.11 42.41 -130.62
N UNK AD 156 -64.04 41.34 -131.42
CA UNK AD 156 -64.96 40.21 -131.33
C UNK AD 156 -64.58 39.40 -130.11
N UNK AD 157 -65.42 39.43 -129.08
CA UNK AD 157 -65.15 38.73 -127.83
C UNK AD 157 -65.42 37.25 -128.04
N UNK AD 158 -64.36 36.50 -128.32
CA UNK AD 158 -64.45 35.08 -128.54
C UNK AD 158 -64.25 34.32 -127.25
N UNK AD 159 -64.87 33.14 -127.15
CA UNK AD 159 -64.59 32.25 -126.04
C UNK AD 159 -63.32 31.46 -126.28
N UNK AD 160 -63.16 30.90 -127.47
CA UNK AD 160 -61.89 30.29 -127.85
C UNK AD 160 -61.45 30.90 -129.17
N UNK AD 161 -60.15 31.10 -129.32
CA UNK AD 161 -59.61 31.74 -130.51
C UNK AD 161 -58.40 30.98 -131.00
N UNK AD 162 -58.34 30.76 -132.31
CA UNK AD 162 -57.23 30.08 -132.96
C UNK AD 162 -56.82 30.92 -134.16
N UNK AD 163 -55.77 31.72 -134.02
CA UNK AD 163 -55.39 32.69 -135.03
C UNK AD 163 -53.95 32.44 -135.45
N UNK AD 164 -53.76 32.14 -136.73
CA UNK AD 164 -52.44 31.92 -137.29
C UNK AD 164 -52.22 32.86 -138.47
N UNK AD 165 -51.13 33.63 -138.40
CA UNK AD 165 -50.79 34.61 -139.44
C UNK AD 165 -49.51 34.17 -140.13
N UNK AD 166 -49.48 34.29 -141.46
CA UNK AD 166 -48.45 33.58 -142.22
C UNK AD 166 -47.37 34.45 -142.86
N UNK AD 167 -47.70 35.60 -143.47
CA UNK AD 167 -46.65 36.38 -144.17
C UNK AD 167 -46.97 37.87 -144.15
N UNK AD 168 -46.50 38.55 -143.10
CA UNK AD 168 -46.69 39.99 -142.81
C UNK AD 168 -48.16 40.40 -142.81
N UNK AD 169 -48.99 39.60 -142.15
CA UNK AD 169 -50.35 39.95 -141.83
C UNK AD 169 -50.39 40.75 -140.54
N UNK AD 170 -51.59 41.17 -140.15
CA UNK AD 170 -51.79 41.86 -138.88
C UNK AD 170 -53.17 41.51 -138.37
N UNK AD 171 -53.27 41.05 -137.12
CA UNK AD 171 -54.54 40.57 -136.58
C UNK AD 171 -54.70 41.05 -135.16
N UNK AD 172 -55.88 41.56 -134.84
CA UNK AD 172 -56.19 42.12 -133.53
C UNK AD 172 -57.34 41.31 -132.94
N UNK AD 173 -57.00 40.35 -132.10
CA UNK AD 173 -57.96 39.42 -131.53
C UNK AD 173 -58.34 39.82 -130.10
N UNK AD 174 -59.40 39.19 -129.60
CA UNK AD 174 -59.82 39.36 -128.21
C UNK AD 174 -60.47 38.04 -127.77
N UNK AD 175 -59.97 37.47 -126.69
CA UNK AD 175 -60.39 36.14 -126.25
C UNK AD 175 -60.78 36.16 -124.78
N UNK AD 176 -61.79 35.35 -124.44
CA UNK AD 176 -62.22 35.26 -123.05
C UNK AD 176 -61.55 34.08 -122.34
N UNK AD 177 -61.78 32.87 -122.83
CA UNK AD 177 -61.33 31.69 -122.12
C UNK AD 177 -60.06 31.09 -122.67
N UNK AD 178 -59.87 31.09 -123.97
CA UNK AD 178 -58.75 30.37 -124.59
C UNK AD 178 -58.19 31.19 -125.72
N UNK AD 179 -56.95 31.65 -125.58
CA UNK AD 179 -56.24 32.33 -126.64
C UNK AD 179 -55.24 31.38 -127.26
N UNK AD 180 -55.29 31.26 -128.58
CA UNK AD 180 -54.46 30.35 -129.33
C UNK AD 180 -53.86 31.14 -130.48
N UNK AD 181 -52.56 31.40 -130.41
CA UNK AD 181 -51.98 32.29 -131.41
C UNK AD 181 -50.72 31.67 -131.98
N UNK AD 182 -50.56 31.76 -133.29
CA UNK AD 182 -49.35 31.37 -133.97
C UNK AD 182 -49.05 32.42 -135.02
N UNK AD 183 -47.83 32.92 -135.00
CA UNK AD 183 -47.46 34.01 -135.88
C UNK AD 183 -46.20 33.64 -136.63
N UNK AD 184 -46.15 33.99 -137.92
CA UNK AD 184 -44.95 33.81 -138.73
C UNK AD 184 -44.80 35.06 -139.58
N UNK AD 185 -43.67 35.77 -139.39
CA UNK AD 185 -43.27 37.02 -140.08
C UNK AD 185 -44.26 38.18 -139.94
N UNK AD 186 -45.10 38.18 -138.90
CA UNK AD 186 -46.32 38.96 -138.88
C UNK AD 186 -46.58 39.44 -137.46
N UNK AD 187 -47.79 39.93 -137.24
CA UNK AD 187 -48.14 40.53 -135.96
C UNK AD 187 -49.51 40.06 -135.51
N UNK AD 188 -49.61 39.60 -134.27
CA UNK AD 188 -50.88 39.28 -133.64
C UNK AD 188 -50.97 40.05 -132.34
N UNK AD 189 -51.97 40.92 -132.24
CA UNK AD 189 -52.11 41.81 -131.08
C UNK AD 189 -53.31 41.35 -130.27
N UNK AD 190 -53.09 41.03 -129.00
CA UNK AD 190 -54.13 40.50 -128.14
C UNK AD 190 -54.63 41.61 -127.23
N UNK AD 191 -55.82 42.12 -127.50
CA UNK AD 191 -56.34 43.26 -126.77
C UNK AD 191 -57.23 42.86 -125.59
N UNK AD 192 -57.16 41.62 -125.14
CA UNK AD 192 -57.86 41.16 -123.94
C UNK AD 192 -57.08 40.01 -123.34
N UNK AD 193 -56.99 39.98 -122.02
CA UNK AD 193 -56.27 38.91 -121.35
C UNK AD 193 -57.20 37.72 -121.20
N UNK AD 194 -56.85 36.61 -121.85
CA UNK AD 194 -57.68 35.43 -121.80
C UNK AD 194 -57.47 34.68 -120.48
N UNK AD 195 -58.37 33.73 -120.21
CA UNK AD 195 -58.25 32.92 -119.01
C UNK AD 195 -57.12 31.91 -119.11
N UNK AD 196 -56.86 31.40 -120.31
CA UNK AD 196 -55.66 30.63 -120.57
C UNK AD 196 -55.19 31.01 -121.97
N UNK AD 197 -53.97 31.51 -122.05
CA UNK AD 197 -53.42 32.02 -123.29
C UNK AD 197 -52.19 31.24 -123.66
N UNK AD 198 -52.01 31.03 -124.96
CA UNK AD 198 -50.81 30.38 -125.46
C UNK AD 198 -50.52 30.89 -126.86
N UNK AD 199 -49.31 31.39 -127.06
CA UNK AD 199 -48.92 31.98 -128.32
C UNK AD 199 -47.56 31.44 -128.71
N UNK AD 200 -47.36 31.23 -130.00
CA UNK AD 200 -46.10 30.75 -130.52
C UNK AD 200 -45.68 31.68 -131.65
N UNK AD 201 -44.48 32.23 -131.52
CA UNK AD 201 -43.93 33.14 -132.51
C UNK AD 201 -42.87 32.39 -133.32
N UNK AD 202 -42.94 32.53 -134.63
CA UNK AD 202 -41.98 31.97 -135.57
C UNK AD 202 -40.94 33.04 -135.90
N UNK AD 203 -40.23 32.85 -137.01
CA UNK AD 203 -39.24 33.79 -137.51
C UNK AD 203 -39.83 35.17 -137.83
N UNK AD 204 -39.29 36.19 -137.12
CA UNK AD 204 -39.58 37.62 -137.26
C UNK AD 204 -41.05 37.95 -136.99
N UNK AD 205 -41.61 37.37 -135.94
CA UNK AD 205 -43.04 37.41 -135.71
C UNK AD 205 -43.37 37.85 -134.30
N UNK AD 206 -44.41 38.67 -134.15
CA UNK AD 206 -44.71 39.33 -132.89
C UNK AD 206 -46.10 38.96 -132.39
N UNK AD 207 -46.16 38.20 -131.30
CA UNK AD 207 -47.42 37.97 -130.61
C UNK AD 207 -47.50 38.91 -129.41
N UNK AD 208 -47.50 40.20 -129.69
CA UNK AD 208 -47.40 41.22 -128.65
C UNK AD 208 -48.80 41.62 -128.20
N UNK AD 209 -49.14 41.25 -126.96
CA UNK AD 209 -50.48 41.50 -126.40
C UNK AD 209 -50.59 42.97 -126.04
N UNK AD 210 -51.09 43.75 -127.00
CA UNK AD 210 -51.13 45.20 -126.88
C UNK AD 210 -52.40 45.67 -126.18
N UNK AD 211 -52.49 45.37 -124.89
CA UNK AD 211 -53.59 45.86 -124.10
C UNK AD 211 -53.35 47.32 -123.74
N UNK AD 212 -54.42 48.01 -123.39
CA UNK AD 212 -54.32 49.39 -122.97
C UNK AD 212 -53.85 49.43 -121.53
N UNK AD 213 -52.55 49.69 -121.33
CA UNK AD 213 -52.01 49.96 -120.01
C UNK AD 213 -52.56 51.28 -119.51
N UNK AD 214 -52.63 51.40 -118.18
CA UNK AD 214 -53.56 52.26 -117.42
C UNK AD 214 -55.00 52.08 -117.91
N UNK AD 215 -55.50 50.87 -117.71
CA UNK AD 215 -56.93 50.70 -117.66
C UNK AD 215 -57.41 50.98 -116.23
N UNK AD 216 -58.73 50.93 -116.04
CA UNK AD 216 -59.26 51.14 -114.70
C UNK AD 216 -59.07 49.90 -113.85
N UNK AD 217 -59.42 48.73 -114.39
CA UNK AD 217 -59.11 47.46 -113.75
C UNK AD 217 -58.48 46.57 -114.81
N UNK AD 218 -57.18 46.73 -115.02
CA UNK AD 218 -56.45 45.84 -115.90
C UNK AD 218 -56.04 44.63 -115.10
N UNK AD 219 -56.63 43.48 -115.40
CA UNK AD 219 -56.34 42.25 -114.68
C UNK AD 219 -54.97 41.73 -115.08
N UNK AD 220 -54.21 41.25 -114.11
CA UNK AD 220 -52.84 40.85 -114.38
C UNK AD 220 -52.80 39.46 -115.02
N UNK AD 221 -51.66 39.16 -115.63
CA UNK AD 221 -51.39 37.82 -116.12
C UNK AD 221 -51.12 36.92 -114.93
N UNK AD 222 -52.09 36.06 -114.60
CA UNK AD 222 -52.05 35.23 -113.41
C UNK AD 222 -51.21 33.98 -113.64
N UNK AD 223 -51.25 33.04 -112.69
CA UNK AD 223 -50.36 31.88 -112.71
C UNK AD 223 -50.76 30.86 -113.76
N UNK AD 224 -52.02 30.82 -114.13
CA UNK AD 224 -52.45 30.09 -115.30
C UNK AD 224 -52.16 30.85 -116.60
N UNK AD 225 -51.94 32.15 -116.55
CA UNK AD 225 -51.90 32.95 -117.77
C UNK AD 225 -50.54 33.54 -118.09
N UNK AD 226 -49.53 33.37 -117.23
CA UNK AD 226 -48.25 34.03 -117.42
C UNK AD 226 -47.41 33.26 -118.43
N UNK AD 227 -47.56 33.61 -119.70
CA UNK AD 227 -46.69 33.10 -120.75
C UNK AD 227 -45.49 34.03 -120.91
N UNK AD 228 -44.73 33.80 -121.97
CA UNK AD 228 -43.54 34.60 -122.20
C UNK AD 228 -43.75 35.61 -123.32
N UNK BD 1 -76.57 55.06 -126.46
CA UNK BD 1 -76.82 54.47 -127.76
C UNK BD 1 -76.48 52.97 -127.74
N UNK BD 2 -77.11 52.24 -126.84
CA UNK BD 2 -76.84 50.83 -126.66
C UNK BD 2 -77.76 49.99 -127.54
N UNK BD 3 -77.75 48.67 -127.31
CA UNK BD 3 -78.71 47.74 -127.89
C UNK BD 3 -78.83 46.60 -126.89
N UNK BD 4 -79.85 46.67 -126.03
CA UNK BD 4 -79.99 45.70 -124.97
C UNK BD 4 -80.60 44.41 -125.50
N UNK BD 5 -80.10 43.28 -124.99
CA UNK BD 5 -80.68 41.98 -125.27
C UNK BD 5 -81.72 41.68 -124.21
N UNK BD 6 -82.67 40.82 -124.57
CA UNK BD 6 -83.85 40.58 -123.75
C UNK BD 6 -83.65 39.51 -122.69
N UNK BD 7 -82.43 39.00 -122.52
CA UNK BD 7 -82.17 37.92 -121.57
C UNK BD 7 -81.87 38.49 -120.20
N UNK BD 8 -81.34 37.66 -119.31
CA UNK BD 8 -80.85 38.14 -118.03
C UNK BD 8 -79.55 38.88 -118.24
N UNK BD 9 -79.66 40.21 -118.36
CA UNK BD 9 -78.59 41.21 -118.16
C UNK BD 9 -77.47 41.16 -119.20
N UNK BD 10 -77.84 41.20 -120.47
CA UNK BD 10 -76.87 41.30 -121.56
C UNK BD 10 -77.20 42.51 -122.44
N UNK BD 11 -76.16 43.19 -122.92
CA UNK BD 11 -76.38 44.38 -123.73
C UNK BD 11 -75.22 44.56 -124.70
N UNK BD 12 -75.51 44.52 -126.00
CA UNK BD 12 -74.49 44.95 -126.94
C UNK BD 12 -74.48 46.47 -126.99
N UNK BD 13 -73.39 47.03 -127.52
CA UNK BD 13 -73.25 48.47 -127.59
C UNK BD 13 -72.44 48.85 -128.81
N UNK BD 14 -72.83 49.96 -129.44
CA UNK BD 14 -72.28 50.34 -130.71
C UNK BD 14 -71.73 51.76 -130.71
N UNK BD 15 -70.97 52.11 -129.67
CA UNK BD 15 -70.15 53.32 -129.74
C UNK BD 15 -68.99 53.10 -130.70
N UNK BD 16 -68.12 52.15 -130.37
CA UNK BD 16 -67.30 51.50 -131.39
C UNK BD 16 -67.66 50.03 -131.52
N UNK BD 17 -67.50 49.26 -130.44
CA UNK BD 17 -67.80 47.83 -130.37
C UNK BD 17 -67.85 47.36 -128.93
N UNK BD 18 -68.97 46.81 -128.48
CA UNK BD 18 -69.04 46.17 -127.16
C UNK BD 18 -70.12 45.10 -127.16
N UNK BD 19 -69.89 44.03 -126.40
CA UNK BD 19 -70.95 43.09 -126.00
C UNK BD 19 -70.82 42.88 -124.49
N UNK BD 20 -71.39 43.79 -123.72
CA UNK BD 20 -71.19 43.80 -122.28
C UNK BD 20 -72.39 43.20 -121.57
N UNK BD 21 -72.34 43.25 -120.24
CA UNK BD 21 -73.40 42.68 -119.43
C UNK BD 21 -73.90 43.72 -118.44
N UNK BD 22 -75.20 43.74 -118.23
CA UNK BD 22 -75.86 44.61 -117.29
C UNK BD 22 -75.98 43.90 -115.95
N UNK BD 23 -76.82 44.40 -115.05
CA UNK BD 23 -77.21 43.65 -113.86
C UNK BD 23 -78.65 43.21 -113.87
N UNK BD 24 -79.55 44.07 -114.42
CA UNK BD 24 -81.00 43.84 -114.61
C UNK BD 24 -81.76 43.55 -113.32
N UNK BD 25 -81.27 44.11 -112.21
CA UNK BD 25 -81.97 44.10 -110.94
C UNK BD 25 -82.05 45.47 -110.30
N UNK BD 26 -81.07 46.33 -110.53
CA UNK BD 26 -81.15 47.74 -110.16
C UNK BD 26 -81.82 48.58 -111.23
N UNK BD 27 -81.80 48.10 -112.49
CA UNK BD 27 -82.58 48.57 -113.64
C UNK BD 27 -82.28 50.02 -114.02
N UNK BD 28 -81.02 50.28 -114.38
CA UNK BD 28 -80.64 51.57 -114.93
C UNK BD 28 -80.99 51.60 -116.41
N UNK BD 29 -82.27 51.85 -116.69
CA UNK BD 29 -82.79 51.87 -118.06
C UNK BD 29 -82.83 53.30 -118.59
N UNK BD 30 -81.65 53.92 -118.59
CA UNK BD 30 -81.54 55.32 -119.01
C UNK BD 30 -81.51 55.47 -120.52
N UNK BD 31 -80.83 54.52 -121.21
CA UNK BD 31 -80.40 54.58 -122.61
C UNK BD 31 -79.65 55.87 -122.94
N UNK BD 32 -78.78 56.29 -122.03
CA UNK BD 32 -78.07 57.56 -122.14
C UNK BD 32 -76.79 57.41 -121.33
N UNK BD 33 -75.66 57.34 -122.02
CA UNK BD 33 -74.42 56.90 -121.39
C UNK BD 33 -73.25 57.46 -122.18
N UNK BD 34 -72.05 57.18 -121.68
CA UNK BD 34 -70.80 57.45 -122.39
C UNK BD 34 -70.10 56.10 -122.54
N UNK BD 35 -70.38 55.42 -123.65
CA UNK BD 35 -69.81 54.10 -123.91
C UNK BD 35 -68.48 54.26 -124.61
N UNK BD 36 -67.48 53.50 -124.17
CA UNK BD 36 -66.12 53.61 -124.69
C UNK BD 36 -65.58 52.24 -125.02
N UNK BD 37 -64.47 52.22 -125.75
CA UNK BD 37 -63.73 50.98 -126.03
C UNK BD 37 -62.61 50.76 -125.04
N UNK BD 38 -62.95 50.85 -123.75
CA UNK BD 38 -62.10 50.46 -122.64
C UNK BD 38 -62.90 49.66 -121.63
N UNK BD 39 -63.97 49.01 -122.12
CA UNK BD 39 -64.95 48.19 -121.40
C UNK BD 39 -65.64 48.98 -120.28
N UNK BD 40 -66.35 50.03 -120.68
CA UNK BD 40 -67.02 50.90 -119.70
C UNK BD 40 -68.26 51.49 -120.34
N UNK BD 41 -69.42 50.97 -119.95
CA UNK BD 41 -70.70 51.59 -120.27
C UNK BD 41 -71.11 52.40 -119.05
N UNK BD 42 -70.79 53.69 -119.06
CA UNK BD 42 -70.98 54.56 -117.90
C UNK BD 42 -72.32 55.28 -118.05
N UNK BD 43 -73.34 54.75 -117.38
CA UNK BD 43 -74.71 55.25 -117.53
C UNK BD 43 -74.95 56.46 -116.64
N UNK BD 44 -76.21 56.90 -116.58
CA UNK BD 44 -76.56 58.03 -115.72
C UNK BD 44 -76.62 57.61 -114.26
N UNK BD 45 -77.04 56.37 -114.01
CA UNK BD 45 -77.09 55.88 -112.63
C UNK BD 45 -75.73 55.35 -112.18
N UNK BD 46 -75.22 54.33 -112.86
CA UNK BD 46 -74.02 53.62 -112.42
C UNK BD 46 -73.18 53.31 -113.65
N UNK BD 47 -72.21 52.42 -113.50
CA UNK BD 47 -71.32 52.03 -114.58
C UNK BD 47 -71.42 50.53 -114.85
N UNK BD 48 -71.38 50.18 -116.13
CA UNK BD 48 -71.45 48.79 -116.55
C UNK BD 48 -70.20 48.45 -117.35
N UNK BD 49 -69.87 47.16 -117.40
CA UNK BD 49 -68.70 46.69 -118.10
C UNK BD 49 -69.00 45.33 -118.71
N UNK BD 50 -68.05 44.82 -119.50
CA UNK BD 50 -68.08 43.44 -119.95
C UNK BD 50 -67.76 42.55 -118.76
N UNK BD 51 -68.80 41.95 -118.18
CA UNK BD 51 -68.66 41.27 -116.90
C UNK BD 51 -68.03 39.89 -117.07
N UNK BD 52 -67.32 39.46 -116.04
CA UNK BD 52 -66.62 38.19 -116.06
C UNK BD 52 -67.00 37.35 -114.84
N UNK CD 1 -5.50 37.34 -104.03
CA UNK CD 1 -6.90 37.68 -103.81
C UNK CD 1 -7.43 38.54 -104.95
N UNK CD 2 -7.37 39.87 -104.78
CA UNK CD 2 -7.86 40.81 -105.80
C UNK CD 2 -6.89 40.88 -106.97
N UNK CD 3 -6.98 39.92 -107.87
CA UNK CD 3 -6.04 39.80 -108.98
C UNK CD 3 -6.64 40.44 -110.22
N UNK CD 4 -5.77 40.90 -111.10
CA UNK CD 4 -5.99 41.38 -112.48
C UNK CD 4 -6.82 42.64 -112.61
N UNK CD 5 -7.20 43.31 -111.52
CA UNK CD 5 -7.55 44.72 -111.64
C UNK CD 5 -6.30 45.55 -111.44
N UNK CD 6 -5.76 45.47 -110.23
CA UNK CD 6 -4.45 45.94 -109.80
C UNK CD 6 -4.15 45.20 -108.51
N UNK CD 7 -3.20 45.70 -107.73
CA UNK CD 7 -3.09 45.21 -106.37
C UNK CD 7 -4.13 45.90 -105.48
N UNK CD 8 -4.32 45.34 -104.29
CA UNK CD 8 -5.30 45.86 -103.35
C UNK CD 8 -4.78 47.12 -102.70
N UNK CD 9 -5.51 48.22 -102.83
CA UNK CD 9 -5.01 49.50 -102.32
C UNK CD 9 -5.29 49.65 -100.83
N UNK CD 10 -6.54 49.81 -100.46
CA UNK CD 10 -6.93 49.92 -99.06
C UNK CD 10 -7.65 48.64 -98.65
N UNK CD 11 -8.20 48.65 -97.44
CA UNK CD 11 -9.10 47.59 -96.99
C UNK CD 11 -10.19 48.32 -96.21
N UNK CD 12 -11.28 48.67 -96.90
CA UNK CD 12 -12.29 49.55 -96.35
C UNK CD 12 -13.15 48.80 -95.35
N UNK CD 13 -13.25 49.35 -94.14
CA UNK CD 13 -14.03 48.72 -93.09
C UNK CD 13 -15.51 48.89 -93.36
N UNK CD 14 -16.28 47.94 -92.82
CA UNK CD 14 -17.69 47.60 -93.13
C UNK CD 14 -17.91 47.32 -94.62
N UNK CD 15 -16.91 46.73 -95.26
CA UNK CD 15 -16.90 46.53 -96.70
C UNK CD 15 -15.91 45.43 -97.04
N UNK CD 16 -15.74 45.18 -98.33
CA UNK CD 16 -14.76 44.25 -98.85
C UNK CD 16 -13.44 45.00 -99.05
N UNK CD 17 -12.43 44.31 -99.55
CA UNK CD 17 -11.15 44.95 -99.83
C UNK CD 17 -11.26 45.80 -101.08
N UNK CD 18 -10.55 46.92 -101.09
CA UNK CD 18 -10.64 47.88 -102.17
C UNK CD 18 -9.40 47.74 -103.03
N UNK CD 19 -9.54 47.06 -104.16
CA UNK CD 19 -8.47 46.98 -105.14
C UNK CD 19 -8.31 48.33 -105.85
N UNK CD 20 -7.17 48.52 -106.51
CA UNK CD 20 -6.83 49.83 -107.03
C UNK CD 20 -7.41 50.11 -108.43
N UNK CD 21 -8.46 49.40 -108.84
CA UNK CD 21 -9.46 49.90 -109.76
C UNK CD 21 -10.81 50.02 -109.06
N UNK CD 22 -11.35 48.91 -108.55
CA UNK CD 22 -12.69 48.88 -107.98
C UNK CD 22 -12.72 48.10 -106.67
N UNK CD 23 -13.90 47.99 -106.04
CA UNK CD 23 -14.06 47.19 -104.84
C UNK CD 23 -14.06 45.72 -105.21
N UNK CD 24 -13.30 44.92 -104.47
CA UNK CD 24 -13.03 43.56 -104.91
C UNK CD 24 -14.11 42.61 -104.46
N UNK CD 25 -13.84 41.32 -104.64
CA UNK CD 25 -14.74 40.26 -104.21
C UNK CD 25 -14.17 39.49 -103.03
N UNK CD 26 -13.10 39.96 -102.42
CA UNK CD 26 -12.54 39.33 -101.24
C UNK CD 26 -12.88 40.18 -100.03
N UNK CD 27 -13.33 39.56 -98.95
CA UNK CD 27 -13.84 40.28 -97.80
C UNK CD 27 -12.69 40.78 -96.94
N UNK CD 28 -12.72 42.07 -96.60
CA UNK CD 28 -11.63 42.68 -95.85
C UNK CD 28 -11.70 42.31 -94.37
N UNK CD 29 -12.75 42.73 -93.69
CA UNK CD 29 -12.90 42.50 -92.27
C UNK CD 29 -13.71 41.23 -92.02
N UNK CD 30 -14.01 40.99 -90.75
CA UNK CD 30 -14.91 39.89 -90.41
C UNK CD 30 -16.35 40.34 -90.44
N UNK CD 31 -16.58 41.65 -90.41
CA UNK CD 31 -17.92 42.21 -90.31
C UNK CD 31 -18.41 42.74 -91.64
N UNK CD 32 -17.88 42.23 -92.75
CA UNK CD 32 -18.44 42.54 -94.04
C UNK CD 32 -19.63 41.63 -94.28
N UNK CD 33 -20.45 41.94 -95.27
CA UNK CD 33 -21.72 41.24 -95.45
C UNK CD 33 -21.56 40.00 -96.33
N UNK CD 34 -20.72 39.07 -95.89
CA UNK CD 34 -20.62 37.76 -96.50
C UNK CD 34 -21.84 36.96 -96.11
N UNK CD 35 -22.60 36.49 -97.09
CA UNK CD 35 -23.90 35.87 -96.85
C UNK CD 35 -23.69 34.45 -96.37
N UNK CD 36 -23.42 34.30 -95.08
CA UNK CD 36 -23.27 33.00 -94.47
C UNK CD 36 -24.65 32.39 -94.27
N UNK CD 37 -24.89 31.23 -94.89
CA UNK CD 37 -26.19 30.59 -94.74
C UNK CD 37 -26.08 29.20 -94.11
N UNK CD 38 -24.99 28.48 -94.30
CA UNK CD 38 -24.82 27.17 -93.68
C UNK CD 38 -23.95 27.34 -92.45
N UNK CD 39 -24.55 27.13 -91.27
CA UNK CD 39 -23.81 27.21 -90.03
C UNK CD 39 -23.06 25.92 -89.77
N UNK CD 40 -22.17 25.95 -88.78
CA UNK CD 40 -21.49 24.76 -88.29
C UNK CD 40 -21.27 24.95 -86.79
N UNK CD 41 -22.23 24.49 -85.99
CA UNK CD 41 -22.17 24.65 -84.54
C UNK CD 41 -23.09 23.62 -83.91
N UNK CD 42 -22.77 23.25 -82.67
CA UNK CD 42 -23.67 22.42 -81.88
C UNK CD 42 -24.76 23.27 -81.27
N UNK CD 43 -26.01 22.83 -81.47
CA UNK CD 43 -27.26 23.42 -80.94
C UNK CD 43 -27.51 24.85 -81.42
N UNK CD 44 -27.00 25.20 -82.59
CA UNK CD 44 -27.27 26.51 -83.18
C UNK CD 44 -28.70 26.55 -83.68
N UNK CD 45 -29.32 27.73 -83.54
CA UNK CD 45 -30.71 28.18 -83.74
C UNK CD 45 -31.68 27.66 -82.67
N UNK CD 46 -31.19 26.86 -81.72
CA UNK CD 46 -31.57 26.92 -80.33
C UNK CD 46 -30.43 27.68 -79.65
N UNK CD 47 -30.41 27.73 -78.32
CA UNK CD 47 -29.31 28.41 -77.66
C UNK CD 47 -28.08 27.50 -77.61
N UNK CD 48 -26.95 28.06 -77.17
CA UNK CD 48 -25.68 27.36 -77.27
C UNK CD 48 -25.52 26.33 -76.13
N UNK CD 49 -24.37 25.69 -76.10
CA UNK CD 49 -24.14 24.57 -75.17
C UNK CD 49 -23.89 25.10 -73.76
N UNK CD 50 -24.74 24.66 -72.83
CA UNK CD 50 -24.56 24.95 -71.41
C UNK CD 50 -23.35 24.19 -70.92
N UNK CD 51 -22.24 24.90 -70.75
CA UNK CD 51 -20.90 24.34 -70.78
C UNK CD 51 -20.51 23.55 -69.54
N UNK CD 52 -21.30 23.61 -68.46
CA UNK CD 52 -20.89 23.02 -67.20
C UNK CD 52 -21.13 21.53 -67.11
N UNK CD 53 -21.73 20.90 -68.12
CA UNK CD 53 -22.02 19.48 -68.06
C UNK CD 53 -20.78 18.65 -68.35
N UNK CD 54 -20.66 17.54 -67.61
CA UNK CD 54 -19.68 16.49 -67.92
C UNK CD 54 -20.44 15.17 -67.81
N UNK CD 55 -21.10 14.80 -68.89
CA UNK CD 55 -21.99 13.64 -68.91
C UNK CD 55 -22.02 13.11 -70.34
N UNK CD 56 -23.04 12.30 -70.65
CA UNK CD 56 -23.17 11.79 -72.01
C UNK CD 56 -23.73 12.86 -72.96
N UNK CD 57 -24.87 13.44 -72.61
CA UNK CD 57 -25.60 14.32 -73.52
C UNK CD 57 -24.99 15.71 -73.55
N UNK CD 58 -25.39 16.49 -74.55
CA UNK CD 58 -24.93 17.86 -74.74
C UNK CD 58 -26.15 18.77 -74.64
N UNK CD 59 -26.51 19.17 -73.43
CA UNK CD 59 -27.70 19.98 -73.21
C UNK CD 59 -27.44 21.43 -73.59
N UNK CD 60 -28.35 21.99 -74.37
CA UNK CD 60 -28.24 23.37 -74.79
C UNK CD 60 -28.67 24.31 -73.65
N UNK CD 61 -28.42 25.61 -73.83
CA UNK CD 61 -28.79 26.58 -72.81
C UNK CD 61 -30.28 26.90 -72.80
N UNK CD 62 -31.03 26.48 -73.82
CA UNK CD 62 -32.48 26.49 -73.79
C UNK CD 62 -33.05 25.14 -73.34
N UNK CD 63 -32.18 24.29 -72.78
CA UNK CD 63 -32.49 22.99 -72.13
C UNK CD 63 -33.10 21.99 -73.08
N UNK CD 64 -32.73 22.07 -74.35
CA UNK CD 64 -32.99 20.99 -75.29
C UNK CD 64 -31.75 20.13 -75.41
N UNK CD 65 -31.94 18.82 -75.33
CA UNK CD 65 -30.85 17.89 -75.48
C UNK CD 65 -30.53 17.76 -76.96
N UNK CD 66 -29.27 17.98 -77.32
CA UNK CD 66 -28.84 17.87 -78.71
C UNK CD 66 -28.70 16.40 -79.03
N UNK CD 67 -29.73 15.83 -79.67
CA UNK CD 67 -29.73 14.41 -79.98
C UNK CD 67 -28.82 14.07 -81.14
N UNK CD 68 -28.46 15.05 -81.97
CA UNK CD 68 -27.49 14.82 -83.02
C UNK CD 68 -26.06 14.94 -82.53
N UNK CD 69 -25.85 15.45 -81.32
CA UNK CD 69 -24.49 15.72 -80.87
C UNK CD 69 -24.17 15.09 -79.52
N UNK CD 70 -24.55 13.84 -79.31
CA UNK CD 70 -24.23 13.15 -78.05
C UNK CD 70 -23.71 11.75 -78.31
N LYS DD 24 -38.03 -3.09 -123.99
CA LYS DD 24 -37.68 -2.00 -123.10
C LYS DD 24 -38.91 -1.37 -122.49
N PHE DD 25 -38.90 -1.15 -121.19
CA PHE DD 25 -40.03 -0.60 -120.47
C PHE DD 25 -39.59 0.59 -119.65
N LYS DD 26 -40.30 1.71 -119.80
CA LYS DD 26 -39.97 2.92 -119.07
C LYS DD 26 -41.23 3.69 -118.79
N LYS DD 27 -41.60 3.76 -117.53
CA LYS DD 27 -42.59 4.69 -117.03
C LYS DD 27 -42.02 6.10 -117.16
N PRO DD 28 -42.85 7.10 -117.53
CA PRO DD 28 -42.32 8.36 -118.14
C PRO DD 28 -41.51 9.28 -117.22
N PRO DD 29 -41.96 9.72 -115.97
CA PRO DD 29 -41.12 10.71 -115.30
C PRO DD 29 -39.94 10.10 -114.56
N ILE DD 30 -38.78 10.16 -115.18
CA ILE DD 30 -37.56 9.70 -114.54
C ILE DD 30 -36.83 10.97 -114.14
N ASN DD 31 -37.05 11.39 -112.92
CA ASN DD 31 -36.56 12.67 -112.43
C ASN DD 31 -35.16 12.47 -111.83
N ASN DD 32 -34.70 13.45 -111.07
CA ASN DD 32 -33.44 13.32 -110.37
C ASN DD 32 -33.61 12.40 -109.16
N PRO DD 33 -32.50 11.85 -108.64
CA PRO DD 33 -32.58 11.17 -107.34
C PRO DD 33 -32.88 12.15 -106.22
N SER DD 34 -34.01 11.94 -105.57
CA SER DD 34 -34.30 12.70 -104.37
C SER DD 34 -33.65 12.04 -103.17
N ASP DD 35 -33.74 12.73 -102.04
CA ASP DD 35 -33.33 12.13 -100.80
C ASP DD 35 -34.46 12.29 -99.80
N ASP DD 36 -34.28 11.65 -98.66
CA ASP DD 36 -35.42 11.43 -97.79
C ASP DD 36 -35.78 12.64 -96.97
N ALA DD 37 -34.86 13.61 -96.87
CA ALA DD 37 -35.12 14.90 -96.24
C ALA DD 37 -36.21 15.66 -96.96
N THR DD 38 -36.04 15.87 -98.25
CA THR DD 38 -37.07 16.55 -99.00
C THR DD 38 -38.25 15.65 -99.32
N ILE DD 39 -38.12 14.33 -99.19
CA ILE DD 39 -39.28 13.45 -99.27
C ILE DD 39 -40.21 13.63 -98.07
N LYS DD 40 -39.67 13.56 -96.85
CA LYS DD 40 -40.58 13.74 -95.72
C LYS DD 40 -40.87 15.18 -95.42
N LEU DD 41 -40.07 16.10 -95.93
CA LEU DD 41 -40.44 17.51 -95.94
C LEU DD 41 -41.60 17.77 -96.87
N ALA DD 42 -41.66 17.04 -98.00
CA ALA DD 42 -42.75 17.22 -98.95
C ALA DD 42 -44.04 16.63 -98.42
N GLU DD 43 -43.98 15.46 -97.79
CA GLU DD 43 -45.23 14.93 -97.27
C GLU DD 43 -45.58 15.49 -95.89
N ALA DD 44 -44.71 16.29 -95.27
CA ALA DD 44 -45.20 17.19 -94.22
C ALA DD 44 -45.88 18.40 -94.82
N ALA DD 45 -45.32 18.91 -95.90
CA ALA DD 45 -45.71 20.17 -96.49
C ALA DD 45 -47.07 20.10 -97.17
N VAL DD 46 -47.43 18.94 -97.71
CA VAL DD 46 -48.73 18.83 -98.36
C VAL DD 46 -49.86 18.76 -97.34
N SER DD 47 -49.60 18.28 -96.12
CA SER DD 47 -50.61 18.26 -95.08
C SER DD 47 -50.79 19.63 -94.47
N VAL DD 48 -49.68 20.36 -94.34
CA VAL DD 48 -49.72 21.79 -94.00
C VAL DD 48 -50.50 22.60 -95.03
N SER DD 49 -50.31 22.26 -96.31
CA SER DD 49 -50.97 22.92 -97.43
C SER DD 49 -52.46 22.68 -97.45
N ASP DD 50 -52.91 21.43 -97.24
CA ASP DD 50 -54.35 21.21 -97.38
C ASP DD 50 -55.13 21.59 -96.14
N SER DD 51 -54.50 21.54 -94.95
CA SER DD 51 -55.16 22.08 -93.78
C SER DD 51 -55.23 23.60 -93.82
N MET DD 52 -54.22 24.25 -94.41
CA MET DD 52 -54.25 25.67 -94.67
C MET DD 52 -55.29 26.04 -95.73
N LEU DD 53 -55.50 25.14 -96.70
CA LEU DD 53 -56.49 25.32 -97.76
C LEU DD 53 -57.92 25.27 -97.24
N GLU DD 54 -58.21 24.30 -96.37
CA GLU DD 54 -59.54 24.28 -95.78
C GLU DD 54 -59.73 25.34 -94.70
N MET DD 55 -58.63 25.85 -94.10
CA MET DD 55 -58.72 27.03 -93.25
C MET DD 55 -59.11 28.28 -94.05
N ALA DD 56 -58.58 28.41 -95.26
CA ALA DD 56 -58.96 29.54 -96.12
C ALA DD 56 -60.38 29.40 -96.63
N LYS DD 57 -60.83 28.15 -96.82
CA LYS DD 57 -62.20 27.85 -97.20
C LYS DD 57 -63.19 28.23 -96.10
N VAL DD 58 -62.88 27.87 -94.84
CA VAL DD 58 -63.83 28.16 -93.75
C VAL DD 58 -63.77 29.65 -93.37
N GLU DD 59 -62.63 30.31 -93.61
CA GLU DD 59 -62.55 31.76 -93.35
C GLU DD 59 -63.31 32.55 -94.41
N LYS DD 60 -63.19 32.15 -95.68
CA LYS DD 60 -63.92 32.86 -96.71
C LYS DD 60 -65.38 32.48 -96.79
N VAL DD 61 -65.81 31.40 -96.15
CA VAL DD 61 -67.23 31.12 -96.13
C VAL DD 61 -67.87 31.56 -94.82
N ILE DD 62 -67.09 31.85 -93.78
CA ILE DD 62 -67.72 32.35 -92.57
C ILE DD 62 -67.69 33.89 -92.55
N THR DD 63 -66.83 34.51 -93.35
CA THR DD 63 -67.05 35.89 -93.69
C THR DD 63 -66.75 36.02 -95.18
N PRO DD 64 -67.70 36.50 -95.97
CA PRO DD 64 -67.39 36.83 -97.34
C PRO DD 64 -66.56 38.10 -97.39
N PRO DD 65 -65.60 38.21 -98.30
CA PRO DD 65 -64.83 39.44 -98.39
C PRO DD 65 -65.63 40.54 -99.07
N SER DD 66 -65.63 41.73 -98.47
CA SER DD 66 -66.48 42.80 -98.98
C SER DD 66 -65.84 43.46 -100.20
N LYS DD 67 -64.69 44.11 -100.00
CA LYS DD 67 -64.01 44.75 -101.10
C LYS DD 67 -62.59 44.23 -101.12
N ASP DD 68 -61.98 44.34 -102.29
CA ASP DD 68 -60.54 44.11 -102.45
C ASP DD 68 -59.80 45.42 -102.22
N ASN DD 69 -58.50 45.43 -102.45
CA ASN DD 69 -57.73 46.65 -102.28
C ASN DD 69 -57.44 47.31 -103.62
N THR DD 70 -58.19 46.97 -104.66
CA THR DD 70 -58.02 47.63 -105.93
C THR DD 70 -58.60 49.03 -105.93
N LEU DD 71 -59.54 49.32 -105.04
CA LEU DD 71 -60.02 50.68 -104.91
C LEU DD 71 -59.03 51.59 -104.20
N THR DD 72 -58.25 51.07 -103.25
CA THR DD 72 -57.27 51.92 -102.60
C THR DD 72 -55.89 51.83 -103.23
N ILE DD 73 -55.62 50.76 -103.99
CA ILE DD 73 -54.46 50.72 -104.89
C ILE DD 73 -55.01 50.49 -106.30
N PRO DD 74 -55.36 51.52 -107.07
CA PRO DD 74 -55.64 51.28 -108.48
C PRO DD 74 -54.38 51.34 -109.31
N ASN DD 75 -54.46 50.76 -110.49
CA ASN DD 75 -53.29 50.70 -111.35
C ASN DD 75 -53.08 52.04 -112.06
N ALA DD 76 -51.92 52.19 -112.65
CA ALA DD 76 -51.57 53.42 -113.34
C ALA DD 76 -50.57 53.13 -114.43
N TYR DD 77 -50.48 54.06 -115.38
CA TYR DD 77 -49.39 54.02 -116.34
C TYR DD 77 -48.13 54.41 -115.62
N ASN DD 78 -47.11 53.58 -115.78
CA ASN DD 78 -45.80 53.40 -115.17
C ASN DD 78 -45.90 52.71 -113.81
N LEU DD 79 -47.11 52.46 -113.29
CA LEU DD 79 -47.32 51.42 -112.31
C LEU DD 79 -47.57 50.07 -112.96
N GLN DD 80 -47.79 50.04 -114.27
CA GLN DD 80 -47.88 48.78 -114.97
C GLN DD 80 -46.54 48.30 -115.53
N ALA DD 81 -45.44 48.87 -115.07
CA ALA DD 81 -44.15 48.20 -115.22
C ALA DD 81 -44.11 46.98 -114.33
N ARG DD 82 -43.32 45.99 -114.72
CA ARG DD 82 -43.39 44.73 -114.03
C ARG DD 82 -42.19 44.54 -113.12
N ALA DD 83 -42.30 43.59 -112.20
CA ALA DD 83 -41.20 43.27 -111.32
C ALA DD 83 -41.29 41.82 -110.89
N SER DD 84 -40.17 41.32 -110.38
CA SER DD 84 -40.10 39.97 -109.86
C SER DD 84 -39.28 39.97 -108.59
N VAL DD 85 -39.88 39.52 -107.48
CA VAL DD 85 -39.36 39.80 -106.15
C VAL DD 85 -39.12 38.48 -105.43
N ASP DD 86 -37.99 38.37 -104.75
CA ASP DD 86 -37.94 37.55 -103.55
C ASP DD 86 -37.33 38.44 -102.46
N TRP DD 87 -38.01 38.48 -101.32
CA TRP DD 87 -37.73 39.50 -100.33
C TRP DD 87 -38.25 39.00 -99.01
N SER DD 88 -37.49 39.28 -97.96
CA SER DD 88 -37.92 38.82 -96.66
C SER DD 88 -37.72 39.85 -95.55
N GLY DD 89 -37.36 41.09 -95.88
CA GLY DD 89 -37.12 42.08 -94.87
C GLY DD 89 -38.37 42.83 -94.47
N PRO DD 90 -38.20 44.02 -93.89
CA PRO DD 90 -39.36 44.83 -93.56
C PRO DD 90 -39.91 45.53 -94.79
N ILE DD 91 -41.05 46.19 -94.59
CA ILE DD 91 -41.88 46.58 -95.70
C ILE DD 91 -41.38 47.88 -96.32
N GLU DD 92 -40.66 48.69 -95.54
CA GLU DD 92 -40.36 50.07 -95.90
C GLU DD 92 -39.28 50.16 -96.95
N GLU DD 93 -38.27 49.27 -96.85
CA GLU DD 93 -37.20 49.20 -97.82
C GLU DD 93 -37.70 48.70 -99.17
N LEU DD 94 -38.61 47.73 -99.12
CA LEU DD 94 -39.13 47.10 -100.33
C LEU DD 94 -40.05 48.02 -101.10
N THR DD 95 -41.02 48.65 -100.41
CA THR DD 95 -41.90 49.57 -101.11
C THR DD 95 -41.26 50.92 -101.43
N ALA DD 96 -40.16 51.27 -100.74
CA ALA DD 96 -39.34 52.38 -101.20
C ALA DD 96 -38.67 52.07 -102.52
N ARG DD 97 -38.25 50.82 -102.71
CA ARG DD 97 -37.70 50.42 -104.01
C ARG DD 97 -38.78 50.30 -105.09
N ILE DD 98 -39.98 49.87 -104.70
CA ILE DD 98 -41.14 49.80 -105.60
C ILE DD 98 -41.54 51.19 -106.09
N ALA DD 99 -41.61 52.16 -105.18
CA ALA DD 99 -42.01 53.51 -105.57
C ALA DD 99 -40.91 54.26 -106.28
N LYS DD 100 -39.64 53.96 -105.97
CA LYS DD 100 -38.53 54.56 -106.71
C LYS DD 100 -38.46 54.00 -108.13
N ALA DD 101 -38.82 52.75 -108.33
CA ALA DD 101 -38.84 52.23 -109.68
C ALA DD 101 -40.17 52.43 -110.37
N ALA DD 102 -41.17 52.92 -109.66
CA ALA DD 102 -42.37 53.39 -110.31
C ALA DD 102 -42.36 54.89 -110.50
N HIS DD 103 -41.28 55.55 -110.06
CA HIS DD 103 -41.07 57.02 -110.05
C HIS DD 103 -42.14 57.76 -109.27
N PHE DD 104 -42.59 57.15 -108.18
CA PHE DD 104 -43.61 57.70 -107.34
C PHE DD 104 -42.92 58.17 -106.07
N ARG DD 105 -43.40 59.27 -105.51
CA ARG DD 105 -42.84 59.72 -104.25
C ARG DD 105 -43.37 58.86 -103.12
N PHE DD 106 -42.47 58.25 -102.37
CA PHE DD 106 -42.85 57.35 -101.29
C PHE DD 106 -42.91 58.13 -100.00
N ARG DD 107 -43.99 57.94 -99.25
CA ARG DD 107 -44.11 58.58 -97.96
C ARG DD 107 -44.76 57.62 -96.99
N VAL DD 108 -44.40 57.77 -95.72
CA VAL DD 108 -44.95 56.92 -94.67
C VAL DD 108 -45.83 57.79 -93.79
N LEU DD 109 -46.91 57.19 -93.31
CA LEU DD 109 -47.83 57.80 -92.36
C LEU DD 109 -47.84 56.92 -91.13
N GLY DD 110 -47.70 57.54 -89.97
CA GLY DD 110 -47.56 56.79 -88.74
C GLY DD 110 -46.13 56.39 -88.48
N LYS DD 111 -45.69 56.49 -87.24
CA LYS DD 111 -44.41 55.90 -86.90
C LYS DD 111 -44.60 54.40 -86.77
N SER DD 112 -43.63 53.67 -87.29
CA SER DD 112 -43.44 52.23 -87.41
C SER DD 112 -43.49 51.59 -86.03
N PRO DD 113 -44.03 50.39 -85.90
CA PRO DD 113 -43.94 49.67 -84.62
C PRO DD 113 -42.51 49.19 -84.39
N SER DD 114 -42.25 48.87 -83.13
CA SER DD 114 -40.89 48.66 -82.70
C SER DD 114 -40.42 47.26 -83.08
N VAL DD 115 -41.30 46.29 -82.94
CA VAL DD 115 -41.17 45.06 -83.73
C VAL DD 115 -41.40 45.38 -85.20
N PRO DD 116 -40.62 44.83 -86.12
CA PRO DD 116 -40.79 45.20 -87.51
C PRO DD 116 -41.95 44.44 -88.13
N VAL DD 117 -42.51 45.02 -89.18
CA VAL DD 117 -43.58 44.39 -89.92
C VAL DD 117 -42.97 43.75 -91.17
N LEU DD 118 -42.54 42.51 -91.01
CA LEU DD 118 -41.80 41.80 -92.03
C LEU DD 118 -42.78 41.15 -93.00
N ILE DD 119 -42.52 41.32 -94.27
CA ILE DD 119 -43.21 40.58 -95.30
C ILE DD 119 -42.17 39.73 -96.00
N SER DD 120 -42.63 38.86 -96.89
CA SER DD 120 -41.71 38.02 -97.65
C SER DD 120 -42.39 37.72 -98.98
N ILE DD 121 -42.07 38.51 -99.98
CA ILE DD 121 -42.72 38.38 -101.27
C ILE DD 121 -41.82 37.52 -102.12
N SER DD 122 -42.37 36.41 -102.61
CA SER DD 122 -41.64 35.51 -103.48
C SER DD 122 -42.56 35.27 -104.65
N THR DD 123 -42.42 36.09 -105.68
CA THR DD 123 -43.16 35.89 -106.90
C THR DD 123 -42.30 36.27 -108.08
N LYS DD 124 -42.73 35.84 -109.25
CA LYS DD 124 -42.02 36.14 -110.47
C LYS DD 124 -43.00 36.76 -111.43
N ASP DD 125 -42.65 37.94 -111.94
CA ASP DD 125 -43.32 38.69 -113.01
C ASP DD 125 -44.77 39.05 -112.66
N GLU DD 126 -44.90 39.89 -111.64
CA GLU DD 126 -46.17 40.53 -111.40
C GLU DD 126 -46.08 41.98 -111.86
N SER DD 127 -47.22 42.64 -111.91
CA SER DD 127 -47.19 44.09 -112.06
C SER DD 127 -46.85 44.72 -110.73
N LEU DD 128 -46.44 46.00 -110.79
CA LEU DD 128 -46.02 46.74 -109.61
C LEU DD 128 -47.19 47.06 -108.71
N ALA DD 129 -48.37 47.31 -109.30
CA ALA DD 129 -49.57 47.51 -108.51
C ALA DD 129 -50.06 46.21 -107.91
N GLU DD 130 -49.77 45.10 -108.57
CA GLU DD 130 -50.16 43.80 -108.03
C GLU DD 130 -49.28 43.37 -106.88
N ILE DD 131 -47.98 43.65 -106.93
CA ILE DD 131 -47.17 43.32 -105.76
C ILE DD 131 -47.37 44.33 -104.65
N LEU DD 132 -47.81 45.56 -104.98
CA LEU DD 132 -48.22 46.47 -103.91
C LEU DD 132 -49.51 46.01 -103.24
N ARG DD 133 -50.39 45.36 -104.01
CA ARG DD 133 -51.59 44.77 -103.43
C ARG DD 133 -51.27 43.55 -102.59
N ASP DD 134 -50.32 42.73 -103.01
CA ASP DD 134 -49.95 41.59 -102.18
C ASP DD 134 -49.07 41.96 -101.01
N ILE DD 135 -48.34 43.08 -101.08
CA ILE DD 135 -47.62 43.62 -99.92
C ILE DD 135 -48.61 44.13 -98.89
N ASP DD 136 -49.66 44.81 -99.37
CA ASP DD 136 -50.73 45.33 -98.52
C ASP DD 136 -51.55 44.22 -97.89
N TYR DD 137 -51.72 43.10 -98.60
CA TYR DD 137 -52.38 41.95 -98.01
C TYR DD 137 -51.47 41.24 -97.03
N GLN DD 138 -50.17 41.16 -97.34
CA GLN DD 138 -49.22 40.42 -96.51
C GLN DD 138 -48.94 41.15 -95.20
N ALA DD 139 -49.05 42.46 -95.20
CA ALA DD 139 -49.04 43.20 -93.96
C ALA DD 139 -50.47 43.53 -93.54
N GLY DD 140 -51.24 42.47 -93.30
CA GLY DD 140 -52.65 42.65 -92.97
C GLY DD 140 -52.83 43.06 -91.53
N LYS DD 141 -53.57 44.16 -91.32
CA LYS DD 141 -53.83 44.86 -90.06
C LYS DD 141 -52.57 45.33 -89.35
N LYS DD 142 -51.50 45.60 -90.08
CA LYS DD 142 -50.25 46.06 -89.52
C LYS DD 142 -49.90 47.32 -90.28
N ALA DD 143 -50.27 47.33 -91.54
CA ALA DD 143 -49.87 48.36 -92.46
C ALA DD 143 -50.88 48.38 -93.61
N SER DD 144 -50.83 49.45 -94.39
CA SER DD 144 -51.70 49.57 -95.54
C SER DD 144 -50.96 50.34 -96.62
N ILE DD 145 -50.86 49.77 -97.79
CA ILE DD 145 -50.32 50.47 -98.93
C ILE DD 145 -51.46 51.25 -99.56
N HIS DD 146 -51.28 52.56 -99.71
CA HIS DD 146 -52.19 53.34 -100.50
C HIS DD 146 -51.40 53.95 -101.64
N VAL DD 147 -52.01 54.06 -102.80
CA VAL DD 147 -51.35 54.72 -103.91
C VAL DD 147 -52.28 55.85 -104.32
N TYR DD 148 -51.71 56.93 -104.82
CA TYR DD 148 -52.53 58.06 -105.18
C TYR DD 148 -52.19 58.44 -106.62
N PRO DD 149 -52.93 57.96 -107.61
CA PRO DD 149 -52.45 58.01 -108.98
C PRO DD 149 -52.86 59.22 -109.81
N ASN DD 150 -53.63 60.14 -109.27
CA ASN DD 150 -53.74 61.43 -109.93
C ASN DD 150 -52.64 62.38 -109.51
N SER DD 151 -52.04 62.10 -108.36
CA SER DD 151 -50.70 62.55 -108.02
C SER DD 151 -49.74 61.44 -108.43
N GLN DD 152 -48.51 61.47 -107.95
CA GLN DD 152 -47.68 60.26 -108.04
C GLN DD 152 -47.08 60.03 -106.67
N VAL DD 153 -47.88 59.49 -105.73
CA VAL DD 153 -47.34 59.11 -104.42
C VAL DD 153 -47.74 57.67 -104.15
N VAL DD 154 -46.85 56.98 -103.44
CA VAL DD 154 -47.16 55.75 -102.74
C VAL DD 154 -47.00 56.06 -101.27
N GLU DD 155 -48.07 55.94 -100.51
CA GLU DD 155 -47.89 56.07 -99.08
C GLU DD 155 -48.12 54.73 -98.40
N LEU DD 156 -47.49 54.59 -97.25
CA LEU DD 156 -47.55 53.38 -96.48
C LEU DD 156 -47.97 53.80 -95.08
N ARG DD 157 -49.05 53.23 -94.60
CA ARG DD 157 -49.55 53.55 -93.28
C ARG DD 157 -49.21 52.44 -92.34
N TYR DD 158 -48.45 52.75 -91.29
CA TYR DD 158 -48.38 51.81 -90.19
C TYR DD 158 -49.66 51.92 -89.36
N ALA DD 159 -49.95 50.88 -88.61
CA ALA DD 159 -51.20 50.87 -87.87
C ALA DD 159 -51.07 51.68 -86.58
N LYS DD 160 -52.20 51.87 -85.90
CA LYS DD 160 -52.27 52.77 -84.76
C LYS DD 160 -52.23 52.03 -83.44
N ILE DD 161 -51.45 50.96 -83.33
CA ILE DD 161 -51.37 50.19 -82.10
C ILE DD 161 -49.92 49.95 -81.72
N ALA ED 58 -24.20 -39.90 -67.66
CA ALA ED 58 -23.94 -38.52 -67.29
C ALA ED 58 -23.73 -37.67 -68.54
N LEU ED 59 -22.77 -38.10 -69.36
CA LEU ED 59 -22.56 -37.45 -70.65
C LEU ED 59 -23.68 -37.79 -71.63
N LYS ED 60 -24.29 -38.97 -71.46
CA LYS ED 60 -25.48 -39.34 -72.22
C LYS ED 60 -26.68 -38.48 -71.83
N GLU ED 61 -26.83 -38.16 -70.56
CA GLU ED 61 -27.97 -37.35 -70.14
C GLU ED 61 -27.76 -35.88 -70.45
N THR ED 62 -26.50 -35.41 -70.47
CA THR ED 62 -26.30 -34.04 -70.94
C THR ED 62 -26.36 -33.95 -72.46
N ALA ED 63 -26.16 -35.06 -73.17
CA ALA ED 63 -26.48 -35.09 -74.60
C ALA ED 63 -27.98 -35.08 -74.83
N LEU ED 64 -28.73 -35.70 -73.92
CA LEU ED 64 -30.20 -35.72 -74.00
C LEU ED 64 -30.79 -34.34 -73.76
N SER ED 65 -30.27 -33.60 -72.79
CA SER ED 65 -30.70 -32.22 -72.62
C SER ED 65 -30.09 -31.26 -73.63
N VAL ED 66 -29.02 -31.67 -74.32
CA VAL ED 66 -28.59 -30.92 -75.50
C VAL ED 66 -29.62 -31.08 -76.62
N GLY ED 67 -30.16 -32.29 -76.78
CA GLY ED 67 -31.14 -32.53 -77.81
C GLY ED 67 -32.52 -31.99 -77.53
N ALA ED 68 -32.83 -31.75 -76.25
CA ALA ED 68 -34.19 -31.41 -75.83
C ALA ED 68 -34.63 -30.03 -76.28
N GLN ED 69 -33.80 -29.01 -76.02
CA GLN ED 69 -34.20 -27.64 -76.34
C GLN ED 69 -34.10 -27.35 -77.83
N ALA ED 70 -33.21 -28.06 -78.53
CA ALA ED 70 -33.09 -27.92 -79.97
C ALA ED 70 -34.27 -28.57 -80.68
N GLY ED 71 -34.72 -29.74 -80.18
CA GLY ED 71 -35.88 -30.39 -80.76
C GLY ED 71 -37.17 -29.66 -80.45
N LEU ED 72 -37.23 -29.01 -79.29
CA LEU ED 72 -38.40 -28.25 -78.90
C LEU ED 72 -38.52 -26.96 -79.70
N ALA ED 73 -37.38 -26.31 -79.98
CA ALA ED 73 -37.42 -25.08 -80.77
C ALA ED 73 -37.67 -25.35 -82.25
N TRP ED 74 -37.13 -26.46 -82.77
CA TRP ED 74 -37.40 -26.85 -84.15
C TRP ED 74 -38.84 -27.27 -84.34
N ARG ED 75 -39.41 -27.99 -83.36
CA ARG ED 75 -40.81 -28.38 -83.42
C ARG ED 75 -41.74 -27.19 -83.25
N ALA ED 76 -41.30 -26.19 -82.47
CA ALA ED 76 -42.05 -24.94 -82.33
C ALA ED 76 -42.06 -24.14 -83.63
N LYS ED 77 -40.96 -24.17 -84.37
CA LYS ED 77 -40.90 -23.50 -85.67
C LYS ED 77 -41.76 -24.19 -86.72
N ILE ED 78 -41.76 -25.53 -86.71
CA ILE ED 78 -42.57 -26.33 -87.62
C ILE ED 78 -44.06 -26.14 -87.34
N ILE ED 79 -44.40 -26.05 -86.04
CA ILE ED 79 -45.75 -25.75 -85.57
C ILE ED 79 -46.20 -24.35 -85.96
N ASP ED 80 -45.28 -23.37 -85.91
CA ASP ED 80 -45.60 -21.99 -86.25
C ASP ED 80 -45.83 -21.81 -87.74
N GLU ED 81 -45.04 -22.46 -88.59
CA GLU ED 81 -45.28 -22.31 -90.02
C GLU ED 81 -46.44 -23.16 -90.48
N GLN ED 82 -46.76 -24.22 -89.74
CA GLN ED 82 -47.99 -24.94 -90.01
C GLN ED 82 -49.23 -24.16 -89.58
N LEU ED 83 -49.11 -23.35 -88.54
CA LEU ED 83 -50.22 -22.48 -88.16
C LEU ED 83 -50.38 -21.33 -89.13
N ASN ED 84 -49.26 -20.83 -89.66
CA ASN ED 84 -49.33 -19.75 -90.65
C ASN ED 84 -49.76 -20.25 -92.01
N LYS ED 85 -49.59 -21.54 -92.29
CA LYS ED 85 -50.17 -22.11 -93.50
C LYS ED 85 -51.68 -22.18 -93.43
N GLN ED 86 -52.22 -22.35 -92.24
CA GLN ED 86 -53.66 -22.41 -92.04
C GLN ED 86 -54.21 -21.12 -91.47
N ALA ED 87 -53.69 -19.99 -91.93
CA ALA ED 87 -53.95 -18.72 -91.27
C ALA ED 87 -55.33 -18.16 -91.58
N ARG ED 88 -55.81 -18.32 -92.81
CA ARG ED 88 -57.16 -17.86 -93.11
C ARG ED 88 -58.19 -18.84 -92.59
N ASN ED 89 -57.81 -20.10 -92.49
CA ASN ED 89 -58.65 -21.12 -91.90
C ASN ED 89 -58.81 -20.89 -90.41
N LEU ED 90 -57.79 -20.39 -89.74
CA LEU ED 90 -57.88 -20.30 -88.30
C LEU ED 90 -58.61 -19.06 -87.81
N ASP ED 91 -58.58 -17.96 -88.55
CA ASP ED 91 -59.51 -16.90 -88.17
C ASP ED 91 -60.88 -17.11 -88.79
N ALA ED 92 -61.01 -18.06 -89.73
CA ALA ED 92 -62.35 -18.55 -90.02
C ALA ED 92 -62.90 -19.40 -88.87
N ILE ED 93 -62.04 -20.19 -88.21
CA ILE ED 93 -62.51 -21.07 -87.13
C ILE ED 93 -62.76 -20.26 -85.86
N TYR ED 94 -61.75 -19.55 -85.39
CA TYR ED 94 -61.86 -18.85 -84.12
C TYR ED 94 -62.17 -17.39 -84.37
N ASP ED 95 -63.32 -17.18 -84.99
CA ASP ED 95 -63.83 -15.84 -85.21
C ASP ED 95 -64.40 -15.39 -83.88
N PHE ED 96 -63.56 -14.72 -83.10
CA PHE ED 96 -64.04 -14.09 -81.89
C PHE ED 96 -64.79 -12.82 -82.22
N ASN ED 97 -64.46 -12.21 -83.37
CA ASN ED 97 -65.01 -10.93 -83.79
C ASN ED 97 -66.48 -11.01 -84.12
N SER ED 98 -66.95 -12.17 -84.59
CA SER ED 98 -68.37 -12.39 -84.79
C SER ED 98 -69.05 -12.97 -83.56
N LEU ED 99 -68.41 -12.93 -82.41
CA LEU ED 99 -69.04 -13.38 -81.18
C LEU ED 99 -69.01 -12.34 -80.09
N VAL ED 100 -68.44 -11.15 -80.33
CA VAL ED 100 -68.52 -10.09 -79.36
C VAL ED 100 -69.91 -9.48 -79.38
N LEU ED 101 -70.25 -8.80 -78.30
CA LEU ED 101 -71.60 -8.32 -78.15
C LEU ED 101 -71.70 -6.92 -78.75
N GLU ED 102 -72.86 -6.29 -78.57
CA GLU ED 102 -73.23 -5.12 -79.36
C GLU ED 102 -72.54 -3.85 -78.91
N HIS ED 103 -71.91 -3.83 -77.75
CA HIS ED 103 -71.21 -2.65 -77.30
C HIS ED 103 -69.72 -2.92 -77.22
N ASN ED 104 -69.26 -3.87 -78.03
CA ASN ED 104 -67.94 -4.51 -77.99
C ASN ED 104 -67.60 -5.01 -76.61
N ILE ED 105 -68.47 -5.85 -76.09
CA ILE ED 105 -68.23 -6.57 -74.86
C ILE ED 105 -67.86 -7.99 -75.24
N LEU ED 106 -66.69 -8.42 -74.79
CA LEU ED 106 -66.33 -9.81 -74.91
C LEU ED 106 -67.21 -10.61 -73.96
N PRO ED 107 -67.91 -11.63 -74.47
CA PRO ED 107 -68.80 -12.42 -73.64
C PRO ED 107 -68.01 -13.33 -72.72
N PRO ED 108 -68.58 -13.76 -71.59
CA PRO ED 108 -67.78 -14.58 -70.67
C PRO ED 108 -67.72 -16.03 -71.15
N VAL ED 109 -66.85 -16.81 -70.53
CA VAL ED 109 -66.80 -18.22 -70.92
C VAL ED 109 -67.64 -18.99 -69.92
N LEU ED 110 -68.48 -19.85 -70.43
CA LEU ED 110 -69.32 -20.64 -69.56
C LEU ED 110 -68.88 -22.07 -69.72
N LEU ED 111 -68.59 -22.72 -68.62
CA LEU ED 111 -68.13 -24.09 -68.67
C LEU ED 111 -69.27 -24.99 -68.25
N GLU ED 112 -69.47 -26.05 -69.03
CA GLU ED 112 -70.53 -27.01 -68.84
C GLU ED 112 -69.93 -28.29 -68.31
N GLY ED 113 -70.48 -28.81 -67.22
CA GLY ED 113 -70.09 -30.13 -66.77
C GLY ED 113 -71.29 -31.01 -66.55
N ARG ED 114 -71.36 -32.12 -67.26
CA ARG ED 114 -72.46 -33.04 -67.10
C ARG ED 114 -72.07 -34.15 -66.15
N ASN ED 115 -73.08 -34.64 -65.41
CA ASN ED 115 -73.05 -35.83 -64.53
C ASN ED 115 -72.03 -35.71 -63.40
N THR ED 116 -72.12 -34.62 -62.67
CA THR ED 116 -71.09 -34.30 -61.68
C THR ED 116 -71.36 -35.08 -60.42
N LEU ED 117 -70.31 -35.67 -59.86
CA LEU ED 117 -70.41 -36.43 -58.63
C LEU ED 117 -69.17 -36.18 -57.79
N ASN ED 118 -69.38 -35.78 -56.54
CA ASN ED 118 -68.32 -35.72 -55.55
C ASN ED 118 -68.62 -36.68 -54.43
N LEU ED 119 -67.74 -37.62 -54.22
CA LEU ED 119 -67.76 -38.47 -53.05
C LEU ED 119 -66.97 -37.76 -51.95
N ALA ED 120 -67.66 -37.27 -50.93
CA ALA ED 120 -66.95 -36.47 -49.95
C ALA ED 120 -66.26 -37.35 -48.92
N ASP ED 121 -66.91 -38.44 -48.52
CA ASP ED 121 -66.37 -39.31 -47.50
C ASP ED 121 -66.90 -40.70 -47.78
N ALA ED 122 -66.87 -41.54 -46.75
CA ALA ED 122 -67.49 -42.86 -46.81
C ALA ED 122 -69.00 -42.76 -46.90
N GLN ED 123 -69.61 -41.77 -46.27
CA GLN ED 123 -71.03 -41.80 -46.02
C GLN ED 123 -71.84 -40.75 -46.76
N SER ED 124 -71.22 -39.87 -47.54
CA SER ED 124 -72.00 -38.86 -48.24
C SER ED 124 -71.40 -38.55 -49.59
N ILE ED 125 -72.24 -38.62 -50.61
CA ILE ED 125 -71.87 -38.15 -51.93
C ILE ED 125 -72.83 -37.06 -52.31
N ARG ED 126 -72.52 -36.38 -53.40
CA ARG ED 126 -73.39 -35.33 -53.91
C ARG ED 126 -73.27 -35.29 -55.42
N ILE ED 127 -74.37 -35.52 -56.08
CA ILE ED 127 -74.44 -35.47 -57.52
C ILE ED 127 -75.08 -34.14 -57.88
N SER ED 128 -74.77 -33.68 -59.07
CA SER ED 128 -75.60 -32.74 -59.80
C SER ED 128 -75.63 -33.26 -61.21
N ASP ED 129 -76.65 -32.88 -61.96
CA ASP ED 129 -76.60 -33.33 -63.35
C ASP ED 129 -75.72 -32.43 -64.19
N ARG ED 130 -76.11 -31.18 -64.39
CA ARG ED 130 -75.20 -30.24 -65.05
C ARG ED 130 -74.78 -29.16 -64.09
N THR ED 131 -73.61 -28.60 -64.37
CA THR ED 131 -73.01 -27.54 -63.61
C THR ED 131 -72.49 -26.52 -64.60
N TYR ED 132 -72.90 -25.28 -64.42
CA TYR ED 132 -72.52 -24.21 -65.31
C TYR ED 132 -71.73 -23.18 -64.53
N LYS ED 133 -70.51 -22.94 -64.94
CA LYS ED 133 -69.67 -21.97 -64.25
C LYS ED 133 -69.30 -20.82 -65.18
N VAL ED 134 -69.45 -19.61 -64.68
CA VAL ED 134 -68.94 -18.43 -65.37
C VAL ED 134 -67.47 -18.29 -65.01
N ALA ED 135 -66.60 -18.37 -66.00
CA ALA ED 135 -65.23 -17.93 -65.85
C ALA ED 135 -65.01 -16.82 -66.86
N LYS ED 136 -63.96 -16.03 -66.62
CA LYS ED 136 -63.35 -15.07 -67.56
C LYS ED 136 -64.35 -14.00 -68.01
N GLN ED 137 -64.81 -13.23 -67.03
CA GLN ED 137 -66.10 -12.55 -67.05
C GLN ED 137 -66.15 -11.43 -68.08
N ALA ED 138 -67.38 -11.05 -68.43
CA ALA ED 138 -67.65 -10.25 -69.61
C ALA ED 138 -67.20 -8.82 -69.46
N HIS ED 139 -66.49 -8.34 -70.46
CA HIS ED 139 -65.76 -7.12 -70.22
C HIS ED 139 -65.56 -6.38 -71.52
N PHE ED 140 -65.18 -5.12 -71.40
CA PHE ED 140 -65.08 -4.23 -72.55
C PHE ED 140 -63.85 -4.59 -73.35
N ILE ED 141 -64.02 -4.89 -74.61
CA ILE ED 141 -62.90 -5.18 -75.46
C ILE ED 141 -62.74 -4.04 -76.44
N THR ED 142 -61.51 -3.80 -76.88
CA THR ED 142 -61.27 -2.79 -77.88
C THR ED 142 -61.04 -3.44 -79.23
N THR ED 143 -60.13 -4.40 -79.28
CA THR ED 143 -60.00 -5.27 -80.41
C THR ED 143 -60.22 -6.70 -79.94
N PRO ED 144 -60.94 -7.53 -80.70
CA PRO ED 144 -61.23 -8.89 -80.26
C PRO ED 144 -60.01 -9.79 -80.39
N PRO ED 145 -59.96 -10.91 -79.67
CA PRO ED 145 -58.80 -11.79 -79.78
C PRO ED 145 -58.72 -12.54 -81.09
N THR ED 146 -57.50 -12.79 -81.51
CA THR ED 146 -57.25 -13.65 -82.64
C THR ED 146 -56.95 -15.03 -82.09
N TRP ED 147 -56.47 -15.94 -82.95
CA TRP ED 147 -55.94 -17.17 -82.39
C TRP ED 147 -54.54 -16.97 -81.85
N ARG ED 148 -53.83 -15.96 -82.31
CA ARG ED 148 -52.38 -15.94 -82.16
C ARG ED 148 -51.91 -15.54 -80.78
N GLN ED 149 -52.78 -15.02 -79.91
CA GLN ED 149 -52.38 -14.92 -78.52
C GLN ED 149 -52.52 -16.24 -77.81
N TYR ED 150 -53.30 -17.15 -78.36
CA TYR ED 150 -53.51 -18.45 -77.75
C TYR ED 150 -52.57 -19.50 -78.31
N LEU ED 151 -52.30 -19.45 -79.60
CA LEU ED 151 -51.79 -20.61 -80.30
C LEU ED 151 -50.38 -20.47 -80.82
N TRP ED 152 -49.81 -19.28 -80.80
CA TRP ED 152 -48.48 -19.07 -81.36
C TRP ED 152 -47.45 -19.60 -80.38
N MET ED 153 -46.64 -20.54 -80.83
CA MET ED 153 -45.60 -21.07 -79.97
C MET ED 153 -44.38 -20.17 -80.07
N ASP ED 154 -43.67 -20.07 -78.96
CA ASP ED 154 -42.59 -19.10 -78.87
C ASP ED 154 -41.33 -19.66 -79.51
N TYR ED 155 -40.92 -19.05 -80.61
CA TYR ED 155 -39.78 -19.55 -81.36
C TYR ED 155 -38.59 -18.63 -81.16
N VAL ED 156 -37.55 -19.18 -80.57
CA VAL ED 156 -36.23 -18.62 -80.65
C VAL ED 156 -35.31 -19.73 -81.13
N LYS ED 157 -34.37 -19.40 -82.03
CA LYS ED 157 -33.37 -20.34 -82.52
C LYS ED 157 -32.22 -20.32 -81.52
N PRO ED 158 -31.97 -21.43 -80.81
CA PRO ED 158 -30.86 -21.42 -79.84
C PRO ED 158 -29.52 -21.59 -80.55
N GLU ED 159 -28.53 -20.85 -80.09
CA GLU ED 159 -27.16 -20.96 -80.56
C GLU ED 159 -26.28 -21.72 -79.58
N ALA ED 160 -26.81 -22.74 -78.94
CA ALA ED 160 -26.10 -23.37 -77.83
C ALA ED 160 -25.76 -24.82 -78.18
N PRO ED 161 -24.51 -25.13 -78.56
CA PRO ED 161 -24.12 -26.52 -78.77
C PRO ED 161 -23.84 -27.23 -77.45
N LYS ED 173 -19.64 -39.89 -78.11
CA LYS ED 173 -19.96 -39.58 -79.49
C LYS ED 173 -21.12 -40.45 -79.99
N GLU ED 174 -21.06 -41.76 -79.75
CA GLU ED 174 -22.09 -42.66 -80.23
C GLU ED 174 -23.30 -42.68 -79.30
N ILE ED 175 -23.06 -42.65 -77.98
CA ILE ED 175 -24.16 -42.52 -77.03
C ILE ED 175 -24.64 -41.09 -76.96
N TRP ED 176 -23.77 -40.13 -77.32
CA TRP ED 176 -24.17 -38.75 -77.61
C TRP ED 176 -25.18 -38.70 -78.74
N CYS ED 177 -24.94 -39.50 -79.80
CA CYS ED 177 -25.82 -39.49 -80.97
C CYS ED 177 -27.17 -40.11 -80.68
N ILE ED 178 -27.19 -41.29 -80.02
CA ILE ED 178 -28.49 -41.92 -79.78
C ILE ED 178 -29.24 -41.27 -78.60
N TYR ED 179 -28.54 -40.70 -77.62
CA TYR ED 179 -29.25 -40.02 -76.56
C TYR ED 179 -29.63 -38.62 -76.96
N THR ED 180 -28.94 -38.02 -77.92
CA THR ED 180 -29.39 -36.73 -78.41
C THR ED 180 -30.56 -36.89 -79.37
N GLU ED 181 -30.71 -38.05 -80.01
CA GLU ED 181 -31.95 -38.24 -80.75
C GLU ED 181 -33.11 -38.65 -79.86
N ARG ED 182 -32.82 -39.27 -78.71
CA ARG ED 182 -33.85 -39.47 -77.68
C ARG ED 182 -34.29 -38.14 -77.07
N GLY ED 183 -33.33 -37.22 -76.88
CA GLY ED 183 -33.68 -35.87 -76.43
C GLY ED 183 -34.41 -35.06 -77.47
N TRP ED 184 -34.12 -35.30 -78.75
CA TRP ED 184 -34.80 -34.64 -79.87
C TRP ED 184 -36.26 -35.07 -79.96
N LYS ED 185 -36.52 -36.36 -79.73
CA LYS ED 185 -37.91 -36.83 -79.69
C LYS ED 185 -38.64 -36.35 -78.43
N ASN ED 186 -37.91 -36.17 -77.33
CA ASN ED 186 -38.51 -35.60 -76.13
C ASN ED 186 -38.83 -34.13 -76.29
N GLY ED 187 -38.03 -33.40 -77.07
CA GLY ED 187 -38.35 -32.01 -77.32
C GLY ED 187 -39.50 -31.84 -78.28
N ILE ED 188 -39.63 -32.79 -79.22
CA ILE ED 188 -40.74 -32.81 -80.17
C ILE ED 188 -42.06 -33.08 -79.46
N ASP ED 189 -42.10 -34.07 -78.56
CA ASP ED 189 -43.36 -34.32 -77.86
C ASP ED 189 -43.61 -33.34 -76.73
N GLN ED 190 -42.57 -32.63 -76.27
CA GLN ED 190 -42.73 -31.52 -75.34
C GLN ED 190 -43.47 -30.35 -75.98
N ALA ED 191 -43.05 -29.97 -77.19
CA ALA ED 191 -43.73 -28.89 -77.90
C ALA ED 191 -45.11 -29.31 -78.42
N ASN ED 192 -45.29 -30.61 -78.67
CA ASN ED 192 -46.61 -31.11 -79.03
C ASN ED 192 -47.58 -31.09 -77.87
N THR ED 193 -47.10 -31.33 -76.64
CA THR ED 193 -47.97 -31.21 -75.48
C THR ED 193 -48.29 -29.76 -75.14
N ILE ED 194 -47.35 -28.84 -75.44
CA ILE ED 194 -47.60 -27.41 -75.26
C ILE ED 194 -48.66 -26.91 -76.24
N LEU ED 195 -48.61 -27.42 -77.48
CA LEU ED 195 -49.63 -27.10 -78.49
C LEU ED 195 -50.98 -27.72 -78.16
N GLU ED 196 -50.98 -28.91 -77.54
CA GLU ED 196 -52.20 -29.58 -77.11
C GLU ED 196 -52.90 -28.82 -75.99
N GLU ED 197 -52.12 -28.24 -75.08
CA GLU ED 197 -52.66 -27.35 -74.07
C GLU ED 197 -53.16 -26.03 -74.63
N ASN ED 198 -52.48 -25.49 -75.65
CA ASN ED 198 -52.86 -24.18 -76.19
C ASN ED 198 -54.11 -24.28 -77.05
N ILE ED 199 -54.21 -25.39 -77.79
CA ILE ED 199 -55.39 -25.80 -78.54
C ILE ED 199 -56.57 -26.00 -77.62
N ALA ED 200 -56.31 -26.55 -76.44
CA ALA ED 200 -57.36 -26.78 -75.48
C ALA ED 200 -57.81 -25.51 -74.80
N ARG ED 201 -56.90 -24.55 -74.66
CA ARG ED 201 -57.25 -23.27 -74.04
C ARG ED 201 -58.11 -22.41 -74.95
N ILE ED 202 -57.78 -22.39 -76.25
CA ILE ED 202 -58.62 -21.64 -77.17
C ILE ED 202 -59.95 -22.36 -77.43
N LYS ED 203 -59.96 -23.70 -77.32
CA LYS ED 203 -61.19 -24.48 -77.41
C LYS ED 203 -62.09 -24.25 -76.21
N GLU ED 204 -61.48 -24.04 -75.04
CA GLU ED 204 -62.22 -23.71 -73.82
C GLU ED 204 -62.87 -22.34 -73.90
N ASP ED 205 -62.10 -21.32 -74.32
CA ASP ED 205 -62.63 -19.95 -74.31
C ASP ED 205 -63.62 -19.71 -75.45
N PHE ED 206 -63.38 -20.34 -76.60
CA PHE ED 206 -64.31 -20.20 -77.70
C PHE ED 206 -65.59 -21.00 -77.49
N GLY ED 207 -65.50 -22.20 -76.92
CA GLY ED 207 -66.70 -22.96 -76.61
C GLY ED 207 -67.47 -22.39 -75.44
N GLY ED 208 -66.77 -21.67 -74.56
CA GLY ED 208 -67.44 -20.93 -73.51
C GLY ED 208 -68.23 -19.75 -74.02
N MET ED 209 -67.70 -19.04 -75.03
CA MET ED 209 -68.49 -17.94 -75.59
C MET ED 209 -69.64 -18.42 -76.46
N ILE ED 210 -69.44 -19.57 -77.11
CA ILE ED 210 -70.48 -20.22 -77.91
C ILE ED 210 -71.61 -20.71 -77.01
N LEU ED 211 -71.27 -21.29 -75.87
CA LEU ED 211 -72.36 -21.75 -75.02
C LEU ED 211 -72.86 -20.64 -74.11
N TYR ED 212 -72.17 -19.49 -74.07
CA TYR ED 212 -72.83 -18.28 -73.56
C TYR ED 212 -73.96 -17.86 -74.48
N ARG ED 213 -73.71 -17.90 -75.79
CA ARG ED 213 -74.76 -17.58 -76.75
C ARG ED 213 -75.89 -18.60 -76.75
N LYS ED 214 -75.55 -19.86 -76.44
CA LYS ED 214 -76.56 -20.90 -76.25
C LYS ED 214 -77.41 -20.66 -75.00
N LEU ED 215 -76.79 -20.35 -73.86
CA LEU ED 215 -77.61 -20.13 -72.68
C LEU ED 215 -78.25 -18.76 -72.62
N LEU ED 216 -77.77 -17.81 -73.42
CA LEU ED 216 -78.51 -16.58 -73.58
C LEU ED 216 -79.72 -16.80 -74.46
N ALA ED 217 -79.59 -17.69 -75.45
CA ALA ED 217 -80.73 -18.06 -76.25
C ALA ED 217 -81.69 -18.95 -75.46
N MET ED 218 -81.18 -19.72 -74.52
CA MET ED 218 -82.02 -20.54 -73.65
C MET ED 218 -82.43 -19.83 -72.39
N ASN ED 219 -82.08 -18.55 -72.26
CA ASN ED 219 -82.47 -17.63 -71.17
C ASN ED 219 -81.95 -18.09 -69.81
N MET ED 220 -80.78 -18.72 -69.80
CA MET ED 220 -80.18 -19.13 -68.54
C MET ED 220 -79.23 -18.10 -67.98
N VAL ED 221 -78.75 -17.17 -68.80
CA VAL ED 221 -77.89 -16.10 -68.33
C VAL ED 221 -78.49 -14.76 -68.69
N SER ED 222 -78.13 -13.77 -67.95
CA SER ED 222 -78.55 -12.42 -68.26
C SER ED 222 -77.61 -11.81 -69.30
N PRO ED 223 -78.13 -11.02 -70.23
CA PRO ED 223 -77.25 -10.23 -71.08
C PRO ED 223 -76.68 -9.07 -70.30
N PRO ED 224 -75.51 -8.54 -70.68
CA PRO ED 224 -74.97 -7.40 -69.94
C PRO ED 224 -75.70 -6.12 -70.29
N TYR ED 225 -75.78 -5.26 -69.31
CA TYR ED 225 -76.50 -4.00 -69.46
C TYR ED 225 -75.46 -2.90 -69.45
N VAL ED 226 -75.49 -2.09 -70.49
CA VAL ED 226 -74.66 -0.91 -70.50
C VAL ED 226 -75.52 0.31 -70.22
N SER ED 227 -74.90 1.29 -69.57
CA SER ED 227 -75.47 2.60 -69.36
C SER ED 227 -74.51 3.57 -70.04
N HIS ED 228 -74.90 4.06 -71.19
CA HIS ED 228 -74.17 5.13 -71.84
C HIS ED 228 -74.76 6.44 -71.33
N THR ED 229 -74.13 7.03 -70.33
CA THR ED 229 -74.55 8.35 -69.90
C THR ED 229 -73.82 9.34 -70.79
N ASP ED 230 -74.59 10.18 -71.47
CA ASP ED 230 -74.03 11.13 -72.40
C ASP ED 230 -73.72 12.40 -71.62
N LEU ED 231 -72.61 13.02 -71.97
CA LEU ED 231 -72.25 14.35 -71.51
C LEU ED 231 -72.01 15.20 -72.73
N GLY ED 232 -72.31 16.47 -72.63
CA GLY ED 232 -72.10 17.34 -73.77
C GLY ED 232 -70.67 17.82 -73.91
N VAL ED 233 -70.52 19.09 -74.16
CA VAL ED 233 -69.19 19.68 -74.29
C VAL ED 233 -68.58 19.86 -72.90
N THR ED 234 -67.44 19.23 -72.70
CA THR ED 234 -66.97 18.92 -71.37
C THR ED 234 -65.55 19.41 -71.20
N GLY ED 235 -65.28 20.05 -70.09
CA GLY ED 235 -63.94 20.49 -69.77
C GLY ED 235 -63.86 22.00 -69.70
N ASP ED 236 -62.66 22.47 -69.41
CA ASP ED 236 -62.41 23.88 -69.15
C ASP ED 236 -62.05 24.58 -70.46
N GLY ED 237 -61.49 25.78 -70.35
CA GLY ED 237 -61.08 26.53 -71.54
C GLY ED 237 -59.88 25.98 -72.25
N SER ED 238 -59.06 25.16 -71.60
CA SER ED 238 -57.88 24.62 -72.25
C SER ED 238 -58.11 23.24 -72.83
N GLU ED 239 -59.24 22.62 -72.55
CA GLU ED 239 -59.51 21.25 -72.99
C GLU ED 239 -61.00 21.10 -73.20
N ILE ED 240 -61.43 20.83 -74.43
CA ILE ED 240 -62.81 20.41 -74.57
C ILE ED 240 -62.86 19.04 -75.19
N HIS ED 241 -63.89 18.29 -74.83
CA HIS ED 241 -64.28 17.06 -75.50
C HIS ED 241 -65.75 17.21 -75.84
N ILE ED 242 -66.08 17.04 -77.11
CA ILE ED 242 -67.30 17.62 -77.64
C ILE ED 242 -68.52 16.75 -77.36
N ASP ED 243 -68.48 15.49 -77.74
CA ASP ED 243 -69.58 14.58 -77.41
C ASP ED 243 -68.98 13.51 -76.52
N ASP ED 244 -69.19 13.63 -75.21
CA ASP ED 244 -68.46 12.85 -74.23
C ASP ED 244 -69.39 11.80 -73.65
N ARG ED 245 -69.43 10.63 -74.27
CA ARG ED 245 -70.30 9.59 -73.79
C ARG ED 245 -69.47 8.64 -72.94
N VAL ED 246 -69.89 8.39 -71.71
CA VAL ED 246 -69.19 7.43 -70.86
C VAL ED 246 -70.09 6.21 -70.71
N LEU ED 247 -69.54 5.05 -71.07
CA LEU ED 247 -70.28 3.82 -71.23
C LEU ED 247 -69.86 2.87 -70.14
N ARG ED 248 -70.81 2.43 -69.33
CA ARG ED 248 -70.50 1.55 -68.22
C ARG ED 248 -71.27 0.25 -68.36
N ILE ED 249 -70.64 -0.83 -67.92
CA ILE ED 249 -71.34 -2.08 -67.71
C ILE ED 249 -71.86 -2.05 -66.29
N THR ED 250 -73.17 -2.02 -66.15
CA THR ED 250 -73.76 -2.04 -64.83
C THR ED 250 -74.03 -3.47 -64.38
N ALA ED 251 -74.67 -4.24 -65.25
CA ALA ED 251 -75.01 -5.62 -64.94
C ALA ED 251 -74.00 -6.52 -65.60
N LEU ED 252 -73.32 -7.31 -64.81
CA LEU ED 252 -72.53 -8.36 -65.41
C LEU ED 252 -73.43 -9.53 -65.78
N PRO ED 253 -73.05 -10.32 -66.79
CA PRO ED 253 -73.80 -11.53 -67.09
C PRO ED 253 -73.63 -12.57 -66.00
N GLU ED 254 -74.75 -13.15 -65.61
CA GLU ED 254 -74.76 -14.16 -64.57
C GLU ED 254 -75.86 -15.13 -64.88
N LEU ED 255 -75.75 -16.31 -64.31
CA LEU ED 255 -76.76 -17.34 -64.50
C LEU ED 255 -77.95 -17.01 -63.61
N ASN ED 256 -79.14 -16.94 -64.19
CA ASN ED 256 -80.31 -16.80 -63.35
C ASN ED 256 -80.65 -18.18 -62.80
N VAL ED 257 -81.11 -18.19 -61.55
CA VAL ED 257 -81.41 -19.44 -60.87
C VAL ED 257 -82.89 -19.70 -60.83
N ASN ED 258 -83.70 -18.79 -61.35
CA ASN ED 258 -85.13 -18.98 -61.41
C ASN ED 258 -85.40 -19.76 -62.68
N SER ED 259 -85.52 -21.08 -62.54
CA SER ED 259 -85.42 -21.96 -63.70
C SER ED 259 -86.73 -22.09 -64.47
N ALA ED 260 -87.81 -21.48 -63.98
CA ALA ED 260 -89.04 -21.39 -64.75
C ALA ED 260 -88.92 -20.40 -65.90
N GLU ED 261 -87.96 -19.48 -65.86
CA GLU ED 261 -87.71 -18.52 -66.92
C GLU ED 261 -86.75 -19.03 -67.98
N TRP ED 262 -86.54 -20.34 -68.06
CA TRP ED 262 -85.61 -20.85 -69.06
C TRP ED 262 -86.38 -21.12 -70.34
N ARG ED 263 -85.66 -21.38 -71.43
CA ARG ED 263 -86.27 -21.61 -72.73
C ARG ED 263 -85.69 -22.88 -73.32
N ALA ED 264 -86.53 -23.87 -73.55
CA ALA ED 264 -86.10 -25.18 -73.98
C ALA ED 264 -86.41 -25.31 -75.44
N ALA ED 265 -85.41 -25.11 -76.28
CA ALA ED 265 -85.71 -24.98 -77.69
C ALA ED 265 -85.40 -26.28 -78.44
N VAL ED 266 -86.46 -26.98 -78.87
CA VAL ED 266 -86.27 -28.22 -79.60
C VAL ED 266 -86.30 -27.94 -81.10
N ALA ED 267 -85.68 -28.84 -81.85
CA ALA ED 267 -85.54 -28.60 -83.29
C ALA ED 267 -86.37 -29.63 -84.03
N LYS ED 268 -86.22 -29.65 -85.34
CA LYS ED 268 -86.97 -30.55 -86.18
C LYS ED 268 -86.20 -30.92 -87.44
N PHE FD 25 -51.17 -27.64 -119.84
CA PHE FD 25 -51.25 -28.34 -118.55
C PHE FD 25 -51.45 -27.37 -117.38
N LYS FD 26 -52.25 -27.80 -116.42
CA LYS FD 26 -52.58 -26.99 -115.27
C LYS FD 26 -51.92 -27.55 -114.03
N LYS FD 27 -52.12 -26.84 -112.93
CA LYS FD 27 -51.59 -27.19 -111.64
C LYS FD 27 -52.74 -27.36 -110.66
N PRO FD 28 -52.52 -28.03 -109.52
CA PRO FD 28 -53.48 -27.98 -108.42
C PRO FD 28 -53.47 -26.63 -107.74
N PRO FD 29 -54.46 -26.34 -106.88
CA PRO FD 29 -54.40 -25.13 -106.05
C PRO FD 29 -53.27 -25.13 -105.04
N ILE FD 30 -52.84 -23.92 -104.69
CA ILE FD 30 -51.51 -23.75 -104.08
C ILE FD 30 -51.57 -24.06 -102.59
N ASN FD 31 -52.47 -23.43 -101.88
CA ASN FD 31 -52.77 -23.82 -100.51
C ASN FD 31 -54.01 -24.70 -100.50
N ASN FD 32 -53.96 -25.77 -101.29
CA ASN FD 32 -55.06 -26.71 -101.34
C ASN FD 32 -55.02 -27.60 -100.11
N PRO FD 33 -56.17 -27.99 -99.61
CA PRO FD 33 -56.18 -29.13 -98.68
C PRO FD 33 -55.94 -30.42 -99.42
N SER FD 34 -54.68 -30.78 -99.62
CA SER FD 34 -54.32 -32.04 -100.28
C SER FD 34 -53.80 -33.02 -99.25
N ASP FD 35 -54.28 -32.89 -98.03
CA ASP FD 35 -53.69 -33.56 -96.89
C ASP FD 35 -54.80 -33.90 -95.92
N ASP FD 36 -54.68 -35.08 -95.29
CA ASP FD 36 -55.81 -35.75 -94.63
C ASP FD 36 -56.26 -35.06 -93.35
N ALA FD 37 -55.39 -34.26 -92.74
CA ALA FD 37 -55.81 -33.39 -91.66
C ALA FD 37 -56.43 -32.11 -92.18
N THR FD 38 -55.86 -31.56 -93.24
CA THR FD 38 -56.24 -30.23 -93.69
C THR FD 38 -57.55 -30.22 -94.45
N ILE FD 39 -57.98 -31.35 -95.00
CA ILE FD 39 -59.34 -31.44 -95.54
C ILE FD 39 -60.37 -31.36 -94.43
N LYS FD 40 -60.10 -31.97 -93.27
CA LYS FD 40 -61.02 -31.91 -92.16
C LYS FD 40 -60.99 -30.56 -91.48
N LEU FD 41 -59.81 -29.93 -91.47
CA LEU FD 41 -59.65 -28.59 -90.90
C LEU FD 41 -60.33 -27.53 -91.75
N ALA FD 42 -60.22 -27.63 -93.07
CA ALA FD 42 -60.86 -26.62 -93.88
C ALA FD 42 -62.33 -26.91 -94.13
N GLU FD 43 -62.77 -28.18 -94.03
CA GLU FD 43 -64.20 -28.46 -94.01
C GLU FD 43 -64.86 -27.98 -92.73
N ALA FD 44 -64.09 -28.03 -91.63
CA ALA FD 44 -64.53 -27.43 -90.38
C ALA FD 44 -64.63 -25.92 -90.50
N ALA FD 45 -63.74 -25.30 -91.28
CA ALA FD 45 -63.81 -23.85 -91.55
C ALA FD 45 -65.04 -23.46 -92.36
N VAL FD 46 -65.37 -24.26 -93.39
CA VAL FD 46 -66.61 -24.10 -94.17
C VAL FD 46 -67.87 -24.25 -93.32
N SER FD 47 -67.89 -25.25 -92.42
CA SER FD 47 -69.02 -25.50 -91.55
C SER FD 47 -69.17 -24.43 -90.48
N VAL FD 48 -68.07 -23.91 -89.96
CA VAL FD 48 -68.18 -22.90 -88.91
C VAL FD 48 -68.51 -21.54 -89.52
N SER FD 49 -68.16 -21.33 -90.80
CA SER FD 49 -68.48 -20.05 -91.40
C SER FD 49 -69.93 -19.99 -91.85
N ASP FD 50 -70.49 -21.10 -92.36
CA ASP FD 50 -71.89 -20.96 -92.74
C ASP FD 50 -72.84 -21.17 -91.55
N SER FD 51 -72.42 -21.91 -90.52
CA SER FD 51 -73.24 -21.93 -89.32
C SER FD 51 -73.14 -20.64 -88.52
N MET FD 52 -72.01 -19.95 -88.57
CA MET FD 52 -71.90 -18.63 -87.97
C MET FD 52 -72.62 -17.59 -88.81
N LEU FD 53 -72.71 -17.81 -90.12
CA LEU FD 53 -73.52 -16.97 -90.98
C LEU FD 53 -75.00 -17.13 -90.71
N GLU FD 54 -75.45 -18.36 -90.40
CA GLU FD 54 -76.84 -18.54 -89.99
C GLU FD 54 -77.12 -18.00 -88.59
N MET FD 55 -76.11 -18.00 -87.72
CA MET FD 55 -76.19 -17.26 -86.46
C MET FD 55 -76.32 -15.75 -86.69
N ALA FD 56 -75.59 -15.23 -87.67
CA ALA FD 56 -75.70 -13.83 -88.02
C ALA FD 56 -77.02 -13.50 -88.72
N LYS FD 57 -77.59 -14.49 -89.42
CA LYS FD 57 -78.87 -14.33 -90.09
C LYS FD 57 -79.99 -14.25 -89.10
N VAL FD 58 -79.93 -15.03 -88.03
CA VAL FD 58 -81.00 -14.93 -87.05
C VAL FD 58 -80.76 -13.75 -86.11
N GLU FD 59 -79.51 -13.37 -85.84
CA GLU FD 59 -79.28 -12.28 -84.89
C GLU FD 59 -79.35 -10.90 -85.52
N LYS FD 60 -79.15 -10.78 -86.82
CA LYS FD 60 -79.19 -9.50 -87.51
C LYS FD 60 -80.65 -9.10 -87.65
N VAL FD 61 -81.08 -8.15 -86.82
CA VAL FD 61 -82.41 -7.58 -86.96
C VAL FD 61 -82.29 -6.47 -87.99
N ILE FD 62 -83.35 -6.26 -88.75
CA ILE FD 62 -83.28 -5.47 -89.94
C ILE FD 62 -84.10 -4.20 -89.78
N THR FD 63 -84.14 -3.41 -90.83
CA THR FD 63 -85.28 -2.55 -91.08
C THR FD 63 -85.82 -2.88 -92.46
N PRO FD 64 -87.14 -2.94 -92.62
CA PRO FD 64 -87.69 -2.89 -93.97
C PRO FD 64 -87.60 -1.46 -94.50
N PRO FD 65 -87.42 -1.29 -95.82
CA PRO FD 65 -87.23 0.06 -96.35
C PRO FD 65 -88.51 0.84 -96.52
N SER FD 66 -89.67 0.21 -96.34
CA SER FD 66 -90.92 0.95 -96.34
C SER FD 66 -91.20 1.54 -94.98
N LYS FD 67 -90.56 1.01 -93.94
CA LYS FD 67 -90.76 1.46 -92.57
C LYS FD 67 -89.41 1.78 -91.94
N ASP FD 68 -88.61 2.55 -92.66
CA ASP FD 68 -87.22 2.69 -92.27
C ASP FD 68 -86.91 3.99 -91.56
N ASN FD 69 -87.87 4.96 -91.55
CA ASN FD 69 -87.99 6.16 -90.70
C ASN FD 69 -87.01 7.30 -91.07
N THR FD 70 -85.95 7.02 -91.81
CA THR FD 70 -84.92 7.98 -92.16
C THR FD 70 -85.38 8.89 -93.28
N LEU FD 71 -84.63 9.98 -93.46
CA LEU FD 71 -84.99 10.99 -94.44
C LEU FD 71 -84.63 10.54 -95.85
N THR FD 72 -85.57 10.71 -96.77
CA THR FD 72 -85.29 10.48 -98.17
C THR FD 72 -84.63 11.71 -98.77
N ILE FD 73 -84.09 11.54 -99.97
CA ILE FD 73 -83.47 12.66 -100.67
C ILE FD 73 -84.56 13.54 -101.27
N PRO FD 74 -84.64 14.81 -100.88
CA PRO FD 74 -85.78 15.66 -101.28
C PRO FD 74 -85.74 16.18 -102.72
N ASN FD 75 -84.64 15.96 -103.45
CA ASN FD 75 -84.47 16.10 -104.90
C ASN FD 75 -84.60 17.55 -105.43
N ALA FD 76 -84.60 18.55 -104.55
CA ALA FD 76 -84.63 19.94 -104.98
C ALA FD 76 -83.25 20.38 -105.47
N TYR FD 77 -83.28 21.25 -106.49
CA TYR FD 77 -82.08 21.61 -107.24
C TYR FD 77 -81.16 22.50 -106.43
N ASN FD 78 -81.70 23.27 -105.49
CA ASN FD 78 -80.86 23.97 -104.53
C ASN FD 78 -80.27 23.01 -103.51
N LEU FD 79 -80.94 21.90 -103.23
CA LEU FD 79 -80.37 20.90 -102.34
C LEU FD 79 -79.44 19.93 -103.04
N GLN FD 80 -79.33 20.00 -104.37
CA GLN FD 80 -78.41 19.15 -105.10
C GLN FD 80 -77.05 19.80 -105.32
N ALA FD 81 -76.63 20.71 -104.45
CA ALA FD 81 -75.33 21.35 -104.60
C ALA FD 81 -74.28 20.55 -103.84
N ARG FD 82 -73.15 20.34 -104.49
CA ARG FD 82 -72.05 19.61 -103.86
C ARG FD 82 -71.35 20.53 -102.87
N ALA FD 83 -71.69 20.37 -101.59
CA ALA FD 83 -71.16 21.20 -100.53
C ALA FD 83 -69.93 20.53 -99.95
N SER FD 84 -69.46 21.10 -98.84
CA SER FD 84 -68.33 20.59 -98.09
C SER FD 84 -68.45 21.10 -96.67
N VAL FD 85 -68.33 20.21 -95.70
CA VAL FD 85 -68.47 20.64 -94.31
C VAL FD 85 -67.57 19.80 -93.42
N ASP FD 86 -67.12 20.41 -92.34
CA ASP FD 86 -66.54 19.71 -91.20
C ASP FD 86 -67.07 20.41 -89.97
N TRP FD 87 -67.84 19.68 -89.16
CA TRP FD 87 -68.47 20.26 -87.99
C TRP FD 87 -68.82 19.18 -87.00
N SER FD 88 -68.85 19.57 -85.74
CA SER FD 88 -69.22 18.65 -84.66
C SER FD 88 -69.76 19.47 -83.51
N GLY FD 89 -71.08 19.60 -83.44
CA GLY FD 89 -71.69 20.31 -82.35
C GLY FD 89 -73.21 20.23 -82.40
N PRO FD 90 -73.89 21.28 -81.91
CA PRO FD 90 -75.35 21.22 -81.82
C PRO FD 90 -76.03 21.43 -83.17
N ILE FD 91 -76.98 20.54 -83.43
CA ILE FD 91 -77.51 20.19 -84.75
C ILE FD 91 -78.24 21.35 -85.42
N GLU FD 92 -78.84 22.24 -84.60
CA GLU FD 92 -79.64 23.37 -85.04
C GLU FD 92 -78.81 24.42 -85.77
N GLU FD 93 -77.56 24.59 -85.41
CA GLU FD 93 -76.75 25.60 -86.08
C GLU FD 93 -76.20 25.13 -87.40
N LEU FD 94 -75.90 23.82 -87.51
CA LEU FD 94 -75.48 23.26 -88.79
C LEU FD 94 -76.63 23.22 -89.77
N THR FD 95 -77.83 22.85 -89.30
CA THR FD 95 -79.01 22.87 -90.16
C THR FD 95 -79.46 24.26 -90.56
N ALA FD 96 -79.28 25.26 -89.69
CA ALA FD 96 -79.53 26.64 -90.05
C ALA FD 96 -78.54 27.13 -91.09
N ARG FD 97 -77.28 26.69 -90.99
CA ARG FD 97 -76.31 27.18 -91.96
C ARG FD 97 -76.37 26.44 -93.29
N ILE FD 98 -76.81 25.17 -93.34
CA ILE FD 98 -77.03 24.59 -94.67
C ILE FD 98 -78.31 25.09 -95.30
N ALA FD 99 -79.31 25.47 -94.49
CA ALA FD 99 -80.51 26.09 -95.02
C ALA FD 99 -80.22 27.45 -95.63
N LYS FD 100 -79.40 28.25 -94.96
CA LYS FD 100 -79.01 29.51 -95.58
C LYS FD 100 -77.91 29.34 -96.61
N ALA FD 101 -77.25 28.18 -96.66
CA ALA FD 101 -76.39 27.87 -97.79
C ALA FD 101 -77.18 27.47 -99.02
N ALA FD 102 -78.31 26.80 -98.84
CA ALA FD 102 -79.11 26.34 -99.96
C ALA FD 102 -80.30 27.23 -100.23
N HIS FD 103 -80.33 28.43 -99.63
CA HIS FD 103 -81.39 29.46 -99.74
C HIS FD 103 -82.75 28.92 -99.29
N PHE FD 104 -82.72 28.15 -98.22
CA PHE FD 104 -83.92 27.57 -97.66
C PHE FD 104 -84.18 28.22 -96.32
N ARG FD 105 -85.45 28.35 -95.97
CA ARG FD 105 -85.77 28.83 -94.65
C ARG FD 105 -85.58 27.70 -93.65
N PHE FD 106 -85.46 28.08 -92.39
CA PHE FD 106 -85.18 27.11 -91.34
C PHE FD 106 -86.16 27.32 -90.20
N ARG FD 107 -86.85 26.27 -89.82
CA ARG FD 107 -87.77 26.32 -88.70
C ARG FD 107 -87.37 25.28 -87.66
N VAL FD 108 -87.29 25.71 -86.42
CA VAL FD 108 -87.15 24.81 -85.29
C VAL FD 108 -88.53 24.61 -84.68
N LEU FD 109 -88.98 23.37 -84.65
CA LEU FD 109 -90.22 23.01 -83.97
C LEU FD 109 -89.87 22.14 -82.77
N GLY FD 110 -90.23 22.61 -81.59
CA GLY FD 110 -89.96 21.89 -80.36
C GLY FD 110 -89.05 22.68 -79.45
N LYS FD 111 -88.50 21.96 -78.48
CA LYS FD 111 -87.68 22.54 -77.43
C LYS FD 111 -86.29 21.96 -77.53
N SER FD 112 -85.30 22.82 -77.67
CA SER FD 112 -83.93 22.33 -77.59
C SER FD 112 -83.59 22.03 -76.14
N PRO FD 113 -82.99 20.89 -75.83
CA PRO FD 113 -82.86 20.47 -74.43
C PRO FD 113 -81.66 21.12 -73.76
N SER FD 114 -81.46 20.74 -72.50
CA SER FD 114 -80.37 21.29 -71.70
C SER FD 114 -79.03 20.74 -72.15
N VAL FD 115 -78.93 19.42 -72.23
CA VAL FD 115 -77.88 18.82 -73.04
C VAL FD 115 -78.18 19.10 -74.52
N PRO FD 116 -77.18 19.45 -75.32
CA PRO FD 116 -77.43 19.54 -76.76
C PRO FD 116 -77.27 18.17 -77.39
N VAL FD 117 -78.16 17.87 -78.32
CA VAL FD 117 -77.96 16.71 -79.16
C VAL FD 117 -76.90 17.05 -80.20
N LEU FD 118 -75.81 16.29 -80.19
CA LEU FD 118 -74.63 16.60 -80.99
C LEU FD 118 -74.52 15.64 -82.15
N ILE FD 119 -74.02 16.14 -83.27
CA ILE FD 119 -73.79 15.36 -84.47
C ILE FD 119 -72.36 15.67 -84.89
N SER FD 120 -71.88 15.04 -85.97
CA SER FD 120 -70.51 15.25 -86.45
C SER FD 120 -70.46 14.82 -87.92
N ILE FD 121 -70.20 15.76 -88.80
CA ILE FD 121 -70.02 15.49 -90.23
C ILE FD 121 -68.62 15.95 -90.58
N SER FD 122 -67.91 15.18 -91.41
CA SER FD 122 -66.70 15.66 -92.07
C SER FD 122 -66.67 15.06 -93.46
N THR FD 123 -66.98 15.86 -94.46
CA THR FD 123 -66.80 15.47 -95.85
C THR FD 123 -66.45 16.66 -96.71
N LYS FD 124 -65.54 16.43 -97.65
CA LYS FD 124 -64.98 17.53 -98.41
C LYS FD 124 -65.62 17.73 -99.77
N ASP FD 125 -66.42 16.78 -100.25
CA ASP FD 125 -67.31 17.00 -101.38
C ASP FD 125 -68.47 16.06 -101.18
N GLU FD 126 -69.62 16.60 -100.86
CA GLU FD 126 -70.83 15.81 -100.73
C GLU FD 126 -72.01 16.72 -101.02
N SER FD 127 -73.07 16.16 -101.57
CA SER FD 127 -74.30 16.89 -101.80
C SER FD 127 -75.02 17.11 -100.48
N LEU FD 128 -75.61 18.29 -100.32
CA LEU FD 128 -76.08 18.66 -99.01
C LEU FD 128 -77.43 18.06 -98.65
N ALA FD 129 -78.14 17.50 -99.62
CA ALA FD 129 -79.31 16.67 -99.32
C ALA FD 129 -78.89 15.36 -98.64
N GLU FD 130 -77.77 14.78 -99.07
CA GLU FD 130 -77.32 13.58 -98.39
C GLU FD 130 -76.55 13.90 -97.11
N ILE FD 131 -76.02 15.13 -97.00
CA ILE FD 131 -75.54 15.64 -95.72
C ILE FD 131 -76.70 15.74 -94.74
N LEU FD 132 -77.86 16.22 -95.20
CA LEU FD 132 -79.09 16.29 -94.40
C LEU FD 132 -79.64 14.93 -94.02
N ARG FD 133 -79.47 13.95 -94.90
CA ARG FD 133 -79.77 12.56 -94.59
C ARG FD 133 -78.88 12.04 -93.46
N ASP FD 134 -77.59 12.42 -93.48
CA ASP FD 134 -76.71 12.10 -92.36
C ASP FD 134 -77.05 12.89 -91.09
N ILE FD 135 -77.62 14.10 -91.22
CA ILE FD 135 -78.07 14.88 -90.05
C ILE FD 135 -79.25 14.19 -89.37
N ASP FD 136 -80.19 13.69 -90.18
CA ASP FD 136 -81.37 13.01 -89.66
C ASP FD 136 -81.00 11.64 -89.10
N TYR FD 137 -80.02 10.97 -89.72
CA TYR FD 137 -79.57 9.68 -89.23
C TYR FD 137 -78.76 9.80 -87.95
N GLN FD 138 -77.94 10.83 -87.81
CA GLN FD 138 -77.20 10.98 -86.57
C GLN FD 138 -78.03 11.63 -85.48
N ALA FD 139 -79.13 12.28 -85.85
CA ALA FD 139 -80.14 12.66 -84.87
C ALA FD 139 -80.82 11.43 -84.29
N GLY FD 140 -81.49 10.67 -85.15
CA GLY FD 140 -82.13 9.46 -84.68
C GLY FD 140 -83.42 9.73 -83.94
N LYS FD 141 -83.40 9.54 -82.63
CA LYS FD 141 -84.59 9.71 -81.82
C LYS FD 141 -84.57 10.96 -80.97
N LYS FD 142 -83.44 11.65 -80.87
CA LYS FD 142 -83.42 12.90 -80.13
C LYS FD 142 -84.03 14.03 -80.92
N ALA FD 143 -83.95 13.96 -82.24
CA ALA FD 143 -84.48 14.99 -83.12
C ALA FD 143 -84.78 14.34 -84.46
N SER FD 144 -85.31 15.16 -85.37
CA SER FD 144 -85.69 14.69 -86.69
C SER FD 144 -85.66 15.86 -87.65
N ILE FD 145 -85.63 15.54 -88.94
CA ILE FD 145 -85.59 16.53 -90.01
C ILE FD 145 -86.83 16.37 -90.86
N HIS FD 146 -87.62 17.43 -90.97
CA HIS FD 146 -88.54 17.53 -92.08
C HIS FD 146 -87.99 18.55 -93.07
N VAL FD 147 -88.43 18.43 -94.31
CA VAL FD 147 -88.02 19.35 -95.37
C VAL FD 147 -89.17 19.47 -96.36
N TYR FD 148 -89.58 20.70 -96.65
CA TYR FD 148 -90.66 20.95 -97.60
C TYR FD 148 -90.12 21.78 -98.75
N PRO FD 149 -89.92 21.19 -99.94
CA PRO FD 149 -89.32 21.94 -101.05
C PRO FD 149 -90.30 22.81 -101.80
N ASN FD 150 -91.61 22.61 -101.62
CA ASN FD 150 -92.59 23.44 -102.28
C ASN FD 150 -92.70 24.79 -101.60
N SER FD 151 -92.40 24.84 -100.31
CA SER FD 151 -92.30 26.07 -99.57
C SER FD 151 -90.87 26.41 -99.17
N GLN FD 152 -89.91 25.54 -99.52
CA GLN FD 152 -88.46 25.74 -99.47
C GLN FD 152 -87.95 26.00 -98.04
N VAL FD 153 -88.36 25.13 -97.14
CA VAL FD 153 -88.06 25.33 -95.74
C VAL FD 153 -87.77 23.98 -95.10
N VAL FD 154 -86.62 23.88 -94.46
CA VAL FD 154 -86.30 22.71 -93.67
C VAL FD 154 -86.69 22.99 -92.23
N GLU FD 155 -86.79 21.92 -91.45
CA GLU FD 155 -87.37 22.02 -90.13
C GLU FD 155 -86.71 20.98 -89.24
N LEU FD 156 -86.06 21.45 -88.19
CA LEU FD 156 -85.55 20.58 -87.15
C LEU FD 156 -86.64 20.41 -86.11
N ARG FD 157 -87.06 19.17 -85.89
CA ARG FD 157 -88.08 18.86 -84.90
C ARG FD 157 -87.43 18.16 -83.72
N TYR FD 158 -87.73 18.62 -82.52
CA TYR FD 158 -87.34 17.91 -81.32
C TYR FD 158 -88.47 16.98 -80.90
N ALA FD 159 -88.39 16.46 -79.68
CA ALA FD 159 -89.47 15.63 -79.13
C ALA FD 159 -89.63 15.84 -77.62
N ILE GD 272 -65.83 8.27 -62.12
CA ILE GD 272 -65.75 8.77 -63.49
C ILE GD 272 -64.40 8.39 -64.10
N PRO GD 273 -64.41 7.80 -65.29
CA PRO GD 273 -63.17 7.41 -65.94
C PRO GD 273 -62.50 8.61 -66.58
N PRO GD 274 -61.20 8.52 -66.88
CA PRO GD 274 -60.57 9.59 -67.66
C PRO GD 274 -60.97 9.54 -69.12
N SER GD 275 -60.62 10.61 -69.84
CA SER GD 275 -61.26 10.88 -71.12
C SER GD 275 -60.55 10.16 -72.26
N ALA GD 276 -59.29 10.47 -72.46
CA ALA GD 276 -58.35 9.71 -73.25
C ALA GD 276 -57.01 9.96 -72.60
N ASN GD 277 -55.94 9.74 -73.32
CA ASN GD 277 -54.73 10.45 -72.97
C ASN GD 277 -54.63 11.66 -73.88
N ASP GD 278 -54.18 12.76 -73.32
CA ASP GD 278 -53.88 13.94 -74.13
C ASP GD 278 -52.46 13.89 -74.68
N LEU GD 279 -51.69 12.89 -74.26
CA LEU GD 279 -50.46 12.50 -74.92
C LEU GD 279 -50.71 11.92 -76.30
N LEU GD 280 -51.89 11.35 -76.52
CA LEU GD 280 -52.32 10.89 -77.83
C LEU GD 280 -52.56 12.03 -78.82
N LEU GD 281 -52.76 13.26 -78.36
CA LEU GD 281 -52.76 14.38 -79.28
C LEU GD 281 -51.38 14.68 -79.82
N HIS GD 282 -50.34 14.43 -79.03
CA HIS GD 282 -49.00 14.58 -79.55
C HIS GD 282 -48.64 13.42 -80.46
N VAL GD 283 -49.05 12.21 -80.11
CA VAL GD 283 -48.68 11.09 -80.97
C VAL GD 283 -49.72 10.85 -82.05
N LEU GD 284 -50.74 11.68 -82.12
CA LEU GD 284 -51.54 11.83 -83.32
C LEU GD 284 -50.78 12.57 -84.41
N GLU GD 285 -49.88 13.46 -84.01
CA GLU GD 285 -48.87 13.96 -84.92
C GLU GD 285 -47.67 13.03 -84.81
N GLY GD 286 -46.57 13.38 -85.44
CA GLY GD 286 -45.43 12.51 -85.27
C GLY GD 286 -44.60 12.78 -84.05
N VAL GD 287 -44.93 13.81 -83.27
CA VAL GD 287 -44.04 14.29 -82.21
C VAL GD 287 -44.15 13.36 -81.01
N PRO GD 288 -43.02 12.87 -80.47
CA PRO GD 288 -43.02 11.91 -79.39
C PRO GD 288 -43.50 12.50 -78.08
N PRO GD 289 -43.85 11.68 -77.09
CA PRO GD 289 -44.11 12.20 -75.77
C PRO GD 289 -42.83 12.64 -75.11
N PRO GD 290 -42.87 13.64 -74.20
CA PRO GD 290 -41.63 14.14 -73.59
C PRO GD 290 -41.07 13.16 -72.57
N GLY GD 291 -39.81 12.78 -72.78
CA GLY GD 291 -39.17 11.79 -71.93
C GLY GD 291 -39.54 10.38 -72.32
N SER GD 292 -39.36 10.03 -73.58
CA SER GD 292 -39.68 8.71 -74.07
C SER GD 292 -38.46 8.06 -74.70
N ARG GD 293 -38.54 6.76 -74.87
CA ARG GD 293 -37.56 6.04 -75.65
C ARG GD 293 -38.22 5.61 -76.93
N ARG GD 294 -37.56 5.85 -78.06
CA ARG GD 294 -38.09 5.45 -79.35
C ARG GD 294 -37.99 3.95 -79.51
N LEU GD 295 -38.91 3.41 -80.28
CA LEU GD 295 -38.88 2.01 -80.66
C LEU GD 295 -38.76 1.95 -82.15
N VAL GD 296 -38.22 0.85 -82.65
CA VAL GD 296 -38.06 0.69 -84.08
C VAL GD 296 -39.10 -0.31 -84.58
N VAL GD 297 -39.99 0.18 -85.42
CA VAL GD 297 -41.12 -0.58 -85.90
C VAL GD 297 -40.81 -1.04 -87.31
N SER GD 298 -40.83 -2.35 -87.51
CA SER GD 298 -40.45 -2.93 -88.78
C SER GD 298 -41.69 -3.54 -89.44
N GLY GD 299 -41.71 -3.51 -90.75
CA GLY GD 299 -42.77 -4.12 -91.52
C GLY GD 299 -44.09 -3.42 -91.50
N GLY GD 300 -44.10 -2.10 -91.40
CA GLY GD 300 -45.36 -1.37 -91.36
C GLY GD 300 -45.07 0.11 -91.28
N ASP GD 301 -46.04 0.89 -91.74
CA ASP GD 301 -45.93 2.35 -91.64
C ASP GD 301 -46.49 2.76 -90.29
N ALA GD 302 -45.67 2.60 -89.26
CA ALA GD 302 -46.09 2.97 -87.93
C ALA GD 302 -44.87 3.42 -87.16
N ARG GD 303 -45.06 4.36 -86.26
CA ARG GD 303 -44.00 4.78 -85.36
C ARG GD 303 -44.45 4.51 -83.95
N ALA GD 304 -43.52 4.11 -83.10
CA ALA GD 304 -43.85 3.84 -81.71
C ALA GD 304 -42.90 4.59 -80.81
N TRP GD 305 -43.41 4.95 -79.65
CA TRP GD 305 -42.58 5.45 -78.58
C TRP GD 305 -42.97 4.72 -77.32
N LEU GD 306 -42.14 4.84 -76.30
CA LEU GD 306 -42.35 4.10 -75.07
C LEU GD 306 -42.18 5.08 -73.91
N SER GD 307 -43.28 5.54 -73.35
CA SER GD 307 -43.21 6.66 -72.43
C SER GD 307 -42.99 6.24 -70.98
N ASN GD 308 -43.96 5.53 -70.40
CA ASN GD 308 -43.79 4.96 -69.06
C ASN GD 308 -44.64 3.70 -69.04
N GLU GD 309 -43.98 2.58 -69.39
CA GLU GD 309 -44.52 1.22 -69.51
C GLU GD 309 -45.67 1.10 -70.52
N LYS GD 310 -45.74 1.99 -71.51
CA LYS GD 310 -46.83 2.09 -72.45
C LYS GD 310 -46.22 2.47 -73.78
N MET GD 311 -46.56 1.75 -74.82
CA MET GD 311 -46.16 2.18 -76.14
C MET GD 311 -47.28 2.97 -76.79
N TYR GD 312 -46.86 3.86 -77.65
CA TYR GD 312 -47.73 4.81 -78.31
C TYR GD 312 -47.41 4.71 -79.77
N VAL GD 313 -48.38 4.32 -80.57
CA VAL GD 313 -48.17 4.02 -81.97
C VAL GD 313 -48.99 4.98 -82.79
N ARG GD 314 -48.29 5.76 -83.61
CA ARG GD 314 -48.89 6.54 -84.67
C ARG GD 314 -48.91 5.68 -85.91
N THR GD 315 -50.09 5.42 -86.44
CA THR GD 315 -50.21 4.59 -87.61
C THR GD 315 -51.41 5.04 -88.41
N ASN GD 316 -51.67 4.34 -89.51
CA ASN GD 316 -52.96 4.37 -90.16
C ASN GD 316 -53.37 2.96 -90.55
N LEU GD 317 -52.52 1.98 -90.27
CA LEU GD 317 -52.97 0.60 -90.25
C LEU GD 317 -53.86 0.39 -89.04
N THR GD 318 -54.73 -0.61 -89.10
CA THR GD 318 -55.59 -0.84 -87.94
C THR GD 318 -55.00 -1.92 -87.07
N ILE GD 319 -54.93 -1.66 -85.79
CA ILE GD 319 -54.29 -2.55 -84.83
C ILE GD 319 -55.30 -3.63 -84.46
N LEU GD 320 -54.88 -4.89 -84.55
CA LEU GD 320 -55.78 -6.02 -84.52
C LEU GD 320 -55.62 -6.95 -83.34
N SER GD 321 -54.41 -7.51 -83.04
CA SER GD 321 -54.42 -8.42 -81.88
C SER GD 321 -54.37 -7.76 -80.51
N PRO GD 322 -53.33 -7.03 -80.08
CA PRO GD 322 -52.95 -7.10 -78.67
C PRO GD 322 -53.76 -6.23 -77.74
N GLY GD 323 -54.69 -5.43 -78.23
CA GLY GD 323 -55.60 -4.74 -77.36
C GLY GD 323 -55.00 -3.43 -76.94
N TRP GD 324 -55.58 -2.34 -77.38
CA TRP GD 324 -55.06 -1.04 -77.00
C TRP GD 324 -55.91 -0.48 -75.87
N LEU GD 325 -55.41 0.60 -75.28
CA LEU GD 325 -56.16 1.22 -74.22
C LEU GD 325 -56.79 2.52 -74.63
N ALA GD 326 -56.17 3.23 -75.57
CA ALA GD 326 -56.71 4.53 -75.91
C ALA GD 326 -56.45 4.82 -77.36
N SER GD 327 -57.45 5.35 -78.05
CA SER GD 327 -57.27 5.68 -79.44
C SER GD 327 -57.74 7.10 -79.70
N MET GD 328 -57.02 7.77 -80.58
CA MET GD 328 -57.50 8.95 -81.27
C MET GD 328 -57.32 8.75 -82.76
N THR GD 329 -57.89 9.66 -83.53
CA THR GD 329 -57.80 9.61 -84.97
C THR GD 329 -57.88 11.04 -85.47
N SER GD 330 -56.94 11.45 -86.30
CA SER GD 330 -56.93 12.79 -86.86
C SER GD 330 -57.87 12.98 -88.03
N ALA GD 331 -57.70 14.07 -88.76
CA ALA GD 331 -58.56 14.38 -89.89
C ALA GD 331 -58.25 13.50 -91.08
N ASP GD 332 -56.99 13.07 -91.23
CA ASP GD 332 -56.58 12.33 -92.42
C ASP GD 332 -56.66 10.83 -92.20
N GLY GD 333 -57.17 10.38 -91.07
CA GLY GD 333 -57.27 8.96 -90.80
C GLY GD 333 -56.07 8.36 -90.12
N THR GD 334 -55.11 9.17 -89.70
CA THR GD 334 -54.02 8.66 -88.88
C THR GD 334 -54.53 8.45 -87.46
N HIS GD 335 -54.39 7.23 -86.96
CA HIS GD 335 -54.75 6.95 -85.59
C HIS GD 335 -53.54 6.99 -84.68
N ALA GD 336 -53.81 7.25 -83.42
CA ALA GD 336 -52.87 7.11 -82.34
C ALA GD 336 -53.43 6.08 -81.39
N TYR GD 337 -52.61 5.10 -81.01
CA TYR GD 337 -53.01 4.12 -80.03
C TYR GD 337 -52.05 4.15 -78.85
N GLU GD 338 -52.59 3.96 -77.66
CA GLU GD 338 -51.84 3.77 -76.43
C GLU GD 338 -52.13 2.37 -75.94
N MET GD 339 -51.09 1.58 -75.71
CA MET GD 339 -51.25 0.22 -75.22
C MET GD 339 -50.05 -0.17 -74.38
N GLN GD 340 -50.12 -1.38 -73.83
CA GLN GD 340 -49.00 -1.93 -73.11
C GLN GD 340 -47.96 -2.44 -74.09
N LYS GD 341 -46.73 -2.60 -73.61
CA LYS GD 341 -45.60 -2.87 -74.48
C LYS GD 341 -45.63 -4.33 -74.91
N SER GD 342 -46.09 -4.53 -76.12
CA SER GD 342 -46.15 -5.81 -76.79
C SER GD 342 -45.11 -5.85 -77.89
N PRO GD 343 -44.37 -6.95 -78.04
CA PRO GD 343 -43.26 -6.96 -79.00
C PRO GD 343 -43.69 -7.11 -80.43
N VAL GD 344 -44.92 -7.56 -80.65
CA VAL GD 344 -45.48 -7.72 -81.97
C VAL GD 344 -46.73 -6.84 -82.02
N LEU GD 345 -47.09 -6.48 -83.23
CA LEU GD 345 -48.34 -5.79 -83.47
C LEU GD 345 -48.97 -6.43 -84.67
N LEU GD 346 -50.15 -6.96 -84.49
CA LEU GD 346 -50.92 -7.44 -85.62
C LEU GD 346 -51.67 -6.25 -86.17
N VAL GD 347 -51.55 -6.02 -87.46
CA VAL GD 347 -52.29 -4.97 -88.12
C VAL GD 347 -53.10 -5.58 -89.23
N SER GD 348 -54.06 -4.81 -89.70
CA SER GD 348 -54.72 -5.05 -90.97
C SER GD 348 -54.35 -3.86 -91.84
N TRP GD 349 -53.86 -4.17 -93.04
CA TRP GD 349 -53.34 -3.14 -93.94
C TRP GD 349 -54.43 -2.72 -94.91
N HIS GD 350 -54.84 -3.62 -95.77
CA HIS GD 350 -55.96 -3.39 -96.67
C HIS GD 350 -56.78 -4.65 -96.74
N GLY GD 351 -57.13 -5.17 -95.59
CA GLY GD 351 -57.74 -6.47 -95.49
C GLY GD 351 -56.76 -7.59 -95.26
N LYS GD 352 -55.48 -7.39 -95.55
CA LYS GD 352 -54.50 -8.40 -95.24
C LYS GD 352 -53.95 -8.19 -93.84
N VAL GD 353 -53.88 -9.29 -93.11
CA VAL GD 353 -53.30 -9.33 -91.77
C VAL GD 353 -51.80 -9.38 -91.88
N MET GD 354 -51.13 -8.40 -91.29
CA MET GD 354 -49.68 -8.37 -91.22
C MET GD 354 -49.25 -8.26 -89.76
N GLN GD 355 -47.98 -8.49 -89.50
CA GLN GD 355 -47.42 -8.28 -88.18
C GLN GD 355 -46.30 -7.27 -88.24
N LEU GD 356 -45.87 -6.83 -87.07
CA LEU GD 356 -44.94 -5.74 -86.91
C LEU GD 356 -44.05 -6.06 -85.72
N LYS GD 357 -42.74 -5.96 -85.89
CA LYS GD 357 -41.82 -6.09 -84.77
C LYS GD 357 -41.63 -4.74 -84.14
N VAL GD 358 -41.48 -4.69 -82.82
CA VAL GD 358 -40.87 -3.55 -82.15
C VAL GD 358 -39.67 -4.05 -81.36
N GLU GD 359 -38.83 -3.11 -80.91
CA GLU GD 359 -37.67 -3.46 -80.09
C GLU GD 359 -37.59 -2.51 -78.89
N GLY GD 360 -37.86 -3.05 -77.71
CA GLY GD 360 -37.94 -2.26 -76.50
C GLY GD 360 -39.30 -2.42 -75.86
N LEU HD 41 -34.60 -11.31 -89.63
CA LEU HD 41 -34.44 -10.07 -90.38
C LEU HD 41 -35.69 -9.74 -91.19
N PRO HD 42 -35.90 -8.46 -91.49
CA PRO HD 42 -36.87 -8.12 -92.52
C PRO HD 42 -36.37 -8.52 -93.90
N CYS HD 43 -37.32 -8.73 -94.80
CA CYS HD 43 -37.03 -9.24 -96.13
C CYS HD 43 -36.73 -8.12 -97.10
N ARG HD 44 -35.74 -8.35 -97.97
CA ARG HD 44 -35.46 -7.40 -99.05
C ARG HD 44 -36.52 -7.50 -100.13
N VAL HD 45 -36.60 -8.67 -100.77
CA VAL HD 45 -37.61 -8.90 -101.78
C VAL HD 45 -38.81 -9.61 -101.15
N ASP HD 46 -39.97 -9.49 -101.78
CA ASP HD 46 -41.15 -10.23 -101.38
C ASP HD 46 -41.35 -11.48 -102.22
N GLY HD 47 -40.30 -12.29 -102.39
CA GLY HD 47 -40.35 -13.41 -103.31
C GLY HD 47 -40.47 -13.03 -104.77
N ALA HD 48 -39.86 -11.91 -105.18
CA ALA HD 48 -40.03 -11.42 -106.54
C ALA HD 48 -38.79 -10.67 -106.96
N CYS HD 49 -38.48 -10.72 -108.24
CA CYS HD 49 -37.35 -10.00 -108.80
C CYS HD 49 -37.83 -9.15 -109.97
N ASP HD 50 -37.31 -7.93 -110.08
CA ASP HD 50 -37.74 -7.00 -111.11
C ASP HD 50 -37.21 -7.41 -112.49
N ALA HD 51 -36.08 -8.13 -112.50
CA ALA HD 51 -35.58 -8.75 -113.73
C ALA HD 51 -36.53 -9.83 -114.22
N THR HD 52 -37.12 -10.58 -113.30
CA THR HD 52 -38.11 -11.57 -113.68
C THR HD 52 -39.45 -10.94 -114.03
N ILE HD 53 -39.72 -9.73 -113.48
CA ILE HD 53 -40.91 -8.96 -113.84
C ILE HD 53 -40.84 -8.50 -115.30
N ILE HD 54 -39.70 -7.92 -115.68
CA ILE HD 54 -39.59 -7.46 -117.06
C ILE HD 54 -39.29 -8.61 -118.01
N LYS HD 55 -38.79 -9.75 -117.52
CA LYS HD 55 -38.62 -10.93 -118.36
C LYS HD 55 -39.97 -11.56 -118.69
N MET HD 56 -40.88 -11.56 -117.72
CA MET HD 56 -42.23 -12.01 -117.98
C MET HD 56 -43.02 -11.01 -118.82
N MET HD 57 -42.70 -9.72 -118.72
CA MET HD 57 -43.37 -8.72 -119.54
C MET HD 57 -42.94 -8.78 -120.99
N THR HD 58 -41.63 -8.93 -121.24
CA THR HD 58 -41.14 -9.13 -122.60
C THR HD 58 -41.55 -10.45 -123.21
N ASP HD 59 -41.60 -11.55 -122.44
CA ASP HD 59 -41.99 -12.79 -123.09
C ASP HD 59 -43.50 -12.90 -123.28
N LEU HD 60 -44.29 -12.17 -122.46
CA LEU HD 60 -45.72 -12.13 -122.72
C LEU HD 60 -46.06 -11.23 -123.89
N ASN HD 61 -45.29 -10.16 -124.08
CA ASN HD 61 -45.50 -9.34 -125.27
C ASN HD 61 -44.93 -10.02 -126.52
N LYS HD 62 -43.95 -10.89 -126.35
CA LYS HD 62 -43.52 -11.74 -127.45
C LYS HD 62 -44.58 -12.78 -127.78
N LYS HD 63 -45.25 -13.31 -126.76
CA LYS HD 63 -46.34 -14.25 -126.97
C LYS HD 63 -47.63 -13.59 -127.45
N GLY HD 64 -47.72 -12.28 -127.44
CA GLY HD 64 -48.90 -11.61 -127.96
C GLY HD 64 -49.89 -11.22 -126.90
N ILE HD 65 -49.54 -11.40 -125.64
CA ILE HD 65 -50.31 -10.88 -124.54
C ILE HD 65 -49.86 -9.45 -124.32
N LYS HD 66 -50.77 -8.50 -124.50
CA LYS HD 66 -50.39 -7.10 -124.45
C LYS HD 66 -50.27 -6.66 -123.00
N VAL HD 67 -49.04 -6.42 -122.58
CA VAL HD 67 -48.77 -6.00 -121.21
C VAL HD 67 -48.53 -4.50 -121.24
N ALA HD 68 -49.51 -3.76 -120.77
CA ALA HD 68 -49.36 -2.32 -120.67
C ALA HD 68 -49.26 -1.94 -119.20
N SER HD 69 -48.56 -0.84 -118.95
CA SER HD 69 -48.41 -0.37 -117.57
C SER HD 69 -48.27 1.14 -117.60
N VAL HD 70 -49.26 1.82 -117.07
CA VAL HD 70 -49.29 3.28 -117.06
C VAL HD 70 -49.19 3.73 -115.60
N GLY HD 71 -47.97 4.02 -115.17
CA GLY HD 71 -47.78 4.50 -113.81
C GLY HD 71 -47.78 3.33 -112.86
N GLN HD 72 -48.90 3.12 -112.19
CA GLN HD 72 -49.06 1.98 -111.33
C GLN HD 72 -50.23 1.10 -111.71
N ASN HD 73 -51.03 1.50 -112.69
CA ASN HD 73 -52.05 0.62 -113.21
C ASN HD 73 -51.43 -0.32 -114.22
N TYR HD 74 -51.73 -1.61 -114.10
CA TYR HD 74 -51.14 -2.64 -114.93
C TYR HD 74 -52.26 -3.37 -115.63
N LEU HD 75 -51.99 -3.78 -116.87
CA LEU HD 75 -53.03 -4.27 -117.77
C LEU HD 75 -52.48 -5.44 -118.56
N ILE HD 76 -53.19 -6.56 -118.48
CA ILE HD 76 -52.87 -7.78 -119.18
C ILE HD 76 -53.99 -8.06 -120.16
N SER HD 77 -53.72 -7.88 -121.44
CA SER HD 77 -54.72 -8.06 -122.49
C SER HD 77 -54.45 -9.38 -123.16
N ILE HD 78 -55.32 -10.34 -122.92
CA ILE HD 78 -55.28 -11.63 -123.61
C ILE HD 78 -56.37 -11.63 -124.67
N PRO HD 79 -56.07 -12.02 -125.90
CA PRO HD 79 -57.14 -12.30 -126.85
C PRO HD 79 -57.88 -13.56 -126.47
N ALA HD 80 -59.15 -13.59 -126.81
CA ALA HD 80 -60.02 -14.67 -126.37
C ALA HD 80 -59.79 -15.97 -127.13
N SER HD 81 -59.19 -15.91 -128.31
CA SER HD 81 -58.83 -17.13 -129.02
C SER HD 81 -57.64 -17.81 -128.39
N ALA HD 82 -56.76 -17.05 -127.73
CA ALA HD 82 -55.59 -17.66 -127.11
C ALA HD 82 -55.93 -18.36 -125.80
N LEU HD 83 -57.06 -18.04 -125.18
CA LEU HD 83 -57.47 -18.72 -123.97
C LEU HD 83 -58.66 -19.64 -124.19
N PHE HD 84 -59.76 -19.12 -124.69
CA PHE HD 84 -60.99 -19.87 -124.76
C PHE HD 84 -61.11 -20.54 -126.12
N ALA HD 85 -62.12 -21.37 -126.25
CA ALA HD 85 -62.53 -21.85 -127.56
C ALA HD 85 -63.55 -20.86 -128.13
N ASP HD 86 -64.07 -21.16 -129.32
CA ASP HD 86 -64.85 -20.21 -130.10
C ASP HD 86 -66.27 -20.08 -129.55
N GLN HD 87 -66.56 -18.88 -129.04
CA GLN HD 87 -67.80 -18.50 -128.32
C GLN HD 87 -68.09 -19.42 -127.14
N SER HD 88 -67.06 -19.73 -126.38
CA SER HD 88 -67.13 -20.78 -125.39
C SER HD 88 -66.79 -20.23 -124.03
N PRO HD 89 -67.49 -20.65 -122.99
CA PRO HD 89 -67.03 -20.45 -121.61
C PRO HD 89 -66.21 -21.63 -121.12
N ARG HD 90 -65.18 -22.00 -121.86
CA ARG HD 90 -64.38 -23.18 -121.59
C ARG HD 90 -63.01 -22.97 -122.20
N LEU HD 91 -61.97 -23.12 -121.40
CA LEU HD 91 -60.62 -22.96 -121.88
C LEU HD 91 -60.19 -24.18 -122.68
N ASN HD 92 -59.15 -23.99 -123.48
CA ASN HD 92 -58.38 -25.11 -123.97
C ASN HD 92 -57.44 -25.58 -122.87
N TRP HD 93 -56.93 -26.79 -123.03
CA TRP HD 93 -56.00 -27.32 -122.05
C TRP HD 93 -54.62 -26.70 -122.18
N ALA HD 94 -54.27 -26.23 -123.37
CA ALA HD 94 -52.95 -25.64 -123.56
C ALA HD 94 -52.89 -24.22 -123.03
N SER HD 95 -54.03 -23.56 -122.86
CA SER HD 95 -54.08 -22.21 -122.33
C SER HD 95 -53.88 -22.15 -120.83
N TYR HD 96 -53.95 -23.30 -120.14
CA TYR HD 96 -53.62 -23.40 -118.73
C TYR HD 96 -52.16 -23.10 -118.44
N SER HD 97 -51.26 -23.40 -119.37
CA SER HD 97 -49.86 -23.05 -119.20
C SER HD 97 -49.64 -21.55 -119.35
N LEU HD 98 -50.42 -20.93 -120.23
CA LEU HD 98 -50.38 -19.47 -120.38
C LEU HD 98 -50.96 -18.78 -119.16
N LEU HD 99 -52.00 -19.36 -118.58
CA LEU HD 99 -52.49 -18.85 -117.30
C LEU HD 99 -51.58 -19.16 -116.14
N ASN HD 100 -50.74 -20.19 -116.25
CA ASN HD 100 -49.72 -20.44 -115.25
C ASN HD 100 -48.63 -19.38 -115.29
N GLU HD 101 -48.21 -18.95 -116.48
CA GLU HD 101 -47.23 -17.86 -116.49
C GLU HD 101 -47.88 -16.49 -116.26
N ILE HD 102 -49.19 -16.37 -116.48
CA ILE HD 102 -49.91 -15.16 -116.07
C ILE HD 102 -50.00 -15.07 -114.55
N ALA HD 103 -50.24 -16.21 -113.88
CA ALA HD 103 -50.25 -16.24 -112.42
C ALA HD 103 -48.85 -16.11 -111.84
N ALA HD 104 -47.83 -16.58 -112.54
CA ALA HD 104 -46.47 -16.39 -112.08
C ALA HD 104 -45.98 -14.98 -112.33
N PHE HD 105 -46.61 -14.26 -113.27
CA PHE HD 105 -46.37 -12.83 -113.39
C PHE HD 105 -47.11 -12.05 -112.32
N LEU HD 106 -48.33 -12.48 -112.02
CA LEU HD 106 -49.17 -11.78 -111.06
C LEU HD 106 -48.79 -12.04 -109.62
N LYS HD 107 -47.97 -13.07 -109.37
CA LYS HD 107 -47.35 -13.29 -108.07
C LYS HD 107 -46.40 -12.19 -107.65
N GLN HD 108 -45.78 -11.51 -108.61
CA GLN HD 108 -44.65 -10.63 -108.30
C GLN HD 108 -45.06 -9.25 -107.81
N PHE HD 109 -46.34 -8.96 -107.74
CA PHE HD 109 -46.79 -7.65 -107.32
C PHE HD 109 -47.54 -7.74 -106.01
N ARG HD 110 -47.71 -6.62 -105.36
CA ARG HD 110 -48.57 -6.54 -104.20
C ARG HD 110 -49.79 -5.71 -104.59
N LYS HD 111 -50.93 -6.36 -104.66
CA LYS HD 111 -52.13 -5.69 -105.08
C LYS HD 111 -53.25 -5.97 -104.11
N ILE HD 112 -54.32 -5.20 -104.26
CA ILE HD 112 -55.48 -5.29 -103.40
C ILE HD 112 -56.63 -5.94 -104.15
N ALA HD 113 -57.07 -5.32 -105.23
CA ALA HD 113 -58.11 -5.87 -106.06
C ALA HD 113 -57.54 -6.01 -107.46
N ILE HD 114 -57.76 -7.15 -108.05
CA ILE HD 114 -57.61 -7.31 -109.48
C ILE HD 114 -59.00 -7.36 -110.08
N THR HD 115 -59.27 -6.51 -111.06
CA THR HD 115 -60.49 -6.69 -111.82
C THR HD 115 -60.16 -7.42 -113.11
N VAL HD 116 -60.90 -8.48 -113.35
CA VAL HD 116 -60.80 -9.25 -114.57
C VAL HD 116 -62.11 -9.08 -115.29
N THR HD 117 -62.07 -8.48 -116.46
CA THR HD 117 -63.28 -8.33 -117.21
C THR HD 117 -63.03 -8.72 -118.66
N SER HD 118 -64.02 -9.38 -119.23
CA SER HD 118 -63.91 -9.90 -120.58
C SER HD 118 -65.06 -9.40 -121.42
N TYR HD 119 -64.80 -9.18 -122.70
CA TYR HD 119 -65.89 -8.92 -123.62
C TYR HD 119 -65.54 -9.49 -124.97
N SER HD 120 -66.54 -10.01 -125.65
CA SER HD 120 -66.38 -10.58 -126.96
C SER HD 120 -67.38 -9.96 -127.90
N SER HD 121 -67.06 -10.05 -129.19
CA SER HD 121 -67.86 -9.48 -130.26
C SER HD 121 -69.17 -10.25 -130.42
N LYS HD 122 -70.12 -9.60 -131.09
CA LYS HD 122 -71.53 -9.97 -130.99
C LYS HD 122 -71.82 -11.21 -131.82
N TYR HD 123 -72.36 -12.23 -131.16
CA TYR HD 123 -72.51 -13.54 -131.76
C TYR HD 123 -73.98 -13.92 -131.96
N VAL HD 124 -74.77 -13.93 -130.89
CA VAL HD 124 -76.21 -14.12 -131.03
C VAL HD 124 -76.90 -12.85 -130.59
N SER HD 125 -76.74 -12.50 -129.33
CA SER HD 125 -77.39 -11.33 -128.78
C SER HD 125 -76.48 -10.73 -127.73
N VAL HD 126 -76.92 -9.59 -127.19
CA VAL HD 126 -76.18 -8.98 -126.10
C VAL HD 126 -76.37 -9.73 -124.78
N LYS HD 127 -77.47 -10.48 -124.62
CA LYS HD 127 -77.67 -11.21 -123.38
C LYS HD 127 -76.87 -12.50 -123.37
N ARG HD 128 -76.80 -13.18 -124.51
CA ARG HD 128 -75.94 -14.35 -124.67
C ARG HD 128 -74.48 -13.94 -124.62
N GLU HD 129 -74.18 -12.75 -125.16
CA GLU HD 129 -72.85 -12.14 -125.11
C GLU HD 129 -72.41 -11.84 -123.68
N ARG HD 130 -73.30 -11.26 -122.88
CA ARG HD 130 -72.95 -10.89 -121.53
C ARG HD 130 -72.89 -12.08 -120.60
N ALA HD 131 -73.76 -13.08 -120.81
CA ALA HD 131 -73.70 -14.29 -119.98
C ALA HD 131 -72.49 -15.15 -120.33
N LEU HD 132 -72.08 -15.13 -121.61
CA LEU HD 132 -70.85 -15.77 -122.05
C LEU HD 132 -69.62 -15.13 -121.43
N THR HD 133 -69.55 -13.80 -121.44
CA THR HD 133 -68.35 -13.15 -120.96
C THR HD 133 -68.29 -13.06 -119.45
N LEU HD 134 -69.45 -13.08 -118.78
CA LEU HD 134 -69.51 -13.21 -117.34
C LEU HD 134 -69.04 -14.60 -116.89
N ALA HD 135 -69.45 -15.63 -117.63
CA ALA HD 135 -68.98 -16.98 -117.35
C ALA HD 135 -67.51 -17.16 -117.68
N ARG HD 136 -67.02 -16.44 -118.70
CA ARG HD 136 -65.62 -16.48 -119.10
C ARG HD 136 -64.71 -15.85 -118.07
N SER HD 137 -65.14 -14.71 -117.53
CA SER HD 137 -64.36 -14.03 -116.52
C SER HD 137 -64.39 -14.76 -115.19
N ARG HD 138 -65.52 -15.41 -114.85
CA ARG HD 138 -65.54 -16.17 -113.62
C ARG HD 138 -64.76 -17.48 -113.71
N VAL HD 139 -64.59 -18.05 -114.93
CA VAL HD 139 -63.70 -19.20 -115.10
C VAL HD 139 -62.23 -18.78 -114.96
N VAL HD 140 -61.83 -17.67 -115.60
CA VAL HD 140 -60.42 -17.30 -115.57
C VAL HD 140 -60.01 -16.69 -114.22
N SER HD 141 -60.94 -16.07 -113.49
CA SER HD 141 -60.63 -15.68 -112.13
C SER HD 141 -60.75 -16.81 -111.15
N GLU HD 142 -61.52 -17.87 -111.48
CA GLU HD 142 -61.55 -19.07 -110.65
C GLU HD 142 -60.21 -19.79 -110.71
N TYR HD 143 -59.61 -19.86 -111.91
CA TYR HD 143 -58.30 -20.48 -112.02
C TYR HD 143 -57.20 -19.60 -111.46
N LEU HD 144 -57.33 -18.28 -111.60
CA LEU HD 144 -56.33 -17.39 -111.04
C LEU HD 144 -56.47 -17.23 -109.53
N TRP HD 145 -57.65 -17.54 -108.99
CA TRP HD 145 -57.80 -17.58 -107.53
C TRP HD 145 -57.27 -18.87 -106.95
N SER HD 146 -57.48 -20.00 -107.64
CA SER HD 146 -56.97 -21.27 -107.13
C SER HD 146 -55.46 -21.33 -107.25
N GLN HD 147 -54.91 -20.75 -108.32
CA GLN HD 147 -53.49 -20.47 -108.36
C GLN HD 147 -53.15 -19.32 -107.43
N GLY HD 148 -51.87 -19.19 -107.15
CA GLY HD 148 -51.48 -18.28 -106.12
C GLY HD 148 -51.32 -16.88 -106.64
N VAL HD 149 -52.35 -16.08 -106.47
CA VAL HD 149 -52.15 -14.64 -106.44
C VAL HD 149 -52.41 -14.23 -105.01
N ASP HD 150 -51.83 -13.10 -104.63
CA ASP HD 150 -52.01 -12.62 -103.26
C ASP HD 150 -52.95 -11.44 -103.22
N SER HD 151 -53.95 -11.44 -104.09
CA SER HD 151 -54.91 -10.37 -104.07
C SER HD 151 -55.92 -10.58 -102.95
N ARG HD 152 -56.60 -9.51 -102.59
CA ARG HD 152 -57.68 -9.61 -101.63
C ARG HD 152 -59.00 -9.79 -102.34
N ILE HD 153 -59.30 -8.92 -103.29
CA ILE HD 153 -60.49 -9.01 -104.11
C ILE HD 153 -60.07 -9.33 -105.52
N ILE HD 154 -60.73 -10.31 -106.13
CA ILE HD 154 -60.74 -10.38 -107.59
C ILE HD 154 -62.16 -10.11 -108.02
N PHE HD 155 -62.36 -8.99 -108.67
CA PHE HD 155 -63.62 -8.68 -109.33
C PHE HD 155 -63.59 -9.42 -110.65
N THR HD 156 -64.73 -9.96 -111.06
CA THR HD 156 -64.86 -10.60 -112.36
C THR HD 156 -66.17 -10.14 -112.98
N GLN HD 157 -66.08 -9.62 -114.20
CA GLN HD 157 -67.29 -9.27 -114.93
C GLN HD 157 -67.09 -9.43 -116.42
N GLY HD 158 -68.20 -9.43 -117.14
CA GLY HD 158 -68.15 -9.50 -118.58
C GLY HD 158 -69.10 -8.53 -119.21
N LEU HD 159 -68.76 -8.05 -120.39
CA LEU HD 159 -69.56 -7.08 -121.11
C LEU HD 159 -69.92 -7.62 -122.48
N GLY HD 160 -70.94 -7.04 -123.09
CA GLY HD 160 -71.42 -7.52 -124.37
C GLY HD 160 -70.90 -6.73 -125.55
N SER HD 161 -69.56 -6.75 -125.75
CA SER HD 161 -68.80 -5.88 -126.66
C SER HD 161 -69.12 -4.41 -126.43
N ASP HD 162 -69.18 -4.01 -125.17
CA ASP HD 162 -69.50 -2.63 -124.85
C ASP HD 162 -68.28 -1.75 -124.85
N LYS HD 163 -67.08 -2.30 -124.89
CA LYS HD 163 -65.88 -1.53 -125.19
C LYS HD 163 -65.08 -2.24 -126.27
N PRO HD 164 -65.38 -2.02 -127.54
CA PRO HD 164 -64.52 -2.55 -128.60
C PRO HD 164 -63.33 -1.62 -128.82
N ILE HD 165 -62.13 -2.19 -128.92
CA ILE HD 165 -60.96 -1.37 -129.16
C ILE HD 165 -60.55 -1.34 -130.62
N THR HD 166 -61.35 -1.90 -131.52
CA THR HD 166 -61.21 -1.56 -132.92
C THR HD 166 -62.60 -1.47 -133.51
N SER HD 167 -62.68 -0.87 -134.68
CA SER HD 167 -63.94 -0.79 -135.39
C SER HD 167 -64.14 -1.97 -136.33
N TYR HD 168 -63.12 -2.77 -136.56
CA TYR HD 168 -63.27 -3.92 -137.43
C TYR HD 168 -63.76 -5.09 -136.60
N THR HD 169 -64.92 -5.61 -136.98
CA THR HD 169 -65.55 -6.71 -136.26
C THR HD 169 -65.42 -7.97 -137.11
N LEU HD 170 -64.21 -8.17 -137.63
CA LEU HD 170 -63.99 -9.16 -138.69
C LEU HD 170 -64.01 -10.59 -138.18
N GLY HD 171 -63.76 -10.80 -136.89
CA GLY HD 171 -63.67 -12.16 -136.40
C GLY HD 171 -64.76 -12.52 -135.42
N GLY HD 172 -64.67 -13.71 -134.87
CA GLY HD 172 -65.54 -14.13 -133.80
C GLY HD 172 -64.78 -13.92 -132.52
N ASP HD 173 -64.14 -14.97 -132.03
CA ASP HD 173 -63.08 -14.80 -131.05
C ASP HD 173 -61.72 -14.60 -131.68
N ARG HD 174 -61.65 -14.63 -133.01
CA ARG HD 174 -60.43 -14.23 -133.70
C ARG HD 174 -60.29 -12.73 -133.81
N SER HD 175 -61.37 -11.99 -133.56
CA SER HD 175 -61.31 -10.54 -133.51
C SER HD 175 -60.55 -10.08 -132.27
N PRO HD 176 -59.75 -9.01 -132.35
CA PRO HD 176 -59.07 -8.50 -131.16
C PRO HD 176 -59.96 -7.70 -130.24
N ASN HD 177 -61.20 -7.40 -130.64
CA ASN HD 177 -62.22 -6.95 -129.72
C ASN HD 177 -62.63 -8.03 -128.73
N ALA HD 178 -62.51 -9.29 -129.09
CA ALA HD 178 -62.80 -10.38 -128.17
C ALA HD 178 -61.57 -10.62 -127.31
N ARG HD 179 -61.69 -10.28 -126.04
CA ARG HD 179 -60.53 -10.26 -125.18
C ARG HD 179 -60.98 -10.47 -123.75
N VAL HD 180 -60.05 -10.95 -122.95
CA VAL HD 180 -60.15 -10.91 -121.51
C VAL HD 180 -58.98 -10.05 -121.05
N GLU HD 181 -59.23 -9.18 -120.08
CA GLU HD 181 -58.14 -8.37 -119.58
C GLU HD 181 -58.18 -8.23 -118.06
N ILE HD 182 -56.98 -8.12 -117.53
CA ILE HD 182 -56.66 -8.27 -116.13
C ILE HD 182 -55.99 -6.97 -115.72
N THR HD 183 -56.66 -6.18 -114.90
CA THR HD 183 -56.20 -4.84 -114.58
C THR HD 183 -56.11 -4.68 -113.08
N PHE HD 184 -55.04 -4.06 -112.61
CA PHE HD 184 -54.81 -3.89 -111.18
C PHE HD 184 -53.87 -2.73 -110.95
N ARG HD 185 -54.11 -2.00 -109.87
CA ARG HD 185 -53.16 -1.00 -109.40
C ARG HD 185 -52.22 -1.68 -108.42
N ARG HD 186 -50.93 -1.62 -108.72
CA ARG HD 186 -49.91 -2.18 -107.85
C ARG HD 186 -49.78 -1.31 -106.60
N ALA HD 187 -50.04 -1.91 -105.44
CA ALA HD 187 -50.09 -1.13 -104.22
C ALA HD 187 -48.69 -1.00 -103.63
N VAL HD 188 -48.22 0.25 -103.55
CA VAL HD 188 -46.92 0.77 -103.04
C VAL HD 188 -45.67 -0.01 -103.45
N UNK ID 1 -115.32 -34.20 -150.95
CA UNK ID 1 -115.44 -35.37 -150.10
C UNK ID 1 -115.56 -35.00 -148.64
N UNK ID 2 -116.43 -34.03 -148.35
CA UNK ID 2 -116.55 -33.48 -147.02
C UNK ID 2 -117.36 -34.38 -146.11
N UNK ID 3 -117.20 -34.17 -144.80
CA UNK ID 3 -118.01 -34.84 -143.77
C UNK ID 3 -118.10 -33.88 -142.59
N UNK ID 4 -119.18 -33.11 -142.54
CA UNK ID 4 -119.40 -32.09 -141.51
C UNK ID 4 -120.70 -32.41 -140.79
N UNK ID 5 -120.60 -33.10 -139.65
CA UNK ID 5 -121.78 -33.54 -138.92
C UNK ID 5 -121.49 -33.56 -137.43
N UNK ID 6 -122.52 -33.24 -136.64
CA UNK ID 6 -122.47 -33.27 -135.18
C UNK ID 6 -123.45 -34.34 -134.72
N UNK ID 7 -122.96 -35.58 -134.62
CA UNK ID 7 -123.79 -36.75 -134.44
C UNK ID 7 -123.00 -37.75 -133.60
N UNK ID 8 -123.37 -39.02 -133.66
CA UNK ID 8 -122.59 -40.10 -133.05
C UNK ID 8 -122.23 -41.08 -134.15
N UNK ID 9 -121.14 -40.79 -134.88
CA UNK ID 9 -120.62 -41.76 -135.83
C UNK ID 9 -119.87 -42.87 -135.09
N UNK ID 10 -118.91 -42.49 -134.26
CA UNK ID 10 -118.40 -43.20 -133.08
C UNK ID 10 -117.62 -44.49 -133.32
N UNK ID 11 -117.50 -44.96 -134.56
CA UNK ID 11 -116.72 -46.17 -134.85
C UNK ID 11 -116.14 -46.00 -136.26
N UNK ID 12 -114.93 -45.46 -136.33
CA UNK ID 12 -114.31 -45.15 -137.60
C UNK ID 12 -112.80 -45.18 -137.43
N UNK ID 13 -112.15 -46.20 -137.99
CA UNK ID 13 -110.71 -46.15 -138.25
C UNK ID 13 -110.50 -45.58 -139.65
N UNK ID 14 -110.73 -44.26 -139.74
CA UNK ID 14 -110.96 -43.58 -141.00
C UNK ID 14 -109.63 -43.27 -141.66
N UNK ID 15 -109.17 -44.19 -142.52
CA UNK ID 15 -108.00 -43.96 -143.35
C UNK ID 15 -108.48 -43.32 -144.65
N UNK ID 16 -108.75 -42.02 -144.57
CA UNK ID 16 -109.40 -41.30 -145.64
C UNK ID 16 -108.44 -41.00 -146.78
N UNK ID 17 -109.00 -40.81 -147.97
CA UNK ID 17 -108.23 -40.54 -149.18
C UNK ID 17 -108.02 -39.03 -149.32
N UNK ID 18 -107.54 -38.60 -150.48
CA UNK ID 18 -107.20 -37.21 -150.72
C UNK ID 18 -108.44 -36.36 -150.92
N UNK ID 19 -108.31 -35.07 -150.54
CA UNK ID 19 -109.34 -34.02 -150.51
C UNK ID 19 -110.58 -34.42 -149.69
N UNK ID 20 -110.38 -35.16 -148.61
CA UNK ID 20 -111.46 -35.56 -147.73
C UNK ID 20 -111.59 -34.51 -146.63
N UNK ID 21 -112.21 -33.38 -147.00
CA UNK ID 21 -112.25 -32.19 -146.15
C UNK ID 21 -113.36 -32.32 -145.10
N UNK ID 22 -113.10 -33.16 -144.10
CA UNK ID 22 -114.10 -33.52 -143.10
C UNK ID 22 -114.04 -32.52 -141.94
N UNK ID 23 -114.97 -31.57 -141.94
CA UNK ID 23 -115.14 -30.67 -140.80
C UNK ID 23 -116.24 -31.16 -139.86
N UNK ID 24 -116.16 -32.42 -139.44
CA UNK ID 24 -117.16 -32.99 -138.55
C UNK ID 24 -116.99 -32.50 -137.11
N UNK ID 25 -118.10 -32.49 -136.38
CA UNK ID 25 -118.12 -32.24 -134.95
C UNK ID 25 -118.82 -33.38 -134.21
N UNK ID 26 -118.78 -34.58 -134.75
CA UNK ID 26 -119.52 -35.70 -134.22
C UNK ID 26 -118.84 -36.33 -133.02
N UNK ID 27 -119.64 -37.06 -132.24
CA UNK ID 27 -119.12 -37.83 -131.11
C UNK ID 27 -118.41 -39.08 -131.61
N UNK ID 28 -117.13 -38.93 -131.97
CA UNK ID 28 -116.35 -39.99 -132.60
C UNK ID 28 -115.53 -40.68 -131.51
N UNK ID 29 -116.10 -41.74 -130.94
CA UNK ID 29 -115.48 -42.42 -129.81
C UNK ID 29 -114.31 -43.30 -130.24
N UNK ID 30 -114.59 -44.31 -131.05
CA UNK ID 30 -113.54 -45.22 -131.53
C UNK ID 30 -113.03 -44.69 -132.87
N UNK ID 31 -112.29 -43.59 -132.79
CA UNK ID 31 -111.87 -42.84 -133.97
C UNK ID 31 -110.38 -42.97 -134.19
N UNK ID 32 -109.99 -43.00 -135.46
CA UNK ID 32 -108.59 -42.85 -135.88
C UNK ID 32 -108.61 -42.18 -137.24
N UNK ID 33 -108.50 -40.85 -137.24
CA UNK ID 33 -108.76 -40.06 -138.44
C UNK ID 33 -107.45 -39.78 -139.16
N UNK ID 34 -106.98 -40.75 -139.94
CA UNK ID 34 -105.74 -40.61 -140.71
C UNK ID 34 -106.08 -40.12 -142.12
N UNK ID 35 -106.46 -38.85 -142.18
CA UNK ID 35 -106.84 -38.21 -143.44
C UNK ID 35 -105.61 -37.93 -144.29
N UNK ID 36 -105.82 -37.78 -145.60
CA UNK ID 36 -104.70 -37.68 -146.53
C UNK ID 36 -104.55 -36.31 -147.17
N UNK ID 37 -105.54 -35.43 -147.04
CA UNK ID 37 -105.46 -34.01 -147.39
C UNK ID 37 -106.59 -33.27 -146.69
N UNK ID 38 -106.37 -31.96 -146.51
CA UNK ID 38 -107.40 -30.91 -146.52
C UNK ID 38 -108.36 -30.96 -145.35
N UNK ID 39 -107.98 -31.59 -144.23
CA UNK ID 39 -108.86 -31.70 -143.08
C UNK ID 39 -108.92 -30.38 -142.33
N UNK ID 40 -110.13 -29.83 -142.19
CA UNK ID 40 -110.36 -28.48 -141.70
C UNK ID 40 -111.38 -28.50 -140.55
N UNK ID 41 -111.11 -29.32 -139.55
CA UNK ID 41 -112.11 -29.68 -138.57
C UNK ID 41 -112.05 -28.82 -137.32
N UNK ID 42 -113.21 -28.34 -136.88
CA UNK ID 42 -113.36 -27.58 -135.64
C UNK ID 42 -114.45 -28.24 -134.82
N UNK ID 43 -114.09 -29.27 -134.07
CA UNK ID 43 -115.03 -30.10 -133.33
C UNK ID 43 -115.07 -29.68 -131.87
N UNK ID 44 -115.90 -30.40 -131.11
CA UNK ID 44 -115.86 -30.42 -129.65
C UNK ID 44 -116.19 -31.85 -129.27
N UNK ID 45 -115.17 -32.68 -129.16
CA UNK ID 45 -115.35 -34.13 -129.11
C UNK ID 45 -114.61 -34.73 -127.91
N UNK ID 46 -114.69 -36.06 -127.82
CA UNK ID 46 -114.04 -36.82 -126.76
C UNK ID 46 -113.74 -38.19 -127.31
N UNK ID 47 -112.48 -38.43 -127.70
CA UNK ID 47 -112.11 -39.68 -128.34
C UNK ID 47 -111.46 -40.66 -127.38
N UNK ID 48 -110.53 -40.20 -126.53
CA UNK ID 48 -109.90 -40.82 -125.37
C UNK ID 48 -108.93 -41.97 -125.67
N UNK ID 49 -108.80 -42.41 -126.93
CA UNK ID 49 -107.76 -43.37 -127.29
C UNK ID 49 -107.22 -43.09 -128.69
N UNK ID 50 -107.19 -41.84 -129.12
CA UNK ID 50 -107.01 -41.48 -130.53
C UNK ID 50 -105.55 -41.59 -130.94
N UNK ID 51 -105.32 -42.31 -132.04
CA UNK ID 51 -104.02 -42.35 -132.70
C UNK ID 51 -104.19 -41.70 -134.07
N UNK ID 52 -104.05 -40.38 -134.07
CA UNK ID 52 -104.32 -39.61 -135.28
C UNK ID 52 -103.06 -39.45 -136.13
N UNK ID 53 -103.26 -39.50 -137.45
CA UNK ID 53 -102.25 -39.11 -138.40
C UNK ID 53 -102.81 -37.96 -139.21
N UNK ID 54 -101.96 -37.00 -139.55
CA UNK ID 54 -102.44 -35.78 -140.20
C UNK ID 54 -101.52 -35.41 -141.36
N UNK ID 55 -102.08 -35.38 -142.55
CA UNK ID 55 -101.39 -34.95 -143.75
C UNK ID 55 -101.68 -33.46 -143.98
N UNK ID 56 -101.45 -33.00 -145.22
CA UNK ID 56 -101.36 -31.58 -145.55
C UNK ID 56 -102.71 -30.87 -145.46
N UNK ID 57 -102.63 -29.58 -145.11
CA UNK ID 57 -103.73 -28.62 -144.88
C UNK ID 57 -104.74 -29.13 -143.84
N UNK ID 58 -104.20 -29.59 -142.72
CA UNK ID 58 -105.00 -30.10 -141.61
C UNK ID 58 -105.00 -29.04 -140.51
N UNK ID 59 -106.04 -28.23 -140.48
CA UNK ID 59 -106.29 -27.28 -139.42
C UNK ID 59 -107.39 -27.84 -138.52
N UNK ID 60 -107.06 -28.12 -137.27
CA UNK ID 60 -108.00 -28.79 -136.38
C UNK ID 60 -108.12 -28.03 -135.08
N UNK ID 61 -109.27 -28.20 -134.43
CA UNK ID 61 -109.54 -27.56 -133.14
C UNK ID 61 -110.49 -28.45 -132.36
N UNK ID 62 -109.98 -29.13 -131.33
CA UNK ID 62 -110.74 -30.15 -130.65
C UNK ID 62 -110.38 -30.26 -129.17
N UNK ID 63 -111.35 -30.72 -128.39
CA UNK ID 63 -111.19 -30.92 -126.94
C UNK ID 63 -111.21 -32.39 -126.58
N UNK ID 64 -110.58 -33.21 -127.42
CA UNK ID 64 -110.61 -34.66 -127.29
C UNK ID 64 -109.24 -35.18 -126.90
N UNK ID 65 -109.23 -36.26 -126.13
CA UNK ID 65 -107.99 -36.86 -125.68
C UNK ID 65 -107.46 -37.82 -126.74
N UNK ID 66 -106.16 -37.80 -126.95
CA UNK ID 66 -105.50 -38.67 -127.91
C UNK ID 66 -104.44 -39.51 -127.21
N UNK ID 67 -103.90 -40.48 -127.96
CA UNK ID 67 -102.86 -41.34 -127.43
C UNK ID 67 -101.61 -41.25 -128.29
N UNK ID 68 -101.80 -41.07 -129.60
CA UNK ID 68 -100.66 -40.93 -130.50
C UNK ID 68 -101.02 -39.95 -131.60
N UNK ID 69 -99.99 -39.26 -132.09
CA UNK ID 69 -100.16 -38.32 -133.18
C UNK ID 69 -98.96 -38.39 -134.11
N UNK ID 70 -99.21 -38.30 -135.40
CA UNK ID 70 -98.14 -38.27 -136.38
C UNK ID 70 -98.51 -37.28 -137.47
N UNK ID 71 -97.50 -36.64 -138.05
CA UNK ID 71 -97.70 -35.61 -139.05
C UNK ID 71 -96.92 -35.97 -140.32
N UNK ID 72 -97.43 -35.51 -141.47
CA UNK ID 72 -96.87 -35.90 -142.75
C UNK ID 72 -96.26 -34.75 -143.54
N UNK ID 73 -97.03 -33.70 -143.84
CA UNK ID 73 -96.49 -32.62 -144.67
C UNK ID 73 -96.47 -31.27 -143.97
N UNK ID 74 -97.64 -30.74 -143.57
CA UNK ID 74 -97.80 -29.39 -143.03
C UNK ID 74 -99.17 -29.30 -142.39
N UNK ID 75 -99.23 -28.81 -141.16
CA UNK ID 75 -100.48 -28.85 -140.40
C UNK ID 75 -100.60 -27.63 -139.51
N UNK ID 76 -101.75 -27.54 -138.82
CA UNK ID 76 -101.98 -26.57 -137.75
C UNK ID 76 -103.04 -27.21 -136.85
N UNK ID 77 -102.60 -27.75 -135.73
CA UNK ID 77 -103.52 -28.35 -134.77
C UNK ID 77 -103.81 -27.38 -133.64
N UNK ID 78 -104.93 -27.61 -132.97
CA UNK ID 78 -105.20 -27.03 -131.65
C UNK ID 78 -106.05 -28.05 -130.92
N UNK ID 79 -105.39 -28.94 -130.20
CA UNK ID 79 -106.07 -30.05 -129.55
C UNK ID 79 -105.85 -29.98 -128.04
N UNK ID 80 -106.80 -30.56 -127.32
CA UNK ID 80 -106.76 -30.60 -125.86
C UNK ID 80 -106.75 -32.07 -125.43
N UNK ID 81 -105.57 -32.67 -125.39
CA UNK ID 81 -105.43 -34.07 -125.06
C UNK ID 81 -105.29 -34.25 -123.55
N UNK ID 82 -105.24 -35.51 -123.08
CA UNK ID 82 -105.21 -35.70 -121.64
C UNK ID 82 -104.18 -36.68 -121.11
N UNK ID 83 -104.00 -37.84 -121.75
CA UNK ID 83 -103.49 -39.01 -121.02
C UNK ID 83 -102.04 -39.34 -121.31
N UNK ID 84 -101.69 -39.62 -122.55
CA UNK ID 84 -100.34 -39.97 -122.94
C UNK ID 84 -100.17 -39.59 -124.40
N UNK ID 85 -98.93 -39.40 -124.81
CA UNK ID 85 -98.68 -38.93 -126.17
C UNK ID 85 -97.50 -39.68 -126.78
N UNK ID 86 -97.77 -40.32 -127.91
CA UNK ID 86 -96.73 -40.84 -128.80
C UNK ID 86 -96.76 -39.98 -130.04
N UNK ID 87 -95.96 -38.92 -130.07
CA UNK ID 87 -96.05 -37.90 -131.10
C UNK ID 87 -94.81 -37.90 -131.97
N UNK ID 88 -95.03 -37.89 -133.28
CA UNK ID 88 -93.95 -37.81 -134.25
C UNK ID 88 -94.43 -37.01 -135.46
N UNK ID 89 -93.53 -36.24 -136.05
CA UNK ID 89 -93.92 -35.33 -137.11
C UNK ID 89 -93.00 -35.48 -138.32
N UNK ID 90 -93.37 -34.77 -139.39
CA UNK ID 90 -92.56 -34.67 -140.59
C UNK ID 90 -92.86 -33.33 -141.24
N UNK ID 91 -91.92 -32.38 -141.10
CA UNK ID 91 -91.85 -31.07 -141.81
C UNK ID 91 -93.04 -30.15 -141.51
N UNK ID 92 -93.71 -30.34 -140.38
CA UNK ID 92 -95.01 -29.75 -140.14
C UNK ID 92 -94.95 -28.75 -138.99
N UNK ID 93 -96.11 -28.27 -138.61
CA UNK ID 93 -96.29 -27.40 -137.46
C UNK ID 93 -97.50 -27.88 -136.68
N UNK ID 94 -97.46 -27.73 -135.36
CA UNK ID 94 -98.53 -28.23 -134.51
C UNK ID 94 -98.59 -27.40 -133.24
N UNK ID 95 -99.79 -27.22 -132.72
CA UNK ID 95 -99.99 -26.66 -131.39
C UNK ID 95 -100.95 -27.57 -130.63
N UNK ID 96 -100.76 -27.63 -129.32
CA UNK ID 96 -101.65 -28.38 -128.45
C UNK ID 96 -101.84 -27.59 -127.17
N UNK ID 97 -102.98 -27.80 -126.52
CA UNK ID 97 -103.45 -26.85 -125.52
C UNK ID 97 -103.41 -27.38 -124.09
N UNK ID 98 -104.08 -28.48 -123.80
CA UNK ID 98 -104.35 -28.85 -122.41
C UNK ID 98 -103.19 -29.64 -121.81
N UNK ID 99 -103.43 -30.19 -120.62
CA UNK ID 99 -102.43 -30.94 -119.88
C UNK ID 99 -102.28 -32.31 -120.52
N UNK ID 100 -101.07 -32.63 -120.96
CA UNK ID 100 -100.75 -33.94 -121.50
C UNK ID 100 -99.54 -34.52 -120.79
N UNK ID 101 -99.22 -35.78 -121.11
CA UNK ID 101 -98.04 -36.44 -120.57
C UNK ID 101 -97.31 -37.11 -121.72
N UNK ID 102 -96.45 -36.36 -122.37
CA UNK ID 102 -95.71 -36.85 -123.53
C UNK ID 102 -94.53 -37.68 -123.04
N UNK ID 103 -94.58 -38.98 -123.28
CA UNK ID 103 -93.47 -39.84 -122.89
C UNK ID 103 -92.30 -39.69 -123.84
N UNK ID 104 -92.49 -40.02 -125.11
CA UNK ID 104 -91.43 -39.92 -126.09
C UNK ID 104 -91.83 -38.99 -127.21
N UNK ID 105 -90.88 -38.18 -127.66
CA UNK ID 105 -91.05 -37.35 -128.84
C UNK ID 105 -89.80 -37.51 -129.69
N UNK ID 106 -90.01 -37.81 -130.97
CA UNK ID 106 -88.91 -38.07 -131.89
C UNK ID 106 -89.16 -37.28 -133.16
N UNK ID 107 -88.41 -36.19 -133.33
CA UNK ID 107 -88.63 -35.29 -134.46
C UNK ID 107 -87.39 -35.33 -135.34
N UNK ID 108 -87.50 -36.00 -136.49
CA UNK ID 108 -86.39 -36.13 -137.43
C UNK ID 108 -86.55 -35.23 -138.64
N UNK ID 109 -87.28 -34.13 -138.52
CA UNK ID 109 -87.60 -33.26 -139.65
C UNK ID 109 -87.75 -31.83 -139.17
N UNK ID 110 -88.41 -30.99 -139.97
CA UNK ID 110 -88.62 -29.58 -139.65
C UNK ID 110 -90.04 -29.42 -139.12
N UNK ID 111 -90.17 -29.30 -137.81
CA UNK ID 111 -91.47 -29.33 -137.16
C UNK ID 111 -91.51 -28.30 -136.04
N UNK ID 112 -92.50 -27.42 -136.10
CA UNK ID 112 -92.71 -26.43 -135.04
C UNK ID 112 -93.79 -26.97 -134.09
N UNK ID 113 -93.34 -27.67 -133.06
CA UNK ID 113 -94.24 -28.32 -132.12
C UNK ID 113 -94.46 -27.42 -130.92
N UNK ID 114 -95.72 -27.25 -130.53
CA UNK ID 114 -96.06 -26.41 -129.39
C UNK ID 114 -97.00 -27.15 -128.46
N UNK ID 115 -96.78 -26.99 -127.16
CA UNK ID 115 -97.63 -27.60 -126.14
C UNK ID 115 -97.76 -26.62 -124.99
N UNK ID 116 -98.97 -26.07 -124.79
CA UNK ID 116 -99.19 -25.05 -123.77
C UNK ID 116 -99.22 -25.62 -122.35
N UNK ID 117 -99.41 -26.92 -122.20
CA UNK ID 117 -99.19 -27.60 -120.93
C UNK ID 117 -98.72 -28.99 -121.25
N UNK ID 118 -97.82 -29.52 -120.43
CA UNK ID 118 -97.33 -30.89 -120.53
C UNK ID 118 -96.90 -31.29 -119.14
N UNK ID 119 -97.71 -32.10 -118.46
CA UNK ID 119 -97.40 -32.59 -117.12
C UNK ID 119 -97.04 -34.06 -117.26
N UNK ID 120 -95.79 -34.32 -117.57
CA UNK ID 120 -95.31 -35.66 -117.86
C UNK ID 120 -94.50 -36.19 -116.68
N UNK ID 121 -93.89 -37.35 -116.88
CA UNK ID 121 -93.03 -37.95 -115.87
C UNK ID 121 -91.62 -38.20 -116.39
N UNK ID 122 -91.48 -38.62 -117.64
CA UNK ID 122 -90.15 -38.84 -118.21
C UNK ID 122 -90.23 -38.49 -119.70
N UNK ID 123 -89.89 -37.25 -120.03
CA UNK ID 123 -90.00 -36.76 -121.40
C UNK ID 123 -88.68 -36.97 -122.12
N UNK ID 124 -88.59 -38.03 -122.89
CA UNK ID 124 -87.45 -38.28 -123.75
C UNK ID 124 -87.74 -37.66 -125.11
N UNK ID 125 -87.02 -36.62 -125.46
CA UNK ID 125 -87.20 -35.91 -126.72
C UNK ID 125 -85.90 -35.96 -127.50
N UNK ID 126 -85.94 -36.59 -128.66
CA UNK ID 126 -84.77 -36.71 -129.53
C UNK ID 126 -85.05 -35.99 -130.83
N UNK ID 127 -84.12 -35.12 -131.23
CA UNK ID 127 -84.31 -34.29 -132.41
C UNK ID 127 -83.17 -34.48 -133.39
N UNK ID 128 -83.50 -34.31 -134.67
CA UNK ID 128 -82.54 -34.58 -135.76
C UNK ID 128 -82.70 -33.52 -136.84
N UNK ID 129 -81.76 -32.57 -136.83
CA UNK ID 129 -81.25 -31.72 -137.89
C UNK ID 129 -82.11 -30.56 -138.37
N UNK ID 130 -83.40 -30.48 -138.01
CA UNK ID 130 -84.17 -29.34 -138.52
C UNK ID 130 -85.20 -28.70 -137.59
N UNK ID 131 -85.75 -29.45 -136.64
CA UNK ID 131 -87.02 -29.10 -136.00
C UNK ID 131 -86.91 -27.98 -134.97
N UNK ID 132 -88.04 -27.73 -134.29
CA UNK ID 132 -88.18 -26.62 -133.34
C UNK ID 132 -89.25 -26.99 -132.32
N UNK ID 133 -88.83 -27.47 -131.16
CA UNK ID 133 -89.77 -27.85 -130.12
C UNK ID 133 -89.95 -26.73 -129.10
N UNK ID 134 -91.21 -26.38 -128.83
CA UNK ID 134 -91.53 -25.38 -127.80
C UNK ID 134 -92.55 -26.01 -126.85
N UNK ID 135 -92.06 -26.76 -125.87
CA UNK ID 135 -92.90 -27.49 -124.94
C UNK ID 135 -92.57 -27.06 -123.54
N UNK ID 136 -93.56 -26.50 -122.82
CA UNK ID 136 -93.22 -25.88 -121.53
C UNK ID 136 -94.41 -25.95 -120.56
N UNK ID 137 -94.47 -27.01 -119.75
CA UNK ID 137 -94.97 -26.77 -118.40
C UNK ID 137 -94.11 -27.33 -117.26
N UNK ID 138 -94.08 -28.66 -117.12
CA UNK ID 138 -93.56 -29.29 -115.91
C UNK ID 138 -93.29 -30.77 -116.17
N UNK ID 139 -92.03 -31.15 -116.18
CA UNK ID 139 -91.66 -32.56 -116.30
C UNK ID 139 -91.11 -33.04 -114.98
N UNK ID 140 -90.66 -34.29 -114.96
CA UNK ID 140 -89.96 -34.83 -113.81
C UNK ID 140 -88.67 -35.54 -114.17
N UNK ID 141 -88.46 -35.88 -115.43
CA UNK ID 141 -87.17 -36.36 -115.93
C UNK ID 141 -87.12 -35.99 -117.40
N UNK ID 142 -86.47 -34.89 -117.72
CA UNK ID 142 -86.31 -34.46 -119.10
C UNK ID 142 -85.04 -35.08 -119.67
N UNK ID 143 -85.14 -35.63 -120.87
CA UNK ID 143 -84.00 -36.24 -121.55
C UNK ID 143 -84.04 -35.72 -122.97
N UNK ID 144 -83.39 -34.59 -123.22
CA UNK ID 144 -83.39 -33.97 -124.53
C UNK ID 144 -82.06 -34.29 -125.20
N UNK ID 145 -82.11 -35.12 -126.22
CA UNK ID 145 -80.94 -35.42 -127.03
C UNK ID 145 -81.15 -34.75 -128.38
N UNK ID 146 -80.48 -33.63 -128.58
CA UNK ID 146 -80.44 -32.99 -129.88
C UNK ID 146 -79.22 -33.54 -130.58
N UNK ID 147 -79.44 -34.42 -131.57
CA UNK ID 147 -78.38 -34.99 -132.38
C UNK ID 147 -78.22 -34.23 -133.68
N UNK ID 148 -78.29 -32.91 -133.60
CA UNK ID 148 -79.14 -32.11 -134.46
C UNK ID 148 -78.52 -30.75 -134.76
N UNK ID 149 -79.03 -30.10 -135.79
CA UNK ID 149 -78.93 -28.66 -135.98
C UNK ID 149 -80.25 -27.99 -135.65
N UNK ID 150 -80.92 -28.47 -134.60
CA UNK ID 150 -82.29 -28.08 -134.30
C UNK ID 150 -82.31 -27.29 -133.00
N UNK ID 151 -83.53 -26.97 -132.55
CA UNK ID 151 -83.75 -26.07 -131.43
C UNK ID 151 -84.78 -26.68 -130.48
N UNK ID 152 -84.42 -26.73 -129.20
CA UNK ID 152 -85.33 -27.18 -128.14
C UNK ID 152 -85.48 -26.03 -127.15
N UNK ID 153 -86.40 -25.12 -127.45
CA UNK ID 153 -86.70 -24.04 -126.54
C UNK ID 153 -87.58 -24.54 -125.41
N UNK ID 154 -87.31 -24.08 -124.19
CA UNK ID 154 -88.04 -24.59 -123.05
C UNK ID 154 -88.13 -23.55 -121.96
N UNK ID 155 -89.36 -23.33 -121.50
CA UNK ID 155 -89.64 -22.81 -120.17
C UNK ID 155 -90.21 -23.93 -119.32
N UNK ID 156 -89.87 -25.17 -119.67
CA UNK ID 156 -90.40 -26.36 -119.00
C UNK ID 156 -89.66 -26.56 -117.69
N UNK ID 157 -90.34 -26.31 -116.59
CA UNK ID 157 -89.74 -26.48 -115.27
C UNK ID 157 -89.70 -27.96 -114.95
N UNK ID 158 -88.62 -28.61 -115.37
CA UNK ID 158 -88.42 -30.03 -115.12
C UNK ID 158 -87.66 -30.22 -113.81
N UNK ID 159 -87.97 -31.32 -113.11
CA UNK ID 159 -87.37 -31.55 -111.80
C UNK ID 159 -85.98 -32.14 -111.91
N UNK ID 160 -85.66 -32.78 -113.02
CA UNK ID 160 -84.30 -33.20 -113.32
C UNK ID 160 -84.14 -33.17 -114.83
N UNK ID 161 -82.98 -32.76 -115.29
CA UNK ID 161 -82.79 -32.46 -116.70
C UNK ID 161 -81.53 -33.11 -117.21
N UNK ID 162 -81.60 -33.65 -118.42
CA UNK ID 162 -80.46 -34.31 -119.05
C UNK ID 162 -80.48 -33.92 -120.53
N UNK ID 163 -79.73 -32.90 -120.88
CA UNK ID 163 -79.72 -32.35 -122.23
C UNK ID 163 -78.33 -32.53 -122.81
N UNK ID 164 -78.27 -33.15 -123.98
CA UNK ID 164 -77.01 -33.30 -124.71
C UNK ID 164 -77.21 -32.82 -126.15
N UNK ID 165 -76.32 -31.94 -126.59
CA UNK ID 165 -76.41 -31.31 -127.90
C UNK ID 165 -75.18 -31.65 -128.72
N UNK ID 166 -75.38 -32.02 -129.99
CA UNK ID 166 -74.32 -32.71 -130.71
C UNK ID 166 -73.60 -31.90 -131.78
N UNK ID 167 -74.29 -31.15 -132.65
CA UNK ID 167 -73.59 -30.43 -133.73
C UNK ID 167 -74.38 -29.17 -134.11
N UNK ID 168 -74.05 -28.06 -133.44
CA UNK ID 168 -74.66 -26.72 -133.59
C UNK ID 168 -76.18 -26.75 -133.42
N UNK ID 169 -76.62 -27.38 -132.35
CA UNK ID 169 -78.00 -27.27 -131.90
C UNK ID 169 -78.12 -26.13 -130.90
N UNK ID 170 -79.34 -25.83 -130.50
CA UNK ID 170 -79.56 -24.80 -129.48
C UNK ID 170 -80.71 -25.25 -128.61
N UNK ID 171 -80.50 -25.24 -127.30
CA UNK ID 171 -81.50 -25.72 -126.35
C UNK ID 171 -81.56 -24.78 -125.15
N UNK ID 172 -82.77 -24.43 -124.75
CA UNK ID 172 -83.00 -23.59 -123.59
C UNK ID 172 -83.72 -24.44 -122.56
N UNK ID 173 -82.98 -24.89 -121.55
CA UNK ID 173 -83.50 -25.76 -120.51
C UNK ID 173 -83.77 -24.99 -119.24
N UNK ID 174 -84.52 -25.61 -118.34
CA UNK ID 174 -84.76 -25.06 -117.00
C UNK ID 174 -84.95 -26.23 -116.06
N UNK ID 175 -84.04 -26.40 -115.11
CA UNK ID 175 -84.09 -27.52 -114.19
C UNK ID 175 -84.44 -27.04 -112.79
N UNK ID 176 -85.30 -27.80 -112.11
CA UNK ID 176 -85.65 -27.44 -110.74
C UNK ID 176 -84.61 -27.95 -109.75
N UNK ID 177 -84.42 -29.26 -109.69
CA UNK ID 177 -83.56 -29.83 -108.65
C UNK ID 177 -82.24 -30.37 -109.17
N UNK ID 178 -82.20 -30.91 -110.38
CA UNK ID 178 -80.99 -31.54 -110.88
C UNK ID 178 -80.78 -31.14 -112.33
N UNK ID 179 -79.62 -30.59 -112.64
CA UNK ID 179 -79.30 -30.17 -114.01
C UNK ID 179 -78.16 -31.00 -114.55
N UNK ID 180 -78.32 -31.47 -115.77
CA UNK ID 180 -77.36 -32.37 -116.40
C UNK ID 180 -77.18 -31.92 -117.84
N UNK ID 181 -75.99 -31.42 -118.16
CA UNK ID 181 -75.82 -30.83 -119.48
C UNK ID 181 -74.53 -31.33 -120.11
N UNK ID 182 -74.62 -31.73 -121.37
CA UNK ID 182 -73.45 -31.98 -122.20
C UNK ID 182 -73.66 -31.31 -123.54
N UNK ID 183 -72.66 -30.59 -124.00
CA UNK ID 183 -72.76 -29.93 -125.29
C UNK ID 183 -71.52 -30.19 -126.11
N UNK ID 184 -71.68 -30.11 -127.43
CA UNK ID 184 -70.56 -30.26 -128.38
C UNK ID 184 -70.86 -29.37 -129.57
N UNK ID 185 -70.03 -28.33 -129.76
CA UNK ID 185 -70.07 -27.34 -130.87
C UNK ID 185 -71.40 -26.56 -130.95
N UNK ID 186 -72.09 -26.41 -129.82
CA UNK ID 186 -73.50 -26.06 -129.79
C UNK ID 186 -73.74 -25.14 -128.60
N UNK ID 187 -75.00 -24.98 -128.23
CA UNK ID 187 -75.36 -24.10 -127.11
C UNK ID 187 -76.45 -24.74 -126.27
N UNK ID 188 -76.23 -24.78 -124.96
CA UNK ID 188 -77.26 -25.17 -123.98
C UNK ID 188 -77.43 -24.00 -123.02
N UNK ID 189 -78.63 -23.46 -122.96
CA UNK ID 189 -78.90 -22.23 -122.22
C UNK ID 189 -79.70 -22.53 -120.96
N UNK ID 190 -79.04 -22.44 -119.81
CA UNK ID 190 -79.67 -22.70 -118.52
C UNK ID 190 -80.43 -21.44 -118.11
N UNK ID 191 -81.76 -21.52 -118.11
CA UNK ID 191 -82.58 -20.36 -117.81
C UNK ID 191 -83.15 -20.38 -116.40
N UNK ID 192 -82.71 -21.32 -115.57
CA UNK ID 192 -83.02 -21.34 -114.14
C UNK ID 192 -81.89 -22.07 -113.44
N UNK ID 193 -81.57 -21.64 -112.23
CA UNK ID 193 -80.49 -22.26 -111.47
C UNK ID 193 -81.06 -23.42 -110.68
N UNK ID 194 -80.57 -24.62 -110.93
CA UNK ID 194 -81.08 -25.81 -110.27
C UNK ID 194 -80.54 -25.93 -108.85
N UNK ID 195 -81.06 -26.92 -108.12
CA UNK ID 195 -80.57 -27.14 -106.78
C UNK ID 195 -79.22 -27.83 -106.78
N UNK ID 196 -78.94 -28.61 -107.81
CA UNK ID 196 -77.59 -29.10 -108.07
C UNK ID 196 -77.41 -29.17 -109.56
N UNK ID 197 -76.35 -28.53 -110.07
CA UNK ID 197 -76.14 -28.44 -111.50
C UNK ID 197 -74.83 -29.12 -111.87
N UNK ID 198 -74.78 -29.63 -113.09
CA UNK ID 198 -73.55 -30.17 -113.65
C UNK ID 198 -73.57 -29.99 -115.15
N UNK ID 199 -72.46 -29.49 -115.68
CA UNK ID 199 -72.39 -29.12 -117.09
C UNK ID 199 -71.02 -29.51 -117.64
N UNK ID 200 -71.03 -30.15 -118.80
CA UNK ID 200 -69.81 -30.55 -119.48
C UNK ID 200 -69.86 -30.01 -120.89
N UNK ID 201 -68.87 -29.19 -121.21
CA UNK ID 201 -68.72 -28.60 -122.53
C UNK ID 201 -67.60 -29.32 -123.27
N UNK ID 202 -67.88 -29.75 -124.49
CA UNK ID 202 -66.95 -30.41 -125.38
C UNK ID 202 -66.27 -29.36 -126.25
N UNK ID 203 -65.72 -29.81 -127.40
CA UNK ID 203 -65.11 -28.93 -128.39
C UNK ID 203 -66.11 -27.92 -128.94
N UNK ID 204 -65.76 -26.62 -128.75
CA UNK ID 204 -66.47 -25.43 -129.24
C UNK ID 204 -67.89 -25.30 -128.70
N UNK ID 205 -68.12 -25.81 -127.50
CA UNK ID 205 -69.45 -25.91 -126.92
C UNK ID 205 -69.74 -24.71 -126.04
N UNK ID 206 -70.98 -24.61 -125.55
CA UNK ID 206 -71.40 -23.45 -124.77
C UNK ID 206 -72.51 -23.84 -123.79
N UNK ID 207 -72.16 -24.04 -122.53
CA UNK ID 207 -73.17 -24.23 -121.49
C UNK ID 207 -73.35 -22.91 -120.75
N UNK ID 208 -73.80 -21.89 -121.48
CA UNK ID 208 -73.93 -20.55 -120.93
C UNK ID 208 -75.27 -20.42 -120.22
N UNK ID 209 -75.21 -20.18 -118.91
CA UNK ID 209 -76.42 -20.02 -118.11
C UNK ID 209 -76.97 -18.62 -118.35
N UNK ID 210 -77.87 -18.51 -119.34
CA UNK ID 210 -78.40 -17.21 -119.76
C UNK ID 210 -79.67 -16.87 -118.98
N UNK ID 211 -79.53 -16.76 -117.67
CA UNK ID 211 -80.64 -16.31 -116.85
C UNK ID 211 -80.75 -14.81 -116.91
N UNK ID 212 -81.90 -14.29 -116.50
CA UNK ID 212 -82.15 -12.86 -116.53
C UNK ID 212 -81.43 -12.21 -115.37
N UNK ID 213 -80.28 -11.59 -115.68
CA UNK ID 213 -79.65 -10.67 -114.73
C UNK ID 213 -80.55 -9.44 -114.56
N UNK ID 214 -80.49 -8.87 -113.36
CA UNK ID 214 -81.50 -8.01 -112.75
C UNK ID 214 -82.89 -8.68 -112.78
N UNK ID 215 -82.99 -9.77 -112.04
CA UNK ID 215 -84.29 -10.22 -111.61
C UNK ID 215 -84.67 -9.51 -110.32
N UNK ID 216 -85.84 -9.85 -109.80
CA UNK ID 216 -86.24 -9.32 -108.50
C UNK ID 216 -85.47 -10.02 -107.39
N UNK ID 217 -85.45 -11.35 -107.43
CA UNK ID 217 -84.57 -12.14 -106.57
C UNK ID 217 -83.91 -13.20 -107.44
N UNK ID 218 -82.80 -12.82 -108.07
CA UNK ID 218 -81.98 -13.80 -108.76
C UNK ID 218 -81.08 -14.46 -107.73
N UNK ID 219 -81.33 -15.73 -107.44
CA UNK ID 219 -80.58 -16.44 -106.42
C UNK ID 219 -79.20 -16.79 -106.94
N UNK ID 220 -78.18 -16.57 -106.11
CA UNK ID 220 -76.80 -16.77 -106.53
C UNK ID 220 -76.46 -18.26 -106.53
N UNK ID 221 -75.42 -18.58 -107.29
CA UNK ID 221 -74.94 -19.95 -107.41
C UNK ID 221 -74.22 -20.34 -106.12
N UNK ID 222 -74.91 -21.11 -105.27
CA UNK ID 222 -74.45 -21.46 -103.93
C UNK ID 222 -73.36 -22.54 -103.97
N UNK ID 223 -72.92 -22.97 -102.79
CA UNK ID 223 -71.73 -23.81 -102.64
C UNK ID 223 -71.97 -25.26 -103.07
N UNK ID 224 -73.21 -25.69 -103.16
CA UNK ID 224 -73.53 -26.95 -103.78
C UNK ID 224 -73.74 -26.83 -105.28
N UNK ID 225 -73.71 -25.62 -105.83
CA UNK ID 225 -74.05 -25.42 -107.23
C UNK ID 225 -73.07 -24.52 -107.96
N UNK ID 226 -71.94 -24.18 -107.36
CA UNK ID 226 -71.00 -23.24 -107.97
C UNK ID 226 -70.04 -24.02 -108.87
N UNK ID 227 -70.53 -24.46 -110.02
CA UNK ID 227 -69.67 -25.03 -111.05
C UNK ID 227 -69.21 -23.92 -111.99
N UNK ID 228 -68.15 -24.21 -112.73
CA UNK ID 228 -67.55 -23.23 -113.64
C UNK ID 228 -68.37 -23.06 -114.91
N UNK JD 1 -105.14 -13.92 -116.77
CA UNK JD 1 -105.32 -15.02 -117.71
C UNK JD 1 -104.50 -16.24 -117.30
N UNK JD 2 -104.84 -16.80 -116.14
CA UNK JD 2 -104.15 -17.96 -115.60
C UNK JD 2 -104.99 -19.22 -115.83
N UNK JD 3 -104.55 -20.33 -115.25
CA UNK JD 3 -105.30 -21.58 -115.24
C UNK JD 3 -104.91 -22.32 -113.96
N UNK JD 4 -105.73 -22.21 -112.93
CA UNK JD 4 -105.40 -22.78 -111.64
C UNK JD 4 -105.67 -24.28 -111.63
N UNK JD 5 -105.02 -24.97 -110.70
CA UNK JD 5 -105.27 -26.38 -110.47
C UNK JD 5 -106.05 -26.53 -109.18
N UNK JD 6 -106.70 -27.69 -109.04
CA UNK JD 6 -107.63 -27.92 -107.95
C UNK JD 6 -106.96 -28.40 -106.66
N UNK JD 7 -105.64 -28.54 -106.65
CA UNK JD 7 -104.94 -29.08 -105.50
C UNK JD 7 -104.61 -27.96 -104.51
N UNK JD 8 -103.76 -28.25 -103.54
CA UNK JD 8 -103.27 -27.21 -102.63
C UNK JD 8 -102.28 -26.32 -103.35
N UNK JD 9 -102.82 -25.20 -103.89
CA UNK JD 9 -102.09 -23.98 -104.23
C UNK JD 9 -101.10 -24.13 -105.40
N UNK JD 10 -101.58 -24.63 -106.53
CA UNK JD 10 -100.79 -24.65 -107.76
C UNK JD 10 -101.59 -24.05 -108.90
N UNK JD 11 -100.89 -23.39 -109.83
CA UNK JD 11 -101.55 -22.73 -110.94
C UNK JD 11 -100.61 -22.65 -112.13
N UNK JD 12 -101.04 -23.16 -113.28
CA UNK JD 12 -100.32 -22.83 -114.49
C UNK JD 12 -100.77 -21.46 -114.99
N UNK JD 13 -99.98 -20.89 -115.90
CA UNK JD 13 -100.32 -19.59 -116.46
C UNK JD 13 -99.83 -19.52 -117.89
N UNK JD 14 -100.65 -18.94 -118.75
CA UNK JD 14 -100.37 -18.91 -120.18
C UNK JD 14 -100.25 -17.49 -120.69
N UNK JD 15 -99.53 -16.65 -119.95
CA UNK JD 15 -99.10 -15.37 -120.51
C UNK JD 15 -98.05 -15.59 -121.58
N UNK JD 16 -96.91 -16.16 -121.20
CA UNK JD 16 -96.08 -16.90 -122.14
C UNK JD 16 -96.01 -18.37 -121.76
N UNK JD 17 -95.48 -18.68 -120.58
CA UNK JD 17 -95.37 -20.03 -120.01
C UNK JD 17 -95.05 -19.95 -118.53
N UNK JD 18 -95.91 -20.51 -117.66
CA UNK JD 18 -95.60 -20.57 -116.25
C UNK JD 18 -96.29 -21.78 -115.62
N UNK JD 19 -95.64 -22.38 -114.62
CA UNK JD 19 -96.29 -23.33 -113.70
C UNK JD 19 -95.89 -22.92 -112.29
N UNK JD 20 -96.63 -21.98 -111.72
CA UNK JD 20 -96.27 -21.39 -110.43
C UNK JD 20 -97.18 -21.95 -109.33
N UNK JD 21 -97.00 -21.41 -108.14
CA UNK JD 21 -97.72 -21.89 -106.96
C UNK JD 21 -98.34 -20.73 -106.21
N UNK JD 22 -99.54 -20.95 -105.72
CA UNK JD 22 -100.29 -19.97 -104.95
C UNK JD 22 -99.99 -20.16 -103.46
N UNK JD 23 -100.82 -19.60 -102.60
CA UNK JD 23 -100.80 -19.92 -101.18
C UNK JD 23 -102.05 -20.64 -100.72
N UNK JD 24 -103.22 -20.27 -101.29
CA UNK JD 24 -104.56 -20.81 -101.03
C UNK JD 24 -104.97 -20.72 -99.57
N UNK JD 25 -104.58 -19.65 -98.91
CA UNK JD 25 -105.04 -19.33 -97.56
C UNK JD 25 -105.54 -17.90 -97.42
N UNK JD 26 -105.00 -16.97 -98.20
CA UNK JD 26 -105.51 -15.61 -98.24
C UNK JD 26 -106.49 -15.38 -99.39
N UNK JD 27 -106.48 -16.29 -100.39
CA UNK JD 27 -107.47 -16.43 -101.48
C UNK JD 27 -107.56 -15.20 -102.37
N UNK JD 28 -106.46 -14.88 -103.05
CA UNK JD 28 -106.44 -13.81 -104.05
C UNK JD 28 -106.74 -14.42 -105.41
N UNK JD 29 -107.98 -14.86 -105.57
CA UNK JD 29 -108.45 -15.47 -106.81
C UNK JD 29 -109.14 -14.43 -107.68
N UNK JD 30 -108.38 -13.40 -108.06
CA UNK JD 30 -108.93 -12.28 -108.79
C UNK JD 30 -109.10 -12.58 -110.27
N UNK JD 31 -108.28 -13.52 -110.80
CA UNK JD 31 -108.09 -13.83 -112.23
C UNK JD 31 -107.78 -12.60 -113.07
N UNK JD 32 -106.96 -11.70 -112.53
CA UNK JD 32 -106.66 -10.41 -113.16
C UNK JD 32 -105.29 -9.99 -112.67
N UNK JD 33 -104.31 -10.00 -113.56
CA UNK JD 33 -102.93 -9.84 -113.15
C UNK JD 33 -102.12 -9.30 -114.31
N UNK JD 34 -100.83 -9.13 -114.09
CA UNK JD 34 -99.84 -8.87 -115.14
C UNK JD 34 -98.79 -9.96 -114.99
N UNK JD 35 -99.00 -11.09 -115.67
CA UNK JD 35 -98.11 -12.23 -115.55
C UNK JD 35 -97.01 -12.12 -116.60
N UNK JD 36 -95.78 -12.38 -116.18
CA UNK JD 36 -94.61 -12.26 -117.04
C UNK JD 36 -93.76 -13.51 -116.94
N UNK JD 37 -92.77 -13.59 -117.83
CA UNK JD 37 -91.79 -14.69 -117.80
C UNK JD 37 -90.55 -14.30 -117.00
N UNK JD 38 -90.76 -13.80 -115.78
CA UNK JD 38 -89.76 -13.66 -114.74
C UNK JD 38 -90.29 -14.24 -113.45
N UNK JD 39 -91.27 -15.15 -113.59
CA UNK JD 39 -92.00 -15.86 -112.53
C UNK JD 39 -92.70 -14.90 -111.57
N UNK JD 40 -93.52 -14.02 -112.15
CA UNK JD 40 -94.20 -13.02 -111.33
C UNK JD 40 -95.67 -12.97 -111.77
N UNK JD 41 -96.53 -13.58 -110.97
CA UNK JD 41 -97.98 -13.45 -111.13
C UNK JD 41 -98.41 -12.33 -110.20
N UNK JD 42 -98.29 -11.08 -110.68
CA UNK JD 42 -98.59 -9.90 -109.87
C UNK JD 42 -100.09 -9.62 -109.99
N UNK JD 43 -100.84 -10.11 -109.01
CA UNK JD 43 -102.30 -10.05 -109.05
C UNK JD 43 -102.81 -8.72 -108.50
N UNK JD 44 -104.11 -8.65 -108.24
CA UNK JD 44 -104.71 -7.43 -107.71
C UNK JD 44 -104.39 -7.24 -106.24
N UNK JD 45 -104.30 -8.34 -105.48
CA UNK JD 45 -103.98 -8.24 -104.07
C UNK JD 45 -102.47 -8.24 -103.85
N UNK JD 46 -101.78 -9.29 -104.27
CA UNK JD 46 -100.36 -9.45 -104.01
C UNK JD 46 -99.70 -10.08 -105.23
N UNK JD 47 -98.46 -10.53 -105.05
CA UNK JD 47 -97.69 -11.14 -106.14
C UNK JD 47 -97.44 -12.61 -105.82
N UNK JD 48 -97.50 -13.44 -106.86
CA UNK JD 48 -97.26 -14.86 -106.73
C UNK JD 48 -96.10 -15.26 -107.62
N UNK JD 49 -95.46 -16.38 -107.28
CA UNK JD 49 -94.28 -16.85 -107.97
C UNK JD 49 -94.26 -18.37 -107.99
N UNK JD 50 -93.28 -18.92 -108.70
CA UNK JD 50 -92.98 -20.34 -108.59
C UNK JD 50 -92.32 -20.58 -107.25
N UNK JD 51 -93.06 -21.20 -106.32
CA UNK JD 51 -92.60 -21.28 -104.94
C UNK JD 51 -91.56 -22.37 -104.76
N UNK JD 52 -90.66 -22.15 -103.82
CA UNK JD 52 -89.57 -23.09 -103.56
C UNK JD 52 -89.41 -23.31 -102.07
N UNK KD 1 -30.39 -6.16 -106.14
CA UNK KD 1 -31.34 -5.07 -105.93
C UNK KD 1 -32.25 -4.94 -107.15
N UNK KD 2 -32.49 -3.71 -107.62
CA UNK KD 2 -33.33 -3.48 -108.79
C UNK KD 2 -32.60 -3.84 -110.07
N UNK KD 3 -32.53 -5.13 -110.38
CA UNK KD 3 -31.70 -5.62 -111.47
C UNK KD 3 -32.49 -5.59 -112.77
N UNK KD 4 -31.79 -5.20 -113.83
CA UNK KD 4 -32.09 -5.31 -115.26
C UNK KD 4 -33.18 -4.38 -115.78
N UNK KD 5 -33.96 -3.74 -114.92
CA UNK KD 5 -34.87 -2.69 -115.38
C UNK KD 5 -34.08 -1.43 -115.66
N UNK KD 6 -33.39 -0.93 -114.65
CA UNK KD 6 -32.48 0.19 -114.69
C UNK KD 6 -31.56 0.06 -113.50
N UNK KD 7 -30.92 1.15 -113.12
CA UNK KD 7 -30.34 1.19 -111.79
C UNK KD 7 -31.33 1.85 -110.83
N UNK KD 8 -31.02 1.76 -109.53
CA UNK KD 8 -31.87 2.34 -108.50
C UNK KD 8 -31.73 3.85 -108.48
N UNK KD 9 -32.79 4.56 -108.82
CA UNK KD 9 -32.69 6.03 -108.91
C UNK KD 9 -32.82 6.69 -107.54
N UNK KD 10 -33.99 6.58 -106.93
CA UNK KD 10 -34.21 7.17 -105.62
C UNK KD 10 -34.36 6.04 -104.60
N UNK KD 11 -34.35 6.42 -103.32
CA UNK KD 11 -34.75 5.51 -102.25
C UNK KD 11 -35.99 6.17 -101.65
N UNK KD 12 -37.15 5.85 -102.22
CA UNK KD 12 -38.40 6.53 -101.90
C UNK KD 12 -38.90 6.11 -100.54
N UNK KD 13 -38.91 7.05 -99.61
CA UNK KD 13 -39.40 6.77 -98.26
C UNK KD 13 -40.92 6.66 -98.26
N UNK KD 14 -41.40 5.96 -97.23
CA UNK KD 14 -42.76 5.39 -97.07
C UNK KD 14 -43.15 4.48 -98.24
N UNK KD 15 -42.16 3.76 -98.79
CA UNK KD 15 -42.33 2.95 -99.98
C UNK KD 15 -41.15 2.01 -100.11
N UNK KD 16 -41.10 1.31 -101.23
CA UNK KD 16 -39.98 0.49 -101.66
C UNK KD 16 -39.02 1.35 -102.48
N UNK KD 17 -37.94 0.76 -102.96
CA UNK KD 17 -36.90 1.51 -103.67
C UNK KD 17 -37.35 1.80 -105.10
N UNK KD 18 -36.88 2.93 -105.62
CA UNK KD 18 -37.32 3.42 -106.90
C UNK KD 18 -36.22 3.24 -107.92
N UNK KD 19 -36.40 2.27 -108.81
CA UNK KD 19 -35.51 2.12 -109.95
C UNK KD 19 -35.78 3.21 -110.97
N UNK KD 20 -34.87 3.38 -111.92
CA UNK KD 20 -35.01 4.44 -112.92
C UNK KD 20 -35.80 4.01 -114.16
N UNK KD 21 -36.63 2.98 -114.05
CA UNK KD 21 -37.81 2.82 -114.88
C UNK KD 21 -39.08 2.86 -114.04
N UNK KD 22 -39.21 1.97 -113.06
CA UNK KD 22 -40.41 1.84 -112.24
C UNK KD 22 -40.07 1.68 -110.77
N UNK KD 23 -41.06 1.40 -109.92
CA UNK KD 23 -40.83 1.15 -108.51
C UNK KD 23 -40.47 -0.31 -108.31
N UNK KD 24 -39.35 -0.55 -107.63
CA UNK KD 24 -38.77 -1.88 -107.62
C UNK KD 24 -39.45 -2.76 -106.57
N UNK KD 25 -38.94 -3.98 -106.43
CA UNK KD 25 -39.47 -4.92 -105.46
C UNK KD 25 -38.67 -4.93 -104.16
N UNK KD 26 -37.46 -4.40 -104.18
CA UNK KD 26 -36.62 -4.37 -102.99
C UNK KD 26 -37.08 -3.26 -102.06
N UNK KD 27 -37.01 -3.51 -100.75
CA UNK KD 27 -37.59 -2.61 -99.77
C UNK KD 27 -36.59 -1.53 -99.37
N UNK KD 28 -37.05 -0.28 -99.33
CA UNK KD 28 -36.14 0.84 -99.16
C UNK KD 28 -35.76 1.05 -97.70
N UNK KD 29 -36.74 1.06 -96.80
CA UNK KD 29 -36.50 1.39 -95.40
C UNK KD 29 -36.97 0.27 -94.49
N UNK KD 30 -36.87 0.52 -93.18
CA UNK KD 30 -37.40 -0.42 -92.19
C UNK KD 30 -38.91 -0.38 -92.15
N UNK KD 31 -39.49 0.79 -92.41
CA UNK KD 31 -40.91 1.03 -92.19
C UNK KD 31 -41.72 0.89 -93.47
N UNK KD 32 -41.36 -0.06 -94.33
CA UNK KD 32 -42.11 -0.31 -95.54
C UNK KD 32 -43.26 -1.26 -95.27
N UNK KD 33 -43.96 -1.69 -96.30
CA UNK KD 33 -45.05 -2.65 -96.12
C UNK KD 33 -44.55 -4.08 -96.37
N UNK KD 34 -43.53 -4.46 -95.60
CA UNK KD 34 -43.05 -5.83 -95.57
C UNK KD 34 -44.08 -6.67 -94.84
N UNK KD 35 -44.67 -7.63 -95.52
CA UNK KD 35 -45.75 -8.43 -94.93
C UNK KD 35 -45.15 -9.57 -94.12
N UNK KD 36 -44.63 -9.24 -92.95
CA UNK KD 36 -44.09 -10.25 -92.06
C UNK KD 36 -45.25 -10.95 -91.36
N UNK KD 37 -45.33 -12.26 -91.54
CA UNK KD 37 -46.36 -13.03 -90.86
C UNK KD 37 -45.76 -14.17 -90.04
N UNK KD 38 -44.49 -14.08 -89.68
CA UNK KD 38 -43.84 -15.06 -88.82
C UNK KD 38 -42.83 -14.33 -87.94
N UNK KD 39 -43.14 -14.22 -86.66
CA UNK KD 39 -42.23 -13.60 -85.72
C UNK KD 39 -41.15 -14.59 -85.28
N UNK KD 40 -40.18 -14.07 -84.54
CA UNK KD 40 -39.18 -14.90 -83.87
C UNK KD 40 -38.78 -14.16 -82.61
N UNK KD 41 -39.50 -14.42 -81.52
CA UNK KD 41 -39.24 -13.78 -80.24
C UNK KD 41 -39.82 -14.65 -79.14
N UNK KD 42 -39.15 -14.64 -77.99
CA UNK KD 42 -39.68 -15.29 -76.82
C UNK KD 42 -40.80 -14.44 -76.24
N UNK KD 43 -41.93 -15.08 -75.97
CA UNK KD 43 -43.21 -14.50 -75.54
C UNK KD 43 -43.74 -13.44 -76.51
N UNK KD 44 -43.57 -13.68 -77.80
CA UNK KD 44 -44.27 -12.87 -78.79
C UNK KD 44 -45.73 -13.29 -78.80
N UNK KD 45 -46.61 -12.30 -79.00
CA UNK KD 45 -48.09 -12.30 -79.12
C UNK KD 45 -48.83 -12.58 -77.81
N UNK KD 46 -48.11 -12.89 -76.75
CA UNK KD 46 -48.40 -12.41 -75.40
C UNK KD 46 -47.56 -11.15 -75.23
N UNK KD 47 -47.46 -10.63 -74.01
CA UNK KD 47 -46.59 -9.49 -73.80
C UNK KD 47 -45.14 -9.95 -73.70
N UNK KD 48 -44.22 -9.00 -73.77
CA UNK KD 48 -42.80 -9.27 -74.02
C UNK KD 48 -42.09 -9.89 -72.81
N UNK KD 49 -40.82 -10.24 -72.99
CA UNK KD 49 -40.05 -10.92 -71.96
C UNK KD 49 -39.63 -9.92 -70.89
N UNK KD 50 -40.15 -10.10 -69.67
CA UNK KD 50 -39.81 -9.24 -68.54
C UNK KD 50 -38.38 -9.53 -68.12
N UNK KD 51 -37.48 -8.58 -68.37
CA UNK KD 51 -36.05 -8.84 -68.41
C UNK KD 51 -35.40 -8.94 -67.04
N UNK KD 52 -36.11 -8.64 -65.97
CA UNK KD 52 -35.50 -8.55 -64.64
C UNK KD 52 -35.23 -9.90 -64.00
N UNK KD 53 -35.80 -10.99 -64.52
CA UNK KD 53 -35.67 -12.29 -63.89
C UNK KD 53 -34.30 -12.91 -64.20
N UNK KD 54 -33.71 -13.51 -63.17
CA UNK KD 54 -32.48 -14.30 -63.30
C UNK KD 54 -32.76 -15.63 -62.61
N UNK KD 55 -33.39 -16.54 -63.34
CA UNK KD 55 -33.81 -17.83 -62.81
C UNK KD 55 -33.79 -18.82 -63.97
N UNK KD 56 -34.48 -19.95 -63.79
CA UNK KD 56 -34.54 -20.93 -64.86
C UNK KD 56 -35.55 -20.54 -65.93
N UNK KD 57 -36.78 -20.23 -65.53
CA UNK KD 57 -37.87 -20.01 -66.46
C UNK KD 57 -37.78 -18.62 -67.09
N UNK KD 58 -38.57 -18.41 -68.13
CA UNK KD 58 -38.67 -17.13 -68.82
C UNK KD 58 -40.10 -16.63 -68.66
N UNK KD 59 -40.26 -15.52 -67.95
CA UNK KD 59 -41.59 -14.99 -67.68
C UNK KD 59 -41.92 -13.85 -68.64
N UNK KD 60 -43.17 -13.83 -69.10
CA UNK KD 60 -43.62 -12.73 -69.93
C UNK KD 60 -44.00 -11.54 -69.07
N UNK KD 61 -44.19 -10.38 -69.72
CA UNK KD 61 -44.62 -9.20 -68.99
C UNK KD 61 -46.11 -9.19 -68.69
N UNK KD 62 -46.88 -10.10 -69.28
CA UNK KD 62 -48.24 -10.40 -68.85
C UNK KD 62 -48.29 -11.58 -67.90
N UNK KD 63 -47.14 -11.93 -67.30
CA UNK KD 63 -46.93 -12.96 -66.27
C UNK KD 63 -47.31 -14.36 -66.75
N UNK KD 64 -46.88 -14.71 -67.95
CA UNK KD 64 -46.92 -16.09 -68.39
C UNK KD 64 -45.51 -16.62 -68.44
N UNK KD 65 -45.30 -17.80 -67.89
CA UNK KD 65 -44.02 -18.46 -67.98
C UNK KD 65 -43.93 -19.10 -69.34
N UNK KD 66 -42.95 -18.68 -70.13
CA UNK KD 66 -42.82 -19.14 -71.52
C UNK KD 66 -42.22 -20.54 -71.50
N UNK KD 67 -43.08 -21.54 -71.65
CA UNK KD 67 -42.63 -22.92 -71.60
C UNK KD 67 -41.90 -23.34 -72.87
N UNK KD 68 -42.12 -22.63 -73.98
CA UNK KD 68 -41.44 -22.96 -75.23
C UNK KD 68 -40.03 -22.40 -75.30
N UNK KD 69 -39.65 -21.50 -74.41
CA UNK KD 69 -38.31 -20.91 -74.48
C UNK KD 69 -37.56 -20.96 -73.17
N UNK KD 70 -38.00 -21.76 -72.20
CA UNK KD 70 -37.30 -21.90 -70.94
C UNK KD 70 -36.45 -23.17 -70.94
N LYS LD 24 -51.31 -56.91 -104.90
CA LYS LD 24 -51.06 -55.57 -104.39
C LYS LD 24 -52.33 -55.00 -103.78
N PHE LD 25 -52.26 -54.58 -102.53
CA PHE LD 25 -53.42 -54.11 -101.79
C PHE LD 25 -53.30 -52.64 -101.48
N LYS LD 26 -54.37 -51.90 -101.71
CA LYS LD 26 -54.39 -50.46 -101.45
C LYS LD 26 -55.79 -50.00 -101.09
N LYS LD 27 -55.86 -49.19 -100.05
CA LYS LD 27 -57.02 -48.39 -99.67
C LYS LD 27 -56.96 -47.08 -100.44
N PRO LD 28 -58.11 -46.51 -100.85
CA PRO LD 28 -58.10 -45.47 -101.92
C PRO LD 28 -57.50 -44.12 -101.56
N PRO LD 29 -57.88 -43.38 -100.44
CA PRO LD 29 -57.34 -42.01 -100.35
C PRO LD 29 -55.94 -41.97 -99.77
N ILE LD 30 -54.95 -41.83 -100.63
CA ILE LD 30 -53.56 -41.71 -100.21
C ILE LD 30 -53.21 -40.25 -100.45
N ASN LD 31 -53.25 -39.48 -99.38
CA ASN LD 31 -53.04 -38.04 -99.45
C ASN LD 31 -51.55 -37.74 -99.25
N ASN LD 32 -51.25 -36.47 -98.98
CA ASN LD 32 -49.92 -36.06 -98.56
C ASN LD 32 -49.64 -36.52 -97.12
N PRO LD 33 -48.37 -36.49 -96.70
CA PRO LD 33 -48.08 -36.68 -95.28
C PRO LD 33 -48.58 -35.52 -94.44
N SER LD 34 -49.37 -35.84 -93.43
CA SER LD 34 -49.83 -34.88 -92.47
C SER LD 34 -48.85 -34.77 -91.31
N ASP LD 35 -49.17 -33.89 -90.38
CA ASP LD 35 -48.43 -33.79 -89.14
C ASP LD 35 -49.42 -33.60 -88.01
N ASP LD 36 -48.93 -33.80 -86.79
CA ASP LD 36 -49.84 -33.92 -85.67
C ASP LD 36 -50.32 -32.57 -85.17
N ALA LD 37 -49.63 -31.49 -85.58
CA ALA LD 37 -50.07 -30.13 -85.31
C ALA LD 37 -51.39 -29.82 -85.99
N THR LD 38 -51.48 -30.09 -87.30
CA THR LD 38 -52.74 -29.86 -87.98
C THR LD 38 -53.74 -30.97 -87.73
N ILE LD 39 -53.28 -32.13 -87.24
CA ILE LD 39 -54.21 -33.17 -86.78
C ILE LD 39 -54.95 -32.74 -85.52
N LYS LD 40 -54.23 -32.24 -84.50
CA LYS LD 40 -54.94 -31.84 -83.29
C LYS LD 40 -55.62 -30.49 -83.43
N LEU LD 41 -55.15 -29.66 -84.37
CA LEU LD 41 -55.88 -28.49 -84.82
C LEU LD 41 -57.20 -28.87 -85.47
N ALA LD 42 -57.18 -29.95 -86.25
CA ALA LD 42 -58.35 -30.41 -86.98
C ALA LD 42 -59.40 -31.00 -86.06
N GLU LD 43 -59.02 -31.87 -85.11
CA GLU LD 43 -60.12 -32.42 -84.32
C GLU LD 43 -60.43 -31.57 -83.10
N ALA LD 44 -59.67 -30.49 -82.84
CA ALA LD 44 -60.27 -29.40 -82.08
C ALA LD 44 -61.31 -28.66 -82.90
N ALA LD 45 -61.04 -28.48 -84.19
CA ALA LD 45 -61.90 -27.68 -85.04
C ALA LD 45 -63.21 -28.37 -85.37
N VAL LD 46 -63.24 -29.71 -85.34
CA VAL LD 46 -64.51 -30.40 -85.57
C VAL LD 46 -65.44 -30.26 -84.36
N SER LD 47 -64.87 -30.13 -83.16
CA SER LD 47 -65.66 -29.97 -81.96
C SER LD 47 -66.20 -28.57 -81.82
N VAL LD 48 -65.41 -27.58 -82.20
CA VAL LD 48 -65.98 -26.23 -82.23
C VAL LD 48 -66.92 -26.02 -83.42
N SER LD 49 -66.82 -26.85 -84.47
CA SER LD 49 -67.74 -26.72 -85.58
C SER LD 49 -69.12 -27.26 -85.24
N ASP LD 50 -69.20 -28.45 -84.65
CA ASP LD 50 -70.55 -28.96 -84.38
C ASP LD 50 -71.13 -28.34 -83.10
N SER LD 51 -70.27 -27.80 -82.21
CA SER LD 51 -70.80 -27.02 -81.09
C SER LD 51 -71.35 -25.68 -81.54
N MET LD 52 -70.69 -25.05 -82.53
CA MET LD 52 -71.19 -23.84 -83.15
C MET LD 52 -72.43 -24.11 -84.00
N LEU LD 53 -72.53 -25.33 -84.54
CA LEU LD 53 -73.66 -25.72 -85.36
C LEU LD 53 -74.91 -25.95 -84.54
N GLU LD 54 -74.77 -26.59 -83.37
CA GLU LD 54 -75.94 -26.78 -82.53
C GLU LD 54 -76.33 -25.49 -81.80
N MET LD 55 -75.37 -24.58 -81.61
CA MET LD 55 -75.68 -23.22 -81.20
C MET LD 55 -76.50 -22.47 -82.25
N ALA LD 56 -76.17 -22.64 -83.54
CA ALA LD 56 -76.94 -22.01 -84.60
C ALA LD 56 -78.33 -22.60 -84.73
N LYS LD 57 -78.44 -23.90 -84.44
CA LYS LD 57 -79.73 -24.59 -84.40
C LYS LD 57 -80.63 -24.06 -83.29
N VAL LD 58 -80.08 -23.91 -82.07
CA VAL LD 58 -80.90 -23.48 -80.95
C VAL LD 58 -81.22 -21.99 -81.03
N GLU LD 59 -80.37 -21.20 -81.72
CA GLU LD 59 -80.69 -19.79 -81.93
C GLU LD 59 -81.74 -19.61 -83.00
N LYS LD 60 -81.66 -20.37 -84.09
CA LYS LD 60 -82.63 -20.20 -85.16
C LYS LD 60 -83.96 -20.90 -84.87
N VAL LD 61 -84.06 -21.69 -83.81
CA VAL LD 61 -85.38 -22.17 -83.41
C VAL LD 61 -85.90 -21.51 -82.12
N ILE LD 62 -85.07 -20.78 -81.37
CA ILE LD 62 -85.64 -19.96 -80.31
C ILE LD 62 -86.04 -18.57 -80.84
N THR LD 63 -85.51 -18.14 -81.97
CA THR LD 63 -86.12 -17.01 -82.64
C THR LD 63 -86.25 -17.45 -84.09
N PRO LD 64 -87.43 -17.42 -84.67
CA PRO LD 64 -87.55 -17.61 -86.10
C PRO LD 64 -87.05 -16.37 -86.81
N PRO LD 65 -86.08 -16.50 -87.73
CA PRO LD 65 -85.64 -15.32 -88.48
C PRO LD 65 -86.68 -14.95 -89.53
N SER LD 66 -87.29 -13.79 -89.33
CA SER LD 66 -88.47 -13.45 -90.11
C SER LD 66 -88.08 -12.90 -91.47
N LYS LD 67 -87.18 -11.93 -91.50
CA LYS LD 67 -86.89 -11.26 -92.75
C LYS LD 67 -85.41 -11.40 -93.05
N ASP LD 68 -85.09 -11.30 -94.33
CA ASP LD 68 -83.75 -11.39 -94.87
C ASP LD 68 -83.14 -9.99 -94.90
N ASN LD 69 -82.04 -9.83 -95.63
CA ASN LD 69 -81.56 -8.51 -95.97
C ASN LD 69 -81.59 -8.28 -97.47
N THR LD 70 -82.29 -9.12 -98.21
CA THR LD 70 -82.42 -8.91 -99.64
C THR LD 70 -83.48 -7.88 -99.96
N LEU LD 71 -84.31 -7.50 -99.00
CA LEU LD 71 -85.22 -6.39 -99.21
C LEU LD 71 -84.54 -5.05 -99.01
N THR LD 72 -83.50 -4.97 -98.17
CA THR LD 72 -82.76 -3.73 -98.06
C THR LD 72 -81.53 -3.70 -98.96
N ILE LD 73 -81.01 -4.85 -99.36
CA ILE LD 73 -79.98 -4.95 -100.38
C ILE LD 73 -80.59 -5.74 -101.54
N PRO LD 74 -81.33 -5.12 -102.45
CA PRO LD 74 -81.82 -5.88 -103.59
C PRO LD 74 -80.75 -6.04 -104.65
N ASN LD 75 -80.95 -7.02 -105.50
CA ASN LD 75 -79.99 -7.24 -106.57
C ASN LD 75 -80.20 -6.22 -107.68
N ALA LD 76 -79.19 -6.06 -108.53
CA ALA LD 76 -79.29 -5.14 -109.64
C ALA LD 76 -78.44 -5.61 -110.80
N TYR LD 77 -78.82 -5.15 -111.99
CA TYR LD 77 -77.91 -5.13 -113.12
C TYR LD 77 -76.75 -4.24 -112.75
N ASN LD 78 -75.54 -4.79 -112.90
CA ASN LD 78 -74.19 -4.37 -112.57
C ASN LD 78 -73.88 -4.50 -111.07
N LEU LD 79 -74.84 -4.86 -110.23
CA LEU LD 79 -74.55 -5.49 -108.96
C LEU LD 79 -74.46 -7.00 -109.10
N GLN LD 80 -74.85 -7.55 -110.24
CA GLN LD 80 -74.74 -8.97 -110.51
C GLN LD 80 -73.39 -9.37 -111.10
N ALA LD 81 -72.41 -8.48 -111.08
CA ALA LD 81 -71.04 -8.87 -111.34
C ALA LD 81 -70.49 -9.65 -110.16
N ARG LD 82 -69.42 -10.39 -110.40
CA ARG LD 82 -69.00 -11.37 -109.41
C ARG LD 82 -67.68 -10.95 -108.79
N ALA LD 83 -67.35 -11.57 -107.67
CA ALA LD 83 -66.16 -11.21 -106.91
C ALA LD 83 -65.72 -12.41 -106.08
N SER LD 84 -64.46 -12.39 -105.69
CA SER LD 84 -63.89 -13.47 -104.90
C SER LD 84 -62.91 -12.87 -103.92
N VAL LD 85 -63.23 -12.95 -102.62
CA VAL LD 85 -62.72 -12.05 -101.60
C VAL LD 85 -62.11 -12.86 -100.47
N ASP LD 86 -60.87 -12.56 -100.10
CA ASP LD 86 -60.47 -12.73 -98.70
C ASP LD 86 -60.01 -11.38 -98.17
N TRP LD 87 -60.53 -11.02 -97.01
CA TRP LD 87 -60.37 -9.70 -96.45
C TRP LD 87 -60.56 -9.84 -94.96
N SER LD 88 -59.84 -9.03 -94.19
CA SER LD 88 -60.00 -9.13 -92.75
C SER LD 88 -59.94 -7.79 -92.04
N GLY LD 89 -59.90 -6.69 -92.77
CA GLY LD 89 -59.74 -5.40 -92.14
C GLY LD 89 -61.05 -4.77 -91.72
N PRO LD 90 -61.12 -3.44 -91.76
CA PRO LD 90 -62.38 -2.76 -91.45
C PRO LD 90 -63.34 -2.83 -92.63
N ILE LD 91 -64.57 -2.37 -92.38
CA ILE LD 91 -65.66 -2.59 -93.32
C ILE LD 91 -65.59 -1.64 -94.50
N GLU LD 92 -65.19 -0.39 -94.25
CA GLU LD 92 -65.55 0.74 -95.10
C GLU LD 92 -64.69 0.78 -96.34
N GLU LD 93 -63.42 0.36 -96.20
CA GLU LD 93 -62.50 0.23 -97.33
C GLU LD 93 -62.95 -0.86 -98.29
N LEU LD 94 -63.46 -1.97 -97.75
CA LEU LD 94 -63.92 -3.10 -98.53
C LEU LD 94 -65.19 -2.77 -99.29
N THR LD 95 -66.19 -2.20 -98.62
CA THR LD 95 -67.43 -1.90 -99.31
C THR LD 95 -67.33 -0.66 -100.19
N ALA LD 96 -66.32 0.20 -99.97
CA ALA LD 96 -66.01 1.24 -100.94
C ALA LD 96 -65.41 0.66 -102.21
N ARG LD 97 -64.61 -0.40 -102.08
CA ARG LD 97 -64.09 -1.09 -103.27
C ARG LD 97 -65.18 -1.86 -104.01
N ILE LD 98 -66.14 -2.42 -103.25
CA ILE LD 98 -67.30 -3.12 -103.82
C ILE LD 98 -68.19 -2.15 -104.57
N ALA LD 99 -68.35 -0.94 -104.04
CA ALA LD 99 -69.10 0.12 -104.71
C ALA LD 99 -68.39 0.68 -105.95
N LYS LD 100 -67.07 0.80 -105.88
CA LYS LD 100 -66.29 1.33 -106.99
C LYS LD 100 -66.26 0.37 -108.17
N ALA LD 101 -66.24 -0.93 -107.90
CA ALA LD 101 -66.35 -1.86 -109.01
C ALA LD 101 -67.77 -2.39 -109.20
N ALA LD 102 -68.73 -1.84 -108.49
CA ALA LD 102 -70.11 -2.00 -108.87
C ALA LD 102 -70.64 -0.79 -109.58
N HIS LD 103 -69.81 0.25 -109.73
CA HIS LD 103 -70.12 1.58 -110.28
C HIS LD 103 -71.24 2.27 -109.52
N PHE LD 104 -71.23 2.07 -108.21
CA PHE LD 104 -72.20 2.67 -107.31
C PHE LD 104 -71.50 3.71 -106.48
N ARG LD 105 -72.16 4.83 -106.23
CA ARG LD 105 -71.63 5.82 -105.32
C ARG LD 105 -71.78 5.30 -103.89
N PHE LD 106 -70.66 5.25 -103.19
CA PHE LD 106 -70.63 4.83 -101.80
C PHE LD 106 -70.95 6.03 -100.94
N ARG LD 107 -71.78 5.83 -99.93
CA ARG LD 107 -72.19 6.89 -99.04
C ARG LD 107 -72.19 6.34 -97.63
N VAL LD 108 -71.63 7.09 -96.69
CA VAL LD 108 -71.57 6.67 -95.30
C VAL LD 108 -72.60 7.46 -94.50
N LEU LD 109 -73.35 6.76 -93.65
CA LEU LD 109 -74.30 7.39 -92.75
C LEU LD 109 -73.87 7.11 -91.32
N GLY LD 110 -73.70 8.17 -90.55
CA GLY LD 110 -73.19 8.08 -89.20
C GLY LD 110 -71.68 8.07 -89.18
N LYS LD 111 -71.10 8.71 -88.18
CA LYS LD 111 -69.68 8.58 -87.96
C LYS LD 111 -69.43 7.24 -87.29
N SER LD 112 -68.30 6.63 -87.63
CA SER LD 112 -67.85 5.29 -87.27
C SER LD 112 -67.57 5.23 -85.78
N PRO LD 113 -67.69 4.06 -85.16
CA PRO LD 113 -67.26 3.89 -83.77
C PRO LD 113 -65.74 3.93 -83.68
N SER LD 114 -65.27 4.21 -82.47
CA SER LD 114 -63.86 4.46 -82.27
C SER LD 114 -63.09 3.15 -82.21
N VAL LD 115 -63.74 2.11 -81.72
CA VAL LD 115 -63.26 0.76 -81.97
C VAL LD 115 -63.70 0.45 -83.39
N PRO LD 116 -62.90 -0.22 -84.19
CA PRO LD 116 -63.30 -0.48 -85.56
C PRO LD 116 -64.28 -1.64 -85.61
N VAL LD 117 -65.16 -1.59 -86.60
CA VAL LD 117 -66.02 -2.71 -86.89
C VAL LD 117 -65.35 -3.46 -88.03
N LEU LD 118 -64.96 -4.70 -87.76
CA LEU LD 118 -64.07 -5.44 -88.63
C LEU LD 118 -64.79 -6.67 -89.14
N ILE LD 119 -64.78 -6.84 -90.44
CA ILE LD 119 -65.38 -8.00 -91.06
C ILE LD 119 -64.27 -8.78 -91.73
N SER LD 120 -64.54 -10.05 -92.00
CA SER LD 120 -63.52 -10.92 -92.56
C SER LD 120 -64.22 -11.90 -93.49
N ILE LD 121 -64.00 -11.74 -94.78
CA ILE LD 121 -64.68 -12.51 -95.80
C ILE LD 121 -63.66 -13.38 -96.51
N SER LD 122 -63.89 -14.68 -96.50
CA SER LD 122 -63.14 -15.59 -97.35
C SER LD 122 -64.18 -16.40 -98.09
N THR LD 123 -64.62 -15.87 -99.22
CA THR LD 123 -65.42 -16.66 -100.14
C THR LD 123 -64.87 -16.49 -101.54
N LYS LD 124 -65.41 -17.29 -102.45
CA LYS LD 124 -64.87 -17.41 -103.78
C LYS LD 124 -66.02 -17.51 -104.75
N ASP LD 125 -65.99 -16.63 -105.76
CA ASP LD 125 -66.95 -16.50 -106.86
C ASP LD 125 -68.36 -16.22 -106.33
N GLU LD 126 -68.49 -15.07 -105.69
CA GLU LD 126 -69.77 -14.62 -105.19
C GLU LD 126 -70.18 -13.34 -105.91
N SER LD 127 -71.48 -13.19 -106.13
CA SER LD 127 -72.02 -11.98 -106.71
C SER LD 127 -71.95 -10.85 -105.69
N LEU LD 128 -71.89 -9.60 -106.20
CA LEU LD 128 -71.61 -8.45 -105.36
C LEU LD 128 -72.78 -8.08 -104.46
N ALA LD 129 -74.00 -8.43 -104.87
CA ALA LD 129 -75.15 -8.27 -103.98
C ALA LD 129 -75.10 -9.27 -102.83
N GLU LD 130 -74.58 -10.47 -103.08
CA GLU LD 130 -74.45 -11.43 -102.01
C GLU LD 130 -73.25 -11.15 -101.13
N ILE LD 131 -72.21 -10.52 -101.70
CA ILE LD 131 -71.08 -10.01 -100.93
C ILE LD 131 -71.53 -8.89 -100.00
N LEU LD 132 -72.40 -8.00 -100.48
CA LEU LD 132 -72.93 -6.94 -99.63
C LEU LD 132 -73.91 -7.48 -98.59
N ARG LD 133 -74.59 -8.58 -98.92
CA ARG LD 133 -75.50 -9.21 -97.99
C ARG LD 133 -74.78 -9.91 -96.84
N ASP LD 134 -73.69 -10.64 -97.12
CA ASP LD 134 -73.05 -11.27 -95.96
C ASP LD 134 -72.05 -10.36 -95.27
N ILE LD 135 -71.65 -9.23 -95.86
CA ILE LD 135 -70.92 -8.28 -95.01
C ILE LD 135 -71.90 -7.48 -94.16
N ASP LD 136 -73.15 -7.35 -94.61
CA ASP LD 136 -74.22 -6.82 -93.76
C ASP LD 136 -74.55 -7.77 -92.62
N TYR LD 137 -74.47 -9.06 -92.88
CA TYR LD 137 -74.64 -10.04 -91.81
C TYR LD 137 -73.44 -10.10 -90.88
N GLN LD 138 -72.23 -9.93 -91.44
CA GLN LD 138 -71.02 -10.03 -90.66
C GLN LD 138 -70.83 -8.83 -89.75
N ALA LD 139 -71.27 -7.67 -90.19
CA ALA LD 139 -71.36 -6.51 -89.30
C ALA LD 139 -72.75 -6.40 -88.71
N GLY LD 140 -73.14 -7.41 -87.94
CA GLY LD 140 -74.47 -7.42 -87.36
C GLY LD 140 -74.50 -6.56 -86.13
N LYS LD 141 -75.52 -5.68 -86.05
CA LYS LD 141 -75.85 -4.78 -84.93
C LYS LD 141 -74.77 -3.76 -84.63
N LYS LD 142 -73.90 -3.45 -85.57
CA LYS LD 142 -72.90 -2.42 -85.43
C LYS LD 142 -73.00 -1.55 -86.65
N ALA LD 143 -73.35 -2.18 -87.76
CA ALA LD 143 -73.42 -1.49 -89.03
C ALA LD 143 -74.56 -2.08 -89.84
N SER LD 144 -74.80 -1.49 -91.01
CA SER LD 144 -75.84 -1.95 -91.90
C SER LD 144 -75.48 -1.51 -93.30
N ILE LD 145 -75.90 -2.27 -94.29
CA ILE LD 145 -75.68 -1.95 -95.70
C ILE LD 145 -77.05 -1.75 -96.34
N HIS LD 146 -77.21 -0.66 -97.08
CA HIS LD 146 -78.40 -0.51 -97.90
C HIS LD 146 -77.99 -0.20 -99.32
N VAL LD 147 -78.78 -0.67 -100.27
CA VAL LD 147 -78.54 -0.43 -101.69
C VAL LD 147 -79.81 0.19 -102.24
N TYR LD 148 -79.68 1.33 -102.91
CA TYR LD 148 -80.82 1.99 -103.52
C TYR LD 148 -80.66 1.91 -105.02
N PRO LD 149 -81.12 0.84 -105.67
CA PRO LD 149 -80.81 0.62 -107.08
C PRO LD 149 -81.70 1.36 -108.06
N ASN LD 150 -82.63 2.19 -107.59
CA ASN LD 150 -83.23 3.18 -108.48
C ASN LD 150 -82.24 4.27 -108.84
N SER LD 151 -81.41 4.70 -107.90
CA SER LD 151 -80.19 5.45 -108.17
C SER LD 151 -79.03 4.44 -108.24
N GLN LD 152 -77.80 4.91 -108.15
CA GLN LD 152 -76.71 3.98 -107.87
C GLN LD 152 -76.00 4.47 -106.63
N VAL LD 153 -76.57 4.13 -105.48
CA VAL LD 153 -76.06 4.53 -104.17
C VAL LD 153 -76.07 3.29 -103.31
N VAL LD 154 -74.94 2.95 -102.72
CA VAL LD 154 -74.93 2.00 -101.60
C VAL LD 154 -74.41 2.74 -100.37
N GLU LD 155 -75.19 2.72 -99.30
CA GLU LD 155 -74.78 3.37 -98.08
C GLU LD 155 -74.42 2.33 -97.03
N LEU LD 156 -73.53 2.73 -96.15
CA LEU LD 156 -73.13 1.96 -94.98
C LEU LD 156 -73.49 2.80 -93.78
N ARG LD 157 -74.31 2.25 -92.91
CA ARG LD 157 -74.80 2.95 -91.74
C ARG LD 157 -74.13 2.40 -90.51
N TYR LD 158 -73.75 3.27 -89.59
CA TYR LD 158 -73.29 2.77 -88.31
C TYR LD 158 -74.40 2.86 -87.28
N ALA LD 159 -74.23 2.16 -86.18
CA ALA LD 159 -75.24 2.20 -85.14
C ALA LD 159 -75.08 3.46 -84.28
N LYS LD 160 -76.01 3.63 -83.35
CA LYS LD 160 -76.14 4.87 -82.59
C LYS LD 160 -75.45 4.79 -81.23
N ILE LD 161 -74.46 3.93 -81.10
CA ILE LD 161 -73.85 3.67 -79.80
C ILE LD 161 -72.35 3.50 -79.92
N ALA MD 58 -19.89 -66.21 -44.14
CA ALA MD 58 -19.91 -64.78 -44.41
C ALA MD 58 -20.29 -64.52 -45.86
N LEU MD 59 -19.43 -65.02 -46.75
CA LEU MD 59 -19.65 -64.81 -48.18
C LEU MD 59 -20.78 -65.69 -48.70
N LYS MD 60 -21.02 -66.82 -48.03
CA LYS MD 60 -22.16 -67.69 -48.33
C LYS MD 60 -23.49 -67.02 -47.95
N GLU MD 61 -23.54 -66.33 -46.82
CA GLU MD 61 -24.78 -65.66 -46.46
C GLU MD 61 -24.99 -64.34 -47.18
N THR MD 62 -23.92 -63.67 -47.66
CA THR MD 62 -24.23 -62.55 -48.54
C THR MD 62 -24.55 -63.02 -49.95
N ALA MD 63 -24.13 -64.23 -50.34
CA ALA MD 63 -24.63 -64.82 -51.58
C ALA MD 63 -26.09 -65.26 -51.45
N LEU MD 64 -26.48 -65.68 -50.25
CA LEU MD 64 -27.87 -65.98 -49.90
C LEU MD 64 -28.73 -64.73 -50.00
N SER MD 65 -28.23 -63.60 -49.49
CA SER MD 65 -28.91 -62.34 -49.63
C SER MD 65 -28.90 -61.79 -51.05
N VAL MD 66 -27.93 -62.18 -51.88
CA VAL MD 66 -28.01 -61.90 -53.32
C VAL MD 66 -29.16 -62.68 -53.95
N GLY MD 67 -29.23 -63.99 -53.67
CA GLY MD 67 -30.21 -64.85 -54.33
C GLY MD 67 -31.65 -64.67 -53.89
N ALA MD 68 -31.86 -64.08 -52.70
CA ALA MD 68 -33.19 -63.95 -52.12
C ALA MD 68 -34.08 -62.96 -52.86
N GLN MD 69 -33.56 -61.77 -53.14
CA GLN MD 69 -34.37 -60.74 -53.77
C GLN MD 69 -34.56 -60.99 -55.26
N ALA MD 70 -33.61 -61.69 -55.87
CA ALA MD 70 -33.75 -62.06 -57.27
C ALA MD 70 -34.76 -63.18 -57.43
N GLY MD 71 -34.82 -64.11 -56.46
CA GLY MD 71 -35.84 -65.14 -56.48
C GLY MD 71 -37.22 -64.62 -56.18
N LEU MD 72 -37.30 -63.59 -55.32
CA LEU MD 72 -38.58 -62.98 -54.99
C LEU MD 72 -39.14 -62.17 -56.15
N ALA MD 73 -38.28 -61.44 -56.86
CA ALA MD 73 -38.74 -60.66 -58.00
C ALA MD 73 -39.04 -61.54 -59.20
N TRP MD 74 -38.33 -62.66 -59.34
CA TRP MD 74 -38.62 -63.61 -60.41
C TRP MD 74 -39.93 -64.34 -60.18
N ARG MD 75 -40.17 -64.78 -58.93
CA ARG MD 75 -41.41 -65.47 -58.59
C ARG MD 75 -42.60 -64.54 -58.65
N ALA MD 76 -42.39 -63.25 -58.33
CA ALA MD 76 -43.43 -62.24 -58.46
C ALA MD 76 -43.79 -61.97 -59.91
N LYS MD 77 -42.79 -62.01 -60.80
CA LYS MD 77 -43.05 -61.85 -62.24
C LYS MD 77 -43.79 -63.04 -62.83
N ILE MD 78 -43.44 -64.25 -62.37
CA ILE MD 78 -44.06 -65.47 -62.86
C ILE MD 78 -45.51 -65.57 -62.41
N ILE MD 79 -45.79 -65.17 -61.17
CA ILE MD 79 -47.19 -65.18 -60.74
C ILE MD 79 -47.94 -63.96 -61.23
N ASP MD 80 -47.26 -62.92 -61.71
CA ASP MD 80 -47.97 -61.82 -62.35
C ASP MD 80 -48.46 -62.22 -63.73
N GLU MD 81 -47.65 -62.98 -64.47
CA GLU MD 81 -48.17 -63.52 -65.74
C GLU MD 81 -49.16 -64.65 -65.51
N GLN MD 82 -49.06 -65.35 -64.38
CA GLN MD 82 -50.07 -66.35 -64.06
C GLN MD 82 -51.40 -65.73 -63.64
N LEU MD 83 -51.37 -64.57 -62.99
CA LEU MD 83 -52.61 -63.87 -62.70
C LEU MD 83 -53.19 -63.25 -63.95
N ASN MD 84 -52.33 -62.76 -64.85
CA ASN MD 84 -52.82 -62.15 -66.08
C ASN MD 84 -53.29 -63.18 -67.09
N LYS MD 85 -52.83 -64.42 -66.98
CA LYS MD 85 -53.36 -65.48 -67.84
C LYS MD 85 -54.76 -65.88 -67.42
N GLN MD 86 -55.08 -65.75 -66.14
CA GLN MD 86 -56.37 -66.17 -65.60
C GLN MD 86 -57.31 -65.00 -65.43
N ALA MD 87 -57.19 -63.99 -66.29
CA ALA MD 87 -57.70 -62.66 -65.97
C ALA MD 87 -59.20 -62.54 -66.13
N ARG MD 88 -59.79 -63.24 -67.10
CA ARG MD 88 -61.24 -63.23 -67.20
C ARG MD 88 -61.87 -64.14 -66.16
N ASN MD 89 -61.15 -65.19 -65.79
CA ASN MD 89 -61.57 -66.09 -64.72
C ASN MD 89 -61.54 -65.38 -63.37
N LEU MD 90 -60.57 -64.49 -63.19
CA LEU MD 90 -60.40 -63.86 -61.89
C LEU MD 90 -61.42 -62.77 -61.60
N ASP MD 91 -61.80 -61.95 -62.59
CA ASP MD 91 -62.90 -61.03 -62.30
C ASP MD 91 -64.25 -61.70 -62.54
N ALA MD 92 -64.25 -62.88 -63.15
CA ALA MD 92 -65.43 -63.72 -63.04
C ALA MD 92 -65.60 -64.23 -61.62
N ILE MD 93 -64.50 -64.52 -60.91
CA ILE MD 93 -64.65 -65.19 -59.63
C ILE MD 93 -64.72 -64.17 -58.49
N TYR MD 94 -63.99 -63.07 -58.58
CA TYR MD 94 -64.13 -62.01 -57.60
C TYR MD 94 -64.94 -60.87 -58.19
N ASP MD 95 -66.20 -61.18 -58.46
CA ASP MD 95 -67.14 -60.19 -58.97
C ASP MD 95 -67.56 -59.34 -57.79
N PHE MD 96 -66.81 -58.28 -57.54
CA PHE MD 96 -67.22 -57.32 -56.54
C PHE MD 96 -68.29 -56.40 -57.07
N ASN MD 97 -68.36 -56.28 -58.40
CA ASN MD 97 -69.30 -55.40 -59.07
C ASN MD 97 -70.73 -55.92 -58.94
N SER MD 98 -70.91 -57.23 -58.91
CA SER MD 98 -72.24 -57.78 -58.70
C SER MD 98 -72.51 -58.11 -57.25
N LEU MD 99 -71.79 -57.49 -56.32
CA LEU MD 99 -72.16 -57.54 -54.91
C LEU MD 99 -72.33 -56.18 -54.28
N VAL MD 100 -72.19 -55.09 -55.02
CA VAL MD 100 -72.45 -53.78 -54.45
C VAL MD 100 -73.95 -53.56 -54.33
N LEU MD 101 -74.31 -52.61 -53.51
CA LEU MD 101 -75.71 -52.39 -53.21
C LEU MD 101 -76.31 -51.44 -54.24
N GLU MD 102 -77.52 -50.99 -53.98
CA GLU MD 102 -78.30 -50.31 -55.00
C GLU MD 102 -77.94 -48.84 -55.14
N HIS MD 103 -77.18 -48.28 -54.22
CA HIS MD 103 -76.78 -46.89 -54.31
C HIS MD 103 -75.27 -46.77 -54.41
N ASN MD 104 -74.65 -47.81 -55.01
CA ASN MD 104 -73.21 -48.05 -55.13
C ASN MD 104 -72.52 -47.98 -53.78
N ILE MD 105 -73.04 -48.78 -52.87
CA ILE MD 105 -72.48 -48.97 -51.55
C ILE MD 105 -71.79 -50.30 -51.54
N LEU MD 106 -70.52 -50.30 -51.21
CA LEU MD 106 -69.82 -51.53 -50.93
C LEU MD 106 -70.32 -52.06 -49.59
N PRO MD 107 -70.80 -53.31 -49.55
CA PRO MD 107 -71.34 -53.87 -48.32
C PRO MD 107 -70.22 -54.23 -47.37
N PRO MD 108 -70.48 -54.33 -46.06
CA PRO MD 108 -69.38 -54.52 -45.12
C PRO MD 108 -68.91 -55.97 -45.07
N VAL MD 109 -67.74 -56.15 -44.48
CA VAL MD 109 -67.10 -57.45 -44.39
C VAL MD 109 -67.54 -58.08 -43.09
N LEU MD 110 -68.48 -59.01 -43.18
CA LEU MD 110 -68.92 -59.76 -42.01
C LEU MD 110 -68.06 -61.00 -41.85
N LEU MD 111 -67.31 -61.05 -40.77
CA LEU MD 111 -66.56 -62.24 -40.43
C LEU MD 111 -67.37 -63.02 -39.42
N GLU MD 112 -67.16 -64.33 -39.36
CA GLU MD 112 -67.93 -65.18 -38.46
C GLU MD 112 -67.02 -66.28 -37.94
N GLY MD 113 -67.26 -66.66 -36.69
CA GLY MD 113 -66.57 -67.79 -36.14
C GLY MD 113 -67.54 -68.68 -35.42
N ARG MD 114 -67.31 -69.98 -35.43
CA ARG MD 114 -68.08 -70.91 -34.63
C ARG MD 114 -67.18 -71.57 -33.60
N ASN MD 115 -67.82 -72.03 -32.51
CA ASN MD 115 -67.24 -72.72 -31.35
C ASN MD 115 -66.11 -71.91 -30.71
N THR MD 116 -66.44 -70.71 -30.28
CA THR MD 116 -65.40 -69.81 -29.81
C THR MD 116 -65.18 -70.07 -28.34
N LEU MD 117 -63.95 -70.35 -27.99
CA LEU MD 117 -63.57 -70.49 -26.59
C LEU MD 117 -62.52 -69.45 -26.28
N ASN MD 118 -62.68 -68.78 -25.15
CA ASN MD 118 -61.57 -68.08 -24.52
C ASN MD 118 -61.41 -68.63 -23.13
N LEU MD 119 -60.24 -69.15 -22.83
CA LEU MD 119 -59.90 -69.54 -21.47
C LEU MD 119 -59.19 -68.35 -20.85
N ALA MD 120 -59.89 -67.61 -20.00
CA ALA MD 120 -59.35 -66.31 -19.62
C ALA MD 120 -58.40 -66.43 -18.44
N ASP MD 121 -58.67 -67.38 -17.56
CA ASP MD 121 -57.77 -67.67 -16.47
C ASP MD 121 -57.89 -69.16 -16.18
N ALA MD 122 -57.44 -69.57 -15.01
CA ALA MD 122 -57.55 -70.97 -14.64
C ALA MD 122 -58.95 -71.32 -14.18
N GLN MD 123 -59.77 -70.34 -13.85
CA GLN MD 123 -61.06 -70.59 -13.26
C GLN MD 123 -62.24 -70.25 -14.15
N SER MD 124 -62.07 -69.44 -15.19
CA SER MD 124 -63.21 -69.05 -16.00
C SER MD 124 -62.88 -69.09 -17.47
N ILE MD 125 -63.72 -69.77 -18.22
CA ILE MD 125 -63.71 -69.69 -19.66
C ILE MD 125 -65.00 -69.02 -20.07
N ARG MD 126 -65.04 -68.59 -21.32
CA ARG MD 126 -66.27 -68.12 -21.91
C ARG MD 126 -66.35 -68.70 -23.30
N ILE MD 127 -67.37 -69.46 -23.55
CA ILE MD 127 -67.60 -69.98 -24.88
C ILE MD 127 -68.74 -69.19 -25.48
N SER MD 128 -68.79 -69.21 -26.79
CA SER MD 128 -69.96 -68.80 -27.53
C SER MD 128 -70.09 -69.74 -28.69
N ASP MD 129 -71.32 -69.91 -29.12
CA ASP MD 129 -71.55 -70.82 -30.24
C ASP MD 129 -71.19 -70.17 -31.56
N ARG MD 130 -71.63 -68.95 -31.78
CA ARG MD 130 -71.34 -68.21 -32.99
C ARG MD 130 -70.95 -66.80 -32.64
N THR MD 131 -70.04 -66.23 -33.40
CA THR MD 131 -69.81 -64.81 -33.30
C THR MD 131 -69.76 -64.24 -34.71
N TYR MD 132 -70.31 -63.06 -34.84
CA TYR MD 132 -70.32 -62.33 -36.09
C TYR MD 132 -69.73 -60.96 -35.82
N LYS MD 133 -68.93 -60.47 -36.73
CA LYS MD 133 -68.28 -59.19 -36.54
C LYS MD 133 -68.30 -58.41 -37.84
N VAL MD 134 -68.53 -57.12 -37.75
CA VAL MD 134 -68.30 -56.26 -38.90
C VAL MD 134 -66.83 -55.91 -38.88
N ALA MD 135 -66.28 -55.70 -40.08
CA ALA MD 135 -65.01 -55.05 -40.33
C ALA MD 135 -65.13 -54.52 -41.76
N LYS MD 136 -64.45 -53.38 -42.00
CA LYS MD 136 -64.48 -52.62 -43.26
C LYS MD 136 -65.91 -52.28 -43.68
N GLN MD 137 -66.52 -51.37 -42.92
CA GLN MD 137 -67.95 -51.05 -42.96
C GLN MD 137 -68.42 -50.50 -44.30
N ALA MD 138 -69.74 -50.46 -44.46
CA ALA MD 138 -70.37 -50.18 -45.74
C ALA MD 138 -70.24 -48.73 -46.12
N HIS MD 139 -69.82 -48.51 -47.35
CA HIS MD 139 -69.43 -47.16 -47.70
C HIS MD 139 -69.65 -46.93 -49.18
N PHE MD 140 -69.77 -45.65 -49.53
CA PHE MD 140 -69.99 -45.21 -50.89
C PHE MD 140 -68.74 -45.48 -51.70
N ILE MD 141 -68.88 -46.24 -52.76
CA ILE MD 141 -67.80 -46.37 -53.72
C ILE MD 141 -68.21 -45.72 -55.02
N THR MD 142 -67.21 -45.32 -55.80
CA THR MD 142 -67.44 -44.89 -57.17
C THR MD 142 -67.15 -46.03 -58.15
N THR MD 143 -66.20 -46.88 -57.82
CA THR MD 143 -65.99 -48.02 -58.66
C THR MD 143 -65.77 -49.26 -57.80
N PRO MD 144 -66.21 -50.44 -58.24
CA PRO MD 144 -65.96 -51.67 -57.50
C PRO MD 144 -64.48 -52.03 -57.48
N PRO MD 145 -64.02 -52.68 -56.42
CA PRO MD 145 -62.61 -53.07 -56.38
C PRO MD 145 -62.39 -54.29 -57.26
N THR MD 146 -61.27 -54.29 -57.95
CA THR MD 146 -60.95 -55.43 -58.79
C THR MD 146 -60.18 -56.44 -57.96
N TRP MD 147 -59.66 -57.48 -58.61
CA TRP MD 147 -58.81 -58.38 -57.87
C TRP MD 147 -57.41 -57.83 -57.71
N ARG MD 148 -57.01 -56.90 -58.58
CA ARG MD 148 -55.62 -56.49 -58.67
C ARG MD 148 -55.19 -55.58 -57.54
N GLN MD 149 -56.10 -55.00 -56.77
CA GLN MD 149 -55.68 -54.21 -55.63
C GLN MD 149 -55.29 -55.08 -54.47
N TYR MD 150 -55.82 -56.30 -54.44
CA TYR MD 150 -55.41 -57.27 -53.45
C TYR MD 150 -54.26 -58.11 -53.97
N LEU MD 151 -54.33 -58.52 -55.22
CA LEU MD 151 -53.68 -59.73 -55.65
C LEU MD 151 -52.44 -59.52 -56.48
N TRP MD 152 -52.27 -58.35 -57.08
CA TRP MD 152 -51.16 -58.12 -57.98
C TRP MD 152 -49.92 -57.88 -57.15
N MET MD 153 -48.98 -58.82 -57.21
CA MET MD 153 -47.72 -58.66 -56.51
C MET MD 153 -46.85 -57.70 -57.32
N ASP MD 154 -46.00 -56.96 -56.62
CA ASP MD 154 -45.33 -55.84 -57.24
C ASP MD 154 -44.04 -56.30 -57.90
N TYR MD 155 -43.73 -55.71 -59.04
CA TYR MD 155 -42.59 -56.16 -59.83
C TYR MD 155 -41.67 -55.01 -60.16
N VAL MD 156 -40.42 -55.15 -59.75
CA VAL MD 156 -39.31 -54.44 -60.32
C VAL MD 156 -38.24 -55.47 -60.67
N LYS MD 157 -37.39 -55.14 -61.63
CA LYS MD 157 -36.28 -56.01 -62.00
C LYS MD 157 -35.04 -55.50 -61.28
N PRO MD 158 -34.49 -56.24 -60.31
CA PRO MD 158 -33.37 -55.71 -59.52
C PRO MD 158 -32.06 -55.82 -60.27
N GLU MD 159 -31.25 -54.76 -60.18
CA GLU MD 159 -29.97 -54.68 -60.84
C GLU MD 159 -28.80 -54.69 -59.85
N ALA MD 160 -28.83 -55.58 -58.87
CA ALA MD 160 -27.82 -55.58 -57.83
C ALA MD 160 -27.08 -56.91 -57.79
N PRO MD 161 -26.00 -57.09 -58.57
CA PRO MD 161 -25.19 -58.30 -58.41
C PRO MD 161 -24.23 -58.16 -57.24
N LYS MD 173 -17.54 -68.70 -55.03
CA LYS MD 173 -17.52 -69.60 -56.17
C LYS MD 173 -18.54 -70.73 -55.99
N GLU MD 174 -18.08 -71.80 -55.36
CA GLU MD 174 -18.86 -73.03 -55.22
C GLU MD 174 -19.96 -72.89 -54.18
N ILE MD 175 -19.64 -72.31 -53.02
CA ILE MD 175 -20.67 -72.08 -52.03
C ILE MD 175 -21.50 -70.84 -52.35
N TRP MD 176 -20.97 -69.95 -53.18
CA TRP MD 176 -21.76 -68.89 -53.82
C TRP MD 176 -22.87 -69.48 -54.67
N CYS MD 177 -22.54 -70.51 -55.46
CA CYS MD 177 -23.54 -71.15 -56.32
C CYS MD 177 -24.56 -71.93 -55.50
N ILE MD 178 -24.10 -72.66 -54.48
CA ILE MD 178 -25.04 -73.50 -53.71
C ILE MD 178 -25.88 -72.65 -52.73
N TYR MD 179 -25.33 -71.54 -52.21
CA TYR MD 179 -26.11 -70.70 -51.34
C TYR MD 179 -26.94 -69.71 -52.14
N THR MD 180 -26.56 -69.45 -53.39
CA THR MD 180 -27.36 -68.59 -54.23
C THR MD 180 -28.59 -69.32 -54.74
N GLU MD 181 -28.50 -70.64 -54.97
CA GLU MD 181 -29.73 -71.33 -55.33
C GLU MD 181 -30.56 -71.72 -54.10
N ARG MD 182 -29.93 -71.82 -52.92
CA ARG MD 182 -30.70 -71.91 -51.68
C ARG MD 182 -31.44 -70.60 -51.39
N GLY MD 183 -30.81 -69.47 -51.67
CA GLY MD 183 -31.49 -68.20 -51.54
C GLY MD 183 -32.54 -67.96 -52.60
N TRP MD 184 -32.37 -68.57 -53.77
CA TRP MD 184 -33.38 -68.53 -54.83
C TRP MD 184 -34.64 -69.27 -54.43
N LYS MD 185 -34.49 -70.43 -53.78
CA LYS MD 185 -35.64 -71.14 -53.25
C LYS MD 185 -36.26 -70.42 -52.06
N ASN MD 186 -35.45 -69.69 -51.28
CA ASN MD 186 -35.98 -68.91 -50.18
C ASN MD 186 -36.73 -67.67 -50.65
N GLY MD 187 -36.31 -67.08 -51.75
CA GLY MD 187 -37.06 -65.98 -52.32
C GLY MD 187 -38.33 -66.44 -53.00
N ILE MD 188 -38.32 -67.67 -53.54
CA ILE MD 188 -39.49 -68.25 -54.17
C ILE MD 188 -40.58 -68.56 -53.15
N ASP MD 189 -40.24 -69.17 -52.00
CA ASP MD 189 -41.30 -69.40 -51.03
C ASP MD 189 -41.63 -68.16 -50.21
N GLN MD 190 -40.76 -67.15 -50.21
CA GLN MD 190 -41.10 -65.85 -49.64
C GLN MD 190 -42.18 -65.15 -50.46
N ALA MD 191 -42.07 -65.21 -51.80
CA ALA MD 191 -43.11 -64.63 -52.63
C ALA MD 191 -44.38 -65.48 -52.66
N ASN MD 192 -44.25 -66.79 -52.41
CA ASN MD 192 -45.44 -67.63 -52.28
C ASN MD 192 -46.19 -67.36 -50.99
N THR MD 193 -45.49 -66.96 -49.92
CA THR MD 193 -46.18 -66.53 -48.71
C THR MD 193 -46.88 -65.19 -48.86
N ILE MD 194 -46.32 -64.29 -49.68
CA ILE MD 194 -47.00 -63.01 -49.97
C ILE MD 194 -48.26 -63.24 -50.81
N LEU MD 195 -48.20 -64.20 -51.75
CA LEU MD 195 -49.38 -64.56 -52.55
C LEU MD 195 -50.46 -65.26 -51.74
N GLU MD 196 -50.04 -66.06 -50.75
CA GLU MD 196 -50.95 -66.70 -49.80
C GLU MD 196 -51.70 -65.68 -48.95
N GLU MD 197 -50.99 -64.61 -48.55
CA GLU MD 197 -51.65 -63.55 -47.79
C GLU MD 197 -52.57 -62.68 -48.66
N ASN MD 198 -52.24 -62.52 -49.93
CA ASN MD 198 -53.07 -61.69 -50.81
C ASN MD 198 -54.36 -62.39 -51.21
N ILE MD 199 -54.27 -63.69 -51.50
CA ILE MD 199 -55.41 -64.58 -51.70
C ILE MD 199 -56.29 -64.66 -50.46
N ALA MD 200 -55.66 -64.62 -49.29
CA ALA MD 200 -56.38 -64.61 -48.03
C ALA MD 200 -57.12 -63.32 -47.78
N ARG MD 201 -56.54 -62.19 -48.17
CA ARG MD 201 -57.20 -60.90 -47.94
C ARG MD 201 -58.36 -60.69 -48.89
N ILE MD 202 -58.24 -61.16 -50.14
CA ILE MD 202 -59.36 -61.04 -51.05
C ILE MD 202 -60.46 -62.06 -50.71
N LYS MD 203 -60.10 -63.20 -50.13
CA LYS MD 203 -61.09 -64.15 -49.65
C LYS MD 203 -61.78 -63.67 -48.40
N GLU MD 204 -61.08 -62.87 -47.58
CA GLU MD 204 -61.68 -62.29 -46.39
C GLU MD 204 -62.70 -61.23 -46.73
N ASP MD 205 -62.33 -60.29 -47.62
CA ASP MD 205 -63.25 -59.20 -47.97
C ASP MD 205 -64.40 -59.69 -48.83
N PHE MD 206 -64.15 -60.65 -49.72
CA PHE MD 206 -65.22 -61.14 -50.56
C PHE MD 206 -66.16 -62.09 -49.83
N GLY MD 207 -65.63 -62.94 -48.93
CA GLY MD 207 -66.50 -63.76 -48.12
C GLY MD 207 -67.26 -62.98 -47.07
N GLY MD 208 -66.73 -61.83 -46.66
CA GLY MD 208 -67.50 -60.93 -45.84
C GLY MD 208 -68.65 -60.26 -46.55
N MET MD 209 -68.48 -59.96 -47.85
CA MET MD 209 -69.62 -59.42 -48.58
C MET MD 209 -70.65 -60.48 -48.93
N ILE MD 210 -70.19 -61.72 -49.12
CA ILE MD 210 -71.10 -62.86 -49.27
C ILE MD 210 -71.85 -63.13 -47.96
N LEU MD 211 -71.18 -62.90 -46.83
CA LEU MD 211 -71.85 -63.03 -45.55
C LEU MD 211 -72.79 -61.88 -45.26
N TYR MD 212 -72.56 -60.71 -45.88
CA TYR MD 212 -73.56 -59.64 -45.81
C TYR MD 212 -74.81 -59.99 -46.58
N ARG MD 213 -74.66 -60.62 -47.75
CA ARG MD 213 -75.83 -61.02 -48.52
C ARG MD 213 -76.58 -62.17 -47.86
N LYS MD 214 -75.85 -63.05 -47.18
CA LYS MD 214 -76.48 -64.15 -46.45
C LYS MD 214 -77.17 -63.66 -45.18
N LEU MD 215 -76.57 -62.71 -44.46
CA LEU MD 215 -77.22 -62.26 -43.24
C LEU MD 215 -78.31 -61.23 -43.50
N LEU MD 216 -78.26 -60.53 -44.63
CA LEU MD 216 -79.39 -59.69 -45.01
C LEU MD 216 -80.53 -60.55 -45.52
N ALA MD 217 -80.20 -61.70 -46.10
CA ALA MD 217 -81.22 -62.70 -46.41
C ALA MD 217 -81.81 -63.29 -45.14
N MET MD 218 -81.00 -63.57 -44.14
CA MET MD 218 -81.46 -64.18 -42.92
C MET MD 218 -81.88 -63.19 -41.86
N ASN MD 219 -81.95 -61.89 -42.23
CA ASN MD 219 -82.52 -60.77 -41.45
C ASN MD 219 -81.74 -60.50 -40.16
N MET MD 220 -80.44 -60.79 -40.19
CA MET MD 220 -79.60 -60.57 -39.03
C MET MD 220 -78.93 -59.22 -39.04
N VAL MD 221 -78.88 -58.55 -40.18
CA VAL MD 221 -78.25 -57.23 -40.26
C VAL MD 221 -79.24 -56.25 -40.86
N SER MD 222 -79.03 -55.02 -40.56
CA SER MD 222 -79.82 -53.98 -41.15
C SER MD 222 -79.28 -53.63 -42.53
N PRO MD 223 -80.14 -53.34 -43.49
CA PRO MD 223 -79.67 -52.75 -44.74
C PRO MD 223 -79.29 -51.31 -44.50
N PRO MD 224 -78.40 -50.73 -45.31
CA PRO MD 224 -78.09 -49.32 -45.15
C PRO MD 224 -79.19 -48.43 -45.70
N TYR MD 225 -79.40 -47.32 -45.04
CA TYR MD 225 -80.47 -46.40 -45.40
C TYR MD 225 -79.83 -45.15 -45.94
N VAL MD 226 -79.81 -45.03 -47.25
CA VAL MD 226 -79.47 -43.78 -47.87
C VAL MD 226 -80.66 -42.85 -47.82
N SER MD 227 -80.36 -41.57 -47.77
CA SER MD 227 -81.35 -40.50 -47.82
C SER MD 227 -80.83 -39.53 -48.85
N HIS MD 228 -81.55 -39.39 -49.94
CA HIS MD 228 -81.20 -38.43 -50.96
C HIS MD 228 -82.07 -37.21 -50.75
N THR MD 229 -81.50 -36.18 -50.15
CA THR MD 229 -82.16 -34.89 -50.09
C THR MD 229 -81.91 -34.19 -51.41
N ASP MD 230 -82.98 -33.77 -52.05
CA ASP MD 230 -82.87 -33.13 -53.35
C ASP MD 230 -82.75 -31.63 -53.17
N LEU MD 231 -81.95 -31.02 -54.03
CA LEU MD 231 -81.82 -29.59 -54.13
C LEU MD 231 -82.05 -29.23 -55.59
N GLY MD 232 -82.72 -28.12 -55.81
CA GLY MD 232 -83.03 -27.73 -57.17
C GLY MD 232 -81.89 -27.03 -57.87
N VAL MD 233 -82.18 -25.91 -58.49
CA VAL MD 233 -81.12 -25.12 -59.09
C VAL MD 233 -80.48 -24.27 -58.01
N THR MD 234 -79.25 -24.60 -57.68
CA THR MD 234 -78.56 -24.00 -56.55
C THR MD 234 -77.49 -23.06 -57.05
N GLY MD 235 -76.77 -22.46 -56.12
CA GLY MD 235 -75.66 -21.59 -56.44
C GLY MD 235 -76.14 -20.18 -56.69
N ASP MD 236 -75.16 -19.30 -56.81
CA ASP MD 236 -75.38 -17.90 -57.12
C ASP MD 236 -75.29 -17.73 -58.63
N GLY MD 237 -75.14 -16.49 -59.09
CA GLY MD 237 -75.10 -16.21 -60.52
C GLY MD 237 -73.84 -16.63 -61.24
N SER MD 238 -72.77 -16.94 -60.51
CA SER MD 238 -71.52 -17.31 -61.13
C SER MD 238 -71.41 -18.79 -61.42
N GLU MD 239 -72.03 -19.65 -60.62
CA GLU MD 239 -72.01 -21.09 -60.91
C GLU MD 239 -73.31 -21.70 -60.40
N ILE MD 240 -73.88 -22.62 -61.18
CA ILE MD 240 -75.14 -23.25 -60.82
C ILE MD 240 -75.01 -24.75 -61.01
N HIS MD 241 -75.81 -25.48 -60.25
CA HIS MD 241 -75.97 -26.91 -60.38
C HIS MD 241 -77.44 -27.19 -60.54
N ILE MD 242 -77.81 -27.95 -61.56
CA ILE MD 242 -79.17 -27.90 -62.07
C ILE MD 242 -80.13 -28.74 -61.23
N ASP MD 243 -79.79 -29.99 -60.98
CA ASP MD 243 -80.34 -30.70 -59.83
C ASP MD 243 -79.18 -31.29 -59.05
N ASP MD 244 -79.20 -31.00 -57.76
CA ASP MD 244 -78.11 -31.21 -56.83
C ASP MD 244 -78.67 -32.16 -55.79
N ARG MD 245 -78.47 -33.45 -56.00
CA ARG MD 245 -78.97 -34.44 -55.08
C ARG MD 245 -77.85 -34.85 -54.15
N VAL MD 246 -78.02 -34.60 -52.86
CA VAL MD 246 -77.00 -34.94 -51.87
C VAL MD 246 -77.49 -36.16 -51.12
N LEU MD 247 -76.67 -37.21 -51.13
CA LEU MD 247 -77.04 -38.54 -50.69
C LEU MD 247 -76.21 -38.87 -49.48
N ARG MD 248 -76.86 -39.39 -48.45
CA ARG MD 248 -76.18 -39.74 -47.22
C ARG MD 248 -76.59 -41.12 -46.76
N ILE MD 249 -75.60 -41.93 -46.41
CA ILE MD 249 -75.83 -43.13 -45.62
C ILE MD 249 -76.09 -42.66 -44.22
N THR MD 250 -77.36 -42.62 -43.84
CA THR MD 250 -77.69 -42.19 -42.49
C THR MD 250 -77.57 -43.35 -41.52
N ALA MD 251 -78.04 -44.52 -41.93
CA ALA MD 251 -77.97 -45.71 -41.10
C ALA MD 251 -76.88 -46.61 -41.65
N LEU MD 252 -75.85 -46.81 -40.89
CA LEU MD 252 -74.87 -47.81 -41.23
C LEU MD 252 -75.44 -49.20 -40.96
N PRO MD 253 -75.01 -50.20 -41.72
CA PRO MD 253 -75.44 -51.57 -41.43
C PRO MD 253 -74.80 -52.10 -40.17
N GLU MD 254 -75.62 -52.74 -39.36
CA GLU MD 254 -75.16 -53.33 -38.13
C GLU MD 254 -75.93 -54.61 -37.92
N LEU MD 255 -75.38 -55.46 -37.08
CA LEU MD 255 -76.06 -56.68 -36.70
C LEU MD 255 -77.14 -56.34 -35.71
N ASN MD 256 -78.37 -56.78 -35.99
CA ASN MD 256 -79.43 -56.60 -35.02
C ASN MD 256 -79.25 -57.61 -33.91
N VAL MD 257 -79.65 -57.22 -32.70
CA VAL MD 257 -79.50 -58.06 -31.54
C VAL MD 257 -80.82 -58.52 -31.00
N ASN MD 258 -81.92 -58.10 -31.61
CA ASN MD 258 -83.20 -58.67 -31.26
C ASN MD 258 -83.32 -59.93 -32.09
N SER MD 259 -83.09 -61.08 -31.46
CA SER MD 259 -82.82 -62.29 -32.21
C SER MD 259 -84.09 -63.00 -32.63
N ALA MD 260 -85.25 -62.50 -32.24
CA ALA MD 260 -86.51 -63.05 -32.70
C ALA MD 260 -86.85 -62.66 -34.13
N GLU MD 261 -86.17 -61.66 -34.69
CA GLU MD 261 -86.44 -61.19 -36.04
C GLU MD 261 -85.64 -61.91 -37.10
N TRP MD 262 -84.99 -63.01 -36.75
CA TRP MD 262 -84.12 -63.66 -37.71
C TRP MD 262 -84.93 -64.59 -38.59
N ARG MD 263 -84.30 -65.09 -39.65
CA ARG MD 263 -84.98 -65.89 -40.66
C ARG MD 263 -84.17 -67.16 -40.88
N ALA MD 264 -84.77 -68.29 -40.56
CA ALA MD 264 -84.09 -69.59 -40.59
C ALA MD 264 -84.43 -70.29 -41.88
N ALA MD 265 -83.52 -70.24 -42.82
CA ALA MD 265 -83.92 -70.62 -44.16
C ALA MD 265 -83.50 -72.03 -44.53
N VAL MD 266 -84.44 -72.96 -44.40
CA VAL MD 266 -84.21 -74.36 -44.67
C VAL MD 266 -84.44 -74.66 -46.15
N ALA MD 267 -83.46 -75.32 -46.78
CA ALA MD 267 -83.55 -75.57 -48.21
C ALA MD 267 -84.05 -76.98 -48.42
N LYS MD 268 -84.06 -77.41 -49.68
CA LYS MD 268 -84.55 -78.74 -50.00
C LYS MD 268 -83.80 -79.37 -51.16
N PHE ND 25 -56.11 -80.57 -89.99
CA PHE ND 25 -55.79 -80.75 -88.58
C PHE ND 25 -56.23 -79.53 -87.74
N LYS ND 26 -56.86 -79.81 -86.61
CA LYS ND 26 -57.34 -78.77 -85.72
C LYS ND 26 -56.40 -78.61 -84.56
N LYS ND 27 -56.58 -77.52 -83.83
CA LYS ND 27 -55.79 -77.19 -82.68
C LYS ND 27 -56.68 -77.20 -81.45
N PRO ND 28 -56.13 -77.30 -80.25
CA PRO ND 28 -56.93 -77.08 -79.04
C PRO ND 28 -57.26 -75.62 -78.82
N PRO ND 29 -58.13 -75.29 -77.87
CA PRO ND 29 -58.25 -73.90 -77.42
C PRO ND 29 -56.97 -73.36 -76.80
N ILE ND 30 -56.76 -72.07 -77.00
CA ILE ND 30 -55.43 -71.51 -76.87
C ILE ND 30 -55.13 -71.15 -75.42
N ASN ND 31 -56.04 -70.43 -74.76
CA ASN ND 31 -56.03 -70.31 -73.31
C ASN ND 31 -57.01 -71.30 -72.70
N ASN ND 32 -56.80 -72.56 -73.03
CA ASN ND 32 -57.64 -73.62 -72.51
C ASN ND 32 -57.26 -73.90 -71.07
N PRO ND 33 -58.19 -74.31 -70.26
CA PRO ND 33 -57.82 -74.97 -69.01
C PRO ND 33 -57.32 -76.37 -69.29
N SER ND 34 -56.04 -76.51 -69.60
CA SER ND 34 -55.41 -77.77 -69.93
C SER ND 34 -54.41 -78.13 -68.86
N ASP ND 35 -54.73 -77.78 -67.63
CA ASP ND 35 -53.77 -77.77 -66.56
C ASP ND 35 -54.54 -77.90 -65.26
N ASP ND 36 -54.04 -78.79 -64.38
CA ASP ND 36 -54.85 -79.47 -63.37
C ASP ND 36 -55.34 -78.56 -62.26
N ALA ND 37 -54.68 -77.43 -62.04
CA ALA ND 37 -55.23 -76.39 -61.20
C ALA ND 37 -56.19 -75.49 -61.94
N THR ND 38 -55.92 -75.23 -63.21
CA THR ND 38 -56.70 -74.26 -63.96
C THR ND 38 -58.07 -74.79 -64.36
N ILE ND 39 -58.23 -76.11 -64.48
CA ILE ND 39 -59.58 -76.66 -64.68
C ILE ND 39 -60.40 -76.50 -63.42
N LYS ND 40 -59.77 -76.60 -62.25
CA LYS ND 40 -60.49 -76.41 -60.99
C LYS ND 40 -60.84 -74.97 -60.76
N LEU ND 41 -59.93 -74.06 -61.13
CA LEU ND 41 -60.15 -72.63 -61.04
C LEU ND 41 -61.25 -72.16 -62.00
N ALA ND 42 -61.27 -72.70 -63.20
CA ALA ND 42 -62.26 -72.24 -64.15
C ALA ND 42 -63.61 -72.95 -64.01
N GLU ND 43 -63.65 -74.16 -63.43
CA GLU ND 43 -64.93 -74.73 -63.00
C GLU ND 43 -65.51 -73.96 -61.83
N ALA ND 44 -64.64 -73.46 -60.95
CA ALA ND 44 -65.10 -72.61 -59.87
C ALA ND 44 -65.60 -71.27 -60.39
N ALA ND 45 -64.98 -70.76 -61.47
CA ALA ND 45 -65.43 -69.52 -62.08
C ALA ND 45 -66.77 -69.68 -62.79
N VAL ND 46 -66.98 -70.83 -63.43
CA VAL ND 46 -68.29 -71.05 -64.07
C VAL ND 46 -69.38 -71.33 -63.02
N SER ND 47 -69.01 -71.90 -61.88
CA SER ND 47 -69.97 -72.14 -60.81
C SER ND 47 -70.33 -70.86 -60.09
N VAL ND 48 -69.36 -69.96 -59.94
CA VAL ND 48 -69.64 -68.72 -59.26
C VAL ND 48 -70.37 -67.76 -60.18
N SER ND 49 -70.25 -67.92 -61.52
CA SER ND 49 -71.03 -67.04 -62.38
C SER ND 49 -72.47 -67.52 -62.49
N ASP ND 50 -72.71 -68.84 -62.39
CA ASP ND 50 -74.12 -69.25 -62.36
C ASP ND 50 -74.78 -68.98 -61.01
N SER ND 51 -74.05 -69.06 -59.89
CA SER ND 51 -74.70 -68.75 -58.61
C SER ND 51 -74.86 -67.24 -58.43
N MET ND 52 -74.00 -66.45 -59.07
CA MET ND 52 -74.25 -65.00 -59.16
C MET ND 52 -75.44 -64.71 -60.05
N LEU ND 53 -75.67 -65.54 -61.08
CA LEU ND 53 -76.84 -65.37 -61.92
C LEU ND 53 -78.14 -65.72 -61.20
N GLU ND 54 -78.17 -66.77 -60.37
CA GLU ND 54 -79.41 -66.99 -59.63
C GLU ND 54 -79.58 -66.06 -58.42
N MET ND 55 -78.49 -65.48 -57.91
CA MET ND 55 -78.63 -64.40 -56.93
C MET ND 55 -79.21 -63.15 -57.57
N ALA ND 56 -78.78 -62.87 -58.80
CA ALA ND 56 -79.33 -61.76 -59.55
C ALA ND 56 -80.75 -62.03 -60.04
N LYS ND 57 -81.08 -63.30 -60.28
CA LYS ND 57 -82.43 -63.69 -60.65
C LYS ND 57 -83.38 -63.58 -59.49
N VAL ND 58 -82.87 -63.74 -58.27
CA VAL ND 58 -83.77 -63.66 -57.13
C VAL ND 58 -83.78 -62.25 -56.55
N GLU ND 59 -82.82 -61.40 -56.94
CA GLU ND 59 -82.87 -60.02 -56.47
C GLU ND 59 -83.47 -59.07 -57.48
N LYS ND 60 -83.49 -59.45 -58.75
CA LYS ND 60 -83.97 -58.58 -59.82
C LYS ND 60 -85.48 -58.58 -59.79
N VAL ND 61 -86.06 -57.54 -59.21
CA VAL ND 61 -87.50 -57.37 -59.25
C VAL ND 61 -87.85 -56.62 -60.53
N ILE ND 62 -88.66 -57.27 -61.35
CA ILE ND 62 -88.98 -56.71 -62.65
C ILE ND 62 -90.41 -56.22 -62.60
N THR ND 63 -90.83 -55.53 -63.65
CA THR ND 63 -92.20 -55.15 -63.77
C THR ND 63 -92.80 -55.90 -64.95
N PRO ND 64 -94.03 -56.39 -64.82
CA PRO ND 64 -94.73 -56.92 -65.99
C PRO ND 64 -95.11 -55.79 -66.91
N PRO ND 65 -95.08 -56.03 -68.24
CA PRO ND 65 -95.28 -54.92 -69.19
C PRO ND 65 -96.72 -54.49 -69.34
N SER ND 66 -97.68 -55.28 -68.86
CA SER ND 66 -99.05 -54.83 -68.79
C SER ND 66 -99.28 -53.90 -67.61
N LYS ND 67 -98.44 -53.97 -66.58
CA LYS ND 67 -98.64 -53.20 -65.36
C LYS ND 67 -97.39 -52.39 -65.06
N ASP ND 68 -96.91 -51.64 -66.05
CA ASP ND 68 -95.61 -51.01 -65.95
C ASP ND 68 -95.63 -49.51 -65.78
N ASN ND 69 -96.82 -48.88 -65.86
CA ASN ND 69 -97.20 -47.52 -65.44
C ASN ND 69 -96.65 -46.41 -66.36
N THR ND 70 -95.74 -46.71 -67.27
CA THR ND 70 -95.11 -45.70 -68.11
C THR ND 70 -95.98 -45.39 -69.32
N LEU ND 71 -95.62 -44.30 -70.00
CA LEU ND 71 -96.37 -43.86 -71.15
C LEU ND 71 -95.99 -44.66 -72.38
N THR ND 72 -96.99 -45.12 -73.11
CA THR ND 72 -96.76 -45.74 -74.41
C THR ND 72 -96.51 -44.67 -75.45
N ILE ND 73 -95.95 -45.06 -76.59
CA ILE ND 73 -95.80 -44.11 -77.69
C ILE ND 73 -97.18 -43.92 -78.34
N PRO ND 74 -97.64 -42.68 -78.50
CA PRO ND 74 -99.05 -42.47 -78.83
C PRO ND 74 -99.38 -42.45 -80.30
N ASN ND 75 -98.41 -42.73 -81.17
CA ASN ND 75 -98.48 -43.06 -82.61
C ASN ND 75 -99.14 -41.99 -83.50
N ALA ND 76 -99.30 -40.75 -83.03
CA ALA ND 76 -99.80 -39.68 -83.87
C ALA ND 76 -98.71 -39.20 -84.81
N TYR ND 77 -99.12 -38.78 -86.01
CA TYR ND 77 -98.20 -38.44 -87.09
C TYR ND 77 -97.45 -37.14 -86.82
N ASN ND 78 -98.05 -36.24 -86.04
CA ASN ND 78 -97.30 -35.10 -85.53
C ASN ND 78 -96.30 -35.52 -84.46
N LEU ND 79 -96.58 -36.58 -83.72
CA LEU ND 79 -95.62 -37.04 -82.73
C LEU ND 79 -94.58 -37.98 -83.29
N GLN ND 80 -94.71 -38.39 -84.56
CA GLN ND 80 -93.69 -39.21 -85.19
C GLN ND 80 -92.66 -38.38 -85.96
N ALA ND 81 -92.41 -37.15 -85.54
CA ALA ND 81 -91.37 -36.34 -86.15
C ALA ND 81 -90.07 -36.53 -85.39
N ARG ND 82 -88.96 -36.52 -86.11
CA ARG ND 82 -87.67 -36.63 -85.46
C ARG ND 82 -87.22 -35.24 -85.01
N ALA ND 83 -86.67 -35.16 -83.81
CA ALA ND 83 -86.36 -33.89 -83.18
C ALA ND 83 -84.98 -33.94 -82.56
N SER ND 84 -84.62 -32.85 -81.89
CA SER ND 84 -83.32 -32.76 -81.24
C SER ND 84 -83.49 -31.81 -80.07
N VAL ND 85 -83.13 -32.28 -78.89
CA VAL ND 85 -83.19 -31.48 -77.67
C VAL ND 85 -81.94 -31.79 -76.85
N ASP ND 86 -81.28 -30.73 -76.39
CA ASP ND 86 -80.24 -30.87 -75.38
C ASP ND 86 -80.67 -29.94 -74.27
N TRP ND 87 -81.34 -30.49 -73.27
CA TRP ND 87 -81.89 -29.64 -72.23
C TRP ND 87 -81.97 -30.41 -70.93
N SER ND 88 -81.79 -29.68 -69.85
CA SER ND 88 -82.02 -30.23 -68.53
C SER ND 88 -82.58 -29.12 -67.66
N GLY ND 89 -83.75 -29.37 -67.09
CA GLY ND 89 -84.39 -28.40 -66.22
C GLY ND 89 -85.80 -28.83 -65.92
N PRO ND 90 -86.65 -27.89 -65.49
CA PRO ND 90 -88.01 -28.25 -65.07
C PRO ND 90 -88.92 -28.58 -66.24
N ILE ND 91 -89.88 -29.46 -65.98
CA ILE ND 91 -90.44 -30.33 -67.00
C ILE ND 91 -91.38 -29.60 -67.93
N GLU ND 92 -92.19 -28.68 -67.37
CA GLU ND 92 -93.39 -28.12 -67.98
C GLU ND 92 -93.07 -27.21 -69.16
N GLU ND 93 -91.90 -26.59 -69.13
CA GLU ND 93 -91.43 -25.75 -70.22
C GLU ND 93 -91.02 -26.57 -71.42
N LEU ND 94 -90.28 -27.67 -71.19
CA LEU ND 94 -89.78 -28.47 -72.30
C LEU ND 94 -90.91 -29.30 -72.89
N THR ND 95 -91.83 -29.79 -72.07
CA THR ND 95 -92.91 -30.57 -72.63
C THR ND 95 -94.00 -29.68 -73.21
N ALA ND 96 -94.07 -28.42 -72.77
CA ALA ND 96 -94.89 -27.41 -73.42
C ALA ND 96 -94.36 -27.10 -74.80
N ARG ND 97 -93.04 -27.10 -74.96
CA ARG ND 97 -92.53 -26.84 -76.29
C ARG ND 97 -92.42 -28.09 -77.14
N ILE ND 98 -92.53 -29.28 -76.55
CA ILE ND 98 -92.82 -30.47 -77.36
C ILE ND 98 -94.26 -30.41 -77.90
N ALA ND 99 -95.20 -29.89 -77.10
CA ALA ND 99 -96.57 -29.68 -77.56
C ALA ND 99 -96.66 -28.60 -78.63
N LYS ND 100 -95.89 -27.54 -78.46
CA LYS ND 100 -95.83 -26.46 -79.44
C LYS ND 100 -95.05 -26.87 -80.68
N ALA ND 101 -94.14 -27.84 -80.56
CA ALA ND 101 -93.45 -28.34 -81.74
C ALA ND 101 -94.30 -29.32 -82.51
N ALA ND 102 -95.10 -30.13 -81.83
CA ALA ND 102 -95.93 -31.11 -82.50
C ALA ND 102 -97.38 -30.67 -82.62
N HIS ND 103 -97.64 -29.36 -82.50
CA HIS ND 103 -98.92 -28.68 -82.79
C HIS ND 103 -100.03 -29.15 -81.87
N PHE ND 104 -99.67 -29.46 -80.64
CA PHE ND 104 -100.61 -29.96 -79.66
C PHE ND 104 -100.84 -28.88 -78.62
N ARG ND 105 -102.03 -28.89 -78.05
CA ARG ND 105 -102.25 -28.04 -76.91
C ARG ND 105 -101.61 -28.66 -75.68
N PHE ND 106 -101.37 -27.81 -74.69
CA PHE ND 106 -100.64 -28.22 -73.50
C PHE ND 106 -101.42 -27.82 -72.27
N ARG ND 107 -102.06 -28.77 -71.62
CA ARG ND 107 -102.69 -28.52 -70.35
C ARG ND 107 -101.75 -28.95 -69.23
N VAL ND 108 -101.79 -28.22 -68.13
CA VAL ND 108 -101.16 -28.67 -66.90
C VAL ND 108 -102.24 -28.87 -65.85
N LEU ND 109 -102.43 -30.11 -65.45
CA LEU ND 109 -103.33 -30.45 -64.35
C LEU ND 109 -102.47 -30.76 -63.14
N GLY ND 110 -102.74 -30.07 -62.05
CA GLY ND 110 -101.96 -30.25 -60.84
C GLY ND 110 -101.15 -29.00 -60.52
N LYS ND 111 -100.45 -29.08 -59.39
CA LYS ND 111 -99.73 -27.95 -58.83
C LYS ND 111 -98.25 -28.21 -58.95
N SER ND 112 -97.53 -27.24 -59.48
CA SER ND 112 -96.09 -27.39 -59.56
C SER ND 112 -95.48 -27.12 -58.19
N PRO ND 113 -94.53 -27.92 -57.73
CA PRO ND 113 -93.98 -27.74 -56.39
C PRO ND 113 -92.94 -26.63 -56.39
N SER ND 114 -92.45 -26.31 -55.18
CA SER ND 114 -91.48 -25.25 -54.98
C SER ND 114 -90.11 -25.64 -55.51
N VAL ND 115 -89.60 -26.77 -55.07
CA VAL ND 115 -88.50 -27.40 -55.80
C VAL ND 115 -89.13 -27.99 -57.05
N PRO ND 116 -88.67 -27.63 -58.24
CA PRO ND 116 -89.22 -28.21 -59.45
C PRO ND 116 -88.70 -29.63 -59.66
N VAL ND 117 -89.50 -30.41 -60.37
CA VAL ND 117 -89.06 -31.73 -60.81
C VAL ND 117 -88.28 -31.52 -62.10
N LEU ND 118 -87.03 -31.95 -62.09
CA LEU ND 118 -86.08 -31.60 -63.14
C LEU ND 118 -85.69 -32.82 -63.94
N ILE ND 119 -85.60 -32.64 -65.25
CA ILE ND 119 -85.38 -33.73 -66.21
C ILE ND 119 -83.99 -33.49 -66.77
N SER ND 120 -83.45 -34.45 -67.51
CA SER ND 120 -82.32 -34.22 -68.41
C SER ND 120 -82.60 -35.08 -69.65
N ILE ND 121 -82.54 -34.48 -70.82
CA ILE ND 121 -82.66 -35.22 -72.06
C ILE ND 121 -81.78 -34.54 -73.10
N SER ND 122 -80.85 -35.31 -73.65
CA SER ND 122 -79.94 -34.81 -74.68
C SER ND 122 -79.90 -35.86 -75.80
N THR ND 123 -80.84 -35.77 -76.73
CA THR ND 123 -80.85 -36.63 -77.91
C THR ND 123 -80.97 -35.78 -79.15
N LYS ND 124 -80.23 -36.15 -80.18
CA LYS ND 124 -80.04 -35.24 -81.31
C LYS ND 124 -80.71 -35.67 -82.60
N ASP ND 125 -81.22 -36.89 -82.70
CA ASP ND 125 -82.08 -37.26 -83.82
C ASP ND 125 -83.01 -38.34 -83.31
N GLU ND 126 -84.21 -37.94 -82.91
CA GLU ND 126 -85.00 -38.77 -82.04
C GLU ND 126 -86.45 -38.32 -82.09
N SER ND 127 -87.36 -39.29 -82.10
CA SER ND 127 -88.80 -39.06 -82.17
C SER ND 127 -89.32 -38.42 -80.89
N LEU ND 128 -90.15 -37.40 -81.07
CA LEU ND 128 -90.55 -36.59 -79.92
C LEU ND 128 -91.67 -37.21 -79.11
N ALA ND 129 -92.32 -38.25 -79.65
CA ALA ND 129 -93.12 -39.14 -78.82
C ALA ND 129 -92.26 -39.93 -77.86
N GLU ND 130 -91.07 -40.35 -78.29
CA GLU ND 130 -90.16 -40.99 -77.37
C GLU ND 130 -89.46 -40.00 -76.45
N ILE ND 131 -89.38 -38.73 -76.85
CA ILE ND 131 -88.94 -37.69 -75.93
C ILE ND 131 -89.98 -37.48 -74.83
N LEU ND 132 -91.26 -37.59 -75.18
CA LEU ND 132 -92.33 -37.60 -74.18
C LEU ND 132 -92.31 -38.83 -73.29
N ARG ND 133 -91.87 -39.96 -73.85
CA ARG ND 133 -91.77 -41.20 -73.11
C ARG ND 133 -90.66 -41.16 -72.06
N ASP ND 134 -89.45 -40.70 -72.42
CA ASP ND 134 -88.44 -40.68 -71.37
C ASP ND 134 -88.51 -39.45 -70.48
N ILE ND 135 -89.25 -38.39 -70.85
CA ILE ND 135 -89.48 -37.37 -69.81
C ILE ND 135 -90.60 -37.81 -68.89
N ASP ND 136 -91.48 -38.73 -69.33
CA ASP ND 136 -92.42 -39.36 -68.41
C ASP ND 136 -91.71 -40.30 -67.45
N TYR ND 137 -90.70 -41.01 -67.98
CA TYR ND 137 -89.90 -41.93 -67.19
C TYR ND 137 -89.02 -41.18 -66.18
N GLN ND 138 -88.46 -40.05 -66.57
CA GLN ND 138 -87.63 -39.31 -65.63
C GLN ND 138 -88.45 -38.40 -64.74
N ALA ND 139 -89.71 -38.15 -65.08
CA ALA ND 139 -90.62 -37.60 -64.08
C ALA ND 139 -90.93 -38.66 -63.04
N GLY ND 140 -91.15 -39.89 -63.49
CA GLY ND 140 -91.38 -41.00 -62.59
C GLY ND 140 -92.75 -40.96 -61.95
N LYS ND 141 -92.76 -40.86 -60.63
CA LYS ND 141 -93.99 -40.67 -59.89
C LYS ND 141 -94.16 -39.24 -59.39
N LYS ND 142 -93.17 -38.38 -59.60
CA LYS ND 142 -93.31 -36.97 -59.23
C LYS ND 142 -94.21 -36.23 -60.19
N ALA ND 143 -94.34 -36.70 -61.42
CA ALA ND 143 -95.30 -36.16 -62.35
C ALA ND 143 -95.79 -37.30 -63.23
N SER ND 144 -96.60 -36.95 -64.21
CA SER ND 144 -97.09 -37.90 -65.19
C SER ND 144 -97.41 -37.14 -66.46
N ILE ND 145 -97.42 -37.86 -67.58
CA ILE ND 145 -97.72 -37.31 -68.89
C ILE ND 145 -98.91 -38.07 -69.44
N HIS ND 146 -99.95 -37.36 -69.86
CA HIS ND 146 -101.03 -37.97 -70.62
C HIS ND 146 -101.11 -37.36 -72.01
N VAL ND 147 -101.27 -38.20 -73.02
CA VAL ND 147 -101.42 -37.73 -74.39
C VAL ND 147 -102.81 -38.12 -74.87
N TYR ND 148 -103.57 -37.15 -75.38
CA TYR ND 148 -104.84 -37.39 -76.03
C TYR ND 148 -104.70 -36.97 -77.47
N PRO ND 149 -104.45 -37.89 -78.40
CA PRO ND 149 -104.16 -37.48 -79.78
C PRO ND 149 -105.41 -37.20 -80.61
N ASN ND 150 -106.57 -37.62 -80.12
CA ASN ND 150 -107.82 -37.32 -80.81
C ASN ND 150 -108.20 -35.86 -80.64
N SER ND 151 -108.03 -35.33 -79.44
CA SER ND 151 -108.26 -33.92 -79.17
C SER ND 151 -106.97 -33.12 -79.18
N GLN ND 152 -105.84 -33.78 -79.47
CA GLN ND 152 -104.54 -33.20 -79.83
C GLN ND 152 -103.94 -32.36 -78.70
N VAL ND 153 -103.82 -32.98 -77.54
CA VAL ND 153 -103.41 -32.25 -76.34
C VAL ND 153 -102.59 -33.18 -75.45
N VAL ND 154 -101.44 -32.69 -75.01
CA VAL ND 154 -100.69 -33.36 -73.98
C VAL ND 154 -100.99 -32.64 -72.67
N GLU ND 155 -100.87 -33.38 -71.57
CA GLU ND 155 -101.31 -32.88 -70.28
C GLU ND 155 -100.27 -33.33 -69.27
N LEU ND 156 -99.64 -32.38 -68.61
CA LEU ND 156 -98.71 -32.70 -67.54
C LEU ND 156 -99.52 -32.75 -66.25
N ARG ND 157 -99.49 -33.89 -65.58
CA ARG ND 157 -100.22 -34.08 -64.33
C ARG ND 157 -99.23 -34.12 -63.19
N TYR ND 158 -99.52 -33.39 -62.14
CA TYR ND 158 -98.71 -33.50 -60.95
C TYR ND 158 -99.35 -34.50 -59.99
N ALA ND 159 -98.91 -34.51 -58.74
CA ALA ND 159 -99.53 -35.37 -57.73
C ALA ND 159 -99.57 -34.70 -56.35
N ILE OD 272 -73.08 -30.39 -45.11
CA ILE OD 272 -73.28 -30.42 -46.56
C ILE OD 272 -71.94 -30.65 -47.26
N PRO OD 273 -71.86 -31.68 -48.11
CA PRO OD 273 -70.65 -31.91 -48.88
C PRO OD 273 -70.48 -30.87 -49.97
N PRO OD 274 -69.26 -30.67 -50.47
CA PRO OD 274 -69.09 -29.80 -51.62
C PRO OD 274 -69.58 -30.46 -52.90
N SER OD 275 -69.68 -29.64 -53.95
CA SER OD 275 -70.46 -29.99 -55.12
C SER OD 275 -69.71 -30.95 -56.03
N ALA OD 276 -68.58 -30.49 -56.54
CA ALA OD 276 -67.55 -31.29 -57.18
C ALA OD 276 -66.27 -30.53 -56.90
N ASN OD 277 -65.24 -30.79 -57.65
CA ASN OD 277 -64.29 -29.73 -57.87
C ASN OD 277 -64.77 -28.98 -59.10
N ASP OD 278 -64.67 -27.66 -59.06
CA ASP OD 278 -64.94 -26.85 -60.23
C ASP OD 278 -63.71 -26.68 -61.10
N LEU OD 279 -62.59 -27.27 -60.68
CA LEU OD 279 -61.46 -27.56 -61.54
C LEU OD 279 -61.79 -28.59 -62.61
N LEU OD 280 -62.77 -29.46 -62.34
CA LEU OD 280 -63.20 -30.47 -63.29
C LEU OD 280 -63.89 -29.90 -64.53
N LEU OD 281 -64.41 -28.68 -64.47
CA LEU OD 281 -64.87 -28.03 -65.68
C LEU OD 281 -63.72 -27.61 -66.57
N HIS OD 282 -62.58 -27.26 -65.98
CA HIS OD 282 -61.40 -27.00 -66.79
C HIS OD 282 -60.83 -28.30 -67.33
N VAL OD 283 -60.74 -29.33 -66.49
CA VAL OD 283 -60.10 -30.55 -66.96
C VAL OD 283 -61.09 -31.49 -67.66
N LEU OD 284 -62.33 -31.06 -67.80
CA LEU OD 284 -63.21 -31.62 -68.82
C LEU OD 284 -62.79 -31.23 -70.22
N GLU OD 285 -62.20 -30.05 -70.39
CA GLU OD 285 -61.46 -29.77 -71.60
C GLU OD 285 -60.02 -30.21 -71.38
N GLY OD 286 -59.14 -30.01 -72.34
CA GLY OD 286 -57.77 -30.41 -72.06
C GLY OD 286 -56.93 -29.40 -71.32
N VAL OD 287 -57.50 -28.27 -70.91
CA VAL OD 287 -56.74 -27.21 -70.27
C VAL OD 287 -56.42 -27.62 -68.83
N PRO OD 288 -55.15 -27.55 -68.41
CA PRO OD 288 -54.75 -28.03 -67.10
C PRO OD 288 -55.22 -27.11 -65.98
N PRO OD 289 -55.17 -27.53 -64.72
CA PRO OD 289 -55.41 -26.61 -63.64
C PRO OD 289 -54.23 -25.67 -63.48
N PRO OD 290 -54.43 -24.46 -62.94
CA PRO OD 290 -53.32 -23.51 -62.81
C PRO OD 290 -52.36 -23.92 -61.71
N GLY OD 291 -51.07 -23.90 -62.03
CA GLY OD 291 -50.03 -24.34 -61.14
C GLY OD 291 -50.02 -25.84 -60.99
N SER OD 292 -49.93 -26.55 -62.10
CA SER OD 292 -50.00 -28.00 -62.09
C SER OD 292 -48.66 -28.60 -62.41
N ARG OD 293 -48.66 -29.92 -62.51
CA ARG OD 293 -47.57 -30.68 -63.09
C ARG OD 293 -48.19 -31.72 -64.00
N ARG OD 294 -47.71 -31.79 -65.23
CA ARG OD 294 -48.24 -32.74 -66.18
C ARG OD 294 -47.72 -34.12 -65.89
N LEU OD 295 -48.55 -35.11 -66.18
CA LEU OD 295 -48.16 -36.51 -66.06
C LEU OD 295 -48.34 -37.16 -67.40
N VAL OD 296 -47.33 -37.90 -67.84
CA VAL OD 296 -47.42 -38.59 -69.11
C VAL OD 296 -48.18 -39.89 -68.91
N VAL OD 297 -49.24 -40.07 -69.68
CA VAL OD 297 -50.07 -41.26 -69.63
C VAL OD 297 -49.67 -42.10 -70.83
N SER OD 298 -49.63 -43.41 -70.66
CA SER OD 298 -49.20 -44.29 -71.72
C SER OD 298 -50.18 -45.44 -71.84
N GLY OD 299 -50.51 -45.79 -73.08
CA GLY OD 299 -51.37 -46.92 -73.34
C GLY OD 299 -52.82 -46.59 -73.53
N GLY OD 300 -53.18 -45.32 -73.58
CA GLY OD 300 -54.57 -44.96 -73.76
C GLY OD 300 -54.68 -43.49 -74.07
N ASP OD 301 -55.81 -43.12 -74.66
CA ASP OD 301 -56.06 -41.73 -75.02
C ASP OD 301 -56.57 -41.06 -73.76
N ALA OD 302 -55.64 -40.56 -72.95
CA ALA OD 302 -55.97 -40.00 -71.66
C ALA OD 302 -54.90 -38.99 -71.29
N ARG OD 303 -55.30 -37.95 -70.58
CA ARG OD 303 -54.36 -36.97 -70.08
C ARG OD 303 -54.46 -36.94 -68.57
N ALA OD 304 -53.36 -36.59 -67.91
CA ALA OD 304 -53.36 -36.47 -66.47
C ALA OD 304 -52.61 -35.24 -66.05
N TRP OD 305 -53.06 -34.61 -64.97
CA TRP OD 305 -52.31 -33.57 -64.31
C TRP OD 305 -52.36 -33.81 -62.82
N LEU OD 306 -51.26 -33.54 -62.15
CA LEU OD 306 -51.21 -33.67 -60.70
C LEU OD 306 -51.10 -32.26 -60.14
N SER OD 307 -52.16 -31.78 -59.49
CA SER OD 307 -52.17 -30.38 -59.11
C SER OD 307 -51.61 -30.16 -57.72
N ASN OD 308 -52.26 -30.72 -56.69
CA ASN OD 308 -51.73 -30.63 -55.34
C ASN OD 308 -52.18 -31.90 -54.62
N GLU OD 309 -51.32 -32.91 -54.68
CA GLU OD 309 -51.50 -34.28 -54.15
C GLU OD 309 -52.76 -35.00 -54.67
N LYS OD 310 -53.30 -34.61 -55.82
CA LYS OD 310 -54.44 -35.24 -56.45
C LYS OD 310 -54.19 -35.16 -57.95
N MET OD 311 -54.55 -36.20 -58.65
CA MET OD 311 -54.42 -36.18 -60.10
C MET OD 311 -55.80 -36.06 -60.72
N TYR OD 312 -55.80 -35.67 -61.98
CA TYR OD 312 -57.00 -35.34 -62.72
C TYR OD 312 -56.78 -35.93 -64.09
N VAL OD 313 -57.60 -36.90 -64.46
CA VAL OD 313 -57.48 -37.55 -65.76
C VAL OD 313 -58.65 -37.12 -66.62
N ARG OD 314 -58.33 -36.74 -67.86
CA ARG OD 314 -59.31 -36.41 -68.88
C ARG OD 314 -59.25 -37.49 -69.94
N THR OD 315 -60.35 -38.20 -70.12
CA THR OD 315 -60.32 -39.38 -70.96
C THR OD 315 -61.70 -39.66 -71.51
N ASN OD 316 -61.77 -40.52 -72.52
CA ASN OD 316 -63.00 -41.12 -72.96
C ASN OD 316 -63.00 -42.62 -72.72
N LEU OD 317 -62.01 -43.15 -72.02
CA LEU OD 317 -62.10 -44.49 -71.47
C LEU OD 317 -62.85 -44.43 -70.15
N THR OD 318 -63.18 -45.58 -69.57
CA THR OD 318 -63.79 -45.54 -68.25
C THR OD 318 -62.84 -46.12 -67.20
N ILE OD 319 -62.88 -45.55 -66.02
CA ILE OD 319 -61.90 -45.83 -64.98
C ILE OD 319 -62.49 -46.85 -64.01
N LEU OD 320 -61.73 -47.91 -63.75
CA LEU OD 320 -62.22 -49.09 -63.05
C LEU OD 320 -61.52 -49.37 -61.72
N SER OD 321 -60.17 -49.49 -61.68
CA SER OD 321 -59.62 -49.86 -60.36
C SER OD 321 -59.50 -48.73 -59.33
N PRO OD 322 -58.73 -47.65 -59.53
CA PRO OD 322 -58.08 -47.04 -58.35
C PRO OD 322 -58.93 -46.07 -57.57
N GLY OD 323 -60.20 -45.86 -57.93
CA GLY OD 323 -61.08 -45.04 -57.15
C GLY OD 323 -60.95 -43.58 -57.50
N TRP OD 324 -62.02 -42.96 -57.95
CA TRP OD 324 -61.98 -41.53 -58.18
C TRP OD 324 -62.90 -40.83 -57.20
N LEU OD 325 -62.49 -39.65 -56.77
CA LEU OD 325 -63.27 -38.95 -55.78
C LEU OD 325 -64.34 -38.09 -56.41
N ALA OD 326 -64.08 -37.53 -57.59
CA ALA OD 326 -65.08 -36.69 -58.21
C ALA OD 326 -64.98 -36.85 -59.70
N SER OD 327 -66.09 -36.66 -60.40
CA SER OD 327 -66.06 -36.72 -61.84
C SER OD 327 -67.14 -35.85 -62.45
N MET OD 328 -66.85 -35.38 -63.66
CA MET OD 328 -67.84 -34.82 -64.56
C MET OD 328 -67.70 -35.53 -65.89
N THR OD 329 -68.71 -35.37 -66.75
CA THR OD 329 -68.53 -35.80 -68.13
C THR OD 329 -68.93 -34.64 -69.02
N SER OD 330 -68.56 -34.73 -70.29
CA SER OD 330 -68.69 -33.63 -71.23
C SER OD 330 -69.97 -33.71 -72.03
N ALA OD 331 -70.06 -32.89 -73.08
CA ALA OD 331 -71.14 -33.05 -74.04
C ALA OD 331 -70.91 -34.28 -74.91
N ASP OD 332 -69.67 -34.48 -75.36
CA ASP OD 332 -69.31 -35.58 -76.24
C ASP OD 332 -68.74 -36.77 -75.49
N GLY OD 333 -69.14 -36.96 -74.24
CA GLY OD 333 -68.82 -38.16 -73.51
C GLY OD 333 -67.41 -38.25 -72.96
N THR OD 334 -66.64 -37.17 -73.00
CA THR OD 334 -65.32 -37.22 -72.41
C THR OD 334 -65.46 -36.94 -70.92
N HIS OD 335 -65.02 -37.88 -70.10
CA HIS OD 335 -65.10 -37.70 -68.65
C HIS OD 335 -63.82 -37.08 -68.12
N ALA OD 336 -63.95 -36.43 -66.98
CA ALA OD 336 -62.81 -35.97 -66.20
C ALA OD 336 -62.98 -36.45 -64.77
N TYR OD 337 -61.92 -37.05 -64.23
CA TYR OD 337 -61.92 -37.64 -62.91
C TYR OD 337 -60.85 -36.99 -62.06
N GLU OD 338 -61.25 -36.52 -60.89
CA GLU OD 338 -60.33 -36.16 -59.82
C GLU OD 338 -60.18 -37.36 -58.92
N MET OD 339 -58.93 -37.82 -58.76
CA MET OD 339 -58.62 -38.96 -57.93
C MET OD 339 -57.30 -38.71 -57.22
N GLN OD 340 -56.88 -39.69 -56.43
CA GLN OD 340 -55.59 -39.64 -55.79
C GLN OD 340 -54.50 -40.05 -56.78
N LYS OD 341 -53.25 -39.87 -56.39
CA LYS OD 341 -52.16 -40.24 -57.29
C LYS OD 341 -51.94 -41.75 -57.20
N SER OD 342 -52.56 -42.44 -58.12
CA SER OD 342 -52.23 -43.84 -58.34
C SER OD 342 -51.30 -43.93 -59.55
N PRO OD 343 -50.29 -44.81 -59.54
CA PRO OD 343 -49.40 -44.88 -60.70
C PRO OD 343 -49.96 -45.66 -61.87
N VAL OD 344 -51.06 -46.37 -61.69
CA VAL OD 344 -51.69 -47.10 -62.78
C VAL OD 344 -53.17 -46.77 -62.78
N LEU OD 345 -53.78 -46.92 -63.94
CA LEU OD 345 -55.22 -46.80 -64.07
C LEU OD 345 -55.69 -48.06 -64.75
N LEU OD 346 -56.83 -48.58 -64.34
CA LEU OD 346 -57.48 -49.64 -65.07
C LEU OD 346 -58.61 -49.01 -65.84
N VAL OD 347 -58.65 -49.23 -67.13
CA VAL OD 347 -59.68 -48.65 -67.96
C VAL OD 347 -60.43 -49.76 -68.66
N SER OD 348 -61.67 -49.45 -68.97
CA SER OD 348 -62.42 -50.20 -69.96
C SER OD 348 -62.42 -49.38 -71.22
N TRP OD 349 -62.04 -50.03 -72.32
CA TRP OD 349 -62.01 -49.39 -73.63
C TRP OD 349 -63.30 -49.68 -74.38
N HIS OD 350 -63.50 -50.95 -74.72
CA HIS OD 350 -64.71 -51.35 -75.41
C HIS OD 350 -65.13 -52.71 -74.90
N GLY OD 351 -65.16 -52.84 -73.59
CA GLY OD 351 -65.23 -54.13 -72.95
C GLY OD 351 -63.90 -54.77 -72.68
N LYS OD 352 -62.84 -54.30 -73.31
CA LYS OD 352 -61.49 -54.72 -73.00
C LYS OD 352 -61.00 -53.96 -71.79
N VAL OD 353 -60.49 -54.68 -70.82
CA VAL OD 353 -59.87 -54.08 -69.66
C VAL OD 353 -58.39 -53.91 -69.96
N MET OD 354 -57.92 -52.67 -69.87
CA MET OD 354 -56.54 -52.32 -70.15
C MET OD 354 -55.99 -51.56 -68.96
N GLN OD 355 -54.66 -51.43 -68.92
CA GLN OD 355 -54.01 -50.64 -67.90
C GLN OD 355 -53.27 -49.48 -68.54
N LEU OD 356 -53.02 -48.45 -67.73
CA LEU OD 356 -52.47 -47.18 -68.18
C LEU OD 356 -51.46 -46.71 -67.16
N LYS OD 357 -50.20 -46.58 -67.53
CA LYS OD 357 -49.20 -46.06 -66.60
C LYS OD 357 -49.32 -44.55 -66.54
N VAL OD 358 -48.96 -43.98 -65.40
CA VAL OD 358 -48.63 -42.56 -65.32
C VAL OD 358 -47.30 -42.43 -64.59
N GLU OD 359 -46.75 -41.22 -64.63
CA GLU OD 359 -45.42 -40.95 -64.08
C GLU OD 359 -45.47 -39.74 -63.15
N GLY OD 360 -45.75 -39.98 -61.89
CA GLY OD 360 -45.84 -38.92 -60.89
C GLY OD 360 -46.71 -39.36 -59.74
N LEU PD 41 -41.22 -50.85 -70.93
CA LEU PD 41 -41.47 -49.98 -72.07
C LEU PD 41 -42.82 -50.25 -72.71
N PRO PD 42 -43.41 -49.25 -73.35
CA PRO PD 42 -44.53 -49.51 -74.25
C PRO PD 42 -44.06 -50.24 -75.51
N CYS PD 43 -45.01 -50.91 -76.16
CA CYS PD 43 -44.69 -51.86 -77.21
C CYS PD 43 -44.97 -51.27 -78.59
N ARG PD 44 -44.10 -51.60 -79.55
CA ARG PD 44 -44.31 -51.15 -80.93
C ARG PD 44 -45.35 -52.01 -81.62
N VAL PD 45 -45.07 -53.30 -81.78
CA VAL PD 45 -46.03 -54.20 -82.39
C VAL PD 45 -46.91 -54.80 -81.31
N ASP PD 46 -48.17 -55.04 -81.66
CA ASP PD 46 -49.11 -55.71 -80.76
C ASP PD 46 -49.25 -57.19 -81.09
N GLY PD 47 -48.12 -57.88 -81.24
CA GLY PD 47 -48.15 -59.26 -81.69
C GLY PD 47 -48.54 -59.43 -83.14
N ALA PD 48 -48.21 -58.46 -84.00
CA ALA PD 48 -48.66 -58.47 -85.39
C ALA PD 48 -47.67 -57.69 -86.23
N CYS PD 49 -47.59 -58.03 -87.51
CA CYS PD 49 -46.74 -57.31 -88.44
C CYS PD 49 -47.47 -57.12 -89.75
N ASP PD 50 -47.36 -55.91 -90.32
CA ASP PD 50 -48.11 -55.48 -91.50
C ASP PD 50 -47.69 -56.24 -92.75
N ALA PD 51 -46.42 -56.67 -92.80
CA ALA PD 51 -45.93 -57.57 -93.83
C ALA PD 51 -46.60 -58.92 -93.77
N THR PD 52 -46.86 -59.41 -92.55
CA THR PD 52 -47.56 -60.66 -92.42
C THR PD 52 -49.06 -60.52 -92.70
N ILE PD 53 -49.65 -59.33 -92.52
CA ILE PD 53 -51.07 -59.21 -92.86
C ILE PD 53 -51.27 -59.04 -94.36
N ILE PD 54 -50.28 -58.48 -95.08
CA ILE PD 54 -50.46 -58.43 -96.53
C ILE PD 54 -50.13 -59.78 -97.14
N LYS PD 55 -49.21 -60.53 -96.49
CA LYS PD 55 -48.91 -61.89 -96.87
C LYS PD 55 -50.11 -62.81 -96.69
N MET PD 56 -50.81 -62.69 -95.56
CA MET PD 56 -51.98 -63.51 -95.33
C MET PD 56 -53.18 -63.06 -96.16
N MET PD 57 -53.23 -61.78 -96.54
CA MET PD 57 -54.30 -61.31 -97.42
C MET PD 57 -54.13 -61.82 -98.84
N THR PD 58 -52.90 -61.79 -99.37
CA THR PD 58 -52.72 -62.34 -100.72
C THR PD 58 -52.68 -63.86 -100.72
N ASP PD 59 -52.40 -64.50 -99.58
CA ASP PD 59 -52.44 -65.95 -99.56
C ASP PD 59 -53.85 -66.47 -99.43
N LEU PD 60 -54.72 -65.74 -98.74
CA LEU PD 60 -56.11 -66.17 -98.68
C LEU PD 60 -56.85 -65.83 -99.96
N ASN PD 61 -56.45 -64.75 -100.65
CA ASN PD 61 -57.02 -64.52 -101.97
C ASN PD 61 -56.43 -65.45 -103.03
N LYS PD 62 -55.24 -65.99 -102.79
CA LYS PD 62 -54.74 -67.07 -103.64
C LYS PD 62 -55.49 -68.35 -103.39
N LYS PD 63 -55.84 -68.63 -102.13
CA LYS PD 63 -56.60 -69.83 -101.80
C LYS PD 63 -58.08 -69.72 -102.09
N GLY PD 64 -58.58 -68.55 -102.48
CA GLY PD 64 -59.96 -68.42 -102.88
C GLY PD 64 -60.85 -67.84 -101.83
N ILE PD 65 -60.30 -67.46 -100.68
CA ILE PD 65 -61.04 -66.72 -99.68
C ILE PD 65 -61.04 -65.28 -100.13
N LYS PD 66 -62.21 -64.71 -100.34
CA LYS PD 66 -62.28 -63.32 -100.77
C LYS PD 66 -62.03 -62.43 -99.57
N VAL PD 67 -60.89 -61.75 -99.57
CA VAL PD 67 -60.54 -60.84 -98.48
C VAL PD 67 -60.59 -59.44 -99.05
N ALA PD 68 -61.66 -58.75 -98.77
CA ALA PD 68 -61.83 -57.37 -99.21
C ALA PD 68 -61.65 -56.45 -98.03
N SER PD 69 -61.20 -55.25 -98.30
CA SER PD 69 -61.07 -54.24 -97.26
C SER PD 69 -61.54 -52.93 -97.85
N VAL PD 70 -62.57 -52.35 -97.26
CA VAL PD 70 -63.08 -51.07 -97.70
C VAL PD 70 -62.96 -50.11 -96.52
N GLY PD 71 -61.83 -49.41 -96.45
CA GLY PD 71 -61.66 -48.43 -95.40
C GLY PD 71 -61.17 -49.08 -94.13
N GLN PD 72 -62.09 -49.35 -93.21
CA GLN PD 72 -61.75 -50.08 -92.01
C GLN PD 72 -62.59 -51.32 -91.84
N ASN PD 73 -63.62 -51.52 -92.66
CA ASN PD 73 -64.30 -52.79 -92.69
C ASN PD 73 -63.44 -53.80 -93.41
N TYR PD 74 -63.45 -55.01 -92.91
CA TYR PD 74 -62.74 -56.12 -93.48
C TYR PD 74 -63.74 -57.24 -93.66
N LEU PD 75 -63.64 -57.93 -94.78
CA LEU PD 75 -64.61 -58.95 -95.12
C LEU PD 75 -63.84 -60.12 -95.70
N ILE PD 76 -63.70 -61.19 -94.94
CA ILE PD 76 -63.12 -62.40 -95.50
C ILE PD 76 -64.29 -63.35 -95.74
N SER PD 77 -64.20 -64.11 -96.81
CA SER PD 77 -65.37 -64.76 -97.38
C SER PD 77 -64.97 -66.13 -97.89
N ILE PD 78 -65.47 -67.16 -97.24
CA ILE PD 78 -65.14 -68.54 -97.56
C ILE PD 78 -66.34 -69.15 -98.28
N PRO PD 79 -66.13 -69.88 -99.37
CA PRO PD 79 -67.20 -70.71 -99.91
C PRO PD 79 -67.48 -71.88 -98.99
N ALA PD 80 -68.73 -72.36 -99.05
CA ALA PD 80 -69.15 -73.44 -98.16
C ALA PD 80 -68.59 -74.79 -98.56
N SER PD 81 -68.14 -74.95 -99.81
CA SER PD 81 -67.38 -76.12 -100.21
C SER PD 81 -66.02 -76.17 -99.52
N ALA PD 82 -65.43 -75.01 -99.23
CA ALA PD 82 -64.12 -75.00 -98.61
C ALA PD 82 -64.15 -75.27 -97.13
N LEU PD 83 -65.32 -75.23 -96.50
CA LEU PD 83 -65.42 -75.55 -95.08
C LEU PD 83 -66.24 -76.81 -94.82
N PHE PD 84 -67.48 -76.83 -95.25
CA PHE PD 84 -68.42 -77.84 -94.82
C PHE PD 84 -68.55 -78.91 -95.89
N ALA PD 85 -69.26 -79.97 -95.54
CA ALA PD 85 -69.68 -80.93 -96.54
C ALA PD 85 -71.01 -80.46 -97.12
N ASP PD 86 -71.54 -81.22 -98.08
CA ASP PD 86 -72.62 -80.75 -98.94
C ASP PD 86 -73.96 -80.82 -98.22
N GLN PD 87 -74.55 -79.63 -98.02
CA GLN PD 87 -75.80 -79.37 -97.29
C GLN PD 87 -75.75 -79.91 -95.87
N SER PD 88 -74.66 -79.65 -95.19
CA SER PD 88 -74.39 -80.18 -93.88
C SER PD 88 -73.84 -79.08 -93.00
N PRO PD 89 -74.20 -79.05 -91.71
CA PRO PD 89 -73.47 -78.25 -90.73
C PRO PD 89 -72.35 -79.02 -90.04
N ARG PD 90 -71.52 -79.69 -90.82
CA ARG PD 90 -70.41 -80.43 -90.28
C ARG PD 90 -69.17 -79.99 -91.02
N LEU PD 91 -68.12 -79.64 -90.28
CA LEU PD 91 -66.88 -79.26 -90.92
C LEU PD 91 -66.15 -80.49 -91.44
N ASN PD 92 -65.39 -80.28 -92.50
CA ASN PD 92 -64.39 -81.25 -92.86
C ASN PD 92 -63.15 -81.01 -92.01
N TRP PD 93 -62.38 -82.07 -91.83
CA TRP PD 93 -61.20 -82.00 -90.99
C TRP PD 93 -60.07 -81.24 -91.66
N ALA PD 94 -60.05 -81.19 -92.99
CA ALA PD 94 -59.01 -80.47 -93.69
C ALA PD 94 -59.22 -78.96 -93.63
N SER PD 95 -60.45 -78.51 -93.41
CA SER PD 95 -60.77 -77.10 -93.34
C SER PD 95 -60.44 -76.47 -92.00
N TYR PD 96 -60.04 -77.28 -91.01
CA TYR PD 96 -59.55 -76.73 -89.76
C TYR PD 96 -58.19 -76.07 -89.93
N SER PD 97 -57.39 -76.49 -90.91
CA SER PD 97 -56.17 -75.77 -91.24
C SER PD 97 -56.47 -74.42 -91.87
N LEU PD 98 -57.57 -74.38 -92.65
CA LEU PD 98 -58.03 -73.14 -93.27
C LEU PD 98 -58.53 -72.16 -92.23
N LEU PD 99 -59.28 -72.67 -91.24
CA LEU PD 99 -59.68 -71.83 -90.12
C LEU PD 99 -58.53 -71.52 -89.17
N ASN PD 100 -57.47 -72.34 -89.18
CA ASN PD 100 -56.29 -72.03 -88.39
C ASN PD 100 -55.54 -70.83 -88.94
N GLU PD 101 -55.36 -70.74 -90.26
CA GLU PD 101 -54.68 -69.52 -90.71
C GLU PD 101 -55.66 -68.35 -90.91
N ILE PD 102 -56.97 -68.64 -90.94
CA ILE PD 102 -57.98 -67.57 -90.83
C ILE PD 102 -57.93 -66.95 -89.43
N ALA PD 103 -57.78 -67.76 -88.39
CA ALA PD 103 -57.63 -67.23 -87.04
C ALA PD 103 -56.24 -66.65 -86.81
N ALA PD 104 -55.24 -67.11 -87.57
CA ALA PD 104 -53.94 -66.45 -87.51
C ALA PD 104 -53.91 -65.16 -88.29
N PHE PD 105 -54.86 -64.94 -89.19
CA PHE PD 105 -55.06 -63.64 -89.80
C PHE PD 105 -55.92 -62.75 -88.91
N LEU PD 106 -56.86 -63.34 -88.19
CA LEU PD 106 -57.70 -62.59 -87.27
C LEU PD 106 -57.05 -62.34 -85.92
N LYS PD 107 -55.87 -62.89 -85.68
CA LYS PD 107 -55.08 -62.47 -84.52
C LYS PD 107 -54.54 -61.07 -84.67
N GLN PD 108 -54.32 -60.61 -85.89
CA GLN PD 108 -53.46 -59.48 -86.17
C GLN PD 108 -54.11 -58.13 -85.93
N PHE PD 109 -55.41 -58.02 -86.08
CA PHE PD 109 -56.09 -56.74 -85.93
C PHE PD 109 -56.64 -56.61 -84.53
N ARG PD 110 -56.99 -55.39 -84.15
CA ARG PD 110 -57.68 -55.16 -82.90
C ARG PD 110 -59.14 -54.88 -83.24
N LYS PD 111 -60.01 -55.79 -82.87
CA LYS PD 111 -61.39 -55.76 -83.26
C LYS PD 111 -62.27 -55.72 -82.03
N ILE PD 112 -63.51 -55.31 -82.23
CA ILE PD 112 -64.49 -55.19 -81.15
C ILE PD 112 -65.53 -56.28 -81.28
N ALA PD 113 -66.27 -56.28 -82.36
CA ALA PD 113 -67.19 -57.37 -82.65
C ALA PD 113 -66.92 -57.81 -84.06
N ILE PD 114 -66.62 -59.08 -84.20
CA ILE PD 114 -66.68 -59.74 -85.50
C ILE PD 114 -68.08 -60.26 -85.67
N THR PD 115 -68.63 -60.16 -86.86
CA THR PD 115 -69.87 -60.86 -87.15
C THR PD 115 -69.61 -61.91 -88.21
N VAL PD 116 -70.01 -63.12 -87.91
CA VAL PD 116 -69.95 -64.24 -88.83
C VAL PD 116 -71.36 -64.54 -89.25
N THR PD 117 -71.64 -64.38 -90.52
CA THR PD 117 -72.94 -64.77 -91.01
C THR PD 117 -72.71 -65.70 -92.19
N SER PD 118 -73.71 -66.50 -92.48
CA SER PD 118 -73.56 -67.48 -93.54
C SER PD 118 -74.87 -67.65 -94.28
N TYR PD 119 -74.78 -67.87 -95.59
CA TYR PD 119 -76.00 -68.17 -96.33
C TYR PD 119 -75.66 -69.18 -97.42
N SER PD 120 -76.55 -70.15 -97.57
CA SER PD 120 -76.36 -71.23 -98.53
C SER PD 120 -77.55 -71.25 -99.46
N SER PD 121 -77.34 -71.85 -100.63
CA SER PD 121 -78.32 -71.93 -101.70
C SER PD 121 -79.48 -72.84 -101.32
N LYS PD 122 -80.58 -72.70 -102.06
CA LYS PD 122 -81.88 -73.27 -101.72
C LYS PD 122 -81.88 -74.79 -101.91
N TYR PD 123 -82.14 -75.52 -100.82
CA TYR PD 123 -82.09 -76.97 -100.84
C TYR PD 123 -83.42 -77.64 -100.58
N VAL PD 124 -84.02 -77.47 -99.39
CA VAL PD 124 -85.35 -78.05 -99.16
C VAL PD 124 -86.38 -76.97 -98.88
N SER PD 125 -86.22 -76.29 -97.75
CA SER PD 125 -87.16 -75.27 -97.34
C SER PD 125 -86.34 -74.13 -96.75
N VAL PD 126 -87.01 -72.98 -96.57
CA VAL PD 126 -86.29 -71.82 -96.10
C VAL PD 126 -86.02 -71.91 -94.60
N LYS PD 127 -86.86 -72.66 -93.86
CA LYS PD 127 -86.63 -72.90 -92.45
C LYS PD 127 -85.48 -73.88 -92.23
N ARG PD 128 -85.37 -74.86 -93.13
CA ARG PD 128 -84.25 -75.79 -93.15
C ARG PD 128 -82.96 -75.08 -93.53
N GLU PD 129 -83.07 -74.13 -94.45
CA GLU PD 129 -81.95 -73.30 -94.91
C GLU PD 129 -81.43 -72.40 -93.80
N ARG PD 130 -82.34 -71.76 -93.07
CA ARG PD 130 -81.96 -70.86 -92.01
C ARG PD 130 -81.42 -71.58 -90.80
N ALA PD 131 -81.95 -72.79 -90.53
CA ALA PD 131 -81.43 -73.59 -89.43
C ALA PD 131 -80.06 -74.15 -89.72
N LEU PD 132 -79.80 -74.55 -90.98
CA LEU PD 132 -78.49 -75.02 -91.39
C LEU PD 132 -77.44 -73.90 -91.38
N THR PD 133 -77.82 -72.72 -91.85
CA THR PD 133 -76.84 -71.62 -91.91
C THR PD 133 -76.59 -71.02 -90.55
N LEU PD 134 -77.57 -71.10 -89.64
CA LEU PD 134 -77.35 -70.71 -88.24
C LEU PD 134 -76.44 -71.69 -87.53
N ALA PD 135 -76.62 -72.99 -87.80
CA ALA PD 135 -75.74 -74.00 -87.20
C ALA PD 135 -74.33 -73.95 -87.77
N ARG PD 136 -74.21 -73.63 -89.06
CA ARG PD 136 -72.93 -73.52 -89.73
C ARG PD 136 -72.13 -72.34 -89.22
N SER PD 137 -72.82 -71.20 -89.04
CA SER PD 137 -72.18 -70.01 -88.53
C SER PD 137 -71.82 -70.14 -87.06
N ARG PD 138 -72.64 -70.84 -86.27
CA ARG PD 138 -72.26 -71.03 -84.87
C ARG PD 138 -71.17 -72.07 -84.69
N VAL PD 139 -70.99 -72.97 -85.67
CA VAL PD 139 -69.86 -73.90 -85.64
C VAL PD 139 -68.56 -73.17 -85.95
N VAL PD 140 -68.57 -72.28 -86.95
CA VAL PD 140 -67.30 -71.64 -87.32
C VAL PD 140 -66.95 -70.51 -86.34
N SER PD 141 -67.94 -69.90 -85.70
CA SER PD 141 -67.61 -68.98 -84.62
C SER PD 141 -67.27 -69.67 -83.32
N GLU PD 142 -67.74 -70.92 -83.10
CA GLU PD 142 -67.27 -71.72 -81.97
C GLU PD 142 -65.80 -72.07 -82.13
N TYR PD 143 -65.37 -72.37 -83.35
CA TYR PD 143 -63.95 -72.65 -83.57
C TYR PD 143 -63.11 -71.39 -83.54
N LEU PD 144 -63.65 -70.27 -84.01
CA LEU PD 144 -62.90 -69.03 -84.00
C LEU PD 144 -62.82 -68.41 -82.61
N TRP PD 145 -63.79 -68.69 -81.76
CA TRP PD 145 -63.71 -68.23 -80.39
C TRP PD 145 -62.83 -69.14 -79.56
N SER PD 146 -62.78 -70.43 -79.90
CA SER PD 146 -61.87 -71.32 -79.19
C SER PD 146 -60.43 -71.07 -79.61
N GLN PD 147 -60.23 -70.72 -80.87
CA GLN PD 147 -58.92 -70.25 -81.29
C GLN PD 147 -58.71 -68.80 -80.85
N GLY PD 148 -57.53 -68.30 -81.13
CA GLY PD 148 -57.21 -66.98 -80.66
C GLY PD 148 -57.75 -65.89 -81.56
N VAL PD 149 -58.86 -65.32 -81.18
CA VAL PD 149 -59.19 -63.98 -81.60
C VAL PD 149 -59.18 -63.14 -80.36
N ASP PD 150 -58.88 -61.85 -80.52
CA ASP PD 150 -58.90 -60.94 -79.39
C ASP PD 150 -60.08 -60.01 -79.45
N SER PD 151 -61.16 -60.50 -80.07
CA SER PD 151 -62.41 -59.79 -80.13
C SER PD 151 -63.12 -59.80 -78.79
N ARG PD 152 -64.14 -58.95 -78.70
CA ARG PD 152 -65.02 -58.97 -77.55
C ARG PD 152 -66.31 -59.71 -77.86
N ILE PD 153 -67.01 -59.32 -78.90
CA ILE PD 153 -68.22 -60.00 -79.33
C ILE PD 153 -67.94 -60.68 -80.67
N ILE PD 154 -68.40 -61.90 -80.81
CA ILE PD 154 -68.59 -62.50 -82.12
C ILE PD 154 -70.07 -62.75 -82.27
N PHE PD 155 -70.70 -61.97 -83.14
CA PHE PD 155 -72.09 -62.19 -83.50
C PHE PD 155 -72.07 -63.29 -84.54
N THR PD 156 -73.10 -64.12 -84.53
CA THR PD 156 -73.20 -65.20 -85.48
C THR PD 156 -74.64 -65.40 -85.90
N GLN PD 157 -74.85 -65.40 -87.22
CA GLN PD 157 -76.19 -65.61 -87.77
C GLN PD 157 -76.11 -66.24 -89.14
N GLY PD 158 -77.25 -66.77 -89.58
CA GLY PD 158 -77.35 -67.37 -90.88
C GLY PD 158 -78.63 -67.00 -91.57
N LEU PD 159 -78.59 -66.87 -92.88
CA LEU PD 159 -79.73 -66.47 -93.69
C LEU PD 159 -80.02 -67.55 -94.72
N GLY PD 160 -81.28 -67.63 -95.11
CA GLY PD 160 -81.70 -68.70 -96.01
C GLY PD 160 -81.70 -68.32 -97.46
N SER PD 161 -80.51 -68.06 -98.02
CA SER PD 161 -80.26 -67.46 -99.35
C SER PD 161 -81.02 -66.15 -99.54
N ASP PD 162 -81.02 -65.32 -98.51
CA ASP PD 162 -81.70 -64.04 -98.60
C ASP PD 162 -80.78 -62.96 -99.15
N LYS PD 163 -79.48 -63.18 -99.15
CA LYS PD 163 -78.55 -62.31 -99.86
C LYS PD 163 -77.65 -63.13 -100.78
N PRO PD 164 -78.11 -63.47 -101.98
CA PRO PD 164 -77.18 -64.06 -102.96
C PRO PD 164 -76.35 -62.97 -103.62
N ILE PD 165 -75.09 -63.28 -103.92
CA ILE PD 165 -74.28 -62.30 -104.63
C ILE PD 165 -74.08 -62.65 -106.09
N THR PD 166 -74.64 -63.75 -106.57
CA THR PD 166 -74.85 -63.97 -107.97
C THR PD 166 -76.30 -64.37 -108.17
N SER PD 167 -76.78 -64.18 -109.39
CA SER PD 167 -78.05 -64.76 -109.79
C SER PD 167 -77.89 -66.15 -110.34
N TYR PD 168 -76.65 -66.60 -110.56
CA TYR PD 168 -76.40 -67.96 -111.00
C TYR PD 168 -76.59 -68.90 -109.82
N THR PD 169 -77.50 -69.84 -109.97
CA THR PD 169 -77.95 -70.73 -108.90
C THR PD 169 -77.61 -72.15 -109.28
N LEU PD 170 -76.32 -72.37 -109.61
CA LEU PD 170 -75.81 -73.56 -110.29
C LEU PD 170 -75.98 -74.85 -109.49
N GLY PD 171 -75.89 -74.78 -108.17
CA GLY PD 171 -75.79 -76.00 -107.41
C GLY PD 171 -76.08 -75.83 -105.94
N GLY PD 172 -75.52 -76.71 -105.13
CA GLY PD 172 -75.79 -76.67 -103.72
C GLY PD 172 -74.74 -75.83 -103.02
N ASP PD 173 -73.82 -76.50 -102.34
CA ASP PD 173 -72.69 -75.81 -101.72
C ASP PD 173 -71.54 -75.56 -102.67
N ARG PD 174 -71.64 -76.01 -103.91
CA ARG PD 174 -70.68 -75.64 -104.94
C ARG PD 174 -70.92 -74.24 -105.48
N SER PD 175 -72.10 -73.68 -105.25
CA SER PD 175 -72.46 -72.35 -105.71
C SER PD 175 -71.66 -71.29 -104.96
N PRO PD 176 -71.29 -70.18 -105.61
CA PRO PD 176 -70.62 -69.09 -104.90
C PRO PD 176 -71.56 -68.21 -104.10
N ASN PD 177 -72.88 -68.42 -104.21
CA ASN PD 177 -73.80 -67.85 -103.24
C ASN PD 177 -73.83 -68.64 -101.95
N ALA PD 178 -73.31 -69.86 -101.94
CA ALA PD 178 -73.31 -70.69 -100.75
C ALA PD 178 -71.97 -70.53 -100.05
N ARG PD 179 -72.00 -69.83 -98.92
CA ARG PD 179 -70.80 -69.23 -98.39
C ARG PD 179 -71.01 -68.86 -96.94
N VAL PD 180 -69.90 -68.57 -96.28
CA VAL PD 180 -69.89 -67.96 -94.97
C VAL PD 180 -68.96 -66.76 -95.10
N GLU PD 181 -69.32 -65.65 -94.48
CA GLU PD 181 -68.38 -64.56 -94.45
C GLU PD 181 -68.27 -63.95 -93.06
N ILE PD 182 -67.07 -63.48 -92.79
CA ILE PD 182 -66.59 -63.06 -91.51
C ILE PD 182 -66.22 -61.60 -91.70
N THR PD 183 -66.99 -60.71 -91.12
CA THR PD 183 -66.88 -59.29 -91.41
C THR PD 183 -66.72 -58.54 -90.11
N PHE PD 184 -65.84 -57.55 -90.11
CA PHE PD 184 -65.60 -56.77 -88.90
C PHE PD 184 -65.08 -55.40 -89.27
N ARG PD 185 -64.87 -54.59 -88.25
CA ARG PD 185 -64.19 -53.32 -88.38
C ARG PD 185 -62.96 -53.34 -87.52
N ARG PD 186 -61.81 -53.09 -88.13
CA ARG PD 186 -60.57 -52.91 -87.41
C ARG PD 186 -60.65 -51.64 -86.59
N ALA PD 187 -60.51 -51.75 -85.28
CA ALA PD 187 -60.63 -50.60 -84.41
C ALA PD 187 -59.29 -49.93 -84.23
N VAL PD 188 -59.25 -48.62 -84.53
CA VAL PD 188 -58.13 -47.65 -84.47
C VAL PD 188 -56.78 -48.13 -84.97
N UNK QD 1 -118.71 -111.99 -102.09
CA UNK QD 1 -118.65 -112.89 -100.96
C UNK QD 1 -118.74 -112.12 -99.65
N UNK QD 2 -119.82 -111.36 -99.49
CA UNK QD 2 -119.96 -110.44 -98.38
C UNK QD 2 -120.40 -111.16 -97.10
N UNK QD 3 -120.15 -110.49 -95.97
CA UNK QD 3 -120.62 -110.94 -94.66
C UNK QD 3 -120.83 -109.69 -93.82
N UNK QD 4 -122.08 -109.23 -93.76
CA UNK QD 4 -122.44 -107.95 -93.11
C UNK QD 4 -123.51 -108.24 -92.05
N UNK QD 5 -123.08 -108.47 -90.81
CA UNK QD 5 -124.02 -108.83 -89.75
C UNK QD 5 -123.55 -108.23 -88.44
N UNK QD 6 -124.53 -107.89 -87.59
CA UNK QD 6 -124.32 -107.38 -86.24
C UNK QD 6 -124.87 -108.41 -85.26
N UNK QD 7 -124.02 -109.34 -84.85
CA UNK QD 7 -124.43 -110.53 -84.12
C UNK QD 7 -123.29 -110.91 -83.18
N UNK QD 8 -123.26 -112.18 -82.77
CA UNK QD 8 -122.11 -112.74 -82.06
C UNK QD 8 -121.58 -113.91 -82.89
N UNK QD 9 -120.72 -113.60 -83.87
CA UNK QD 9 -120.04 -114.66 -84.61
C UNK QD 9 -118.93 -115.26 -83.74
N UNK QD 10 -118.03 -114.41 -83.25
CA UNK QD 10 -117.20 -114.58 -82.04
C UNK QD 10 -116.11 -115.65 -82.06
N UNK QD 11 -116.01 -116.46 -83.11
CA UNK QD 11 -114.95 -117.46 -83.21
C UNK QD 11 -114.64 -117.65 -84.70
N UNK QD 12 -113.66 -116.90 -85.19
CA UNK QD 12 -113.33 -116.92 -86.61
C UNK QD 12 -111.87 -116.54 -86.78
N UNK QD 13 -111.03 -117.52 -87.08
CA UNK QD 13 -109.70 -117.27 -87.65
C UNK QD 13 -109.83 -117.30 -89.17
N UNK QD 14 -110.50 -116.26 -89.69
CA UNK QD 14 -111.09 -116.30 -91.02
C UNK QD 14 -110.04 -115.89 -92.04
N UNK QD 15 -109.34 -116.89 -92.58
CA UNK QD 15 -108.39 -116.67 -93.67
C UNK QD 15 -109.17 -116.68 -94.97
N UNK QD 16 -109.77 -115.53 -95.28
CA UNK QD 16 -110.71 -115.41 -96.38
C UNK QD 16 -109.99 -115.34 -97.71
N UNK QD 17 -110.73 -115.68 -98.77
CA UNK QD 17 -110.22 -115.67 -100.13
C UNK QD 17 -110.49 -114.30 -100.76
N UNK QD 18 -110.34 -114.21 -102.08
CA UNK QD 18 -110.51 -112.97 -102.79
C UNK QD 18 -111.97 -112.59 -102.91
N UNK QD 19 -112.20 -111.26 -103.02
CA UNK QD 19 -113.51 -110.58 -103.10
C UNK QD 19 -114.43 -110.89 -101.91
N UNK QD 20 -113.85 -111.08 -100.73
CA UNK QD 20 -114.62 -111.37 -99.52
C UNK QD 20 -114.89 -110.04 -98.82
N UNK QD 21 -115.92 -109.34 -99.29
CA UNK QD 21 -116.23 -107.98 -98.84
C UNK QD 21 -117.08 -108.02 -97.57
N UNK QD 22 -116.45 -108.43 -96.47
CA UNK QD 22 -117.14 -108.71 -95.22
C UNK QD 22 -117.22 -107.43 -94.40
N UNK QD 23 -118.32 -106.69 -94.54
CA UNK QD 23 -118.58 -105.50 -93.74
C UNK QD 23 -119.45 -105.82 -92.54
N UNK QD 24 -119.04 -106.81 -91.74
CA UNK QD 24 -119.75 -107.17 -90.52
C UNK QD 24 -119.56 -106.14 -89.42
N UNK QD 25 -120.51 -106.13 -88.49
CA UNK QD 25 -120.41 -105.37 -87.25
C UNK QD 25 -120.64 -106.27 -86.04
N UNK QD 26 -120.37 -107.55 -86.19
CA UNK QD 26 -120.67 -108.54 -85.16
C UNK QD 26 -119.65 -108.50 -84.03
N UNK QD 27 -120.03 -109.13 -82.91
CA UNK QD 27 -119.17 -109.24 -81.74
C UNK QD 27 -118.14 -110.35 -81.94
N UNK QD 28 -117.12 -110.07 -82.75
CA UNK QD 28 -116.14 -111.08 -83.17
C UNK QD 28 -114.99 -111.08 -82.17
N UNK QD 29 -115.12 -111.93 -81.15
CA UNK QD 29 -114.18 -111.94 -80.04
C UNK QD 29 -112.86 -112.60 -80.43
N UNK QD 30 -112.90 -113.89 -80.76
CA UNK QD 30 -111.70 -114.62 -81.16
C UNK QD 30 -111.58 -114.51 -82.68
N UNK QD 31 -111.17 -113.33 -83.12
CA UNK QD 31 -111.19 -112.97 -84.54
C UNK QD 31 -109.79 -112.79 -85.07
N UNK QD 32 -109.59 -113.22 -86.31
CA UNK QD 32 -108.40 -112.89 -87.11
C UNK QD 32 -108.85 -112.90 -88.57
N UNK QD 33 -109.23 -111.72 -89.07
CA UNK QD 33 -109.87 -111.62 -90.39
C UNK QD 33 -108.80 -111.32 -91.43
N UNK QD 34 -108.20 -112.39 -91.97
CA UNK QD 34 -107.13 -112.27 -92.96
C UNK QD 34 -107.73 -112.33 -94.36
N UNK QD 35 -108.46 -111.27 -94.70
CA UNK QD 35 -109.12 -111.16 -96.00
C UNK QD 35 -108.09 -110.88 -97.10
N UNK QD 36 -108.34 -111.45 -98.28
CA UNK QD 36 -107.38 -111.38 -99.37
C UNK QD 36 -107.72 -110.35 -100.42
N UNK QD 37 -108.91 -109.74 -100.36
CA UNK QD 37 -109.30 -108.57 -101.14
C UNK QD 37 -110.48 -107.89 -100.46
N UNK QD 38 -110.64 -106.61 -100.78
CA UNK QD 38 -111.93 -105.93 -100.94
C UNK QD 38 -112.71 -105.75 -99.64
N UNK QD 39 -112.04 -105.73 -98.50
CA UNK QD 39 -112.73 -105.56 -97.22
C UNK QD 39 -113.13 -104.09 -97.03
N UNK QD 40 -114.38 -103.88 -96.64
CA UNK QD 40 -114.97 -102.55 -96.53
C UNK QD 40 -115.71 -102.39 -95.22
N UNK QD 41 -115.03 -102.72 -94.12
CA UNK QD 41 -115.69 -102.90 -92.83
C UNK QD 41 -115.81 -101.59 -92.07
N UNK QD 42 -116.99 -101.36 -91.48
CA UNK QD 42 -117.22 -100.23 -90.57
C UNK QD 42 -117.96 -100.78 -89.36
N UNK QD 43 -117.21 -101.26 -88.37
CA UNK QD 43 -117.76 -101.97 -87.24
C UNK QD 43 -117.63 -101.16 -85.96
N UNK QD 44 -118.17 -101.72 -84.88
CA UNK QD 44 -117.95 -101.24 -83.52
C UNK QD 44 -117.75 -102.50 -82.67
N UNK QD 45 -116.50 -102.94 -82.58
CA UNK QD 45 -116.20 -104.27 -82.05
C UNK QD 45 -115.22 -104.17 -80.88
N UNK QD 46 -114.86 -105.34 -80.36
CA UNK QD 46 -113.89 -105.47 -79.27
C UNK QD 46 -113.29 -106.86 -79.41
N UNK QD 47 -112.03 -106.93 -79.82
CA UNK QD 47 -111.41 -108.20 -80.15
C UNK QD 47 -110.39 -108.67 -79.14
N UNK QD 48 -109.48 -107.77 -78.73
CA UNK QD 48 -108.47 -107.85 -77.65
C UNK QD 48 -107.33 -108.85 -77.88
N UNK QD 49 -107.34 -109.64 -78.95
CA UNK QD 49 -106.19 -110.45 -79.33
C UNK QD 49 -106.05 -110.53 -80.84
N UNK QD 50 -106.44 -109.49 -81.56
CA UNK QD 50 -106.56 -109.55 -83.02
C UNK QD 50 -105.18 -109.44 -83.67
N UNK QD 51 -104.78 -110.51 -84.34
CA UNK QD 51 -103.61 -110.49 -85.21
C UNK QD 51 -104.11 -110.34 -86.64
N UNK QD 52 -104.55 -109.12 -86.95
CA UNK QD 52 -105.21 -108.87 -88.22
C UNK QD 52 -104.19 -108.71 -89.34
N UNK QD 53 -104.53 -109.26 -90.50
CA UNK QD 53 -103.79 -109.04 -91.73
C UNK QD 53 -104.80 -108.62 -92.78
N UNK QD 54 -104.40 -107.73 -93.68
CA UNK QD 54 -105.32 -107.25 -94.70
C UNK QD 54 -104.59 -106.99 -96.00
N UNK QD 55 -105.13 -107.54 -97.08
CA UNK QD 55 -104.68 -107.31 -98.44
C UNK QD 55 -105.50 -106.16 -99.04
N UNK QD 56 -105.50 -106.09 -100.38
CA UNK QD 56 -105.87 -104.89 -101.15
C UNK QD 56 -107.34 -104.51 -101.03
N UNK QD 57 -107.59 -103.20 -101.21
CA UNK QD 57 -108.88 -102.51 -101.20
C UNK QD 57 -109.64 -102.69 -99.88
N UNK QD 58 -108.88 -102.60 -98.79
CA UNK QD 58 -109.43 -102.80 -97.44
C UNK QD 58 -109.53 -101.45 -96.75
N UNK QD 59 -110.74 -100.90 -96.72
CA UNK QD 59 -111.07 -99.72 -95.93
C UNK QD 59 -111.81 -100.19 -94.68
N UNK QD 60 -111.41 -99.65 -93.54
CA UNK QD 60 -111.92 -100.16 -92.27
C UNK QD 60 -112.10 -99.04 -91.26
N UNK QD 61 -113.09 -99.21 -90.38
CA UNK QD 61 -113.34 -98.27 -89.29
C UNK QD 61 -113.77 -99.08 -88.07
N UNK QD 62 -112.85 -99.28 -87.13
CA UNK QD 62 -113.06 -100.21 -86.03
C UNK QD 62 -112.62 -99.62 -84.71
N UNK QD 63 -113.33 -99.97 -83.64
CA UNK QD 63 -113.01 -99.55 -82.29
C UNK QD 63 -112.59 -100.75 -81.42
N UNK QD 64 -111.93 -101.72 -82.04
CA UNK QD 64 -111.54 -102.95 -81.38
C UNK QD 64 -110.06 -102.94 -81.07
N UNK QD 65 -109.68 -103.67 -80.03
CA UNK QD 65 -108.28 -103.76 -79.64
C UNK QD 65 -107.59 -104.84 -80.45
N UNK QD 66 -106.49 -104.47 -81.10
CA UNK QD 66 -105.70 -105.40 -81.89
C UNK QD 66 -104.42 -105.75 -81.14
N UNK QD 67 -103.71 -106.75 -81.66
CA UNK QD 67 -102.44 -107.16 -81.08
C UNK QD 67 -101.35 -107.18 -82.14
N UNK QD 68 -101.72 -107.53 -83.37
CA UNK QD 68 -100.76 -107.54 -84.46
C UNK QD 68 -101.45 -107.08 -85.72
N UNK QD 69 -100.68 -106.50 -86.63
CA UNK QD 69 -101.22 -105.94 -87.86
C UNK QD 69 -100.28 -106.21 -89.01
N UNK QD 70 -100.83 -106.61 -90.15
CA UNK QD 70 -100.03 -106.88 -91.34
C UNK QD 70 -100.74 -106.32 -92.56
N UNK QD 71 -99.97 -105.67 -93.42
CA UNK QD 71 -100.50 -105.10 -94.65
C UNK QD 71 -99.80 -105.74 -95.86
N UNK QD 72 -100.51 -105.83 -96.98
CA UNK QD 72 -99.99 -106.52 -98.15
C UNK QD 72 -99.85 -105.64 -99.39
N UNK QD 73 -100.92 -105.00 -99.85
CA UNK QD 73 -100.83 -104.24 -101.10
C UNK QD 73 -101.16 -102.76 -100.95
N UNK QD 74 -102.40 -102.41 -100.56
CA UNK QD 74 -102.90 -101.04 -100.56
C UNK QD 74 -104.18 -101.02 -99.74
N UNK QD 75 -104.28 -100.13 -98.76
CA UNK QD 75 -105.42 -100.16 -97.86
C UNK QD 75 -105.72 -98.75 -97.36
N UNK QD 76 -106.73 -98.67 -96.50
CA UNK QD 76 -107.06 -97.47 -95.72
C UNK QD 76 -107.78 -97.95 -94.46
N UNK QD 77 -107.05 -98.02 -93.36
CA UNK QD 77 -107.65 -98.42 -92.09
C UNK QD 77 -107.90 -97.21 -91.21
N UNK QD 78 -108.79 -97.39 -90.24
CA UNK QD 78 -108.97 -96.44 -89.14
C UNK QD 78 -109.41 -97.26 -87.94
N UNK QD 79 -108.45 -97.67 -87.13
CA UNK QD 79 -108.71 -98.56 -86.02
C UNK QD 79 -108.35 -97.90 -84.71
N UNK QD 80 -108.95 -98.39 -83.63
CA UNK QD 80 -108.74 -97.85 -82.29
C UNK QD 80 -108.28 -98.99 -81.38
N UNK QD 81 -106.98 -99.28 -81.41
CA UNK QD 81 -106.44 -100.40 -80.65
C UNK QD 81 -106.09 -99.96 -79.23
N UNK QD 82 -105.69 -100.93 -78.39
CA UNK QD 82 -105.51 -100.57 -76.99
C UNK QD 82 -104.21 -101.03 -76.33
N UNK QD 83 -103.74 -102.26 -76.61
CA UNK QD 83 -102.86 -102.92 -75.65
C UNK QD 83 -101.42 -103.07 -76.13
N UNK QD 84 -101.21 -103.74 -77.26
CA UNK QD 84 -99.88 -103.94 -77.80
C UNK QD 84 -100.00 -104.06 -79.30
N UNK QD 85 -98.87 -103.87 -80.00
CA UNK QD 85 -98.92 -103.86 -81.45
C UNK QD 85 -97.63 -104.44 -82.02
N UNK QD 86 -97.78 -105.51 -82.78
CA UNK QD 86 -96.73 -106.01 -83.65
C UNK QD 86 -97.18 -105.74 -85.09
N UNK QD 87 -96.72 -104.63 -85.65
CA UNK QD 87 -97.21 -104.17 -86.94
C UNK QD 87 -96.12 -104.30 -88.00
N UNK QD 88 -96.54 -104.73 -89.19
CA UNK QD 88 -95.67 -104.82 -90.35
C UNK QD 88 -96.48 -104.56 -91.60
N UNK QD 89 -95.91 -103.80 -92.53
CA UNK QD 89 -96.65 -103.34 -93.68
C UNK QD 89 -95.91 -103.68 -94.96
N UNK QD 90 -96.64 -103.57 -96.08
CA UNK QD 90 -96.07 -103.73 -97.42
C UNK QD 90 -96.86 -102.85 -98.37
N UNK QD 91 -96.21 -101.77 -98.84
CA UNK QD 91 -96.61 -100.93 -99.99
C UNK QD 91 -97.93 -100.17 -99.81
N UNK QD 92 -98.44 -100.05 -98.59
CA UNK QD 92 -99.82 -99.69 -98.33
C UNK QD 92 -99.90 -98.37 -97.57
N UNK QD 93 -101.11 -98.04 -97.16
CA UNK QD 93 -101.38 -96.90 -96.30
C UNK QD 93 -102.21 -97.37 -95.12
N UNK QD 94 -102.07 -96.69 -93.98
CA UNK QD 94 -102.72 -97.10 -92.75
C UNK QD 94 -102.88 -95.91 -91.83
N UNK QD 95 -104.01 -95.87 -91.13
CA UNK QD 95 -104.22 -94.91 -90.07
C UNK QD 95 -104.81 -95.62 -88.86
N UNK QD 96 -104.42 -95.17 -87.67
CA UNK QD 96 -104.93 -95.74 -86.43
C UNK QD 96 -105.12 -94.61 -85.43
N UNK QD 97 -106.02 -94.81 -84.48
CA UNK QD 97 -106.58 -93.70 -83.72
C UNK QD 97 -106.21 -93.67 -82.25
N UNK QD 98 -106.52 -94.72 -81.50
CA UNK QD 98 -106.53 -94.62 -80.04
C UNK QD 98 -105.14 -94.80 -79.44
N UNK QD 99 -105.09 -94.91 -78.12
CA UNK QD 99 -103.85 -95.01 -77.37
C UNK QD 99 -103.30 -96.41 -77.53
N UNK QD 100 -102.39 -96.59 -78.49
CA UNK QD 100 -101.75 -97.87 -78.74
C UNK QD 100 -100.39 -97.91 -78.08
N UNK QD 101 -99.80 -99.11 -78.05
CA UNK QD 101 -98.45 -99.31 -77.53
C UNK QD 101 -97.70 -100.18 -78.53
N UNK QD 102 -97.10 -99.53 -79.53
CA UNK QD 102 -96.33 -100.23 -80.55
C UNK QD 102 -94.94 -100.51 -79.99
N UNK QD 103 -94.59 -101.79 -79.88
CA UNK QD 103 -93.27 -102.14 -79.38
C UNK QD 103 -92.24 -102.14 -80.49
N UNK QD 104 -92.61 -102.63 -81.67
CA UNK QD 104 -91.71 -102.67 -82.80
C UNK QD 104 -92.49 -102.52 -84.09
N UNK QD 105 -91.89 -101.84 -85.06
CA UNK QD 105 -92.45 -101.71 -86.40
C UNK QD 105 -91.31 -101.75 -87.40
N UNK QD 106 -91.45 -102.61 -88.40
CA UNK QD 106 -90.42 -102.81 -89.42
C UNK QD 106 -91.04 -102.58 -90.78
N UNK QD 107 -90.82 -101.40 -91.33
CA UNK QD 107 -91.40 -101.04 -92.62
C UNK QD 107 -90.31 -101.17 -93.67
N UNK QD 108 -90.38 -102.24 -94.47
CA UNK QD 108 -89.42 -102.49 -95.52
C UNK QD 108 -89.99 -102.25 -96.91
N UNK QD 109 -90.99 -101.39 -97.02
CA UNK QD 109 -91.67 -101.12 -98.29
C UNK QD 109 -92.16 -99.68 -98.27
N UNK QD 110 -93.10 -99.36 -99.15
CA UNK QD 110 -93.67 -98.01 -99.25
C UNK QD 110 -95.01 -98.01 -98.53
N UNK QD 111 -95.04 -97.40 -97.36
CA UNK QD 111 -96.17 -97.53 -96.45
C UNK QD 111 -96.36 -96.24 -95.67
N UNK QD 112 -97.47 -95.57 -95.94
CA UNK QD 112 -97.84 -94.36 -95.22
C UNK QD 112 -98.65 -94.76 -94.00
N UNK QD 113 -97.95 -95.08 -92.91
CA UNK QD 113 -98.57 -95.51 -91.68
C UNK QD 113 -98.67 -94.34 -90.72
N UNK QD 114 -99.80 -94.22 -90.04
CA UNK QD 114 -100.00 -93.14 -89.08
C UNK QD 114 -100.74 -93.67 -87.86
N UNK QD 115 -100.40 -93.12 -86.71
CA UNK QD 115 -101.08 -93.45 -85.46
C UNK QD 115 -101.27 -92.16 -84.68
N UNK QD 116 -102.49 -91.88 -84.24
CA UNK QD 116 -102.76 -90.61 -83.58
C UNK QD 116 -102.37 -90.60 -82.12
N UNK QD 117 -102.10 -91.76 -81.53
CA UNK QD 117 -101.56 -91.84 -80.18
C UNK QD 117 -100.74 -93.11 -80.07
N UNK QD 118 -99.50 -92.98 -79.61
CA UNK QD 118 -98.66 -94.13 -79.28
C UNK QD 118 -98.12 -93.89 -77.88
N UNK QD 119 -98.51 -94.74 -76.93
CA UNK QD 119 -98.05 -94.66 -75.55
C UNK QD 119 -97.33 -95.97 -75.25
N UNK QD 120 -96.05 -96.02 -75.59
CA UNK QD 120 -95.27 -97.23 -75.47
C UNK QD 120 -94.11 -97.02 -74.49
N UNK QD 121 -93.25 -98.02 -74.40
CA UNK QD 121 -92.09 -97.96 -73.53
C UNK QD 121 -90.78 -97.95 -74.30
N UNK QD 122 -90.66 -98.74 -75.37
CA UNK QD 122 -89.46 -98.73 -76.20
C UNK QD 122 -89.91 -99.06 -77.62
N UNK QD 123 -90.11 -98.03 -78.43
CA UNK QD 123 -90.60 -98.22 -79.80
C UNK QD 123 -89.40 -98.36 -80.72
N UNK QD 124 -89.23 -99.56 -81.28
CA UNK QD 124 -88.15 -99.82 -82.21
C UNK QD 124 -88.71 -99.73 -83.63
N UNK QD 125 -88.38 -98.65 -84.32
CA UNK QD 125 -88.82 -98.41 -85.68
C UNK QD 125 -87.64 -98.66 -86.60
N UNK QD 126 -87.75 -99.68 -87.44
CA UNK QD 126 -86.75 -99.96 -88.45
C UNK QD 126 -87.36 -99.67 -89.81
N UNK QD 127 -86.61 -98.95 -90.65
CA UNK QD 127 -87.13 -98.51 -91.94
C UNK QD 127 -86.17 -98.90 -93.04
N UNK QD 128 -86.73 -99.34 -94.17
CA UNK QD 128 -85.92 -99.80 -95.29
C UNK QD 128 -86.54 -99.32 -96.59
N UNK QD 129 -85.90 -98.27 -97.13
CA UNK QD 129 -85.81 -97.84 -98.52
C UNK QD 129 -87.00 -97.16 -99.17
N UNK QD 130 -88.21 -97.18 -98.58
CA UNK QD 130 -89.30 -96.49 -99.27
C UNK QD 130 -90.32 -95.73 -98.43
N UNK QD 131 -90.61 -96.18 -97.22
CA UNK QD 131 -91.84 -95.81 -96.53
C UNK QD 131 -91.78 -94.43 -95.88
N UNK QD 132 -92.84 -94.11 -95.13
CA UNK QD 132 -93.01 -92.84 -94.44
C UNK QD 132 -93.96 -93.05 -93.26
N UNK QD 133 -93.42 -93.08 -92.05
CA UNK QD 133 -94.25 -93.20 -90.86
C UNK QD 133 -94.42 -91.86 -90.19
N UNK QD 134 -95.58 -91.67 -89.55
CA UNK QD 134 -95.84 -90.44 -88.79
C UNK QD 134 -96.71 -90.83 -87.58
N UNK QD 135 -96.05 -91.14 -86.46
CA UNK QD 135 -96.73 -91.64 -85.28
C UNK QD 135 -96.29 -90.79 -84.10
N UNK QD 136 -97.26 -90.28 -83.33
CA UNK QD 136 -96.91 -89.22 -82.38
C UNK QD 136 -97.87 -89.20 -81.19
N UNK QD 137 -97.48 -89.84 -80.08
CA UNK QD 137 -97.81 -89.21 -78.80
C UNK QD 137 -96.64 -89.09 -77.83
N UNK QD 138 -96.14 -90.24 -77.32
CA UNK QD 138 -95.23 -90.24 -76.17
C UNK QD 138 -94.55 -91.60 -76.08
N UNK QD 139 -93.26 -91.65 -76.32
CA UNK QD 139 -92.50 -92.86 -76.09
C UNK QD 139 -91.74 -92.75 -74.78
N UNK QD 140 -90.95 -93.76 -74.47
CA UNK QD 140 -89.98 -93.66 -73.39
C UNK QD 140 -88.62 -94.18 -73.78
N UNK QD 141 -88.50 -94.91 -74.89
CA UNK QD 141 -87.23 -95.16 -75.56
C UNK QD 141 -87.55 -95.32 -77.04
N UNK QD 142 -87.42 -94.24 -77.80
CA UNK QD 142 -87.59 -94.32 -79.24
C UNK QD 142 -86.28 -94.75 -79.86
N UNK QD 143 -86.33 -95.66 -80.83
CA UNK QD 143 -85.12 -96.17 -81.46
C UNK QD 143 -85.43 -96.33 -82.94
N UNK QD 144 -85.07 -95.34 -83.73
CA UNK QD 144 -85.40 -95.31 -85.14
C UNK QD 144 -84.13 -95.55 -85.94
N UNK QD 145 -83.98 -96.76 -86.45
CA UNK QD 145 -82.91 -97.08 -87.39
C UNK QD 145 -83.50 -96.98 -88.79
N UNK QD 146 -83.23 -95.88 -89.47
CA UNK QD 146 -83.58 -95.74 -90.87
C UNK QD 146 -82.39 -96.22 -91.69
N UNK QD 147 -82.43 -97.50 -92.10
CA UNK QD 147 -81.34 -98.14 -92.83
C UNK QD 147 -81.56 -98.07 -94.33
N UNK QD 148 -81.97 -96.90 -94.81
CA UNK QD 148 -83.10 -96.73 -95.70
C UNK QD 148 -82.76 -95.78 -96.85
N UNK QD 149 -83.80 -95.27 -97.47
CA UNK QD 149 -83.87 -93.96 -98.13
C UNK QD 149 -85.21 -93.31 -97.83
N UNK QD 150 -85.66 -93.42 -96.59
CA UNK QD 150 -87.06 -93.24 -96.24
C UNK QD 150 -87.19 -92.05 -95.29
N UNK QD 151 -88.43 -91.84 -94.83
CA UNK QD 151 -88.75 -90.71 -93.97
C UNK QD 151 -89.43 -91.21 -92.70
N UNK QD 152 -89.18 -90.54 -91.59
CA UNK QD 152 -89.79 -90.86 -90.30
C UNK QD 152 -90.15 -89.54 -89.63
N UNK QD 153 -91.35 -89.05 -89.89
CA UNK QD 153 -91.82 -87.81 -89.28
C UNK QD 153 -92.27 -88.10 -87.86
N UNK QD 154 -92.08 -87.12 -86.97
CA UNK QD 154 -92.45 -87.31 -85.57
C UNK QD 154 -92.73 -85.97 -84.91
N UNK QD 155 -93.88 -85.89 -84.27
CA UNK QD 155 -94.10 -85.00 -83.14
C UNK QD 155 -94.21 -85.83 -81.87
N UNK QD 156 -93.54 -86.99 -81.88
CA UNK QD 156 -93.63 -87.95 -80.79
C UNK QD 156 -92.70 -87.53 -79.68
N UNK QD 157 -93.26 -87.16 -78.54
CA UNK QD 157 -92.47 -86.66 -77.42
C UNK QD 157 -91.86 -87.83 -76.69
N UNK QD 158 -90.68 -88.25 -77.13
CA UNK QD 158 -89.97 -89.35 -76.50
C UNK QD 158 -89.02 -88.80 -75.43
N UNK QD 159 -88.89 -89.57 -74.34
CA UNK QD 159 -87.97 -89.17 -73.28
C UNK QD 159 -86.54 -89.45 -73.64
N UNK QD 160 -86.20 -90.69 -73.99
CA UNK QD 160 -84.91 -91.00 -74.57
C UNK QD 160 -85.13 -91.36 -76.03
N UNK QD 161 -84.23 -90.89 -76.89
CA UNK QD 161 -84.38 -91.12 -78.32
C UNK QD 161 -83.04 -91.46 -78.93
N UNK QD 162 -83.02 -92.54 -79.71
CA UNK QD 162 -81.83 -93.01 -80.42
C UNK QD 162 -82.22 -93.18 -81.89
N UNK QD 163 -81.79 -92.25 -82.73
CA UNK QD 163 -82.19 -92.24 -84.14
C UNK QD 163 -80.94 -92.18 -85.00
N UNK QD 164 -80.79 -93.16 -85.89
CA UNK QD 164 -79.65 -93.24 -86.79
C UNK QD 164 -80.15 -93.43 -88.21
N UNK QD 165 -79.72 -92.55 -89.10
CA UNK QD 165 -80.13 -92.55 -90.50
C UNK QD 165 -78.94 -92.89 -91.36
N UNK QD 166 -79.12 -93.80 -92.32
CA UNK QD 166 -77.99 -94.45 -92.97
C UNK QD 166 -77.64 -93.91 -94.36
N UNK QD 167 -78.64 -93.62 -95.21
CA UNK QD 167 -78.36 -93.15 -96.59
C UNK QD 167 -79.58 -92.37 -97.09
N UNK QD 168 -79.48 -91.03 -97.06
CA UNK QD 168 -80.45 -90.05 -97.60
C UNK QD 168 -81.86 -90.19 -96.99
N UNK QD 169 -81.91 -90.57 -95.72
CA UNK QD 169 -83.15 -90.64 -95.00
C UNK QD 169 -83.49 -89.26 -94.44
N UNK QD 170 -84.69 -89.15 -93.89
CA UNK QD 170 -85.14 -87.87 -93.34
C UNK QD 170 -85.99 -88.16 -92.12
N UNK QD 171 -85.48 -87.81 -90.93
CA UNK QD 171 -86.16 -88.15 -89.70
C UNK QD 171 -86.38 -86.89 -88.87
N UNK QD 172 -87.63 -86.67 -88.50
CA UNK QD 172 -88.02 -85.52 -87.69
C UNK QD 172 -88.33 -86.03 -86.29
N UNK QD 173 -87.32 -86.04 -85.43
CA UNK QD 173 -87.44 -86.55 -84.07
C UNK QD 173 -87.89 -85.45 -83.13
N UNK QD 174 -88.25 -85.86 -81.91
CA UNK QD 174 -88.60 -84.91 -80.86
C UNK QD 174 -88.22 -85.56 -79.54
N UNK QD 175 -87.28 -84.96 -78.83
CA UNK QD 175 -86.77 -85.53 -77.59
C UNK QD 175 -87.22 -84.70 -76.40
N UNK QD 176 -87.37 -85.35 -75.26
CA UNK QD 176 -87.70 -84.63 -74.03
C UNK QD 176 -86.48 -84.56 -73.11
N UNK QD 177 -85.91 -85.70 -72.78
CA UNK QD 177 -84.81 -85.73 -71.82
C UNK QD 177 -83.46 -86.00 -72.47
N UNK QD 178 -83.40 -86.87 -73.47
CA UNK QD 178 -82.12 -87.29 -74.01
C UNK QD 178 -82.26 -87.51 -75.51
N UNK QD 179 -81.56 -86.71 -76.29
CA UNK QD 179 -81.52 -86.85 -77.74
C UNK QD 179 -80.26 -87.59 -78.12
N UNK QD 180 -80.37 -88.45 -79.12
CA UNK QD 180 -79.28 -89.31 -79.53
C UNK QD 180 -79.41 -89.50 -81.02
N UNK QD 181 -78.46 -88.99 -81.78
CA UNK QD 181 -78.62 -88.99 -83.22
C UNK QD 181 -77.32 -89.33 -83.90
N UNK QD 182 -77.39 -90.23 -84.87
CA UNK QD 182 -76.30 -90.46 -85.79
C UNK QD 182 -76.85 -90.32 -87.20
N UNK QD 183 -76.19 -89.53 -88.02
CA UNK QD 183 -76.64 -89.33 -89.38
C UNK QD 183 -75.53 -89.73 -90.34
N UNK QD 184 -75.92 -90.23 -91.51
CA UNK QD 184 -74.98 -90.54 -92.57
C UNK QD 184 -75.64 -90.23 -93.90
N UNK QD 185 -75.11 -89.21 -94.60
CA UNK QD 185 -75.57 -88.67 -95.90
C UNK QD 185 -77.05 -88.23 -95.90
N UNK QD 186 -77.57 -87.80 -94.75
CA UNK QD 186 -79.00 -87.76 -94.50
C UNK QD 186 -79.33 -86.56 -93.63
N UNK QD 187 -80.58 -86.51 -93.18
CA UNK QD 187 -81.09 -85.40 -92.39
C UNK QD 187 -81.81 -85.90 -91.15
N UNK QD 188 -81.33 -85.50 -89.97
CA UNK QD 188 -82.04 -85.70 -88.71
C UNK QD 188 -82.44 -84.34 -88.18
N UNK QD 189 -83.74 -84.08 -88.11
CA UNK QD 189 -84.25 -82.75 -87.82
C UNK QD 189 -84.92 -82.73 -86.45
N UNK QD 190 -84.20 -82.23 -85.44
CA UNK QD 190 -84.69 -82.19 -84.06
C UNK QD 190 -85.69 -81.06 -83.92
N UNK QD 191 -86.96 -81.40 -83.79
CA UNK QD 191 -88.02 -80.41 -83.68
C UNK QD 191 -88.35 -80.03 -82.24
N UNK QD 192 -87.52 -80.43 -81.28
CA UNK QD 192 -87.65 -80.01 -79.88
C UNK QD 192 -86.27 -80.09 -79.25
N UNK QD 193 -85.98 -79.15 -78.36
CA UNK QD 193 -84.68 -79.13 -77.69
C UNK QD 193 -84.74 -80.05 -76.51
N UNK QD 194 -83.79 -80.99 -76.44
CA UNK QD 194 -83.78 -81.98 -75.38
C UNK QD 194 -83.22 -81.39 -74.10
N UNK QD 195 -83.30 -82.18 -73.03
CA UNK QD 195 -82.61 -81.78 -71.82
C UNK QD 195 -81.13 -82.10 -71.92
N UNK QD 196 -80.77 -83.12 -72.68
CA UNK QD 196 -79.39 -83.39 -73.01
C UNK QD 196 -79.33 -83.94 -74.43
N UNK QD 197 -78.67 -83.21 -75.31
CA UNK QD 197 -78.61 -83.56 -76.72
C UNK QD 197 -77.25 -84.14 -77.05
N UNK QD 198 -77.24 -85.16 -77.90
CA UNK QD 198 -76.00 -85.68 -78.44
C UNK QD 198 -76.25 -86.17 -79.85
N UNK QD 199 -75.53 -85.58 -80.80
CA UNK QD 199 -75.76 -85.85 -82.22
C UNK QD 199 -74.44 -85.84 -82.95
N UNK QD 200 -74.27 -86.78 -83.86
CA UNK QD 200 -73.02 -86.94 -84.59
C UNK QD 200 -73.35 -87.14 -86.06
N UNK QD 201 -72.69 -86.36 -86.91
CA UNK QD 201 -72.90 -86.40 -88.34
C UNK QD 201 -71.74 -87.12 -89.01
N UNK QD 202 -72.04 -87.92 -90.01
CA UNK QD 202 -71.06 -88.56 -90.87
C UNK QD 202 -70.87 -87.70 -92.12
N UNK QD 203 -70.32 -88.31 -93.17
CA UNK QD 203 -70.10 -87.64 -94.45
C UNK QD 203 -71.41 -87.23 -95.11
N UNK QD 204 -71.49 -85.92 -95.44
CA UNK QD 204 -72.62 -85.23 -96.09
C UNK QD 204 -73.91 -85.34 -95.30
N UNK QD 205 -73.81 -85.32 -93.98
CA UNK QD 205 -74.92 -85.64 -93.09
C UNK QD 205 -75.30 -84.44 -92.25
N UNK QD 206 -76.59 -84.28 -91.98
CA UNK QD 206 -77.11 -83.06 -91.38
C UNK QD 206 -77.93 -83.36 -90.13
N UNK QD 207 -77.37 -83.09 -88.96
CA UNK QD 207 -78.14 -83.13 -87.72
C UNK QD 207 -78.48 -81.69 -87.34
N UNK QD 208 -79.43 -81.12 -88.05
CA UNK QD 208 -79.81 -79.72 -87.86
C UNK QD 208 -81.10 -79.65 -87.06
N UNK QD 209 -81.03 -79.06 -85.87
CA UNK QD 209 -82.18 -78.95 -84.97
C UNK QD 209 -83.09 -77.86 -85.52
N UNK QD 210 -84.13 -78.29 -86.23
CA UNK QD 210 -84.99 -77.38 -86.97
C UNK QD 210 -86.22 -77.02 -86.14
N UNK QD 211 -85.98 -76.38 -85.01
CA UNK QD 211 -87.07 -75.78 -84.25
C UNK QD 211 -87.43 -74.44 -84.86
N UNK QD 212 -88.61 -73.94 -84.50
CA UNK QD 212 -89.10 -72.68 -85.05
C UNK QD 212 -88.52 -71.53 -84.24
N UNK QD 213 -87.67 -70.72 -84.89
CA UNK QD 213 -87.28 -69.44 -84.32
C UNK QD 213 -88.49 -68.51 -84.33
N UNK QD 214 -88.48 -67.57 -83.37
CA UNK QD 214 -89.65 -66.87 -82.82
C UNK QD 214 -90.76 -67.84 -82.41
N UNK QD 215 -90.44 -68.65 -81.41
CA UNK QD 215 -91.51 -69.16 -80.58
C UNK QD 215 -91.83 -68.12 -79.50
N UNK QD 216 -92.87 -68.40 -78.72
CA UNK QD 216 -93.18 -67.53 -77.59
C UNK QD 216 -92.18 -67.75 -76.47
N UNK QD 217 -91.85 -69.00 -76.18
CA UNK QD 217 -90.79 -69.34 -75.24
C UNK QD 217 -89.95 -70.44 -75.88
N UNK QD 218 -88.98 -70.05 -76.70
CA UNK QD 218 -88.01 -70.99 -77.22
C UNK QD 218 -86.84 -71.04 -76.24
N UNK QD 219 -86.65 -72.18 -75.59
CA UNK QD 219 -85.61 -72.30 -74.59
C UNK QD 219 -84.25 -72.43 -75.25
N UNK QD 220 -83.26 -71.76 -74.67
CA UNK QD 220 -81.95 -71.72 -75.30
C UNK QD 220 -81.14 -72.95 -74.93
N UNK QD 221 -80.05 -73.14 -75.67
CA UNK QD 221 -79.17 -74.26 -75.44
C UNK QD 221 -78.29 -73.96 -74.23
N UNK QD 222 -78.61 -74.58 -73.10
CA UNK QD 222 -77.88 -74.40 -71.85
C UNK QD 222 -76.56 -75.16 -71.89
N UNK QD 223 -75.76 -75.01 -70.84
CA UNK QD 223 -74.37 -75.48 -70.81
C UNK QD 223 -74.24 -76.99 -70.69
N UNK QD 224 -75.29 -77.67 -70.25
CA UNK QD 224 -75.33 -79.12 -70.34
C UNK QD 224 -75.76 -79.61 -71.71
N UNK QD 225 -76.24 -78.74 -72.59
CA UNK QD 225 -76.82 -79.19 -73.84
C UNK QD 225 -76.39 -78.37 -75.04
N UNK QD 226 -75.30 -77.61 -74.95
CA UNK QD 226 -74.86 -76.76 -76.06
C UNK QD 226 -73.78 -77.50 -76.83
N UNK QD 227 -74.19 -78.33 -77.78
CA UNK QD 227 -73.25 -78.99 -78.68
C UNK QD 227 -73.32 -78.32 -80.04
N UNK QD 228 -72.27 -78.55 -80.83
CA UNK QD 228 -72.12 -77.89 -82.12
C UNK QD 228 -73.01 -78.53 -83.18
N UNK RD 1 -110.89 -79.33 -79.02
CA UNK RD 1 -110.82 -80.60 -79.73
C UNK RD 1 -109.70 -81.47 -79.17
N UNK RD 2 -109.61 -81.52 -77.84
CA UNK RD 2 -108.56 -82.27 -77.17
C UNK RD 2 -109.06 -83.65 -76.76
N UNK RD 3 -108.26 -84.35 -75.96
CA UNK RD 3 -108.63 -85.64 -75.38
C UNK RD 3 -107.86 -85.75 -74.07
N UNK RD 4 -108.54 -85.47 -72.96
CA UNK RD 4 -107.89 -85.45 -71.67
C UNK RD 4 -107.67 -86.87 -71.15
N UNK RD 5 -106.84 -86.98 -70.13
CA UNK RD 5 -106.64 -88.22 -69.39
C UNK RD 5 -106.99 -87.99 -67.93
N UNK RD 6 -107.34 -89.07 -67.24
CA UNK RD 6 -107.89 -88.99 -65.90
C UNK RD 6 -106.84 -89.09 -64.81
N UNK RD 7 -105.59 -88.74 -65.09
CA UNK RD 7 -104.55 -88.64 -64.08
C UNK RD 7 -104.51 -87.21 -63.55
N UNK RD 8 -103.45 -86.86 -62.84
CA UNK RD 8 -103.23 -85.46 -62.52
C UNK RD 8 -102.75 -84.71 -63.76
N UNK RD 9 -103.73 -84.21 -64.53
CA UNK RD 9 -103.59 -83.11 -65.50
C UNK RD 9 -102.69 -83.43 -66.71
N UNK RD 10 -103.04 -84.48 -67.45
CA UNK RD 10 -102.43 -84.73 -68.75
C UNK RD 10 -103.53 -84.76 -69.81
N UNK RD 11 -103.18 -84.35 -71.03
CA UNK RD 11 -104.15 -84.28 -72.11
C UNK RD 11 -103.45 -84.44 -73.45
N UNK RD 12 -103.85 -85.45 -74.22
CA UNK RD 12 -103.42 -85.46 -75.61
C UNK RD 12 -104.31 -84.52 -76.41
N UNK RD 13 -103.85 -84.16 -77.61
CA UNK RD 13 -104.60 -83.22 -78.43
C UNK RD 13 -104.33 -83.53 -79.90
N UNK RD 14 -105.38 -83.41 -80.71
CA UNK RD 14 -105.29 -83.79 -82.11
C UNK RD 14 -105.70 -82.65 -83.02
N UNK RD 15 -105.18 -81.45 -82.76
CA UNK RD 15 -105.26 -80.38 -83.75
C UNK RD 15 -104.36 -80.69 -84.94
N UNK RD 16 -103.07 -80.82 -84.69
CA UNK RD 16 -102.21 -81.61 -85.54
C UNK RD 16 -101.66 -82.82 -84.78
N UNK RD 17 -100.90 -82.58 -83.71
CA UNK RD 17 -100.35 -83.58 -82.79
C UNK RD 17 -99.85 -82.90 -81.52
N UNK RD 18 -100.34 -83.32 -80.35
CA UNK RD 18 -99.82 -82.82 -79.08
C UNK RD 18 -100.06 -83.87 -77.99
N UNK RD 19 -99.16 -83.89 -77.00
CA UNK RD 19 -99.40 -84.60 -75.72
C UNK RD 19 -98.95 -83.68 -74.59
N UNK RD 20 -99.85 -82.79 -74.16
CA UNK RD 20 -99.50 -81.72 -73.25
C UNK RD 20 -100.02 -82.02 -71.85
N UNK RD 21 -99.85 -81.04 -70.96
CA UNK RD 21 -100.24 -81.19 -69.57
C UNK RD 21 -101.02 -79.96 -69.12
N UNK RD 22 -102.06 -80.20 -68.34
CA UNK RD 22 -102.92 -79.17 -67.79
C UNK RD 22 -102.39 -78.76 -66.41
N UNK RD 23 -103.21 -78.09 -65.61
CA UNK RD 23 -102.95 -77.92 -64.18
C UNK RD 23 -103.96 -78.65 -63.32
N UNK RD 24 -105.24 -78.62 -63.70
CA UNK RD 24 -106.40 -79.27 -63.05
C UNK RD 24 -106.58 -78.85 -61.59
N UNK RD 25 -106.28 -77.60 -61.29
CA UNK RD 25 -106.63 -76.98 -60.02
C UNK RD 25 -107.47 -75.73 -60.19
N UNK RD 26 -107.37 -75.05 -61.33
CA UNK RD 26 -108.25 -73.95 -61.67
C UNK RD 26 -109.39 -74.37 -62.58
N UNK RD 27 -109.28 -75.57 -63.18
CA UNK RD 27 -110.31 -76.29 -63.96
C UNK RD 27 -110.80 -75.49 -65.18
N UNK RD 28 -109.91 -75.28 -66.14
CA UNK RD 28 -110.24 -74.61 -67.39
C UNK RD 28 -110.64 -75.64 -68.44
N UNK RD 29 -111.73 -76.35 -68.15
CA UNK RD 29 -112.22 -77.42 -69.02
C UNK RD 29 -113.29 -76.90 -69.96
N UNK RD 30 -112.87 -75.94 -70.81
CA UNK RD 30 -113.80 -75.33 -71.75
C UNK RD 30 -114.11 -76.24 -72.93
N UNK RD 31 -113.20 -77.17 -73.23
CA UNK RD 31 -113.21 -78.11 -74.38
C UNK RD 31 -113.34 -77.40 -75.73
N UNK RD 32 -112.75 -76.22 -75.84
CA UNK RD 32 -112.85 -75.37 -77.02
C UNK RD 32 -111.66 -74.43 -76.98
N UNK RD 33 -110.79 -74.53 -77.95
CA UNK RD 33 -109.50 -73.84 -77.89
C UNK RD 33 -109.00 -73.62 -79.30
N UNK RD 34 -107.82 -73.00 -79.39
CA UNK RD 34 -107.08 -72.86 -80.63
C UNK RD 34 -105.73 -73.53 -80.40
N UNK RD 35 -105.68 -74.85 -80.57
CA UNK RD 35 -104.47 -75.61 -80.33
C UNK RD 35 -103.63 -75.63 -81.60
N UNK RD 36 -102.32 -75.46 -81.44
CA UNK RD 36 -101.42 -75.37 -82.58
C UNK RD 36 -100.25 -76.32 -82.38
N UNK RD 37 -99.40 -76.41 -83.40
CA UNK RD 37 -98.15 -77.18 -83.33
C UNK RD 37 -96.98 -76.31 -82.93
N UNK RD 38 -97.15 -75.57 -81.84
CA UNK RD 38 -96.10 -74.80 -81.20
C UNK RD 38 -96.25 -74.87 -79.70
N UNK RD 39 -96.92 -75.94 -79.23
CA UNK RD 39 -97.23 -76.29 -77.84
C UNK RD 39 -98.03 -75.19 -77.14
N UNK RD 40 -99.24 -74.96 -77.64
CA UNK RD 40 -100.09 -73.91 -77.08
C UNK RD 40 -101.54 -74.35 -77.22
N UNK RD 41 -102.11 -74.88 -76.14
CA UNK RD 41 -103.55 -75.10 -76.06
C UNK RD 41 -104.15 -73.83 -75.45
N UNK RD 42 -104.59 -72.92 -76.32
CA UNK RD 42 -105.07 -71.60 -75.88
C UNK RD 42 -106.58 -71.70 -75.70
N UNK RD 43 -107.00 -71.95 -74.45
CA UNK RD 43 -108.40 -72.21 -74.14
C UNK RD 43 -109.15 -70.89 -73.95
N UNK RD 44 -110.39 -71.00 -73.46
CA UNK RD 44 -111.21 -69.82 -73.21
C UNK RD 44 -110.75 -69.10 -71.95
N UNK RD 45 -110.35 -69.84 -70.92
CA UNK RD 45 -109.86 -69.21 -69.70
C UNK RD 45 -108.39 -68.83 -69.81
N UNK RD 46 -107.52 -69.82 -70.01
CA UNK RD 46 -106.08 -69.61 -69.96
C UNK RD 46 -105.42 -70.42 -71.06
N UNK RD 47 -104.09 -70.56 -70.98
CA UNK RD 47 -103.31 -71.27 -71.97
C UNK RD 47 -102.58 -72.43 -71.30
N UNK RD 48 -102.34 -73.48 -72.08
CA UNK RD 48 -101.68 -74.69 -71.60
C UNK RD 48 -100.66 -75.14 -72.62
N UNK RD 49 -99.59 -75.77 -72.13
CA UNK RD 49 -98.50 -76.22 -72.96
C UNK RD 49 -98.09 -77.62 -72.52
N UNK RD 50 -97.13 -78.19 -73.25
CA UNK RD 50 -96.45 -79.40 -72.80
C UNK RD 50 -95.55 -79.02 -71.64
N UNK RD 51 -96.01 -79.27 -70.42
CA UNK RD 51 -95.40 -78.70 -69.23
C UNK RD 51 -94.13 -79.45 -68.85
N UNK RD 52 -93.22 -78.71 -68.23
CA UNK RD 52 -91.94 -79.27 -67.80
C UNK RD 52 -91.45 -78.57 -66.54
N UNK SD 1 -40.75 -51.46 -89.33
CA UNK SD 1 -41.99 -50.82 -88.91
C UNK SD 1 -43.11 -51.17 -89.90
N UNK SD 2 -43.74 -50.16 -90.50
CA UNK SD 2 -44.76 -50.38 -91.51
C UNK SD 2 -44.11 -50.83 -92.81
N UNK SD 3 -43.90 -52.14 -92.94
CA UNK SD 3 -43.16 -52.71 -94.04
C UNK SD 3 -44.08 -53.53 -94.91
N UNK SD 4 -43.76 -53.57 -96.22
CA UNK SD 4 -44.28 -54.41 -97.29
C UNK SD 4 -45.72 -54.17 -97.70
N UNK SD 5 -46.45 -53.27 -97.06
CA UNK SD 5 -47.59 -52.66 -97.74
C UNK SD 5 -47.09 -51.52 -98.60
N UNK SD 6 -46.54 -50.50 -97.94
CA UNK SD 6 -45.85 -49.38 -98.54
C UNK SD 6 -44.94 -48.79 -97.47
N UNK SD 7 -44.48 -47.57 -97.68
CA UNK SD 7 -43.78 -46.87 -96.62
C UNK SD 7 -44.79 -46.13 -95.74
N UNK SD 8 -44.30 -45.55 -94.66
CA UNK SD 8 -45.16 -44.84 -93.73
C UNK SD 8 -45.42 -43.43 -94.24
N UNK SD 9 -46.69 -43.11 -94.50
CA UNK SD 9 -46.99 -41.79 -95.08
C UNK SD 9 -47.06 -40.73 -93.99
N UNK SD 10 -48.05 -40.82 -93.12
CA UNK SD 10 -48.20 -39.90 -92.01
C UNK SD 10 -47.94 -40.67 -90.73
N UNK SD 11 -48.18 -40.01 -89.60
CA UNK SD 11 -48.24 -40.69 -88.30
C UNK SD 11 -49.38 -40.02 -87.55
N UNK SD 12 -50.57 -40.59 -87.67
CA UNK SD 12 -51.79 -39.95 -87.18
C UNK SD 12 -51.86 -39.99 -85.67
N UNK SD 13 -52.14 -38.84 -85.07
CA UNK SD 13 -52.32 -38.80 -83.63
C UNK SD 13 -53.67 -39.37 -83.26
N UNK SD 14 -53.77 -39.77 -81.98
CA UNK SD 14 -54.79 -40.66 -81.40
C UNK SD 14 -54.95 -41.98 -82.17
N UNK SD 15 -53.85 -42.51 -82.66
CA UNK SD 15 -53.85 -43.63 -83.60
C UNK SD 15 -52.45 -44.21 -83.66
N UNK SD 16 -52.30 -45.22 -84.51
CA UNK SD 16 -51.02 -45.79 -84.88
C UNK SD 16 -50.46 -45.02 -86.08
N UNK SD 17 -49.41 -45.53 -86.70
CA UNK SD 17 -48.89 -44.88 -87.89
C UNK SD 17 -49.77 -45.22 -89.09
N UNK SD 18 -49.72 -44.39 -90.11
CA UNK SD 18 -50.50 -44.57 -91.31
C UNK SD 18 -49.55 -44.89 -92.44
N UNK SD 19 -49.51 -46.15 -92.85
CA UNK SD 19 -48.71 -46.55 -93.99
C UNK SD 19 -49.39 -46.08 -95.28
N UNK SD 20 -48.64 -46.08 -96.37
CA UNK SD 20 -49.15 -45.50 -97.62
C UNK SD 20 -49.91 -46.51 -98.48
N UNK SD 21 -50.40 -47.60 -97.91
CA UNK SD 21 -51.60 -48.26 -98.38
C UNK SD 21 -52.71 -48.20 -97.33
N UNK SD 22 -52.48 -48.72 -96.14
CA UNK SD 22 -53.50 -48.87 -95.10
C UNK SD 22 -53.00 -48.38 -93.75
N UNK SD 23 -53.76 -48.62 -92.68
CA UNK SD 23 -53.35 -48.20 -91.35
C UNK SD 23 -52.45 -49.26 -90.74
N UNK SD 24 -51.31 -48.84 -90.21
CA UNK SD 24 -50.26 -49.78 -89.84
C UNK SD 24 -50.51 -50.36 -88.46
N UNK SD 25 -49.75 -51.40 -88.13
CA UNK SD 25 -49.84 -52.04 -86.83
C UNK SD 25 -48.68 -51.65 -85.92
N UNK SD 26 -48.11 -50.47 -86.11
CA UNK SD 26 -47.06 -49.97 -85.23
C UNK SD 26 -47.52 -48.65 -84.62
N UNK SD 27 -47.48 -48.56 -83.29
CA UNK SD 27 -48.12 -47.47 -82.57
C UNK SD 27 -47.29 -46.20 -82.65
N UNK SD 28 -47.95 -45.11 -83.03
CA UNK SD 28 -47.25 -43.86 -83.33
C UNK SD 28 -46.87 -43.11 -82.06
N UNK SD 29 -47.86 -42.74 -81.24
CA UNK SD 29 -47.62 -41.93 -80.07
C UNK SD 29 -47.65 -42.79 -78.81
N UNK SD 30 -47.37 -42.16 -77.67
CA UNK SD 30 -47.46 -42.87 -76.40
C UNK SD 30 -48.89 -42.97 -75.93
N UNK SD 31 -49.78 -42.10 -76.43
CA UNK SD 31 -51.17 -42.06 -76.01
C UNK SD 31 -52.08 -42.88 -76.91
N UNK SD 32 -51.50 -43.74 -77.75
CA UNK SD 32 -52.27 -44.65 -78.58
C UNK SD 32 -52.77 -45.82 -77.73
N UNK SD 33 -53.71 -46.59 -78.26
CA UNK SD 33 -54.44 -47.55 -77.45
C UNK SD 33 -53.76 -48.92 -77.46
N UNK SD 34 -52.53 -48.95 -76.94
CA UNK SD 34 -51.81 -50.20 -76.74
C UNK SD 34 -52.38 -50.90 -75.52
N UNK SD 35 -52.86 -52.13 -75.69
CA UNK SD 35 -53.58 -52.83 -74.62
C UNK SD 35 -52.59 -53.41 -73.62
N UNK SD 36 -52.13 -52.55 -72.72
CA UNK SD 36 -51.16 -52.95 -71.72
C UNK SD 36 -51.89 -53.67 -70.60
N UNK SD 37 -51.44 -54.89 -70.29
CA UNK SD 37 -52.08 -55.65 -69.23
C UNK SD 37 -51.08 -56.14 -68.18
N UNK SD 38 -49.81 -55.77 -68.27
CA UNK SD 38 -48.81 -56.17 -67.29
C UNK SD 38 -47.94 -54.98 -66.94
N UNK SD 39 -48.22 -54.36 -65.80
CA UNK SD 39 -47.43 -53.26 -65.31
C UNK SD 39 -46.15 -53.75 -64.67
N UNK SD 40 -45.27 -52.80 -64.34
CA UNK SD 40 -44.02 -53.09 -63.67
C UNK SD 40 -43.66 -51.89 -62.81
N UNK SD 41 -44.09 -51.92 -61.54
CA UNK SD 41 -43.82 -50.83 -60.60
C UNK SD 41 -43.93 -51.35 -59.18
N UNK SD 42 -43.12 -50.78 -58.30
CA UNK SD 42 -43.26 -51.04 -56.89
C UNK SD 42 -44.43 -50.24 -56.35
N UNK SD 43 -45.27 -50.93 -55.55
CA UNK SD 43 -46.59 -50.49 -55.06
C UNK SD 43 -47.50 -50.01 -56.19
N UNK SD 44 -47.55 -50.76 -57.29
CA UNK SD 44 -48.61 -50.56 -58.27
C UNK SD 44 -49.84 -51.29 -57.79
N UNK SD 45 -51.02 -50.73 -58.13
CA UNK SD 45 -52.41 -51.17 -57.92
C UNK SD 45 -52.91 -51.10 -56.47
N UNK SD 46 -52.01 -50.85 -55.53
CA UNK SD 46 -52.18 -49.90 -54.44
C UNK SD 46 -51.59 -48.60 -54.97
N UNK SD 47 -51.62 -47.52 -54.18
CA UNK SD 47 -51.08 -46.26 -54.67
C UNK SD 47 -49.56 -46.26 -54.56
N UNK SD 48 -48.94 -45.23 -55.13
CA UNK SD 48 -47.55 -45.25 -55.59
C UNK SD 48 -46.54 -45.22 -54.44
N UNK SD 49 -45.26 -45.22 -54.79
CA UNK SD 49 -44.19 -45.25 -53.79
C UNK SD 49 -44.03 -43.86 -53.18
N UNK SD 50 -44.30 -43.77 -51.87
CA UNK SD 50 -44.14 -42.51 -51.13
C UNK SD 50 -42.66 -42.22 -50.98
N UNK SD 51 -42.15 -41.34 -51.84
CA UNK SD 51 -40.76 -41.29 -52.22
C UNK SD 51 -39.83 -40.72 -51.16
N UNK SD 52 -40.35 -40.13 -50.09
CA UNK SD 52 -39.52 -39.42 -49.14
C UNK SD 52 -38.83 -40.31 -48.12
N UNK SD 53 -39.11 -41.61 -48.11
CA UNK SD 53 -38.55 -42.49 -47.09
C UNK SD 53 -37.11 -42.86 -47.42
N UNK SD 54 -36.32 -43.06 -46.37
CA UNK SD 54 -34.97 -43.61 -46.48
C UNK SD 54 -34.82 -44.61 -45.33
N UNK SD 55 -35.21 -45.85 -45.59
CA UNK SD 55 -35.24 -46.89 -44.58
C UNK SD 55 -35.05 -48.23 -45.28
N UNK SD 56 -35.38 -49.31 -44.60
CA UNK SD 56 -35.28 -50.62 -45.22
C UNK SD 56 -36.45 -50.90 -46.16
N UNK SD 57 -37.67 -50.79 -45.66
CA UNK SD 57 -38.86 -51.13 -46.42
C UNK SD 57 -39.21 -50.01 -47.41
N UNK SD 58 -40.15 -50.33 -48.30
CA UNK SD 58 -40.68 -49.37 -49.27
C UNK SD 58 -42.14 -49.14 -48.93
N UNK SD 59 -42.45 -47.98 -48.37
CA UNK SD 59 -43.82 -47.66 -48.00
C UNK SD 59 -44.56 -47.11 -49.20
N UNK SD 60 -45.86 -47.41 -49.28
CA UNK SD 60 -46.66 -46.89 -50.37
C UNK SD 60 -47.24 -45.54 -50.00
N UNK SD 61 -47.83 -44.86 -51.00
CA UNK SD 61 -48.55 -43.62 -50.71
C UNK SD 61 -49.92 -43.87 -50.12
N UNK SD 62 -50.44 -45.09 -50.22
CA UNK SD 62 -51.60 -45.53 -49.44
C UNK SD 62 -51.20 -46.25 -48.17
N UNK SD 63 -49.93 -46.09 -47.76
CA UNK SD 63 -49.33 -46.50 -46.47
C UNK SD 63 -49.34 -48.01 -46.27
N UNK SD 64 -49.26 -48.75 -47.36
CA UNK SD 64 -48.95 -50.17 -47.28
C UNK SD 64 -47.44 -50.33 -47.41
N UNK SD 65 -46.93 -51.43 -46.87
CA UNK SD 65 -45.52 -51.75 -47.01
C UNK SD 65 -45.40 -52.84 -48.05
N UNK SD 66 -44.64 -52.56 -49.10
CA UNK SD 66 -44.45 -53.53 -50.17
C UNK SD 66 -43.43 -54.55 -49.71
N UNK SD 67 -43.91 -55.76 -49.42
CA UNK SD 67 -42.98 -56.83 -49.10
C UNK SD 67 -42.30 -57.39 -50.34
N UNK SD 68 -42.90 -57.19 -51.51
CA UNK SD 68 -42.37 -57.72 -52.75
C UNK SD 68 -41.25 -56.89 -53.33
N UNK SD 69 -40.95 -55.72 -52.78
CA UNK SD 69 -39.89 -54.89 -53.34
C UNK SD 69 -39.02 -54.23 -52.28
N UNK SD 70 -39.11 -54.65 -51.03
CA UNK SD 70 -38.27 -54.08 -49.98
C UNK SD 70 -36.88 -54.70 -49.99
N LYS TD 24 -45.76 -101.24 -67.05
CA LYS TD 24 -45.94 -99.80 -66.92
C LYS TD 24 -47.19 -99.48 -66.15
N PHE TD 25 -47.12 -98.48 -65.29
CA PHE TD 25 -48.26 -98.05 -64.48
C PHE TD 25 -48.49 -96.57 -64.68
N LYS TD 26 -49.75 -96.19 -64.87
CA LYS TD 26 -50.09 -94.79 -65.11
C LYS TD 26 -51.50 -94.53 -64.63
N LYS TD 27 -51.69 -93.44 -63.92
CA LYS TD 27 -53.01 -92.88 -63.71
C LYS TD 27 -53.42 -92.14 -64.99
N PRO TD 28 -54.73 -92.01 -65.26
CA PRO TD 28 -55.17 -91.38 -66.53
C PRO TD 28 -54.84 -89.90 -66.69
N PRO TD 29 -55.23 -88.92 -65.78
CA PRO TD 29 -55.05 -87.52 -66.20
C PRO TD 29 -53.65 -87.00 -65.99
N ILE TD 30 -52.88 -86.97 -67.06
CA ILE TD 30 -51.55 -86.41 -67.01
C ILE TD 30 -51.61 -85.11 -67.78
N ASN TD 31 -51.86 -84.02 -67.08
CA ASN TD 31 -52.04 -82.72 -67.69
C ASN TD 31 -50.70 -82.01 -67.79
N ASN TD 32 -50.73 -80.71 -68.04
CA ASN TD 32 -49.55 -79.89 -67.95
C ASN TD 32 -49.13 -79.67 -66.50
N PRO TD 33 -47.89 -79.25 -66.25
CA PRO TD 33 -47.53 -78.77 -64.91
C PRO TD 33 -48.26 -77.52 -64.47
N SER TD 34 -48.93 -77.60 -63.33
CA SER TD 34 -49.42 -76.40 -62.69
C SER TD 34 -48.31 -75.75 -61.90
N ASP TD 35 -48.52 -74.51 -61.55
CA ASP TD 35 -47.71 -73.89 -60.53
C ASP TD 35 -48.58 -73.56 -59.34
N ASP TD 36 -47.91 -73.18 -58.26
CA ASP TD 36 -48.55 -73.01 -56.96
C ASP TD 36 -49.45 -71.78 -56.88
N ALA TD 37 -49.28 -70.82 -57.80
CA ALA TD 37 -50.16 -69.67 -57.90
C ALA TD 37 -51.57 -70.05 -58.27
N THR TD 38 -51.71 -70.82 -59.35
CA THR TD 38 -53.05 -71.23 -59.73
C THR TD 38 -53.53 -72.40 -58.90
N ILE TD 39 -52.61 -73.12 -58.21
CA ILE TD 39 -53.02 -74.14 -57.24
C ILE TD 39 -53.71 -73.50 -56.03
N LYS TD 40 -53.09 -72.48 -55.42
CA LYS TD 40 -53.75 -71.90 -54.26
C LYS TD 40 -54.81 -70.89 -54.65
N LEU TD 41 -54.80 -70.42 -55.91
CA LEU TD 41 -55.91 -69.66 -56.45
C LEU TD 41 -57.14 -70.54 -56.64
N ALA TD 42 -56.93 -71.78 -57.07
CA ALA TD 42 -58.04 -72.72 -57.21
C ALA TD 42 -58.55 -73.18 -55.87
N GLU TD 43 -57.66 -73.33 -54.89
CA GLU TD 43 -58.12 -73.75 -53.58
C GLU TD 43 -58.73 -72.61 -52.77
N ALA TD 44 -58.50 -71.35 -53.15
CA ALA TD 44 -59.36 -70.28 -52.66
C ALA TD 44 -60.68 -70.25 -53.40
N ALA TD 45 -60.62 -70.54 -54.70
CA ALA TD 45 -61.73 -70.43 -55.62
C ALA TD 45 -62.84 -71.42 -55.35
N VAL TD 46 -62.50 -72.61 -54.86
CA VAL TD 46 -63.52 -73.61 -54.50
C VAL TD 46 -64.29 -73.17 -53.25
N SER TD 47 -63.62 -72.50 -52.30
CA SER TD 47 -64.27 -72.04 -51.08
C SER TD 47 -65.16 -70.85 -51.35
N VAL TD 48 -64.73 -69.97 -52.26
CA VAL TD 48 -65.60 -68.86 -52.58
C VAL TD 48 -66.73 -69.29 -53.51
N SER TD 49 -66.53 -70.40 -54.25
CA SER TD 49 -67.55 -70.97 -55.12
C SER TD 49 -68.69 -71.60 -54.32
N ASP TD 50 -68.36 -72.41 -53.31
CA ASP TD 50 -69.48 -73.03 -52.61
C ASP TD 50 -70.07 -72.13 -51.53
N SER TD 51 -69.34 -71.10 -51.05
CA SER TD 51 -70.01 -70.14 -50.19
C SER TD 51 -70.93 -69.20 -50.99
N MET TD 52 -70.57 -68.91 -52.25
CA MET TD 52 -71.49 -68.20 -53.13
C MET TD 52 -72.67 -69.07 -53.54
N LEU TD 53 -72.45 -70.38 -53.62
CA LEU TD 53 -73.50 -71.34 -53.94
C LEU TD 53 -74.52 -71.44 -52.81
N GLU TD 54 -74.06 -71.48 -51.56
CA GLU TD 54 -75.01 -71.54 -50.47
C GLU TD 54 -75.62 -70.18 -50.16
N MET TD 55 -74.97 -69.09 -50.58
CA MET TD 55 -75.58 -67.76 -50.51
C MET TD 55 -76.72 -67.62 -51.52
N ALA TD 56 -76.55 -68.19 -52.71
CA ALA TD 56 -77.63 -68.22 -53.69
C ALA TD 56 -78.75 -69.15 -53.28
N LYS TD 57 -78.41 -70.21 -52.54
CA LYS TD 57 -79.41 -71.13 -51.98
C LYS TD 57 -80.27 -70.45 -50.92
N VAL TD 58 -79.65 -69.73 -49.99
CA VAL TD 58 -80.38 -69.09 -48.89
C VAL TD 58 -81.16 -67.88 -49.40
N GLU TD 59 -80.70 -67.25 -50.48
CA GLU TD 59 -81.46 -66.14 -51.05
C GLU TD 59 -82.64 -66.65 -51.87
N LYS TD 60 -82.47 -67.76 -52.59
CA LYS TD 60 -83.60 -68.26 -53.36
C LYS TD 60 -84.61 -69.05 -52.53
N VAL TD 61 -84.31 -69.34 -51.27
CA VAL TD 61 -85.38 -69.84 -50.42
C VAL TD 61 -86.03 -68.72 -49.58
N ILE TD 62 -85.27 -67.69 -49.15
CA ILE TD 62 -85.92 -66.61 -48.40
C ILE TD 62 -86.66 -65.61 -49.29
N THR TD 63 -86.44 -65.62 -50.60
CA THR TD 63 -87.47 -65.11 -51.49
C THR TD 63 -87.62 -66.16 -52.57
N PRO TD 64 -88.81 -66.70 -52.75
CA PRO TD 64 -89.08 -67.44 -53.98
C PRO TD 64 -89.07 -66.47 -55.14
N PRO TD 65 -88.30 -66.76 -56.20
CA PRO TD 65 -88.36 -65.89 -57.38
C PRO TD 65 -89.66 -66.10 -58.13
N SER TD 66 -90.46 -65.04 -58.14
CA SER TD 66 -91.85 -65.16 -58.54
C SER TD 66 -91.96 -65.19 -60.06
N LYS TD 67 -91.13 -64.42 -60.73
CA LYS TD 67 -91.29 -64.21 -62.15
C LYS TD 67 -89.93 -64.06 -62.79
N ASP TD 68 -89.89 -64.32 -64.08
CA ASP TD 68 -88.67 -64.30 -64.88
C ASP TD 68 -88.47 -62.89 -65.42
N ASN TD 69 -87.57 -62.74 -66.39
CA ASN TD 69 -87.57 -61.52 -67.18
C ASN TD 69 -87.87 -61.81 -68.63
N THR TD 70 -88.46 -62.96 -68.93
CA THR TD 70 -88.88 -63.24 -70.30
C THR TD 70 -90.19 -62.55 -70.63
N LEU TD 71 -90.91 -62.08 -69.61
CA LEU TD 71 -91.99 -61.12 -69.81
C LEU TD 71 -91.48 -59.83 -70.43
N THR TD 72 -90.48 -59.21 -69.81
CA THR TD 72 -90.01 -57.93 -70.29
C THR TD 72 -88.99 -58.02 -71.41
N ILE TD 73 -88.31 -59.15 -71.57
CA ILE TD 73 -87.52 -59.44 -72.76
C ILE TD 73 -88.09 -60.70 -73.41
N PRO TD 74 -89.07 -60.56 -74.29
CA PRO TD 74 -89.55 -61.76 -75.00
C PRO TD 74 -88.64 -62.07 -76.16
N ASN TD 75 -88.56 -63.33 -76.56
CA ASN TD 75 -87.69 -63.69 -77.66
C ASN TD 75 -88.37 -63.37 -78.98
N ALA TD 76 -87.55 -63.28 -80.03
CA ALA TD 76 -88.04 -62.78 -81.30
C ALA TD 76 -87.21 -63.35 -82.43
N TYR TD 77 -87.81 -63.38 -83.61
CA TYR TD 77 -87.07 -63.63 -84.84
C TYR TD 77 -86.18 -62.46 -85.09
N ASN TD 78 -84.90 -62.75 -85.33
CA ASN TD 78 -83.68 -61.97 -85.49
C ASN TD 78 -83.14 -61.42 -84.16
N LEU TD 79 -83.85 -61.61 -83.05
CA LEU TD 79 -83.23 -61.74 -81.73
C LEU TD 79 -82.75 -63.16 -81.49
N GLN TD 80 -83.17 -64.11 -82.33
CA GLN TD 80 -82.75 -65.49 -82.23
C GLN TD 80 -81.42 -65.76 -82.91
N ALA TD 81 -80.75 -64.74 -83.43
CA ALA TD 81 -79.35 -64.86 -83.79
C ALA TD 81 -78.49 -64.97 -82.54
N ARG TD 82 -77.29 -65.51 -82.69
CA ARG TD 82 -76.53 -65.83 -81.51
C ARG TD 82 -75.31 -64.94 -81.43
N ALA TD 83 -74.64 -64.99 -80.29
CA ALA TD 83 -73.37 -64.31 -80.10
C ALA TD 83 -72.58 -65.04 -79.05
N SER TD 84 -71.29 -64.74 -79.02
CA SER TD 84 -70.39 -65.25 -78.00
C SER TD 84 -69.55 -64.07 -77.56
N VAL TD 85 -69.64 -63.69 -76.29
CA VAL TD 85 -69.24 -62.35 -75.89
C VAL TD 85 -68.48 -62.41 -74.57
N ASP TD 86 -67.28 -61.85 -74.56
CA ASP TD 86 -66.68 -61.36 -73.33
C ASP TD 86 -66.64 -59.84 -73.41
N TRP TD 87 -66.84 -59.20 -72.26
CA TRP TD 87 -67.07 -57.76 -72.16
C TRP TD 87 -66.93 -57.40 -70.69
N SER TD 88 -66.32 -56.25 -70.42
CA SER TD 88 -66.22 -55.85 -69.02
C SER TD 88 -66.45 -54.36 -68.80
N GLY TD 89 -67.10 -53.66 -69.70
CA GLY TD 89 -67.21 -52.23 -69.57
C GLY TD 89 -68.54 -51.75 -69.05
N PRO TD 90 -69.00 -50.60 -69.54
CA PRO TD 90 -70.34 -50.12 -69.18
C PRO TD 90 -71.36 -50.80 -70.06
N ILE TD 91 -72.63 -50.58 -69.73
CA ILE TD 91 -73.69 -51.42 -70.26
C ILE TD 91 -74.09 -50.95 -71.66
N GLU TD 92 -74.07 -49.63 -71.87
CA GLU TD 92 -74.83 -48.97 -72.92
C GLU TD 92 -74.20 -49.18 -74.29
N GLU TD 93 -72.87 -49.19 -74.33
CA GLU TD 93 -72.11 -49.51 -75.54
C GLU TD 93 -72.33 -50.94 -75.98
N LEU TD 94 -72.41 -51.85 -75.00
CA LEU TD 94 -72.58 -53.27 -75.27
C LEU TD 94 -73.98 -53.58 -75.79
N THR TD 95 -75.00 -53.00 -75.15
CA THR TD 95 -76.35 -53.31 -75.61
C THR TD 95 -76.72 -52.52 -76.85
N ALA TD 96 -76.00 -51.43 -77.14
CA ALA TD 96 -76.12 -50.80 -78.44
C ALA TD 96 -75.53 -51.68 -79.53
N ARG TD 97 -74.46 -52.41 -79.22
CA ARG TD 97 -73.92 -53.37 -80.17
C ARG TD 97 -74.84 -54.58 -80.37
N ILE TD 98 -75.50 -55.02 -79.30
CA ILE TD 98 -76.47 -56.13 -79.38
C ILE TD 98 -77.68 -55.75 -80.22
N ALA TD 99 -78.22 -54.56 -79.98
CA ALA TD 99 -79.39 -54.11 -80.71
C ALA TD 99 -79.07 -53.70 -82.14
N LYS TD 100 -77.84 -53.24 -82.40
CA LYS TD 100 -77.43 -52.97 -83.76
C LYS TD 100 -77.21 -54.26 -84.54
N ALA TD 101 -76.74 -55.32 -83.89
CA ALA TD 101 -76.64 -56.58 -84.58
C ALA TD 101 -77.97 -57.29 -84.72
N ALA TD 102 -78.92 -57.01 -83.85
CA ALA TD 102 -80.25 -57.59 -83.99
C ALA TD 102 -81.18 -56.72 -84.80
N HIS TD 103 -80.68 -55.56 -85.29
CA HIS TD 103 -81.39 -54.56 -86.12
C HIS TD 103 -82.59 -53.98 -85.39
N PHE TD 104 -82.46 -53.84 -84.08
CA PHE TD 104 -83.48 -53.20 -83.29
C PHE TD 104 -83.00 -51.80 -83.03
N ARG TD 105 -83.92 -50.84 -83.08
CA ARG TD 105 -83.57 -49.48 -82.71
C ARG TD 105 -83.39 -49.42 -81.20
N PHE TD 106 -82.25 -48.89 -80.78
CA PHE TD 106 -81.87 -48.88 -79.38
C PHE TD 106 -82.14 -47.50 -78.82
N ARG TD 107 -83.04 -47.43 -77.85
CA ARG TD 107 -83.29 -46.16 -77.18
C ARG TD 107 -83.07 -46.36 -75.69
N VAL TD 108 -82.75 -45.27 -75.02
CA VAL TD 108 -82.45 -45.33 -73.60
C VAL TD 108 -83.35 -44.35 -72.84
N LEU TD 109 -84.08 -44.88 -71.88
CA LEU TD 109 -84.95 -44.10 -71.01
C LEU TD 109 -84.19 -43.87 -69.72
N GLY TD 110 -84.21 -42.64 -69.25
CA GLY TD 110 -83.48 -42.29 -68.05
C GLY TD 110 -82.04 -41.94 -68.36
N LYS TD 111 -81.57 -40.89 -67.72
CA LYS TD 111 -80.18 -40.50 -67.88
C LYS TD 111 -79.34 -41.39 -66.97
N SER TD 112 -78.19 -41.78 -67.47
CA SER TD 112 -77.14 -42.60 -66.90
C SER TD 112 -76.61 -41.95 -65.63
N PRO TD 113 -76.29 -42.71 -64.59
CA PRO TD 113 -75.67 -42.12 -63.41
C PRO TD 113 -74.19 -41.90 -63.67
N SER TD 114 -73.57 -41.16 -62.76
CA SER TD 114 -72.19 -40.74 -62.92
C SER TD 114 -71.22 -41.87 -62.68
N VAL TD 115 -71.39 -42.56 -61.56
CA VAL TD 115 -70.85 -43.91 -61.38
C VAL TD 115 -71.56 -44.77 -62.42
N PRO TD 116 -70.82 -45.47 -63.28
CA PRO TD 116 -71.47 -46.16 -64.38
C PRO TD 116 -72.00 -47.52 -63.95
N VAL TD 117 -73.00 -47.98 -64.67
CA VAL TD 117 -73.48 -49.35 -64.50
C VAL TD 117 -72.50 -50.23 -65.28
N LEU TD 118 -71.67 -50.96 -64.56
CA LEU TD 118 -70.62 -51.77 -65.16
C LEU TD 118 -71.07 -53.21 -65.14
N ILE TD 119 -71.07 -53.84 -66.31
CA ILE TD 119 -71.38 -55.25 -66.41
C ILE TD 119 -70.22 -55.94 -67.09
N SER TD 120 -70.11 -57.24 -66.85
CA SER TD 120 -69.02 -58.00 -67.44
C SER TD 120 -69.59 -59.35 -67.82
N ILE TD 121 -69.75 -59.57 -69.11
CA ILE TD 121 -70.40 -60.75 -69.64
C ILE TD 121 -69.33 -61.60 -70.30
N SER TD 122 -69.14 -62.82 -69.81
CA SER TD 122 -68.21 -63.75 -70.41
C SER TD 122 -68.95 -65.05 -70.64
N THR TD 123 -69.38 -65.26 -71.86
CA THR TD 123 -70.10 -66.47 -72.22
C THR TD 123 -69.84 -66.78 -73.67
N LYS TD 124 -70.24 -67.97 -74.07
CA LYS TD 124 -70.00 -68.46 -75.41
C LYS TD 124 -71.26 -69.12 -75.92
N ASP TD 125 -71.71 -68.66 -77.10
CA ASP TD 125 -72.78 -69.23 -77.92
C ASP TD 125 -74.14 -69.29 -77.24
N GLU TD 126 -74.79 -68.16 -77.03
CA GLU TD 126 -76.21 -68.18 -76.79
C GLU TD 126 -76.87 -67.06 -77.58
N SER TD 127 -78.20 -67.08 -77.58
CA SER TD 127 -78.98 -66.14 -78.34
C SER TD 127 -78.94 -64.75 -77.72
N LEU TD 128 -79.36 -63.78 -78.52
CA LEU TD 128 -79.29 -62.39 -78.10
C LEU TD 128 -80.36 -62.05 -77.10
N ALA TD 129 -81.46 -62.81 -77.09
CA ALA TD 129 -82.48 -62.68 -76.05
C ALA TD 129 -81.94 -63.12 -74.70
N GLU TD 130 -81.13 -64.17 -74.67
CA GLU TD 130 -80.54 -64.59 -73.41
C GLU TD 130 -79.35 -63.72 -73.02
N ILE TD 131 -78.69 -63.11 -73.99
CA ILE TD 131 -77.61 -62.18 -73.68
C ILE TD 131 -78.17 -60.89 -73.09
N LEU TD 132 -79.30 -60.40 -73.62
CA LEU TD 132 -79.98 -59.27 -73.02
C LEU TD 132 -80.66 -59.63 -71.71
N ARG TD 133 -81.01 -60.90 -71.53
CA ARG TD 133 -81.57 -61.34 -70.27
C ARG TD 133 -80.54 -61.41 -69.15
N ASP TD 134 -79.34 -61.94 -69.39
CA ASP TD 134 -78.40 -61.91 -68.27
C ASP TD 134 -77.64 -60.59 -68.18
N ILE TD 135 -77.73 -59.72 -69.19
CA ILE TD 135 -77.32 -58.33 -68.99
C ILE TD 135 -78.33 -57.63 -68.08
N ASP TD 136 -79.62 -57.95 -68.25
CA ASP TD 136 -80.69 -57.44 -67.41
C ASP TD 136 -80.60 -57.96 -65.98
N TYR TD 137 -80.09 -59.18 -65.83
CA TYR TD 137 -79.85 -59.67 -64.48
C TYR TD 137 -78.58 -59.06 -63.88
N GLN TD 138 -77.55 -58.86 -64.69
CA GLN TD 138 -76.28 -58.33 -64.20
C GLN TD 138 -76.38 -56.86 -63.81
N ALA TD 139 -77.27 -56.12 -64.45
CA ALA TD 139 -77.61 -54.79 -64.00
C ALA TD 139 -78.84 -54.84 -63.09
N GLY TD 140 -78.73 -55.54 -61.98
CA GLY TD 140 -79.84 -55.66 -61.05
C GLY TD 140 -79.98 -54.39 -60.24
N LYS TD 141 -81.19 -53.80 -60.31
CA LYS TD 141 -81.66 -52.59 -59.62
C LYS TD 141 -80.88 -51.33 -59.98
N LYS TD 142 -80.17 -51.32 -61.09
CA LYS TD 142 -79.50 -50.15 -61.60
C LYS TD 142 -79.92 -49.84 -63.01
N ALA TD 143 -80.28 -50.85 -63.78
CA ALA TD 143 -80.83 -50.67 -65.10
C ALA TD 143 -81.81 -51.80 -65.34
N SER TD 144 -82.37 -51.80 -66.54
CA SER TD 144 -83.20 -52.90 -67.03
C SER TD 144 -83.19 -52.84 -68.55
N ILE TD 145 -83.34 -53.98 -69.17
CA ILE TD 145 -83.50 -54.05 -70.62
C ILE TD 145 -84.94 -54.41 -70.92
N HIS TD 146 -85.56 -53.66 -71.82
CA HIS TD 146 -86.89 -53.97 -72.28
C HIS TD 146 -86.84 -54.15 -73.79
N VAL TD 147 -87.57 -55.14 -74.29
CA VAL TD 147 -87.60 -55.45 -75.70
C VAL TD 147 -89.04 -55.38 -76.14
N TYR TD 148 -89.33 -54.57 -77.15
CA TYR TD 148 -90.70 -54.40 -77.60
C TYR TD 148 -90.79 -54.98 -79.01
N PRO TD 149 -91.16 -56.26 -79.16
CA PRO TD 149 -90.97 -56.94 -80.44
C PRO TD 149 -92.13 -56.84 -81.41
N ASN TD 150 -93.21 -56.15 -81.09
CA ASN TD 150 -94.16 -55.78 -82.12
C ASN TD 150 -93.62 -54.66 -83.00
N SER TD 151 -92.89 -53.72 -82.43
CA SER TD 151 -91.98 -52.84 -83.13
C SER TD 151 -90.59 -53.47 -83.09
N GLN TD 152 -89.54 -52.71 -83.34
CA GLN TD 152 -88.19 -53.24 -83.10
C GLN TD 152 -87.46 -52.24 -82.23
N VAL TD 153 -87.68 -52.32 -80.92
CA VAL TD 153 -87.06 -51.43 -79.95
C VAL TD 153 -86.41 -52.28 -78.89
N VAL TD 154 -85.11 -52.13 -78.71
CA VAL TD 154 -84.48 -52.47 -77.45
C VAL TD 154 -84.28 -51.17 -76.69
N GLU TD 155 -84.92 -51.05 -75.54
CA GLU TD 155 -84.73 -49.87 -74.72
C GLU TD 155 -84.03 -50.28 -73.45
N LEU TD 156 -83.24 -49.35 -72.95
CA LEU TD 156 -82.46 -49.54 -71.73
C LEU TD 156 -82.95 -48.52 -70.74
N ARG TD 157 -83.45 -48.97 -69.61
CA ARG TD 157 -83.95 -48.07 -68.59
C ARG TD 157 -82.93 -47.95 -67.48
N TYR TD 158 -82.46 -46.75 -67.25
CA TYR TD 158 -81.61 -46.51 -66.11
C TYR TD 158 -82.48 -46.35 -64.86
N ALA TD 159 -81.86 -46.51 -63.70
CA ALA TD 159 -82.61 -46.42 -62.46
C ALA TD 159 -82.85 -44.95 -62.09
N LYS TD 160 -83.72 -44.74 -61.12
CA LYS TD 160 -84.22 -43.40 -60.82
C LYS TD 160 -83.53 -42.80 -59.61
N ILE TD 161 -82.36 -43.31 -59.23
CA ILE TD 161 -81.64 -42.79 -58.07
C ILE TD 161 -80.14 -42.70 -58.34
N ALA UD 58 -5.26 -80.54 -14.97
CA ALA UD 58 -6.05 -79.41 -15.44
C ALA UD 58 -6.55 -79.68 -16.86
N LEU UD 59 -5.65 -80.22 -17.68
CA LEU UD 59 -6.02 -80.59 -19.05
C LEU UD 59 -6.92 -81.82 -19.07
N LYS UD 60 -6.77 -82.69 -18.06
CA LYS UD 60 -7.71 -83.77 -17.82
C LYS UD 60 -9.08 -83.25 -17.39
N GLU UD 61 -9.10 -82.12 -16.68
CA GLU UD 61 -10.36 -81.56 -16.20
C GLU UD 61 -11.13 -80.89 -17.33
N THR UD 62 -10.44 -80.16 -18.22
CA THR UD 62 -11.17 -79.63 -19.37
C THR UD 62 -11.46 -80.69 -20.42
N ALA UD 63 -10.71 -81.80 -20.43
CA ALA UD 63 -11.10 -82.96 -21.23
C ALA UD 63 -12.38 -83.62 -20.70
N LEU UD 64 -12.52 -83.65 -19.38
CA LEU UD 64 -13.72 -84.19 -18.73
C LEU UD 64 -14.92 -83.31 -18.99
N SER UD 65 -14.73 -81.99 -18.96
CA SER UD 65 -15.81 -81.08 -19.29
C SER UD 65 -16.11 -81.02 -20.78
N VAL UD 66 -15.15 -81.41 -21.63
CA VAL UD 66 -15.46 -81.64 -23.04
C VAL UD 66 -16.34 -82.88 -23.18
N GLY UD 67 -16.03 -83.95 -22.45
CA GLY UD 67 -16.79 -85.18 -22.57
C GLY UD 67 -18.16 -85.16 -21.91
N ALA UD 68 -18.38 -84.21 -20.99
CA ALA UD 68 -19.59 -84.19 -20.17
C ALA UD 68 -20.83 -83.82 -20.97
N GLN UD 69 -20.78 -82.72 -21.71
CA GLN UD 69 -21.94 -82.28 -22.46
C GLN UD 69 -22.16 -83.11 -23.71
N ALA UD 70 -21.09 -83.75 -24.21
CA ALA UD 70 -21.22 -84.66 -25.34
C ALA UD 70 -21.91 -85.95 -24.93
N GLY UD 71 -21.55 -86.50 -23.77
CA GLY UD 71 -22.24 -87.67 -23.24
C GLY UD 71 -23.66 -87.38 -22.81
N LEU UD 72 -23.90 -86.16 -22.31
CA LEU UD 72 -25.24 -85.71 -21.95
C LEU UD 72 -26.16 -85.57 -23.15
N ALA UD 73 -25.65 -84.99 -24.24
CA ALA UD 73 -26.47 -84.82 -25.43
C ALA UD 73 -26.66 -86.12 -26.19
N TRP UD 74 -25.65 -87.02 -26.14
CA TRP UD 74 -25.77 -88.32 -26.79
C TRP UD 74 -26.78 -89.21 -26.08
N ARG UD 75 -26.72 -89.24 -24.74
CA ARG UD 75 -27.66 -90.02 -23.97
C ARG UD 75 -29.06 -89.42 -24.01
N ALA UD 76 -29.16 -88.08 -24.18
CA ALA UD 76 -30.46 -87.45 -24.36
C ALA UD 76 -31.08 -87.79 -25.71
N LYS UD 77 -30.26 -87.94 -26.74
CA LYS UD 77 -30.78 -88.38 -28.05
C LYS UD 77 -31.21 -89.83 -28.03
N ILE UD 78 -30.45 -90.68 -27.32
CA ILE UD 78 -30.74 -92.10 -27.22
C ILE UD 78 -32.02 -92.35 -26.44
N ILE UD 79 -32.21 -91.64 -25.33
CA ILE UD 79 -33.45 -91.83 -24.62
C ILE UD 79 -34.60 -91.04 -25.21
N ASP UD 80 -34.33 -90.09 -26.11
CA ASP UD 80 -35.41 -89.46 -26.88
C ASP UD 80 -36.02 -90.42 -27.88
N GLU UD 81 -35.18 -91.14 -28.62
CA GLU UD 81 -35.77 -92.09 -29.57
C GLU UD 81 -36.22 -93.36 -28.88
N GLN UD 82 -35.68 -93.66 -27.69
CA GLN UD 82 -36.20 -94.74 -26.89
C GLN UD 82 -37.54 -94.39 -26.25
N LEU UD 83 -37.78 -93.11 -25.98
CA LEU UD 83 -39.11 -92.69 -25.54
C LEU UD 83 -40.10 -92.68 -26.69
N ASN UD 84 -39.62 -92.28 -27.87
CA ASN UD 84 -40.49 -92.22 -29.05
C ASN UD 84 -40.83 -93.58 -29.60
N LYS UD 85 -40.02 -94.60 -29.29
CA LYS UD 85 -40.38 -95.97 -29.64
C LYS UD 85 -41.57 -96.47 -28.82
N GLN UD 86 -41.72 -95.98 -27.60
CA GLN UD 86 -42.77 -96.43 -26.69
C GLN UD 86 -43.93 -95.47 -26.66
N ALA UD 87 -44.30 -94.89 -27.80
CA ALA UD 87 -45.16 -93.71 -27.80
C ALA UD 87 -46.63 -94.05 -27.57
N ARG UD 88 -47.12 -95.14 -28.16
CA ARG UD 88 -48.50 -95.49 -27.90
C ARG UD 88 -48.66 -96.19 -26.56
N ASN UD 89 -47.59 -96.79 -26.07
CA ASN UD 89 -47.61 -97.36 -24.74
C ASN UD 89 -47.59 -96.28 -23.68
N LEU UD 90 -46.86 -95.20 -23.93
CA LEU UD 90 -46.88 -94.09 -22.99
C LEU UD 90 -48.14 -93.27 -23.09
N ASP UD 91 -48.79 -93.28 -24.24
CA ASP UD 91 -50.15 -92.76 -24.36
C ASP UD 91 -51.14 -93.61 -23.60
N ALA UD 92 -50.90 -94.92 -23.51
CA ALA UD 92 -51.76 -95.75 -22.69
C ALA UD 92 -51.49 -95.56 -21.21
N ILE UD 93 -50.23 -95.34 -20.83
CA ILE UD 93 -49.87 -95.24 -19.42
C ILE UD 93 -50.29 -93.89 -18.87
N TYR UD 94 -49.83 -92.81 -19.48
CA TYR UD 94 -50.13 -91.48 -18.95
C TYR UD 94 -51.29 -90.89 -19.73
N ASP UD 95 -52.42 -91.54 -19.56
CA ASP UD 95 -53.66 -91.21 -20.24
C ASP UD 95 -54.33 -90.13 -19.42
N PHE UD 96 -53.89 -88.89 -19.63
CA PHE UD 96 -54.45 -87.77 -18.90
C PHE UD 96 -55.81 -87.38 -19.44
N ASN UD 97 -56.08 -87.72 -20.71
CA ASN UD 97 -57.30 -87.32 -21.40
C ASN UD 97 -58.52 -88.03 -20.85
N SER UD 98 -58.35 -89.28 -20.41
CA SER UD 98 -59.44 -89.97 -19.73
C SER UD 98 -59.37 -89.80 -18.22
N LEU UD 99 -58.66 -88.81 -17.72
CA LEU UD 99 -58.66 -88.48 -16.31
C LEU UD 99 -59.25 -87.12 -16.02
N VAL UD 100 -59.58 -86.32 -17.04
CA VAL UD 100 -60.09 -84.99 -16.80
C VAL UD 100 -61.55 -85.06 -16.40
N LEU UD 101 -62.04 -83.97 -15.85
CA LEU UD 101 -63.34 -83.97 -15.21
C LEU UD 101 -64.41 -83.54 -16.20
N GLU UD 102 -65.59 -83.21 -15.67
CA GLU UD 102 -66.82 -83.06 -16.42
C GLU UD 102 -66.85 -81.88 -17.36
N HIS UD 103 -66.14 -80.80 -17.05
CA HIS UD 103 -66.20 -79.61 -17.89
C HIS UD 103 -64.83 -79.22 -18.40
N ASN UD 104 -64.03 -80.23 -18.78
CA ASN UD 104 -62.60 -80.17 -19.09
C ASN UD 104 -61.81 -79.47 -18.00
N ILE UD 105 -61.97 -79.96 -16.78
CA ILE UD 105 -61.18 -79.49 -15.67
C ILE UD 105 -60.13 -80.54 -15.39
N LEU UD 106 -58.89 -80.11 -15.36
CA LEU UD 106 -57.80 -80.95 -14.95
C LEU UD 106 -57.89 -81.15 -13.43
N PRO UD 107 -57.91 -82.40 -12.98
CA PRO UD 107 -58.11 -82.68 -11.56
C PRO UD 107 -56.83 -82.40 -10.78
N PRO UD 108 -56.93 -82.06 -9.49
CA PRO UD 108 -55.74 -81.59 -8.80
C PRO UD 108 -54.86 -82.73 -8.29
N VAL UD 109 -53.65 -82.38 -7.87
CA VAL UD 109 -52.64 -83.37 -7.54
C VAL UD 109 -52.61 -83.54 -6.02
N LEU UD 110 -53.36 -84.51 -5.54
CA LEU UD 110 -53.31 -84.87 -4.13
C LEU UD 110 -52.05 -85.68 -3.88
N LEU UD 111 -51.38 -85.39 -2.79
CA LEU UD 111 -50.23 -86.16 -2.39
C LEU UD 111 -50.52 -86.81 -1.05
N GLU UD 112 -50.16 -88.08 -0.96
CA GLU UD 112 -50.40 -88.92 0.21
C GLU UD 112 -49.08 -89.14 0.92
N GLY UD 113 -49.06 -88.94 2.21
CA GLY UD 113 -47.96 -89.44 3.00
C GLY UD 113 -48.50 -90.11 4.24
N ARG UD 114 -48.31 -91.41 4.36
CA ARG UD 114 -48.67 -92.06 5.60
C ARG UD 114 -47.51 -91.93 6.58
N ASN UD 115 -47.83 -92.14 7.87
CA ASN UD 115 -46.89 -92.47 8.95
C ASN UD 115 -45.91 -91.35 9.26
N THR UD 116 -46.43 -90.13 9.35
CA THR UD 116 -45.57 -88.96 9.38
C THR UD 116 -45.16 -88.66 10.81
N LEU UD 117 -43.91 -88.22 10.97
CA LEU UD 117 -43.42 -87.72 12.24
C LEU UD 117 -42.59 -86.48 11.99
N ASN UD 118 -42.65 -85.53 12.91
CA ASN UD 118 -41.65 -84.47 12.98
C ASN UD 118 -41.14 -84.39 14.40
N LEU UD 119 -39.83 -84.39 14.55
CA LEU UD 119 -39.18 -84.10 15.81
C LEU UD 119 -38.86 -82.62 15.83
N ALA UD 120 -39.68 -81.82 16.51
CA ALA UD 120 -39.51 -80.37 16.37
C ALA UD 120 -38.44 -79.85 17.30
N ASP UD 121 -38.37 -80.39 18.50
CA ASP UD 121 -37.24 -80.15 19.38
C ASP UD 121 -37.06 -81.42 20.19
N ALA UD 122 -36.34 -81.32 21.30
CA ALA UD 122 -36.00 -82.49 22.09
C ALA UD 122 -37.18 -82.99 22.90
N GLN UD 123 -38.17 -82.14 23.15
CA GLN UD 123 -39.28 -82.50 24.01
C GLN UD 123 -40.60 -82.58 23.29
N SER UD 124 -40.67 -82.30 22.00
CA SER UD 124 -41.95 -82.41 21.31
C SER UD 124 -41.76 -83.03 19.94
N ILE UD 125 -42.42 -84.15 19.74
CA ILE UD 125 -42.60 -84.69 18.41
C ILE UD 125 -44.08 -84.60 18.10
N ARG UD 126 -44.39 -84.64 16.83
CA ARG UD 126 -45.78 -84.67 16.40
C ARG UD 126 -45.92 -85.68 15.29
N ILE UD 127 -46.75 -86.66 15.51
CA ILE UD 127 -47.03 -87.64 14.48
C ILE UD 127 -48.37 -87.29 13.88
N SER UD 128 -48.53 -87.73 12.64
CA SER UD 128 -49.85 -87.85 12.06
C SER UD 128 -49.86 -89.17 11.33
N ASP UD 129 -51.04 -89.74 11.21
CA ASP UD 129 -51.09 -91.07 10.64
C ASP UD 129 -51.04 -91.02 9.12
N ARG UD 130 -51.96 -90.28 8.49
CA ARG UD 130 -51.88 -90.00 7.07
C ARG UD 130 -52.01 -88.51 6.86
N THR UD 131 -51.46 -88.04 5.75
CA THR UD 131 -51.43 -86.62 5.45
C THR UD 131 -51.69 -86.43 3.97
N TYR UD 132 -52.71 -85.64 3.65
CA TYR UD 132 -53.06 -85.39 2.27
C TYR UD 132 -52.93 -83.91 1.97
N LYS UD 133 -52.22 -83.61 0.89
CA LYS UD 133 -52.04 -82.23 0.48
C LYS UD 133 -52.38 -82.09 -0.99
N VAL UD 134 -53.30 -81.20 -1.32
CA VAL UD 134 -53.49 -80.84 -2.72
C VAL UD 134 -52.42 -79.83 -3.08
N ALA UD 135 -51.57 -80.21 -4.02
CA ALA UD 135 -50.82 -79.25 -4.81
C ALA UD 135 -51.48 -79.25 -6.17
N LYS UD 136 -51.19 -78.18 -6.93
CA LYS UD 136 -51.48 -78.01 -8.36
C LYS UD 136 -52.97 -78.13 -8.67
N GLN UD 137 -53.71 -77.13 -8.18
CA GLN UD 137 -55.16 -77.18 -7.98
C GLN UD 137 -55.93 -77.32 -9.28
N ALA UD 138 -57.20 -77.73 -9.15
CA ALA UD 138 -57.99 -78.15 -10.29
C ALA UD 138 -58.42 -76.98 -11.12
N HIS UD 139 -58.10 -77.05 -12.40
CA HIS UD 139 -58.28 -75.84 -13.19
C HIS UD 139 -58.66 -76.23 -14.59
N PHE UD 140 -59.17 -75.23 -15.31
CA PHE UD 140 -59.74 -75.41 -16.64
C PHE UD 140 -58.65 -75.70 -17.64
N ILE UD 141 -58.69 -76.85 -18.23
CA ILE UD 141 -57.71 -77.18 -19.24
C ILE UD 141 -58.39 -77.06 -20.60
N THR UD 142 -57.60 -76.78 -21.62
CA THR UD 142 -58.08 -76.93 -22.98
C THR UD 142 -57.61 -78.25 -23.56
N THR UD 143 -56.31 -78.42 -23.67
CA THR UD 143 -55.80 -79.66 -24.18
C THR UD 143 -55.22 -80.47 -23.01
N PRO UD 144 -55.45 -81.78 -22.96
CA PRO UD 144 -54.92 -82.59 -21.88
C PRO UD 144 -53.43 -82.79 -22.04
N PRO UD 145 -52.69 -82.96 -20.96
CA PRO UD 145 -51.23 -83.02 -21.07
C PRO UD 145 -50.77 -84.36 -21.59
N THR UD 146 -49.73 -84.32 -22.39
CA THR UD 146 -49.14 -85.52 -22.93
C THR UD 146 -48.08 -86.00 -21.97
N TRP UD 147 -47.38 -87.06 -22.35
CA TRP UD 147 -46.18 -87.38 -21.61
C TRP UD 147 -45.02 -86.49 -22.01
N ARG UD 148 -45.06 -85.92 -23.21
CA ARG UD 148 -43.89 -85.22 -23.71
C ARG UD 148 -43.72 -83.82 -23.14
N GLN UD 149 -44.69 -83.30 -22.39
CA GLN UD 149 -44.44 -82.07 -21.66
C GLN UD 149 -43.58 -82.31 -20.44
N TYR UD 150 -43.58 -83.53 -19.94
CA TYR UD 150 -42.79 -83.93 -18.79
C TYR UD 150 -41.51 -84.62 -19.19
N LEU UD 151 -41.60 -85.61 -20.07
CA LEU UD 151 -40.57 -86.61 -20.22
C LEU UD 151 -39.57 -86.34 -21.31
N TRP UD 152 -39.82 -85.38 -22.20
CA TRP UD 152 -39.00 -85.22 -23.38
C TRP UD 152 -37.70 -84.52 -23.02
N MET UD 153 -36.61 -84.98 -23.62
CA MET UD 153 -35.31 -84.40 -23.37
C MET UD 153 -34.96 -83.39 -24.43
N ASP UD 154 -34.40 -82.28 -24.02
CA ASP UD 154 -34.08 -81.25 -24.99
C ASP UD 154 -32.71 -81.54 -25.59
N TYR UD 155 -32.72 -81.90 -26.86
CA TYR UD 155 -31.54 -82.39 -27.54
C TYR UD 155 -31.07 -81.34 -28.54
N VAL UD 156 -29.90 -80.79 -28.27
CA VAL UD 156 -29.15 -80.08 -29.27
C VAL UD 156 -27.90 -80.91 -29.58
N LYS UD 157 -27.33 -80.67 -30.76
CA LYS UD 157 -26.13 -81.37 -31.17
C LYS UD 157 -24.96 -80.41 -31.07
N PRO UD 158 -24.09 -80.56 -30.06
CA PRO UD 158 -23.01 -79.56 -29.88
C PRO UD 158 -21.85 -79.83 -30.83
N GLU UD 159 -21.24 -78.75 -31.32
CA GLU UD 159 -20.10 -78.82 -32.22
C GLU UD 159 -18.87 -78.16 -31.64
N ALA UD 160 -18.71 -78.15 -30.33
CA ALA UD 160 -17.60 -77.46 -29.70
C ALA UD 160 -16.64 -78.44 -29.05
N PRO UD 161 -15.48 -78.73 -29.66
CA PRO UD 161 -14.47 -79.50 -28.95
C PRO UD 161 -13.63 -78.61 -28.04
N LYS UD 173 -3.33 -86.18 -24.57
CA LYS UD 173 -4.06 -86.98 -25.54
C LYS UD 173 -4.55 -88.29 -24.90
N GLU UD 174 -3.68 -88.95 -24.15
CA GLU UD 174 -4.02 -90.20 -23.48
C GLU UD 174 -4.87 -89.93 -22.22
N ILE UD 175 -4.53 -88.88 -21.46
CA ILE UD 175 -5.37 -88.48 -20.36
C ILE UD 175 -6.61 -87.75 -20.85
N TRP UD 176 -6.53 -87.14 -22.04
CA TRP UD 176 -7.71 -86.61 -22.73
C TRP UD 176 -8.69 -87.72 -23.07
N CYS UD 177 -8.17 -88.89 -23.49
CA CYS UD 177 -9.02 -90.02 -23.85
C CYS UD 177 -9.66 -90.65 -22.62
N ILE UD 178 -8.88 -90.87 -21.55
CA ILE UD 178 -9.46 -91.54 -20.39
C ILE UD 178 -10.34 -90.58 -19.56
N TYR UD 179 -10.07 -89.28 -19.60
CA TYR UD 179 -10.94 -88.36 -18.90
C TYR UD 179 -12.11 -87.95 -19.76
N THR UD 180 -12.03 -88.10 -21.08
CA THR UD 180 -13.21 -87.82 -21.88
C THR UD 180 -14.15 -89.00 -21.88
N GLU UD 181 -13.66 -90.22 -21.60
CA GLU UD 181 -14.64 -91.29 -21.42
C GLU UD 181 -15.21 -91.30 -20.02
N ARG UD 182 -14.46 -90.77 -19.03
CA ARG UD 182 -15.05 -90.52 -17.72
C ARG UD 182 -16.10 -89.41 -17.76
N GLY UD 183 -15.84 -88.37 -18.58
CA GLY UD 183 -16.84 -87.34 -18.80
C GLY UD 183 -18.04 -87.82 -19.58
N TRP UD 184 -17.82 -88.77 -20.50
CA TRP UD 184 -18.90 -89.43 -21.24
C TRP UD 184 -19.80 -90.23 -20.32
N LYS UD 185 -19.21 -90.90 -19.33
CA LYS UD 185 -20.00 -91.62 -18.33
C LYS UD 185 -20.73 -90.69 -17.38
N ASN UD 186 -20.12 -89.55 -17.04
CA ASN UD 186 -20.79 -88.58 -16.19
C ASN UD 186 -21.92 -87.86 -16.91
N GLY UD 187 -21.79 -87.67 -18.22
CA GLY UD 187 -22.86 -87.09 -18.99
C GLY UD 187 -24.02 -88.04 -19.18
N ILE UD 188 -23.70 -89.35 -19.31
CA ILE UD 188 -24.73 -90.38 -19.44
C ILE UD 188 -25.52 -90.53 -18.14
N ASP UD 189 -24.83 -90.54 -16.99
CA ASP UD 189 -25.57 -90.70 -15.73
C ASP UD 189 -26.25 -89.40 -15.30
N GLN UD 190 -25.78 -88.24 -15.78
CA GLN UD 190 -26.49 -87.01 -15.49
C GLN UD 190 -27.75 -86.91 -16.33
N ALA UD 191 -27.72 -87.46 -17.55
CA ALA UD 191 -28.93 -87.55 -18.36
C ALA UD 191 -29.91 -88.55 -17.78
N ASN UD 192 -29.42 -89.62 -17.16
CA ASN UD 192 -30.30 -90.59 -16.54
C ASN UD 192 -30.95 -90.06 -15.26
N THR UD 193 -30.26 -89.21 -14.50
CA THR UD 193 -30.95 -88.66 -13.33
C THR UD 193 -31.88 -87.51 -13.68
N ILE UD 194 -31.64 -86.80 -14.80
CA ILE UD 194 -32.63 -85.81 -15.25
C ILE UD 194 -33.86 -86.50 -15.83
N LEU UD 195 -33.64 -87.68 -16.44
CA LEU UD 195 -34.74 -88.53 -16.91
C LEU UD 195 -35.59 -89.09 -15.79
N GLU UD 196 -34.97 -89.57 -14.71
CA GLU UD 196 -35.77 -90.12 -13.61
C GLU UD 196 -36.40 -89.02 -12.76
N GLU UD 197 -35.87 -87.79 -12.83
CA GLU UD 197 -36.61 -86.65 -12.30
C GLU UD 197 -37.86 -86.33 -13.10
N ASN UD 198 -37.79 -86.48 -14.43
CA ASN UD 198 -38.98 -86.27 -15.26
C ASN UD 198 -40.02 -87.37 -15.10
N ILE UD 199 -39.54 -88.62 -14.98
CA ILE UD 199 -40.31 -89.80 -14.65
C ILE UD 199 -41.02 -89.65 -13.32
N ALA UD 200 -40.33 -89.06 -12.35
CA ALA UD 200 -40.88 -88.87 -11.03
C ALA UD 200 -41.90 -87.74 -11.01
N ARG UD 201 -41.70 -86.73 -11.85
CA ARG UD 201 -42.62 -85.62 -11.90
C ARG UD 201 -43.94 -86.00 -12.56
N ILE UD 202 -43.86 -86.81 -13.62
CA ILE UD 202 -45.09 -87.28 -14.24
C ILE UD 202 -45.74 -88.40 -13.40
N LYS UD 203 -44.96 -89.09 -12.57
CA LYS UD 203 -45.54 -90.06 -11.65
C LYS UD 203 -46.26 -89.40 -10.51
N GLU UD 204 -45.74 -88.25 -10.05
CA GLU UD 204 -46.41 -87.45 -9.03
C GLU UD 204 -47.71 -86.86 -9.54
N ASP UD 205 -47.72 -86.41 -10.80
CA ASP UD 205 -48.92 -85.79 -11.37
C ASP UD 205 -50.01 -86.81 -11.69
N PHE UD 206 -49.64 -87.95 -12.28
CA PHE UD 206 -50.63 -88.96 -12.62
C PHE UD 206 -51.11 -89.73 -11.41
N GLY UD 207 -50.25 -89.94 -10.41
CA GLY UD 207 -50.69 -90.52 -9.17
C GLY UD 207 -51.52 -89.56 -8.34
N GLY UD 208 -51.31 -88.25 -8.52
CA GLY UD 208 -52.17 -87.29 -7.87
C GLY UD 208 -53.56 -87.22 -8.43
N MET UD 209 -53.69 -87.41 -9.75
CA MET UD 209 -55.04 -87.41 -10.30
C MET UD 209 -55.77 -88.72 -10.06
N ILE UD 210 -55.02 -89.84 -10.00
CA ILE UD 210 -55.57 -91.12 -9.57
C ILE UD 210 -55.99 -91.06 -8.10
N LEU UD 211 -55.20 -90.35 -7.29
CA LEU UD 211 -55.51 -90.16 -5.89
C LEU UD 211 -56.69 -89.22 -5.68
N TYR UD 212 -56.92 -88.31 -6.63
CA TYR UD 212 -58.12 -87.48 -6.61
C TYR UD 212 -59.36 -88.32 -6.85
N ARG UD 213 -59.29 -89.25 -7.81
CA ARG UD 213 -60.44 -90.11 -8.08
C ARG UD 213 -60.72 -91.09 -6.96
N LYS UD 214 -59.65 -91.53 -6.27
CA LYS UD 214 -59.79 -92.38 -5.09
C LYS UD 214 -60.41 -91.62 -3.92
N LEU UD 215 -59.95 -90.39 -3.67
CA LEU UD 215 -60.51 -89.65 -2.53
C LEU UD 215 -61.86 -89.03 -2.83
N LEU UD 216 -62.17 -88.79 -4.10
CA LEU UD 216 -63.50 -88.35 -4.47
C LEU UD 216 -64.47 -89.51 -4.38
N ALA UD 217 -64.01 -90.71 -4.69
CA ALA UD 217 -64.81 -91.90 -4.48
C ALA UD 217 -64.97 -92.22 -3.00
N MET UD 218 -63.96 -91.89 -2.19
CA MET UD 218 -64.02 -92.12 -0.76
C MET UD 218 -64.60 -90.94 0.00
N ASN UD 219 -65.07 -89.92 -0.74
CA ASN UD 219 -65.74 -88.71 -0.24
C ASN UD 219 -64.83 -87.89 0.67
N MET UD 220 -63.55 -87.86 0.34
CA MET UD 220 -62.59 -87.09 1.11
C MET UD 220 -62.34 -85.71 0.52
N VAL UD 221 -62.57 -85.52 -0.76
CA VAL UD 221 -62.43 -84.21 -1.38
C VAL UD 221 -63.75 -83.82 -2.01
N SER UD 222 -63.96 -82.55 -2.10
CA SER UD 222 -65.13 -82.06 -2.80
C SER UD 222 -64.85 -82.05 -4.30
N PRO UD 223 -65.84 -82.33 -5.14
CA PRO UD 223 -65.67 -82.11 -6.57
C PRO UD 223 -65.75 -80.62 -6.87
N PRO UD 224 -65.15 -80.14 -7.97
CA PRO UD 224 -65.27 -78.72 -8.29
C PRO UD 224 -66.65 -78.39 -8.84
N TYR UD 225 -67.08 -77.19 -8.55
CA TYR UD 225 -68.43 -76.76 -8.87
C TYR UD 225 -68.36 -75.73 -9.97
N VAL UD 226 -68.57 -76.19 -11.18
CA VAL UD 226 -68.68 -75.30 -12.32
C VAL UD 226 -70.06 -74.65 -12.32
N SER UD 227 -70.09 -73.39 -12.73
CA SER UD 227 -71.31 -72.60 -12.81
C SER UD 227 -71.32 -71.99 -14.20
N HIS UD 228 -72.19 -72.50 -15.06
CA HIS UD 228 -72.32 -71.95 -16.40
C HIS UD 228 -73.49 -70.98 -16.39
N THR UD 229 -73.20 -69.70 -16.50
CA THR UD 229 -74.25 -68.72 -16.67
C THR UD 229 -74.38 -68.48 -18.16
N ASP UD 230 -75.55 -68.81 -18.69
CA ASP UD 230 -75.86 -68.55 -20.09
C ASP UD 230 -76.16 -67.08 -20.27
N LEU UD 231 -75.65 -66.52 -21.35
CA LEU UD 231 -76.09 -65.24 -21.85
C LEU UD 231 -76.61 -65.47 -23.26
N GLY UD 232 -77.57 -64.65 -23.66
CA GLY UD 232 -78.12 -64.81 -24.99
C GLY UD 232 -77.29 -64.13 -26.05
N VAL UD 233 -77.94 -63.44 -26.96
CA VAL UD 233 -77.24 -62.69 -27.98
C VAL UD 233 -76.63 -61.44 -27.36
N THR UD 234 -75.33 -61.31 -27.52
CA THR UD 234 -74.53 -60.47 -26.66
C THR UD 234 -73.62 -59.62 -27.52
N GLY UD 235 -73.61 -58.33 -27.26
CA GLY UD 235 -72.79 -57.40 -27.99
C GLY UD 235 -73.64 -56.34 -28.67
N ASP UD 236 -72.94 -55.39 -29.27
CA ASP UD 236 -73.57 -54.26 -29.91
C ASP UD 236 -73.82 -54.60 -31.38
N GLY UD 237 -74.08 -53.59 -32.20
CA GLY UD 237 -74.38 -53.77 -33.60
C GLY UD 237 -73.21 -54.20 -34.46
N SER UD 238 -71.99 -53.99 -34.00
CA SER UD 238 -70.81 -54.34 -34.76
C SER UD 238 -70.33 -55.76 -34.53
N GLU UD 239 -70.67 -56.36 -33.40
CA GLU UD 239 -70.12 -57.67 -33.06
C GLU UD 239 -71.09 -58.37 -32.14
N ILE UD 240 -71.64 -59.48 -32.59
CA ILE UD 240 -72.51 -60.27 -31.72
C ILE UD 240 -71.84 -61.61 -31.44
N HIS UD 241 -72.21 -62.19 -30.32
CA HIS UD 241 -71.99 -63.60 -30.01
C HIS UD 241 -73.34 -64.16 -29.62
N ILE UD 242 -73.65 -65.33 -30.17
CA ILE UD 242 -75.04 -65.76 -30.24
C ILE UD 242 -75.43 -66.51 -28.98
N ASP UD 243 -74.68 -67.53 -28.60
CA ASP UD 243 -74.98 -68.28 -27.38
C ASP UD 243 -73.72 -68.13 -26.53
N ASP UD 244 -73.78 -67.26 -25.53
CA ASP UD 244 -72.59 -66.82 -24.82
C ASP UD 244 -72.60 -67.44 -23.42
N ARG UD 245 -72.08 -68.64 -23.30
CA ARG UD 245 -72.08 -69.31 -22.02
C ARG UD 245 -70.76 -69.04 -21.33
N VAL UD 246 -70.78 -68.40 -20.18
CA VAL UD 246 -69.54 -68.13 -19.45
C VAL UD 246 -69.51 -69.07 -18.25
N LEU UD 247 -68.42 -69.83 -18.16
CA LEU UD 247 -68.29 -70.93 -17.23
C LEU UD 247 -67.26 -70.56 -16.19
N ARG UD 248 -67.64 -70.63 -14.93
CA ARG UD 248 -66.70 -70.38 -13.84
C ARG UD 248 -66.55 -71.63 -13.00
N ILE UD 249 -65.48 -71.69 -12.26
CA ILE UD 249 -65.36 -72.63 -11.16
C ILE UD 249 -65.55 -71.81 -9.90
N THR UD 250 -66.61 -72.12 -9.17
CA THR UD 250 -66.91 -71.37 -7.97
C THR UD 250 -66.22 -72.01 -6.78
N ALA UD 251 -66.34 -73.32 -6.66
CA ALA UD 251 -65.73 -74.05 -5.56
C ALA UD 251 -64.52 -74.79 -6.10
N LEU UD 252 -63.37 -74.47 -5.57
CA LEU UD 252 -62.21 -75.29 -5.84
C LEU UD 252 -62.29 -76.57 -5.02
N PRO UD 253 -61.68 -77.66 -5.49
CA PRO UD 253 -61.67 -78.89 -4.70
C PRO UD 253 -60.80 -78.77 -3.47
N GLU UD 254 -61.33 -79.29 -2.37
CA GLU UD 254 -60.62 -79.20 -1.12
C GLU UD 254 -60.95 -80.44 -0.33
N LEU UD 255 -60.06 -80.77 0.58
CA LEU UD 255 -60.25 -81.89 1.46
C LEU UD 255 -61.28 -81.51 2.51
N ASN UD 256 -62.31 -82.33 2.66
CA ASN UD 256 -63.28 -82.05 3.71
C ASN UD 256 -62.69 -82.51 5.03
N VAL UD 257 -63.06 -81.81 6.10
CA VAL UD 257 -62.48 -82.07 7.39
C VAL UD 257 -63.49 -82.64 8.36
N ASN UD 258 -64.76 -82.60 8.02
CA ASN UD 258 -65.75 -83.36 8.76
C ASN UD 258 -65.60 -84.81 8.32
N SER UD 259 -64.99 -85.63 9.17
CA SER UD 259 -64.47 -86.92 8.72
C SER UD 259 -65.53 -88.00 8.74
N ALA UD 260 -66.71 -87.71 9.30
CA ALA UD 260 -67.76 -88.71 9.39
C ALA UD 260 -68.47 -88.94 8.06
N GLU UD 261 -68.29 -88.07 7.08
CA GLU UD 261 -68.90 -88.18 5.77
C GLU UD 261 -68.06 -88.98 4.79
N TRP UD 262 -67.01 -89.64 5.26
CA TRP UD 262 -66.11 -90.37 4.40
C TRP UD 262 -66.72 -91.73 4.10
N ARG UD 263 -66.15 -92.42 3.12
CA ARG UD 263 -66.71 -93.68 2.63
C ARG UD 263 -65.60 -94.70 2.54
N ALA UD 264 -65.60 -95.67 3.44
CA ALA UD 264 -64.58 -96.70 3.46
C ALA UD 264 -64.99 -97.73 2.44
N ALA UD 265 -64.16 -97.93 1.43
CA ALA UD 265 -64.53 -98.88 0.40
C ALA UD 265 -63.79 -100.20 0.57
N VAL UD 266 -64.46 -101.19 1.13
CA VAL UD 266 -63.85 -102.50 1.24
C VAL UD 266 -64.28 -103.39 0.07
N ALA UD 267 -63.39 -104.30 -0.31
CA ALA UD 267 -63.57 -105.05 -1.55
C ALA UD 267 -63.71 -106.52 -1.20
N LYS UD 268 -63.74 -107.37 -2.22
CA LYS UD 268 -63.87 -108.79 -2.02
C LYS UD 268 -63.11 -109.57 -3.09
N PHE VD 25 -41.77 -118.20 -44.48
CA PHE VD 25 -41.21 -117.81 -43.19
C PHE VD 25 -41.76 -116.44 -42.75
N LYS VD 26 -42.18 -116.35 -41.50
CA LYS VD 26 -42.72 -115.12 -40.96
C LYS VD 26 -41.69 -114.41 -40.13
N LYS VD 27 -42.12 -113.34 -39.51
CA LYS VD 27 -41.28 -112.50 -38.69
C LYS VD 27 -41.93 -112.29 -37.34
N PRO VD 28 -41.14 -111.98 -36.32
CA PRO VD 28 -41.69 -111.37 -35.12
C PRO VD 28 -42.12 -109.94 -35.40
N PRO VD 29 -43.05 -109.38 -34.61
CA PRO VD 29 -43.55 -108.02 -34.88
C PRO VD 29 -42.52 -106.92 -34.70
N ILE VD 30 -42.79 -105.80 -35.35
CA ILE VD 30 -41.73 -104.84 -35.66
C ILE VD 30 -41.39 -103.99 -34.44
N ASN VD 31 -42.39 -103.41 -33.79
CA ASN VD 31 -42.24 -103.01 -32.41
C ASN VD 31 -42.95 -104.02 -31.49
N ASN VD 32 -42.43 -105.22 -31.52
CA ASN VD 32 -42.82 -106.17 -30.51
C ASN VD 32 -42.15 -105.81 -29.21
N PRO VD 33 -42.77 -106.11 -28.09
CA PRO VD 33 -42.01 -106.15 -26.84
C PRO VD 33 -41.13 -107.38 -26.79
N SER VD 34 -39.94 -107.29 -27.38
CA SER VD 34 -39.00 -108.40 -27.43
C SER VD 34 -37.89 -108.22 -26.43
N ASP VD 35 -38.19 -107.61 -25.29
CA ASP VD 35 -37.17 -107.00 -24.47
C ASP VD 35 -37.72 -106.94 -23.06
N ASP VD 36 -36.84 -107.20 -22.08
CA ASP VD 36 -37.30 -107.52 -20.73
C ASP VD 36 -37.80 -106.32 -19.95
N ALA VD 37 -37.42 -105.11 -20.35
CA ALA VD 37 -38.03 -103.92 -19.79
C ALA VD 37 -39.31 -103.54 -20.49
N THR VD 38 -39.35 -103.72 -21.81
CA THR VD 38 -40.51 -103.27 -22.54
C THR VD 38 -41.67 -104.24 -22.48
N ILE VD 39 -41.44 -105.49 -22.05
CA ILE VD 39 -42.58 -106.35 -21.75
C ILE VD 39 -43.29 -105.87 -20.51
N LYS VD 40 -42.55 -105.36 -19.51
CA LYS VD 40 -43.14 -104.84 -18.28
C LYS VD 40 -43.83 -103.52 -18.53
N LEU VD 41 -43.23 -102.71 -19.42
CA LEU VD 41 -43.82 -101.45 -19.85
C LEU VD 41 -45.11 -101.66 -20.63
N ALA VD 42 -45.13 -102.59 -21.58
CA ALA VD 42 -46.31 -102.71 -22.41
C ALA VD 42 -47.41 -103.54 -21.78
N GLU VD 43 -47.10 -104.50 -20.89
CA GLU VD 43 -48.21 -105.16 -20.22
C GLU VD 43 -48.69 -104.36 -19.03
N ALA VD 44 -47.87 -103.41 -18.55
CA ALA VD 44 -48.39 -102.37 -17.68
C ALA VD 44 -49.31 -101.43 -18.43
N ALA VD 45 -49.05 -101.19 -19.72
CA ALA VD 45 -49.93 -100.37 -20.54
C ALA VD 45 -51.27 -101.03 -20.79
N VAL VD 46 -51.29 -102.36 -20.94
CA VAL VD 46 -52.61 -102.99 -21.07
C VAL VD 46 -53.30 -103.12 -19.71
N SER VD 47 -52.56 -103.07 -18.60
CA SER VD 47 -53.19 -103.07 -17.29
C SER VD 47 -53.82 -101.73 -16.95
N VAL VD 48 -53.15 -100.63 -17.33
CA VAL VD 48 -53.75 -99.32 -17.07
C VAL VD 48 -54.87 -99.03 -18.09
N SER VD 49 -54.84 -99.70 -19.26
CA SER VD 49 -55.93 -99.60 -20.22
C SER VD 49 -57.20 -100.30 -19.76
N ASP VD 50 -57.11 -101.53 -19.24
CA ASP VD 50 -58.35 -102.13 -18.74
C ASP VD 50 -58.77 -101.58 -17.39
N SER VD 51 -57.83 -101.00 -16.62
CA SER VD 51 -58.24 -100.40 -15.37
C SER VD 51 -58.93 -99.05 -15.60
N MET VD 52 -58.48 -98.32 -16.62
CA MET VD 52 -59.17 -97.13 -17.11
C MET VD 52 -60.50 -97.46 -17.73
N LEU VD 53 -60.60 -98.64 -18.37
CA LEU VD 53 -61.84 -99.04 -19.02
C LEU VD 53 -62.93 -99.38 -18.02
N GLU VD 54 -62.62 -100.13 -16.94
CA GLU VD 54 -63.75 -100.37 -16.04
C GLU VD 54 -63.95 -99.22 -15.05
N MET VD 55 -62.97 -98.31 -14.91
CA MET VD 55 -63.23 -97.02 -14.28
C MET VD 55 -64.22 -96.18 -15.10
N ALA VD 56 -64.09 -96.22 -16.42
CA ALA VD 56 -65.01 -95.48 -17.26
C ALA VD 56 -66.36 -96.17 -17.37
N LYS VD 57 -66.37 -97.50 -17.20
CA LYS VD 57 -67.62 -98.26 -17.06
C LYS VD 57 -68.37 -97.87 -15.81
N VAL VD 58 -67.65 -97.64 -14.73
CA VAL VD 58 -68.33 -97.37 -13.47
C VAL VD 58 -68.62 -95.90 -13.29
N GLU VD 59 -68.02 -95.03 -14.10
CA GLU VD 59 -68.45 -93.64 -14.08
C GLU VD 59 -69.41 -93.29 -15.19
N LYS VD 60 -69.60 -94.16 -16.18
CA LYS VD 60 -70.44 -93.81 -17.32
C LYS VD 60 -71.90 -94.01 -16.96
N VAL VD 61 -72.60 -92.90 -16.78
CA VAL VD 61 -74.06 -92.91 -16.70
C VAL VD 61 -74.60 -93.13 -18.09
N ILE VD 62 -75.37 -94.20 -18.26
CA ILE VD 62 -76.08 -94.37 -19.51
C ILE VD 62 -77.56 -94.18 -19.22
N THR VD 63 -78.33 -93.93 -20.26
CA THR VD 63 -79.76 -94.05 -20.15
C THR VD 63 -80.23 -95.19 -21.03
N PRO VD 64 -81.23 -95.96 -20.61
CA PRO VD 64 -81.80 -96.98 -21.48
C PRO VD 64 -82.61 -96.32 -22.59
N PRO VD 65 -82.77 -96.98 -23.75
CA PRO VD 65 -83.56 -96.37 -24.82
C PRO VD 65 -85.06 -96.45 -24.64
N SER VD 66 -85.55 -97.17 -23.63
CA SER VD 66 -86.94 -97.05 -23.22
C SER VD 66 -87.22 -95.75 -22.50
N LYS VD 67 -86.22 -95.18 -21.83
CA LYS VD 67 -86.36 -93.97 -21.03
C LYS VD 67 -85.21 -93.01 -21.41
N ASP VD 68 -85.08 -92.78 -22.71
CA ASP VD 68 -84.02 -91.96 -23.24
C ASP VD 68 -84.45 -90.52 -23.50
N ASN VD 69 -85.77 -90.28 -23.54
CA ASN VD 69 -86.52 -89.00 -23.48
C ASN VD 69 -86.45 -88.18 -24.79
N THR VD 70 -85.58 -88.56 -25.72
CA THR VD 70 -85.41 -87.82 -26.97
C THR VD 70 -86.50 -88.20 -27.96
N LEU VD 71 -86.59 -87.40 -29.02
CA LEU VD 71 -87.61 -87.59 -30.04
C LEU VD 71 -87.26 -88.73 -30.96
N THR VD 72 -88.22 -89.63 -31.15
CA THR VD 72 -88.08 -90.66 -32.16
C THR VD 72 -88.34 -90.07 -33.54
N ILE VD 73 -87.90 -90.80 -34.56
CA ILE VD 73 -88.12 -90.38 -35.94
C ILE VD 73 -89.57 -90.62 -36.32
N PRO VD 74 -90.33 -89.58 -36.68
CA PRO VD 74 -91.79 -89.71 -36.82
C PRO VD 74 -92.28 -90.38 -38.10
N ASN VD 75 -91.38 -90.68 -39.05
CA ASN VD 75 -91.53 -91.52 -40.24
C ASN VD 75 -92.57 -91.02 -41.26
N ALA VD 76 -93.00 -89.75 -41.16
CA ALA VD 76 -93.89 -89.16 -42.14
C ALA VD 76 -93.14 -88.83 -43.42
N TYR VD 77 -93.84 -88.98 -44.55
CA TYR VD 77 -93.23 -88.91 -45.87
C TYR VD 77 -92.85 -87.48 -46.23
N ASN VD 78 -93.58 -86.50 -45.69
CA ASN VD 78 -93.14 -85.13 -45.82
C ASN VD 78 -91.98 -84.82 -44.89
N LEU VD 79 -91.86 -85.56 -43.80
CA LEU VD 79 -90.70 -85.41 -42.93
C LEU VD 79 -89.50 -86.21 -43.38
N GLN VD 80 -89.62 -87.01 -44.43
CA GLN VD 80 -88.46 -87.69 -45.00
C GLN VD 80 -87.86 -86.95 -46.18
N ALA VD 81 -87.87 -85.62 -46.15
CA ALA VD 81 -87.24 -84.84 -47.21
C ALA VD 81 -85.86 -84.39 -46.77
N ARG VD 82 -84.88 -84.59 -47.63
CA ARG VD 82 -83.51 -84.23 -47.34
C ARG VD 82 -83.34 -82.71 -47.47
N ALA VD 83 -83.14 -82.06 -46.34
CA ALA VD 83 -83.09 -80.62 -46.25
C ALA VD 83 -81.66 -80.17 -46.08
N SER VD 84 -81.45 -78.87 -45.97
CA SER VD 84 -80.11 -78.31 -45.80
C SER VD 84 -80.25 -76.99 -45.07
N VAL VD 85 -79.64 -76.88 -43.89
CA VAL VD 85 -79.83 -75.71 -43.06
C VAL VD 85 -78.58 -75.49 -42.21
N ASP VD 86 -78.02 -74.28 -42.32
CA ASP VD 86 -77.06 -73.79 -41.35
C ASP VD 86 -77.75 -72.65 -40.64
N TRP VD 87 -78.12 -72.88 -39.39
CA TRP VD 87 -78.75 -71.82 -38.63
C TRP VD 87 -78.34 -71.89 -37.18
N SER VD 88 -78.21 -70.71 -36.57
CA SER VD 88 -77.82 -70.60 -35.19
C SER VD 88 -78.62 -69.50 -34.50
N GLY VD 89 -79.76 -69.86 -33.93
CA GLY VD 89 -80.53 -68.90 -33.17
C GLY VD 89 -81.62 -69.53 -32.33
N PRO VD 90 -82.70 -68.79 -32.07
CA PRO VD 90 -83.75 -69.30 -31.17
C PRO VD 90 -84.65 -70.32 -31.86
N ILE VD 91 -85.20 -71.23 -31.05
CA ILE VD 91 -85.60 -72.57 -31.52
C ILE VD 91 -86.87 -72.53 -32.35
N GLU VD 92 -87.78 -71.61 -32.02
CA GLU VD 92 -89.14 -71.59 -32.56
C GLU VD 92 -89.18 -71.15 -34.02
N GLU VD 93 -88.20 -70.37 -34.45
CA GLU VD 93 -88.20 -69.93 -35.83
C GLU VD 93 -87.65 -70.99 -36.77
N LEU VD 94 -86.65 -71.76 -36.29
CA LEU VD 94 -86.14 -72.90 -37.04
C LEU VD 94 -87.19 -73.99 -37.15
N THR VD 95 -87.86 -74.32 -36.04
CA THR VD 95 -88.90 -75.33 -36.06
C THR VD 95 -90.16 -74.90 -36.83
N ALA VD 96 -90.46 -73.59 -36.83
CA ALA VD 96 -91.59 -73.08 -37.59
C ALA VD 96 -91.32 -73.15 -39.08
N ARG VD 97 -90.10 -72.82 -39.50
CA ARG VD 97 -89.89 -72.85 -40.95
C ARG VD 97 -89.51 -74.24 -41.46
N ILE VD 98 -89.06 -75.16 -40.59
CA ILE VD 98 -88.98 -76.53 -41.10
C ILE VD 98 -90.35 -77.21 -41.06
N ALA VD 99 -91.28 -76.72 -40.23
CA ALA VD 99 -92.66 -77.17 -40.33
C ALA VD 99 -93.32 -76.66 -41.60
N LYS VD 100 -93.03 -75.43 -41.98
CA LYS VD 100 -93.49 -74.86 -43.23
C LYS VD 100 -92.83 -75.52 -44.43
N ALA VD 101 -91.59 -75.97 -44.31
CA ALA VD 101 -90.96 -76.74 -45.36
C ALA VD 101 -91.51 -78.16 -45.44
N ALA VD 102 -91.98 -78.69 -44.33
CA ALA VD 102 -92.53 -80.04 -44.33
C ALA VD 102 -94.04 -80.06 -44.46
N HIS VD 103 -94.66 -78.89 -44.73
CA HIS VD 103 -96.12 -78.68 -44.92
C HIS VD 103 -96.91 -79.08 -43.68
N PHE VD 104 -96.33 -78.80 -42.52
CA PHE VD 104 -96.93 -79.12 -41.25
C PHE VD 104 -97.31 -77.80 -40.60
N ARG VD 105 -98.32 -77.85 -39.74
CA ARG VD 105 -98.60 -76.66 -38.97
C ARG VD 105 -97.65 -76.59 -37.79
N PHE VD 106 -97.60 -75.42 -37.17
CA PHE VD 106 -96.66 -75.19 -36.09
C PHE VD 106 -97.41 -74.70 -34.86
N ARG VD 107 -97.60 -75.57 -33.88
CA ARG VD 107 -98.17 -75.16 -32.62
C ARG VD 107 -97.05 -74.96 -31.60
N VAL VD 108 -97.21 -73.92 -30.79
CA VAL VD 108 -96.25 -73.59 -29.75
C VAL VD 108 -97.04 -73.29 -28.48
N LEU VD 109 -96.72 -74.01 -27.41
CA LEU VD 109 -97.39 -73.83 -26.14
C LEU VD 109 -96.34 -73.61 -25.05
N GLY VD 110 -96.75 -72.94 -23.99
CA GLY VD 110 -95.83 -72.47 -23.00
C GLY VD 110 -95.41 -71.04 -23.29
N LYS VD 111 -94.40 -70.59 -22.55
CA LYS VD 111 -93.91 -69.23 -22.65
C LYS VD 111 -92.45 -69.27 -23.09
N SER VD 112 -92.13 -68.49 -24.10
CA SER VD 112 -90.71 -68.31 -24.38
C SER VD 112 -90.12 -67.37 -23.35
N PRO VD 113 -88.93 -67.64 -22.82
CA PRO VD 113 -88.35 -66.76 -21.82
C PRO VD 113 -87.64 -65.58 -22.49
N SER VD 114 -87.11 -64.70 -21.65
CA SER VD 114 -86.42 -63.51 -22.15
C SER VD 114 -85.07 -63.87 -22.74
N VAL VD 115 -84.29 -64.67 -22.03
CA VAL VD 115 -83.22 -65.42 -22.67
C VAL VD 115 -83.84 -66.48 -23.58
N PRO VD 116 -83.53 -66.49 -24.87
CA PRO VD 116 -84.12 -67.49 -25.76
C PRO VD 116 -83.36 -68.80 -25.68
N VAL VD 117 -84.01 -69.84 -26.15
CA VAL VD 117 -83.39 -71.16 -26.18
C VAL VD 117 -82.67 -71.29 -27.51
N LEU VD 118 -81.34 -71.25 -27.47
CA LEU VD 118 -80.55 -71.11 -28.68
C LEU VD 118 -80.08 -72.46 -29.19
N ILE VD 119 -79.96 -72.55 -30.51
CA ILE VD 119 -79.76 -73.78 -31.26
C ILE VD 119 -78.53 -73.53 -32.12
N SER VD 120 -77.73 -74.54 -32.43
CA SER VD 120 -76.89 -74.51 -33.62
C SER VD 120 -77.12 -75.80 -34.41
N ILE VD 121 -77.64 -75.68 -35.63
CA ILE VD 121 -77.64 -76.78 -36.60
C ILE VD 121 -76.79 -76.32 -37.77
N SER VD 122 -75.89 -77.18 -38.23
CA SER VD 122 -75.25 -76.96 -39.52
C SER VD 122 -75.23 -78.30 -40.23
N THR VD 123 -76.04 -78.42 -41.28
CA THR VD 123 -75.96 -79.58 -42.14
C THR VD 123 -76.23 -79.20 -43.58
N LYS VD 124 -75.54 -79.91 -44.47
CA LYS VD 124 -75.56 -79.60 -45.89
C LYS VD 124 -76.47 -80.50 -46.70
N ASP VD 125 -76.74 -81.72 -46.22
CA ASP VD 125 -77.85 -82.55 -46.70
C ASP VD 125 -78.20 -83.50 -45.58
N GLU VD 126 -79.36 -83.27 -44.96
CA GLU VD 126 -79.87 -84.23 -43.99
C GLU VD 126 -81.38 -84.08 -43.91
N SER VD 127 -82.05 -85.19 -43.61
CA SER VD 127 -83.50 -85.23 -43.49
C SER VD 127 -84.00 -84.49 -42.25
N LEU VD 128 -85.12 -83.81 -42.44
CA LEU VD 128 -85.56 -82.87 -41.44
C LEU VD 128 -86.31 -83.51 -40.27
N ALA VD 129 -86.63 -84.80 -40.36
CA ALA VD 129 -87.02 -85.55 -39.18
C ALA VD 129 -85.85 -85.71 -38.20
N GLU VD 130 -84.64 -85.90 -38.72
CA GLU VD 130 -83.52 -85.94 -37.79
C GLU VD 130 -82.99 -84.56 -37.47
N ILE VD 131 -83.35 -83.54 -38.25
CA ILE VD 131 -83.12 -82.17 -37.78
C ILE VD 131 -84.10 -81.82 -36.66
N LEU VD 132 -85.31 -82.40 -36.68
CA LEU VD 132 -86.23 -82.30 -35.54
C LEU VD 132 -85.71 -83.03 -34.31
N ARG VD 133 -85.07 -84.20 -34.52
CA ARG VD 133 -84.44 -84.94 -33.43
C ARG VD 133 -83.28 -84.17 -32.82
N ASP VD 134 -82.47 -83.52 -33.66
CA ASP VD 134 -81.34 -82.75 -33.18
C ASP VD 134 -81.77 -81.46 -32.51
N ILE VD 135 -82.89 -80.89 -32.96
CA ILE VD 135 -83.33 -79.67 -32.30
C ILE VD 135 -84.07 -79.98 -31.00
N ASP VD 136 -84.63 -81.19 -30.87
CA ASP VD 136 -85.17 -81.59 -29.58
C ASP VD 136 -84.06 -81.93 -28.60
N TYR VD 137 -82.95 -82.47 -29.12
CA TYR VD 137 -81.79 -82.77 -28.30
C TYR VD 137 -81.09 -81.50 -27.83
N GLN VD 138 -80.95 -80.51 -28.70
CA GLN VD 138 -80.32 -79.27 -28.28
C GLN VD 138 -81.28 -78.37 -27.52
N ALA VD 139 -82.58 -78.63 -27.57
CA ALA VD 139 -83.48 -78.08 -26.58
C ALA VD 139 -83.17 -78.67 -25.21
N GLY VD 140 -83.36 -79.98 -25.08
CA GLY VD 140 -83.11 -80.66 -23.83
C GLY VD 140 -84.12 -80.34 -22.76
N LYS VD 141 -83.68 -79.66 -21.71
CA LYS VD 141 -84.51 -79.43 -20.55
C LYS VD 141 -85.24 -78.10 -20.62
N LYS VD 142 -84.93 -77.27 -21.61
CA LYS VD 142 -85.55 -75.95 -21.69
C LYS VD 142 -86.87 -75.99 -22.42
N ALA VD 143 -86.99 -76.85 -23.43
CA ALA VD 143 -88.20 -77.01 -24.21
C ALA VD 143 -88.19 -78.41 -24.81
N SER VD 144 -89.23 -78.71 -25.58
CA SER VD 144 -89.35 -80.04 -26.16
C SER VD 144 -90.14 -79.96 -27.45
N ILE VD 145 -89.99 -81.00 -28.26
CA ILE VD 145 -90.65 -81.14 -29.54
C ILE VD 145 -91.59 -82.34 -29.45
N HIS VD 146 -92.88 -82.11 -29.67
CA HIS VD 146 -93.77 -83.18 -30.06
C HIS VD 146 -94.07 -83.04 -31.55
N VAL VD 147 -94.64 -84.08 -32.12
CA VAL VD 147 -94.97 -84.11 -33.53
C VAL VD 147 -96.20 -84.99 -33.71
N TYR VD 148 -97.21 -84.48 -34.40
CA TYR VD 148 -98.42 -85.23 -34.65
C TYR VD 148 -98.56 -85.42 -36.16
N PRO VD 149 -98.25 -86.61 -36.69
CA PRO VD 149 -98.31 -86.81 -38.15
C PRO VD 149 -99.69 -87.16 -38.64
N ASN VD 150 -100.56 -87.60 -37.72
CA ASN VD 150 -101.96 -87.87 -38.06
C ASN VD 150 -102.71 -86.57 -38.30
N SER VD 151 -102.31 -85.52 -37.60
CA SER VD 151 -102.93 -84.22 -37.79
C SER VD 151 -101.96 -83.19 -38.34
N GLN VD 152 -100.70 -83.60 -38.57
CA GLN VD 152 -99.66 -82.90 -39.35
C GLN VD 152 -99.29 -81.53 -38.76
N VAL VD 153 -98.80 -81.57 -37.53
CA VAL VD 153 -98.40 -80.35 -36.83
C VAL VD 153 -97.25 -80.69 -35.90
N VAL VD 154 -96.18 -79.90 -35.94
CA VAL VD 154 -95.12 -80.06 -34.95
C VAL VD 154 -95.42 -79.11 -33.81
N GLU VD 155 -94.86 -79.39 -32.65
CA GLU VD 155 -95.34 -78.78 -31.43
C GLU VD 155 -94.18 -78.44 -30.53
N LEU VD 156 -93.89 -77.17 -30.38
CA LEU VD 156 -92.84 -76.71 -29.48
C LEU VD 156 -93.46 -76.41 -28.13
N ARG VD 157 -93.01 -77.13 -27.11
CA ARG VD 157 -93.55 -77.01 -25.77
C ARG VD 157 -92.47 -76.48 -24.83
N TYR VD 158 -92.74 -75.35 -24.19
CA TYR VD 158 -91.83 -74.85 -23.18
C TYR VD 158 -92.17 -75.46 -21.82
N ALA VD 159 -91.55 -74.91 -20.77
CA ALA VD 159 -91.88 -75.32 -19.41
C ALA VD 159 -91.77 -74.14 -18.45
N ILE WD 272 -66.46 -60.24 -15.56
CA ILE WD 272 -66.81 -60.95 -16.79
C ILE WD 272 -65.54 -61.11 -17.64
N PRO WD 273 -65.28 -62.33 -18.11
CA PRO WD 273 -64.09 -62.57 -18.90
C PRO WD 273 -64.29 -62.09 -20.33
N PRO WD 274 -63.20 -61.87 -21.09
CA PRO WD 274 -63.36 -61.47 -22.49
C PRO WD 274 -63.82 -62.61 -23.37
N SER WD 275 -64.25 -62.24 -24.58
CA SER WD 275 -65.11 -63.10 -25.37
C SER WD 275 -64.31 -64.15 -26.11
N ALA WD 276 -63.43 -63.71 -26.99
CA ALA WD 276 -62.36 -64.49 -27.55
C ALA WD 276 -61.27 -63.47 -27.80
N ASN WD 277 -60.35 -63.78 -28.68
CA ASN WD 277 -59.77 -62.70 -29.42
C ASN WD 277 -60.61 -62.53 -30.67
N ASP WD 278 -60.80 -61.29 -31.08
CA ASP WD 278 -61.34 -61.01 -32.40
C ASP WD 278 -60.25 -60.82 -33.43
N LEU WD 279 -59.00 -61.13 -33.06
CA LEU WD 279 -57.97 -61.42 -34.03
C LEU WD 279 -58.14 -62.81 -34.59
N LEU WD 280 -58.85 -63.69 -33.86
CA LEU WD 280 -59.11 -65.04 -34.30
C LEU WD 280 -60.08 -65.10 -35.47
N LEU WD 281 -60.92 -64.09 -35.65
CA LEU WD 281 -61.71 -63.99 -36.87
C LEU WD 281 -60.85 -63.66 -38.07
N HIS WD 282 -59.78 -62.90 -37.86
CA HIS WD 282 -58.83 -62.63 -38.94
C HIS WD 282 -57.99 -63.85 -39.22
N VAL WD 283 -57.59 -64.59 -38.19
CA VAL WD 283 -56.73 -65.74 -38.45
C VAL WD 283 -57.55 -67.02 -38.58
N LEU WD 284 -58.87 -66.88 -38.62
CA LEU WD 284 -59.71 -67.98 -39.05
C LEU WD 284 -59.64 -68.20 -40.54
N GLU WD 285 -59.58 -67.14 -41.33
CA GLU WD 285 -59.11 -67.28 -42.70
C GLU WD 285 -57.63 -66.95 -42.71
N GLY WD 286 -57.00 -66.88 -43.86
CA GLY WD 286 -55.55 -66.95 -43.84
C GLY WD 286 -54.82 -65.66 -43.57
N VAL WD 287 -55.57 -64.57 -43.43
CA VAL WD 287 -55.00 -63.23 -43.39
C VAL WD 287 -54.39 -63.01 -42.01
N PRO WD 288 -53.14 -62.52 -41.93
CA PRO WD 288 -52.42 -62.40 -40.66
C PRO WD 288 -52.98 -61.28 -39.79
N PRO WD 289 -52.60 -61.22 -38.51
CA PRO WD 289 -52.91 -60.04 -37.71
C PRO WD 289 -52.16 -58.82 -38.19
N PRO WD 290 -52.70 -57.61 -38.00
CA PRO WD 290 -51.95 -56.40 -38.41
C PRO WD 290 -50.76 -56.16 -37.50
N GLY WD 291 -49.58 -56.09 -38.11
CA GLY WD 291 -48.35 -55.97 -37.37
C GLY WD 291 -47.96 -57.27 -36.71
N SER WD 292 -47.64 -58.28 -37.49
CA SER WD 292 -47.21 -59.54 -36.94
C SER WD 292 -45.79 -59.85 -37.40
N ARG WD 293 -45.38 -61.07 -37.11
CA ARG WD 293 -44.27 -61.70 -37.81
C ARG WD 293 -44.71 -63.10 -38.15
N ARG WD 294 -44.40 -63.54 -39.37
CA ARG WD 294 -44.78 -64.87 -39.78
C ARG WD 294 -43.86 -65.90 -39.16
N LEU WD 295 -44.34 -67.12 -39.08
CA LEU WD 295 -43.59 -68.24 -38.55
C LEU WD 295 -43.63 -69.34 -39.58
N VAL WD 296 -42.54 -70.07 -39.70
CA VAL WD 296 -42.48 -71.16 -40.66
C VAL WD 296 -42.85 -72.45 -39.96
N VAL WD 297 -44.10 -72.82 -40.11
CA VAL WD 297 -44.60 -74.11 -39.67
C VAL WD 297 -44.06 -75.16 -40.63
N SER WD 298 -43.35 -76.14 -40.12
CA SER WD 298 -42.87 -77.25 -40.92
C SER WD 298 -43.58 -78.52 -40.48
N GLY WD 299 -43.74 -79.43 -41.43
CA GLY WD 299 -44.25 -80.75 -41.11
C GLY WD 299 -45.74 -80.85 -40.86
N GLY WD 300 -46.54 -80.03 -41.52
CA GLY WD 300 -47.98 -80.12 -41.35
C GLY WD 300 -48.64 -78.89 -41.95
N ASP WD 301 -49.93 -79.00 -42.20
CA ASP WD 301 -50.66 -77.90 -42.82
C ASP WD 301 -51.16 -76.97 -41.73
N ALA WD 302 -50.32 -76.02 -41.36
CA ALA WD 302 -50.74 -74.94 -40.49
C ALA WD 302 -49.99 -73.70 -40.90
N ARG WD 303 -50.58 -72.55 -40.62
CA ARG WD 303 -49.90 -71.27 -40.72
C ARG WD 303 -49.91 -70.65 -39.35
N ALA WD 304 -48.91 -69.86 -39.03
CA ALA WD 304 -48.81 -69.32 -37.69
C ALA WD 304 -48.15 -67.97 -37.71
N TRP WD 305 -48.69 -67.08 -36.92
CA TRP WD 305 -48.15 -65.73 -36.83
C TRP WD 305 -47.86 -65.40 -35.39
N LEU WD 306 -46.80 -64.64 -35.18
CA LEU WD 306 -46.47 -64.13 -33.86
C LEU WD 306 -46.84 -62.65 -33.85
N SER WD 307 -47.78 -62.26 -32.99
CA SER WD 307 -48.34 -60.91 -33.07
C SER WD 307 -47.89 -60.02 -31.92
N ASN WD 308 -48.19 -60.40 -30.68
CA ASN WD 308 -47.62 -59.72 -29.52
C ASN WD 308 -47.47 -60.80 -28.44
N GLU WD 309 -46.30 -61.44 -28.43
CA GLU WD 309 -45.85 -62.52 -27.52
C GLU WD 309 -46.72 -63.79 -27.58
N LYS WD 310 -47.57 -63.94 -28.59
CA LYS WD 310 -48.59 -64.99 -28.70
C LYS WD 310 -48.61 -65.40 -30.14
N MET WD 311 -48.66 -66.69 -30.39
CA MET WD 311 -48.74 -67.18 -31.74
C MET WD 311 -50.17 -67.62 -32.03
N TYR WD 312 -50.50 -67.59 -33.31
CA TYR WD 312 -51.85 -67.77 -33.80
C TYR WD 312 -51.74 -68.76 -34.93
N VAL WD 313 -52.37 -69.91 -34.76
CA VAL WD 313 -52.20 -71.03 -35.66
C VAL WD 313 -53.51 -71.31 -36.36
N ARG WD 314 -53.54 -71.09 -37.66
CA ARG WD 314 -54.66 -71.49 -38.50
C ARG WD 314 -54.34 -72.87 -39.05
N THR WD 315 -55.21 -73.83 -38.76
CA THR WD 315 -55.02 -75.17 -39.28
C THR WD 315 -56.38 -75.82 -39.44
N ASN WD 316 -56.38 -77.06 -39.88
CA ASN WD 316 -57.52 -77.93 -39.69
C ASN WD 316 -57.09 -79.23 -39.04
N LEU WD 317 -55.94 -79.23 -38.38
CA LEU WD 317 -55.52 -80.34 -37.54
C LEU WD 317 -56.11 -80.17 -36.15
N THR WD 318 -55.69 -81.02 -35.23
CA THR WD 318 -56.06 -80.77 -33.84
C THR WD 318 -54.82 -80.60 -33.00
N ILE WD 319 -54.74 -79.50 -32.28
CA ILE WD 319 -53.57 -79.22 -31.47
C ILE WD 319 -53.75 -79.93 -30.14
N LEU WD 320 -52.73 -80.70 -29.72
CA LEU WD 320 -52.83 -81.58 -28.58
C LEU WD 320 -51.87 -81.25 -27.46
N SER WD 321 -50.60 -80.94 -27.74
CA SER WD 321 -49.70 -80.77 -26.58
C SER WD 321 -49.70 -79.40 -25.89
N PRO WD 322 -49.46 -78.23 -26.52
CA PRO WD 322 -49.04 -77.08 -25.71
C PRO WD 322 -50.16 -76.29 -25.07
N GLY WD 323 -51.41 -76.49 -25.47
CA GLY WD 323 -52.49 -75.87 -24.75
C GLY WD 323 -52.76 -74.50 -25.31
N TRP WD 324 -53.91 -74.33 -25.94
CA TRP WD 324 -54.23 -73.06 -26.55
C TRP WD 324 -55.12 -72.27 -25.61
N LEU WD 325 -55.01 -70.95 -25.73
CA LEU WD 325 -55.82 -70.08 -24.89
C LEU WD 325 -57.15 -69.77 -25.51
N ALA WD 326 -57.23 -69.73 -26.83
CA ALA WD 326 -58.49 -69.38 -27.47
C ALA WD 326 -58.62 -70.16 -28.76
N SER WD 327 -59.84 -70.53 -29.09
CA SER WD 327 -60.06 -71.16 -30.39
C SER WD 327 -61.31 -70.62 -31.05
N MET WD 328 -61.31 -70.70 -32.37
CA MET WD 328 -62.47 -70.51 -33.22
C MET WD 328 -62.43 -71.58 -34.30
N THR WD 329 -63.54 -71.70 -35.01
CA THR WD 329 -63.63 -72.70 -36.07
C THR WD 329 -64.58 -72.15 -37.12
N SER WD 330 -64.18 -72.17 -38.39
CA SER WD 330 -65.02 -71.72 -39.48
C SER WD 330 -66.03 -72.77 -39.92
N ALA WD 331 -66.64 -72.55 -41.08
CA ALA WD 331 -67.69 -73.45 -41.55
C ALA WD 331 -67.10 -74.74 -42.12
N ASP WD 332 -65.88 -74.69 -42.62
CA ASP WD 332 -65.25 -75.84 -43.25
C ASP WD 332 -64.33 -76.58 -42.31
N GLY WD 333 -64.45 -76.35 -41.01
CA GLY WD 333 -63.65 -77.07 -40.05
C GLY WD 333 -62.25 -76.56 -39.86
N THR WD 334 -61.91 -75.43 -40.46
CA THR WD 334 -60.64 -74.78 -40.17
C THR WD 334 -60.71 -74.11 -38.81
N HIS WD 335 -59.84 -74.50 -37.90
CA HIS WD 335 -59.76 -73.83 -36.61
C HIS WD 335 -58.66 -72.80 -36.62
N ALA WD 336 -58.83 -71.84 -35.73
CA ALA WD 336 -57.80 -70.85 -35.42
C ALA WD 336 -57.54 -70.92 -33.94
N TYR WD 337 -56.26 -70.87 -33.58
CA TYR WD 337 -55.86 -71.00 -32.20
C TYR WD 337 -55.02 -69.81 -31.80
N GLU WD 338 -55.20 -69.38 -30.56
CA GLU WD 338 -54.36 -68.38 -29.93
C GLU WD 338 -53.69 -69.04 -28.75
N MET WD 339 -52.37 -69.02 -28.75
CA MET WD 339 -51.61 -69.72 -27.72
C MET WD 339 -50.29 -69.03 -27.50
N GLN WD 340 -49.55 -69.52 -26.52
CA GLN WD 340 -48.25 -68.96 -26.23
C GLN WD 340 -47.23 -69.49 -27.22
N LYS WD 341 -46.08 -68.82 -27.28
CA LYS WD 341 -45.09 -69.05 -28.33
C LYS WD 341 -44.30 -70.30 -28.02
N SER WD 342 -44.84 -71.44 -28.44
CA SER WD 342 -44.19 -72.73 -28.26
C SER WD 342 -43.54 -73.17 -29.56
N PRO WD 343 -42.31 -73.70 -29.51
CA PRO WD 343 -41.63 -74.09 -30.75
C PRO WD 343 -42.12 -75.39 -31.35
N VAL WD 344 -42.77 -76.25 -30.57
CA VAL WD 344 -43.26 -77.53 -31.03
C VAL WD 344 -44.77 -77.55 -30.86
N LEU WD 345 -45.45 -77.99 -31.92
CA LEU WD 345 -46.89 -78.16 -31.88
C LEU WD 345 -47.16 -79.62 -32.19
N LEU WD 346 -47.70 -80.35 -31.26
CA LEU WD 346 -48.10 -81.72 -31.53
C LEU WD 346 -49.55 -81.69 -31.95
N VAL WD 347 -49.82 -82.22 -33.13
CA VAL WD 347 -51.15 -82.23 -33.70
C VAL WD 347 -51.60 -83.68 -33.79
N SER WD 348 -52.89 -83.82 -33.97
CA SER WD 348 -53.51 -85.05 -34.41
C SER WD 348 -53.98 -84.79 -35.82
N TRP WD 349 -53.48 -85.59 -36.75
CA TRP WD 349 -53.88 -85.49 -38.15
C TRP WD 349 -55.15 -86.27 -38.39
N HIS WD 350 -55.06 -87.59 -38.31
CA HIS WD 350 -56.23 -88.45 -38.40
C HIS WD 350 -56.08 -89.58 -37.41
N GLY WD 351 -55.79 -89.25 -36.17
CA GLY WD 351 -55.41 -90.23 -35.19
C GLY WD 351 -53.92 -90.40 -35.07
N LYS WD 352 -53.17 -90.05 -36.10
CA LYS WD 352 -51.73 -89.97 -36.00
C LYS WD 352 -51.37 -88.72 -35.20
N VAL WD 353 -50.41 -88.86 -34.31
CA VAL WD 353 -49.95 -87.75 -33.50
C VAL WD 353 -48.61 -87.27 -34.04
N MET WD 354 -48.67 -86.21 -34.83
CA MET WD 354 -47.50 -85.72 -35.54
C MET WD 354 -46.99 -84.49 -34.83
N GLN WD 355 -45.74 -84.12 -35.10
CA GLN WD 355 -45.22 -82.90 -34.55
C GLN WD 355 -44.97 -81.89 -35.65
N LEU WD 356 -44.91 -80.63 -35.25
CA LEU WD 356 -44.75 -79.50 -36.13
C LEU WD 356 -43.72 -78.59 -35.50
N LYS WD 357 -42.76 -78.11 -36.27
CA LYS WD 357 -41.80 -77.16 -35.74
C LYS WD 357 -42.14 -75.78 -36.26
N VAL WD 358 -42.01 -74.77 -35.40
CA VAL WD 358 -42.08 -73.39 -35.83
C VAL WD 358 -40.74 -72.74 -35.51
N GLU WD 359 -40.54 -71.51 -35.98
CA GLU WD 359 -39.29 -70.80 -35.77
C GLU WD 359 -39.54 -69.36 -35.29
N GLY WD 360 -39.60 -69.19 -33.97
CA GLY WD 360 -39.83 -67.90 -33.38
C GLY WD 360 -40.81 -67.98 -32.22
N LEU XD 41 -33.73 -81.43 -39.59
CA LEU XD 41 -34.22 -81.11 -40.93
C LEU XD 41 -35.54 -81.83 -41.22
N PRO XD 42 -36.40 -81.20 -42.03
CA PRO XD 42 -37.53 -81.94 -42.58
C PRO XD 42 -37.08 -82.97 -43.60
N CYS XD 43 -37.82 -84.06 -43.66
CA CYS XD 43 -37.42 -85.23 -44.43
C CYS XD 43 -38.04 -85.21 -45.81
N ARG XD 44 -37.25 -85.60 -46.82
CA ARG XD 44 -37.75 -85.66 -48.19
C ARG XD 44 -38.65 -86.86 -48.39
N VAL XD 45 -38.11 -88.06 -48.23
CA VAL XD 45 -38.91 -89.27 -48.34
C VAL XD 45 -39.42 -89.65 -46.96
N ASP XD 46 -40.51 -90.42 -46.93
CA ASP XD 46 -41.02 -90.99 -45.69
C ASP XD 46 -40.56 -92.43 -45.49
N GLY XD 47 -39.27 -92.69 -45.68
CA GLY XD 47 -38.77 -94.06 -45.68
C GLY XD 47 -39.25 -94.92 -46.83
N ALA XD 48 -39.51 -94.32 -48.00
CA ALA XD 48 -40.15 -95.01 -49.11
C ALA XD 48 -39.80 -94.30 -50.40
N CYS XD 49 -39.69 -95.05 -51.50
CA CYS XD 49 -39.36 -94.49 -52.79
C CYS XD 49 -40.33 -94.98 -53.85
N ASP XD 50 -40.57 -94.12 -54.85
CA ASP XD 50 -41.55 -94.41 -55.90
C ASP XD 50 -41.07 -95.49 -56.84
N ALA XD 51 -39.75 -95.62 -57.00
CA ALA XD 51 -39.13 -96.72 -57.73
C ALA XD 51 -39.38 -98.05 -57.05
N THR XD 52 -39.34 -98.06 -55.71
CA THR XD 52 -39.63 -99.27 -54.97
C THR XD 52 -41.12 -99.58 -54.94
N ILE XD 53 -41.97 -98.54 -55.03
CA ILE XD 53 -43.41 -98.74 -55.16
C ILE XD 53 -43.77 -99.39 -56.50
N ILE XD 54 -43.19 -98.89 -57.59
CA ILE XD 54 -43.53 -99.46 -58.89
C ILE XD 54 -42.83 -100.80 -59.12
N LYS XD 55 -41.70 -101.03 -58.45
CA LYS XD 55 -41.03 -102.33 -58.53
C LYS XD 55 -41.81 -103.39 -57.77
N MET XD 56 -42.35 -103.04 -56.59
CA MET XD 56 -43.18 -103.97 -55.84
C MET XD 56 -44.53 -104.20 -56.50
N MET XD 57 -45.02 -103.22 -57.26
CA MET XD 57 -46.27 -103.40 -57.99
C MET XD 57 -46.11 -104.32 -59.19
N THR XD 58 -45.01 -104.16 -59.97
CA THR XD 58 -44.85 -105.08 -61.08
C THR XD 58 -44.33 -106.43 -60.65
N ASP XD 59 -43.70 -106.54 -59.48
CA ASP XD 59 -43.28 -107.85 -59.00
C ASP XD 59 -44.44 -108.63 -58.40
N LEU XD 60 -45.40 -107.93 -57.80
CA LEU XD 60 -46.61 -108.61 -57.33
C LEU XD 60 -47.49 -109.02 -58.50
N ASN XD 61 -47.56 -108.20 -59.55
CA ASN XD 61 -48.32 -108.57 -60.73
C ASN XD 61 -47.64 -109.67 -61.53
N LYS XD 62 -46.31 -109.75 -61.46
CA LYS XD 62 -45.62 -110.90 -62.04
C LYS XD 62 -45.85 -112.14 -61.19
N LYS XD 63 -45.96 -111.98 -59.88
CA LYS XD 63 -46.17 -113.12 -59.00
C LYS XD 63 -47.61 -113.59 -58.95
N GLY XD 64 -48.54 -112.87 -59.56
CA GLY XD 64 -49.91 -113.32 -59.59
C GLY XD 64 -50.78 -112.65 -58.57
N ILE XD 65 -50.25 -111.64 -57.90
CA ILE XD 65 -50.99 -110.86 -56.92
C ILE XD 65 -51.41 -109.59 -57.60
N LYS XD 66 -52.69 -109.48 -57.96
CA LYS XD 66 -53.04 -108.39 -58.86
C LYS XD 66 -53.33 -107.14 -58.09
N VAL XD 67 -52.43 -106.17 -58.20
CA VAL XD 67 -52.56 -104.89 -57.54
C VAL XD 67 -52.94 -103.87 -58.60
N ALA XD 68 -54.09 -103.27 -58.42
CA ALA XD 68 -54.56 -102.18 -59.26
C ALA XD 68 -54.70 -100.94 -58.42
N SER XD 69 -54.81 -99.80 -59.10
CA SER XD 69 -54.82 -98.52 -58.42
C SER XD 69 -55.58 -97.53 -59.28
N VAL XD 70 -56.76 -97.15 -58.84
CA VAL XD 70 -57.59 -96.24 -59.59
C VAL XD 70 -57.58 -94.90 -58.86
N GLY XD 71 -56.68 -94.02 -59.26
CA GLY XD 71 -56.61 -92.72 -58.63
C GLY XD 71 -55.84 -92.79 -57.33
N GLN XD 72 -56.58 -92.80 -56.24
CA GLN XD 72 -55.99 -93.00 -54.94
C GLN XD 72 -56.50 -94.22 -54.22
N ASN XD 73 -57.54 -94.86 -54.73
CA ASN XD 73 -57.93 -96.14 -54.17
C ASN XD 73 -57.02 -97.22 -54.73
N TYR XD 74 -56.46 -98.01 -53.83
CA TYR XD 74 -55.49 -99.04 -54.16
C TYR XD 74 -56.06 -100.36 -53.73
N LEU XD 75 -55.76 -101.40 -54.51
CA LEU XD 75 -56.40 -102.69 -54.35
C LEU XD 75 -55.38 -103.77 -54.64
N ILE XD 76 -55.14 -104.64 -53.65
CA ILE XD 76 -54.28 -105.80 -53.83
C ILE XD 76 -55.13 -107.04 -53.69
N SER XD 77 -55.15 -107.88 -54.71
CA SER XD 77 -55.92 -109.12 -54.67
C SER XD 77 -54.96 -110.29 -54.63
N ILE XD 78 -55.07 -111.08 -53.57
CA ILE XD 78 -54.37 -112.34 -53.45
C ILE XD 78 -55.40 -113.45 -53.63
N PRO XD 79 -55.18 -114.41 -54.50
CA PRO XD 79 -56.05 -115.60 -54.54
C PRO XD 79 -55.84 -116.45 -53.31
N ALA XD 80 -56.94 -117.07 -52.87
CA ALA XD 80 -56.97 -117.74 -51.57
C ALA XD 80 -56.22 -119.05 -51.54
N SER XD 81 -56.00 -119.67 -52.71
CA SER XD 81 -55.14 -120.85 -52.75
C SER XD 81 -53.68 -120.47 -52.62
N ALA XD 82 -53.33 -119.25 -53.00
CA ALA XD 82 -51.95 -118.83 -52.94
C ALA XD 82 -51.50 -118.46 -51.54
N LEU XD 83 -52.44 -118.25 -50.61
CA LEU XD 83 -52.02 -118.04 -49.23
C LEU XD 83 -52.61 -119.02 -48.24
N PHE XD 84 -53.91 -119.31 -48.27
CA PHE XD 84 -54.47 -120.27 -47.33
C PHE XD 84 -54.45 -121.65 -47.94
N ALA XD 85 -55.00 -122.60 -47.21
CA ALA XD 85 -55.19 -123.95 -47.71
C ALA XD 85 -56.66 -124.12 -48.11
N ASP XD 86 -57.05 -125.34 -48.46
CA ASP XD 86 -58.33 -125.56 -49.12
C ASP XD 86 -59.47 -125.59 -48.11
N GLN XD 87 -60.35 -124.58 -48.20
CA GLN XD 87 -61.44 -124.25 -47.26
C GLN XD 87 -60.94 -124.12 -45.83
N SER XD 88 -59.83 -123.42 -45.66
CA SER XD 88 -59.12 -123.40 -44.41
C SER XD 88 -58.92 -121.96 -43.97
N PRO XD 89 -59.13 -121.67 -42.71
CA PRO XD 89 -58.58 -120.47 -42.11
C PRO XD 89 -57.22 -120.72 -41.46
N ARG XD 90 -56.29 -121.29 -42.23
CA ARG XD 90 -54.95 -121.54 -41.76
C ARG XD 90 -54.00 -121.19 -42.88
N LEU XD 91 -53.05 -120.31 -42.61
CA LEU XD 91 -52.01 -120.04 -43.57
C LEU XD 91 -51.02 -121.19 -43.63
N ASN XD 92 -50.49 -121.43 -44.80
CA ASN XD 92 -49.31 -122.27 -44.90
C ASN XD 92 -48.07 -121.42 -44.66
N TRP XD 93 -46.94 -122.09 -44.51
CA TRP XD 93 -45.73 -121.41 -44.10
C TRP XD 93 -45.07 -120.64 -45.24
N ALA XD 94 -45.39 -120.96 -46.48
CA ALA XD 94 -44.81 -120.23 -47.60
C ALA XD 94 -45.53 -118.93 -47.86
N SER XD 95 -46.74 -118.78 -47.34
CA SER XD 95 -47.53 -117.57 -47.52
C SER XD 95 -47.04 -116.39 -46.70
N TYR XD 96 -46.23 -116.64 -45.69
CA TYR XD 96 -45.77 -115.57 -44.83
C TYR XD 96 -44.71 -114.71 -45.51
N SER XD 97 -44.00 -115.25 -46.49
CA SER XD 97 -43.11 -114.44 -47.31
C SER XD 97 -43.90 -113.52 -48.24
N LEU XD 98 -45.04 -114.00 -48.71
CA LEU XD 98 -45.96 -113.20 -49.51
C LEU XD 98 -46.61 -112.11 -48.67
N LEU XD 99 -46.90 -112.44 -47.41
CA LEU XD 99 -47.45 -111.44 -46.52
C LEU XD 99 -46.41 -110.46 -46.04
N ASN XD 100 -45.14 -110.87 -46.00
CA ASN XD 100 -44.05 -109.94 -45.74
C ASN XD 100 -43.83 -108.98 -46.90
N GLU XD 101 -43.95 -109.46 -48.14
CA GLU XD 101 -43.73 -108.53 -49.23
C GLU XD 101 -44.95 -107.65 -49.52
N ILE XD 102 -46.16 -108.08 -49.20
CA ILE XD 102 -47.27 -107.12 -49.31
C ILE XD 102 -47.31 -106.21 -48.07
N ALA XD 103 -46.70 -106.63 -46.96
CA ALA XD 103 -46.55 -105.73 -45.83
C ALA XD 103 -45.50 -104.67 -46.10
N ALA XD 104 -44.45 -105.01 -46.82
CA ALA XD 104 -43.50 -104.02 -47.30
C ALA XD 104 -44.08 -103.15 -48.40
N PHE XD 105 -45.07 -103.64 -49.14
CA PHE XD 105 -45.77 -102.77 -50.07
C PHE XD 105 -46.69 -101.80 -49.35
N LEU XD 106 -47.35 -102.25 -48.28
CA LEU XD 106 -48.20 -101.37 -47.49
C LEU XD 106 -47.42 -100.42 -46.60
N LYS XD 107 -46.13 -100.67 -46.37
CA LYS XD 107 -45.30 -99.72 -45.62
C LYS XD 107 -44.96 -98.46 -46.40
N GLN XD 108 -45.16 -98.45 -47.71
CA GLN XD 108 -44.68 -97.34 -48.51
C GLN XD 108 -45.57 -96.11 -48.46
N PHE XD 109 -46.87 -96.29 -48.35
CA PHE XD 109 -47.81 -95.20 -48.42
C PHE XD 109 -48.18 -94.77 -47.02
N ARG XD 110 -48.74 -93.58 -46.91
CA ARG XD 110 -49.35 -93.13 -45.68
C ARG XD 110 -50.85 -93.29 -45.87
N LYS XD 111 -51.46 -94.13 -45.05
CA LYS XD 111 -52.87 -94.38 -45.16
C LYS XD 111 -53.53 -94.11 -43.83
N ILE XD 112 -54.85 -94.21 -43.82
CA ILE XD 112 -55.65 -94.07 -42.61
C ILE XD 112 -56.28 -95.39 -42.24
N ALA XD 113 -56.91 -96.05 -43.20
CA ALA XD 113 -57.63 -97.28 -42.93
C ALA XD 113 -57.36 -98.25 -44.06
N ILE XD 114 -57.23 -99.50 -43.71
CA ILE XD 114 -57.13 -100.59 -44.67
C ILE XD 114 -58.30 -101.50 -44.44
N THR XD 115 -59.13 -101.71 -45.44
CA THR XD 115 -60.13 -102.76 -45.35
C THR XD 115 -59.57 -104.00 -46.02
N VAL XD 116 -59.34 -105.03 -45.20
CA VAL XD 116 -59.01 -106.35 -45.66
C VAL XD 116 -60.31 -107.15 -45.68
N THR XD 117 -60.65 -107.66 -46.84
CA THR XD 117 -61.93 -108.30 -47.05
C THR XD 117 -61.71 -109.60 -47.80
N SER XD 118 -62.23 -110.68 -47.25
CA SER XD 118 -62.13 -111.96 -47.91
C SER XD 118 -63.46 -112.31 -48.53
N TYR XD 119 -63.43 -113.04 -49.65
CA TYR XD 119 -64.57 -113.91 -49.96
C TYR XD 119 -64.09 -115.16 -50.66
N SER XD 120 -64.78 -116.25 -50.38
CA SER XD 120 -64.50 -117.55 -50.96
C SER XD 120 -65.78 -118.08 -51.58
N SER XD 121 -65.61 -119.12 -52.40
CA SER XD 121 -66.73 -119.74 -53.09
C SER XD 121 -67.54 -120.63 -52.14
N LYS XD 122 -68.64 -121.17 -52.68
CA LYS XD 122 -69.56 -121.93 -51.84
C LYS XD 122 -69.02 -123.33 -51.56
N TYR XD 123 -68.92 -123.67 -50.28
CA TYR XD 123 -68.41 -124.97 -49.87
C TYR XD 123 -69.47 -125.82 -49.20
N VAL XD 124 -70.01 -125.38 -48.07
CA VAL XD 124 -71.10 -126.11 -47.44
C VAL XD 124 -72.33 -125.24 -47.49
N SER XD 125 -72.28 -124.13 -46.78
CA SER XD 125 -73.41 -123.24 -46.60
C SER XD 125 -72.85 -121.90 -46.18
N VAL XD 126 -73.66 -120.86 -46.34
CA VAL XD 126 -73.16 -119.49 -46.31
C VAL XD 126 -72.83 -119.01 -44.90
N LYS XD 127 -73.33 -119.67 -43.86
CA LYS XD 127 -72.86 -119.43 -42.50
C LYS XD 127 -71.44 -119.93 -42.30
N ARG XD 128 -71.16 -121.11 -42.87
CA ARG XD 128 -69.82 -121.69 -42.81
C ARG XD 128 -68.84 -120.89 -43.67
N GLU XD 129 -69.34 -120.37 -44.78
CA GLU XD 129 -68.49 -119.57 -45.67
C GLU XD 129 -68.21 -118.19 -45.11
N ARG XD 130 -69.20 -117.58 -44.43
CA ARG XD 130 -68.97 -116.28 -43.83
C ARG XD 130 -68.10 -116.36 -42.60
N ALA XD 131 -68.20 -117.46 -41.84
CA ALA XD 131 -67.30 -117.70 -40.72
C ALA XD 131 -65.88 -117.99 -41.18
N LEU XD 132 -65.74 -118.69 -42.32
CA LEU XD 132 -64.43 -118.99 -42.89
C LEU XD 132 -63.74 -117.75 -43.41
N THR XD 133 -64.49 -116.88 -44.09
CA THR XD 133 -63.88 -115.70 -44.67
C THR XD 133 -63.63 -114.62 -43.65
N LEU XD 134 -64.46 -114.56 -42.60
CA LEU XD 134 -64.21 -113.66 -41.47
C LEU XD 134 -62.98 -114.09 -40.68
N ALA XD 135 -62.81 -115.41 -40.49
CA ALA XD 135 -61.61 -115.94 -39.83
C ALA XD 135 -60.36 -115.77 -40.66
N ARG XD 136 -60.50 -115.89 -41.99
CA ARG XD 136 -59.37 -115.73 -42.90
C ARG XD 136 -58.90 -114.28 -42.96
N SER XD 137 -59.84 -113.34 -42.98
CA SER XD 137 -59.50 -111.93 -43.01
C SER XD 137 -58.94 -111.45 -41.69
N ARG XD 138 -59.43 -111.98 -40.56
CA ARG XD 138 -58.83 -111.58 -39.28
C ARG XD 138 -57.48 -112.23 -39.04
N VAL XD 139 -57.18 -113.36 -39.70
CA VAL XD 139 -55.85 -113.94 -39.63
C VAL XD 139 -54.84 -113.10 -40.40
N VAL XD 140 -55.21 -112.67 -41.62
CA VAL XD 140 -54.25 -111.94 -42.45
C VAL XD 140 -54.09 -110.49 -41.97
N SER XD 141 -55.12 -109.91 -41.37
CA SER XD 141 -54.93 -108.61 -40.78
C SER XD 141 -54.32 -108.66 -39.39
N GLU XD 142 -54.40 -109.81 -38.70
CA GLU XD 142 -53.63 -109.99 -37.47
C GLU XD 142 -52.15 -110.02 -37.77
N TYR XD 143 -51.75 -110.67 -38.87
CA TYR XD 143 -50.35 -110.63 -39.26
C TYR XD 143 -49.92 -109.29 -39.83
N LEU XD 144 -50.81 -108.58 -40.53
CA LEU XD 144 -50.42 -107.28 -41.07
C LEU XD 144 -50.41 -106.19 -40.02
N TRP XD 145 -51.24 -106.31 -38.99
CA TRP XD 145 -51.15 -105.37 -37.87
C TRP XD 145 -49.98 -105.69 -36.98
N SER XD 146 -49.58 -106.98 -36.94
CA SER XD 146 -48.35 -107.34 -36.26
C SER XD 146 -47.15 -106.84 -37.02
N GLN XD 147 -47.23 -106.84 -38.34
CA GLN XD 147 -46.12 -106.38 -39.14
C GLN XD 147 -46.16 -104.86 -39.28
N GLY XD 148 -45.26 -104.36 -40.10
CA GLY XD 148 -45.20 -102.94 -40.29
C GLY XD 148 -46.22 -102.50 -41.31
N VAL XD 149 -47.35 -102.01 -40.82
CA VAL XD 149 -48.15 -101.06 -41.57
C VAL XD 149 -48.20 -99.81 -40.72
N ASP XD 150 -48.60 -98.71 -41.32
CA ASP XD 150 -48.71 -97.45 -40.60
C ASP XD 150 -50.12 -96.93 -40.69
N SER XD 151 -51.08 -97.83 -40.78
CA SER XD 151 -52.47 -97.41 -40.81
C SER XD 151 -52.95 -97.10 -39.41
N ARG XD 152 -54.12 -96.52 -39.34
CA ARG XD 152 -54.75 -96.34 -38.05
C ARG XD 152 -55.79 -97.40 -37.80
N ILE XD 153 -56.63 -97.68 -38.78
CA ILE XD 153 -57.64 -98.71 -38.67
C ILE XD 153 -57.34 -99.79 -39.70
N ILE XD 154 -57.47 -101.05 -39.31
CA ILE XD 154 -57.66 -102.12 -40.27
C ILE XD 154 -59.03 -102.73 -40.03
N PHE XD 155 -59.91 -102.56 -41.00
CA PHE XD 155 -61.23 -103.17 -41.02
C PHE XD 155 -61.12 -104.54 -41.65
N THR XD 156 -61.51 -105.56 -40.91
CA THR XD 156 -61.40 -106.94 -41.34
C THR XD 156 -62.82 -107.44 -41.52
N GLN XD 157 -63.14 -107.96 -42.70
CA GLN XD 157 -64.44 -108.59 -42.89
C GLN XD 157 -64.34 -109.67 -43.95
N GLY XD 158 -65.29 -110.59 -43.88
CA GLY XD 158 -65.40 -111.63 -44.87
C GLY XD 158 -66.82 -111.85 -45.32
N LEU XD 159 -67.01 -112.27 -46.56
CA LEU XD 159 -68.34 -112.55 -47.10
C LEU XD 159 -68.38 -113.91 -47.75
N GLY XD 160 -69.57 -114.49 -47.81
CA GLY XD 160 -69.76 -115.82 -48.33
C GLY XD 160 -70.16 -115.84 -49.77
N SER XD 161 -69.20 -115.52 -50.67
CA SER XD 161 -69.36 -115.40 -52.13
C SER XD 161 -70.42 -114.36 -52.52
N ASP XD 162 -70.51 -113.30 -51.75
CA ASP XD 162 -71.51 -112.28 -52.03
C ASP XD 162 -71.06 -111.30 -53.10
N LYS XD 163 -69.78 -111.27 -53.42
CA LYS XD 163 -69.29 -110.57 -54.60
C LYS XD 163 -68.39 -111.50 -55.39
N PRO XD 164 -68.95 -112.36 -56.24
CA PRO XD 164 -68.09 -113.13 -57.15
C PRO XD 164 -67.65 -112.23 -58.30
N ILE XD 165 -66.37 -112.34 -58.68
CA ILE XD 165 -65.90 -111.55 -59.81
C ILE XD 165 -65.76 -112.37 -61.07
N THR XD 166 -66.29 -113.58 -61.07
CA THR XD 166 -66.66 -114.26 -62.30
C THR XD 166 -67.88 -115.12 -62.00
N SER XD 167 -68.52 -115.57 -63.06
CA SER XD 167 -69.58 -116.55 -62.92
C SER XD 167 -69.06 -117.97 -62.98
N TYR XD 168 -67.76 -118.14 -63.21
CA TYR XD 168 -67.17 -119.48 -63.27
C TYR XD 168 -66.96 -119.99 -61.86
N THR XD 169 -67.79 -120.92 -61.44
CA THR XD 169 -67.77 -121.39 -60.05
C THR XD 169 -67.28 -122.83 -60.01
N LEU XD 170 -66.26 -123.12 -60.81
CA LEU XD 170 -65.82 -124.51 -60.94
C LEU XD 170 -64.83 -124.91 -59.85
N GLY XD 171 -64.27 -123.94 -59.12
CA GLY XD 171 -63.22 -124.29 -58.19
C GLY XD 171 -63.67 -124.16 -56.75
N GLY XD 172 -62.79 -124.54 -55.83
CA GLY XD 172 -63.05 -124.35 -54.42
C GLY XD 172 -62.32 -123.09 -54.01
N ASP XD 173 -61.15 -123.25 -53.44
CA ASP XD 173 -60.24 -122.13 -53.32
C ASP XD 173 -59.36 -121.96 -54.55
N ARG XD 174 -59.48 -122.83 -55.54
CA ARG XD 174 -58.81 -122.64 -56.81
C ARG XD 174 -59.59 -121.74 -57.75
N SER XD 175 -60.85 -121.47 -57.44
CA SER XD 175 -61.63 -120.48 -58.17
C SER XD 175 -61.07 -119.09 -57.90
N PRO XD 176 -61.07 -118.19 -58.88
CA PRO XD 176 -60.59 -116.83 -58.63
C PRO XD 176 -61.58 -115.94 -57.91
N ASN XD 177 -62.81 -116.41 -57.70
CA ASN XD 177 -63.70 -115.79 -56.72
C ASN XD 177 -63.19 -115.92 -55.30
N ALA XD 178 -62.44 -116.97 -54.99
CA ALA XD 178 -61.88 -117.15 -53.66
C ALA XD 178 -60.58 -116.36 -53.55
N ARG XD 179 -60.60 -115.32 -52.72
CA ARG XD 179 -59.56 -114.31 -52.70
C ARG XD 179 -59.68 -113.48 -51.43
N VAL XD 180 -58.61 -112.74 -51.17
CA VAL XD 180 -58.60 -111.64 -50.21
C VAL XD 180 -58.26 -110.39 -50.99
N GLU XD 181 -58.90 -109.28 -50.63
CA GLU XD 181 -58.52 -107.98 -51.11
C GLU XD 181 -58.03 -107.12 -49.95
N ILE XD 182 -56.96 -106.41 -50.24
CA ILE XD 182 -56.40 -105.39 -49.38
C ILE XD 182 -56.70 -104.09 -50.07
N THR XD 183 -57.77 -103.42 -49.66
CA THR XD 183 -58.17 -102.19 -50.32
C THR XD 183 -57.94 -101.06 -49.32
N PHE XD 184 -57.42 -99.95 -49.82
CA PHE XD 184 -57.23 -98.76 -48.99
C PHE XD 184 -57.27 -97.56 -49.90
N ARG XD 185 -57.41 -96.38 -49.31
CA ARG XD 185 -57.20 -95.16 -50.04
C ARG XD 185 -55.95 -94.51 -49.51
N ARG XD 186 -55.01 -94.22 -50.41
CA ARG XD 186 -53.77 -93.56 -50.06
C ARG XD 186 -54.04 -92.11 -49.68
N ALA XD 187 -53.71 -91.75 -48.45
CA ALA XD 187 -53.96 -90.39 -47.99
C ALA XD 187 -52.81 -89.51 -48.38
N VAL XD 188 -53.14 -88.37 -49.02
CA VAL XD 188 -52.28 -87.29 -49.54
C VAL XD 188 -51.00 -87.69 -50.25
N UNK YD 1 -93.10 -165.50 -31.51
CA UNK YD 1 -92.68 -165.84 -30.15
C UNK YD 1 -92.86 -164.67 -29.21
N UNK YD 2 -94.11 -164.23 -29.06
CA UNK YD 2 -94.41 -163.01 -28.32
C UNK YD 2 -94.37 -163.24 -26.81
N UNK YD 3 -94.15 -162.14 -26.09
CA UNK YD 3 -94.28 -162.11 -24.64
C UNK YD 3 -94.74 -160.70 -24.28
N UNK YD 4 -96.05 -160.55 -24.03
CA UNK YD 4 -96.68 -159.24 -23.84
C UNK YD 4 -97.60 -159.31 -22.63
N UNK YD 5 -97.07 -158.96 -21.46
CA UNK YD 5 -97.85 -159.03 -20.23
C UNK YD 5 -97.35 -157.97 -19.25
N UNK YD 6 -98.26 -157.55 -18.37
CA UNK YD 6 -97.97 -156.55 -17.32
C UNK YD 6 -98.02 -157.29 -15.98
N UNK YD 7 -96.88 -157.81 -15.57
CA UNK YD 7 -96.78 -158.75 -14.47
C UNK YD 7 -95.44 -158.51 -13.78
N UNK YD 8 -94.95 -159.51 -13.06
CA UNK YD 8 -93.59 -159.50 -12.52
C UNK YD 8 -92.91 -160.79 -12.93
N UNK YD 9 -92.32 -160.80 -14.14
CA UNK YD 9 -91.44 -161.90 -14.51
C UNK YD 9 -90.12 -161.81 -13.76
N UNK YD 10 -89.48 -160.64 -13.83
CA UNK YD 10 -88.58 -160.05 -12.85
C UNK YD 10 -87.20 -160.69 -12.67
N UNK YD 11 -86.93 -161.84 -13.30
CA UNK YD 11 -85.61 -162.46 -13.20
C UNK YD 11 -85.36 -163.21 -14.51
N UNK YD 12 -84.72 -162.52 -15.44
CA UNK YD 12 -84.46 -163.09 -16.77
C UNK YD 12 -83.25 -162.40 -17.35
N UNK YD 13 -82.17 -163.17 -17.55
CA UNK YD 13 -81.09 -162.76 -18.45
C UNK YD 13 -81.35 -163.40 -19.82
N UNK YD 14 -82.44 -162.95 -20.44
CA UNK YD 14 -83.07 -163.64 -21.55
C UNK YD 14 -82.36 -163.25 -22.84
N UNK YD 15 -81.48 -164.13 -23.32
CA UNK YD 15 -80.89 -163.99 -24.65
C UNK YD 15 -81.80 -164.73 -25.62
N UNK YD 16 -82.80 -164.01 -26.12
CA UNK YD 16 -83.84 -164.60 -26.95
C UNK YD 16 -83.33 -164.87 -28.36
N UNK YD 17 -84.06 -165.74 -29.06
CA UNK YD 17 -83.74 -166.13 -30.42
C UNK YD 17 -84.45 -165.21 -31.40
N UNK YD 18 -84.47 -165.59 -32.68
CA UNK YD 18 -85.11 -164.79 -33.70
C UNK YD 18 -86.63 -164.90 -33.63
N UNK YD 19 -87.29 -163.86 -34.18
CA UNK YD 19 -88.75 -163.64 -34.21
C UNK YD 19 -89.38 -163.65 -32.82
N UNK YD 20 -88.67 -163.15 -31.81
CA UNK YD 20 -89.18 -163.08 -30.45
C UNK YD 20 -89.78 -161.69 -30.26
N UNK YD 21 -91.00 -161.51 -30.77
CA UNK YD 21 -91.66 -160.20 -30.81
C UNK YD 21 -92.36 -159.91 -29.48
N UNK YD 22 -91.54 -159.64 -28.47
CA UNK YD 22 -92.01 -159.51 -27.09
C UNK YD 22 -92.30 -158.05 -26.79
N UNK YD 23 -93.58 -157.68 -26.79
CA UNK YD 23 -94.02 -156.37 -26.34
C UNK YD 23 -94.47 -156.40 -24.88
N UNK YD 24 -93.59 -156.88 -24.00
CA UNK YD 24 -93.89 -156.98 -22.57
C UNK YD 24 -93.90 -155.61 -21.90
N UNK YD 25 -94.73 -155.51 -20.86
CA UNK YD 25 -94.78 -154.33 -20.00
C UNK YD 25 -94.63 -154.72 -18.53
N UNK YD 26 -94.09 -155.91 -18.28
CA UNK YD 26 -93.99 -156.47 -16.94
C UNK YD 26 -92.89 -155.80 -16.12
N UNK YD 27 -92.95 -156.02 -14.81
CA UNK YD 27 -91.94 -155.52 -13.89
C UNK YD 27 -90.69 -156.40 -13.94
N UNK YD 28 -89.87 -156.20 -14.97
CA UNK YD 28 -88.67 -157.00 -15.17
C UNK YD 28 -87.54 -156.36 -14.37
N UNK YD 29 -87.38 -156.81 -13.12
CA UNK YD 29 -86.40 -156.22 -12.21
C UNK YD 29 -84.98 -156.64 -12.58
N UNK YD 30 -84.69 -157.95 -12.52
CA UNK YD 30 -83.39 -158.46 -12.92
C UNK YD 30 -83.46 -158.80 -14.40
N UNK YD 31 -83.42 -157.76 -15.23
CA UNK YD 31 -83.67 -157.88 -16.65
C UNK YD 31 -82.37 -157.83 -17.43
N UNK YD 32 -82.33 -158.61 -18.52
CA UNK YD 32 -81.36 -158.44 -19.62
C UNK YD 32 -82.05 -159.00 -20.87
N UNK YD 33 -82.64 -158.11 -21.66
CA UNK YD 33 -83.43 -158.53 -22.82
C UNK YD 33 -82.57 -158.44 -24.07
N UNK YD 34 -81.85 -159.53 -24.36
CA UNK YD 34 -80.96 -159.58 -25.52
C UNK YD 34 -81.69 -160.25 -26.68
N UNK YD 35 -82.69 -159.54 -27.20
CA UNK YD 35 -83.52 -160.02 -28.30
C UNK YD 35 -82.75 -160.02 -29.62
N UNK YD 36 -83.25 -160.79 -30.59
CA UNK YD 36 -82.52 -161.02 -31.83
C UNK YD 36 -83.27 -160.61 -33.09
N UNK YD 37 -84.59 -160.43 -33.01
CA UNK YD 37 -85.41 -159.90 -34.09
C UNK YD 37 -86.71 -159.35 -33.52
N UNK YD 38 -87.23 -158.31 -34.18
CA UNK YD 38 -88.65 -157.94 -34.23
C UNK YD 38 -89.22 -157.48 -32.90
N UNK YD 39 -88.40 -156.92 -32.03
CA UNK YD 39 -88.88 -156.43 -30.73
C UNK YD 39 -89.65 -155.13 -30.92
N UNK YD 40 -90.84 -155.07 -30.36
CA UNK YD 40 -91.78 -153.97 -30.57
C UNK YD 40 -92.37 -153.53 -29.23
N UNK YD 41 -91.48 -153.25 -28.27
CA UNK YD 41 -91.90 -153.12 -26.87
C UNK YD 41 -92.22 -151.67 -26.51
N UNK YD 42 -93.29 -151.48 -25.73
CA UNK YD 42 -93.65 -150.18 -25.18
C UNK YD 42 -94.06 -150.40 -23.72
N UNK YD 43 -93.08 -150.32 -22.83
CA UNK YD 43 -93.27 -150.67 -21.43
C UNK YD 43 -93.22 -149.43 -20.55
N UNK YD 44 -93.42 -149.66 -19.26
CA UNK YD 44 -93.12 -148.68 -18.21
C UNK YD 44 -92.50 -149.50 -17.09
N UNK YD 45 -91.18 -149.67 -17.14
CA UNK YD 45 -90.49 -150.66 -16.33
C UNK YD 45 -89.48 -150.00 -15.40
N UNK YD 46 -88.73 -150.85 -14.71
CA UNK YD 46 -87.68 -150.41 -13.79
C UNK YD 46 -86.66 -151.53 -13.73
N UNK YD 47 -85.50 -151.33 -14.36
CA UNK YD 47 -84.51 -152.39 -14.48
C UNK YD 47 -83.28 -152.15 -13.63
N UNK YD 48 -82.65 -150.97 -13.75
CA UNK YD 48 -81.56 -150.38 -12.98
C UNK YD 48 -80.20 -151.06 -13.11
N UNK YD 49 -80.08 -152.18 -13.84
CA UNK YD 49 -78.78 -152.76 -14.15
C UNK YD 49 -78.78 -153.38 -15.54
N UNK YD 50 -79.53 -152.80 -16.48
CA UNK YD 50 -79.80 -153.44 -17.77
C UNK YD 50 -78.59 -153.28 -18.69
N UNK YD 51 -77.97 -154.41 -19.04
CA UNK YD 51 -76.98 -154.46 -20.10
C UNK YD 51 -77.69 -155.00 -21.34
N UNK YD 52 -78.51 -154.14 -21.93
CA UNK YD 52 -79.38 -154.56 -23.02
C UNK YD 52 -78.63 -154.61 -24.34
N UNK YD 53 -79.03 -155.57 -25.18
CA UNK YD 53 -78.57 -155.63 -26.55
C UNK YD 53 -79.80 -155.83 -27.41
N UNK YD 54 -79.83 -155.17 -28.58
CA UNK YD 54 -81.01 -155.24 -29.42
C UNK YD 54 -80.58 -155.35 -30.88
N UNK YD 55 -80.99 -156.43 -31.52
CA UNK YD 55 -80.81 -156.64 -32.94
C UNK YD 55 -82.07 -156.14 -33.67
N UNK YD 56 -82.24 -156.58 -34.93
CA UNK YD 56 -82.96 -155.87 -35.98
C UNK YD 56 -84.46 -155.73 -35.74
N UNK YD 57 -84.99 -154.57 -36.18
CA UNK YD 57 -86.38 -154.09 -36.06
C UNK YD 57 -86.85 -154.06 -34.61
N UNK YD 58 -86.08 -153.37 -33.77
CA UNK YD 58 -86.38 -153.21 -32.35
C UNK YD 58 -86.85 -151.77 -32.13
N UNK YD 59 -88.15 -151.58 -32.11
CA UNK YD 59 -88.76 -150.31 -31.72
C UNK YD 59 -89.21 -150.43 -30.27
N UNK YD 60 -88.72 -149.52 -29.43
CA UNK YD 60 -88.94 -149.65 -28.00
C UNK YD 60 -89.25 -148.30 -27.37
N UNK YD 61 -90.04 -148.34 -26.30
CA UNK YD 61 -90.38 -147.14 -25.54
C UNK YD 61 -90.43 -147.53 -24.07
N UNK YD 62 -89.37 -147.18 -23.33
CA UNK YD 62 -89.21 -147.68 -21.96
C UNK YD 62 -88.79 -146.57 -21.03
N UNK YD 63 -89.21 -146.68 -19.76
CA UNK YD 63 -88.90 -145.70 -18.74
C UNK YD 63 -88.09 -146.33 -17.61
N UNK YD 64 -87.06 -147.09 -17.97
CA UNK YD 64 -86.25 -147.83 -17.01
C UNK YD 64 -84.79 -147.46 -17.15
N UNK YD 65 -84.04 -147.64 -16.07
CA UNK YD 65 -82.64 -147.32 -16.08
C UNK YD 65 -81.83 -148.47 -16.66
N UNK YD 66 -80.93 -148.16 -17.59
CA UNK YD 66 -80.05 -149.13 -18.20
C UNK YD 66 -78.63 -148.92 -17.67
N UNK YD 67 -77.75 -149.84 -18.04
CA UNK YD 67 -76.34 -149.75 -17.66
C UNK YD 67 -75.46 -149.84 -18.88
N UNK YD 68 -75.86 -150.64 -19.85
CA UNK YD 68 -75.10 -150.79 -21.08
C UNK YD 68 -76.06 -151.06 -22.22
N UNK YD 69 -75.67 -150.66 -23.42
CA UNK YD 69 -76.50 -150.83 -24.59
C UNK YD 69 -75.65 -151.29 -25.77
N UNK YD 70 -76.19 -152.24 -26.52
CA UNK YD 70 -75.53 -152.72 -27.72
C UNK YD 70 -76.55 -152.79 -28.84
N UNK YD 71 -76.13 -152.37 -30.03
CA UNK YD 71 -76.99 -152.42 -31.21
C UNK YD 71 -76.32 -153.26 -32.29
N UNK YD 72 -77.12 -153.92 -33.12
CA UNK YD 72 -76.59 -154.88 -34.09
C UNK YD 72 -76.87 -154.53 -35.55
N UNK YD 73 -78.14 -154.33 -35.94
CA UNK YD 73 -78.43 -154.06 -37.34
C UNK YD 73 -79.15 -152.73 -37.58
N UNK YD 74 -80.37 -152.56 -37.04
CA UNK YD 74 -81.24 -151.43 -37.35
C UNK YD 74 -82.36 -151.43 -36.30
N UNK YD 75 -82.61 -150.27 -35.70
CA UNK YD 75 -83.54 -150.20 -34.58
C UNK YD 75 -84.11 -148.79 -34.46
N UNK YD 76 -84.96 -148.60 -33.45
CA UNK YD 76 -85.49 -147.30 -33.05
C UNK YD 76 -85.87 -147.42 -31.58
N UNK YD 77 -85.01 -146.92 -30.71
CA UNK YD 77 -85.29 -146.97 -29.28
C UNK YD 77 -85.76 -145.62 -28.79
N UNK YD 78 -86.46 -145.64 -27.65
CA UNK YD 78 -86.79 -144.43 -26.90
C UNK YD 78 -86.80 -144.85 -25.42
N UNK YD 79 -85.65 -144.72 -24.78
CA UNK YD 79 -85.50 -145.16 -23.41
C UNK YD 79 -85.33 -143.95 -22.50
N UNK YD 80 -85.59 -144.17 -21.21
CA UNK YD 80 -85.39 -143.15 -20.20
C UNK YD 80 -84.51 -143.73 -19.09
N UNK YD 81 -83.20 -143.68 -19.30
CA UNK YD 81 -82.25 -144.28 -18.38
C UNK YD 81 -81.75 -143.25 -17.38
N UNK YD 82 -81.05 -143.72 -16.33
CA UNK YD 82 -80.70 -142.79 -15.26
C UNK YD 82 -79.25 -142.81 -14.81
N UNK YD 83 -78.62 -143.98 -14.69
CA UNK YD 83 -77.46 -144.10 -13.82
C UNK YD 83 -76.12 -144.04 -14.55
N UNK YD 84 -75.87 -144.98 -15.45
CA UNK YD 84 -74.62 -145.02 -16.20
C UNK YD 84 -74.91 -145.69 -17.53
N UNK YD 85 -73.99 -145.51 -18.48
CA UNK YD 85 -74.20 -146.08 -19.79
C UNK YD 85 -72.87 -146.46 -20.43
N UNK YD 86 -72.78 -147.70 -20.86
CA UNK YD 86 -71.71 -148.16 -21.75
C UNK YD 86 -72.39 -148.51 -23.07
N UNK YD 87 -72.29 -147.61 -24.04
CA UNK YD 87 -73.05 -147.73 -25.27
C UNK YD 87 -72.15 -148.13 -26.43
N UNK YD 88 -72.65 -149.03 -27.28
CA UNK YD 88 -71.95 -149.43 -28.48
C UNK YD 88 -72.98 -149.84 -29.53
N UNK YD 89 -72.76 -149.41 -30.76
CA UNK YD 89 -73.73 -149.62 -31.83
C UNK YD 89 -73.07 -150.36 -32.99
N UNK YD 90 -73.94 -150.77 -33.93
CA UNK YD 90 -73.51 -151.30 -35.22
C UNK YD 90 -74.59 -150.97 -36.23
N UNK YD 91 -74.36 -149.89 -37.00
CA UNK YD 91 -75.11 -149.49 -38.21
C UNK YD 91 -76.58 -149.16 -37.94
N UNK YD 92 -76.91 -148.77 -36.72
CA UNK YD 92 -78.29 -148.67 -36.28
C UNK YD 92 -78.62 -147.23 -35.91
N UNK YD 93 -79.81 -147.05 -35.36
CA UNK YD 93 -80.26 -145.77 -34.86
C UNK YD 93 -80.74 -145.95 -33.43
N UNK YD 94 -80.65 -144.88 -32.64
CA UNK YD 94 -80.97 -144.95 -31.22
C UNK YD 94 -81.38 -143.57 -30.74
N UNK YD 95 -82.34 -143.53 -29.83
CA UNK YD 95 -82.69 -142.31 -29.13
C UNK YD 95 -82.95 -142.64 -27.68
N UNK YD 96 -82.52 -141.74 -26.80
CA UNK YD 96 -82.79 -141.87 -25.37
C UNK YD 96 -83.17 -140.51 -24.83
N UNK YD 97 -83.87 -140.51 -23.70
CA UNK YD 97 -84.59 -139.31 -23.27
C UNK YD 97 -84.08 -138.71 -21.96
N UNK YD 98 -83.99 -139.50 -20.89
CA UNK YD 98 -83.83 -138.94 -19.56
C UNK YD 98 -82.37 -138.64 -19.25
N UNK YD 99 -82.10 -138.34 -17.98
CA UNK YD 99 -80.82 -137.81 -17.53
C UNK YD 99 -79.81 -138.95 -17.44
N UNK YD 100 -79.21 -139.29 -18.57
CA UNK YD 100 -78.22 -140.36 -18.63
C UNK YD 100 -76.86 -139.84 -18.23
N UNK YD 101 -75.94 -140.77 -17.95
CA UNK YD 101 -74.54 -140.43 -17.69
C UNK YD 101 -73.67 -141.40 -18.49
N UNK YD 102 -73.42 -141.04 -19.75
CA UNK YD 102 -72.67 -141.92 -20.64
C UNK YD 102 -71.19 -141.62 -20.49
N UNK YD 103 -70.42 -142.60 -20.02
CA UNK YD 103 -68.99 -142.40 -19.84
C UNK YD 103 -68.24 -142.59 -21.15
N UNK YD 104 -68.47 -143.70 -21.84
CA UNK YD 104 -67.77 -144.01 -23.07
C UNK YD 104 -68.75 -144.36 -24.16
N UNK YD 105 -68.42 -143.98 -25.40
CA UNK YD 105 -69.22 -144.35 -26.56
C UNK YD 105 -68.29 -144.53 -27.74
N UNK YD 106 -68.23 -145.76 -28.25
CA UNK YD 106 -67.39 -146.10 -29.40
C UNK YD 106 -68.30 -146.52 -30.54
N UNK YD 107 -68.38 -145.69 -31.57
CA UNK YD 107 -69.26 -145.96 -32.70
C UNK YD 107 -68.40 -146.12 -33.95
N UNK YD 108 -68.34 -147.34 -34.49
CA UNK YD 108 -67.49 -147.65 -35.63
C UNK YD 108 -68.29 -148.01 -36.88
N UNK YD 109 -69.53 -147.55 -36.98
CA UNK YD 109 -70.38 -147.87 -38.11
C UNK YD 109 -71.33 -146.71 -38.35
N UNK YD 110 -72.44 -146.96 -39.05
CA UNK YD 110 -73.44 -145.93 -39.31
C UNK YD 110 -74.41 -145.94 -38.14
N UNK YD 111 -74.22 -145.02 -37.21
CA UNK YD 111 -74.96 -145.00 -35.96
C UNK YD 111 -75.57 -143.63 -35.76
N UNK YD 112 -76.90 -143.58 -35.75
CA UNK YD 112 -77.63 -142.34 -35.51
C UNK YD 112 -78.07 -142.33 -34.05
N UNK YD 113 -77.13 -142.00 -33.16
CA UNK YD 113 -77.39 -141.99 -31.73
C UNK YD 113 -77.88 -140.61 -31.31
N UNK YD 114 -78.86 -140.59 -30.41
CA UNK YD 114 -79.40 -139.35 -29.88
C UNK YD 114 -79.67 -139.50 -28.40
N UNK YD 115 -79.37 -138.45 -27.64
CA UNK YD 115 -79.63 -138.43 -26.20
C UNK YD 115 -80.13 -137.05 -25.83
N UNK YD 116 -81.35 -136.97 -25.31
CA UNK YD 116 -81.94 -135.67 -25.00
C UNK YD 116 -81.45 -135.08 -23.68
N UNK YD 117 -80.79 -135.88 -22.86
CA UNK YD 117 -80.13 -135.38 -21.66
C UNK YD 117 -78.94 -136.28 -21.37
N UNK YD 118 -77.80 -135.69 -21.09
CA UNK YD 118 -76.60 -136.42 -20.69
C UNK YD 118 -75.83 -135.53 -19.74
N UNK YD 119 -75.95 -135.79 -18.44
CA UNK YD 119 -75.24 -135.05 -17.40
C UNK YD 119 -74.16 -135.97 -16.87
N UNK YD 120 -73.01 -135.96 -17.53
CA UNK YD 120 -71.92 -136.88 -17.26
C UNK YD 120 -70.77 -136.14 -16.60
N UNK YD 121 -69.66 -136.84 -16.44
CA UNK YD 121 -68.43 -136.25 -15.91
C UNK YD 121 -67.28 -136.30 -16.89
N UNK YD 122 -67.15 -137.37 -17.66
CA UNK YD 122 -66.08 -137.48 -18.64
C UNK YD 122 -66.59 -138.33 -19.79
N UNK YD 123 -67.09 -137.68 -20.83
CA UNK YD 123 -67.69 -138.37 -21.96
C UNK YD 123 -66.62 -138.56 -23.02
N UNK YD 124 -66.16 -139.79 -23.21
CA UNK YD 124 -65.18 -140.11 -24.23
C UNK YD 124 -65.90 -140.74 -25.40
N UNK YD 125 -65.98 -140.02 -26.50
CA UNK YD 125 -66.65 -140.49 -27.70
C UNK YD 125 -65.62 -140.71 -28.79
N UNK YD 126 -65.46 -141.96 -29.20
CA UNK YD 126 -64.59 -142.32 -30.31
C UNK YD 126 -65.46 -142.71 -31.49
N UNK YD 127 -65.13 -142.18 -32.66
CA UNK YD 127 -65.98 -142.36 -33.83
C UNK YD 127 -65.15 -142.81 -35.02
N UNK YD 128 -65.74 -143.68 -35.85
CA UNK YD 128 -65.02 -144.29 -36.96
C UNK YD 128 -65.96 -144.48 -38.14
N UNK YD 129 -65.76 -143.63 -39.15
CA UNK YD 129 -66.02 -143.78 -40.58
C UNK YD 129 -67.44 -143.67 -41.11
N UNK YD 130 -68.49 -143.74 -40.28
CA UNK YD 130 -69.83 -143.56 -40.86
C UNK YD 130 -70.87 -142.86 -39.99
N UNK YD 131 -70.66 -142.79 -38.68
CA UNK YD 131 -71.72 -142.54 -37.72
C UNK YD 131 -72.18 -141.08 -37.67
N UNK YD 132 -73.20 -140.84 -36.85
CA UNK YD 132 -73.76 -139.50 -36.64
C UNK YD 132 -74.29 -139.44 -35.20
N UNK YD 133 -73.46 -138.95 -34.28
CA UNK YD 133 -73.86 -138.80 -32.90
C UNK YD 133 -74.39 -137.39 -32.65
N UNK YD 134 -75.53 -137.30 -31.96
CA UNK YD 134 -76.10 -136.00 -31.58
C UNK YD 134 -76.56 -136.11 -30.13
N UNK YD 135 -75.64 -135.86 -29.20
CA UNK YD 135 -75.90 -136.01 -27.78
C UNK YD 135 -75.69 -134.66 -27.13
N UNK YD 136 -76.70 -134.16 -26.42
CA UNK YD 136 -76.64 -132.76 -25.99
C UNK YD 136 -77.42 -132.52 -24.70
N UNK YD 137 -76.75 -132.59 -23.55
CA UNK YD 137 -77.10 -131.61 -22.53
C UNK YD 137 -75.91 -130.85 -21.95
N UNK YD 138 -75.11 -131.52 -21.11
CA UNK YD 138 -74.07 -130.84 -20.31
C UNK YD 138 -73.08 -131.89 -19.80
N UNK YD 139 -71.89 -131.91 -20.37
CA UNK YD 139 -70.85 -132.78 -19.86
C UNK YD 139 -69.99 -131.99 -18.87
N UNK YD 140 -68.86 -132.57 -18.48
CA UNK YD 140 -67.87 -131.86 -17.70
C UNK YD 140 -66.46 -132.00 -18.25
N UNK YD 141 -66.15 -133.08 -18.94
CA UNK YD 141 -64.90 -133.23 -19.68
C UNK YD 141 -65.21 -134.11 -20.87
N UNK YD 142 -65.33 -133.51 -22.05
CA UNK YD 142 -65.66 -134.25 -23.25
C UNK YD 142 -64.38 -134.48 -24.05
N UNK YD 143 -64.14 -135.74 -24.40
CA UNK YD 143 -63.01 -136.12 -25.24
C UNK YD 143 -63.60 -136.78 -26.48
N UNK YD 144 -63.72 -136.01 -27.56
CA UNK YD 144 -64.32 -136.51 -28.79
C UNK YD 144 -63.22 -136.70 -29.81
N UNK YD 145 -62.85 -137.94 -30.03
CA UNK YD 145 -61.88 -138.28 -31.08
C UNK YD 145 -62.65 -138.88 -32.24
N UNK YD 146 -62.80 -138.11 -33.30
CA UNK YD 146 -63.35 -138.62 -34.55
C UNK YD 146 -62.18 -139.04 -35.41
N UNK YD 147 -61.88 -140.34 -35.41
CA UNK YD 147 -60.78 -140.94 -36.17
C UNK YD 147 -61.28 -141.48 -37.50
N UNK YD 148 -62.14 -140.71 -38.16
CA UNK YD 148 -63.35 -141.14 -38.82
C UNK YD 148 -63.40 -140.64 -40.25
N UNK YD 149 -64.62 -140.66 -40.79
CA UNK YD 149 -65.13 -139.77 -41.81
C UNK YD 149 -66.55 -139.36 -41.48
N UNK YD 150 -66.81 -139.08 -40.20
CA UNK YD 150 -68.15 -139.08 -39.64
C UNK YD 150 -68.48 -137.70 -39.09
N UNK YD 151 -69.60 -137.61 -38.38
CA UNK YD 151 -70.11 -136.35 -37.86
C UNK YD 151 -70.48 -136.51 -36.39
N UNK YD 152 -70.08 -135.54 -35.59
CA UNK YD 152 -70.41 -135.48 -34.16
C UNK YD 152 -71.03 -134.12 -33.90
N UNK YD 153 -72.34 -134.01 -34.10
CA UNK YD 153 -73.05 -132.78 -33.80
C UNK YD 153 -73.25 -132.68 -32.29
N UNK YD 154 -73.22 -131.46 -31.77
CA UNK YD 154 -73.38 -131.26 -30.34
C UNK YD 154 -73.95 -129.87 -30.07
N UNK YD 155 -74.94 -129.85 -29.21
CA UNK YD 155 -75.29 -128.68 -28.42
C UNK YD 155 -74.99 -128.98 -26.96
N UNK YD 156 -74.05 -129.89 -26.73
CA UNK YD 156 -73.68 -130.32 -25.39
C UNK YD 156 -72.75 -129.29 -24.78
N UNK YD 157 -73.23 -128.55 -23.80
CA UNK YD 157 -72.44 -127.49 -23.19
C UNK YD 157 -71.49 -128.13 -22.19
N UNK YD 158 -70.34 -128.58 -22.67
CA UNK YD 158 -69.32 -129.14 -21.80
C UNK YD 158 -68.47 -128.04 -21.20
N UNK YD 159 -67.93 -128.30 -20.01
CA UNK YD 159 -67.06 -127.32 -19.38
C UNK YD 159 -65.68 -127.34 -19.98
N UNK YD 160 -65.08 -128.51 -20.16
CA UNK YD 160 -63.84 -128.63 -20.91
C UNK YD 160 -64.07 -129.58 -22.06
N UNK YD 161 -63.62 -129.18 -23.25
CA UNK YD 161 -63.83 -129.95 -24.46
C UNK YD 161 -62.49 -130.25 -25.09
N UNK YD 162 -62.38 -131.43 -25.70
CA UNK YD 162 -61.15 -131.87 -26.33
C UNK YD 162 -61.53 -132.68 -27.56
N UNK YD 163 -61.57 -132.03 -28.71
CA UNK YD 163 -62.12 -132.62 -29.93
C UNK YD 163 -61.02 -132.67 -30.98
N UNK YD 164 -60.75 -133.88 -31.47
CA UNK YD 164 -59.72 -134.09 -32.48
C UNK YD 164 -60.32 -134.84 -33.65
N UNK YD 165 -60.27 -134.22 -34.82
CA UNK YD 165 -60.84 -134.76 -36.04
C UNK YD 165 -59.71 -135.16 -36.98
N UNK YD 166 -59.77 -136.38 -37.50
CA UNK YD 166 -58.60 -136.96 -38.16
C UNK YD 166 -58.64 -136.94 -39.68
N UNK YD 167 -59.78 -137.23 -40.32
CA UNK YD 167 -59.85 -137.27 -41.80
C UNK YD 167 -61.29 -136.99 -42.25
N UNK YD 168 -61.56 -135.72 -42.61
CA UNK YD 168 -62.84 -135.23 -43.20
C UNK YD 168 -64.06 -135.50 -42.33
N UNK YD 169 -63.85 -135.44 -41.01
CA UNK YD 169 -64.93 -135.50 -40.06
C UNK YD 169 -65.53 -134.12 -39.87
N UNK YD 170 -66.63 -134.05 -39.13
CA UNK YD 170 -67.29 -132.76 -38.90
C UNK YD 170 -67.88 -132.79 -37.51
N UNK YD 171 -67.44 -131.87 -36.65
CA UNK YD 171 -67.81 -131.91 -35.25
C UNK YD 171 -68.29 -130.54 -34.80
N UNK YD 172 -69.51 -130.49 -34.29
CA UNK YD 172 -70.12 -129.26 -33.79
C UNK YD 172 -69.99 -129.26 -32.27
N UNK YD 173 -68.99 -128.57 -31.76
CA UNK YD 173 -68.70 -128.51 -30.33
C UNK YD 173 -69.22 -127.21 -29.74
N UNK YD 174 -69.30 -127.20 -28.40
CA UNK YD 174 -69.65 -126.01 -27.64
C UNK YD 174 -69.02 -126.18 -26.26
N UNK YD 175 -68.17 -125.24 -25.87
CA UNK YD 175 -67.39 -125.37 -24.64
C UNK YD 175 -67.66 -124.19 -23.71
N UNK YD 176 -67.80 -124.49 -22.42
CA UNK YD 176 -68.04 -123.44 -21.45
C UNK YD 176 -66.75 -122.78 -20.99
N UNK YD 177 -65.86 -123.55 -20.36
CA UNK YD 177 -64.69 -122.98 -19.72
C UNK YD 177 -63.41 -123.17 -20.52
N UNK YD 178 -63.28 -124.26 -21.25
CA UNK YD 178 -62.02 -124.58 -21.90
C UNK YD 178 -62.30 -125.32 -23.19
N UNK YD 179 -61.75 -124.83 -24.29
CA UNK YD 179 -61.89 -125.45 -25.60
C UNK YD 179 -60.54 -125.94 -26.07
N UNK YD 180 -60.49 -127.20 -26.47
CA UNK YD 180 -59.28 -127.84 -26.96
C UNK YD 180 -59.62 -128.45 -28.30
N UNK YD 181 -59.00 -127.95 -29.37
CA UNK YD 181 -59.39 -128.41 -30.69
C UNK YD 181 -58.16 -128.79 -31.49
N UNK YD 182 -58.18 -129.97 -32.09
CA UNK YD 182 -57.21 -130.34 -33.11
C UNK YD 182 -57.99 -130.85 -34.31
N UNK YD 183 -57.66 -130.31 -35.48
CA UNK YD 183 -58.34 -130.75 -36.69
C UNK YD 183 -57.31 -131.16 -37.73
N UNK YD 184 -57.69 -132.10 -38.60
CA UNK YD 184 -56.81 -132.59 -39.66
C UNK YD 184 -57.67 -132.96 -40.85
N UNK YD 185 -57.55 -132.17 -41.94
CA UNK YD 185 -58.28 -132.31 -43.22
C UNK YD 185 -59.81 -132.29 -43.07
N UNK YD 186 -60.31 -131.58 -42.07
CA UNK YD 186 -61.66 -131.78 -41.57
C UNK YD 186 -62.20 -130.45 -41.06
N UNK YD 187 -63.33 -130.52 -40.36
CA UNK YD 187 -63.99 -129.32 -39.85
C UNK YD 187 -64.38 -129.50 -38.40
N UNK YD 188 -64.11 -128.49 -37.58
CA UNK YD 188 -64.58 -128.43 -36.21
C UNK YD 188 -65.25 -127.08 -36.01
N UNK YD 189 -66.55 -127.09 -35.75
CA UNK YD 189 -67.33 -125.86 -35.66
C UNK YD 189 -67.57 -125.55 -34.19
N UNK YD 190 -67.17 -124.36 -33.76
CA UNK YD 190 -67.19 -123.97 -32.36
C UNK YD 190 -68.33 -122.99 -32.12
N UNK YD 191 -69.50 -123.50 -31.79
CA UNK YD 191 -70.72 -122.69 -31.76
C UNK YD 191 -70.97 -122.02 -30.42
N UNK YD 192 -70.00 -122.00 -29.52
CA UNK YD 192 -70.10 -121.22 -28.29
C UNK YD 192 -68.71 -120.75 -27.93
N UNK YD 193 -68.58 -119.46 -27.61
CA UNK YD 193 -67.29 -118.88 -27.31
C UNK YD 193 -66.88 -119.30 -25.90
N UNK YD 194 -65.78 -120.02 -25.80
CA UNK YD 194 -65.32 -120.57 -24.53
C UNK YD 194 -64.71 -119.49 -23.67
N UNK YD 195 -64.52 -119.80 -22.40
CA UNK YD 195 -63.78 -118.90 -21.53
C UNK YD 195 -62.30 -118.92 -21.84
N UNK YD 196 -61.77 -120.07 -22.25
CA UNK YD 196 -60.41 -120.13 -22.74
C UNK YD 196 -60.34 -121.13 -23.87
N UNK YD 197 -60.13 -120.66 -25.08
CA UNK YD 197 -60.14 -121.49 -26.27
C UNK YD 197 -58.73 -121.66 -26.80
N UNK YD 198 -58.47 -122.82 -27.41
CA UNK YD 198 -57.22 -123.09 -28.08
C UNK YD 198 -57.48 -124.12 -29.17
N UNK YD 199 -57.12 -123.77 -30.40
CA UNK YD 199 -57.48 -124.57 -31.55
C UNK YD 199 -56.28 -124.66 -32.49
N UNK YD 200 -55.95 -125.86 -32.91
CA UNK YD 200 -54.84 -126.10 -33.82
C UNK YD 200 -55.37 -126.82 -35.05
N UNK YD 201 -55.19 -126.20 -36.20
CA UNK YD 201 -55.54 -126.78 -37.49
C UNK YD 201 -54.31 -127.42 -38.10
N UNK YD 202 -54.47 -128.61 -38.64
CA UNK YD 202 -53.42 -129.36 -39.31
C UNK YD 202 -53.52 -129.10 -40.81
N UNK YD 203 -52.95 -130.01 -41.61
CA UNK YD 203 -53.00 -129.96 -43.06
C UNK YD 203 -54.43 -130.01 -43.60
N UNK YD 204 -54.81 -128.89 -44.25
CA UNK YD 204 -56.07 -128.66 -44.98
C UNK YD 204 -57.30 -128.76 -44.07
N UNK YD 205 -57.15 -128.29 -42.84
CA UNK YD 205 -58.17 -128.42 -41.82
C UNK YD 205 -58.80 -127.07 -41.51
N UNK YD 206 -59.89 -127.08 -40.75
CA UNK YD 206 -60.67 -125.88 -40.52
C UNK YD 206 -61.31 -125.91 -39.13
N UNK YD 207 -60.71 -125.19 -38.18
CA UNK YD 207 -61.31 -125.06 -36.85
C UNK YD 207 -62.06 -123.73 -36.77
N UNK YD 208 -63.04 -123.56 -37.67
CA UNK YD 208 -63.74 -122.29 -37.81
C UNK YD 208 -64.82 -122.19 -36.75
N UNK YD 209 -64.80 -121.10 -35.98
CA UNK YD 209 -65.75 -120.91 -34.90
C UNK YD 209 -67.04 -120.36 -35.50
N UNK YD 210 -67.96 -121.27 -35.81
CA UNK YD 210 -69.18 -120.92 -36.54
C UNK YD 210 -70.28 -120.46 -35.58
N UNK YD 211 -70.06 -119.29 -34.97
CA UNK YD 211 -71.08 -118.71 -34.12
C UNK YD 211 -72.09 -117.98 -34.97
N UNK YD 212 -73.31 -117.89 -34.45
CA UNK YD 212 -74.37 -117.16 -35.14
C UNK YD 212 -74.16 -115.68 -34.93
N UNK YD 213 -73.62 -115.01 -35.95
CA UNK YD 213 -73.56 -113.55 -35.96
C UNK YD 213 -74.97 -112.98 -36.07
N UNK YD 214 -75.12 -111.75 -35.57
CA UNK YD 214 -76.36 -111.20 -34.99
C UNK YD 214 -76.98 -112.18 -34.00
N UNK YD 215 -76.25 -112.40 -32.92
CA UNK YD 215 -76.92 -112.86 -31.71
C UNK YD 215 -77.45 -111.67 -30.95
N UNK YD 216 -78.16 -111.94 -29.86
CA UNK YD 216 -78.69 -110.86 -29.04
C UNK YD 216 -77.57 -110.22 -28.22
N UNK YD 217 -76.81 -111.05 -27.51
CA UNK YD 217 -75.59 -110.59 -26.85
C UNK YD 217 -74.49 -111.61 -27.15
N UNK YD 218 -73.85 -111.44 -28.29
CA UNK YD 218 -72.69 -112.25 -28.62
C UNK YD 218 -71.48 -111.63 -27.94
N UNK YD 219 -70.88 -112.35 -27.00
CA UNK YD 219 -69.71 -111.84 -26.31
C UNK YD 219 -68.51 -111.93 -27.21
N UNK YD 220 -67.67 -110.90 -27.19
CA UNK YD 220 -66.53 -110.87 -28.09
C UNK YD 220 -65.39 -111.70 -27.52
N UNK YD 221 -64.45 -112.05 -28.39
CA UNK YD 221 -63.25 -112.74 -27.98
C UNK YD 221 -62.32 -111.75 -27.28
N UNK YD 222 -62.14 -111.94 -25.97
CA UNK YD 222 -61.44 -110.98 -25.12
C UNK YD 222 -59.92 -111.15 -25.22
N UNK YD 223 -59.19 -110.53 -24.30
CA UNK YD 223 -57.73 -110.61 -24.26
C UNK YD 223 -57.22 -111.99 -23.86
N UNK YD 224 -58.02 -112.77 -23.16
CA UNK YD 224 -57.63 -114.11 -22.76
C UNK YD 224 -58.13 -115.19 -23.71
N UNK YD 225 -59.02 -114.87 -24.65
CA UNK YD 225 -59.61 -115.90 -25.49
C UNK YD 225 -59.44 -115.67 -26.98
N UNK YD 226 -58.66 -114.69 -27.40
CA UNK YD 226 -58.49 -114.40 -28.81
C UNK YD 226 -57.39 -115.26 -29.38
N UNK YD 227 -57.75 -116.22 -30.22
CA UNK YD 227 -56.78 -116.93 -31.04
C UNK YD 227 -57.12 -116.70 -32.51
N UNK YD 228 -56.15 -116.99 -33.36
CA UNK YD 228 -56.28 -116.73 -34.80
C UNK YD 228 -57.20 -117.74 -35.48
N UNK ZD 1 -92.35 -125.59 -22.87
CA UNK ZD 1 -92.16 -127.02 -22.90
C UNK ZD 1 -90.79 -127.41 -22.37
N UNK ZD 2 -90.47 -126.92 -21.18
CA UNK ZD 2 -89.15 -127.11 -20.58
C UNK ZD 2 -89.11 -128.38 -19.75
N UNK ZD 3 -88.02 -128.56 -19.00
CA UNK ZD 3 -87.89 -129.63 -18.02
C UNK ZD 3 -86.96 -129.09 -16.94
N UNK ZD 4 -87.55 -128.59 -15.85
CA UNK ZD 4 -86.75 -127.93 -14.83
C UNK ZD 4 -86.09 -128.95 -13.92
N UNK ZD 5 -85.07 -128.49 -13.21
CA UNK ZD 5 -84.45 -129.24 -12.14
C UNK ZD 5 -84.78 -128.59 -10.81
N UNK ZD 6 -84.75 -129.38 -9.75
CA UNK ZD 6 -85.24 -128.95 -8.45
C UNK ZD 6 -84.19 -128.28 -7.59
N UNK ZD 7 -83.04 -127.92 -8.15
CA UNK ZD 7 -81.98 -127.25 -7.41
C UNK ZD 7 -82.20 -125.75 -7.44
N UNK ZD 8 -81.18 -124.98 -7.07
CA UNK ZD 8 -81.23 -123.54 -7.28
C UNK ZD 8 -81.08 -123.24 -8.77
N UNK ZD 9 -82.22 -123.12 -9.45
CA UNK ZD 9 -82.41 -122.39 -10.70
C UNK ZD 9 -81.69 -122.99 -11.92
N UNK ZD 10 -81.94 -124.27 -12.19
CA UNK ZD 10 -81.46 -124.89 -13.42
C UNK ZD 10 -82.64 -125.51 -14.18
N UNK ZD 11 -82.55 -125.51 -15.51
CA UNK ZD 11 -83.64 -126.03 -16.32
C UNK ZD 11 -83.10 -126.52 -17.65
N UNK ZD 12 -83.29 -127.80 -17.96
CA UNK ZD 12 -83.09 -128.22 -19.33
C UNK ZD 12 -84.31 -127.85 -20.17
N UNK ZD 13 -84.14 -127.86 -21.48
CA UNK ZD 13 -85.24 -127.50 -22.37
C UNK ZD 13 -85.11 -128.29 -23.67
N UNK ZD 14 -86.25 -128.77 -24.15
CA UNK ZD 14 -86.27 -129.69 -25.29
C UNK ZD 14 -87.08 -129.13 -26.44
N UNK ZD 15 -86.88 -127.84 -26.77
CA UNK ZD 15 -87.40 -127.33 -28.03
C UNK ZD 15 -86.56 -127.87 -29.18
N UNK ZD 16 -85.28 -127.53 -29.21
CA UNK ZD 16 -84.30 -128.32 -29.93
C UNK ZD 16 -83.31 -128.96 -28.97
N UNK ZD 17 -82.56 -128.14 -28.22
CA UNK ZD 17 -81.62 -128.54 -27.18
C UNK ZD 17 -81.22 -127.34 -26.34
N UNK ZD 18 -81.41 -127.39 -25.02
CA UNK ZD 18 -80.88 -126.36 -24.13
C UNK ZD 18 -80.65 -126.95 -22.75
N UNK ZD 19 -79.63 -126.44 -22.05
CA UNK ZD 19 -79.47 -126.65 -20.60
C UNK ZD 19 -79.17 -125.30 -19.97
N UNK ZD 20 -80.23 -124.53 -19.70
CA UNK ZD 20 -80.08 -123.16 -19.25
C UNK ZD 20 -80.32 -123.06 -17.75
N UNK ZD 21 -80.34 -121.81 -17.26
CA UNK ZD 21 -80.47 -121.56 -15.85
C UNK ZD 21 -81.46 -120.44 -15.61
N UNK ZD 22 -82.26 -120.59 -14.56
CA UNK ZD 22 -83.27 -119.62 -14.17
C UNK ZD 22 -82.67 -118.64 -13.18
N UNK ZD 23 -83.51 -117.90 -12.47
CA UNK ZD 23 -83.10 -117.18 -11.28
C UNK ZD 23 -83.70 -117.74 -10.00
N UNK ZD 24 -84.97 -118.18 -10.08
CA UNK ZD 24 -85.77 -118.82 -9.00
C UNK ZD 24 -85.90 -117.94 -7.76
N UNK ZD 25 -86.00 -116.63 -7.97
CA UNK ZD 25 -86.33 -115.69 -6.92
C UNK ZD 25 -87.49 -114.78 -7.28
N UNK ZD 26 -87.76 -114.60 -8.58
CA UNK ZD 26 -88.96 -113.93 -9.05
C UNK ZD 26 -90.06 -114.93 -9.43
N UNK ZD 27 -89.68 -116.20 -9.65
CA UNK ZD 27 -90.56 -117.38 -9.80
C UNK ZD 27 -91.50 -117.27 -11.00
N UNK ZD 28 -90.92 -117.16 -12.19
CA UNK ZD 28 -91.69 -117.18 -13.44
C UNK ZD 28 -91.88 -118.63 -13.86
N UNK ZD 29 -92.80 -119.30 -13.17
CA UNK ZD 29 -93.11 -120.71 -13.44
C UNK ZD 29 -94.34 -120.81 -14.35
N UNK ZD 30 -94.21 -120.19 -15.53
CA UNK ZD 30 -95.32 -120.12 -16.46
C UNK ZD 30 -95.52 -121.43 -17.22
N UNK ZD 31 -94.43 -122.18 -17.44
CA UNK ZD 31 -94.32 -123.40 -18.26
C UNK ZD 31 -94.83 -123.21 -19.69
N UNK ZD 32 -94.60 -122.03 -20.25
CA UNK ZD 32 -95.10 -121.64 -21.56
C UNK ZD 32 -94.19 -120.53 -22.06
N UNK ZD 33 -93.51 -120.77 -23.17
CA UNK ZD 33 -92.42 -119.91 -23.57
C UNK ZD 33 -92.20 -120.04 -25.08
N UNK ZD 34 -91.24 -119.29 -25.58
CA UNK ZD 34 -90.69 -119.46 -26.92
C UNK ZD 34 -89.23 -119.81 -26.73
N UNK ZD 35 -88.94 -121.10 -26.62
CA UNK ZD 35 -87.59 -121.58 -26.39
C UNK ZD 35 -86.89 -121.79 -27.73
N UNK ZD 36 -85.72 -121.18 -27.87
CA UNK ZD 36 -84.97 -121.24 -29.11
C UNK ZD 36 -83.55 -121.72 -28.83
N UNK ZD 37 -82.88 -122.16 -29.89
CA UNK ZD 37 -81.47 -122.55 -29.82
C UNK ZD 37 -80.55 -121.39 -30.19
N UNK ZD 38 -80.78 -120.24 -29.56
CA UNK ZD 38 -79.88 -119.10 -29.57
C UNK ZD 38 -79.76 -118.55 -28.16
N UNK ZD 39 -79.90 -119.45 -27.17
CA UNK ZD 39 -79.94 -119.21 -25.72
C UNK ZD 39 -81.01 -118.20 -25.33
N UNK ZD 40 -82.26 -118.56 -25.60
CA UNK ZD 40 -83.38 -117.66 -25.32
C UNK ZD 40 -84.58 -118.50 -24.89
N UNK ZD 41 -84.75 -118.64 -23.58
CA UNK ZD 41 -85.98 -119.15 -23.00
C UNK ZD 41 -86.83 -117.94 -22.65
N UNK ZD 42 -87.67 -117.52 -23.60
CA UNK ZD 42 -88.45 -116.29 -23.48
C UNK ZD 42 -89.82 -116.63 -22.94
N UNK ZD 43 -89.99 -116.49 -21.63
CA UNK ZD 43 -91.19 -116.93 -20.94
C UNK ZD 43 -92.30 -115.89 -21.03
N UNK ZD 44 -93.38 -116.10 -20.27
CA UNK ZD 44 -94.49 -115.16 -20.25
C UNK ZD 44 -94.14 -113.91 -19.44
N UNK ZD 45 -93.38 -114.07 -18.36
CA UNK ZD 45 -92.98 -112.91 -17.57
C UNK ZD 45 -91.76 -112.22 -18.16
N UNK ZD 46 -90.63 -112.93 -18.22
CA UNK ZD 46 -89.37 -112.33 -18.66
C UNK ZD 46 -88.63 -113.36 -19.51
N UNK ZD 47 -87.34 -113.10 -19.74
CA UNK ZD 47 -86.51 -113.95 -20.58
C UNK ZD 47 -85.46 -114.67 -19.72
N UNK ZD 48 -85.05 -115.84 -20.20
CA UNK ZD 48 -84.06 -116.65 -19.50
C UNK ZD 48 -83.03 -117.18 -20.50
N UNK ZD 49 -81.80 -117.30 -20.05
CA UNK ZD 49 -80.72 -117.79 -20.88
C UNK ZD 49 -79.82 -118.72 -20.08
N UNK ZD 50 -78.81 -119.27 -20.73
CA UNK ZD 50 -77.75 -120.01 -20.05
C UNK ZD 50 -76.90 -119.00 -19.29
N UNK ZD 51 -76.83 -119.16 -17.96
CA UNK ZD 51 -76.21 -118.16 -17.11
C UNK ZD 51 -74.69 -118.25 -17.16
N UNK ZD 52 -74.04 -117.12 -16.95
CA UNK ZD 52 -72.59 -117.05 -16.99
C UNK ZD 52 -72.03 -116.50 -15.69
N UNK AE 1 -35.13 -88.52 -56.28
CA UNK AE 1 -36.42 -87.86 -56.20
C UNK AE 1 -37.52 -88.80 -56.70
N UNK AE 2 -38.51 -88.26 -57.41
CA UNK AE 2 -39.58 -89.07 -57.98
C UNK AE 2 -39.07 -89.86 -59.17
N UNK AE 3 -38.47 -91.01 -58.91
CA UNK AE 3 -37.82 -91.81 -59.94
C UNK AE 3 -38.75 -92.92 -60.40
N UNK AE 4 -38.53 -93.35 -61.65
CA UNK AE 4 -38.96 -94.60 -62.27
C UNK AE 4 -40.46 -94.74 -62.55
N UNK AE 5 -41.31 -93.81 -62.13
CA UNK AE 5 -42.60 -93.70 -62.78
C UNK AE 5 -42.45 -92.89 -64.06
N UNK AE 6 -42.12 -91.61 -63.89
CA UNK AE 6 -41.55 -90.69 -64.85
C UNK AE 6 -40.93 -89.59 -64.02
N UNK AE 7 -40.64 -88.44 -64.63
CA UNK AE 7 -40.15 -87.33 -63.83
C UNK AE 7 -41.31 -86.59 -63.16
N UNK AE 8 -40.95 -85.59 -62.37
CA UNK AE 8 -41.94 -84.84 -61.59
C UNK AE 8 -42.67 -83.86 -62.49
N UNK AE 9 -43.99 -84.00 -62.57
CA UNK AE 9 -44.74 -83.12 -63.46
C UNK AE 9 -45.01 -81.77 -62.79
N UNK AE 10 -45.83 -81.75 -61.77
CA UNK AE 10 -46.12 -80.55 -61.02
C UNK AE 10 -45.53 -80.70 -59.64
N UNK AE 11 -45.82 -79.74 -58.77
CA UNK AE 11 -45.54 -79.86 -57.33
C UNK AE 11 -46.84 -79.42 -56.67
N UNK AE 12 -47.66 -80.40 -56.30
CA UNK AE 12 -49.00 -80.13 -55.79
C UNK AE 12 -48.92 -79.58 -54.38
N UNK AE 13 -49.16 -78.28 -54.25
CA UNK AE 13 -49.19 -77.64 -52.96
C UNK AE 13 -50.43 -78.08 -52.19
N UNK AE 14 -50.29 -78.06 -50.86
CA UNK AE 14 -51.05 -78.80 -49.82
C UNK AE 14 -50.98 -80.32 -50.00
N UNK AE 15 -49.90 -80.80 -50.60
CA UNK AE 15 -49.58 -82.22 -50.72
C UNK AE 15 -48.08 -82.37 -50.97
N UNK AE 16 -47.69 -83.57 -51.38
CA UNK AE 16 -46.35 -83.92 -51.81
C UNK AE 16 -46.21 -83.63 -53.30
N UNK AE 17 -45.16 -84.18 -53.92
CA UNK AE 17 -44.90 -83.95 -55.33
C UNK AE 17 -45.85 -84.76 -56.21
N UNK AE 18 -45.87 -84.44 -57.49
CA UNK AE 18 -46.73 -85.12 -58.44
C UNK AE 18 -45.87 -85.57 -59.61
N UNK AE 19 -45.44 -86.83 -59.57
CA UNK AE 19 -44.74 -87.44 -60.68
C UNK AE 19 -45.71 -87.70 -61.82
N UNK AE 20 -45.18 -87.94 -63.02
CA UNK AE 20 -45.99 -87.92 -64.22
C UNK AE 20 -46.65 -89.26 -64.54
N UNK AE 21 -46.80 -90.14 -63.56
CA UNK AE 21 -47.91 -91.08 -63.52
C UNK AE 21 -48.80 -90.81 -62.30
N UNK AE 22 -48.24 -90.87 -61.08
CA UNK AE 22 -49.02 -90.75 -59.86
C UNK AE 22 -48.35 -89.80 -58.87
N UNK AE 23 -48.97 -89.59 -57.71
CA UNK AE 23 -48.46 -88.66 -56.71
C UNK AE 23 -47.31 -89.31 -55.94
N UNK AE 24 -46.17 -88.64 -55.92
CA UNK AE 24 -44.92 -89.27 -55.50
C UNK AE 24 -44.80 -89.29 -53.99
N UNK AE 25 -43.70 -89.89 -53.51
CA UNK AE 25 -43.44 -90.02 -52.10
C UNK AE 25 -42.55 -88.90 -51.57
N UNK AE 26 -41.93 -88.13 -52.45
CA UNK AE 26 -41.08 -87.03 -52.04
C UNK AE 26 -41.93 -85.81 -51.74
N UNK AE 27 -41.65 -85.14 -50.63
CA UNK AE 27 -42.50 -84.05 -50.16
C UNK AE 27 -42.19 -82.78 -50.92
N UNK AE 28 -43.25 -82.06 -51.32
CA UNK AE 28 -43.08 -80.86 -52.13
C UNK AE 28 -42.68 -79.66 -51.30
N UNK AE 29 -43.54 -79.24 -50.39
CA UNK AE 29 -43.39 -78.00 -49.66
C UNK AE 29 -42.87 -78.25 -48.25
N UNK AE 30 -42.75 -77.16 -47.49
CA UNK AE 30 -42.45 -77.30 -46.07
C UNK AE 30 -43.66 -77.78 -45.31
N UNK AE 31 -44.85 -77.37 -45.74
CA UNK AE 31 -46.06 -77.51 -44.96
C UNK AE 31 -46.93 -78.66 -45.44
N UNK AE 32 -46.32 -79.76 -45.85
CA UNK AE 32 -47.07 -80.96 -46.15
C UNK AE 32 -47.08 -81.86 -44.91
N UNK AE 33 -47.80 -82.98 -44.97
CA UNK AE 33 -48.02 -83.80 -43.78
C UNK AE 33 -46.90 -84.81 -43.56
N UNK AE 34 -45.69 -84.30 -43.37
CA UNK AE 34 -44.56 -85.13 -43.01
C UNK AE 34 -44.68 -85.47 -41.54
N UNK AE 35 -44.74 -86.75 -41.21
CA UNK AE 35 -45.03 -87.19 -39.84
C UNK AE 35 -43.75 -87.20 -39.01
N UNK AE 36 -43.25 -86.00 -38.71
CA UNK AE 36 -42.07 -85.85 -37.89
C UNK AE 36 -42.46 -86.08 -36.44
N UNK AE 37 -41.66 -86.86 -35.72
CA UNK AE 37 -41.95 -87.12 -34.33
C UNK AE 37 -40.72 -87.00 -33.44
N UNK AE 38 -39.57 -86.60 -33.98
CA UNK AE 38 -38.38 -86.37 -33.16
C UNK AE 38 -37.88 -84.97 -33.43
N UNK AE 39 -38.06 -84.08 -32.45
CA UNK AE 39 -37.54 -82.73 -32.56
C UNK AE 39 -36.04 -82.71 -32.28
N UNK AE 40 -35.44 -81.57 -32.59
CA UNK AE 40 -34.07 -81.27 -32.15
C UNK AE 40 -34.07 -79.79 -31.79
N UNK AE 41 -34.41 -79.50 -30.53
CA UNK AE 41 -34.50 -78.11 -30.08
C UNK AE 41 -34.28 -78.06 -28.58
N UNK AE 42 -33.70 -76.95 -28.12
CA UNK AE 42 -33.59 -76.70 -26.71
C UNK AE 42 -34.92 -76.15 -26.19
N UNK AE 43 -35.37 -76.71 -25.06
CA UNK AE 43 -36.60 -76.35 -24.31
C UNK AE 43 -37.88 -76.58 -25.12
N UNK AE 44 -37.84 -77.50 -26.08
CA UNK AE 44 -39.03 -77.86 -26.84
C UNK AE 44 -39.96 -78.70 -25.98
N UNK AE 45 -41.27 -78.50 -26.18
CA UNK AE 45 -42.47 -79.02 -25.51
C UNK AE 45 -42.70 -78.46 -24.09
N UNK AE 46 -41.76 -77.69 -23.56
CA UNK AE 46 -42.04 -76.53 -22.75
C UNK AE 46 -41.96 -75.35 -23.70
N UNK AE 47 -42.00 -74.13 -23.18
CA UNK AE 47 -41.87 -72.97 -24.06
C UNK AE 47 -40.41 -72.76 -24.44
N UNK AE 48 -40.16 -71.92 -25.43
CA UNK AE 48 -38.84 -71.83 -26.07
C UNK AE 48 -37.84 -71.05 -25.20
N UNK AE 49 -36.63 -70.86 -25.73
CA UNK AE 49 -35.55 -70.24 -24.98
C UNK AE 49 -35.78 -68.74 -24.87
N UNK AE 50 -35.89 -68.25 -23.63
CA UNK AE 50 -36.03 -66.82 -23.37
C UNK AE 50 -34.71 -66.16 -23.68
N UNK AE 51 -34.60 -65.64 -24.91
CA UNK AE 51 -33.33 -65.47 -25.60
C UNK AE 51 -32.48 -64.31 -25.11
N UNK AE 52 -32.96 -63.49 -24.18
CA UNK AE 52 -32.21 -62.33 -23.72
C UNK AE 52 -31.18 -62.65 -22.64
N UNK AE 53 -31.07 -63.91 -22.22
CA UNK AE 53 -30.13 -64.26 -21.17
C UNK AE 53 -28.71 -64.36 -21.72
N UNK AE 54 -27.75 -63.88 -20.91
CA UNK AE 54 -26.33 -64.09 -21.18
C UNK AE 54 -25.73 -64.53 -19.83
N UNK AE 55 -25.83 -65.82 -19.57
CA UNK AE 55 -25.44 -66.38 -18.29
C UNK AE 55 -25.01 -67.82 -18.53
N UNK AE 56 -24.98 -68.63 -17.47
CA UNK AE 56 -24.64 -70.04 -17.63
C UNK AE 56 -25.82 -70.84 -18.16
N UNK AE 57 -26.95 -70.79 -17.47
CA UNK AE 57 -28.07 -71.68 -17.75
C UNK AE 57 -28.89 -71.20 -18.95
N UNK AE 58 -29.70 -72.11 -19.46
CA UNK AE 58 -30.61 -71.85 -20.57
C UNK AE 58 -32.03 -71.92 -20.06
N UNK AE 59 -32.56 -70.81 -19.59
CA UNK AE 59 -33.90 -70.78 -19.04
C UNK AE 59 -34.92 -70.71 -20.17
N UNK AE 60 -36.00 -71.46 -20.02
CA UNK AE 60 -37.06 -71.44 -21.01
C UNK AE 60 -37.94 -70.22 -20.83
N UNK AE 61 -38.86 -69.99 -21.78
CA UNK AE 61 -39.84 -68.92 -21.61
C UNK AE 61 -40.95 -69.29 -20.65
N UNK AE 62 -41.11 -70.57 -20.32
CA UNK AE 62 -41.97 -71.03 -19.24
C UNK AE 62 -41.23 -71.16 -17.92
N UNK AE 63 -40.02 -70.58 -17.85
CA UNK AE 63 -39.15 -70.46 -16.66
C UNK AE 63 -38.74 -71.82 -16.09
N UNK AE 64 -38.55 -72.79 -16.95
CA UNK AE 64 -37.92 -74.03 -16.56
C UNK AE 64 -36.47 -74.02 -17.03
N UNK AE 65 -35.56 -74.29 -16.11
CA UNK AE 65 -34.14 -74.33 -16.44
C UNK AE 65 -33.84 -75.63 -17.16
N UNK AE 66 -33.35 -75.52 -18.39
CA UNK AE 66 -33.06 -76.69 -19.20
C UNK AE 66 -31.74 -77.27 -18.72
N UNK AE 67 -31.82 -78.26 -17.83
CA UNK AE 67 -30.63 -78.91 -17.32
C UNK AE 67 -30.00 -79.85 -18.33
N UNK AE 68 -30.76 -80.29 -19.34
CA UNK AE 68 -30.19 -81.08 -20.41
C UNK AE 68 -29.49 -80.23 -21.46
N UNK AE 69 -29.63 -78.91 -21.41
CA UNK AE 69 -29.03 -78.06 -22.43
C UNK AE 69 -28.31 -76.86 -21.86
N UNK AE 70 -27.59 -77.01 -20.76
CA UNK AE 70 -26.83 -75.90 -20.19
C UNK AE 70 -25.49 -76.35 -19.63
N LYS BE 24 -22.74 -126.45 -19.39
CA LYS BE 24 -23.30 -125.15 -19.74
C LYS BE 24 -24.43 -124.78 -18.81
N PHE BE 25 -24.50 -123.53 -18.42
CA PHE BE 25 -25.50 -123.05 -17.47
C PHE BE 25 -26.20 -121.84 -18.05
N LYS BE 26 -27.53 -121.90 -18.12
CA LYS BE 26 -28.31 -120.82 -18.71
C LYS BE 26 -29.68 -120.75 -18.05
N LYS BE 27 -30.08 -119.55 -17.68
CA LYS BE 27 -31.45 -119.23 -17.29
C LYS BE 27 -32.29 -119.14 -18.55
N PRO BE 28 -33.62 -119.36 -18.46
CA PRO BE 28 -34.45 -119.39 -19.69
C PRO BE 28 -34.61 -118.05 -20.43
N PRO BE 29 -35.08 -116.91 -19.83
CA PRO BE 29 -35.35 -115.76 -20.73
C PRO BE 29 -34.12 -114.93 -21.05
N ILE BE 30 -33.57 -115.14 -22.24
CA ILE BE 30 -32.51 -114.27 -22.72
C ILE BE 30 -33.13 -113.38 -23.77
N ASN BE 31 -33.50 -112.18 -23.38
CA ASN BE 31 -34.21 -111.26 -24.24
C ASN BE 31 -33.19 -110.37 -24.96
N ASN BE 32 -33.67 -109.29 -25.56
CA ASN BE 32 -32.79 -108.29 -26.12
C ASN BE 32 -32.13 -107.47 -25.01
N PRO BE 33 -31.04 -106.77 -25.31
CA PRO BE 33 -30.53 -105.82 -24.32
C PRO BE 33 -31.41 -104.60 -24.16
N SER BE 34 -32.02 -104.46 -22.99
CA SER BE 34 -32.74 -103.25 -22.64
C SER BE 34 -31.78 -102.16 -22.22
N ASP BE 35 -32.32 -100.96 -22.09
CA ASP BE 35 -31.54 -99.88 -21.51
C ASP BE 35 -32.24 -99.37 -20.27
N ASP BE 36 -31.55 -98.47 -19.57
CA ASP BE 36 -32.01 -98.01 -18.27
C ASP BE 36 -33.16 -97.03 -18.36
N ALA BE 37 -33.38 -96.44 -19.55
CA ALA BE 37 -34.53 -95.57 -19.79
C ALA BE 37 -35.82 -96.31 -19.75
N THR BE 38 -35.93 -97.40 -20.50
CA THR BE 38 -37.13 -98.20 -20.43
C THR BE 38 -37.19 -99.07 -19.19
N ILE BE 39 -36.06 -99.27 -18.49
CA ILE BE 39 -36.11 -99.87 -17.15
C ILE BE 39 -36.82 -98.96 -16.16
N LYS BE 40 -36.45 -97.68 -16.10
CA LYS BE 40 -37.12 -96.82 -15.12
C LYS BE 40 -38.47 -96.33 -15.61
N LEU BE 41 -38.71 -96.39 -16.92
CA LEU BE 41 -40.05 -96.26 -17.46
C LEU BE 41 -40.94 -97.41 -17.02
N ALA BE 42 -40.38 -98.62 -16.95
CA ALA BE 42 -41.12 -99.79 -16.54
C ALA BE 42 -41.46 -99.78 -15.06
N GLU BE 43 -40.50 -99.45 -14.19
CA GLU BE 43 -40.90 -99.41 -12.78
C GLU BE 43 -41.52 -98.09 -12.37
N ALA BE 44 -41.60 -97.09 -13.24
CA ALA BE 44 -42.60 -96.06 -13.02
C ALA BE 44 -43.98 -96.57 -13.36
N ALA BE 45 -44.04 -97.32 -14.46
CA ALA BE 45 -45.29 -97.74 -15.07
C ALA BE 45 -46.02 -98.77 -14.25
N VAL BE 46 -45.31 -99.63 -13.53
CA VAL BE 46 -46.01 -100.63 -12.74
C VAL BE 46 -46.57 -100.06 -11.45
N SER BE 47 -45.95 -99.01 -10.90
CA SER BE 47 -46.46 -98.34 -9.72
C SER BE 47 -47.67 -97.51 -10.08
N VAL BE 48 -47.64 -96.90 -11.27
CA VAL BE 48 -48.80 -96.14 -11.68
C VAL BE 48 -49.91 -97.06 -12.17
N SER BE 49 -49.55 -98.28 -12.58
CA SER BE 49 -50.51 -99.31 -12.96
C SER BE 49 -51.28 -99.85 -11.77
N ASP BE 50 -50.60 -100.23 -10.69
CA ASP BE 50 -51.37 -100.81 -9.61
C ASP BE 50 -52.00 -99.75 -8.71
N SER BE 51 -51.52 -98.50 -8.74
CA SER BE 51 -52.32 -97.46 -8.08
C SER BE 51 -53.55 -97.11 -8.90
N MET BE 52 -53.46 -97.23 -10.23
CA MET BE 52 -54.64 -97.06 -11.07
C MET BE 52 -55.62 -98.22 -10.89
N LEU BE 53 -55.11 -99.43 -10.67
CA LEU BE 53 -55.93 -100.59 -10.38
C LEU BE 53 -56.60 -100.50 -9.01
N GLU BE 54 -55.92 -99.89 -8.03
CA GLU BE 54 -56.51 -99.56 -6.74
C GLU BE 54 -57.62 -98.53 -6.86
N MET BE 55 -57.44 -97.57 -7.77
CA MET BE 55 -58.46 -96.55 -8.04
C MET BE 55 -59.70 -97.15 -8.69
N ALA BE 56 -59.50 -98.15 -9.56
CA ALA BE 56 -60.62 -98.85 -10.17
C ALA BE 56 -61.37 -99.72 -9.17
N LYS BE 57 -60.66 -100.26 -8.20
CA LYS BE 57 -61.28 -101.08 -7.16
C LYS BE 57 -62.13 -100.25 -6.20
N VAL BE 58 -61.61 -99.09 -5.77
CA VAL BE 58 -62.33 -98.21 -4.84
C VAL BE 58 -63.55 -97.56 -5.53
N GLU BE 59 -63.47 -97.29 -6.84
CA GLU BE 59 -64.62 -96.73 -7.53
C GLU BE 59 -65.67 -97.79 -7.83
N LYS BE 60 -65.25 -99.01 -8.19
CA LYS BE 60 -66.24 -100.01 -8.54
C LYS BE 60 -66.86 -100.69 -7.33
N VAL BE 61 -66.36 -100.46 -6.13
CA VAL BE 61 -67.12 -100.91 -4.97
C VAL BE 61 -67.76 -99.77 -4.18
N ILE BE 62 -67.40 -98.50 -4.43
CA ILE BE 62 -68.20 -97.43 -3.83
C ILE BE 62 -69.39 -97.04 -4.70
N THR BE 63 -69.38 -97.40 -5.97
CA THR BE 63 -70.62 -97.47 -6.70
C THR BE 63 -70.56 -98.78 -7.47
N PRO BE 64 -71.50 -99.69 -7.25
CA PRO BE 64 -71.64 -100.80 -8.16
C PRO BE 64 -72.14 -100.30 -9.50
N PRO BE 65 -71.59 -100.80 -10.61
CA PRO BE 65 -72.10 -100.39 -11.92
C PRO BE 65 -73.47 -101.00 -12.17
N SER BE 66 -74.42 -100.13 -12.50
CA SER BE 66 -75.81 -100.54 -12.62
C SER BE 66 -76.05 -101.35 -13.88
N LYS BE 67 -75.69 -100.79 -15.03
CA LYS BE 67 -75.91 -101.49 -16.29
C LYS BE 67 -74.81 -101.11 -17.26
N ASP BE 68 -74.75 -101.86 -18.35
CA ASP BE 68 -73.73 -101.76 -19.38
C ASP BE 68 -74.13 -100.71 -20.42
N ASN BE 69 -73.45 -100.72 -21.56
CA ASN BE 69 -73.88 -99.94 -22.70
C ASN BE 69 -74.20 -100.82 -23.89
N THR BE 70 -74.31 -102.13 -23.69
CA THR BE 70 -74.72 -103.01 -24.77
C THR BE 70 -76.21 -102.92 -25.04
N LEU BE 71 -76.98 -102.44 -24.07
CA LEU BE 71 -78.41 -102.29 -24.28
C LEU BE 71 -78.74 -101.00 -25.01
N THR BE 72 -77.79 -100.08 -25.12
CA THR BE 72 -77.95 -98.97 -26.04
C THR BE 72 -77.09 -99.10 -27.30
N ILE BE 73 -76.03 -99.89 -27.25
CA ILE BE 73 -75.25 -100.25 -28.43
C ILE BE 73 -75.33 -101.76 -28.62
N PRO BE 74 -76.34 -102.30 -29.29
CA PRO BE 74 -76.40 -103.76 -29.48
C PRO BE 74 -75.71 -104.21 -30.75
N ASN BE 75 -75.44 -105.50 -30.86
CA ASN BE 75 -74.68 -105.99 -31.99
C ASN BE 75 -75.59 -106.26 -33.18
N ALA BE 76 -74.97 -106.42 -34.34
CA ALA BE 76 -75.72 -106.70 -35.56
C ALA BE 76 -74.86 -107.49 -36.53
N TYR BE 77 -75.55 -108.24 -37.38
CA TYR BE 77 -74.93 -108.74 -38.60
C TYR BE 77 -74.66 -107.56 -39.48
N ASN BE 78 -73.38 -107.37 -39.83
CA ASN BE 78 -72.57 -106.31 -40.47
C ASN BE 78 -72.10 -105.28 -39.44
N LEU BE 79 -72.49 -105.40 -38.17
CA LEU BE 79 -71.69 -104.83 -37.11
C LEU BE 79 -70.68 -105.84 -36.57
N GLN BE 80 -70.80 -107.10 -36.96
CA GLN BE 80 -69.91 -108.16 -36.50
C GLN BE 80 -68.68 -108.32 -37.36
N ALA BE 81 -68.40 -107.38 -38.25
CA ALA BE 81 -67.06 -107.30 -38.82
C ALA BE 81 -66.12 -106.75 -37.76
N ARG BE 82 -64.84 -107.07 -37.89
CA ARG BE 82 -63.91 -106.71 -36.84
C ARG BE 82 -62.97 -105.63 -37.33
N ALA BE 83 -62.24 -105.03 -36.39
CA ALA BE 83 -61.25 -104.05 -36.74
C ALA BE 83 -60.12 -104.08 -35.73
N SER BE 84 -59.05 -103.38 -36.07
CA SER BE 84 -57.90 -103.22 -35.18
C SER BE 84 -57.40 -101.79 -35.32
N VAL BE 85 -57.45 -101.05 -34.23
CA VAL BE 85 -57.49 -99.58 -34.24
C VAL BE 85 -56.39 -99.05 -33.33
N ASP BE 86 -55.49 -98.24 -33.86
CA ASP BE 86 -54.82 -97.27 -33.00
C ASP BE 86 -55.25 -95.89 -33.47
N TRP BE 87 -55.53 -95.02 -32.52
CA TRP BE 87 -56.19 -93.77 -32.81
C TRP BE 87 -55.96 -92.82 -31.65
N SER BE 88 -55.72 -91.56 -31.97
CA SER BE 88 -55.54 -90.57 -30.92
C SER BE 88 -56.22 -89.24 -31.24
N GLY BE 89 -57.09 -89.20 -32.23
CA GLY BE 89 -57.72 -87.97 -32.60
C GLY BE 89 -59.06 -87.77 -31.92
N PRO BE 90 -59.91 -86.93 -32.51
CA PRO BE 90 -61.26 -86.76 -31.97
C PRO BE 90 -62.18 -87.91 -32.37
N ILE BE 91 -63.39 -87.83 -31.85
CA ILE BE 91 -64.29 -88.96 -31.92
C ILE BE 91 -65.00 -89.07 -33.27
N GLU BE 92 -64.99 -87.98 -34.06
CA GLU BE 92 -65.98 -87.82 -35.12
C GLU BE 92 -65.63 -88.59 -36.37
N GLU BE 93 -64.40 -88.44 -36.85
CA GLU BE 93 -64.03 -89.14 -38.08
C GLU BE 93 -63.71 -90.60 -37.81
N LEU BE 94 -63.42 -90.93 -36.55
CA LEU BE 94 -63.29 -92.33 -36.15
C LEU BE 94 -64.63 -93.05 -36.18
N THR BE 95 -65.68 -92.46 -35.57
CA THR BE 95 -66.98 -93.13 -35.62
C THR BE 95 -67.65 -93.01 -36.98
N ALA BE 96 -67.26 -92.00 -37.78
CA ALA BE 96 -67.68 -91.93 -39.16
C ALA BE 96 -67.02 -93.03 -39.99
N ARG BE 97 -65.76 -93.38 -39.68
CA ARG BE 97 -65.12 -94.46 -40.41
C ARG BE 97 -65.61 -95.83 -39.97
N ILE BE 98 -66.00 -95.95 -38.69
CA ILE BE 98 -66.65 -97.15 -38.15
C ILE BE 98 -68.00 -97.38 -38.83
N ALA BE 99 -68.80 -96.32 -38.96
CA ALA BE 99 -70.09 -96.45 -39.59
C ALA BE 99 -70.00 -96.59 -41.11
N LYS BE 100 -68.94 -96.04 -41.72
CA LYS BE 100 -68.69 -96.24 -43.14
C LYS BE 100 -68.29 -97.67 -43.45
N ALA BE 101 -67.55 -98.30 -42.54
CA ALA BE 101 -67.25 -99.71 -42.76
C ALA BE 101 -68.40 -100.61 -42.34
N ALA BE 102 -69.28 -100.16 -41.48
CA ALA BE 102 -70.43 -100.96 -41.12
C ALA BE 102 -71.61 -100.75 -42.05
N HIS BE 103 -71.47 -99.82 -43.01
CA HIS BE 103 -72.52 -99.31 -43.91
C HIS BE 103 -73.69 -98.74 -43.13
N PHE BE 104 -73.38 -98.04 -42.06
CA PHE BE 104 -74.39 -97.43 -41.21
C PHE BE 104 -74.33 -95.94 -41.46
N ARG BE 105 -75.49 -95.30 -41.51
CA ARG BE 105 -75.54 -93.86 -41.59
C ARG BE 105 -75.16 -93.28 -40.24
N PHE BE 106 -74.20 -92.38 -40.24
CA PHE BE 106 -73.70 -91.76 -39.03
C PHE BE 106 -74.31 -90.37 -38.91
N ARG BE 107 -74.89 -90.09 -37.76
CA ARG BE 107 -75.39 -88.75 -37.49
C ARG BE 107 -74.95 -88.33 -36.10
N VAL BE 108 -74.92 -87.03 -35.88
CA VAL BE 108 -74.61 -86.49 -34.57
C VAL BE 108 -75.87 -85.90 -33.97
N LEU BE 109 -75.81 -85.66 -32.68
CA LEU BE 109 -76.84 -84.94 -31.93
C LEU BE 109 -76.11 -83.99 -31.01
N GLY BE 110 -76.51 -82.73 -31.01
CA GLY BE 110 -75.81 -81.77 -30.20
C GLY BE 110 -74.64 -81.14 -30.94
N LYS BE 111 -74.24 -79.98 -30.48
CA LYS BE 111 -73.09 -79.32 -31.04
C LYS BE 111 -71.84 -79.91 -30.42
N SER BE 112 -70.79 -79.99 -31.21
CA SER BE 112 -69.52 -80.42 -30.69
C SER BE 112 -68.90 -79.30 -29.85
N PRO BE 113 -68.28 -79.62 -28.72
CA PRO BE 113 -67.68 -78.58 -27.89
C PRO BE 113 -66.41 -78.03 -28.50
N SER BE 114 -66.01 -76.87 -28.00
CA SER BE 114 -64.98 -76.07 -28.65
C SER BE 114 -63.59 -76.61 -28.35
N VAL BE 115 -63.34 -76.91 -27.09
CA VAL BE 115 -62.34 -77.93 -26.78
C VAL BE 115 -62.86 -79.26 -27.32
N PRO BE 116 -62.09 -79.98 -28.13
CA PRO BE 116 -62.62 -81.19 -28.74
C PRO BE 116 -62.61 -82.34 -27.75
N VAL BE 117 -63.49 -83.30 -27.98
CA VAL BE 117 -63.48 -84.52 -27.18
C VAL BE 117 -62.51 -85.48 -27.86
N LEU BE 118 -61.45 -85.81 -27.16
CA LEU BE 118 -60.38 -86.65 -27.70
C LEU BE 118 -60.47 -88.02 -27.06
N ILE BE 119 -60.31 -89.04 -27.88
CA ILE BE 119 -60.11 -90.38 -27.38
C ILE BE 119 -58.79 -90.88 -27.94
N SER BE 120 -58.36 -92.03 -27.45
CA SER BE 120 -57.17 -92.67 -27.99
C SER BE 120 -57.38 -94.17 -27.85
N ILE BE 121 -57.96 -94.78 -28.87
CA ILE BE 121 -58.29 -96.19 -28.84
C ILE BE 121 -57.10 -96.96 -29.39
N SER BE 122 -56.56 -97.86 -28.60
CA SER BE 122 -55.53 -98.78 -29.08
C SER BE 122 -55.99 -100.18 -28.73
N THR BE 123 -56.61 -100.84 -29.72
CA THR BE 123 -57.02 -102.22 -29.60
C THR BE 123 -56.61 -102.96 -30.86
N LYS BE 124 -56.75 -104.28 -30.80
CA LYS BE 124 -56.33 -105.14 -31.89
C LYS BE 124 -57.28 -106.33 -31.97
N ASP BE 125 -57.88 -106.52 -33.15
CA ASP BE 125 -58.84 -107.57 -33.51
C ASP BE 125 -60.07 -107.55 -32.59
N GLU BE 126 -60.77 -106.44 -32.68
CA GLU BE 126 -61.97 -106.27 -31.88
C GLU BE 126 -63.13 -106.02 -32.82
N SER BE 127 -64.32 -106.43 -32.41
CA SER BE 127 -65.50 -106.21 -33.23
C SER BE 127 -65.93 -104.76 -33.15
N LEU BE 128 -66.79 -104.37 -34.10
CA LEU BE 128 -67.15 -102.96 -34.25
C LEU BE 128 -68.10 -102.50 -33.15
N ALA BE 129 -68.90 -103.42 -32.62
CA ALA BE 129 -69.78 -103.10 -31.52
C ALA BE 129 -69.01 -102.90 -30.23
N GLU BE 130 -67.98 -103.69 -30.02
CA GLU BE 130 -67.15 -103.51 -28.85
C GLU BE 130 -66.20 -102.33 -28.97
N ILE BE 131 -65.78 -101.99 -30.19
CA ILE BE 131 -64.98 -100.79 -30.42
C ILE BE 131 -65.82 -99.55 -30.20
N LEU BE 132 -67.10 -99.60 -30.60
CA LEU BE 132 -68.04 -98.51 -30.32
C LEU BE 132 -68.39 -98.42 -28.84
N ARG BE 133 -68.38 -99.55 -28.14
CA ARG BE 133 -68.58 -99.53 -26.70
C ARG BE 133 -67.37 -98.94 -25.96
N ASP BE 134 -66.16 -99.25 -26.43
CA ASP BE 134 -64.95 -98.67 -25.87
C ASP BE 134 -64.82 -97.18 -26.20
N ILE BE 135 -65.34 -96.77 -27.36
CA ILE BE 135 -65.38 -95.36 -27.74
C ILE BE 135 -66.38 -94.61 -26.87
N ASP BE 136 -67.51 -95.26 -26.56
CA ASP BE 136 -68.53 -94.69 -25.69
C ASP BE 136 -68.07 -94.61 -24.24
N TYR BE 137 -67.23 -95.54 -23.81
CA TYR BE 137 -66.71 -95.45 -22.45
C TYR BE 137 -65.58 -94.45 -22.35
N GLN BE 138 -64.72 -94.38 -23.38
CA GLN BE 138 -63.60 -93.46 -23.38
C GLN BE 138 -64.06 -92.02 -23.55
N ALA BE 139 -65.19 -91.81 -24.19
CA ALA BE 139 -65.93 -90.56 -24.07
C ALA BE 139 -66.93 -90.67 -22.91
N GLY BE 140 -66.40 -90.72 -21.70
CA GLY BE 140 -67.23 -90.77 -20.52
C GLY BE 140 -67.77 -89.39 -20.23
N LYS BE 141 -69.10 -89.27 -20.23
CA LYS BE 141 -69.92 -88.12 -19.81
C LYS BE 141 -69.77 -86.87 -20.68
N LYS BE 142 -69.07 -86.95 -21.80
CA LYS BE 142 -68.95 -85.86 -22.74
C LYS BE 142 -69.62 -86.19 -24.05
N ALA BE 143 -69.52 -87.44 -24.50
CA ALA BE 143 -70.25 -87.88 -25.66
C ALA BE 143 -70.89 -89.21 -25.33
N SER BE 144 -71.72 -89.68 -26.24
CA SER BE 144 -72.34 -90.99 -26.14
C SER BE 144 -72.50 -91.52 -27.54
N ILE BE 145 -72.37 -92.83 -27.68
CA ILE BE 145 -72.62 -93.50 -28.95
C ILE BE 145 -73.91 -94.29 -28.81
N HIS BE 146 -74.82 -94.13 -29.75
CA HIS BE 146 -76.03 -94.94 -29.79
C HIS BE 146 -76.12 -95.60 -31.15
N VAL BE 147 -76.67 -96.81 -31.18
CA VAL BE 147 -76.80 -97.58 -32.40
C VAL BE 147 -78.25 -98.03 -32.49
N TYR BE 148 -78.89 -97.75 -33.62
CA TYR BE 148 -80.25 -98.21 -33.84
C TYR BE 148 -80.24 -99.25 -34.94
N PRO BE 149 -80.06 -100.54 -34.61
CA PRO BE 149 -79.81 -101.54 -35.65
C PRO BE 149 -81.05 -102.11 -36.30
N ASN BE 150 -82.25 -101.68 -35.92
CA ASN BE 150 -83.42 -101.92 -36.76
C ASN BE 150 -83.35 -101.08 -38.03
N SER BE 151 -82.82 -99.86 -37.92
CA SER BE 151 -82.38 -99.06 -39.04
C SER BE 151 -80.90 -99.34 -39.25
N GLN BE 152 -80.19 -98.50 -39.97
CA GLN BE 152 -78.73 -98.59 -39.99
C GLN BE 152 -78.24 -97.20 -39.64
N VAL BE 153 -78.22 -96.88 -38.34
CA VAL BE 153 -77.81 -95.59 -37.82
C VAL BE 153 -76.89 -95.82 -36.65
N VAL BE 154 -75.71 -95.19 -36.68
CA VAL BE 154 -75.01 -94.86 -35.44
C VAL BE 154 -75.14 -93.36 -35.27
N GLU BE 155 -75.25 -92.92 -34.03
CA GLU BE 155 -75.32 -91.51 -33.74
C GLU BE 155 -74.46 -91.18 -32.53
N LEU BE 156 -74.09 -89.92 -32.45
CA LEU BE 156 -73.10 -89.46 -31.49
C LEU BE 156 -73.67 -88.24 -30.79
N ARG BE 157 -74.01 -88.40 -29.52
CA ARG BE 157 -74.66 -87.35 -28.77
C ARG BE 157 -73.65 -86.65 -27.88
N TYR BE 158 -73.51 -85.34 -28.05
CA TYR BE 158 -72.65 -84.62 -27.13
C TYR BE 158 -73.42 -84.26 -25.87
N ALA BE 159 -72.68 -83.84 -24.85
CA ALA BE 159 -73.34 -83.41 -23.65
C ALA BE 159 -73.77 -81.96 -23.78
N LYS BE 160 -74.67 -81.53 -22.91
CA LYS BE 160 -75.37 -80.26 -23.06
C LYS BE 160 -74.73 -79.16 -22.24
N ILE BE 161 -73.40 -79.17 -22.13
CA ILE BE 161 -72.72 -78.26 -21.24
C ILE BE 161 -71.66 -77.48 -21.99
N ALA CE 58 16.36 -79.35 12.80
CA ALA CE 58 15.16 -78.75 12.24
C ALA CE 58 14.64 -79.60 11.09
N LEU CE 59 15.58 -80.22 10.36
CA LEU CE 59 15.19 -81.17 9.33
C LEU CE 59 14.71 -82.48 9.94
N LYS CE 60 15.23 -82.80 11.13
CA LYS CE 60 14.68 -83.87 11.95
C LYS CE 60 13.27 -83.53 12.45
N GLU CE 61 13.00 -82.24 12.68
CA GLU CE 61 11.68 -81.81 13.14
C GLU CE 61 10.66 -81.86 12.01
N THR CE 62 11.04 -81.49 10.78
CA THR CE 62 10.08 -81.64 9.70
C THR CE 62 9.95 -83.08 9.24
N ALA CE 63 10.97 -83.92 9.48
CA ALA CE 63 10.81 -85.37 9.30
C ALA CE 63 9.87 -85.98 10.34
N LEU CE 64 9.89 -85.44 11.55
CA LEU CE 64 9.00 -85.87 12.62
C LEU CE 64 7.56 -85.49 12.34
N SER CE 65 7.33 -84.28 11.84
CA SER CE 65 5.97 -83.87 11.55
C SER CE 65 5.43 -84.44 10.25
N VAL CE 66 6.28 -84.88 9.31
CA VAL CE 66 5.71 -85.63 8.20
C VAL CE 66 5.52 -87.10 8.59
N GLY CE 67 6.23 -87.57 9.62
CA GLY CE 67 5.96 -88.90 10.10
C GLY CE 67 4.71 -89.02 10.93
N ALA CE 68 4.31 -87.91 11.58
CA ALA CE 68 3.25 -87.95 12.58
C ALA CE 68 1.87 -88.15 11.97
N GLN CE 69 1.58 -87.45 10.88
CA GLN CE 69 0.25 -87.51 10.29
C GLN CE 69 0.06 -88.79 9.50
N ALA CE 70 1.13 -89.32 8.93
CA ALA CE 70 1.07 -90.61 8.27
C ALA CE 70 0.94 -91.74 9.28
N GLY CE 71 1.54 -91.54 10.47
CA GLY CE 71 1.37 -92.49 11.56
C GLY CE 71 -0.03 -92.56 12.12
N LEU CE 72 -0.67 -91.40 12.33
CA LEU CE 72 -2.03 -91.42 12.87
C LEU CE 72 -3.05 -91.81 11.81
N ALA CE 73 -2.76 -91.53 10.53
CA ALA CE 73 -3.66 -91.95 9.47
C ALA CE 73 -3.59 -93.45 9.22
N TRP CE 74 -2.39 -94.03 9.35
CA TRP CE 74 -2.23 -95.47 9.21
C TRP CE 74 -2.82 -96.21 10.40
N ARG CE 75 -2.66 -95.66 11.61
CA ARG CE 75 -3.24 -96.27 12.80
C ARG CE 75 -4.74 -96.11 12.82
N ALA CE 76 -5.27 -95.03 12.23
CA ALA CE 76 -6.71 -94.84 12.16
C ALA CE 76 -7.34 -95.78 11.15
N LYS CE 77 -6.64 -96.09 10.06
CA LYS CE 77 -7.16 -97.06 9.10
C LYS CE 77 -7.09 -98.48 9.66
N ILE CE 78 -6.04 -98.76 10.44
CA ILE CE 78 -5.84 -100.09 11.03
C ILE CE 78 -6.89 -100.36 12.12
N ILE CE 79 -7.18 -99.36 12.94
CA ILE CE 79 -8.22 -99.57 13.94
C ILE CE 79 -9.61 -99.38 13.38
N ASP CE 80 -9.75 -98.81 12.17
CA ASP CE 80 -11.07 -98.82 11.53
C ASP CE 80 -11.41 -100.21 11.00
N GLU CE 81 -10.43 -100.92 10.43
CA GLU CE 81 -10.71 -102.31 10.06
C GLU CE 81 -10.80 -103.22 11.27
N GLN CE 82 -10.09 -102.88 12.35
CA GLN CE 82 -10.22 -103.62 13.58
C GLN CE 82 -11.55 -103.35 14.29
N LEU CE 83 -12.13 -102.17 14.07
CA LEU CE 83 -13.46 -101.90 14.57
C LEU CE 83 -14.52 -102.60 13.75
N ASN CE 84 -14.35 -102.63 12.44
CA ASN CE 84 -15.32 -103.27 11.57
C ASN CE 84 -15.26 -104.79 11.62
N LYS CE 85 -14.15 -105.35 12.08
CA LYS CE 85 -14.10 -106.78 12.34
C LYS CE 85 -14.98 -107.16 13.52
N GLN CE 86 -15.12 -106.28 14.50
CA GLN CE 86 -15.92 -106.54 15.69
C GLN CE 86 -17.24 -105.82 15.64
N ALA CE 87 -17.86 -105.78 14.46
CA ALA CE 87 -19.01 -104.91 14.24
C ALA CE 87 -20.28 -105.46 14.88
N ARG CE 88 -20.50 -106.78 14.81
CA ARG CE 88 -21.66 -107.35 15.47
C ARG CE 88 -21.45 -107.44 16.98
N ASN CE 89 -20.20 -107.59 17.39
CA ASN CE 89 -19.84 -107.65 18.80
C ASN CE 89 -20.07 -106.32 19.48
N LEU CE 90 -19.67 -105.24 18.83
CA LEU CE 90 -19.91 -103.92 19.39
C LEU CE 90 -21.35 -103.47 19.24
N ASP CE 91 -22.09 -104.04 18.28
CA ASP CE 91 -23.53 -103.91 18.25
C ASP CE 91 -24.20 -104.58 19.43
N ALA CE 92 -23.62 -105.68 19.91
CA ALA CE 92 -24.16 -106.25 21.14
C ALA CE 92 -23.69 -105.50 22.37
N ILE CE 93 -22.49 -104.93 22.33
CA ILE CE 93 -21.89 -104.32 23.52
C ILE CE 93 -22.51 -102.97 23.79
N TYR CE 94 -22.53 -102.09 22.80
CA TYR CE 94 -23.17 -100.80 22.95
C TYR CE 94 -24.54 -100.84 22.30
N ASP CE 95 -25.39 -101.67 22.88
CA ASP CE 95 -26.73 -101.89 22.38
C ASP CE 95 -27.61 -100.80 22.96
N PHE CE 96 -27.63 -99.65 22.28
CA PHE CE 96 -28.40 -98.51 22.74
C PHE CE 96 -29.89 -98.70 22.47
N ASN CE 97 -30.22 -99.54 21.50
CA ASN CE 97 -31.59 -99.73 21.03
C ASN CE 97 -32.44 -100.43 22.08
N SER CE 98 -31.84 -101.30 22.87
CA SER CE 98 -32.54 -101.90 23.98
C SER CE 98 -32.33 -101.15 25.28
N LEU CE 99 -32.02 -99.86 25.22
CA LEU CE 99 -31.99 -99.02 26.40
C LEU CE 99 -32.86 -97.78 26.29
N VAL CE 100 -33.52 -97.57 25.16
CA VAL CE 100 -34.36 -96.39 25.00
C VAL CE 100 -35.67 -96.60 25.73
N LEU CE 101 -36.32 -95.51 26.06
CA LEU CE 101 -37.50 -95.59 26.89
C LEU CE 101 -38.74 -95.65 26.02
N GLU CE 102 -39.92 -95.51 26.64
CA GLU CE 102 -41.18 -96.01 26.12
C GLU CE 102 -41.74 -95.23 24.96
N HIS CE 103 -41.43 -93.97 24.84
CA HIS CE 103 -41.94 -93.18 23.74
C HIS CE 103 -40.78 -92.71 22.87
N ASN CE 104 -39.82 -93.64 22.68
CA ASN CE 104 -38.51 -93.44 22.04
C ASN CE 104 -37.76 -92.25 22.62
N ILE CE 105 -37.53 -92.33 23.92
CA ILE CE 105 -36.77 -91.34 24.63
C ILE CE 105 -35.42 -91.94 24.95
N LEU CE 106 -34.38 -91.26 24.52
CA LEU CE 106 -33.06 -91.61 24.97
C LEU CE 106 -32.92 -91.20 26.42
N PRO CE 107 -32.55 -92.13 27.31
CA PRO CE 107 -32.44 -91.81 28.72
C PRO CE 107 -31.21 -90.98 28.98
N PRO CE 108 -31.16 -90.20 30.07
CA PRO CE 108 -30.02 -89.31 30.27
C PRO CE 108 -28.84 -90.08 30.86
N VAL CE 109 -27.68 -89.44 30.90
CA VAL CE 109 -26.54 -90.15 31.45
C VAL CE 109 -26.33 -89.67 32.88
N LEU CE 110 -26.24 -90.62 33.78
CA LEU CE 110 -26.08 -90.31 35.18
C LEU CE 110 -24.65 -90.67 35.55
N LEU CE 111 -24.00 -89.78 36.26
CA LEU CE 111 -22.62 -90.00 36.64
C LEU CE 111 -22.55 -90.12 38.15
N GLU CE 112 -21.68 -91.01 38.59
CA GLU CE 112 -21.61 -91.44 39.98
C GLU CE 112 -20.22 -91.20 40.51
N GLY CE 113 -20.13 -90.47 41.61
CA GLY CE 113 -18.85 -90.30 42.25
C GLY CE 113 -18.94 -90.61 43.72
N ARG CE 114 -18.10 -91.49 44.23
CA ARG CE 114 -18.12 -91.78 45.65
C ARG CE 114 -16.86 -91.25 46.30
N ASN CE 115 -16.98 -91.01 47.61
CA ASN CE 115 -16.00 -90.36 48.50
C ASN CE 115 -15.53 -89.02 47.93
N THR CE 116 -16.49 -88.13 47.71
CA THR CE 116 -16.15 -86.88 47.03
C THR CE 116 -15.66 -85.90 48.06
N LEU CE 117 -14.37 -85.59 48.01
CA LEU CE 117 -13.80 -84.56 48.86
C LEU CE 117 -13.49 -83.34 48.03
N ASN CE 118 -13.76 -82.17 48.59
CA ASN CE 118 -13.10 -80.96 48.14
C ASN CE 118 -12.43 -80.31 49.32
N LEU CE 119 -11.13 -80.14 49.24
CA LEU CE 119 -10.42 -79.24 50.12
C LEU CE 119 -10.58 -77.84 49.54
N ALA CE 120 -11.43 -77.02 50.16
CA ALA CE 120 -11.67 -75.72 49.54
C ALA CE 120 -10.60 -74.71 49.92
N ASP CE 121 -10.21 -74.71 51.18
CA ASP CE 121 -9.16 -73.82 51.64
C ASP CE 121 -8.42 -74.55 52.75
N ALA CE 122 -7.70 -73.79 53.57
CA ALA CE 122 -6.97 -74.37 54.68
C ALA CE 122 -7.89 -74.88 55.78
N GLN CE 123 -9.05 -74.27 55.95
CA GLN CE 123 -9.88 -74.55 57.10
C GLN CE 123 -11.17 -75.28 56.80
N SER CE 124 -11.49 -75.56 55.54
CA SER CE 124 -12.77 -76.22 55.26
C SER CE 124 -12.63 -77.22 54.15
N ILE CE 125 -13.02 -78.45 54.43
CA ILE CE 125 -13.25 -79.44 53.39
C ILE CE 125 -14.74 -79.71 53.35
N ARG CE 126 -15.15 -80.33 52.27
CA ARG CE 126 -16.54 -80.70 52.07
C ARG CE 126 -16.56 -82.08 51.48
N ILE CE 127 -17.03 -83.03 52.25
CA ILE CE 127 -17.13 -84.38 51.74
C ILE CE 127 -18.59 -84.67 51.47
N SER CE 128 -18.80 -85.56 50.55
CA SER CE 128 -20.11 -86.15 50.34
C SER CE 128 -19.86 -87.60 50.01
N ASP CE 129 -20.82 -88.43 50.36
CA ASP CE 129 -20.56 -89.85 50.22
C ASP CE 129 -20.79 -90.33 48.81
N ARG CE 130 -21.88 -89.91 48.16
CA ARG CE 130 -22.06 -90.15 46.74
C ARG CE 130 -22.60 -88.90 46.08
N THR CE 131 -22.25 -88.74 44.82
CA THR CE 131 -22.68 -87.62 44.01
C THR CE 131 -23.23 -88.19 42.72
N TYR CE 132 -24.49 -87.91 42.44
CA TYR CE 132 -25.10 -88.33 41.20
C TYR CE 132 -25.48 -87.09 40.39
N LYS CE 133 -25.02 -87.05 39.17
CA LYS CE 133 -25.22 -85.88 38.33
C LYS CE 133 -25.77 -86.32 36.98
N VAL CE 134 -26.88 -85.75 36.57
CA VAL CE 134 -27.37 -85.99 35.22
C VAL CE 134 -26.65 -85.04 34.28
N ALA CE 135 -25.93 -85.61 33.33
CA ALA CE 135 -25.57 -84.92 32.11
C ALA CE 135 -26.48 -85.44 31.01
N LYS CE 136 -26.58 -84.65 29.93
CA LYS CE 136 -27.03 -85.05 28.59
C LYS CE 136 -28.47 -85.57 28.60
N GLN CE 137 -29.40 -84.66 28.91
CA GLN CE 137 -30.72 -84.96 29.46
C GLN CE 137 -31.62 -85.72 28.47
N ALA CE 138 -32.67 -86.32 29.02
CA ALA CE 138 -33.48 -87.29 28.29
C ALA CE 138 -34.31 -86.62 27.23
N HIS CE 139 -34.26 -87.21 26.04
CA HIS CE 139 -34.82 -86.46 24.94
C HIS CE 139 -35.35 -87.42 23.90
N PHE CE 140 -36.17 -86.89 23.01
CA PHE CE 140 -36.81 -87.69 21.98
C PHE CE 140 -35.79 -88.07 20.93
N ILE CE 141 -35.66 -89.34 20.69
CA ILE CE 141 -34.75 -89.80 19.69
C ILE CE 141 -35.58 -90.43 18.58
N THR CE 142 -35.02 -90.47 17.38
CA THR CE 142 -35.69 -91.14 16.27
C THR CE 142 -35.08 -92.50 16.03
N THR CE 143 -33.76 -92.54 15.97
CA THR CE 143 -33.07 -93.79 15.87
C THR CE 143 -31.87 -93.77 16.81
N PRO CE 144 -31.55 -94.88 17.49
CA PRO CE 144 -30.60 -94.84 18.61
C PRO CE 144 -29.16 -94.67 18.12
N PRO CE 145 -28.26 -94.17 18.96
CA PRO CE 145 -26.88 -94.01 18.53
C PRO CE 145 -26.16 -95.34 18.46
N THR CE 146 -25.28 -95.46 17.49
CA THR CE 146 -24.51 -96.67 17.28
C THR CE 146 -23.21 -96.57 18.06
N TRP CE 147 -22.29 -97.50 17.81
CA TRP CE 147 -20.95 -97.26 18.28
C TRP CE 147 -20.22 -96.31 17.35
N ARG CE 148 -20.61 -96.26 16.09
CA ARG CE 148 -19.83 -95.61 15.06
C ARG CE 148 -19.91 -94.09 15.10
N GLN CE 149 -20.85 -93.52 15.85
CA GLN CE 149 -20.81 -92.08 16.07
C GLN CE 149 -19.79 -91.70 17.11
N TYR CE 150 -19.36 -92.65 17.92
CA TYR CE 150 -18.40 -92.43 18.97
C TYR CE 150 -17.01 -92.90 18.57
N LEU CE 151 -16.93 -94.04 17.93
CA LEU CE 151 -15.68 -94.79 17.85
C LEU CE 151 -14.96 -94.66 16.54
N TRP CE 152 -15.58 -94.08 15.53
CA TRP CE 152 -15.00 -94.11 14.20
C TRP CE 152 -13.93 -93.03 14.09
N MET CE 153 -12.74 -93.43 13.69
CA MET CE 153 -11.68 -92.48 13.46
C MET CE 153 -11.69 -92.05 12.01
N ASP CE 154 -11.40 -90.78 11.80
CA ASP CE 154 -11.54 -90.22 10.46
C ASP CE 154 -10.29 -90.51 9.64
N TYR CE 155 -10.48 -91.19 8.54
CA TYR CE 155 -9.36 -91.66 7.73
C TYR CE 155 -9.38 -90.94 6.39
N VAL CE 156 -8.34 -90.16 6.13
CA VAL CE 156 -7.94 -89.83 4.80
C VAL CE 156 -6.46 -90.20 4.64
N LYS CE 157 -6.09 -90.63 3.45
CA LYS CE 157 -4.69 -90.95 3.14
C LYS CE 157 -4.00 -89.64 2.79
N PRO CE 158 -2.96 -89.23 3.52
CA PRO CE 158 -2.26 -87.99 3.14
C PRO CE 158 -1.26 -88.26 2.03
N GLU CE 159 -1.36 -87.47 0.96
CA GLU CE 159 -0.42 -87.54 -0.14
C GLU CE 159 0.60 -86.41 -0.10
N ALA CE 160 1.01 -86.01 1.10
CA ALA CE 160 1.91 -84.87 1.25
C ALA CE 160 3.25 -85.33 1.78
N PRO CE 161 4.29 -85.45 0.95
CA PRO CE 161 5.63 -85.74 1.48
C PRO CE 161 6.30 -84.48 2.02
N LYS CE 173 18.17 -87.70 5.27
CA LYS CE 173 18.75 -89.02 5.05
C LYS CE 173 18.54 -89.92 6.28
N GLU CE 174 19.60 -90.06 7.09
CA GLU CE 174 19.58 -90.98 8.22
C GLU CE 174 18.77 -90.44 9.40
N ILE CE 175 18.85 -89.12 9.66
CA ILE CE 175 18.04 -88.54 10.71
C ILE CE 175 16.61 -88.35 10.26
N TRP CE 176 16.40 -88.22 8.94
CA TRP CE 176 15.07 -88.31 8.35
C TRP CE 176 14.46 -89.68 8.59
N CYS CE 177 15.27 -90.74 8.48
CA CYS CE 177 14.79 -92.11 8.71
C CYS CE 177 14.42 -92.35 10.17
N ILE CE 178 15.29 -91.92 11.09
CA ILE CE 178 15.01 -92.20 12.49
C ILE CE 178 13.99 -91.24 13.08
N TYR CE 179 13.84 -90.03 12.52
CA TYR CE 179 12.81 -89.15 13.05
C TYR CE 179 11.48 -89.37 12.37
N THR CE 180 11.44 -89.97 11.17
CA THR CE 180 10.18 -90.43 10.64
C THR CE 180 9.64 -91.63 11.39
N GLU CE 181 10.51 -92.55 11.86
CA GLU CE 181 9.94 -93.63 12.67
C GLU CE 181 9.60 -93.18 14.10
N ARG CE 182 10.31 -92.18 14.63
CA ARG CE 182 9.93 -91.62 15.93
C ARG CE 182 8.62 -90.84 15.85
N GLY CE 183 8.44 -90.06 14.79
CA GLY CE 183 7.17 -89.39 14.57
C GLY CE 183 6.05 -90.33 14.18
N TRP CE 184 6.39 -91.45 13.54
CA TRP CE 184 5.42 -92.48 13.17
C TRP CE 184 4.88 -93.18 14.40
N LYS CE 185 5.74 -93.45 15.39
CA LYS CE 185 5.27 -93.99 16.65
C LYS CE 185 4.51 -92.97 17.49
N ASN CE 186 4.86 -91.68 17.34
CA ASN CE 186 4.13 -90.65 18.07
C ASN CE 186 2.75 -90.40 17.47
N GLY CE 187 2.62 -90.57 16.15
CA GLY CE 187 1.33 -90.52 15.52
C GLY CE 187 0.48 -91.73 15.83
N ILE CE 188 1.13 -92.89 16.02
CA ILE CE 188 0.40 -94.12 16.30
C ILE CE 188 -0.17 -94.11 17.72
N ASP CE 189 0.62 -93.68 18.72
CA ASP CE 189 0.02 -93.63 20.04
C ASP CE 189 -0.83 -92.37 20.25
N GLN CE 190 -0.69 -91.35 19.40
CA GLN CE 190 -1.61 -90.23 19.44
C GLN CE 190 -2.99 -90.62 18.92
N ALA CE 191 -3.02 -91.44 17.87
CA ALA CE 191 -4.29 -91.99 17.39
C ALA CE 191 -4.88 -93.02 18.36
N ASN CE 192 -4.01 -93.73 19.08
CA ASN CE 192 -4.44 -94.64 20.14
C ASN CE 192 -5.09 -93.91 21.31
N THR CE 193 -4.56 -92.74 21.67
CA THR CE 193 -5.19 -91.97 22.75
C THR CE 193 -6.46 -91.30 22.30
N ILE CE 194 -6.58 -91.01 21.00
CA ILE CE 194 -7.85 -90.52 20.45
C ILE CE 194 -8.93 -91.62 20.51
N LEU CE 195 -8.54 -92.86 20.21
CA LEU CE 195 -9.42 -94.02 20.39
C LEU CE 195 -9.74 -94.30 21.85
N GLU CE 196 -8.80 -94.00 22.75
CA GLU CE 196 -9.00 -94.16 24.18
C GLU CE 196 -10.02 -93.17 24.72
N GLU CE 197 -9.98 -91.93 24.23
CA GLU CE 197 -10.99 -90.95 24.57
C GLU CE 197 -12.35 -91.28 23.94
N ASN CE 198 -12.34 -91.94 22.77
CA ASN CE 198 -13.58 -92.33 22.12
C ASN CE 198 -14.31 -93.45 22.83
N ILE CE 199 -13.57 -94.50 23.23
CA ILE CE 199 -14.18 -95.60 23.98
C ILE CE 199 -14.51 -95.17 25.41
N ALA CE 200 -13.80 -94.15 25.92
CA ALA CE 200 -14.12 -93.57 27.21
C ALA CE 200 -15.41 -92.76 27.15
N ARG CE 201 -15.63 -92.06 26.04
CA ARG CE 201 -16.84 -91.27 25.87
C ARG CE 201 -18.06 -92.16 25.68
N ILE CE 202 -17.89 -93.28 24.98
CA ILE CE 202 -19.02 -94.18 24.83
C ILE CE 202 -19.24 -95.02 26.10
N LYS CE 203 -18.20 -95.18 26.93
CA LYS CE 203 -18.37 -95.88 28.19
C LYS CE 203 -19.09 -95.00 29.19
N GLU CE 204 -18.84 -93.69 29.10
CA GLU CE 204 -19.56 -92.70 29.90
C GLU CE 204 -21.03 -92.65 29.52
N ASP CE 205 -21.33 -92.67 28.22
CA ASP CE 205 -22.72 -92.54 27.77
C ASP CE 205 -23.53 -93.82 28.03
N PHE CE 206 -22.92 -94.98 27.77
CA PHE CE 206 -23.65 -96.22 27.97
C PHE CE 206 -23.74 -96.60 29.44
N GLY CE 207 -22.71 -96.31 30.25
CA GLY CE 207 -22.81 -96.54 31.67
C GLY CE 207 -23.70 -95.53 32.37
N GLY CE 208 -23.87 -94.35 31.79
CA GLY CE 208 -24.83 -93.41 32.31
C GLY CE 208 -26.26 -93.83 32.06
N MET CE 209 -26.54 -94.44 30.92
CA MET CE 209 -27.89 -94.96 30.71
C MET CE 209 -28.17 -96.24 31.50
N ILE CE 210 -27.14 -97.05 31.73
CA ILE CE 210 -27.25 -98.25 32.57
C ILE CE 210 -27.51 -97.87 34.02
N LEU CE 211 -26.83 -96.86 34.52
CA LEU CE 211 -27.07 -96.52 35.91
C LEU CE 211 -28.25 -95.57 36.05
N TYR CE 212 -28.78 -95.03 34.94
CA TYR CE 212 -30.13 -94.47 34.96
C TYR CE 212 -31.16 -95.54 35.21
N ARG CE 213 -31.03 -96.69 34.54
CA ARG CE 213 -31.95 -97.81 34.77
C ARG CE 213 -31.82 -98.38 36.17
N LYS CE 214 -30.59 -98.35 36.71
CA LYS CE 214 -30.35 -98.72 38.10
C LYS CE 214 -31.01 -97.77 39.09
N LEU CE 215 -30.90 -96.46 38.87
CA LEU CE 215 -31.50 -95.52 39.81
C LEU CE 215 -32.99 -95.37 39.62
N LEU CE 216 -33.49 -95.68 38.42
CA LEU CE 216 -34.93 -95.73 38.20
C LEU CE 216 -35.54 -96.96 38.86
N ALA CE 217 -34.80 -98.06 38.86
CA ALA CE 217 -35.21 -99.23 39.62
C ALA CE 217 -35.08 -99.01 41.12
N MET CE 218 -34.14 -98.19 41.53
CA MET CE 218 -33.92 -97.88 42.94
C MET CE 218 -34.65 -96.64 43.40
N ASN CE 219 -35.54 -96.10 42.54
CA ASN CE 219 -36.49 -95.01 42.82
C ASN CE 219 -35.79 -93.70 43.14
N MET CE 220 -34.64 -93.47 42.53
CA MET CE 220 -33.91 -92.24 42.76
C MET CE 220 -34.13 -91.20 41.68
N VAL CE 221 -34.49 -91.59 40.47
CA VAL CE 221 -34.80 -90.63 39.41
C VAL CE 221 -36.23 -90.81 38.98
N SER CE 222 -36.82 -89.75 38.57
CA SER CE 222 -38.17 -89.83 38.05
C SER CE 222 -38.12 -90.27 36.59
N PRO CE 223 -39.03 -91.15 36.16
CA PRO CE 223 -39.11 -91.48 34.75
C PRO CE 223 -39.77 -90.35 34.00
N PRO CE 224 -39.50 -90.19 32.70
CA PRO CE 224 -40.09 -89.07 31.97
C PRO CE 224 -41.56 -89.28 31.67
N TYR CE 225 -42.30 -88.20 31.71
CA TYR CE 225 -43.74 -88.25 31.53
C TYR CE 225 -44.05 -87.59 30.20
N VAL CE 226 -44.42 -88.40 29.22
CA VAL CE 226 -44.94 -87.86 27.99
C VAL CE 226 -46.40 -87.51 28.17
N SER CE 227 -46.88 -86.70 27.25
CA SER CE 227 -48.27 -86.28 27.19
C SER CE 227 -48.59 -86.30 25.72
N HIS CE 228 -49.36 -87.28 25.29
CA HIS CE 228 -49.82 -87.33 23.92
C HIS CE 228 -51.19 -86.70 23.88
N THR CE 229 -51.25 -85.44 23.50
CA THR CE 229 -52.53 -84.80 23.28
C THR CE 229 -52.92 -85.12 21.85
N ASP CE 230 -54.09 -85.72 21.68
CA ASP CE 230 -54.54 -86.18 20.38
C ASP CE 230 -55.46 -85.16 19.76
N LEU CE 231 -55.07 -84.68 18.58
CA LEU CE 231 -55.94 -83.90 17.72
C LEU CE 231 -56.45 -84.83 16.64
N GLY CE 232 -57.68 -84.57 16.19
CA GLY CE 232 -58.25 -85.40 15.16
C GLY CE 232 -57.80 -85.03 13.77
N VAL CE 233 -58.76 -84.97 12.86
CA VAL CE 233 -58.49 -84.47 11.51
C VAL CE 233 -58.30 -82.96 11.56
N THR CE 234 -57.12 -82.53 11.17
CA THR CE 234 -56.71 -81.15 11.34
C THR CE 234 -56.48 -80.51 10.00
N GLY CE 235 -56.22 -79.22 10.02
CA GLY CE 235 -55.91 -78.48 8.82
C GLY CE 235 -57.17 -77.97 8.16
N ASP CE 236 -56.94 -77.14 7.15
CA ASP CE 236 -58.01 -76.58 6.34
C ASP CE 236 -58.25 -77.49 5.14
N GLY CE 237 -58.92 -76.96 4.11
CA GLY CE 237 -59.22 -77.74 2.93
C GLY CE 237 -58.04 -78.06 2.04
N SER CE 238 -56.93 -77.36 2.19
CA SER CE 238 -55.76 -77.61 1.36
C SER CE 238 -54.82 -78.66 1.92
N GLU CE 239 -54.87 -78.93 3.23
CA GLU CE 239 -53.95 -79.88 3.83
C GLU CE 239 -54.68 -80.55 4.98
N ILE CE 240 -54.65 -81.87 5.03
CA ILE CE 240 -55.19 -82.55 6.21
C ILE CE 240 -54.15 -83.51 6.77
N HIS CE 241 -54.27 -83.72 8.07
CA HIS CE 241 -53.54 -84.71 8.81
C HIS CE 241 -54.56 -85.47 9.63
N ILE CE 242 -54.59 -86.79 9.47
CA ILE CE 242 -55.78 -87.55 9.86
C ILE CE 242 -55.81 -87.84 11.35
N ASP CE 243 -54.80 -88.50 11.88
CA ASP CE 243 -54.72 -88.76 13.31
C ASP CE 243 -53.48 -88.01 13.74
N ASP CE 244 -53.68 -86.83 14.34
CA ASP CE 244 -52.60 -85.90 14.57
C ASP CE 244 -52.31 -85.90 16.07
N ARG CE 245 -51.38 -86.74 16.50
CA ARG CE 245 -51.05 -86.79 17.91
C ARG CE 245 -49.80 -85.95 18.11
N VAL CE 246 -49.78 -85.12 19.15
CA VAL CE 246 -48.57 -84.38 19.48
C VAL CE 246 -48.12 -84.81 20.86
N LEU CE 247 -46.88 -85.26 20.94
CA LEU CE 247 -46.32 -85.92 22.10
C LEU CE 247 -45.28 -84.98 22.67
N ARG CE 248 -45.41 -84.66 23.95
CA ARG CE 248 -44.44 -83.83 24.61
C ARG CE 248 -43.91 -84.53 25.85
N ILE CE 249 -42.62 -84.42 26.07
CA ILE CE 249 -42.06 -84.72 27.37
C ILE CE 249 -42.33 -83.50 28.22
N THR CE 250 -43.19 -83.66 29.22
CA THR CE 250 -43.53 -82.56 30.09
C THR CE 250 -42.67 -82.56 31.33
N ALA CE 251 -42.53 -83.74 31.94
CA ALA CE 251 -41.68 -83.91 33.09
C ALA CE 251 -40.36 -84.52 32.64
N LEU CE 252 -39.31 -83.75 32.73
CA LEU CE 252 -37.98 -84.28 32.46
C LEU CE 252 -37.54 -85.14 33.63
N PRO CE 253 -36.66 -86.13 33.38
CA PRO CE 253 -36.10 -86.91 34.48
C PRO CE 253 -35.17 -86.11 35.36
N GLU CE 254 -35.41 -86.22 36.66
CA GLU CE 254 -34.62 -85.52 37.65
C GLU CE 254 -34.49 -86.44 38.85
N LEU CE 255 -33.41 -86.25 39.59
CA LEU CE 255 -33.22 -87.06 40.77
C LEU CE 255 -34.07 -86.50 41.89
N ASN CE 256 -34.78 -87.36 42.58
CA ASN CE 256 -35.59 -86.93 43.70
C ASN CE 256 -34.69 -86.68 44.89
N VAL CE 257 -35.12 -85.79 45.77
CA VAL CE 257 -34.34 -85.42 46.92
C VAL CE 257 -35.06 -85.74 48.21
N ASN CE 258 -36.28 -86.20 48.13
CA ASN CE 258 -36.92 -86.81 49.29
C ASN CE 258 -36.36 -88.22 49.37
N SER CE 259 -35.37 -88.41 50.24
CA SER CE 259 -34.51 -89.57 50.17
C SER CE 259 -35.14 -90.81 50.79
N ALA CE 260 -36.24 -90.65 51.52
CA ALA CE 260 -36.89 -91.76 52.17
C ALA CE 260 -37.69 -92.65 51.23
N GLU CE 261 -37.94 -92.19 50.00
CA GLU CE 261 -38.72 -92.93 49.02
C GLU CE 261 -37.88 -93.82 48.14
N TRP CE 262 -36.60 -93.96 48.45
CA TRP CE 262 -35.73 -94.79 47.64
C TRP CE 262 -35.99 -96.25 47.98
N ARG CE 263 -35.65 -97.14 47.06
CA ARG CE 263 -35.72 -98.57 47.30
C ARG CE 263 -34.30 -99.11 47.30
N ALA CE 264 -34.01 -100.00 48.22
CA ALA CE 264 -32.73 -100.68 48.29
C ALA CE 264 -32.99 -102.10 47.84
N ALA CE 265 -31.98 -102.73 47.26
CA ALA CE 265 -32.24 -104.03 46.69
C ALA CE 265 -31.12 -105.02 46.94
N VAL CE 266 -31.29 -105.82 47.96
CA VAL CE 266 -30.35 -106.88 48.26
C VAL CE 266 -30.60 -108.06 47.33
N ALA CE 267 -29.53 -108.77 46.98
CA ALA CE 267 -29.64 -109.91 46.09
C ALA CE 267 -29.35 -111.15 46.92
N LYS CE 268 -29.34 -112.32 46.27
CA LYS CE 268 -28.96 -113.57 46.90
C LYS CE 268 -28.27 -114.49 45.90
N PHE DE 25 -10.80 -132.54 5.93
CA PHE DE 25 -10.23 -131.59 6.88
C PHE DE 25 -11.08 -130.33 7.01
N LYS DE 26 -11.26 -129.87 8.23
CA LYS DE 26 -12.06 -128.68 8.47
C LYS DE 26 -11.17 -127.50 8.75
N LYS DE 27 -11.82 -126.41 9.06
CA LYS DE 27 -11.20 -125.13 9.31
C LYS DE 27 -11.63 -124.65 10.68
N PRO DE 28 -10.94 -123.67 11.24
CA PRO DE 28 -11.55 -122.85 12.27
C PRO DE 28 -12.62 -121.95 11.68
N PRO DE 29 -13.54 -121.44 12.50
CA PRO DE 29 -14.48 -120.41 12.02
C PRO DE 29 -13.78 -119.12 11.64
N ILE DE 30 -14.42 -118.39 10.73
CA ILE DE 30 -13.69 -117.45 9.89
C ILE DE 30 -13.43 -116.14 10.63
N ASN DE 31 -14.47 -115.54 11.20
CA ASN DE 31 -14.29 -114.45 12.16
C ASN DE 31 -14.45 -115.01 13.56
N ASN DE 32 -13.57 -115.94 13.89
CA ASN DE 32 -13.57 -116.50 15.22
C ASN DE 32 -12.88 -115.52 16.17
N PRO DE 33 -13.24 -115.56 17.44
CA PRO DE 33 -12.33 -115.04 18.46
C PRO DE 33 -11.18 -116.02 18.65
N SER DE 34 -10.13 -115.89 17.85
CA SER DE 34 -8.97 -116.75 17.94
C SER DE 34 -7.79 -115.98 18.50
N ASP DE 35 -8.09 -115.04 19.38
CA ASP DE 35 -7.16 -113.95 19.68
C ASP DE 35 -7.50 -113.45 21.07
N ASP DE 36 -6.45 -113.11 21.84
CA ASP DE 36 -6.57 -113.03 23.30
C ASP DE 36 -7.32 -111.79 23.77
N ALA DE 37 -7.44 -110.76 22.96
CA ALA DE 37 -8.27 -109.64 23.33
C ALA DE 37 -9.68 -109.79 22.80
N THR DE 38 -9.83 -110.40 21.62
CA THR DE 38 -11.14 -110.57 21.02
C THR DE 38 -11.94 -111.67 21.68
N ILE DE 39 -11.30 -112.61 22.38
CA ILE DE 39 -12.05 -113.57 23.18
C ILE DE 39 -12.73 -112.87 24.34
N LYS DE 40 -12.08 -111.88 24.95
CA LYS DE 40 -12.63 -111.19 26.09
C LYS DE 40 -13.68 -110.19 25.66
N LEU DE 41 -13.47 -109.61 24.48
CA LEU DE 41 -14.47 -108.75 23.84
C LEU DE 41 -15.73 -109.53 23.47
N ALA DE 42 -15.57 -110.74 22.94
CA ALA DE 42 -16.75 -111.44 22.47
C ALA DE 42 -17.50 -112.17 23.59
N GLU DE 43 -16.82 -112.63 24.65
CA GLU DE 43 -17.63 -113.20 25.74
C GLU DE 43 -18.12 -112.11 26.68
N ALA DE 44 -17.52 -110.91 26.58
CA ALA DE 44 -18.17 -109.73 27.11
C ALA DE 44 -19.44 -109.40 26.34
N ALA DE 45 -19.45 -109.63 25.02
CA ALA DE 45 -20.64 -109.41 24.21
C ALA DE 45 -21.75 -110.41 24.54
N VAL DE 46 -21.40 -111.66 24.85
CA VAL DE 46 -22.46 -112.61 25.21
C VAL DE 46 -22.95 -112.37 26.63
N SER DE 47 -22.11 -111.77 27.48
CA SER DE 47 -22.54 -111.42 28.83
C SER DE 47 -23.43 -110.20 28.84
N VAL DE 48 -23.16 -109.24 27.95
CA VAL DE 48 -23.99 -108.04 27.94
C VAL DE 48 -25.30 -108.34 27.20
N SER DE 49 -25.32 -109.33 26.29
CA SER DE 49 -26.58 -109.59 25.60
C SER DE 49 -27.49 -110.48 26.43
N ASP DE 50 -26.95 -111.40 27.24
CA ASP DE 50 -27.87 -112.12 28.10
C ASP DE 50 -28.26 -111.34 29.36
N SER DE 51 -27.46 -110.35 29.78
CA SER DE 51 -27.98 -109.48 30.84
C SER DE 51 -28.98 -108.45 30.31
N MET DE 52 -28.87 -108.08 29.02
CA MET DE 52 -29.94 -107.31 28.38
C MET DE 52 -31.20 -108.13 28.20
N LEU DE 53 -31.03 -109.43 27.98
CA LEU DE 53 -32.18 -110.33 27.89
C LEU DE 53 -32.87 -110.51 29.24
N GLU DE 54 -32.13 -110.59 30.35
CA GLU DE 54 -32.85 -110.66 31.62
C GLU DE 54 -33.38 -109.31 32.08
N MET DE 55 -32.83 -108.21 31.55
CA MET DE 55 -33.46 -106.90 31.74
C MET DE 55 -34.79 -106.80 31.00
N ALA DE 56 -34.83 -107.30 29.77
CA ALA DE 56 -36.07 -107.29 29.00
C ALA DE 56 -37.06 -108.33 29.49
N LYS DE 57 -36.55 -109.41 30.09
CA LYS DE 57 -37.36 -110.42 30.75
C LYS DE 57 -38.06 -109.86 31.97
N VAL DE 58 -37.38 -109.00 32.71
CA VAL DE 58 -38.02 -108.45 33.89
C VAL DE 58 -38.82 -107.20 33.56
N GLU DE 59 -38.58 -106.60 32.39
CA GLU DE 59 -39.32 -105.39 32.06
C GLU DE 59 -40.53 -105.63 31.19
N LYS DE 60 -40.64 -106.79 30.55
CA LYS DE 60 -41.70 -107.06 29.60
C LYS DE 60 -43.01 -107.33 30.34
N VAL DE 61 -44.01 -106.49 30.09
CA VAL DE 61 -45.35 -106.76 30.58
C VAL DE 61 -45.93 -107.88 29.72
N ILE DE 62 -46.51 -108.88 30.37
CA ILE DE 62 -47.09 -109.98 29.66
C ILE DE 62 -48.58 -110.03 29.99
N THR DE 63 -49.41 -109.92 28.96
CA THR DE 63 -50.79 -110.29 29.16
C THR DE 63 -50.92 -111.79 29.03
N PRO DE 64 -51.63 -112.44 29.94
CA PRO DE 64 -52.03 -113.82 29.70
C PRO DE 64 -53.11 -113.86 28.63
N PRO DE 65 -53.16 -114.92 27.82
CA PRO DE 65 -54.16 -114.97 26.75
C PRO DE 65 -55.55 -115.34 27.21
N SER DE 66 -55.71 -115.77 28.47
CA SER DE 66 -57.03 -116.00 29.02
C SER DE 66 -57.79 -114.72 29.27
N LYS DE 67 -57.09 -113.62 29.56
CA LYS DE 67 -57.72 -112.33 29.80
C LYS DE 67 -57.02 -111.26 29.00
N ASP DE 68 -56.81 -111.53 27.71
CA ASP DE 68 -56.06 -110.61 26.86
C ASP DE 68 -56.91 -109.52 26.25
N ASN DE 69 -58.25 -109.63 26.39
CA ASN DE 69 -59.32 -108.63 26.17
C ASN DE 69 -59.61 -108.32 24.68
N THR DE 70 -58.77 -108.78 23.76
CA THR DE 70 -58.92 -108.59 22.34
C THR DE 70 -59.97 -109.50 21.76
N LEU DE 71 -60.37 -109.22 20.52
CA LEU DE 71 -61.39 -110.00 19.86
C LEU DE 71 -60.82 -111.32 19.36
N THR DE 72 -61.60 -112.39 19.48
CA THR DE 72 -61.26 -113.63 18.82
C THR DE 72 -61.73 -113.58 17.37
N ILE DE 73 -61.36 -114.59 16.59
CA ILE DE 73 -61.89 -114.71 15.24
C ILE DE 73 -63.28 -115.31 15.43
N PRO DE 74 -64.34 -114.68 14.95
CA PRO DE 74 -65.70 -115.20 15.21
C PRO DE 74 -66.16 -116.36 14.32
N ASN DE 75 -65.31 -116.83 13.41
CA ASN DE 75 -65.38 -118.06 12.60
C ASN DE 75 -66.64 -118.20 11.72
N ALA DE 76 -67.35 -117.11 11.43
CA ALA DE 76 -68.50 -117.16 10.54
C ALA DE 76 -68.04 -117.24 9.09
N TYR DE 77 -68.81 -117.98 8.29
CA TYR DE 77 -68.46 -118.24 6.89
C TYR DE 77 -68.64 -117.00 6.03
N ASN DE 78 -69.55 -116.11 6.42
CA ASN DE 78 -69.60 -114.80 5.79
C ASN DE 78 -68.42 -113.94 6.22
N LEU DE 79 -67.92 -114.13 7.43
CA LEU DE 79 -66.77 -113.36 7.89
C LEU DE 79 -65.45 -113.92 7.41
N GLN DE 80 -65.44 -115.10 6.79
CA GLN DE 80 -64.21 -115.66 6.22
C GLN DE 80 -64.02 -115.30 4.75
N ALA DE 81 -64.53 -114.16 4.30
CA ALA DE 81 -64.21 -113.67 2.97
C ALA DE 81 -62.95 -112.82 3.04
N ARG DE 82 -62.03 -113.08 2.13
CA ARG DE 82 -60.81 -112.30 2.03
C ARG DE 82 -61.14 -110.97 1.37
N ALA DE 83 -60.78 -109.88 2.03
CA ALA DE 83 -61.17 -108.54 1.59
C ALA DE 83 -59.92 -107.75 1.25
N SER DE 84 -60.13 -106.46 0.99
CA SER DE 84 -59.02 -105.56 0.67
C SER DE 84 -59.48 -104.15 1.04
N VAL DE 85 -58.77 -103.51 1.94
CA VAL DE 85 -59.14 -102.21 2.46
C VAL DE 85 -57.88 -101.40 2.71
N ASP DE 86 -57.80 -100.21 2.13
CA ASP DE 86 -56.85 -99.19 2.56
C ASP DE 86 -57.70 -98.03 3.02
N TRP DE 87 -57.71 -97.77 4.32
CA TRP DE 87 -58.52 -96.70 4.87
C TRP DE 87 -57.91 -96.16 6.14
N SER DE 88 -58.11 -94.88 6.38
CA SER DE 88 -57.80 -94.29 7.68
C SER DE 88 -58.82 -93.22 7.97
N GLY DE 89 -59.61 -93.42 9.01
CA GLY DE 89 -60.55 -92.44 9.47
C GLY DE 89 -61.35 -92.97 10.65
N PRO DE 90 -62.56 -92.43 10.87
CA PRO DE 90 -63.34 -92.82 12.05
C PRO DE 90 -63.98 -94.19 11.89
N ILE DE 91 -63.97 -94.95 12.99
CA ILE DE 91 -64.03 -96.41 12.99
C ILE DE 91 -65.39 -96.94 12.54
N GLU DE 92 -66.47 -96.23 12.92
CA GLU DE 92 -67.86 -96.64 12.81
C GLU DE 92 -68.32 -96.78 11.37
N GLU DE 93 -67.74 -95.97 10.49
CA GLU DE 93 -68.00 -96.07 9.07
C GLU DE 93 -67.36 -97.31 8.48
N LEU DE 94 -66.14 -97.66 8.90
CA LEU DE 94 -65.45 -98.83 8.35
C LEU DE 94 -66.07 -100.12 8.86
N THR DE 95 -66.42 -100.18 10.14
CA THR DE 95 -67.07 -101.39 10.62
C THR DE 95 -68.51 -101.52 10.18
N ALA DE 96 -69.17 -100.40 9.85
CA ALA DE 96 -70.44 -100.43 9.14
C ALA DE 96 -70.28 -101.01 7.74
N ARG DE 97 -69.20 -100.65 7.05
CA ARG DE 97 -69.00 -101.15 5.70
C ARG DE 97 -68.56 -102.60 5.63
N ILE DE 98 -67.78 -103.08 6.60
CA ILE DE 98 -67.48 -104.50 6.56
C ILE DE 98 -68.63 -105.34 7.10
N ALA DE 99 -69.50 -104.75 7.92
CA ALA DE 99 -70.74 -105.42 8.28
C ALA DE 99 -71.66 -105.57 7.09
N LYS DE 100 -71.74 -104.54 6.25
CA LYS DE 100 -72.53 -104.65 5.04
C LYS DE 100 -71.85 -105.52 3.99
N ALA DE 101 -70.52 -105.62 4.02
CA ALA DE 101 -69.82 -106.54 3.13
C ALA DE 101 -69.96 -107.98 3.59
N ALA DE 102 -70.11 -108.21 4.88
CA ALA DE 102 -70.31 -109.55 5.39
C ALA DE 102 -71.78 -109.90 5.57
N HIS DE 103 -72.68 -108.99 5.15
CA HIS DE 103 -74.15 -109.06 5.28
C HIS DE 103 -74.57 -109.21 6.73
N PHE DE 104 -73.89 -108.50 7.60
CA PHE DE 104 -74.20 -108.47 9.01
C PHE DE 104 -74.88 -107.16 9.29
N ARG DE 105 -75.75 -107.15 10.29
CA ARG DE 105 -76.26 -105.86 10.69
C ARG DE 105 -75.22 -105.19 11.59
N PHE DE 106 -75.33 -103.88 11.71
CA PHE DE 106 -74.33 -103.10 12.42
C PHE DE 106 -75.03 -102.26 13.48
N ARG DE 107 -74.87 -102.64 14.73
CA ARG DE 107 -75.35 -101.83 15.84
C ARG DE 107 -74.20 -101.02 16.41
N VAL DE 108 -74.47 -99.75 16.68
CA VAL DE 108 -73.56 -98.93 17.46
C VAL DE 108 -74.24 -98.64 18.79
N LEU DE 109 -73.60 -99.06 19.88
CA LEU DE 109 -74.10 -98.81 21.21
C LEU DE 109 -73.15 -97.86 21.92
N GLY DE 110 -73.71 -96.79 22.47
CA GLY DE 110 -72.92 -95.80 23.16
C GLY DE 110 -72.87 -94.50 22.39
N LYS DE 111 -71.97 -93.64 22.84
CA LYS DE 111 -71.88 -92.27 22.34
C LYS DE 111 -70.56 -92.11 21.62
N SER DE 112 -70.63 -91.66 20.37
CA SER DE 112 -69.37 -91.31 19.72
C SER DE 112 -68.90 -89.96 20.26
N PRO DE 113 -67.61 -89.78 20.50
CA PRO DE 113 -67.12 -88.51 21.03
C PRO DE 113 -66.95 -87.50 19.91
N SER DE 114 -66.58 -86.28 20.31
CA SER DE 114 -66.38 -85.19 19.36
C SER DE 114 -65.10 -85.40 18.55
N VAL DE 115 -64.00 -85.64 19.24
CA VAL DE 115 -62.83 -86.21 18.57
C VAL DE 115 -63.13 -87.67 18.24
N PRO DE 116 -63.01 -88.08 16.99
CA PRO DE 116 -63.28 -89.47 16.64
C PRO DE 116 -62.10 -90.36 16.97
N VAL DE 117 -62.41 -91.61 17.30
CA VAL DE 117 -61.38 -92.62 17.45
C VAL DE 117 -61.06 -93.18 16.07
N LEU DE 118 -59.79 -93.08 15.67
CA LEU DE 118 -59.37 -93.31 14.30
C LEU DE 118 -58.51 -94.56 14.19
N ILE DE 119 -58.74 -95.34 13.13
CA ILE DE 119 -58.04 -96.60 12.86
C ILE DE 119 -57.34 -96.37 11.55
N SER DE 120 -56.29 -97.15 11.23
CA SER DE 120 -55.76 -97.20 9.88
C SER DE 120 -55.56 -98.66 9.52
N ILE DE 121 -56.27 -99.14 8.50
CA ILE DE 121 -56.12 -100.50 8.01
C ILE DE 121 -55.68 -100.42 6.56
N SER DE 122 -54.54 -101.00 6.24
CA SER DE 122 -54.09 -101.08 4.85
C SER DE 122 -53.61 -102.49 4.57
N THR DE 123 -54.47 -103.28 3.94
CA THR DE 123 -54.11 -104.61 3.46
C THR DE 123 -54.92 -104.92 2.22
N LYS DE 124 -54.36 -105.77 1.36
CA LYS DE 124 -55.05 -106.07 0.11
C LYS DE 124 -55.45 -107.53 -0.05
N ASP DE 125 -55.06 -108.42 0.86
CA ASP DE 125 -55.76 -109.69 0.97
C ASP DE 125 -55.78 -110.06 2.43
N GLU DE 126 -56.90 -109.82 3.08
CA GLU DE 126 -57.04 -110.18 4.47
C GLU DE 126 -58.50 -110.43 4.75
N SER DE 127 -58.76 -111.40 5.60
CA SER DE 127 -60.11 -111.76 6.00
C SER DE 127 -60.70 -110.71 6.94
N LEU DE 128 -62.03 -110.67 6.93
CA LEU DE 128 -62.79 -109.67 7.65
C LEU DE 128 -62.76 -109.90 9.15
N ALA DE 129 -62.54 -111.14 9.56
CA ALA DE 129 -62.44 -111.49 10.97
C ALA DE 129 -61.19 -110.93 11.61
N GLU DE 130 -60.05 -111.06 10.94
CA GLU DE 130 -58.85 -110.46 11.51
C GLU DE 130 -58.75 -108.98 11.22
N ILE DE 131 -59.50 -108.49 10.21
CA ILE DE 131 -59.71 -107.05 10.05
C ILE DE 131 -60.48 -106.49 11.24
N LEU DE 132 -61.47 -107.24 11.72
CA LEU DE 132 -62.22 -106.88 12.92
C LEU DE 132 -61.39 -106.97 14.18
N ARG DE 133 -60.49 -107.95 14.23
CA ARG DE 133 -59.53 -108.07 15.33
C ARG DE 133 -58.56 -106.90 15.35
N ASP DE 134 -58.17 -106.44 14.15
CA ASP DE 134 -57.26 -105.31 14.01
C ASP DE 134 -57.92 -104.00 14.41
N ILE DE 135 -59.20 -103.82 14.06
CA ILE DE 135 -59.85 -102.58 14.45
C ILE DE 135 -60.28 -102.59 15.90
N ASP DE 136 -60.50 -103.77 16.50
CA ASP DE 136 -60.79 -103.83 17.92
C ASP DE 136 -59.53 -103.57 18.73
N TYR DE 137 -58.39 -104.03 18.22
CA TYR DE 137 -57.12 -103.80 18.87
C TYR DE 137 -56.68 -102.34 18.72
N GLN DE 138 -56.89 -101.75 17.55
CA GLN DE 138 -56.51 -100.37 17.36
C GLN DE 138 -57.48 -99.40 17.99
N ALA DE 139 -58.73 -99.83 18.23
CA ALA DE 139 -59.62 -99.06 19.07
C ALA DE 139 -59.14 -99.09 20.52
N GLY DE 140 -59.04 -100.29 21.08
CA GLY DE 140 -58.45 -100.44 22.39
C GLY DE 140 -59.37 -100.01 23.52
N LYS DE 141 -59.10 -98.83 24.07
CA LYS DE 141 -59.83 -98.39 25.24
C LYS DE 141 -60.89 -97.34 24.93
N LYS DE 142 -60.84 -96.73 23.75
CA LYS DE 142 -61.82 -95.72 23.40
C LYS DE 142 -63.16 -96.34 23.04
N ALA DE 143 -63.13 -97.53 22.45
CA ALA DE 143 -64.31 -98.28 22.07
C ALA DE 143 -63.92 -99.73 21.97
N SER DE 144 -64.87 -100.55 21.54
CA SER DE 144 -64.65 -101.99 21.45
C SER DE 144 -65.56 -102.55 20.39
N ILE DE 145 -65.25 -103.77 19.98
CA ILE DE 145 -66.03 -104.51 19.01
C ILE DE 145 -66.63 -105.71 19.72
N HIS DE 146 -67.95 -105.79 19.73
CA HIS DE 146 -68.62 -107.06 19.97
C HIS DE 146 -69.17 -107.56 18.64
N VAL DE 147 -69.32 -108.87 18.53
CA VAL DE 147 -69.84 -109.48 17.31
C VAL DE 147 -70.62 -110.73 17.70
N TYR DE 148 -71.89 -110.80 17.29
CA TYR DE 148 -72.71 -111.96 17.59
C TYR DE 148 -73.13 -112.62 16.29
N PRO DE 149 -72.60 -113.80 15.95
CA PRO DE 149 -72.89 -114.41 14.64
C PRO DE 149 -74.18 -115.20 14.57
N ASN DE 150 -74.76 -115.59 15.70
CA ASN DE 150 -76.06 -116.27 15.65
C ASN DE 150 -77.17 -115.27 15.37
N SER DE 151 -77.00 -114.02 15.79
CA SER DE 151 -77.89 -112.96 15.39
C SER DE 151 -77.42 -112.25 14.14
N GLN DE 152 -76.19 -112.53 13.70
CA GLN DE 152 -75.48 -111.94 12.55
C GLN DE 152 -75.42 -110.42 12.64
N VAL DE 153 -75.00 -109.92 13.79
CA VAL DE 153 -74.71 -108.50 13.92
C VAL DE 153 -73.27 -108.36 14.39
N VAL DE 154 -72.69 -107.21 14.09
CA VAL DE 154 -71.55 -106.71 14.82
C VAL DE 154 -72.00 -105.43 15.51
N GLU DE 155 -71.20 -104.97 16.45
CA GLU DE 155 -71.60 -103.85 17.29
C GLU DE 155 -70.36 -103.12 17.75
N LEU DE 156 -70.32 -101.83 17.45
CA LEU DE 156 -69.31 -100.95 17.99
C LEU DE 156 -69.83 -100.40 19.32
N ARG DE 157 -69.18 -100.76 20.40
CA ARG DE 157 -69.58 -100.29 21.72
C ARG DE 157 -68.58 -99.25 22.20
N TYR DE 158 -69.08 -98.06 22.52
CA TYR DE 158 -68.20 -97.03 23.08
C TYR DE 158 -68.16 -97.15 24.60
N ALA DE 159 -67.60 -96.16 25.26
CA ALA DE 159 -67.59 -96.10 26.72
C ALA DE 159 -67.71 -94.68 27.23
N ILE EE 272 -47.58 -75.09 19.92
CA ILE EE 272 -47.84 -76.28 19.13
C ILE EE 272 -46.73 -76.43 18.08
N PRO EE 273 -46.13 -77.63 17.99
CA PRO EE 273 -45.05 -77.84 17.05
C PRO EE 273 -45.56 -77.99 15.64
N PRO EE 274 -44.73 -77.79 14.61
CA PRO EE 274 -45.20 -77.98 13.24
C PRO EE 274 -45.37 -79.44 12.89
N SER EE 275 -46.09 -79.65 11.79
CA SER EE 275 -46.69 -80.95 11.49
C SER EE 275 -45.66 -81.93 10.98
N ALA EE 276 -45.10 -81.65 9.81
CA ALA EE 276 -43.91 -82.29 9.28
C ALA EE 276 -43.31 -81.23 8.38
N ASN EE 277 -42.48 -81.63 7.46
CA ASN EE 277 -42.40 -80.84 6.25
C ASN EE 277 -43.36 -81.44 5.24
N ASP EE 278 -44.02 -80.57 4.48
CA ASP EE 278 -44.79 -80.99 3.32
C ASP EE 278 -43.96 -80.99 2.06
N LEU EE 279 -42.66 -80.73 2.19
CA LEU EE 279 -41.67 -81.12 1.21
C LEU EE 279 -41.46 -82.62 1.18
N LEU EE 280 -41.78 -83.30 2.29
CA LEU EE 280 -41.70 -84.75 2.35
C LEU EE 280 -42.73 -85.45 1.48
N LEU EE 281 -43.83 -84.79 1.11
CA LEU EE 281 -44.72 -85.35 0.11
C LEU EE 281 -44.10 -85.33 -1.28
N HIS EE 282 -43.26 -84.33 -1.57
CA HIS EE 282 -42.54 -84.31 -2.83
C HIS EE 282 -41.41 -85.32 -2.81
N VAL EE 283 -40.68 -85.40 -1.70
CA VAL EE 283 -39.54 -86.31 -1.69
C VAL EE 283 -39.95 -87.70 -1.19
N LEU EE 284 -41.23 -87.90 -0.94
CA LEU EE 284 -41.78 -89.24 -0.88
C LEU EE 284 -42.00 -89.81 -2.26
N GLU EE 285 -42.19 -88.96 -3.25
CA GLU EE 285 -42.00 -89.36 -4.64
C GLU EE 285 -40.53 -89.09 -4.98
N GLY EE 286 -40.15 -89.29 -6.23
CA GLY EE 286 -38.78 -88.96 -6.54
C GLY EE 286 -38.55 -87.52 -6.93
N VAL EE 287 -39.56 -86.67 -6.89
CA VAL EE 287 -39.42 -85.31 -7.38
C VAL EE 287 -38.70 -84.47 -6.32
N PRO EE 288 -37.64 -83.76 -6.69
CA PRO EE 288 -36.88 -82.95 -5.73
C PRO EE 288 -37.67 -81.72 -5.29
N PRO EE 289 -37.27 -81.06 -4.21
CA PRO EE 289 -37.90 -79.79 -3.84
C PRO EE 289 -37.52 -78.68 -4.80
N PRO EE 290 -38.33 -77.62 -4.91
CA PRO EE 290 -37.96 -76.47 -5.76
C PRO EE 290 -36.77 -75.71 -5.20
N GLY EE 291 -35.71 -75.61 -6.00
CA GLY EE 291 -34.51 -74.93 -5.61
C GLY EE 291 -33.64 -75.75 -4.69
N SER EE 292 -33.21 -76.91 -5.15
CA SER EE 292 -32.40 -77.81 -4.35
C SER EE 292 -31.06 -78.05 -5.01
N ARG EE 293 -30.32 -79.00 -4.45
CA ARG EE 293 -29.12 -79.50 -5.06
C ARG EE 293 -29.15 -81.01 -4.92
N ARG EE 294 -28.88 -81.72 -6.00
CA ARG EE 294 -28.83 -83.16 -5.95
C ARG EE 294 -27.58 -83.61 -5.21
N LEU EE 295 -27.69 -84.75 -4.55
CA LEU EE 295 -26.55 -85.39 -3.93
C LEU EE 295 -26.39 -86.77 -4.54
N VAL EE 296 -25.18 -87.27 -4.56
CA VAL EE 296 -24.91 -88.56 -5.17
C VAL EE 296 -24.75 -89.60 -4.09
N VAL EE 297 -25.82 -90.34 -3.84
CA VAL EE 297 -25.81 -91.47 -2.94
C VAL EE 297 -25.11 -92.63 -3.63
N SER EE 298 -24.27 -93.31 -2.88
CA SER EE 298 -23.57 -94.48 -3.38
C SER EE 298 -23.76 -95.63 -2.41
N GLY EE 299 -23.92 -96.82 -2.93
CA GLY EE 299 -23.96 -98.00 -2.10
C GLY EE 299 -25.32 -98.38 -1.56
N GLY EE 300 -26.39 -97.97 -2.20
CA GLY EE 300 -27.71 -98.37 -1.75
C GLY EE 300 -28.76 -97.68 -2.58
N ASP EE 301 -29.94 -98.28 -2.60
CA ASP EE 301 -31.03 -97.74 -3.40
C ASP EE 301 -31.68 -96.64 -2.60
N ALA EE 302 -31.17 -95.44 -2.78
CA ALA EE 302 -31.75 -94.25 -2.19
C ALA EE 302 -31.58 -93.15 -3.20
N ARG EE 303 -32.22 -92.01 -2.96
CA ARG EE 303 -31.94 -90.75 -3.61
C ARG EE 303 -31.79 -89.69 -2.54
N ALA EE 304 -31.02 -88.65 -2.81
CA ALA EE 304 -30.84 -87.58 -1.84
C ALA EE 304 -30.89 -86.23 -2.52
N TRP EE 305 -31.40 -85.23 -1.82
CA TRP EE 305 -31.31 -83.85 -2.25
C TRP EE 305 -30.92 -82.98 -1.07
N LEU EE 306 -30.47 -81.77 -1.37
CA LEU EE 306 -30.08 -80.83 -0.34
C LEU EE 306 -30.76 -79.50 -0.62
N SER EE 307 -31.77 -79.15 0.17
CA SER EE 307 -32.58 -78.00 -0.18
C SER EE 307 -32.10 -76.70 0.45
N ASN EE 308 -32.14 -76.61 1.79
CA ASN EE 308 -31.57 -75.45 2.48
C ASN EE 308 -31.09 -75.95 3.84
N GLU EE 309 -29.80 -76.34 3.86
CA GLU EE 309 -29.04 -76.90 4.99
C GLU EE 309 -29.63 -78.21 5.55
N LYS EE 310 -30.45 -78.92 4.79
CA LYS EE 310 -31.09 -80.15 5.20
C LYS EE 310 -31.02 -81.07 4.01
N MET EE 311 -30.79 -82.34 4.24
CA MET EE 311 -30.92 -83.30 3.17
C MET EE 311 -32.22 -84.06 3.31
N TYR EE 312 -32.68 -84.53 2.17
CA TYR EE 312 -33.96 -85.19 2.03
C TYR EE 312 -33.66 -86.46 1.26
N VAL EE 313 -33.83 -87.60 1.89
CA VAL EE 313 -33.52 -88.86 1.27
C VAL EE 313 -34.81 -89.63 1.01
N ARG EE 314 -34.91 -90.19 -0.18
CA ARG EE 314 -36.02 -91.03 -0.59
C ARG EE 314 -35.49 -92.45 -0.71
N THR EE 315 -35.98 -93.34 0.13
CA THR EE 315 -35.42 -94.68 0.13
C THR EE 315 -36.52 -95.65 0.52
N ASN EE 316 -36.13 -96.90 0.66
CA ASN EE 316 -37.02 -97.90 1.22
C ASN EE 316 -36.26 -98.82 2.15
N LEU EE 317 -35.05 -98.43 2.54
CA LEU EE 317 -34.36 -99.13 3.61
C LEU EE 317 -34.68 -98.47 4.94
N THR EE 318 -33.96 -98.85 5.97
CA THR EE 318 -34.15 -98.18 7.24
C THR EE 318 -32.90 -97.38 7.58
N ILE EE 319 -33.07 -96.14 8.01
CA ILE EE 319 -31.93 -95.30 8.28
C ILE EE 319 -31.69 -95.29 9.77
N LEU EE 320 -30.45 -95.59 10.17
CA LEU EE 320 -30.13 -96.00 11.53
C LEU EE 320 -29.21 -95.03 12.26
N SER EE 321 -28.09 -94.62 11.68
CA SER EE 321 -27.16 -93.83 12.52
C SER EE 321 -27.46 -92.34 12.70
N PRO EE 322 -27.62 -91.47 11.68
CA PRO EE 322 -27.40 -90.04 11.95
C PRO EE 322 -28.61 -89.32 12.53
N GLY EE 323 -29.79 -89.92 12.55
CA GLY EE 323 -30.91 -89.27 13.15
C GLY EE 323 -31.60 -88.33 12.18
N TRP EE 324 -32.89 -88.52 12.00
CA TRP EE 324 -33.60 -87.72 11.04
C TRP EE 324 -34.59 -86.81 11.75
N LEU EE 325 -34.79 -85.64 11.19
CA LEU EE 325 -35.71 -84.70 11.81
C LEU EE 325 -37.15 -85.04 11.52
N ALA EE 326 -37.49 -85.31 10.26
CA ALA EE 326 -38.88 -85.62 9.97
C ALA EE 326 -38.93 -86.80 9.02
N SER EE 327 -40.05 -87.50 9.02
CA SER EE 327 -40.19 -88.65 8.14
C SER EE 327 -41.62 -88.81 7.65
N MET EE 328 -41.72 -89.47 6.51
CA MET EE 328 -42.97 -89.86 5.89
C MET EE 328 -42.76 -91.18 5.17
N THR EE 329 -43.84 -91.88 4.87
CA THR EE 329 -43.74 -93.17 4.22
C THR EE 329 -44.96 -93.37 3.34
N SER EE 330 -44.75 -93.66 2.06
CA SER EE 330 -45.85 -93.93 1.14
C SER EE 330 -46.36 -95.35 1.22
N ALA EE 331 -47.16 -95.74 0.22
CA ALA EE 331 -47.91 -96.99 0.30
C ALA EE 331 -47.05 -98.21 0.02
N ASP EE 332 -45.96 -98.04 -0.73
CA ASP EE 332 -45.14 -99.17 -1.14
C ASP EE 332 -43.94 -99.38 -0.23
N GLY EE 333 -43.98 -98.83 0.98
CA GLY EE 333 -42.86 -98.94 1.88
C GLY EE 333 -41.74 -97.97 1.61
N THR EE 334 -41.94 -97.00 0.72
CA THR EE 334 -40.95 -95.97 0.48
C THR EE 334 -41.02 -94.98 1.62
N HIS EE 335 -39.91 -94.71 2.27
CA HIS EE 335 -39.85 -93.62 3.22
C HIS EE 335 -39.14 -92.44 2.59
N ALA EE 336 -39.34 -91.30 3.22
CA ALA EE 336 -38.61 -90.08 2.94
C ALA EE 336 -38.24 -89.46 4.28
N TYR EE 337 -36.97 -89.10 4.42
CA TYR EE 337 -36.47 -88.54 5.65
C TYR EE 337 -35.87 -87.17 5.39
N GLU EE 338 -36.06 -86.29 6.35
CA GLU EE 338 -35.41 -84.99 6.40
C GLU EE 338 -34.46 -85.03 7.57
N MET EE 339 -33.19 -84.73 7.30
CA MET EE 339 -32.16 -84.75 8.32
C MET EE 339 -31.12 -83.67 8.03
N GLN EE 340 -30.19 -83.51 8.95
CA GLN EE 340 -29.04 -82.64 8.73
C GLN EE 340 -28.08 -83.32 7.78
N LYS EE 341 -27.23 -82.52 7.14
CA LYS EE 341 -26.40 -83.02 6.05
C LYS EE 341 -25.23 -83.81 6.61
N SER EE 342 -25.35 -85.12 6.52
CA SER EE 342 -24.27 -85.99 6.95
C SER EE 342 -23.71 -86.70 5.73
N PRO EE 343 -22.40 -86.92 5.66
CA PRO EE 343 -21.84 -87.66 4.52
C PRO EE 343 -22.12 -89.14 4.54
N VAL EE 344 -22.43 -89.71 5.69
CA VAL EE 344 -22.67 -91.14 5.82
C VAL EE 344 -24.10 -91.36 6.28
N LEU EE 345 -24.84 -92.10 5.48
CA LEU EE 345 -26.04 -92.74 5.99
C LEU EE 345 -25.66 -94.14 6.38
N LEU EE 346 -26.29 -94.66 7.40
CA LEU EE 346 -26.11 -96.07 7.74
C LEU EE 346 -27.46 -96.72 7.70
N VAL EE 347 -27.68 -97.56 6.70
CA VAL EE 347 -28.97 -98.17 6.51
C VAL EE 347 -28.92 -99.58 7.06
N SER EE 348 -30.11 -100.09 7.32
CA SER EE 348 -30.35 -101.51 7.41
C SER EE 348 -31.07 -101.91 6.14
N TRP EE 349 -30.49 -102.84 5.41
CA TRP EE 349 -31.05 -103.34 4.16
C TRP EE 349 -32.09 -104.41 4.46
N HIS EE 350 -31.65 -105.55 4.96
CA HIS EE 350 -32.54 -106.62 5.36
C HIS EE 350 -32.00 -107.29 6.61
N GLY EE 351 -31.64 -106.48 7.59
CA GLY EE 351 -30.86 -106.97 8.69
C GLY EE 351 -29.38 -106.76 8.53
N LYS EE 352 -28.90 -106.64 7.30
CA LYS EE 352 -27.54 -106.21 7.04
C LYS EE 352 -27.42 -104.74 7.33
N VAL EE 353 -26.34 -104.35 7.98
CA VAL EE 353 -26.10 -102.95 8.30
C VAL EE 353 -25.10 -102.42 7.28
N MET EE 354 -25.58 -101.67 6.32
CA MET EE 354 -24.74 -101.17 5.26
C MET EE 354 -24.55 -99.68 5.46
N GLN EE 355 -23.55 -99.13 4.78
CA GLN EE 355 -23.38 -97.69 4.78
C GLN EE 355 -23.58 -97.14 3.39
N LEU EE 356 -23.79 -95.83 3.35
CA LEU EE 356 -24.10 -95.08 2.15
C LEU EE 356 -23.26 -93.81 2.20
N LYS EE 357 -22.56 -93.50 1.13
CA LYS EE 357 -21.85 -92.23 1.05
C LYS EE 357 -22.69 -91.27 0.25
N VAL EE 358 -22.75 -90.01 0.68
CA VAL EE 358 -23.26 -88.93 -0.15
C VAL EE 358 -22.09 -87.99 -0.41
N GLU EE 359 -22.24 -87.13 -1.42
CA GLU EE 359 -21.23 -86.11 -1.69
C GLU EE 359 -21.91 -84.76 -1.88
N GLY EE 360 -21.56 -83.81 -1.02
CA GLY EE 360 -22.18 -82.51 -0.99
C GLY EE 360 -22.38 -82.08 0.45
N LEU FE 41 -13.08 -95.61 -3.36
CA LEU FE 41 -13.98 -95.89 -4.46
C LEU FE 41 -14.98 -96.98 -4.07
N PRO FE 42 -16.18 -96.96 -4.67
CA PRO FE 42 -17.09 -98.09 -4.50
C PRO FE 42 -16.61 -99.31 -5.25
N CYS FE 43 -17.09 -100.47 -4.82
CA CYS FE 43 -16.54 -101.75 -5.23
C CYS FE 43 -17.36 -102.37 -6.36
N ARG FE 44 -16.66 -102.90 -7.36
CA ARG FE 44 -17.31 -103.67 -8.42
C ARG FE 44 -17.53 -105.11 -7.98
N VAL FE 45 -16.43 -105.82 -7.71
CA VAL FE 45 -16.48 -107.22 -7.30
C VAL FE 45 -16.69 -107.28 -5.80
N ASP FE 46 -17.69 -108.04 -5.38
CA ASP FE 46 -17.93 -108.27 -3.95
C ASP FE 46 -17.29 -109.56 -3.47
N GLY FE 47 -16.01 -109.77 -3.80
CA GLY FE 47 -15.32 -111.01 -3.47
C GLY FE 47 -15.79 -112.22 -4.25
N ALA FE 48 -16.34 -112.03 -5.44
CA ALA FE 48 -17.00 -113.10 -6.17
C ALA FE 48 -17.00 -112.79 -7.66
N CYS FE 49 -16.42 -113.67 -8.46
CA CYS FE 49 -16.45 -113.53 -9.91
C CYS FE 49 -17.26 -114.65 -10.51
N ASP FE 50 -18.10 -114.30 -11.49
CA ASP FE 50 -19.14 -115.21 -11.99
C ASP FE 50 -18.58 -116.36 -12.80
N ALA FE 51 -17.36 -116.20 -13.34
CA ALA FE 51 -16.57 -117.31 -13.83
C ALA FE 51 -16.30 -118.34 -12.73
N THR FE 52 -15.99 -117.88 -11.52
CA THR FE 52 -15.79 -118.84 -10.44
C THR FE 52 -17.10 -119.37 -9.88
N ILE FE 53 -18.21 -118.61 -10.06
CA ILE FE 53 -19.54 -119.15 -9.75
C ILE FE 53 -19.89 -120.33 -10.67
N ILE FE 54 -19.66 -120.19 -11.97
CA ILE FE 54 -20.03 -121.28 -12.88
C ILE FE 54 -19.02 -122.41 -12.82
N LYS FE 55 -17.77 -122.11 -12.46
CA LYS FE 55 -16.76 -123.15 -12.27
C LYS FE 55 -17.04 -123.97 -11.02
N MET FE 56 -17.51 -123.31 -9.95
CA MET FE 56 -17.92 -124.04 -8.76
C MET FE 56 -19.21 -124.81 -8.97
N MET FE 57 -20.09 -124.32 -9.85
CA MET FE 57 -21.33 -125.04 -10.12
C MET FE 57 -21.10 -126.30 -10.95
N THR FE 58 -20.20 -126.22 -11.96
CA THR FE 58 -19.89 -127.44 -12.68
C THR FE 58 -18.95 -128.37 -11.90
N ASP FE 59 -18.21 -127.84 -10.91
CA ASP FE 59 -17.38 -128.74 -10.12
C ASP FE 59 -18.18 -129.49 -9.06
N LEU FE 60 -19.17 -128.86 -8.44
CA LEU FE 60 -20.06 -129.64 -7.58
C LEU FE 60 -21.00 -130.55 -8.35
N ASN FE 61 -21.37 -130.20 -9.58
CA ASN FE 61 -22.10 -131.16 -10.41
C ASN FE 61 -21.22 -132.29 -10.92
N LYS FE 62 -19.93 -132.05 -11.07
CA LYS FE 62 -19.02 -133.14 -11.42
C LYS FE 62 -18.75 -134.03 -10.22
N LYS FE 63 -18.84 -133.48 -9.01
CA LYS FE 63 -18.80 -134.31 -7.81
C LYS FE 63 -20.17 -134.91 -7.47
N GLY FE 64 -21.22 -134.59 -8.20
CA GLY FE 64 -22.48 -135.25 -8.01
C GLY FE 64 -23.39 -134.56 -7.03
N ILE FE 65 -22.96 -133.44 -6.49
CA ILE FE 65 -23.81 -132.57 -5.70
C ILE FE 65 -24.67 -131.80 -6.68
N LYS FE 66 -25.98 -132.06 -6.66
CA LYS FE 66 -26.85 -131.46 -7.66
C LYS FE 66 -27.12 -130.02 -7.27
N VAL FE 67 -26.45 -129.09 -7.93
CA VAL FE 67 -26.74 -127.67 -7.75
C VAL FE 67 -27.52 -127.22 -8.98
N ALA FE 68 -28.71 -126.72 -8.73
CA ALA FE 68 -29.61 -126.27 -9.76
C ALA FE 68 -30.09 -124.87 -9.45
N SER FE 69 -30.58 -124.20 -10.47
CA SER FE 69 -30.92 -122.79 -10.36
C SER FE 69 -32.16 -122.56 -11.20
N VAL FE 70 -33.21 -122.06 -10.58
CA VAL FE 70 -34.38 -121.59 -11.31
C VAL FE 70 -34.60 -120.12 -10.96
N GLY FE 71 -34.18 -119.24 -11.85
CA GLY FE 71 -34.46 -117.83 -11.67
C GLY FE 71 -33.48 -117.19 -10.72
N GLN FE 72 -33.90 -117.02 -9.49
CA GLN FE 72 -33.01 -116.60 -8.44
C GLN FE 72 -32.98 -117.56 -7.28
N ASN FE 73 -33.86 -118.55 -7.27
CA ASN FE 73 -33.75 -119.62 -6.30
C ASN FE 73 -32.62 -120.56 -6.71
N TYR FE 74 -31.86 -120.98 -5.71
CA TYR FE 74 -30.75 -121.89 -5.91
C TYR FE 74 -30.94 -123.05 -4.97
N LEU FE 75 -30.46 -124.22 -5.41
CA LEU FE 75 -30.63 -125.46 -4.66
C LEU FE 75 -29.37 -126.29 -4.79
N ILE FE 76 -28.73 -126.56 -3.67
CA ILE FE 76 -27.60 -127.46 -3.60
C ILE FE 76 -28.07 -128.75 -2.94
N SER FE 77 -27.70 -129.88 -3.51
CA SER FE 77 -28.28 -131.16 -3.15
C SER FE 77 -27.18 -132.16 -2.89
N ILE FE 78 -26.86 -132.36 -1.62
CA ILE FE 78 -25.84 -133.32 -1.21
C ILE FE 78 -26.54 -134.64 -0.90
N PRO FE 79 -26.05 -135.77 -1.41
CA PRO FE 79 -26.53 -137.05 -0.91
C PRO FE 79 -25.98 -137.28 0.49
N ALA FE 80 -26.80 -137.94 1.31
CA ALA FE 80 -26.51 -138.12 2.73
C ALA FE 80 -25.35 -139.05 3.00
N SER FE 81 -25.10 -140.00 2.11
CA SER FE 81 -23.93 -140.85 2.26
C SER FE 81 -22.65 -140.14 1.87
N ALA FE 82 -22.75 -139.08 1.07
CA ALA FE 82 -21.56 -138.37 0.63
C ALA FE 82 -20.97 -137.48 1.70
N LEU FE 83 -21.71 -137.16 2.76
CA LEU FE 83 -21.12 -136.37 3.83
C LEU FE 83 -21.36 -136.93 5.23
N PHE FE 84 -22.46 -137.64 5.48
CA PHE FE 84 -22.60 -138.27 6.78
C PHE FE 84 -22.12 -139.70 6.72
N ALA FE 85 -22.20 -140.38 7.85
CA ALA FE 85 -22.17 -141.83 7.84
C ALA FE 85 -23.62 -142.32 7.73
N ASP FE 86 -23.85 -143.62 7.79
CA ASP FE 86 -25.21 -144.11 7.57
C ASP FE 86 -26.03 -144.02 8.85
N GLN FE 87 -27.19 -143.37 8.72
CA GLN FE 87 -28.25 -143.23 9.73
C GLN FE 87 -27.79 -142.54 11.00
N SER FE 88 -26.92 -141.56 10.84
CA SER FE 88 -26.21 -140.99 11.96
C SER FE 88 -26.08 -139.49 11.78
N PRO FE 89 -26.16 -138.72 12.86
CA PRO FE 89 -25.89 -137.28 12.78
C PRO FE 89 -24.43 -136.91 13.00
N ARG FE 90 -23.54 -137.58 12.28
CA ARG FE 90 -22.11 -137.38 12.47
C ARG FE 90 -21.47 -137.20 11.12
N LEU FE 91 -20.75 -136.10 10.95
CA LEU FE 91 -19.98 -135.90 9.74
C LEU FE 91 -18.75 -136.79 9.73
N ASN FE 92 -18.38 -137.23 8.55
CA ASN FE 92 -17.06 -137.80 8.37
C ASN FE 92 -16.07 -136.66 8.24
N TRP FE 93 -14.80 -136.98 8.43
CA TRP FE 93 -13.76 -135.97 8.38
C TRP FE 93 -13.43 -135.57 6.94
N ALA FE 94 -13.72 -136.42 5.97
CA ALA FE 94 -13.49 -136.06 4.58
C ALA FE 94 -14.59 -135.14 4.04
N SER FE 95 -15.74 -135.12 4.70
CA SER FE 95 -16.87 -134.28 4.33
C SER FE 95 -16.66 -132.80 4.56
N TYR FE 96 -15.71 -132.44 5.40
CA TYR FE 96 -15.48 -131.06 5.74
C TYR FE 96 -14.82 -130.30 4.60
N SER FE 97 -14.11 -130.99 3.71
CA SER FE 97 -13.62 -130.35 2.48
C SER FE 97 -14.76 -130.06 1.52
N LEU FE 98 -15.76 -130.94 1.50
CA LEU FE 98 -16.96 -130.74 0.70
C LEU FE 98 -17.79 -129.59 1.24
N LEU FE 99 -17.87 -129.47 2.56
CA LEU FE 99 -18.53 -128.31 3.14
C LEU FE 99 -17.70 -127.05 3.05
N ASN FE 100 -16.38 -127.16 2.90
CA ASN FE 100 -15.56 -125.99 2.63
C ASN FE 100 -15.79 -125.47 1.22
N GLU FE 101 -15.95 -126.35 0.24
CA GLU FE 101 -16.27 -125.83 -1.08
C GLU FE 101 -17.73 -125.47 -1.23
N ILE FE 102 -18.60 -126.02 -0.37
CA ILE FE 102 -20.00 -125.59 -0.32
C ILE FE 102 -20.10 -124.17 0.27
N ALA FE 103 -19.34 -123.89 1.34
CA ALA FE 103 -19.32 -122.56 1.91
C ALA FE 103 -18.56 -121.57 1.05
N ALA FE 104 -17.61 -122.05 0.25
CA ALA FE 104 -17.00 -121.19 -0.75
C ALA FE 104 -17.93 -120.93 -1.91
N PHE FE 105 -18.88 -121.82 -2.18
CA PHE FE 105 -19.91 -121.48 -3.16
C PHE FE 105 -20.94 -120.51 -2.59
N LEU FE 106 -21.31 -120.69 -1.32
CA LEU FE 106 -22.28 -119.82 -0.68
C LEU FE 106 -21.72 -118.49 -0.23
N LYS FE 107 -20.40 -118.29 -0.31
CA LYS FE 107 -19.83 -116.97 -0.09
C LYS FE 107 -20.08 -116.00 -1.25
N GLN FE 108 -20.50 -116.50 -2.40
CA GLN FE 108 -20.46 -115.74 -3.63
C GLN FE 108 -21.73 -114.95 -3.91
N PHE FE 109 -22.79 -115.14 -3.14
CA PHE FE 109 -24.05 -114.47 -3.42
C PHE FE 109 -24.48 -113.67 -2.21
N ARG FE 110 -25.02 -112.49 -2.47
CA ARG FE 110 -25.65 -111.72 -1.41
C ARG FE 110 -27.01 -112.35 -1.18
N LYS FE 111 -27.25 -112.80 0.04
CA LYS FE 111 -28.44 -113.54 0.37
C LYS FE 111 -29.00 -113.02 1.67
N ILE FE 112 -30.24 -113.41 1.95
CA ILE FE 112 -30.93 -113.04 3.17
C ILE FE 112 -31.06 -114.22 4.09
N ALA FE 113 -31.48 -115.36 3.55
CA ALA FE 113 -31.84 -116.51 4.36
C ALA FE 113 -31.61 -117.75 3.52
N ILE FE 114 -30.94 -118.71 4.12
CA ILE FE 114 -30.80 -120.03 3.55
C ILE FE 114 -31.57 -120.99 4.41
N THR FE 115 -32.44 -121.79 3.82
CA THR FE 115 -32.93 -122.95 4.53
C THR FE 115 -32.06 -124.14 4.15
N VAL FE 116 -31.84 -125.02 5.10
CA VAL FE 116 -31.15 -126.27 4.87
C VAL FE 116 -32.01 -127.36 5.47
N THR FE 117 -32.38 -128.31 4.64
CA THR FE 117 -33.44 -129.26 4.92
C THR FE 117 -32.94 -130.64 4.57
N SER FE 118 -33.00 -131.55 5.52
CA SER FE 118 -32.50 -132.90 5.26
C SER FE 118 -33.64 -133.89 5.38
N TYR FE 119 -33.65 -134.90 4.50
CA TYR FE 119 -34.49 -136.04 4.77
C TYR FE 119 -33.80 -137.33 4.34
N SER FE 120 -34.02 -138.37 5.12
CA SER FE 120 -33.46 -139.68 4.87
C SER FE 120 -34.59 -140.69 4.77
N SER FE 121 -34.26 -141.85 4.20
CA SER FE 121 -35.19 -142.96 4.09
C SER FE 121 -35.47 -143.57 5.46
N LYS FE 122 -36.60 -144.26 5.56
CA LYS FE 122 -37.15 -144.69 6.85
C LYS FE 122 -36.37 -145.87 7.41
N TYR FE 123 -35.93 -145.73 8.66
CA TYR FE 123 -35.01 -146.67 9.27
C TYR FE 123 -35.62 -147.41 10.45
N VAL FE 124 -36.06 -146.69 11.48
CA VAL FE 124 -36.80 -147.32 12.56
C VAL FE 124 -38.23 -146.83 12.49
N SER FE 125 -38.41 -145.54 12.71
CA SER FE 125 -39.73 -144.95 12.69
C SER FE 125 -39.58 -143.50 12.28
N VAL FE 126 -40.72 -142.82 12.20
CA VAL FE 126 -40.73 -141.44 11.77
C VAL FE 126 -40.21 -140.50 12.84
N LYS FE 127 -40.29 -140.86 14.12
CA LYS FE 127 -39.79 -139.98 15.17
C LYS FE 127 -38.27 -140.03 15.24
N ARG FE 128 -37.70 -141.22 15.05
CA ARG FE 128 -36.25 -141.39 14.93
C ARG FE 128 -35.74 -140.78 13.63
N GLU FE 129 -36.56 -140.83 12.58
CA GLU FE 129 -36.24 -140.23 11.29
C GLU FE 129 -36.20 -138.71 11.36
N ARG FE 130 -37.18 -138.10 12.01
CA ARG FE 130 -37.24 -136.65 12.12
C ARG FE 130 -36.21 -136.11 13.10
N ALA FE 131 -35.90 -136.87 14.16
CA ALA FE 131 -34.87 -136.45 15.09
C ALA FE 131 -33.48 -136.57 14.49
N LEU FE 132 -33.26 -137.60 13.66
CA LEU FE 132 -32.02 -137.76 12.91
C LEU FE 132 -31.82 -136.64 11.90
N THR FE 133 -32.86 -136.31 11.15
CA THR FE 133 -32.69 -135.32 10.09
C THR FE 133 -32.65 -133.90 10.62
N LEU FE 134 -33.31 -133.66 11.76
CA LEU FE 134 -33.21 -132.38 12.46
C LEU FE 134 -31.82 -132.18 13.04
N ALA FE 135 -31.23 -133.25 13.61
CA ALA FE 135 -29.86 -133.17 14.11
C ALA FE 135 -28.83 -133.05 13.00
N ARG FE 136 -29.09 -133.69 11.86
CA ARG FE 136 -28.19 -133.64 10.70
C ARG FE 136 -28.18 -132.26 10.08
N SER FE 137 -29.35 -131.64 10.00
CA SER FE 137 -29.47 -130.32 9.42
C SER FE 137 -28.90 -129.25 10.34
N ARG FE 138 -29.04 -129.41 11.66
CA ARG FE 138 -28.42 -128.42 12.53
C ARG FE 138 -26.91 -128.62 12.66
N VAL FE 139 -26.38 -129.82 12.37
CA VAL FE 139 -24.94 -130.01 12.30
C VAL FE 139 -24.35 -129.33 11.08
N VAL FE 140 -25.00 -129.48 9.91
CA VAL FE 140 -24.44 -128.87 8.70
C VAL FE 140 -24.70 -127.36 8.68
N SER FE 141 -25.77 -126.88 9.32
CA SER FE 141 -25.93 -125.44 9.47
C SER FE 141 -25.03 -124.86 10.54
N GLU FE 142 -24.62 -125.66 11.54
CA GLU FE 142 -23.62 -125.25 12.50
C GLU FE 142 -22.26 -125.06 11.84
N TYR FE 143 -21.90 -125.97 10.93
CA TYR FE 143 -20.64 -125.81 10.22
C TYR FE 143 -20.69 -124.70 9.18
N LEU FE 144 -21.82 -124.53 8.51
CA LEU FE 144 -21.93 -123.45 7.52
C LEU FE 144 -22.09 -122.08 8.19
N TRP FE 145 -22.61 -122.04 9.40
CA TRP FE 145 -22.69 -120.78 10.11
C TRP FE 145 -21.34 -120.39 10.68
N SER FE 146 -20.56 -121.37 11.15
CA SER FE 146 -19.23 -121.06 11.65
C SER FE 146 -18.29 -120.73 10.51
N GLN FE 147 -18.49 -121.38 9.36
CA GLN FE 147 -17.78 -120.98 8.17
C GLN FE 147 -18.38 -119.73 7.56
N GLY FE 148 -17.77 -119.29 6.48
CA GLY FE 148 -18.24 -118.08 5.86
C GLY FE 148 -19.44 -118.30 4.96
N VAL FE 149 -20.60 -117.97 5.49
CA VAL FE 149 -21.69 -117.55 4.64
C VAL FE 149 -21.93 -116.11 5.01
N ASP FE 150 -22.71 -115.41 4.20
CA ASP FE 150 -23.05 -114.03 4.49
C ASP FE 150 -24.52 -113.87 4.77
N SER FE 151 -25.21 -114.98 5.02
CA SER FE 151 -26.64 -114.92 5.20
C SER FE 151 -26.99 -114.45 6.59
N ARG FE 152 -28.14 -113.80 6.67
CA ARG FE 152 -28.63 -113.31 7.93
C ARG FE 152 -29.35 -114.40 8.70
N ILE FE 153 -30.20 -115.15 8.03
CA ILE FE 153 -30.90 -116.27 8.64
C ILE FE 153 -30.44 -117.55 7.97
N ILE FE 154 -30.08 -118.55 8.76
CA ILE FE 154 -30.07 -119.93 8.30
C ILE FE 154 -31.16 -120.67 9.04
N PHE FE 155 -32.20 -121.05 8.33
CA PHE FE 155 -33.22 -121.95 8.83
C PHE FE 155 -32.71 -123.36 8.66
N THR FE 156 -32.80 -124.16 9.70
CA THR FE 156 -32.43 -125.56 9.64
C THR FE 156 -33.62 -126.43 10.05
N GLN FE 157 -33.90 -127.44 9.21
CA GLN FE 157 -34.95 -128.40 9.51
C GLN FE 157 -34.69 -129.72 8.80
N GLY FE 158 -35.28 -130.75 9.36
CA GLY FE 158 -35.25 -132.06 8.73
C GLY FE 158 -36.61 -132.70 8.78
N LEU FE 159 -36.89 -133.57 7.82
CA LEU FE 159 -38.15 -134.25 7.70
C LEU FE 159 -37.94 -135.75 7.63
N GLY FE 160 -38.97 -136.49 8.02
CA GLY FE 160 -38.90 -137.93 8.06
C GLY FE 160 -39.40 -138.61 6.81
N SER FE 161 -38.61 -138.50 5.73
CA SER FE 161 -38.88 -139.00 4.37
C SER FE 161 -40.18 -138.43 3.79
N ASP FE 162 -40.49 -137.20 4.14
CA ASP FE 162 -41.78 -136.63 3.77
C ASP FE 162 -41.77 -136.04 2.37
N LYS FE 163 -40.61 -135.81 1.79
CA LYS FE 163 -40.51 -135.50 0.37
C LYS FE 163 -39.50 -136.44 -0.29
N PRO FE 164 -39.90 -137.66 -0.65
CA PRO FE 164 -38.98 -138.52 -1.39
C PRO FE 164 -39.02 -138.21 -2.88
N ILE FE 165 -37.88 -137.81 -3.44
CA ILE FE 165 -37.84 -137.42 -4.84
C ILE FE 165 -37.61 -138.57 -5.78
N THR FE 166 -37.53 -139.79 -5.29
CA THR FE 166 -37.78 -140.94 -6.14
C THR FE 166 -38.59 -141.94 -5.33
N SER FE 167 -39.30 -142.80 -6.03
CA SER FE 167 -40.04 -143.87 -5.38
C SER FE 167 -39.18 -145.10 -5.14
N TYR FE 168 -37.95 -145.11 -5.67
CA TYR FE 168 -37.03 -146.19 -5.39
C TYR FE 168 -36.46 -146.01 -3.98
N THR FE 169 -36.70 -147.00 -3.14
CA THR FE 169 -36.43 -146.94 -1.71
C THR FE 169 -35.40 -148.01 -1.37
N LEU FE 170 -34.27 -147.95 -2.10
CA LEU FE 170 -33.29 -149.03 -2.23
C LEU FE 170 -32.61 -149.41 -0.92
N GLY FE 171 -32.45 -148.48 0.00
CA GLY FE 171 -31.66 -148.76 1.18
C GLY FE 171 -31.69 -147.63 2.18
N GLY FE 172 -30.56 -147.42 2.85
CA GLY FE 172 -30.53 -146.41 3.89
C GLY FE 172 -30.10 -145.09 3.32
N ASP FE 173 -28.88 -144.68 3.61
CA ASP FE 173 -28.39 -143.41 3.14
C ASP FE 173 -27.76 -143.49 1.75
N ARG FE 174 -27.68 -144.68 1.17
CA ARG FE 174 -27.26 -144.82 -0.21
C ARG FE 174 -28.35 -144.44 -1.19
N SER FE 175 -29.60 -144.35 -0.75
CA SER FE 175 -30.70 -143.91 -1.60
C SER FE 175 -30.58 -142.42 -1.89
N PRO FE 176 -30.93 -141.97 -3.10
CA PRO FE 176 -30.91 -140.53 -3.38
C PRO FE 176 -32.06 -139.75 -2.79
N ASN FE 177 -33.08 -140.43 -2.25
CA ASN FE 177 -34.03 -139.78 -1.37
C ASN FE 177 -33.40 -139.32 -0.07
N ALA FE 178 -32.38 -140.02 0.41
CA ALA FE 178 -31.62 -139.57 1.56
C ALA FE 178 -30.64 -138.51 1.09
N ARG FE 179 -30.86 -137.28 1.55
CA ARG FE 179 -30.17 -136.12 1.03
C ARG FE 179 -30.34 -134.98 2.00
N VAL FE 180 -29.57 -133.93 1.76
CA VAL FE 180 -29.73 -132.66 2.45
C VAL FE 180 -29.61 -131.56 1.40
N GLU FE 181 -30.59 -130.67 1.37
CA GLU FE 181 -30.64 -129.59 0.42
C GLU FE 181 -30.35 -128.27 1.12
N ILE FE 182 -29.73 -127.38 0.36
CA ILE FE 182 -29.35 -126.05 0.78
C ILE FE 182 -30.01 -125.13 -0.23
N THR FE 183 -31.10 -124.49 0.18
CA THR FE 183 -31.90 -123.72 -0.76
C THR FE 183 -31.96 -122.28 -0.30
N PHE FE 184 -31.85 -121.37 -1.26
CA PHE FE 184 -31.91 -119.95 -0.94
C PHE FE 184 -32.40 -119.19 -2.15
N ARG FE 185 -32.74 -117.93 -1.94
CA ARG FE 185 -32.97 -117.00 -3.04
C ARG FE 185 -31.83 -116.00 -3.05
N ARG FE 186 -31.14 -115.91 -4.17
CA ARG FE 186 -30.10 -114.92 -4.38
C ARG FE 186 -30.71 -113.53 -4.41
N ALA FE 187 -30.39 -112.72 -3.40
CA ALA FE 187 -30.98 -111.40 -3.28
C ALA FE 187 -30.26 -110.41 -4.19
N VAL FE 188 -31.04 -109.77 -5.06
CA VAL FE 188 -30.68 -108.81 -6.13
C VAL FE 188 -29.45 -109.16 -6.97
N UNK GE 1 -44.32 -182.20 44.35
CA UNK GE 1 -43.58 -181.91 45.58
C UNK GE 1 -43.95 -180.52 46.11
N UNK GE 2 -45.25 -180.27 46.20
CA UNK GE 2 -45.77 -178.96 46.55
C UNK GE 2 -45.61 -178.66 48.04
N UNK GE 3 -45.64 -177.37 48.37
CA UNK GE 3 -45.59 -176.91 49.75
C UNK GE 3 -46.33 -175.57 49.80
N UNK GE 4 -47.59 -175.61 50.26
CA UNK GE 4 -48.47 -174.45 50.29
C UNK GE 4 -48.99 -174.27 51.71
N UNK GE 5 -48.42 -173.33 52.45
CA UNK GE 5 -48.79 -173.11 53.84
C UNK GE 5 -48.57 -171.65 54.21
N UNK GE 6 -49.42 -171.16 55.10
CA UNK GE 6 -49.35 -169.80 55.65
C UNK GE 6 -49.03 -169.93 57.14
N UNK GE 7 -47.75 -169.96 57.46
CA UNK GE 7 -47.25 -170.35 58.77
C UNK GE 7 -45.98 -169.54 59.04
N UNK GE 8 -45.14 -170.05 59.93
CA UNK GE 8 -43.80 -169.51 60.14
C UNK GE 8 -42.80 -170.65 60.02
N UNK GE 9 -42.37 -170.95 58.78
CA UNK GE 9 -41.29 -171.91 58.60
C UNK GE 9 -39.96 -171.29 58.98
N UNK GE 10 -39.66 -170.12 58.43
CA UNK GE 10 -38.74 -169.07 58.92
C UNK GE 10 -37.24 -169.38 58.93
N UNK GE 11 -36.82 -170.60 58.60
CA UNK GE 11 -35.40 -170.92 58.51
C UNK GE 11 -35.24 -172.01 57.45
N UNK GE 12 -34.97 -171.57 56.22
CA UNK GE 12 -34.88 -172.49 55.10
C UNK GE 12 -33.98 -171.87 54.04
N UNK GE 13 -32.75 -172.39 53.95
CA UNK GE 13 -31.91 -172.16 52.76
C UNK GE 13 -32.11 -173.33 51.79
N UNK GE 14 -33.32 -173.37 51.25
CA UNK GE 14 -33.84 -174.56 50.57
C UNK GE 14 -33.38 -174.55 49.12
N UNK GE 15 -32.43 -175.44 48.80
CA UNK GE 15 -32.02 -175.69 47.44
C UNK GE 15 -32.83 -176.88 46.93
N UNK GE 16 -34.09 -176.62 46.61
CA UNK GE 16 -35.04 -177.65 46.23
C UNK GE 16 -34.75 -178.19 44.83
N UNK GE 17 -35.22 -179.41 44.59
CA UNK GE 17 -34.97 -180.12 43.35
C UNK GE 17 -36.09 -179.82 42.35
N UNK GE 18 -36.16 -180.61 41.28
CA UNK GE 18 -37.12 -180.42 40.21
C UNK GE 18 -38.52 -180.83 40.65
N UNK GE 19 -39.51 -180.16 40.04
CA UNK GE 19 -40.96 -180.26 40.29
C UNK GE 19 -41.35 -179.98 41.73
N UNK GE 20 -40.61 -179.10 42.41
CA UNK GE 20 -40.92 -178.69 43.77
C UNK GE 20 -41.82 -177.46 43.69
N UNK GE 21 -43.12 -177.73 43.50
CA UNK GE 21 -44.10 -176.69 43.18
C UNK GE 21 -44.66 -176.04 44.44
N UNK GE 22 -43.77 -175.36 45.17
CA UNK GE 22 -44.09 -174.80 46.48
C UNK GE 22 -44.75 -173.44 46.30
N UNK GE 23 -46.08 -173.42 46.40
CA UNK GE 23 -46.83 -172.16 46.45
C UNK GE 23 -47.13 -171.76 47.90
N UNK GE 24 -46.10 -171.72 48.74
CA UNK GE 24 -46.27 -171.34 50.14
C UNK GE 24 -46.45 -169.82 50.29
N UNK GE 25 -47.08 -169.46 51.41
CA UNK GE 25 -47.22 -168.07 51.81
C UNK GE 25 -46.80 -167.87 53.26
N UNK GE 26 -45.91 -168.72 53.76
CA UNK GE 26 -45.49 -168.70 55.14
C UNK GE 26 -44.50 -167.57 55.42
N UNK GE 27 -44.36 -167.26 56.71
CA UNK GE 27 -43.41 -166.24 57.15
C UNK GE 27 -41.99 -166.80 57.12
N UNK GE 28 -41.37 -166.81 55.95
CA UNK GE 28 -40.04 -167.36 55.75
C UNK GE 28 -39.03 -166.24 55.95
N UNK GE 29 -38.53 -166.11 57.18
CA UNK GE 29 -37.61 -165.03 57.53
C UNK GE 29 -36.22 -165.30 56.97
N UNK GE 30 -35.57 -166.37 57.42
CA UNK GE 30 -34.23 -166.72 56.94
C UNK GE 30 -34.38 -167.60 55.71
N UNK GE 31 -34.75 -166.97 54.60
CA UNK GE 31 -35.20 -167.67 53.41
C UNK GE 31 -34.17 -167.58 52.29
N UNK GE 32 -34.02 -168.69 51.56
CA UNK GE 32 -33.36 -168.73 50.25
C UNK GE 32 -33.98 -169.89 49.49
N UNK GE 33 -35.00 -169.60 48.67
CA UNK GE 33 -35.79 -170.63 48.01
C UNK GE 33 -35.26 -170.82 46.59
N UNK GE 34 -34.14 -171.54 46.47
CA UNK GE 34 -33.48 -171.75 45.18
C UNK GE 34 -34.09 -172.97 44.47
N UNK GE 35 -35.30 -172.76 43.96
CA UNK GE 35 -36.08 -173.81 43.32
C UNK GE 35 -35.52 -174.16 41.94
N UNK GE 36 -35.93 -175.33 41.44
CA UNK GE 36 -35.40 -175.84 40.19
C UNK GE 36 -36.43 -176.08 39.10
N UNK GE 37 -37.72 -176.12 39.46
CA UNK GE 37 -38.85 -176.11 38.52
C UNK GE 37 -40.10 -175.67 39.25
N UNK GE 38 -41.05 -175.15 38.45
CA UNK GE 38 -42.50 -175.23 38.68
C UNK GE 38 -42.99 -174.43 39.89
N UNK GE 39 -42.24 -173.42 40.32
CA UNK GE 39 -42.69 -172.59 41.43
C UNK GE 39 -43.77 -171.62 40.95
N UNK GE 40 -44.90 -171.61 41.64
CA UNK GE 40 -46.07 -170.82 41.25
C UNK GE 40 -46.63 -170.07 42.44
N UNK GE 41 -45.75 -169.37 43.15
CA UNK GE 41 -46.05 -168.88 44.49
C UNK GE 41 -46.67 -167.48 44.48
N UNK GE 42 -47.69 -167.30 45.34
CA UNK GE 42 -48.33 -166.00 45.54
C UNK GE 42 -48.41 -165.78 47.04
N UNK GE 43 -47.35 -165.18 47.60
CA UNK GE 43 -47.19 -165.04 49.04
C UNK GE 43 -47.50 -163.62 49.48
N UNK GE 44 -47.43 -163.41 50.79
CA UNK GE 44 -47.35 -162.08 51.40
C UNK GE 44 -46.32 -162.25 52.52
N UNK GE 45 -45.06 -162.06 52.18
CA UNK GE 45 -43.95 -162.46 53.05
C UNK GE 45 -43.10 -161.26 53.41
N UNK GE 46 -42.07 -161.53 54.22
CA UNK GE 46 -41.10 -160.52 54.65
C UNK GE 46 -39.81 -161.26 54.96
N UNK GE 47 -38.83 -161.14 54.06
CA UNK GE 47 -37.62 -161.96 54.15
C UNK GE 47 -36.40 -161.17 54.58
N UNK GE 48 -36.16 -160.02 53.93
CA UNK GE 48 -35.17 -158.95 54.21
C UNK GE 48 -33.70 -159.33 54.01
N UNK GE 49 -33.39 -160.59 53.65
CA UNK GE 49 -32.03 -160.95 53.25
C UNK GE 49 -32.04 -161.99 52.14
N UNK GE 50 -33.06 -161.98 51.28
CA UNK GE 50 -33.31 -163.07 50.34
C UNK GE 50 -32.37 -162.99 49.16
N UNK GE 51 -31.50 -163.99 49.03
CA UNK GE 51 -30.71 -164.19 47.83
C UNK GE 51 -31.39 -165.29 47.02
N UNK GE 52 -32.49 -164.91 46.37
CA UNK GE 52 -33.34 -165.88 45.71
C UNK GE 52 -32.79 -166.26 44.34
N UNK GE 53 -32.97 -167.53 43.97
CA UNK GE 53 -32.65 -168.03 42.65
C UNK GE 53 -33.85 -168.81 42.15
N UNK GE 54 -34.08 -168.78 40.84
CA UNK GE 54 -35.24 -169.44 40.27
C UNK GE 54 -34.92 -169.95 38.87
N UNK GE 55 -35.22 -171.22 38.64
CA UNK GE 55 -35.18 -171.86 37.34
C UNK GE 55 -36.57 -171.81 36.72
N UNK GE 56 -36.83 -172.70 35.75
CA UNK GE 56 -37.94 -172.60 34.80
C UNK GE 56 -39.32 -172.77 35.45
N UNK GE 57 -40.30 -172.11 34.81
CA UNK GE 57 -41.73 -172.06 35.15
C UNK GE 57 -41.98 -171.54 36.57
N UNK GE 58 -41.25 -170.48 36.91
CA UNK GE 58 -41.33 -169.86 38.23
C UNK GE 58 -42.09 -168.53 38.10
N UNK GE 59 -43.39 -168.57 38.37
CA UNK GE 59 -44.20 -167.37 38.51
C UNK GE 59 -44.35 -167.09 40.00
N UNK GE 60 -44.13 -165.85 40.40
CA UNK GE 60 -44.14 -165.51 41.82
C UNK GE 60 -44.73 -164.13 42.01
N UNK GE 61 -45.29 -163.92 43.21
CA UNK GE 61 -45.90 -162.63 43.57
C UNK GE 61 -45.76 -162.47 45.08
N UNK GE 62 -44.81 -161.65 45.51
CA UNK GE 62 -44.46 -161.56 46.93
C UNK GE 62 -44.16 -160.13 47.33
N UNK GE 63 -44.34 -159.84 48.62
CA UNK GE 63 -44.08 -158.52 49.19
C UNK GE 63 -42.91 -158.55 50.16
N UNK GE 64 -41.91 -159.37 49.88
CA UNK GE 64 -40.75 -159.54 50.73
C UNK GE 64 -39.55 -158.81 50.13
N UNK GE 65 -38.57 -158.53 50.97
CA UNK GE 65 -37.41 -157.77 50.54
C UNK GE 65 -36.27 -158.70 50.16
N UNK GE 66 -35.71 -158.49 48.97
CA UNK GE 66 -34.67 -159.35 48.44
C UNK GE 66 -33.29 -158.75 48.70
N UNK GE 67 -32.27 -159.57 48.49
CA UNK GE 67 -30.89 -159.13 48.57
C UNK GE 67 -30.19 -159.42 47.26
N UNK GE 68 -30.51 -160.57 46.67
CA UNK GE 68 -29.94 -160.96 45.39
C UNK GE 68 -30.97 -161.74 44.61
N UNK GE 69 -30.84 -161.69 43.28
CA UNK GE 69 -31.78 -162.37 42.40
C UNK GE 69 -31.00 -163.09 41.32
N UNK GE 70 -31.38 -164.33 41.05
CA UNK GE 70 -30.75 -165.12 40.01
C UNK GE 70 -31.81 -165.85 39.20
N UNK GE 71 -31.68 -165.79 37.88
CA UNK GE 71 -32.59 -166.48 36.98
C UNK GE 71 -31.82 -167.45 36.11
N UNK GE 72 -32.48 -168.54 35.71
CA UNK GE 72 -31.81 -169.61 34.97
C UNK GE 72 -32.40 -169.87 33.59
N UNK GE 73 -33.70 -170.15 33.49
CA UNK GE 73 -34.30 -170.45 32.18
C UNK GE 73 -35.41 -169.50 31.77
N UNK GE 74 -36.49 -169.40 32.55
CA UNK GE 74 -37.67 -168.62 32.19
C UNK GE 74 -38.49 -168.41 33.45
N UNK GE 75 -39.00 -167.20 33.65
CA UNK GE 75 -39.71 -166.88 34.89
C UNK GE 75 -40.72 -165.77 34.64
N UNK GE 76 -41.49 -165.46 35.69
CA UNK GE 76 -42.37 -164.29 35.72
C UNK GE 76 -42.49 -163.88 37.19
N UNK GE 77 -41.72 -162.90 37.59
CA UNK GE 77 -41.71 -162.46 38.98
C UNK GE 77 -42.56 -161.20 39.15
N UNK GE 78 -43.07 -161.03 40.36
CA UNK GE 78 -43.64 -159.76 40.79
C UNK GE 78 -43.35 -159.66 42.29
N UNK GE 79 -42.22 -159.06 42.61
CA UNK GE 79 -41.78 -158.94 43.98
C UNK GE 79 -41.74 -157.47 44.38
N UNK GE 80 -41.87 -157.23 45.68
CA UNK GE 80 -41.82 -155.89 46.24
C UNK GE 80 -40.61 -155.80 47.16
N UNK GE 81 -39.43 -155.54 46.58
CA UNK GE 81 -38.19 -155.55 47.32
C UNK GE 81 -37.97 -154.19 47.98
N UNK GE 82 -36.93 -154.10 48.85
CA UNK GE 82 -36.78 -152.84 49.56
C UNK GE 82 -35.38 -152.25 49.57
N UNK GE 83 -34.33 -153.04 49.74
CA UNK GE 83 -33.07 -152.49 50.26
C UNK GE 83 -31.94 -152.45 49.25
N UNK GE 84 -31.54 -153.61 48.72
CA UNK GE 84 -30.44 -153.69 47.77
C UNK GE 84 -30.64 -154.97 46.96
N UNK GE 85 -30.18 -154.94 45.71
CA UNK GE 85 -30.36 -156.08 44.85
C UNK GE 85 -29.11 -156.33 44.05
N UNK GE 86 -28.57 -157.54 44.16
CA UNK GE 86 -27.54 -158.04 43.25
C UNK GE 86 -28.25 -158.97 42.28
N UNK GE 87 -28.56 -158.47 41.08
CA UNK GE 87 -29.44 -159.17 40.16
C UNK GE 87 -28.64 -159.73 39.00
N UNK GE 88 -29.00 -160.96 38.60
CA UNK GE 88 -28.38 -161.62 37.45
C UNK GE 88 -29.39 -162.58 36.84
N UNK GE 89 -29.46 -162.59 35.52
CA UNK GE 89 -30.47 -163.35 34.81
C UNK GE 89 -29.83 -164.24 33.75
N UNK GE 90 -30.64 -165.16 33.22
CA UNK GE 90 -30.24 -166.01 32.11
C UNK GE 90 -31.51 -166.37 31.34
N UNK GE 91 -31.68 -165.73 30.17
CA UNK GE 91 -32.67 -166.07 29.11
C UNK GE 91 -34.12 -165.94 29.55
N UNK GE 92 -34.39 -165.15 30.59
CA UNK GE 92 -35.65 -165.23 31.31
C UNK GE 92 -36.42 -163.91 31.21
N UNK GE 93 -37.51 -163.83 31.96
CA UNK GE 93 -38.31 -162.63 32.11
C UNK GE 93 -38.50 -162.36 33.59
N UNK GE 94 -38.50 -161.09 33.97
CA UNK GE 94 -38.53 -160.72 35.37
C UNK GE 94 -39.14 -159.34 35.52
N UNK GE 95 -39.86 -159.16 36.63
CA UNK GE 95 -40.45 -157.86 36.95
C UNK GE 95 -40.46 -157.68 38.45
N UNK GE 96 -40.39 -156.44 38.90
CA UNK GE 96 -40.43 -156.11 40.32
C UNK GE 96 -41.19 -154.81 40.51
N UNK GE 97 -41.68 -154.60 41.73
CA UNK GE 97 -42.71 -153.59 41.95
C UNK GE 97 -42.26 -152.41 42.81
N UNK GE 98 -41.79 -152.66 44.03
CA UNK GE 98 -41.60 -151.58 44.99
C UNK GE 98 -40.25 -150.89 44.80
N UNK GE 99 -39.89 -150.04 45.76
CA UNK GE 99 -38.72 -149.19 45.65
C UNK GE 99 -37.48 -150.00 46.00
N UNK GE 100 -36.78 -150.48 44.98
CA UNK GE 100 -35.52 -151.18 45.15
C UNK GE 100 -34.35 -150.24 44.90
N UNK GE 101 -33.15 -150.72 45.24
CA UNK GE 101 -31.91 -150.00 44.96
C UNK GE 101 -30.93 -151.02 44.39
N UNK GE 102 -30.99 -151.21 43.07
CA UNK GE 102 -30.12 -152.15 42.39
C UNK GE 102 -28.81 -151.44 42.07
N UNK GE 103 -27.73 -151.85 42.73
CA UNK GE 103 -26.43 -151.25 42.46
C UNK GE 103 -25.83 -151.81 41.18
N UNK GE 104 -25.61 -153.12 41.13
CA UNK GE 104 -25.04 -153.76 39.97
C UNK GE 104 -26.09 -154.64 39.29
N UNK GE 105 -26.07 -154.65 37.96
CA UNK GE 105 -26.95 -155.50 37.18
C UNK GE 105 -26.20 -155.91 35.92
N UNK GE 106 -25.87 -157.18 35.82
CA UNK GE 106 -25.12 -157.72 34.68
C UNK GE 106 -25.99 -158.75 33.99
N UNK GE 107 -26.43 -158.44 32.78
CA UNK GE 107 -27.28 -159.34 32.01
C UNK GE 107 -26.51 -159.80 30.79
N UNK GE 108 -26.12 -161.08 30.79
CA UNK GE 108 -25.33 -161.65 29.72
C UNK GE 108 -26.11 -162.64 28.86
N UNK GE 109 -27.43 -162.48 28.78
CA UNK GE 109 -28.28 -163.39 28.04
C UNK GE 109 -29.50 -162.63 27.53
N UNK GE 110 -30.55 -163.35 27.17
CA UNK GE 110 -31.81 -162.76 26.72
C UNK GE 110 -32.73 -162.62 27.92
N UNK GE 111 -32.83 -161.41 28.44
CA UNK GE 111 -33.53 -161.15 29.68
C UNK GE 111 -34.46 -159.97 29.50
N UNK GE 112 -35.74 -160.18 29.81
CA UNK GE 112 -36.71 -159.10 29.82
C UNK GE 112 -36.93 -158.68 31.28
N UNK GE 113 -36.04 -157.83 31.76
CA UNK GE 113 -36.07 -157.39 33.15
C UNK GE 113 -36.88 -156.11 33.25
N UNK GE 114 -37.58 -155.94 34.36
CA UNK GE 114 -38.38 -154.75 34.60
C UNK GE 114 -38.45 -154.45 36.09
N UNK GE 115 -38.41 -153.17 36.44
CA UNK GE 115 -38.61 -152.74 37.81
C UNK GE 115 -39.40 -151.45 37.79
N UNK GE 116 -40.48 -151.39 38.57
CA UNK GE 116 -41.34 -150.22 38.53
C UNK GE 116 -40.83 -149.06 39.35
N UNK GE 117 -39.88 -149.29 40.26
CA UNK GE 117 -39.30 -148.23 41.05
C UNK GE 117 -37.87 -148.60 41.41
N UNK GE 118 -36.90 -147.94 40.79
CA UNK GE 118 -35.50 -148.09 41.15
C UNK GE 118 -35.06 -146.76 41.76
N UNK GE 119 -34.85 -146.73 43.07
CA UNK GE 119 -34.33 -145.56 43.76
C UNK GE 119 -32.94 -145.92 44.26
N UNK GE 120 -31.95 -145.76 43.41
CA UNK GE 120 -30.59 -146.20 43.67
C UNK GE 120 -29.67 -145.00 43.80
N UNK GE 121 -28.38 -145.29 43.93
CA UNK GE 121 -27.37 -144.26 44.06
C UNK GE 121 -26.32 -144.31 42.97
N UNK GE 122 -25.92 -145.50 42.54
CA UNK GE 122 -25.01 -145.64 41.41
C UNK GE 122 -25.37 -146.95 40.72
N UNK GE 123 -26.18 -146.86 39.68
CA UNK GE 123 -26.68 -148.05 38.99
C UNK GE 123 -25.71 -148.41 37.87
N UNK GE 124 -25.03 -149.54 38.01
CA UNK GE 124 -24.09 -150.01 37.01
C UNK GE 124 -24.72 -151.20 36.30
N UNK GE 125 -25.20 -150.96 35.09
CA UNK GE 125 -25.87 -151.98 34.29
C UNK GE 125 -25.01 -152.30 33.08
N UNK GE 126 -24.57 -153.54 32.98
CA UNK GE 126 -23.76 -153.99 31.87
C UNK GE 126 -24.50 -155.10 31.13
N UNK GE 127 -24.63 -154.94 29.82
CA UNK GE 127 -25.43 -155.84 29.00
C UNK GE 127 -24.57 -156.49 27.92
N UNK GE 128 -24.90 -157.74 27.63
CA UNK GE 128 -24.14 -158.55 26.68
C UNK GE 128 -25.09 -159.32 25.77
N UNK GE 129 -25.28 -158.77 24.58
CA UNK GE 129 -25.66 -159.33 23.28
C UNK GE 129 -27.12 -159.74 23.08
N UNK GE 130 -27.93 -159.84 24.13
CA UNK GE 130 -29.30 -160.31 23.88
C UNK GE 130 -30.41 -159.69 24.72
N UNK GE 131 -30.08 -159.02 25.82
CA UNK GE 131 -31.01 -158.62 26.87
C UNK GE 131 -31.96 -157.48 26.45
N UNK GE 132 -32.90 -157.19 27.35
CA UNK GE 132 -33.83 -156.07 27.21
C UNK GE 132 -34.24 -155.60 28.61
N UNK GE 133 -33.51 -154.62 29.14
CA UNK GE 133 -33.79 -154.12 30.49
C UNK GE 133 -34.65 -152.86 30.43
N UNK GE 134 -35.60 -152.75 31.35
CA UNK GE 134 -36.48 -151.58 31.41
C UNK GE 134 -36.71 -151.20 32.87
N UNK GE 135 -35.82 -150.37 33.42
CA UNK GE 135 -35.85 -150.01 34.83
C UNK GE 135 -35.97 -148.49 34.92
N UNK GE 136 -37.00 -148.00 35.62
CA UNK GE 136 -37.25 -146.55 35.57
C UNK GE 136 -37.91 -146.04 36.84
N UNK GE 137 -37.10 -145.57 37.80
CA UNK GE 137 -37.56 -144.41 38.55
C UNK GE 137 -36.56 -143.27 38.68
N UNK GE 138 -35.45 -143.50 39.40
CA UNK GE 138 -34.60 -142.39 39.86
C UNK GE 138 -33.23 -142.94 40.27
N UNK GE 139 -32.22 -142.67 39.46
CA UNK GE 139 -30.86 -142.99 39.85
C UNK GE 139 -30.13 -141.70 40.16
N UNK GE 140 -28.94 -141.80 40.76
CA UNK GE 140 -28.11 -140.63 41.01
C UNK GE 140 -26.83 -140.63 40.22
N UNK GE 141 -26.34 -141.79 39.79
CA UNK GE 141 -25.24 -141.90 38.82
C UNK GE 141 -25.45 -143.21 38.09
N UNK GE 142 -25.83 -143.15 36.83
CA UNK GE 142 -26.03 -144.36 36.03
C UNK GE 142 -24.83 -144.58 35.14
N UNK GE 143 -24.34 -145.81 35.11
CA UNK GE 143 -23.30 -146.24 34.18
C UNK GE 143 -23.86 -147.48 33.49
N UNK GE 144 -24.24 -147.32 32.24
CA UNK GE 144 -24.82 -148.41 31.47
C UNK GE 144 -23.92 -148.67 30.27
N UNK GE 145 -23.28 -149.82 30.29
CA UNK GE 145 -22.42 -150.23 29.18
C UNK GE 145 -23.13 -151.37 28.47
N UNK GE 146 -23.62 -151.09 27.27
CA UNK GE 146 -24.20 -152.12 26.43
C UNK GE 146 -23.13 -152.57 25.45
N UNK GE 147 -22.37 -153.60 25.85
CA UNK GE 147 -21.39 -154.21 24.96
C UNK GE 147 -22.02 -155.31 24.14
N UNK GE 148 -22.96 -154.97 23.27
CA UNK GE 148 -24.18 -155.72 23.17
C UNK GE 148 -24.94 -155.43 21.90
N UNK GE 149 -25.77 -156.39 21.50
CA UNK GE 149 -26.88 -156.17 20.57
C UNK GE 149 -28.19 -156.08 21.32
N UNK GE 150 -28.18 -155.42 22.48
CA UNK GE 150 -29.28 -155.41 23.41
C UNK GE 150 -29.97 -154.06 23.39
N UNK GE 151 -30.98 -153.91 24.24
CA UNK GE 151 -31.69 -152.66 24.40
C UNK GE 151 -31.81 -152.34 25.89
N UNK GE 152 -31.62 -151.08 26.24
CA UNK GE 152 -31.77 -150.59 27.60
C UNK GE 152 -32.71 -149.40 27.54
N UNK GE 153 -34.01 -149.69 27.58
CA UNK GE 153 -35.01 -148.63 27.52
C UNK GE 153 -35.17 -148.02 28.91
N UNK GE 154 -35.31 -146.70 28.96
CA UNK GE 154 -35.42 -146.05 30.25
C UNK GE 154 -36.26 -144.79 30.16
N UNK GE 155 -37.16 -144.66 31.12
CA UNK GE 155 -37.69 -143.39 31.55
C UNK GE 155 -37.12 -143.05 32.92
N UNK GE 156 -35.95 -143.61 33.22
CA UNK GE 156 -35.28 -143.45 34.50
C UNK GE 156 -34.66 -142.07 34.56
N UNK GE 157 -35.22 -141.20 35.40
CA UNK GE 157 -34.67 -139.85 35.56
C UNK GE 157 -33.45 -139.97 36.45
N UNK GE 158 -32.28 -140.05 35.82
CA UNK GE 158 -31.03 -140.16 36.54
C UNK GE 158 -30.33 -138.81 36.57
N UNK GE 159 -29.58 -138.57 37.65
CA UNK GE 159 -28.90 -137.30 37.82
C UNK GE 159 -27.65 -137.21 36.95
N UNK GE 160 -26.85 -138.26 36.90
CA UNK GE 160 -25.75 -138.30 35.96
C UNK GE 160 -25.90 -139.58 35.15
N UNK GE 161 -25.50 -139.54 33.89
CA UNK GE 161 -25.64 -140.68 33.01
C UNK GE 161 -24.38 -140.88 32.21
N UNK GE 162 -23.93 -142.13 32.13
CA UNK GE 162 -22.77 -142.52 31.34
C UNK GE 162 -23.14 -143.79 30.59
N UNK GE 163 -23.56 -143.63 29.34
CA UNK GE 163 -24.08 -144.72 28.54
C UNK GE 163 -23.15 -144.95 27.36
N UNK GE 164 -22.64 -146.17 27.24
CA UNK GE 164 -21.71 -146.54 26.18
C UNK GE 164 -22.28 -147.71 25.41
N UNK GE 165 -22.65 -147.48 24.16
CA UNK GE 165 -23.22 -148.51 23.29
C UNK GE 165 -22.16 -148.96 22.30
N UNK GE 166 -21.95 -150.28 22.20
CA UNK GE 166 -20.75 -150.76 21.52
C UNK GE 166 -20.97 -151.38 20.15
N UNK GE 167 -22.00 -152.21 19.93
CA UNK GE 167 -22.19 -152.82 18.60
C UNK GE 167 -23.66 -153.10 18.34
N UNK GE 168 -24.33 -152.11 17.72
CA UNK GE 168 -25.77 -152.10 17.36
C UNK GE 168 -26.70 -152.40 18.54
N UNK GE 169 -26.46 -151.73 19.65
CA UNK GE 169 -27.37 -151.71 20.77
C UNK GE 169 -28.38 -150.58 20.60
N UNK GE 170 -29.29 -150.44 21.56
CA UNK GE 170 -30.25 -149.35 21.56
C UNK GE 170 -30.54 -148.95 22.99
N UNK GE 171 -30.22 -147.71 23.35
CA UNK GE 171 -30.33 -147.26 24.73
C UNK GE 171 -31.14 -145.99 24.81
N UNK GE 172 -32.10 -145.97 25.72
CA UNK GE 172 -33.00 -144.84 25.90
C UNK GE 172 -32.74 -144.24 27.27
N UNK GE 173 -31.95 -143.18 27.31
CA UNK GE 173 -31.51 -142.53 28.55
C UNK GE 173 -32.39 -141.35 28.87
N UNK GE 174 -32.32 -140.91 30.13
CA UNK GE 174 -33.00 -139.69 30.56
C UNK GE 174 -32.15 -139.07 31.66
N UNK GE 175 -31.29 -138.13 31.32
CA UNK GE 175 -30.36 -137.55 32.25
C UNK GE 175 -30.87 -136.21 32.74
N UNK GE 176 -30.87 -136.00 34.06
CA UNK GE 176 -31.34 -134.74 34.60
C UNK GE 176 -30.24 -133.68 34.56
N UNK GE 177 -29.15 -133.91 35.30
CA UNK GE 177 -28.11 -132.90 35.41
C UNK GE 177 -26.95 -133.10 34.45
N UNK GE 178 -26.48 -134.33 34.27
CA UNK GE 178 -25.29 -134.56 33.44
C UNK GE 178 -25.55 -135.72 32.51
N UNK GE 179 -25.32 -135.51 31.22
CA UNK GE 179 -25.48 -136.54 30.20
C UNK GE 179 -24.12 -136.85 29.59
N UNK GE 180 -23.84 -138.15 29.44
CA UNK GE 180 -22.54 -138.63 29.02
C UNK GE 180 -22.77 -139.82 28.11
N UNK GE 181 -22.41 -139.70 26.84
CA UNK GE 181 -22.76 -140.77 25.93
C UNK GE 181 -21.62 -141.08 24.97
N UNK GE 182 -21.33 -142.36 24.80
CA UNK GE 182 -20.51 -142.83 23.70
C UNK GE 182 -21.32 -143.84 22.90
N UNK GE 183 -21.22 -143.74 21.59
CA UNK GE 183 -21.96 -144.64 20.72
C UNK GE 183 -21.02 -145.22 19.69
N UNK GE 184 -21.27 -146.48 19.30
CA UNK GE 184 -20.49 -147.14 18.26
C UNK GE 184 -21.42 -148.09 17.51
N UNK GE 185 -21.71 -147.75 16.24
CA UNK GE 185 -22.57 -148.49 15.28
C UNK GE 185 -24.00 -148.72 15.77
N UNK GE 186 -24.51 -147.85 16.64
CA UNK GE 186 -25.65 -148.17 17.49
C UNK GE 186 -26.53 -146.94 17.62
N UNK GE 187 -27.44 -146.98 18.59
CA UNK GE 187 -28.33 -145.86 18.87
C UNK GE 187 -28.35 -145.59 20.36
N UNK GE 188 -28.25 -144.32 20.73
CA UNK GE 188 -28.37 -143.88 22.11
C UNK GE 188 -29.32 -142.70 22.14
N UNK GE 189 -30.59 -142.96 22.46
CA UNK GE 189 -31.67 -142.00 22.25
C UNK GE 189 -31.92 -141.22 23.52
N UNK GE 190 -31.68 -139.90 23.47
CA UNK GE 190 -31.89 -139.01 24.62
C UNK GE 190 -33.36 -138.61 24.64
N UNK GE 191 -33.94 -138.58 25.83
CA UNK GE 191 -35.35 -138.26 25.97
C UNK GE 191 -35.61 -137.10 26.92
N UNK GE 192 -34.59 -136.58 27.58
CA UNK GE 192 -34.70 -135.33 28.33
C UNK GE 192 -33.43 -134.55 28.11
N UNK GE 193 -33.56 -133.25 27.89
CA UNK GE 193 -32.39 -132.41 27.67
C UNK GE 193 -31.76 -132.11 29.03
N UNK GE 194 -30.53 -132.58 29.23
CA UNK GE 194 -29.88 -132.46 30.52
C UNK GE 194 -29.34 -131.05 30.71
N UNK GE 195 -28.87 -130.78 31.93
CA UNK GE 195 -28.30 -129.48 32.22
C UNK GE 195 -26.92 -129.34 31.62
N UNK GE 196 -26.20 -130.44 31.46
CA UNK GE 196 -24.95 -130.41 30.73
C UNK GE 196 -24.81 -131.73 30.00
N UNK GE 197 -24.71 -131.68 28.68
CA UNK GE 197 -24.77 -132.88 27.86
C UNK GE 197 -23.56 -132.97 26.97
N UNK GE 198 -22.96 -134.16 26.92
CA UNK GE 198 -21.89 -134.43 25.98
C UNK GE 198 -22.05 -135.84 25.43
N UNK GE 199 -21.98 -135.95 24.10
CA UNK GE 199 -22.24 -137.20 23.42
C UNK GE 199 -21.30 -137.35 22.24
N UNK GE 200 -20.59 -138.47 22.18
CA UNK GE 200 -19.60 -138.72 21.16
C UNK GE 200 -20.02 -139.93 20.35
N UNK GE 201 -20.07 -139.76 19.04
CA UNK GE 201 -20.47 -140.81 18.12
C UNK GE 201 -19.24 -141.36 17.42
N UNK GE 202 -19.19 -142.68 17.30
CA UNK GE 202 -18.15 -143.40 16.59
C UNK GE 202 -18.62 -143.67 15.15
N UNK GE 203 -17.98 -144.64 14.50
CA UNK GE 203 -18.34 -145.08 13.16
C UNK GE 203 -19.76 -145.64 13.09
N UNK GE 204 -20.58 -144.96 12.25
CA UNK GE 204 -21.99 -145.27 11.93
C UNK GE 204 -22.89 -145.27 13.16
N UNK GE 205 -22.66 -144.30 14.04
CA UNK GE 205 -23.23 -144.28 15.37
C UNK GE 205 -24.09 -143.05 15.59
N UNK GE 206 -25.19 -143.20 16.31
CA UNK GE 206 -26.21 -142.16 16.39
C UNK GE 206 -26.59 -141.87 17.84
N UNK GE 207 -26.25 -140.68 18.31
CA UNK GE 207 -26.81 -140.15 19.55
C UNK GE 207 -27.87 -139.12 19.17
N UNK GE 208 -29.05 -139.62 18.82
CA UNK GE 208 -30.14 -138.75 18.37
C UNK GE 208 -31.01 -138.41 19.57
N UNK GE 209 -31.18 -137.11 19.82
CA UNK GE 209 -31.97 -136.66 20.97
C UNK GE 209 -33.44 -136.73 20.57
N UNK GE 210 -34.05 -137.88 20.80
CA UNK GE 210 -35.42 -138.13 20.37
C UNK GE 210 -36.43 -137.75 21.46
N UNK GE 211 -36.43 -136.46 21.81
CA UNK GE 211 -37.46 -135.95 22.69
C UNK GE 211 -38.72 -135.70 21.88
N UNK GE 212 -39.84 -135.58 22.58
CA UNK GE 212 -41.12 -135.33 21.94
C UNK GE 212 -41.18 -133.86 21.53
N UNK GE 213 -40.88 -133.59 20.26
CA UNK GE 213 -41.17 -132.28 19.68
C UNK GE 213 -42.67 -132.08 19.60
N UNK GE 214 -43.08 -130.81 19.72
CA UNK GE 214 -44.38 -130.35 20.23
C UNK GE 214 -44.71 -131.00 21.57
N UNK GE 215 -43.91 -130.64 22.56
CA UNK GE 215 -44.33 -130.85 23.93
C UNK GE 215 -45.17 -129.68 24.40
N UNK GE 216 -45.52 -129.70 25.68
CA UNK GE 216 -46.21 -128.55 26.27
C UNK GE 216 -45.24 -127.40 26.48
N UNK GE 217 -44.12 -127.66 27.14
CA UNK GE 217 -43.02 -126.70 27.22
C UNK GE 217 -41.73 -127.49 27.05
N UNK GE 218 -41.31 -127.67 25.81
CA UNK GE 218 -40.02 -128.28 25.54
C UNK GE 218 -38.95 -127.21 25.74
N UNK GE 219 -38.01 -127.47 26.64
CA UNK GE 219 -36.96 -126.52 26.93
C UNK GE 219 -35.92 -126.54 25.82
N UNK GE 220 -35.36 -125.38 25.50
CA UNK GE 220 -34.42 -125.31 24.40
C UNK GE 220 -33.03 -125.68 24.87
N UNK GE 221 -32.14 -125.85 23.90
CA UNK GE 221 -30.74 -126.09 24.20
C UNK GE 221 -30.07 -124.75 24.46
N UNK GE 222 -29.58 -124.56 25.68
CA UNK GE 222 -28.98 -123.29 26.10
C UNK GE 222 -27.54 -123.17 25.63
N UNK GE 223 -26.81 -122.21 26.17
CA UNK GE 223 -25.41 -122.03 25.79
C UNK GE 223 -24.49 -123.07 26.41
N UNK GE 224 -24.94 -123.76 27.45
CA UNK GE 224 -24.18 -124.82 28.07
C UNK GE 224 -24.58 -126.21 27.57
N UNK GE 225 -25.64 -126.32 26.78
CA UNK GE 225 -26.12 -127.62 26.37
C UNK GE 225 -26.14 -127.81 24.86
N UNK GE 226 -25.74 -126.80 24.10
CA UNK GE 226 -25.82 -126.88 22.63
C UNK GE 226 -24.61 -127.62 22.11
N UNK GE 227 -24.82 -128.89 21.72
CA UNK GE 227 -23.80 -129.68 21.06
C UNK GE 227 -24.28 -130.10 19.68
N UNK GE 228 -23.47 -130.91 19.01
CA UNK GE 228 -23.77 -131.36 17.65
C UNK GE 228 -24.87 -132.41 17.59
N UNK HE 1 -53.97 -142.84 40.47
CA UNK HE 1 -53.18 -144.01 40.14
C UNK HE 1 -51.70 -143.76 40.37
N UNK HE 2 -51.39 -142.87 41.29
CA UNK HE 2 -50.03 -142.47 41.59
C UNK HE 2 -49.52 -143.22 42.82
N UNK HE 3 -48.37 -142.80 43.33
CA UNK HE 3 -47.82 -143.28 44.60
C UNK HE 3 -47.02 -142.13 45.18
N UNK HE 4 -47.64 -141.38 46.08
CA UNK HE 4 -46.97 -140.23 46.67
C UNK HE 4 -45.99 -140.68 47.75
N UNK HE 5 -44.88 -139.96 47.85
CA UNK HE 5 -43.91 -140.21 48.89
C UNK HE 5 -44.16 -139.26 50.05
N UNK HE 6 -43.54 -139.57 51.18
CA UNK HE 6 -43.83 -138.88 52.42
C UNK HE 6 -42.97 -137.65 52.66
N UNK HE 7 -42.19 -137.22 51.67
CA UNK HE 7 -41.29 -136.10 51.86
C UNK HE 7 -42.02 -134.80 51.52
N UNK HE 8 -41.27 -133.70 51.42
CA UNK HE 8 -41.81 -132.47 50.87
C UNK HE 8 -41.96 -132.62 49.37
N UNK HE 9 -43.20 -132.89 48.94
CA UNK HE 9 -43.71 -132.68 47.58
C UNK HE 9 -43.08 -133.59 46.51
N UNK HE 10 -43.05 -134.89 46.80
CA UNK HE 10 -42.55 -135.87 45.83
C UNK HE 10 -43.59 -136.96 45.60
N UNK HE 11 -43.73 -137.39 44.34
CA UNK HE 11 -44.73 -138.40 44.01
C UNK HE 11 -44.26 -139.20 42.82
N UNK HE 12 -44.06 -140.50 43.00
CA UNK HE 12 -43.88 -141.34 41.83
C UNK HE 12 -45.24 -141.64 41.23
N UNK HE 13 -45.25 -142.07 39.97
CA UNK HE 13 -46.50 -142.36 39.30
C UNK HE 13 -46.30 -143.52 38.35
N UNK HE 14 -47.29 -144.41 38.32
CA UNK HE 14 -47.18 -145.64 37.55
C UNK HE 14 -48.27 -145.72 36.49
N UNK HE 15 -48.50 -144.62 35.77
CA UNK HE 15 -49.32 -144.69 34.57
C UNK HE 15 -48.56 -145.39 33.45
N UNK HE 16 -47.43 -144.83 33.05
CA UNK HE 16 -46.39 -145.59 32.39
C UNK HE 16 -45.13 -145.64 33.25
N UNK HE 17 -44.53 -144.47 33.51
CA UNK HE 17 -43.36 -144.28 34.38
C UNK HE 17 -43.20 -142.80 34.71
N UNK HE 18 -43.16 -142.44 35.99
CA UNK HE 18 -42.86 -141.07 36.40
C UNK HE 18 -42.30 -141.07 37.82
N UNK HE 19 -41.38 -140.13 38.08
CA UNK HE 19 -41.00 -139.75 39.45
C UNK HE 19 -41.04 -138.24 39.52
N UNK HE 20 -42.22 -137.67 39.73
CA UNK HE 20 -42.42 -136.24 39.60
C UNK HE 20 -42.52 -135.58 40.97
N UNK HE 21 -42.77 -134.28 40.96
CA UNK HE 21 -42.81 -133.50 42.18
C UNK HE 21 -44.12 -132.72 42.24
N UNK HE 22 -44.68 -132.66 43.44
CA UNK HE 22 -45.88 -131.89 43.73
C UNK HE 22 -45.45 -130.50 44.21
N UNK HE 23 -46.37 -129.78 44.84
CA UNK HE 23 -46.00 -128.59 45.61
C UNK HE 23 -46.25 -128.76 47.10
N UNK HE 24 -47.27 -129.57 47.44
CA UNK HE 24 -47.65 -129.99 48.82
C UNK HE 24 -48.02 -128.82 49.72
N UNK HE 25 -48.59 -127.76 49.13
CA UNK HE 25 -49.11 -126.63 49.87
C UNK HE 25 -50.53 -126.26 49.45
N UNK HE 26 -50.99 -126.74 48.30
CA UNK HE 26 -52.37 -126.55 47.86
C UNK HE 26 -53.22 -127.80 47.98
N UNK HE 27 -52.57 -128.94 48.34
CA UNK HE 27 -53.19 -130.21 48.75
C UNK HE 27 -54.05 -130.85 47.67
N UNK HE 28 -53.47 -131.01 46.47
CA UNK HE 28 -54.15 -131.66 45.36
C UNK HE 28 -53.70 -133.12 45.28
N UNK HE 29 -53.87 -133.83 46.40
CA UNK HE 29 -53.58 -135.26 46.46
C UNK HE 29 -54.87 -136.07 46.28
N UNK HE 30 -55.53 -135.84 45.14
CA UNK HE 30 -56.89 -136.31 44.95
C UNK HE 30 -56.94 -137.77 44.52
N UNK HE 31 -55.78 -138.35 44.15
CA UNK HE 31 -55.57 -139.73 43.66
C UNK HE 31 -56.43 -140.07 42.44
N UNK HE 32 -56.66 -139.08 41.58
CA UNK HE 32 -57.53 -139.23 40.42
C UNK HE 32 -57.05 -138.24 39.39
N UNK HE 33 -56.47 -138.73 38.31
CA UNK HE 33 -55.79 -137.87 37.35
C UNK HE 33 -55.76 -138.56 36.00
N UNK HE 34 -55.22 -137.86 35.01
CA UNK HE 34 -54.87 -138.42 33.71
C UNK HE 34 -53.37 -138.22 33.57
N UNK HE 35 -52.60 -139.17 34.09
CA UNK HE 35 -51.15 -139.09 34.08
C UNK HE 35 -50.62 -139.71 32.80
N UNK HE 36 -49.60 -139.08 32.21
CA UNK HE 36 -49.07 -139.48 30.92
C UNK HE 36 -47.56 -139.42 30.93
N UNK HE 37 -46.95 -140.01 29.91
CA UNK HE 37 -45.49 -139.99 29.74
C UNK HE 37 -45.04 -138.84 28.84
N UNK HE 38 -45.51 -137.63 29.17
CA UNK HE 38 -44.99 -136.38 28.65
C UNK HE 38 -44.81 -135.41 29.79
N UNK HE 39 -44.61 -135.96 31.00
CA UNK HE 39 -44.45 -135.28 32.30
C UNK HE 39 -45.68 -134.40 32.62
N UNK HE 40 -46.82 -135.06 32.77
CA UNK HE 40 -48.05 -134.33 33.05
C UNK HE 40 -48.95 -135.22 33.91
N UNK HE 41 -48.98 -134.94 35.21
CA UNK HE 41 -49.98 -135.52 36.11
C UNK HE 41 -51.10 -134.50 36.21
N UNK HE 42 -52.10 -134.63 35.33
CA UNK HE 42 -53.19 -133.67 35.24
C UNK HE 42 -54.29 -134.08 36.21
N UNK HE 43 -54.25 -133.51 37.41
CA UNK HE 43 -55.15 -133.90 38.48
C UNK HE 43 -56.49 -133.16 38.37
N UNK HE 44 -57.31 -133.28 39.40
CA UNK HE 44 -58.61 -132.62 39.42
C UNK HE 44 -58.45 -131.12 39.68
N UNK HE 45 -57.50 -130.74 40.52
CA UNK HE 45 -57.28 -129.32 40.79
C UNK HE 45 -56.39 -128.70 39.71
N UNK HE 46 -55.15 -129.19 39.59
CA UNK HE 46 -54.16 -128.57 38.72
C UNK HE 46 -53.35 -129.67 38.04
N UNK HE 47 -52.23 -129.28 37.44
CA UNK HE 47 -51.33 -130.20 36.78
C UNK HE 47 -49.96 -130.18 37.46
N UNK HE 48 -49.36 -131.36 37.56
CA UNK HE 48 -48.08 -131.52 38.22
C UNK HE 48 -47.10 -132.22 37.28
N UNK HE 49 -45.86 -131.77 37.29
CA UNK HE 49 -44.83 -132.29 36.42
C UNK HE 49 -43.59 -132.62 37.24
N UNK HE 50 -42.59 -133.18 36.57
CA UNK HE 50 -41.28 -133.39 37.18
C UNK HE 50 -40.60 -132.03 37.31
N UNK HE 51 -40.55 -131.50 38.52
CA UNK HE 51 -40.17 -130.11 38.70
C UNK HE 51 -38.65 -129.94 38.71
N UNK HE 52 -38.22 -128.78 38.22
CA UNK HE 52 -36.81 -128.43 38.24
C UNK HE 52 -36.64 -126.98 38.67
N UNK IE 1 -14.76 -108.40 -15.96
CA UNK IE 1 -16.20 -108.17 -15.84
C UNK IE 1 -16.94 -109.50 -15.74
N UNK IE 2 -18.17 -109.55 -16.25
CA UNK IE 2 -18.99 -110.76 -16.19
C UNK IE 2 -18.52 -111.80 -17.17
N UNK IE 3 -17.49 -112.56 -16.81
CA UNK IE 3 -16.84 -113.49 -17.72
C UNK IE 3 -17.31 -114.91 -17.43
N UNK IE 4 -17.34 -115.71 -18.50
CA UNK IE 4 -17.51 -117.16 -18.59
C UNK IE 4 -18.90 -117.70 -18.24
N UNK IE 5 -19.81 -116.87 -17.72
CA UNK IE 5 -21.22 -117.22 -17.80
C UNK IE 5 -21.66 -117.06 -19.24
N UNK IE 6 -21.61 -115.83 -19.73
CA UNK IE 6 -21.69 -115.42 -21.13
C UNK IE 6 -21.07 -114.05 -21.20
N UNK IE 7 -21.37 -113.30 -22.25
CA UNK IE 7 -21.05 -111.88 -22.22
C UNK IE 7 -22.15 -111.11 -21.48
N UNK IE 8 -21.89 -109.83 -21.25
CA UNK IE 8 -22.85 -108.98 -20.55
C UNK IE 8 -24.00 -108.59 -21.48
N UNK IE 9 -25.22 -108.94 -21.11
CA UNK IE 9 -26.36 -108.67 -21.99
C UNK IE 9 -26.87 -107.24 -21.82
N UNK IE 10 -27.42 -106.94 -20.67
CA UNK IE 10 -28.01 -105.65 -20.38
C UNK IE 10 -27.27 -105.02 -19.21
N UNK IE 11 -27.82 -103.94 -18.68
CA UNK IE 11 -27.39 -103.40 -17.39
C UNK IE 11 -28.68 -103.09 -16.65
N UNK IE 12 -29.05 -103.96 -15.71
CA UNK IE 12 -30.26 -103.78 -14.95
C UNK IE 12 -30.06 -102.68 -13.93
N UNK IE 13 -30.75 -101.57 -14.12
CA UNK IE 13 -30.77 -100.52 -13.11
C UNK IE 13 -31.59 -100.98 -11.92
N UNK IE 14 -31.23 -100.42 -10.75
CA UNK IE 14 -31.57 -100.87 -9.39
C UNK IE 14 -31.19 -102.33 -9.13
N UNK IE 15 -30.07 -102.75 -9.71
CA UNK IE 15 -29.51 -104.09 -9.60
C UNK IE 15 -28.06 -104.04 -10.06
N UNK IE 16 -27.47 -105.22 -10.19
CA UNK IE 16 -26.16 -105.41 -10.81
C UNK IE 16 -26.34 -105.58 -12.31
N UNK IE 17 -25.25 -105.90 -13.02
CA UNK IE 17 -25.34 -106.12 -14.45
C UNK IE 17 -25.91 -107.49 -14.74
N UNK IE 18 -26.55 -107.63 -15.89
CA UNK IE 18 -27.17 -108.88 -16.30
C UNK IE 18 -26.37 -109.47 -17.44
N UNK IE 19 -25.60 -110.51 -17.13
CA UNK IE 19 -24.90 -111.25 -18.17
C UNK IE 19 -25.89 -112.12 -18.94
N UNK IE 20 -25.46 -112.63 -20.10
CA UNK IE 20 -26.39 -113.30 -21.01
C UNK IE 20 -26.57 -114.79 -20.71
N UNK IE 21 -26.23 -115.25 -19.52
CA UNK IE 21 -26.85 -116.42 -18.92
C UNK IE 21 -27.66 -116.02 -17.70
N UNK IE 22 -27.04 -115.42 -16.68
CA UNK IE 22 -27.71 -115.08 -15.43
C UNK IE 22 -27.33 -113.69 -14.95
N UNK IE 23 -27.81 -113.29 -13.76
CA UNK IE 23 -27.49 -111.99 -13.19
C UNK IE 23 -26.10 -112.06 -12.58
N UNK IE 24 -25.25 -111.08 -12.90
CA UNK IE 24 -23.83 -111.19 -12.62
C UNK IE 24 -23.53 -110.76 -11.19
N UNK IE 25 -22.23 -110.61 -10.91
CA UNK IE 25 -21.78 -110.14 -9.60
C UNK IE 25 -21.18 -108.73 -9.68
N UNK IE 26 -20.88 -108.25 -10.88
CA UNK IE 26 -20.34 -106.90 -11.05
C UNK IE 26 -21.48 -105.90 -10.97
N UNK IE 27 -21.31 -104.89 -10.12
CA UNK IE 27 -22.37 -103.93 -9.84
C UNK IE 27 -22.48 -102.92 -10.98
N UNK IE 28 -23.71 -102.70 -11.45
CA UNK IE 28 -23.92 -101.87 -12.64
C UNK IE 28 -23.89 -100.39 -12.31
N UNK IE 29 -24.82 -99.94 -11.48
CA UNK IE 29 -24.99 -98.53 -11.19
C UNK IE 29 -24.25 -98.16 -9.92
N UNK IE 30 -24.32 -96.87 -9.58
CA UNK IE 30 -23.76 -96.41 -8.31
C UNK IE 30 -24.68 -96.74 -7.15
N UNK IE 31 -25.98 -96.87 -7.43
CA UNK IE 31 -26.97 -97.00 -6.39
C UNK IE 31 -27.46 -98.44 -6.24
N UNK IE 32 -26.59 -99.41 -6.46
CA UNK IE 32 -26.93 -100.80 -6.20
C UNK IE 32 -26.60 -101.11 -4.75
N UNK IE 33 -26.84 -102.35 -4.35
CA UNK IE 33 -26.70 -102.71 -2.93
C UNK IE 33 -25.30 -103.22 -2.61
N UNK IE 34 -24.31 -102.37 -2.89
CA UNK IE 34 -22.93 -102.67 -2.55
C UNK IE 34 -22.75 -102.42 -1.06
N UNK IE 35 -22.53 -103.50 -0.30
CA UNK IE 35 -22.51 -103.42 1.16
C UNK IE 35 -21.19 -102.83 1.65
N UNK IE 36 -21.07 -101.51 1.51
CA UNK IE 36 -19.88 -100.81 1.95
C UNK IE 36 -19.97 -100.63 3.45
N UNK IE 37 -18.91 -101.00 4.16
CA UNK IE 37 -18.90 -100.83 5.59
C UNK IE 37 -17.62 -100.18 6.10
N UNK IE 38 -16.83 -99.56 5.22
CA UNK IE 38 -15.68 -98.76 5.62
C UNK IE 38 -15.66 -97.50 4.79
N UNK IE 39 -16.02 -96.38 5.39
CA UNK IE 39 -15.91 -95.09 4.74
C UNK IE 39 -14.46 -94.62 4.72
N UNK IE 40 -14.21 -93.61 3.89
CA UNK IE 40 -12.92 -92.92 3.89
C UNK IE 40 -13.26 -91.44 3.82
N UNK IE 41 -13.50 -90.82 4.97
CA UNK IE 41 -13.93 -89.43 4.97
C UNK IE 41 -13.52 -88.77 6.26
N UNK IE 42 -13.13 -87.50 6.15
CA UNK IE 42 -12.88 -86.69 7.33
C UNK IE 42 -14.21 -86.29 7.94
N UNK IE 43 -14.32 -86.50 9.26
CA UNK IE 43 -15.53 -86.32 10.09
C UNK IE 43 -16.73 -87.12 9.58
N UNK IE 44 -16.49 -88.36 9.15
CA UNK IE 44 -17.60 -89.26 8.88
C UNK IE 44 -18.20 -89.72 10.20
N UNK IE 45 -19.53 -89.90 10.19
CA UNK IE 45 -20.46 -90.33 11.25
C UNK IE 45 -20.67 -89.32 12.38
N UNK IE 46 -19.95 -88.20 12.37
CA UNK IE 46 -20.47 -86.90 12.73
C UNK IE 46 -20.88 -86.23 11.42
N UNK IE 47 -21.20 -84.94 11.44
CA UNK IE 47 -21.53 -84.28 10.20
C UNK IE 47 -20.26 -83.91 9.45
N UNK IE 48 -20.42 -83.37 8.24
CA UNK IE 48 -19.33 -83.20 7.27
C UNK IE 48 -18.39 -82.05 7.64
N UNK IE 49 -17.41 -81.81 6.79
CA UNK IE 49 -16.42 -80.76 7.04
C UNK IE 49 -17.04 -79.39 6.75
N UNK IE 50 -17.15 -78.56 7.78
CA UNK IE 50 -17.68 -77.21 7.64
C UNK IE 50 -16.66 -76.37 6.89
N UNK IE 51 -16.85 -76.27 5.57
CA UNK IE 51 -15.78 -76.03 4.62
C UNK IE 51 -15.28 -74.59 4.58
N UNK IE 52 -15.91 -73.66 5.28
CA UNK IE 52 -15.53 -72.26 5.20
C UNK IE 52 -14.30 -71.91 6.01
N UNK IE 53 -13.81 -72.81 6.87
CA UNK IE 53 -12.70 -72.50 7.74
C UNK IE 53 -11.38 -72.55 6.99
N UNK IE 54 -10.44 -71.70 7.42
CA UNK IE 54 -9.08 -71.70 6.91
C UNK IE 54 -8.17 -71.50 8.13
N UNK IE 55 -7.83 -72.60 8.78
CA UNK IE 55 -7.01 -72.59 9.99
C UNK IE 55 -6.25 -73.91 10.04
N UNK IE 56 -5.72 -74.24 11.21
CA UNK IE 56 -5.03 -75.52 11.35
C UNK IE 56 -6.01 -76.66 11.59
N UNK IE 57 -7.03 -76.42 12.40
CA UNK IE 57 -7.97 -77.46 12.79
C UNK IE 57 -8.99 -77.72 11.69
N UNK IE 58 -9.67 -78.86 11.78
CA UNK IE 58 -10.73 -79.24 10.86
C UNK IE 58 -11.98 -79.50 11.68
N UNK IE 59 -12.85 -78.49 11.78
CA UNK IE 59 -14.08 -78.61 12.53
C UNK IE 59 -15.15 -79.26 11.68
N UNK IE 60 -15.97 -80.10 12.29
CA UNK IE 60 -17.07 -80.70 11.57
C UNK IE 60 -18.25 -79.73 11.50
N UNK IE 61 -19.25 -80.07 10.67
CA UNK IE 61 -20.46 -79.27 10.60
C UNK IE 61 -21.37 -79.47 11.81
N UNK IE 62 -21.18 -80.52 12.59
CA UNK IE 62 -21.80 -80.65 13.90
C UNK IE 62 -20.90 -80.16 15.01
N UNK IE 63 -19.92 -79.31 14.68
CA UNK IE 63 -19.02 -78.56 15.58
C UNK IE 63 -18.15 -79.47 16.45
N UNK IE 64 -17.62 -80.53 15.86
CA UNK IE 64 -16.59 -81.32 16.50
C UNK IE 64 -15.26 -81.09 15.77
N UNK IE 65 -14.25 -80.72 16.53
CA UNK IE 65 -12.91 -80.55 15.98
C UNK IE 65 -12.31 -81.93 15.78
N UNK IE 66 -12.06 -82.31 14.54
CA UNK IE 66 -11.56 -83.64 14.21
C UNK IE 66 -10.07 -83.68 14.49
N UNK IE 67 -9.69 -84.41 15.53
CA UNK IE 67 -8.29 -84.53 15.89
C UNK IE 67 -7.52 -85.44 14.96
N UNK IE 68 -8.21 -86.33 14.25
CA UNK IE 68 -7.57 -87.20 13.29
C UNK IE 68 -7.18 -86.49 12.00
N UNK IE 69 -7.78 -85.35 11.70
CA UNK IE 69 -7.51 -84.70 10.42
C UNK IE 69 -7.07 -83.25 10.58
N UNK IE 70 -6.21 -82.94 11.52
CA UNK IE 70 -5.67 -81.59 11.64
C UNK IE 70 -4.15 -81.61 11.68
N LYS JE 24 12.71 -125.92 27.59
CA LYS JE 24 11.74 -125.12 26.86
C LYS JE 24 10.53 -124.84 27.73
N PHE JE 25 10.30 -123.57 28.04
CA PHE JE 25 9.22 -123.17 28.93
C PHE JE 25 8.14 -122.46 28.15
N LYS JE 26 6.89 -122.83 28.41
CA LYS JE 26 5.78 -122.26 27.66
C LYS JE 26 4.55 -122.15 28.55
N LYS JE 27 4.01 -120.96 28.68
CA LYS JE 27 2.67 -120.78 29.19
C LYS JE 27 1.68 -121.26 28.12
N PRO JE 28 0.53 -121.84 28.50
CA PRO JE 28 -0.30 -122.60 27.53
C PRO JE 28 -1.00 -121.79 26.43
N PRO JE 29 -1.78 -120.66 26.69
CA PRO JE 29 -2.43 -120.07 25.51
C PRO JE 29 -1.53 -119.15 24.73
N ILE JE 30 -1.02 -119.64 23.61
CA ILE JE 30 -0.26 -118.81 22.69
C ILE JE 30 -1.22 -118.53 21.55
N ASN JE 31 -1.91 -117.40 21.66
CA ASN JE 31 -3.00 -117.07 20.75
C ASN JE 31 -2.44 -116.35 19.53
N ASN JE 32 -3.32 -115.70 18.78
CA ASN JE 32 -2.92 -114.77 17.76
C ASN JE 32 -2.35 -113.49 18.39
N PRO JE 33 -1.55 -112.73 17.66
CA PRO JE 33 -1.16 -111.40 18.18
C PRO JE 33 -2.33 -110.44 18.12
N SER JE 34 -2.79 -110.02 19.29
CA SER JE 34 -3.82 -109.01 19.37
C SER JE 34 -3.22 -107.62 19.22
N ASP JE 35 -4.09 -106.63 19.13
CA ASP JE 35 -3.64 -105.26 19.05
C ASP JE 35 -4.42 -104.44 20.07
N ASP JE 36 -3.95 -103.20 20.26
CA ASP JE 36 -4.33 -102.37 21.39
C ASP JE 36 -5.75 -101.85 21.29
N ALA JE 37 -6.31 -101.79 20.07
CA ALA JE 37 -7.70 -101.40 19.89
C ALA JE 37 -8.64 -102.43 20.44
N THR JE 38 -8.39 -103.70 20.11
CA THR JE 38 -9.14 -104.80 20.66
C THR JE 38 -8.89 -104.99 22.14
N ILE JE 39 -7.68 -104.64 22.61
CA ILE JE 39 -7.35 -104.70 24.04
C ILE JE 39 -8.15 -103.66 24.83
N LYS JE 40 -8.16 -102.41 24.38
CA LYS JE 40 -8.85 -101.39 25.16
C LYS JE 40 -10.35 -101.40 24.92
N LEU JE 41 -10.79 -101.97 23.80
CA LEU JE 41 -12.20 -102.24 23.61
C LEU JE 41 -12.67 -103.37 24.52
N ALA JE 42 -11.79 -104.35 24.78
CA ALA JE 42 -12.12 -105.43 25.70
C ALA JE 42 -12.16 -104.95 27.14
N GLU JE 43 -11.24 -104.06 27.53
CA GLU JE 43 -11.31 -103.62 28.92
C GLU JE 43 -12.31 -102.51 29.12
N ALA JE 44 -12.81 -101.88 28.05
CA ALA JE 44 -14.07 -101.15 28.19
C ALA JE 44 -15.25 -102.08 28.31
N ALA JE 45 -15.16 -103.21 27.60
CA ALA JE 45 -16.28 -104.11 27.43
C ALA JE 45 -16.59 -104.91 28.68
N VAL JE 46 -15.56 -105.26 29.47
CA VAL JE 46 -15.80 -106.01 30.71
C VAL JE 46 -16.42 -105.10 31.77
N SER JE 47 -16.08 -103.82 31.78
CA SER JE 47 -16.65 -102.87 32.73
C SER JE 47 -18.08 -102.52 32.38
N VAL JE 48 -18.37 -102.44 31.08
CA VAL JE 48 -19.76 -102.24 30.69
C VAL JE 48 -20.57 -103.53 30.82
N SER JE 49 -19.90 -104.69 30.82
CA SER JE 49 -20.55 -105.98 30.98
C SER JE 49 -20.97 -106.20 32.43
N ASP JE 50 -20.08 -105.95 33.38
CA ASP JE 50 -20.50 -106.19 34.75
C ASP JE 50 -21.32 -105.05 35.33
N SER JE 51 -21.25 -103.84 34.73
CA SER JE 51 -22.22 -102.82 35.11
C SER JE 51 -23.62 -103.15 34.59
N MET JE 52 -23.70 -103.75 33.40
CA MET JE 52 -24.97 -104.22 32.87
C MET JE 52 -25.49 -105.41 33.66
N LEU JE 53 -24.57 -106.26 34.13
CA LEU JE 53 -24.90 -107.43 34.94
C LEU JE 53 -25.42 -107.06 36.32
N GLU JE 54 -24.84 -106.03 36.95
CA GLU JE 54 -25.35 -105.64 38.25
C GLU JE 54 -26.61 -104.80 38.11
N MET JE 55 -26.81 -104.16 36.95
CA MET JE 55 -28.09 -103.50 36.66
C MET JE 55 -29.22 -104.51 36.49
N ALA JE 56 -28.92 -105.64 35.84
CA ALA JE 56 -29.90 -106.70 35.68
C ALA JE 56 -30.19 -107.41 36.99
N LYS JE 57 -29.20 -107.46 37.87
CA LYS JE 57 -29.37 -108.00 39.22
C LYS JE 57 -30.27 -107.13 40.07
N VAL JE 58 -30.07 -105.81 40.04
CA VAL JE 58 -30.85 -104.90 40.88
C VAL JE 58 -32.27 -104.75 40.33
N GLU JE 59 -32.44 -104.90 39.00
CA GLU JE 59 -33.78 -104.82 38.42
C GLU JE 59 -34.58 -106.08 38.66
N LYS JE 60 -33.93 -107.25 38.54
CA LYS JE 60 -34.67 -108.49 38.74
C LYS JE 60 -34.87 -108.83 40.20
N VAL JE 61 -34.20 -108.14 41.12
CA VAL JE 61 -34.59 -108.31 42.51
C VAL JE 61 -35.41 -107.13 43.06
N ILE JE 62 -35.51 -106.01 42.35
CA ILE JE 62 -36.48 -105.02 42.81
C ILE JE 62 -37.88 -105.35 42.30
N THR JE 63 -38.00 -105.98 41.11
CA THR JE 63 -39.30 -106.41 40.67
C THR JE 63 -38.99 -107.87 40.39
N PRO JE 64 -39.71 -108.81 40.98
CA PRO JE 64 -39.64 -110.18 40.51
C PRO JE 64 -40.36 -110.29 39.18
N PRO JE 65 -39.81 -111.05 38.22
CA PRO JE 65 -40.58 -111.31 37.00
C PRO JE 65 -41.69 -112.31 37.27
N SER JE 66 -42.91 -111.86 36.99
CA SER JE 66 -44.10 -112.59 37.38
C SER JE 66 -44.32 -113.83 36.52
N LYS JE 67 -44.21 -113.68 35.21
CA LYS JE 67 -44.44 -114.78 34.30
C LYS JE 67 -43.62 -114.59 33.04
N ASP JE 68 -43.55 -115.66 32.27
CA ASP JE 68 -42.72 -115.72 31.09
C ASP JE 68 -43.51 -115.23 29.88
N ASN JE 69 -42.98 -115.46 28.69
CA ASN JE 69 -43.77 -115.27 27.49
C ASN JE 69 -44.01 -116.60 26.79
N THR JE 70 -43.79 -117.71 27.48
CA THR JE 70 -44.12 -119.00 26.90
C THR JE 70 -45.60 -119.28 26.94
N LEU JE 71 -46.36 -118.59 27.80
CA LEU JE 71 -47.79 -118.80 27.81
C LEU JE 71 -48.46 -118.05 26.68
N THR JE 72 -47.84 -116.97 26.19
CA THR JE 72 -48.37 -116.31 25.01
C THR JE 72 -47.68 -116.75 23.73
N ILE JE 73 -46.48 -117.31 23.80
CA ILE JE 73 -45.83 -117.96 22.67
C ILE JE 73 -45.59 -119.41 23.06
N PRO JE 74 -46.54 -120.32 22.85
CA PRO JE 74 -46.27 -121.72 23.17
C PRO JE 74 -45.57 -122.43 22.04
N ASN JE 75 -44.88 -123.52 22.35
CA ASN JE 75 -44.14 -124.23 21.31
C ASN JE 75 -45.09 -125.11 20.51
N ALA JE 76 -44.62 -125.52 19.34
CA ALA JE 76 -45.47 -126.24 18.40
C ALA JE 76 -44.62 -127.08 17.47
N TYR JE 77 -45.25 -128.09 16.88
CA TYR JE 77 -44.61 -128.86 15.83
C TYR JE 77 -44.60 -128.00 14.59
N ASN JE 78 -43.44 -127.94 13.95
CA ASN JE 78 -42.89 -127.12 12.86
C ASN JE 78 -42.58 -125.68 13.31
N LEU JE 79 -42.90 -125.30 14.52
CA LEU JE 79 -42.19 -124.26 15.24
C LEU JE 79 -40.97 -124.80 15.94
N GLN JE 80 -40.87 -126.12 16.07
CA GLN JE 80 -39.73 -126.77 16.68
C GLN JE 80 -38.59 -127.02 15.71
N ALA JE 81 -38.73 -126.61 14.46
CA ALA JE 81 -37.56 -126.45 13.60
C ALA JE 81 -36.80 -125.20 14.02
N ARG JE 82 -35.55 -125.09 13.59
CA ARG JE 82 -34.72 -124.08 14.23
C ARG JE 82 -34.03 -123.17 13.23
N ALA JE 83 -33.35 -122.16 13.75
CA ALA JE 83 -32.75 -121.13 12.92
C ALA JE 83 -31.57 -120.52 13.64
N SER JE 84 -30.77 -119.78 12.89
CA SER JE 84 -29.67 -119.02 13.44
C SER JE 84 -29.67 -117.67 12.74
N VAL JE 85 -29.51 -116.59 13.49
CA VAL JE 85 -29.76 -115.25 12.98
C VAL JE 85 -28.65 -114.30 13.39
N ASP JE 86 -28.26 -113.44 12.47
CA ASP JE 86 -27.79 -112.12 12.85
C ASP JE 86 -28.60 -111.12 12.04
N TRP JE 87 -29.06 -110.07 12.71
CA TRP JE 87 -30.11 -109.24 12.17
C TRP JE 87 -30.11 -107.93 12.93
N SER JE 88 -30.27 -106.83 12.21
CA SER JE 88 -30.42 -105.56 12.92
C SER JE 88 -31.50 -104.69 12.30
N GLY JE 89 -32.40 -105.23 11.51
CA GLY JE 89 -33.41 -104.44 10.88
C GLY JE 89 -34.63 -104.25 11.74
N PRO JE 90 -35.73 -103.79 11.14
CA PRO JE 90 -36.99 -103.73 11.87
C PRO JE 90 -37.62 -105.11 11.97
N ILE JE 91 -38.68 -105.17 12.78
CA ILE JE 91 -39.10 -106.43 13.36
C ILE JE 91 -39.91 -107.26 12.39
N GLU JE 92 -40.74 -106.62 11.55
CA GLU JE 92 -41.81 -107.32 10.86
C GLU JE 92 -41.31 -108.06 9.64
N GLU JE 93 -40.21 -107.58 9.05
CA GLU JE 93 -39.49 -108.28 8.00
C GLU JE 93 -38.92 -109.59 8.51
N LEU JE 94 -38.37 -109.54 9.73
CA LEU JE 94 -37.74 -110.70 10.34
C LEU JE 94 -38.76 -111.74 10.76
N THR JE 95 -39.80 -111.34 11.48
CA THR JE 95 -40.78 -112.33 11.92
C THR JE 95 -41.74 -112.76 10.81
N ALA JE 96 -41.83 -112.00 9.72
CA ALA JE 96 -42.48 -112.51 8.52
C ALA JE 96 -41.65 -113.60 7.87
N ARG JE 97 -40.31 -113.47 7.90
CA ARG JE 97 -39.46 -114.55 7.41
C ARG JE 97 -39.50 -115.77 8.33
N ILE JE 98 -39.69 -115.53 9.63
CA ILE JE 98 -39.76 -116.61 10.62
C ILE JE 98 -41.05 -117.40 10.45
N ALA JE 99 -42.17 -116.70 10.28
CA ALA JE 99 -43.45 -117.35 10.06
C ALA JE 99 -43.58 -117.98 8.68
N LYS JE 100 -42.86 -117.43 7.69
CA LYS JE 100 -42.84 -118.03 6.35
C LYS JE 100 -42.09 -119.35 6.34
N ALA JE 101 -40.95 -119.42 7.02
CA ALA JE 101 -40.28 -120.72 7.09
C ALA JE 101 -40.83 -121.62 8.17
N ALA JE 102 -41.68 -121.10 9.06
CA ALA JE 102 -42.36 -121.95 10.01
C ALA JE 102 -43.73 -122.38 9.53
N HIS JE 103 -44.13 -121.96 8.31
CA HIS JE 103 -45.42 -122.23 7.66
C HIS JE 103 -46.59 -121.74 8.49
N PHE JE 104 -46.44 -120.55 9.04
CA PHE JE 104 -47.50 -119.90 9.78
C PHE JE 104 -47.92 -118.67 9.00
N ARG JE 105 -49.20 -118.37 9.04
CA ARG JE 105 -49.67 -117.11 8.49
C ARG JE 105 -49.31 -116.00 9.43
N PHE JE 106 -48.62 -114.99 8.92
CA PHE JE 106 -48.16 -113.88 9.73
C PHE JE 106 -49.14 -112.73 9.58
N ARG JE 107 -49.51 -112.12 10.70
CA ARG JE 107 -50.41 -110.98 10.64
C ARG JE 107 -49.99 -109.93 11.66
N VAL JE 108 -50.41 -108.72 11.38
CA VAL JE 108 -50.03 -107.54 12.16
C VAL JE 108 -51.27 -106.93 12.77
N LEU JE 109 -51.29 -106.82 14.09
CA LEU JE 109 -52.30 -106.07 14.80
C LEU JE 109 -51.67 -104.75 15.24
N GLY JE 110 -52.38 -103.66 14.96
CA GLY JE 110 -51.84 -102.33 15.20
C GLY JE 110 -51.02 -101.85 14.04
N LYS JE 111 -51.22 -100.60 13.64
CA LYS JE 111 -50.36 -100.01 12.63
C LYS JE 111 -49.05 -99.61 13.28
N SER JE 112 -48.03 -99.54 12.49
CA SER JE 112 -46.64 -99.40 12.86
C SER JE 112 -46.36 -98.01 13.38
N PRO JE 113 -45.40 -97.85 14.30
CA PRO JE 113 -44.97 -96.50 14.68
C PRO JE 113 -44.18 -95.84 13.57
N SER JE 114 -44.08 -94.52 13.67
CA SER JE 114 -43.42 -93.73 12.65
C SER JE 114 -41.91 -93.87 12.74
N VAL JE 115 -41.39 -93.91 13.95
CA VAL JE 115 -40.05 -94.46 14.16
C VAL JE 115 -40.10 -95.96 13.92
N PRO JE 116 -39.07 -96.57 13.38
CA PRO JE 116 -39.05 -98.03 13.32
C PRO JE 116 -38.74 -98.61 14.69
N VAL JE 117 -39.44 -99.66 15.03
CA VAL JE 117 -39.06 -100.51 16.14
C VAL JE 117 -38.00 -101.45 15.59
N LEU JE 118 -36.80 -101.35 16.13
CA LEU JE 118 -35.65 -102.10 15.65
C LEU JE 118 -35.27 -103.14 16.66
N ILE JE 119 -35.05 -104.36 16.21
CA ILE JE 119 -34.42 -105.37 17.02
C ILE JE 119 -33.12 -105.74 16.35
N SER JE 120 -32.24 -106.39 17.11
CA SER JE 120 -30.97 -106.83 16.54
C SER JE 120 -30.67 -108.19 17.16
N ILE JE 121 -31.12 -109.23 16.50
CA ILE JE 121 -31.00 -110.57 17.05
C ILE JE 121 -29.73 -111.20 16.51
N SER JE 122 -28.91 -111.73 17.41
CA SER JE 122 -27.70 -112.45 17.01
C SER JE 122 -27.59 -113.68 17.87
N THR JE 123 -28.15 -114.78 17.40
CA THR JE 123 -27.94 -116.05 18.08
C THR JE 123 -27.65 -117.12 17.05
N LYS JE 124 -27.27 -118.28 17.56
CA LYS JE 124 -26.83 -119.38 16.72
C LYS JE 124 -27.48 -120.63 17.25
N ASP JE 125 -28.39 -121.20 16.43
CA ASP JE 125 -29.08 -122.48 16.59
C ASP JE 125 -29.92 -122.52 17.86
N GLU JE 126 -30.86 -121.61 17.93
CA GLU JE 126 -31.98 -121.75 18.85
C GLU JE 126 -33.22 -122.06 18.04
N SER JE 127 -34.26 -122.52 18.73
CA SER JE 127 -35.49 -122.89 18.07
C SER JE 127 -36.27 -121.65 17.66
N LEU JE 128 -37.29 -121.87 16.81
CA LEU JE 128 -38.04 -120.76 16.26
C LEU JE 128 -38.96 -120.13 17.28
N ALA JE 129 -39.44 -120.93 18.24
CA ALA JE 129 -40.26 -120.41 19.32
C ALA JE 129 -39.42 -119.58 20.29
N GLU JE 130 -38.17 -119.96 20.48
CA GLU JE 130 -37.33 -119.18 21.37
C GLU JE 130 -36.74 -117.96 20.70
N ILE JE 131 -36.47 -118.01 19.39
CA ILE JE 131 -35.99 -116.79 18.76
C ILE JE 131 -37.14 -115.81 18.55
N LEU JE 132 -38.37 -116.32 18.40
CA LEU JE 132 -39.55 -115.47 18.47
C LEU JE 132 -39.79 -114.93 19.87
N ARG JE 133 -39.40 -115.71 20.89
CA ARG JE 133 -39.55 -115.27 22.27
C ARG JE 133 -38.61 -114.13 22.64
N ASP JE 134 -37.35 -114.16 22.19
CA ASP JE 134 -36.55 -112.97 22.51
C ASP JE 134 -36.65 -111.90 21.43
N ILE JE 135 -37.31 -112.18 20.29
CA ILE JE 135 -37.82 -111.10 19.45
C ILE JE 135 -38.89 -110.33 20.21
N ASP JE 136 -39.77 -111.06 20.90
CA ASP JE 136 -40.82 -110.48 21.73
C ASP JE 136 -40.26 -109.79 22.96
N TYR JE 137 -39.15 -110.29 23.48
CA TYR JE 137 -38.48 -109.59 24.57
C TYR JE 137 -37.73 -108.35 24.09
N GLN JE 138 -37.11 -108.43 22.92
CA GLN JE 138 -36.28 -107.34 22.42
C GLN JE 138 -37.13 -106.20 21.90
N ALA JE 139 -38.34 -106.49 21.48
CA ALA JE 139 -39.37 -105.45 21.37
C ALA JE 139 -39.88 -105.09 22.76
N GLY JE 140 -39.16 -104.20 23.43
CA GLY JE 140 -39.37 -103.99 24.84
C GLY JE 140 -40.46 -102.99 25.06
N LYS JE 141 -41.69 -103.50 25.24
CA LYS JE 141 -42.95 -102.79 25.46
C LYS JE 141 -43.31 -101.85 24.31
N LYS JE 142 -42.87 -102.15 23.09
CA LYS JE 142 -43.23 -101.37 21.92
C LYS JE 142 -43.98 -102.28 20.98
N ALA JE 143 -43.62 -103.55 20.98
CA ALA JE 143 -44.33 -104.53 20.18
C ALA JE 143 -44.31 -105.85 20.94
N SER JE 144 -45.13 -106.77 20.46
CA SER JE 144 -45.24 -108.06 21.12
C SER JE 144 -45.67 -109.11 20.12
N ILE JE 145 -45.11 -110.30 20.28
CA ILE JE 145 -45.35 -111.43 19.40
C ILE JE 145 -46.29 -112.39 20.12
N HIS JE 146 -47.41 -112.70 19.50
CA HIS JE 146 -48.29 -113.76 19.97
C HIS JE 146 -48.32 -114.84 18.90
N VAL JE 147 -48.50 -116.09 19.33
CA VAL JE 147 -48.52 -117.23 18.42
C VAL JE 147 -49.75 -118.04 18.78
N TYR JE 148 -50.60 -118.32 17.80
CA TYR JE 148 -51.77 -119.15 18.07
C TYR JE 148 -51.59 -120.48 17.36
N PRO JE 149 -51.06 -121.51 18.05
CA PRO JE 149 -50.60 -122.71 17.35
C PRO JE 149 -51.62 -123.82 17.24
N ASN JE 150 -52.87 -123.62 17.62
CA ASN JE 150 -53.89 -124.58 17.22
C ASN JE 150 -54.50 -124.21 15.88
N SER JE 151 -54.44 -122.94 15.50
CA SER JE 151 -54.47 -122.50 14.12
C SER JE 151 -53.02 -122.34 13.68
N GLN JE 152 -52.76 -121.63 12.60
CA GLN JE 152 -51.37 -121.32 12.27
C GLN JE 152 -51.23 -119.84 11.98
N VAL JE 153 -51.12 -119.02 13.02
CA VAL JE 153 -50.80 -117.60 12.86
C VAL JE 153 -49.75 -117.19 13.87
N VAL JE 154 -48.87 -116.31 13.42
CA VAL JE 154 -47.99 -115.53 14.26
C VAL JE 154 -48.43 -114.09 14.12
N GLU JE 155 -48.90 -113.50 15.20
CA GLU JE 155 -49.40 -112.15 15.14
C GLU JE 155 -48.45 -111.24 15.90
N LEU JE 156 -48.38 -110.01 15.43
CA LEU JE 156 -47.45 -109.03 15.97
C LEU JE 156 -48.27 -107.79 16.29
N ARG JE 157 -48.44 -107.50 17.57
CA ARG JE 157 -49.14 -106.31 17.97
C ARG JE 157 -48.15 -105.22 18.30
N TYR JE 158 -48.24 -104.11 17.60
CA TYR JE 158 -47.53 -102.94 18.10
C TYR JE 158 -48.33 -102.31 19.23
N ALA JE 159 -47.67 -101.54 20.07
CA ALA JE 159 -48.35 -100.93 21.19
C ALA JE 159 -49.11 -99.69 20.75
N LYS JE 160 -49.97 -99.19 21.63
CA LYS JE 160 -50.99 -98.22 21.27
C LYS JE 160 -50.57 -96.80 21.57
N ILE JE 161 -49.31 -96.48 21.38
CA ILE JE 161 -48.82 -95.13 21.65
C ILE JE 161 -48.13 -94.58 20.41
N ARG KE 99 54.67 -118.85 62.30
CA ARG KE 99 53.74 -118.53 61.23
C ARG KE 99 52.29 -118.76 61.67
N ASP KE 100 52.13 -119.39 62.82
CA ASP KE 100 50.84 -119.55 63.47
C ASP KE 100 50.84 -119.02 64.88
N SER KE 101 51.67 -118.02 65.18
CA SER KE 101 51.87 -117.57 66.54
C SER KE 101 51.04 -116.32 66.81
N LYS KE 102 51.31 -115.74 67.98
CA LYS KE 102 50.53 -114.62 68.50
C LYS KE 102 50.76 -113.35 67.71
N ARG KE 103 52.00 -113.14 67.24
CA ARG KE 103 52.35 -111.94 66.47
C ARG KE 103 51.69 -111.94 65.10
N LYS KE 104 51.63 -113.13 64.48
CA LYS KE 104 50.98 -113.29 63.19
C LYS KE 104 49.47 -113.17 63.31
N ILE KE 105 48.89 -113.69 64.40
CA ILE KE 105 47.44 -113.59 64.49
C ILE KE 105 46.98 -112.22 64.97
N ILE KE 106 47.79 -111.45 65.70
CA ILE KE 106 47.39 -110.06 65.91
C ILE KE 106 47.72 -109.19 64.71
N ARG KE 107 48.63 -109.62 63.83
CA ARG KE 107 48.88 -108.86 62.61
C ARG KE 107 47.76 -109.04 61.60
N ASP KE 108 47.21 -110.25 61.50
CA ASP KE 108 46.05 -110.36 60.63
C ASP KE 108 44.75 -110.00 61.34
N LEU KE 109 44.76 -109.85 62.67
CA LEU KE 109 43.62 -109.22 63.31
C LEU KE 109 43.62 -107.72 63.09
N GLN KE 110 44.81 -107.13 62.97
CA GLN KE 110 44.93 -105.76 62.47
C GLN KE 110 44.46 -105.65 61.03
N LYS KE 111 44.76 -106.68 60.22
CA LYS KE 111 44.24 -106.69 58.85
C LYS KE 111 42.74 -106.97 58.77
N GLN KE 112 42.17 -107.69 59.74
CA GLN KE 112 40.75 -107.88 59.85
C GLN KE 112 40.11 -106.90 60.80
N ASP KE 113 40.83 -105.81 61.12
CA ASP KE 113 40.38 -104.54 61.73
C ASP KE 113 39.74 -104.69 63.11
N ILE KE 114 40.06 -105.74 63.84
CA ILE KE 114 39.82 -105.78 65.28
C ILE KE 114 41.07 -105.24 65.94
N GLN KE 115 40.92 -104.25 66.81
CA GLN KE 115 42.07 -103.68 67.48
C GLN KE 115 42.45 -104.51 68.69
N TYR KE 116 43.72 -104.42 69.08
CA TYR KE 116 44.26 -105.23 70.16
C TYR KE 116 45.29 -104.42 70.91
N VAL KE 117 45.03 -104.13 72.19
CA VAL KE 117 46.01 -103.43 73.00
C VAL KE 117 46.50 -104.37 74.11
N GLU KE 118 47.76 -104.17 74.49
CA GLU KE 118 48.48 -104.95 75.48
C GLU KE 118 48.92 -104.04 76.61
N TYR KE 119 48.57 -104.40 77.84
CA TYR KE 119 48.87 -103.48 78.95
C TYR KE 119 49.11 -104.27 80.23
N GLY KE 120 50.38 -104.59 80.49
CA GLY KE 120 50.77 -105.28 81.69
C GLY KE 120 50.27 -106.71 81.72
N ASP KE 121 49.27 -106.96 82.56
CA ASP KE 121 48.52 -108.20 82.45
C ASP KE 121 47.30 -108.05 81.55
N THR KE 122 46.78 -106.84 81.42
CA THR KE 122 45.51 -106.62 80.77
C THR KE 122 45.67 -106.60 79.26
N ARG KE 123 44.87 -107.40 78.58
CA ARG KE 123 44.85 -107.41 77.14
C ARG KE 123 43.42 -107.21 76.68
N THR KE 124 43.24 -106.31 75.73
CA THR KE 124 41.90 -105.92 75.32
C THR KE 124 41.77 -105.98 73.81
N LEU KE 125 40.82 -106.75 73.35
CA LEU KE 125 40.39 -106.73 71.96
C LEU KE 125 39.22 -105.77 71.81
N ILE KE 126 39.23 -105.00 70.75
CA ILE KE 126 38.15 -104.07 70.45
C ILE KE 126 37.58 -104.48 69.11
N ILE KE 127 36.32 -104.90 69.11
CA ILE KE 127 35.68 -105.49 67.95
C ILE KE 127 34.63 -104.52 67.45
N PRO KE 128 34.75 -104.00 66.22
CA PRO KE 128 33.73 -103.08 65.70
C PRO KE 128 32.45 -103.79 65.33
N THR KE 129 31.35 -103.37 65.95
CA THR KE 129 30.06 -104.00 65.78
C THR KE 129 29.44 -103.70 64.43
N ASP KE 130 29.88 -102.64 63.78
CA ASP KE 130 29.39 -102.25 62.46
C ASP KE 130 29.82 -103.22 61.38
N LYS KE 131 31.00 -103.82 61.52
CA LYS KE 131 31.41 -104.88 60.63
C LYS KE 131 31.24 -106.25 61.23
N TYR KE 132 30.97 -106.37 62.52
CA TYR KE 132 30.96 -107.68 63.16
C TYR KE 132 29.61 -108.03 63.77
N PHE KE 133 28.58 -107.26 63.44
CA PHE KE 133 27.21 -107.71 63.60
C PHE KE 133 26.47 -107.23 62.36
N MET KE 134 25.54 -108.02 61.87
CA MET KE 134 24.57 -107.42 60.98
C MET KE 134 23.65 -106.56 61.81
N PHE KE 135 23.13 -105.51 61.17
CA PHE KE 135 22.92 -104.22 61.80
C PHE KE 135 21.76 -104.23 62.78
N SER KE 136 21.99 -103.60 63.94
CA SER KE 136 21.03 -103.30 64.99
C SER KE 136 20.40 -104.56 65.57
N SER KE 137 21.26 -105.53 65.85
CA SER KE 137 20.83 -106.86 66.22
C SER KE 137 21.98 -107.56 66.93
N PRO KE 138 21.69 -108.56 67.73
CA PRO KE 138 22.75 -109.46 68.19
C PRO KE 138 23.01 -110.64 67.28
N ARG KE 139 22.55 -110.58 66.04
CA ARG KE 139 22.91 -111.61 65.07
C ARG KE 139 24.35 -111.40 64.65
N LEU KE 140 25.16 -112.45 64.80
CA LEU KE 140 26.59 -112.35 64.55
C LEU KE 140 26.86 -112.37 63.06
N ASN KE 141 27.74 -111.49 62.62
CA ASN KE 141 28.00 -111.32 61.19
C ASN KE 141 28.92 -112.43 60.73
N GLU KE 142 28.32 -113.56 60.34
CA GLU KE 142 29.11 -114.73 60.01
C GLU KE 142 29.72 -114.69 58.62
N ILE KE 143 29.45 -113.66 57.82
CA ILE KE 143 30.28 -113.42 56.64
C ILE KE 143 31.64 -112.92 57.10
N CYS KE 144 31.70 -112.12 58.16
CA CYS KE 144 32.96 -111.78 58.78
C CYS KE 144 33.31 -112.73 59.94
N TYR KE 145 33.27 -114.02 59.66
CA TYR KE 145 33.80 -115.08 60.51
C TYR KE 145 35.31 -115.28 60.75
N PRO KE 146 36.28 -114.99 59.84
CA PRO KE 146 37.67 -115.37 60.17
C PRO KE 146 38.36 -114.45 61.15
N GLY KE 147 37.84 -113.23 61.36
CA GLY KE 147 38.30 -112.44 62.48
C GLY KE 147 37.82 -113.01 63.81
N LEU KE 148 36.64 -113.61 63.82
CA LEU KE 148 36.14 -114.28 65.01
C LEU KE 148 36.90 -115.58 65.29
N ASN KE 149 37.32 -116.26 64.22
CA ASN KE 149 38.23 -117.40 64.38
C ASN KE 149 39.61 -116.97 64.84
N ASN KE 150 40.03 -115.77 64.43
CA ASN KE 150 41.32 -115.27 64.89
C ASN KE 150 41.28 -114.80 66.33
N VAL KE 151 40.13 -114.31 66.81
CA VAL KE 151 40.12 -113.96 68.23
C VAL KE 151 39.94 -115.19 69.11
N ILE KE 152 39.31 -116.26 68.62
CA ILE KE 152 39.29 -117.46 69.46
C ILE KE 152 40.63 -118.19 69.39
N ARG KE 153 41.38 -118.03 68.29
CA ARG KE 153 42.77 -118.44 68.27
C ARG KE 153 43.67 -117.55 69.11
N LEU KE 154 43.26 -116.30 69.37
CA LEU KE 154 44.03 -115.45 70.27
C LEU KE 154 43.83 -115.84 71.71
N LEU KE 155 42.58 -115.95 72.17
CA LEU KE 155 42.36 -116.34 73.56
C LEU KE 155 42.31 -117.86 73.77
N ASN KE 156 42.76 -118.66 72.80
CA ASN KE 156 43.22 -120.00 73.11
C ASN KE 156 44.58 -120.01 73.80
N PHE KE 157 45.36 -118.93 73.68
CA PHE KE 157 46.68 -118.86 74.30
C PHE KE 157 46.63 -118.64 75.81
N TYR KE 158 45.50 -118.20 76.34
CA TYR KE 158 45.43 -117.72 77.72
C TYR KE 158 44.37 -118.53 78.46
N PRO KE 159 44.67 -119.78 78.80
CA PRO KE 159 43.61 -120.69 79.25
C PRO KE 159 43.27 -120.62 80.72
N GLN KE 160 43.74 -119.61 81.46
CA GLN KE 160 43.39 -119.51 82.87
C GLN KE 160 42.85 -118.14 83.26
N SER KE 161 42.93 -117.15 82.37
CA SER KE 161 42.47 -115.83 82.73
C SER KE 161 40.96 -115.72 82.61
N THR KE 162 40.36 -115.02 83.57
CA THR KE 162 38.97 -114.63 83.45
C THR KE 162 38.80 -113.55 82.41
N ILE KE 163 37.61 -113.47 81.82
CA ILE KE 163 37.36 -112.59 80.70
C ILE KE 163 36.17 -111.70 81.03
N TYR KE 164 36.40 -110.39 81.07
CA TYR KE 164 35.33 -109.41 80.94
C TYR KE 164 35.06 -109.26 79.45
N VAL KE 165 33.80 -109.28 79.05
CA VAL KE 165 33.41 -108.83 77.72
C VAL KE 165 32.27 -107.83 77.91
N ALA KE 166 32.27 -106.77 77.12
CA ALA KE 166 31.45 -105.62 77.37
C ALA KE 166 31.03 -104.98 76.06
N GLY KE 167 29.78 -104.60 76.01
CA GLY KE 167 29.16 -104.13 74.79
C GLY KE 167 28.97 -102.63 74.85
N PHE KE 168 29.21 -101.97 73.73
CA PHE KE 168 29.15 -100.52 73.69
C PHE KE 168 28.35 -100.06 72.50
N THR KE 169 27.92 -98.80 72.58
CA THR KE 169 26.93 -98.22 71.68
C THR KE 169 27.31 -96.79 71.35
N ASP KE 170 26.35 -96.01 70.87
CA ASP KE 170 26.53 -94.58 70.72
C ASP KE 170 25.22 -93.90 71.12
N ASN KE 171 25.08 -92.63 70.77
CA ASN KE 171 24.18 -91.73 71.48
C ASN KE 171 22.73 -91.82 71.05
N VAL KE 172 22.37 -92.65 70.07
CA VAL KE 172 21.00 -92.64 69.57
C VAL KE 172 20.08 -93.44 70.48
N GLY KE 173 18.77 -93.31 70.26
CA GLY KE 173 17.80 -94.18 70.87
C GLY KE 173 17.53 -93.86 72.33
N SER KE 174 16.72 -94.70 72.94
CA SER KE 174 16.51 -94.60 74.37
C SER KE 174 17.71 -95.17 75.11
N ARG KE 175 17.80 -94.79 76.39
CA ARG KE 175 18.82 -95.33 77.28
C ARG KE 175 18.60 -96.81 77.52
N SER KE 176 17.32 -97.21 77.60
CA SER KE 176 16.96 -98.63 77.66
C SER KE 176 17.27 -99.36 76.37
N HIS KE 177 17.18 -98.67 75.22
CA HIS KE 177 17.50 -99.28 73.94
C HIS KE 177 19.01 -99.50 73.81
N LYS KE 178 19.79 -98.55 74.30
CA LYS KE 178 21.25 -98.65 74.30
C LYS KE 178 21.74 -99.72 75.26
N ARG KE 179 21.12 -99.79 76.45
CA ARG KE 179 21.52 -100.76 77.45
C ARG KE 179 21.13 -102.17 77.05
N LYS KE 180 19.95 -102.34 76.45
CA LYS KE 180 19.52 -103.64 75.98
C LYS KE 180 20.27 -104.10 74.75
N LEU KE 181 20.65 -103.17 73.86
CA LEU KE 181 21.34 -103.60 72.64
C LEU KE 181 22.82 -103.87 72.92
N SER KE 182 23.41 -103.13 73.86
CA SER KE 182 24.79 -103.41 74.24
C SER KE 182 24.88 -104.66 75.10
N GLN KE 183 23.85 -104.92 75.93
CA GLN KE 183 23.76 -106.15 76.70
C GLN KE 183 23.54 -107.35 75.81
N ALA KE 184 22.79 -107.16 74.72
CA ALA KE 184 22.52 -108.23 73.76
C ALA KE 184 23.74 -108.59 72.96
N GLN KE 185 24.48 -107.59 72.47
CA GLN KE 185 25.69 -107.84 71.69
C GLN KE 185 26.83 -108.38 72.53
N ALA KE 186 26.94 -107.92 73.79
CA ALA KE 186 27.94 -108.45 74.70
C ALA KE 186 27.63 -109.88 75.11
N GLU KE 187 26.34 -110.19 75.26
CA GLU KE 187 25.93 -111.53 75.62
C GLU KE 187 26.15 -112.49 74.47
N THR KE 188 25.93 -112.05 73.22
CA THR KE 188 26.19 -113.01 72.14
C THR KE 188 27.65 -113.11 71.76
N MET KE 189 28.48 -112.13 72.12
CA MET KE 189 29.92 -112.35 72.00
C MET KE 189 30.44 -113.30 73.08
N MET KE 190 29.82 -113.23 74.25
CA MET KE 190 30.10 -114.17 75.35
C MET KE 190 29.68 -115.59 75.00
N THR KE 191 28.52 -115.75 74.37
CA THR KE 191 28.12 -117.08 73.93
C THR KE 191 28.86 -117.56 72.72
N PHE KE 192 29.44 -116.65 71.93
CA PHE KE 192 30.34 -117.08 70.87
C PHE KE 192 31.59 -117.73 71.44
N LEU KE 193 32.20 -117.07 72.44
CA LEU KE 193 33.41 -117.63 73.06
C LEU KE 193 33.13 -118.88 73.88
N TRP KE 194 31.95 -118.92 74.50
CA TRP KE 194 31.51 -120.12 75.22
C TRP KE 194 31.16 -121.25 74.26
N ALA KE 195 30.64 -120.90 73.08
CA ALA KE 195 30.24 -121.89 72.11
C ALA KE 195 31.39 -122.42 71.29
N ASN KE 196 32.56 -121.78 71.32
CA ASN KE 196 33.73 -122.52 70.87
C ASN KE 196 34.82 -122.60 71.93
N GLY KE 197 34.45 -122.73 73.18
CA GLY KE 197 35.24 -123.52 74.10
C GLY KE 197 36.00 -122.80 75.17
N ILE KE 198 35.44 -121.76 75.74
CA ILE KE 198 35.92 -121.22 77.00
C ILE KE 198 34.90 -121.68 78.03
N ALA KE 199 35.33 -121.85 79.28
CA ALA KE 199 34.43 -122.25 80.33
C ALA KE 199 33.47 -121.13 80.71
N ALA KE 200 32.35 -121.50 81.31
CA ALA KE 200 31.27 -120.57 81.54
C ALA KE 200 31.53 -119.61 82.68
N LYS KE 201 32.48 -119.91 83.55
CA LYS KE 201 32.78 -119.04 84.68
C LYS KE 201 34.01 -118.18 84.45
N ARG KE 202 34.71 -118.36 83.33
CA ARG KE 202 35.70 -117.37 82.95
C ARG KE 202 35.07 -116.21 82.21
N LEU KE 203 33.88 -116.39 81.66
CA LEU KE 203 33.24 -115.37 80.84
C LEU KE 203 32.25 -114.58 81.67
N LYS KE 204 32.19 -113.27 81.43
CA LYS KE 204 31.28 -112.40 82.16
C LYS KE 204 30.90 -111.25 81.23
N ALA KE 205 29.68 -111.28 80.73
CA ALA KE 205 29.22 -110.26 79.80
C ALA KE 205 28.59 -109.11 80.55
N GLU KE 206 28.78 -107.91 80.02
CA GLU KE 206 28.11 -106.73 80.52
C GLU KE 206 27.95 -105.75 79.37
N GLY KE 207 26.76 -105.17 79.24
CA GLY KE 207 26.61 -104.16 78.22
C GLY KE 207 26.37 -102.79 78.80
N TYR KE 208 27.22 -101.83 78.46
CA TYR KE 208 27.07 -100.46 78.89
C TYR KE 208 26.49 -99.66 77.74
N GLY KE 209 25.43 -98.93 78.01
CA GLY KE 209 24.80 -98.14 76.98
C GLY KE 209 25.51 -96.82 76.78
N ASP KE 210 26.63 -96.86 76.04
CA ASP KE 210 27.55 -95.80 75.63
C ASP KE 210 28.35 -95.19 76.78
N LYS KE 211 28.28 -95.73 78.00
CA LYS KE 211 28.75 -95.00 79.18
C LYS KE 211 30.25 -95.09 79.42
N ASN KE 212 31.08 -95.40 78.44
CA ASN KE 212 32.51 -95.27 78.66
C ASN KE 212 33.21 -94.48 77.58
N ALA KE 213 32.71 -94.56 76.34
CA ALA KE 213 32.75 -93.51 75.32
C ALA KE 213 34.16 -93.16 74.87
N ILE KE 214 34.81 -94.10 74.17
CA ILE KE 214 36.23 -93.93 73.84
C ILE KE 214 36.50 -92.94 72.72
N SER KE 215 35.46 -92.47 72.02
CA SER KE 215 35.54 -91.20 71.33
C SER KE 215 34.27 -90.44 71.66
N ASP KE 216 34.07 -89.32 70.99
CA ASP KE 216 32.83 -88.57 71.13
C ASP KE 216 31.71 -89.20 70.33
N ASN KE 217 30.52 -88.66 70.50
CA ASN KE 217 29.39 -89.05 69.69
C ASN KE 217 28.82 -87.91 68.90
N ALA KE 218 29.46 -86.75 68.96
CA ALA KE 218 29.03 -85.61 68.17
C ALA KE 218 29.47 -85.70 66.73
N ILE KE 219 30.38 -86.60 66.40
CA ILE KE 219 30.93 -86.68 65.06
C ILE KE 219 30.75 -88.12 64.57
N ILE KE 220 30.82 -88.28 63.25
CA ILE KE 220 30.34 -89.48 62.59
C ILE KE 220 31.32 -90.62 62.76
N HIS KE 221 32.59 -90.35 62.47
CA HIS KE 221 33.63 -91.35 62.60
C HIS KE 221 33.96 -91.65 64.05
N GLY KE 222 33.73 -90.69 64.93
CA GLY KE 222 33.87 -90.94 66.33
C GLY KE 222 32.73 -91.76 66.92
N SER KE 223 31.54 -91.63 66.38
CA SER KE 223 30.44 -92.48 66.83
C SER KE 223 30.59 -93.91 66.32
N ALA KE 224 31.18 -94.04 65.11
CA ALA KE 224 31.56 -95.35 64.61
C ALA KE 224 32.67 -95.98 65.45
N GLN KE 225 33.58 -95.16 65.98
CA GLN KE 225 34.55 -95.65 66.94
C GLN KE 225 33.95 -95.97 68.30
N ASN KE 226 32.83 -95.36 68.64
CA ASN KE 226 32.19 -95.69 69.91
C ASN KE 226 31.45 -97.02 69.87
N ARG KE 227 30.89 -97.38 68.72
CA ARG KE 227 30.20 -98.67 68.59
C ARG KE 227 31.21 -99.83 68.56
N ARG KE 228 31.37 -100.53 69.68
CA ARG KE 228 32.46 -101.52 69.80
C ARG KE 228 32.12 -102.58 70.83
N ILE KE 229 32.95 -103.63 70.87
CA ILE KE 229 32.94 -104.64 71.92
C ILE KE 229 34.33 -104.66 72.55
N GLU KE 230 34.40 -104.45 73.85
CA GLU KE 230 35.65 -104.58 74.60
C GLU KE 230 35.75 -105.98 75.16
N ILE KE 231 36.89 -106.62 74.96
CA ILE KE 231 37.23 -107.88 75.61
C ILE KE 231 38.48 -107.65 76.44
N GLN KE 232 38.32 -107.64 77.75
CA GLN KE 232 39.42 -107.51 78.68
C GLN KE 232 39.71 -108.87 79.28
N TRP KE 233 40.97 -109.29 79.27
CA TRP KE 233 41.36 -110.44 80.07
C TRP KE 233 42.73 -110.17 80.66
N PHE KE 234 43.17 -111.09 81.51
CA PHE KE 234 44.36 -110.89 82.31
C PHE KE 234 45.48 -111.83 81.90
N ARG LE 99 94.77 -71.77 82.55
CA ARG LE 99 93.68 -72.18 81.67
C ARG LE 99 92.49 -72.66 82.48
N ASP LE 100 92.71 -72.84 83.78
CA ASP LE 100 91.66 -73.17 84.73
C ASP LE 100 91.61 -72.21 85.90
N SER LE 101 92.07 -70.98 85.71
CA SER LE 101 92.26 -70.04 86.79
C SER LE 101 91.17 -68.98 86.82
N LYS LE 102 91.40 -67.97 87.66
CA LYS LE 102 90.38 -66.98 87.98
C LYS LE 102 90.14 -66.01 86.84
N ARG LE 103 91.17 -65.70 86.06
CA ARG LE 103 91.04 -64.80 84.92
C ARG LE 103 90.28 -65.47 83.78
N LYS LE 104 90.52 -66.78 83.60
CA LYS LE 104 89.81 -67.56 82.60
C LYS LE 104 88.35 -67.75 82.97
N ILE LE 105 88.06 -67.94 84.26
CA ILE LE 105 86.66 -68.14 84.61
C ILE LE 105 85.90 -66.82 84.76
N ILE LE 106 86.57 -65.68 85.00
CA ILE LE 106 85.80 -64.43 84.88
C ILE LE 106 85.63 -64.02 83.43
N ARG LE 107 86.51 -64.45 82.52
CA ARG LE 107 86.28 -64.15 81.10
C ARG LE 107 85.18 -65.03 80.53
N ASP LE 108 85.13 -66.29 80.96
CA ASP LE 108 84.03 -67.14 80.57
C ASP LE 108 82.74 -66.83 81.31
N LEU LE 109 82.81 -66.22 82.49
CA LEU LE 109 81.61 -65.70 83.15
C LEU LE 109 81.07 -64.46 82.47
N GLN LE 110 81.97 -63.63 81.94
CA GLN LE 110 81.60 -62.49 81.11
C GLN LE 110 80.92 -62.95 79.82
N LYS LE 111 81.43 -64.02 79.22
CA LYS LE 111 80.75 -64.61 78.06
C LYS LE 111 79.48 -65.35 78.44
N GLN LE 112 79.40 -65.85 79.67
CA GLN LE 112 78.18 -66.43 80.23
C GLN LE 112 77.40 -65.44 81.06
N ASP LE 113 77.44 -64.15 80.68
CA ASP LE 113 76.33 -63.20 80.85
C ASP LE 113 76.24 -62.73 82.30
N ILE LE 114 77.31 -62.86 83.06
CA ILE LE 114 77.35 -62.48 84.47
C ILE LE 114 78.46 -61.47 84.65
N GLN LE 115 78.15 -60.32 85.23
CA GLN LE 115 79.15 -59.29 85.44
C GLN LE 115 79.88 -59.53 86.75
N TYR LE 116 81.15 -59.12 86.79
CA TYR LE 116 81.99 -59.29 87.97
C TYR LE 116 82.75 -58.00 88.20
N VAL LE 117 82.76 -57.50 89.43
CA VAL LE 117 83.51 -56.31 89.77
C VAL LE 117 84.36 -56.55 91.01
N GLU LE 118 85.65 -56.21 90.90
CA GLU LE 118 86.60 -56.18 92.00
C GLU LE 118 86.67 -54.78 92.55
N TYR LE 119 86.65 -54.65 93.88
CA TYR LE 119 86.79 -53.32 94.45
C TYR LE 119 87.51 -53.40 95.79
N GLY LE 120 88.84 -53.30 95.75
CA GLY LE 120 89.64 -53.40 96.96
C GLY LE 120 89.58 -54.80 97.53
N ASP LE 121 88.85 -54.95 98.62
CA ASP LE 121 88.50 -56.27 99.10
C ASP LE 121 87.09 -56.68 98.69
N THR LE 122 86.25 -55.74 98.28
CA THR LE 122 84.86 -56.06 97.98
C THR LE 122 84.75 -56.63 96.57
N ARG LE 123 84.27 -57.86 96.47
CA ARG LE 123 84.04 -58.47 95.17
C ARG LE 123 82.57 -58.77 95.01
N THR LE 124 82.04 -58.50 93.83
CA THR LE 124 80.61 -58.58 93.60
C THR LE 124 80.33 -59.20 92.25
N LEU LE 125 79.56 -60.28 92.26
CA LEU LE 125 78.94 -60.77 91.04
C LEU LE 125 77.57 -60.16 90.87
N ILE LE 126 77.22 -59.84 89.64
CA ILE LE 126 75.88 -59.45 89.27
C ILE LE 126 75.36 -60.49 88.30
N ILE LE 127 74.32 -61.20 88.72
CA ILE LE 127 73.75 -62.31 87.97
C ILE LE 127 72.32 -61.92 87.59
N PRO LE 128 71.99 -61.81 86.31
CA PRO LE 128 70.66 -61.32 85.94
C PRO LE 128 69.60 -62.40 86.07
N THR LE 129 68.49 -62.04 86.73
CA THR LE 129 67.42 -62.98 87.02
C THR LE 129 66.62 -63.33 85.79
N ASP LE 130 66.64 -62.46 84.79
CA ASP LE 130 65.91 -62.58 83.54
C ASP LE 130 66.38 -63.75 82.70
N LYS LE 131 67.68 -63.98 82.63
CA LYS LE 131 68.20 -65.18 82.00
C LYS LE 131 68.45 -66.29 82.98
N TYR LE 132 68.82 -65.98 84.23
CA TYR LE 132 69.30 -67.03 85.13
C TYR LE 132 68.21 -67.48 86.09
N PHE LE 133 66.96 -67.17 85.78
CA PHE LE 133 65.84 -67.60 86.60
C PHE LE 133 64.64 -67.75 85.71
N MET LE 134 63.75 -68.64 86.09
CA MET LE 134 62.51 -68.76 85.34
C MET LE 134 61.58 -67.65 85.78
N PHE LE 135 60.61 -67.34 84.92
CA PHE LE 135 59.99 -66.02 84.91
C PHE LE 135 59.00 -65.85 86.06
N SER LE 136 59.29 -64.83 86.88
CA SER LE 136 58.58 -64.47 88.12
C SER LE 136 58.47 -65.64 89.08
N SER LE 137 59.58 -66.36 89.21
CA SER LE 137 59.62 -67.55 90.04
C SER LE 137 60.93 -67.55 90.78
N PRO LE 138 61.03 -68.28 91.87
CA PRO LE 138 62.34 -68.62 92.41
C PRO LE 138 62.87 -69.93 91.85
N ARG LE 139 62.26 -70.46 90.80
CA ARG LE 139 62.78 -71.66 90.17
C ARG LE 139 64.00 -71.28 89.34
N LEU LE 140 65.11 -71.94 89.63
CA LEU LE 140 66.38 -71.66 88.96
C LEU LE 140 66.34 -72.14 87.54
N ASN LE 141 66.78 -71.30 86.62
CA ASN LE 141 66.82 -71.67 85.21
C ASN LE 141 68.02 -72.58 85.04
N GLU LE 142 67.78 -73.88 85.14
CA GLU LE 142 68.87 -74.84 85.07
C GLU LE 142 69.29 -75.18 83.66
N ILE LE 143 68.69 -74.59 82.63
CA ILE LE 143 69.22 -74.67 81.28
C ILE LE 143 70.52 -73.85 81.20
N CYS LE 144 70.62 -72.75 81.92
CA CYS LE 144 71.92 -72.11 82.09
C CYS LE 144 72.54 -72.50 83.43
N TYR LE 145 72.65 -73.80 83.63
CA TYR LE 145 73.55 -74.35 84.64
C TYR LE 145 75.04 -73.97 84.62
N PRO LE 146 75.79 -73.82 83.48
CA PRO LE 146 77.24 -73.70 83.64
C PRO LE 146 77.72 -72.33 84.08
N GLY LE 147 76.89 -71.29 83.99
CA GLY LE 147 77.19 -70.05 84.68
C GLY LE 147 77.08 -70.18 86.18
N LEU LE 148 76.16 -71.01 86.66
CA LEU LE 148 76.04 -71.26 88.09
C LEU LE 148 77.16 -72.15 88.60
N ASN LE 149 77.62 -73.08 87.76
CA ASN LE 149 78.82 -73.86 88.07
C ASN LE 149 80.06 -72.99 88.02
N ASN LE 150 80.06 -71.96 87.18
CA ASN LE 150 81.18 -71.04 87.13
C ASN LE 150 81.21 -70.10 88.32
N VAL LE 151 80.05 -69.73 88.88
CA VAL LE 151 80.15 -68.88 90.07
C VAL LE 151 80.44 -69.69 91.32
N ILE LE 152 80.09 -70.99 91.35
CA ILE LE 152 80.53 -71.77 92.51
C ILE LE 152 82.01 -72.15 92.35
N ARG LE 153 82.51 -72.27 91.12
CA ARG LE 153 83.95 -72.38 90.88
C ARG LE 153 84.68 -71.08 91.12
N LEU LE 154 83.99 -69.95 91.04
CA LEU LE 154 84.61 -68.68 91.36
C LEU LE 154 84.79 -68.51 92.86
N LEU LE 155 83.71 -68.62 93.63
CA LEU LE 155 83.87 -68.43 95.07
C LEU LE 155 84.18 -69.72 95.84
N ASN LE 156 84.70 -70.76 95.16
CA ASN LE 156 85.59 -71.69 95.83
C ASN LE 156 86.91 -71.05 96.23
N PHE LE 157 87.37 -70.02 95.51
CA PHE LE 157 88.69 -69.42 95.73
C PHE LE 157 88.78 -68.59 97.00
N TYR LE 158 87.67 -68.18 97.59
CA TYR LE 158 87.66 -67.25 98.71
C TYR LE 158 86.97 -67.89 99.90
N PRO LE 159 87.55 -68.94 100.48
CA PRO LE 159 86.78 -69.81 101.37
C PRO LE 159 86.66 -69.35 102.82
N GLN LE 160 87.03 -68.12 103.15
CA GLN LE 160 86.90 -67.64 104.50
C GLN LE 160 86.04 -66.39 104.62
N SER LE 161 85.68 -65.77 103.51
CA SER LE 161 84.91 -64.55 103.57
C SER LE 161 83.42 -64.84 103.70
N THR LE 162 82.74 -63.99 104.46
CA THR LE 162 81.29 -64.04 104.51
C THR LE 162 80.70 -63.48 103.22
N ILE LE 163 79.48 -63.92 102.91
CA ILE LE 163 78.84 -63.59 101.64
C ILE LE 163 77.50 -62.93 101.93
N TYR LE 164 77.36 -61.67 101.52
CA TYR LE 164 76.07 -61.05 101.33
C TYR LE 164 75.56 -61.48 99.97
N VAL LE 165 74.29 -61.86 99.89
CA VAL LE 165 73.65 -62.08 98.61
C VAL LE 165 72.29 -61.39 98.67
N ALA LE 166 71.96 -60.64 97.63
CA ALA LE 166 70.82 -59.74 97.62
C ALA LE 166 70.11 -59.84 96.29
N GLY LE 167 68.81 -59.79 96.34
CA GLY LE 167 67.97 -59.94 95.16
C GLY LE 167 67.28 -58.64 94.82
N PHE LE 168 67.09 -58.40 93.54
CA PHE LE 168 66.59 -57.11 93.09
C PHE LE 168 65.53 -57.29 92.03
N THR LE 169 64.75 -56.23 91.84
CA THR LE 169 63.56 -56.26 91.00
C THR LE 169 63.57 -55.08 90.05
N ASP LE 170 62.44 -54.84 89.40
CA ASP LE 170 62.19 -53.56 88.76
C ASP LE 170 60.84 -53.09 89.27
N ASN LE 171 60.33 -52.01 88.71
CA ASN LE 171 59.32 -51.19 89.37
C ASN LE 171 57.91 -51.72 89.28
N VAL LE 172 57.64 -52.83 88.59
CA VAL LE 172 56.26 -53.26 88.40
C VAL LE 172 55.77 -54.01 89.63
N GLY LE 173 54.47 -54.21 89.73
CA GLY LE 173 53.91 -55.02 90.79
C GLY LE 173 53.75 -54.27 92.09
N SER LE 174 53.25 -55.00 93.08
CA SER LE 174 53.16 -54.47 94.42
C SER LE 174 54.53 -54.47 95.07
N ARG LE 175 54.66 -53.62 96.08
CA ARG LE 175 55.89 -53.51 96.87
C ARG LE 175 56.15 -54.78 97.67
N SER LE 176 55.08 -55.39 98.16
CA SER LE 176 55.18 -56.69 98.83
C SER LE 176 55.52 -57.80 97.86
N HIS LE 177 55.06 -57.69 96.61
CA HIS LE 177 55.39 -58.68 95.59
C HIS LE 177 56.86 -58.60 95.18
N LYS LE 178 57.37 -57.37 95.05
CA LYS LE 178 58.76 -57.12 94.72
C LYS LE 178 59.69 -57.57 95.83
N ARG LE 179 59.27 -57.31 97.08
CA ARG LE 179 60.04 -57.70 98.25
C ARG LE 179 60.06 -59.21 98.44
N LYS LE 180 58.91 -59.86 98.24
CA LYS LE 180 58.81 -61.30 98.40
C LYS LE 180 59.49 -62.07 97.28
N LEU LE 181 59.45 -61.53 96.06
CA LEU LE 181 60.05 -62.24 94.94
C LEU LE 181 61.57 -62.07 94.91
N SER LE 182 62.05 -60.87 95.27
CA SER LE 182 63.50 -60.68 95.39
C SER LE 182 64.06 -61.39 96.61
N GLN LE 183 63.24 -61.52 97.68
CA GLN LE 183 63.58 -62.32 98.84
C GLN LE 183 63.69 -63.79 98.50
N ALA LE 184 62.77 -64.29 97.68
CA ALA LE 184 62.76 -65.71 97.34
C ALA LE 184 63.86 -66.05 96.35
N GLN LE 185 64.20 -65.12 95.46
CA GLN LE 185 65.27 -65.36 94.52
C GLN LE 185 66.65 -65.24 95.18
N ALA LE 186 66.80 -64.33 96.13
CA ALA LE 186 68.05 -64.26 96.88
C ALA LE 186 68.20 -65.43 97.83
N GLU LE 187 67.07 -65.94 98.33
CA GLU LE 187 67.06 -67.11 99.16
C GLU LE 187 67.43 -68.35 98.37
N THR LE 188 66.96 -68.48 97.13
CA THR LE 188 67.31 -69.69 96.41
C THR LE 188 68.69 -69.61 95.78
N MET LE 189 69.25 -68.42 95.60
CA MET LE 189 70.67 -68.35 95.24
C MET LE 189 71.55 -68.66 96.45
N MET LE 190 71.07 -68.29 97.65
CA MET LE 190 71.75 -68.63 98.89
C MET LE 190 71.73 -70.13 99.16
N THR LE 191 70.61 -70.80 98.90
CA THR LE 191 70.58 -72.24 99.06
C THR LE 191 71.28 -72.97 97.95
N PHE LE 192 71.45 -72.35 96.77
CA PHE LE 192 72.31 -72.94 95.77
C PHE LE 192 73.76 -72.94 96.21
N LEU LE 193 74.21 -71.84 96.84
CA LEU LE 193 75.57 -71.81 97.36
C LEU LE 193 75.75 -72.71 98.57
N TRP LE 194 74.71 -72.86 99.39
CA TRP LE 194 74.77 -73.75 100.54
C TRP LE 194 74.71 -75.20 100.12
N ALA LE 195 73.93 -75.51 99.11
CA ALA LE 195 73.81 -76.87 98.60
C ALA LE 195 74.95 -77.24 97.67
N ASN LE 196 75.71 -76.27 97.19
CA ASN LE 196 76.89 -76.58 96.42
C ASN LE 196 78.16 -76.38 97.24
N GLY LE 197 78.02 -76.07 98.52
CA GLY LE 197 79.11 -76.27 99.43
C GLY LE 197 79.74 -75.04 100.03
N ILE LE 198 78.97 -74.01 100.33
CA ILE LE 198 79.42 -72.92 101.18
C ILE LE 198 78.71 -73.11 102.51
N ALA LE 199 79.42 -72.86 103.61
CA ALA LE 199 78.88 -73.02 104.94
C ALA LE 199 77.80 -71.98 105.22
N ALA LE 200 76.83 -72.37 106.04
CA ALA LE 200 75.58 -71.64 106.11
C ALA LE 200 75.61 -70.44 107.03
N LYS LE 201 76.75 -70.14 107.65
CA LYS LE 201 76.85 -68.94 108.47
C LYS LE 201 77.75 -67.89 107.85
N ARG LE 202 78.43 -68.21 106.76
CA ARG LE 202 79.01 -67.15 105.94
C ARG LE 202 77.98 -66.55 105.01
N LEU LE 203 76.89 -67.26 104.74
CA LEU LE 203 75.89 -66.82 103.79
C LEU LE 203 74.80 -66.03 104.51
N LYS LE 204 74.33 -64.98 103.86
CA LYS LE 204 73.19 -64.23 104.36
C LYS LE 204 72.45 -63.66 103.15
N ALA LE 205 71.16 -63.92 103.08
CA ALA LE 205 70.37 -63.54 101.93
C ALA LE 205 69.41 -62.42 102.27
N GLU LE 206 69.19 -61.54 101.31
CA GLU LE 206 68.33 -60.38 101.53
C GLU LE 206 67.75 -59.95 100.20
N GLY LE 207 66.44 -59.77 100.17
CA GLY LE 207 65.81 -59.27 98.97
C GLY LE 207 65.38 -57.84 99.15
N TYR LE 208 65.86 -56.97 98.27
CA TYR LE 208 65.42 -55.59 98.25
C TYR LE 208 64.47 -55.42 97.07
N GLY LE 209 63.32 -54.82 97.32
CA GLY LE 209 62.37 -54.55 96.28
C GLY LE 209 62.75 -53.30 95.52
N ASP LE 210 63.71 -53.44 94.60
CA ASP LE 210 64.30 -52.45 93.69
C ASP LE 210 64.91 -51.22 94.37
N LYS LE 211 65.21 -51.27 95.66
CA LYS LE 211 65.49 -50.07 96.43
C LYS LE 211 66.93 -49.58 96.29
N ASN LE 212 67.78 -50.27 95.56
CA ASN LE 212 69.12 -49.73 95.34
C ASN LE 212 69.29 -49.20 93.93
N ALA LE 213 68.64 -49.86 92.95
CA ALA LE 213 68.21 -49.32 91.66
C ALA LE 213 69.38 -48.84 90.79
N ILE LE 214 70.16 -49.81 90.29
CA ILE LE 214 71.40 -49.47 89.59
C ILE LE 214 71.22 -49.00 88.16
N SER LE 215 69.99 -48.96 87.66
CA SER LE 215 69.67 -48.08 86.56
C SER LE 215 68.32 -47.45 86.88
N ASP LE 216 67.79 -46.67 85.95
CA ASP LE 216 66.44 -46.19 86.09
C ASP LE 216 65.47 -47.31 85.72
N ASN LE 217 64.23 -47.18 86.16
CA ASN LE 217 63.22 -48.17 85.87
C ASN LE 217 62.20 -47.67 84.88
N ALA LE 218 62.39 -46.48 84.35
CA ALA LE 218 61.40 -45.89 83.47
C ALA LE 218 61.58 -46.29 82.02
N ILE LE 219 62.52 -47.17 81.72
CA ILE LE 219 62.80 -47.55 80.35
C ILE LE 219 63.25 -49.01 80.38
N ILE LE 220 63.21 -49.64 79.21
CA ILE LE 220 63.10 -51.09 79.09
C ILE LE 220 64.42 -51.77 79.41
N HIS LE 221 65.50 -51.30 78.78
CA HIS LE 221 66.81 -51.88 78.99
C HIS LE 221 67.39 -51.52 80.34
N GLY LE 222 66.98 -50.38 80.89
CA GLY LE 222 67.38 -50.03 82.23
C GLY LE 222 66.67 -50.83 83.30
N SER LE 223 65.41 -51.21 83.06
CA SER LE 223 64.74 -52.07 84.01
C SER LE 223 65.22 -53.50 83.91
N ALA LE 224 65.64 -53.91 82.71
CA ALA LE 224 66.28 -55.20 82.52
C ALA LE 224 67.62 -55.27 83.21
N GLN LE 225 68.35 -54.16 83.24
CA GLN LE 225 69.54 -54.08 84.04
C GLN LE 225 69.25 -53.97 85.53
N ASN LE 226 68.06 -53.51 85.91
CA ASN LE 226 67.72 -53.44 87.32
C ASN LE 226 67.43 -54.79 87.92
N ARG LE 227 66.84 -55.70 87.14
CA ARG LE 227 66.56 -57.06 87.63
C ARG LE 227 67.86 -57.86 87.75
N ARG LE 228 68.34 -58.06 88.98
CA ARG LE 228 69.67 -58.64 89.17
C ARG LE 228 69.80 -59.34 90.52
N ILE LE 229 70.90 -60.07 90.66
CA ILE LE 229 71.38 -60.63 91.92
C ILE LE 229 72.74 -60.02 92.21
N GLU LE 230 72.86 -59.32 93.34
CA GLU LE 230 74.13 -58.84 93.85
C GLU LE 230 74.71 -59.91 94.77
N ILE LE 231 75.95 -60.29 94.56
CA ILE LE 231 76.68 -61.17 95.47
C ILE LE 231 77.93 -60.42 95.89
N GLN LE 232 77.96 -59.99 97.14
CA GLN LE 232 79.10 -59.27 97.72
C GLN LE 232 79.82 -60.20 98.67
N TRP LE 233 81.15 -60.23 98.57
CA TRP LE 233 81.97 -60.89 99.58
C TRP LE 233 83.31 -60.18 99.69
N PHE LE 234 84.15 -60.69 100.58
CA PHE LE 234 85.38 -60.01 100.95
C PHE LE 234 86.62 -60.81 100.58
N ARG ME 99 121.56 -13.04 77.57
CA ARG ME 99 120.48 -13.94 77.20
C ARG ME 99 119.63 -14.29 78.42
N ASP ME 100 120.09 -13.87 79.59
CA ASP ME 100 119.35 -14.01 80.83
C ASP ME 100 119.21 -12.69 81.56
N SER ME 101 119.24 -11.57 80.85
CA SER ME 101 119.28 -10.26 81.44
C SER ME 101 117.93 -9.57 81.33
N LYS ME 102 117.92 -8.28 81.69
CA LYS ME 102 116.69 -7.53 81.86
C LYS ME 102 116.02 -7.21 80.54
N ARG ME 103 116.81 -6.99 79.49
CA ARG ME 103 116.28 -6.70 78.16
C ARG ME 103 115.60 -7.92 77.55
N LYS ME 104 116.18 -9.10 77.79
CA LYS ME 104 115.61 -10.36 77.32
C LYS ME 104 114.34 -10.71 78.09
N ILE ME 105 114.34 -10.47 79.41
CA ILE ME 105 113.16 -10.87 80.15
C ILE ME 105 112.02 -9.88 80.01
N ILE ME 106 112.28 -8.60 79.73
CA ILE ME 106 111.15 -7.75 79.37
C ILE ME 106 110.75 -7.93 77.91
N ARG ME 107 111.62 -8.49 77.06
CA ARG ME 107 111.21 -8.73 75.68
C ARG ME 107 110.28 -9.93 75.57
N ASP ME 108 110.55 -11.00 76.32
CA ASP ME 108 109.50 -12.04 76.33
C ASP ME 108 108.42 -11.79 77.37
N LEU ME 109 108.57 -10.79 78.26
CA LEU ME 109 107.41 -10.31 79.00
C LEU ME 109 106.46 -9.56 78.10
N GLN ME 110 107.00 -8.83 77.13
CA GLN ME 110 106.21 -8.21 76.09
C GLN ME 110 105.56 -9.27 75.20
N LYS ME 111 106.28 -10.36 74.92
CA LYS ME 111 105.67 -11.48 74.18
C LYS ME 111 104.65 -12.26 75.01
N GLN ME 112 104.75 -12.25 76.33
CA GLN ME 112 103.72 -12.78 77.21
C GLN ME 112 102.74 -11.71 77.65
N ASP ME 113 102.77 -10.54 77.00
CA ASP ME 113 101.77 -9.45 77.00
C ASP ME 113 101.54 -8.81 78.36
N ILE ME 114 102.48 -8.94 79.27
CA ILE ME 114 102.55 -8.07 80.44
C ILE ME 114 103.35 -6.85 80.04
N GLN ME 115 102.78 -5.67 80.23
CA GLN ME 115 103.46 -4.45 79.84
C GLN ME 115 104.39 -3.99 80.93
N TYR ME 116 105.41 -3.22 80.55
CA TYR ME 116 106.42 -2.75 81.47
C TYR ME 116 106.87 -1.37 81.03
N VAL ME 117 106.67 -0.35 81.85
CA VAL ME 117 107.24 0.95 81.53
C VAL ME 117 108.25 1.34 82.61
N GLU ME 118 109.32 1.95 82.15
CA GLU ME 118 110.32 2.61 82.96
C GLU ME 118 109.96 4.07 83.05
N TYR ME 119 109.97 4.63 84.26
CA TYR ME 119 109.82 6.07 84.35
C TYR ME 119 110.69 6.62 85.47
N GLY ME 120 111.90 7.04 85.10
CA GLY ME 120 112.85 7.65 86.01
C GLY ME 120 113.36 6.67 87.04
N ASP ME 121 112.99 6.89 88.30
CA ASP ME 121 113.25 5.88 89.29
C ASP ME 121 112.10 4.90 89.44
N THR ME 122 110.89 5.27 89.02
CA THR ME 122 109.75 4.38 89.13
C THR ME 122 109.73 3.41 87.96
N ARG ME 123 109.36 2.18 88.24
CA ARG ME 123 109.10 1.19 87.22
C ARG ME 123 107.76 0.56 87.52
N THR ME 124 106.91 0.45 86.51
CA THR ME 124 105.64 -0.22 86.74
C THR ME 124 105.39 -1.29 85.68
N LEU ME 125 105.01 -2.46 86.18
CA LEU ME 125 104.48 -3.54 85.38
C LEU ME 125 102.97 -3.43 85.36
N ILE ME 126 102.38 -3.78 84.23
CA ILE ME 126 100.94 -3.81 84.08
C ILE ME 126 100.58 -5.21 83.65
N ILE ME 127 99.85 -5.91 84.50
CA ILE ME 127 99.53 -7.32 84.30
C ILE ME 127 98.03 -7.41 84.06
N PRO ME 128 97.58 -7.83 82.87
CA PRO ME 128 96.14 -7.90 82.61
C PRO ME 128 95.50 -9.08 83.30
N THR ME 129 94.39 -8.81 83.99
CA THR ME 129 93.71 -9.82 84.77
C THR ME 129 92.89 -10.75 83.88
N ASP ME 130 92.57 -10.29 82.68
CA ASP ME 130 91.84 -11.06 81.69
C ASP ME 130 92.63 -12.24 81.17
N LYS ME 131 93.95 -12.13 81.10
CA LYS ME 131 94.78 -13.26 80.72
C LYS ME 131 95.57 -13.83 81.89
N TYR ME 132 95.63 -13.14 83.03
CA TYR ME 132 96.45 -13.62 84.12
C TYR ME 132 95.65 -13.82 85.39
N PHE ME 133 94.34 -13.94 85.28
CA PHE ME 133 93.51 -14.29 86.41
C PHE ME 133 92.33 -15.08 85.90
N MET ME 134 91.81 -15.94 86.75
CA MET ME 134 90.56 -16.60 86.43
C MET ME 134 89.44 -15.60 86.63
N PHE ME 135 88.33 -15.86 85.95
CA PHE ME 135 87.36 -14.82 85.64
C PHE ME 135 86.53 -14.42 86.86
N SER ME 136 86.56 -13.12 87.15
CA SER ME 136 85.89 -12.44 88.27
C SER ME 136 86.22 -13.07 89.61
N SER ME 137 87.49 -13.40 89.78
CA SER ME 137 87.92 -14.26 90.85
C SER ME 137 89.31 -13.82 91.30
N PRO ME 138 89.64 -14.06 92.53
CA PRO ME 138 91.03 -13.87 92.94
C PRO ME 138 91.85 -15.14 92.86
N ARG ME 139 91.34 -16.21 92.24
CA ARG ME 139 92.20 -17.36 92.04
C ARG ME 139 93.04 -17.12 90.79
N LEU ME 140 94.33 -17.43 90.90
CA LEU ME 140 95.31 -17.05 89.90
C LEU ME 140 95.20 -17.96 88.69
N ASN ME 141 95.32 -17.40 87.49
CA ASN ME 141 95.34 -18.24 86.30
C ASN ME 141 96.73 -18.81 86.20
N GLU ME 142 96.90 -20.02 86.71
CA GLU ME 142 98.20 -20.65 86.71
C GLU ME 142 98.55 -21.35 85.41
N ILE ME 143 97.72 -21.24 84.36
CA ILE ME 143 98.20 -21.69 83.05
C ILE ME 143 99.05 -20.60 82.42
N CYS ME 144 98.93 -19.36 82.87
CA CYS ME 144 99.90 -18.32 82.52
C CYS ME 144 100.91 -18.14 83.64
N TYR ME 145 101.43 -19.26 84.13
CA TYR ME 145 102.59 -19.21 85.01
C TYR ME 145 103.94 -18.71 84.45
N PRO ME 146 104.35 -18.80 83.15
CA PRO ME 146 105.69 -18.29 82.82
C PRO ME 146 105.78 -16.79 82.73
N GLY ME 147 104.66 -16.09 82.56
CA GLY ME 147 104.68 -14.65 82.73
C GLY ME 147 104.86 -14.23 84.18
N LEU ME 148 104.31 -15.01 85.10
CA LEU ME 148 104.49 -14.73 86.52
C LEU ME 148 105.88 -15.11 86.99
N ASN ME 149 106.46 -16.14 86.37
CA ASN ME 149 107.88 -16.45 86.59
C ASN ME 149 108.77 -15.37 86.01
N ASN ME 150 108.36 -14.75 84.91
CA ASN ME 150 109.15 -13.66 84.36
C ASN ME 150 109.02 -12.38 85.16
N VAL ME 151 107.89 -12.15 85.83
CA VAL ME 151 107.83 -10.93 86.64
C VAL ME 151 108.54 -11.12 87.97
N ILE ME 152 108.61 -12.36 88.50
CA ILE ME 152 109.42 -12.53 89.70
C ILE ME 152 110.90 -12.60 89.33
N ARG ME 153 111.23 -12.99 88.10
CA ARG ME 153 112.59 -12.82 87.59
C ARG ME 153 112.91 -11.36 87.30
N LEU ME 154 111.91 -10.52 87.06
CA LEU ME 154 112.16 -9.10 86.87
C LEU ME 154 112.47 -8.42 88.20
N LEU ME 155 111.60 -8.58 89.20
CA LEU ME 155 111.90 -7.94 90.48
C LEU ME 155 112.72 -8.81 91.42
N ASN ME 156 113.41 -9.83 90.92
CA ASN ME 156 114.63 -10.27 91.58
C ASN ME 156 115.78 -9.29 91.39
N PHE ME 157 115.74 -8.45 90.36
CA PHE ME 157 116.82 -7.50 90.10
C PHE ME 157 116.82 -6.31 91.02
N TYR ME 158 115.72 -6.04 91.73
CA TYR ME 158 115.55 -4.79 92.46
C TYR ME 158 115.28 -5.07 93.93
N PRO ME 159 116.29 -5.54 94.67
CA PRO ME 159 116.03 -6.13 95.99
C PRO ME 159 115.98 -5.17 97.16
N GLN ME 160 115.84 -3.88 96.93
CA GLN ME 160 115.77 -2.94 98.04
C GLN ME 160 114.58 -2.01 97.97
N SER ME 161 113.85 -1.98 96.86
CA SER ME 161 112.76 -1.04 96.71
C SER ME 161 111.50 -1.53 97.40
N THR ME 162 110.73 -0.58 97.93
CA THR ME 162 109.37 -0.88 98.34
C THR ME 162 108.49 -0.98 97.10
N ILE ME 163 107.43 -1.76 97.21
CA ILE ME 163 106.61 -2.13 96.07
C ILE ME 163 105.16 -1.78 96.35
N TYR ME 164 104.61 -0.85 95.58
CA TYR ME 164 103.17 -0.65 95.47
C TYR ME 164 102.65 -1.73 94.52
N VAL ME 165 101.66 -2.49 94.97
CA VAL ME 165 100.88 -3.34 94.07
C VAL ME 165 99.44 -2.87 94.19
N ALA ME 166 98.88 -2.41 93.08
CA ALA ME 166 97.52 -1.92 93.03
C ALA ME 166 96.76 -2.71 92.00
N GLY ME 167 95.49 -2.92 92.28
CA GLY ME 167 94.64 -3.74 91.43
C GLY ME 167 93.47 -2.91 90.93
N PHE ME 168 93.03 -3.19 89.71
CA PHE ME 168 92.07 -2.34 89.05
C PHE ME 168 90.99 -3.15 88.37
N THR ME 169 89.92 -2.45 88.00
CA THR ME 169 88.73 -3.04 87.41
C THR ME 169 88.25 -2.18 86.26
N ASP ME 170 87.01 -2.40 85.83
CA ASP ME 170 86.33 -1.48 84.94
C ASP ME 170 85.00 -1.17 85.63
N ASN ME 171 84.08 -0.56 84.90
CA ASN ME 171 82.94 0.09 85.52
C ASN ME 171 81.78 -0.84 85.83
N VAL ME 172 81.91 -2.14 85.62
CA VAL ME 172 80.77 -3.02 85.74
C VAL ME 172 80.64 -3.54 87.17
N GLY ME 173 79.48 -3.38 87.77
CA GLY ME 173 79.21 -3.92 89.08
C GLY ME 173 78.89 -2.85 90.09
N SER ME 174 78.84 -3.26 91.34
CA SER ME 174 78.71 -2.28 92.41
C SER ME 174 80.07 -1.70 92.72
N ARG ME 175 80.07 -0.60 93.47
CA ARG ME 175 81.29 0.04 93.92
C ARG ME 175 82.00 -0.83 94.94
N SER ME 176 81.24 -1.46 95.82
CA SER ME 176 81.77 -2.44 96.76
C SER ME 176 82.27 -3.69 96.08
N HIS ME 177 81.63 -4.08 94.96
CA HIS ME 177 82.06 -5.26 94.21
C HIS ME 177 83.38 -5.01 93.50
N LYS ME 178 83.50 -3.83 92.88
CA LYS ME 178 84.71 -3.43 92.19
C LYS ME 178 85.87 -3.25 93.15
N ARG ME 179 85.60 -2.64 94.30
CA ARG ME 179 86.63 -2.40 95.30
C ARG ME 179 87.08 -3.69 95.97
N LYS ME 180 86.14 -4.61 96.23
CA LYS ME 180 86.49 -5.87 96.86
C LYS ME 180 87.16 -6.83 95.89
N LEU ME 181 86.81 -6.78 94.61
CA LEU ME 181 87.41 -7.67 93.64
C LEU ME 181 88.81 -7.21 93.26
N SER ME 182 89.01 -5.91 93.11
CA SER ME 182 90.35 -5.41 92.83
C SER ME 182 91.23 -5.45 94.07
N GLN ME 183 90.62 -5.36 95.25
CA GLN ME 183 91.33 -5.52 96.52
C GLN ME 183 91.83 -6.94 96.69
N ALA ME 184 91.00 -7.92 96.33
CA ALA ME 184 91.36 -9.31 96.45
C ALA ME 184 92.39 -9.72 95.41
N GLN ME 185 92.30 -9.15 94.20
CA GLN ME 185 93.27 -9.47 93.16
C GLN ME 185 94.63 -8.85 93.41
N ALA ME 186 94.65 -7.63 93.95
CA ALA ME 186 95.91 -7.01 94.35
C ALA ME 186 96.52 -7.71 95.55
N GLU ME 187 95.66 -8.24 96.45
CA GLU ME 187 96.14 -8.98 97.59
C GLU ME 187 96.73 -10.34 97.19
N THR ME 188 96.13 -11.02 96.21
CA THR ME 188 96.72 -12.30 95.85
C THR ME 188 97.92 -12.17 94.94
N MET ME 189 98.08 -11.04 94.23
CA MET ME 189 99.36 -10.80 93.58
C MET ME 189 100.45 -10.43 94.59
N MET ME 190 100.05 -9.74 95.68
CA MET ME 190 100.96 -9.43 96.77
C MET ME 190 101.42 -10.68 97.51
N THR ME 191 100.51 -11.64 97.72
CA THR ME 191 100.91 -12.91 98.31
C THR ME 191 101.71 -13.78 97.39
N PHE ME 192 101.51 -13.65 96.06
CA PHE ME 192 102.35 -14.38 95.13
C PHE ME 192 103.77 -13.87 95.14
N LEU ME 193 103.95 -12.55 95.21
CA LEU ME 193 105.31 -12.00 95.29
C LEU ME 193 105.95 -12.25 96.66
N TRP ME 194 105.15 -12.23 97.73
CA TRP ME 194 105.65 -12.52 99.06
C TRP ME 194 106.03 -13.99 99.22
N ALA ME 195 105.23 -14.87 98.66
CA ALA ME 195 105.51 -16.28 98.68
C ALA ME 195 106.58 -16.70 97.69
N ASN ME 196 106.85 -15.88 96.68
CA ASN ME 196 107.98 -16.17 95.82
C ASN ME 196 109.19 -15.33 96.17
N GLY ME 197 109.16 -14.68 97.32
CA GLY ME 197 110.39 -14.33 97.99
C GLY ME 197 110.72 -12.86 98.09
N ILE ME 198 109.72 -12.01 98.11
CA ILE ME 198 109.91 -10.60 98.43
C ILE ME 198 109.47 -10.44 99.88
N ALA ME 199 110.20 -9.62 100.63
CA ALA ME 199 109.91 -9.38 102.04
C ALA ME 199 108.60 -8.65 102.22
N ALA ME 200 107.92 -8.96 103.33
CA ALA ME 200 106.53 -8.60 103.53
C ALA ME 200 106.32 -7.13 103.85
N LYS ME 201 107.35 -6.39 104.19
CA LYS ME 201 107.21 -4.97 104.41
C LYS ME 201 107.69 -4.15 103.23
N ARG ME 202 108.26 -4.78 102.21
CA ARG ME 202 108.42 -4.10 100.95
C ARG ME 202 107.13 -4.04 100.16
N LEU ME 203 106.20 -4.95 100.44
CA LEU ME 203 104.98 -5.07 99.65
C LEU ME 203 103.84 -4.33 100.34
N LYS ME 204 102.96 -3.77 99.53
CA LYS ME 204 101.78 -3.09 100.02
C LYS ME 204 100.72 -3.19 98.93
N ALA ME 205 99.65 -3.92 99.20
CA ALA ME 205 98.60 -4.09 98.22
C ALA ME 205 97.50 -3.06 98.44
N GLU ME 206 96.91 -2.64 97.33
CA GLU ME 206 95.83 -1.67 97.37
C GLU ME 206 94.96 -1.91 96.15
N GLY ME 207 93.68 -2.05 96.38
CA GLY ME 207 92.81 -2.30 95.25
C GLY ME 207 91.89 -1.13 95.01
N TYR ME 208 92.15 -0.40 93.94
CA TYR ME 208 91.27 0.69 93.57
C TYR ME 208 90.16 0.13 92.71
N GLY ME 209 88.93 0.42 93.07
CA GLY ME 209 87.81 0.03 92.25
C GLY ME 209 87.67 1.00 91.10
N ASP ME 210 88.43 0.77 90.02
CA ASP ME 210 88.36 1.41 88.70
C ASP ME 210 88.74 2.90 88.68
N LYS ME 211 89.22 3.45 89.78
CA LYS ME 211 89.21 4.89 90.01
C LYS ME 211 90.34 5.62 89.32
N ASN ME 212 91.32 4.94 88.77
CA ASN ME 212 92.39 5.66 88.10
C ASN ME 212 92.23 5.67 86.60
N ALA ME 213 91.79 4.54 86.03
CA ALA ME 213 91.09 4.41 84.75
C ALA ME 213 91.94 4.87 83.57
N ILE ME 214 92.95 4.06 83.24
CA ILE ME 214 93.91 4.39 82.19
C ILE ME 214 93.36 4.29 80.78
N SER ME 215 92.15 3.78 80.58
CA SER ME 215 91.36 4.10 79.43
C SER ME 215 89.96 4.41 79.91
N ASP ME 216 89.06 4.67 78.97
CA ASP ME 216 87.65 4.83 79.30
C ASP ME 216 87.00 3.49 79.58
N ASN ME 217 85.77 3.55 80.05
CA ASN ME 217 85.02 2.34 80.29
C ASN ME 217 83.77 2.26 79.43
N ALA ME 218 83.59 3.21 78.53
CA ALA ME 218 82.45 3.17 77.62
C ALA ME 218 82.68 2.24 76.44
N ILE ME 219 83.91 1.78 76.22
CA ILE ME 219 84.22 0.98 75.05
C ILE ME 219 84.86 -0.32 75.52
N ILE ME 220 84.80 -1.33 74.64
CA ILE ME 220 85.06 -2.71 74.99
C ILE ME 220 86.55 -2.95 75.22
N HIS ME 221 87.37 -2.44 74.29
CA HIS ME 221 88.82 -2.57 74.40
C HIS ME 221 89.37 -1.67 75.49
N GLY ME 222 88.70 -0.57 75.76
CA GLY ME 222 89.09 0.27 76.87
C GLY ME 222 88.78 -0.31 78.22
N SER ME 223 87.68 -1.05 78.34
CA SER ME 223 87.40 -1.72 79.60
C SER ME 223 88.31 -2.92 79.82
N ALA ME 224 88.68 -3.58 78.71
CA ALA ME 224 89.67 -4.65 78.76
C ALA ME 224 91.04 -4.13 79.16
N GLN ME 225 91.37 -2.93 78.72
CA GLN ME 225 92.60 -2.29 79.18
C GLN ME 225 92.48 -1.74 80.60
N ASN ME 226 91.27 -1.51 81.08
CA ASN ME 226 91.14 -1.02 82.44
C ASN ME 226 91.31 -2.11 83.47
N ARG ME 227 90.92 -3.34 83.15
CA ARG ME 227 91.13 -4.46 84.08
C ARG ME 227 92.60 -4.84 84.11
N ARG ME 228 93.32 -4.41 85.14
CA ARG ME 228 94.77 -4.51 85.12
C ARG ME 228 95.33 -4.59 86.53
N ILE ME 229 96.63 -4.84 86.62
CA ILE ME 229 97.39 -4.81 87.86
C ILE ME 229 98.58 -3.88 87.65
N GLU ME 230 98.64 -2.81 88.44
CA GLU ME 230 99.80 -1.92 88.44
C GLU ME 230 100.77 -2.40 89.52
N ILE ME 231 102.03 -2.58 89.16
CA ILE ME 231 103.09 -2.87 90.11
C ILE ME 231 104.14 -1.79 89.97
N GLN ME 232 104.18 -0.86 90.90
CA GLN ME 232 105.16 0.21 90.94
C GLN ME 232 106.23 -0.15 91.94
N TRP ME 233 107.48 0.09 91.56
CA TRP ME 233 108.58 0.01 92.52
C TRP ME 233 109.65 1.03 92.13
N PHE ME 234 110.68 1.13 92.97
CA PHE ME 234 111.72 2.13 92.80
C PHE ME 234 113.09 1.52 92.52
N ARG NE 99 129.09 44.02 48.03
CA ARG NE 99 128.32 42.79 48.25
C ARG NE 99 127.78 42.74 49.66
N ASP NE 100 128.26 43.66 50.50
CA ASP NE 100 127.76 43.84 51.86
C ASP NE 100 127.38 45.28 52.14
N SER NE 101 126.99 46.02 51.11
CA SER NE 101 126.78 47.45 51.21
C SER NE 101 125.29 47.77 51.25
N LYS NE 102 125.00 49.08 51.26
CA LYS NE 102 123.65 49.58 51.48
C LYS NE 102 122.72 49.31 50.32
N ARG NE 103 123.26 49.30 49.09
CA ARG NE 103 122.48 48.99 47.90
C ARG NE 103 122.08 47.52 47.86
N LYS NE 104 122.99 46.66 48.30
CA LYS NE 104 122.72 45.21 48.39
C LYS NE 104 121.71 44.90 49.49
N ILE NE 105 121.80 45.61 50.62
CA ILE NE 105 120.85 45.29 51.68
C ILE NE 105 119.49 45.93 51.46
N ILE NE 106 119.38 47.04 50.72
CA ILE NE 106 118.03 47.47 50.35
C ILE NE 106 117.48 46.67 49.19
N ARG NE 107 118.34 46.02 48.39
CA ARG NE 107 117.81 45.16 47.32
C ARG NE 107 117.29 43.84 47.89
N ASP NE 108 117.97 43.28 48.89
CA ASP NE 108 117.38 42.10 49.50
C ASP NE 108 116.33 42.45 50.56
N LEU NE 109 116.25 43.71 50.99
CA LEU NE 109 115.10 44.14 51.77
C LEU NE 109 113.86 44.28 50.91
N GLN NE 110 114.05 44.69 49.67
CA GLN NE 110 112.99 44.64 48.66
C GLN NE 110 112.59 43.22 48.35
N LYS NE 111 113.57 42.30 48.33
CA LYS NE 111 113.25 40.89 48.13
C LYS NE 111 112.60 40.25 49.35
N GLN NE 112 112.88 40.75 50.55
CA GLN NE 112 112.16 40.36 51.75
C GLN NE 112 111.01 41.29 52.08
N ASP NE 113 110.56 42.07 51.09
CA ASP NE 113 109.27 42.78 50.99
C ASP NE 113 109.06 43.83 52.09
N ILE NE 114 110.15 44.39 52.57
CA ILE NE 114 110.12 45.59 53.40
C ILE NE 114 110.50 46.75 52.52
N GLN NE 115 109.67 47.79 52.50
CA GLN NE 115 109.88 48.91 51.61
C GLN NE 115 110.75 49.97 52.26
N TYR NE 116 111.40 50.77 51.43
CA TYR NE 116 112.37 51.76 51.90
C TYR NE 116 112.34 52.95 50.97
N VAL NE 117 112.02 54.13 51.52
CA VAL NE 117 112.04 55.35 50.72
C VAL NE 117 113.09 56.30 51.29
N GLU NE 118 113.84 56.91 50.38
CA GLU NE 118 114.76 57.98 50.66
C GLU NE 118 114.05 59.28 50.37
N TYR NE 119 114.12 60.23 51.30
CA TYR NE 119 113.54 61.54 51.00
C TYR NE 119 114.37 62.63 51.68
N GLY NE 120 115.33 63.16 50.92
CA GLY NE 120 116.17 64.25 51.37
C GLY NE 120 117.10 63.85 52.49
N ASP NE 121 116.80 64.29 53.71
CA ASP NE 121 117.47 63.73 54.86
C ASP NE 121 116.69 62.60 55.50
N THR NE 122 115.37 62.59 55.37
CA THR NE 122 114.57 61.55 56.00
C THR NE 122 114.61 60.26 55.21
N ARG NE 123 114.69 59.15 55.92
CA ARG NE 123 114.58 57.82 55.34
C ARG NE 123 113.55 57.05 56.12
N THR NE 124 112.69 56.33 55.41
CA THR NE 124 111.54 55.68 56.02
C THR NE 124 111.41 54.26 55.52
N LEU NE 125 111.39 53.33 56.46
CA LEU NE 125 111.06 51.94 56.17
C LEU NE 125 109.57 51.69 56.41
N ILE NE 126 108.99 50.87 55.55
CA ILE NE 126 107.62 50.39 55.72
C ILE NE 126 107.70 48.89 55.89
N ILE NE 127 107.29 48.41 57.05
CA ILE NE 127 107.40 46.99 57.38
C ILE NE 127 105.99 46.44 57.57
N PRO NE 128 105.57 45.41 56.82
CA PRO NE 128 104.20 44.91 56.98
C PRO NE 128 104.06 44.04 58.22
N THR NE 129 103.04 44.33 59.01
CA THR NE 129 102.83 43.57 60.23
C THR NE 129 102.20 42.22 59.93
N ASP NE 130 101.56 42.08 58.77
CA ASP NE 130 101.02 40.82 58.32
C ASP NE 130 102.09 39.78 58.02
N LYS NE 131 103.17 40.17 57.36
CA LYS NE 131 104.27 39.26 57.10
C LYS NE 131 105.33 39.28 58.19
N TYR NE 132 105.38 40.31 59.02
CA TYR NE 132 106.48 40.40 59.98
C TYR NE 132 105.98 40.42 61.40
N PHE NE 133 104.75 39.99 61.62
CA PHE NE 133 104.18 39.92 62.95
C PHE NE 133 103.25 38.73 62.98
N MET NE 134 103.18 38.05 64.12
CA MET NE 134 102.11 37.09 64.27
C MET NE 134 100.82 37.82 64.57
N PHE NE 135 99.71 37.16 64.22
CA PHE NE 135 98.48 37.83 63.80
C PHE NE 135 97.76 38.49 64.97
N SER NE 136 97.64 39.82 64.85
CA SER NE 136 97.03 40.75 65.83
C SER NE 136 97.67 40.63 67.20
N SER NE 137 98.98 40.48 67.21
CA SER NE 137 99.77 40.30 68.42
C SER NE 137 100.98 41.20 68.32
N PRO NE 138 101.57 41.57 69.45
CA PRO NE 138 102.91 42.17 69.41
C PRO NE 138 104.03 41.16 69.52
N ARG NE 139 103.75 39.89 69.30
CA ARG NE 139 104.81 38.92 69.15
C ARG NE 139 105.45 39.08 67.78
N LEU NE 140 106.77 39.20 67.75
CA LEU NE 140 107.49 39.33 66.50
C LEU NE 140 107.57 37.99 65.80
N ASN NE 141 107.24 37.97 64.52
CA ASN NE 141 107.26 36.76 63.71
C ASN NE 141 108.71 36.42 63.41
N GLU NE 142 109.32 35.64 64.29
CA GLU NE 142 110.75 35.36 64.21
C GLU NE 142 111.11 34.31 63.17
N ILE NE 143 110.12 33.67 62.53
CA ILE NE 143 110.39 32.84 61.36
C ILE NE 143 110.83 33.72 60.19
N CYS NE 144 110.29 34.93 60.08
CA CYS NE 144 110.87 35.94 59.19
C CYS NE 144 111.86 36.85 59.91
N TYR NE 145 112.83 36.24 60.59
CA TYR NE 145 113.98 36.98 61.11
C TYR NE 145 114.92 37.71 60.14
N PRO NE 146 115.31 37.23 58.92
CA PRO NE 146 116.44 37.91 58.23
C PRO NE 146 116.09 39.22 57.57
N GLY NE 147 114.80 39.49 57.35
CA GLY NE 147 114.37 40.84 57.02
C GLY NE 147 114.59 41.81 58.16
N LEU NE 148 114.36 41.36 59.41
CA LEU NE 148 114.65 42.19 60.57
C LEU NE 148 116.13 42.35 60.82
N ASN NE 149 116.92 41.33 60.45
CA ASN NE 149 118.36 41.45 60.50
C ASN NE 149 118.88 42.42 59.43
N ASN NE 150 118.21 42.48 58.29
CA ASN NE 150 118.58 43.47 57.30
C ASN NE 150 118.13 44.88 57.69
N VAL NE 151 117.06 44.97 58.48
CA VAL NE 151 116.62 46.24 59.06
C VAL NE 151 117.63 46.78 60.07
N ILE NE 152 118.16 45.91 60.93
CA ILE NE 152 119.15 46.39 61.89
C ILE NE 152 120.52 46.57 61.24
N ARG NE 153 120.82 45.87 60.13
CA ARG NE 153 122.01 46.17 59.37
C ARG NE 153 121.88 47.45 58.56
N LEU NE 154 120.65 47.87 58.22
CA LEU NE 154 120.47 49.18 57.62
C LEU NE 154 120.59 50.28 58.66
N LEU NE 155 120.05 50.06 59.85
CA LEU NE 155 120.11 51.08 60.88
C LEU NE 155 121.45 51.13 61.61
N ASN NE 156 122.36 50.21 61.33
CA ASN NE 156 123.74 50.39 61.76
C ASN NE 156 124.47 51.45 60.95
N PHE NE 157 124.00 51.79 59.75
CA PHE NE 157 124.63 52.82 58.94
C PHE NE 157 124.39 54.23 59.46
N TYR NE 158 123.38 54.43 60.31
CA TYR NE 158 122.96 55.77 60.70
C TYR NE 158 123.00 55.90 62.22
N PRO NE 159 124.18 56.03 62.81
CA PRO NE 159 124.30 55.91 64.26
C PRO NE 159 124.08 57.20 65.04
N GLN NE 160 123.65 58.27 64.42
CA GLN NE 160 123.41 59.50 65.16
C GLN NE 160 122.02 60.06 64.95
N SER NE 161 121.18 59.40 64.17
CA SER NE 161 119.83 59.90 63.95
C SER NE 161 118.90 59.48 65.07
N THR NE 162 118.00 60.39 65.44
CA THR NE 162 116.85 60.00 66.22
C THR NE 162 115.90 59.21 65.34
N ILE NE 163 115.23 58.23 65.94
CA ILE NE 163 114.40 57.30 65.19
C ILE NE 163 112.97 57.41 65.70
N TYR NE 164 112.08 57.88 64.84
CA TYR NE 164 110.65 57.74 65.02
C TYR NE 164 110.27 56.34 64.55
N VAL NE 165 109.56 55.59 65.39
CA VAL NE 165 108.91 54.36 64.93
C VAL NE 165 107.44 54.48 65.29
N ALA NE 166 106.59 54.00 64.39
CA ALA NE 166 105.17 54.27 64.47
C ALA NE 166 104.42 53.10 63.86
N GLY NE 167 103.33 52.76 64.50
CA GLY NE 167 102.58 51.56 64.16
C GLY NE 167 101.24 51.92 63.55
N PHE NE 168 100.75 51.07 62.66
CA PHE NE 168 99.55 51.35 61.92
C PHE NE 168 98.70 50.09 61.76
N THR NE 169 97.40 50.31 61.58
CA THR NE 169 96.40 49.25 61.49
C THR NE 169 95.47 49.54 60.33
N ASP NE 170 94.31 48.89 60.31
CA ASP NE 170 93.28 49.17 59.32
C ASP NE 170 91.99 49.38 60.10
N ASN NE 171 90.88 49.45 59.39
CA ASN NE 171 89.68 50.10 59.93
C ASN NE 171 88.82 49.20 60.80
N VAL NE 172 89.22 47.97 61.08
CA VAL NE 172 88.35 47.10 61.85
C VAL NE 172 88.51 47.40 63.34
N GLY NE 173 87.60 46.88 64.14
CA GLY NE 173 87.77 46.92 65.58
C GLY NE 173 87.38 48.25 66.18
N SER NE 174 87.57 48.32 67.49
CA SER NE 174 87.40 49.56 68.18
C SER NE 174 88.58 50.48 67.91
N ARG NE 175 88.37 51.76 68.16
CA ARG NE 175 89.42 52.77 68.08
C ARG NE 175 90.48 52.54 69.14
N SER NE 176 90.05 52.10 70.33
CA SER NE 176 90.95 51.76 71.42
C SER NE 176 91.75 50.50 71.11
N HIS NE 177 91.14 49.55 70.40
CA HIS NE 177 91.83 48.33 70.02
C HIS NE 177 92.87 48.60 68.95
N LYS NE 178 92.52 49.47 67.99
CA LYS NE 178 93.43 49.91 66.93
C LYS NE 178 94.62 50.66 67.48
N ARG NE 179 94.36 51.57 68.43
CA ARG NE 179 95.40 52.38 69.05
C ARG NE 179 96.31 51.54 69.93
N LYS NE 180 95.73 50.59 70.68
CA LYS NE 180 96.53 49.77 71.58
C LYS NE 180 97.32 48.70 70.84
N LEU NE 181 96.78 48.19 69.73
CA LEU NE 181 97.52 47.20 68.96
C LEU NE 181 98.63 47.83 68.13
N SER NE 182 98.39 49.03 67.60
CA SER NE 182 99.45 49.72 66.89
C SER NE 182 100.49 50.29 67.84
N GLN NE 183 100.06 50.66 69.06
CA GLN NE 183 100.97 51.11 70.10
C GLN NE 183 101.85 49.98 70.60
N ALA NE 184 101.27 48.78 70.69
CA ALA NE 184 102.02 47.62 71.14
C ALA NE 184 102.97 47.13 70.09
N GLN NE 185 102.57 47.16 68.82
CA GLN NE 185 103.44 46.71 67.73
C GLN NE 185 104.56 47.70 67.46
N ALA NE 186 104.29 48.99 67.61
CA ALA NE 186 105.34 49.99 67.50
C ALA NE 186 106.27 49.95 68.69
N GLU NE 187 105.75 49.59 69.87
CA GLU NE 187 106.59 49.46 71.05
C GLU NE 187 107.48 48.23 70.96
N THR NE 188 106.99 47.12 70.40
CA THR NE 188 107.88 45.98 70.31
C THR NE 188 108.83 46.05 69.12
N MET NE 189 108.55 46.91 68.13
CA MET NE 189 109.58 47.17 67.14
C MET NE 189 110.64 48.11 67.70
N MET NE 190 110.21 49.02 68.58
CA MET NE 190 111.13 49.90 69.30
C MET NE 190 112.04 49.13 70.24
N THR NE 191 111.50 48.13 70.93
CA THR NE 191 112.35 47.30 71.76
C THR NE 191 113.14 46.28 70.96
N PHE NE 192 112.73 45.95 69.73
CA PHE NE 192 113.59 45.12 68.90
C PHE NE 192 114.82 45.89 68.46
N LEU NE 193 114.66 47.16 68.13
CA LEU NE 193 115.82 47.97 67.80
C LEU NE 193 116.65 48.32 69.04
N TRP NE 194 115.99 48.48 70.19
CA TRP NE 194 116.68 48.78 71.43
C TRP NE 194 117.47 47.59 71.95
N ALA NE 195 116.90 46.41 71.85
CA ALA NE 195 117.60 45.19 72.22
C ALA NE 195 118.59 44.75 71.17
N ASN NE 196 118.47 45.24 69.94
CA ASN NE 196 119.48 44.96 68.93
C ASN NE 196 120.51 46.08 68.84
N GLY NE 197 120.42 47.07 69.72
CA GLY NE 197 121.55 47.92 70.00
C GLY NE 197 121.50 49.33 69.50
N ILE NE 198 120.34 49.97 69.52
CA ILE NE 198 120.22 51.40 69.33
C ILE NE 198 120.08 51.99 70.72
N ALA NE 199 120.63 53.19 70.93
CA ALA NE 199 120.49 53.92 72.18
C ALA NE 199 119.04 54.29 72.45
N ALA NE 200 118.68 54.25 73.73
CA ALA NE 200 117.28 54.26 74.16
C ALA NE 200 116.63 55.62 74.01
N LYS NE 201 117.39 56.70 74.00
CA LYS NE 201 116.81 58.01 73.81
C LYS NE 201 116.90 58.48 72.38
N ARG NE 202 117.46 57.68 71.48
CA ARG NE 202 117.30 57.93 70.07
C ARG NE 202 115.94 57.48 69.57
N LEU NE 203 115.34 56.49 70.23
CA LEU NE 203 114.12 55.86 69.75
C LEU NE 203 112.91 56.53 70.37
N LYS NE 204 111.82 56.55 69.60
CA LYS NE 204 110.54 57.05 70.11
C LYS NE 204 109.44 56.28 69.39
N ALA NE 205 108.55 55.66 70.15
CA ALA NE 205 107.53 54.80 69.59
C ALA NE 205 106.16 55.44 69.71
N GLU NE 206 105.36 55.27 68.66
CA GLU NE 206 104.01 55.82 68.68
C GLU NE 206 103.11 54.95 67.84
N GLY NE 207 101.96 54.60 68.39
CA GLY NE 207 100.98 53.92 67.59
C GLY NE 207 99.89 54.86 67.10
N TYR NE 208 99.53 54.75 65.84
CA TYR NE 208 98.35 55.43 65.33
C TYR NE 208 97.38 54.36 64.83
N GLY NE 209 96.16 54.41 65.32
CA GLY NE 209 95.15 53.47 64.90
C GLY NE 209 94.56 53.90 63.59
N ASP NE 210 95.25 53.58 62.50
CA ASP NE 210 94.88 53.74 61.08
C ASP NE 210 94.80 55.20 60.61
N LYS NE 211 95.20 56.17 61.44
CA LYS NE 211 94.89 57.59 61.28
C LYS NE 211 95.65 58.29 60.17
N ASN NE 212 96.69 57.68 59.61
CA ASN NE 212 97.46 58.40 58.62
C ASN NE 212 97.41 57.77 57.24
N ALA NE 213 97.09 56.47 57.18
CA ALA NE 213 96.26 55.83 56.15
C ALA NE 213 96.82 55.94 54.74
N ILE NE 214 97.91 55.20 54.48
CA ILE NE 214 98.59 55.36 53.20
C ILE NE 214 97.87 54.71 52.03
N SER NE 215 96.88 53.87 52.28
CA SER NE 215 95.89 53.57 51.27
C SER NE 215 94.53 53.65 51.92
N ASP NE 216 93.49 53.38 51.15
CA ASP NE 216 92.15 53.38 51.70
C ASP NE 216 91.91 52.07 52.44
N ASN NE 217 90.84 52.05 53.23
CA ASN NE 217 90.49 50.85 53.96
C ASN NE 217 89.21 50.23 53.45
N ALA NE 218 88.64 50.76 52.38
CA ALA NE 218 87.44 50.18 51.81
C ALA NE 218 87.71 48.99 50.91
N ILE NE 219 88.98 48.68 50.63
CA ILE NE 219 89.30 47.56 49.78
C ILE NE 219 90.42 46.76 50.42
N ILE NE 220 90.56 45.51 49.95
CA ILE NE 220 91.26 44.46 50.69
C ILE NE 220 92.77 44.66 50.61
N HIS NE 221 93.27 44.89 49.41
CA HIS NE 221 94.70 45.12 49.22
C HIS NE 221 95.14 46.47 49.76
N GLY NE 222 94.22 47.43 49.79
CA GLY NE 222 94.53 48.69 50.43
C GLY NE 222 94.58 48.62 51.93
N SER NE 223 93.75 47.78 52.54
CA SER NE 223 93.82 47.63 53.99
C SER NE 223 95.01 46.81 54.42
N ALA NE 224 95.41 45.86 53.57
CA ALA NE 224 96.66 45.14 53.78
C ALA NE 224 97.86 46.04 53.62
N GLN NE 225 97.79 47.03 52.72
CA GLN NE 225 98.83 48.04 52.64
C GLN NE 225 98.79 49.02 53.80
N ASN NE 226 97.64 49.21 54.41
CA ASN NE 226 97.55 50.15 55.52
C ASN NE 226 98.14 49.58 56.80
N ARG NE 227 98.05 48.26 56.99
CA ARG NE 227 98.71 47.65 58.15
C ARG NE 227 100.21 47.59 57.92
N ARG NE 228 100.98 48.33 58.72
CA ARG NE 228 102.40 48.55 58.46
C ARG NE 228 103.10 49.09 59.70
N ILE NE 229 104.41 49.32 59.54
CA ILE NE 229 105.28 49.97 60.51
C ILE NE 229 106.06 51.05 59.76
N GLU NE 230 105.89 52.30 60.16
CA GLU NE 230 106.67 53.41 59.64
C GLU NE 230 107.90 53.58 60.53
N ILE NE 231 109.08 53.56 59.91
CA ILE NE 231 110.33 53.88 60.61
C ILE NE 231 110.93 55.10 59.92
N GLN NE 232 110.85 56.25 60.57
CA GLN NE 232 111.43 57.48 60.08
C GLN NE 232 112.72 57.74 60.84
N TRP NE 233 113.77 58.11 60.11
CA TRP NE 233 114.95 58.70 60.75
C TRP NE 233 115.57 59.70 59.77
N PHE NE 234 116.65 60.32 60.20
CA PHE NE 234 117.23 61.42 59.44
C PHE NE 234 118.65 61.11 58.97
N ARG OE 99 115.93 87.08 1.30
CA ARG OE 99 115.57 85.82 1.94
C ARG OE 99 115.12 86.05 3.37
N ASP OE 100 115.39 87.24 3.88
CA ASP OE 100 114.87 87.70 5.16
C ASP OE 100 114.12 89.01 5.04
N SER OE 101 113.48 89.25 3.89
CA SER OE 101 112.87 90.52 3.57
C SER OE 101 111.36 90.48 3.80
N LYS OE 102 110.69 91.55 3.39
CA LYS OE 102 109.30 91.77 3.73
C LYS OE 102 108.36 90.84 2.97
N ARG OE 103 108.74 90.46 1.75
CA ARG OE 103 107.91 89.56 0.96
C ARG OE 103 107.98 88.14 1.49
N LYS OE 104 109.16 87.73 1.95
CA LYS OE 104 109.34 86.44 2.62
C LYS OE 104 108.61 86.41 3.95
N ILE OE 105 108.60 87.55 4.65
CA ILE OE 105 107.98 87.55 5.97
C ILE OE 105 106.45 87.65 5.87
N ILE OE 106 105.90 88.22 4.79
CA ILE OE 106 104.46 88.12 4.64
C ILE OE 106 104.06 86.81 4.03
N ARG OE 107 104.97 86.11 3.35
CA ARG OE 107 104.64 84.78 2.86
C ARG OE 107 104.62 83.76 3.99
N ASP OE 108 105.56 83.85 4.94
CA ASP OE 108 105.45 82.95 6.07
C ASP OE 108 104.47 83.45 7.13
N LEU OE 109 104.07 84.74 7.09
CA LEU OE 109 102.94 85.14 7.91
C LEU OE 109 101.62 84.66 7.31
N GLN OE 110 101.57 84.52 5.99
CA GLN OE 110 100.43 83.87 5.34
C GLN OE 110 100.40 82.39 5.67
N LYS OE 111 101.58 81.76 5.74
CA LYS OE 111 101.62 80.34 6.09
C LYS OE 111 101.42 80.11 7.59
N GLN OE 112 101.67 81.11 8.42
CA GLN OE 112 101.29 81.08 9.82
C GLN OE 112 99.96 81.76 10.06
N ASP OE 113 99.25 82.09 8.97
CA ASP OE 113 97.81 82.40 8.87
C ASP OE 113 97.39 83.64 9.66
N ILE OE 114 98.29 84.59 9.82
CA ILE OE 114 97.92 85.96 10.14
C ILE OE 114 97.83 86.72 8.83
N GLN OE 115 96.68 87.34 8.58
CA GLN OE 115 96.49 88.04 7.32
C GLN OE 115 97.13 89.43 7.37
N TYR OE 116 97.71 89.83 6.25
CA TYR OE 116 98.32 91.14 6.12
C TYR OE 116 97.72 91.83 4.93
N VAL OE 117 97.17 93.04 5.11
CA VAL OE 117 96.79 93.85 3.94
C VAL OE 117 97.49 95.20 3.99
N GLU OE 118 98.17 95.51 2.89
CA GLU OE 118 98.64 96.85 2.57
C GLU OE 118 97.48 97.63 2.00
N TYR OE 119 97.31 98.87 2.45
CA TYR OE 119 96.33 99.74 1.80
C TYR OE 119 96.79 101.19 1.91
N GLY OE 120 97.57 101.63 0.91
CA GLY OE 120 98.09 102.98 0.87
C GLY OE 120 99.12 103.23 1.95
N ASP OE 121 98.71 103.98 2.97
CA ASP OE 121 99.53 104.12 4.17
C ASP OE 121 99.13 103.16 5.27
N THR OE 122 97.86 102.78 5.32
CA THR OE 122 97.39 101.92 6.39
C THR OE 122 97.77 100.48 6.06
N ARG OE 123 98.55 99.89 6.95
CA ARG OE 123 98.82 98.46 6.84
C ARG OE 123 98.24 97.80 8.07
N THR OE 124 97.45 96.75 7.86
CA THR OE 124 96.82 96.07 8.99
C THR OE 124 97.28 94.62 9.00
N LEU OE 125 97.44 94.09 10.19
CA LEU OE 125 97.57 92.67 10.46
C LEU OE 125 96.32 92.19 11.17
N ILE OE 126 95.72 91.14 10.63
CA ILE OE 126 94.56 90.51 11.21
C ILE OE 126 95.01 89.18 11.80
N ILE OE 127 94.92 89.07 13.11
CA ILE OE 127 95.46 87.93 13.85
C ILE OE 127 94.27 87.10 14.34
N PRO OE 128 94.21 85.81 14.04
CA PRO OE 128 93.18 84.96 14.64
C PRO OE 128 93.44 84.73 16.12
N THR OE 129 92.45 85.07 16.94
CA THR OE 129 92.57 84.84 18.37
C THR OE 129 92.41 83.38 18.71
N ASP OE 130 91.72 82.62 17.89
CA ASP OE 130 91.49 81.22 18.16
C ASP OE 130 92.71 80.36 17.86
N LYS OE 131 93.67 80.87 17.10
CA LYS OE 131 94.94 80.20 16.94
C LYS OE 131 96.09 80.93 17.60
N TYR OE 132 95.92 82.18 18.01
CA TYR OE 132 96.99 82.88 18.69
C TYR OE 132 96.58 83.29 20.09
N PHE OE 133 95.63 82.59 20.67
CA PHE OE 133 95.26 82.81 22.05
C PHE OE 133 94.81 81.49 22.63
N MET OE 134 95.19 81.25 23.88
CA MET OE 134 94.53 80.21 24.64
C MET OE 134 93.12 80.67 24.96
N PHE OE 135 92.20 79.71 24.98
CA PHE OE 135 90.81 79.94 24.65
C PHE OE 135 90.07 80.68 25.76
N SER OE 136 89.32 81.71 25.35
CA SER OE 136 88.49 82.60 26.16
C SER OE 136 89.29 83.25 27.28
N SER OE 137 90.49 83.69 26.93
CA SER OE 137 91.47 84.15 27.88
C SER OE 137 92.37 85.16 27.19
N PRO OE 138 92.96 86.07 27.93
CA PRO OE 138 94.08 86.83 27.39
C PRO OE 138 95.43 86.19 27.66
N ARG OE 139 95.44 84.93 28.07
CA ARG OE 139 96.67 84.16 28.07
C ARG OE 139 97.06 83.86 26.63
N LEU OE 140 98.14 84.48 26.20
CA LEU OE 140 98.55 84.41 24.81
C LEU OE 140 99.21 83.07 24.52
N ASN OE 141 98.83 82.48 23.38
CA ASN OE 141 99.21 81.12 23.03
C ASN OE 141 100.66 81.10 22.59
N GLU OE 142 101.55 80.73 23.51
CA GLU OE 142 102.96 80.70 23.19
C GLU OE 142 103.40 79.43 22.49
N ILE OE 143 102.50 78.48 22.23
CA ILE OE 143 102.84 77.38 21.34
C ILE OE 143 102.88 77.89 19.90
N CYS OE 144 102.03 78.84 19.55
CA CYS OE 144 102.20 79.56 18.29
C CYS OE 144 102.98 80.86 18.46
N TYR OE 145 104.14 80.75 19.11
CA TYR OE 145 105.13 81.82 19.07
C TYR OE 145 105.75 82.23 17.73
N PRO OE 146 106.01 81.38 16.69
CA PRO OE 146 106.76 81.91 15.52
C PRO OE 146 105.97 82.81 14.61
N GLY OE 147 104.64 82.70 14.62
CA GLY OE 147 103.82 83.71 13.96
C GLY OE 147 103.89 85.06 14.63
N LEU OE 148 104.01 85.07 15.95
CA LEU OE 148 104.18 86.30 16.70
C LEU OE 148 105.57 86.90 16.54
N ASN OE 149 106.58 86.04 16.43
CA ASN OE 149 107.93 86.49 16.13
C ASN OE 149 108.03 87.02 14.72
N ASN OE 150 107.28 86.44 13.79
CA ASN OE 150 107.24 86.94 12.43
C ASN OE 150 106.48 88.25 12.34
N VAL OE 151 105.51 88.47 13.25
CA VAL OE 151 104.81 89.74 13.34
C VAL OE 151 105.73 90.86 13.83
N ILE OE 152 106.50 90.62 14.91
CA ILE OE 152 107.35 91.68 15.43
C ILE OE 152 108.59 91.89 14.56
N ARG OE 153 109.06 90.84 13.87
CA ARG OE 153 110.12 90.99 12.90
C ARG OE 153 109.62 91.64 11.62
N LEU OE 154 108.32 91.58 11.34
CA LEU OE 154 107.75 92.44 10.30
C LEU OE 154 107.74 93.89 10.73
N LEU OE 155 107.11 94.20 11.86
CA LEU OE 155 106.88 95.62 12.14
C LEU OE 155 108.03 96.29 12.90
N ASN OE 156 109.21 95.66 12.94
CA ASN OE 156 110.46 96.42 13.08
C ASN OE 156 110.81 97.25 11.84
N PHE OE 157 110.22 96.97 10.67
CA PHE OE 157 110.50 97.72 9.44
C PHE OE 157 109.90 99.11 9.44
N TYR OE 158 108.96 99.41 10.34
CA TYR OE 158 108.21 100.65 10.33
C TYR OE 158 108.44 101.37 11.66
N PRO OE 159 109.62 101.93 11.87
CA PRO OE 159 110.03 102.31 13.22
C PRO OE 159 109.61 103.70 13.67
N GLN OE 160 108.68 104.36 12.98
CA GLN OE 160 108.23 105.66 13.41
C GLN OE 160 106.71 105.78 13.48
N SER OE 161 105.98 104.70 13.27
CA SER OE 161 104.55 104.79 13.08
C SER OE 161 103.79 104.65 14.39
N THR OE 162 102.65 105.32 14.46
CA THR OE 162 101.63 105.05 15.45
C THR OE 162 100.99 103.71 15.15
N ILE OE 163 100.89 102.85 16.17
CA ILE OE 163 100.33 101.52 16.01
C ILE OE 163 99.03 101.43 16.80
N TYR OE 164 97.91 101.34 16.08
CA TYR OE 164 96.62 101.02 16.65
C TYR OE 164 96.54 99.50 16.81
N VAL OE 165 96.07 99.05 17.96
CA VAL OE 165 95.79 97.63 18.21
C VAL OE 165 94.37 97.56 18.75
N ALA OE 166 93.54 96.74 18.12
CA ALA OE 166 92.15 96.61 18.50
C ALA OE 166 91.78 95.15 18.59
N GLY OE 167 90.87 94.85 19.48
CA GLY OE 167 90.46 93.48 19.74
C GLY OE 167 88.99 93.27 19.42
N PHE OE 168 88.66 92.06 18.96
CA PHE OE 168 87.33 91.77 18.44
C PHE OE 168 86.82 90.42 18.89
N THR OE 169 85.49 90.28 18.85
CA THR OE 169 84.78 89.11 19.30
C THR OE 169 83.80 88.61 18.25
N ASP OE 170 82.90 87.72 18.66
CA ASP OE 170 81.69 87.45 17.89
C ASP OE 170 80.53 87.68 18.84
N ASN OE 171 79.34 87.25 18.42
CA ASN OE 171 78.06 87.64 19.02
C ASN OE 171 77.77 87.06 20.39
N VAL OE 172 78.53 86.06 20.84
CA VAL OE 172 78.28 85.30 22.06
C VAL OE 172 78.54 86.11 23.32
N GLY OE 173 78.03 85.64 24.45
CA GLY OE 173 78.33 86.26 25.73
C GLY OE 173 77.61 87.57 25.98
N SER OE 174 77.89 88.14 27.13
CA SER OE 174 77.39 89.46 27.45
C SER OE 174 78.19 90.51 26.70
N ARG OE 175 77.59 91.69 26.55
CA ARG OE 175 78.23 92.82 25.89
C ARG OE 175 79.40 93.35 26.70
N SER OE 176 79.27 93.33 28.03
CA SER OE 176 80.37 93.68 28.91
C SER OE 176 81.44 92.61 28.91
N HIS OE 177 81.07 91.35 28.69
CA HIS OE 177 82.06 90.29 28.57
C HIS OE 177 82.85 90.39 27.28
N LYS OE 178 82.17 90.82 26.19
CA LYS OE 178 82.84 91.00 24.91
C LYS OE 178 83.76 92.21 24.93
N ARG OE 179 83.32 93.27 25.61
CA ARG OE 179 84.14 94.48 25.77
C ARG OE 179 85.35 94.22 26.63
N LYS OE 180 85.18 93.47 27.73
CA LYS OE 180 86.26 93.10 28.63
C LYS OE 180 87.25 92.12 28.00
N LEU OE 181 86.76 91.16 27.23
CA LEU OE 181 87.63 90.16 26.64
C LEU OE 181 88.40 90.71 25.45
N SER OE 182 87.78 91.60 24.68
CA SER OE 182 88.48 92.24 23.57
C SER OE 182 89.47 93.27 24.07
N GLN OE 183 89.14 93.96 25.17
CA GLN OE 183 90.05 94.94 25.75
C GLN OE 183 91.24 94.28 26.39
N ALA OE 184 91.03 93.11 27.00
CA ALA OE 184 92.13 92.38 27.61
C ALA OE 184 93.01 91.73 26.58
N GLN OE 185 92.43 91.25 25.47
CA GLN OE 185 93.24 90.59 24.44
C GLN OE 185 94.03 91.58 23.62
N ALA OE 186 93.47 92.77 23.37
CA ALA OE 186 94.23 93.84 22.73
C ALA OE 186 95.29 94.40 23.66
N GLU OE 187 95.03 94.39 24.98
CA GLU OE 187 96.03 94.85 25.93
C GLU OE 187 97.20 93.89 26.05
N THR OE 188 96.97 92.57 26.01
CA THR OE 188 98.13 91.69 26.05
C THR OE 188 98.83 91.57 24.71
N MET OE 189 98.14 91.88 23.60
CA MET OE 189 98.85 91.98 22.32
C MET OE 189 99.73 93.21 22.27
N MET OE 190 99.28 94.32 22.87
CA MET OE 190 100.13 95.50 22.89
C MET OE 190 101.23 95.38 23.93
N THR OE 191 101.06 94.53 24.96
CA THR OE 191 102.22 94.27 25.81
C THR OE 191 103.18 93.29 25.18
N PHE OE 192 102.73 92.45 24.25
CA PHE OE 192 103.68 91.67 23.48
C PHE OE 192 104.51 92.55 22.57
N LEU OE 193 103.88 93.57 21.98
CA LEU OE 193 104.62 94.52 21.16
C LEU OE 193 105.53 95.41 21.99
N TRP OE 194 105.10 95.78 23.18
CA TRP OE 194 105.91 96.63 24.04
C TRP OE 194 107.02 95.83 24.71
N ALA OE 195 106.80 94.55 24.95
CA ALA OE 195 107.79 93.66 25.53
C ALA OE 195 108.70 93.06 24.48
N ASN OE 196 108.41 93.25 23.21
CA ASN OE 196 109.42 93.01 22.20
C ASN OE 196 109.84 94.31 21.51
N GLY OE 197 109.58 95.43 22.15
CA GLY OE 197 110.39 96.60 21.94
C GLY OE 197 109.87 97.64 20.98
N ILE OE 198 108.65 98.10 21.14
CA ILE OE 198 108.20 99.36 20.56
C ILE OE 198 108.02 100.30 21.74
N ALA OE 199 108.15 101.60 21.52
CA ALA OE 199 107.86 102.57 22.55
C ALA OE 199 106.36 102.60 22.82
N ALA OE 200 106.02 102.93 24.06
CA ALA OE 200 104.65 102.80 24.54
C ALA OE 200 103.73 103.88 24.00
N LYS OE 201 104.25 104.99 23.54
CA LYS OE 201 103.43 106.06 23.01
C LYS OE 201 103.21 105.92 21.51
N ARG OE 202 103.84 104.92 20.89
CA ARG OE 202 103.40 104.49 19.58
C ARG OE 202 102.26 103.50 19.65
N LEU OE 203 102.01 102.93 20.83
CA LEU OE 203 101.07 101.83 20.97
C LEU OE 203 99.77 102.30 21.62
N LYS OE 204 98.65 101.89 21.04
CA LYS OE 204 97.35 102.24 21.58
C LYS OE 204 96.42 101.06 21.36
N ALA OE 205 96.01 100.41 22.44
CA ALA OE 205 95.12 99.27 22.36
C ALA OE 205 93.70 99.65 22.74
N GLU OE 206 92.75 98.96 22.13
CA GLU OE 206 91.34 99.22 22.32
C GLU OE 206 90.58 97.97 21.95
N GLY OE 207 89.65 97.57 22.80
CA GLY OE 207 88.82 96.43 22.46
C GLY OE 207 87.43 96.87 22.09
N TYR OE 208 86.94 96.43 20.94
CA TYR OE 208 85.56 96.63 20.57
C TYR OE 208 84.82 95.32 20.74
N GLY OE 209 83.65 95.38 21.38
CA GLY OE 209 82.83 94.20 21.54
C GLY OE 209 82.04 93.92 20.29
N ASP OE 210 82.70 93.33 19.29
CA ASP OE 210 82.22 92.87 17.97
C ASP OE 210 81.62 93.98 17.09
N LYS OE 211 81.86 95.26 17.38
CA LYS OE 211 81.14 96.34 16.73
C LYS OE 211 81.65 96.70 15.34
N ASN OE 212 82.68 96.04 14.82
CA ASN OE 212 83.08 96.34 13.46
C ASN OE 212 82.70 95.23 12.50
N ALA OE 213 82.88 93.97 12.93
CA ALA OE 213 82.22 92.77 12.41
C ALA OE 213 82.53 92.50 10.93
N ILE OE 214 83.79 92.14 10.67
CA ILE OE 214 84.25 92.02 9.27
C ILE OE 214 83.77 90.77 8.56
N SER OE 215 83.13 89.85 9.25
CA SER OE 215 82.20 88.94 8.62
C SER OE 215 80.91 88.99 9.43
N ASP OE 216 79.99 88.09 9.13
CA ASP OE 216 78.79 87.95 9.93
C ASP OE 216 79.08 87.10 11.16
N ASN OE 217 78.08 87.00 12.03
CA ASN OE 217 78.18 86.10 13.17
C ASN OE 217 77.15 84.99 13.12
N ALA OE 218 76.28 85.00 12.12
CA ALA OE 218 75.21 84.02 12.05
C ALA OE 218 75.66 82.69 11.49
N ILE OE 219 76.87 82.59 10.98
CA ILE OE 219 77.39 81.34 10.45
C ILE OE 219 78.72 81.07 11.14
N ILE OE 220 79.15 79.82 11.07
CA ILE OE 220 80.17 79.29 11.97
C ILE OE 220 81.56 79.75 11.56
N HIS OE 221 81.88 79.57 10.29
CA HIS OE 221 83.18 80.00 9.76
C HIS OE 221 83.26 81.51 9.64
N GLY OE 222 82.10 82.15 9.48
CA GLY OE 222 82.05 83.59 9.51
C GLY OE 222 82.29 84.18 10.89
N SER OE 223 81.82 83.50 11.94
CA SER OE 223 82.08 83.98 13.30
C SER OE 223 83.53 83.71 13.70
N ALA OE 224 84.10 82.63 13.16
CA ALA OE 224 85.52 82.35 13.31
C ALA OE 224 86.39 83.41 12.66
N GLN OE 225 85.97 83.88 11.48
CA GLN OE 225 86.64 85.01 10.85
C GLN OE 225 86.36 86.34 11.55
N ASN OE 226 85.25 86.44 12.28
CA ASN OE 226 85.00 87.66 13.03
C ASN OE 226 85.84 87.77 14.28
N ARG OE 227 86.30 86.66 14.83
CA ARG OE 227 87.17 86.74 16.01
C ARG OE 227 88.60 87.05 15.57
N ARG OE 228 89.09 88.25 15.87
CA ARG OE 228 90.38 88.69 15.33
C ARG OE 228 90.99 89.77 16.21
N ILE OE 229 92.25 90.09 15.90
CA ILE OE 229 92.97 91.25 16.43
C ILE OE 229 93.41 92.09 15.25
N GLU OE 230 92.95 93.35 15.20
CA GLU OE 230 93.34 94.29 14.16
C GLU OE 230 94.56 95.04 14.64
N ILE OE 231 95.58 95.15 13.77
CA ILE OE 231 96.75 95.99 14.02
C ILE OE 231 96.89 96.93 12.83
N GLN OE 232 96.67 98.22 13.06
CA GLN OE 232 96.81 99.23 12.01
C GLN OE 232 98.05 100.05 12.29
N TRP OE 233 98.81 100.38 11.23
CA TRP OE 233 99.86 101.38 11.36
C TRP OE 233 100.03 102.12 10.04
N PHE OE 234 100.96 103.08 10.06
CA PHE OE 234 101.21 103.96 8.93
C PHE OE 234 102.63 103.86 8.39
N ARG PE 99 84.54 105.19 -52.79
CA ARG PE 99 84.62 104.16 -51.76
C ARG PE 99 84.39 104.76 -50.38
N ASP PE 100 84.38 106.09 -50.33
CA ASP PE 100 84.06 106.84 -49.13
C ASP PE 100 82.97 107.87 -49.37
N SER PE 101 82.07 107.61 -50.31
CA SER PE 101 81.11 108.58 -50.80
C SER PE 101 79.74 108.34 -50.20
N LYS PE 102 78.75 109.04 -50.77
CA LYS PE 102 77.39 109.08 -50.25
C LYS PE 102 76.67 107.76 -50.41
N ARG PE 103 76.91 107.06 -51.53
CA ARG PE 103 76.29 105.78 -51.81
C ARG PE 103 76.82 104.69 -50.88
N LYS PE 104 78.12 104.77 -50.58
CA LYS PE 104 78.75 103.83 -49.65
C LYS PE 104 78.30 104.07 -48.22
N ILE PE 105 78.13 105.33 -47.83
CA ILE PE 105 77.71 105.56 -46.46
C ILE PE 105 76.22 105.34 -46.25
N ILE PE 106 75.38 105.49 -47.29
CA ILE PE 106 74.00 105.06 -47.07
C ILE PE 106 73.85 103.55 -47.21
N ARG PE 107 74.80 102.87 -47.89
CA ARG PE 107 74.74 101.41 -47.94
C ARG PE 107 75.17 100.80 -46.62
N ASP PE 108 76.19 101.37 -45.97
CA ASP PE 108 76.51 100.87 -44.65
C ASP PE 108 75.60 101.43 -43.58
N LEU PE 109 74.86 102.50 -43.85
CA LEU PE 109 73.78 102.90 -42.96
C LEU PE 109 72.61 101.94 -43.03
N GLN PE 110 72.34 101.41 -44.22
CA GLN PE 110 71.39 100.32 -44.37
C GLN PE 110 71.87 99.06 -43.67
N LYS PE 111 73.18 98.79 -43.71
CA LYS PE 111 73.72 97.64 -43.00
C LYS PE 111 73.82 97.86 -41.49
N GLN PE 112 73.85 99.11 -41.04
CA GLN PE 112 73.70 99.45 -39.63
C GLN PE 112 72.28 99.83 -39.29
N ASP PE 113 71.34 99.50 -40.19
CA ASP PE 113 69.87 99.42 -39.98
C ASP PE 113 69.24 100.77 -39.61
N ILE PE 114 69.83 101.85 -40.10
CA ILE PE 114 69.18 103.16 -40.12
C ILE PE 114 68.66 103.38 -41.53
N GLN PE 115 67.37 103.69 -41.66
CA GLN PE 115 66.79 103.84 -42.98
C GLN PE 115 66.98 105.26 -43.49
N TYR PE 116 67.04 105.39 -44.81
CA TYR PE 116 67.30 106.66 -45.45
C TYR PE 116 66.41 106.79 -46.67
N VAL PE 117 65.61 107.85 -46.73
CA VAL PE 117 64.77 108.09 -47.89
C VAL PE 117 65.10 109.45 -48.51
N GLU PE 118 65.45 109.41 -49.79
CA GLU PE 118 65.50 110.58 -50.64
C GLU PE 118 64.10 110.89 -51.12
N TYR PE 119 63.66 112.13 -50.90
CA TYR PE 119 62.43 112.53 -51.59
C TYR PE 119 62.55 113.99 -52.04
N GLY PE 120 62.90 114.17 -53.31
CA GLY PE 120 62.97 115.48 -53.93
C GLY PE 120 64.10 116.32 -53.39
N ASP PE 121 63.77 117.45 -52.77
CA ASP PE 121 64.78 118.17 -52.02
C ASP PE 121 64.87 117.70 -50.58
N THR PE 122 63.85 117.02 -50.08
CA THR PE 122 63.88 116.53 -48.70
C THR PE 122 64.65 115.23 -48.63
N ARG PE 123 65.43 115.10 -47.57
CA ARG PE 123 66.02 113.81 -47.23
C ARG PE 123 65.68 113.52 -45.79
N THR PE 124 65.36 112.27 -45.51
CA THR PE 124 64.87 111.90 -44.19
C THR PE 124 65.57 110.64 -43.73
N LEU PE 125 66.21 110.73 -42.57
CA LEU PE 125 66.75 109.58 -41.88
C LEU PE 125 65.76 109.07 -40.85
N ILE PE 126 65.63 107.76 -40.76
CA ILE PE 126 64.78 107.12 -39.79
C ILE PE 126 65.67 106.25 -38.92
N ILE PE 127 65.71 106.56 -37.64
CA ILE PE 127 66.65 105.94 -36.72
C ILE PE 127 65.87 105.14 -35.69
N PRO PE 128 66.15 103.85 -35.49
CA PRO PE 128 65.47 103.10 -34.43
C PRO PE 128 65.98 103.49 -33.06
N THR PE 129 65.05 103.87 -32.18
CA THR PE 129 65.41 104.18 -30.81
C THR PE 129 65.74 102.93 -30.02
N ASP PE 130 65.19 101.79 -30.42
CA ASP PE 130 65.43 100.51 -29.76
C ASP PE 130 66.85 100.00 -29.97
N LYS PE 131 67.50 100.39 -31.05
CA LYS PE 131 68.90 100.04 -31.25
C LYS PE 131 69.84 101.22 -31.09
N TYR PE 132 69.33 102.44 -31.03
CA TYR PE 132 70.19 103.61 -30.97
C TYR PE 132 69.82 104.51 -29.80
N PHE PE 133 69.24 103.95 -28.75
CA PHE PE 133 69.02 104.64 -27.50
C PHE PE 133 69.00 103.59 -26.42
N MET PE 134 69.45 103.97 -25.23
CA MET PE 134 69.22 103.16 -24.06
C MET PE 134 67.76 103.23 -23.70
N PHE PE 135 67.26 102.16 -23.07
CA PHE PE 135 65.84 101.82 -23.09
C PHE PE 135 65.04 102.71 -22.14
N SER PE 136 64.06 103.41 -22.74
CA SER PE 136 63.13 104.37 -22.10
C SER PE 136 63.87 105.49 -21.38
N SER PE 137 64.91 105.97 -22.02
CA SER PE 137 65.77 106.99 -21.45
C SER PE 137 66.33 107.77 -22.61
N PRO PE 138 66.69 109.03 -22.38
CA PRO PE 138 67.40 109.77 -23.43
C PRO PE 138 68.91 109.62 -23.40
N ARG PE 139 69.39 108.68 -22.59
CA ARG PE 139 70.78 108.23 -22.65
C ARG PE 139 71.02 107.54 -23.99
N LEU PE 140 72.08 107.96 -24.67
CA LEU PE 140 72.36 107.44 -26.01
C LEU PE 140 72.98 106.06 -25.92
N ASN PE 141 72.69 105.22 -26.91
CA ASN PE 141 73.29 103.90 -26.96
C ASN PE 141 74.63 104.04 -27.66
N GLU PE 142 75.66 104.36 -26.90
CA GLU PE 142 76.97 104.63 -27.47
C GLU PE 142 77.75 103.36 -27.83
N ILE PE 143 77.23 102.17 -27.55
CA ILE PE 143 77.77 100.98 -28.20
C ILE PE 143 77.35 100.93 -29.67
N CYS PE 144 76.21 101.55 -30.02
CA CYS PE 144 75.90 101.75 -31.44
C CYS PE 144 76.36 103.12 -31.92
N TYR PE 145 77.60 103.46 -31.60
CA TYR PE 145 78.26 104.64 -32.18
C TYR PE 145 78.50 104.70 -33.70
N PRO PE 146 78.87 103.63 -34.48
CA PRO PE 146 79.30 103.92 -35.86
C PRO PE 146 78.18 104.22 -36.82
N GLY PE 147 76.94 103.87 -36.49
CA GLY PE 147 75.80 104.41 -37.23
C GLY PE 147 75.61 105.90 -36.98
N LEU PE 148 75.90 106.35 -35.77
CA LEU PE 148 75.82 107.78 -35.46
C LEU PE 148 76.97 108.56 -36.09
N ASN PE 149 78.13 107.91 -36.21
CA ASN PE 149 79.23 108.47 -36.97
C ASN PE 149 78.91 108.51 -38.46
N ASN PE 150 78.15 107.54 -38.94
CA ASN PE 150 77.73 107.56 -40.32
C ASN PE 150 76.66 108.61 -40.59
N VAL PE 151 75.79 108.92 -39.62
CA VAL PE 151 74.80 109.95 -39.91
C VAL PE 151 75.39 111.34 -39.75
N ILE PE 152 76.47 111.49 -38.96
CA ILE PE 152 77.11 112.79 -38.98
C ILE PE 152 78.03 112.92 -40.20
N ARG PE 153 78.55 111.81 -40.72
CA ARG PE 153 79.25 111.83 -42.01
C ARG PE 153 78.30 112.07 -43.18
N LEU PE 154 77.03 111.68 -43.04
CA LEU PE 154 76.04 112.00 -44.06
C LEU PE 154 75.62 113.44 -43.98
N LEU PE 155 75.44 113.96 -42.77
CA LEU PE 155 74.97 115.32 -42.59
C LEU PE 155 76.06 116.36 -42.80
N ASN PE 156 77.32 115.95 -42.88
CA ASN PE 156 78.38 116.85 -43.32
C ASN PE 156 78.29 117.17 -44.81
N PHE PE 157 77.62 116.34 -45.62
CA PHE PE 157 77.50 116.58 -47.04
C PHE PE 157 76.54 117.71 -47.39
N TYR PE 158 75.64 118.08 -46.49
CA TYR PE 158 74.55 119.01 -46.81
C TYR PE 158 74.61 120.19 -45.86
N PRO PE 159 75.65 121.02 -45.95
CA PRO PE 159 76.01 121.91 -44.84
C PRO PE 159 75.24 123.22 -44.76
N GLN PE 160 74.16 123.41 -45.51
CA GLN PE 160 73.43 124.66 -45.43
C GLN PE 160 71.95 124.48 -45.12
N SER PE 161 71.47 123.25 -44.97
CA SER PE 161 70.04 123.04 -44.86
C SER PE 161 69.55 123.21 -43.43
N THR PE 162 68.31 123.65 -43.32
CA THR PE 162 67.55 123.60 -42.08
C THR PE 162 67.23 122.15 -41.74
N ILE PE 163 67.56 121.74 -40.51
CA ILE PE 163 67.39 120.37 -40.09
C ILE PE 163 66.29 120.31 -39.04
N TYR PE 164 65.15 119.74 -39.42
CA TYR PE 164 64.13 119.31 -38.49
C TYR PE 164 64.61 117.98 -37.91
N VAL PE 165 64.54 117.83 -36.60
CA VAL PE 165 64.67 116.52 -35.98
C VAL PE 165 63.45 116.32 -35.09
N ALA PE 166 63.02 115.07 -34.97
CA ALA PE 166 61.73 114.78 -34.37
C ALA PE 166 61.77 113.41 -33.73
N GLY PE 167 61.11 113.31 -32.59
CA GLY PE 167 61.11 112.10 -31.80
C GLY PE 167 59.76 111.42 -31.85
N PHE PE 168 59.77 110.10 -31.87
CA PHE PE 168 58.54 109.33 -32.01
C PHE PE 168 58.56 108.13 -31.09
N THR PE 169 57.41 107.88 -30.46
CA THR PE 169 57.24 106.72 -29.61
C THR PE 169 56.19 105.79 -30.18
N ASP PE 170 55.80 104.81 -29.41
CA ASP PE 170 54.62 104.01 -29.74
C ASP PE 170 53.57 104.37 -28.70
N ASN PE 171 52.47 103.63 -28.69
CA ASN PE 171 51.25 104.00 -27.99
C ASN PE 171 51.30 103.86 -26.49
N VAL PE 172 52.31 103.18 -25.94
CA VAL PE 172 52.29 102.77 -24.53
C VAL PE 172 52.65 103.93 -23.61
N GLY PE 173 52.27 103.83 -22.35
CA GLY PE 173 52.51 104.91 -21.42
C GLY PE 173 51.46 105.98 -21.50
N SER PE 174 51.62 106.97 -20.63
CA SER PE 174 50.75 108.13 -20.66
C SER PE 174 51.15 109.05 -21.81
N ARG PE 175 50.23 109.95 -22.16
CA ARG PE 175 50.40 110.84 -23.30
C ARG PE 175 51.45 111.90 -23.01
N SER PE 176 51.49 112.39 -21.78
CA SER PE 176 52.53 113.32 -21.35
C SER PE 176 53.89 112.62 -21.24
N HIS PE 177 53.88 111.34 -20.89
CA HIS PE 177 55.11 110.54 -20.85
C HIS PE 177 55.65 110.29 -22.24
N LYS PE 178 54.76 110.08 -23.22
CA LYS PE 178 55.15 109.89 -24.61
C LYS PE 178 55.69 111.17 -25.21
N ARG PE 179 55.04 112.29 -24.89
CA ARG PE 179 55.45 113.61 -25.37
C ARG PE 179 56.80 114.02 -24.81
N LYS PE 180 56.99 113.80 -23.50
CA LYS PE 180 58.25 114.15 -22.85
C LYS PE 180 59.40 113.23 -23.21
N LEU PE 181 59.13 111.93 -23.39
CA LEU PE 181 60.20 111.00 -23.72
C LEU PE 181 60.59 111.12 -25.19
N SER PE 182 59.62 111.39 -26.05
CA SER PE 182 59.90 111.63 -27.45
C SER PE 182 60.59 112.97 -27.66
N GLN PE 183 60.25 113.96 -26.84
CA GLN PE 183 60.92 115.26 -26.81
C GLN PE 183 62.35 115.14 -26.33
N ALA PE 184 62.58 114.27 -25.35
CA ALA PE 184 63.90 114.08 -24.80
C ALA PE 184 64.82 113.33 -25.76
N GLN PE 185 64.28 112.34 -26.47
CA GLN PE 185 65.10 111.62 -27.43
C GLN PE 185 65.42 112.45 -28.67
N ALA PE 186 64.48 113.32 -29.08
CA ALA PE 186 64.76 114.26 -30.15
C ALA PE 186 65.75 115.33 -29.72
N GLU PE 187 65.71 115.72 -28.45
CA GLU PE 187 66.61 116.76 -27.95
C GLU PE 187 68.03 116.24 -27.80
N THR PE 188 68.20 115.00 -27.33
CA THR PE 188 69.57 114.48 -27.23
C THR PE 188 70.14 114.08 -28.58
N MET PE 189 69.29 113.73 -29.56
CA MET PE 189 69.81 113.58 -30.91
C MET PE 189 70.20 114.93 -31.53
N MET PE 190 69.48 115.99 -31.15
CA MET PE 190 69.80 117.34 -31.61
C MET PE 190 71.11 117.85 -31.02
N THR PE 191 71.36 117.58 -29.74
CA THR PE 191 72.64 117.98 -29.18
C THR PE 191 73.77 117.07 -29.57
N PHE PE 192 73.49 115.83 -30.00
CA PHE PE 192 74.53 115.02 -30.60
C PHE PE 192 74.98 115.61 -31.93
N LEU PE 193 74.03 116.10 -32.72
CA LEU PE 193 74.40 116.74 -33.98
C LEU PE 193 75.07 118.10 -33.76
N TRP PE 194 74.64 118.83 -32.74
CA TRP PE 194 75.22 120.13 -32.42
C TRP PE 194 76.61 119.97 -31.79
N ALA PE 195 76.82 118.91 -31.05
CA ALA PE 195 78.13 118.63 -30.49
C ALA PE 195 79.00 117.82 -31.41
N ASN PE 196 78.48 117.36 -32.54
CA ASN PE 196 79.33 116.79 -33.56
C ASN PE 196 79.37 117.65 -34.81
N GLY PE 197 78.96 118.90 -34.72
CA GLY PE 197 79.42 119.90 -35.63
C GLY PE 197 78.41 120.51 -36.57
N ILE PE 198 77.18 120.70 -36.13
CA ILE PE 198 76.19 121.45 -36.87
C ILE PE 198 76.01 122.76 -36.11
N ALA PE 199 75.80 123.86 -36.86
CA ALA PE 199 75.42 125.13 -36.29
C ALA PE 199 74.07 125.04 -35.59
N ALA PE 200 73.93 125.85 -34.54
CA ALA PE 200 72.84 125.69 -33.58
C ALA PE 200 71.50 126.19 -34.08
N LYS PE 201 71.44 126.89 -35.19
CA LYS PE 201 70.17 127.38 -35.69
C LYS PE 201 69.71 126.68 -36.95
N ARG PE 202 70.54 125.81 -37.54
CA ARG PE 202 69.99 124.86 -38.49
C ARG PE 202 69.20 123.77 -37.80
N LEU PE 203 69.60 123.40 -36.59
CA LEU PE 203 68.98 122.32 -35.86
C LEU PE 203 67.72 122.80 -35.17
N LYS PE 204 66.71 121.94 -35.16
CA LYS PE 204 65.43 122.28 -34.56
C LYS PE 204 64.80 120.98 -34.10
N ALA PE 205 64.60 120.84 -32.80
CA ALA PE 205 64.13 119.59 -32.23
C ALA PE 205 62.67 119.68 -31.87
N GLU PE 206 61.95 118.61 -32.18
CA GLU PE 206 60.54 118.56 -31.83
C GLU PE 206 60.19 117.12 -31.50
N GLY PE 207 59.44 116.95 -30.44
CA GLY PE 207 59.03 115.62 -30.07
C GLY PE 207 57.54 115.41 -30.17
N TYR PE 208 57.12 114.37 -30.87
CA TYR PE 208 55.70 114.07 -31.00
C TYR PE 208 55.40 112.76 -30.30
N GLY PE 209 54.38 112.77 -29.46
CA GLY PE 209 54.02 111.58 -28.72
C GLY PE 209 53.22 110.64 -29.58
N ASP PE 210 53.91 109.89 -30.44
CA ASP PE 210 53.47 108.76 -31.28
C ASP PE 210 52.47 109.11 -32.39
N LYS PE 211 52.09 110.38 -32.56
CA LYS PE 211 50.87 110.70 -33.26
C LYS PE 211 51.01 110.76 -34.77
N ASN PE 212 52.22 110.74 -35.31
CA ASN PE 212 52.32 110.69 -36.77
C ASN PE 212 52.23 109.29 -37.30
N ALA PE 213 52.92 108.34 -36.65
CA ALA PE 213 52.64 106.90 -36.63
C ALA PE 213 52.79 106.25 -38.02
N ILE PE 214 54.04 106.04 -38.43
CA ILE PE 214 54.34 105.46 -39.75
C ILE PE 214 53.97 103.98 -39.89
N SER PE 215 53.62 103.29 -38.81
CA SER PE 215 52.93 102.02 -38.90
C SER PE 215 51.83 102.04 -37.86
N ASP PE 216 51.11 100.94 -37.73
CA ASP PE 216 50.14 100.84 -36.66
C ASP PE 216 50.84 100.54 -35.35
N ASN PE 217 50.13 100.73 -34.25
CA ASN PE 217 50.66 100.43 -32.93
C ASN PE 217 49.95 99.27 -32.27
N ALA PE 218 49.07 98.59 -33.00
CA ALA PE 218 48.34 97.47 -32.42
C ALA PE 218 49.08 96.16 -32.54
N ILE PE 219 50.30 96.17 -33.05
CA ILE PE 219 51.00 94.95 -33.35
C ILE PE 219 52.46 95.18 -33.00
N ILE PE 220 53.21 94.08 -32.85
CA ILE PE 220 54.48 94.10 -32.15
C ILE PE 220 55.58 94.68 -33.04
N HIS PE 221 55.69 94.16 -34.26
CA HIS PE 221 56.68 94.65 -35.20
C HIS PE 221 56.31 96.01 -35.75
N GLY PE 222 55.01 96.31 -35.79
CA GLY PE 222 54.58 97.64 -36.17
C GLY PE 222 54.87 98.70 -35.14
N SER PE 223 54.77 98.38 -33.86
CA SER PE 223 55.11 99.36 -32.84
C SER PE 223 56.62 99.50 -32.69
N ALA PE 224 57.35 98.42 -32.99
CA ALA PE 224 58.81 98.48 -33.11
C ALA PE 224 59.23 99.39 -34.24
N GLN PE 225 58.49 99.36 -35.36
CA GLN PE 225 58.74 100.31 -36.43
C GLN PE 225 58.21 101.71 -36.12
N ASN PE 226 57.30 101.84 -35.15
CA ASN PE 226 56.88 103.18 -34.76
C ASN PE 226 57.93 103.91 -33.94
N ARG PE 227 58.71 103.18 -33.14
CA ARG PE 227 59.70 103.83 -32.27
C ARG PE 227 60.91 104.31 -33.08
N ARG PE 228 60.93 105.58 -33.44
CA ARG PE 228 61.93 106.07 -34.39
C ARG PE 228 62.29 107.53 -34.10
N ILE PE 229 63.34 108.00 -34.75
CA ILE PE 229 63.73 109.40 -34.80
C ILE PE 229 63.75 109.82 -36.26
N GLU PE 230 62.94 110.82 -36.61
CA GLU PE 230 62.90 111.38 -37.96
C GLU PE 230 63.88 112.53 -38.03
N ILE PE 231 64.74 112.51 -39.05
CA ILE PE 231 65.62 113.63 -39.36
C ILE PE 231 65.30 114.10 -40.76
N GLN PE 232 64.65 115.25 -40.88
CA GLN PE 232 64.38 115.84 -42.18
C GLN PE 232 65.33 116.99 -42.39
N TRP PE 233 65.93 117.05 -43.58
CA TRP PE 233 66.69 118.23 -43.97
C TRP PE 233 66.55 118.41 -45.47
N PHE PE 234 67.02 119.55 -45.96
CA PHE PE 234 66.74 119.92 -47.35
C PHE PE 234 68.00 119.94 -48.20
N ARG QE 99 42.50 95.08 -100.85
CA ARG QE 99 43.02 94.62 -99.57
C ARG QE 99 42.71 95.63 -98.47
N ASP QE 100 42.28 96.82 -98.88
CA ASP QE 100 41.81 97.85 -97.98
C ASP QE 100 40.43 98.35 -98.37
N SER QE 101 39.59 97.49 -98.92
CA SER QE 101 38.32 97.87 -99.50
C SER QE 101 37.17 97.56 -98.54
N LYS QE 102 35.95 97.82 -99.02
CA LYS QE 102 34.73 97.72 -98.24
C LYS QE 102 34.42 96.29 -97.84
N ARG QE 103 34.68 95.33 -98.74
CA ARG QE 103 34.42 93.92 -98.46
C ARG QE 103 35.38 93.36 -97.43
N LYS QE 104 36.64 93.81 -97.48
CA LYS QE 104 37.66 93.41 -96.51
C LYS QE 104 37.38 94.02 -95.14
N ILE QE 105 36.91 95.26 -95.10
CA ILE QE 105 36.67 95.85 -93.79
C ILE QE 105 35.34 95.40 -93.19
N ILE QE 106 34.36 94.98 -93.98
CA ILE QE 106 33.21 94.37 -93.33
C ILE QE 106 33.46 92.92 -92.98
N ARG QE 107 34.42 92.25 -93.62
CA ARG QE 107 34.79 90.91 -93.20
C ARG QE 107 35.61 90.94 -91.91
N ASP QE 108 36.45 91.96 -91.76
CA ASP QE 108 37.14 92.10 -90.48
C ASP QE 108 36.27 92.76 -89.41
N LEU QE 109 35.21 93.48 -89.79
CA LEU QE 109 34.23 93.91 -88.80
C LEU QE 109 33.35 92.75 -88.35
N GLN QE 110 33.15 91.76 -89.22
CA GLN QE 110 32.51 90.51 -88.81
C GLN QE 110 33.42 89.73 -87.87
N LYS QE 111 34.73 89.77 -88.10
CA LYS QE 111 35.66 89.15 -87.18
C LYS QE 111 35.81 89.93 -85.87
N GLN QE 112 35.56 91.23 -85.89
CA GLN QE 112 35.47 92.03 -84.70
C GLN QE 112 34.03 92.23 -84.26
N ASP QE 113 33.13 91.35 -84.73
CA ASP QE 113 31.76 91.07 -84.24
C ASP QE 113 30.82 92.26 -84.27
N ILE QE 114 31.07 93.25 -85.10
CA ILE QE 114 30.08 94.29 -85.38
C ILE QE 114 29.31 93.85 -86.61
N GLN QE 115 27.98 93.80 -86.51
CA GLN QE 115 27.18 93.28 -87.60
C GLN QE 115 26.86 94.38 -88.60
N TYR QE 116 26.65 93.97 -89.86
CA TYR QE 116 26.45 94.91 -90.95
C TYR QE 116 25.37 94.36 -91.88
N VAL QE 117 24.31 95.14 -92.08
CA VAL QE 117 23.26 94.74 -93.01
C VAL QE 117 23.09 95.80 -94.08
N GLU QE 118 23.07 95.34 -95.33
CA GLU QE 118 22.85 96.16 -96.50
C GLU QE 118 21.43 95.97 -96.98
N TYR QE 119 20.72 97.08 -97.20
CA TYR QE 119 19.33 96.95 -97.60
C TYR QE 119 18.95 98.13 -98.49
N GLY QE 120 19.08 97.93 -99.80
CA GLY QE 120 18.73 98.94 -100.78
C GLY QE 120 19.67 100.12 -100.72
N ASP QE 121 19.18 101.24 -100.21
CA ASP QE 121 20.06 102.34 -99.89
C ASP QE 121 20.43 102.38 -98.42
N THR QE 122 19.63 101.75 -97.56
CA THR QE 122 19.89 101.79 -96.13
C THR QE 122 20.97 100.82 -95.76
N ARG QE 123 21.94 101.29 -94.99
CA ARG QE 123 22.97 100.43 -94.45
C ARG QE 123 23.00 100.62 -92.94
N THR QE 124 23.09 99.52 -92.22
CA THR QE 124 23.00 99.57 -90.76
C THR QE 124 24.08 98.72 -90.15
N LEU QE 125 24.90 99.32 -89.31
CA LEU QE 125 25.76 98.56 -88.44
C LEU QE 125 25.11 98.37 -87.09
N ILE QE 126 25.42 97.26 -86.45
CA ILE QE 126 24.96 96.96 -85.11
C ILE QE 126 26.20 96.71 -84.27
N ILE QE 127 26.39 97.55 -83.26
CA ILE QE 127 27.59 97.54 -82.44
C ILE QE 127 27.20 97.12 -81.03
N PRO QE 128 27.64 95.97 -80.54
CA PRO QE 128 27.17 95.49 -79.24
C PRO QE 128 27.89 96.21 -78.10
N THR QE 129 27.13 96.70 -77.14
CA THR QE 129 27.69 97.52 -76.08
C THR QE 129 28.42 96.68 -75.04
N ASP QE 130 28.15 95.39 -74.99
CA ASP QE 130 28.82 94.47 -74.10
C ASP QE 130 30.29 94.25 -74.46
N LYS QE 131 30.62 94.31 -75.74
CA LYS QE 131 32.00 94.25 -76.16
C LYS QE 131 32.58 95.60 -76.51
N TYR QE 132 31.75 96.60 -76.78
CA TYR QE 132 32.28 97.88 -77.25
C TYR QE 132 31.94 99.02 -76.31
N PHE QE 133 31.63 98.72 -75.06
CA PHE QE 133 31.37 99.75 -74.07
C PHE QE 133 31.74 99.21 -72.71
N MET QE 134 32.30 100.08 -71.87
CA MET QE 134 32.47 99.68 -70.49
C MET QE 134 31.13 99.76 -69.78
N PHE QE 135 31.01 98.98 -68.72
CA PHE QE 135 29.74 98.39 -68.31
C PHE QE 135 28.80 99.40 -67.67
N SER QE 136 27.63 99.57 -68.32
CA SER QE 136 26.55 100.51 -67.98
C SER QE 136 27.07 101.95 -67.90
N SER QE 137 27.90 102.30 -68.85
CA SER QE 137 28.57 103.58 -68.86
C SER QE 137 28.63 104.05 -70.30
N PRO QE 138 28.72 105.36 -70.53
CA PRO QE 138 29.07 105.84 -71.87
C PRO QE 138 30.57 105.98 -72.11
N ARG QE 139 31.39 105.34 -71.30
CA ARG QE 139 32.81 105.29 -71.58
C ARG QE 139 33.04 104.26 -72.67
N LEU QE 140 33.68 104.70 -73.76
CA LEU QE 140 33.96 103.83 -74.88
C LEU QE 140 35.05 102.84 -74.53
N ASN QE 141 34.85 101.59 -74.90
CA ASN QE 141 35.78 100.53 -74.52
C ASN QE 141 36.98 100.61 -75.43
N GLU QE 142 38.02 101.28 -74.95
CA GLU QE 142 39.13 101.65 -75.81
C GLU QE 142 40.11 100.51 -76.04
N ILE QE 143 39.98 99.40 -75.33
CA ILE QE 143 40.77 98.22 -75.63
C ILE QE 143 40.25 97.58 -76.92
N CYS QE 144 38.96 97.67 -77.18
CA CYS QE 144 38.43 97.29 -78.50
C CYS QE 144 38.34 98.50 -79.45
N TYR QE 145 39.43 99.25 -79.53
CA TYR QE 145 39.58 100.26 -80.58
C TYR QE 145 39.72 99.83 -82.06
N PRO QE 146 40.18 98.62 -82.47
CA PRO QE 146 40.19 98.36 -83.93
C PRO QE 146 38.83 98.18 -84.55
N GLY QE 147 37.82 97.77 -83.78
CA GLY QE 147 36.46 97.84 -84.26
C GLY QE 147 35.96 99.26 -84.44
N LEU QE 148 36.42 100.18 -83.59
CA LEU QE 148 36.03 101.58 -83.70
C LEU QE 148 36.76 102.26 -84.85
N ASN QE 149 38.00 101.88 -85.10
CA ASN QE 149 38.73 102.33 -86.27
C ASN QE 149 38.16 101.74 -87.54
N ASN QE 150 37.59 100.54 -87.46
CA ASN QE 150 37.02 99.95 -88.65
C ASN QE 150 35.64 100.48 -88.96
N VAL QE 151 34.87 100.93 -87.97
CA VAL QE 151 33.57 101.53 -88.30
C VAL QE 151 33.78 102.94 -88.86
N ILE QE 152 34.78 103.69 -88.37
CA ILE QE 152 35.06 104.98 -88.98
C ILE QE 152 35.77 104.85 -90.34
N ARG QE 153 36.52 103.75 -90.55
CA ARG QE 153 37.05 103.42 -91.86
C ARG QE 153 35.97 102.96 -92.82
N LEU QE 154 34.88 102.37 -92.31
CA LEU QE 154 33.78 101.96 -93.17
C LEU QE 154 32.99 103.16 -93.64
N LEU QE 155 32.52 104.01 -92.72
CA LEU QE 155 31.66 105.08 -93.16
C LEU QE 155 32.42 106.35 -93.55
N ASN QE 156 33.75 106.27 -93.68
CA ASN QE 156 34.48 107.19 -94.56
C ASN QE 156 34.13 107.02 -96.04
N PHE QE 157 33.63 105.85 -96.47
CA PHE QE 157 33.24 105.61 -97.85
C PHE QE 157 31.98 106.34 -98.27
N TYR QE 158 31.18 106.84 -97.33
CA TYR QE 158 29.86 107.40 -97.62
C TYR QE 158 29.83 108.85 -97.14
N PRO QE 159 30.49 109.77 -97.84
CA PRO QE 159 30.69 111.12 -97.30
C PRO QE 159 29.55 112.09 -97.54
N GLN QE 160 28.36 111.66 -97.93
CA GLN QE 160 27.28 112.60 -98.16
C GLN QE 160 26.00 112.23 -97.43
N SER QE 161 25.83 110.98 -97.02
CA SER QE 161 24.58 110.54 -96.44
C SER QE 161 24.50 110.94 -94.97
N THR QE 162 23.29 111.26 -94.53
CA THR QE 162 23.05 111.53 -93.12
C THR QE 162 23.04 110.23 -92.35
N ILE QE 163 23.36 110.32 -91.06
CA ILE QE 163 23.56 109.14 -90.24
C ILE QE 163 22.66 109.24 -89.03
N TYR QE 164 21.73 108.29 -88.90
CA TYR QE 164 21.01 108.05 -87.67
C TYR QE 164 21.88 107.18 -86.78
N VAL QE 165 22.06 107.57 -85.53
CA VAL QE 165 22.69 106.73 -84.52
C VAL QE 165 21.69 106.57 -83.40
N ALA QE 166 21.30 105.33 -83.13
CA ALA QE 166 20.31 105.04 -82.11
C ALA QE 166 20.86 104.00 -81.16
N GLY QE 167 20.56 104.20 -79.89
CA GLY QE 167 21.09 103.36 -78.83
C GLY QE 167 19.99 102.50 -78.24
N PHE QE 168 20.35 101.29 -77.85
CA PHE QE 168 19.37 100.32 -77.39
C PHE QE 168 19.87 99.58 -76.16
N THR QE 169 18.92 99.01 -75.44
CA THR QE 169 19.15 98.36 -74.16
C THR QE 169 18.39 97.05 -74.09
N ASP QE 170 18.22 96.52 -72.89
CA ASP QE 170 17.28 95.42 -72.67
C ASP QE 170 16.43 95.82 -71.47
N ASN QE 171 15.64 94.89 -70.97
CA ASN QE 171 14.47 95.17 -70.15
C ASN QE 171 14.76 95.60 -68.72
N VAL QE 172 16.00 95.51 -68.24
CA VAL QE 172 16.24 95.65 -66.81
C VAL QE 172 16.28 97.13 -66.43
N GLY QE 173 16.11 97.41 -65.15
CA GLY QE 173 16.13 98.79 -64.70
C GLY QE 173 14.84 99.53 -64.96
N SER QE 174 14.86 100.81 -64.60
CA SER QE 174 13.75 101.69 -64.85
C SER QE 174 13.72 102.07 -66.31
N ARG QE 175 12.55 102.57 -66.73
CA ARG QE 175 12.35 103.10 -68.08
C ARG QE 175 13.18 104.35 -68.29
N SER QE 176 13.29 105.18 -67.24
CA SER QE 176 14.13 106.37 -67.28
C SER QE 176 15.61 106.03 -67.33
N HIS QE 177 16.01 104.95 -66.64
CA HIS QE 177 17.41 104.53 -66.66
C HIS QE 177 17.78 103.91 -68.00
N LYS QE 178 16.83 103.18 -68.59
CA LYS QE 178 17.02 102.56 -69.90
C LYS QE 178 17.13 103.60 -71.00
N ARG QE 179 16.23 104.59 -70.97
CA ARG QE 179 16.23 105.69 -71.93
C ARG QE 179 17.45 106.58 -71.76
N LYS QE 180 17.89 106.79 -70.52
CA LYS QE 180 19.04 107.66 -70.31
C LYS QE 180 20.35 106.97 -70.61
N LEU QE 181 20.44 105.66 -70.40
CA LEU QE 181 21.65 104.92 -70.71
C LEU QE 181 21.80 104.71 -72.20
N SER QE 182 20.70 104.43 -72.90
CA SER QE 182 20.77 104.28 -74.34
C SER QE 182 20.92 105.62 -75.04
N GLN QE 183 20.41 106.69 -74.43
CA GLN QE 183 20.62 108.06 -74.90
C GLN QE 183 22.07 108.47 -74.76
N ALA QE 184 22.68 108.11 -73.63
CA ALA QE 184 24.07 108.46 -73.35
C ALA QE 184 25.03 107.69 -74.24
N GLN QE 185 24.72 106.41 -74.49
CA GLN QE 185 25.60 105.59 -75.32
C GLN QE 185 25.50 105.96 -76.80
N ALA QE 186 24.30 106.34 -77.26
CA ALA QE 186 24.18 106.83 -78.63
C ALA QE 186 24.79 108.21 -78.79
N GLU QE 187 24.77 109.01 -77.72
CA GLU QE 187 25.39 110.33 -77.76
C GLU QE 187 26.91 110.26 -77.80
N THR QE 188 27.51 109.32 -77.06
CA THR QE 188 28.96 109.23 -77.14
C THR QE 188 29.43 108.48 -78.38
N MET QE 189 28.58 107.64 -79.00
CA MET QE 189 28.97 107.07 -80.28
C MET QE 189 28.89 108.11 -81.38
N MET QE 190 27.92 109.02 -81.28
CA MET QE 190 27.80 110.16 -82.17
C MET QE 190 28.95 111.13 -81.98
N THR QE 191 29.40 111.29 -80.74
CA THR QE 191 30.56 112.11 -80.41
C THR QE 191 31.85 111.51 -80.95
N PHE QE 192 31.98 110.18 -80.93
CA PHE QE 192 33.14 109.52 -81.51
C PHE QE 192 33.17 109.64 -83.02
N LEU QE 193 31.99 109.61 -83.66
CA LEU QE 193 31.93 109.82 -85.11
C LEU QE 193 32.23 111.26 -85.51
N TRP QE 194 31.71 112.23 -84.73
CA TRP QE 194 31.95 113.64 -85.02
C TRP QE 194 33.39 114.02 -84.73
N ALA QE 195 33.97 113.43 -83.69
CA ALA QE 195 35.35 113.69 -83.34
C ALA QE 195 36.32 112.82 -84.10
N ASN QE 196 35.84 111.88 -84.91
CA ASN QE 196 36.73 111.28 -85.89
C ASN QE 196 36.32 111.65 -87.30
N GLY QE 197 35.52 112.68 -87.45
CA GLY QE 197 35.52 113.44 -88.68
C GLY QE 197 34.28 113.33 -89.54
N ILE QE 198 33.11 113.23 -88.94
CA ILE QE 198 31.85 113.33 -89.65
C ILE QE 198 31.23 114.65 -89.23
N ALA QE 199 30.66 115.36 -90.19
CA ALA QE 199 30.05 116.66 -89.92
C ALA QE 199 28.79 116.51 -89.10
N ALA QE 200 28.61 117.43 -88.16
CA ALA QE 200 27.67 117.28 -87.06
C ALA QE 200 26.22 117.44 -87.47
N LYS QE 201 25.95 118.02 -88.63
CA LYS QE 201 24.59 118.04 -89.14
C LYS QE 201 24.31 116.89 -90.09
N ARG QE 202 25.25 115.96 -90.24
CA ARG QE 202 24.91 114.67 -90.80
C ARG QE 202 24.55 113.66 -89.72
N LEU QE 203 24.82 114.00 -88.47
CA LEU QE 203 24.67 113.08 -87.36
C LEU QE 203 23.43 113.41 -86.55
N LYS QE 204 22.74 112.37 -86.08
CA LYS QE 204 21.54 112.56 -85.29
C LYS QE 204 21.42 111.39 -84.34
N ALA QE 205 21.82 111.60 -83.10
CA ALA QE 205 21.77 110.56 -82.09
C ALA QE 205 20.39 110.54 -81.44
N GLU QE 206 20.00 109.35 -81.01
CA GLU QE 206 18.69 109.11 -80.41
C GLU QE 206 18.81 107.82 -79.62
N GLY QE 207 18.30 107.85 -78.40
CA GLY QE 207 18.35 106.64 -77.62
C GLY QE 207 16.97 106.12 -77.32
N TYR QE 208 16.70 104.88 -77.69
CA TYR QE 208 15.42 104.27 -77.36
C TYR QE 208 15.63 103.30 -76.21
N GLY QE 209 14.78 103.41 -75.20
CA GLY QE 209 14.86 102.52 -74.07
C GLY QE 209 14.19 101.21 -74.38
N ASP QE 210 14.91 100.33 -75.09
CA ASP QE 210 14.62 98.94 -75.43
C ASP QE 210 13.42 98.74 -76.38
N LYS QE 211 12.78 99.80 -76.85
CA LYS QE 211 11.42 99.63 -77.35
C LYS QE 211 11.35 99.31 -78.83
N ASN QE 212 12.45 98.93 -79.47
CA ASN QE 212 12.32 98.33 -80.79
C ASN QE 212 12.59 96.85 -80.77
N ALA QE 213 13.58 96.42 -79.97
CA ALA QE 213 13.71 95.08 -79.37
C ALA QE 213 13.86 93.97 -80.41
N ILE QE 214 15.04 93.94 -81.05
CA ILE QE 214 15.27 93.01 -82.16
C ILE QE 214 15.42 91.55 -81.76
N SER QE 215 15.50 91.24 -80.47
CA SER QE 215 15.21 89.91 -79.99
C SER QE 215 14.33 90.07 -78.76
N ASP QE 216 14.12 88.97 -78.05
CA ASP QE 216 13.35 89.01 -76.81
C ASP QE 216 14.19 89.53 -75.67
N ASN QE 217 13.57 89.69 -74.51
CA ASN QE 217 14.30 89.98 -73.30
C ASN QE 217 14.03 88.97 -72.21
N ALA QE 218 13.32 87.90 -72.54
CA ALA QE 218 13.05 86.88 -71.54
C ALA QE 218 14.13 85.84 -71.45
N ILE QE 219 15.21 85.96 -72.22
CA ILE QE 219 16.26 84.96 -72.19
C ILE QE 219 17.59 85.67 -72.42
N ILE QE 220 18.68 84.97 -72.09
CA ILE QE 220 19.98 85.56 -71.81
C ILE QE 220 20.66 86.04 -73.09
N HIS QE 221 20.69 85.17 -74.10
CA HIS QE 221 21.30 85.52 -75.37
C HIS QE 221 20.45 86.49 -76.16
N GLY QE 222 19.14 86.49 -75.91
CA GLY QE 222 18.28 87.48 -76.49
C GLY QE 222 18.45 88.85 -75.88
N SER QE 223 18.75 88.91 -74.59
CA SER QE 223 18.99 90.20 -73.96
C SER QE 223 20.36 90.76 -74.33
N ALA QE 224 21.32 89.86 -74.54
CA ALA QE 224 22.63 90.27 -75.05
C ALA QE 224 22.53 90.76 -76.49
N GLN QE 225 21.65 90.16 -77.28
CA GLN QE 225 21.38 90.67 -78.61
C GLN QE 225 20.52 91.92 -78.59
N ASN QE 226 19.81 92.20 -77.51
CA ASN QE 226 19.05 93.43 -77.45
C ASN QE 226 19.93 94.61 -77.12
N ARG QE 227 20.97 94.42 -76.30
CA ARG QE 227 21.92 95.49 -76.03
C ARG QE 227 22.79 95.72 -77.26
N ARG QE 228 22.63 96.88 -77.91
CA ARG QE 228 23.24 97.12 -79.21
C ARG QE 228 23.21 98.62 -79.52
N ILE QE 229 23.87 98.97 -80.62
CA ILE QE 229 23.83 100.32 -81.22
C ILE QE 229 23.46 100.16 -82.68
N GLU QE 230 22.34 100.72 -83.09
CA GLU QE 230 21.96 100.83 -84.49
C GLU QE 230 22.63 102.06 -85.07
N ILE QE 231 23.33 101.87 -86.19
CA ILE QE 231 23.81 102.98 -87.00
C ILE QE 231 23.21 102.81 -88.38
N GLN QE 232 22.27 103.68 -88.73
CA GLN QE 232 21.63 103.68 -90.03
C GLN QE 232 22.21 104.82 -90.84
N TRP QE 233 22.45 104.59 -92.12
CA TRP QE 233 22.69 105.68 -93.05
C TRP QE 233 22.16 105.29 -94.42
N PHE QE 234 22.38 106.18 -95.38
CA PHE QE 234 21.88 106.02 -96.74
C PHE QE 234 23.00 105.97 -97.76
N ARG RE 99 -0.58 58.13 -132.47
CA ARG RE 99 0.18 58.37 -131.24
C ARG RE 99 -0.20 59.71 -130.61
N ASP RE 100 -0.96 60.50 -131.36
CA ASP RE 100 -1.51 61.76 -130.88
C ASP RE 100 -3.02 61.80 -131.04
N SER RE 101 -3.68 60.66 -131.04
CA SER RE 101 -5.07 60.53 -131.41
C SER RE 101 -5.93 60.30 -130.17
N LYS RE 102 -7.21 60.02 -130.42
CA LYS RE 102 -8.24 59.97 -129.39
C LYS RE 102 -8.07 58.77 -128.46
N ARG RE 103 -7.61 57.64 -129.01
CA ARG RE 103 -7.39 56.43 -128.21
C ARG RE 103 -6.21 56.59 -127.27
N LYS RE 104 -5.16 57.28 -127.73
CA LYS RE 104 -3.99 57.56 -126.91
C LYS RE 104 -4.30 58.57 -125.82
N ILE RE 105 -5.13 59.58 -126.14
CA ILE RE 105 -5.40 60.57 -125.10
C ILE RE 105 -6.46 60.10 -124.11
N ILE RE 106 -7.36 59.17 -124.47
CA ILE RE 106 -8.17 58.58 -123.42
C ILE RE 106 -7.41 57.51 -122.66
N ARG RE 107 -6.33 56.95 -123.23
CA ARG RE 107 -5.55 55.99 -122.48
C ARG RE 107 -4.66 56.68 -121.45
N ASP RE 108 -4.09 57.84 -121.78
CA ASP RE 108 -3.37 58.53 -120.71
C ASP RE 108 -4.29 59.37 -119.84
N LEU RE 109 -5.54 59.62 -120.25
CA LEU RE 109 -6.53 60.11 -119.31
C LEU RE 109 -6.95 59.04 -118.31
N GLN RE 110 -6.96 57.78 -118.75
CA GLN RE 110 -7.18 56.66 -117.84
C GLN RE 110 -6.00 56.50 -116.89
N LYS RE 111 -4.78 56.72 -117.39
CA LYS RE 111 -3.60 56.70 -116.53
C LYS RE 111 -3.52 57.94 -115.63
N GLN RE 112 -4.14 59.04 -116.02
CA GLN RE 112 -4.34 60.20 -115.17
C GLN RE 112 -5.69 60.18 -114.48
N ASP RE 113 -6.33 59.01 -114.45
CA ASP RE 113 -7.43 58.60 -113.55
C ASP RE 113 -8.71 59.44 -113.69
N ILE RE 114 -8.91 60.00 -114.87
CA ILE RE 114 -10.19 60.55 -115.27
C ILE RE 114 -10.90 59.52 -116.11
N GLN RE 115 -12.14 59.18 -115.76
CA GLN RE 115 -12.87 58.15 -116.48
C GLN RE 115 -13.57 58.74 -117.70
N TYR RE 116 -13.65 57.94 -118.75
CA TYR RE 116 -14.29 58.36 -119.99
C TYR RE 116 -15.27 57.29 -120.42
N VAL RE 117 -16.52 57.66 -120.65
CA VAL RE 117 -17.51 56.70 -121.11
C VAL RE 117 -18.19 57.23 -122.37
N GLU RE 118 -18.13 56.41 -123.42
CA GLU RE 118 -18.85 56.62 -124.66
C GLU RE 118 -20.23 56.02 -124.55
N TYR RE 119 -21.24 56.77 -124.98
CA TYR RE 119 -22.59 56.20 -125.01
C TYR RE 119 -23.40 56.83 -126.15
N GLY RE 120 -23.35 56.19 -127.32
CA GLY RE 120 -24.10 56.63 -128.47
C GLY RE 120 -23.59 57.93 -129.03
N ASP RE 121 -24.35 59.00 -128.83
CA ASP RE 121 -23.82 60.32 -129.09
C ASP RE 121 -23.35 61.01 -127.82
N THR RE 122 -23.80 60.56 -126.65
CA THR RE 122 -23.39 61.19 -125.41
C THR RE 122 -22.03 60.68 -125.00
N ARG RE 123 -21.15 61.60 -124.65
CA ARG RE 123 -19.86 61.22 -124.10
C ARG RE 123 -19.68 61.94 -122.78
N THR RE 124 -19.19 61.21 -121.79
CA THR RE 124 -19.10 61.73 -120.44
C THR RE 124 -17.70 61.50 -119.89
N LEU RE 125 -17.07 62.57 -119.45
CA LEU RE 125 -15.90 62.48 -118.62
C LEU RE 125 -16.30 62.57 -117.16
N ILE RE 126 -15.63 61.80 -116.32
CA ILE RE 126 -15.80 61.90 -114.88
C ILE RE 126 -14.44 62.22 -114.30
N ILE RE 127 -14.37 63.38 -113.64
CA ILE RE 127 -13.13 63.93 -113.10
C ILE RE 127 -13.23 63.90 -111.59
N PRO RE 128 -12.31 63.24 -110.88
CA PRO RE 128 -12.36 63.24 -109.42
C PRO RE 128 -11.95 64.58 -108.84
N THR RE 129 -12.80 65.11 -107.97
CA THR RE 129 -12.55 66.40 -107.34
C THR RE 129 -11.44 66.33 -106.31
N ASP RE 130 -11.23 65.16 -105.73
CA ASP RE 130 -10.19 64.95 -104.73
C ASP RE 130 -8.80 64.97 -105.33
N LYS RE 131 -8.65 64.67 -106.61
CA LYS RE 131 -7.37 64.78 -107.25
C LYS RE 131 -7.30 65.90 -108.26
N TYR RE 132 -8.39 66.61 -108.50
CA TYR RE 132 -8.33 67.74 -109.43
C TYR RE 132 -8.91 69.01 -108.85
N PHE RE 133 -8.99 69.10 -107.53
CA PHE RE 133 -9.22 70.36 -106.87
C PHE RE 133 -8.37 70.38 -105.62
N MET RE 134 -8.06 71.57 -105.16
CA MET RE 134 -7.58 71.66 -103.79
C MET RE 134 -8.79 71.53 -102.88
N PHE RE 135 -8.51 71.09 -101.65
CA PHE RE 135 -9.49 70.40 -100.83
C PHE RE 135 -10.55 71.35 -100.28
N SER RE 136 -11.82 70.96 -100.52
CA SER RE 136 -13.05 71.64 -100.12
C SER RE 136 -13.08 73.10 -100.59
N SER RE 137 -12.66 73.29 -101.82
CA SER RE 137 -12.41 74.63 -102.34
C SER RE 137 -12.55 74.60 -103.85
N PRO RE 138 -12.95 75.72 -104.44
CA PRO RE 138 -12.96 75.78 -105.90
C PRO RE 138 -11.65 76.22 -106.52
N ARG RE 139 -10.57 76.35 -105.76
CA ARG RE 139 -9.30 76.66 -106.37
C ARG RE 139 -8.75 75.39 -107.00
N LEU RE 140 -8.48 75.47 -108.29
CA LEU RE 140 -8.30 74.28 -109.09
C LEU RE 140 -6.88 73.77 -108.94
N ASN RE 141 -6.71 72.45 -108.90
CA ASN RE 141 -5.44 71.82 -108.56
C ASN RE 141 -4.49 71.91 -109.74
N GLU RE 142 -3.72 73.00 -109.80
CA GLU RE 142 -2.86 73.22 -110.94
C GLU RE 142 -1.54 72.46 -110.86
N ILE RE 143 -1.29 71.69 -109.81
CA ILE RE 143 -0.25 70.67 -109.89
C ILE RE 143 -0.71 69.54 -110.79
N CYS RE 144 -1.98 69.17 -110.75
CA CYS RE 144 -2.49 68.15 -111.67
C CYS RE 144 -3.04 68.75 -112.97
N TYR RE 145 -2.25 69.61 -113.59
CA TYR RE 145 -2.55 70.12 -114.93
C TYR RE 145 -2.60 69.15 -116.13
N PRO RE 146 -1.76 68.10 -116.31
CA PRO RE 146 -1.74 67.45 -117.64
C PRO RE 146 -2.92 66.53 -117.92
N GLY RE 147 -3.64 66.08 -116.87
CA GLY RE 147 -4.94 65.49 -117.07
C GLY RE 147 -5.97 66.49 -117.58
N LEU RE 148 -5.88 67.74 -117.15
CA LEU RE 148 -6.77 68.78 -117.65
C LEU RE 148 -6.39 69.22 -119.05
N ASN RE 149 -5.11 69.17 -119.38
CA ASN RE 149 -4.68 69.41 -120.75
C ASN RE 149 -5.11 68.29 -121.67
N ASN RE 150 -5.14 67.07 -121.17
CA ASN RE 150 -5.67 65.96 -121.94
C ASN RE 150 -7.18 66.02 -122.07
N VAL RE 151 -7.84 66.65 -121.09
CA VAL RE 151 -9.28 66.89 -121.16
C VAL RE 151 -9.61 67.92 -122.24
N ILE RE 152 -8.84 69.00 -122.31
CA ILE RE 152 -9.11 70.01 -123.33
C ILE RE 152 -8.62 69.56 -124.70
N ARG RE 153 -7.62 68.67 -124.75
CA ARG RE 153 -7.29 68.01 -126.00
C ARG RE 153 -8.31 66.97 -126.41
N LEU RE 154 -9.09 66.43 -125.47
CA LEU RE 154 -10.18 65.55 -125.87
C LEU RE 154 -11.34 66.33 -126.45
N LEU RE 155 -11.80 67.38 -125.77
CA LEU RE 155 -12.94 68.12 -126.33
C LEU RE 155 -12.55 69.18 -127.35
N ASN RE 156 -11.27 69.25 -127.77
CA ASN RE 156 -10.96 69.84 -129.06
C ASN RE 156 -11.50 69.02 -130.24
N PHE RE 157 -11.67 67.71 -130.08
CA PHE RE 157 -12.10 66.84 -131.17
C PHE RE 157 -13.57 66.99 -131.50
N TYR RE 158 -14.38 67.57 -130.61
CA TYR RE 158 -15.83 67.62 -130.77
C TYR RE 158 -16.27 69.08 -130.76
N PRO RE 159 -15.91 69.84 -131.79
CA PRO RE 159 -15.98 71.30 -131.68
C PRO RE 159 -17.33 71.93 -132.00
N GLN RE 160 -18.41 71.16 -132.05
CA GLN RE 160 -19.72 71.75 -132.32
C GLN RE 160 -20.75 71.38 -131.27
N SER RE 161 -20.47 70.44 -130.39
CA SER RE 161 -21.46 70.00 -129.42
C SER RE 161 -21.57 70.98 -128.27
N THR RE 162 -22.76 71.06 -127.70
CA THR RE 162 -22.94 71.75 -126.43
C THR RE 162 -22.46 70.85 -125.31
N ILE RE 163 -22.17 71.46 -124.16
CA ILE RE 163 -21.53 70.77 -123.05
C ILE RE 163 -22.32 71.04 -121.78
N TYR RE 164 -22.87 69.99 -121.20
CA TYR RE 164 -23.29 69.99 -119.81
C TYR RE 164 -22.04 69.76 -118.97
N VAL RE 165 -21.90 70.49 -117.88
CA VAL RE 165 -20.85 70.22 -116.90
C VAL RE 165 -21.46 70.39 -115.52
N ALA RE 166 -21.30 69.39 -114.67
CA ALA RE 166 -22.03 69.30 -113.42
C ALA RE 166 -21.10 68.84 -112.32
N GLY RE 167 -21.36 69.33 -111.13
CA GLY RE 167 -20.50 69.09 -109.98
C GLY RE 167 -21.26 68.32 -108.92
N PHE RE 168 -20.53 67.51 -108.15
CA PHE RE 168 -21.13 66.57 -107.23
C PHE RE 168 -20.37 66.54 -105.92
N THR RE 169 -20.96 65.85 -104.96
CA THR RE 169 -20.50 65.85 -103.58
C THR RE 169 -20.66 64.47 -102.98
N ASP RE 170 -20.65 64.40 -101.65
CA ASP RE 170 -21.12 63.22 -100.94
C ASP RE 170 -21.99 63.75 -99.81
N ASN RE 171 -22.31 62.90 -98.83
CA ASN RE 171 -23.40 63.13 -97.90
C ASN RE 171 -23.07 64.11 -96.77
N VAL RE 172 -21.85 64.61 -96.69
CA VAL RE 172 -21.39 65.45 -95.59
C VAL RE 172 -21.96 66.86 -95.67
N GLY RE 173 -21.85 67.62 -94.59
CA GLY RE 173 -22.12 69.04 -94.63
C GLY RE 173 -23.59 69.39 -94.63
N SER RE 174 -23.86 70.69 -94.75
CA SER RE 174 -25.20 71.14 -95.01
C SER RE 174 -25.56 70.91 -96.47
N ARG RE 175 -26.86 70.93 -96.74
CA ARG RE 175 -27.39 70.82 -98.10
C ARG RE 175 -27.01 72.03 -98.93
N SER RE 176 -27.02 73.20 -98.31
CA SER RE 176 -26.61 74.43 -98.97
C SER RE 176 -25.11 74.47 -99.17
N HIS RE 177 -24.35 73.83 -98.27
CA HIS RE 177 -22.90 73.75 -98.44
C HIS RE 177 -22.54 72.81 -99.58
N LYS RE 178 -23.31 71.73 -99.72
CA LYS RE 178 -23.12 70.78 -100.82
C LYS RE 178 -23.48 71.39 -102.16
N ARG RE 179 -24.57 72.17 -102.19
CA ARG RE 179 -25.02 72.86 -103.39
C ARG RE 179 -24.04 73.94 -103.81
N LYS RE 180 -23.53 74.70 -102.84
CA LYS RE 180 -22.60 75.78 -103.12
C LYS RE 180 -21.22 75.28 -103.50
N LEU RE 181 -20.76 74.16 -102.94
CA LEU RE 181 -19.43 73.71 -103.28
C LEU RE 181 -19.43 72.94 -104.59
N SER RE 182 -20.52 72.23 -104.89
CA SER RE 182 -20.66 71.59 -106.19
C SER RE 182 -20.86 72.61 -107.31
N GLN RE 183 -21.57 73.70 -106.99
CA GLN RE 183 -21.77 74.81 -107.90
C GLN RE 183 -20.48 75.55 -108.19
N ALA RE 184 -19.65 75.72 -107.16
CA ALA RE 184 -18.40 76.44 -107.32
C ALA RE 184 -17.36 75.61 -108.07
N GLN RE 185 -17.29 74.31 -107.80
CA GLN RE 185 -16.33 73.46 -108.51
C GLN RE 185 -16.75 73.18 -109.95
N ALA RE 186 -18.06 73.06 -110.20
CA ALA RE 186 -18.53 72.92 -111.57
C ALA RE 186 -18.40 74.20 -112.36
N GLU RE 187 -18.55 75.34 -111.68
CA GLU RE 187 -18.40 76.63 -112.33
C GLU RE 187 -16.96 76.90 -112.68
N THR RE 188 -16.01 76.51 -111.83
CA THR RE 188 -14.63 76.75 -112.22
C THR RE 188 -14.08 75.70 -113.18
N MET RE 189 -14.71 74.53 -113.29
CA MET RE 189 -14.34 73.64 -114.39
C MET RE 189 -14.91 74.15 -115.71
N MET RE 190 -16.08 74.79 -115.66
CA MET RE 190 -16.67 75.46 -116.81
C MET RE 190 -15.83 76.64 -117.26
N THR RE 191 -15.25 77.39 -116.32
CA THR RE 191 -14.36 78.45 -116.73
C THR RE 191 -12.99 77.95 -117.13
N PHE RE 192 -12.60 76.74 -116.72
CA PHE RE 192 -11.39 76.16 -117.29
C PHE RE 192 -11.58 75.84 -118.76
N LEU RE 193 -12.76 75.34 -119.13
CA LEU RE 193 -13.01 75.09 -120.55
C LEU RE 193 -13.21 76.37 -121.35
N TRP RE 194 -13.86 77.38 -120.75
CA TRP RE 194 -14.06 78.65 -121.43
C TRP RE 194 -12.76 79.46 -121.54
N ALA RE 195 -11.91 79.37 -120.54
CA ALA RE 195 -10.62 80.02 -120.56
C ALA RE 195 -9.57 79.19 -121.28
N ASN RE 196 -9.87 77.96 -121.64
CA ASN RE 196 -9.01 77.24 -122.56
C ASN RE 196 -9.60 77.22 -123.96
N GLY RE 197 -10.70 77.90 -124.16
CA GLY RE 197 -11.11 78.32 -125.48
C GLY RE 197 -12.29 77.61 -126.09
N ILE RE 198 -13.18 77.06 -125.27
CA ILE RE 198 -14.47 76.59 -125.73
C ILE RE 198 -15.39 77.79 -125.62
N ALA RE 199 -16.36 77.89 -126.53
CA ALA RE 199 -17.25 79.04 -126.61
C ALA RE 199 -18.20 79.10 -125.41
N ALA RE 200 -18.64 80.32 -125.10
CA ALA RE 200 -19.30 80.60 -123.84
C ALA RE 200 -20.74 80.13 -123.80
N LYS RE 201 -21.35 79.88 -124.95
CA LYS RE 201 -22.66 79.28 -124.97
C LYS RE 201 -22.62 77.86 -125.49
N ARG RE 202 -21.43 77.28 -125.57
CA ARG RE 202 -21.31 75.84 -125.67
C ARG RE 202 -21.39 75.17 -124.30
N LEU RE 203 -21.25 75.93 -123.22
CA LEU RE 203 -21.09 75.36 -121.89
C LEU RE 203 -22.29 75.72 -121.02
N LYS RE 204 -22.61 74.83 -120.09
CA LYS RE 204 -23.63 75.10 -119.09
C LYS RE 204 -23.25 74.35 -117.83
N ALA RE 205 -23.01 75.08 -116.75
CA ALA RE 205 -22.57 74.48 -115.50
C ALA RE 205 -23.72 74.36 -114.53
N GLU RE 206 -23.64 73.32 -113.70
CA GLU RE 206 -24.66 73.06 -112.71
C GLU RE 206 -24.04 72.27 -111.57
N GLY RE 207 -24.33 72.68 -110.35
CA GLY RE 207 -23.86 71.92 -109.21
C GLY RE 207 -24.98 71.22 -108.50
N TYR RE 208 -25.01 69.89 -108.58
CA TYR RE 208 -25.98 69.13 -107.83
C TYR RE 208 -25.36 68.71 -106.51
N GLY RE 209 -26.02 69.06 -105.42
CA GLY RE 209 -25.51 68.74 -104.11
C GLY RE 209 -25.84 67.31 -103.75
N ASP RE 210 -25.04 66.37 -104.27
CA ASP RE 210 -25.03 64.91 -104.08
C ASP RE 210 -26.27 64.19 -104.63
N LYS RE 211 -27.16 64.87 -105.35
CA LYS RE 211 -28.47 64.33 -105.70
C LYS RE 211 -28.48 63.34 -106.86
N ASN RE 212 -27.34 62.95 -107.41
CA ASN RE 212 -27.37 61.84 -108.35
C ASN RE 212 -26.79 60.57 -107.77
N ALA RE 213 -25.61 60.67 -107.14
CA ALA RE 213 -25.02 59.71 -106.20
C ALA RE 213 -24.77 58.34 -106.84
N ILE RE 214 -23.79 58.32 -107.75
CA ILE RE 214 -23.50 57.14 -108.56
C ILE RE 214 -22.84 55.99 -107.82
N SER RE 215 -22.45 56.17 -106.56
CA SER RE 215 -22.19 55.09 -105.65
C SER RE 215 -22.87 55.45 -104.34
N ASP RE 216 -22.63 54.65 -103.31
CA ASP RE 216 -23.27 54.93 -102.03
C ASP RE 216 -22.49 55.98 -101.27
N ASN RE 217 -23.06 56.42 -100.15
CA ASN RE 217 -22.36 57.34 -99.27
C ASN RE 217 -22.24 56.80 -97.88
N ALA RE 218 -22.64 55.57 -97.66
CA ALA RE 218 -22.42 54.95 -96.36
C ALA RE 218 -21.00 54.45 -96.19
N ILE RE 219 -20.26 54.28 -97.28
CA ILE RE 219 -18.94 53.69 -97.20
C ILE RE 219 -17.93 54.66 -97.83
N ILE RE 220 -16.66 54.44 -97.48
CA ILE RE 220 -15.60 55.43 -97.65
C ILE RE 220 -15.21 55.56 -99.11
N HIS RE 221 -14.94 54.43 -99.76
CA HIS RE 221 -14.54 54.45 -101.16
C HIS RE 221 -15.72 54.75 -102.07
N GLY RE 222 -16.94 54.45 -101.61
CA GLY RE 222 -18.13 54.92 -102.28
C GLY RE 222 -18.31 56.42 -102.24
N SER RE 223 -17.99 57.06 -101.11
CA SER RE 223 -18.12 58.52 -101.05
C SER RE 223 -17.00 59.21 -101.81
N ALA RE 224 -15.83 58.56 -101.87
CA ALA RE 224 -14.73 59.03 -102.71
C ALA RE 224 -15.08 58.94 -104.18
N GLN RE 225 -15.81 57.89 -104.57
CA GLN RE 225 -16.31 57.82 -105.94
C GLN RE 225 -17.50 58.75 -106.17
N ASN RE 226 -18.20 59.16 -105.12
CA ASN RE 226 -19.31 60.07 -105.31
C ASN RE 226 -18.85 61.50 -105.52
N ARG RE 227 -17.70 61.86 -104.99
CA ARG RE 227 -17.14 63.21 -105.25
C ARG RE 227 -16.58 63.26 -106.67
N ARG RE 228 -17.29 63.88 -107.60
CA ARG RE 228 -16.87 63.84 -109.00
C ARG RE 228 -17.38 65.07 -109.74
N ILE RE 229 -16.89 65.23 -110.96
CA ILE RE 229 -17.38 66.20 -111.94
C ILE RE 229 -17.82 65.41 -113.17
N GLU RE 230 -19.08 65.60 -113.58
CA GLU RE 230 -19.61 65.03 -114.81
C GLU RE 230 -19.44 66.05 -115.93
N ILE RE 231 -18.88 65.64 -117.05
CA ILE RE 231 -18.84 66.45 -118.25
C ILE RE 231 -19.54 65.64 -119.34
N GLN RE 232 -20.67 66.16 -119.82
CA GLN RE 232 -21.44 65.51 -120.86
C GLN RE 232 -21.40 66.38 -122.10
N TRP RE 233 -21.18 65.76 -123.26
CA TRP RE 233 -21.35 66.48 -124.50
C TRP RE 233 -21.88 65.51 -125.55
N PHE RE 234 -22.23 66.06 -126.70
CA PHE RE 234 -22.92 65.29 -127.73
C PHE RE 234 -22.04 65.05 -128.95
N ARG SE 99 -34.99 3.89 -140.68
CA ARG SE 99 -34.13 4.63 -139.74
C ARG SE 99 -34.79 5.93 -139.32
N ASP SE 100 -35.86 6.31 -140.01
CA ASP SE 100 -36.68 7.44 -139.65
C ASP SE 100 -38.13 7.05 -139.44
N SER SE 101 -38.39 5.79 -139.07
CA SER SE 101 -39.73 5.23 -139.06
C SER SE 101 -40.32 5.30 -137.66
N LYS SE 102 -41.49 4.65 -137.51
CA LYS SE 102 -42.28 4.72 -136.28
C LYS SE 102 -41.61 3.99 -135.13
N ARG SE 103 -40.85 2.94 -135.42
CA ARG SE 103 -40.13 2.19 -134.39
C ARG SE 103 -38.95 3.00 -133.85
N LYS SE 104 -38.30 3.77 -134.71
CA LYS SE 104 -37.22 4.65 -134.29
C LYS SE 104 -37.74 5.83 -133.50
N ILE SE 105 -38.90 6.37 -133.90
CA ILE SE 105 -39.38 7.53 -133.15
C ILE SE 105 -40.08 7.15 -131.85
N ILE SE 106 -40.60 5.92 -131.72
CA ILE SE 106 -41.02 5.51 -130.38
C ILE SE 106 -39.85 5.07 -129.54
N ARG SE 107 -38.71 4.69 -130.15
CA ARG SE 107 -37.56 4.29 -129.36
C ARG SE 107 -36.85 5.50 -128.77
N ASP SE 108 -36.69 6.57 -129.55
CA ASP SE 108 -36.11 7.75 -128.90
C ASP SE 108 -37.17 8.64 -128.25
N LEU SE 109 -38.46 8.39 -128.44
CA LEU SE 109 -39.43 8.99 -127.54
C LEU SE 109 -39.41 8.31 -126.18
N GLN SE 110 -39.12 7.01 -126.15
CA GLN SE 110 -38.86 6.32 -124.90
C GLN SE 110 -37.57 6.80 -124.27
N LYS SE 111 -36.56 7.09 -125.09
CA LYS SE 111 -35.31 7.64 -124.56
C LYS SE 111 -35.43 9.09 -124.13
N GLN SE 112 -36.36 9.85 -124.70
CA GLN SE 112 -36.75 11.15 -124.18
C GLN SE 112 -37.98 11.07 -123.31
N ASP SE 113 -38.26 9.87 -122.77
CA ASP SE 113 -39.07 9.55 -121.59
C ASP SE 113 -40.53 9.99 -121.69
N ILE SE 114 -41.06 9.96 -122.89
CA ILE SE 114 -42.48 10.07 -123.13
C ILE SE 114 -43.00 8.67 -123.42
N GLN SE 115 -43.97 8.21 -122.64
CA GLN SE 115 -44.43 6.83 -122.78
C GLN SE 115 -45.47 6.71 -123.88
N TYR SE 116 -45.45 5.57 -124.56
CA TYR SE 116 -46.31 5.34 -125.71
C TYR SE 116 -47.02 4.02 -125.53
N VAL SE 117 -48.35 4.02 -125.58
CA VAL SE 117 -49.10 2.78 -125.54
C VAL SE 117 -49.97 2.65 -126.79
N GLU SE 118 -49.85 1.50 -127.45
CA GLU SE 118 -50.75 1.04 -128.48
C GLU SE 118 -51.82 0.19 -127.86
N TYR SE 119 -53.08 0.48 -128.18
CA TYR SE 119 -54.15 -0.39 -127.70
C TYR SE 119 -55.28 -0.39 -128.72
N GLY SE 120 -55.23 -1.35 -129.65
CA GLY SE 120 -56.22 -1.48 -130.69
C GLY SE 120 -56.15 -0.35 -131.68
N ASP SE 121 -57.25 0.39 -131.83
CA ASP SE 121 -57.18 1.61 -132.61
C ASP SE 121 -56.70 2.79 -131.78
N THR SE 122 -56.72 2.66 -130.46
CA THR SE 122 -56.44 3.78 -129.58
C THR SE 122 -54.95 3.84 -129.27
N ARG SE 123 -54.34 4.96 -129.57
CA ARG SE 123 -52.94 5.18 -129.23
C ARG SE 123 -52.84 6.36 -128.30
N THR SE 124 -52.09 6.20 -127.22
CA THR SE 124 -52.03 7.22 -126.20
C THR SE 124 -50.58 7.50 -125.85
N LEU SE 125 -50.21 8.76 -125.90
CA LEU SE 125 -48.92 9.23 -125.44
C LEU SE 125 -49.05 9.89 -124.07
N ILE SE 126 -48.12 9.57 -123.18
CA ILE SE 126 -48.13 10.08 -121.83
C ILE SE 126 -46.87 10.90 -121.65
N ILE SE 127 -47.04 12.19 -121.38
CA ILE SE 127 -45.95 13.16 -121.35
C ILE SE 127 -45.78 13.64 -119.92
N PRO SE 128 -44.59 13.53 -119.31
CA PRO SE 128 -44.40 14.06 -117.96
C PRO SE 128 -44.25 15.58 -117.98
N THR SE 129 -45.13 16.24 -117.22
CA THR SE 129 -45.18 17.69 -117.19
C THR SE 129 -44.02 18.30 -116.44
N ASP SE 130 -43.42 17.55 -115.52
CA ASP SE 130 -42.26 17.98 -114.77
C ASP SE 130 -41.02 18.13 -115.63
N LYS SE 131 -40.89 17.36 -116.70
CA LYS SE 131 -39.79 17.53 -117.62
C LYS SE 131 -40.20 18.12 -118.94
N TYR SE 132 -41.48 18.40 -119.16
CA TYR SE 132 -41.91 19.05 -120.39
C TYR SE 132 -42.68 20.32 -120.12
N PHE SE 133 -42.52 20.89 -118.94
CA PHE SE 133 -43.15 22.13 -118.57
C PHE SE 133 -42.28 22.80 -117.54
N MET SE 134 -42.11 24.12 -117.64
CA MET SE 134 -41.58 24.82 -116.49
C MET SE 134 -42.66 24.92 -115.44
N PHE SE 135 -42.20 25.05 -114.20
CA PHE SE 135 -42.90 24.52 -113.03
C PHE SE 135 -44.10 25.37 -112.66
N SER SE 136 -45.26 24.71 -112.57
CA SER SE 136 -46.60 25.26 -112.33
C SER SE 136 -46.94 26.38 -113.31
N SER SE 137 -46.68 26.12 -114.57
CA SER SE 137 -46.87 27.10 -115.62
C SER SE 137 -47.33 26.39 -116.87
N PRO SE 138 -48.01 27.09 -117.77
CA PRO SE 138 -48.19 26.55 -119.12
C PRO SE 138 -47.09 26.96 -120.09
N ARG SE 139 -45.98 27.47 -119.57
CA ARG SE 139 -44.80 27.67 -120.39
C ARG SE 139 -44.17 26.33 -120.68
N LEU SE 140 -44.08 25.97 -121.95
CA LEU SE 140 -43.47 24.72 -122.37
C LEU SE 140 -41.98 24.76 -122.16
N ASN SE 141 -41.44 23.70 -121.59
CA ASN SE 141 -40.02 23.59 -121.28
C ASN SE 141 -39.29 23.32 -122.59
N GLU SE 142 -38.92 24.41 -123.28
CA GLU SE 142 -38.35 24.31 -124.61
C GLU SE 142 -36.86 23.98 -124.60
N ILE SE 143 -36.24 23.81 -123.44
CA ILE SE 143 -35.00 23.05 -123.37
C ILE SE 143 -35.26 21.59 -123.73
N CYS SE 144 -36.39 21.03 -123.32
CA CYS SE 144 -36.79 19.69 -123.75
C CYS SE 144 -37.68 19.71 -124.98
N TYR SE 145 -37.24 20.42 -126.00
CA TYR SE 145 -37.84 20.41 -127.34
C TYR SE 145 -37.71 19.21 -128.30
N PRO SE 146 -36.67 18.31 -128.29
CA PRO SE 146 -36.70 17.21 -129.29
C PRO SE 146 -37.73 16.14 -129.01
N GLY SE 147 -38.21 16.00 -127.77
CA GLY SE 147 -39.38 15.18 -127.54
C GLY SE 147 -40.64 15.79 -128.11
N LEU SE 148 -40.70 17.10 -128.17
CA LEU SE 148 -41.84 17.78 -128.79
C LEU SE 148 -41.79 17.68 -130.31
N ASN SE 149 -40.57 17.68 -130.87
CA ASN SE 149 -40.43 17.41 -132.30
C ASN SE 149 -40.72 15.95 -132.63
N ASN SE 150 -40.44 15.04 -131.70
CA ASN SE 150 -40.76 13.65 -131.96
C ASN SE 150 -42.24 13.35 -131.78
N VAL SE 151 -42.96 14.11 -130.93
CA VAL SE 151 -44.38 13.81 -130.80
C VAL SE 151 -45.14 14.44 -131.97
N ILE SE 152 -44.63 15.53 -132.57
CA ILE SE 152 -45.26 15.95 -133.82
C ILE SE 152 -44.80 15.10 -135.02
N ARG SE 153 -43.61 14.49 -134.94
CA ARG SE 153 -43.21 13.52 -135.95
C ARG SE 153 -43.97 12.20 -135.82
N LEU SE 154 -44.50 11.90 -134.65
CA LEU SE 154 -45.37 10.74 -134.52
C LEU SE 154 -46.79 11.07 -134.91
N LEU SE 155 -47.22 12.31 -134.68
CA LEU SE 155 -48.58 12.69 -135.01
C LEU SE 155 -48.73 13.09 -136.47
N ASN SE 156 -47.64 13.18 -137.21
CA ASN SE 156 -47.76 13.30 -138.67
C ASN SE 156 -48.13 12.00 -139.34
N PHE SE 157 -47.97 10.86 -138.66
CA PHE SE 157 -48.30 9.56 -139.25
C PHE SE 157 -49.79 9.29 -139.30
N TYR SE 158 -50.60 10.02 -138.55
CA TYR SE 158 -52.02 9.72 -138.41
C TYR SE 158 -52.83 10.95 -138.82
N PRO SE 159 -52.88 11.27 -140.10
CA PRO SE 159 -53.35 12.58 -140.52
C PRO SE 159 -54.86 12.71 -140.68
N GLN SE 160 -55.64 11.76 -140.22
CA GLN SE 160 -57.09 11.87 -140.31
C GLN SE 160 -57.79 11.66 -138.99
N SER SE 161 -57.06 11.54 -137.89
CA SER SE 161 -57.68 11.18 -136.63
C SER SE 161 -58.10 12.40 -135.83
N THR SE 162 -59.11 12.22 -135.01
CA THR SE 162 -59.39 13.16 -133.94
C THR SE 162 -58.45 12.88 -132.78
N ILE SE 163 -58.16 13.92 -132.00
CA ILE SE 163 -57.19 13.84 -130.92
C ILE SE 163 -57.80 14.41 -129.65
N TYR SE 164 -57.95 13.57 -128.63
CA TYR SE 164 -58.14 14.01 -127.26
C TYR SE 164 -56.77 14.38 -126.71
N VAL SE 165 -56.68 15.52 -126.03
CA VAL SE 165 -55.51 15.89 -125.25
C VAL SE 165 -56.01 16.29 -123.88
N ALA SE 166 -55.49 15.66 -122.83
CA ALA SE 166 -56.00 15.80 -121.49
C ALA SE 166 -54.87 16.13 -120.53
N GLY SE 167 -55.15 17.08 -119.66
CA GLY SE 167 -54.18 17.56 -118.69
C GLY SE 167 -54.45 16.96 -117.32
N PHE SE 168 -53.38 16.70 -116.57
CA PHE SE 168 -53.48 15.98 -115.31
C PHE SE 168 -52.52 16.56 -114.28
N THR SE 169 -52.93 16.46 -113.02
CA THR SE 169 -52.19 17.02 -111.90
C THR SE 169 -51.95 15.95 -110.84
N ASP SE 170 -51.48 16.35 -109.67
CA ASP SE 170 -51.60 15.52 -108.49
C ASP SE 170 -52.30 16.38 -107.44
N ASN SE 171 -52.46 15.83 -106.25
CA ASN SE 171 -53.52 16.20 -105.32
C ASN SE 171 -53.28 17.50 -104.56
N VAL SE 172 -52.15 18.19 -104.75
CA VAL SE 172 -51.85 19.34 -103.92
C VAL SE 172 -52.60 20.55 -104.45
N GLY SE 173 -52.74 21.59 -103.62
CA GLY SE 173 -53.44 22.78 -104.04
C GLY SE 173 -54.94 22.63 -103.96
N SER SE 174 -55.62 23.69 -104.38
CA SER SE 174 -57.07 23.66 -104.46
C SER SE 174 -57.51 22.84 -105.66
N ARG SE 175 -58.77 22.41 -105.61
CA ARG SE 175 -59.37 21.66 -106.71
C ARG SE 175 -59.56 22.54 -107.94
N SER SE 176 -59.90 23.80 -107.71
CA SER SE 176 -59.98 24.78 -108.78
C SER SE 176 -58.61 25.12 -109.34
N HIS SE 177 -57.57 25.08 -108.50
CA HIS SE 177 -56.21 25.32 -108.96
C HIS SE 177 -55.70 24.16 -109.80
N LYS SE 178 -56.06 22.93 -109.41
CA LYS SE 178 -55.68 21.73 -110.15
C LYS SE 178 -56.38 21.66 -111.50
N ARG SE 179 -57.67 22.02 -111.52
CA ARG SE 179 -58.46 22.02 -112.74
C ARG SE 179 -58.01 23.10 -113.70
N LYS SE 180 -57.70 24.29 -113.17
CA LYS SE 180 -57.25 25.42 -113.99
C LYS SE 180 -55.86 25.22 -114.53
N LEU SE 181 -54.96 24.63 -113.75
CA LEU SE 181 -53.59 24.48 -114.23
C LEU SE 181 -53.46 23.29 -115.18
N SER SE 182 -54.26 22.23 -114.97
CA SER SE 182 -54.26 21.13 -115.92
C SER SE 182 -54.97 21.50 -117.21
N GLN SE 183 -55.99 22.36 -117.11
CA GLN SE 183 -56.66 22.95 -118.25
C GLN SE 183 -55.73 23.84 -119.05
N ALA SE 184 -54.86 24.57 -118.34
CA ALA SE 184 -53.89 25.44 -118.97
C ALA SE 184 -52.81 24.66 -119.70
N GLN SE 185 -52.33 23.57 -119.09
CA GLN SE 185 -51.27 22.78 -119.71
C GLN SE 185 -51.78 21.96 -120.88
N ALA SE 186 -53.03 21.48 -120.79
CA ALA SE 186 -53.64 20.77 -121.89
C ALA SE 186 -53.98 21.70 -123.04
N GLU SE 187 -54.37 22.94 -122.71
CA GLU SE 187 -54.65 23.95 -123.72
C GLU SE 187 -53.38 24.37 -124.44
N THR SE 188 -52.26 24.47 -123.73
CA THR SE 188 -51.07 24.89 -124.46
C THR SE 188 -50.36 23.74 -125.17
N MET SE 189 -50.63 22.49 -124.78
CA MET SE 189 -50.16 21.38 -125.62
C MET SE 189 -51.00 21.27 -126.88
N MET SE 190 -52.28 21.59 -126.76
CA MET SE 190 -53.18 21.68 -127.91
C MET SE 190 -52.79 22.79 -128.87
N THR SE 191 -52.39 23.95 -128.34
CA THR SE 191 -51.91 25.01 -129.21
C THR SE 191 -50.53 24.73 -129.78
N PHE SE 192 -49.72 23.91 -129.11
CA PHE SE 192 -48.45 23.53 -129.70
C PHE SE 192 -48.65 22.62 -130.90
N LEU SE 193 -49.57 21.66 -130.78
CA LEU SE 193 -49.91 20.77 -131.90
C LEU SE 193 -50.61 21.51 -133.04
N TRP SE 194 -51.45 22.47 -132.69
CA TRP SE 194 -52.05 23.35 -133.69
C TRP SE 194 -51.02 24.29 -134.30
N ALA SE 195 -50.01 24.67 -133.53
CA ALA SE 195 -48.97 25.56 -133.99
C ALA SE 195 -47.96 24.89 -134.90
N ASN SE 196 -47.83 23.58 -134.86
CA ASN SE 196 -47.12 22.94 -135.95
C ASN SE 196 -47.99 21.97 -136.75
N GLY SE 197 -49.28 22.25 -136.82
CA GLY SE 197 -50.01 21.94 -138.03
C GLY SE 197 -50.96 20.79 -138.00
N ILE SE 198 -51.75 20.64 -136.95
CA ILE SE 198 -52.93 19.80 -136.99
C ILE SE 198 -54.10 20.76 -137.08
N ALA SE 199 -55.13 20.37 -137.82
CA ALA SE 199 -56.34 21.17 -137.91
C ALA SE 199 -57.08 21.17 -136.59
N ALA SE 200 -57.61 22.33 -136.23
CA ALA SE 200 -58.08 22.63 -134.88
C ALA SE 200 -59.37 21.91 -134.52
N LYS SE 201 -60.12 21.41 -135.49
CA LYS SE 201 -61.27 20.59 -135.20
C LYS SE 201 -60.92 19.12 -135.04
N ARG SE 202 -59.67 18.74 -135.27
CA ARG SE 202 -59.24 17.41 -134.87
C ARG SE 202 -58.75 17.39 -133.43
N LEU SE 203 -58.59 18.55 -132.82
CA LEU SE 203 -58.04 18.63 -131.47
C LEU SE 203 -59.13 19.00 -130.48
N LYS SE 204 -59.01 18.48 -129.28
CA LYS SE 204 -59.94 18.79 -128.20
C LYS SE 204 -59.17 18.69 -126.90
N ALA SE 205 -58.79 19.83 -126.34
CA ALA SE 205 -58.10 19.86 -125.07
C ALA SE 205 -59.12 19.81 -123.95
N GLU SE 206 -58.74 19.12 -122.88
CA GLU SE 206 -59.55 19.01 -121.69
C GLU SE 206 -58.61 18.77 -120.53
N GLY SE 207 -58.77 19.55 -119.48
CA GLY SE 207 -57.93 19.35 -118.32
C GLY SE 207 -58.74 18.78 -117.18
N TYR SE 208 -58.43 17.56 -116.76
CA TYR SE 208 -59.07 16.99 -115.59
C TYR SE 208 -58.22 17.30 -114.37
N GLY SE 209 -58.87 17.81 -113.33
CA GLY SE 209 -58.16 18.12 -112.12
C GLY SE 209 -57.94 16.87 -111.29
N ASP SE 210 -56.92 16.09 -111.66
CA ASP SE 210 -56.32 14.95 -110.96
C ASP SE 210 -57.21 13.70 -110.86
N LYS SE 211 -58.43 13.72 -111.37
CA LYS SE 211 -59.42 12.76 -110.91
C LYS SE 211 -59.39 11.44 -111.68
N ASN SE 212 -58.50 11.27 -112.64
CA ASN SE 212 -58.35 9.94 -113.22
C ASN SE 212 -57.29 9.13 -112.49
N ALA SE 213 -56.16 9.76 -112.17
CA ALA SE 213 -55.21 9.38 -111.12
C ALA SE 213 -54.57 8.01 -111.33
N ILE SE 214 -53.71 7.94 -112.36
CA ILE SE 214 -53.15 6.66 -112.79
C ILE SE 214 -52.07 6.08 -111.87
N SER SE 215 -51.66 6.80 -110.83
CA SER SE 215 -51.12 6.17 -109.65
C SER SE 215 -51.74 6.85 -108.44
N ASP SE 216 -51.29 6.45 -107.26
CA ASP SE 216 -51.77 7.09 -106.04
C ASP SE 216 -51.07 8.42 -105.84
N ASN SE 217 -51.58 9.20 -104.90
CA ASN SE 217 -50.98 10.48 -104.61
C ASN SE 217 -50.51 10.59 -103.18
N ALA SE 218 -50.57 9.50 -102.43
CA ALA SE 218 -49.95 9.48 -101.12
C ALA SE 218 -48.45 9.36 -101.20
N ILE SE 219 -47.92 8.81 -102.28
CA ILE SE 219 -46.49 8.54 -102.37
C ILE SE 219 -45.88 9.44 -103.44
N ILE SE 220 -44.56 9.60 -103.34
CA ILE SE 220 -43.84 10.66 -104.04
C ILE SE 220 -43.70 10.34 -105.52
N HIS SE 221 -43.23 9.13 -105.83
CA HIS SE 221 -43.09 8.71 -107.21
C HIS SE 221 -44.42 8.46 -107.88
N GLY SE 222 -45.43 8.11 -107.09
CA GLY SE 222 -46.79 8.04 -107.59
C GLY SE 222 -47.36 9.41 -107.94
N SER SE 223 -46.99 10.44 -107.19
CA SER SE 223 -47.44 11.78 -107.55
C SER SE 223 -46.70 12.32 -108.77
N ALA SE 224 -45.44 11.90 -108.92
CA ALA SE 224 -44.66 12.20 -110.12
C ALA SE 224 -45.25 11.52 -111.35
N GLN SE 225 -45.69 10.28 -111.19
CA GLN SE 225 -46.35 9.58 -112.28
C GLN SE 225 -47.79 10.01 -112.48
N ASN SE 226 -48.38 10.71 -111.52
CA ASN SE 226 -49.73 11.22 -111.74
C ASN SE 226 -49.76 12.54 -112.47
N ARG SE 227 -48.71 13.36 -112.37
CA ARG SE 227 -48.69 14.57 -113.24
C ARG SE 227 -48.26 14.19 -114.65
N ARG SE 228 -49.18 14.31 -115.60
CA ARG SE 228 -48.92 13.83 -116.95
C ARG SE 228 -49.79 14.58 -117.95
N ILE SE 229 -49.55 14.30 -119.23
CA ILE SE 229 -50.39 14.73 -120.34
C ILE SE 229 -50.80 13.47 -121.10
N GLU SE 230 -52.10 13.24 -121.22
CA GLU SE 230 -52.63 12.13 -121.99
C GLU SE 230 -52.95 12.65 -123.39
N ILE SE 231 -52.44 11.98 -124.40
CA ILE SE 231 -52.83 12.24 -125.79
C ILE SE 231 -53.45 10.96 -126.32
N GLN SE 232 -54.76 10.93 -126.39
CA GLN SE 232 -55.48 9.79 -126.94
C GLN SE 232 -55.84 10.14 -128.38
N TRP SE 233 -55.60 9.23 -129.30
CA TRP SE 233 -56.18 9.37 -130.63
C TRP SE 233 -56.56 8.01 -131.17
N PHE SE 234 -57.20 8.03 -132.32
CA PHE SE 234 -57.75 6.83 -132.92
C PHE SE 234 -56.96 6.41 -134.16
N ARG TE 99 -52.84 -55.94 -122.74
CA ARG TE 99 -52.17 -54.70 -122.37
C ARG TE 99 -53.14 -53.54 -122.33
N ASP TE 100 -54.36 -53.79 -122.80
CA ASP TE 100 -55.45 -52.83 -122.72
C ASP TE 100 -56.70 -53.44 -122.09
N SER TE 101 -56.54 -54.40 -121.19
CA SER TE 101 -57.64 -55.18 -120.68
C SER TE 101 -58.03 -54.73 -119.28
N LYS TE 102 -58.88 -55.54 -118.65
CA LYS TE 102 -59.50 -55.20 -117.38
C LYS TE 102 -58.52 -55.25 -116.22
N ARG TE 103 -57.57 -56.18 -116.27
CA ARG TE 103 -56.55 -56.30 -115.24
C ARG TE 103 -55.56 -55.14 -115.30
N LYS TE 104 -55.27 -54.67 -116.51
CA LYS TE 104 -54.40 -53.52 -116.71
C LYS TE 104 -55.09 -52.23 -116.24
N ILE TE 105 -56.39 -52.10 -116.52
CA ILE TE 105 -57.04 -50.87 -116.10
C ILE TE 105 -57.39 -50.88 -114.62
N ILE TE 106 -57.56 -52.03 -113.96
CA ILE TE 106 -57.66 -51.98 -112.51
C ILE TE 106 -56.29 -51.84 -111.86
N ARG TE 107 -55.20 -52.19 -112.56
CA ARG TE 107 -53.88 -52.01 -111.96
C ARG TE 107 -53.45 -50.56 -111.99
N ASP TE 108 -53.74 -49.84 -113.07
CA ASP TE 108 -53.44 -48.40 -112.96
C ASP TE 108 -54.60 -47.59 -112.41
N LEU TE 109 -55.78 -48.18 -112.20
CA LEU TE 109 -56.75 -47.53 -111.32
C LEU TE 109 -56.33 -47.63 -109.87
N GLN TE 110 -55.66 -48.73 -109.51
CA GLN TE 110 -55.00 -48.84 -108.21
C GLN TE 110 -53.85 -47.86 -108.10
N LYS TE 111 -53.11 -47.67 -109.20
CA LYS TE 111 -52.01 -46.69 -109.18
C LYS TE 111 -52.50 -45.25 -109.23
N GLN TE 112 -53.69 -45.01 -109.73
CA GLN TE 112 -54.34 -43.71 -109.61
C GLN TE 112 -55.33 -43.68 -108.45
N ASP TE 113 -55.24 -44.67 -107.56
CA ASP TE 113 -55.77 -44.71 -106.19
C ASP TE 113 -57.31 -44.63 -106.12
N ILE TE 114 -57.99 -45.07 -107.16
CA ILE TE 114 -59.41 -45.38 -107.07
C ILE TE 114 -59.53 -46.88 -106.82
N GLN TE 115 -60.23 -47.26 -105.75
CA GLN TE 115 -60.28 -48.67 -105.37
C GLN TE 115 -61.42 -49.37 -106.10
N TYR TE 116 -61.30 -50.69 -106.18
CA TYR TE 116 -62.23 -51.52 -106.94
C TYR TE 116 -62.43 -52.85 -106.25
N VAL TE 117 -63.67 -53.23 -105.99
CA VAL TE 117 -63.96 -54.52 -105.37
C VAL TE 117 -64.91 -55.31 -106.26
N GLU TE 118 -64.52 -56.55 -106.54
CA GLU TE 118 -65.34 -57.53 -107.22
C GLU TE 118 -66.01 -58.42 -106.20
N TYR TE 119 -67.32 -58.62 -106.34
CA TYR TE 119 -68.01 -59.48 -105.38
C TYR TE 119 -69.20 -60.15 -106.05
N GLY TE 120 -68.97 -61.35 -106.57
CA GLY TE 120 -70.00 -62.11 -107.26
C GLY TE 120 -70.41 -61.47 -108.56
N ASP TE 121 -71.63 -60.96 -108.60
CA ASP TE 121 -72.04 -60.11 -109.71
C ASP TE 121 -71.91 -58.64 -109.37
N THR TE 122 -71.80 -58.29 -108.09
CA THR TE 122 -71.70 -56.90 -107.69
C THR TE 122 -70.26 -56.42 -107.83
N ARG TE 123 -70.08 -55.33 -108.55
CA ARG TE 123 -68.79 -54.67 -108.61
C ARG TE 123 -68.95 -53.24 -108.14
N THR TE 124 -67.93 -52.74 -107.46
CA THR TE 124 -68.04 -51.42 -106.84
C THR TE 124 -66.70 -50.70 -106.96
N LEU TE 125 -66.74 -49.54 -107.58
CA LEU TE 125 -65.61 -48.62 -107.52
C LEU TE 125 -65.79 -47.72 -106.31
N ILE TE 126 -64.68 -47.27 -105.74
CA ILE TE 126 -64.68 -46.28 -104.67
C ILE TE 126 -63.70 -45.19 -105.07
N ILE TE 127 -64.20 -43.98 -105.19
CA ILE TE 127 -63.44 -42.85 -105.72
C ILE TE 127 -63.19 -41.86 -104.59
N PRO TE 128 -61.94 -41.57 -104.22
CA PRO TE 128 -61.68 -40.61 -103.16
C PRO TE 128 -61.92 -39.18 -103.63
N THR TE 129 -62.80 -38.49 -102.91
CA THR TE 129 -63.24 -37.17 -103.31
C THR TE 129 -62.21 -36.10 -103.04
N ASP TE 130 -61.26 -36.37 -102.16
CA ASP TE 130 -60.17 -35.46 -101.90
C ASP TE 130 -59.20 -35.36 -103.05
N LYS TE 131 -58.88 -36.47 -103.69
CA LYS TE 131 -58.02 -36.43 -104.85
C LYS TE 131 -58.79 -36.29 -106.15
N TYR TE 132 -60.11 -36.47 -106.14
CA TYR TE 132 -60.86 -36.43 -107.38
C TYR TE 132 -61.98 -35.42 -107.36
N PHE TE 133 -61.92 -34.45 -106.46
CA PHE TE 133 -62.91 -33.40 -106.42
C PHE TE 133 -62.27 -32.15 -105.86
N MET TE 134 -62.58 -31.01 -106.47
CA MET TE 134 -62.10 -29.77 -105.93
C MET TE 134 -62.93 -29.40 -104.73
N PHE TE 135 -62.28 -28.77 -103.76
CA PHE TE 135 -62.54 -28.98 -102.34
C PHE TE 135 -63.88 -28.43 -101.89
N SER TE 136 -64.66 -29.32 -101.26
CA SER TE 136 -65.99 -29.08 -100.66
C SER TE 136 -66.97 -28.53 -101.69
N SER TE 137 -66.91 -29.09 -102.88
CA SER TE 137 -67.59 -28.55 -104.04
C SER TE 137 -67.82 -29.67 -105.04
N PRO TE 138 -68.88 -29.59 -105.82
CA PRO TE 138 -69.05 -30.58 -106.89
C PRO TE 138 -68.38 -30.19 -108.21
N ARG TE 139 -67.47 -29.22 -108.18
CA ARG TE 139 -66.57 -29.01 -109.30
C ARG TE 139 -65.59 -30.15 -109.35
N LEU TE 140 -65.67 -30.95 -110.41
CA LEU TE 140 -64.88 -32.16 -110.52
C LEU TE 140 -63.44 -31.83 -110.89
N ASN TE 141 -62.51 -32.47 -110.19
CA ASN TE 141 -61.09 -32.13 -110.26
C ASN TE 141 -60.52 -32.65 -111.57
N GLU TE 142 -60.42 -31.78 -112.55
CA GLU TE 142 -60.01 -32.20 -113.88
C GLU TE 142 -58.51 -32.28 -114.06
N ILE TE 143 -57.72 -31.99 -113.03
CA ILE TE 143 -56.29 -32.26 -113.11
C ILE TE 143 -56.06 -33.76 -112.95
N CYS TE 144 -56.86 -34.44 -112.14
CA CYS TE 144 -56.81 -35.89 -112.08
C CYS TE 144 -57.84 -36.53 -113.02
N TYR TE 145 -57.83 -36.09 -114.27
CA TYR TE 145 -58.60 -36.74 -115.32
C TYR TE 145 -58.30 -38.20 -115.71
N PRO TE 146 -57.06 -38.77 -115.72
CA PRO TE 146 -56.91 -40.10 -116.34
C PRO TE 146 -57.42 -41.26 -115.51
N GLY TE 147 -57.59 -41.07 -114.20
CA GLY TE 147 -58.36 -42.04 -113.43
C GLY TE 147 -59.83 -42.03 -113.78
N LEU TE 148 -60.37 -40.88 -114.12
CA LEU TE 148 -61.75 -40.77 -114.57
C LEU TE 148 -61.94 -41.34 -115.96
N ASN TE 149 -60.91 -41.21 -116.81
CA ASN TE 149 -60.91 -41.89 -118.09
C ASN TE 149 -60.79 -43.40 -117.92
N ASN TE 150 -60.09 -43.85 -116.88
CA ASN TE 150 -60.04 -45.27 -116.62
C ASN TE 150 -61.34 -45.81 -116.04
N VAL TE 151 -62.09 -45.02 -115.29
CA VAL TE 151 -63.37 -45.56 -114.81
C VAL TE 151 -64.43 -45.51 -115.90
N ILE TE 152 -64.31 -44.62 -116.89
CA ILE TE 152 -65.24 -44.72 -118.00
C ILE TE 152 -64.79 -45.81 -118.98
N ARG TE 153 -63.49 -46.12 -119.02
CA ARG TE 153 -63.02 -47.28 -119.77
C ARG TE 153 -63.35 -48.59 -119.07
N LEU TE 154 -63.58 -48.57 -117.76
CA LEU TE 154 -63.99 -49.77 -117.06
C LEU TE 154 -65.49 -49.98 -117.15
N LEU TE 155 -66.26 -48.91 -117.18
CA LEU TE 155 -67.69 -49.06 -117.37
C LEU TE 155 -68.08 -49.25 -118.82
N ASN TE 156 -67.15 -49.06 -119.76
CA ASN TE 156 -67.34 -49.56 -121.12
C ASN TE 156 -67.37 -51.09 -121.20
N PHE TE 157 -66.73 -51.78 -120.27
CA PHE TE 157 -66.68 -53.24 -120.32
C PHE TE 157 -67.98 -53.90 -119.89
N TYR TE 158 -68.86 -53.18 -119.18
CA TYR TE 158 -70.10 -53.74 -118.66
C TYR TE 158 -71.28 -52.97 -119.21
N PRO TE 159 -71.59 -53.14 -120.49
CA PRO TE 159 -72.49 -52.21 -121.18
C PRO TE 159 -73.98 -52.49 -121.04
N GLN TE 160 -74.41 -53.32 -120.09
CA GLN TE 160 -75.83 -53.58 -119.94
C GLN TE 160 -76.34 -53.40 -118.53
N SER TE 161 -75.46 -53.30 -117.53
CA SER TE 161 -75.89 -53.26 -116.15
C SER TE 161 -76.33 -51.86 -115.75
N THR TE 162 -77.34 -51.79 -114.90
CA THR TE 162 -77.69 -50.55 -114.26
C THR TE 162 -76.66 -50.18 -113.22
N ILE TE 163 -76.52 -48.88 -112.97
CA ILE TE 163 -75.46 -48.36 -112.11
C ILE TE 163 -76.11 -47.53 -111.00
N TYR TE 164 -75.94 -47.97 -109.77
CA TYR TE 164 -76.09 -47.13 -108.59
C TYR TE 164 -74.82 -46.31 -108.45
N VAL TE 165 -74.97 -45.00 -108.25
CA VAL TE 165 -73.84 -44.19 -107.80
C VAL TE 165 -74.31 -43.43 -106.56
N ALA TE 166 -73.39 -43.24 -105.62
CA ALA TE 166 -73.74 -42.76 -104.30
C ALA TE 166 -72.58 -41.97 -103.73
N GLY TE 167 -72.93 -40.90 -103.04
CA GLY TE 167 -71.96 -39.93 -102.58
C GLY TE 167 -71.85 -40.02 -101.06
N PHE TE 168 -70.63 -39.88 -100.57
CA PHE TE 168 -70.38 -40.03 -99.16
C PHE TE 168 -69.47 -38.93 -98.65
N THR TE 169 -69.52 -38.74 -97.34
CA THR TE 169 -68.88 -37.63 -96.65
C THR TE 169 -68.24 -38.11 -95.36
N ASP TE 170 -67.92 -37.17 -94.48
CA ASP TE 170 -67.47 -37.47 -93.14
C ASP TE 170 -68.37 -36.67 -92.21
N ASN TE 171 -68.01 -36.58 -90.94
CA ASN TE 171 -68.95 -36.11 -89.93
C ASN TE 171 -69.04 -34.60 -89.82
N VAL TE 172 -68.28 -33.83 -90.58
CA VAL TE 172 -68.27 -32.39 -90.44
C VAL TE 172 -69.46 -31.77 -91.13
N GLY TE 173 -69.87 -30.58 -90.69
CA GLY TE 173 -70.96 -29.89 -91.32
C GLY TE 173 -72.31 -30.30 -90.76
N SER TE 174 -73.34 -29.66 -91.31
CA SER TE 174 -74.70 -30.01 -90.95
C SER TE 174 -75.12 -31.29 -91.64
N ARG TE 175 -76.21 -31.87 -91.15
CA ARG TE 175 -76.80 -33.04 -91.77
C ARG TE 175 -77.35 -32.70 -93.15
N SER TE 176 -77.95 -31.52 -93.27
CA SER TE 176 -78.39 -30.99 -94.55
C SER TE 176 -77.22 -30.63 -95.45
N HIS TE 177 -76.10 -30.19 -94.86
CA HIS TE 177 -74.94 -29.82 -95.68
C HIS TE 177 -74.24 -31.05 -96.22
N LYS TE 178 -74.18 -32.10 -95.41
CA LYS TE 178 -73.61 -33.38 -95.80
C LYS TE 178 -74.45 -34.06 -96.86
N ARG TE 179 -75.78 -33.97 -96.71
CA ARG TE 179 -76.72 -34.53 -97.67
C ARG TE 179 -76.65 -33.79 -99.00
N LYS TE 180 -76.53 -32.45 -98.95
CA LYS TE 180 -76.46 -31.66 -100.17
C LYS TE 180 -75.12 -31.78 -100.86
N LEU TE 181 -74.04 -31.91 -100.11
CA LEU TE 181 -72.72 -32.01 -100.72
C LEU TE 181 -72.48 -33.39 -101.29
N SER TE 182 -72.94 -34.44 -100.60
CA SER TE 182 -72.78 -35.78 -101.12
C SER TE 182 -73.74 -36.07 -102.25
N GLN TE 183 -74.93 -35.43 -102.22
CA GLN TE 183 -75.88 -35.52 -103.31
C GLN TE 183 -75.39 -34.79 -104.54
N ALA TE 184 -74.71 -33.66 -104.33
CA ALA TE 184 -74.16 -32.89 -105.43
C ALA TE 184 -72.96 -33.58 -106.07
N GLN TE 185 -72.11 -34.20 -105.25
CA GLN TE 185 -70.93 -34.88 -105.79
C GLN TE 185 -71.29 -36.19 -106.48
N ALA TE 186 -72.29 -36.89 -105.96
CA ALA TE 186 -72.81 -38.07 -106.64
C ALA TE 186 -73.54 -37.71 -107.92
N GLU TE 187 -74.18 -36.54 -107.93
CA GLU TE 187 -74.87 -36.06 -109.13
C GLU TE 187 -73.89 -35.69 -110.23
N THR TE 188 -72.78 -35.03 -109.90
CA THR TE 188 -71.84 -34.70 -110.97
C THR TE 188 -70.98 -35.88 -111.39
N MET TE 189 -70.83 -36.90 -110.55
CA MET TE 189 -70.25 -38.15 -111.04
C MET TE 189 -71.20 -38.88 -111.98
N MET TE 190 -72.50 -38.83 -111.70
CA MET TE 190 -73.51 -39.43 -112.57
C MET TE 190 -73.61 -38.73 -113.91
N THR TE 191 -73.49 -37.41 -113.92
CA THR TE 191 -73.46 -36.70 -115.19
C THR TE 191 -72.15 -36.85 -115.92
N PHE TE 192 -71.05 -37.13 -115.20
CA PHE TE 192 -69.80 -37.44 -115.88
C PHE TE 192 -69.88 -38.76 -116.62
N LEU TE 193 -70.53 -39.75 -116.01
CA LEU TE 193 -70.73 -41.02 -116.71
C LEU TE 193 -71.76 -40.90 -117.83
N TRP TE 194 -72.78 -40.05 -117.64
CA TRP TE 194 -73.80 -39.85 -118.67
C TRP TE 194 -73.25 -39.06 -119.86
N ALA TE 195 -72.45 -38.06 -119.59
CA ALA TE 195 -71.80 -37.27 -120.61
C ALA TE 195 -70.55 -37.91 -121.17
N ASN TE 196 -70.10 -39.01 -120.58
CA ASN TE 196 -69.04 -39.78 -121.20
C ASN TE 196 -69.52 -41.15 -121.65
N GLY TE 197 -70.83 -41.33 -121.75
CA GLY TE 197 -71.37 -42.33 -122.63
C GLY TE 197 -72.09 -43.50 -122.01
N ILE TE 198 -72.79 -43.29 -120.91
CA ILE TE 198 -73.70 -44.28 -120.36
C ILE TE 198 -75.10 -43.73 -120.57
N ALA TE 199 -76.05 -44.60 -120.87
CA ALA TE 199 -77.46 -44.23 -121.00
C ALA TE 199 -78.01 -43.76 -119.66
N ALA TE 200 -78.90 -42.77 -119.73
CA ALA TE 200 -79.36 -42.02 -118.57
C ALA TE 200 -80.32 -42.81 -117.70
N LYS TE 201 -80.94 -43.86 -118.21
CA LYS TE 201 -81.76 -44.71 -117.38
C LYS TE 201 -81.04 -45.96 -116.94
N ARG TE 202 -79.77 -46.10 -117.28
CA ARG TE 202 -78.90 -47.02 -116.57
C ARG TE 202 -78.37 -46.43 -115.29
N LEU TE 203 -78.36 -45.10 -115.18
CA LEU TE 203 -77.71 -44.40 -114.10
C LEU TE 203 -78.70 -43.96 -113.06
N LYS TE 204 -78.28 -43.96 -111.80
CA LYS TE 204 -79.11 -43.49 -110.70
C LYS TE 204 -78.19 -42.94 -109.64
N ALA TE 205 -78.43 -41.70 -109.23
CA ALA TE 205 -77.56 -41.01 -108.30
C ALA TE 205 -78.24 -40.82 -106.96
N GLU TE 206 -77.46 -40.99 -105.91
CA GLU TE 206 -77.98 -40.78 -104.57
C GLU TE 206 -76.83 -40.33 -103.69
N GLY TE 207 -77.11 -39.37 -102.81
CA GLY TE 207 -76.10 -39.01 -101.85
C GLY TE 207 -76.54 -39.33 -100.44
N TYR TE 208 -75.67 -39.97 -99.67
CA TYR TE 208 -75.92 -40.20 -98.26
C TYR TE 208 -74.92 -39.39 -97.46
N GLY TE 209 -75.43 -38.53 -96.60
CA GLY TE 209 -74.58 -37.67 -95.82
C GLY TE 209 -74.01 -38.42 -94.65
N ASP TE 210 -72.92 -39.16 -94.89
CA ASP TE 210 -72.10 -39.98 -93.99
C ASP TE 210 -72.82 -41.20 -93.43
N LYS TE 211 -74.04 -41.55 -93.88
CA LYS TE 211 -74.82 -42.56 -93.20
C LYS TE 211 -74.50 -44.00 -93.58
N ASN TE 212 -73.33 -44.31 -94.12
CA ASN TE 212 -72.92 -45.70 -94.17
C ASN TE 212 -71.60 -45.96 -93.47
N ALA TE 213 -70.63 -45.05 -93.66
CA ALA TE 213 -69.43 -44.85 -92.84
C ALA TE 213 -68.52 -46.08 -92.82
N ILE TE 214 -67.84 -46.29 -93.95
CA ILE TE 214 -66.97 -47.45 -94.12
C ILE TE 214 -65.65 -47.37 -93.37
N SER TE 215 -65.35 -46.27 -92.71
CA SER TE 215 -64.49 -46.29 -91.56
C SER TE 215 -65.17 -45.43 -90.50
N ASP TE 216 -64.44 -45.14 -89.42
CA ASP TE 216 -64.93 -44.21 -88.42
C ASP TE 216 -64.74 -42.78 -88.89
N ASN TE 217 -65.29 -41.84 -88.13
CA ASN TE 217 -64.97 -40.44 -88.36
C ASN TE 217 -64.26 -39.83 -87.16
N ALA TE 218 -63.92 -40.63 -86.16
CA ALA TE 218 -63.22 -40.11 -85.00
C ALA TE 218 -61.72 -40.10 -85.17
N ILE TE 219 -61.22 -40.52 -86.33
CA ILE TE 219 -59.79 -40.44 -86.60
C ILE TE 219 -59.61 -39.89 -88.01
N ILE TE 220 -58.41 -39.38 -88.27
CA ILE TE 220 -58.15 -38.48 -89.39
C ILE TE 220 -58.09 -39.26 -90.71
N HIS TE 221 -57.33 -40.35 -90.71
CA HIS TE 221 -57.22 -41.25 -91.85
C HIS TE 221 -58.52 -41.98 -92.10
N GLY TE 222 -59.28 -42.25 -91.05
CA GLY TE 222 -60.58 -42.84 -91.23
C GLY TE 222 -61.62 -41.91 -91.80
N SER TE 223 -61.52 -40.61 -91.51
CA SER TE 223 -62.45 -39.67 -92.11
C SER TE 223 -62.11 -39.41 -93.57
N ALA TE 224 -60.81 -39.49 -93.90
CA ALA TE 224 -60.40 -39.47 -95.30
C ALA TE 224 -60.88 -40.69 -96.06
N GLN TE 225 -60.86 -41.86 -95.39
CA GLN TE 225 -61.40 -43.06 -96.01
C GLN TE 225 -62.92 -43.09 -96.05
N ASN TE 226 -63.58 -42.30 -95.22
CA ASN TE 226 -65.03 -42.18 -95.34
C ASN TE 226 -65.44 -41.29 -96.50
N ARG TE 227 -64.65 -40.25 -96.80
CA ARG TE 227 -64.99 -39.33 -97.90
C ARG TE 227 -64.78 -40.00 -99.27
N ARG TE 228 -65.85 -40.42 -99.94
CA ARG TE 228 -65.72 -41.27 -101.11
C ARG TE 228 -66.95 -41.17 -102.00
N ILE TE 229 -66.85 -41.81 -103.18
CA ILE TE 229 -67.99 -42.09 -104.05
C ILE TE 229 -68.07 -43.60 -104.26
N GLU TE 230 -69.22 -44.19 -103.93
CA GLU TE 230 -69.48 -45.60 -104.21
C GLU TE 230 -70.13 -45.70 -105.58
N ILE TE 231 -69.62 -46.60 -106.42
CA ILE TE 231 -70.24 -46.98 -107.68
C ILE TE 231 -70.55 -48.46 -107.62
N GLN TE 232 -71.82 -48.81 -107.48
CA GLN TE 232 -72.29 -50.19 -107.48
C GLN TE 232 -72.90 -50.48 -108.84
N TRP TE 233 -72.48 -51.58 -109.48
CA TRP TE 233 -73.18 -52.08 -110.66
C TRP TE 233 -73.05 -53.58 -110.75
N PHE TE 234 -73.68 -54.14 -111.79
CA PHE TE 234 -73.85 -55.57 -111.90
C PHE TE 234 -73.18 -56.18 -113.12
N ARG UE 99 -49.91 -107.11 -83.53
CA ARG UE 99 -49.62 -105.70 -83.77
C ARG UE 99 -50.91 -104.90 -83.85
N ASP UE 100 -52.02 -105.61 -83.98
CA ASP UE 100 -53.35 -105.02 -83.89
C ASP UE 100 -54.19 -105.70 -82.82
N SER UE 101 -53.57 -106.27 -81.80
CA SER UE 101 -54.24 -107.07 -80.81
C SER UE 101 -54.58 -106.22 -79.59
N LYS UE 102 -55.20 -106.88 -78.61
CA LYS UE 102 -55.73 -106.23 -77.42
C LYS UE 102 -54.63 -105.74 -76.51
N ARG UE 103 -53.50 -106.44 -76.46
CA ARG UE 103 -52.37 -106.04 -75.63
C ARG UE 103 -51.69 -104.78 -76.18
N LYS UE 104 -51.60 -104.71 -77.52
CA LYS UE 104 -51.05 -103.55 -78.19
C LYS UE 104 -51.96 -102.35 -78.07
N ILE UE 105 -53.28 -102.57 -78.15
CA ILE UE 105 -54.15 -101.40 -78.04
C ILE UE 105 -54.41 -100.98 -76.60
N ILE UE 106 -54.22 -101.84 -75.60
CA ILE UE 106 -54.24 -101.29 -74.24
C ILE UE 106 -52.91 -100.66 -73.88
N ARG UE 107 -51.81 -101.03 -74.55
CA ARG UE 107 -50.55 -100.32 -74.33
C ARG UE 107 -50.58 -98.95 -74.99
N ASP UE 108 -51.18 -98.85 -76.17
CA ASP UE 108 -51.32 -97.54 -76.79
C ASP UE 108 -52.47 -96.73 -76.18
N LEU UE 109 -53.44 -97.38 -75.53
CA LEU UE 109 -54.42 -96.65 -74.75
C LEU UE 109 -53.84 -96.11 -73.46
N GLN UE 110 -52.88 -96.84 -72.88
CA GLN UE 110 -52.09 -96.33 -71.76
C GLN UE 110 -51.24 -95.14 -72.20
N LYS UE 111 -50.67 -95.20 -73.40
CA LYS UE 111 -49.90 -94.08 -73.92
C LYS UE 111 -50.79 -92.92 -74.35
N GLN UE 112 -52.05 -93.17 -74.67
CA GLN UE 112 -53.05 -92.13 -74.88
C GLN UE 112 -53.86 -91.86 -73.63
N ASP UE 113 -53.38 -92.34 -72.47
CA ASP UE 113 -53.73 -91.95 -71.09
C ASP UE 113 -55.20 -92.20 -70.75
N ILE UE 114 -55.78 -93.24 -71.32
CA ILE UE 114 -57.02 -93.85 -70.83
C ILE UE 114 -56.63 -95.11 -70.10
N GLN UE 115 -57.07 -95.26 -68.85
CA GLN UE 115 -56.63 -96.41 -68.07
C GLN UE 115 -57.61 -97.55 -68.17
N TYR UE 116 -57.10 -98.77 -68.01
CA TYR UE 116 -57.87 -99.98 -68.25
C TYR UE 116 -57.57 -100.97 -67.15
N VAL UE 117 -58.60 -101.48 -66.48
CA VAL UE 117 -58.42 -102.46 -65.41
C VAL UE 117 -59.28 -103.69 -65.69
N GLU UE 118 -58.65 -104.86 -65.63
CA GLU UE 118 -59.31 -106.15 -65.69
C GLU UE 118 -59.67 -106.58 -64.28
N TYR UE 119 -60.88 -107.08 -64.09
CA TYR UE 119 -61.17 -107.73 -62.82
C TYR UE 119 -62.11 -108.91 -63.04
N GLY UE 120 -61.52 -110.07 -63.31
CA GLY UE 120 -62.26 -111.26 -63.63
C GLY UE 120 -63.07 -111.13 -64.90
N ASP UE 121 -64.39 -111.01 -64.75
CA ASP UE 121 -65.22 -110.73 -65.91
C ASP UE 121 -65.49 -109.25 -66.09
N THR UE 122 -65.41 -108.44 -65.04
CA THR UE 122 -65.63 -107.01 -65.19
C THR UE 122 -64.38 -106.35 -65.74
N ARG UE 123 -64.57 -105.56 -66.78
CA ARG UE 123 -63.48 -104.76 -67.34
C ARG UE 123 -63.92 -103.31 -67.38
N THR UE 124 -63.02 -102.44 -66.93
CA THR UE 124 -63.36 -101.05 -66.73
C THR UE 124 -62.32 -100.16 -67.39
N LEU UE 125 -62.77 -99.33 -68.31
CA LEU UE 125 -61.98 -98.19 -68.76
C LEU UE 125 -62.32 -97.02 -67.86
N ILE UE 126 -61.34 -96.16 -67.63
CA ILE UE 126 -61.61 -94.83 -67.11
C ILE UE 126 -60.94 -93.84 -68.04
N ILE UE 127 -61.74 -92.88 -68.49
CA ILE UE 127 -61.36 -91.92 -69.52
C ILE UE 127 -61.40 -90.54 -68.87
N PRO UE 128 -60.32 -89.76 -68.94
CA PRO UE 128 -60.34 -88.42 -68.31
C PRO UE 128 -61.17 -87.44 -69.12
N THR UE 129 -62.12 -86.80 -68.42
CA THR UE 129 -62.96 -85.78 -69.00
C THR UE 129 -62.20 -84.53 -69.34
N ASP UE 130 -61.13 -84.25 -68.61
CA ASP UE 130 -60.31 -83.07 -68.80
C ASP UE 130 -59.46 -83.15 -70.05
N LYS UE 131 -59.15 -84.34 -70.54
CA LYS UE 131 -58.38 -84.49 -71.76
C LYS UE 131 -59.19 -85.06 -72.90
N TYR UE 132 -60.41 -85.53 -72.64
CA TYR UE 132 -61.24 -86.06 -73.71
C TYR UE 132 -62.55 -85.32 -73.79
N PHE UE 133 -62.63 -84.15 -73.18
CA PHE UE 133 -63.83 -83.35 -73.32
C PHE UE 133 -63.43 -81.88 -73.33
N MET UE 134 -64.08 -81.12 -74.18
CA MET UE 134 -63.94 -79.68 -74.11
C MET UE 134 -64.70 -79.18 -72.91
N PHE UE 135 -64.20 -78.09 -72.35
CA PHE UE 135 -64.24 -77.84 -70.91
C PHE UE 135 -65.63 -77.46 -70.41
N SER UE 136 -66.11 -78.25 -69.44
CA SER UE 136 -67.45 -78.19 -68.82
C SER UE 136 -68.55 -78.23 -69.87
N SER UE 137 -68.49 -79.25 -70.70
CA SER UE 137 -69.42 -79.41 -71.80
C SER UE 137 -69.56 -80.89 -72.08
N PRO UE 138 -70.62 -81.29 -72.77
CA PRO UE 138 -70.62 -82.62 -73.38
C PRO UE 138 -70.08 -82.61 -74.81
N ARG UE 139 -69.37 -81.57 -75.20
CA ARG UE 139 -68.67 -81.58 -76.46
C ARG UE 139 -67.45 -82.46 -76.35
N LEU UE 140 -67.45 -83.56 -77.11
CA LEU UE 140 -66.33 -84.48 -77.15
C LEU UE 140 -65.13 -83.84 -77.81
N ASN UE 141 -63.98 -83.90 -77.13
CA ASN UE 141 -62.76 -83.26 -77.61
C ASN UE 141 -62.22 -84.08 -78.76
N GLU UE 142 -62.60 -83.68 -79.97
CA GLU UE 142 -62.29 -84.46 -81.16
C GLU UE 142 -60.88 -84.26 -81.67
N ILE UE 143 -60.09 -83.37 -81.07
CA ILE UE 143 -58.66 -83.33 -81.35
C ILE UE 143 -57.99 -84.55 -80.73
N CYS UE 144 -58.47 -85.02 -79.59
CA CYS UE 144 -58.06 -86.32 -79.07
C CYS UE 144 -59.02 -87.43 -79.49
N TYR UE 145 -59.32 -87.49 -80.77
CA TYR UE 145 -59.96 -88.63 -81.42
C TYR UE 145 -59.32 -90.03 -81.41
N PRO UE 146 -57.98 -90.27 -81.46
CA PRO UE 146 -57.53 -91.66 -81.61
C PRO UE 146 -57.61 -92.49 -80.35
N GLY UE 147 -57.73 -91.85 -79.17
CA GLY UE 147 -58.09 -92.60 -77.98
C GLY UE 147 -59.53 -93.07 -78.01
N LEU UE 148 -60.41 -92.29 -78.62
CA LEU UE 148 -61.80 -92.69 -78.79
C LEU UE 148 -61.96 -93.78 -79.83
N ASN UE 149 -61.14 -93.71 -80.89
CA ASN UE 149 -61.05 -94.79 -81.85
C ASN UE 149 -60.44 -96.04 -81.24
N ASN UE 150 -59.53 -95.85 -80.29
CA ASN UE 150 -58.93 -97.00 -79.63
C ASN UE 150 -59.87 -97.63 -78.62
N VAL UE 151 -60.77 -96.86 -78.00
CA VAL UE 151 -61.66 -97.53 -77.07
C VAL UE 151 -62.80 -98.22 -77.81
N ILE UE 152 -63.20 -97.71 -78.98
CA ILE UE 152 -64.20 -98.48 -79.73
C ILE UE 152 -63.56 -99.68 -80.43
N ARG UE 153 -62.25 -99.60 -80.74
CA ARG UE 153 -61.50 -100.77 -81.15
C ARG UE 153 -61.26 -101.73 -80.00
N LEU UE 154 -61.28 -101.24 -78.75
CA LEU UE 154 -61.13 -102.12 -77.60
C LEU UE 154 -62.39 -102.93 -77.37
N LEU UE 155 -63.54 -102.28 -77.21
CA LEU UE 155 -64.73 -103.08 -76.94
C LEU UE 155 -65.51 -103.43 -78.20
N ASN UE 156 -64.86 -103.41 -79.37
CA ASN UE 156 -65.26 -104.30 -80.45
C ASN UE 156 -64.89 -105.75 -80.19
N PHE UE 157 -63.95 -106.03 -79.29
CA PHE UE 157 -63.62 -107.40 -78.90
C PHE UE 157 -64.70 -108.08 -78.09
N TYR UE 158 -65.62 -107.33 -77.48
CA TYR UE 158 -66.60 -107.87 -76.54
C TYR UE 158 -67.99 -107.56 -77.07
N PRO UE 159 -68.47 -108.32 -78.04
CA PRO UE 159 -69.71 -107.96 -78.73
C PRO UE 159 -71.00 -108.46 -78.07
N GLN UE 160 -70.93 -109.07 -76.90
CA GLN UE 160 -72.13 -109.56 -76.25
C GLN UE 160 -72.36 -108.97 -74.88
N SER UE 161 -71.42 -108.21 -74.34
CA SER UE 161 -71.55 -107.73 -72.98
C SER UE 161 -72.39 -106.46 -72.91
N THR UE 162 -73.17 -106.37 -71.83
CA THR UE 162 -73.81 -105.12 -71.49
C THR UE 162 -72.78 -104.15 -70.94
N ILE UE 163 -73.01 -102.86 -71.17
CA ILE UE 163 -72.04 -101.82 -70.86
C ILE UE 163 -72.69 -100.79 -69.96
N TYR UE 164 -72.16 -100.65 -68.75
CA TYR UE 164 -72.46 -99.50 -67.91
C TYR UE 164 -71.52 -98.39 -68.31
N VAL UE 165 -72.03 -97.17 -68.44
CA VAL UE 165 -71.21 -95.99 -68.66
C VAL UE 165 -71.62 -94.98 -67.60
N ALA UE 166 -70.64 -94.50 -66.85
CA ALA UE 166 -70.89 -93.66 -65.70
C ALA UE 166 -70.02 -92.43 -65.79
N GLY UE 167 -70.64 -91.28 -65.57
CA GLY UE 167 -69.96 -90.00 -65.67
C GLY UE 167 -69.65 -89.48 -64.29
N PHE UE 168 -68.48 -88.86 -64.14
CA PHE UE 168 -68.01 -88.47 -62.83
C PHE UE 168 -67.40 -87.08 -62.86
N THR UE 169 -67.52 -86.41 -61.72
CA THR UE 169 -67.13 -85.03 -61.57
C THR UE 169 -66.21 -84.89 -60.37
N ASP UE 170 -66.00 -83.65 -59.95
CA ASP UE 170 -65.35 -83.37 -58.68
C ASP UE 170 -66.31 -82.53 -57.87
N ASN UE 171 -65.82 -81.92 -56.80
CA ASN UE 171 -66.66 -81.33 -55.77
C ASN UE 171 -67.23 -79.96 -56.13
N VAL UE 172 -66.83 -79.37 -57.25
CA VAL UE 172 -67.14 -77.97 -57.52
C VAL UE 172 -68.57 -77.81 -58.01
N GLY UE 173 -69.13 -76.64 -57.79
CA GLY UE 173 -70.45 -76.35 -58.31
C GLY UE 173 -71.56 -76.92 -57.48
N SER UE 174 -72.77 -76.79 -58.01
CA SER UE 174 -73.95 -77.32 -57.37
C SER UE 174 -74.03 -78.82 -57.55
N ARG UE 175 -74.91 -79.43 -56.75
CA ARG UE 175 -75.22 -80.84 -56.89
C ARG UE 175 -75.94 -81.11 -58.19
N SER UE 176 -76.83 -80.20 -58.57
CA SER UE 176 -77.54 -80.28 -59.85
C SER UE 176 -76.61 -80.05 -61.02
N HIS UE 177 -75.59 -79.20 -60.84
CA HIS UE 177 -74.63 -78.96 -61.90
C HIS UE 177 -73.71 -80.14 -62.10
N LYS UE 178 -73.27 -80.76 -60.99
CA LYS UE 178 -72.44 -81.96 -61.02
C LYS UE 178 -73.18 -83.14 -61.62
N ARG UE 179 -74.45 -83.30 -61.24
CA ARG UE 179 -75.28 -84.41 -61.73
C ARG UE 179 -75.62 -84.23 -63.20
N LYS UE 180 -75.97 -83.00 -63.61
CA LYS UE 180 -76.35 -82.77 -65.00
C LYS UE 180 -75.15 -82.74 -65.94
N LEU UE 181 -73.99 -82.31 -65.46
CA LEU UE 181 -72.81 -82.29 -66.31
C LEU UE 181 -72.22 -83.68 -66.46
N SER UE 182 -72.21 -84.47 -65.38
CA SER UE 182 -71.73 -85.84 -65.49
C SER UE 182 -72.74 -86.73 -66.20
N GLN UE 183 -74.03 -86.37 -66.12
CA GLN UE 183 -75.08 -87.01 -66.90
C GLN UE 183 -74.92 -86.76 -68.38
N ALA UE 184 -74.59 -85.51 -68.74
CA ALA UE 184 -74.44 -85.12 -70.12
C ALA UE 184 -73.18 -85.72 -70.73
N GLN UE 185 -72.11 -85.84 -69.93
CA GLN UE 185 -70.87 -86.41 -70.44
C GLN UE 185 -70.96 -87.91 -70.58
N ALA UE 186 -71.65 -88.57 -69.65
CA ALA UE 186 -71.88 -90.01 -69.78
C ALA UE 186 -72.83 -90.33 -70.91
N GLU UE 187 -73.79 -89.43 -71.17
CA GLU UE 187 -74.73 -89.66 -72.26
C GLU UE 187 -74.08 -89.46 -73.62
N THR UE 188 -73.17 -88.48 -73.76
CA THR UE 188 -72.52 -88.36 -75.06
C THR UE 188 -71.40 -89.38 -75.25
N MET UE 189 -70.85 -89.96 -74.19
CA MET UE 189 -69.95 -91.10 -74.39
C MET UE 189 -70.73 -92.35 -74.77
N MET UE 190 -71.94 -92.48 -74.24
CA MET UE 190 -72.86 -93.55 -74.59
C MET UE 190 -73.31 -93.46 -76.04
N THR UE 191 -73.62 -92.27 -76.50
CA THR UE 191 -73.98 -92.13 -77.91
C THR UE 191 -72.78 -92.15 -78.82
N PHE UE 192 -71.57 -91.92 -78.31
CA PHE UE 192 -70.40 -92.18 -79.14
C PHE UE 192 -70.23 -93.67 -79.37
N LEU UE 193 -70.49 -94.49 -78.36
CA LEU UE 193 -70.43 -95.94 -78.57
C LEU UE 193 -71.60 -96.43 -79.42
N TRP UE 194 -72.76 -95.80 -79.29
CA TRP UE 194 -73.91 -96.17 -80.09
C TRP UE 194 -73.78 -95.72 -81.53
N ALA UE 195 -73.18 -94.57 -81.76
CA ALA UE 195 -72.93 -94.05 -83.08
C ALA UE 195 -71.62 -94.51 -83.66
N ASN UE 196 -70.85 -95.31 -82.91
CA ASN UE 196 -69.75 -96.03 -83.50
C ASN UE 196 -70.01 -97.53 -83.47
N GLY UE 197 -71.23 -97.93 -83.18
CA GLY UE 197 -71.70 -99.24 -83.56
C GLY UE 197 -71.88 -100.25 -82.46
N ILE UE 198 -72.41 -99.86 -81.32
CA ILE UE 198 -72.84 -100.80 -80.30
C ILE UE 198 -74.36 -100.68 -80.25
N ALA UE 199 -75.05 -101.81 -80.09
CA ALA UE 199 -76.50 -101.84 -79.96
C ALA UE 199 -76.93 -101.18 -78.66
N ALA UE 200 -78.02 -100.43 -78.75
CA ALA UE 200 -78.39 -99.47 -77.73
C ALA UE 200 -79.06 -100.08 -76.52
N LYS UE 201 -79.31 -101.37 -76.49
CA LYS UE 201 -79.75 -102.03 -75.28
C LYS UE 201 -78.63 -102.74 -74.57
N ARG UE 202 -77.40 -102.63 -75.07
CA ARG UE 202 -76.25 -102.97 -74.27
C ARG UE 202 -75.74 -101.79 -73.47
N LEU UE 203 -76.11 -100.57 -73.86
CA LEU UE 203 -75.54 -99.37 -73.30
C LEU UE 203 -76.49 -98.76 -72.28
N LYS UE 204 -75.95 -98.36 -71.14
CA LYS UE 204 -76.75 -97.74 -70.09
C LYS UE 204 -75.93 -96.62 -69.47
N ALA UE 205 -76.19 -95.40 -69.89
CA ALA UE 205 -75.51 -94.24 -69.35
C ALA UE 205 -76.13 -93.85 -68.02
N GLU UE 206 -75.29 -93.32 -67.15
CA GLU UE 206 -75.69 -92.85 -65.84
C GLU UE 206 -74.64 -91.85 -65.38
N GLY UE 207 -75.09 -90.77 -64.79
CA GLY UE 207 -74.13 -89.81 -64.30
C GLY UE 207 -74.22 -89.67 -62.80
N TYR UE 208 -73.10 -89.81 -62.11
CA TYR UE 208 -73.06 -89.56 -60.69
C TYR UE 208 -72.26 -88.31 -60.43
N GLY UE 209 -72.87 -87.36 -59.75
CA GLY UE 209 -72.24 -86.11 -59.43
C GLY UE 209 -71.29 -86.28 -58.28
N ASP UE 210 -70.06 -86.71 -58.58
CA ASP UE 210 -68.87 -86.84 -57.73
C ASP UE 210 -68.96 -87.94 -56.67
N LYS UE 211 -70.04 -88.72 -56.64
CA LYS UE 211 -70.48 -89.49 -55.50
C LYS UE 211 -69.67 -90.74 -55.23
N ASN UE 212 -68.88 -91.21 -56.19
CA ASN UE 212 -68.15 -92.45 -55.94
C ASN UE 212 -66.72 -92.20 -55.53
N ALA UE 213 -66.09 -91.15 -56.08
CA ALA UE 213 -64.95 -90.42 -55.53
C ALA UE 213 -63.69 -91.29 -55.37
N ILE UE 214 -63.10 -91.64 -56.50
CA ILE UE 214 -61.92 -92.52 -56.49
C ILE UE 214 -60.63 -91.84 -56.06
N SER UE 215 -60.63 -90.52 -55.85
CA SER UE 215 -59.63 -89.90 -55.02
C SER UE 215 -60.30 -88.83 -54.18
N ASP UE 216 -59.53 -88.16 -53.34
CA ASP UE 216 -60.07 -87.08 -52.55
C ASP UE 216 -60.21 -85.83 -53.41
N ASN UE 217 -61.12 -84.96 -53.00
CA ASN UE 217 -61.37 -83.72 -53.71
C ASN UE 217 -60.82 -82.51 -52.98
N ALA UE 218 -60.07 -82.73 -51.91
CA ALA UE 218 -59.42 -81.63 -51.22
C ALA UE 218 -58.10 -81.25 -51.83
N ILE UE 219 -57.64 -81.98 -52.85
CA ILE UE 219 -56.35 -81.71 -53.46
C ILE UE 219 -56.53 -81.69 -54.97
N ILE UE 220 -55.57 -81.05 -55.64
CA ILE UE 220 -55.70 -80.66 -57.04
C ILE UE 220 -55.58 -81.87 -57.96
N HIS UE 221 -54.55 -82.68 -57.76
CA HIS UE 221 -54.33 -83.85 -58.58
C HIS UE 221 -55.31 -84.96 -58.27
N GLY UE 222 -55.81 -84.97 -57.03
CA GLY UE 222 -56.89 -85.86 -56.69
C GLY UE 222 -58.21 -85.46 -57.31
N SER UE 223 -58.45 -84.17 -57.49
CA SER UE 223 -59.67 -83.75 -58.16
C SER UE 223 -59.61 -84.00 -59.66
N ALA UE 224 -58.40 -83.87 -60.22
CA ALA UE 224 -58.17 -84.22 -61.61
C ALA UE 224 -58.34 -85.71 -61.85
N GLN UE 225 -57.91 -86.53 -60.91
CA GLN UE 225 -58.18 -87.96 -60.96
C GLN UE 225 -59.63 -88.31 -60.66
N ASN UE 226 -60.34 -87.45 -59.96
CA ASN UE 226 -61.74 -87.73 -59.70
C ASN UE 226 -62.61 -87.45 -60.91
N ARG UE 227 -62.22 -86.51 -61.77
CA ARG UE 227 -63.00 -86.25 -62.98
C ARG UE 227 -62.70 -87.32 -64.04
N ARG UE 228 -63.67 -88.18 -64.34
CA ARG UE 228 -63.43 -89.36 -65.15
C ARG UE 228 -64.73 -89.88 -65.76
N ILE UE 229 -64.58 -90.86 -66.64
CA ILE UE 229 -65.68 -91.67 -67.18
C ILE UE 229 -65.37 -93.13 -66.90
N GLU UE 230 -66.20 -93.77 -66.09
CA GLU UE 230 -66.14 -95.21 -65.87
C GLU UE 230 -66.90 -95.89 -67.01
N ILE UE 231 -66.27 -96.86 -67.65
CA ILE UE 231 -66.96 -97.74 -68.58
C ILE UE 231 -66.74 -99.15 -68.07
N GLN UE 232 -67.81 -99.77 -67.59
CA GLN UE 232 -67.78 -101.12 -67.09
C GLN UE 232 -68.46 -102.01 -68.11
N TRP UE 233 -67.90 -103.19 -68.35
CA TRP UE 233 -68.61 -104.21 -69.11
C TRP UE 233 -68.22 -105.58 -68.57
N PHE UE 234 -68.87 -106.60 -69.11
CA PHE UE 234 -68.64 -107.98 -68.69
C PHE UE 234 -67.97 -108.81 -69.77
N ARG VE 99 -27.14 -138.53 -31.53
CA ARG VE 99 -27.43 -137.34 -32.31
C ARG VE 99 -28.93 -137.04 -32.31
N ASP VE 100 -29.71 -138.00 -31.87
CA ASP VE 100 -31.14 -137.81 -31.68
C ASP VE 100 -31.58 -138.15 -30.26
N SER VE 101 -30.66 -138.10 -29.31
CA SER VE 101 -30.89 -138.57 -27.96
C SER VE 101 -31.26 -137.41 -27.04
N LYS VE 102 -31.43 -137.76 -25.76
CA LYS VE 102 -31.89 -136.85 -24.72
C LYS VE 102 -30.88 -135.75 -24.44
N ARG VE 103 -29.59 -136.08 -24.49
CA ARG VE 103 -28.52 -135.12 -24.24
C ARG VE 103 -28.42 -134.09 -25.35
N LYS VE 104 -28.62 -134.53 -26.60
CA LYS VE 104 -28.61 -133.64 -27.74
C LYS VE 104 -29.84 -132.75 -27.76
N ILE VE 105 -31.00 -133.28 -27.38
CA ILE VE 105 -32.18 -132.44 -27.45
C ILE VE 105 -32.30 -131.50 -26.26
N ILE VE 106 -31.72 -131.82 -25.09
CA ILE VE 106 -31.69 -130.78 -24.06
C ILE VE 106 -30.51 -129.83 -24.26
N ARG VE 107 -29.50 -130.21 -25.06
CA ARG VE 107 -28.45 -129.25 -25.36
C ARG VE 107 -28.91 -128.23 -26.39
N ASP VE 108 -29.71 -128.66 -27.36
CA ASP VE 108 -30.28 -127.64 -28.24
C ASP VE 108 -31.52 -126.99 -27.66
N LEU VE 109 -32.13 -127.56 -26.60
CA LEU VE 109 -33.13 -126.81 -25.86
C LEU VE 109 -32.49 -125.75 -24.99
N GLN VE 110 -31.27 -125.99 -24.52
CA GLN VE 110 -30.48 -124.96 -23.87
C GLN VE 110 -30.10 -123.87 -24.86
N LYS VE 111 -29.79 -124.25 -26.10
CA LYS VE 111 -29.55 -123.25 -27.13
C LYS VE 111 -30.83 -122.55 -27.59
N GLN VE 112 -31.98 -123.20 -27.45
CA GLN VE 112 -33.27 -122.59 -27.72
C GLN VE 112 -33.92 -122.04 -26.46
N ASP VE 113 -33.12 -121.92 -25.39
CA ASP VE 113 -33.35 -121.16 -24.15
C ASP VE 113 -34.60 -121.60 -23.38
N ILE VE 114 -34.93 -122.87 -23.47
CA ILE VE 114 -35.91 -123.48 -22.58
C ILE VE 114 -35.13 -124.32 -21.58
N GLN VE 115 -35.34 -124.06 -20.29
CA GLN VE 115 -34.49 -124.72 -19.30
C GLN VE 115 -35.10 -126.02 -18.84
N TYR VE 116 -34.24 -126.94 -18.42
CA TYR VE 116 -34.62 -128.30 -18.11
C TYR VE 116 -33.89 -128.74 -16.86
N VAL VE 117 -34.62 -129.14 -15.83
CA VAL VE 117 -34.00 -129.60 -14.58
C VAL VE 117 -34.52 -130.99 -14.23
N GLU VE 118 -33.57 -131.89 -14.02
CA GLU VE 118 -33.76 -133.24 -13.54
C GLU VE 118 -33.67 -133.25 -12.03
N TYR VE 119 -34.65 -133.87 -11.37
CA TYR VE 119 -34.54 -134.01 -9.92
C TYR VE 119 -35.21 -135.30 -9.48
N GLY VE 120 -34.42 -136.37 -9.42
CA GLY VE 120 -34.93 -137.68 -9.10
C GLY VE 120 -35.86 -138.21 -10.17
N ASP VE 121 -37.07 -138.60 -9.78
CA ASP VE 121 -38.08 -138.91 -10.78
C ASP VE 121 -38.75 -137.67 -11.33
N THR VE 122 -38.70 -136.56 -10.59
CA THR VE 122 -39.36 -135.34 -11.02
C THR VE 122 -38.52 -134.64 -12.07
N ARG VE 123 -39.09 -134.47 -13.25
CA ARG VE 123 -38.39 -133.80 -14.34
C ARG VE 123 -39.25 -132.66 -14.83
N THR VE 124 -38.68 -131.47 -14.89
CA THR VE 124 -39.46 -130.30 -15.21
C THR VE 124 -38.70 -129.37 -16.13
N LEU VE 125 -39.40 -128.85 -17.12
CA LEU VE 125 -38.89 -127.76 -17.94
C LEU VE 125 -39.56 -126.47 -17.53
N ILE VE 126 -38.91 -125.38 -17.87
CA ILE VE 126 -39.53 -124.07 -17.78
C ILE VE 126 -39.32 -123.38 -19.10
N ILE VE 127 -40.41 -122.87 -19.65
CA ILE VE 127 -40.47 -122.30 -20.99
C ILE VE 127 -40.72 -120.81 -20.82
N PRO VE 128 -39.88 -119.93 -21.37
CA PRO VE 128 -40.09 -118.50 -21.19
C PRO VE 128 -41.24 -117.97 -22.05
N THR VE 129 -42.15 -117.28 -21.38
CA THR VE 129 -43.40 -116.82 -21.94
C THR VE 129 -43.21 -115.73 -22.96
N ASP VE 130 -42.16 -114.94 -22.81
CA ASP VE 130 -41.85 -113.82 -23.67
C ASP VE 130 -41.36 -114.27 -25.02
N LYS VE 131 -40.56 -115.31 -25.07
CA LYS VE 131 -40.07 -115.80 -26.33
C LYS VE 131 -40.93 -116.90 -26.90
N TYR VE 132 -41.86 -117.46 -26.13
CA TYR VE 132 -42.63 -118.57 -26.68
C TYR VE 132 -44.13 -118.34 -26.60
N PHE VE 133 -44.57 -117.10 -26.41
CA PHE VE 133 -45.95 -116.77 -26.65
C PHE VE 133 -46.02 -115.40 -27.29
N MET VE 134 -47.10 -115.16 -28.01
CA MET VE 134 -47.42 -113.82 -28.45
C MET VE 134 -47.87 -113.00 -27.25
N PHE VE 135 -47.62 -111.70 -27.33
CA PHE VE 135 -47.50 -110.86 -26.15
C PHE VE 135 -48.84 -110.56 -25.51
N SER VE 136 -48.93 -110.86 -24.21
CA SER VE 136 -50.11 -110.76 -23.34
C SER VE 136 -51.31 -111.49 -23.92
N SER VE 137 -51.05 -112.70 -24.40
CA SER VE 137 -52.02 -113.46 -25.14
C SER VE 137 -51.73 -114.93 -24.94
N PRO VE 138 -52.72 -115.79 -25.13
CA PRO VE 138 -52.42 -117.21 -25.25
C PRO VE 138 -52.15 -117.66 -26.68
N ARG VE 139 -51.88 -116.74 -27.59
CA ARG VE 139 -51.46 -117.12 -28.92
C ARG VE 139 -50.01 -117.57 -28.87
N LEU VE 140 -49.73 -118.70 -29.52
CA LEU VE 140 -48.40 -119.28 -29.46
C LEU VE 140 -47.47 -118.55 -30.41
N ASN VE 141 -46.23 -118.36 -30.00
CA ASN VE 141 -45.26 -117.64 -30.81
C ASN VE 141 -44.71 -118.63 -31.82
N GLU VE 142 -45.27 -118.61 -33.01
CA GLU VE 142 -44.99 -119.68 -33.96
C GLU VE 142 -43.70 -119.47 -34.74
N ILE VE 143 -43.01 -118.34 -34.57
CA ILE VE 143 -41.69 -118.21 -35.15
C ILE VE 143 -40.69 -119.01 -34.31
N CYS VE 144 -40.94 -119.15 -33.01
CA CYS VE 144 -40.19 -120.11 -32.21
C CYS VE 144 -40.93 -121.45 -32.10
N TYR VE 145 -41.34 -121.99 -33.24
CA TYR VE 145 -41.70 -123.40 -33.33
C TYR VE 145 -40.65 -124.47 -32.98
N PRO VE 146 -39.32 -124.38 -33.29
CA PRO VE 146 -38.48 -125.59 -33.09
C PRO VE 146 -38.11 -125.86 -31.64
N GLY VE 147 -38.26 -124.88 -30.75
CA GLY VE 147 -38.25 -125.20 -29.33
C GLY VE 147 -39.47 -125.99 -28.90
N LEU VE 148 -40.60 -125.75 -29.54
CA LEU VE 148 -41.79 -126.53 -29.22
C LEU VE 148 -41.73 -127.92 -29.84
N ASN VE 149 -41.07 -128.05 -30.99
CA ASN VE 149 -40.81 -129.37 -31.55
C ASN VE 149 -39.78 -130.12 -30.72
N ASN VE 150 -38.84 -129.40 -30.11
CA ASN VE 150 -37.90 -130.06 -29.22
C ASN VE 150 -38.53 -130.42 -27.89
N VAL VE 151 -39.56 -129.69 -27.45
CA VAL VE 151 -40.16 -130.06 -26.17
C VAL VE 151 -41.13 -131.23 -26.36
N ILE VE 152 -41.74 -131.36 -27.55
CA ILE VE 152 -42.55 -132.55 -27.78
C ILE VE 152 -41.64 -133.74 -28.12
N ARG VE 153 -40.45 -133.49 -28.65
CA ARG VE 153 -39.46 -134.55 -28.80
C ARG VE 153 -38.84 -134.94 -27.48
N LEU VE 154 -38.82 -134.06 -26.48
CA LEU VE 154 -38.32 -134.44 -25.17
C LEU VE 154 -39.32 -135.29 -24.43
N LEU VE 155 -40.57 -134.84 -24.31
CA LEU VE 155 -41.51 -135.69 -23.58
C LEU VE 155 -42.27 -136.66 -24.48
N ASN VE 156 -41.75 -136.98 -25.66
CA ASN VE 156 -42.01 -138.28 -26.26
C ASN VE 156 -41.26 -139.41 -25.57
N PHE VE 157 -40.19 -139.11 -24.82
CA PHE VE 157 -39.36 -140.14 -24.22
C PHE VE 157 -40.00 -140.74 -22.97
N TYR VE 158 -41.02 -140.11 -22.41
CA TYR VE 158 -41.60 -140.50 -21.13
C TYR VE 158 -43.08 -140.80 -21.34
N PRO VE 159 -43.40 -141.93 -21.95
CA PRO VE 159 -44.77 -142.13 -22.47
C PRO VE 159 -45.77 -142.67 -21.46
N GLN VE 160 -45.42 -142.78 -20.18
CA GLN VE 160 -46.36 -143.30 -19.22
C GLN VE 160 -46.63 -142.36 -18.06
N SER VE 161 -45.92 -141.24 -17.98
CA SER VE 161 -46.06 -140.37 -16.83
C SER VE 161 -47.20 -139.38 -17.02
N THR VE 162 -47.84 -139.03 -15.92
CA THR VE 162 -48.74 -137.89 -15.93
C THR VE 162 -47.93 -136.60 -15.98
N ILE VE 163 -48.54 -135.55 -16.54
CA ILE VE 163 -47.85 -134.30 -16.79
C ILE VE 163 -48.65 -133.18 -16.14
N TYR VE 164 -48.03 -132.51 -15.17
CA TYR VE 164 -48.52 -131.23 -14.67
C TYR VE 164 -48.03 -130.16 -15.64
N VAL VE 165 -48.91 -129.25 -16.02
CA VAL VE 165 -48.53 -128.07 -16.79
C VAL VE 165 -49.10 -126.89 -16.03
N ALA VE 166 -48.23 -125.93 -15.68
CA ALA VE 166 -48.64 -124.79 -14.90
C ALA VE 166 -48.09 -123.52 -15.52
N GLY VE 167 -48.88 -122.47 -15.45
CA GLY VE 167 -48.57 -121.22 -16.12
C GLY VE 167 -48.36 -120.10 -15.13
N PHE VE 168 -47.39 -119.24 -15.41
CA PHE VE 168 -46.92 -118.28 -14.44
C PHE VE 168 -46.72 -116.91 -15.06
N THR VE 169 -46.72 -115.90 -14.21
CA THR VE 169 -46.76 -114.51 -14.61
C THR VE 169 -45.79 -113.70 -13.79
N ASP VE 170 -45.95 -112.38 -13.80
CA ASP VE 170 -45.21 -111.51 -12.92
C ASP VE 170 -46.25 -110.71 -12.13
N ASN VE 171 -45.80 -109.69 -11.43
CA ASN VE 171 -46.58 -109.05 -10.39
C ASN VE 171 -47.64 -108.09 -10.90
N VAL VE 172 -47.60 -107.72 -12.17
CA VAL VE 172 -48.37 -106.58 -12.67
C VAL VE 172 -49.81 -106.96 -12.92
N GLY VE 173 -50.66 -105.98 -13.16
CA GLY VE 173 -52.03 -106.26 -13.52
C GLY VE 173 -52.89 -106.62 -12.33
N SER VE 174 -54.14 -106.92 -12.63
CA SER VE 174 -55.04 -107.41 -11.60
C SER VE 174 -54.74 -108.87 -11.32
N ARG VE 175 -55.19 -109.31 -10.14
CA ARG VE 175 -55.06 -110.71 -9.72
C ARG VE 175 -55.89 -111.63 -10.61
N SER VE 176 -57.08 -111.16 -11.01
CA SER VE 176 -57.91 -111.86 -11.97
C SER VE 176 -57.28 -111.88 -13.35
N HIS VE 177 -56.55 -110.83 -13.72
CA HIS VE 177 -55.87 -110.77 -15.02
C HIS VE 177 -54.71 -111.76 -15.08
N LYS VE 178 -53.96 -111.86 -13.99
CA LYS VE 178 -52.85 -112.81 -13.89
C LYS VE 178 -53.33 -114.24 -13.86
N ARG VE 179 -54.43 -114.48 -13.14
CA ARG VE 179 -54.97 -115.83 -13.02
C ARG VE 179 -55.59 -116.31 -14.31
N LYS VE 180 -56.33 -115.43 -15.00
CA LYS VE 180 -56.95 -115.78 -16.28
C LYS VE 180 -55.93 -115.89 -17.41
N LEU VE 181 -54.89 -115.04 -17.39
CA LEU VE 181 -53.89 -115.07 -18.45
C LEU VE 181 -52.95 -116.25 -18.30
N SER VE 182 -52.52 -116.55 -17.07
CA SER VE 182 -51.63 -117.69 -16.89
C SER VE 182 -52.39 -119.00 -16.95
N GLN VE 183 -53.70 -118.98 -16.63
CA GLN VE 183 -54.58 -120.12 -16.84
C GLN VE 183 -54.75 -120.40 -18.32
N ALA VE 184 -54.88 -119.34 -19.12
CA ALA VE 184 -55.04 -119.49 -20.55
C ALA VE 184 -53.76 -119.95 -21.22
N GLN VE 185 -52.61 -119.50 -20.72
CA GLN VE 185 -51.35 -119.88 -21.35
C GLN VE 185 -50.93 -121.30 -20.99
N ALA VE 186 -51.24 -121.73 -19.76
CA ALA VE 186 -51.05 -123.13 -19.39
C ALA VE 186 -52.03 -124.03 -20.11
N GLU VE 187 -53.24 -123.52 -20.38
CA GLU VE 187 -54.24 -124.27 -21.13
C GLU VE 187 -53.84 -124.46 -22.57
N THR VE 188 -53.29 -123.44 -23.22
CA THR VE 188 -52.90 -123.65 -24.62
C THR VE 188 -51.58 -124.38 -24.76
N MET VE 189 -50.73 -124.41 -23.72
CA MET VE 189 -49.60 -125.31 -23.75
C MET VE 189 -50.05 -126.76 -23.58
N MET VE 190 -51.11 -126.97 -22.79
CA MET VE 190 -51.70 -128.30 -22.63
C MET VE 190 -52.37 -128.77 -23.92
N THR VE 191 -53.03 -127.88 -24.65
CA THR VE 191 -53.60 -128.27 -25.93
C THR VE 191 -52.55 -128.44 -27.01
N PHE VE 192 -51.39 -127.80 -26.88
CA PHE VE 192 -50.31 -128.08 -27.81
C PHE VE 192 -49.75 -129.48 -27.59
N LEU VE 193 -49.62 -129.90 -26.33
CA LEU VE 193 -49.15 -131.25 -26.06
C LEU VE 193 -50.20 -132.31 -26.41
N TRP VE 194 -51.48 -131.96 -26.24
CA TRP VE 194 -52.56 -132.89 -26.56
C TRP VE 194 -52.75 -133.00 -28.06
N ALA VE 195 -52.56 -131.91 -28.79
CA ALA VE 195 -52.64 -131.93 -30.23
C ALA VE 195 -51.34 -132.37 -30.88
N ASN VE 196 -50.25 -132.50 -30.11
CA ASN VE 196 -49.06 -133.11 -30.66
C ASN VE 196 -48.76 -134.44 -29.99
N GLY VE 197 -49.77 -135.06 -29.39
CA GLY VE 197 -49.77 -136.49 -29.22
C GLY VE 197 -49.60 -137.03 -27.83
N ILE VE 198 -50.12 -136.35 -26.82
CA ILE VE 198 -50.25 -136.90 -25.48
C ILE VE 198 -51.74 -137.09 -25.26
N ALA VE 199 -52.11 -138.16 -24.57
CA ALA VE 199 -53.49 -138.38 -24.18
C ALA VE 199 -53.93 -137.33 -23.16
N ALA VE 200 -55.23 -137.10 -23.12
CA ALA VE 200 -55.77 -135.95 -22.39
C ALA VE 200 -55.90 -136.19 -20.90
N LYS VE 201 -55.65 -137.40 -20.42
CA LYS VE 201 -55.73 -137.67 -19.00
C LYS VE 201 -54.36 -137.85 -18.36
N ARG VE 202 -53.29 -137.77 -19.14
CA ARG VE 202 -51.98 -137.55 -18.55
C ARG VE 202 -51.73 -136.08 -18.28
N LEU VE 203 -52.44 -135.20 -18.96
CA LEU VE 203 -52.16 -133.78 -18.91
C LEU VE 203 -53.07 -133.09 -17.92
N LYS VE 204 -52.59 -131.99 -17.35
CA LYS VE 204 -53.35 -131.21 -16.37
C LYS VE 204 -52.82 -129.78 -16.40
N ALA VE 205 -53.62 -128.87 -16.92
CA ALA VE 205 -53.26 -127.47 -16.99
C ALA VE 205 -53.76 -126.75 -15.75
N GLU VE 206 -52.91 -125.89 -15.21
CA GLU VE 206 -53.28 -125.08 -14.08
C GLU VE 206 -52.51 -123.78 -14.18
N GLY VE 207 -53.18 -122.68 -13.92
CA GLY VE 207 -52.49 -121.41 -13.99
C GLY VE 207 -52.45 -120.70 -12.66
N TYR VE 208 -51.26 -120.38 -12.20
CA TYR VE 208 -51.10 -119.62 -10.98
C TYR VE 208 -50.70 -118.20 -11.31
N GLY VE 209 -51.35 -117.24 -10.68
CA GLY VE 209 -51.04 -115.85 -10.93
C GLY VE 209 -49.84 -115.41 -10.13
N ASP VE 210 -48.65 -115.77 -10.63
CA ASP VE 210 -47.28 -115.51 -10.13
C ASP VE 210 -47.00 -116.07 -8.73
N LYS VE 211 -47.83 -116.96 -8.19
CA LYS VE 211 -47.81 -117.27 -6.77
C LYS VE 211 -46.73 -118.27 -6.36
N ASN VE 212 -45.86 -118.70 -7.26
CA ASN VE 212 -44.71 -119.47 -6.83
C ASN VE 212 -43.44 -118.67 -6.87
N ALA VE 213 -43.27 -117.84 -7.91
CA ALA VE 213 -42.38 -116.67 -7.97
C ALA VE 213 -40.90 -117.05 -7.82
N ILE VE 214 -40.34 -117.65 -8.86
CA ILE VE 214 -38.99 -118.22 -8.77
C ILE VE 214 -37.87 -117.21 -8.80
N SER VE 215 -38.15 -115.92 -8.95
CA SER VE 215 -37.26 -114.87 -8.53
C SER VE 215 -38.09 -113.83 -7.80
N ASP VE 216 -37.52 -112.65 -7.60
CA ASP VE 216 -38.30 -111.51 -7.19
C ASP VE 216 -39.04 -110.93 -8.39
N ASN VE 217 -39.96 -110.02 -8.11
CA ASN VE 217 -40.70 -109.35 -9.15
C ASN VE 217 -40.42 -107.86 -9.19
N ALA VE 218 -39.62 -107.36 -8.27
CA ALA VE 218 -39.36 -105.92 -8.20
C ALA VE 218 -38.19 -105.48 -9.05
N ILE VE 219 -37.68 -106.33 -9.92
CA ILE VE 219 -36.57 -105.97 -10.78
C ILE VE 219 -36.83 -106.61 -12.13
N ILE VE 220 -36.13 -106.11 -13.15
CA ILE VE 220 -36.56 -106.26 -14.54
C ILE VE 220 -36.27 -107.65 -15.07
N HIS VE 221 -35.01 -108.08 -14.94
CA HIS VE 221 -34.60 -109.41 -15.40
C HIS VE 221 -35.14 -110.49 -14.49
N GLY VE 222 -35.37 -110.15 -13.23
CA GLY VE 222 -36.06 -111.05 -12.33
C GLY VE 222 -37.53 -111.26 -12.66
N SER VE 223 -38.22 -110.23 -13.15
CA SER VE 223 -39.61 -110.42 -13.50
C SER VE 223 -39.76 -111.11 -14.84
N ALA VE 224 -38.76 -110.94 -15.72
CA ALA VE 224 -38.69 -111.73 -16.94
C ALA VE 224 -38.41 -113.19 -16.63
N GLN VE 225 -37.61 -113.46 -15.59
CA GLN VE 225 -37.44 -114.82 -15.09
C GLN VE 225 -38.66 -115.34 -14.36
N ASN VE 226 -39.52 -114.46 -13.84
CA ASN VE 226 -40.73 -114.92 -13.21
C ASN VE 226 -41.76 -115.39 -14.21
N ARG VE 227 -41.82 -114.77 -15.37
CA ARG VE 227 -42.71 -115.23 -16.45
C ARG VE 227 -42.21 -116.54 -17.04
N ARG VE 228 -42.96 -117.63 -16.83
CA ARG VE 228 -42.52 -118.95 -17.27
C ARG VE 228 -43.72 -119.87 -17.43
N ILE VE 229 -43.46 -121.05 -18.02
CA ILE VE 229 -44.36 -122.18 -18.01
C ILE VE 229 -43.61 -123.35 -17.37
N GLU VE 230 -44.11 -123.85 -16.25
CA GLU VE 230 -43.55 -125.03 -15.61
C GLU VE 230 -44.23 -126.24 -16.22
N ILE VE 231 -43.44 -127.20 -16.71
CA ILE VE 231 -43.96 -128.49 -17.16
C ILE VE 231 -43.28 -129.57 -16.33
N GLN VE 232 -44.04 -130.21 -15.46
CA GLN VE 232 -43.53 -131.26 -14.58
C GLN VE 232 -44.05 -132.59 -15.05
N TRP VE 233 -43.22 -133.63 -14.92
CA TRP VE 233 -43.71 -135.00 -14.99
C TRP VE 233 -42.86 -135.87 -14.08
N PHE VE 234 -43.17 -137.16 -14.11
CA PHE VE 234 -42.51 -138.16 -13.29
C PHE VE 234 -41.72 -139.15 -14.14
N ARG WE 99 10.96 -142.71 21.05
CA ARG WE 99 10.37 -141.86 20.03
C ARG WE 99 8.85 -141.87 20.15
N ASP WE 100 8.33 -142.79 20.95
CA ASP WE 100 6.92 -142.84 21.31
C ASP WE 100 6.72 -142.79 22.81
N SER WE 101 7.65 -142.21 23.55
CA SER WE 101 7.68 -142.28 25.00
C SER WE 101 7.05 -141.03 25.60
N LYS WE 102 7.17 -140.95 26.93
CA LYS WE 102 6.52 -139.90 27.71
C LYS WE 102 7.16 -138.55 27.50
N ARG WE 103 8.48 -138.53 27.30
CA ARG WE 103 9.23 -137.30 27.07
C ARG WE 103 8.90 -136.71 25.70
N LYS WE 104 8.73 -137.58 24.70
CA LYS WE 104 8.38 -137.14 23.36
C LYS WE 104 6.94 -136.66 23.29
N ILE WE 105 6.02 -137.32 24.03
CA ILE WE 105 4.64 -136.85 23.97
C ILE WE 105 4.41 -135.62 24.83
N ILE WE 106 5.19 -135.37 25.88
CA ILE WE 106 5.05 -134.07 26.53
C ILE WE 106 5.82 -132.99 25.79
N ARG WE 107 6.79 -133.36 24.94
CA ARG WE 107 7.46 -132.36 24.13
C ARG WE 107 6.59 -131.87 22.98
N ASP WE 108 5.88 -132.79 22.32
CA ASP WE 108 4.93 -132.30 21.33
C ASP WE 108 3.61 -131.85 21.95
N LEU WE 109 3.34 -132.18 23.22
CA LEU WE 109 2.26 -131.53 23.93
C LEU WE 109 2.60 -130.09 24.28
N GLN WE 110 3.87 -129.81 24.54
CA GLN WE 110 4.34 -128.44 24.68
C GLN WE 110 4.28 -127.71 23.36
N LYS WE 111 4.58 -128.40 22.27
CA LYS WE 111 4.45 -127.81 20.95
C LYS WE 111 3.00 -127.66 20.51
N GLN WE 112 2.09 -128.46 21.05
CA GLN WE 112 0.66 -128.27 20.92
C GLN WE 112 0.07 -127.52 22.09
N ASP WE 113 0.94 -126.87 22.89
CA ASP WE 113 0.66 -125.76 23.83
C ASP WE 113 -0.29 -126.14 24.98
N ILE WE 114 -0.34 -127.41 25.34
CA ILE WE 114 -0.89 -127.84 26.62
C ILE WE 114 0.25 -127.94 27.60
N GLN WE 115 0.14 -127.25 28.73
CA GLN WE 115 1.20 -127.28 29.72
C GLN WE 115 1.11 -128.54 30.57
N TYR WE 116 2.27 -129.10 30.87
CA TYR WE 116 2.38 -130.29 31.70
C TYR WE 116 3.26 -129.97 32.89
N VAL WE 117 2.72 -130.08 34.09
CA VAL WE 117 3.51 -129.83 35.29
C VAL WE 117 3.53 -131.09 36.17
N GLU WE 118 4.74 -131.55 36.47
CA GLU WE 118 4.98 -132.70 37.32
C GLU WE 118 5.30 -132.22 38.72
N TYR WE 119 4.67 -132.83 39.72
CA TYR WE 119 4.92 -132.39 41.09
C TYR WE 119 4.74 -133.56 42.05
N GLY WE 120 5.85 -134.23 42.37
CA GLY WE 120 5.85 -135.37 43.26
C GLY WE 120 5.11 -136.55 42.69
N ASP WE 121 3.93 -136.82 43.24
CA ASP WE 121 3.02 -137.75 42.61
C ASP WE 121 1.93 -137.06 41.82
N THR WE 122 1.66 -135.79 42.08
CA THR WE 122 0.60 -135.08 41.37
C THR WE 122 1.10 -134.62 40.02
N ARG WE 123 0.41 -135.03 38.97
CA ARG WE 123 0.71 -134.57 37.63
C ARG WE 123 -0.50 -133.83 37.11
N THR WE 124 -0.27 -132.68 36.48
CA THR WE 124 -1.37 -131.80 36.11
C THR WE 124 -1.15 -131.28 34.71
N LEU WE 125 -2.15 -131.47 33.86
CA LEU WE 125 -2.20 -130.82 32.57
C LEU WE 125 -3.03 -129.55 32.66
N ILE WE 126 -2.53 -128.49 32.05
CA ILE WE 126 -3.28 -127.25 31.90
C ILE WE 126 -3.58 -127.10 30.43
N ILE WE 127 -4.87 -127.12 30.10
CA ILE WE 127 -5.33 -127.07 28.71
C ILE WE 127 -5.98 -125.71 28.48
N PRO WE 128 -5.50 -124.92 27.52
CA PRO WE 128 -6.18 -123.66 27.21
C PRO WE 128 -7.47 -123.90 26.45
N THR WE 129 -8.58 -123.44 27.05
CA THR WE 129 -9.91 -123.67 26.52
C THR WE 129 -10.18 -122.86 25.25
N ASP WE 130 -9.48 -121.75 25.07
CA ASP WE 130 -9.69 -120.90 23.92
C ASP WE 130 -9.08 -121.50 22.65
N LYS WE 131 -8.08 -122.35 22.79
CA LYS WE 131 -7.56 -123.07 21.64
C LYS WE 131 -8.10 -124.48 21.53
N TYR WE 132 -8.57 -125.07 22.63
CA TYR WE 132 -9.02 -126.45 22.59
C TYR WE 132 -10.52 -126.54 22.74
N PHE WE 133 -11.23 -125.42 22.61
CA PHE WE 133 -12.67 -125.43 22.69
C PHE WE 133 -13.21 -124.47 21.66
N MET WE 134 -14.38 -124.78 21.13
CA MET WE 134 -15.08 -123.78 20.37
C MET WE 134 -15.71 -122.81 21.35
N PHE WE 135 -15.91 -121.58 20.88
CA PHE WE 135 -15.90 -120.40 21.74
C PHE WE 135 -17.16 -120.29 22.58
N SER WE 136 -16.93 -120.19 23.90
CA SER WE 136 -17.92 -120.00 24.97
C SER WE 136 -18.99 -121.09 24.97
N SER WE 137 -18.53 -122.31 24.76
CA SER WE 137 -19.42 -123.43 24.50
C SER WE 137 -18.68 -124.71 24.86
N PRO WE 138 -19.39 -125.73 25.32
CA PRO WE 138 -18.72 -127.00 25.63
C PRO WE 138 -18.63 -127.95 24.45
N ARG WE 139 -18.75 -127.49 23.22
CA ARG WE 139 -18.39 -128.33 22.11
C ARG WE 139 -16.87 -128.33 21.96
N LEU WE 140 -16.31 -129.51 21.80
CA LEU WE 140 -14.87 -129.67 21.74
C LEU WE 140 -14.37 -129.23 20.38
N ASN WE 141 -13.27 -128.49 20.37
CA ASN WE 141 -12.67 -128.04 19.12
C ASN WE 141 -11.94 -129.21 18.50
N GLU WE 142 -12.63 -129.94 17.63
CA GLU WE 142 -12.04 -131.14 17.05
C GLU WE 142 -11.18 -130.86 15.84
N ILE WE 143 -10.92 -129.60 15.49
CA ILE WE 143 -9.82 -129.34 14.56
C ILE WE 143 -8.50 -129.48 15.30
N CYS WE 144 -8.44 -129.07 16.57
CA CYS WE 144 -7.25 -129.32 17.38
C CYS WE 144 -7.37 -130.61 18.19
N TYR WE 145 -7.74 -131.69 17.51
CA TYR WE 145 -7.63 -133.07 17.98
C TYR WE 145 -6.27 -133.74 18.30
N PRO WE 146 -5.07 -133.38 17.75
CA PRO WE 146 -3.88 -134.16 18.15
C PRO WE 146 -3.36 -133.87 19.53
N GLY WE 147 -3.69 -132.71 20.11
CA GLY WE 147 -3.45 -132.49 21.52
C GLY WE 147 -4.34 -133.34 22.40
N LEU WE 148 -5.57 -133.59 21.96
CA LEU WE 148 -6.48 -134.45 22.70
C LEU WE 148 -6.08 -135.92 22.58
N ASN WE 149 -5.55 -136.29 21.41
CA ASN WE 149 -4.96 -137.62 21.24
C ASN WE 149 -3.68 -137.76 22.04
N ASN WE 150 -2.96 -136.67 22.24
CA ASN WE 150 -1.75 -136.73 23.05
C ASN WE 150 -2.06 -136.81 24.53
N VAL WE 151 -3.16 -136.21 25.00
CA VAL WE 151 -3.44 -136.35 26.43
C VAL WE 151 -4.13 -137.67 26.74
N ILE WE 152 -4.79 -138.31 25.76
CA ILE WE 152 -5.22 -139.68 26.05
C ILE WE 152 -4.04 -140.65 25.89
N ARG WE 153 -3.05 -140.31 25.07
CA ARG WE 153 -1.78 -141.05 25.05
C ARG WE 153 -0.94 -140.84 26.30
N LEU WE 154 -1.12 -139.71 26.99
CA LEU WE 154 -0.43 -139.52 28.25
C LEU WE 154 -1.16 -140.21 29.39
N LEU WE 155 -2.48 -140.23 29.34
CA LEU WE 155 -3.24 -140.88 30.41
C LEU WE 155 -3.31 -142.39 30.25
N ASN WE 156 -2.88 -142.93 29.11
CA ASN WE 156 -2.65 -144.37 29.02
C ASN WE 156 -1.42 -144.84 29.80
N PHE WE 157 -0.50 -143.95 30.17
CA PHE WE 157 0.63 -144.33 30.99
C PHE WE 157 0.26 -144.60 32.43
N TYR WE 158 -0.87 -144.10 32.92
CA TYR WE 158 -1.19 -144.13 34.34
C TYR WE 158 -2.53 -144.84 34.56
N PRO WE 159 -2.58 -146.16 34.40
CA PRO WE 159 -3.87 -146.84 34.34
C PRO WE 159 -4.49 -147.21 35.68
N GLN WE 160 -4.01 -146.69 36.80
CA GLN WE 160 -4.64 -146.95 38.07
C GLN WE 160 -5.03 -145.69 38.82
N SER WE 161 -4.72 -144.51 38.28
CA SER WE 161 -4.88 -143.29 39.06
C SER WE 161 -6.31 -142.77 39.01
N THR WE 162 -6.70 -142.10 40.09
CA THR WE 162 -7.88 -141.26 40.09
C THR WE 162 -7.56 -139.91 39.49
N ILE WE 163 -8.54 -139.31 38.83
CA ILE WE 163 -8.35 -138.09 38.06
C ILE WE 163 -9.37 -137.06 38.53
N TYR WE 164 -8.88 -135.96 39.07
CA TYR WE 164 -9.64 -134.72 39.16
C TYR WE 164 -9.53 -134.03 37.81
N VAL WE 165 -10.65 -133.59 37.26
CA VAL WE 165 -10.61 -132.64 36.15
C VAL WE 165 -11.48 -131.46 36.55
N ALA WE 166 -11.12 -130.29 36.06
CA ALA WE 166 -11.65 -129.05 36.61
C ALA WE 166 -11.61 -127.96 35.56
N GLY WE 167 -12.65 -127.14 35.55
CA GLY WE 167 -12.81 -126.10 34.55
C GLY WE 167 -12.65 -124.74 35.18
N PHE WE 168 -11.98 -123.84 34.45
CA PHE WE 168 -11.72 -122.50 34.95
C PHE WE 168 -12.03 -121.47 33.89
N THR WE 169 -12.33 -120.26 34.35
CA THR WE 169 -12.82 -119.20 33.49
C THR WE 169 -12.00 -117.95 33.66
N ASP WE 170 -12.52 -116.84 33.16
CA ASP WE 170 -12.00 -115.51 33.44
C ASP WE 170 -13.10 -114.82 34.22
N ASN WE 171 -12.97 -113.52 34.41
CA ASN WE 171 -13.83 -112.85 35.38
C ASN WE 171 -15.17 -112.41 34.84
N VAL WE 172 -15.40 -112.45 33.53
CA VAL WE 172 -16.53 -111.73 32.94
C VAL WE 172 -17.82 -112.51 33.11
N GLY WE 173 -18.96 -111.85 32.93
CA GLY WE 173 -20.23 -112.53 32.99
C GLY WE 173 -20.69 -112.77 34.41
N SER WE 174 -21.83 -113.44 34.51
CA SER WE 174 -22.38 -113.79 35.80
C SER WE 174 -21.58 -114.94 36.40
N ARG WE 175 -21.67 -115.03 37.73
CA ARG WE 175 -21.04 -116.11 38.49
C ARG WE 175 -21.67 -117.46 38.16
N SER WE 176 -22.97 -117.47 37.92
CA SER WE 176 -23.66 -118.67 37.50
C SER WE 176 -23.31 -119.04 36.07
N HIS WE 177 -23.04 -118.04 35.21
CA HIS WE 177 -22.59 -118.32 33.85
C HIS WE 177 -21.17 -118.89 33.84
N LYS WE 178 -20.31 -118.38 34.73
CA LYS WE 178 -18.93 -118.86 34.83
C LYS WE 178 -18.86 -120.25 35.40
N ARG WE 179 -19.70 -120.53 36.41
CA ARG WE 179 -19.78 -121.85 37.00
C ARG WE 179 -20.39 -122.85 36.04
N LYS WE 180 -21.39 -122.43 35.25
CA LYS WE 180 -22.03 -123.35 34.32
C LYS WE 180 -21.19 -123.60 33.08
N LEU WE 181 -20.43 -122.61 32.63
CA LEU WE 181 -19.59 -122.80 31.44
C LEU WE 181 -18.34 -123.59 31.78
N SER WE 182 -17.75 -123.34 32.94
CA SER WE 182 -16.60 -124.11 33.37
C SER WE 182 -17.00 -125.51 33.80
N GLN WE 183 -18.22 -125.66 34.33
CA GLN WE 183 -18.80 -126.95 34.66
C GLN WE 183 -19.06 -127.78 33.42
N ALA WE 184 -19.55 -127.13 32.37
CA ALA WE 184 -19.87 -127.81 31.13
C ALA WE 184 -18.62 -128.22 30.38
N GLN WE 185 -17.58 -127.37 30.42
CA GLN WE 185 -16.33 -127.69 29.75
C GLN WE 185 -15.53 -128.75 30.48
N ALA WE 186 -15.58 -128.75 31.82
CA ALA WE 186 -14.92 -129.80 32.58
C ALA WE 186 -15.67 -131.11 32.47
N GLU WE 187 -17.00 -131.03 32.32
CA GLU WE 187 -17.80 -132.22 32.14
C GLU WE 187 -17.58 -132.85 30.78
N THR WE 188 -17.43 -132.04 29.72
CA THR WE 188 -17.17 -132.67 28.43
C THR WE 188 -15.72 -133.10 28.26
N MET WE 189 -14.78 -132.56 29.05
CA MET WE 189 -13.45 -133.14 29.06
C MET WE 189 -13.43 -134.47 29.81
N MET WE 190 -14.27 -134.58 30.86
CA MET WE 190 -14.46 -135.84 31.58
C MET WE 190 -15.09 -136.91 30.69
N THR WE 191 -16.09 -136.53 29.90
CA THR WE 191 -16.66 -137.48 28.96
C THR WE 191 -15.78 -137.75 27.77
N PHE WE 192 -14.82 -136.87 27.46
CA PHE WE 192 -13.86 -137.21 26.43
C PHE WE 192 -12.92 -138.30 26.88
N LEU WE 193 -12.43 -138.20 28.13
CA LEU WE 193 -11.56 -139.23 28.67
C LEU WE 193 -12.30 -140.54 28.92
N TRP WE 194 -13.59 -140.45 29.29
CA TRP WE 194 -14.42 -141.65 29.39
C TRP WE 194 -14.76 -142.20 28.02
N ALA WE 195 -14.82 -141.34 27.01
CA ALA WE 195 -15.14 -141.72 25.65
C ALA WE 195 -13.99 -142.39 24.92
N ASN WE 196 -12.74 -142.17 25.35
CA ASN WE 196 -11.70 -143.06 24.86
C ASN WE 196 -10.86 -143.66 25.98
N GLY WE 197 -11.49 -144.12 27.04
CA GLY WE 197 -10.99 -145.31 27.71
C GLY WE 197 -10.47 -145.17 29.10
N ILE WE 198 -11.01 -144.26 29.89
CA ILE WE 198 -10.79 -144.25 31.33
C ILE WE 198 -12.10 -144.74 31.92
N ALA WE 199 -12.01 -145.47 33.02
CA ALA WE 199 -13.21 -145.91 33.72
C ALA WE 199 -13.90 -144.73 34.39
N ALA WE 200 -15.19 -144.91 34.64
CA ALA WE 200 -16.06 -143.81 35.07
C ALA WE 200 -15.86 -143.43 36.52
N LYS WE 201 -15.24 -144.26 37.33
CA LYS WE 201 -14.97 -143.91 38.71
C LYS WE 201 -13.55 -143.46 38.95
N ARG WE 202 -12.72 -143.47 37.91
CA ARG WE 202 -11.46 -142.74 38.00
C ARG WE 202 -11.66 -141.26 37.72
N LEU WE 203 -12.75 -140.90 37.06
CA LEU WE 203 -12.95 -139.54 36.58
C LEU WE 203 -13.89 -138.79 37.49
N LYS WE 204 -13.60 -137.51 37.69
CA LYS WE 204 -14.43 -136.68 38.56
C LYS WE 204 -14.30 -135.25 38.05
N ALA WE 205 -15.39 -134.70 37.53
CA ALA WE 205 -15.38 -133.39 36.93
C ALA WE 205 -15.87 -132.36 37.93
N GLU WE 206 -15.22 -131.20 37.91
CA GLU WE 206 -15.70 -130.09 38.72
C GLU WE 206 -15.40 -128.81 37.98
N GLY WE 207 -16.40 -127.95 37.87
CA GLY WE 207 -16.16 -126.65 37.33
C GLY WE 207 -16.09 -125.61 38.42
N TYR WE 208 -15.32 -124.56 38.18
CA TYR WE 208 -15.20 -123.47 39.13
C TYR WE 208 -15.33 -122.17 38.36
N GLY WE 209 -16.13 -121.26 38.88
CA GLY WE 209 -16.26 -119.95 38.29
C GLY WE 209 -15.12 -119.06 38.72
N ASP WE 210 -13.96 -119.22 38.08
CA ASP WE 210 -12.70 -118.50 38.21
C ASP WE 210 -12.08 -118.52 39.62
N LYS WE 211 -12.48 -119.44 40.48
CA LYS WE 211 -12.25 -119.33 41.91
C LYS WE 211 -10.88 -119.82 42.36
N ASN WE 212 -10.00 -120.24 41.44
CA ASN WE 212 -8.64 -120.53 41.85
C ASN WE 212 -7.67 -119.49 41.38
N ALA WE 213 -7.87 -119.00 40.14
CA ALA WE 213 -7.40 -117.72 39.61
C ALA WE 213 -5.87 -117.60 39.60
N ILE WE 214 -5.25 -118.40 38.73
CA ILE WE 214 -3.79 -118.47 38.69
C ILE WE 214 -3.14 -117.33 37.93
N SER WE 215 -3.92 -116.42 37.35
CA SER WE 215 -3.41 -115.17 36.83
C SER WE 215 -4.46 -114.11 37.02
N ASP WE 216 -4.06 -112.86 36.93
CA ASP WE 216 -4.98 -111.78 37.25
C ASP WE 216 -5.88 -111.47 36.06
N ASN WE 217 -7.10 -111.09 36.37
CA ASN WE 217 -8.09 -110.85 35.34
C ASN WE 217 -8.31 -109.38 35.09
N ALA WE 218 -7.42 -108.54 35.57
CA ALA WE 218 -7.40 -107.15 35.16
C ALA WE 218 -6.60 -106.93 33.89
N ILE WE 219 -6.00 -107.98 33.34
CA ILE WE 219 -5.16 -107.84 32.17
C ILE WE 219 -5.50 -108.99 31.21
N ILE WE 220 -5.15 -108.77 29.95
CA ILE WE 220 -5.69 -109.54 28.83
C ILE WE 220 -5.04 -110.91 28.76
N HIS WE 221 -3.71 -110.93 28.82
CA HIS WE 221 -2.95 -112.17 28.79
C HIS WE 221 -3.12 -112.97 30.07
N GLY WE 222 -3.35 -112.28 31.19
CA GLY WE 222 -3.68 -112.95 32.42
C GLY WE 222 -5.05 -113.59 32.41
N SER WE 223 -6.01 -112.96 31.73
CA SER WE 223 -7.32 -113.59 31.57
C SER WE 223 -7.29 -114.77 30.63
N ALA WE 224 -6.42 -114.69 29.62
CA ALA WE 224 -6.20 -115.78 28.68
C ALA WE 224 -5.58 -116.99 29.36
N GLN WE 225 -4.61 -116.76 30.25
CA GLN WE 225 -4.06 -117.85 31.04
C GLN WE 225 -4.99 -118.32 32.14
N ASN WE 226 -5.95 -117.49 32.56
CA ASN WE 226 -6.90 -117.96 33.54
C ASN WE 226 -7.95 -118.88 32.95
N ARG WE 227 -8.24 -118.76 31.67
CA ARG WE 227 -9.21 -119.67 31.06
C ARG WE 227 -8.53 -120.99 30.72
N ARG WE 228 -8.80 -122.05 31.51
CA ARG WE 228 -7.98 -123.25 31.43
C ARG WE 228 -8.76 -124.46 31.91
N ILE WE 229 -8.15 -125.64 31.72
CA ILE WE 229 -8.62 -126.92 32.22
C ILE WE 229 -7.51 -127.54 33.04
N GLU WE 230 -7.77 -127.79 34.32
CA GLU WE 230 -6.84 -128.49 35.19
C GLU WE 230 -7.17 -129.97 35.15
N ILE WE 231 -6.16 -130.79 34.86
CA ILE WE 231 -6.26 -132.23 34.98
C ILE WE 231 -5.24 -132.67 36.01
N GLN WE 232 -5.70 -132.96 37.22
CA GLN WE 232 -4.85 -133.49 38.26
C GLN WE 232 -5.03 -134.99 38.32
N TRP WE 233 -3.92 -135.72 38.38
CA TRP WE 233 -3.98 -137.14 38.68
C TRP WE 233 -2.74 -137.53 39.46
N PHE WE 234 -2.68 -138.81 39.83
CA PHE WE 234 -1.63 -139.30 40.70
C PHE WE 234 -0.74 -140.33 40.05
#